data_4V8W
#
_entry.id   4V8W
#
_cell.length_a   1.000
_cell.length_b   1.000
_cell.length_c   1.000
_cell.angle_alpha   90.00
_cell.angle_beta   90.00
_cell.angle_gamma   90.00
#
_symmetry.space_group_name_H-M   'P 1'
#
loop_
_entity.id
_entity.type
_entity.pdbx_description
1 polymer 'TYPE-I FATTY ACID SYNTHASE'
2 non-polymer 'FLAVIN MONONUCLEOTIDE'
#
_entity_poly.entity_id   1
_entity_poly.type   'polypeptide(L)'
_entity_poly.pdbx_seq_one_letter_code
;MTIYEHDRVPAGWNDESGSDRTADGNAADTAHALVDRLSAGEPYAVAFGGQGSAWLETLEELVSSAGIESELATLAGEAE
LLLEPVASELVVVRPIGFEPLQWVRALAAEEPVPSDKQLTSAAVSVPGVLLTQIAAVRALARQGMDLTATPPVAVAGHSQ
GVLAVQALAAKGAKDVELLALAQLIGAAGTLVARRRGITVLGDRPPMVSVTNADPERIYELLEEFSSDVRTVLPPVLSIR
NGRRSVVITGTPEQLSRFELYCTQIAEKEEAERKNKLRGGAVFAPVFDPVQVEVGFHTPRLSDGIEIVGRWAETVGLDVE
LAKELTESILVRQVDWVDEITELHEAGARWILDLGPGDILTRLTAPVIRGLGIGIVPAATRGGQRNLFTVGAVPEVARPW
SSYAPTVVKLPDGSVKLETKFTRLTGRSPILLAGMTPTTVDAKIVAAAANAGHWAELAGGGQVTEQIFNDRIAELETLLE
PGRAIQFNTLFLDPYLWKLQVGGKRLVQRARQSGAPIDGLVVSAGIPDLEEAVDIIDELNEVGISHVVFKPGTVEQIRSV
IRIAAEVPTKPVIVHIEGGRAGGHHSWEDLDDLLLATYSELRSRSNITICVGGGIGTPERSAEYLSGRWAEVHGYPLMPI
DGILVGTAAMATLEATTSPQVKQLLVETKGTEAWVGAGKAANGMASGRSQLGADIHEIDNAASRCGRLLDEVAGDADAVA
ERRDEIIAAMAQTAKPYFGDVAEMTYLQWLRRYVELAIGDGNSTADTKRPDSPWLDITWRDRFEQMLKRAEARLHPQDFG
PIETLFDADADGERLLEDPEAAITALLQRYPDAETVVLHPADVPFFVELCKTLGKPVNFVPVIDKDVRRWWRSDSLWQAH
DARYEADQVCVIPGTAAVAGITRVDEPVGELLDRFEQAAVDEVLGAGAEPVEVLSRRQARRDASGPLAVVLDAPDVLWAG
RMSVNPVHRIAAPTEWQVREGSDNRSASHPSTGARLEVADDQHVVLSVPLSGTWIEIRFTLTDVVRSGGAPIVEVDDAAT
AMRAVLAIAAGVEGPENLPKVVDNTATVTVDWDPERVADHTGVTATFGAPLAPTLTVVPDALVGRCWPAVFAAIGSAATE
AGFPVIEGLLSLVHLDHAARLLAELPKEPAEFTVTAKASAATDTEVGRVVPVSVEVRNAADGALLATLEERFAIRGRTGA
AELTDPVRAGGAISDNATDTPRRRRRDVTVGAPVDMRPFAVVSGDHNPIHTDRAAALLAGLEGPIVHGMWLSAAAQHVVT
ATDGKPVPPAKLIGWTARFLGMVKPGDQVDFRVDRVGIDVGAEVLEVSARIGSELVMAATARLAAPKTVYAFPGQGIQHK
GMGMEVRARSKAARKVWDSADKFTRETLGFSVLHVVRDNPTSLIASGVHYHHPDGVLFLTQFTQVAMATVAAAQVAEMRE
QGAFVEGAIACGHSVGEYTALACVSGVYELEALLEVVFHRGSKMHDIVPRDELGRSNYRLAAIRPSQIDLDDADVKDFVA
EISERTGEFLEIVNFNLRGSQYAIAGTVAGLEALEEEIERRRQITGGKRSFILVPGIDVPFHSSVLRVGVADFRRSLERV
MPRDKDPELIIGRYIPNLVPRPFTLDRDFIQEIRDLVPAEPLDEVLADYDTWRNEKPKELCRKVVIELLAWQFASPVRWI
ETQDLLFIEEAAGGLGVERFVEIGVKSAPTVAGLATNTLKLPEYSHSTVEVLNSERDAAVLFATDTDPEPEPEADEPTAD
APAEAAPAAAAAPAPVAAPAAPSGGPRPDDITFDAADATVALIALSAKMRIDQIEALDSIESITDGASSRRNQLLVDLGS
ELNLGAIDGAAEADLGALKGQVTKLARTYKPFGPVLSDAINDQLRTVLGPSGKRPAYITERVTKTWELGPGWAKHVTVEF
ALGTREGSSVRGGDLGGLHAGALASAADVDKVIDGAVAAVAARRGISVSLPSAGGASGGVVDSAALGEFAEKVTGPDGVL
ASAARLVLNQLGLSDVVTTPEAATDAELIDLVTAELGSDWPRLVAPTFDARKAVVFDDRWASAREDLVKLWLAEEGDIDA
QWEQLSQRFEGTGHVVATQANWWQGKALAAGRNVHASLFGRIAAGAENPGKGRYSDEVAVVTGASKGSIAASVVGQLLDG
GATVIATTSRLDDDRLAFYKQLYRDHARFDATLWVVPANMASYSDIDKLVEWVGTEQTESLGPQSIHLKDAQTPTLLFPF
AAPRVAGDMSEVGSRAEMEMKVLLWAVQRLISGLSKIGAERDIASRLHVVLPGSPNRGMFGGDGAYGEAKSALDALENRW
SAEKSWAERVSLAHALIGWTKGTGLMGQNDAIVSAVEEAGVTTYTTDEMAAMLLDLCTVETKVAAAGAPVKVDLTGGLGD
IKIDMAELAAKAREEMSGAADESDDEAPAGTIRALPSPPRGYNPAPAPEWDDLDVDPADLVVIVGGAELGPYGSSRTRFE
MEVSGELSAAGVLELAWTTGMVKWEDDPKAGWYDTETGELVPECEIVERYHDAVVERCGIREFVDDGAIDPDHASPLLVS
VFLDKDFTFVVSSEADARAFVQFDPEHTVARPLPDSSDWEVTRKAGTEIRVPRKTKLSRTVGAQIPTGFDPTVWGISPDM
ASSIDRVALWNIVATVDAFLSSGFTPTELMRWVHPSQVASTQGTGMGGMTSMQTMYHGNLLGRAKPNDILQEVLPNVVAA
HVMQSYVGGYGAMVHPVGACATAAVSVEEGVDKIKLGKADLVIAGGFDDLTLEAIIGFGDMAATADTEMMRAKGISDSKF
SRANDRRRLGFLEAQGGGTILLARGDLALKMGLPVLAVVGYAQSFADGVHTSIPAPGLGALGAARGGRESTLARSLAQLG
VGADDIAVISKHDTSTLANDPNETELHERIADSMGRAPGNPLFIVSQKTLTGHAKGGAAVFQMMGLCQILRDGVIPPNRS
LDCVDDELATSGHFVWVREPLDLRGKFPLKAGLVTSLGFGHVSGLVALVHPEAFIAALDPSEREDYRTRAEQRMLAGQRR
LVSAIAGGRPMYEKPADRRFDHDVPEKRQEAAMLLSTDARLGENDQYVL
;
_entity_poly.pdbx_strand_id   D,E,F,A,B,C
#
loop_
_chem_comp.id
_chem_comp.type
_chem_comp.name
_chem_comp.formula
FMN non-polymer 'FLAVIN MONONUCLEOTIDE' 'C17 H21 N4 O9 P'
#
# COMPACT_ATOMS: atom_id res chain seq x y z
N SER A 401 -34.95 -13.39 -120.63
CA SER A 401 -34.52 -13.37 -122.03
C SER A 401 -34.05 -11.98 -122.48
N SER A 402 -34.47 -10.93 -121.77
CA SER A 402 -34.00 -9.58 -122.07
C SER A 402 -32.49 -9.44 -121.88
N TYR A 403 -31.93 -10.19 -120.93
CA TYR A 403 -30.50 -10.16 -120.66
C TYR A 403 -29.75 -11.23 -121.44
N ALA A 404 -30.45 -11.94 -122.31
CA ALA A 404 -29.84 -12.99 -123.13
C ALA A 404 -28.73 -12.42 -124.01
N PRO A 405 -27.57 -13.11 -124.04
CA PRO A 405 -26.38 -12.63 -124.76
C PRO A 405 -26.57 -12.39 -126.25
N THR A 406 -25.77 -11.47 -126.79
CA THR A 406 -25.82 -11.10 -128.21
C THR A 406 -24.44 -11.06 -128.85
N VAL A 407 -24.41 -10.92 -130.17
CA VAL A 407 -23.15 -10.91 -130.90
C VAL A 407 -22.77 -9.50 -131.38
N VAL A 408 -21.48 -9.20 -131.35
CA VAL A 408 -20.97 -7.86 -131.65
C VAL A 408 -19.81 -7.93 -132.65
N LYS A 409 -19.74 -6.94 -133.53
CA LYS A 409 -18.64 -6.82 -134.49
C LYS A 409 -17.83 -5.57 -134.18
N LEU A 410 -16.57 -5.53 -134.62
CA LEU A 410 -15.70 -4.38 -134.31
C LEU A 410 -14.97 -3.86 -135.55
N PRO A 411 -14.24 -2.73 -135.45
CA PRO A 411 -13.64 -2.15 -136.67
C PRO A 411 -12.67 -3.07 -137.39
N ASP A 412 -11.77 -3.72 -136.65
CA ASP A 412 -10.88 -4.69 -137.28
C ASP A 412 -11.59 -6.00 -137.57
N GLY A 413 -12.87 -6.04 -137.20
CA GLY A 413 -13.74 -7.14 -137.54
C GLY A 413 -13.60 -8.35 -136.66
N SER A 414 -13.53 -8.12 -135.36
CA SER A 414 -13.49 -9.20 -134.38
C SER A 414 -14.91 -9.52 -133.94
N VAL A 415 -15.18 -10.80 -133.69
CA VAL A 415 -16.47 -11.21 -133.16
C VAL A 415 -16.41 -11.09 -131.65
N LYS A 416 -17.44 -10.47 -131.08
CA LYS A 416 -17.51 -10.30 -129.63
C LYS A 416 -18.85 -10.78 -129.11
N LEU A 417 -18.82 -11.69 -128.16
CA LEU A 417 -20.03 -12.19 -127.53
C LEU A 417 -20.45 -11.20 -126.46
N GLU A 418 -21.64 -10.64 -126.59
CA GLU A 418 -22.05 -9.53 -125.72
C GLU A 418 -22.77 -9.97 -124.45
N THR A 419 -22.22 -9.55 -123.31
CA THR A 419 -22.84 -9.72 -122.01
C THR A 419 -22.62 -8.45 -121.20
N LYS A 420 -23.10 -8.44 -119.96
CA LYS A 420 -22.93 -7.29 -119.10
C LYS A 420 -21.46 -7.16 -118.69
N PHE A 421 -20.73 -8.27 -118.76
CA PHE A 421 -19.31 -8.31 -118.47
C PHE A 421 -18.52 -7.73 -119.65
N THR A 422 -18.64 -8.41 -120.80
CA THR A 422 -17.96 -8.01 -122.03
C THR A 422 -18.16 -6.54 -122.40
N ARG A 423 -19.40 -6.07 -122.25
CA ARG A 423 -19.75 -4.70 -122.59
C ARG A 423 -18.86 -3.69 -121.86
N LEU A 424 -18.58 -3.97 -120.59
CA LEU A 424 -17.70 -3.13 -119.79
C LEU A 424 -16.24 -3.29 -120.22
N THR A 425 -15.76 -4.53 -120.23
CA THR A 425 -14.35 -4.81 -120.42
C THR A 425 -13.90 -4.76 -121.88
N GLY A 426 -14.82 -5.00 -122.80
CA GLY A 426 -14.51 -4.98 -124.22
C GLY A 426 -13.80 -6.24 -124.68
N ARG A 427 -13.91 -7.30 -123.90
CA ARG A 427 -13.24 -8.55 -124.21
C ARG A 427 -14.20 -9.73 -124.14
N SER A 428 -13.69 -10.93 -124.38
CA SER A 428 -14.50 -12.14 -124.30
C SER A 428 -14.97 -12.37 -122.87
N PRO A 429 -16.19 -12.88 -122.69
CA PRO A 429 -16.74 -13.11 -121.35
C PRO A 429 -16.10 -14.31 -120.66
N ILE A 430 -14.77 -14.35 -120.63
CA ILE A 430 -14.06 -15.45 -120.01
C ILE A 430 -12.73 -14.95 -119.44
N LEU A 431 -12.34 -15.51 -118.30
CA LEU A 431 -11.14 -15.05 -117.62
C LEU A 431 -10.41 -16.19 -116.91
N LEU A 432 -9.09 -16.05 -116.79
CA LEU A 432 -8.31 -16.97 -115.99
C LEU A 432 -8.19 -16.41 -114.59
N ALA A 433 -8.82 -17.07 -113.64
CA ALA A 433 -8.87 -16.59 -112.26
C ALA A 433 -7.50 -16.63 -111.61
N GLY A 434 -7.32 -15.84 -110.56
CA GLY A 434 -6.07 -15.80 -109.83
C GLY A 434 -5.76 -17.16 -109.20
N MET A 435 -4.57 -17.69 -109.51
CA MET A 435 -4.17 -19.00 -109.02
C MET A 435 -2.74 -18.97 -108.54
N THR A 436 -2.52 -19.40 -107.30
CA THR A 436 -1.22 -19.24 -106.65
C THR A 436 -0.02 -19.87 -107.36
N PRO A 437 -0.02 -21.20 -107.60
CA PRO A 437 1.14 -21.72 -108.34
C PRO A 437 1.14 -21.26 -109.79
N THR A 438 -0.03 -21.29 -110.42
CA THR A 438 -0.16 -21.10 -111.86
C THR A 438 0.07 -19.68 -112.35
N THR A 439 -0.65 -18.71 -111.78
CA THR A 439 -0.66 -17.36 -112.31
C THR A 439 0.42 -16.47 -111.70
N VAL A 440 1.20 -17.00 -110.77
CA VAL A 440 2.24 -16.21 -110.12
C VAL A 440 3.35 -15.82 -111.11
N ASP A 441 3.56 -16.65 -112.12
CA ASP A 441 4.56 -16.36 -113.15
C ASP A 441 4.09 -15.22 -114.03
N ALA A 442 4.95 -14.22 -114.22
CA ALA A 442 4.62 -13.06 -115.03
C ALA A 442 4.51 -13.41 -116.50
N LYS A 443 5.08 -14.56 -116.87
CA LYS A 443 5.11 -15.01 -118.26
C LYS A 443 3.74 -15.49 -118.75
N ILE A 444 3.08 -16.30 -117.93
CA ILE A 444 1.79 -16.88 -118.31
C ILE A 444 0.66 -15.86 -118.31
N VAL A 445 0.61 -15.03 -117.28
CA VAL A 445 -0.43 -14.01 -117.15
C VAL A 445 -0.31 -12.98 -118.29
N ALA A 446 0.91 -12.73 -118.73
CA ALA A 446 1.15 -11.87 -119.88
C ALA A 446 0.68 -12.55 -121.15
N ALA A 447 1.12 -13.79 -121.35
CA ALA A 447 0.76 -14.56 -122.54
C ALA A 447 -0.75 -14.77 -122.66
N ALA A 448 -1.40 -14.95 -121.52
CA ALA A 448 -2.85 -15.11 -121.49
C ALA A 448 -3.53 -13.79 -121.85
N ALA A 449 -2.94 -12.69 -121.43
CA ALA A 449 -3.48 -11.36 -121.73
C ALA A 449 -3.16 -10.98 -123.17
N ASN A 450 -1.99 -11.38 -123.65
CA ASN A 450 -1.59 -11.11 -125.02
C ASN A 450 -2.40 -11.93 -126.02
N ALA A 451 -3.09 -12.95 -125.51
CA ALA A 451 -4.02 -13.74 -126.31
C ALA A 451 -5.38 -13.03 -126.33
N GLY A 452 -5.43 -11.86 -125.70
CA GLY A 452 -6.63 -11.07 -125.62
C GLY A 452 -7.64 -11.59 -124.61
N HIS A 453 -7.16 -11.90 -123.41
CA HIS A 453 -8.05 -12.41 -122.37
C HIS A 453 -7.77 -11.83 -120.98
N TRP A 454 -8.84 -11.72 -120.20
CA TRP A 454 -8.80 -11.19 -118.84
C TRP A 454 -8.16 -12.19 -117.89
N ALA A 455 -7.27 -11.72 -117.02
CA ALA A 455 -6.54 -12.61 -116.11
C ALA A 455 -6.18 -11.92 -114.79
N GLU A 456 -6.01 -12.72 -113.74
CA GLU A 456 -5.71 -12.17 -112.42
C GLU A 456 -4.37 -12.66 -111.88
N LEU A 457 -3.43 -11.73 -111.72
CA LEU A 457 -2.10 -12.06 -111.21
C LEU A 457 -2.18 -12.49 -109.74
N ALA A 458 -1.61 -13.66 -109.44
CA ALA A 458 -1.69 -14.22 -108.10
C ALA A 458 -0.83 -13.48 -107.10
N GLY A 459 -1.38 -13.25 -105.91
CA GLY A 459 -0.66 -12.54 -104.85
C GLY A 459 -0.11 -13.46 -103.78
N GLY A 460 -0.51 -14.73 -103.83
CA GLY A 460 -0.08 -15.70 -102.83
C GLY A 460 1.37 -16.10 -102.97
N GLY A 461 1.98 -15.75 -104.10
CA GLY A 461 3.38 -16.07 -104.33
C GLY A 461 4.29 -14.86 -104.21
N GLN A 462 3.75 -13.76 -103.70
CA GLN A 462 4.52 -12.54 -103.55
C GLN A 462 4.43 -12.03 -102.10
N VAL A 463 5.56 -12.04 -101.40
CA VAL A 463 5.57 -11.73 -99.97
C VAL A 463 5.83 -10.26 -99.61
N THR A 464 6.24 -9.45 -100.58
CA THR A 464 6.51 -8.03 -100.33
C THR A 464 6.03 -7.15 -101.47
N GLU A 465 6.01 -5.84 -101.23
CA GLU A 465 5.69 -4.87 -102.28
C GLU A 465 6.75 -4.93 -103.38
N GLN A 466 8.01 -4.94 -102.97
CA GLN A 466 9.13 -4.89 -103.91
C GLN A 466 9.18 -6.09 -104.84
N ILE A 467 9.07 -7.29 -104.28
CA ILE A 467 9.12 -8.51 -105.08
C ILE A 467 7.95 -8.58 -106.05
N PHE A 468 6.79 -8.08 -105.62
CA PHE A 468 5.61 -8.07 -106.48
C PHE A 468 5.68 -6.95 -107.52
N ASN A 469 6.33 -5.85 -107.15
CA ASN A 469 6.52 -4.74 -108.09
C ASN A 469 7.42 -5.16 -109.25
N ASP A 470 8.25 -6.16 -109.00
CA ASP A 470 9.09 -6.74 -110.05
C ASP A 470 8.22 -7.45 -111.07
N ARG A 471 7.20 -8.15 -110.57
CA ARG A 471 6.30 -8.92 -111.42
C ARG A 471 5.47 -8.03 -112.34
N ILE A 472 4.90 -6.97 -111.77
CA ILE A 472 4.14 -6.00 -112.55
C ILE A 472 5.03 -5.36 -113.61
N ALA A 473 6.27 -5.05 -113.22
CA ALA A 473 7.25 -4.50 -114.15
C ALA A 473 7.57 -5.49 -115.26
N GLU A 474 7.72 -6.75 -114.88
CA GLU A 474 7.93 -7.82 -115.85
C GLU A 474 6.68 -8.01 -116.69
N LEU A 475 5.52 -7.82 -116.06
CA LEU A 475 4.24 -7.89 -116.77
C LEU A 475 4.13 -6.78 -117.81
N GLU A 476 4.27 -5.54 -117.36
CA GLU A 476 4.11 -4.37 -118.22
C GLU A 476 5.13 -4.34 -119.35
N THR A 477 6.26 -5.02 -119.14
CA THR A 477 7.27 -5.15 -120.18
C THR A 477 6.78 -6.18 -121.21
N LEU A 478 6.28 -7.30 -120.72
CA LEU A 478 5.72 -8.33 -121.59
C LEU A 478 4.32 -7.92 -122.06
N LEU A 479 3.71 -6.97 -121.35
CA LEU A 479 2.46 -6.39 -121.81
C LEU A 479 2.74 -5.52 -123.02
N GLU A 480 2.07 -5.83 -124.13
CA GLU A 480 2.24 -5.07 -125.34
C GLU A 480 1.35 -3.82 -125.24
N PRO A 481 1.42 -2.89 -126.21
CA PRO A 481 0.74 -1.61 -125.98
C PRO A 481 -0.75 -1.68 -125.67
N GLY A 482 -1.15 -1.02 -124.58
CA GLY A 482 -2.54 -0.85 -124.24
C GLY A 482 -3.16 -1.95 -123.40
N ARG A 483 -2.57 -3.13 -123.43
CA ARG A 483 -3.16 -4.31 -122.81
C ARG A 483 -3.14 -4.25 -121.29
N ALA A 484 -4.19 -4.72 -120.65
CA ALA A 484 -4.38 -4.51 -119.22
C ALA A 484 -4.80 -5.78 -118.45
N ILE A 485 -4.33 -5.88 -117.20
CA ILE A 485 -4.50 -7.08 -116.37
C ILE A 485 -4.99 -6.68 -114.97
N GLN A 486 -5.42 -7.63 -114.16
CA GLN A 486 -5.83 -7.35 -112.78
C GLN A 486 -5.01 -8.13 -111.73
N PHE A 487 -5.35 -7.96 -110.46
CA PHE A 487 -4.59 -8.58 -109.36
C PHE A 487 -5.48 -9.29 -108.33
N ASN A 488 -5.00 -10.42 -107.81
CA ASN A 488 -5.73 -11.22 -106.84
C ASN A 488 -5.10 -11.20 -105.45
N THR A 489 -5.93 -11.01 -104.42
CA THR A 489 -5.46 -10.94 -103.04
C THR A 489 -6.29 -11.84 -102.11
N LEU A 490 -5.66 -12.32 -101.04
CA LEU A 490 -6.31 -13.24 -100.10
C LEU A 490 -6.68 -12.59 -98.77
N PHE A 491 -7.82 -13.00 -98.22
CA PHE A 491 -8.35 -12.44 -96.97
C PHE A 491 -7.89 -13.22 -95.75
N LEU A 492 -7.26 -14.37 -95.98
CA LEU A 492 -7.05 -15.38 -94.93
C LEU A 492 -6.39 -14.94 -93.62
N ASP A 493 -5.19 -14.37 -93.70
CA ASP A 493 -4.41 -14.08 -92.49
C ASP A 493 -4.13 -12.59 -92.30
N PRO A 494 -3.95 -12.15 -91.04
CA PRO A 494 -3.69 -10.75 -90.72
C PRO A 494 -2.40 -10.19 -91.31
N TYR A 495 -1.33 -10.98 -91.34
CA TYR A 495 -0.05 -10.51 -91.85
C TYR A 495 -0.12 -10.09 -93.31
N LEU A 496 -0.94 -10.81 -94.08
CA LEU A 496 -1.13 -10.49 -95.49
C LEU A 496 -2.01 -9.26 -95.64
N TRP A 497 -2.94 -9.10 -94.71
CA TRP A 497 -3.86 -7.96 -94.72
C TRP A 497 -3.14 -6.69 -94.31
N LYS A 498 -2.13 -6.85 -93.44
CA LYS A 498 -1.25 -5.74 -93.08
C LYS A 498 -0.26 -5.50 -94.20
N LEU A 499 0.11 -6.57 -94.89
CA LEU A 499 0.97 -6.48 -96.06
C LEU A 499 0.20 -5.84 -97.21
N GLN A 500 -1.11 -6.02 -97.20
CA GLN A 500 -1.96 -5.45 -98.24
C GLN A 500 -2.14 -3.95 -98.04
N VAL A 501 -2.03 -3.49 -96.81
CA VAL A 501 -2.05 -2.05 -96.54
C VAL A 501 -0.89 -1.41 -97.28
N GLY A 502 0.25 -2.09 -97.27
CA GLY A 502 1.38 -1.71 -98.09
C GLY A 502 1.15 -2.15 -99.52
N GLY A 503 0.39 -3.23 -99.68
CA GLY A 503 0.07 -3.76 -101.00
C GLY A 503 -0.93 -2.90 -101.75
N LYS A 504 -1.98 -2.45 -101.06
CA LYS A 504 -2.97 -1.60 -101.70
C LYS A 504 -2.38 -0.23 -102.03
N ARG A 505 -1.52 0.27 -101.15
CA ARG A 505 -0.85 1.54 -101.40
C ARG A 505 0.17 1.36 -102.51
N LEU A 506 0.68 0.14 -102.66
CA LEU A 506 1.53 -0.20 -103.78
C LEU A 506 0.69 -0.16 -105.06
N VAL A 507 -0.49 -0.78 -105.00
CA VAL A 507 -1.45 -0.73 -106.09
C VAL A 507 -1.89 0.71 -106.32
N GLN A 508 -2.05 1.46 -105.22
CA GLN A 508 -2.36 2.87 -105.31
C GLN A 508 -1.22 3.65 -105.98
N ARG A 509 0.01 3.42 -105.50
CA ARG A 509 1.19 4.08 -106.06
C ARG A 509 1.38 3.72 -107.53
N ALA A 510 1.22 2.43 -107.84
CA ALA A 510 1.37 1.96 -109.21
C ALA A 510 0.41 2.68 -110.14
N ARG A 511 -0.87 2.71 -109.76
CA ARG A 511 -1.89 3.33 -110.58
C ARG A 511 -1.89 4.86 -110.48
N GLN A 512 -1.35 5.38 -109.38
CA GLN A 512 -1.13 6.83 -109.28
C GLN A 512 -0.04 7.18 -110.27
N SER A 513 0.83 6.21 -110.55
CA SER A 513 1.85 6.34 -111.56
C SER A 513 1.29 5.96 -112.94
N GLY A 514 0.06 5.45 -112.95
CA GLY A 514 -0.61 5.12 -114.19
C GLY A 514 -0.42 3.69 -114.67
N ALA A 515 -0.14 2.78 -113.74
CA ALA A 515 0.10 1.37 -114.08
C ALA A 515 -1.08 0.72 -114.81
N PRO A 516 -0.76 -0.16 -115.77
CA PRO A 516 -1.73 -0.88 -116.61
C PRO A 516 -2.72 -1.77 -115.87
N ILE A 517 -2.52 -2.03 -114.58
CA ILE A 517 -3.34 -3.02 -113.91
C ILE A 517 -4.72 -2.42 -113.61
N ASP A 518 -5.75 -2.97 -114.26
CA ASP A 518 -7.08 -2.38 -114.25
C ASP A 518 -8.13 -2.98 -113.29
N GLY A 519 -7.74 -3.93 -112.45
CA GLY A 519 -8.69 -4.52 -111.51
C GLY A 519 -8.09 -5.12 -110.25
N LEU A 520 -8.94 -5.32 -109.23
CA LEU A 520 -8.50 -5.94 -107.98
C LEU A 520 -9.44 -7.09 -107.59
N VAL A 521 -8.85 -8.21 -107.16
CA VAL A 521 -9.62 -9.40 -106.78
C VAL A 521 -9.40 -9.79 -105.33
N VAL A 522 -10.45 -9.68 -104.51
CA VAL A 522 -10.36 -10.13 -103.13
C VAL A 522 -10.86 -11.56 -103.01
N SER A 523 -10.08 -12.40 -102.33
CA SER A 523 -10.35 -13.83 -102.31
C SER A 523 -10.47 -14.41 -100.90
N ALA A 524 -11.03 -15.61 -100.82
CA ALA A 524 -11.18 -16.39 -99.58
C ALA A 524 -12.15 -15.77 -98.57
N GLY A 525 -12.63 -14.57 -98.86
CA GLY A 525 -13.59 -13.91 -98.00
C GLY A 525 -14.08 -12.61 -98.59
N ILE A 526 -15.21 -12.13 -98.09
CA ILE A 526 -15.78 -10.86 -98.54
C ILE A 526 -15.56 -9.79 -97.48
N PRO A 527 -14.82 -8.73 -97.85
CA PRO A 527 -14.52 -7.62 -96.94
C PRO A 527 -15.79 -6.95 -96.43
N ASP A 528 -15.74 -6.44 -95.21
CA ASP A 528 -16.87 -5.71 -94.66
C ASP A 528 -17.06 -4.39 -95.40
N LEU A 529 -18.25 -3.81 -95.28
CA LEU A 529 -18.61 -2.61 -96.04
C LEU A 529 -17.57 -1.50 -95.97
N GLU A 530 -17.13 -1.16 -94.77
CA GLU A 530 -16.12 -0.11 -94.58
C GLU A 530 -14.78 -0.49 -95.21
N GLU A 531 -14.48 -1.79 -95.22
CA GLU A 531 -13.24 -2.27 -95.85
C GLU A 531 -13.35 -2.24 -97.36
N ALA A 532 -14.54 -2.53 -97.87
CA ALA A 532 -14.78 -2.56 -99.31
C ALA A 532 -14.89 -1.16 -99.89
N VAL A 533 -15.47 -0.24 -99.13
CA VAL A 533 -15.57 1.15 -99.55
C VAL A 533 -14.18 1.74 -99.77
N ASP A 534 -13.27 1.42 -98.85
CA ASP A 534 -11.89 1.86 -98.94
C ASP A 534 -11.28 1.44 -100.27
N ILE A 535 -11.38 0.15 -100.57
CA ILE A 535 -10.86 -0.41 -101.82
C ILE A 535 -11.43 0.28 -103.05
N ILE A 536 -12.76 0.43 -103.08
CA ILE A 536 -13.45 1.05 -104.19
C ILE A 536 -13.05 2.52 -104.39
N ASP A 537 -12.89 3.22 -103.27
CA ASP A 537 -12.64 4.67 -103.29
C ASP A 537 -11.18 5.11 -103.27
N GLU A 538 -10.26 4.16 -103.43
CA GLU A 538 -8.82 4.44 -103.38
C GLU A 538 -8.40 5.44 -104.45
N LEU A 539 -7.25 6.07 -104.24
CA LEU A 539 -6.68 7.00 -105.22
C LEU A 539 -6.55 6.35 -106.60
N ASN A 540 -6.46 5.03 -106.61
CA ASN A 540 -6.31 4.26 -107.83
C ASN A 540 -7.65 3.79 -108.42
N GLU A 541 -8.75 4.28 -107.83
CA GLU A 541 -10.10 3.81 -108.14
C GLU A 541 -10.48 3.69 -109.62
N VAL A 542 -10.19 4.73 -110.40
CA VAL A 542 -10.51 4.70 -111.83
C VAL A 542 -9.71 3.58 -112.48
N GLY A 543 -8.47 3.43 -112.02
CA GLY A 543 -7.62 2.35 -112.48
C GLY A 543 -8.07 1.01 -111.96
N ILE A 544 -8.92 1.00 -110.94
CA ILE A 544 -9.54 -0.24 -110.47
C ILE A 544 -10.73 -0.60 -111.36
N SER A 545 -11.56 0.40 -111.68
CA SER A 545 -12.57 0.31 -112.73
C SER A 545 -13.67 -0.72 -112.50
N HIS A 546 -13.36 -1.72 -111.66
CA HIS A 546 -14.34 -2.63 -111.08
C HIS A 546 -13.70 -3.35 -109.91
N VAL A 547 -14.51 -3.88 -109.01
CA VAL A 547 -13.98 -4.67 -107.91
C VAL A 547 -14.49 -6.11 -107.98
N VAL A 548 -13.63 -7.05 -107.61
CA VAL A 548 -13.95 -8.46 -107.76
C VAL A 548 -14.03 -9.19 -106.42
N PHE A 549 -15.17 -9.82 -106.17
CA PHE A 549 -15.39 -10.55 -104.93
C PHE A 549 -15.77 -12.00 -105.23
N LYS A 550 -15.45 -12.90 -104.31
CA LYS A 550 -15.73 -14.32 -104.49
C LYS A 550 -16.49 -14.93 -103.33
N PRO A 551 -17.83 -14.77 -103.31
CA PRO A 551 -18.68 -15.33 -102.26
C PRO A 551 -18.72 -16.86 -102.31
N GLY A 552 -18.56 -17.51 -101.16
CA GLY A 552 -18.65 -18.95 -101.09
C GLY A 552 -19.95 -19.46 -100.50
N THR A 553 -20.71 -18.58 -99.86
CA THR A 553 -21.95 -18.97 -99.19
C THR A 553 -23.10 -18.03 -99.54
N VAL A 554 -24.32 -18.43 -99.18
CA VAL A 554 -25.50 -17.59 -99.36
C VAL A 554 -25.31 -16.25 -98.67
N GLU A 555 -24.82 -16.29 -97.43
CA GLU A 555 -24.58 -15.08 -96.65
C GLU A 555 -23.50 -14.21 -97.29
N GLN A 556 -22.47 -14.86 -97.84
CA GLN A 556 -21.38 -14.14 -98.50
C GLN A 556 -21.88 -13.45 -99.76
N ILE A 557 -22.83 -14.07 -100.44
CA ILE A 557 -23.45 -13.48 -101.61
C ILE A 557 -24.24 -12.24 -101.21
N ARG A 558 -25.06 -12.37 -100.17
CA ARG A 558 -25.88 -11.28 -99.67
C ARG A 558 -25.04 -10.13 -99.14
N SER A 559 -23.81 -10.45 -98.73
CA SER A 559 -22.87 -9.44 -98.26
C SER A 559 -22.42 -8.55 -99.41
N VAL A 560 -22.11 -9.17 -100.54
CA VAL A 560 -21.65 -8.45 -101.73
C VAL A 560 -22.77 -7.57 -102.30
N ILE A 561 -24.00 -8.05 -102.18
CA ILE A 561 -25.17 -7.27 -102.61
C ILE A 561 -25.22 -5.95 -101.85
N ARG A 562 -24.81 -5.99 -100.59
CA ARG A 562 -24.77 -4.79 -99.76
C ARG A 562 -23.56 -3.93 -100.10
N ILE A 563 -22.54 -4.54 -100.68
CA ILE A 563 -21.38 -3.80 -101.19
C ILE A 563 -21.76 -3.14 -102.51
N ALA A 564 -22.68 -3.78 -103.23
CA ALA A 564 -23.15 -3.27 -104.51
C ALA A 564 -24.03 -2.04 -104.32
N ALA A 565 -24.94 -2.11 -103.34
CA ALA A 565 -25.84 -1.01 -103.04
C ALA A 565 -25.08 0.17 -102.43
N GLU A 566 -23.88 -0.13 -101.91
CA GLU A 566 -23.02 0.90 -101.34
C GLU A 566 -22.65 1.94 -102.40
N VAL A 567 -22.04 1.46 -103.48
CA VAL A 567 -21.71 2.33 -104.61
C VAL A 567 -22.35 1.78 -105.88
N PRO A 568 -23.61 2.16 -106.13
CA PRO A 568 -24.42 1.65 -107.25
C PRO A 568 -23.83 1.96 -108.63
N THR A 569 -22.92 2.93 -108.70
CA THR A 569 -22.32 3.31 -109.98
C THR A 569 -20.99 2.61 -110.23
N LYS A 570 -20.54 1.83 -109.25
CA LYS A 570 -19.27 1.12 -109.38
C LYS A 570 -19.51 -0.33 -109.81
N PRO A 571 -18.93 -0.73 -110.95
CA PRO A 571 -19.05 -2.11 -111.42
C PRO A 571 -18.45 -3.09 -110.42
N VAL A 572 -19.20 -4.12 -110.09
CA VAL A 572 -18.71 -5.17 -109.20
C VAL A 572 -18.93 -6.52 -109.84
N ILE A 573 -17.84 -7.22 -110.13
CA ILE A 573 -17.94 -8.53 -110.75
C ILE A 573 -18.03 -9.56 -109.65
N VAL A 574 -19.18 -10.22 -109.53
CA VAL A 574 -19.33 -11.24 -108.52
C VAL A 574 -19.06 -12.60 -109.12
N HIS A 575 -17.94 -13.20 -108.72
CA HIS A 575 -17.60 -14.53 -109.20
C HIS A 575 -18.12 -15.55 -108.20
N ILE A 576 -19.13 -16.30 -108.62
CA ILE A 576 -19.69 -17.32 -107.74
C ILE A 576 -19.01 -18.65 -108.01
N GLU A 577 -18.23 -19.11 -107.04
CA GLU A 577 -17.50 -20.36 -107.20
C GLU A 577 -18.21 -21.48 -106.46
N GLY A 578 -17.72 -22.70 -106.63
CA GLY A 578 -18.23 -23.84 -105.89
C GLY A 578 -17.23 -24.40 -104.92
N GLY A 579 -17.50 -25.60 -104.43
CA GLY A 579 -16.50 -26.40 -103.74
C GLY A 579 -16.07 -27.51 -104.67
N ARG A 580 -16.72 -27.60 -105.82
CA ARG A 580 -16.32 -28.55 -106.86
C ARG A 580 -15.12 -27.97 -107.59
N ALA A 581 -14.84 -26.71 -107.30
CA ALA A 581 -13.72 -26.00 -107.87
C ALA A 581 -12.41 -26.51 -107.28
N GLY A 582 -11.30 -25.93 -107.69
CA GLY A 582 -10.00 -26.32 -107.21
C GLY A 582 -9.52 -25.45 -106.06
N GLY A 583 -8.53 -25.95 -105.33
CA GLY A 583 -7.88 -25.18 -104.29
C GLY A 583 -8.74 -24.94 -103.08
N HIS A 584 -8.88 -23.68 -102.71
CA HIS A 584 -9.73 -23.31 -101.58
C HIS A 584 -11.14 -23.86 -101.80
N HIS A 585 -11.70 -24.44 -100.74
CA HIS A 585 -12.85 -25.31 -100.86
C HIS A 585 -14.10 -24.71 -100.20
N SER A 586 -15.16 -25.51 -100.16
CA SER A 586 -16.43 -25.13 -99.54
C SER A 586 -17.38 -26.33 -99.57
N TRP A 587 -18.39 -26.28 -98.72
CA TRP A 587 -19.38 -27.34 -98.64
C TRP A 587 -20.65 -27.00 -99.43
N GLU A 588 -20.63 -25.85 -100.07
CA GLU A 588 -21.82 -25.31 -100.73
C GLU A 588 -21.98 -25.72 -102.19
N ASP A 589 -23.19 -26.15 -102.55
CA ASP A 589 -23.50 -26.63 -103.89
C ASP A 589 -23.37 -25.52 -104.94
N LEU A 590 -23.13 -25.93 -106.19
CA LEU A 590 -22.96 -25.00 -107.29
C LEU A 590 -24.27 -24.30 -107.65
N ASP A 591 -25.34 -25.09 -107.69
CA ASP A 591 -26.63 -24.62 -108.18
C ASP A 591 -27.44 -23.88 -107.11
N ASP A 592 -27.76 -24.60 -106.03
CA ASP A 592 -28.66 -24.10 -104.99
C ASP A 592 -28.37 -22.68 -104.50
N LEU A 593 -27.09 -22.34 -104.37
CA LEU A 593 -26.70 -20.99 -103.97
C LEU A 593 -27.17 -19.97 -105.00
N LEU A 594 -26.75 -20.17 -106.25
CA LEU A 594 -27.09 -19.26 -107.34
C LEU A 594 -28.59 -19.34 -107.66
N LEU A 595 -29.16 -20.52 -107.47
CA LEU A 595 -30.58 -20.73 -107.72
C LEU A 595 -31.44 -19.84 -106.83
N ALA A 596 -31.06 -19.74 -105.56
CA ALA A 596 -31.81 -18.96 -104.58
C ALA A 596 -31.53 -17.47 -104.63
N THR A 597 -30.26 -17.10 -104.82
CA THR A 597 -29.83 -15.71 -104.68
C THR A 597 -29.84 -14.90 -105.98
N TYR A 598 -30.16 -15.54 -107.09
CA TYR A 598 -30.07 -14.89 -108.40
C TYR A 598 -30.98 -13.66 -108.54
N SER A 599 -32.22 -13.80 -108.08
CA SER A 599 -33.22 -12.74 -108.22
C SER A 599 -32.79 -11.45 -107.55
N GLU A 600 -32.24 -11.56 -106.34
CA GLU A 600 -31.78 -10.40 -105.60
C GLU A 600 -30.49 -9.83 -106.20
N LEU A 601 -29.72 -10.69 -106.84
CA LEU A 601 -28.47 -10.29 -107.47
C LEU A 601 -28.71 -9.44 -108.72
N ARG A 602 -29.87 -9.64 -109.34
CA ARG A 602 -30.18 -8.92 -110.58
C ARG A 602 -30.91 -7.60 -110.34
N SER A 603 -31.23 -7.32 -109.07
CA SER A 603 -31.85 -6.06 -108.72
C SER A 603 -30.81 -4.95 -108.65
N ARG A 604 -29.54 -5.34 -108.76
CA ARG A 604 -28.43 -4.40 -108.78
C ARG A 604 -27.75 -4.43 -110.13
N SER A 605 -27.82 -3.32 -110.86
CA SER A 605 -27.26 -3.23 -112.21
C SER A 605 -25.74 -3.21 -112.20
N ASN A 606 -25.15 -2.85 -111.07
CA ASN A 606 -23.70 -2.78 -110.95
C ASN A 606 -23.06 -4.13 -110.66
N ILE A 607 -23.91 -5.15 -110.50
CA ILE A 607 -23.43 -6.51 -110.25
C ILE A 607 -23.28 -7.30 -111.55
N THR A 608 -22.06 -7.76 -111.81
CA THR A 608 -21.81 -8.62 -112.97
C THR A 608 -21.66 -10.05 -112.49
N ILE A 609 -22.63 -10.90 -112.82
CA ILE A 609 -22.65 -12.27 -112.34
C ILE A 609 -21.76 -13.17 -113.19
N CYS A 610 -20.86 -13.89 -112.53
CA CYS A 610 -19.93 -14.77 -113.22
C CYS A 610 -19.87 -16.13 -112.56
N VAL A 611 -20.28 -17.16 -113.30
CA VAL A 611 -20.26 -18.53 -112.78
C VAL A 611 -18.94 -19.21 -113.07
N GLY A 612 -18.46 -19.98 -112.11
CA GLY A 612 -17.19 -20.66 -112.26
C GLY A 612 -17.14 -22.01 -111.59
N GLY A 613 -16.09 -22.75 -111.88
CA GLY A 613 -15.89 -24.08 -111.33
C GLY A 613 -16.33 -25.18 -112.28
N GLY A 614 -15.62 -26.30 -112.25
CA GLY A 614 -15.97 -27.47 -113.04
C GLY A 614 -16.31 -27.25 -114.51
N ILE A 615 -15.59 -26.33 -115.14
CA ILE A 615 -15.86 -26.00 -116.53
C ILE A 615 -14.56 -26.03 -117.33
N GLY A 616 -14.45 -27.00 -118.24
CA GLY A 616 -13.31 -27.08 -119.14
C GLY A 616 -13.59 -26.73 -120.59
N THR A 617 -14.86 -26.58 -120.94
CA THR A 617 -15.27 -26.51 -122.35
C THR A 617 -16.37 -25.49 -122.63
N PRO A 618 -16.46 -25.01 -123.88
CA PRO A 618 -17.53 -24.11 -124.29
C PRO A 618 -18.91 -24.77 -124.32
N GLU A 619 -18.94 -26.08 -124.55
CA GLU A 619 -20.21 -26.81 -124.72
C GLU A 619 -20.94 -26.99 -123.39
N ARG A 620 -20.21 -27.40 -122.37
CA ARG A 620 -20.80 -27.63 -121.05
C ARG A 620 -21.16 -26.30 -120.37
N SER A 621 -20.47 -25.24 -120.74
CA SER A 621 -20.66 -23.93 -120.11
C SER A 621 -21.62 -23.04 -120.90
N ALA A 622 -22.14 -23.57 -122.00
CA ALA A 622 -23.00 -22.80 -122.89
C ALA A 622 -24.39 -22.59 -122.32
N GLU A 623 -24.85 -23.55 -121.52
CA GLU A 623 -26.22 -23.52 -121.01
C GLU A 623 -26.39 -22.52 -119.87
N TYR A 624 -25.30 -22.25 -119.15
CA TYR A 624 -25.33 -21.24 -118.10
C TYR A 624 -25.38 -19.85 -118.71
N LEU A 625 -24.85 -19.74 -119.94
CA LEU A 625 -24.85 -18.48 -120.67
C LEU A 625 -26.22 -18.20 -121.26
N SER A 626 -26.85 -19.23 -121.83
CA SER A 626 -28.18 -19.11 -122.41
C SER A 626 -29.22 -18.99 -121.31
N GLY A 627 -28.89 -19.52 -120.14
CA GLY A 627 -29.80 -19.54 -119.02
C GLY A 627 -30.60 -20.83 -118.98
N ARG A 628 -30.26 -21.76 -119.86
CA ARG A 628 -30.99 -23.01 -120.01
C ARG A 628 -30.70 -23.96 -118.85
N TRP A 629 -29.69 -23.62 -118.07
CA TRP A 629 -29.21 -24.48 -117.00
C TRP A 629 -30.18 -24.56 -115.83
N ALA A 630 -31.01 -23.53 -115.66
CA ALA A 630 -31.92 -23.45 -114.52
C ALA A 630 -33.21 -24.21 -114.82
N GLU A 631 -33.37 -24.60 -116.07
CA GLU A 631 -34.57 -25.30 -116.51
C GLU A 631 -34.68 -26.72 -115.95
N VAL A 632 -33.53 -27.33 -115.68
CA VAL A 632 -33.49 -28.67 -115.09
C VAL A 632 -34.06 -28.62 -113.67
N HIS A 633 -33.89 -27.49 -113.01
CA HIS A 633 -34.39 -27.31 -111.65
C HIS A 633 -35.78 -26.68 -111.66
N GLY A 634 -36.32 -26.47 -112.85
CA GLY A 634 -37.66 -25.96 -113.01
C GLY A 634 -37.74 -24.43 -113.01
N TYR A 635 -36.70 -23.79 -112.49
CA TYR A 635 -36.64 -22.34 -112.47
C TYR A 635 -36.54 -21.81 -113.89
N PRO A 636 -37.23 -20.70 -114.19
CA PRO A 636 -37.15 -20.07 -115.51
C PRO A 636 -35.72 -19.62 -115.81
N LEU A 637 -35.44 -19.32 -117.07
CA LEU A 637 -34.08 -19.11 -117.56
C LEU A 637 -33.26 -18.15 -116.71
N MET A 638 -32.01 -18.53 -116.43
CA MET A 638 -31.14 -17.74 -115.58
C MET A 638 -29.76 -17.55 -116.22
N PRO A 639 -29.64 -16.57 -117.14
CA PRO A 639 -28.41 -16.30 -117.89
C PRO A 639 -27.29 -15.74 -117.02
N ILE A 640 -26.05 -15.83 -117.50
CA ILE A 640 -24.90 -15.30 -116.76
C ILE A 640 -24.04 -14.39 -117.64
N ASP A 641 -23.35 -13.45 -117.01
CA ASP A 641 -22.57 -12.44 -117.74
C ASP A 641 -21.14 -12.87 -118.08
N GLY A 642 -20.64 -13.90 -117.42
CA GLY A 642 -19.26 -14.32 -117.64
C GLY A 642 -18.91 -15.64 -117.01
N ILE A 643 -17.78 -16.22 -117.41
CA ILE A 643 -17.37 -17.54 -116.95
C ILE A 643 -15.86 -17.58 -116.70
N LEU A 644 -15.45 -18.11 -115.55
CA LEU A 644 -14.02 -18.24 -115.24
C LEU A 644 -13.56 -19.70 -115.30
N VAL A 645 -12.38 -19.92 -115.87
CA VAL A 645 -11.81 -21.26 -115.92
C VAL A 645 -10.51 -21.31 -115.12
N GLY A 646 -10.55 -21.91 -113.94
CA GLY A 646 -9.33 -22.11 -113.17
C GLY A 646 -8.48 -23.32 -113.53
N THR A 647 -9.12 -24.49 -113.61
CA THR A 647 -8.39 -25.75 -113.68
C THR A 647 -7.90 -26.15 -115.08
N ALA A 648 -8.74 -25.96 -116.08
CA ALA A 648 -8.44 -26.42 -117.43
C ALA A 648 -7.26 -25.70 -118.08
N ALA A 649 -6.83 -24.61 -117.48
CA ALA A 649 -5.73 -23.81 -118.02
C ALA A 649 -4.37 -24.18 -117.41
N MET A 650 -4.36 -25.18 -116.53
CA MET A 650 -3.14 -25.58 -115.84
C MET A 650 -2.22 -26.43 -116.70
N ALA A 651 -2.80 -27.13 -117.67
CA ALA A 651 -2.04 -28.00 -118.55
C ALA A 651 -1.54 -27.24 -119.78
N THR A 652 -1.78 -25.93 -119.77
CA THR A 652 -1.44 -25.08 -120.92
C THR A 652 0.06 -24.95 -121.16
N LEU A 653 0.42 -24.60 -122.39
CA LEU A 653 1.80 -24.54 -122.83
C LEU A 653 2.62 -23.46 -122.11
N GLU A 654 2.04 -22.26 -121.98
CA GLU A 654 2.77 -21.14 -121.37
C GLU A 654 2.72 -21.19 -119.84
N ALA A 655 2.02 -22.18 -119.30
CA ALA A 655 2.00 -22.40 -117.87
C ALA A 655 3.35 -22.96 -117.42
N THR A 656 3.75 -22.62 -116.20
CA THR A 656 5.05 -23.05 -115.68
C THR A 656 4.99 -24.44 -115.05
N THR A 657 3.82 -25.06 -115.12
CA THR A 657 3.63 -26.42 -114.61
C THR A 657 4.65 -27.38 -115.25
N SER A 658 5.30 -28.19 -114.42
CA SER A 658 6.32 -29.11 -114.87
C SER A 658 5.76 -30.15 -115.83
N PRO A 659 6.59 -30.61 -116.80
CA PRO A 659 6.20 -31.60 -117.80
C PRO A 659 5.57 -32.86 -117.20
N GLN A 660 6.14 -33.35 -116.09
CA GLN A 660 5.60 -34.54 -115.44
C GLN A 660 4.30 -34.24 -114.72
N VAL A 661 4.17 -33.04 -114.18
CA VAL A 661 2.96 -32.63 -113.47
C VAL A 661 1.79 -32.44 -114.43
N LYS A 662 2.09 -31.91 -115.62
CA LYS A 662 1.07 -31.74 -116.65
C LYS A 662 0.51 -33.07 -117.10
N GLN A 663 1.39 -34.04 -117.34
CA GLN A 663 0.98 -35.38 -117.72
C GLN A 663 0.12 -36.01 -116.63
N LEU A 664 0.40 -35.63 -115.39
CA LEU A 664 -0.34 -36.14 -114.23
C LEU A 664 -1.76 -35.58 -114.17
N LEU A 665 -1.88 -34.27 -114.38
CA LEU A 665 -3.18 -33.61 -114.41
C LEU A 665 -4.04 -34.17 -115.54
N VAL A 666 -3.39 -34.42 -116.67
CA VAL A 666 -4.03 -34.99 -117.86
C VAL A 666 -4.71 -36.33 -117.59
N GLU A 667 -3.90 -37.34 -117.23
CA GLU A 667 -4.39 -38.71 -117.09
C GLU A 667 -5.44 -38.88 -116.01
N THR A 668 -5.61 -37.85 -115.19
CA THR A 668 -6.68 -37.85 -114.19
C THR A 668 -8.02 -37.83 -114.89
N LYS A 669 -8.88 -38.79 -114.54
CA LYS A 669 -10.23 -38.84 -115.10
C LYS A 669 -11.13 -37.93 -114.26
N GLY A 670 -12.07 -37.25 -114.91
CA GLY A 670 -12.94 -36.34 -114.21
C GLY A 670 -14.26 -36.97 -113.79
N THR A 671 -15.13 -36.15 -113.20
CA THR A 671 -16.39 -36.65 -112.68
C THR A 671 -17.57 -35.72 -112.93
N GLU A 672 -18.76 -36.27 -112.73
CA GLU A 672 -19.99 -35.49 -112.66
C GLU A 672 -20.11 -34.92 -111.26
N ALA A 673 -21.29 -34.45 -110.88
CA ALA A 673 -21.49 -33.71 -109.63
C ALA A 673 -20.87 -34.40 -108.42
N TRP A 674 -20.13 -33.61 -107.64
CA TRP A 674 -19.27 -34.11 -106.57
C TRP A 674 -20.00 -35.00 -105.56
N VAL A 675 -19.31 -36.05 -105.11
CA VAL A 675 -19.90 -37.01 -104.20
C VAL A 675 -19.29 -36.90 -102.81
N GLY A 676 -20.07 -37.23 -101.80
CA GLY A 676 -19.65 -37.07 -100.42
C GLY A 676 -18.71 -38.13 -99.90
N ALA A 677 -18.87 -39.37 -100.36
CA ALA A 677 -18.12 -40.50 -99.83
C ALA A 677 -16.61 -40.28 -99.88
N GLY A 678 -15.95 -40.44 -98.73
CA GLY A 678 -14.51 -40.24 -98.64
C GLY A 678 -13.72 -41.28 -99.41
N LYS A 679 -12.89 -40.80 -100.33
CA LYS A 679 -12.13 -41.63 -101.24
C LYS A 679 -11.36 -40.69 -102.15
N ALA A 680 -10.50 -41.24 -103.00
CA ALA A 680 -10.02 -40.47 -104.13
C ALA A 680 -11.13 -40.57 -105.17
N ALA A 681 -11.73 -39.44 -105.49
CA ALA A 681 -12.88 -39.44 -106.39
C ALA A 681 -12.46 -38.90 -107.74
N ASN A 682 -12.39 -39.80 -108.72
CA ASN A 682 -11.91 -39.47 -110.04
C ASN A 682 -10.57 -38.75 -109.98
N GLY A 683 -9.62 -39.37 -109.31
CA GLY A 683 -8.29 -38.81 -109.16
C GLY A 683 -8.26 -37.54 -108.32
N MET A 684 -9.34 -37.29 -107.59
CA MET A 684 -9.46 -36.09 -106.79
C MET A 684 -10.00 -36.39 -105.39
N ALA A 685 -9.21 -36.04 -104.37
CA ALA A 685 -9.65 -36.19 -102.99
C ALA A 685 -9.36 -34.93 -102.21
N SER A 686 -10.32 -34.50 -101.39
CA SER A 686 -10.16 -33.31 -100.58
C SER A 686 -9.21 -33.55 -99.43
N GLY A 687 -8.58 -32.47 -98.96
CA GLY A 687 -7.71 -32.54 -97.80
C GLY A 687 -7.69 -31.18 -97.12
N ARG A 688 -7.41 -31.16 -95.84
CA ARG A 688 -7.46 -29.92 -95.07
C ARG A 688 -6.09 -29.29 -94.93
N SER A 689 -6.05 -27.96 -95.03
CA SER A 689 -4.80 -27.22 -94.88
C SER A 689 -4.40 -27.14 -93.41
N GLN A 690 -3.33 -26.41 -93.12
CA GLN A 690 -2.84 -26.26 -91.76
C GLN A 690 -3.85 -25.54 -90.88
N LEU A 691 -4.73 -24.76 -91.51
CA LEU A 691 -5.75 -24.01 -90.79
C LEU A 691 -7.05 -24.80 -90.64
N GLY A 692 -7.14 -25.93 -91.33
CA GLY A 692 -8.30 -26.79 -91.21
C GLY A 692 -9.28 -26.69 -92.37
N ALA A 693 -9.07 -25.71 -93.24
CA ALA A 693 -9.93 -25.53 -94.41
C ALA A 693 -9.55 -26.54 -95.49
N ASP A 694 -10.56 -27.07 -96.17
CA ASP A 694 -10.33 -28.11 -97.18
C ASP A 694 -9.59 -27.56 -98.39
N ILE A 695 -8.85 -28.44 -99.05
CA ILE A 695 -8.12 -28.09 -100.27
C ILE A 695 -8.28 -29.23 -101.27
N HIS A 696 -8.68 -28.90 -102.48
CA HIS A 696 -8.81 -29.92 -103.51
C HIS A 696 -7.45 -30.16 -104.16
N GLU A 697 -6.94 -31.37 -103.99
CA GLU A 697 -5.63 -31.75 -104.51
C GLU A 697 -5.74 -33.02 -105.32
N ILE A 698 -4.69 -33.34 -106.07
CA ILE A 698 -4.73 -34.50 -106.94
C ILE A 698 -4.24 -35.75 -106.17
N ASP A 699 -5.17 -36.66 -105.92
CA ASP A 699 -4.88 -37.83 -105.10
C ASP A 699 -4.58 -39.08 -105.91
N ASN A 700 -4.66 -38.96 -107.24
CA ASN A 700 -4.26 -40.05 -108.13
C ASN A 700 -2.83 -39.85 -108.57
N ALA A 701 -2.59 -38.72 -109.22
CA ALA A 701 -1.25 -38.31 -109.62
C ALA A 701 -0.29 -38.43 -108.44
N ALA A 702 -0.72 -37.95 -107.28
CA ALA A 702 0.02 -38.20 -106.05
C ALA A 702 -0.94 -38.78 -105.00
N SER A 703 -0.78 -40.07 -104.73
CA SER A 703 -1.63 -40.74 -103.74
C SER A 703 -0.99 -40.82 -102.35
N ARG A 704 0.30 -40.52 -102.29
CA ARG A 704 1.07 -40.73 -101.06
C ARG A 704 0.93 -39.61 -100.03
N CYS A 705 0.93 -38.36 -100.50
CA CYS A 705 0.86 -37.22 -99.59
C CYS A 705 -0.50 -37.08 -98.94
N GLY A 706 -1.55 -37.07 -99.76
CA GLY A 706 -2.91 -36.82 -99.28
C GLY A 706 -3.45 -37.86 -98.32
N ARG A 707 -3.32 -39.13 -98.68
CA ARG A 707 -3.88 -40.21 -97.87
C ARG A 707 -3.14 -40.40 -96.55
N LEU A 708 -1.81 -40.26 -96.60
CA LEU A 708 -1.00 -40.33 -95.38
C LEU A 708 -1.36 -39.19 -94.44
N LEU A 709 -1.56 -38.02 -95.02
CA LEU A 709 -1.95 -36.85 -94.25
C LEU A 709 -3.25 -37.10 -93.50
N ASP A 710 -4.20 -37.74 -94.17
CA ASP A 710 -5.47 -38.11 -93.55
C ASP A 710 -5.25 -39.18 -92.49
N GLU A 711 -4.28 -40.05 -92.73
CA GLU A 711 -3.94 -41.07 -91.75
C GLU A 711 -3.35 -40.41 -90.51
N VAL A 712 -2.32 -39.59 -90.71
CA VAL A 712 -1.66 -38.89 -89.61
C VAL A 712 -2.60 -37.98 -88.84
N ALA A 713 -3.44 -37.24 -89.57
CA ALA A 713 -4.39 -36.31 -88.95
C ALA A 713 -5.36 -37.04 -88.02
N GLY A 714 -5.99 -38.09 -88.52
CA GLY A 714 -6.94 -38.85 -87.73
C GLY A 714 -6.26 -39.71 -86.68
N ASP A 715 -4.97 -39.96 -86.85
CA ASP A 715 -4.22 -40.80 -85.93
C ASP A 715 -3.46 -40.08 -84.83
N ALA A 716 -3.56 -38.76 -84.71
CA ALA A 716 -2.63 -38.15 -83.77
C ALA A 716 -3.21 -38.07 -82.38
N ASP A 717 -2.89 -39.12 -81.62
CA ASP A 717 -2.80 -39.17 -80.18
C ASP A 717 -1.60 -40.07 -79.98
N ALA A 718 -1.75 -41.27 -80.55
CA ALA A 718 -0.89 -42.43 -80.42
C ALA A 718 0.32 -42.43 -81.35
N VAL A 719 0.58 -41.30 -82.01
CA VAL A 719 1.64 -41.17 -83.03
C VAL A 719 2.94 -41.85 -82.61
N ALA A 720 3.29 -41.75 -81.33
CA ALA A 720 4.46 -42.43 -80.78
C ALA A 720 4.44 -43.94 -81.05
N GLU A 721 3.26 -44.54 -81.01
CA GLU A 721 3.12 -45.99 -81.23
C GLU A 721 3.29 -46.36 -82.70
N ARG A 722 2.77 -45.53 -83.59
CA ARG A 722 2.84 -45.76 -85.02
C ARG A 722 4.06 -45.08 -85.64
N ARG A 723 4.93 -44.54 -84.79
CA ARG A 723 6.10 -43.76 -85.21
C ARG A 723 6.90 -44.39 -86.34
N ASP A 724 7.12 -45.70 -86.28
CA ASP A 724 7.81 -46.41 -87.35
C ASP A 724 7.05 -46.33 -88.66
N GLU A 725 5.73 -46.49 -88.58
CA GLU A 725 4.87 -46.43 -89.76
C GLU A 725 4.77 -45.01 -90.29
N ILE A 726 4.78 -44.04 -89.39
CA ILE A 726 4.62 -42.64 -89.74
C ILE A 726 5.91 -42.01 -90.28
N ILE A 727 7.03 -42.31 -89.64
CA ILE A 727 8.31 -41.69 -90.02
C ILE A 727 8.85 -42.23 -91.35
N ALA A 728 8.44 -43.45 -91.70
CA ALA A 728 8.86 -44.06 -92.96
C ALA A 728 8.02 -43.50 -94.11
N ALA A 729 6.77 -43.16 -93.81
CA ALA A 729 5.86 -42.65 -94.83
C ALA A 729 6.17 -41.19 -95.17
N MET A 730 6.82 -40.48 -94.25
CA MET A 730 7.29 -39.14 -94.53
C MET A 730 8.46 -39.21 -95.52
N ALA A 731 9.21 -40.30 -95.43
CA ALA A 731 10.35 -40.53 -96.32
C ALA A 731 9.87 -40.98 -97.70
N GLN A 732 8.68 -41.55 -97.76
CA GLN A 732 8.10 -42.00 -99.03
C GLN A 732 7.61 -40.82 -99.85
N THR A 733 7.12 -39.80 -99.17
CA THR A 733 6.61 -38.60 -99.82
C THR A 733 7.72 -37.55 -99.93
N ALA A 734 8.92 -37.96 -99.54
CA ALA A 734 10.08 -37.07 -99.48
C ALA A 734 9.83 -35.88 -98.56
N LYS A 735 9.59 -36.17 -97.30
CA LYS A 735 9.59 -35.18 -96.23
C LYS A 735 10.57 -35.71 -95.19
N PRO A 736 11.85 -35.83 -95.58
CA PRO A 736 12.80 -36.63 -94.81
C PRO A 736 13.11 -36.08 -93.44
N TYR A 737 13.04 -36.95 -92.44
CA TYR A 737 13.58 -36.64 -91.12
C TYR A 737 15.07 -36.85 -91.28
N PHE A 738 15.83 -36.58 -90.25
CA PHE A 738 17.27 -36.77 -90.31
C PHE A 738 17.62 -38.09 -89.64
N GLY A 739 18.68 -38.74 -90.10
CA GLY A 739 19.15 -39.97 -89.46
C GLY A 739 19.43 -39.65 -88.01
N ASP A 740 19.62 -40.68 -87.18
CA ASP A 740 19.49 -40.52 -85.73
C ASP A 740 20.31 -39.31 -85.27
N VAL A 741 19.60 -38.40 -84.59
CA VAL A 741 20.05 -37.01 -84.45
C VAL A 741 21.40 -36.90 -83.74
N ALA A 742 21.52 -37.56 -82.61
CA ALA A 742 22.79 -37.64 -81.91
C ALA A 742 23.84 -38.26 -82.81
N GLU A 743 23.68 -39.55 -83.11
CA GLU A 743 24.70 -40.32 -83.83
C GLU A 743 25.16 -39.69 -85.15
N MET A 744 24.29 -38.92 -85.78
CA MET A 744 24.64 -38.31 -87.07
C MET A 744 25.77 -37.29 -86.97
N THR A 745 26.77 -37.49 -87.83
CA THR A 745 27.95 -36.66 -87.91
C THR A 745 27.61 -35.27 -88.47
N TYR A 746 28.32 -34.24 -88.01
CA TYR A 746 28.11 -32.86 -88.49
C TYR A 746 28.18 -32.76 -90.02
N LEU A 747 29.03 -33.58 -90.64
CA LEU A 747 29.06 -33.68 -92.10
C LEU A 747 27.67 -34.03 -92.60
N GLN A 748 27.12 -35.13 -92.07
CA GLN A 748 25.80 -35.61 -92.46
C GLN A 748 24.75 -34.52 -92.34
N TRP A 749 24.83 -33.73 -91.27
CA TRP A 749 23.99 -32.56 -91.13
C TRP A 749 24.19 -31.63 -92.31
N LEU A 750 25.40 -31.10 -92.41
CA LEU A 750 25.75 -30.11 -93.43
C LEU A 750 25.67 -30.65 -94.86
N ARG A 751 25.87 -31.94 -95.02
CA ARG A 751 25.77 -32.56 -96.34
C ARG A 751 24.32 -32.84 -96.74
N ARG A 752 23.43 -32.90 -95.75
CA ARG A 752 22.02 -33.15 -96.01
C ARG A 752 21.33 -31.91 -96.52
N TYR A 753 21.69 -30.76 -95.95
CA TYR A 753 21.11 -29.48 -96.38
C TYR A 753 21.52 -29.18 -97.81
N VAL A 754 22.79 -29.39 -98.12
CA VAL A 754 23.30 -29.22 -99.48
C VAL A 754 22.59 -30.17 -100.44
N GLU A 755 22.34 -31.39 -99.98
CA GLU A 755 21.65 -32.38 -100.79
C GLU A 755 20.24 -31.93 -101.16
N LEU A 756 19.50 -31.45 -100.17
CA LEU A 756 18.12 -31.02 -100.37
C LEU A 756 17.96 -29.63 -100.99
N ALA A 757 18.77 -28.68 -100.54
CA ALA A 757 18.66 -27.30 -100.99
C ALA A 757 19.29 -27.07 -102.37
N ILE A 758 20.45 -27.69 -102.61
CA ILE A 758 21.14 -27.50 -103.88
C ILE A 758 20.80 -28.60 -104.88
N GLY A 759 20.07 -28.22 -105.93
CA GLY A 759 19.79 -29.13 -107.03
C GLY A 759 21.00 -29.25 -107.94
N ASP A 760 21.30 -30.47 -108.38
CA ASP A 760 22.41 -30.70 -109.28
C ASP A 760 22.04 -30.36 -110.72
N GLY A 761 20.77 -30.61 -111.07
CA GLY A 761 20.29 -30.32 -112.40
C GLY A 761 20.17 -28.83 -112.65
N ASN A 762 19.57 -28.12 -111.69
CA ASN A 762 19.40 -26.68 -111.83
C ASN A 762 20.67 -25.90 -111.49
N SER A 763 21.59 -26.53 -110.76
CA SER A 763 22.91 -25.94 -110.52
C SER A 763 22.83 -24.57 -109.85
N THR A 764 22.56 -24.54 -108.54
CA THR A 764 22.28 -23.30 -107.81
C THR A 764 23.21 -22.15 -108.19
N ALA A 765 24.49 -22.46 -108.40
CA ALA A 765 25.42 -21.48 -108.95
C ALA A 765 24.94 -20.94 -110.30
N ASP A 766 24.53 -21.85 -111.19
CA ASP A 766 24.01 -21.47 -112.50
C ASP A 766 22.58 -20.94 -112.40
N THR A 767 21.94 -21.18 -111.26
CA THR A 767 20.58 -20.69 -111.04
C THR A 767 20.60 -19.23 -110.56
N LYS A 768 21.74 -18.82 -110.01
CA LYS A 768 21.90 -17.47 -109.47
C LYS A 768 22.16 -16.44 -110.56
N ARG A 769 22.79 -16.90 -111.64
CA ARG A 769 23.16 -16.01 -112.76
C ARG A 769 21.98 -15.38 -113.54
N PRO A 770 20.96 -16.18 -113.90
CA PRO A 770 19.78 -15.58 -114.54
C PRO A 770 18.97 -14.69 -113.61
N ASP A 771 19.25 -14.77 -112.31
CA ASP A 771 18.47 -14.09 -111.28
C ASP A 771 17.03 -14.60 -111.24
N SER A 772 16.91 -15.92 -111.22
CA SER A 772 15.60 -16.58 -111.17
C SER A 772 14.93 -16.33 -109.82
N PRO A 773 13.60 -16.21 -109.82
CA PRO A 773 12.81 -16.05 -108.60
C PRO A 773 12.81 -17.32 -107.76
N TRP A 774 13.14 -18.45 -108.38
CA TRP A 774 13.17 -19.73 -107.70
C TRP A 774 14.35 -19.82 -106.75
N LEU A 775 15.22 -18.81 -106.79
CA LEU A 775 16.41 -18.76 -105.94
C LEU A 775 16.09 -18.95 -104.45
N ASP A 776 16.86 -19.83 -103.83
CA ASP A 776 16.63 -20.31 -102.47
C ASP A 776 17.37 -19.53 -101.41
N ILE A 777 17.95 -18.39 -101.78
CA ILE A 777 19.08 -17.77 -101.06
C ILE A 777 18.97 -17.79 -99.53
N THR A 778 17.76 -17.71 -99.01
CA THR A 778 17.54 -17.92 -97.58
C THR A 778 18.02 -19.31 -97.14
N TRP A 779 17.86 -20.31 -98.02
CA TRP A 779 18.34 -21.65 -97.75
C TRP A 779 19.87 -21.69 -97.71
N ARG A 780 20.49 -20.89 -98.58
CA ARG A 780 21.94 -20.77 -98.60
C ARG A 780 22.41 -20.01 -97.37
N ASP A 781 21.58 -19.07 -96.92
CA ASP A 781 21.86 -18.31 -95.71
C ASP A 781 21.60 -19.18 -94.48
N ARG A 782 20.61 -20.05 -94.59
CA ARG A 782 20.30 -21.01 -93.54
C ARG A 782 21.49 -21.92 -93.29
N PHE A 783 22.07 -22.42 -94.38
CA PHE A 783 23.20 -23.33 -94.32
C PHE A 783 24.44 -22.66 -93.75
N GLU A 784 24.56 -21.35 -94.00
CA GLU A 784 25.67 -20.57 -93.46
C GLU A 784 25.61 -20.49 -91.94
N GLN A 785 24.43 -20.18 -91.43
CA GLN A 785 24.23 -20.06 -89.98
C GLN A 785 24.51 -21.39 -89.29
N MET A 786 24.28 -22.49 -90.01
CA MET A 786 24.61 -23.82 -89.51
C MET A 786 26.11 -24.06 -89.57
N LEU A 787 26.73 -23.65 -90.69
CA LEU A 787 28.17 -23.76 -90.84
C LEU A 787 28.89 -22.95 -89.78
N LYS A 788 28.50 -21.69 -89.64
CA LYS A 788 29.11 -20.79 -88.66
C LYS A 788 28.90 -21.28 -87.24
N ARG A 789 27.83 -22.04 -87.03
CA ARG A 789 27.55 -22.64 -85.73
C ARG A 789 28.51 -23.79 -85.47
N ALA A 790 28.90 -24.49 -86.53
CA ALA A 790 29.83 -25.61 -86.43
C ALA A 790 31.20 -25.11 -85.99
N GLU A 791 31.64 -23.98 -86.53
CA GLU A 791 32.89 -23.37 -86.09
C GLU A 791 32.71 -22.86 -84.68
N ALA A 792 31.50 -22.37 -84.39
CA ALA A 792 31.17 -21.85 -83.07
C ALA A 792 31.21 -22.94 -82.01
N ARG A 793 30.89 -24.17 -82.42
CA ARG A 793 30.80 -25.27 -81.48
C ARG A 793 32.16 -25.89 -81.12
N LEU A 794 33.01 -26.09 -82.11
CA LEU A 794 34.24 -26.87 -81.88
C LEU A 794 35.54 -26.11 -81.62
N HIS A 795 35.51 -24.79 -81.64
CA HIS A 795 36.75 -24.02 -81.52
C HIS A 795 37.09 -23.67 -80.07
N PRO A 796 38.20 -24.22 -79.57
CA PRO A 796 38.70 -23.96 -78.21
C PRO A 796 39.29 -22.56 -78.04
N GLN A 797 39.81 -21.99 -79.13
CA GLN A 797 40.51 -20.72 -79.09
C GLN A 797 39.60 -19.51 -79.30
N ASP A 798 40.21 -18.34 -79.53
CA ASP A 798 39.50 -17.06 -79.53
C ASP A 798 38.56 -16.76 -80.71
N PHE A 799 38.52 -17.66 -81.69
CA PHE A 799 37.70 -17.51 -82.90
C PHE A 799 38.12 -16.34 -83.79
N GLY A 800 39.38 -15.93 -83.67
CA GLY A 800 39.91 -14.88 -84.53
C GLY A 800 40.04 -15.26 -86.00
N PRO A 801 40.80 -16.33 -86.30
CA PRO A 801 41.07 -16.70 -87.69
C PRO A 801 39.85 -17.10 -88.53
N ILE A 802 38.96 -17.92 -87.98
CA ILE A 802 37.89 -18.51 -88.77
C ILE A 802 36.73 -17.57 -89.09
N GLU A 803 36.25 -16.85 -88.08
CA GLU A 803 35.06 -16.00 -88.25
C GLU A 803 35.31 -14.81 -89.16
N THR A 804 36.51 -14.26 -89.12
CA THR A 804 36.82 -13.05 -89.89
C THR A 804 37.03 -13.35 -91.37
N LEU A 805 37.12 -14.63 -91.72
CA LEU A 805 37.32 -15.04 -93.10
C LEU A 805 36.00 -15.25 -93.83
N PHE A 806 35.21 -16.21 -93.35
CA PHE A 806 33.97 -16.61 -94.00
C PHE A 806 32.91 -15.51 -94.05
N ASP A 807 33.10 -14.45 -93.28
CA ASP A 807 32.11 -13.38 -93.19
C ASP A 807 32.28 -12.30 -94.27
N ALA A 808 33.41 -12.31 -94.96
CA ALA A 808 33.67 -11.34 -96.02
C ALA A 808 32.76 -11.60 -97.22
N ASP A 809 32.24 -10.53 -97.82
CA ASP A 809 31.38 -10.64 -98.99
C ASP A 809 32.06 -11.38 -100.14
N ALA A 810 33.11 -10.78 -100.69
CA ALA A 810 33.83 -11.35 -101.82
C ALA A 810 34.32 -12.77 -101.52
N ASP A 811 34.86 -12.96 -100.32
CA ASP A 811 35.39 -14.27 -99.93
C ASP A 811 34.27 -15.27 -99.67
N GLY A 812 33.32 -14.89 -98.84
CA GLY A 812 32.25 -15.80 -98.43
C GLY A 812 31.33 -16.23 -99.56
N GLU A 813 30.97 -15.31 -100.44
CA GLU A 813 30.08 -15.62 -101.55
C GLU A 813 30.71 -16.63 -102.51
N ARG A 814 32.02 -16.52 -102.70
CA ARG A 814 32.75 -17.47 -103.52
C ARG A 814 32.76 -18.85 -102.87
N LEU A 815 32.83 -18.86 -101.54
CA LEU A 815 32.81 -20.11 -100.78
C LEU A 815 31.42 -20.75 -100.86
N LEU A 816 30.41 -19.92 -101.02
CA LEU A 816 29.02 -20.38 -101.00
C LEU A 816 28.59 -21.09 -102.28
N GLU A 817 29.02 -20.56 -103.42
CA GLU A 817 28.61 -21.12 -104.71
C GLU A 817 29.22 -22.49 -104.95
N ASP A 818 30.19 -22.86 -104.11
CA ASP A 818 30.82 -24.16 -104.18
C ASP A 818 30.59 -24.89 -102.85
N PRO A 819 29.42 -25.54 -102.71
CA PRO A 819 28.99 -26.16 -101.45
C PRO A 819 29.92 -27.28 -100.97
N GLU A 820 30.37 -28.13 -101.88
CA GLU A 820 31.23 -29.26 -101.51
C GLU A 820 32.59 -28.78 -101.00
N ALA A 821 33.16 -27.79 -101.67
CA ALA A 821 34.46 -27.25 -101.29
C ALA A 821 34.37 -26.48 -99.97
N ALA A 822 33.22 -25.87 -99.71
CA ALA A 822 33.01 -25.10 -98.50
C ALA A 822 32.87 -26.01 -97.29
N ILE A 823 32.10 -27.08 -97.43
CA ILE A 823 31.91 -28.05 -96.37
C ILE A 823 33.23 -28.67 -95.94
N THR A 824 34.04 -29.05 -96.93
CA THR A 824 35.35 -29.64 -96.66
C THR A 824 36.26 -28.66 -95.96
N ALA A 825 36.21 -27.39 -96.38
CA ALA A 825 37.07 -26.35 -95.82
C ALA A 825 36.83 -26.14 -94.33
N LEU A 826 35.57 -26.11 -93.93
CA LEU A 826 35.20 -25.90 -92.53
C LEU A 826 35.57 -27.11 -91.66
N LEU A 827 35.14 -28.29 -92.10
CA LEU A 827 35.24 -29.48 -91.27
C LEU A 827 36.62 -30.13 -91.33
N GLN A 828 37.50 -29.54 -92.14
CA GLN A 828 38.91 -29.89 -92.11
C GLN A 828 39.55 -29.18 -90.92
N ARG A 829 39.14 -27.94 -90.71
CA ARG A 829 39.60 -27.14 -89.58
C ARG A 829 39.10 -27.74 -88.27
N TYR A 830 37.90 -28.31 -88.32
CA TYR A 830 37.32 -28.96 -87.15
C TYR A 830 36.98 -30.42 -87.47
N PRO A 831 38.00 -31.29 -87.45
CA PRO A 831 37.86 -32.70 -87.80
C PRO A 831 36.98 -33.46 -86.81
N ASP A 832 36.86 -32.93 -85.61
CA ASP A 832 36.06 -33.56 -84.57
C ASP A 832 34.57 -33.56 -84.93
N ALA A 833 34.18 -32.67 -85.84
CA ALA A 833 32.79 -32.56 -86.27
C ALA A 833 32.35 -33.85 -86.97
N GLU A 834 33.33 -34.63 -87.42
CA GLU A 834 33.04 -35.86 -88.14
C GLU A 834 32.69 -37.02 -87.22
N THR A 835 33.23 -37.00 -86.01
CA THR A 835 33.02 -38.11 -85.07
C THR A 835 31.96 -37.94 -83.98
N VAL A 836 31.36 -36.74 -83.88
CA VAL A 836 30.54 -36.47 -82.69
C VAL A 836 29.08 -36.15 -83.00
N VAL A 837 28.28 -36.02 -81.94
CA VAL A 837 26.86 -35.72 -82.02
C VAL A 837 26.58 -34.23 -82.15
N LEU A 838 25.48 -33.89 -82.79
CA LEU A 838 25.01 -32.51 -82.76
C LEU A 838 24.61 -32.21 -81.32
N HIS A 839 25.17 -31.14 -80.77
CA HIS A 839 24.97 -30.79 -79.37
C HIS A 839 23.48 -30.65 -79.05
N PRO A 840 23.04 -31.18 -77.89
CA PRO A 840 21.64 -31.14 -77.46
C PRO A 840 21.06 -29.73 -77.46
N ALA A 841 21.91 -28.71 -77.33
CA ALA A 841 21.45 -27.33 -77.40
C ALA A 841 21.47 -26.80 -78.84
N ASP A 842 22.13 -27.53 -79.73
CA ASP A 842 22.17 -27.14 -81.14
C ASP A 842 20.97 -27.67 -81.92
N VAL A 843 20.28 -28.65 -81.34
CA VAL A 843 19.06 -29.18 -81.93
C VAL A 843 17.89 -28.18 -81.91
N PRO A 844 17.63 -27.53 -80.75
CA PRO A 844 16.56 -26.53 -80.76
C PRO A 844 16.88 -25.36 -81.69
N PHE A 845 18.17 -25.03 -81.81
CA PHE A 845 18.60 -23.92 -82.65
C PHE A 845 18.23 -24.16 -84.11
N PHE A 846 18.51 -25.36 -84.60
CA PHE A 846 18.19 -25.71 -85.99
C PHE A 846 16.69 -25.71 -86.24
N VAL A 847 15.94 -26.31 -85.33
CA VAL A 847 14.48 -26.34 -85.43
C VAL A 847 13.92 -24.91 -85.35
N GLU A 848 14.60 -24.06 -84.58
CA GLU A 848 14.22 -22.66 -84.47
C GLU A 848 14.45 -21.93 -85.78
N LEU A 849 15.55 -22.26 -86.45
CA LEU A 849 15.91 -21.62 -87.72
C LEU A 849 14.94 -22.03 -88.83
N CYS A 850 14.41 -23.24 -88.74
CA CYS A 850 13.43 -23.73 -89.70
C CYS A 850 12.15 -22.90 -89.65
N LYS A 851 11.84 -22.38 -88.47
CA LYS A 851 10.62 -21.61 -88.26
C LYS A 851 10.76 -20.16 -88.75
N THR A 852 11.98 -19.63 -88.69
CA THR A 852 12.22 -18.25 -89.11
C THR A 852 12.75 -18.14 -90.55
N LEU A 853 12.90 -19.29 -91.20
CA LEU A 853 13.47 -19.32 -92.55
C LEU A 853 12.58 -18.56 -93.54
N GLY A 854 13.22 -17.84 -94.46
CA GLY A 854 12.51 -17.04 -95.44
C GLY A 854 11.57 -17.86 -96.31
N LYS A 855 12.10 -18.87 -96.97
CA LYS A 855 11.27 -19.81 -97.70
C LYS A 855 11.17 -21.09 -96.89
N PRO A 856 9.95 -21.55 -96.61
CA PRO A 856 9.67 -22.69 -95.73
C PRO A 856 10.51 -23.93 -96.07
N VAL A 857 10.97 -24.62 -95.05
CA VAL A 857 11.88 -25.76 -95.19
C VAL A 857 11.30 -26.89 -96.04
N ASN A 858 12.15 -27.48 -96.86
CA ASN A 858 11.73 -28.49 -97.85
C ASN A 858 11.45 -29.86 -97.24
N PHE A 859 11.75 -30.03 -95.95
CA PHE A 859 11.62 -31.31 -95.28
C PHE A 859 10.84 -31.20 -93.96
N VAL A 860 10.79 -32.30 -93.22
CA VAL A 860 10.22 -32.28 -91.88
C VAL A 860 11.32 -32.54 -90.84
N PRO A 861 11.72 -31.50 -90.11
CA PRO A 861 12.80 -31.58 -89.11
C PRO A 861 12.43 -32.37 -87.86
N VAL A 862 11.15 -32.35 -87.46
CA VAL A 862 10.73 -32.94 -86.20
C VAL A 862 9.30 -33.50 -86.26
N ILE A 863 9.08 -34.65 -85.62
CA ILE A 863 7.74 -35.17 -85.45
C ILE A 863 7.18 -34.70 -84.11
N ASP A 864 6.18 -33.82 -84.15
CA ASP A 864 5.60 -33.25 -82.95
C ASP A 864 4.18 -32.75 -83.20
N LYS A 865 3.64 -31.99 -82.25
CA LYS A 865 2.28 -31.46 -82.34
C LYS A 865 2.06 -30.60 -83.59
N ASP A 866 3.12 -29.97 -84.08
CA ASP A 866 3.03 -29.06 -85.21
C ASP A 866 3.26 -29.74 -86.57
N VAL A 867 3.38 -31.08 -86.54
CA VAL A 867 3.69 -31.85 -87.74
C VAL A 867 2.76 -31.56 -88.94
N ARG A 868 1.52 -31.20 -88.65
CA ARG A 868 0.58 -30.83 -89.70
C ARG A 868 1.01 -29.53 -90.37
N ARG A 869 1.50 -28.59 -89.56
CA ARG A 869 1.98 -27.32 -90.07
C ARG A 869 3.29 -27.48 -90.84
N TRP A 870 4.07 -28.50 -90.46
CA TRP A 870 5.32 -28.79 -91.15
C TRP A 870 5.05 -29.45 -92.50
N TRP A 871 3.99 -30.26 -92.54
CA TRP A 871 3.65 -31.02 -93.73
C TRP A 871 3.01 -30.17 -94.83
N ARG A 872 2.01 -29.38 -94.45
CA ARG A 872 1.16 -28.69 -95.42
C ARG A 872 1.68 -27.33 -95.86
N SER A 873 2.68 -26.81 -95.16
CA SER A 873 3.17 -25.46 -95.43
C SER A 873 3.91 -25.33 -96.75
N ASP A 874 3.50 -24.36 -97.56
CA ASP A 874 4.18 -24.01 -98.81
C ASP A 874 4.32 -25.21 -99.75
N SER A 875 3.21 -25.89 -99.98
CA SER A 875 3.21 -27.11 -100.81
C SER A 875 2.81 -26.88 -102.26
N LEU A 876 2.58 -25.62 -102.64
CA LEU A 876 2.04 -25.33 -103.96
C LEU A 876 3.08 -25.09 -105.07
N TRP A 877 4.35 -24.90 -104.69
CA TRP A 877 5.36 -24.47 -105.64
C TRP A 877 6.11 -25.59 -106.36
N GLN A 878 5.96 -26.83 -105.91
CA GLN A 878 6.74 -27.94 -106.47
C GLN A 878 6.21 -28.42 -107.82
N ALA A 879 5.00 -27.97 -108.17
CA ALA A 879 4.39 -28.36 -109.43
C ALA A 879 5.04 -27.64 -110.61
N HIS A 880 5.78 -26.58 -110.32
CA HIS A 880 6.38 -25.76 -111.36
C HIS A 880 7.90 -25.77 -111.30
N ASP A 881 8.53 -26.17 -112.41
CA ASP A 881 9.98 -26.19 -112.56
C ASP A 881 10.70 -27.02 -111.50
N ALA A 882 10.29 -28.28 -111.36
CA ALA A 882 10.94 -29.19 -110.41
C ALA A 882 11.22 -30.55 -111.05
N ARG A 883 12.44 -31.05 -110.87
CA ARG A 883 12.85 -32.32 -111.46
C ARG A 883 12.39 -33.52 -110.64
N TYR A 884 11.91 -33.26 -109.42
CA TYR A 884 11.55 -34.33 -108.50
C TYR A 884 10.35 -35.14 -108.97
N GLU A 885 10.20 -36.33 -108.40
CA GLU A 885 9.06 -37.18 -108.65
C GLU A 885 7.80 -36.37 -108.33
N ALA A 886 6.88 -36.31 -109.29
CA ALA A 886 5.71 -35.46 -109.18
C ALA A 886 4.56 -36.17 -108.46
N ASP A 887 4.81 -37.40 -108.01
CA ASP A 887 3.82 -38.15 -107.26
C ASP A 887 3.94 -37.92 -105.75
N GLN A 888 4.91 -37.10 -105.36
CA GLN A 888 5.08 -36.72 -103.96
C GLN A 888 4.48 -35.35 -103.65
N VAL A 889 3.96 -34.69 -104.69
CA VAL A 889 3.63 -33.27 -104.61
C VAL A 889 2.14 -33.02 -104.48
N CYS A 890 1.77 -32.01 -103.69
CA CYS A 890 0.41 -31.53 -103.68
C CYS A 890 0.21 -30.67 -104.92
N VAL A 891 -0.67 -31.12 -105.80
CA VAL A 891 -0.99 -30.38 -107.01
C VAL A 891 -2.49 -30.20 -107.00
N ILE A 892 -2.95 -29.02 -107.41
CA ILE A 892 -4.34 -28.66 -107.20
C ILE A 892 -5.17 -28.54 -108.48
N PRO A 893 -6.00 -29.56 -108.77
CA PRO A 893 -7.15 -29.49 -109.68
C PRO A 893 -8.47 -29.29 -108.93
N GLY A 894 -9.57 -29.25 -109.69
CA GLY A 894 -10.91 -29.42 -109.14
C GLY A 894 -11.41 -30.80 -109.51
N THR A 895 -12.52 -31.24 -108.94
CA THR A 895 -13.03 -32.58 -109.23
C THR A 895 -13.63 -32.73 -110.63
N ALA A 896 -14.63 -31.90 -110.94
CA ALA A 896 -15.37 -32.04 -112.19
C ALA A 896 -14.68 -31.41 -113.40
N ALA A 897 -13.86 -30.40 -113.15
CA ALA A 897 -13.15 -29.71 -114.22
C ALA A 897 -12.08 -30.60 -114.85
N VAL A 898 -11.65 -31.60 -114.10
CA VAL A 898 -10.60 -32.53 -114.56
C VAL A 898 -11.01 -33.28 -115.82
N ALA A 899 -12.30 -33.61 -115.93
CA ALA A 899 -12.82 -34.31 -117.11
C ALA A 899 -12.57 -33.50 -118.38
N GLY A 900 -12.67 -32.19 -118.26
CA GLY A 900 -12.44 -31.29 -119.37
C GLY A 900 -10.96 -31.10 -119.66
N ILE A 901 -10.11 -31.70 -118.83
CA ILE A 901 -8.66 -31.59 -119.03
C ILE A 901 -8.11 -32.86 -119.64
N THR A 902 -7.73 -32.77 -120.90
CA THR A 902 -7.15 -33.91 -121.62
C THR A 902 -5.87 -33.49 -122.34
N ARG A 903 -6.01 -32.56 -123.28
CA ARG A 903 -4.87 -32.09 -124.08
C ARG A 903 -3.77 -31.49 -123.22
N VAL A 904 -2.54 -31.94 -123.44
CA VAL A 904 -1.39 -31.48 -122.65
C VAL A 904 -0.54 -30.48 -123.42
N ASP A 905 -0.04 -29.47 -122.71
CA ASP A 905 0.79 -28.41 -123.30
C ASP A 905 0.09 -27.69 -124.43
N GLU A 906 -1.23 -27.55 -124.32
CA GLU A 906 -2.02 -26.79 -125.28
C GLU A 906 -2.02 -25.33 -124.89
N PRO A 907 -1.53 -24.46 -125.77
CA PRO A 907 -1.36 -23.02 -125.50
C PRO A 907 -2.62 -22.36 -124.92
N VAL A 908 -2.41 -21.41 -124.01
CA VAL A 908 -3.50 -20.68 -123.37
C VAL A 908 -4.43 -20.05 -124.41
N GLY A 909 -3.82 -19.44 -125.42
CA GLY A 909 -4.57 -18.80 -126.49
C GLY A 909 -5.50 -19.74 -127.22
N GLU A 910 -5.11 -21.01 -127.31
CA GLU A 910 -5.93 -22.02 -127.98
C GLU A 910 -7.14 -22.41 -127.13
N LEU A 911 -6.91 -22.67 -125.85
CA LEU A 911 -7.96 -23.09 -124.93
C LEU A 911 -9.04 -22.03 -124.78
N LEU A 912 -8.62 -20.79 -124.54
CA LEU A 912 -9.55 -19.69 -124.32
C LEU A 912 -10.32 -19.34 -125.59
N ASP A 913 -9.67 -19.43 -126.74
CA ASP A 913 -10.34 -19.21 -128.02
C ASP A 913 -11.29 -20.36 -128.32
N ARG A 914 -10.87 -21.58 -128.01
CA ARG A 914 -11.70 -22.77 -128.19
C ARG A 914 -13.04 -22.59 -127.49
N PHE A 915 -13.00 -21.95 -126.33
CA PHE A 915 -14.23 -21.63 -125.61
C PHE A 915 -15.05 -20.62 -126.39
N GLU A 916 -14.43 -19.52 -126.78
CA GLU A 916 -15.13 -18.43 -127.46
C GLU A 916 -15.61 -18.83 -128.85
N GLN A 917 -14.76 -19.51 -129.60
CA GLN A 917 -15.07 -19.86 -130.99
C GLN A 917 -16.25 -20.83 -131.12
N ALA A 918 -16.32 -21.82 -130.23
CA ALA A 918 -17.40 -22.80 -130.27
C ALA A 918 -18.67 -22.26 -129.61
N ALA A 919 -18.51 -21.25 -128.76
CA ALA A 919 -19.66 -20.58 -128.17
C ALA A 919 -20.30 -19.69 -129.22
N VAL A 920 -19.47 -19.11 -130.08
CA VAL A 920 -19.96 -18.28 -131.18
C VAL A 920 -20.75 -19.12 -132.18
N ASP A 921 -20.18 -20.26 -132.57
CA ASP A 921 -20.81 -21.15 -133.54
C ASP A 921 -22.18 -21.64 -133.09
N GLU A 922 -22.28 -22.03 -131.82
CA GLU A 922 -23.54 -22.51 -131.26
C GLU A 922 -24.58 -21.39 -131.24
N VAL A 923 -24.13 -20.19 -130.90
CA VAL A 923 -25.01 -19.02 -130.89
C VAL A 923 -25.37 -18.60 -132.32
N LEU A 924 -24.38 -18.67 -133.21
CA LEU A 924 -24.59 -18.31 -134.61
C LEU A 924 -25.63 -19.21 -135.28
N GLY A 925 -25.39 -20.52 -135.24
CA GLY A 925 -26.20 -21.49 -135.96
C GLY A 925 -27.70 -21.40 -135.74
N ALA A 926 -28.12 -21.37 -134.48
CA ALA A 926 -29.54 -21.43 -134.15
C ALA A 926 -30.23 -20.06 -134.26
N GLY A 927 -29.95 -19.18 -133.32
CA GLY A 927 -30.60 -17.88 -133.27
C GLY A 927 -30.17 -16.92 -134.36
N ALA A 928 -28.86 -16.76 -134.52
CA ALA A 928 -28.31 -15.79 -135.47
C ALA A 928 -28.42 -16.27 -136.93
N GLU A 929 -28.02 -17.51 -137.17
CA GLU A 929 -28.05 -18.10 -138.51
C GLU A 929 -27.25 -17.28 -139.52
N PRO A 930 -25.93 -17.29 -139.37
CA PRO A 930 -25.03 -16.44 -140.14
C PRO A 930 -25.42 -14.97 -139.99
N VAL A 931 -25.24 -14.45 -138.78
CA VAL A 931 -25.68 -13.12 -138.41
C VAL A 931 -24.94 -12.02 -139.17
N GLU A 932 -25.55 -10.84 -139.21
CA GLU A 932 -24.90 -9.67 -139.78
C GLU A 932 -23.66 -9.32 -138.95
N VAL A 933 -23.70 -9.64 -137.67
CA VAL A 933 -22.57 -9.38 -136.77
C VAL A 933 -21.37 -10.25 -137.09
N LEU A 934 -21.62 -11.50 -137.45
CA LEU A 934 -20.55 -12.44 -137.78
C LEU A 934 -19.98 -12.14 -139.16
N SER A 935 -20.85 -11.78 -140.08
CA SER A 935 -20.44 -11.46 -141.45
C SER A 935 -19.68 -10.14 -141.49
N ARG A 936 -20.12 -9.19 -140.67
CA ARG A 936 -19.49 -7.88 -140.59
C ARG A 936 -18.05 -7.98 -140.11
N ARG A 937 -17.79 -9.01 -139.29
CA ARG A 937 -16.48 -9.21 -138.70
C ARG A 937 -15.43 -9.65 -139.71
N GLN A 938 -15.73 -10.70 -140.47
CA GLN A 938 -14.81 -11.19 -141.49
C GLN A 938 -14.63 -10.16 -142.59
N ALA A 939 -15.62 -9.28 -142.74
CA ALA A 939 -15.57 -8.19 -143.70
C ALA A 939 -15.13 -6.86 -143.07
N ARG A 940 -14.82 -6.90 -141.78
CA ARG A 940 -14.40 -5.71 -141.02
C ARG A 940 -15.44 -4.58 -140.96
N ARG A 941 -16.55 -4.82 -140.26
CA ARG A 941 -17.50 -3.77 -139.92
C ARG A 941 -17.71 -3.77 -138.41
N ASP A 942 -18.20 -2.66 -137.86
CA ASP A 942 -18.07 -2.42 -136.42
C ASP A 942 -19.32 -2.03 -135.65
N ALA A 943 -19.20 -2.10 -134.32
CA ALA A 943 -20.13 -1.45 -133.41
C ALA A 943 -19.31 -0.42 -132.64
N SER A 944 -19.97 0.63 -132.17
CA SER A 944 -19.29 1.72 -131.44
C SER A 944 -18.19 2.38 -132.26
N GLY A 945 -18.58 3.20 -133.24
CA GLY A 945 -17.62 3.89 -134.08
C GLY A 945 -16.91 5.00 -133.31
N PRO A 946 -16.21 5.89 -134.04
CA PRO A 946 -15.37 6.92 -133.41
C PRO A 946 -16.10 7.78 -132.39
N LEU A 947 -17.33 8.19 -132.71
CA LEU A 947 -18.11 9.03 -131.81
C LEU A 947 -18.46 8.30 -130.52
N ALA A 948 -18.78 7.02 -130.62
CA ALA A 948 -19.17 6.22 -129.47
C ALA A 948 -17.96 5.89 -128.59
N VAL A 949 -16.86 5.49 -129.23
CA VAL A 949 -15.63 5.12 -128.53
C VAL A 949 -15.16 6.21 -127.58
N VAL A 950 -15.29 7.46 -128.01
CA VAL A 950 -14.94 8.61 -127.17
C VAL A 950 -15.79 8.64 -125.90
N LEU A 951 -17.07 8.29 -126.04
CA LEU A 951 -18.01 8.35 -124.93
C LEU A 951 -18.11 7.02 -124.18
N ASP A 952 -17.43 5.99 -124.68
CA ASP A 952 -17.52 4.66 -124.08
C ASP A 952 -16.35 4.36 -123.14
N ALA A 953 -15.17 4.18 -123.70
CA ALA A 953 -14.00 3.78 -122.90
C ALA A 953 -13.62 4.82 -121.87
N PRO A 954 -13.63 4.44 -120.59
CA PRO A 954 -13.26 5.30 -119.46
C PRO A 954 -11.77 5.60 -119.40
N ASP A 955 -10.94 4.76 -120.03
CA ASP A 955 -9.48 4.91 -120.00
C ASP A 955 -8.94 5.64 -121.24
N VAL A 956 -8.14 6.69 -121.01
CA VAL A 956 -7.47 7.43 -122.10
C VAL A 956 -5.96 7.23 -121.96
N LEU A 957 -5.36 6.60 -122.95
CA LEU A 957 -3.94 6.29 -122.89
C LEU A 957 -3.07 7.42 -123.41
N TRP A 958 -2.03 7.75 -122.65
CA TRP A 958 -0.98 8.65 -123.15
C TRP A 958 0.37 7.96 -122.97
N ALA A 959 1.02 7.68 -124.09
CA ALA A 959 2.19 6.80 -124.12
C ALA A 959 1.84 5.43 -123.53
N GLY A 960 2.50 5.07 -122.44
CA GLY A 960 2.22 3.82 -121.77
C GLY A 960 1.41 3.99 -120.50
N ARG A 961 0.98 5.22 -120.24
CA ARG A 961 0.22 5.54 -119.03
C ARG A 961 -1.28 5.55 -119.29
N MET A 962 -2.05 5.11 -118.31
CA MET A 962 -3.50 5.10 -118.42
C MET A 962 -4.16 6.26 -117.65
N SER A 963 -5.06 6.98 -118.32
CA SER A 963 -5.77 8.09 -117.69
C SER A 963 -7.28 7.93 -117.84
N VAL A 964 -8.02 8.55 -116.93
CA VAL A 964 -9.47 8.59 -117.01
C VAL A 964 -9.93 9.45 -118.18
N ASN A 965 -11.07 9.10 -118.76
CA ASN A 965 -11.67 9.87 -119.86
C ASN A 965 -12.11 11.25 -119.40
N PRO A 966 -11.54 12.31 -120.00
CA PRO A 966 -11.88 13.68 -119.64
C PRO A 966 -13.31 14.04 -120.04
N VAL A 967 -13.82 13.34 -121.06
CA VAL A 967 -15.17 13.56 -121.53
C VAL A 967 -16.21 13.25 -120.45
N HIS A 968 -15.88 12.28 -119.60
CA HIS A 968 -16.72 11.99 -118.44
C HIS A 968 -16.91 13.25 -117.61
N ARG A 969 -15.83 13.99 -117.43
CA ARG A 969 -15.90 15.28 -116.73
C ARG A 969 -16.13 16.44 -117.69
N ILE A 970 -16.01 16.17 -118.98
CA ILE A 970 -16.37 17.16 -120.00
C ILE A 970 -17.86 17.16 -120.35
N ALA A 971 -18.45 15.98 -120.49
CA ALA A 971 -19.84 15.86 -120.92
C ALA A 971 -20.84 16.60 -120.04
N ALA A 972 -21.08 16.07 -118.84
CA ALA A 972 -22.06 16.65 -117.92
C ALA A 972 -21.66 17.99 -117.28
N PRO A 973 -20.46 18.10 -116.68
CA PRO A 973 -20.12 19.35 -115.99
C PRO A 973 -20.01 20.57 -116.89
N THR A 974 -19.92 20.37 -118.21
CA THR A 974 -19.89 21.49 -119.14
C THR A 974 -21.16 22.32 -119.07
N GLU A 975 -21.00 23.64 -119.01
CA GLU A 975 -22.14 24.54 -118.99
C GLU A 975 -22.84 24.53 -120.34
N TRP A 976 -22.06 24.74 -121.40
CA TRP A 976 -22.58 24.59 -122.76
C TRP A 976 -21.88 23.45 -123.49
N GLN A 977 -22.62 22.37 -123.73
CA GLN A 977 -22.09 21.23 -124.45
C GLN A 977 -22.76 21.10 -125.82
N VAL A 978 -21.98 20.81 -126.85
CA VAL A 978 -22.51 20.77 -128.21
C VAL A 978 -22.07 19.52 -128.97
N ARG A 979 -23.04 18.80 -129.52
CA ARG A 979 -22.76 17.69 -130.42
C ARG A 979 -23.14 18.09 -131.84
N GLU A 980 -22.12 18.29 -132.68
CA GLU A 980 -22.35 18.78 -134.03
C GLU A 980 -22.53 17.66 -135.05
N GLY A 981 -23.60 17.76 -135.83
CA GLY A 981 -23.91 16.77 -136.88
C GLY A 981 -23.96 15.35 -136.33
N SER A 982 -24.98 15.07 -135.53
CA SER A 982 -25.13 13.79 -134.85
C SER A 982 -25.16 12.58 -135.79
N ASP A 983 -26.22 12.49 -136.60
CA ASP A 983 -26.46 11.32 -137.45
C ASP A 983 -25.37 11.09 -138.50
N ASN A 984 -24.63 12.14 -138.84
CA ASN A 984 -23.52 12.01 -139.78
C ASN A 984 -22.21 11.76 -139.04
N ARG A 985 -21.63 10.59 -139.25
CA ARG A 985 -20.46 10.14 -138.50
C ARG A 985 -19.18 10.90 -138.81
N SER A 986 -18.89 11.08 -140.09
CA SER A 986 -17.64 11.69 -140.52
C SER A 986 -17.47 13.13 -140.02
N ALA A 987 -18.58 13.87 -139.99
CA ALA A 987 -18.55 15.26 -139.59
C ALA A 987 -18.89 15.46 -138.11
N SER A 988 -19.07 14.36 -137.38
CA SER A 988 -19.46 14.42 -135.98
C SER A 988 -18.47 15.19 -135.11
N HIS A 989 -18.98 16.11 -134.30
CA HIS A 989 -18.13 16.90 -133.41
C HIS A 989 -18.80 17.13 -132.05
N PRO A 990 -18.04 16.89 -130.97
CA PRO A 990 -18.53 17.10 -129.63
C PRO A 990 -17.71 18.14 -128.87
N SER A 991 -18.31 19.30 -128.60
CA SER A 991 -17.59 20.41 -127.98
C SER A 991 -18.21 20.85 -126.66
N THR A 992 -17.43 21.60 -125.87
CA THR A 992 -17.87 21.99 -124.53
C THR A 992 -17.45 23.42 -124.14
N GLY A 993 -18.08 23.95 -123.10
CA GLY A 993 -17.75 25.29 -122.60
C GLY A 993 -16.45 25.29 -121.80
N ALA A 994 -15.93 24.10 -121.51
CA ALA A 994 -14.64 23.96 -120.86
C ALA A 994 -13.55 24.21 -121.90
N ARG A 995 -14.01 24.42 -123.14
CA ARG A 995 -13.19 24.48 -124.33
C ARG A 995 -12.47 23.15 -124.55
N LEU A 996 -13.25 22.12 -124.86
CA LEU A 996 -12.72 20.83 -125.32
C LEU A 996 -13.60 20.29 -126.44
N GLU A 997 -13.00 20.03 -127.60
CA GLU A 997 -13.77 19.58 -128.75
C GLU A 997 -13.19 18.32 -129.37
N VAL A 998 -14.06 17.42 -129.83
CA VAL A 998 -13.61 16.15 -130.41
C VAL A 998 -14.14 15.92 -131.83
N ALA A 999 -13.26 15.49 -132.70
CA ALA A 999 -13.60 15.22 -134.10
C ALA A 999 -12.69 14.13 -134.65
N ASP A 1000 -13.08 13.55 -135.78
CA ASP A 1000 -12.27 12.50 -136.41
C ASP A 1000 -11.46 13.03 -137.58
N ASP A 1001 -10.21 12.58 -137.69
CA ASP A 1001 -9.34 12.99 -138.79
C ASP A 1001 -8.52 11.80 -139.27
N GLN A 1002 -8.27 11.71 -140.57
CA GLN A 1002 -7.49 10.62 -141.16
C GLN A 1002 -8.04 9.25 -140.74
N HIS A 1003 -9.32 9.03 -140.99
CA HIS A 1003 -10.00 7.79 -140.62
C HIS A 1003 -9.94 7.50 -139.12
N VAL A 1004 -9.28 6.40 -138.77
CA VAL A 1004 -9.29 5.85 -137.41
C VAL A 1004 -8.82 6.82 -136.32
N VAL A 1005 -8.08 7.85 -136.69
CA VAL A 1005 -7.55 8.80 -135.72
C VAL A 1005 -8.64 9.76 -135.21
N LEU A 1006 -8.83 9.77 -133.89
CA LEU A 1006 -9.82 10.66 -133.26
C LEU A 1006 -9.14 11.87 -132.63
N SER A 1007 -9.57 13.07 -133.01
CA SER A 1007 -8.90 14.29 -132.58
C SER A 1007 -9.67 15.08 -131.52
N VAL A 1008 -9.13 15.10 -130.31
CA VAL A 1008 -9.71 15.86 -129.20
C VAL A 1008 -8.97 17.18 -129.03
N PRO A 1009 -9.69 18.28 -129.16
CA PRO A 1009 -9.06 19.60 -129.12
C PRO A 1009 -9.56 20.45 -127.95
N LEU A 1010 -8.68 20.68 -126.99
CA LEU A 1010 -9.01 21.47 -125.81
C LEU A 1010 -8.26 22.79 -125.88
N SER A 1011 -8.82 23.85 -125.31
CA SER A 1011 -8.19 25.16 -125.43
C SER A 1011 -8.29 25.99 -124.16
N GLY A 1012 -7.25 26.78 -123.90
CA GLY A 1012 -7.26 27.72 -122.78
C GLY A 1012 -7.13 29.14 -123.34
N THR A 1013 -8.12 29.98 -123.07
CA THR A 1013 -8.23 31.30 -123.69
C THR A 1013 -8.22 31.17 -125.22
N TRP A 1014 -7.23 31.76 -125.86
CA TRP A 1014 -7.16 31.78 -127.32
C TRP A 1014 -6.28 30.69 -127.95
N ILE A 1015 -5.68 29.85 -127.11
CA ILE A 1015 -4.74 28.83 -127.59
C ILE A 1015 -5.30 27.41 -127.45
N GLU A 1016 -5.12 26.59 -128.48
CA GLU A 1016 -5.72 25.24 -128.53
C GLU A 1016 -4.74 24.07 -128.28
N ILE A 1017 -5.24 23.00 -127.68
CA ILE A 1017 -4.46 21.79 -127.43
C ILE A 1017 -5.11 20.58 -128.11
N ARG A 1018 -4.38 19.91 -128.99
CA ARG A 1018 -4.95 18.79 -129.73
C ARG A 1018 -4.35 17.44 -129.33
N PHE A 1019 -5.15 16.37 -129.45
CA PHE A 1019 -4.70 15.02 -129.14
C PHE A 1019 -5.23 14.02 -130.18
N THR A 1020 -4.63 12.83 -130.24
CA THR A 1020 -4.96 11.85 -131.26
C THR A 1020 -5.01 10.41 -130.72
N LEU A 1021 -5.96 9.61 -131.21
CA LEU A 1021 -6.11 8.23 -130.76
C LEU A 1021 -6.02 7.25 -131.92
N THR A 1022 -5.78 5.97 -131.62
CA THR A 1022 -5.73 4.92 -132.64
C THR A 1022 -6.31 3.60 -132.12
N ASP A 1023 -7.19 2.98 -132.90
CA ASP A 1023 -7.91 1.80 -132.40
C ASP A 1023 -7.62 0.50 -133.15
N VAL A 1024 -7.04 -0.46 -132.44
CA VAL A 1024 -6.86 -1.81 -132.95
C VAL A 1024 -7.64 -2.78 -132.06
N VAL A 1025 -8.71 -3.35 -132.60
CA VAL A 1025 -9.62 -4.16 -131.79
C VAL A 1025 -9.32 -5.66 -131.80
N ARG A 1026 -8.22 -6.05 -132.44
CA ARG A 1026 -7.74 -7.43 -132.36
C ARG A 1026 -7.50 -7.77 -130.89
N SER A 1027 -6.96 -6.81 -130.15
CA SER A 1027 -6.83 -6.93 -128.71
C SER A 1027 -8.04 -6.26 -128.05
N GLY A 1028 -8.91 -7.06 -127.45
CA GLY A 1028 -10.13 -6.55 -126.85
C GLY A 1028 -9.89 -5.78 -125.57
N GLY A 1029 -8.88 -6.21 -124.81
CA GLY A 1029 -8.51 -5.53 -123.58
C GLY A 1029 -7.79 -4.23 -123.86
N ALA A 1030 -7.32 -4.09 -125.09
CA ALA A 1030 -6.66 -2.87 -125.53
C ALA A 1030 -7.33 -2.31 -126.79
N PRO A 1031 -8.60 -1.92 -126.70
CA PRO A 1031 -9.29 -1.41 -127.89
C PRO A 1031 -8.69 -0.07 -128.31
N ILE A 1032 -8.20 0.68 -127.33
CA ILE A 1032 -7.62 1.99 -127.57
C ILE A 1032 -6.15 2.04 -127.22
N VAL A 1033 -5.33 2.42 -128.20
CA VAL A 1033 -3.93 2.72 -127.97
C VAL A 1033 -3.62 4.06 -128.62
N GLU A 1034 -3.07 5.00 -127.87
CA GLU A 1034 -3.00 6.37 -128.36
C GLU A 1034 -1.57 6.85 -128.64
N VAL A 1035 -1.49 7.81 -129.55
CA VAL A 1035 -0.27 8.18 -130.28
C VAL A 1035 0.96 8.45 -129.40
N ASP A 1036 2.09 7.88 -129.81
CA ASP A 1036 3.34 7.99 -129.08
C ASP A 1036 3.96 9.38 -129.18
N ASP A 1037 3.38 10.22 -130.03
CA ASP A 1037 3.89 11.57 -130.25
C ASP A 1037 3.36 12.53 -129.20
N ALA A 1038 2.57 12.01 -128.26
CA ALA A 1038 1.92 12.81 -127.22
C ALA A 1038 2.90 13.73 -126.48
N ALA A 1039 4.00 13.17 -125.99
CA ALA A 1039 4.98 13.93 -125.23
C ALA A 1039 5.52 15.13 -126.01
N THR A 1040 5.89 14.89 -127.27
CA THR A 1040 6.37 15.95 -128.14
C THR A 1040 5.22 16.89 -128.52
N ALA A 1041 4.02 16.34 -128.64
CA ALA A 1041 2.85 17.13 -128.98
C ALA A 1041 2.43 18.04 -127.84
N MET A 1042 2.57 17.55 -126.61
CA MET A 1042 2.26 18.36 -125.44
C MET A 1042 3.23 19.53 -125.31
N ARG A 1043 4.49 19.30 -125.65
CA ARG A 1043 5.53 20.31 -125.55
C ARG A 1043 5.26 21.51 -126.46
N ALA A 1044 4.91 21.25 -127.70
CA ALA A 1044 4.61 22.30 -128.67
C ALA A 1044 3.46 23.18 -128.19
N VAL A 1045 2.51 22.59 -127.48
CA VAL A 1045 1.38 23.33 -126.95
C VAL A 1045 1.82 24.26 -125.83
N LEU A 1046 2.61 23.73 -124.90
CA LEU A 1046 3.10 24.52 -123.77
C LEU A 1046 4.04 25.62 -124.24
N ALA A 1047 4.83 25.32 -125.26
CA ALA A 1047 5.81 26.27 -125.78
C ALA A 1047 5.16 27.53 -126.34
N ILE A 1048 4.02 27.35 -127.02
CA ILE A 1048 3.28 28.47 -127.58
C ILE A 1048 2.72 29.36 -126.48
N ALA A 1049 2.11 28.75 -125.48
CA ALA A 1049 1.51 29.49 -124.36
C ALA A 1049 2.54 30.12 -123.44
N ALA A 1050 3.48 29.31 -122.95
CA ALA A 1050 4.45 29.78 -121.97
C ALA A 1050 5.30 30.95 -122.46
N GLY A 1051 6.21 30.68 -123.40
CA GLY A 1051 7.14 31.70 -123.85
C GLY A 1051 6.62 32.60 -124.95
N VAL A 1052 5.74 32.05 -125.79
CA VAL A 1052 5.21 32.75 -126.97
C VAL A 1052 6.37 33.23 -127.85
N GLU A 1053 7.50 32.53 -127.74
CA GLU A 1053 8.75 32.93 -128.39
C GLU A 1053 9.19 34.32 -127.95
N GLY A 1054 8.66 34.81 -126.83
CA GLY A 1054 8.99 36.14 -126.37
C GLY A 1054 10.41 36.27 -125.85
N PRO A 1055 10.72 35.56 -124.75
CA PRO A 1055 12.12 35.37 -124.36
C PRO A 1055 12.76 34.33 -125.28
N GLU A 1056 13.96 34.59 -125.81
CA GLU A 1056 14.63 33.54 -126.55
C GLU A 1056 16.13 33.43 -126.31
N ASN A 1057 16.50 32.27 -125.77
CA ASN A 1057 17.88 31.81 -125.76
C ASN A 1057 17.72 30.32 -126.04
N LEU A 1058 18.72 29.69 -126.65
CA LEU A 1058 18.54 28.30 -127.05
C LEU A 1058 19.55 27.34 -126.44
N PRO A 1059 19.55 27.20 -125.10
CA PRO A 1059 20.42 26.23 -124.44
C PRO A 1059 19.85 24.82 -124.46
N LYS A 1060 20.72 23.82 -124.46
CA LYS A 1060 20.34 22.48 -124.01
C LYS A 1060 20.32 22.55 -122.48
N VAL A 1061 19.65 21.60 -121.82
CA VAL A 1061 19.46 21.66 -120.37
C VAL A 1061 20.73 21.96 -119.57
N VAL A 1062 21.86 21.40 -120.02
CA VAL A 1062 23.14 21.63 -119.36
C VAL A 1062 23.61 23.05 -119.63
N ASP A 1063 23.39 23.52 -120.85
CA ASP A 1063 23.77 24.87 -121.25
C ASP A 1063 23.00 25.91 -120.45
N ASN A 1064 23.67 27.00 -120.11
CA ASN A 1064 23.09 28.06 -119.27
C ASN A 1064 21.86 28.73 -119.89
N THR A 1065 20.87 28.99 -119.06
CA THR A 1065 19.68 29.73 -119.46
C THR A 1065 19.79 31.17 -118.98
N ALA A 1066 19.80 32.11 -119.93
CA ALA A 1066 20.06 33.50 -119.56
C ALA A 1066 18.80 34.37 -119.55
N THR A 1067 18.67 35.18 -118.51
CA THR A 1067 17.60 36.17 -118.43
C THR A 1067 18.19 37.53 -118.77
N VAL A 1068 17.73 38.10 -119.88
CA VAL A 1068 18.40 39.25 -120.49
C VAL A 1068 18.57 40.45 -119.56
N THR A 1069 17.49 41.17 -119.27
CA THR A 1069 17.57 42.37 -118.43
C THR A 1069 16.30 42.59 -117.62
N VAL A 1070 16.47 43.02 -116.36
CA VAL A 1070 15.34 43.16 -115.44
C VAL A 1070 15.39 44.43 -114.57
N ASP A 1071 14.29 45.19 -114.61
CA ASP A 1071 14.22 46.45 -113.88
C ASP A 1071 13.05 46.48 -112.90
N TRP A 1072 13.32 46.95 -111.68
CA TRP A 1072 12.38 46.91 -110.56
C TRP A 1072 11.75 48.28 -110.33
N ASP A 1073 10.47 48.41 -110.66
CA ASP A 1073 9.74 49.67 -110.46
C ASP A 1073 9.20 49.73 -109.04
N PRO A 1074 9.01 50.96 -108.51
CA PRO A 1074 8.46 51.11 -107.16
C PRO A 1074 7.06 50.51 -107.02
N GLU A 1075 6.33 50.42 -108.13
CA GLU A 1075 4.98 49.88 -108.11
C GLU A 1075 4.98 48.36 -108.10
N ARG A 1076 6.09 47.77 -108.54
CA ARG A 1076 6.25 46.32 -108.44
C ARG A 1076 6.62 45.96 -107.00
N VAL A 1077 7.18 46.92 -106.28
CA VAL A 1077 7.46 46.76 -104.85
C VAL A 1077 6.14 46.72 -104.09
N ALA A 1078 5.28 47.68 -104.42
CA ALA A 1078 4.00 47.84 -103.72
C ALA A 1078 3.08 46.65 -103.94
N ASP A 1079 2.90 46.27 -105.21
CA ASP A 1079 2.00 45.16 -105.56
C ASP A 1079 2.32 43.88 -104.82
N HIS A 1080 3.59 43.53 -104.72
CA HIS A 1080 4.00 42.32 -104.01
C HIS A 1080 3.80 42.45 -102.51
N THR A 1081 4.22 43.59 -101.96
CA THR A 1081 4.07 43.84 -100.53
C THR A 1081 2.60 44.00 -100.15
N GLY A 1082 1.78 44.36 -101.13
CA GLY A 1082 0.34 44.48 -100.92
C GLY A 1082 -0.38 43.16 -101.14
N VAL A 1083 0.18 42.32 -102.00
CA VAL A 1083 -0.38 41.00 -102.27
C VAL A 1083 -0.33 40.14 -101.02
N THR A 1084 0.78 40.24 -100.29
CA THR A 1084 0.93 39.57 -99.00
C THR A 1084 1.14 40.60 -97.90
N ALA A 1085 0.18 40.70 -96.99
CA ALA A 1085 0.24 41.72 -95.95
C ALA A 1085 -0.01 41.14 -94.56
N THR A 1086 0.60 41.75 -93.55
CA THR A 1086 0.35 41.37 -92.17
C THR A 1086 0.27 42.60 -91.25
N PHE A 1087 -0.80 42.67 -90.47
CA PHE A 1087 -1.02 43.81 -89.57
C PHE A 1087 -1.32 43.44 -88.12
N GLY A 1088 -2.37 42.65 -87.90
CA GLY A 1088 -2.84 42.31 -86.57
C GLY A 1088 -1.74 41.93 -85.59
N ALA A 1089 -0.76 41.18 -86.07
CA ALA A 1089 0.51 41.05 -85.37
C ALA A 1089 1.34 42.25 -85.79
N PRO A 1090 1.94 42.96 -84.83
CA PRO A 1090 2.50 44.29 -85.11
C PRO A 1090 3.65 44.25 -86.11
N LEU A 1091 3.27 44.07 -87.38
CA LEU A 1091 4.23 43.82 -88.44
C LEU A 1091 4.38 45.01 -89.41
N ALA A 1092 5.62 45.43 -89.63
CA ALA A 1092 5.91 46.56 -90.50
C ALA A 1092 7.00 46.24 -91.54
N PRO A 1093 6.57 45.80 -92.73
CA PRO A 1093 7.52 45.45 -93.80
C PRO A 1093 8.34 46.66 -94.27
N THR A 1094 9.66 46.50 -94.28
CA THR A 1094 10.55 47.53 -94.79
C THR A 1094 11.74 46.93 -95.55
N LEU A 1095 11.91 47.37 -96.80
CA LEU A 1095 13.08 47.05 -97.62
C LEU A 1095 12.83 47.68 -98.98
N THR A 1096 13.90 47.87 -99.76
CA THR A 1096 13.74 48.32 -101.14
C THR A 1096 13.19 47.18 -101.97
N VAL A 1097 13.85 46.02 -101.90
CA VAL A 1097 13.36 44.81 -102.56
C VAL A 1097 13.42 43.61 -101.63
N VAL A 1098 12.27 43.08 -101.27
CA VAL A 1098 12.20 41.86 -100.47
C VAL A 1098 12.86 40.72 -101.24
N PRO A 1099 13.68 39.90 -100.57
CA PRO A 1099 14.36 38.78 -101.24
C PRO A 1099 13.39 37.79 -101.89
N ASP A 1100 12.12 37.84 -101.48
CA ASP A 1100 11.08 37.04 -102.13
C ASP A 1100 10.87 37.47 -103.56
N ALA A 1101 11.11 38.75 -103.84
CA ALA A 1101 10.88 39.30 -105.18
C ALA A 1101 11.82 38.72 -106.22
N LEU A 1102 12.85 38.00 -105.77
CA LEU A 1102 13.79 37.36 -106.67
C LEU A 1102 13.11 36.33 -107.58
N VAL A 1103 12.13 35.62 -107.03
CA VAL A 1103 11.50 34.51 -107.74
C VAL A 1103 10.70 34.97 -108.97
N GLY A 1104 10.23 36.21 -108.95
CA GLY A 1104 9.47 36.73 -110.07
C GLY A 1104 10.34 36.99 -111.29
N ARG A 1105 11.62 37.29 -111.03
CA ARG A 1105 12.56 37.60 -112.10
C ARG A 1105 13.11 36.34 -112.77
N CYS A 1106 13.31 35.29 -111.97
CA CYS A 1106 13.97 34.08 -112.43
C CYS A 1106 13.00 33.00 -112.93
N TRP A 1107 11.70 33.21 -112.72
CA TRP A 1107 10.70 32.21 -113.09
C TRP A 1107 10.68 31.77 -114.56
N PRO A 1108 10.58 32.73 -115.50
CA PRO A 1108 10.39 32.30 -116.89
C PRO A 1108 11.59 31.54 -117.47
N ALA A 1109 12.78 31.77 -116.90
CA ALA A 1109 13.99 31.10 -117.36
C ALA A 1109 14.10 29.67 -116.85
N VAL A 1110 13.79 29.46 -115.57
CA VAL A 1110 13.91 28.15 -114.94
C VAL A 1110 13.11 27.06 -115.67
N PHE A 1111 11.89 27.38 -116.06
CA PHE A 1111 10.98 26.42 -116.69
C PHE A 1111 11.53 25.79 -117.97
N ALA A 1112 12.38 26.54 -118.68
CA ALA A 1112 12.91 26.09 -119.96
C ALA A 1112 13.79 24.85 -119.84
N ALA A 1113 14.29 24.59 -118.64
CA ALA A 1113 15.23 23.48 -118.43
C ALA A 1113 14.53 22.15 -118.18
N ILE A 1114 13.20 22.19 -118.08
CA ILE A 1114 12.42 21.01 -117.70
C ILE A 1114 12.46 19.88 -118.74
N GLY A 1115 12.86 20.19 -119.97
CA GLY A 1115 12.98 19.17 -120.99
C GLY A 1115 14.11 19.43 -121.97
N SER A 1116 14.61 18.38 -122.61
CA SER A 1116 15.86 18.45 -123.35
C SER A 1116 16.28 17.13 -123.98
N ALA A 1117 17.41 17.16 -124.70
CA ALA A 1117 17.99 15.97 -125.29
C ALA A 1117 18.58 15.05 -124.21
N ALA A 1118 19.10 15.63 -123.14
CA ALA A 1118 19.58 14.85 -122.00
C ALA A 1118 18.39 14.15 -121.36
N THR A 1119 17.22 14.79 -121.46
CA THR A 1119 15.97 14.16 -121.07
C THR A 1119 15.57 13.15 -122.14
N GLU A 1120 15.99 13.39 -123.38
CA GLU A 1120 15.67 12.46 -124.45
C GLU A 1120 16.52 11.19 -124.38
N ALA A 1121 17.79 11.35 -124.06
CA ALA A 1121 18.70 10.21 -123.90
C ALA A 1121 18.26 9.24 -122.79
N GLY A 1122 18.32 9.70 -121.54
CA GLY A 1122 18.12 8.84 -120.40
C GLY A 1122 16.70 8.72 -119.88
N PHE A 1123 15.82 9.64 -120.30
CA PHE A 1123 14.43 9.63 -119.87
C PHE A 1123 13.56 9.30 -121.08
N PRO A 1124 12.35 8.74 -120.84
CA PRO A 1124 11.32 8.57 -121.87
C PRO A 1124 10.82 9.92 -122.39
N VAL A 1125 11.17 11.00 -121.70
CA VAL A 1125 10.65 12.35 -121.96
C VAL A 1125 9.15 12.37 -121.74
N ILE A 1126 8.68 11.60 -120.75
CA ILE A 1126 7.27 11.64 -120.40
C ILE A 1126 7.07 12.52 -119.19
N GLU A 1127 6.51 13.70 -119.43
CA GLU A 1127 6.22 14.63 -118.35
C GLU A 1127 4.86 15.23 -118.55
N GLY A 1128 3.93 14.94 -117.64
CA GLY A 1128 2.72 15.74 -117.54
C GLY A 1128 3.09 17.04 -116.84
N LEU A 1129 2.66 18.17 -117.39
CA LEU A 1129 2.95 19.45 -116.75
C LEU A 1129 1.99 19.67 -115.59
N LEU A 1130 0.82 19.03 -115.66
CA LEU A 1130 -0.16 19.08 -114.60
C LEU A 1130 0.33 18.25 -113.40
N SER A 1131 1.22 17.31 -113.68
CA SER A 1131 1.79 16.45 -112.64
C SER A 1131 3.02 17.07 -112.00
N LEU A 1132 3.38 18.28 -112.44
CA LEU A 1132 4.54 18.98 -111.89
C LEU A 1132 4.33 19.34 -110.42
N VAL A 1133 5.33 19.02 -109.60
CA VAL A 1133 5.26 19.29 -108.16
C VAL A 1133 6.48 20.06 -107.69
N HIS A 1134 6.24 21.16 -106.99
CA HIS A 1134 7.34 21.97 -106.45
C HIS A 1134 7.76 21.43 -105.09
N LEU A 1135 9.03 21.04 -104.99
CA LEU A 1135 9.55 20.45 -103.76
C LEU A 1135 10.07 21.51 -102.80
N ASP A 1136 11.16 22.16 -103.17
CA ASP A 1136 11.81 23.14 -102.31
C ASP A 1136 12.18 24.42 -103.05
N HIS A 1137 12.23 25.52 -102.30
CA HIS A 1137 12.68 26.79 -102.86
C HIS A 1137 13.50 27.54 -101.81
N ALA A 1138 14.63 28.09 -102.24
CA ALA A 1138 15.52 28.79 -101.32
C ALA A 1138 16.29 29.90 -102.01
N ALA A 1139 16.59 30.96 -101.25
CA ALA A 1139 17.37 32.07 -101.78
C ALA A 1139 18.62 32.30 -100.92
N ARG A 1140 19.78 32.06 -101.50
CA ARG A 1140 21.03 32.28 -100.79
C ARG A 1140 21.70 33.56 -101.27
N LEU A 1141 22.14 34.38 -100.31
CA LEU A 1141 22.77 35.65 -100.65
C LEU A 1141 24.28 35.54 -100.73
N LEU A 1142 24.84 36.29 -101.66
CA LEU A 1142 26.28 36.39 -101.86
C LEU A 1142 26.87 37.49 -100.97
N ALA A 1143 26.03 37.93 -100.02
CA ALA A 1143 26.27 39.07 -99.11
C ALA A 1143 25.77 40.40 -99.68
N GLU A 1144 25.24 40.36 -100.89
CA GLU A 1144 24.57 41.52 -101.48
C GLU A 1144 23.06 41.39 -101.37
N LEU A 1145 22.40 42.52 -101.14
CA LEU A 1145 20.95 42.57 -101.06
C LEU A 1145 20.39 43.38 -102.22
N PRO A 1146 19.18 43.04 -102.68
CA PRO A 1146 18.57 43.78 -103.79
C PRO A 1146 18.17 45.19 -103.38
N LYS A 1147 18.26 46.13 -104.32
CA LYS A 1147 17.98 47.53 -104.03
C LYS A 1147 17.07 48.18 -105.06
N GLU A 1148 16.88 49.49 -104.92
CA GLU A 1148 16.14 50.31 -105.87
C GLU A 1148 16.91 50.44 -107.21
N PRO A 1149 16.60 51.45 -108.05
CA PRO A 1149 16.37 51.29 -109.50
C PRO A 1149 17.39 50.45 -110.29
N ALA A 1150 18.54 50.15 -109.71
CA ALA A 1150 19.57 49.37 -110.41
C ALA A 1150 19.01 48.08 -111.05
N GLU A 1151 19.41 47.86 -112.29
CA GLU A 1151 18.85 46.79 -113.12
C GLU A 1151 19.45 45.42 -112.80
N PHE A 1152 18.65 44.37 -112.97
CA PHE A 1152 19.10 43.01 -112.71
C PHE A 1152 19.21 42.20 -114.01
N THR A 1153 20.14 41.24 -114.03
CA THR A 1153 20.19 40.22 -115.08
C THR A 1153 20.44 38.83 -114.45
N VAL A 1154 19.58 37.87 -114.80
CA VAL A 1154 19.57 36.56 -114.13
C VAL A 1154 20.11 35.42 -115.00
N THR A 1155 20.80 34.46 -114.37
CA THR A 1155 21.25 33.26 -115.06
C THR A 1155 20.71 32.00 -114.38
N ALA A 1156 20.11 31.11 -115.17
CA ALA A 1156 19.57 29.87 -114.62
C ALA A 1156 20.30 28.66 -115.18
N LYS A 1157 20.72 27.75 -114.29
CA LYS A 1157 21.35 26.51 -114.69
C LYS A 1157 20.75 25.30 -113.98
N ALA A 1158 20.68 24.17 -114.67
CA ALA A 1158 20.21 22.95 -114.03
C ALA A 1158 21.42 22.19 -113.49
N SER A 1159 21.51 22.10 -112.17
CA SER A 1159 22.63 21.45 -111.53
C SER A 1159 22.59 19.94 -111.78
N ALA A 1160 21.39 19.38 -111.70
CA ALA A 1160 21.21 17.95 -111.95
C ALA A 1160 19.81 17.66 -112.47
N ALA A 1161 19.67 16.54 -113.16
CA ALA A 1161 18.36 16.05 -113.57
C ALA A 1161 18.16 14.67 -112.97
N THR A 1162 17.25 14.56 -112.01
CA THR A 1162 17.11 13.32 -111.25
C THR A 1162 15.74 12.67 -111.41
N ASP A 1163 15.69 11.36 -111.17
CA ASP A 1163 14.43 10.64 -111.12
C ASP A 1163 14.28 9.99 -109.75
N THR A 1164 13.04 9.85 -109.30
CA THR A 1164 12.76 9.29 -107.98
C THR A 1164 11.69 8.22 -108.07
N GLU A 1165 11.52 7.48 -106.98
CA GLU A 1165 10.46 6.48 -106.89
C GLU A 1165 9.10 7.13 -107.16
N VAL A 1166 8.95 8.39 -106.75
CA VAL A 1166 7.72 9.13 -107.00
C VAL A 1166 7.76 9.92 -108.31
N GLY A 1167 8.94 10.03 -108.92
CA GLY A 1167 9.03 10.69 -110.21
C GLY A 1167 10.33 11.42 -110.56
N ARG A 1168 10.27 12.27 -111.57
CA ARG A 1168 11.44 12.99 -112.08
C ARG A 1168 11.65 14.32 -111.36
N VAL A 1169 12.89 14.58 -110.95
CA VAL A 1169 13.22 15.79 -110.20
C VAL A 1169 14.34 16.59 -110.87
N VAL A 1170 14.13 17.90 -111.02
CA VAL A 1170 15.11 18.77 -111.65
C VAL A 1170 15.48 19.98 -110.79
N PRO A 1171 16.53 19.84 -109.97
CA PRO A 1171 17.08 20.98 -109.22
C PRO A 1171 17.63 22.06 -110.15
N VAL A 1172 17.26 23.31 -109.90
CA VAL A 1172 17.68 24.42 -110.75
C VAL A 1172 18.39 25.51 -109.95
N SER A 1173 19.60 25.84 -110.36
CA SER A 1173 20.37 26.91 -109.71
C SER A 1173 20.20 28.21 -110.48
N VAL A 1174 20.07 29.31 -109.74
CA VAL A 1174 19.81 30.61 -110.35
C VAL A 1174 20.71 31.70 -109.77
N GLU A 1175 21.33 32.50 -110.64
CA GLU A 1175 22.22 33.57 -110.20
C GLU A 1175 21.71 34.94 -110.64
N VAL A 1176 21.39 35.79 -109.67
CA VAL A 1176 20.89 37.13 -109.97
C VAL A 1176 21.99 38.18 -109.87
N ARG A 1177 22.14 38.96 -110.93
CA ARG A 1177 23.22 39.95 -111.01
C ARG A 1177 22.71 41.37 -111.25
N ASN A 1178 23.34 42.34 -110.59
CA ASN A 1178 23.05 43.74 -110.84
C ASN A 1178 23.69 44.20 -112.15
N ALA A 1179 22.86 44.68 -113.06
CA ALA A 1179 23.33 45.12 -114.39
C ALA A 1179 24.39 46.21 -114.34
N ALA A 1180 24.03 47.38 -113.82
CA ALA A 1180 24.92 48.54 -113.78
C ALA A 1180 26.25 48.25 -113.09
N ASP A 1181 26.20 47.56 -111.97
CA ASP A 1181 27.40 47.23 -111.22
C ASP A 1181 28.16 46.04 -111.83
N GLY A 1182 27.42 45.06 -112.32
CA GLY A 1182 28.02 43.89 -112.94
C GLY A 1182 28.61 42.90 -111.97
N ALA A 1183 27.85 42.57 -110.92
CA ALA A 1183 28.28 41.58 -109.95
C ALA A 1183 27.11 40.68 -109.56
N LEU A 1184 27.42 39.50 -109.02
CA LEU A 1184 26.37 38.54 -108.66
C LEU A 1184 25.86 38.79 -107.26
N LEU A 1185 24.60 39.21 -107.16
CA LEU A 1185 24.01 39.56 -105.88
C LEU A 1185 23.50 38.37 -105.07
N ALA A 1186 22.78 37.45 -105.72
CA ALA A 1186 22.11 36.37 -105.01
C ALA A 1186 22.02 35.07 -105.79
N THR A 1187 21.82 33.98 -105.05
CA THR A 1187 21.64 32.66 -105.65
C THR A 1187 20.27 32.10 -105.28
N LEU A 1188 19.50 31.70 -106.29
CA LEU A 1188 18.16 31.14 -106.06
C LEU A 1188 18.13 29.66 -106.42
N GLU A 1189 17.51 28.86 -105.56
CA GLU A 1189 17.48 27.41 -105.75
C GLU A 1189 16.06 26.87 -105.86
N GLU A 1190 15.79 26.12 -106.92
CA GLU A 1190 14.48 25.51 -107.12
C GLU A 1190 14.60 24.04 -107.50
N ARG A 1191 13.73 23.21 -106.95
CA ARG A 1191 13.69 21.79 -107.29
C ARG A 1191 12.26 21.34 -107.59
N PHE A 1192 12.03 20.86 -108.81
CA PHE A 1192 10.69 20.52 -109.28
C PHE A 1192 10.53 19.03 -109.43
N ALA A 1193 9.30 18.54 -109.27
CA ALA A 1193 9.04 17.12 -109.38
C ALA A 1193 7.96 16.77 -110.41
N ILE A 1194 8.37 16.09 -111.46
CA ILE A 1194 7.44 15.46 -112.39
C ILE A 1194 7.35 14.01 -111.95
N ARG A 1195 6.14 13.44 -111.91
CA ARG A 1195 5.95 12.17 -111.21
C ARG A 1195 6.00 10.86 -112.02
N GLY A 1196 6.11 10.96 -113.34
CA GLY A 1196 6.01 9.76 -114.20
C GLY A 1196 7.32 9.12 -114.71
N ARG A 1197 8.48 9.68 -114.38
CA ARG A 1197 9.70 9.33 -115.12
C ARG A 1197 10.83 8.64 -114.34
N THR A 1198 11.67 7.92 -115.07
CA THR A 1198 12.87 7.27 -114.53
C THR A 1198 14.08 7.59 -115.43
N GLY A 1199 15.29 7.47 -114.89
CA GLY A 1199 16.48 7.85 -115.66
C GLY A 1199 17.80 7.23 -115.19
N ALA A 1200 18.78 7.26 -116.10
CA ALA A 1200 20.16 6.90 -115.80
C ALA A 1200 21.00 8.15 -115.53
N ALA A 1201 20.37 9.31 -115.55
CA ALA A 1201 21.07 10.58 -115.37
C ALA A 1201 21.48 10.78 -113.91
N GLU A 1202 20.50 11.01 -113.06
CA GLU A 1202 20.72 11.07 -111.61
C GLU A 1202 19.63 10.28 -110.90
N LEU A 1203 20.03 9.33 -110.08
CA LEU A 1203 19.08 8.45 -109.42
C LEU A 1203 18.92 8.77 -107.93
N THR A 1204 17.68 8.95 -107.51
CA THR A 1204 17.36 9.16 -106.11
C THR A 1204 16.16 8.30 -105.76
N ASP A 1205 16.16 7.68 -104.60
CA ASP A 1205 14.97 6.95 -104.18
C ASP A 1205 14.11 7.84 -103.28
N PRO A 1206 14.51 7.99 -102.03
CA PRO A 1206 13.96 9.02 -101.16
C PRO A 1206 14.90 10.22 -100.99
N VAL A 1207 16.07 10.15 -101.62
CA VAL A 1207 17.20 10.97 -101.19
C VAL A 1207 17.34 12.34 -101.84
N ARG A 1208 17.14 13.38 -101.04
CA ARG A 1208 17.54 14.73 -101.39
C ARG A 1208 17.77 15.50 -100.09
N ALA A 1209 18.74 16.41 -100.08
CA ALA A 1209 19.03 17.17 -98.87
C ALA A 1209 19.59 18.56 -99.16
N GLY A 1210 19.20 19.52 -98.33
CA GLY A 1210 19.66 20.90 -98.46
C GLY A 1210 19.83 21.52 -97.08
N GLY A 1211 20.76 22.45 -96.95
CA GLY A 1211 21.01 23.10 -95.67
C GLY A 1211 21.53 24.52 -95.82
N ALA A 1212 21.13 25.39 -94.89
CA ALA A 1212 21.72 26.72 -94.81
C ALA A 1212 22.78 26.68 -93.72
N ILE A 1213 24.04 26.78 -94.13
CA ILE A 1213 25.15 26.60 -93.20
C ILE A 1213 26.06 27.83 -93.14
N SER A 1214 26.73 28.00 -92.00
CA SER A 1214 27.62 29.13 -91.79
C SER A 1214 28.84 28.72 -90.96
N ASP A 1215 29.92 29.46 -91.10
CA ASP A 1215 31.18 29.12 -90.46
C ASP A 1215 31.11 29.14 -88.93
N ASN A 1216 30.74 30.28 -88.36
CA ASN A 1216 30.66 30.42 -86.91
C ASN A 1216 29.21 30.28 -86.44
N ALA A 1217 29.00 29.43 -85.44
CA ALA A 1217 27.65 29.13 -84.98
C ALA A 1217 27.52 29.09 -83.46
N THR A 1218 26.35 29.52 -82.97
CA THR A 1218 26.00 29.39 -81.57
C THR A 1218 24.67 28.66 -81.43
N ASP A 1219 24.49 27.96 -80.33
CA ASP A 1219 23.29 27.16 -80.12
C ASP A 1219 22.37 27.80 -79.09
N THR A 1220 21.07 27.76 -79.34
CA THR A 1220 20.11 28.32 -78.39
C THR A 1220 19.01 27.32 -78.02
N PRO A 1221 18.02 27.80 -77.27
CA PRO A 1221 16.90 26.97 -76.83
C PRO A 1221 15.64 27.46 -77.52
N ARG A 1222 14.66 26.58 -77.67
CA ARG A 1222 13.42 26.91 -78.38
C ARG A 1222 12.69 28.09 -77.74
N ARG A 1223 12.42 29.11 -78.54
CA ARG A 1223 11.73 30.30 -78.06
C ARG A 1223 10.52 30.64 -78.93
N ARG A 1224 9.34 30.57 -78.35
CA ARG A 1224 8.12 30.91 -79.06
C ARG A 1224 8.07 32.42 -79.33
N ARG A 1225 7.90 32.77 -80.61
CA ARG A 1225 7.89 34.17 -81.00
C ARG A 1225 6.47 34.67 -81.31
N ARG A 1226 5.89 34.17 -82.40
CA ARG A 1226 4.58 34.65 -82.82
C ARG A 1226 3.60 33.54 -83.21
N ASP A 1227 2.32 33.81 -82.96
CA ASP A 1227 1.23 32.97 -83.44
C ASP A 1227 0.56 33.71 -84.60
N VAL A 1228 0.66 33.16 -85.80
CA VAL A 1228 0.26 33.91 -86.99
C VAL A 1228 -1.06 33.43 -87.60
N THR A 1229 -1.84 34.37 -88.11
CA THR A 1229 -3.06 34.03 -88.81
C THR A 1229 -3.00 34.62 -90.22
N VAL A 1230 -3.01 33.75 -91.22
CA VAL A 1230 -2.86 34.17 -92.60
C VAL A 1230 -3.97 33.63 -93.49
N GLY A 1231 -4.64 34.54 -94.19
CA GLY A 1231 -5.65 34.15 -95.15
C GLY A 1231 -5.05 33.92 -96.52
N ALA A 1232 -5.62 32.98 -97.27
CA ALA A 1232 -5.23 32.75 -98.64
C ALA A 1232 -6.09 33.64 -99.52
N PRO A 1233 -5.56 34.06 -100.69
CA PRO A 1233 -6.32 34.95 -101.57
C PRO A 1233 -7.60 34.29 -102.09
N VAL A 1234 -8.54 35.11 -102.54
CA VAL A 1234 -9.79 34.61 -103.09
C VAL A 1234 -9.55 33.91 -104.41
N ASP A 1235 -8.77 34.56 -105.28
CA ASP A 1235 -8.40 33.99 -106.57
C ASP A 1235 -6.89 33.97 -106.74
N MET A 1236 -6.39 33.01 -107.50
CA MET A 1236 -4.94 32.85 -107.69
C MET A 1236 -4.39 33.65 -108.89
N ARG A 1237 -5.30 34.18 -109.69
CA ARG A 1237 -4.91 34.99 -110.86
C ARG A 1237 -4.06 36.24 -110.53
N PRO A 1238 -4.38 36.97 -109.45
CA PRO A 1238 -3.54 38.13 -109.10
C PRO A 1238 -2.05 37.79 -108.95
N PHE A 1239 -1.73 36.70 -108.27
CA PHE A 1239 -0.34 36.30 -108.11
C PHE A 1239 0.22 35.75 -109.42
N ALA A 1240 -0.64 35.14 -110.22
CA ALA A 1240 -0.25 34.56 -111.50
C ALA A 1240 0.23 35.63 -112.47
N VAL A 1241 -0.35 36.81 -112.38
CA VAL A 1241 0.02 37.93 -113.24
C VAL A 1241 1.41 38.46 -112.90
N VAL A 1242 1.66 38.67 -111.61
CA VAL A 1242 2.91 39.26 -111.15
C VAL A 1242 4.08 38.28 -111.26
N SER A 1243 3.87 37.06 -110.77
CA SER A 1243 4.93 36.06 -110.76
C SER A 1243 5.29 35.58 -112.17
N GLY A 1244 4.29 35.52 -113.04
CA GLY A 1244 4.49 35.04 -114.39
C GLY A 1244 4.23 33.55 -114.49
N ASP A 1245 3.49 33.02 -113.53
CA ASP A 1245 3.12 31.60 -113.56
C ASP A 1245 1.70 31.48 -114.06
N HIS A 1246 1.56 31.01 -115.30
CA HIS A 1246 0.27 30.91 -115.96
C HIS A 1246 -0.38 29.54 -115.87
N ASN A 1247 0.22 28.65 -115.08
CA ASN A 1247 -0.25 27.28 -114.96
C ASN A 1247 -1.75 27.21 -114.65
N PRO A 1248 -2.52 26.56 -115.53
CA PRO A 1248 -3.98 26.47 -115.46
C PRO A 1248 -4.48 25.75 -114.21
N ILE A 1249 -3.59 25.02 -113.54
CA ILE A 1249 -3.93 24.32 -112.30
C ILE A 1249 -4.48 25.27 -111.25
N HIS A 1250 -3.83 26.43 -111.11
CA HIS A 1250 -4.21 27.39 -110.08
C HIS A 1250 -5.36 28.31 -110.52
N THR A 1251 -5.65 28.30 -111.82
CA THR A 1251 -6.68 29.19 -112.35
C THR A 1251 -7.90 28.43 -112.89
N ASP A 1252 -7.74 27.76 -114.03
CA ASP A 1252 -8.84 27.03 -114.65
C ASP A 1252 -9.24 25.83 -113.81
N ARG A 1253 -10.54 25.67 -113.60
CA ARG A 1253 -11.04 24.58 -112.77
C ARG A 1253 -11.05 23.26 -113.55
N ALA A 1254 -11.11 23.35 -114.87
CA ALA A 1254 -11.13 22.16 -115.71
C ALA A 1254 -9.77 21.46 -115.73
N ALA A 1255 -8.71 22.24 -115.65
CA ALA A 1255 -7.36 21.69 -115.64
C ALA A 1255 -7.00 21.16 -114.25
N ALA A 1256 -7.53 21.82 -113.21
CA ALA A 1256 -7.29 21.39 -111.84
C ALA A 1256 -7.99 20.07 -111.54
N LEU A 1257 -9.19 19.91 -112.10
CA LEU A 1257 -9.95 18.68 -111.92
C LEU A 1257 -9.38 17.53 -112.75
N LEU A 1258 -8.84 17.87 -113.91
CA LEU A 1258 -8.25 16.86 -114.80
C LEU A 1258 -6.96 16.30 -114.18
N ALA A 1259 -6.29 17.11 -113.37
CA ALA A 1259 -5.06 16.70 -112.72
C ALA A 1259 -5.34 15.96 -111.41
N GLY A 1260 -6.62 15.81 -111.09
CA GLY A 1260 -7.02 15.13 -109.87
C GLY A 1260 -6.63 15.90 -108.63
N LEU A 1261 -7.07 17.16 -108.55
CA LEU A 1261 -6.70 18.03 -107.45
C LEU A 1261 -7.93 18.46 -106.66
N GLU A 1262 -7.70 18.89 -105.41
CA GLU A 1262 -8.78 19.32 -104.53
C GLU A 1262 -9.51 20.54 -105.08
N GLY A 1263 -8.85 21.28 -105.97
CA GLY A 1263 -9.43 22.46 -106.59
C GLY A 1263 -8.36 23.35 -107.21
N PRO A 1264 -8.69 24.63 -107.41
CA PRO A 1264 -7.71 25.60 -107.92
C PRO A 1264 -6.67 25.94 -106.85
N ILE A 1265 -5.72 25.03 -106.66
CA ILE A 1265 -4.73 25.13 -105.59
C ILE A 1265 -4.00 26.47 -105.57
N VAL A 1266 -3.86 27.04 -104.37
CA VAL A 1266 -3.08 28.25 -104.18
C VAL A 1266 -1.64 28.01 -104.61
N HIS A 1267 -1.04 28.99 -105.28
CA HIS A 1267 0.36 28.92 -105.64
C HIS A 1267 1.19 28.67 -104.39
N GLY A 1268 2.04 27.65 -104.43
CA GLY A 1268 2.96 27.40 -103.34
C GLY A 1268 3.91 28.57 -103.21
N MET A 1269 4.16 29.25 -104.33
CA MET A 1269 5.03 30.41 -104.36
C MET A 1269 4.43 31.60 -103.64
N TRP A 1270 3.11 31.74 -103.68
CA TRP A 1270 2.45 32.81 -102.95
C TRP A 1270 2.61 32.57 -101.45
N LEU A 1271 2.35 31.34 -101.03
CA LEU A 1271 2.51 30.93 -99.65
C LEU A 1271 3.94 31.19 -99.18
N SER A 1272 4.90 30.87 -100.05
CA SER A 1272 6.31 31.07 -99.77
C SER A 1272 6.60 32.52 -99.38
N ALA A 1273 6.00 33.45 -100.12
CA ALA A 1273 6.14 34.87 -99.81
C ALA A 1273 5.19 35.27 -98.69
N ALA A 1274 4.17 34.44 -98.47
CA ALA A 1274 3.18 34.70 -97.43
C ALA A 1274 3.73 34.48 -96.03
N ALA A 1275 4.29 33.30 -95.79
CA ALA A 1275 4.88 32.97 -94.51
C ALA A 1275 6.16 33.76 -94.29
N GLN A 1276 6.84 34.10 -95.39
CA GLN A 1276 8.09 34.83 -95.33
C GLN A 1276 7.88 36.25 -94.84
N HIS A 1277 6.88 36.92 -95.43
CA HIS A 1277 6.54 38.30 -95.10
C HIS A 1277 6.29 38.47 -93.60
N VAL A 1278 5.80 37.42 -92.96
CA VAL A 1278 5.60 37.41 -91.51
C VAL A 1278 6.94 37.31 -90.77
N VAL A 1279 7.75 36.32 -91.17
CA VAL A 1279 9.09 36.15 -90.61
C VAL A 1279 9.91 37.39 -90.91
N THR A 1280 9.63 37.99 -92.06
CA THR A 1280 10.22 39.25 -92.46
C THR A 1280 9.93 40.31 -91.39
N ALA A 1281 8.65 40.51 -91.10
CA ALA A 1281 8.23 41.55 -90.17
C ALA A 1281 8.25 41.22 -88.66
N THR A 1282 8.09 39.94 -88.29
CA THR A 1282 7.91 39.61 -86.88
C THR A 1282 9.21 39.51 -86.09
N ASP A 1283 9.93 38.41 -86.31
CA ASP A 1283 11.21 38.21 -85.65
C ASP A 1283 12.20 39.19 -86.25
N GLY A 1284 11.92 39.55 -87.50
CA GLY A 1284 12.67 40.58 -88.19
C GLY A 1284 12.39 41.94 -87.60
N LYS A 1285 11.18 42.13 -87.07
CA LYS A 1285 10.85 43.38 -86.39
C LYS A 1285 10.70 44.49 -87.43
N PRO A 1286 10.34 45.73 -87.03
CA PRO A 1286 10.25 46.82 -88.02
C PRO A 1286 11.45 46.96 -88.96
N VAL A 1287 12.57 46.29 -88.67
CA VAL A 1287 13.71 46.25 -89.58
C VAL A 1287 13.99 44.85 -90.14
N PRO A 1288 13.25 44.44 -91.19
CA PRO A 1288 13.62 43.30 -92.04
C PRO A 1288 14.76 43.46 -93.09
N PRO A 1289 15.03 44.68 -93.62
CA PRO A 1289 15.78 44.73 -94.88
C PRO A 1289 17.18 44.10 -94.89
N ALA A 1290 18.02 44.44 -93.91
CA ALA A 1290 19.38 43.93 -93.87
C ALA A 1290 19.50 42.71 -92.97
N LYS A 1291 18.36 42.29 -92.42
CA LYS A 1291 18.33 41.24 -91.42
C LYS A 1291 18.22 39.82 -91.99
N LEU A 1292 17.18 39.53 -92.75
CA LEU A 1292 17.08 38.20 -93.34
C LEU A 1292 18.07 38.13 -94.50
N ILE A 1293 19.06 37.26 -94.35
CA ILE A 1293 20.04 37.04 -95.42
C ILE A 1293 19.73 35.77 -96.21
N GLY A 1294 18.71 35.04 -95.81
CA GLY A 1294 18.31 33.84 -96.52
C GLY A 1294 17.03 33.22 -95.99
N TRP A 1295 16.36 32.45 -96.83
CA TRP A 1295 15.14 31.75 -96.43
C TRP A 1295 14.97 30.46 -97.22
N THR A 1296 14.46 29.43 -96.58
CA THR A 1296 14.12 28.20 -97.29
C THR A 1296 12.69 27.80 -97.00
N ALA A 1297 12.05 27.15 -97.96
CA ALA A 1297 10.64 26.80 -97.85
C ALA A 1297 10.34 25.42 -98.39
N ARG A 1298 9.65 24.61 -97.58
CA ARG A 1298 9.22 23.28 -98.01
C ARG A 1298 7.71 23.18 -98.00
N PHE A 1299 7.13 22.75 -99.13
CA PHE A 1299 5.69 22.62 -99.21
C PHE A 1299 5.26 21.20 -98.85
N LEU A 1300 4.62 21.07 -97.69
CA LEU A 1300 4.19 19.77 -97.20
C LEU A 1300 2.87 19.31 -97.81
N GLY A 1301 1.94 20.24 -98.00
CA GLY A 1301 0.63 19.91 -98.53
C GLY A 1301 -0.02 21.00 -99.35
N MET A 1302 -1.06 20.62 -100.10
CA MET A 1302 -1.75 21.54 -101.00
C MET A 1302 -2.68 22.50 -100.26
N VAL A 1303 -2.91 23.68 -100.84
CA VAL A 1303 -3.76 24.71 -100.23
C VAL A 1303 -4.83 25.27 -101.17
N LYS A 1304 -6.07 25.27 -100.71
CA LYS A 1304 -7.18 25.87 -101.45
C LYS A 1304 -7.38 27.33 -101.06
N PRO A 1305 -7.81 28.18 -102.02
CA PRO A 1305 -8.12 29.58 -101.77
C PRO A 1305 -9.21 29.74 -100.70
N GLY A 1306 -9.20 30.87 -99.99
CA GLY A 1306 -10.11 31.07 -98.87
C GLY A 1306 -9.72 30.18 -97.71
N ASP A 1307 -8.43 30.19 -97.38
CA ASP A 1307 -7.88 29.29 -96.38
C ASP A 1307 -7.32 30.05 -95.19
N GLN A 1308 -7.77 29.70 -93.99
CA GLN A 1308 -7.21 30.28 -92.78
C GLN A 1308 -6.10 29.39 -92.24
N VAL A 1309 -4.88 29.88 -92.32
CA VAL A 1309 -3.71 29.09 -91.98
C VAL A 1309 -2.97 29.68 -90.79
N ASP A 1310 -2.56 28.82 -89.86
CA ASP A 1310 -1.83 29.28 -88.68
C ASP A 1310 -0.35 28.94 -88.71
N PHE A 1311 0.49 29.98 -88.70
CA PHE A 1311 1.94 29.82 -88.72
C PHE A 1311 2.53 30.10 -87.35
N ARG A 1312 3.64 29.43 -87.03
CA ARG A 1312 4.37 29.69 -85.79
C ARG A 1312 5.88 29.71 -86.01
N VAL A 1313 6.52 30.85 -85.76
CA VAL A 1313 7.97 30.94 -85.87
C VAL A 1313 8.62 30.88 -84.49
N ASP A 1314 9.70 30.13 -84.38
CA ASP A 1314 10.44 30.03 -83.13
C ASP A 1314 11.90 30.39 -83.37
N ARG A 1315 12.60 30.77 -82.30
CA ARG A 1315 14.04 31.00 -82.40
C ARG A 1315 14.79 29.77 -81.90
N VAL A 1316 15.64 29.20 -82.75
CA VAL A 1316 16.30 27.92 -82.51
C VAL A 1316 17.77 28.05 -82.15
N GLY A 1317 18.54 28.58 -83.09
CA GLY A 1317 19.98 28.67 -82.95
C GLY A 1317 20.55 29.83 -83.74
N ILE A 1318 21.88 29.94 -83.73
CA ILE A 1318 22.55 31.06 -84.37
C ILE A 1318 23.62 30.60 -85.38
N ASP A 1319 23.60 31.23 -86.55
CA ASP A 1319 24.60 30.99 -87.60
C ASP A 1319 25.18 32.31 -88.08
N VAL A 1320 26.51 32.38 -88.07
CA VAL A 1320 27.29 33.55 -88.50
C VAL A 1320 26.80 34.87 -87.89
N GLY A 1321 26.32 34.81 -86.66
CA GLY A 1321 25.80 35.97 -85.97
C GLY A 1321 24.37 36.26 -86.36
N ALA A 1322 23.82 35.44 -87.25
CA ALA A 1322 22.44 35.58 -87.69
C ALA A 1322 21.56 34.51 -87.05
N GLU A 1323 20.47 34.95 -86.42
CA GLU A 1323 19.54 34.03 -85.77
C GLU A 1323 18.87 33.13 -86.78
N VAL A 1324 18.70 31.85 -86.45
CA VAL A 1324 17.91 30.97 -87.30
C VAL A 1324 16.50 30.88 -86.75
N LEU A 1325 15.51 30.86 -87.65
CA LEU A 1325 14.11 30.91 -87.25
C LEU A 1325 13.31 29.83 -87.97
N GLU A 1326 12.73 28.92 -87.21
CA GLU A 1326 11.98 27.81 -87.80
C GLU A 1326 10.48 28.07 -87.80
N VAL A 1327 9.83 27.74 -88.91
CA VAL A 1327 8.41 28.02 -89.10
C VAL A 1327 7.63 26.75 -89.48
N SER A 1328 6.53 26.52 -88.78
CA SER A 1328 5.63 25.41 -89.07
C SER A 1328 4.25 25.96 -89.43
N ALA A 1329 3.54 25.27 -90.33
CA ALA A 1329 2.25 25.75 -90.79
C ALA A 1329 1.14 24.72 -90.62
N ARG A 1330 -0.01 25.16 -90.13
CA ARG A 1330 -1.15 24.27 -89.95
C ARG A 1330 -2.47 24.89 -90.38
N ILE A 1331 -3.19 24.17 -91.24
CA ILE A 1331 -4.60 24.47 -91.47
C ILE A 1331 -5.36 23.37 -90.75
N GLY A 1332 -5.99 23.71 -89.63
CA GLY A 1332 -6.54 22.70 -88.75
C GLY A 1332 -5.42 21.78 -88.30
N SER A 1333 -5.61 20.48 -88.55
CA SER A 1333 -4.59 19.48 -88.17
C SER A 1333 -3.46 19.31 -89.19
N GLU A 1334 -3.71 19.73 -90.43
CA GLU A 1334 -2.77 19.43 -91.52
C GLU A 1334 -1.54 20.34 -91.56
N LEU A 1335 -0.36 19.72 -91.64
CA LEU A 1335 0.88 20.47 -91.85
C LEU A 1335 0.95 20.92 -93.31
N VAL A 1336 1.38 22.16 -93.51
CA VAL A 1336 1.33 22.80 -94.83
C VAL A 1336 2.72 23.21 -95.30
N MET A 1337 3.34 24.13 -94.57
CA MET A 1337 4.68 24.58 -94.92
C MET A 1337 5.68 24.41 -93.79
N ALA A 1338 6.86 23.92 -94.15
CA ALA A 1338 8.00 23.92 -93.24
C ALA A 1338 8.98 24.97 -93.74
N ALA A 1339 9.22 26.01 -92.94
CA ALA A 1339 10.11 27.09 -93.36
C ALA A 1339 11.19 27.39 -92.32
N THR A 1340 12.34 27.87 -92.80
CA THR A 1340 13.47 28.20 -91.94
C THR A 1340 14.24 29.39 -92.50
N ALA A 1341 14.62 30.34 -91.64
CA ALA A 1341 15.27 31.56 -92.11
C ALA A 1341 16.48 32.00 -91.28
N ARG A 1342 17.44 32.63 -91.95
CA ARG A 1342 18.60 33.21 -91.28
C ARG A 1342 18.37 34.72 -91.13
N LEU A 1343 18.32 35.19 -89.89
CA LEU A 1343 18.01 36.59 -89.62
C LEU A 1343 19.06 37.25 -88.73
N ALA A 1344 19.53 38.42 -89.14
CA ALA A 1344 20.43 39.21 -88.30
C ALA A 1344 19.65 39.73 -87.10
N ALA A 1345 20.34 39.92 -85.99
CA ALA A 1345 19.70 40.42 -84.78
C ALA A 1345 19.35 41.90 -84.94
N PRO A 1346 18.44 42.42 -84.11
CA PRO A 1346 18.21 43.87 -84.09
C PRO A 1346 19.53 44.58 -83.82
N LYS A 1347 19.85 45.57 -84.66
CA LYS A 1347 21.19 46.16 -84.67
C LYS A 1347 21.64 46.74 -83.33
N THR A 1348 22.86 46.41 -82.94
CA THR A 1348 23.36 46.71 -81.61
C THR A 1348 24.38 47.85 -81.61
N VAL A 1349 24.25 48.75 -80.64
CA VAL A 1349 25.21 49.82 -80.44
C VAL A 1349 25.88 49.66 -79.07
N TYR A 1350 27.20 49.58 -79.06
CA TYR A 1350 27.93 49.28 -77.82
C TYR A 1350 28.56 50.50 -77.16
N ALA A 1351 28.58 50.50 -75.84
CA ALA A 1351 29.22 51.57 -75.08
C ALA A 1351 29.97 50.98 -73.90
N PHE A 1352 31.17 51.50 -73.65
CA PHE A 1352 32.01 51.00 -72.56
C PHE A 1352 32.20 52.03 -71.46
N PRO A 1353 31.66 51.75 -70.27
CA PRO A 1353 31.59 52.62 -69.10
C PRO A 1353 32.95 53.02 -68.55
N GLY A 1354 32.96 54.06 -67.73
CA GLY A 1354 34.17 54.53 -67.09
C GLY A 1354 34.38 53.96 -65.70
N GLN A 1355 35.34 54.53 -64.99
CA GLN A 1355 35.73 54.08 -63.65
C GLN A 1355 34.72 54.45 -62.56
N GLY A 1356 34.84 53.77 -61.42
CA GLY A 1356 34.08 54.10 -60.23
C GLY A 1356 32.97 53.17 -59.78
N ILE A 1357 32.48 52.32 -60.67
CA ILE A 1357 31.46 51.33 -60.32
C ILE A 1357 32.07 49.95 -60.10
N GLN A 1358 33.39 49.86 -60.27
CA GLN A 1358 34.11 48.60 -60.13
C GLN A 1358 33.89 47.94 -58.77
N HIS A 1359 33.70 46.61 -58.79
CA HIS A 1359 33.40 45.85 -57.57
C HIS A 1359 34.36 44.67 -57.42
N LYS A 1360 34.51 44.17 -56.21
CA LYS A 1360 35.38 43.03 -55.96
C LYS A 1360 34.81 41.75 -56.57
N GLY A 1361 35.63 41.06 -57.36
CA GLY A 1361 35.21 39.84 -58.01
C GLY A 1361 34.32 40.11 -59.21
N MET A 1362 34.54 41.25 -59.87
CA MET A 1362 33.74 41.62 -61.02
C MET A 1362 34.09 40.80 -62.26
N GLY A 1363 33.07 40.17 -62.85
CA GLY A 1363 33.26 39.34 -64.03
C GLY A 1363 34.08 38.11 -63.75
N MET A 1364 34.20 37.75 -62.48
CA MET A 1364 34.99 36.59 -62.07
C MET A 1364 34.21 35.31 -62.29
N GLU A 1365 32.88 35.43 -62.36
CA GLU A 1365 32.01 34.29 -62.63
C GLU A 1365 32.17 33.88 -64.08
N VAL A 1366 32.32 34.86 -64.96
CA VAL A 1366 32.49 34.63 -66.39
C VAL A 1366 33.81 33.91 -66.66
N ARG A 1367 34.84 34.29 -65.91
CA ARG A 1367 36.17 33.69 -66.06
C ARG A 1367 36.14 32.19 -65.77
N ALA A 1368 35.28 31.77 -64.86
CA ALA A 1368 35.18 30.37 -64.47
C ALA A 1368 34.43 29.53 -65.50
N ARG A 1369 33.67 30.20 -66.37
CA ARG A 1369 32.86 29.50 -67.36
C ARG A 1369 33.40 29.66 -68.78
N SER A 1370 33.41 30.89 -69.27
CA SER A 1370 33.84 31.16 -70.64
C SER A 1370 35.34 30.91 -70.85
N LYS A 1371 35.67 30.32 -71.99
CA LYS A 1371 37.06 30.09 -72.37
C LYS A 1371 37.71 31.36 -72.86
N ALA A 1372 36.93 32.17 -73.60
CA ALA A 1372 37.42 33.42 -74.15
C ALA A 1372 37.79 34.40 -73.04
N ALA A 1373 37.04 34.34 -71.93
CA ALA A 1373 37.29 35.20 -70.79
C ALA A 1373 38.61 34.83 -70.10
N ARG A 1374 38.89 33.54 -70.03
CA ARG A 1374 40.12 33.06 -69.40
C ARG A 1374 41.36 33.50 -70.18
N LYS A 1375 41.30 33.37 -71.50
CA LYS A 1375 42.42 33.75 -72.35
C LYS A 1375 42.73 35.24 -72.23
N VAL A 1376 41.68 36.05 -72.11
CA VAL A 1376 41.85 37.49 -71.93
C VAL A 1376 42.49 37.79 -70.58
N TRP A 1377 41.99 37.16 -69.53
CA TRP A 1377 42.49 37.38 -68.18
C TRP A 1377 43.90 36.84 -67.98
N ASP A 1378 44.11 35.58 -68.34
CA ASP A 1378 45.39 34.92 -68.09
C ASP A 1378 46.56 35.52 -68.87
N SER A 1379 46.33 35.85 -70.13
CA SER A 1379 47.36 36.51 -70.94
C SER A 1379 47.69 37.87 -70.34
N ALA A 1380 46.68 38.50 -69.75
CA ALA A 1380 46.83 39.79 -69.12
C ALA A 1380 47.50 39.65 -67.76
N ASP A 1381 47.09 38.63 -67.02
CA ASP A 1381 47.61 38.40 -65.67
C ASP A 1381 49.05 37.93 -65.68
N LYS A 1382 49.41 37.18 -66.72
CA LYS A 1382 50.78 36.67 -66.85
C LYS A 1382 51.75 37.80 -67.13
N PHE A 1383 51.39 38.68 -68.06
CA PHE A 1383 52.22 39.82 -68.43
C PHE A 1383 52.48 40.72 -67.22
N THR A 1384 51.42 41.02 -66.48
CA THR A 1384 51.51 41.90 -65.33
C THR A 1384 52.37 41.29 -64.23
N ARG A 1385 52.31 39.98 -64.11
CA ARG A 1385 53.08 39.26 -63.09
C ARG A 1385 54.57 39.26 -63.42
N GLU A 1386 54.90 39.08 -64.69
CA GLU A 1386 56.29 39.03 -65.10
C GLU A 1386 56.95 40.41 -65.15
N THR A 1387 56.30 41.37 -65.81
CA THR A 1387 56.85 42.72 -65.94
C THR A 1387 56.76 43.57 -64.66
N LEU A 1388 55.56 43.72 -64.13
CA LEU A 1388 55.34 44.59 -62.98
C LEU A 1388 55.32 43.86 -61.64
N GLY A 1389 55.40 42.54 -61.69
CA GLY A 1389 55.46 41.73 -60.48
C GLY A 1389 54.17 41.63 -59.68
N PHE A 1390 53.02 41.86 -60.33
CA PHE A 1390 51.75 41.70 -59.63
C PHE A 1390 50.62 41.13 -60.51
N SER A 1391 49.59 40.61 -59.87
CA SER A 1391 48.47 40.00 -60.59
C SER A 1391 47.17 40.76 -60.42
N VAL A 1392 46.51 41.03 -61.54
CA VAL A 1392 45.23 41.75 -61.53
C VAL A 1392 44.13 40.83 -61.02
N LEU A 1393 44.29 39.52 -61.26
CA LEU A 1393 43.32 38.52 -60.81
C LEU A 1393 43.13 38.57 -59.30
N HIS A 1394 44.25 38.59 -58.57
CA HIS A 1394 44.22 38.64 -57.11
C HIS A 1394 43.56 39.92 -56.61
N VAL A 1395 43.92 41.04 -57.22
CA VAL A 1395 43.38 42.34 -56.87
C VAL A 1395 41.86 42.37 -57.03
N VAL A 1396 41.38 41.83 -58.15
CA VAL A 1396 39.95 41.76 -58.42
C VAL A 1396 39.26 40.74 -57.52
N ARG A 1397 39.86 39.57 -57.37
CA ARG A 1397 39.25 38.48 -56.60
C ARG A 1397 39.09 38.85 -55.12
N ASP A 1398 40.17 39.28 -54.48
CA ASP A 1398 40.11 39.76 -53.11
C ASP A 1398 40.82 41.11 -53.01
N ASN A 1399 40.12 42.11 -52.48
CA ASN A 1399 40.65 43.48 -52.44
C ASN A 1399 41.64 43.72 -51.30
N PRO A 1400 42.91 43.95 -51.66
CA PRO A 1400 43.98 44.24 -50.69
C PRO A 1400 43.93 45.70 -50.25
N THR A 1401 44.95 46.14 -49.51
CA THR A 1401 45.02 47.50 -48.95
C THR A 1401 46.21 48.24 -49.51
N SER A 1402 47.41 47.71 -49.25
CA SER A 1402 48.64 48.27 -49.80
C SER A 1402 49.23 47.32 -50.84
N LEU A 1403 49.97 47.88 -51.79
CA LEU A 1403 50.70 47.05 -52.74
C LEU A 1403 51.99 47.76 -53.12
N ILE A 1404 53.07 47.00 -53.19
CA ILE A 1404 54.30 47.55 -53.71
C ILE A 1404 54.55 46.94 -55.07
N ALA A 1405 54.86 47.79 -56.04
CA ALA A 1405 55.08 47.36 -57.41
C ALA A 1405 56.53 47.60 -57.73
N SER A 1406 56.88 47.43 -59.01
CA SER A 1406 58.26 47.57 -59.49
C SER A 1406 58.95 48.82 -58.95
N GLY A 1407 58.52 49.99 -59.40
CA GLY A 1407 59.12 51.22 -58.95
C GLY A 1407 58.25 52.03 -58.01
N VAL A 1408 57.03 51.56 -57.77
CA VAL A 1408 56.03 52.37 -57.09
C VAL A 1408 55.39 51.66 -55.91
N HIS A 1409 54.93 52.46 -54.95
CA HIS A 1409 54.27 51.95 -53.75
C HIS A 1409 52.87 52.55 -53.61
N TYR A 1410 51.86 51.70 -53.69
CA TYR A 1410 50.48 52.15 -53.61
C TYR A 1410 49.82 51.68 -52.32
N HIS A 1411 49.34 52.64 -51.53
CA HIS A 1411 48.63 52.32 -50.31
C HIS A 1411 47.24 52.97 -50.27
N HIS A 1412 46.23 52.19 -49.94
CA HIS A 1412 44.88 52.70 -49.76
C HIS A 1412 44.34 52.06 -48.47
N PRO A 1413 43.62 52.85 -47.65
CA PRO A 1413 42.98 52.28 -46.45
C PRO A 1413 41.83 51.33 -46.76
N ASP A 1414 41.17 51.51 -47.90
CA ASP A 1414 40.05 50.65 -48.26
C ASP A 1414 40.48 49.52 -49.18
N GLY A 1415 40.79 49.85 -50.42
CA GLY A 1415 41.20 48.85 -51.39
C GLY A 1415 42.03 49.34 -52.56
N VAL A 1416 42.85 48.44 -53.09
CA VAL A 1416 43.73 48.76 -54.21
C VAL A 1416 42.94 48.65 -55.51
N LEU A 1417 41.84 47.89 -55.46
CA LEU A 1417 41.02 47.68 -56.65
C LEU A 1417 40.34 48.98 -57.00
N PHE A 1418 40.22 49.84 -56.00
CA PHE A 1418 39.61 51.15 -56.16
C PHE A 1418 40.69 52.21 -56.44
N LEU A 1419 41.94 51.77 -56.52
CA LEU A 1419 43.03 52.65 -56.96
C LEU A 1419 43.12 52.60 -58.48
N THR A 1420 43.28 53.78 -59.09
CA THR A 1420 43.15 53.93 -60.55
C THR A 1420 44.13 53.12 -61.39
N GLN A 1421 45.36 52.99 -60.92
CA GLN A 1421 46.38 52.23 -61.65
C GLN A 1421 45.93 50.77 -61.81
N PHE A 1422 45.11 50.33 -60.87
CA PHE A 1422 44.53 48.99 -60.85
C PHE A 1422 43.14 49.01 -61.45
N THR A 1423 42.26 49.84 -60.87
CA THR A 1423 40.88 49.97 -61.28
C THR A 1423 40.68 50.05 -62.79
N GLN A 1424 41.49 50.86 -63.46
CA GLN A 1424 41.40 51.00 -64.90
C GLN A 1424 41.76 49.68 -65.57
N VAL A 1425 42.78 49.01 -65.05
CA VAL A 1425 43.22 47.73 -65.57
C VAL A 1425 42.15 46.67 -65.38
N ALA A 1426 41.56 46.64 -64.19
CA ALA A 1426 40.48 45.70 -63.89
C ALA A 1426 39.29 45.92 -64.79
N MET A 1427 38.85 47.17 -64.89
CA MET A 1427 37.70 47.53 -65.71
C MET A 1427 37.91 47.17 -67.19
N ALA A 1428 39.11 47.43 -67.68
CA ALA A 1428 39.44 47.17 -69.08
C ALA A 1428 39.44 45.69 -69.40
N THR A 1429 39.97 44.88 -68.49
CA THR A 1429 40.06 43.45 -68.70
C THR A 1429 38.70 42.77 -68.57
N VAL A 1430 37.91 43.25 -67.60
CA VAL A 1430 36.56 42.73 -67.38
C VAL A 1430 35.70 42.85 -68.63
N ALA A 1431 35.75 44.02 -69.26
CA ALA A 1431 34.95 44.28 -70.46
C ALA A 1431 35.52 43.57 -71.68
N ALA A 1432 36.84 43.58 -71.83
CA ALA A 1432 37.49 42.93 -72.96
C ALA A 1432 37.24 41.44 -72.99
N ALA A 1433 37.11 40.84 -71.82
CA ALA A 1433 36.85 39.41 -71.70
C ALA A 1433 35.38 39.10 -72.00
N GLN A 1434 34.50 40.01 -71.61
CA GLN A 1434 33.06 39.84 -71.81
C GLN A 1434 32.68 39.94 -73.28
N VAL A 1435 33.31 40.88 -73.99
CA VAL A 1435 33.05 41.06 -75.41
C VAL A 1435 33.57 39.87 -76.22
N ALA A 1436 34.74 39.37 -75.82
CA ALA A 1436 35.35 38.22 -76.46
C ALA A 1436 34.41 37.02 -76.43
N GLU A 1437 33.70 36.85 -75.32
CA GLU A 1437 32.72 35.79 -75.19
C GLU A 1437 31.52 36.06 -76.09
N MET A 1438 31.10 37.32 -76.13
CA MET A 1438 30.00 37.72 -77.00
C MET A 1438 30.37 37.52 -78.46
N ARG A 1439 31.66 37.69 -78.76
CA ARG A 1439 32.16 37.49 -80.11
C ARG A 1439 32.24 36.01 -80.45
N GLU A 1440 32.54 35.20 -79.44
CA GLU A 1440 32.60 33.74 -79.62
C GLU A 1440 31.23 33.16 -79.92
N GLN A 1441 30.20 33.77 -79.36
CA GLN A 1441 28.83 33.34 -79.62
C GLN A 1441 28.30 34.00 -80.90
N GLY A 1442 29.13 34.86 -81.49
CA GLY A 1442 28.78 35.53 -82.73
C GLY A 1442 27.74 36.63 -82.56
N ALA A 1443 27.36 36.90 -81.32
CA ALA A 1443 26.32 37.88 -81.04
C ALA A 1443 26.72 39.30 -81.45
N PHE A 1444 27.99 39.50 -81.75
CA PHE A 1444 28.49 40.79 -82.18
C PHE A 1444 28.11 41.05 -83.64
N VAL A 1445 27.37 42.12 -83.89
CA VAL A 1445 26.93 42.47 -85.23
C VAL A 1445 28.03 43.18 -86.02
N GLU A 1446 28.05 42.96 -87.34
CA GLU A 1446 29.12 43.47 -88.19
C GLU A 1446 29.10 44.99 -88.34
N GLY A 1447 27.95 45.61 -88.11
CA GLY A 1447 27.80 47.04 -88.29
C GLY A 1447 27.70 47.86 -87.01
N ALA A 1448 28.09 47.26 -85.89
CA ALA A 1448 27.94 47.90 -84.58
C ALA A 1448 28.79 49.16 -84.41
N ILE A 1449 28.15 50.25 -84.00
CA ILE A 1449 28.83 51.51 -83.71
C ILE A 1449 29.20 51.57 -82.22
N ALA A 1450 30.47 51.81 -81.93
CA ALA A 1450 30.97 51.70 -80.56
C ALA A 1450 31.56 52.99 -80.00
N CYS A 1451 31.46 53.16 -78.69
CA CYS A 1451 31.99 54.35 -78.01
C CYS A 1451 32.29 54.03 -76.56
N GLY A 1452 33.03 54.91 -75.89
CA GLY A 1452 33.35 54.69 -74.50
C GLY A 1452 33.49 55.97 -73.70
N HIS A 1453 33.34 55.84 -72.39
CA HIS A 1453 33.40 56.99 -71.50
C HIS A 1453 34.70 56.97 -70.71
N SER A 1454 35.56 57.95 -70.98
CA SER A 1454 36.89 58.03 -70.38
C SER A 1454 37.73 56.78 -70.64
N VAL A 1455 38.12 56.11 -69.57
CA VAL A 1455 38.97 54.92 -69.63
C VAL A 1455 38.30 53.79 -70.43
N GLY A 1456 36.97 53.84 -70.53
CA GLY A 1456 36.22 52.83 -71.26
C GLY A 1456 36.44 52.89 -72.76
N GLU A 1457 36.87 54.06 -73.24
CA GLU A 1457 37.11 54.25 -74.67
C GLU A 1457 38.26 53.39 -75.17
N TYR A 1458 39.27 53.19 -74.32
CA TYR A 1458 40.40 52.33 -74.67
C TYR A 1458 39.94 50.88 -74.83
N THR A 1459 39.01 50.46 -73.98
CA THR A 1459 38.45 49.12 -74.07
C THR A 1459 37.56 49.01 -75.29
N ALA A 1460 36.85 50.09 -75.59
CA ALA A 1460 35.98 50.14 -76.76
C ALA A 1460 36.74 49.83 -78.04
N LEU A 1461 37.85 50.53 -78.24
CA LEU A 1461 38.70 50.32 -79.41
C LEU A 1461 39.32 48.93 -79.39
N ALA A 1462 39.66 48.45 -78.19
CA ALA A 1462 40.27 47.14 -78.03
C ALA A 1462 39.33 46.02 -78.47
N CYS A 1463 38.10 46.06 -77.97
CA CYS A 1463 37.13 45.01 -78.25
C CYS A 1463 36.70 44.97 -79.71
N VAL A 1464 36.20 46.09 -80.23
CA VAL A 1464 35.62 46.11 -81.56
C VAL A 1464 36.65 46.14 -82.70
N SER A 1465 37.64 47.01 -82.60
CA SER A 1465 38.62 47.18 -83.68
C SER A 1465 39.94 46.45 -83.48
N GLY A 1466 40.13 45.85 -82.30
CA GLY A 1466 41.38 45.18 -81.97
C GLY A 1466 42.61 46.04 -82.21
N VAL A 1467 42.60 47.25 -81.67
CA VAL A 1467 43.66 48.22 -81.94
C VAL A 1467 44.93 47.94 -81.12
N TYR A 1468 44.84 47.01 -80.18
CA TYR A 1468 46.03 46.60 -79.43
C TYR A 1468 45.89 45.20 -78.83
N GLU A 1469 47.03 44.62 -78.46
CA GLU A 1469 47.06 43.32 -77.80
C GLU A 1469 46.44 43.43 -76.41
N LEU A 1470 46.03 42.30 -75.86
CA LEU A 1470 45.48 42.26 -74.51
C LEU A 1470 46.48 42.77 -73.48
N GLU A 1471 47.75 42.43 -73.67
CA GLU A 1471 48.81 42.93 -72.81
C GLU A 1471 49.13 44.39 -73.13
N ALA A 1472 48.93 44.76 -74.39
CA ALA A 1472 49.18 46.12 -74.84
C ALA A 1472 48.13 47.07 -74.26
N LEU A 1473 46.90 46.60 -74.16
CA LEU A 1473 45.81 47.39 -73.59
C LEU A 1473 46.05 47.69 -72.12
N LEU A 1474 46.51 46.68 -71.39
CA LEU A 1474 46.71 46.83 -69.95
C LEU A 1474 48.00 47.60 -69.62
N GLU A 1475 48.84 47.81 -70.63
CA GLU A 1475 50.03 48.64 -70.44
C GLU A 1475 49.65 50.11 -70.42
N VAL A 1476 49.09 50.58 -71.54
CA VAL A 1476 48.61 51.95 -71.67
C VAL A 1476 47.70 52.34 -70.51
N VAL A 1477 46.71 51.49 -70.24
CA VAL A 1477 45.73 51.74 -69.19
C VAL A 1477 46.35 51.83 -67.79
N PHE A 1478 47.31 50.96 -67.52
CA PHE A 1478 48.01 50.99 -66.23
C PHE A 1478 48.83 52.27 -66.09
N HIS A 1479 49.59 52.58 -67.12
CA HIS A 1479 50.44 53.78 -67.13
C HIS A 1479 49.59 55.04 -67.09
N ARG A 1480 48.44 55.00 -67.75
CA ARG A 1480 47.51 56.12 -67.75
C ARG A 1480 46.97 56.35 -66.34
N GLY A 1481 46.83 55.28 -65.58
CA GLY A 1481 46.43 55.37 -64.19
C GLY A 1481 47.53 56.01 -63.37
N SER A 1482 48.75 55.50 -63.51
CA SER A 1482 49.91 56.03 -62.80
C SER A 1482 50.19 57.47 -63.21
N LYS A 1483 49.80 57.82 -64.43
CA LYS A 1483 49.97 59.18 -64.94
C LYS A 1483 48.97 60.13 -64.30
N MET A 1484 47.79 59.61 -63.94
CA MET A 1484 46.74 60.44 -63.36
C MET A 1484 47.00 60.81 -61.90
N HIS A 1485 47.89 60.09 -61.24
CA HIS A 1485 48.18 60.34 -59.83
C HIS A 1485 49.17 61.48 -59.58
N ASP A 1486 50.15 61.63 -60.46
CA ASP A 1486 51.23 62.59 -60.24
C ASP A 1486 51.03 63.96 -60.92
N ILE A 1487 49.88 64.15 -61.54
CA ILE A 1487 49.65 65.35 -62.35
C ILE A 1487 49.39 66.66 -61.59
N VAL A 1488 48.75 66.56 -60.42
CA VAL A 1488 48.27 67.77 -59.74
C VAL A 1488 48.93 67.98 -58.37
N PRO A 1489 49.19 69.26 -58.03
CA PRO A 1489 49.82 69.63 -56.75
C PRO A 1489 49.03 69.18 -55.53
N ARG A 1490 49.74 68.83 -54.47
CA ARG A 1490 49.11 68.36 -53.23
C ARG A 1490 49.72 69.02 -52.01
N ASP A 1491 49.05 68.86 -50.87
CA ASP A 1491 49.58 69.33 -49.59
C ASP A 1491 50.40 68.25 -48.91
N GLU A 1492 50.77 68.48 -47.66
CA GLU A 1492 51.44 67.46 -46.86
C GLU A 1492 50.50 66.29 -46.58
N LEU A 1493 49.22 66.60 -46.45
CA LEU A 1493 48.21 65.60 -46.17
C LEU A 1493 47.64 65.02 -47.46
N GLY A 1494 48.14 65.51 -48.59
CA GLY A 1494 47.65 65.08 -49.89
C GLY A 1494 46.38 65.82 -50.26
N ARG A 1495 46.18 66.97 -49.63
CA ARG A 1495 45.00 67.80 -49.89
C ARG A 1495 45.05 68.42 -51.28
N SER A 1496 43.90 68.82 -51.78
CA SER A 1496 43.81 69.53 -53.05
C SER A 1496 43.04 70.82 -52.90
N ASN A 1497 43.45 71.83 -53.65
CA ASN A 1497 42.74 73.10 -53.67
C ASN A 1497 41.54 73.00 -54.62
N TYR A 1498 41.44 71.87 -55.32
CA TYR A 1498 40.37 71.67 -56.28
C TYR A 1498 39.55 70.42 -55.98
N ARG A 1499 38.49 70.24 -56.77
CA ARG A 1499 37.62 69.06 -56.66
C ARG A 1499 36.66 68.98 -57.85
N LEU A 1500 35.79 67.98 -57.85
CA LEU A 1500 34.81 67.80 -58.92
C LEU A 1500 33.40 67.77 -58.34
N ALA A 1501 32.42 68.18 -59.14
CA ALA A 1501 31.03 68.19 -58.68
C ALA A 1501 30.01 67.86 -59.78
N ALA A 1502 29.01 67.06 -59.42
CA ALA A 1502 28.03 66.59 -60.38
C ALA A 1502 26.75 67.44 -60.34
N ILE A 1503 26.40 68.03 -61.49
CA ILE A 1503 25.26 68.94 -61.60
C ILE A 1503 24.05 68.25 -62.23
N ARG A 1504 22.86 68.49 -61.68
CA ARG A 1504 21.61 68.19 -62.38
C ARG A 1504 20.83 69.49 -62.61
N PRO A 1505 20.82 69.97 -63.85
CA PRO A 1505 20.15 71.23 -64.22
C PRO A 1505 18.63 71.18 -64.07
N SER A 1506 18.10 69.97 -63.93
CA SER A 1506 16.65 69.76 -63.85
C SER A 1506 16.07 70.14 -62.48
N GLN A 1507 14.79 69.79 -62.30
CA GLN A 1507 14.00 70.10 -61.10
C GLN A 1507 13.57 71.57 -61.05
N ILE A 1508 14.20 72.40 -61.85
CA ILE A 1508 13.88 73.82 -61.95
C ILE A 1508 13.95 74.17 -63.42
N ASP A 1509 13.53 75.38 -63.79
CA ASP A 1509 13.65 75.75 -65.19
C ASP A 1509 15.03 76.36 -65.36
N LEU A 1510 15.88 75.58 -66.00
CA LEU A 1510 17.28 75.93 -66.22
C LEU A 1510 17.68 75.13 -67.45
N ASP A 1511 18.57 75.66 -68.26
CA ASP A 1511 18.99 74.94 -69.45
C ASP A 1511 20.50 74.70 -69.45
N ASP A 1512 20.98 74.01 -70.47
CA ASP A 1512 22.41 73.78 -70.61
C ASP A 1512 23.13 75.10 -70.85
N ALA A 1513 22.48 75.99 -71.60
CA ALA A 1513 23.01 77.32 -71.85
C ALA A 1513 22.95 78.16 -70.59
N ASP A 1514 21.97 77.88 -69.73
CA ASP A 1514 21.82 78.59 -68.47
C ASP A 1514 22.89 78.16 -67.47
N VAL A 1515 23.18 76.86 -67.46
CA VAL A 1515 24.23 76.33 -66.62
C VAL A 1515 25.59 76.87 -67.07
N LYS A 1516 25.85 76.77 -68.37
CA LYS A 1516 27.08 77.28 -68.96
C LYS A 1516 27.28 78.76 -68.65
N ASP A 1517 26.20 79.52 -68.79
CA ASP A 1517 26.21 80.95 -68.46
C ASP A 1517 26.63 81.20 -67.01
N PHE A 1518 25.82 80.70 -66.08
CA PHE A 1518 26.07 80.88 -64.65
C PHE A 1518 27.47 80.45 -64.22
N VAL A 1519 27.97 79.36 -64.79
CA VAL A 1519 29.31 78.90 -64.49
C VAL A 1519 30.36 79.85 -65.04
N ALA A 1520 30.15 80.31 -66.28
CA ALA A 1520 31.09 81.22 -66.92
C ALA A 1520 31.18 82.55 -66.20
N GLU A 1521 30.05 83.00 -65.65
CA GLU A 1521 30.00 84.27 -64.92
C GLU A 1521 30.77 84.19 -63.61
N ILE A 1522 30.46 83.19 -62.80
CA ILE A 1522 31.10 83.01 -61.50
C ILE A 1522 32.58 82.64 -61.66
N SER A 1523 32.93 82.15 -62.84
CA SER A 1523 34.33 81.87 -63.16
C SER A 1523 35.09 83.17 -63.38
N GLU A 1524 34.48 84.09 -64.10
CA GLU A 1524 35.09 85.40 -64.37
C GLU A 1524 34.98 86.31 -63.16
N ARG A 1525 33.82 86.28 -62.50
CA ARG A 1525 33.55 87.14 -61.36
C ARG A 1525 34.55 86.99 -60.22
N THR A 1526 34.54 85.82 -59.59
CA THR A 1526 35.42 85.56 -58.44
C THR A 1526 36.89 85.51 -58.83
N GLY A 1527 37.15 85.31 -60.12
CA GLY A 1527 38.51 85.20 -60.61
C GLY A 1527 39.08 83.84 -60.32
N GLU A 1528 38.24 82.96 -59.78
CA GLU A 1528 38.64 81.60 -59.48
C GLU A 1528 38.52 80.74 -60.72
N PHE A 1529 38.76 79.43 -60.55
CA PHE A 1529 38.70 78.50 -61.67
C PHE A 1529 37.48 77.60 -61.57
N LEU A 1530 36.58 77.72 -62.54
CA LEU A 1530 35.42 76.85 -62.63
C LEU A 1530 35.21 76.39 -64.06
N GLU A 1531 35.24 75.08 -64.27
CA GLU A 1531 35.17 74.50 -65.61
C GLU A 1531 34.08 73.43 -65.66
N ILE A 1532 33.31 73.38 -66.74
CA ILE A 1532 32.42 72.24 -66.89
C ILE A 1532 33.27 71.11 -67.44
N VAL A 1533 33.46 70.06 -66.65
CA VAL A 1533 34.35 68.96 -67.03
C VAL A 1533 33.70 67.92 -67.93
N ASN A 1534 32.49 67.52 -67.59
CA ASN A 1534 31.80 66.49 -68.34
C ASN A 1534 30.40 66.92 -68.78
N PHE A 1535 30.14 66.77 -70.07
CA PHE A 1535 28.80 66.89 -70.59
C PHE A 1535 28.33 65.47 -70.77
N ASN A 1536 27.41 65.05 -69.91
CA ASN A 1536 26.99 63.66 -69.87
C ASN A 1536 25.58 63.48 -70.39
N LEU A 1537 24.62 64.06 -69.67
CA LEU A 1537 23.23 63.99 -70.12
C LEU A 1537 22.72 65.38 -70.41
N ARG A 1538 21.79 65.47 -71.37
CA ARG A 1538 21.29 66.74 -71.87
C ARG A 1538 20.85 67.68 -70.76
N GLY A 1539 19.76 67.31 -70.08
CA GLY A 1539 19.24 68.09 -68.97
C GLY A 1539 19.42 67.42 -67.62
N SER A 1540 20.31 66.43 -67.58
CA SER A 1540 20.44 65.61 -66.37
C SER A 1540 21.82 65.66 -65.71
N GLN A 1541 22.85 65.19 -66.42
CA GLN A 1541 24.16 65.09 -65.79
C GLN A 1541 25.27 65.97 -66.37
N TYR A 1542 25.95 66.68 -65.47
CA TYR A 1542 27.08 67.53 -65.81
C TYR A 1542 28.10 67.46 -64.68
N ALA A 1543 29.38 67.45 -65.03
CA ALA A 1543 30.43 67.41 -64.03
C ALA A 1543 31.32 68.67 -64.13
N ILE A 1544 31.70 69.22 -62.98
CA ILE A 1544 32.44 70.50 -62.91
C ILE A 1544 33.63 70.45 -61.95
N ALA A 1545 34.81 70.76 -62.45
CA ALA A 1545 36.00 70.84 -61.61
C ALA A 1545 36.65 72.21 -61.64
N GLY A 1546 37.38 72.51 -60.57
CA GLY A 1546 38.09 73.76 -60.41
C GLY A 1546 38.31 74.02 -58.94
N THR A 1547 38.56 75.27 -58.57
CA THR A 1547 38.79 75.63 -57.19
C THR A 1547 37.59 75.22 -56.32
N VAL A 1548 37.88 74.65 -55.16
CA VAL A 1548 36.84 74.25 -54.22
C VAL A 1548 35.86 75.38 -53.87
N ALA A 1549 36.38 76.60 -53.74
CA ALA A 1549 35.54 77.77 -53.47
C ALA A 1549 34.63 78.04 -54.66
N GLY A 1550 35.15 77.79 -55.86
CA GLY A 1550 34.37 77.91 -57.07
C GLY A 1550 33.27 76.86 -57.12
N LEU A 1551 33.59 75.64 -56.68
CA LEU A 1551 32.59 74.59 -56.58
C LEU A 1551 31.54 74.91 -55.55
N GLU A 1552 31.97 75.57 -54.47
CA GLU A 1552 31.07 75.99 -53.41
C GLU A 1552 30.20 77.16 -53.89
N ALA A 1553 30.82 78.11 -54.58
CA ALA A 1553 30.09 79.29 -55.04
C ALA A 1553 29.07 78.90 -56.10
N LEU A 1554 29.41 77.87 -56.86
CA LEU A 1554 28.50 77.40 -57.90
C LEU A 1554 27.36 76.63 -57.24
N GLU A 1555 27.67 75.84 -56.23
CA GLU A 1555 26.65 75.17 -55.44
C GLU A 1555 25.66 76.19 -54.89
N GLU A 1556 26.21 77.27 -54.35
CA GLU A 1556 25.45 78.35 -53.75
C GLU A 1556 24.49 79.03 -54.73
N GLU A 1557 24.95 79.22 -55.96
CA GLU A 1557 24.16 79.93 -56.97
C GLU A 1557 22.83 79.24 -57.29
N ILE A 1558 22.89 77.95 -57.59
CA ILE A 1558 21.67 77.21 -57.95
C ILE A 1558 20.73 77.08 -56.75
N GLU A 1559 21.28 77.11 -55.55
CA GLU A 1559 20.46 77.04 -54.34
C GLU A 1559 19.68 78.33 -54.21
N ARG A 1560 20.28 79.42 -54.67
CA ARG A 1560 19.61 80.72 -54.70
C ARG A 1560 18.68 80.82 -55.90
N ARG A 1561 19.15 80.35 -57.06
CA ARG A 1561 18.36 80.40 -58.29
C ARG A 1561 17.11 79.52 -58.20
N ARG A 1562 17.29 78.28 -57.77
CA ARG A 1562 16.15 77.40 -57.55
C ARG A 1562 15.37 77.89 -56.34
N GLN A 1563 14.08 78.11 -56.54
CA GLN A 1563 13.22 78.71 -55.51
C GLN A 1563 12.86 77.73 -54.41
N ILE A 1564 12.90 76.43 -54.74
CA ILE A 1564 12.43 75.40 -53.83
C ILE A 1564 13.52 74.71 -52.99
N THR A 1565 14.77 75.14 -53.13
CA THR A 1565 15.85 74.41 -52.50
C THR A 1565 15.92 74.73 -51.02
N GLY A 1566 15.67 73.74 -50.17
CA GLY A 1566 16.11 73.78 -48.80
C GLY A 1566 17.25 72.83 -48.50
N GLY A 1567 17.47 71.88 -49.40
CA GLY A 1567 18.41 70.79 -49.17
C GLY A 1567 19.67 70.77 -50.00
N LYS A 1568 19.98 71.88 -50.66
CA LYS A 1568 21.05 71.95 -51.65
C LYS A 1568 20.84 70.89 -52.73
N ARG A 1569 19.75 71.04 -53.46
CA ARG A 1569 19.39 70.07 -54.50
C ARG A 1569 20.28 70.21 -55.73
N SER A 1570 20.28 69.16 -56.55
CA SER A 1570 20.84 69.21 -57.90
C SER A 1570 22.38 69.25 -57.94
N PHE A 1571 23.01 69.36 -56.78
CA PHE A 1571 24.47 69.39 -56.72
C PHE A 1571 25.07 68.28 -55.86
N ILE A 1572 25.85 67.41 -56.51
CA ILE A 1572 26.57 66.34 -55.83
C ILE A 1572 28.06 66.53 -55.99
N LEU A 1573 28.76 66.68 -54.86
CA LEU A 1573 30.20 66.75 -54.86
C LEU A 1573 30.80 65.36 -54.98
N VAL A 1574 31.87 65.26 -55.75
CA VAL A 1574 32.53 63.98 -55.99
C VAL A 1574 33.62 63.67 -54.97
N PRO A 1575 33.45 62.58 -54.22
CA PRO A 1575 34.51 62.14 -53.31
C PRO A 1575 35.67 61.52 -54.08
N GLY A 1576 36.90 61.76 -53.63
CA GLY A 1576 38.06 61.07 -54.15
C GLY A 1576 38.79 61.70 -55.33
N ILE A 1577 38.14 62.60 -56.06
CA ILE A 1577 38.81 63.26 -57.17
C ILE A 1577 39.38 64.60 -56.74
N ASP A 1578 40.70 64.66 -56.66
CA ASP A 1578 41.42 65.86 -56.25
C ASP A 1578 41.97 66.66 -57.43
N VAL A 1579 41.81 66.12 -58.63
CA VAL A 1579 42.39 66.72 -59.83
C VAL A 1579 41.35 67.39 -60.69
N PRO A 1580 41.57 68.67 -61.03
CA PRO A 1580 40.70 69.36 -61.99
C PRO A 1580 41.05 68.96 -63.42
N PHE A 1581 41.09 67.66 -63.68
CA PHE A 1581 41.38 67.15 -65.03
C PHE A 1581 40.18 67.34 -65.95
N HIS A 1582 40.43 67.26 -67.26
CA HIS A 1582 39.45 67.61 -68.29
C HIS A 1582 39.11 69.08 -68.23
N SER A 1583 40.09 69.87 -67.80
CA SER A 1583 40.00 71.32 -67.78
C SER A 1583 41.20 71.87 -68.51
N SER A 1584 41.41 73.18 -68.43
CA SER A 1584 42.51 73.81 -69.15
C SER A 1584 43.85 73.66 -68.43
N VAL A 1585 43.84 73.02 -67.27
CA VAL A 1585 45.05 72.89 -66.44
C VAL A 1585 45.92 71.67 -66.78
N LEU A 1586 45.38 70.72 -67.51
CA LEU A 1586 46.05 69.42 -67.69
C LEU A 1586 46.86 69.24 -68.98
N ARG A 1587 46.85 70.26 -69.85
CA ARG A 1587 47.40 70.10 -71.21
C ARG A 1587 48.91 69.85 -71.31
N VAL A 1588 49.63 69.94 -70.18
CA VAL A 1588 51.08 69.81 -70.20
C VAL A 1588 51.59 68.40 -70.45
N GLY A 1589 51.02 67.42 -69.74
CA GLY A 1589 51.52 66.06 -69.73
C GLY A 1589 51.07 65.16 -70.87
N VAL A 1590 50.60 65.75 -71.97
CA VAL A 1590 50.12 64.98 -73.11
C VAL A 1590 51.24 64.40 -73.97
N ALA A 1591 52.24 65.23 -74.26
CA ALA A 1591 53.33 64.85 -75.17
C ALA A 1591 54.05 63.57 -74.75
N ASP A 1592 54.17 63.35 -73.45
CA ASP A 1592 54.81 62.13 -72.95
C ASP A 1592 53.90 60.93 -73.12
N PHE A 1593 52.59 61.16 -72.94
CA PHE A 1593 51.60 60.10 -73.10
C PHE A 1593 51.31 59.87 -74.58
N ARG A 1594 51.48 60.91 -75.39
CA ARG A 1594 51.26 60.82 -76.83
C ARG A 1594 52.32 59.93 -77.47
N ARG A 1595 53.53 59.97 -76.93
CA ARG A 1595 54.60 59.11 -77.39
C ARG A 1595 54.41 57.69 -76.86
N SER A 1596 53.95 57.58 -75.63
CA SER A 1596 53.70 56.28 -75.00
C SER A 1596 52.66 55.49 -75.78
N LEU A 1597 51.67 56.20 -76.30
CA LEU A 1597 50.62 55.56 -77.10
C LEU A 1597 51.18 55.01 -78.41
N GLU A 1598 51.97 55.81 -79.11
CA GLU A 1598 52.54 55.42 -80.39
C GLU A 1598 53.46 54.21 -80.25
N ARG A 1599 53.99 53.99 -79.06
CA ARG A 1599 54.84 52.84 -78.79
C ARG A 1599 54.01 51.56 -78.63
N VAL A 1600 52.90 51.67 -77.89
CA VAL A 1600 52.06 50.52 -77.62
C VAL A 1600 50.97 50.34 -78.69
N MET A 1601 50.80 51.36 -79.53
CA MET A 1601 49.80 51.30 -80.60
C MET A 1601 50.46 51.47 -81.97
N PRO A 1602 50.87 50.34 -82.57
CA PRO A 1602 51.58 50.32 -83.87
C PRO A 1602 50.68 50.69 -85.04
N ARG A 1603 51.24 50.59 -86.25
CA ARG A 1603 50.56 51.09 -87.45
C ARG A 1603 49.79 50.04 -88.23
N ASP A 1604 49.79 48.78 -87.77
CA ASP A 1604 49.02 47.77 -88.46
C ASP A 1604 47.72 47.54 -87.70
N LYS A 1605 46.63 48.08 -88.23
CA LYS A 1605 45.34 48.14 -87.53
C LYS A 1605 44.23 48.21 -88.58
N ASP A 1606 43.00 47.98 -88.16
CA ASP A 1606 41.86 48.04 -89.09
C ASP A 1606 41.21 49.42 -89.11
N PRO A 1607 41.33 50.14 -90.23
CA PRO A 1607 40.74 51.46 -90.41
C PRO A 1607 39.21 51.45 -90.36
N GLU A 1608 38.60 50.48 -91.03
CA GLU A 1608 37.15 50.45 -91.19
C GLU A 1608 36.40 50.17 -89.88
N LEU A 1609 36.92 49.23 -89.09
CA LEU A 1609 36.29 48.89 -87.81
C LEU A 1609 36.15 50.11 -86.91
N ILE A 1610 37.10 51.03 -87.01
CA ILE A 1610 37.02 52.29 -86.27
C ILE A 1610 36.14 53.34 -86.95
N ILE A 1611 36.26 53.47 -88.27
CA ILE A 1611 35.63 54.59 -88.97
C ILE A 1611 34.10 54.48 -88.99
N GLY A 1612 33.46 55.50 -88.43
CA GLY A 1612 32.01 55.61 -88.41
C GLY A 1612 31.42 54.86 -87.24
N ARG A 1613 32.16 53.86 -86.76
CA ARG A 1613 31.77 53.09 -85.59
C ARG A 1613 32.19 53.75 -84.28
N TYR A 1614 33.32 54.44 -84.31
CA TYR A 1614 33.95 54.97 -83.10
C TYR A 1614 33.71 56.47 -82.88
N ILE A 1615 33.24 56.80 -81.68
CA ILE A 1615 33.01 58.19 -81.29
C ILE A 1615 33.99 58.59 -80.20
N PRO A 1616 35.00 59.40 -80.55
CA PRO A 1616 35.93 59.87 -79.52
C PRO A 1616 35.26 60.75 -78.47
N ASN A 1617 36.04 61.14 -77.47
CA ASN A 1617 35.58 62.01 -76.39
C ASN A 1617 35.83 63.46 -76.75
N LEU A 1618 37.11 63.78 -76.94
CA LEU A 1618 37.55 65.07 -77.45
C LEU A 1618 36.79 65.47 -78.71
N VAL A 1619 36.41 64.47 -79.51
CA VAL A 1619 35.66 64.69 -80.74
C VAL A 1619 34.34 63.92 -80.74
N PRO A 1620 33.25 64.61 -80.35
CA PRO A 1620 31.89 64.11 -80.16
C PRO A 1620 31.29 63.45 -81.40
N ARG A 1621 31.93 63.63 -82.55
CA ARG A 1621 31.37 63.19 -83.81
C ARG A 1621 32.14 61.98 -84.35
N PRO A 1622 31.47 61.13 -85.15
CA PRO A 1622 32.02 59.79 -85.40
C PRO A 1622 33.34 59.84 -86.16
N PHE A 1623 34.20 58.86 -85.90
CA PHE A 1623 35.50 58.80 -86.55
C PHE A 1623 35.36 58.59 -88.04
N THR A 1624 35.96 59.48 -88.82
CA THR A 1624 36.15 59.29 -90.25
C THR A 1624 37.41 60.04 -90.62
N LEU A 1625 38.20 59.49 -91.53
CA LEU A 1625 39.43 60.18 -91.94
C LEU A 1625 39.12 61.07 -93.13
N ASP A 1626 39.12 62.37 -92.89
CA ASP A 1626 38.79 63.36 -93.90
C ASP A 1626 39.45 64.67 -93.54
N ARG A 1627 39.62 65.55 -94.52
CA ARG A 1627 40.21 66.86 -94.29
C ARG A 1627 39.32 67.67 -93.35
N ASP A 1628 38.02 67.40 -93.39
CA ASP A 1628 37.06 68.07 -92.52
C ASP A 1628 37.24 67.65 -91.07
N PHE A 1629 37.36 66.34 -90.85
CA PHE A 1629 37.46 65.78 -89.51
C PHE A 1629 38.75 66.16 -88.80
N ILE A 1630 39.88 66.00 -89.51
CA ILE A 1630 41.19 66.32 -88.96
C ILE A 1630 41.27 67.79 -88.54
N GLN A 1631 40.55 68.64 -89.25
CA GLN A 1631 40.52 70.06 -88.91
C GLN A 1631 39.77 70.31 -87.61
N GLU A 1632 38.66 69.60 -87.42
CA GLU A 1632 37.87 69.71 -86.20
C GLU A 1632 38.70 69.35 -84.97
N ILE A 1633 39.57 68.36 -85.14
CA ILE A 1633 40.47 67.96 -84.07
C ILE A 1633 41.43 69.10 -83.73
N ARG A 1634 42.14 69.58 -84.74
CA ARG A 1634 43.09 70.70 -84.59
C ARG A 1634 42.47 71.91 -83.90
N ASP A 1635 41.24 72.22 -84.27
CA ASP A 1635 40.52 73.35 -83.67
C ASP A 1635 40.34 73.15 -82.17
N LEU A 1636 39.87 71.96 -81.79
CA LEU A 1636 39.67 71.63 -80.39
C LEU A 1636 41.02 71.42 -79.71
N VAL A 1637 41.91 70.72 -80.39
CA VAL A 1637 43.25 70.47 -79.87
C VAL A 1637 44.37 70.83 -80.86
N PRO A 1638 44.94 72.03 -80.73
CA PRO A 1638 46.09 72.42 -81.57
C PRO A 1638 47.23 71.44 -81.41
N ALA A 1639 47.74 70.92 -82.53
CA ALA A 1639 48.78 69.89 -82.49
C ALA A 1639 49.69 69.92 -83.72
N GLU A 1640 50.95 69.57 -83.51
CA GLU A 1640 51.96 69.54 -84.57
C GLU A 1640 51.78 68.44 -85.64
N PRO A 1641 51.51 67.19 -85.24
CA PRO A 1641 51.32 66.18 -86.29
C PRO A 1641 50.07 66.45 -87.11
N LEU A 1642 49.07 67.08 -86.51
CA LEU A 1642 47.80 67.34 -87.18
C LEU A 1642 47.81 68.55 -88.11
N ASP A 1643 48.43 69.64 -87.67
CA ASP A 1643 48.38 70.90 -88.42
C ASP A 1643 49.08 70.81 -89.77
N GLU A 1644 50.09 69.95 -89.87
CA GLU A 1644 50.80 69.75 -91.11
C GLU A 1644 49.95 68.97 -92.12
N VAL A 1645 49.34 67.88 -91.65
CA VAL A 1645 48.46 67.06 -92.48
C VAL A 1645 47.35 67.90 -93.09
N LEU A 1646 46.83 68.84 -92.29
CA LEU A 1646 45.82 69.77 -92.76
C LEU A 1646 46.38 70.74 -93.79
N ALA A 1647 47.63 71.14 -93.58
CA ALA A 1647 48.29 72.08 -94.49
C ALA A 1647 48.39 71.50 -95.90
N ASP A 1648 48.96 70.31 -96.01
CA ASP A 1648 48.97 69.61 -97.30
C ASP A 1648 48.13 68.33 -97.25
N TYR A 1649 46.98 68.38 -97.90
CA TYR A 1649 46.11 67.21 -98.05
C TYR A 1649 46.36 66.56 -99.41
N ASP A 1650 47.37 67.07 -100.10
CA ASP A 1650 47.71 66.66 -101.47
C ASP A 1650 48.66 65.46 -101.47
N THR A 1651 48.82 64.88 -100.29
CA THR A 1651 49.63 63.69 -100.04
C THR A 1651 48.86 62.44 -100.46
N TRP A 1652 47.82 62.66 -101.26
CA TRP A 1652 46.77 61.70 -101.61
C TRP A 1652 47.20 60.28 -101.96
N ARG A 1653 48.47 60.11 -102.34
CA ARG A 1653 48.99 58.79 -102.71
C ARG A 1653 48.63 57.71 -101.68
N ASN A 1654 48.28 56.52 -102.19
CA ASN A 1654 47.60 55.49 -101.41
C ASN A 1654 48.35 54.87 -100.23
N GLU A 1655 49.62 55.22 -100.05
CA GLU A 1655 50.38 54.72 -98.91
C GLU A 1655 49.91 55.38 -97.61
N LYS A 1656 49.34 56.57 -97.74
CA LYS A 1656 48.95 57.41 -96.59
C LYS A 1656 47.76 56.98 -95.70
N PRO A 1657 46.61 56.61 -96.27
CA PRO A 1657 45.36 56.54 -95.50
C PRO A 1657 45.41 55.78 -94.17
N LYS A 1658 46.02 54.59 -94.16
CA LYS A 1658 46.13 53.82 -92.92
C LYS A 1658 47.04 54.55 -91.96
N GLU A 1659 48.14 55.07 -92.49
CA GLU A 1659 49.11 55.83 -91.70
C GLU A 1659 48.48 57.09 -91.13
N LEU A 1660 47.52 57.66 -91.86
CA LEU A 1660 46.80 58.83 -91.39
C LEU A 1660 45.85 58.48 -90.25
N CYS A 1661 45.07 57.42 -90.45
CA CYS A 1661 44.14 56.96 -89.43
C CYS A 1661 44.86 56.57 -88.15
N ARG A 1662 46.05 56.00 -88.29
CA ARG A 1662 46.80 55.51 -87.15
C ARG A 1662 47.27 56.64 -86.23
N LYS A 1663 47.60 57.79 -86.80
CA LYS A 1663 48.00 58.95 -86.01
C LYS A 1663 46.81 59.73 -85.47
N VAL A 1664 45.76 59.82 -86.27
CA VAL A 1664 44.53 60.50 -85.87
C VAL A 1664 43.90 59.79 -84.67
N VAL A 1665 43.90 58.46 -84.71
CA VAL A 1665 43.39 57.65 -83.60
C VAL A 1665 44.17 57.92 -82.31
N ILE A 1666 45.50 57.98 -82.43
CA ILE A 1666 46.36 58.22 -81.28
C ILE A 1666 46.23 59.64 -80.75
N GLU A 1667 46.06 60.60 -81.67
CA GLU A 1667 45.87 62.00 -81.29
C GLU A 1667 44.61 62.17 -80.45
N LEU A 1668 43.56 61.44 -80.80
CA LEU A 1668 42.29 61.52 -80.09
C LEU A 1668 42.41 60.93 -78.69
N LEU A 1669 43.18 59.85 -78.56
CA LEU A 1669 43.35 59.15 -77.28
C LEU A 1669 44.30 59.90 -76.36
N ALA A 1670 45.34 60.49 -76.92
CA ALA A 1670 46.35 61.20 -76.15
C ALA A 1670 45.80 62.49 -75.56
N TRP A 1671 45.01 63.22 -76.35
CA TRP A 1671 44.45 64.48 -75.91
C TRP A 1671 43.06 64.31 -75.30
N GLN A 1672 42.61 63.06 -75.22
CA GLN A 1672 41.39 62.74 -74.50
C GLN A 1672 41.61 63.06 -73.03
N PHE A 1673 42.88 62.98 -72.61
CA PHE A 1673 43.31 63.38 -71.28
C PHE A 1673 42.88 64.81 -70.97
N ALA A 1674 43.07 65.69 -71.95
CA ALA A 1674 42.82 67.12 -71.76
C ALA A 1674 41.36 67.51 -71.99
N SER A 1675 40.89 67.31 -73.22
CA SER A 1675 39.53 67.73 -73.59
C SER A 1675 38.45 67.04 -72.78
N PRO A 1676 37.40 67.80 -72.42
CA PRO A 1676 36.21 67.28 -71.74
C PRO A 1676 35.56 66.14 -72.52
N VAL A 1677 35.09 65.12 -71.82
CA VAL A 1677 34.33 64.04 -72.45
C VAL A 1677 32.92 64.53 -72.72
N ARG A 1678 32.49 64.47 -73.98
CA ARG A 1678 31.11 64.83 -74.28
C ARG A 1678 30.29 63.57 -74.47
N TRP A 1679 29.51 63.21 -73.45
CA TRP A 1679 28.57 62.10 -73.54
C TRP A 1679 27.21 62.52 -74.11
N ILE A 1680 26.79 63.75 -73.81
CA ILE A 1680 25.56 64.30 -74.38
C ILE A 1680 25.58 64.19 -75.88
N GLU A 1681 26.61 64.78 -76.47
CA GLU A 1681 26.77 64.86 -77.91
C GLU A 1681 26.94 63.47 -78.49
N THR A 1682 27.64 62.62 -77.75
CA THR A 1682 27.81 61.21 -78.14
C THR A 1682 26.46 60.53 -78.30
N GLN A 1683 25.59 60.72 -77.32
CA GLN A 1683 24.25 60.17 -77.39
C GLN A 1683 23.47 60.84 -78.52
N ASP A 1684 23.43 62.17 -78.50
CA ASP A 1684 22.69 62.92 -79.50
C ASP A 1684 23.17 62.65 -80.92
N LEU A 1685 24.48 62.47 -81.08
CA LEU A 1685 25.06 62.13 -82.38
C LEU A 1685 24.48 60.86 -82.95
N LEU A 1686 24.34 59.84 -82.10
CA LEU A 1686 23.71 58.58 -82.50
C LEU A 1686 22.34 58.84 -83.08
N PHE A 1687 21.58 59.73 -82.45
CA PHE A 1687 20.27 60.12 -82.98
C PHE A 1687 20.40 60.83 -84.33
N ILE A 1688 21.38 61.72 -84.44
CA ILE A 1688 21.61 62.47 -85.67
C ILE A 1688 21.92 61.54 -86.84
N GLU A 1689 22.79 60.57 -86.61
CA GLU A 1689 23.23 59.64 -87.65
C GLU A 1689 22.11 58.67 -88.05
N GLU A 1690 21.37 58.19 -87.06
CA GLU A 1690 20.24 57.31 -87.33
C GLU A 1690 19.20 58.07 -88.16
N ALA A 1691 18.71 59.20 -87.64
CA ALA A 1691 17.68 60.00 -88.30
C ALA A 1691 17.99 60.25 -89.77
N ALA A 1692 19.25 60.52 -90.08
CA ALA A 1692 19.66 60.70 -91.46
C ALA A 1692 19.81 59.35 -92.20
N GLY A 1693 20.07 58.30 -91.43
CA GLY A 1693 20.26 56.98 -91.99
C GLY A 1693 19.10 56.04 -91.75
N GLY A 1694 18.00 56.57 -91.24
CA GLY A 1694 16.81 55.78 -90.93
C GLY A 1694 16.71 55.47 -89.44
N LEU A 1695 15.48 55.47 -88.94
CA LEU A 1695 15.27 55.42 -87.51
C LEU A 1695 14.93 54.03 -86.95
N GLY A 1696 14.93 53.01 -87.82
CA GLY A 1696 14.48 51.69 -87.43
C GLY A 1696 15.25 51.06 -86.28
N VAL A 1697 14.71 49.96 -85.76
CA VAL A 1697 15.01 49.45 -84.42
C VAL A 1697 16.50 49.41 -84.08
N GLU A 1698 16.82 49.91 -82.89
CA GLU A 1698 18.20 49.93 -82.43
C GLU A 1698 18.31 49.22 -81.09
N ARG A 1699 19.47 48.62 -80.81
CA ARG A 1699 19.70 47.97 -79.52
C ARG A 1699 20.94 48.57 -78.89
N PHE A 1700 20.82 49.05 -77.66
CA PHE A 1700 21.96 49.66 -76.98
C PHE A 1700 22.47 48.75 -75.87
N VAL A 1701 23.67 48.21 -76.06
CA VAL A 1701 24.23 47.26 -75.11
C VAL A 1701 25.47 47.80 -74.43
N GLU A 1702 25.51 47.69 -73.11
CA GLU A 1702 26.65 48.13 -72.32
C GLU A 1702 27.41 46.92 -71.78
N ILE A 1703 28.73 46.98 -71.84
CA ILE A 1703 29.57 45.83 -71.50
C ILE A 1703 30.57 46.20 -70.41
N GLY A 1704 31.21 45.22 -69.79
CA GLY A 1704 32.03 45.46 -68.63
C GLY A 1704 31.39 44.98 -67.34
N VAL A 1705 30.36 44.15 -67.49
CA VAL A 1705 29.61 43.59 -66.35
C VAL A 1705 29.01 44.69 -65.46
N LYS A 1706 29.44 44.77 -64.21
CA LYS A 1706 28.76 45.63 -63.24
C LYS A 1706 28.80 47.12 -63.55
N SER A 1707 29.60 47.50 -64.55
CA SER A 1707 29.66 48.89 -64.99
C SER A 1707 28.54 49.19 -65.97
N ALA A 1708 27.91 48.14 -66.48
CA ALA A 1708 26.82 48.25 -67.47
C ALA A 1708 25.55 49.03 -67.09
N PRO A 1709 25.12 48.98 -65.81
CA PRO A 1709 23.90 49.75 -65.56
C PRO A 1709 24.05 51.27 -65.72
N THR A 1710 25.25 51.79 -65.47
CA THR A 1710 25.46 53.25 -65.44
C THR A 1710 25.12 54.04 -66.70
N VAL A 1711 25.92 53.87 -67.76
CA VAL A 1711 25.72 54.68 -68.97
C VAL A 1711 24.44 54.29 -69.72
N ALA A 1712 23.89 53.15 -69.34
CA ALA A 1712 22.58 52.73 -69.81
C ALA A 1712 21.48 53.54 -69.12
N GLY A 1713 21.61 53.68 -67.81
CA GLY A 1713 20.73 54.55 -67.04
C GLY A 1713 20.92 55.99 -67.47
N LEU A 1714 22.13 56.31 -67.91
CA LEU A 1714 22.41 57.60 -68.52
C LEU A 1714 21.66 57.70 -69.84
N ALA A 1715 21.65 56.61 -70.60
CA ALA A 1715 20.96 56.59 -71.89
C ALA A 1715 19.45 56.56 -71.67
N THR A 1716 19.00 55.73 -70.74
CA THR A 1716 17.58 55.58 -70.42
C THR A 1716 16.88 56.92 -70.15
N ASN A 1717 17.45 57.72 -69.26
CA ASN A 1717 16.90 59.04 -68.93
C ASN A 1717 17.02 60.01 -70.09
N THR A 1718 18.01 59.75 -70.93
CA THR A 1718 18.20 60.53 -72.14
C THR A 1718 17.22 60.09 -73.21
N LEU A 1719 16.83 58.81 -73.16
CA LEU A 1719 15.89 58.28 -74.15
C LEU A 1719 14.52 58.84 -73.84
N LYS A 1720 14.38 59.35 -72.62
CA LYS A 1720 13.10 59.83 -72.17
C LYS A 1720 12.96 61.27 -72.64
N LEU A 1721 13.80 62.14 -72.08
CA LEU A 1721 13.61 63.59 -72.26
C LEU A 1721 13.70 64.16 -73.69
N PRO A 1722 14.87 64.07 -74.37
CA PRO A 1722 14.77 64.51 -75.77
C PRO A 1722 14.03 63.55 -76.70
N GLU A 1723 14.10 62.25 -76.41
CA GLU A 1723 13.71 61.20 -77.38
C GLU A 1723 12.24 60.75 -77.33
N TYR A 1724 11.42 61.59 -76.71
CA TYR A 1724 10.02 61.33 -76.43
C TYR A 1724 9.20 60.89 -77.66
N SER A 1725 9.85 60.86 -78.82
CA SER A 1725 9.24 60.65 -80.13
C SER A 1725 8.52 59.32 -80.27
N HIS A 1726 8.55 58.52 -79.20
CA HIS A 1726 8.02 57.16 -79.20
C HIS A 1726 8.76 56.24 -80.18
N SER A 1727 10.01 55.90 -79.84
CA SER A 1727 10.78 54.96 -80.66
C SER A 1727 10.94 53.62 -79.95
N THR A 1728 11.11 52.56 -80.74
CA THR A 1728 11.34 51.22 -80.20
C THR A 1728 12.82 51.15 -79.98
N VAL A 1729 13.24 51.08 -78.72
CA VAL A 1729 14.65 51.06 -78.38
C VAL A 1729 14.86 50.05 -77.26
N GLU A 1730 15.98 49.35 -77.30
CA GLU A 1730 16.28 48.38 -76.25
C GLU A 1730 17.58 48.71 -75.53
N VAL A 1731 17.47 48.96 -74.23
CA VAL A 1731 18.61 49.23 -73.37
C VAL A 1731 19.01 47.94 -72.66
N LEU A 1732 20.19 47.42 -72.97
CA LEU A 1732 20.63 46.15 -72.41
C LEU A 1732 21.96 46.28 -71.69
N ASN A 1733 22.06 45.58 -70.55
CA ASN A 1733 23.27 45.63 -69.73
C ASN A 1733 23.90 44.25 -69.57
N SER A 1734 25.22 44.19 -69.63
CA SER A 1734 25.94 42.93 -69.48
C SER A 1734 25.72 42.31 -68.11
N GLU A 1735 25.82 43.13 -67.07
CA GLU A 1735 25.55 42.71 -65.71
C GLU A 1735 24.11 42.20 -65.57
N ARG A 1736 23.16 43.12 -65.73
CA ARG A 1736 21.75 42.85 -65.47
C ARG A 1736 21.05 41.96 -66.50
N ASP A 1737 21.19 42.33 -67.77
CA ASP A 1737 20.35 41.81 -68.85
C ASP A 1737 20.86 40.58 -69.60
N ALA A 1738 21.92 39.96 -69.08
CA ALA A 1738 22.67 38.92 -69.81
C ALA A 1738 21.82 37.87 -70.52
N ALA A 1739 20.70 37.48 -69.93
CA ALA A 1739 19.76 36.57 -70.59
C ALA A 1739 19.29 37.10 -71.94
N VAL A 1740 19.17 38.41 -72.05
CA VAL A 1740 18.75 39.05 -73.29
C VAL A 1740 19.89 39.16 -74.30
N LEU A 1741 21.09 39.37 -73.80
CA LEU A 1741 22.28 39.51 -74.65
C LEU A 1741 22.53 38.24 -75.44
N PHE A 1742 22.60 37.11 -74.73
CA PHE A 1742 22.86 35.82 -75.35
C PHE A 1742 21.58 35.22 -75.90
N ALA A 1743 20.48 35.96 -75.75
CA ALA A 1743 19.18 35.59 -76.30
C ALA A 1743 18.54 34.37 -75.65
N THR A 1744 19.24 33.77 -74.70
CA THR A 1744 18.73 32.59 -74.02
C THR A 1744 17.55 32.95 -73.12
N ASP A 1745 16.41 32.31 -73.38
CA ASP A 1745 15.19 32.52 -72.61
C ASP A 1745 14.09 31.56 -73.06
N SER A 1983 -10.43 17.17 -27.16
CA SER A 1983 -10.28 16.27 -28.29
C SER A 1983 -10.21 14.81 -27.83
N ALA A 1984 -9.25 14.53 -26.96
CA ALA A 1984 -9.07 13.17 -26.46
C ALA A 1984 -9.61 13.01 -25.04
N ALA A 1985 -10.42 11.97 -24.84
CA ALA A 1985 -11.04 11.70 -23.54
C ALA A 1985 -10.02 11.17 -22.53
N LEU A 1986 -8.79 10.97 -23.00
CA LEU A 1986 -7.73 10.35 -22.21
C LEU A 1986 -7.26 11.15 -20.98
N GLY A 1987 -7.80 12.35 -20.80
CA GLY A 1987 -7.35 13.26 -19.76
C GLY A 1987 -7.16 12.70 -18.36
N GLU A 1988 -8.04 11.80 -17.94
CA GLU A 1988 -7.94 11.19 -16.62
C GLU A 1988 -6.94 10.03 -16.61
N PHE A 1989 -6.57 9.56 -17.80
CA PHE A 1989 -5.57 8.52 -17.93
C PHE A 1989 -4.17 9.11 -17.83
N ALA A 1990 -4.10 10.44 -17.92
CA ALA A 1990 -2.86 11.17 -17.69
C ALA A 1990 -2.63 11.31 -16.19
N GLU A 1991 -3.72 11.50 -15.47
CA GLU A 1991 -3.68 11.61 -14.01
C GLU A 1991 -3.35 10.24 -13.40
N LYS A 1992 -3.82 9.19 -14.05
CA LYS A 1992 -3.62 7.83 -13.55
C LYS A 1992 -2.17 7.37 -13.76
N VAL A 1993 -1.43 8.10 -14.59
CA VAL A 1993 0.00 7.84 -14.77
C VAL A 1993 0.79 8.49 -13.63
N THR A 1994 0.37 9.68 -13.24
CA THR A 1994 1.06 10.46 -12.21
C THR A 1994 1.10 9.75 -10.86
N GLY A 1995 0.01 9.09 -10.50
CA GLY A 1995 -0.12 8.43 -9.21
C GLY A 1995 0.93 7.37 -8.92
N PRO A 1996 1.03 6.34 -9.79
CA PRO A 1996 2.05 5.30 -9.65
C PRO A 1996 3.47 5.86 -9.73
N ASP A 1997 3.65 6.96 -10.45
CA ASP A 1997 4.94 7.63 -10.49
C ASP A 1997 5.34 8.06 -9.08
N GLY A 1998 4.37 8.59 -8.33
CA GLY A 1998 4.57 8.93 -6.94
C GLY A 1998 4.78 7.69 -6.10
N VAL A 1999 4.04 6.63 -6.43
CA VAL A 1999 4.20 5.34 -5.78
C VAL A 1999 5.57 4.76 -6.13
N LEU A 2000 5.99 4.97 -7.37
CA LEU A 2000 7.30 4.52 -7.83
C LEU A 2000 8.42 5.29 -7.15
N ALA A 2001 8.32 6.61 -7.17
CA ALA A 2001 9.34 7.48 -6.60
C ALA A 2001 9.51 7.27 -5.10
N SER A 2002 8.40 7.17 -4.38
CA SER A 2002 8.45 6.97 -2.94
C SER A 2002 9.04 5.61 -2.57
N ALA A 2003 8.67 4.58 -3.34
CA ALA A 2003 9.18 3.24 -3.09
C ALA A 2003 10.66 3.14 -3.44
N ALA A 2004 11.07 3.88 -4.46
CA ALA A 2004 12.46 3.86 -4.93
C ALA A 2004 13.40 4.43 -3.88
N ARG A 2005 12.92 5.42 -3.12
CA ARG A 2005 13.73 6.06 -2.09
C ARG A 2005 13.93 5.14 -0.89
N LEU A 2006 13.00 4.20 -0.71
CA LEU A 2006 13.08 3.25 0.40
C LEU A 2006 14.17 2.21 0.15
N VAL A 2007 14.32 1.81 -1.10
CA VAL A 2007 15.30 0.80 -1.48
C VAL A 2007 16.66 1.47 -1.75
N LEU A 2008 16.70 2.78 -1.56
CA LEU A 2008 17.92 3.57 -1.76
C LEU A 2008 18.46 3.47 -3.18
N ASN A 2009 17.56 3.30 -4.14
CA ASN A 2009 17.94 3.33 -5.54
C ASN A 2009 18.12 4.77 -5.97
N GLN A 2010 19.33 5.11 -6.39
CA GLN A 2010 19.70 6.50 -6.60
C GLN A 2010 19.44 6.99 -8.02
N LEU A 2011 18.59 8.00 -8.13
CA LEU A 2011 18.27 8.61 -9.41
C LEU A 2011 18.92 9.98 -9.51
N GLY A 2012 19.30 10.36 -10.72
CA GLY A 2012 20.07 11.57 -10.91
C GLY A 2012 21.46 11.38 -10.32
N LEU A 2013 22.15 10.34 -10.77
CA LEU A 2013 23.53 10.07 -10.36
C LEU A 2013 24.61 10.52 -11.36
N SER A 2014 24.21 11.08 -12.49
CA SER A 2014 25.18 11.38 -13.54
C SER A 2014 26.04 12.61 -13.24
N ASP A 2015 27.34 12.42 -13.17
CA ASP A 2015 28.26 13.50 -12.85
C ASP A 2015 29.32 13.61 -13.94
N VAL A 2016 30.33 14.44 -13.72
CA VAL A 2016 31.40 14.56 -14.69
C VAL A 2016 32.46 13.55 -14.32
N VAL A 2017 32.50 12.46 -15.08
CA VAL A 2017 33.44 11.36 -14.85
C VAL A 2017 34.09 10.86 -16.14
N THR A 2018 33.26 10.28 -17.01
CA THR A 2018 33.73 9.52 -18.17
C THR A 2018 33.88 10.35 -19.44
N THR A 2019 32.75 10.83 -19.96
CA THR A 2019 32.71 11.56 -21.23
C THR A 2019 33.76 12.67 -21.42
N PRO A 2020 33.88 13.61 -20.45
CA PRO A 2020 34.84 14.69 -20.66
C PRO A 2020 36.29 14.20 -20.68
N GLU A 2021 36.59 13.17 -19.90
CA GLU A 2021 37.92 12.55 -19.92
C GLU A 2021 38.15 11.95 -21.30
N ALA A 2022 37.13 11.28 -21.82
CA ALA A 2022 37.20 10.73 -23.18
C ALA A 2022 37.26 11.87 -24.18
N ALA A 2023 36.53 12.95 -23.91
CA ALA A 2023 36.55 14.13 -24.77
C ALA A 2023 37.92 14.78 -24.74
N THR A 2024 38.57 14.74 -23.57
CA THR A 2024 39.93 15.24 -23.44
C THR A 2024 40.89 14.33 -24.21
N ASP A 2025 40.67 13.03 -24.11
CA ASP A 2025 41.47 12.05 -24.85
C ASP A 2025 41.22 12.17 -26.35
N ALA A 2026 39.96 12.36 -26.72
CA ALA A 2026 39.59 12.51 -28.12
C ALA A 2026 40.09 13.83 -28.68
N GLU A 2027 40.32 14.81 -27.80
CA GLU A 2027 40.84 16.10 -28.20
C GLU A 2027 42.33 16.01 -28.53
N LEU A 2028 43.05 15.24 -27.72
CA LEU A 2028 44.48 15.07 -27.91
C LEU A 2028 44.79 14.29 -29.19
N ILE A 2029 44.02 13.24 -29.45
CA ILE A 2029 44.22 12.42 -30.64
C ILE A 2029 43.90 13.19 -31.91
N ASP A 2030 43.02 14.18 -31.80
CA ASP A 2030 42.69 15.04 -32.93
C ASP A 2030 43.82 16.02 -33.21
N LEU A 2031 44.45 16.51 -32.15
CA LEU A 2031 45.57 17.44 -32.27
C LEU A 2031 46.79 16.74 -32.85
N VAL A 2032 47.05 15.53 -32.39
CA VAL A 2032 48.16 14.73 -32.88
C VAL A 2032 47.99 14.42 -34.37
N THR A 2033 46.76 14.12 -34.76
CA THR A 2033 46.44 13.84 -36.16
C THR A 2033 46.60 15.11 -36.99
N ALA A 2034 46.21 16.25 -36.43
CA ALA A 2034 46.29 17.53 -37.12
C ALA A 2034 47.72 17.87 -37.53
N GLU A 2035 48.67 17.56 -36.65
CA GLU A 2035 50.07 17.82 -36.91
C GLU A 2035 50.68 16.87 -37.94
N LEU A 2036 50.49 15.57 -37.71
CA LEU A 2036 51.15 14.53 -38.50
C LEU A 2036 50.48 14.21 -39.84
N GLY A 2037 49.15 14.33 -39.88
CA GLY A 2037 48.40 14.03 -41.09
C GLY A 2037 47.63 12.71 -41.01
N SER A 2038 46.94 12.37 -42.09
CA SER A 2038 46.08 11.19 -42.12
C SER A 2038 46.83 9.87 -42.39
N ASP A 2039 47.78 9.90 -43.32
CA ASP A 2039 48.46 8.69 -43.78
C ASP A 2039 49.47 8.14 -42.79
N TRP A 2040 50.16 9.04 -42.08
CA TRP A 2040 51.20 8.65 -41.13
C TRP A 2040 50.75 7.70 -40.01
N PRO A 2041 49.61 7.98 -39.35
CA PRO A 2041 49.16 7.04 -38.32
C PRO A 2041 48.70 5.70 -38.89
N ARG A 2042 48.08 5.72 -40.07
CA ARG A 2042 47.55 4.50 -40.66
C ARG A 2042 48.62 3.57 -41.20
N LEU A 2043 49.69 4.15 -41.75
CA LEU A 2043 50.78 3.37 -42.32
C LEU A 2043 51.75 2.87 -41.26
N VAL A 2044 51.71 3.48 -40.08
CA VAL A 2044 52.65 3.13 -39.01
C VAL A 2044 52.13 1.96 -38.17
N ALA A 2045 50.95 1.46 -38.53
CA ALA A 2045 50.34 0.32 -37.86
C ALA A 2045 51.25 -0.90 -37.91
N PRO A 2046 51.28 -1.69 -36.82
CA PRO A 2046 52.16 -2.86 -36.75
C PRO A 2046 51.80 -3.94 -37.77
N THR A 2047 52.81 -4.68 -38.21
CA THR A 2047 52.63 -5.74 -39.20
C THR A 2047 53.23 -7.05 -38.72
N PHE A 2048 54.55 -7.03 -38.50
CA PHE A 2048 55.29 -8.23 -38.10
C PHE A 2048 54.77 -8.92 -36.85
N ASP A 2049 54.68 -10.24 -36.92
CA ASP A 2049 54.42 -11.08 -35.75
C ASP A 2049 55.27 -12.34 -35.88
N ALA A 2050 55.71 -12.87 -34.75
CA ALA A 2050 56.70 -13.95 -34.75
C ALA A 2050 56.20 -15.31 -35.27
N ARG A 2051 54.89 -15.43 -35.45
CA ARG A 2051 54.26 -16.70 -35.82
C ARG A 2051 54.02 -16.93 -37.32
N LYS A 2052 54.24 -15.89 -38.13
CA LYS A 2052 53.98 -16.01 -39.57
C LYS A 2052 55.24 -16.36 -40.39
N ALA A 2053 56.37 -16.56 -39.73
CA ALA A 2053 57.63 -16.85 -40.42
C ALA A 2053 57.64 -18.18 -41.16
N VAL A 2054 58.33 -18.22 -42.31
CA VAL A 2054 58.48 -19.44 -43.08
C VAL A 2054 59.94 -19.71 -43.50
N VAL A 2055 60.40 -20.91 -43.19
CA VAL A 2055 61.78 -21.30 -43.36
C VAL A 2055 61.88 -22.39 -44.42
N PHE A 2056 62.72 -22.16 -45.43
CA PHE A 2056 63.03 -23.21 -46.37
C PHE A 2056 64.51 -23.55 -46.24
N ASP A 2057 64.78 -24.65 -45.55
CA ASP A 2057 66.11 -25.23 -45.49
C ASP A 2057 66.27 -26.46 -46.38
N ASP A 2058 65.24 -26.86 -47.11
CA ASP A 2058 65.42 -28.06 -47.93
C ASP A 2058 65.87 -27.75 -49.36
N ARG A 2059 67.12 -28.08 -49.63
CA ARG A 2059 67.62 -28.32 -50.98
C ARG A 2059 67.38 -29.77 -51.45
N TRP A 2060 67.58 -30.72 -50.54
CA TRP A 2060 67.52 -32.16 -50.84
C TRP A 2060 66.24 -32.56 -51.54
N ALA A 2061 65.14 -31.95 -51.11
CA ALA A 2061 63.83 -32.23 -51.67
C ALA A 2061 63.64 -31.52 -53.01
N SER A 2062 64.08 -30.26 -53.07
CA SER A 2062 63.86 -29.44 -54.26
C SER A 2062 64.82 -29.79 -55.40
N ALA A 2063 65.97 -30.35 -55.07
CA ALA A 2063 66.96 -30.74 -56.07
C ALA A 2063 66.53 -31.98 -56.83
N ARG A 2064 65.87 -32.90 -56.12
CA ARG A 2064 65.40 -34.14 -56.72
C ARG A 2064 64.30 -33.91 -57.75
N GLU A 2065 63.35 -33.05 -57.39
CA GLU A 2065 62.26 -32.70 -58.29
C GLU A 2065 62.77 -31.88 -59.45
N ASP A 2066 63.86 -31.15 -59.21
CA ASP A 2066 64.45 -30.30 -60.24
C ASP A 2066 65.13 -31.11 -61.34
N LEU A 2067 65.76 -32.21 -60.95
CA LEU A 2067 66.47 -33.06 -61.89
C LEU A 2067 65.54 -33.85 -62.79
N VAL A 2068 64.53 -34.47 -62.20
CA VAL A 2068 63.58 -35.30 -62.95
C VAL A 2068 62.80 -34.47 -63.96
N LYS A 2069 62.63 -33.18 -63.67
CA LYS A 2069 61.95 -32.26 -64.58
C LYS A 2069 62.84 -31.96 -65.78
N LEU A 2070 64.15 -31.92 -65.54
CA LEU A 2070 65.12 -31.72 -66.61
C LEU A 2070 65.16 -32.97 -67.47
N TRP A 2071 65.33 -34.12 -66.81
CA TRP A 2071 65.48 -35.41 -67.47
C TRP A 2071 64.33 -35.74 -68.43
N LEU A 2072 63.10 -35.44 -68.01
CA LEU A 2072 61.92 -35.72 -68.82
C LEU A 2072 61.76 -34.72 -69.96
N ALA A 2073 62.05 -33.45 -69.68
CA ALA A 2073 61.80 -32.38 -70.64
C ALA A 2073 62.98 -32.07 -71.55
N GLU A 2074 64.04 -32.88 -71.45
CA GLU A 2074 65.25 -32.63 -72.24
C GLU A 2074 64.98 -32.57 -73.75
N GLU A 2075 65.38 -31.46 -74.35
CA GLU A 2075 65.22 -31.26 -75.79
C GLU A 2075 66.55 -30.81 -76.41
N GLY A 2076 67.01 -29.63 -75.97
CA GLY A 2076 68.27 -29.07 -76.45
C GLY A 2076 69.45 -30.01 -76.24
N ASP A 2077 70.41 -29.97 -77.16
CA ASP A 2077 71.53 -30.89 -77.14
C ASP A 2077 72.62 -30.47 -76.17
N ILE A 2078 73.75 -31.16 -76.23
CA ILE A 2078 74.86 -30.95 -75.30
C ILE A 2078 75.53 -29.59 -75.44
N ASP A 2079 75.26 -28.89 -76.53
CA ASP A 2079 75.88 -27.60 -76.80
C ASP A 2079 75.31 -26.50 -75.91
N ALA A 2080 74.24 -26.80 -75.20
CA ALA A 2080 73.56 -25.82 -74.35
C ALA A 2080 74.43 -25.41 -73.17
N GLN A 2081 74.45 -24.12 -72.88
CA GLN A 2081 75.15 -23.60 -71.71
C GLN A 2081 74.26 -23.74 -70.47
N TRP A 2082 72.98 -23.99 -70.71
CA TRP A 2082 72.02 -24.18 -69.62
C TRP A 2082 72.30 -25.46 -68.86
N GLU A 2083 72.78 -26.47 -69.58
CA GLU A 2083 73.13 -27.75 -68.96
C GLU A 2083 74.29 -27.58 -67.99
N GLN A 2084 75.20 -26.68 -68.33
CA GLN A 2084 76.34 -26.38 -67.47
C GLN A 2084 75.89 -25.52 -66.29
N LEU A 2085 74.93 -24.64 -66.54
CA LEU A 2085 74.39 -23.78 -65.50
C LEU A 2085 73.55 -24.59 -64.51
N SER A 2086 72.75 -25.51 -65.05
CA SER A 2086 71.89 -26.35 -64.23
C SER A 2086 72.73 -27.36 -63.44
N GLN A 2087 73.87 -27.76 -64.00
CA GLN A 2087 74.77 -28.68 -63.32
C GLN A 2087 75.39 -28.01 -62.10
N ARG A 2088 75.61 -26.71 -62.21
CA ARG A 2088 76.14 -25.93 -61.09
C ARG A 2088 75.06 -25.71 -60.05
N PHE A 2089 73.81 -25.71 -60.47
CA PHE A 2089 72.68 -25.60 -59.56
C PHE A 2089 72.40 -26.94 -58.91
N GLU A 2090 72.75 -28.00 -59.62
CA GLU A 2090 72.59 -29.36 -59.12
C GLU A 2090 73.82 -29.76 -58.31
N GLY A 2091 74.75 -28.82 -58.16
CA GLY A 2091 75.97 -29.05 -57.38
C GLY A 2091 75.67 -29.28 -55.91
N THR A 2092 74.43 -29.05 -55.50
CA THR A 2092 74.01 -29.39 -54.16
C THR A 2092 74.04 -30.89 -54.08
N GLY A 2093 74.84 -31.44 -53.16
CA GLY A 2093 75.00 -32.87 -53.12
C GLY A 2093 75.30 -33.44 -51.74
N HIS A 2094 74.75 -34.62 -51.49
CA HIS A 2094 74.99 -35.37 -50.28
C HIS A 2094 74.55 -36.80 -50.56
N VAL A 2095 74.51 -37.64 -49.53
CA VAL A 2095 74.06 -39.02 -49.69
C VAL A 2095 72.63 -39.07 -50.22
N VAL A 2096 71.82 -38.09 -49.83
CA VAL A 2096 70.42 -38.02 -50.23
C VAL A 2096 70.24 -37.74 -51.73
N ALA A 2097 70.84 -36.65 -52.21
CA ALA A 2097 70.66 -36.23 -53.59
C ALA A 2097 71.38 -37.14 -54.56
N THR A 2098 72.45 -37.77 -54.08
CA THR A 2098 73.21 -38.71 -54.91
C THR A 2098 72.37 -39.96 -55.18
N GLN A 2099 71.66 -40.41 -54.15
CA GLN A 2099 70.79 -41.60 -54.27
C GLN A 2099 69.70 -41.38 -55.31
N ALA A 2100 69.35 -40.11 -55.53
CA ALA A 2100 68.38 -39.75 -56.56
C ALA A 2100 69.01 -39.82 -57.95
N ASN A 2101 70.03 -38.99 -58.16
CA ASN A 2101 70.72 -38.88 -59.44
C ASN A 2101 71.34 -40.20 -59.92
N TRP A 2102 72.06 -40.88 -59.03
CA TRP A 2102 72.76 -42.12 -59.38
C TRP A 2102 71.79 -43.21 -59.84
N TRP A 2103 70.52 -43.02 -59.51
CA TRP A 2103 69.49 -44.00 -59.78
C TRP A 2103 68.86 -43.80 -61.14
N GLN A 2104 68.22 -42.65 -61.33
CA GLN A 2104 67.58 -42.29 -62.59
C GLN A 2104 68.59 -42.36 -63.73
N GLY A 2105 69.87 -42.21 -63.40
CA GLY A 2105 70.94 -42.35 -64.37
C GLY A 2105 71.21 -43.82 -64.69
N LYS A 2106 71.27 -44.65 -63.66
CA LYS A 2106 71.55 -46.07 -63.84
C LYS A 2106 70.35 -46.78 -64.43
N ALA A 2107 69.17 -46.20 -64.25
CA ALA A 2107 67.94 -46.76 -64.81
C ALA A 2107 67.81 -46.39 -66.28
N LEU A 2108 68.54 -45.36 -66.70
CA LEU A 2108 68.51 -44.92 -68.09
C LEU A 2108 69.17 -45.94 -68.99
N ALA A 2109 68.58 -46.14 -70.18
CA ALA A 2109 69.05 -47.14 -71.13
C ALA A 2109 69.60 -46.52 -72.41
N ALA A 2110 69.92 -47.37 -73.36
CA ALA A 2110 70.52 -46.96 -74.64
C ALA A 2110 69.47 -46.64 -75.70
N GLY A 2111 68.21 -46.60 -75.27
CA GLY A 2111 67.05 -46.47 -76.16
C GLY A 2111 67.15 -45.42 -77.27
N ARG A 2112 67.70 -44.25 -76.96
CA ARG A 2112 67.79 -43.18 -77.95
C ARG A 2112 68.99 -42.26 -77.74
N ASN A 2113 69.11 -41.24 -78.61
CA ASN A 2113 70.20 -40.29 -78.55
C ASN A 2113 70.15 -39.45 -77.27
N VAL A 2114 68.93 -39.05 -76.90
CA VAL A 2114 68.72 -38.28 -75.67
C VAL A 2114 69.10 -39.12 -74.46
N HIS A 2115 68.80 -40.41 -74.53
CA HIS A 2115 69.10 -41.34 -73.46
C HIS A 2115 70.61 -41.58 -73.35
N ALA A 2116 71.31 -41.42 -74.47
CA ALA A 2116 72.76 -41.58 -74.49
C ALA A 2116 73.43 -40.34 -73.92
N SER A 2117 72.84 -39.18 -74.17
CA SER A 2117 73.38 -37.92 -73.66
C SER A 2117 73.04 -37.73 -72.19
N LEU A 2118 71.83 -38.12 -71.81
CA LEU A 2118 71.39 -37.98 -70.43
C LEU A 2118 72.17 -38.89 -69.50
N PHE A 2119 72.35 -40.14 -69.90
CA PHE A 2119 73.06 -41.12 -69.08
C PHE A 2119 74.51 -40.73 -68.83
N GLY A 2120 75.18 -40.24 -69.88
CA GLY A 2120 76.58 -39.83 -69.76
C GLY A 2120 76.73 -38.58 -68.91
N ARG A 2121 75.86 -37.59 -69.15
CA ARG A 2121 75.91 -36.34 -68.42
C ARG A 2121 75.53 -36.53 -66.96
N ILE A 2122 74.60 -37.44 -66.71
CA ILE A 2122 74.15 -37.71 -65.34
C ILE A 2122 75.22 -38.45 -64.53
N ALA A 2123 75.91 -39.38 -65.19
CA ALA A 2123 76.98 -40.12 -64.55
C ALA A 2123 78.13 -39.20 -64.19
N ALA A 2124 78.37 -38.20 -65.05
CA ALA A 2124 79.39 -37.20 -64.79
C ALA A 2124 78.94 -36.28 -63.67
N GLY A 2125 77.65 -35.96 -63.64
CA GLY A 2125 77.09 -35.11 -62.61
C GLY A 2125 77.03 -35.84 -61.27
N ALA A 2126 76.86 -37.15 -61.34
CA ALA A 2126 76.84 -37.99 -60.13
C ALA A 2126 78.23 -38.08 -59.54
N GLU A 2127 79.24 -38.04 -60.41
CA GLU A 2127 80.63 -38.09 -59.97
C GLU A 2127 81.07 -36.75 -59.40
N ASN A 2128 80.61 -35.67 -60.02
CA ASN A 2128 80.94 -34.33 -59.57
C ASN A 2128 80.19 -34.01 -58.28
N PRO A 2129 79.08 -34.69 -58.05
CA PRO A 2129 78.29 -34.51 -56.85
C PRO A 2129 78.99 -35.08 -55.62
N GLY A 2130 79.65 -36.22 -55.82
CA GLY A 2130 80.33 -36.91 -54.72
C GLY A 2130 81.42 -36.06 -54.08
N LYS A 2131 82.14 -35.30 -54.89
CA LYS A 2131 83.26 -34.49 -54.42
C LYS A 2131 82.87 -33.04 -54.13
N GLY A 2132 81.59 -32.72 -54.29
CA GLY A 2132 81.11 -31.35 -54.14
C GLY A 2132 81.43 -30.74 -52.78
N ARG A 2133 81.81 -29.48 -52.78
CA ARG A 2133 82.12 -28.74 -51.57
C ARG A 2133 81.07 -27.65 -51.35
N TYR A 2134 81.26 -26.84 -50.30
CA TYR A 2134 80.35 -25.75 -50.03
C TYR A 2134 81.06 -24.57 -49.35
N SER A 2135 80.42 -23.41 -49.41
CA SER A 2135 80.84 -22.24 -48.65
C SER A 2135 79.71 -21.88 -47.68
N ASP A 2136 79.92 -20.84 -46.89
CA ASP A 2136 78.87 -20.35 -46.01
C ASP A 2136 78.88 -18.82 -45.88
N GLU A 2137 77.70 -18.22 -46.05
CA GLU A 2137 77.50 -16.78 -45.84
C GLU A 2137 76.15 -16.54 -45.19
N VAL A 2138 76.12 -15.69 -44.16
CA VAL A 2138 74.86 -15.36 -43.50
C VAL A 2138 74.45 -13.91 -43.82
N ALA A 2139 73.39 -13.75 -44.60
CA ALA A 2139 73.00 -12.41 -45.03
C ALA A 2139 71.53 -12.06 -44.75
N VAL A 2140 71.28 -10.78 -44.54
CA VAL A 2140 69.91 -10.27 -44.39
C VAL A 2140 69.65 -9.23 -45.49
N VAL A 2141 68.71 -9.56 -46.39
CA VAL A 2141 68.42 -8.68 -47.52
C VAL A 2141 66.98 -8.18 -47.51
N THR A 2142 66.81 -6.86 -47.65
CA THR A 2142 65.49 -6.26 -47.74
C THR A 2142 65.33 -5.62 -49.13
N GLY A 2143 64.09 -5.50 -49.59
CA GLY A 2143 63.82 -4.99 -50.92
C GLY A 2143 64.23 -6.01 -51.97
N ALA A 2144 63.94 -7.28 -51.67
CA ALA A 2144 64.38 -8.41 -52.47
C ALA A 2144 63.40 -8.82 -53.56
N SER A 2145 62.36 -8.00 -53.77
CA SER A 2145 61.19 -8.43 -54.55
C SER A 2145 61.47 -8.67 -56.02
N LYS A 2146 60.43 -9.07 -56.74
CA LYS A 2146 60.57 -9.55 -58.12
C LYS A 2146 60.91 -8.44 -59.12
N GLY A 2147 61.79 -8.77 -60.07
CA GLY A 2147 62.20 -7.84 -61.10
C GLY A 2147 63.00 -6.69 -60.54
N SER A 2148 63.93 -7.01 -59.64
CA SER A 2148 64.74 -5.99 -58.99
C SER A 2148 66.21 -6.40 -58.93
N ILE A 2149 67.07 -5.45 -58.59
CA ILE A 2149 68.50 -5.70 -58.46
C ILE A 2149 68.79 -6.72 -57.36
N ALA A 2150 68.12 -6.55 -56.22
CA ALA A 2150 68.35 -7.42 -55.07
C ALA A 2150 67.92 -8.86 -55.31
N ALA A 2151 66.87 -9.04 -56.10
CA ALA A 2151 66.40 -10.38 -56.44
C ALA A 2151 67.47 -11.13 -57.22
N SER A 2152 68.19 -10.39 -58.05
CA SER A 2152 69.30 -10.96 -58.80
C SER A 2152 70.48 -11.21 -57.86
N VAL A 2153 70.56 -10.42 -56.79
CA VAL A 2153 71.58 -10.59 -55.78
C VAL A 2153 71.26 -11.80 -54.90
N VAL A 2154 69.99 -11.95 -54.55
CA VAL A 2154 69.54 -13.03 -53.68
C VAL A 2154 69.83 -14.42 -54.28
N GLY A 2155 69.37 -14.63 -55.51
CA GLY A 2155 69.60 -15.89 -56.20
C GLY A 2155 71.07 -16.17 -56.38
N GLN A 2156 71.86 -15.11 -56.53
CA GLN A 2156 73.30 -15.24 -56.69
C GLN A 2156 73.98 -15.56 -55.36
N LEU A 2157 73.45 -15.00 -54.28
CA LEU A 2157 73.92 -15.35 -52.94
C LEU A 2157 73.64 -16.82 -52.66
N LEU A 2158 72.43 -17.25 -53.03
CA LEU A 2158 72.05 -18.65 -52.93
C LEU A 2158 72.93 -19.50 -53.85
N ASP A 2159 73.38 -18.92 -54.95
CA ASP A 2159 74.29 -19.62 -55.85
C ASP A 2159 75.68 -19.76 -55.24
N GLY A 2160 75.98 -18.94 -54.24
CA GLY A 2160 77.28 -18.94 -53.59
C GLY A 2160 77.31 -19.72 -52.29
N GLY A 2161 76.29 -20.55 -52.08
CA GLY A 2161 76.23 -21.38 -50.89
C GLY A 2161 76.09 -20.59 -49.60
N ALA A 2162 75.13 -19.68 -49.57
CA ALA A 2162 74.97 -18.76 -48.45
C ALA A 2162 73.73 -19.12 -47.65
N THR A 2163 73.49 -18.36 -46.57
CA THR A 2163 72.25 -18.44 -45.82
C THR A 2163 71.64 -17.05 -45.87
N VAL A 2164 70.43 -16.94 -46.40
CA VAL A 2164 69.87 -15.63 -46.71
C VAL A 2164 68.51 -15.37 -46.06
N ILE A 2165 68.42 -14.24 -45.36
CA ILE A 2165 67.16 -13.76 -44.83
C ILE A 2165 66.52 -12.79 -45.81
N ALA A 2166 65.39 -13.20 -46.40
CA ALA A 2166 64.71 -12.39 -47.41
C ALA A 2166 63.40 -11.84 -46.86
N THR A 2167 63.24 -10.53 -46.94
CA THR A 2167 62.02 -9.87 -46.47
C THR A 2167 61.13 -9.47 -47.64
N THR A 2168 59.82 -9.61 -47.46
CA THR A 2168 58.87 -9.18 -48.46
C THR A 2168 57.76 -8.32 -47.84
N SER A 2169 57.48 -7.19 -48.47
CA SER A 2169 56.44 -6.29 -47.97
C SER A 2169 55.06 -6.91 -48.15
N ARG A 2170 54.82 -7.46 -49.35
CA ARG A 2170 53.57 -8.15 -49.62
C ARG A 2170 53.68 -9.63 -49.25
N LEU A 2171 52.83 -10.07 -48.33
CA LEU A 2171 52.90 -11.42 -47.80
C LEU A 2171 52.05 -12.40 -48.61
N ASP A 2172 51.36 -11.87 -49.62
CA ASP A 2172 50.45 -12.67 -50.43
C ASP A 2172 51.16 -13.84 -51.11
N ASP A 2173 50.43 -14.93 -51.32
CA ASP A 2173 51.02 -16.17 -51.84
C ASP A 2173 51.65 -16.02 -53.22
N ASP A 2174 51.30 -14.96 -53.94
CA ASP A 2174 51.89 -14.71 -55.25
C ASP A 2174 53.34 -14.26 -55.10
N ARG A 2175 53.63 -13.56 -53.99
CA ARG A 2175 54.98 -13.18 -53.65
C ARG A 2175 55.71 -14.35 -53.00
N LEU A 2176 54.95 -15.14 -52.25
CA LEU A 2176 55.50 -16.31 -51.55
C LEU A 2176 55.92 -17.38 -52.55
N ALA A 2177 55.11 -17.56 -53.60
CA ALA A 2177 55.40 -18.57 -54.60
C ALA A 2177 56.63 -18.20 -55.43
N PHE A 2178 56.88 -16.91 -55.57
CA PHE A 2178 58.00 -16.42 -56.36
C PHE A 2178 59.35 -16.79 -55.74
N TYR A 2179 59.48 -16.59 -54.44
CA TYR A 2179 60.72 -16.92 -53.75
C TYR A 2179 60.97 -18.42 -53.71
N LYS A 2180 59.89 -19.20 -53.73
CA LYS A 2180 60.01 -20.64 -53.82
C LYS A 2180 60.55 -21.03 -55.20
N GLN A 2181 60.07 -20.34 -56.22
CA GLN A 2181 60.56 -20.54 -57.59
C GLN A 2181 62.01 -20.12 -57.71
N LEU A 2182 62.35 -18.99 -57.07
CA LEU A 2182 63.70 -18.45 -57.11
C LEU A 2182 64.68 -19.35 -56.36
N TYR A 2183 64.22 -19.93 -55.26
CA TYR A 2183 65.06 -20.79 -54.44
C TYR A 2183 65.33 -22.13 -55.10
N ARG A 2184 64.27 -22.79 -55.57
CA ARG A 2184 64.38 -24.11 -56.18
C ARG A 2184 65.22 -24.12 -57.46
N ASP A 2185 65.54 -22.93 -57.96
CA ASP A 2185 66.43 -22.78 -59.12
C ASP A 2185 67.89 -22.59 -58.69
N HIS A 2186 68.13 -21.51 -57.96
CA HIS A 2186 69.48 -21.05 -57.66
C HIS A 2186 70.12 -21.59 -56.37
N ALA A 2187 69.44 -22.53 -55.69
CA ALA A 2187 69.97 -23.05 -54.43
C ALA A 2187 71.07 -24.12 -54.60
N ARG A 2188 72.16 -23.94 -53.86
CA ARG A 2188 73.25 -24.91 -53.83
C ARG A 2188 73.20 -25.70 -52.53
N PHE A 2189 74.23 -26.50 -52.32
CA PHE A 2189 74.43 -27.20 -51.05
C PHE A 2189 74.69 -26.17 -49.95
N ASP A 2190 74.38 -26.54 -48.70
CA ASP A 2190 74.57 -25.67 -47.55
C ASP A 2190 73.67 -24.43 -47.56
N ALA A 2191 72.87 -24.28 -48.62
CA ALA A 2191 72.01 -23.10 -48.78
C ALA A 2191 70.66 -23.22 -48.09
N THR A 2192 70.37 -22.22 -47.26
CA THR A 2192 69.11 -22.12 -46.54
C THR A 2192 68.52 -20.73 -46.75
N LEU A 2193 67.27 -20.65 -47.22
CA LEU A 2193 66.63 -19.37 -47.45
C LEU A 2193 65.48 -19.12 -46.47
N TRP A 2194 65.31 -17.86 -46.07
CA TRP A 2194 64.24 -17.49 -45.14
C TRP A 2194 63.42 -16.30 -45.66
N VAL A 2195 62.11 -16.51 -45.80
CA VAL A 2195 61.19 -15.49 -46.28
C VAL A 2195 60.27 -15.05 -45.15
N VAL A 2196 60.10 -13.74 -44.98
CA VAL A 2196 59.23 -13.22 -43.93
C VAL A 2196 58.44 -11.99 -44.35
N PRO A 2197 57.24 -11.81 -43.76
CA PRO A 2197 56.57 -10.51 -43.89
C PRO A 2197 57.33 -9.47 -43.10
N ALA A 2198 57.61 -8.32 -43.71
CA ALA A 2198 58.38 -7.29 -43.03
C ALA A 2198 58.02 -5.89 -43.51
N ASN A 2199 58.04 -4.93 -42.59
CA ASN A 2199 57.84 -3.54 -42.93
C ASN A 2199 58.94 -2.67 -42.35
N MET A 2200 59.76 -2.08 -43.21
CA MET A 2200 60.91 -1.29 -42.77
C MET A 2200 60.48 0.08 -42.23
N ALA A 2201 59.22 0.43 -42.47
CA ALA A 2201 58.68 1.70 -42.01
C ALA A 2201 58.33 1.63 -40.52
N SER A 2202 58.16 0.41 -40.01
CA SER A 2202 57.80 0.21 -38.62
C SER A 2202 59.02 -0.07 -37.75
N TYR A 2203 59.21 0.76 -36.72
CA TYR A 2203 60.29 0.54 -35.76
C TYR A 2203 60.04 -0.74 -34.96
N SER A 2204 58.77 -1.01 -34.69
CA SER A 2204 58.38 -2.22 -33.98
C SER A 2204 58.83 -3.45 -34.76
N ASP A 2205 58.57 -3.43 -36.07
CA ASP A 2205 58.98 -4.53 -36.95
C ASP A 2205 60.49 -4.76 -36.88
N ILE A 2206 61.26 -3.68 -37.03
CA ILE A 2206 62.72 -3.75 -36.98
C ILE A 2206 63.20 -4.39 -35.68
N ASP A 2207 62.68 -3.91 -34.56
CA ASP A 2207 63.05 -4.44 -33.25
C ASP A 2207 62.59 -5.89 -33.10
N LYS A 2208 61.36 -6.16 -33.50
CA LYS A 2208 60.81 -7.51 -33.40
C LYS A 2208 61.49 -8.50 -34.35
N LEU A 2209 61.88 -8.02 -35.54
CA LEU A 2209 62.50 -8.87 -36.54
C LEU A 2209 63.87 -9.35 -36.07
N VAL A 2210 64.72 -8.41 -35.67
CA VAL A 2210 66.08 -8.75 -35.27
C VAL A 2210 66.09 -9.47 -33.92
N GLU A 2211 65.05 -9.25 -33.12
CA GLU A 2211 64.89 -9.99 -31.88
C GLU A 2211 64.58 -11.44 -32.22
N TRP A 2212 63.98 -11.64 -33.39
CA TRP A 2212 63.74 -12.97 -33.93
C TRP A 2212 65.01 -13.51 -34.58
N VAL A 2213 65.72 -12.64 -35.29
CA VAL A 2213 66.95 -13.02 -35.98
C VAL A 2213 68.09 -13.39 -35.02
N GLY A 2214 68.05 -12.87 -33.80
CA GLY A 2214 69.19 -13.01 -32.90
C GLY A 2214 69.09 -13.90 -31.67
N THR A 2215 68.01 -14.66 -31.53
CA THR A 2215 67.78 -15.31 -30.23
C THR A 2215 68.42 -16.68 -29.99
N GLU A 2216 67.90 -17.72 -30.63
CA GLU A 2216 68.26 -19.09 -30.23
C GLU A 2216 68.75 -20.03 -31.34
N GLN A 2217 67.90 -20.23 -32.34
CA GLN A 2217 67.96 -21.38 -33.25
C GLN A 2217 67.71 -22.66 -32.47
N THR A 2218 66.48 -22.79 -32.01
CA THR A 2218 66.07 -23.93 -31.22
C THR A 2218 64.59 -24.19 -31.47
N GLU A 2219 64.18 -25.45 -31.44
CA GLU A 2219 62.76 -25.76 -31.60
C GLU A 2219 62.32 -26.68 -30.47
N SER A 2220 61.46 -26.16 -29.60
CA SER A 2220 61.01 -26.92 -28.44
C SER A 2220 59.73 -27.67 -28.72
N LEU A 2221 59.76 -29.00 -28.61
CA LEU A 2221 58.52 -29.75 -28.68
C LEU A 2221 58.06 -30.18 -27.29
N GLY A 2222 57.04 -29.49 -26.80
CA GLY A 2222 56.35 -29.86 -25.58
C GLY A 2222 55.02 -30.48 -25.97
N PRO A 2223 53.98 -30.27 -25.13
CA PRO A 2223 52.63 -30.62 -25.55
C PRO A 2223 52.27 -29.89 -26.84
N GLN A 2224 52.86 -28.72 -27.05
CA GLN A 2224 52.64 -27.92 -28.25
C GLN A 2224 53.92 -27.61 -29.03
N SER A 2225 53.77 -26.86 -30.11
CA SER A 2225 54.88 -26.52 -31.00
C SER A 2225 55.35 -25.07 -30.81
N ILE A 2226 56.55 -24.91 -30.26
CA ILE A 2226 57.15 -23.59 -30.06
C ILE A 2226 58.49 -23.52 -30.77
N HIS A 2227 58.61 -22.61 -31.73
CA HIS A 2227 59.89 -22.41 -32.42
C HIS A 2227 60.61 -21.21 -31.82
N LEU A 2228 61.69 -21.48 -31.10
CA LEU A 2228 62.49 -20.40 -30.53
C LEU A 2228 63.26 -19.69 -31.64
N LYS A 2229 63.34 -18.37 -31.52
CA LYS A 2229 63.80 -17.50 -32.60
C LYS A 2229 65.20 -17.85 -33.10
N ASP A 2230 65.33 -18.00 -34.41
CA ASP A 2230 66.56 -18.52 -35.01
C ASP A 2230 67.69 -17.50 -34.98
N ALA A 2231 68.83 -17.89 -34.40
CA ALA A 2231 69.95 -16.97 -34.24
C ALA A 2231 71.06 -17.19 -35.25
N GLN A 2232 71.19 -16.26 -36.19
CA GLN A 2232 72.27 -16.27 -37.16
C GLN A 2232 72.91 -14.89 -37.26
N THR A 2233 74.19 -14.80 -36.92
CA THR A 2233 74.87 -13.52 -36.90
C THR A 2233 75.15 -13.05 -38.33
N PRO A 2234 74.51 -11.94 -38.74
CA PRO A 2234 74.55 -11.50 -40.14
C PRO A 2234 75.95 -11.11 -40.61
N THR A 2235 76.37 -11.66 -41.75
CA THR A 2235 77.63 -11.27 -42.37
C THR A 2235 77.37 -10.03 -43.19
N LEU A 2236 76.50 -10.16 -44.19
CA LEU A 2236 76.15 -9.07 -45.08
C LEU A 2236 74.74 -8.55 -44.80
N LEU A 2237 74.58 -7.23 -44.86
CA LEU A 2237 73.26 -6.61 -44.72
C LEU A 2237 72.97 -5.75 -45.93
N PHE A 2238 71.80 -5.95 -46.54
CA PHE A 2238 71.46 -5.27 -47.78
C PHE A 2238 70.16 -4.49 -47.69
N PRO A 2239 70.23 -3.23 -47.24
CA PRO A 2239 69.01 -2.43 -47.13
C PRO A 2239 68.56 -1.88 -48.48
N PHE A 2240 68.10 -2.77 -49.36
CA PHE A 2240 67.61 -2.39 -50.68
C PHE A 2240 66.11 -2.07 -50.69
N ALA A 2241 65.50 -2.04 -49.50
CA ALA A 2241 64.08 -1.71 -49.39
C ALA A 2241 63.83 -0.35 -50.04
N ALA A 2242 62.91 -0.33 -51.01
CA ALA A 2242 62.70 0.83 -51.84
C ALA A 2242 61.23 1.19 -51.98
N PRO A 2243 60.72 2.04 -51.07
CA PRO A 2243 59.35 2.53 -51.21
C PRO A 2243 59.16 3.23 -52.54
N ARG A 2244 57.99 3.05 -53.14
CA ARG A 2244 57.70 3.60 -54.44
C ARG A 2244 56.59 4.62 -54.26
N VAL A 2245 56.43 5.52 -55.21
CA VAL A 2245 55.44 6.57 -55.04
C VAL A 2245 54.12 6.05 -55.58
N ALA A 2246 53.22 5.72 -54.65
CA ALA A 2246 51.84 5.38 -54.95
C ALA A 2246 50.96 6.06 -53.91
N GLY A 2247 50.14 6.99 -54.36
CA GLY A 2247 49.48 7.95 -53.49
C GLY A 2247 47.99 7.82 -53.21
N ASP A 2248 47.44 6.62 -53.37
CA ASP A 2248 45.98 6.42 -53.32
C ASP A 2248 45.26 7.11 -52.15
N MET A 2249 45.89 7.09 -50.98
CA MET A 2249 45.33 7.74 -49.79
C MET A 2249 45.50 9.27 -49.80
N SER A 2250 46.12 9.80 -50.86
CA SER A 2250 46.44 11.24 -51.01
C SER A 2250 47.78 11.65 -50.38
N GLU A 2251 48.54 10.66 -49.91
CA GLU A 2251 49.79 10.87 -49.17
C GLU A 2251 50.82 11.72 -49.91
N VAL A 2252 50.56 12.04 -51.18
CA VAL A 2252 51.49 12.75 -52.06
C VAL A 2252 52.12 13.99 -51.42
N GLY A 2253 53.44 14.12 -51.60
CA GLY A 2253 54.17 15.29 -51.17
C GLY A 2253 54.80 15.17 -49.79
N SER A 2254 54.25 14.29 -48.97
CA SER A 2254 54.79 14.06 -47.63
C SER A 2254 55.71 12.84 -47.58
N ARG A 2255 55.84 12.17 -48.72
CA ARG A 2255 56.53 10.88 -48.77
C ARG A 2255 58.05 11.02 -48.62
N ALA A 2256 58.61 12.03 -49.28
CA ALA A 2256 60.05 12.28 -49.19
C ALA A 2256 60.47 12.60 -47.76
N GLU A 2257 59.52 13.08 -46.96
CA GLU A 2257 59.76 13.35 -45.55
C GLU A 2257 59.76 12.05 -44.75
N MET A 2258 58.81 11.16 -45.06
CA MET A 2258 58.66 9.91 -44.33
C MET A 2258 59.75 8.91 -44.71
N GLU A 2259 60.12 8.88 -45.98
CA GLU A 2259 61.13 7.95 -46.46
C GLU A 2259 62.50 8.24 -45.88
N MET A 2260 62.71 9.47 -45.43
CA MET A 2260 63.97 9.83 -44.77
C MET A 2260 64.12 9.07 -43.45
N LYS A 2261 63.00 8.68 -42.87
CA LYS A 2261 63.02 7.79 -41.71
C LYS A 2261 63.44 6.41 -42.19
N VAL A 2262 62.76 5.92 -43.22
CA VAL A 2262 62.99 4.59 -43.76
C VAL A 2262 64.38 4.40 -44.36
N LEU A 2263 64.76 5.30 -45.26
CA LEU A 2263 66.01 5.13 -46.00
C LEU A 2263 67.25 5.35 -45.15
N LEU A 2264 67.12 6.11 -44.06
CA LEU A 2264 68.27 6.44 -43.23
C LEU A 2264 68.06 6.17 -41.75
N TRP A 2265 67.14 6.90 -41.14
CA TRP A 2265 66.89 6.81 -39.70
C TRP A 2265 66.54 5.39 -39.24
N ALA A 2266 65.62 4.74 -39.94
CA ALA A 2266 65.23 3.38 -39.61
C ALA A 2266 66.32 2.37 -39.97
N VAL A 2267 67.14 2.72 -40.97
CA VAL A 2267 68.32 1.92 -41.29
C VAL A 2267 69.30 2.07 -40.15
N GLN A 2268 69.47 3.30 -39.68
CA GLN A 2268 70.32 3.58 -38.54
C GLN A 2268 69.91 2.75 -37.33
N ARG A 2269 68.61 2.68 -37.07
CA ARG A 2269 68.10 1.84 -36.00
C ARG A 2269 68.25 0.36 -36.33
N LEU A 2270 68.26 0.05 -37.63
CA LEU A 2270 68.46 -1.34 -38.07
C LEU A 2270 69.92 -1.73 -37.86
N ILE A 2271 70.82 -0.81 -38.18
CA ILE A 2271 72.24 -1.00 -37.96
C ILE A 2271 72.54 -1.07 -36.47
N SER A 2272 71.89 -0.18 -35.71
CA SER A 2272 72.02 -0.16 -34.27
C SER A 2272 71.47 -1.44 -33.64
N GLY A 2273 70.35 -1.91 -34.18
CA GLY A 2273 69.71 -3.12 -33.68
C GLY A 2273 70.59 -4.35 -33.79
N LEU A 2274 71.17 -4.56 -34.96
CA LEU A 2274 72.05 -5.70 -35.18
C LEU A 2274 73.39 -5.50 -34.48
N SER A 2275 73.69 -4.26 -34.11
CA SER A 2275 74.90 -3.95 -33.35
C SER A 2275 74.73 -4.38 -31.90
N LYS A 2276 73.51 -4.21 -31.38
CA LYS A 2276 73.19 -4.62 -30.02
C LYS A 2276 73.28 -6.13 -29.88
N ILE A 2277 72.61 -6.84 -30.78
CA ILE A 2277 72.63 -8.30 -30.80
C ILE A 2277 74.06 -8.82 -30.85
N GLY A 2278 74.86 -8.23 -31.73
CA GLY A 2278 76.25 -8.63 -31.87
C GLY A 2278 77.07 -8.36 -30.63
N ALA A 2279 76.76 -7.27 -29.94
CA ALA A 2279 77.47 -6.91 -28.72
C ALA A 2279 76.98 -7.69 -27.51
N GLU A 2280 75.67 -7.85 -27.40
CA GLU A 2280 75.07 -8.58 -26.29
C GLU A 2280 75.45 -10.06 -26.33
N ARG A 2281 75.30 -10.67 -27.50
CA ARG A 2281 75.65 -12.08 -27.68
C ARG A 2281 77.15 -12.19 -27.95
N ASP A 2282 77.81 -11.04 -27.97
CA ASP A 2282 79.27 -10.98 -27.97
C ASP A 2282 79.94 -11.67 -29.15
N ILE A 2283 79.80 -11.06 -30.33
CA ILE A 2283 80.57 -11.49 -31.49
C ILE A 2283 81.49 -10.37 -31.96
N ALA A 2284 82.70 -10.73 -32.38
CA ALA A 2284 83.62 -9.76 -32.94
C ALA A 2284 83.45 -9.70 -34.45
N SER A 2285 82.58 -10.56 -34.96
CA SER A 2285 82.29 -10.62 -36.40
C SER A 2285 81.75 -9.29 -36.91
N ARG A 2286 82.33 -8.80 -37.99
CA ARG A 2286 81.89 -7.53 -38.57
C ARG A 2286 80.77 -7.74 -39.58
N LEU A 2287 79.61 -7.16 -39.29
CA LEU A 2287 78.51 -7.16 -40.24
C LEU A 2287 78.82 -6.17 -41.34
N HIS A 2288 78.85 -6.65 -42.57
CA HIS A 2288 79.14 -5.78 -43.70
C HIS A 2288 77.85 -5.24 -44.26
N VAL A 2289 77.62 -3.96 -44.07
CA VAL A 2289 76.41 -3.32 -44.56
C VAL A 2289 76.73 -2.59 -45.86
N VAL A 2290 76.18 -3.07 -46.95
CA VAL A 2290 76.37 -2.41 -48.23
C VAL A 2290 75.35 -1.28 -48.32
N LEU A 2291 75.84 -0.05 -48.38
CA LEU A 2291 74.97 1.11 -48.42
C LEU A 2291 74.62 1.47 -49.85
N PRO A 2292 73.35 1.28 -50.24
CA PRO A 2292 72.89 1.47 -51.61
C PRO A 2292 72.90 2.94 -52.02
N GLY A 2293 74.09 3.51 -52.14
CA GLY A 2293 74.22 4.90 -52.53
C GLY A 2293 73.75 5.15 -53.96
N SER A 2294 73.17 6.33 -54.17
CA SER A 2294 72.77 6.76 -55.50
C SER A 2294 73.97 7.28 -56.28
N PRO A 2295 74.00 7.03 -57.60
CA PRO A 2295 75.21 7.35 -58.36
C PRO A 2295 75.41 8.85 -58.52
N ASN A 2296 76.62 9.31 -58.22
CA ASN A 2296 77.08 10.65 -58.59
C ASN A 2296 76.09 11.80 -58.36
N ARG A 2297 75.88 12.16 -57.11
CA ARG A 2297 75.00 13.28 -56.75
C ARG A 2297 75.45 14.60 -57.37
N GLY A 2298 74.48 15.41 -57.80
CA GLY A 2298 74.76 16.76 -58.27
C GLY A 2298 74.95 16.94 -59.76
N MET A 2299 75.31 15.85 -60.46
CA MET A 2299 75.49 15.90 -61.91
C MET A 2299 74.26 15.42 -62.69
N PHE A 2300 73.19 15.09 -61.96
CA PHE A 2300 71.90 14.79 -62.57
C PHE A 2300 70.81 15.61 -61.88
N GLY A 2301 69.96 16.23 -62.67
CA GLY A 2301 68.82 16.96 -62.11
C GLY A 2301 67.49 16.26 -62.36
N GLY A 2302 67.54 15.16 -63.10
CA GLY A 2302 66.33 14.51 -63.58
C GLY A 2302 65.80 13.35 -62.75
N ASP A 2303 66.65 12.78 -61.89
CA ASP A 2303 66.22 11.66 -61.05
C ASP A 2303 65.15 12.13 -60.08
N GLY A 2304 65.45 13.20 -59.35
CA GLY A 2304 64.50 13.82 -58.45
C GLY A 2304 64.38 13.17 -57.09
N ALA A 2305 64.87 11.95 -56.95
CA ALA A 2305 64.77 11.23 -55.68
C ALA A 2305 66.14 10.72 -55.21
N TYR A 2306 66.72 9.81 -55.98
CA TYR A 2306 68.00 9.17 -55.66
C TYR A 2306 69.12 10.16 -55.33
N GLY A 2307 69.36 11.10 -56.24
CA GLY A 2307 70.52 11.98 -56.16
C GLY A 2307 70.69 12.74 -54.86
N GLU A 2308 69.60 13.28 -54.32
CA GLU A 2308 69.67 14.08 -53.12
C GLU A 2308 69.72 13.26 -51.83
N ALA A 2309 68.91 12.20 -51.77
CA ALA A 2309 68.71 11.46 -50.54
C ALA A 2309 69.95 10.72 -50.07
N LYS A 2310 70.75 10.23 -51.01
CA LYS A 2310 71.86 9.34 -50.69
C LYS A 2310 73.21 10.04 -50.48
N SER A 2311 73.21 11.37 -50.51
CA SER A 2311 74.44 12.13 -50.34
C SER A 2311 74.82 12.23 -48.86
N ALA A 2312 73.87 11.92 -47.98
CA ALA A 2312 74.11 11.96 -46.55
C ALA A 2312 74.72 10.65 -46.06
N LEU A 2313 74.89 9.70 -46.98
CA LEU A 2313 75.59 8.46 -46.69
C LEU A 2313 77.08 8.72 -46.44
N ASP A 2314 77.58 9.82 -47.00
CA ASP A 2314 78.94 10.29 -46.72
C ASP A 2314 79.00 10.79 -45.28
N ALA A 2315 77.88 11.33 -44.81
CA ALA A 2315 77.78 11.79 -43.43
C ALA A 2315 77.57 10.61 -42.49
N LEU A 2316 76.97 9.54 -43.02
CA LEU A 2316 76.73 8.33 -42.25
C LEU A 2316 78.03 7.56 -42.06
N GLU A 2317 78.91 7.65 -43.05
CA GLU A 2317 80.25 7.07 -42.94
C GLU A 2317 81.05 7.79 -41.88
N ASN A 2318 80.70 9.06 -41.65
CA ASN A 2318 81.33 9.85 -40.61
C ASN A 2318 80.91 9.41 -39.22
N ARG A 2319 79.66 8.96 -39.10
CA ARG A 2319 79.14 8.49 -37.81
C ARG A 2319 79.88 7.24 -37.35
N TRP A 2320 80.20 6.37 -38.29
CA TRP A 2320 80.98 5.17 -37.99
C TRP A 2320 82.44 5.54 -37.72
N SER A 2321 82.92 6.57 -38.41
CA SER A 2321 84.29 7.04 -38.20
C SER A 2321 84.39 7.83 -36.90
N ALA A 2322 83.24 8.23 -36.38
CA ALA A 2322 83.18 8.93 -35.10
C ALA A 2322 83.00 7.94 -33.96
N GLU A 2323 81.86 7.26 -33.95
CA GLU A 2323 81.55 6.26 -32.92
C GLU A 2323 82.60 5.14 -32.94
N LYS A 2324 83.21 4.90 -31.78
CA LYS A 2324 84.36 4.01 -31.68
C LYS A 2324 84.01 2.51 -31.62
N SER A 2325 82.97 2.17 -30.87
CA SER A 2325 82.66 0.77 -30.59
C SER A 2325 81.85 0.08 -31.69
N TRP A 2326 81.51 0.83 -32.74
CA TRP A 2326 80.72 0.28 -33.84
C TRP A 2326 81.54 -0.56 -34.82
N ALA A 2327 82.87 -0.39 -34.77
CA ALA A 2327 83.76 -1.03 -35.72
C ALA A 2327 83.65 -2.55 -35.77
N GLU A 2328 83.69 -3.17 -34.60
CA GLU A 2328 83.66 -4.63 -34.52
C GLU A 2328 82.31 -5.22 -34.94
N ARG A 2329 81.24 -4.50 -34.66
CA ARG A 2329 79.90 -4.96 -35.02
C ARG A 2329 79.51 -4.72 -36.47
N VAL A 2330 79.83 -3.53 -36.99
CA VAL A 2330 79.37 -3.13 -38.31
C VAL A 2330 80.45 -2.47 -39.16
N SER A 2331 80.60 -2.93 -40.40
CA SER A 2331 81.46 -2.28 -41.39
C SER A 2331 80.62 -1.69 -42.50
N LEU A 2332 80.94 -0.46 -42.89
CA LEU A 2332 80.17 0.24 -43.92
C LEU A 2332 80.81 0.11 -45.30
N ALA A 2333 80.10 -0.57 -46.20
CA ALA A 2333 80.53 -0.67 -47.59
C ALA A 2333 79.62 0.19 -48.46
N HIS A 2334 80.17 1.27 -49.01
CA HIS A 2334 79.35 2.19 -49.78
C HIS A 2334 79.39 1.88 -51.28
N ALA A 2335 78.23 1.64 -51.85
CA ALA A 2335 78.12 1.33 -53.27
C ALA A 2335 77.21 2.33 -53.98
N LEU A 2336 77.73 2.95 -55.03
CA LEU A 2336 76.93 3.88 -55.83
C LEU A 2336 76.33 3.11 -57.00
N ILE A 2337 75.03 2.91 -56.97
CA ILE A 2337 74.38 2.06 -57.96
C ILE A 2337 74.02 2.91 -59.17
N GLY A 2338 74.65 2.62 -60.31
CA GLY A 2338 74.50 3.44 -61.49
C GLY A 2338 73.17 3.24 -62.19
N TRP A 2339 73.11 3.64 -63.46
CA TRP A 2339 71.88 3.51 -64.22
C TRP A 2339 71.63 2.02 -64.38
N THR A 2340 70.47 1.57 -63.93
CA THR A 2340 70.14 0.15 -63.92
C THR A 2340 68.70 -0.04 -64.36
N LYS A 2341 68.49 -0.84 -65.40
CA LYS A 2341 67.20 -0.86 -66.08
C LYS A 2341 66.22 -1.90 -65.53
N GLY A 2342 65.19 -1.42 -64.85
CA GLY A 2342 64.04 -2.24 -64.49
C GLY A 2342 62.89 -1.97 -65.44
N THR A 2343 61.95 -2.89 -65.52
CA THR A 2343 60.81 -2.75 -66.43
C THR A 2343 59.70 -1.82 -65.90
N GLY A 2344 59.33 -2.01 -64.64
CA GLY A 2344 58.17 -1.33 -64.07
C GLY A 2344 58.30 0.17 -63.92
N LEU A 2345 59.32 0.61 -63.18
CA LEU A 2345 59.50 2.03 -62.88
C LEU A 2345 60.07 2.75 -64.09
N MET A 2346 61.02 2.09 -64.75
CA MET A 2346 61.80 2.69 -65.82
C MET A 2346 61.26 2.42 -67.22
N GLY A 2347 60.07 1.84 -67.32
CA GLY A 2347 59.47 1.50 -68.60
C GLY A 2347 59.41 2.65 -69.58
N GLN A 2348 59.43 3.88 -69.06
CA GLN A 2348 59.59 5.06 -69.90
C GLN A 2348 61.06 5.26 -70.26
N ASN A 2349 61.94 5.03 -69.29
CA ASN A 2349 63.37 5.28 -69.47
C ASN A 2349 64.06 4.27 -70.39
N ASP A 2350 63.38 3.18 -70.68
CA ASP A 2350 63.98 2.07 -71.44
C ASP A 2350 64.39 2.43 -72.87
N ALA A 2351 63.60 3.30 -73.51
CA ALA A 2351 63.84 3.65 -74.91
C ALA A 2351 65.08 4.52 -75.10
N ILE A 2352 65.34 5.39 -74.13
CA ILE A 2352 66.45 6.33 -74.22
C ILE A 2352 67.71 5.77 -73.56
N VAL A 2353 67.64 4.53 -73.08
CA VAL A 2353 68.80 3.83 -72.55
C VAL A 2353 69.89 3.79 -73.62
N SER A 2354 69.48 3.55 -74.85
CA SER A 2354 70.39 3.55 -75.99
C SER A 2354 70.94 4.96 -76.24
N ALA A 2355 70.09 5.96 -76.03
CA ALA A 2355 70.46 7.35 -76.29
C ALA A 2355 71.53 7.85 -75.32
N VAL A 2356 71.34 7.55 -74.03
CA VAL A 2356 72.30 7.96 -73.00
C VAL A 2356 73.62 7.21 -73.20
N GLU A 2357 73.52 5.99 -73.69
CA GLU A 2357 74.69 5.13 -73.90
C GLU A 2357 75.53 5.61 -75.09
N GLU A 2358 75.00 6.57 -75.84
CA GLU A 2358 75.70 7.12 -77.00
C GLU A 2358 76.74 8.16 -76.61
N ALA A 2359 76.76 8.52 -75.33
CA ALA A 2359 77.69 9.52 -74.83
C ALA A 2359 79.01 8.89 -74.38
N GLY A 2360 79.13 7.58 -74.59
CA GLY A 2360 80.31 6.86 -74.17
C GLY A 2360 80.18 6.43 -72.72
N VAL A 2361 78.93 6.25 -72.29
CA VAL A 2361 78.63 5.91 -70.91
C VAL A 2361 77.90 4.57 -70.85
N THR A 2362 77.96 3.92 -69.70
CA THR A 2362 77.40 2.58 -69.55
C THR A 2362 76.16 2.53 -68.65
N THR A 2363 75.09 1.96 -69.17
CA THR A 2363 73.91 1.66 -68.37
C THR A 2363 73.88 0.15 -68.12
N TYR A 2364 73.41 -0.25 -66.95
CA TYR A 2364 73.54 -1.64 -66.52
C TYR A 2364 72.22 -2.41 -66.44
N THR A 2365 72.27 -3.69 -66.79
CA THR A 2365 71.17 -4.61 -66.52
C THR A 2365 71.20 -4.99 -65.05
N THR A 2366 70.08 -5.48 -64.54
CA THR A 2366 69.98 -5.87 -63.14
C THR A 2366 70.97 -6.97 -62.77
N ASP A 2367 71.24 -7.88 -63.69
CA ASP A 2367 72.18 -8.96 -63.46
C ASP A 2367 73.62 -8.44 -63.40
N GLU A 2368 73.91 -7.42 -64.20
CA GLU A 2368 75.23 -6.81 -64.20
C GLU A 2368 75.51 -6.10 -62.88
N MET A 2369 74.54 -5.30 -62.43
CA MET A 2369 74.68 -4.56 -61.18
C MET A 2369 74.72 -5.49 -59.98
N ALA A 2370 73.97 -6.58 -60.05
CA ALA A 2370 73.97 -7.59 -59.00
C ALA A 2370 75.38 -8.18 -58.88
N ALA A 2371 76.02 -8.40 -60.01
CA ALA A 2371 77.38 -8.94 -60.05
C ALA A 2371 78.36 -7.94 -59.44
N MET A 2372 78.11 -6.67 -59.65
CA MET A 2372 78.97 -5.63 -59.12
C MET A 2372 78.85 -5.57 -57.60
N LEU A 2373 77.66 -5.89 -57.10
CA LEU A 2373 77.41 -5.85 -55.66
C LEU A 2373 78.03 -7.05 -54.95
N LEU A 2374 78.06 -8.20 -55.61
CA LEU A 2374 78.66 -9.40 -55.04
C LEU A 2374 80.17 -9.27 -54.94
N ASP A 2375 80.77 -8.58 -55.91
CA ASP A 2375 82.22 -8.41 -55.95
C ASP A 2375 82.72 -7.62 -54.75
N LEU A 2376 81.84 -6.78 -54.20
CA LEU A 2376 82.11 -6.09 -52.95
C LEU A 2376 82.00 -7.07 -51.77
N CYS A 2377 81.32 -8.19 -52.00
CA CYS A 2377 81.12 -9.19 -50.95
C CYS A 2377 82.19 -10.27 -50.99
N THR A 2378 83.14 -10.13 -51.93
CA THR A 2378 84.26 -11.05 -52.02
C THR A 2378 85.19 -10.87 -50.83
N VAL A 2379 85.93 -11.92 -50.50
CA VAL A 2379 86.82 -11.93 -49.36
C VAL A 2379 87.84 -10.78 -49.42
N GLU A 2380 88.27 -10.44 -50.64
CA GLU A 2380 89.27 -9.40 -50.82
C GLU A 2380 88.75 -8.04 -50.38
N THR A 2381 87.55 -7.69 -50.83
CA THR A 2381 86.95 -6.41 -50.51
C THR A 2381 86.26 -6.40 -49.14
N LYS A 2382 86.00 -7.58 -48.59
CA LYS A 2382 85.44 -7.65 -47.24
C LYS A 2382 86.45 -7.17 -46.21
N VAL A 2383 87.66 -7.72 -46.29
CA VAL A 2383 88.74 -7.34 -45.38
C VAL A 2383 89.09 -5.86 -45.52
N ALA A 2384 88.94 -5.34 -46.74
CA ALA A 2384 89.21 -3.94 -47.00
C ALA A 2384 88.23 -3.05 -46.22
N ALA A 2385 87.01 -3.54 -46.06
CA ALA A 2385 85.97 -2.83 -45.34
C ALA A 2385 86.22 -2.88 -43.83
N ALA A 2386 86.90 -3.93 -43.38
CA ALA A 2386 87.20 -4.09 -41.97
C ALA A 2386 88.25 -3.09 -41.50
N GLY A 2387 89.14 -2.71 -42.41
CA GLY A 2387 90.20 -1.77 -42.09
C GLY A 2387 89.74 -0.33 -42.18
N ALA A 2388 88.75 -0.08 -43.02
CA ALA A 2388 88.26 1.28 -43.29
C ALA A 2388 87.07 1.22 -44.24
N PRO A 2389 86.14 2.18 -44.12
CA PRO A 2389 84.95 2.25 -44.98
C PRO A 2389 85.31 2.28 -46.46
N VAL A 2390 84.64 1.46 -47.25
CA VAL A 2390 84.91 1.38 -48.67
C VAL A 2390 83.79 2.02 -49.49
N LYS A 2391 84.15 3.06 -50.25
CA LYS A 2391 83.21 3.72 -51.14
C LYS A 2391 83.47 3.28 -52.57
N VAL A 2392 82.50 2.58 -53.15
CA VAL A 2392 82.66 2.02 -54.49
C VAL A 2392 81.76 2.72 -55.49
N ASP A 2393 82.35 3.14 -56.61
CA ASP A 2393 81.56 3.72 -57.70
C ASP A 2393 81.24 2.62 -58.69
N LEU A 2394 79.97 2.21 -58.74
CA LEU A 2394 79.53 1.18 -59.67
C LEU A 2394 78.91 1.82 -60.90
N THR A 2395 78.98 3.15 -60.96
CA THR A 2395 78.43 3.90 -62.07
C THR A 2395 79.22 3.67 -63.34
N GLY A 2396 78.56 3.82 -64.49
CA GLY A 2396 79.17 3.56 -65.78
C GLY A 2396 79.87 4.75 -66.40
N GLY A 2397 80.25 5.71 -65.55
CA GLY A 2397 80.88 6.93 -66.02
C GLY A 2397 79.87 8.04 -66.21
N LEU A 2398 78.73 7.92 -65.54
CA LEU A 2398 77.68 8.92 -65.62
C LEU A 2398 78.08 10.21 -64.89
N GLY A 2399 79.23 10.18 -64.22
CA GLY A 2399 79.70 11.30 -63.42
C GLY A 2399 80.23 12.49 -64.20
N ASP A 2400 81.07 12.21 -65.20
CA ASP A 2400 81.65 13.27 -66.01
C ASP A 2400 80.74 13.61 -67.19
N ILE A 2401 79.56 12.99 -67.18
CA ILE A 2401 78.55 13.21 -68.21
C ILE A 2401 78.20 14.69 -68.40
N LYS A 2402 78.26 15.14 -69.64
CA LYS A 2402 77.90 16.51 -70.00
C LYS A 2402 76.48 16.60 -70.55
N ILE A 2403 75.80 15.46 -70.59
CA ILE A 2403 74.40 15.38 -71.05
C ILE A 2403 73.48 16.21 -70.17
N ASP A 2404 72.71 17.10 -70.80
CA ASP A 2404 71.79 17.96 -70.06
C ASP A 2404 70.53 17.19 -69.69
N MET A 2405 70.25 17.11 -68.39
CA MET A 2405 69.10 16.36 -67.89
C MET A 2405 67.81 17.15 -68.08
N ALA A 2406 67.93 18.47 -68.19
CA ALA A 2406 66.75 19.32 -68.39
C ALA A 2406 66.02 18.95 -69.67
N GLU A 2407 66.76 18.41 -70.63
CA GLU A 2407 66.18 17.96 -71.89
C GLU A 2407 66.12 16.43 -72.00
N LEU A 2408 67.29 15.80 -72.10
CA LEU A 2408 67.37 14.38 -72.39
C LEU A 2408 66.72 13.45 -71.35
N ALA A 2409 66.42 14.00 -70.18
CA ALA A 2409 65.65 13.26 -69.18
C ALA A 2409 64.16 13.54 -69.33
N ALA A 2410 63.79 14.82 -69.18
CA ALA A 2410 62.41 15.25 -69.36
C ALA A 2410 61.80 14.78 -70.67
N LYS A 2411 62.48 15.07 -71.79
CA LYS A 2411 62.01 14.64 -73.11
C LYS A 2411 61.81 13.14 -73.16
N ALA A 2412 62.74 12.40 -72.56
CA ALA A 2412 62.64 10.95 -72.46
C ALA A 2412 61.37 10.57 -71.72
N ARG A 2413 61.14 11.25 -70.60
CA ARG A 2413 59.96 10.99 -69.79
C ARG A 2413 58.70 11.48 -70.51
N GLU A 2414 58.82 12.58 -71.25
CA GLU A 2414 57.68 13.15 -71.96
C GLU A 2414 57.26 12.33 -73.16
N GLU A 2415 58.22 11.97 -74.01
CA GLU A 2415 57.93 11.20 -75.22
C GLU A 2415 57.34 9.84 -74.90
N MET A 2416 57.90 9.18 -73.90
CA MET A 2416 57.48 7.82 -73.55
C MET A 2416 56.18 7.78 -72.73
N SER A 2417 55.97 8.78 -71.89
CA SER A 2417 54.70 8.90 -71.20
C SER A 2417 53.64 9.19 -72.23
N GLY A 2418 53.94 10.09 -73.16
CA GLY A 2418 53.06 10.42 -74.25
C GLY A 2418 52.76 9.21 -75.12
N ALA A 2419 53.80 8.42 -75.40
CA ALA A 2419 53.63 7.18 -76.15
C ALA A 2419 52.69 6.23 -75.40
N ALA A 2420 52.79 6.26 -74.08
CA ALA A 2420 51.89 5.50 -73.22
C ALA A 2420 50.55 6.22 -73.09
N ASP A 2421 50.59 7.55 -73.10
CA ASP A 2421 49.37 8.35 -73.02
C ASP A 2421 48.63 8.41 -74.34
N GLU A 2422 49.34 8.23 -75.45
CA GLU A 2422 48.68 8.21 -76.74
C GLU A 2422 48.34 6.76 -77.08
N SER A 2423 47.06 6.45 -77.01
CA SER A 2423 46.56 5.13 -77.33
C SER A 2423 45.98 5.11 -78.74
N ASP A 2424 45.32 4.01 -79.05
CA ASP A 2424 44.64 3.84 -80.33
C ASP A 2424 43.90 2.53 -80.28
N ASP A 2425 42.93 2.36 -81.18
CA ASP A 2425 42.16 1.13 -81.20
C ASP A 2425 42.32 0.43 -82.55
N GLU A 2426 43.02 -0.69 -82.53
CA GLU A 2426 43.10 -1.54 -83.71
C GLU A 2426 41.86 -2.40 -83.71
N ALA A 2427 41.11 -2.36 -84.81
CA ALA A 2427 39.81 -3.02 -84.87
C ALA A 2427 39.93 -4.51 -84.59
N PRO A 2428 39.18 -4.97 -83.59
CA PRO A 2428 39.12 -6.38 -83.29
C PRO A 2428 37.65 -6.80 -83.21
N ALA A 2429 37.23 -7.60 -84.18
CA ALA A 2429 35.88 -8.13 -84.18
C ALA A 2429 35.95 -9.61 -83.87
N GLY A 2430 35.51 -9.97 -82.67
CA GLY A 2430 35.62 -11.35 -82.24
C GLY A 2430 34.41 -11.78 -81.42
N THR A 2431 33.85 -12.93 -81.78
CA THR A 2431 32.85 -13.58 -80.96
C THR A 2431 33.33 -14.99 -80.67
N ILE A 2432 33.65 -15.27 -79.41
CA ILE A 2432 34.23 -16.55 -79.04
C ILE A 2432 33.23 -17.38 -78.26
N ARG A 2433 33.26 -18.70 -78.48
CA ARG A 2433 32.41 -19.62 -77.75
C ARG A 2433 33.20 -20.79 -77.18
N ALA A 2434 32.62 -21.50 -76.21
CA ALA A 2434 33.32 -22.58 -75.53
C ALA A 2434 32.50 -23.86 -75.50
N LEU A 2435 33.05 -24.92 -76.07
CA LEU A 2435 32.38 -26.21 -76.16
C LEU A 2435 33.33 -27.23 -76.78
N PRO A 2436 32.99 -28.51 -76.64
CA PRO A 2436 33.91 -29.57 -77.03
C PRO A 2436 33.22 -30.86 -77.45
N SER A 2437 33.99 -31.72 -78.12
CA SER A 2437 33.55 -33.05 -78.48
C SER A 2437 33.47 -33.93 -77.25
N PRO A 2438 32.74 -35.03 -77.34
CA PRO A 2438 32.66 -35.99 -76.24
C PRO A 2438 34.05 -36.52 -75.91
N PRO A 2439 34.26 -36.85 -74.64
CA PRO A 2439 35.58 -37.25 -74.14
C PRO A 2439 36.17 -38.44 -74.90
N ARG A 2440 37.45 -38.33 -75.25
CA ARG A 2440 38.16 -39.39 -75.93
C ARG A 2440 39.26 -39.95 -75.03
N GLY A 2441 40.00 -40.93 -75.53
CA GLY A 2441 41.08 -41.54 -74.76
C GLY A 2441 42.38 -41.58 -75.55
N TYR A 2442 43.46 -41.15 -74.91
CA TYR A 2442 44.77 -41.16 -75.55
C TYR A 2442 45.57 -42.36 -75.07
N ASN A 2443 45.83 -43.29 -75.99
CA ASN A 2443 46.54 -44.52 -75.67
C ASN A 2443 48.01 -44.24 -75.33
N PRO A 2444 48.62 -45.18 -74.62
CA PRO A 2444 50.03 -45.07 -74.25
C PRO A 2444 50.82 -46.17 -74.95
N ALA A 2445 52.11 -45.93 -75.16
CA ALA A 2445 52.95 -46.88 -75.88
C ALA A 2445 53.59 -47.85 -74.90
N PRO A 2446 53.15 -49.11 -74.95
CA PRO A 2446 53.64 -50.12 -74.02
C PRO A 2446 53.99 -51.42 -74.74
N ALA A 2447 55.20 -51.91 -74.49
CA ALA A 2447 55.65 -53.16 -75.08
C ALA A 2447 55.40 -54.31 -74.12
N PRO A 2448 54.71 -55.34 -74.61
CA PRO A 2448 54.35 -56.47 -73.76
C PRO A 2448 54.63 -57.80 -74.44
N GLU A 2449 55.45 -58.63 -73.80
CA GLU A 2449 55.67 -60.00 -74.25
C GLU A 2449 54.84 -60.91 -73.35
N TRP A 2450 53.79 -61.51 -73.92
CA TRP A 2450 52.81 -62.22 -73.11
C TRP A 2450 52.30 -63.50 -73.76
N ASP A 2451 51.79 -64.40 -72.91
CA ASP A 2451 51.10 -65.60 -73.37
C ASP A 2451 49.61 -65.40 -73.16
N ASP A 2452 48.80 -65.95 -74.07
CA ASP A 2452 47.37 -65.68 -74.07
C ASP A 2452 46.58 -66.53 -73.09
N LEU A 2453 46.48 -67.82 -73.37
CA LEU A 2453 45.56 -68.71 -72.66
C LEU A 2453 45.88 -68.92 -71.17
N ASP A 2454 47.08 -68.51 -70.75
CA ASP A 2454 47.56 -68.80 -69.40
C ASP A 2454 46.71 -68.23 -68.26
N VAL A 2455 46.19 -67.02 -68.44
CA VAL A 2455 45.47 -66.35 -67.37
C VAL A 2455 43.95 -66.58 -67.44
N ASP A 2456 43.38 -67.02 -66.33
CA ASP A 2456 41.95 -67.30 -66.24
C ASP A 2456 41.20 -65.99 -66.03
N PRO A 2457 40.34 -65.63 -67.00
CA PRO A 2457 39.56 -64.39 -66.93
C PRO A 2457 38.50 -64.43 -65.83
N ALA A 2458 38.12 -65.64 -65.42
CA ALA A 2458 37.14 -65.80 -64.36
C ALA A 2458 37.72 -65.47 -62.99
N ASP A 2459 39.04 -65.56 -62.88
CA ASP A 2459 39.74 -65.32 -61.63
C ASP A 2459 40.26 -63.89 -61.51
N LEU A 2460 40.02 -63.09 -62.54
CA LEU A 2460 40.50 -61.70 -62.55
C LEU A 2460 39.38 -60.74 -62.20
N VAL A 2461 39.73 -59.67 -61.50
CA VAL A 2461 38.77 -58.61 -61.18
C VAL A 2461 39.14 -57.36 -61.97
N VAL A 2462 38.15 -56.81 -62.67
CA VAL A 2462 38.36 -55.71 -63.59
C VAL A 2462 37.35 -54.60 -63.30
N ILE A 2463 37.78 -53.35 -63.37
CA ILE A 2463 36.87 -52.22 -63.11
C ILE A 2463 36.15 -51.81 -64.39
N VAL A 2464 34.83 -51.97 -64.38
CA VAL A 2464 34.02 -51.64 -65.54
C VAL A 2464 33.77 -50.14 -65.64
N GLY A 2465 33.47 -49.53 -64.50
CA GLY A 2465 33.21 -48.10 -64.44
C GLY A 2465 33.26 -47.55 -63.02
N GLY A 2466 33.04 -46.25 -62.90
CA GLY A 2466 33.04 -45.61 -61.59
C GLY A 2466 32.58 -44.16 -61.63
N ALA A 2467 32.15 -43.66 -60.48
CA ALA A 2467 31.71 -42.28 -60.35
C ALA A 2467 31.84 -41.78 -58.92
N GLU A 2468 31.80 -40.46 -58.74
CA GLU A 2468 31.91 -39.89 -57.41
C GLU A 2468 31.11 -38.60 -57.27
N LEU A 2469 30.64 -38.34 -56.06
CA LEU A 2469 30.01 -37.07 -55.73
C LEU A 2469 30.77 -36.43 -54.59
N GLY A 2470 31.38 -35.28 -54.86
CA GLY A 2470 32.23 -34.62 -53.88
C GLY A 2470 32.26 -33.13 -54.04
N PRO A 2471 33.08 -32.45 -53.21
CA PRO A 2471 33.21 -30.99 -53.17
C PRO A 2471 33.53 -30.35 -54.51
N TYR A 2472 34.17 -31.11 -55.39
CA TYR A 2472 34.52 -30.61 -56.73
C TYR A 2472 33.57 -31.06 -57.83
N GLY A 2473 32.50 -31.77 -57.44
CA GLY A 2473 31.55 -32.29 -58.41
C GLY A 2473 31.84 -33.73 -58.78
N SER A 2474 31.41 -34.14 -59.97
CA SER A 2474 31.57 -35.52 -60.41
C SER A 2474 33.03 -35.86 -60.73
N SER A 2475 33.26 -37.10 -61.13
CA SER A 2475 34.61 -37.59 -61.40
C SER A 2475 35.26 -36.84 -62.56
N ARG A 2476 34.44 -36.33 -63.47
CA ARG A 2476 34.93 -35.61 -64.64
C ARG A 2476 35.48 -34.23 -64.25
N THR A 2477 34.71 -33.49 -63.47
CA THR A 2477 35.09 -32.13 -63.08
C THR A 2477 36.18 -32.13 -62.01
N ARG A 2478 36.12 -33.11 -61.11
CA ARG A 2478 37.11 -33.23 -60.04
C ARG A 2478 38.48 -33.54 -60.61
N PHE A 2479 38.51 -34.45 -61.58
CA PHE A 2479 39.77 -34.85 -62.22
C PHE A 2479 40.39 -33.69 -62.99
N GLU A 2480 39.53 -32.84 -63.57
CA GLU A 2480 40.01 -31.66 -64.28
C GLU A 2480 40.67 -30.68 -63.32
N MET A 2481 40.06 -30.48 -62.16
CA MET A 2481 40.60 -29.55 -61.17
C MET A 2481 41.88 -30.09 -60.54
N GLU A 2482 41.94 -31.40 -60.36
CA GLU A 2482 43.12 -32.04 -59.75
C GLU A 2482 44.32 -32.03 -60.68
N VAL A 2483 44.13 -32.51 -61.91
CA VAL A 2483 45.23 -32.59 -62.88
C VAL A 2483 45.60 -31.25 -63.49
N SER A 2484 44.59 -30.51 -63.97
CA SER A 2484 44.83 -29.23 -64.63
C SER A 2484 44.93 -28.10 -63.62
N GLY A 2485 43.86 -27.88 -62.87
CA GLY A 2485 43.78 -26.77 -61.93
C GLY A 2485 42.79 -25.73 -62.44
N GLU A 2486 42.32 -25.93 -63.67
CA GLU A 2486 41.31 -25.07 -64.25
C GLU A 2486 40.36 -25.90 -65.12
N LEU A 2487 39.09 -25.51 -65.15
CA LEU A 2487 38.09 -26.24 -65.92
C LEU A 2487 38.17 -25.93 -67.40
N SER A 2488 37.79 -26.90 -68.22
CA SER A 2488 37.67 -26.67 -69.65
C SER A 2488 36.28 -26.11 -69.94
N ALA A 2489 35.92 -26.06 -71.22
CA ALA A 2489 34.58 -25.64 -71.62
C ALA A 2489 33.54 -26.56 -71.00
N ALA A 2490 33.77 -27.86 -71.14
CA ALA A 2490 32.86 -28.87 -70.57
C ALA A 2490 32.93 -28.88 -69.05
N GLY A 2491 34.03 -28.39 -68.50
CA GLY A 2491 34.21 -28.34 -67.06
C GLY A 2491 33.28 -27.35 -66.40
N VAL A 2492 33.25 -26.13 -66.93
CA VAL A 2492 32.40 -25.08 -66.37
C VAL A 2492 30.94 -25.32 -66.73
N LEU A 2493 30.69 -25.84 -67.93
CA LEU A 2493 29.35 -26.16 -68.38
C LEU A 2493 28.69 -27.19 -67.48
N GLU A 2494 29.45 -28.21 -67.09
CA GLU A 2494 28.94 -29.27 -66.23
C GLU A 2494 28.73 -28.79 -64.79
N LEU A 2495 29.69 -28.04 -64.28
CA LEU A 2495 29.60 -27.51 -62.92
C LEU A 2495 28.46 -26.51 -62.78
N ALA A 2496 28.31 -25.62 -63.76
CA ALA A 2496 27.23 -24.65 -63.75
C ALA A 2496 25.86 -25.36 -63.78
N TRP A 2497 25.85 -26.52 -64.43
CA TRP A 2497 24.64 -27.34 -64.50
C TRP A 2497 24.37 -28.02 -63.15
N THR A 2498 25.41 -28.58 -62.56
CA THR A 2498 25.29 -29.28 -61.29
C THR A 2498 25.01 -28.30 -60.15
N THR A 2499 25.67 -27.15 -60.18
CA THR A 2499 25.44 -26.10 -59.18
C THR A 2499 24.08 -25.44 -59.39
N GLY A 2500 23.45 -25.74 -60.53
CA GLY A 2500 22.13 -25.24 -60.82
C GLY A 2500 22.12 -23.79 -61.25
N MET A 2501 23.19 -23.34 -61.90
CA MET A 2501 23.24 -21.98 -62.43
C MET A 2501 22.45 -21.88 -63.74
N VAL A 2502 22.51 -22.94 -64.55
CA VAL A 2502 21.88 -22.95 -65.87
C VAL A 2502 20.66 -23.89 -65.92
N LYS A 2503 19.57 -23.40 -66.50
CA LYS A 2503 18.34 -24.19 -66.60
C LYS A 2503 17.90 -24.36 -68.06
N TRP A 2504 17.02 -25.32 -68.31
CA TRP A 2504 16.57 -25.65 -69.66
C TRP A 2504 15.05 -25.47 -69.80
N GLU A 2505 14.64 -24.50 -70.61
CA GLU A 2505 13.23 -24.23 -70.81
C GLU A 2505 12.78 -24.57 -72.23
N ASP A 2506 11.58 -25.13 -72.36
CA ASP A 2506 11.00 -25.41 -73.67
C ASP A 2506 10.12 -24.25 -74.11
N ASP A 2507 10.02 -23.24 -73.25
CA ASP A 2507 9.37 -21.98 -73.60
C ASP A 2507 10.13 -21.38 -74.76
N PRO A 2508 9.49 -20.46 -75.51
CA PRO A 2508 10.13 -19.86 -76.69
C PRO A 2508 11.52 -19.28 -76.40
N LYS A 2509 12.35 -19.23 -77.45
CA LYS A 2509 13.80 -19.03 -77.41
C LYS A 2509 14.59 -20.31 -77.09
N ALA A 2510 13.89 -21.33 -76.57
CA ALA A 2510 14.35 -22.72 -76.60
C ALA A 2510 15.85 -22.98 -76.37
N GLY A 2511 16.33 -22.79 -75.13
CA GLY A 2511 17.76 -22.91 -74.90
C GLY A 2511 18.20 -23.06 -73.46
N TRP A 2512 19.48 -22.83 -73.21
CA TRP A 2512 20.02 -22.80 -71.86
C TRP A 2512 19.77 -21.44 -71.22
N TYR A 2513 19.21 -21.43 -70.01
CA TYR A 2513 18.88 -20.21 -69.31
C TYR A 2513 19.53 -20.17 -67.94
N ASP A 2514 19.88 -18.97 -67.47
CA ASP A 2514 20.37 -18.79 -66.11
C ASP A 2514 19.21 -19.04 -65.16
N THR A 2515 19.44 -19.85 -64.14
CA THR A 2515 18.38 -20.27 -63.22
C THR A 2515 18.04 -19.21 -62.18
N GLU A 2516 19.02 -18.41 -61.78
CA GLU A 2516 18.84 -17.40 -60.74
C GLU A 2516 18.05 -16.21 -61.28
N THR A 2517 18.60 -15.54 -62.27
CA THR A 2517 18.01 -14.31 -62.81
C THR A 2517 17.02 -14.54 -63.97
N GLY A 2518 16.92 -15.78 -64.46
CA GLY A 2518 16.02 -16.10 -65.55
C GLY A 2518 16.46 -15.53 -66.88
N GLU A 2519 17.76 -15.61 -67.15
CA GLU A 2519 18.32 -15.04 -68.38
C GLU A 2519 18.91 -16.10 -69.30
N LEU A 2520 18.63 -15.96 -70.60
CA LEU A 2520 19.17 -16.88 -71.59
C LEU A 2520 20.71 -16.79 -71.63
N VAL A 2521 21.37 -17.94 -71.70
CA VAL A 2521 22.84 -17.98 -71.74
C VAL A 2521 23.33 -18.88 -72.87
N PRO A 2522 24.43 -18.50 -73.53
CA PRO A 2522 25.16 -19.41 -74.43
C PRO A 2522 26.24 -20.18 -73.67
N GLU A 2523 27.03 -20.98 -74.39
CA GLU A 2523 28.07 -21.80 -73.79
C GLU A 2523 29.37 -21.05 -73.51
N CYS A 2524 29.58 -19.93 -74.19
CA CYS A 2524 30.80 -19.15 -74.03
C CYS A 2524 30.85 -18.42 -72.71
N GLU A 2525 29.81 -17.65 -72.45
CA GLU A 2525 29.76 -16.74 -71.32
C GLU A 2525 29.69 -17.48 -69.98
N ILE A 2526 29.51 -18.80 -70.05
CA ILE A 2526 29.44 -19.64 -68.86
C ILE A 2526 30.66 -19.43 -67.97
N VAL A 2527 31.85 -19.36 -68.57
CA VAL A 2527 33.07 -19.13 -67.81
C VAL A 2527 33.09 -17.73 -67.22
N GLU A 2528 32.73 -16.74 -68.02
CA GLU A 2528 32.79 -15.34 -67.62
C GLU A 2528 31.73 -14.99 -66.57
N ARG A 2529 30.50 -15.46 -66.77
CA ARG A 2529 29.38 -15.11 -65.89
C ARG A 2529 29.30 -15.94 -64.61
N TYR A 2530 29.96 -17.09 -64.60
CA TYR A 2530 29.76 -18.06 -63.53
C TYR A 2530 31.02 -18.47 -62.78
N HIS A 2531 32.00 -19.00 -63.51
CA HIS A 2531 33.18 -19.67 -62.94
C HIS A 2531 33.81 -18.94 -61.75
N ASP A 2532 33.84 -17.61 -61.82
CA ASP A 2532 34.30 -16.81 -60.67
C ASP A 2532 33.50 -17.14 -59.42
N ALA A 2533 32.18 -17.22 -59.57
CA ALA A 2533 31.31 -17.56 -58.45
C ALA A 2533 31.31 -19.07 -58.18
N VAL A 2534 31.56 -19.85 -59.22
CA VAL A 2534 31.60 -21.30 -59.09
C VAL A 2534 32.75 -21.74 -58.19
N VAL A 2535 33.95 -21.23 -58.49
CA VAL A 2535 35.14 -21.54 -57.70
C VAL A 2535 34.94 -21.22 -56.22
N GLU A 2536 34.32 -20.08 -55.94
CA GLU A 2536 34.05 -19.67 -54.56
C GLU A 2536 33.09 -20.64 -53.88
N ARG A 2537 32.01 -20.99 -54.57
CA ARG A 2537 30.95 -21.79 -53.97
C ARG A 2537 31.08 -23.30 -54.22
N CYS A 2538 32.18 -23.71 -54.86
CA CYS A 2538 32.51 -25.12 -54.97
C CYS A 2538 33.83 -25.37 -54.25
N GLY A 2539 34.28 -26.62 -54.24
CA GLY A 2539 35.51 -26.99 -53.57
C GLY A 2539 35.44 -26.74 -52.07
N ILE A 2540 36.54 -26.23 -51.51
CA ILE A 2540 36.59 -25.96 -50.08
C ILE A 2540 36.30 -24.49 -49.79
N ARG A 2541 35.37 -24.24 -48.88
CA ARG A 2541 34.99 -22.87 -48.53
C ARG A 2541 34.40 -22.84 -47.13
N GLU A 2542 34.06 -21.64 -46.66
CA GLU A 2542 33.39 -21.49 -45.37
C GLU A 2542 32.08 -22.26 -45.42
N PHE A 2543 31.68 -22.85 -44.30
CA PHE A 2543 30.51 -23.71 -44.30
C PHE A 2543 29.24 -22.90 -44.54
N VAL A 2544 28.52 -23.27 -45.58
CA VAL A 2544 27.25 -22.64 -45.90
C VAL A 2544 26.18 -23.40 -45.12
N ASP A 2545 25.29 -22.67 -44.45
CA ASP A 2545 24.40 -23.30 -43.50
C ASP A 2545 23.10 -23.71 -44.17
N ASP A 2546 22.95 -25.02 -44.39
CA ASP A 2546 21.70 -25.57 -44.91
C ASP A 2546 20.87 -26.15 -43.76
N GLY A 2547 21.45 -26.15 -42.57
CA GLY A 2547 20.79 -26.71 -41.41
C GLY A 2547 20.36 -25.68 -40.39
N ALA A 2548 20.46 -24.40 -40.76
CA ALA A 2548 20.14 -23.29 -39.87
C ALA A 2548 20.99 -23.32 -38.59
N ILE A 2549 22.16 -23.96 -38.68
CA ILE A 2549 23.09 -24.03 -37.56
C ILE A 2549 24.54 -23.88 -38.02
N ASP A 2550 25.30 -23.05 -37.32
CA ASP A 2550 26.71 -22.90 -37.62
C ASP A 2550 27.53 -23.44 -36.46
N PRO A 2551 28.31 -24.50 -36.70
CA PRO A 2551 29.15 -25.02 -35.62
C PRO A 2551 30.14 -23.96 -35.12
N ASP A 2552 30.81 -23.30 -36.05
CA ASP A 2552 31.85 -22.33 -35.72
C ASP A 2552 31.29 -21.07 -35.08
N HIS A 2553 30.12 -20.63 -35.54
CA HIS A 2553 29.53 -19.41 -34.99
C HIS A 2553 28.67 -19.73 -33.79
N ALA A 2554 27.50 -20.30 -34.04
CA ALA A 2554 26.56 -20.60 -32.96
C ALA A 2554 25.94 -22.01 -33.03
N SER A 2555 26.27 -22.84 -32.05
CA SER A 2555 25.74 -24.19 -31.97
C SER A 2555 24.88 -24.33 -30.71
N PRO A 2556 23.58 -24.64 -30.90
CA PRO A 2556 22.58 -24.70 -29.82
C PRO A 2556 22.99 -25.59 -28.65
N LEU A 2557 22.89 -25.05 -27.44
CA LEU A 2557 23.26 -25.76 -26.22
C LEU A 2557 22.05 -25.72 -25.29
N LEU A 2558 21.82 -26.80 -24.53
CA LEU A 2558 20.81 -26.78 -23.46
C LEU A 2558 21.29 -27.39 -22.14
N VAL A 2559 21.39 -26.57 -21.09
CA VAL A 2559 21.87 -27.04 -19.80
C VAL A 2559 20.74 -27.52 -18.89
N SER A 2560 21.04 -28.60 -18.16
CA SER A 2560 20.10 -29.12 -17.18
C SER A 2560 20.18 -28.26 -15.92
N VAL A 2561 19.05 -27.67 -15.53
CA VAL A 2561 18.99 -26.81 -14.36
C VAL A 2561 17.80 -27.14 -13.47
N PHE A 2562 17.99 -26.98 -12.16
CA PHE A 2562 16.91 -27.24 -11.20
C PHE A 2562 16.17 -25.95 -10.85
N LEU A 2563 14.86 -25.97 -11.02
CA LEU A 2563 14.03 -24.80 -10.77
C LEU A 2563 13.98 -24.51 -9.27
N ASP A 2564 14.37 -23.29 -8.91
CA ASP A 2564 14.46 -22.92 -7.50
C ASP A 2564 13.12 -22.56 -6.88
N LYS A 2565 12.21 -22.02 -7.69
CA LYS A 2565 10.87 -21.69 -7.22
C LYS A 2565 9.83 -21.97 -8.30
N ASP A 2566 8.60 -22.27 -7.89
CA ASP A 2566 7.54 -22.74 -8.78
C ASP A 2566 7.31 -21.86 -10.01
N PHE A 2567 7.28 -22.50 -11.18
CA PHE A 2567 7.07 -21.81 -12.44
C PHE A 2567 5.59 -21.51 -12.66
N THR A 2568 5.32 -20.47 -13.43
CA THR A 2568 3.94 -20.06 -13.73
C THR A 2568 3.25 -21.10 -14.60
N PHE A 2569 1.99 -21.40 -14.27
CA PHE A 2569 1.20 -22.41 -14.98
C PHE A 2569 1.09 -22.15 -16.49
N VAL A 2570 1.10 -23.23 -17.26
CA VAL A 2570 0.91 -23.15 -18.70
C VAL A 2570 -0.14 -24.15 -19.17
N VAL A 2571 -0.88 -23.78 -20.22
CA VAL A 2571 -1.95 -24.63 -20.73
C VAL A 2571 -1.42 -25.76 -21.61
N SER A 2572 -1.92 -26.97 -21.37
CA SER A 2572 -1.51 -28.13 -22.15
C SER A 2572 -2.66 -29.12 -22.33
N SER A 2573 -2.54 -30.01 -23.30
CA SER A 2573 -3.55 -31.03 -23.54
C SER A 2573 -3.47 -32.11 -22.46
N GLU A 2574 -4.56 -32.85 -22.29
CA GLU A 2574 -4.64 -33.89 -21.27
C GLU A 2574 -3.60 -34.99 -21.49
N ALA A 2575 -3.37 -35.34 -22.74
CA ALA A 2575 -2.41 -36.39 -23.08
C ALA A 2575 -0.98 -35.95 -22.78
N ASP A 2576 -0.67 -34.70 -23.09
CA ASP A 2576 0.67 -34.15 -22.86
C ASP A 2576 0.91 -33.84 -21.38
N ALA A 2577 -0.15 -33.44 -20.68
CA ALA A 2577 -0.04 -33.06 -19.28
C ALA A 2577 0.09 -34.29 -18.36
N ARG A 2578 -0.59 -35.37 -18.71
CA ARG A 2578 -0.45 -36.61 -17.96
C ARG A 2578 0.98 -37.12 -18.10
N ALA A 2579 1.56 -36.90 -19.27
CA ALA A 2579 2.95 -37.26 -19.53
C ALA A 2579 3.88 -36.48 -18.61
N PHE A 2580 3.61 -35.18 -18.47
CA PHE A 2580 4.36 -34.32 -17.55
C PHE A 2580 4.45 -34.94 -16.16
N VAL A 2581 3.33 -35.48 -15.70
CA VAL A 2581 3.26 -36.07 -14.37
C VAL A 2581 4.13 -37.31 -14.26
N GLN A 2582 4.41 -37.97 -15.38
CA GLN A 2582 5.14 -39.23 -15.35
C GLN A 2582 6.63 -39.09 -15.06
N PHE A 2583 7.14 -37.86 -15.07
CA PHE A 2583 8.55 -37.58 -14.90
C PHE A 2583 8.83 -37.05 -13.50
N ASP A 2584 8.28 -35.86 -13.27
CA ASP A 2584 8.31 -35.12 -12.01
C ASP A 2584 7.64 -35.67 -10.73
N PRO A 2585 6.62 -36.54 -10.87
CA PRO A 2585 5.28 -36.39 -10.28
C PRO A 2585 5.20 -35.75 -8.90
N GLU A 2586 6.19 -35.93 -8.04
CA GLU A 2586 6.18 -35.17 -6.80
C GLU A 2586 6.44 -33.68 -7.09
N HIS A 2587 7.20 -33.43 -8.15
CA HIS A 2587 7.60 -32.07 -8.48
C HIS A 2587 6.73 -31.31 -9.50
N THR A 2588 5.80 -31.98 -10.16
CA THR A 2588 4.90 -31.28 -11.08
C THR A 2588 3.44 -31.46 -10.70
N VAL A 2589 2.61 -30.53 -11.17
CA VAL A 2589 1.20 -30.50 -10.79
C VAL A 2589 0.33 -30.22 -12.01
N ALA A 2590 -0.68 -31.06 -12.23
CA ALA A 2590 -1.55 -30.93 -13.41
C ALA A 2590 -3.04 -31.07 -13.08
N ARG A 2591 -3.86 -30.21 -13.66
CA ARG A 2591 -5.30 -30.18 -13.38
C ARG A 2591 -6.16 -30.06 -14.62
N PRO A 2592 -7.31 -30.73 -14.62
CA PRO A 2592 -8.29 -30.49 -15.69
C PRO A 2592 -8.93 -29.11 -15.55
N LEU A 2593 -9.02 -28.39 -16.65
CA LEU A 2593 -9.78 -27.14 -16.67
C LEU A 2593 -11.20 -27.48 -17.13
N PRO A 2594 -12.15 -27.41 -16.19
CA PRO A 2594 -13.53 -27.90 -16.37
C PRO A 2594 -14.20 -27.43 -17.66
N ASP A 2595 -13.97 -26.18 -18.04
CA ASP A 2595 -14.61 -25.61 -19.21
C ASP A 2595 -13.99 -26.08 -20.53
N SER A 2596 -12.66 -26.01 -20.61
CA SER A 2596 -11.97 -26.33 -21.86
C SER A 2596 -11.47 -27.77 -21.94
N SER A 2597 -11.66 -28.52 -20.85
CA SER A 2597 -11.26 -29.94 -20.78
C SER A 2597 -9.73 -30.17 -20.84
N ASP A 2598 -8.98 -29.11 -21.10
CA ASP A 2598 -7.53 -29.21 -21.17
C ASP A 2598 -6.90 -29.13 -19.79
N TRP A 2599 -5.59 -29.23 -19.72
CA TRP A 2599 -4.91 -29.26 -18.42
C TRP A 2599 -3.88 -28.14 -18.23
N GLU A 2600 -3.75 -27.69 -16.98
CA GLU A 2600 -2.71 -26.73 -16.63
C GLU A 2600 -1.51 -27.47 -16.08
N VAL A 2601 -0.31 -27.07 -16.52
CA VAL A 2601 0.91 -27.71 -16.06
C VAL A 2601 1.77 -26.75 -15.23
N THR A 2602 1.90 -27.04 -13.95
CA THR A 2602 2.68 -26.20 -13.04
C THR A 2602 3.87 -26.95 -12.45
N ARG A 2603 5.07 -26.48 -12.77
CA ARG A 2603 6.28 -27.08 -12.24
C ARG A 2603 6.67 -26.45 -10.91
N LYS A 2604 6.79 -27.28 -9.88
CA LYS A 2604 7.15 -26.80 -8.55
C LYS A 2604 8.66 -26.62 -8.44
N ALA A 2605 9.13 -26.35 -7.22
CA ALA A 2605 10.55 -26.24 -6.96
C ALA A 2605 11.16 -27.64 -6.88
N GLY A 2606 12.31 -27.81 -7.51
CA GLY A 2606 12.98 -29.11 -7.52
C GLY A 2606 12.90 -29.82 -8.86
N THR A 2607 12.11 -29.27 -9.78
CA THR A 2607 11.97 -29.84 -11.11
C THR A 2607 13.26 -29.70 -11.90
N GLU A 2608 13.42 -30.54 -12.92
CA GLU A 2608 14.57 -30.46 -13.81
C GLU A 2608 14.19 -29.77 -15.12
N ILE A 2609 14.88 -28.68 -15.43
CA ILE A 2609 14.60 -27.91 -16.64
C ILE A 2609 15.82 -27.89 -17.56
N ARG A 2610 15.58 -27.98 -18.87
CA ARG A 2610 16.66 -27.86 -19.84
C ARG A 2610 16.56 -26.52 -20.57
N VAL A 2611 17.52 -25.64 -20.32
CA VAL A 2611 17.49 -24.27 -20.81
C VAL A 2611 18.47 -23.99 -21.95
N PRO A 2612 17.95 -23.48 -23.08
CA PRO A 2612 18.72 -23.20 -24.31
C PRO A 2612 19.92 -22.28 -24.11
N ARG A 2613 21.05 -22.65 -24.71
CA ARG A 2613 22.28 -21.88 -24.66
C ARG A 2613 23.00 -22.04 -26.01
N LYS A 2614 24.24 -21.58 -26.08
CA LYS A 2614 25.01 -21.64 -27.34
C LYS A 2614 26.49 -21.95 -27.12
N THR A 2615 27.18 -22.27 -28.20
CA THR A 2615 28.62 -22.52 -28.15
C THR A 2615 29.32 -22.03 -29.41
N LYS A 2616 30.55 -21.56 -29.28
CA LYS A 2616 31.37 -21.22 -30.43
C LYS A 2616 32.40 -22.32 -30.65
N LEU A 2617 32.57 -22.73 -31.91
CA LEU A 2617 33.45 -23.85 -32.21
C LEU A 2617 34.59 -23.50 -33.17
N SER A 2618 35.58 -24.38 -33.21
CA SER A 2618 36.84 -24.13 -33.90
C SER A 2618 36.79 -24.27 -35.42
N ARG A 2619 35.97 -25.19 -35.93
CA ARG A 2619 36.01 -25.49 -37.36
C ARG A 2619 34.98 -24.65 -38.12
N THR A 2620 35.47 -23.69 -38.88
CA THR A 2620 34.60 -22.83 -39.69
C THR A 2620 34.55 -23.24 -41.16
N VAL A 2621 35.35 -24.23 -41.54
CA VAL A 2621 35.51 -24.60 -42.93
C VAL A 2621 35.49 -26.11 -43.14
N GLY A 2622 34.89 -26.55 -44.24
CA GLY A 2622 34.90 -27.95 -44.61
C GLY A 2622 34.89 -28.07 -46.12
N ALA A 2623 35.17 -29.28 -46.63
CA ALA A 2623 35.11 -29.51 -48.07
C ALA A 2623 33.71 -29.99 -48.39
N GLN A 2624 32.96 -29.14 -49.09
CA GLN A 2624 31.53 -29.38 -49.28
C GLN A 2624 31.17 -29.45 -50.75
N ILE A 2625 30.24 -30.32 -51.07
CA ILE A 2625 29.70 -30.45 -52.42
C ILE A 2625 29.23 -29.07 -52.89
N PRO A 2626 29.54 -28.71 -54.16
CA PRO A 2626 29.31 -27.37 -54.69
C PRO A 2626 27.90 -26.87 -54.43
N THR A 2627 27.80 -25.62 -53.97
CA THR A 2627 26.52 -25.04 -53.58
C THR A 2627 25.53 -25.02 -54.73
N GLY A 2628 24.32 -25.50 -54.47
CA GLY A 2628 23.29 -25.55 -55.49
C GLY A 2628 23.04 -26.95 -56.02
N PHE A 2629 23.77 -27.92 -55.48
CA PHE A 2629 23.57 -29.31 -55.85
C PHE A 2629 22.18 -29.76 -55.45
N ASP A 2630 21.51 -30.48 -56.34
CA ASP A 2630 20.20 -31.03 -56.04
C ASP A 2630 20.16 -32.45 -56.59
N PRO A 2631 19.60 -33.39 -55.83
CA PRO A 2631 19.31 -34.71 -56.39
C PRO A 2631 18.15 -34.62 -57.38
N THR A 2632 17.37 -33.57 -57.26
CA THR A 2632 16.23 -33.32 -58.13
C THR A 2632 16.69 -33.01 -59.56
N VAL A 2633 17.74 -32.20 -59.67
CA VAL A 2633 18.30 -31.85 -60.97
C VAL A 2633 18.80 -33.11 -61.69
N TRP A 2634 19.39 -34.01 -60.92
CA TRP A 2634 19.82 -35.30 -61.46
C TRP A 2634 18.62 -36.18 -61.81
N GLY A 2635 17.45 -35.81 -61.29
CA GLY A 2635 16.22 -36.56 -61.59
C GLY A 2635 15.67 -37.46 -60.49
N ILE A 2636 16.15 -37.29 -59.27
CA ILE A 2636 15.57 -38.02 -58.13
C ILE A 2636 14.21 -37.45 -57.75
N SER A 2637 13.22 -38.32 -57.59
CA SER A 2637 11.87 -37.91 -57.23
C SER A 2637 11.83 -37.30 -55.82
N PRO A 2638 10.94 -36.32 -55.61
CA PRO A 2638 10.78 -35.63 -54.32
C PRO A 2638 10.42 -36.58 -53.17
N ASP A 2639 9.69 -37.65 -53.46
CA ASP A 2639 9.31 -38.62 -52.44
C ASP A 2639 10.53 -39.30 -51.86
N MET A 2640 11.51 -39.59 -52.72
CA MET A 2640 12.75 -40.21 -52.27
C MET A 2640 13.58 -39.25 -51.44
N ALA A 2641 13.71 -38.01 -51.92
CA ALA A 2641 14.48 -36.98 -51.22
C ALA A 2641 14.03 -36.81 -49.78
N SER A 2642 12.72 -36.71 -49.59
CA SER A 2642 12.11 -36.65 -48.26
C SER A 2642 12.46 -37.86 -47.41
N SER A 2643 12.00 -39.03 -47.85
CA SER A 2643 12.08 -40.26 -47.07
C SER A 2643 13.48 -40.74 -46.70
N ILE A 2644 14.49 -40.31 -47.45
CA ILE A 2644 15.84 -40.84 -47.25
C ILE A 2644 16.83 -39.80 -46.74
N ASP A 2645 17.89 -40.29 -46.10
CA ASP A 2645 18.93 -39.43 -45.56
C ASP A 2645 19.71 -38.77 -46.69
N ARG A 2646 20.39 -37.68 -46.36
CA ARG A 2646 21.21 -36.96 -47.34
C ARG A 2646 22.29 -37.86 -47.92
N VAL A 2647 22.87 -38.71 -47.07
CA VAL A 2647 23.92 -39.63 -47.50
C VAL A 2647 23.42 -40.58 -48.58
N ALA A 2648 22.12 -40.85 -48.56
CA ALA A 2648 21.51 -41.74 -49.54
C ALA A 2648 21.51 -41.11 -50.94
N LEU A 2649 21.27 -39.81 -51.00
CA LEU A 2649 21.26 -39.09 -52.26
C LEU A 2649 22.63 -39.11 -52.92
N TRP A 2650 23.67 -39.23 -52.11
CA TRP A 2650 25.04 -39.28 -52.62
C TRP A 2650 25.35 -40.62 -53.30
N ASN A 2651 25.02 -41.71 -52.63
CA ASN A 2651 25.30 -43.03 -53.15
C ASN A 2651 24.37 -43.42 -54.30
N ILE A 2652 23.16 -42.88 -54.27
CA ILE A 2652 22.17 -43.17 -55.30
C ILE A 2652 22.55 -42.57 -56.66
N VAL A 2653 22.90 -41.29 -56.67
CA VAL A 2653 23.29 -40.62 -57.90
C VAL A 2653 24.63 -41.14 -58.41
N ALA A 2654 25.54 -41.41 -57.47
CA ALA A 2654 26.86 -41.93 -57.82
C ALA A 2654 26.78 -43.28 -58.51
N THR A 2655 25.86 -44.12 -58.03
CA THR A 2655 25.66 -45.44 -58.62
C THR A 2655 25.17 -45.33 -60.05
N VAL A 2656 24.24 -44.41 -60.28
CA VAL A 2656 23.71 -44.15 -61.62
C VAL A 2656 24.82 -43.71 -62.57
N ASP A 2657 25.60 -42.72 -62.13
CA ASP A 2657 26.70 -42.22 -62.94
C ASP A 2657 27.84 -43.24 -63.06
N ALA A 2658 27.91 -44.16 -62.11
CA ALA A 2658 28.91 -45.22 -62.16
C ALA A 2658 28.56 -46.21 -63.27
N PHE A 2659 27.27 -46.54 -63.37
CA PHE A 2659 26.80 -47.41 -64.44
C PHE A 2659 27.00 -46.73 -65.80
N LEU A 2660 26.70 -45.44 -65.85
CA LEU A 2660 26.75 -44.67 -67.10
C LEU A 2660 28.10 -44.76 -67.80
N SER A 2661 29.13 -45.16 -67.05
CA SER A 2661 30.45 -45.39 -67.62
C SER A 2661 30.40 -46.50 -68.68
N SER A 2662 29.53 -47.49 -68.46
CA SER A 2662 29.40 -48.57 -69.44
C SER A 2662 27.98 -48.74 -69.97
N GLY A 2663 27.13 -49.37 -69.16
CA GLY A 2663 25.75 -49.62 -69.53
C GLY A 2663 24.80 -48.71 -68.80
N PHE A 2664 23.54 -48.69 -69.18
CA PHE A 2664 22.57 -47.89 -68.45
C PHE A 2664 21.56 -48.74 -67.70
N THR A 2665 20.70 -49.42 -68.43
CA THR A 2665 19.65 -50.24 -67.84
C THR A 2665 20.27 -51.36 -67.02
N PRO A 2666 20.04 -51.34 -65.70
CA PRO A 2666 20.64 -52.28 -64.75
C PRO A 2666 20.20 -53.71 -65.01
N THR A 2667 19.07 -53.86 -65.70
CA THR A 2667 18.54 -55.18 -65.98
C THR A 2667 19.22 -55.82 -67.20
N GLU A 2668 20.01 -55.03 -67.92
CA GLU A 2668 20.83 -55.58 -69.01
C GLU A 2668 21.84 -56.57 -68.44
N LEU A 2669 22.17 -56.39 -67.17
CA LEU A 2669 23.04 -57.32 -66.46
C LEU A 2669 22.38 -58.69 -66.34
N MET A 2670 21.05 -58.69 -66.32
CA MET A 2670 20.30 -59.93 -66.15
C MET A 2670 20.16 -60.68 -67.48
N ARG A 2671 20.66 -60.08 -68.56
CA ARG A 2671 20.72 -60.76 -69.84
C ARG A 2671 21.88 -61.75 -69.85
N TRP A 2672 23.04 -61.28 -69.42
CA TRP A 2672 24.25 -62.11 -69.39
C TRP A 2672 24.40 -62.93 -68.11
N VAL A 2673 23.67 -62.54 -67.07
CA VAL A 2673 23.92 -63.06 -65.73
C VAL A 2673 22.62 -63.35 -64.99
N HIS A 2674 22.58 -64.44 -64.24
CA HIS A 2674 21.46 -64.67 -63.32
C HIS A 2674 21.54 -63.66 -62.18
N PRO A 2675 20.43 -62.95 -61.92
CA PRO A 2675 20.30 -61.86 -60.96
C PRO A 2675 20.93 -62.11 -59.58
N SER A 2676 21.00 -63.36 -59.15
CA SER A 2676 21.61 -63.64 -57.84
C SER A 2676 23.13 -63.53 -57.89
N GLN A 2677 23.68 -63.36 -59.09
CA GLN A 2677 25.12 -63.18 -59.26
C GLN A 2677 25.51 -61.70 -59.32
N VAL A 2678 24.56 -60.81 -59.03
CA VAL A 2678 24.85 -59.38 -58.90
C VAL A 2678 25.08 -59.05 -57.42
N ALA A 2679 26.23 -58.45 -57.10
CA ALA A 2679 26.56 -58.15 -55.71
C ALA A 2679 26.66 -56.66 -55.43
N SER A 2680 26.44 -56.30 -54.17
CA SER A 2680 26.62 -54.92 -53.75
C SER A 2680 27.48 -54.90 -52.50
N THR A 2681 28.70 -54.39 -52.63
CA THR A 2681 29.59 -54.19 -51.51
C THR A 2681 29.80 -52.70 -51.34
N GLN A 2682 29.23 -52.12 -50.29
CA GLN A 2682 29.26 -50.67 -50.11
C GLN A 2682 29.66 -50.26 -48.70
N GLY A 2683 30.80 -49.59 -48.56
CA GLY A 2683 31.31 -49.25 -47.25
C GLY A 2683 30.81 -47.94 -46.69
N THR A 2684 30.90 -47.81 -45.37
CA THR A 2684 30.59 -46.57 -44.66
C THR A 2684 31.51 -46.47 -43.46
N GLY A 2685 31.92 -45.26 -43.10
CA GLY A 2685 32.51 -45.02 -41.79
C GLY A 2685 31.42 -44.92 -40.72
N MET A 2686 30.36 -44.19 -41.06
CA MET A 2686 29.17 -44.09 -40.23
C MET A 2686 27.96 -44.30 -41.12
N GLY A 2687 27.69 -43.30 -41.95
CA GLY A 2687 26.57 -43.37 -42.88
C GLY A 2687 25.27 -43.09 -42.16
N GLY A 2688 24.29 -42.58 -42.90
CA GLY A 2688 23.00 -42.24 -42.34
C GLY A 2688 23.05 -41.22 -41.20
N MET A 2689 24.14 -40.48 -41.12
CA MET A 2689 24.40 -39.55 -40.01
C MET A 2689 23.23 -38.61 -39.72
N THR A 2690 22.74 -37.96 -40.76
CA THR A 2690 21.58 -37.08 -40.64
C THR A 2690 20.39 -37.79 -40.02
N SER A 2691 20.07 -38.97 -40.52
CA SER A 2691 18.91 -39.73 -40.07
C SER A 2691 19.10 -40.19 -38.62
N MET A 2692 20.35 -40.40 -38.23
CA MET A 2692 20.65 -40.71 -36.84
C MET A 2692 20.42 -39.49 -35.99
N GLN A 2693 21.10 -38.38 -36.30
CA GLN A 2693 20.94 -37.16 -35.51
C GLN A 2693 19.51 -36.64 -35.57
N THR A 2694 18.75 -37.12 -36.53
CA THR A 2694 17.37 -36.67 -36.66
C THR A 2694 16.51 -37.37 -35.61
N MET A 2695 16.80 -38.64 -35.35
CA MET A 2695 16.03 -39.35 -34.34
C MET A 2695 16.35 -38.87 -32.92
N TYR A 2696 17.63 -38.75 -32.59
CA TYR A 2696 18.03 -38.52 -31.20
C TYR A 2696 17.66 -37.09 -30.74
N HIS A 2697 17.77 -36.11 -31.65
CA HIS A 2697 17.14 -34.81 -31.43
C HIS A 2697 15.63 -34.97 -31.32
N GLY A 2698 15.03 -35.33 -32.45
CA GLY A 2698 13.58 -35.39 -32.60
C GLY A 2698 12.79 -36.10 -31.53
N ASN A 2699 13.24 -37.29 -31.14
CA ASN A 2699 12.57 -38.07 -30.10
C ASN A 2699 12.64 -37.36 -28.75
N LEU A 2700 13.85 -36.97 -28.34
CA LEU A 2700 14.02 -36.24 -27.09
C LEU A 2700 13.31 -34.89 -27.14
N LEU A 2701 13.11 -34.39 -28.35
CA LEU A 2701 12.43 -33.10 -28.57
C LEU A 2701 10.96 -33.25 -28.93
N GLY A 2702 10.50 -34.49 -29.10
CA GLY A 2702 9.10 -34.78 -29.41
C GLY A 2702 8.59 -34.11 -30.68
N ARG A 2703 9.51 -33.56 -31.46
CA ARG A 2703 9.22 -32.94 -32.74
C ARG A 2703 8.70 -34.04 -33.64
N ALA A 2704 7.90 -33.69 -34.65
CA ALA A 2704 7.48 -34.69 -35.62
C ALA A 2704 8.69 -35.04 -36.48
N LYS A 2705 8.99 -36.34 -36.49
CA LYS A 2705 10.13 -36.90 -37.23
C LYS A 2705 9.64 -38.18 -37.95
N PRO A 2706 10.40 -38.66 -38.95
CA PRO A 2706 9.85 -39.76 -39.74
C PRO A 2706 9.86 -41.09 -38.96
N ASN A 2707 8.89 -41.95 -39.29
CA ASN A 2707 8.79 -43.28 -38.69
C ASN A 2707 9.81 -44.29 -39.18
N ASP A 2708 10.45 -43.96 -40.29
CA ASP A 2708 11.37 -44.91 -40.92
C ASP A 2708 12.82 -44.72 -40.46
N ILE A 2709 12.98 -43.87 -39.45
CA ILE A 2709 14.28 -43.43 -38.99
C ILE A 2709 15.29 -44.55 -38.78
N LEU A 2710 14.95 -45.55 -37.97
CA LEU A 2710 15.95 -46.57 -37.65
C LEU A 2710 16.28 -47.39 -38.88
N GLN A 2711 15.32 -47.56 -39.78
CA GLN A 2711 15.60 -48.25 -41.03
C GLN A 2711 16.58 -47.43 -41.85
N GLU A 2712 16.39 -46.11 -41.84
CA GLU A 2712 17.20 -45.24 -42.67
C GLU A 2712 18.55 -44.91 -42.03
N VAL A 2713 18.75 -45.27 -40.76
CA VAL A 2713 20.05 -45.07 -40.12
C VAL A 2713 21.00 -46.27 -40.26
N LEU A 2714 20.49 -47.39 -40.77
CA LEU A 2714 21.32 -48.57 -40.98
C LEU A 2714 22.27 -48.26 -42.14
N PRO A 2715 23.58 -48.29 -41.90
CA PRO A 2715 24.54 -47.92 -42.94
C PRO A 2715 24.41 -48.75 -44.21
N ASN A 2716 23.67 -49.85 -44.14
CA ASN A 2716 23.45 -50.69 -45.30
C ASN A 2716 22.22 -50.31 -46.08
N VAL A 2717 21.40 -49.43 -45.51
CA VAL A 2717 20.08 -49.18 -46.06
C VAL A 2717 20.17 -48.28 -47.28
N VAL A 2718 21.27 -47.55 -47.36
CA VAL A 2718 21.48 -46.60 -48.43
C VAL A 2718 21.61 -47.28 -49.79
N ALA A 2719 22.47 -48.30 -49.89
CA ALA A 2719 22.56 -49.07 -51.13
C ALA A 2719 21.39 -50.05 -51.26
N ALA A 2720 20.78 -50.39 -50.13
CA ALA A 2720 19.52 -51.13 -50.13
C ALA A 2720 18.47 -50.33 -50.88
N HIS A 2721 18.45 -49.01 -50.65
CA HIS A 2721 17.56 -48.09 -51.37
C HIS A 2721 17.87 -48.08 -52.87
N VAL A 2722 19.16 -48.18 -53.21
CA VAL A 2722 19.60 -48.20 -54.61
C VAL A 2722 19.22 -49.50 -55.29
N MET A 2723 19.28 -50.61 -54.56
CA MET A 2723 18.93 -51.91 -55.12
C MET A 2723 17.42 -52.00 -55.33
N GLN A 2724 16.67 -51.35 -54.44
CA GLN A 2724 15.21 -51.30 -54.57
C GLN A 2724 14.80 -50.40 -55.74
N SER A 2725 15.47 -49.26 -55.86
CA SER A 2725 15.13 -48.28 -56.88
C SER A 2725 15.71 -48.55 -58.28
N TYR A 2726 16.86 -49.20 -58.37
CA TYR A 2726 17.58 -49.26 -59.65
C TYR A 2726 17.93 -50.64 -60.20
N VAL A 2727 18.95 -51.26 -59.61
CA VAL A 2727 19.49 -52.52 -60.14
C VAL A 2727 18.50 -53.67 -60.01
N GLY A 2728 17.97 -53.86 -58.81
CA GLY A 2728 16.98 -54.89 -58.59
C GLY A 2728 17.60 -56.27 -58.56
N GLY A 2729 18.89 -56.33 -58.27
CA GLY A 2729 19.61 -57.60 -58.24
C GLY A 2729 19.09 -58.52 -57.17
N TYR A 2730 19.24 -59.82 -57.39
CA TYR A 2730 18.78 -60.82 -56.43
C TYR A 2730 19.91 -61.34 -55.57
N GLY A 2731 21.10 -60.78 -55.78
CA GLY A 2731 22.33 -61.27 -55.19
C GLY A 2731 22.95 -60.51 -54.04
N ALA A 2732 24.22 -60.83 -53.77
CA ALA A 2732 24.87 -60.45 -52.52
C ALA A 2732 24.85 -58.98 -52.15
N MET A 2733 24.68 -58.73 -50.85
CA MET A 2733 24.82 -57.39 -50.32
C MET A 2733 25.70 -57.40 -49.07
N VAL A 2734 26.81 -56.68 -49.15
CA VAL A 2734 27.75 -56.51 -48.05
C VAL A 2734 28.01 -55.01 -47.85
N HIS A 2735 28.27 -54.60 -46.61
CA HIS A 2735 28.43 -53.19 -46.28
C HIS A 2735 29.50 -52.94 -45.22
N PRO A 2736 30.77 -52.94 -45.65
CA PRO A 2736 31.93 -52.77 -44.76
C PRO A 2736 31.90 -51.51 -43.89
N VAL A 2737 32.46 -51.62 -42.69
CA VAL A 2737 32.84 -50.42 -41.96
C VAL A 2737 34.35 -50.39 -41.78
N GLY A 2738 34.99 -49.46 -42.51
CA GLY A 2738 36.44 -49.32 -42.46
C GLY A 2738 36.90 -48.03 -41.82
N ALA A 2739 35.99 -47.36 -41.10
CA ALA A 2739 36.25 -46.02 -40.60
C ALA A 2739 36.62 -45.12 -41.77
N CYS A 2740 37.87 -44.69 -41.82
CA CYS A 2740 38.37 -43.97 -42.99
C CYS A 2740 38.70 -44.89 -44.17
N ALA A 2741 38.90 -46.18 -43.90
CA ALA A 2741 39.35 -47.13 -44.93
C ALA A 2741 38.27 -47.98 -45.64
N THR A 2742 36.99 -47.73 -45.33
CA THR A 2742 35.88 -48.53 -45.88
C THR A 2742 35.94 -48.73 -47.38
N ALA A 2743 36.28 -47.67 -48.10
CA ALA A 2743 36.32 -47.67 -49.55
C ALA A 2743 37.22 -48.78 -50.10
N ALA A 2744 38.48 -48.78 -49.67
CA ALA A 2744 39.43 -49.82 -50.09
C ALA A 2744 39.08 -51.17 -49.48
N VAL A 2745 38.52 -51.13 -48.27
CA VAL A 2745 38.05 -52.35 -47.60
C VAL A 2745 36.87 -52.95 -48.37
N SER A 2746 36.04 -52.09 -48.93
CA SER A 2746 34.91 -52.52 -49.74
C SER A 2746 35.36 -53.19 -51.03
N VAL A 2747 36.35 -52.60 -51.69
CA VAL A 2747 36.90 -53.16 -52.91
C VAL A 2747 37.41 -54.57 -52.68
N GLU A 2748 38.06 -54.76 -51.53
CA GLU A 2748 38.62 -56.05 -51.14
C GLU A 2748 37.55 -57.13 -51.16
N GLU A 2749 36.41 -56.83 -50.55
CA GLU A 2749 35.32 -57.80 -50.47
C GLU A 2749 34.55 -57.92 -51.78
N GLY A 2750 34.50 -56.84 -52.55
CA GLY A 2750 33.92 -56.88 -53.88
C GLY A 2750 34.72 -57.81 -54.76
N VAL A 2751 36.04 -57.76 -54.60
CA VAL A 2751 36.95 -58.67 -55.28
C VAL A 2751 36.73 -60.09 -54.80
N ASP A 2752 36.56 -60.25 -53.49
CA ASP A 2752 36.36 -61.56 -52.89
C ASP A 2752 35.09 -62.26 -53.35
N LYS A 2753 34.02 -61.49 -53.53
CA LYS A 2753 32.74 -62.05 -53.93
C LYS A 2753 32.76 -62.65 -55.34
N ILE A 2754 33.58 -62.08 -56.22
CA ILE A 2754 33.62 -62.53 -57.61
C ILE A 2754 34.38 -63.83 -57.80
N LYS A 2755 35.58 -63.90 -57.21
CA LYS A 2755 36.50 -65.01 -57.44
C LYS A 2755 35.95 -66.34 -56.94
N LEU A 2756 34.99 -66.29 -56.02
CA LEU A 2756 34.41 -67.50 -55.45
C LEU A 2756 33.12 -67.91 -56.14
N GLY A 2757 32.72 -67.16 -57.16
CA GLY A 2757 31.56 -67.50 -57.95
C GLY A 2757 30.23 -67.17 -57.30
N LYS A 2758 30.29 -66.52 -56.13
CA LYS A 2758 29.09 -66.10 -55.42
C LYS A 2758 28.34 -65.04 -56.24
N ALA A 2759 29.10 -64.11 -56.82
CA ALA A 2759 28.52 -63.12 -57.72
C ALA A 2759 29.51 -62.73 -58.81
N ASP A 2760 29.02 -62.56 -60.04
CA ASP A 2760 29.90 -62.18 -61.15
C ASP A 2760 29.99 -60.67 -61.39
N LEU A 2761 29.10 -59.91 -60.77
CA LEU A 2761 29.10 -58.45 -60.93
C LEU A 2761 28.92 -57.78 -59.57
N VAL A 2762 29.87 -56.95 -59.18
CA VAL A 2762 29.75 -56.26 -57.90
C VAL A 2762 29.89 -54.76 -58.02
N ILE A 2763 29.27 -54.05 -57.08
CA ILE A 2763 29.42 -52.61 -56.98
C ILE A 2763 30.21 -52.35 -55.71
N ALA A 2764 31.39 -51.77 -55.83
CA ALA A 2764 32.18 -51.44 -54.65
C ALA A 2764 32.29 -49.93 -54.47
N GLY A 2765 32.35 -49.50 -53.21
CA GLY A 2765 32.43 -48.09 -52.91
C GLY A 2765 32.35 -47.73 -51.43
N GLY A 2766 32.27 -46.43 -51.17
CA GLY A 2766 32.10 -45.93 -49.82
C GLY A 2766 31.53 -44.52 -49.84
N PHE A 2767 30.87 -44.14 -48.76
CA PHE A 2767 30.28 -42.81 -48.66
C PHE A 2767 30.08 -42.38 -47.22
N ASP A 2768 30.13 -41.07 -46.97
CA ASP A 2768 29.92 -40.51 -45.64
C ASP A 2768 29.42 -39.07 -45.77
N ASP A 2769 28.88 -38.52 -44.70
CA ASP A 2769 28.36 -37.16 -44.75
C ASP A 2769 29.06 -36.26 -43.73
N LEU A 2770 29.01 -34.96 -43.97
CA LEU A 2770 29.53 -33.97 -43.04
C LEU A 2770 28.39 -33.18 -42.40
N THR A 2771 28.19 -33.40 -41.11
CA THR A 2771 27.16 -32.70 -40.35
C THR A 2771 27.77 -32.01 -39.15
N LEU A 2772 26.90 -31.43 -38.32
CA LEU A 2772 27.29 -30.73 -37.10
C LEU A 2772 28.15 -31.57 -36.16
N GLU A 2773 27.57 -32.66 -35.68
CA GLU A 2773 28.16 -33.47 -34.63
C GLU A 2773 29.22 -34.42 -35.16
N ALA A 2774 29.42 -34.42 -36.47
CA ALA A 2774 30.54 -35.12 -37.04
C ALA A 2774 31.78 -34.28 -36.79
N ILE A 2775 31.61 -32.98 -36.95
CA ILE A 2775 32.68 -32.01 -36.73
C ILE A 2775 33.13 -31.98 -35.28
N ILE A 2776 32.17 -31.92 -34.36
CA ILE A 2776 32.51 -31.74 -32.95
C ILE A 2776 33.18 -32.98 -32.35
N GLY A 2777 32.98 -34.14 -32.99
CA GLY A 2777 33.63 -35.37 -32.57
C GLY A 2777 35.10 -35.38 -32.93
N PHE A 2778 35.41 -34.93 -34.13
CA PHE A 2778 36.80 -34.83 -34.58
C PHE A 2778 37.55 -33.73 -33.83
N GLY A 2779 36.97 -32.54 -33.76
CA GLY A 2779 37.60 -31.39 -33.10
C GLY A 2779 37.88 -31.62 -31.62
N ASP A 2780 37.00 -32.37 -31.00
CA ASP A 2780 37.20 -32.80 -29.64
C ASP A 2780 38.32 -33.82 -29.56
N MET A 2781 38.38 -34.71 -30.55
CA MET A 2781 39.40 -35.77 -30.60
C MET A 2781 40.78 -35.21 -30.96
N ALA A 2782 40.81 -33.91 -31.28
CA ALA A 2782 42.04 -33.18 -31.61
C ALA A 2782 42.58 -33.49 -33.01
N ALA A 2783 41.93 -34.43 -33.71
CA ALA A 2783 42.45 -34.91 -34.99
C ALA A 2783 42.24 -33.96 -36.17
N THR A 2784 41.31 -33.03 -36.01
CA THR A 2784 41.00 -32.07 -37.07
C THR A 2784 41.78 -30.78 -36.91
N ALA A 2785 42.14 -30.18 -38.04
CA ALA A 2785 42.88 -28.94 -38.06
C ALA A 2785 42.04 -27.79 -37.52
N ASP A 2786 42.63 -26.98 -36.64
CA ASP A 2786 41.90 -25.92 -35.98
C ASP A 2786 41.96 -24.63 -36.78
N THR A 2787 40.81 -24.22 -37.32
CA THR A 2787 40.71 -23.11 -38.27
C THR A 2787 41.23 -21.78 -37.73
N GLU A 2788 40.98 -21.52 -36.45
CA GLU A 2788 41.44 -20.30 -35.81
C GLU A 2788 42.96 -20.21 -35.83
N MET A 2789 43.62 -21.37 -35.79
CA MET A 2789 45.08 -21.42 -35.85
C MET A 2789 45.58 -21.28 -37.28
N MET A 2790 44.79 -21.75 -38.23
CA MET A 2790 45.16 -21.69 -39.65
C MET A 2790 45.14 -20.26 -40.15
N ARG A 2791 44.12 -19.52 -39.76
CA ARG A 2791 43.99 -18.11 -40.13
C ARG A 2791 45.10 -17.27 -39.49
N ALA A 2792 45.57 -17.72 -38.32
CA ALA A 2792 46.63 -17.03 -37.61
C ALA A 2792 47.97 -17.22 -38.33
N LYS A 2793 48.09 -18.31 -39.08
CA LYS A 2793 49.29 -18.60 -39.82
C LYS A 2793 49.19 -18.07 -41.25
N GLY A 2794 48.09 -17.41 -41.56
CA GLY A 2794 47.87 -16.83 -42.87
C GLY A 2794 47.51 -17.88 -43.91
N ILE A 2795 46.70 -18.85 -43.53
CA ILE A 2795 46.32 -19.93 -44.43
C ILE A 2795 44.88 -19.78 -44.93
N SER A 2796 44.73 -19.68 -46.25
CA SER A 2796 43.42 -19.63 -46.87
C SER A 2796 42.76 -21.01 -46.82
N ASP A 2797 41.44 -21.05 -46.98
CA ASP A 2797 40.68 -22.29 -46.86
C ASP A 2797 41.09 -23.36 -47.87
N SER A 2798 41.57 -22.95 -49.04
CA SER A 2798 41.96 -23.93 -50.05
C SER A 2798 43.34 -24.52 -49.76
N LYS A 2799 44.14 -23.81 -48.99
CA LYS A 2799 45.52 -24.18 -48.75
C LYS A 2799 45.77 -24.95 -47.45
N PHE A 2800 44.72 -25.19 -46.66
CA PHE A 2800 44.91 -25.72 -45.33
C PHE A 2800 45.02 -27.25 -45.21
N SER A 2801 44.74 -27.95 -46.30
CA SER A 2801 44.95 -29.39 -46.34
C SER A 2801 46.24 -29.64 -47.09
N ARG A 2802 47.29 -30.00 -46.37
CA ARG A 2802 48.61 -30.17 -46.96
C ARG A 2802 49.22 -31.49 -46.49
N ALA A 2803 49.42 -32.41 -47.41
CA ALA A 2803 49.96 -33.72 -47.06
C ALA A 2803 51.47 -33.72 -47.14
N ASN A 2804 52.11 -34.37 -46.16
CA ASN A 2804 53.57 -34.51 -46.12
C ASN A 2804 54.32 -33.19 -45.92
N ASP A 2805 53.58 -32.09 -45.87
CA ASP A 2805 54.15 -30.78 -45.61
C ASP A 2805 54.69 -30.71 -44.18
N ARG A 2806 55.74 -29.91 -43.99
CA ARG A 2806 56.33 -29.72 -42.67
C ARG A 2806 55.30 -29.17 -41.69
N ARG A 2807 54.40 -28.33 -42.20
CA ARG A 2807 53.43 -27.62 -41.38
C ARG A 2807 52.09 -28.31 -41.22
N ARG A 2808 51.96 -29.55 -41.69
CA ARG A 2808 50.67 -30.22 -41.70
C ARG A 2808 50.05 -30.28 -40.30
N LEU A 2809 48.86 -29.69 -40.18
CA LEU A 2809 48.20 -29.47 -38.89
C LEU A 2809 47.07 -30.44 -38.49
N GLY A 2810 46.83 -31.46 -39.31
CA GLY A 2810 45.68 -32.33 -39.13
C GLY A 2810 44.65 -32.19 -40.24
N PHE A 2811 43.75 -33.16 -40.35
CA PHE A 2811 42.93 -33.29 -41.55
C PHE A 2811 41.73 -32.35 -41.67
N LEU A 2812 41.39 -32.03 -42.91
CA LEU A 2812 40.15 -31.34 -43.23
C LEU A 2812 39.05 -32.37 -43.43
N GLU A 2813 37.93 -32.19 -42.74
CA GLU A 2813 36.80 -33.11 -42.87
C GLU A 2813 35.96 -32.76 -44.10
N ALA A 2814 35.45 -33.78 -44.78
CA ALA A 2814 34.68 -33.57 -45.99
C ALA A 2814 33.41 -34.43 -46.04
N GLN A 2815 32.64 -34.26 -47.10
CA GLN A 2815 31.42 -35.04 -47.31
C GLN A 2815 31.35 -35.54 -48.75
N GLY A 2816 30.62 -36.63 -48.95
CA GLY A 2816 30.38 -37.12 -50.29
C GLY A 2816 30.27 -38.62 -50.37
N GLY A 2817 30.32 -39.15 -51.58
CA GLY A 2817 30.31 -40.58 -51.80
C GLY A 2817 30.74 -40.93 -53.20
N GLY A 2818 31.23 -42.15 -53.38
CA GLY A 2818 31.64 -42.62 -54.68
C GLY A 2818 31.58 -44.14 -54.74
N THR A 2819 31.42 -44.67 -55.94
CA THR A 2819 31.33 -46.11 -56.14
C THR A 2819 32.00 -46.54 -57.43
N ILE A 2820 32.40 -47.80 -57.50
CA ILE A 2820 32.96 -48.37 -58.71
C ILE A 2820 32.29 -49.69 -59.01
N LEU A 2821 32.23 -50.05 -60.30
CA LEU A 2821 31.66 -51.33 -60.70
C LEU A 2821 32.78 -52.33 -61.01
N LEU A 2822 32.93 -53.32 -60.14
CA LEU A 2822 33.92 -54.36 -60.34
C LEU A 2822 33.26 -55.59 -60.94
N ALA A 2823 33.88 -56.16 -61.97
CA ALA A 2823 33.32 -57.32 -62.66
C ALA A 2823 34.36 -58.38 -62.99
N ARG A 2824 33.88 -59.57 -63.32
CA ARG A 2824 34.74 -60.64 -63.82
C ARG A 2824 35.28 -60.23 -65.19
N GLY A 2825 36.57 -60.45 -65.39
CA GLY A 2825 37.23 -60.10 -66.63
C GLY A 2825 36.60 -60.74 -67.86
N ASP A 2826 36.14 -61.97 -67.69
CA ASP A 2826 35.51 -62.70 -68.80
C ASP A 2826 34.18 -62.08 -69.16
N LEU A 2827 33.44 -61.62 -68.15
CA LEU A 2827 32.14 -61.01 -68.35
C LEU A 2827 32.24 -59.65 -69.05
N ALA A 2828 33.25 -58.87 -68.66
CA ALA A 2828 33.45 -57.54 -69.22
C ALA A 2828 33.68 -57.60 -70.72
N LEU A 2829 34.42 -58.62 -71.17
CA LEU A 2829 34.66 -58.82 -72.59
C LEU A 2829 33.37 -59.26 -73.27
N LYS A 2830 32.64 -60.17 -72.62
CA LYS A 2830 31.43 -60.74 -73.17
C LYS A 2830 30.32 -59.70 -73.27
N MET A 2831 30.16 -58.89 -72.24
CA MET A 2831 29.20 -57.79 -72.27
C MET A 2831 29.69 -56.69 -73.20
N GLY A 2832 31.01 -56.61 -73.35
CA GLY A 2832 31.63 -55.60 -74.20
C GLY A 2832 31.55 -54.22 -73.58
N LEU A 2833 31.92 -54.11 -72.31
CA LEU A 2833 31.91 -52.83 -71.62
C LEU A 2833 33.33 -52.26 -71.61
N PRO A 2834 33.50 -51.02 -71.13
CA PRO A 2834 34.86 -50.48 -71.01
C PRO A 2834 35.65 -51.11 -69.87
N VAL A 2835 36.95 -51.34 -70.09
CA VAL A 2835 37.83 -51.78 -69.01
C VAL A 2835 38.68 -50.61 -68.53
N LEU A 2836 38.37 -50.13 -67.32
CA LEU A 2836 39.05 -48.96 -66.78
C LEU A 2836 40.41 -49.30 -66.18
N ALA A 2837 40.51 -50.49 -65.60
CA ALA A 2837 41.75 -50.96 -64.99
C ALA A 2837 41.59 -52.38 -64.44
N VAL A 2838 42.71 -53.03 -64.17
CA VAL A 2838 42.68 -54.34 -63.54
C VAL A 2838 43.06 -54.19 -62.07
N VAL A 2839 42.27 -54.78 -61.19
CA VAL A 2839 42.61 -54.79 -59.77
C VAL A 2839 43.46 -56.02 -59.55
N GLY A 2840 44.74 -55.79 -59.29
CA GLY A 2840 45.70 -56.87 -59.18
C GLY A 2840 45.67 -57.48 -57.80
N TYR A 2841 45.09 -56.76 -56.85
CA TYR A 2841 45.04 -57.19 -55.46
C TYR A 2841 44.27 -56.16 -54.64
N ALA A 2842 43.75 -56.61 -53.51
CA ALA A 2842 43.16 -55.72 -52.53
C ALA A 2842 43.29 -56.37 -51.16
N GLN A 2843 43.60 -55.57 -50.16
CA GLN A 2843 43.75 -56.10 -48.80
C GLN A 2843 43.44 -55.05 -47.75
N SER A 2844 42.91 -55.50 -46.62
CA SER A 2844 42.80 -54.69 -45.43
C SER A 2844 43.79 -55.29 -44.46
N PHE A 2845 44.31 -54.48 -43.54
CA PHE A 2845 45.30 -54.94 -42.59
C PHE A 2845 45.18 -54.26 -41.23
N ALA A 2846 45.28 -55.03 -40.16
CA ALA A 2846 45.23 -54.46 -38.81
C ALA A 2846 46.65 -54.15 -38.33
N ASP A 2847 46.81 -53.73 -37.08
CA ASP A 2847 48.14 -53.37 -36.59
C ASP A 2847 48.58 -54.19 -35.38
N GLY A 2848 48.02 -53.88 -34.21
CA GLY A 2848 48.37 -54.67 -33.04
C GLY A 2848 48.11 -54.07 -31.68
N VAL A 2849 48.56 -54.78 -30.64
CA VAL A 2849 48.40 -54.30 -29.28
C VAL A 2849 49.37 -53.19 -28.95
N HIS A 2850 48.82 -52.04 -28.55
CA HIS A 2850 49.60 -50.98 -27.90
C HIS A 2850 48.71 -50.03 -27.11
N THR A 2851 49.28 -49.34 -26.12
CA THR A 2851 48.55 -48.34 -25.32
C THR A 2851 48.47 -46.97 -25.99
N SER A 2852 49.55 -46.58 -26.67
CA SER A 2852 49.77 -45.20 -27.11
C SER A 2852 48.81 -44.69 -28.19
N ILE A 2853 48.16 -43.56 -27.92
CA ILE A 2853 47.25 -42.97 -28.89
C ILE A 2853 47.84 -42.36 -30.19
N PRO A 2854 48.98 -41.66 -30.12
CA PRO A 2854 49.49 -41.27 -31.44
C PRO A 2854 50.04 -42.41 -32.27
N ALA A 2855 50.40 -43.54 -31.66
CA ALA A 2855 51.08 -44.59 -32.42
C ALA A 2855 50.20 -45.19 -33.52
N PRO A 2856 50.57 -44.93 -34.77
CA PRO A 2856 49.82 -45.28 -35.99
C PRO A 2856 50.03 -46.74 -36.40
N GLY A 2857 49.03 -47.34 -37.04
CA GLY A 2857 49.14 -48.70 -37.54
C GLY A 2857 50.06 -48.89 -38.74
N LEU A 2858 51.04 -49.77 -38.60
CA LEU A 2858 51.95 -50.11 -39.69
C LEU A 2858 51.65 -51.43 -40.41
N GLY A 2859 50.58 -52.11 -40.03
CA GLY A 2859 50.32 -53.46 -40.50
C GLY A 2859 50.09 -53.68 -41.98
N ALA A 2860 49.99 -52.61 -42.76
CA ALA A 2860 49.78 -52.70 -44.20
C ALA A 2860 51.00 -53.26 -44.92
N LEU A 2861 52.09 -53.42 -44.17
CA LEU A 2861 53.33 -53.97 -44.70
C LEU A 2861 53.21 -55.46 -44.99
N GLY A 2862 52.20 -56.10 -44.42
CA GLY A 2862 52.03 -57.54 -44.57
C GLY A 2862 51.84 -58.02 -46.00
N ALA A 2863 51.52 -57.09 -46.91
CA ALA A 2863 51.32 -57.43 -48.31
C ALA A 2863 52.65 -57.60 -49.04
N ALA A 2864 53.69 -56.96 -48.52
CA ALA A 2864 55.00 -56.99 -49.17
C ALA A 2864 55.88 -58.11 -48.62
N ARG A 2865 55.33 -58.90 -47.71
CA ARG A 2865 56.08 -59.98 -47.06
C ARG A 2865 56.36 -61.15 -48.00
N GLY A 2866 57.63 -61.53 -48.09
CA GLY A 2866 58.03 -62.67 -48.89
C GLY A 2866 58.81 -62.34 -50.16
N GLY A 2867 58.93 -61.07 -50.49
CA GLY A 2867 59.71 -60.68 -51.65
C GLY A 2867 59.10 -61.12 -52.96
N ARG A 2868 59.84 -61.94 -53.71
CA ARG A 2868 59.31 -62.55 -54.91
C ARG A 2868 58.08 -63.42 -54.61
N GLU A 2869 58.00 -63.89 -53.37
CA GLU A 2869 56.85 -64.69 -52.93
C GLU A 2869 55.76 -63.83 -52.32
N SER A 2870 55.98 -62.51 -52.29
CA SER A 2870 55.02 -61.60 -51.69
C SER A 2870 53.77 -61.43 -52.53
N THR A 2871 52.67 -61.07 -51.88
CA THR A 2871 51.40 -60.91 -52.57
C THR A 2871 51.47 -59.73 -53.53
N LEU A 2872 52.23 -58.71 -53.15
CA LEU A 2872 52.34 -57.51 -53.98
C LEU A 2872 53.11 -57.79 -55.26
N ALA A 2873 54.20 -58.54 -55.14
CA ALA A 2873 55.05 -58.81 -56.29
C ALA A 2873 54.47 -59.89 -57.21
N ARG A 2874 53.84 -60.90 -56.61
CA ARG A 2874 53.23 -61.98 -57.38
C ARG A 2874 52.05 -61.46 -58.18
N SER A 2875 51.28 -60.56 -57.57
CA SER A 2875 50.17 -59.91 -58.26
C SER A 2875 50.69 -59.21 -59.51
N LEU A 2876 51.78 -58.48 -59.36
CA LEU A 2876 52.44 -57.84 -60.48
C LEU A 2876 52.99 -58.87 -61.48
N ALA A 2877 53.72 -59.86 -60.96
CA ALA A 2877 54.41 -60.84 -61.79
C ALA A 2877 53.48 -61.66 -62.69
N GLN A 2878 52.27 -61.90 -62.23
CA GLN A 2878 51.27 -62.60 -63.04
C GLN A 2878 50.90 -61.84 -64.31
N LEU A 2879 51.08 -60.52 -64.29
CA LEU A 2879 50.89 -59.71 -65.49
C LEU A 2879 52.22 -59.52 -66.21
N GLY A 2880 53.28 -60.09 -65.66
CA GLY A 2880 54.60 -59.92 -66.22
C GLY A 2880 55.13 -58.55 -65.85
N VAL A 2881 54.66 -58.05 -64.71
CA VAL A 2881 55.04 -56.73 -64.22
C VAL A 2881 55.98 -56.88 -63.01
N GLY A 2882 57.00 -56.03 -62.96
CA GLY A 2882 57.96 -56.06 -61.86
C GLY A 2882 57.62 -55.08 -60.75
N ALA A 2883 58.43 -55.10 -59.69
CA ALA A 2883 58.24 -54.22 -58.55
C ALA A 2883 58.57 -52.77 -58.91
N ASP A 2884 59.47 -52.59 -59.87
CA ASP A 2884 59.86 -51.27 -60.33
C ASP A 2884 58.75 -50.63 -61.14
N ASP A 2885 57.80 -51.45 -61.58
CA ASP A 2885 56.75 -51.01 -62.49
C ASP A 2885 55.55 -50.37 -61.79
N ILE A 2886 55.63 -50.24 -60.47
CA ILE A 2886 54.66 -49.42 -59.77
C ILE A 2886 55.26 -48.03 -59.68
N ALA A 2887 54.73 -47.11 -60.48
CA ALA A 2887 55.19 -45.74 -60.50
C ALA A 2887 54.54 -44.89 -59.40
N VAL A 2888 53.24 -45.11 -59.24
CA VAL A 2888 52.42 -44.24 -58.39
C VAL A 2888 51.78 -44.99 -57.23
N ILE A 2889 51.89 -44.41 -56.04
CA ILE A 2889 51.11 -44.85 -54.90
C ILE A 2889 50.16 -43.71 -54.54
N SER A 2890 48.89 -44.02 -54.34
CA SER A 2890 47.98 -43.01 -53.82
C SER A 2890 47.93 -43.18 -52.32
N LYS A 2891 48.53 -42.22 -51.61
CA LYS A 2891 48.56 -42.28 -50.16
C LYS A 2891 47.22 -41.85 -49.59
N HIS A 2892 46.93 -42.30 -48.38
CA HIS A 2892 45.78 -41.82 -47.65
C HIS A 2892 45.99 -40.32 -47.44
N ASP A 2893 47.20 -39.97 -47.04
CA ASP A 2893 47.64 -38.58 -46.92
C ASP A 2893 46.63 -37.70 -46.20
N THR A 2894 46.43 -37.98 -44.92
CA THR A 2894 45.41 -37.30 -44.15
C THR A 2894 45.83 -35.88 -43.77
N SER A 2895 47.09 -35.54 -44.01
CA SER A 2895 47.63 -34.24 -43.63
C SER A 2895 47.79 -34.08 -42.12
N THR A 2896 47.43 -35.12 -41.37
CA THR A 2896 47.71 -35.16 -39.94
C THR A 2896 49.19 -35.46 -39.73
N LEU A 2897 49.73 -35.06 -38.59
CA LEU A 2897 51.14 -35.28 -38.29
C LEU A 2897 51.44 -36.74 -37.99
N ALA A 2898 50.41 -37.48 -37.58
CA ALA A 2898 50.58 -38.89 -37.24
C ALA A 2898 50.63 -39.79 -38.48
N ASN A 2899 49.69 -39.58 -39.39
CA ASN A 2899 49.51 -40.46 -40.55
C ASN A 2899 50.58 -40.33 -41.64
N ASP A 2900 50.84 -39.10 -42.06
CA ASP A 2900 51.74 -38.84 -43.20
C ASP A 2900 53.14 -39.48 -43.11
N PRO A 2901 53.90 -39.23 -42.03
CA PRO A 2901 55.24 -39.83 -42.00
C PRO A 2901 55.19 -41.35 -41.84
N ASN A 2902 54.17 -41.85 -41.15
CA ASN A 2902 54.02 -43.28 -40.93
C ASN A 2902 53.69 -44.02 -42.21
N GLU A 2903 52.72 -43.49 -42.96
CA GLU A 2903 52.32 -44.07 -44.23
C GLU A 2903 53.49 -44.00 -45.22
N THR A 2904 54.33 -42.98 -45.05
CA THR A 2904 55.51 -42.82 -45.90
C THR A 2904 56.56 -43.87 -45.56
N GLU A 2905 56.84 -44.02 -44.27
CA GLU A 2905 57.75 -45.06 -43.79
C GLU A 2905 57.25 -46.44 -44.22
N LEU A 2906 55.93 -46.59 -44.21
CA LEU A 2906 55.29 -47.83 -44.60
C LEU A 2906 55.54 -48.14 -46.07
N HIS A 2907 55.25 -47.18 -46.93
CA HIS A 2907 55.43 -47.34 -48.37
C HIS A 2907 56.90 -47.43 -48.73
N GLU A 2908 57.75 -46.79 -47.93
CA GLU A 2908 59.19 -46.84 -48.13
C GLU A 2908 59.71 -48.25 -47.88
N ARG A 2909 59.18 -48.89 -46.85
CA ARG A 2909 59.63 -50.22 -46.45
C ARG A 2909 59.10 -51.34 -47.35
N ILE A 2910 57.84 -51.24 -47.75
CA ILE A 2910 57.26 -52.24 -48.64
C ILE A 2910 58.00 -52.28 -49.98
N ALA A 2911 58.58 -51.15 -50.37
CA ALA A 2911 59.40 -51.08 -51.56
C ALA A 2911 60.81 -51.60 -51.30
N ASP A 2912 61.34 -51.29 -50.12
CA ASP A 2912 62.72 -51.62 -49.77
C ASP A 2912 63.00 -53.13 -49.77
N SER A 2913 62.09 -53.90 -49.18
CA SER A 2913 62.28 -55.34 -49.06
C SER A 2913 61.96 -56.11 -50.33
N MET A 2914 61.12 -55.55 -51.18
CA MET A 2914 60.71 -56.23 -52.40
C MET A 2914 61.74 -56.04 -53.51
N GLY A 2915 62.81 -55.31 -53.20
CA GLY A 2915 63.88 -55.11 -54.14
C GLY A 2915 63.60 -54.01 -55.16
N ARG A 2916 62.91 -52.96 -54.71
CA ARG A 2916 62.73 -51.77 -55.53
C ARG A 2916 64.13 -51.24 -55.83
N ALA A 2917 64.41 -51.02 -57.11
CA ALA A 2917 65.70 -50.50 -57.52
C ALA A 2917 65.99 -49.20 -56.78
N PRO A 2918 67.19 -49.06 -56.23
CA PRO A 2918 67.55 -47.89 -55.43
C PRO A 2918 67.27 -46.59 -56.19
N GLY A 2919 66.56 -45.67 -55.55
CA GLY A 2919 66.23 -44.40 -56.17
C GLY A 2919 65.31 -44.49 -57.37
N ASN A 2920 64.38 -45.45 -57.35
CA ASN A 2920 63.32 -45.49 -58.33
C ASN A 2920 62.04 -45.27 -57.56
N PRO A 2921 61.82 -44.02 -57.13
CA PRO A 2921 60.84 -43.70 -56.09
C PRO A 2921 59.41 -43.76 -56.59
N LEU A 2922 58.50 -44.06 -55.66
CA LEU A 2922 57.09 -44.09 -55.98
C LEU A 2922 56.57 -42.66 -55.97
N PHE A 2923 56.07 -42.21 -57.12
CA PHE A 2923 55.55 -40.86 -57.23
C PHE A 2923 54.16 -40.83 -56.64
N ILE A 2924 53.95 -40.01 -55.62
CA ILE A 2924 52.74 -40.08 -54.84
C ILE A 2924 51.85 -38.83 -54.91
N VAL A 2925 50.56 -39.06 -55.09
CA VAL A 2925 49.58 -37.99 -55.15
C VAL A 2925 48.78 -37.91 -53.85
N SER A 2926 48.43 -36.70 -53.45
CA SER A 2926 47.51 -36.50 -52.33
C SER A 2926 46.24 -35.82 -52.79
N GLN A 2927 45.14 -36.57 -52.81
CA GLN A 2927 43.87 -36.05 -53.28
C GLN A 2927 43.11 -35.37 -52.14
N LYS A 2928 43.56 -35.63 -50.91
CA LYS A 2928 42.91 -35.05 -49.73
C LYS A 2928 43.23 -33.57 -49.61
N THR A 2929 44.29 -33.14 -50.29
CA THR A 2929 44.65 -31.74 -50.29
C THR A 2929 43.65 -30.95 -51.13
N LEU A 2930 43.06 -31.64 -52.11
CA LEU A 2930 42.03 -31.04 -52.94
C LEU A 2930 40.66 -31.32 -52.33
N THR A 2931 40.22 -32.57 -52.41
CA THR A 2931 38.86 -32.96 -52.06
C THR A 2931 38.57 -32.97 -50.57
N GLY A 2932 39.61 -32.84 -49.75
CA GLY A 2932 39.46 -32.97 -48.32
C GLY A 2932 39.32 -34.42 -47.94
N HIS A 2933 39.11 -34.71 -46.66
CA HIS A 2933 38.95 -36.09 -46.23
C HIS A 2933 37.51 -36.45 -45.91
N ALA A 2934 36.92 -37.26 -46.77
CA ALA A 2934 35.62 -37.85 -46.50
C ALA A 2934 35.87 -39.27 -45.98
N LYS A 2935 35.52 -39.51 -44.73
CA LYS A 2935 35.83 -40.76 -44.04
C LYS A 2935 35.50 -42.02 -44.84
N GLY A 2936 34.21 -42.24 -45.10
CA GLY A 2936 33.76 -43.44 -45.79
C GLY A 2936 34.19 -43.54 -47.24
N GLY A 2937 34.10 -42.43 -47.97
CA GLY A 2937 34.40 -42.42 -49.39
C GLY A 2937 35.80 -41.97 -49.73
N ALA A 2938 36.71 -42.08 -48.75
CA ALA A 2938 38.10 -41.67 -48.94
C ALA A 2938 38.80 -42.40 -50.09
N ALA A 2939 39.02 -43.70 -49.91
CA ALA A 2939 39.85 -44.48 -50.83
C ALA A 2939 39.21 -44.74 -52.19
N VAL A 2940 37.92 -44.45 -52.32
CA VAL A 2940 37.25 -44.59 -53.61
C VAL A 2940 37.56 -43.41 -54.51
N PHE A 2941 37.57 -42.21 -53.92
CA PHE A 2941 37.95 -41.01 -54.65
C PHE A 2941 39.40 -41.17 -55.12
N GLN A 2942 40.21 -41.85 -54.30
CA GLN A 2942 41.57 -42.19 -54.68
C GLN A 2942 41.55 -43.33 -55.69
N MET A 2943 40.59 -44.24 -55.53
CA MET A 2943 40.42 -45.34 -56.46
C MET A 2943 40.03 -44.78 -57.83
N MET A 2944 39.13 -43.80 -57.83
CA MET A 2944 38.71 -43.14 -59.05
C MET A 2944 39.87 -42.41 -59.72
N GLY A 2945 40.61 -41.64 -58.93
CA GLY A 2945 41.74 -40.89 -59.43
C GLY A 2945 42.82 -41.80 -60.00
N LEU A 2946 42.98 -42.98 -59.41
CA LEU A 2946 44.01 -43.92 -59.85
C LEU A 2946 43.70 -44.51 -61.21
N CYS A 2947 42.43 -44.79 -61.47
CA CYS A 2947 42.01 -45.28 -62.78
C CYS A 2947 42.28 -44.20 -63.82
N GLN A 2948 41.92 -42.97 -63.48
CA GLN A 2948 42.13 -41.82 -64.35
C GLN A 2948 43.62 -41.54 -64.56
N ILE A 2949 44.43 -41.92 -63.57
CA ILE A 2949 45.88 -41.81 -63.69
C ILE A 2949 46.41 -42.81 -64.72
N LEU A 2950 45.95 -44.05 -64.62
CA LEU A 2950 46.41 -45.12 -65.50
C LEU A 2950 46.10 -44.86 -66.97
N ARG A 2951 44.85 -44.50 -67.27
CA ARG A 2951 44.42 -44.32 -68.65
C ARG A 2951 45.03 -43.07 -69.31
N ASP A 2952 45.02 -41.95 -68.58
CA ASP A 2952 45.56 -40.70 -69.12
C ASP A 2952 47.08 -40.62 -68.98
N GLY A 2953 47.63 -41.39 -68.04
CA GLY A 2953 49.06 -41.38 -67.79
C GLY A 2953 49.47 -40.25 -66.85
N VAL A 2954 48.62 -39.25 -66.71
CA VAL A 2954 48.95 -38.05 -65.95
C VAL A 2954 49.01 -38.30 -64.45
N ILE A 2955 50.09 -37.85 -63.83
CA ILE A 2955 50.24 -37.94 -62.38
C ILE A 2955 49.95 -36.58 -61.74
N PRO A 2956 48.81 -36.46 -61.05
CA PRO A 2956 48.38 -35.21 -60.41
C PRO A 2956 49.35 -34.73 -59.33
N PRO A 2957 49.56 -33.40 -59.26
CA PRO A 2957 50.42 -32.76 -58.27
C PRO A 2957 49.76 -32.64 -56.91
N ASN A 2958 50.56 -32.37 -55.90
CA ASN A 2958 50.04 -31.78 -54.68
C ASN A 2958 50.38 -30.31 -54.72
N ARG A 2959 49.37 -29.48 -54.98
CA ARG A 2959 49.59 -28.04 -55.15
C ARG A 2959 49.54 -27.32 -53.82
N SER A 2960 49.24 -28.08 -52.77
CA SER A 2960 49.18 -27.52 -51.42
C SER A 2960 50.52 -27.67 -50.71
N LEU A 2961 51.53 -28.16 -51.42
CA LEU A 2961 52.82 -28.38 -50.81
C LEU A 2961 53.72 -27.16 -50.98
N ASP A 2962 53.94 -26.46 -49.88
CA ASP A 2962 54.94 -25.39 -49.84
C ASP A 2962 56.34 -25.96 -49.62
N CYS A 2963 56.45 -26.84 -48.64
CA CYS A 2963 57.74 -27.46 -48.29
C CYS A 2963 57.55 -28.90 -47.83
N VAL A 2964 58.43 -29.78 -48.29
CA VAL A 2964 58.40 -31.18 -47.86
C VAL A 2964 58.98 -31.29 -46.45
N ASP A 2965 58.32 -32.10 -45.61
CA ASP A 2965 58.79 -32.31 -44.24
C ASP A 2965 60.19 -32.90 -44.25
N ASP A 2966 61.09 -32.27 -43.49
CA ASP A 2966 62.50 -32.66 -43.46
C ASP A 2966 62.71 -34.06 -42.90
N GLU A 2967 61.70 -34.57 -42.21
CA GLU A 2967 61.76 -35.93 -41.66
C GLU A 2967 61.66 -36.98 -42.76
N LEU A 2968 60.92 -36.64 -43.81
CA LEU A 2968 60.65 -37.57 -44.91
C LEU A 2968 61.87 -37.82 -45.80
N ALA A 2969 62.95 -37.09 -45.53
CA ALA A 2969 64.19 -37.25 -46.30
C ALA A 2969 64.76 -38.67 -46.18
N THR A 2970 64.51 -39.31 -45.04
CA THR A 2970 65.01 -40.65 -44.80
C THR A 2970 64.40 -41.69 -45.75
N SER A 2971 63.29 -41.32 -46.39
CA SER A 2971 62.65 -42.19 -47.36
C SER A 2971 63.12 -41.84 -48.78
N GLY A 2972 63.89 -42.74 -49.39
CA GLY A 2972 64.45 -42.49 -50.70
C GLY A 2972 63.68 -43.14 -51.83
N HIS A 2973 62.77 -44.05 -51.46
CA HIS A 2973 61.91 -44.71 -52.44
C HIS A 2973 60.61 -43.93 -52.63
N PHE A 2974 60.56 -42.76 -52.02
CA PHE A 2974 59.37 -41.91 -52.09
C PHE A 2974 59.66 -40.52 -52.64
N VAL A 2975 58.87 -40.08 -53.62
CA VAL A 2975 58.99 -38.74 -54.17
C VAL A 2975 57.67 -37.98 -54.09
N TRP A 2976 57.74 -36.74 -53.60
CA TRP A 2976 56.57 -35.90 -53.42
C TRP A 2976 56.57 -34.79 -54.46
N VAL A 2977 55.61 -34.82 -55.37
CA VAL A 2977 55.59 -33.90 -56.51
C VAL A 2977 54.62 -32.73 -56.30
N ARG A 2978 55.14 -31.51 -56.38
CA ARG A 2978 54.33 -30.31 -56.18
C ARG A 2978 53.67 -29.81 -57.46
N GLU A 2979 54.13 -30.29 -58.61
CA GLU A 2979 53.61 -29.83 -59.90
C GLU A 2979 53.26 -31.02 -60.79
N PRO A 2980 52.20 -30.88 -61.60
CA PRO A 2980 51.71 -32.03 -62.37
C PRO A 2980 52.74 -32.54 -63.38
N LEU A 2981 52.99 -33.84 -63.35
CA LEU A 2981 53.82 -34.46 -64.36
C LEU A 2981 52.87 -35.15 -65.32
N ASP A 2982 52.73 -34.59 -66.51
CA ASP A 2982 51.75 -35.07 -67.47
C ASP A 2982 52.39 -36.01 -68.47
N LEU A 2983 51.93 -37.26 -68.47
CA LEU A 2983 52.50 -38.28 -69.32
C LEU A 2983 51.74 -38.40 -70.65
N ARG A 2984 52.43 -38.08 -71.73
CA ARG A 2984 51.85 -38.08 -73.06
C ARG A 2984 51.90 -39.48 -73.69
N GLY A 2985 51.61 -39.56 -74.98
CA GLY A 2985 51.58 -40.83 -75.68
C GLY A 2985 52.92 -41.56 -75.75
N LYS A 2986 54.01 -40.80 -75.68
CA LYS A 2986 55.35 -41.39 -75.73
C LYS A 2986 55.86 -41.76 -74.34
N PHE A 2987 55.11 -41.36 -73.32
CA PHE A 2987 55.52 -41.59 -71.95
C PHE A 2987 54.39 -42.28 -71.20
N PRO A 2988 54.37 -43.62 -71.23
CA PRO A 2988 53.30 -44.41 -70.62
C PRO A 2988 53.48 -44.57 -69.12
N LEU A 2989 52.55 -45.28 -68.49
CA LEU A 2989 52.70 -45.69 -67.10
C LEU A 2989 52.07 -47.07 -66.94
N LYS A 2990 52.17 -47.65 -65.75
CA LYS A 2990 51.77 -49.05 -65.59
C LYS A 2990 50.79 -49.33 -64.44
N ALA A 2991 51.25 -49.21 -63.20
CA ALA A 2991 50.44 -49.66 -62.06
C ALA A 2991 50.46 -48.73 -60.86
N GLY A 2992 49.27 -48.45 -60.33
CA GLY A 2992 49.13 -47.65 -59.12
C GLY A 2992 48.80 -48.47 -57.88
N LEU A 2993 48.89 -47.82 -56.72
CA LEU A 2993 48.53 -48.46 -55.45
C LEU A 2993 47.76 -47.50 -54.54
N VAL A 2994 46.54 -47.90 -54.16
CA VAL A 2994 45.73 -47.12 -53.23
C VAL A 2994 45.88 -47.64 -51.81
N THR A 2995 46.31 -46.77 -50.91
CA THR A 2995 46.49 -47.14 -49.51
C THR A 2995 45.69 -46.21 -48.59
N SER A 2996 44.96 -46.78 -47.65
CA SER A 2996 44.15 -45.99 -46.73
C SER A 2996 44.22 -46.55 -45.30
N LEU A 2997 44.39 -45.65 -44.34
CA LEU A 2997 44.45 -46.05 -42.93
C LEU A 2997 43.22 -45.54 -42.18
N GLY A 2998 42.35 -46.47 -41.77
CA GLY A 2998 41.18 -46.13 -41.00
C GLY A 2998 41.49 -46.08 -39.51
N PHE A 2999 40.48 -45.71 -38.72
CA PHE A 2999 40.63 -45.63 -37.27
C PHE A 2999 40.51 -47.01 -36.62
N GLY A 3000 41.34 -47.25 -35.62
CA GLY A 3000 41.36 -48.53 -34.94
C GLY A 3000 42.02 -49.63 -35.76
N HIS A 3001 43.22 -49.34 -36.26
CA HIS A 3001 44.02 -50.33 -36.97
C HIS A 3001 43.37 -50.81 -38.26
N VAL A 3002 42.55 -49.97 -38.88
CA VAL A 3002 42.05 -50.33 -40.19
C VAL A 3002 43.00 -49.76 -41.23
N SER A 3003 43.72 -50.63 -41.90
CA SER A 3003 44.64 -50.22 -42.95
C SER A 3003 44.30 -51.02 -44.18
N GLY A 3004 44.56 -50.47 -45.36
CA GLY A 3004 44.23 -51.18 -46.57
C GLY A 3004 45.12 -50.86 -47.75
N LEU A 3005 45.20 -51.80 -48.69
CA LEU A 3005 46.02 -51.64 -49.88
C LEU A 3005 45.30 -52.23 -51.09
N VAL A 3006 45.23 -51.45 -52.17
CA VAL A 3006 44.67 -51.92 -53.42
C VAL A 3006 45.63 -51.69 -54.57
N ALA A 3007 46.13 -52.79 -55.14
CA ALA A 3007 47.03 -52.70 -56.27
C ALA A 3007 46.25 -52.59 -57.57
N LEU A 3008 46.45 -51.48 -58.29
CA LEU A 3008 45.76 -51.29 -59.56
C LEU A 3008 46.73 -51.33 -60.75
N VAL A 3009 46.30 -51.96 -61.83
CA VAL A 3009 47.13 -52.18 -63.02
C VAL A 3009 46.41 -51.76 -64.31
N HIS A 3010 47.17 -51.24 -65.26
CA HIS A 3010 46.64 -50.74 -66.53
C HIS A 3010 45.82 -51.78 -67.29
N PRO A 3011 44.70 -51.36 -67.93
CA PRO A 3011 43.83 -52.26 -68.69
C PRO A 3011 44.53 -53.05 -69.79
N GLU A 3012 45.48 -52.44 -70.48
CA GLU A 3012 46.13 -53.06 -71.64
C GLU A 3012 46.98 -54.29 -71.27
N ALA A 3013 47.15 -54.53 -69.98
CA ALA A 3013 47.84 -55.74 -69.53
C ALA A 3013 46.91 -56.95 -69.67
N PHE A 3014 45.62 -56.72 -69.59
CA PHE A 3014 44.63 -57.78 -69.70
C PHE A 3014 44.39 -58.18 -71.15
N ILE A 3015 44.48 -57.20 -72.05
CA ILE A 3015 44.20 -57.43 -73.47
C ILE A 3015 45.27 -58.31 -74.11
N ALA A 3016 46.37 -58.51 -73.39
CA ALA A 3016 47.50 -59.29 -73.89
C ALA A 3016 47.29 -60.79 -73.73
N ALA A 3017 46.25 -61.16 -73.00
CA ALA A 3017 45.93 -62.57 -72.74
C ALA A 3017 44.90 -63.15 -73.70
N LEU A 3018 44.48 -62.36 -74.69
CA LEU A 3018 43.43 -62.81 -75.60
C LEU A 3018 43.92 -63.48 -76.88
N ASP A 3019 45.23 -63.45 -77.12
CA ASP A 3019 45.83 -63.86 -78.40
C ASP A 3019 45.47 -62.82 -79.47
N PRO A 3020 46.33 -62.66 -80.50
CA PRO A 3020 46.17 -61.56 -81.46
C PRO A 3020 44.82 -61.50 -82.18
N SER A 3021 44.22 -62.65 -82.44
CA SER A 3021 42.92 -62.68 -83.11
C SER A 3021 41.81 -62.15 -82.21
N GLU A 3022 41.74 -62.68 -80.98
CA GLU A 3022 40.70 -62.27 -80.05
C GLU A 3022 40.98 -60.90 -79.44
N ARG A 3023 42.26 -60.54 -79.35
CA ARG A 3023 42.65 -59.23 -78.86
C ARG A 3023 42.12 -58.17 -79.81
N GLU A 3024 42.28 -58.44 -81.10
CA GLU A 3024 41.80 -57.54 -82.14
C GLU A 3024 40.27 -57.51 -82.15
N ASP A 3025 39.65 -58.63 -81.81
CA ASP A 3025 38.20 -58.73 -81.77
C ASP A 3025 37.60 -57.95 -80.61
N TYR A 3026 38.33 -57.89 -79.50
CA TYR A 3026 37.87 -57.16 -78.32
C TYR A 3026 37.95 -55.66 -78.52
N ARG A 3027 39.04 -55.19 -79.12
CA ARG A 3027 39.21 -53.76 -79.38
C ARG A 3027 38.09 -53.25 -80.28
N THR A 3028 37.61 -54.12 -81.16
CA THR A 3028 36.48 -53.79 -82.02
C THR A 3028 35.23 -53.53 -81.21
N ARG A 3029 34.96 -54.42 -80.25
CA ARG A 3029 33.78 -54.28 -79.41
C ARG A 3029 33.89 -53.10 -78.45
N ALA A 3030 35.07 -52.92 -77.86
CA ALA A 3030 35.29 -51.83 -76.92
C ALA A 3030 35.20 -50.47 -77.60
N GLU A 3031 35.61 -50.41 -78.85
CA GLU A 3031 35.55 -49.18 -79.63
C GLU A 3031 34.10 -48.79 -79.92
N GLN A 3032 33.29 -49.79 -80.26
CA GLN A 3032 31.87 -49.57 -80.54
C GLN A 3032 31.13 -49.14 -79.28
N ARG A 3033 31.58 -49.63 -78.13
CA ARG A 3033 30.94 -49.31 -76.86
C ARG A 3033 31.22 -47.88 -76.45
N MET A 3034 32.45 -47.43 -76.68
CA MET A 3034 32.85 -46.06 -76.33
C MET A 3034 32.01 -45.05 -77.09
N LEU A 3035 31.79 -45.31 -78.38
CA LEU A 3035 30.97 -44.43 -79.20
C LEU A 3035 29.53 -44.40 -78.71
N ALA A 3036 29.01 -45.58 -78.37
CA ALA A 3036 27.65 -45.69 -77.84
C ALA A 3036 27.60 -45.14 -76.41
N GLY A 3037 28.72 -45.23 -75.71
CA GLY A 3037 28.82 -44.73 -74.35
C GLY A 3037 28.84 -43.22 -74.32
N GLN A 3038 29.57 -42.62 -75.26
CA GLN A 3038 29.62 -41.17 -75.39
C GLN A 3038 28.24 -40.62 -75.74
N ARG A 3039 27.53 -41.36 -76.58
CA ARG A 3039 26.14 -41.04 -76.93
C ARG A 3039 25.26 -40.95 -75.68
N ARG A 3040 25.15 -42.07 -74.98
CA ARG A 3040 24.33 -42.17 -73.76
C ARG A 3040 24.64 -41.09 -72.73
N LEU A 3041 25.93 -40.80 -72.54
CA LEU A 3041 26.36 -39.87 -71.51
C LEU A 3041 25.90 -38.43 -71.79
N VAL A 3042 26.22 -37.92 -72.97
CA VAL A 3042 25.88 -36.55 -73.33
C VAL A 3042 24.38 -36.34 -73.44
N SER A 3043 23.64 -37.43 -73.69
CA SER A 3043 22.19 -37.38 -73.74
C SER A 3043 21.64 -37.29 -72.32
N ALA A 3044 22.33 -37.94 -71.39
CA ALA A 3044 21.92 -37.97 -69.99
C ALA A 3044 22.20 -36.64 -69.30
N ILE A 3045 23.40 -36.12 -69.51
CA ILE A 3045 23.83 -34.88 -68.87
C ILE A 3045 22.91 -33.70 -69.19
N ALA A 3046 22.49 -33.60 -70.44
CA ALA A 3046 21.71 -32.46 -70.91
C ALA A 3046 20.23 -32.49 -70.53
N GLY A 3047 19.62 -33.67 -70.59
CA GLY A 3047 18.18 -33.78 -70.45
C GLY A 3047 17.65 -34.07 -69.05
N GLY A 3048 18.53 -34.49 -68.14
CA GLY A 3048 18.11 -34.88 -66.81
C GLY A 3048 17.57 -36.30 -66.84
N ARG A 3049 17.83 -36.99 -67.94
CA ARG A 3049 17.42 -38.38 -68.15
C ARG A 3049 18.00 -39.49 -67.24
N PRO A 3050 19.30 -39.42 -66.88
CA PRO A 3050 19.96 -40.63 -66.36
C PRO A 3050 19.32 -41.26 -65.13
N MET A 3051 18.46 -40.54 -64.43
CA MET A 3051 17.78 -41.13 -63.28
C MET A 3051 16.30 -41.34 -63.54
N TYR A 3052 15.93 -42.61 -63.69
CA TYR A 3052 14.55 -43.03 -63.90
C TYR A 3052 14.21 -44.06 -62.84
N GLU A 3053 13.25 -43.74 -61.99
CA GLU A 3053 12.89 -44.67 -60.92
C GLU A 3053 11.86 -45.66 -61.46
N LYS A 3054 12.24 -46.92 -61.47
CA LYS A 3054 11.49 -47.96 -62.18
C LYS A 3054 10.21 -48.40 -61.48
N PRO A 3055 9.12 -48.48 -62.25
CA PRO A 3055 7.80 -49.01 -61.85
C PRO A 3055 7.86 -50.52 -61.60
N ALA A 3056 8.95 -51.15 -62.02
CA ALA A 3056 9.14 -52.60 -61.92
C ALA A 3056 8.13 -53.39 -62.74
N ASP A 3057 8.00 -53.01 -64.01
CA ASP A 3057 7.08 -53.64 -64.95
C ASP A 3057 7.27 -55.16 -65.05
N ARG A 3058 8.52 -55.60 -65.08
CA ARG A 3058 8.82 -57.01 -65.29
C ARG A 3058 8.33 -57.89 -64.15
N ARG A 3059 8.24 -57.31 -62.95
CA ARG A 3059 7.75 -58.03 -61.78
C ARG A 3059 6.28 -58.43 -61.92
N PHE A 3060 5.42 -57.43 -62.07
CA PHE A 3060 3.96 -57.60 -62.04
C PHE A 3060 3.24 -57.71 -63.39
N ASP A 3061 4.00 -57.83 -64.49
CA ASP A 3061 3.51 -57.50 -65.84
C ASP A 3061 2.10 -57.99 -66.17
N HIS A 3062 1.78 -59.22 -65.79
CA HIS A 3062 0.40 -59.70 -65.81
C HIS A 3062 0.04 -60.13 -64.40
N ASP A 3063 -0.93 -59.46 -63.79
CA ASP A 3063 -1.22 -59.64 -62.36
C ASP A 3063 -1.38 -61.09 -61.90
N VAL A 3064 -2.23 -61.84 -62.59
CA VAL A 3064 -2.48 -63.23 -62.19
C VAL A 3064 -1.28 -64.19 -62.35
N PRO A 3065 -0.75 -64.35 -63.57
CA PRO A 3065 0.32 -65.36 -63.70
C PRO A 3065 1.65 -64.98 -63.05
N GLU A 3066 2.05 -63.72 -63.12
CA GLU A 3066 3.38 -63.32 -62.65
C GLU A 3066 3.56 -63.54 -61.17
N LYS A 3067 2.47 -63.39 -60.40
CA LYS A 3067 2.51 -63.70 -58.98
C LYS A 3067 2.67 -65.21 -58.79
N ARG A 3068 2.11 -65.98 -59.70
CA ARG A 3068 2.29 -67.43 -59.70
C ARG A 3068 3.64 -67.79 -60.28
N GLN A 3069 4.07 -67.03 -61.30
CA GLN A 3069 5.35 -67.27 -61.96
C GLN A 3069 6.51 -66.77 -61.09
N GLU A 3070 6.19 -66.09 -60.00
CA GLU A 3070 7.20 -65.55 -59.10
C GLU A 3070 8.09 -66.66 -58.54
N ALA A 3071 7.46 -67.78 -58.16
CA ALA A 3071 8.19 -68.93 -57.67
C ALA A 3071 9.03 -69.55 -58.78
N ALA A 3072 8.39 -69.84 -59.91
CA ALA A 3072 9.04 -70.51 -61.03
C ALA A 3072 10.28 -69.80 -61.55
N MET A 3073 10.29 -68.47 -61.48
CA MET A 3073 11.42 -67.68 -61.94
C MET A 3073 12.67 -67.94 -61.09
N LEU A 3074 12.53 -67.78 -59.79
CA LEU A 3074 13.64 -67.94 -58.86
C LEU A 3074 14.15 -69.38 -58.81
N LEU A 3075 13.29 -70.32 -59.17
CA LEU A 3075 13.63 -71.74 -59.09
C LEU A 3075 14.54 -72.22 -60.22
N SER A 3076 14.19 -71.90 -61.47
CA SER A 3076 14.92 -72.38 -62.63
C SER A 3076 16.02 -71.43 -63.07
N THR A 3077 17.18 -71.98 -63.40
CA THR A 3077 18.39 -71.17 -63.65
C THR A 3077 18.34 -70.20 -64.82
N ASP A 3078 17.97 -70.70 -66.00
CA ASP A 3078 18.20 -69.98 -67.25
C ASP A 3078 17.12 -68.98 -67.67
N ALA A 3079 16.09 -68.82 -66.84
CA ALA A 3079 15.02 -67.88 -67.17
C ALA A 3079 15.50 -66.43 -67.07
N ARG A 3080 15.32 -65.68 -68.16
CA ARG A 3080 15.85 -64.32 -68.25
C ARG A 3080 14.96 -63.34 -69.02
N LEU A 3081 15.50 -62.15 -69.30
CA LEU A 3081 14.79 -61.10 -70.01
C LEU A 3081 15.03 -61.16 -71.52
N GLY A 3082 13.95 -61.07 -72.30
CA GLY A 3082 14.06 -60.86 -73.73
C GLY A 3082 14.23 -59.38 -73.95
N GLU A 3083 15.04 -58.99 -74.93
CA GLU A 3083 15.26 -57.57 -75.19
C GLU A 3083 14.19 -56.94 -76.09
N ASN A 3084 13.66 -57.76 -77.01
CA ASN A 3084 12.76 -57.28 -78.06
C ASN A 3084 11.45 -56.63 -77.59
N ASP A 3085 10.96 -57.06 -76.43
CA ASP A 3085 9.73 -56.51 -75.86
C ASP A 3085 10.07 -55.32 -75.00
N GLN A 3086 11.34 -54.93 -75.04
CA GLN A 3086 11.94 -54.00 -74.08
C GLN A 3086 11.94 -54.57 -72.66
N TYR A 3087 12.81 -55.55 -72.44
CA TYR A 3087 13.09 -56.11 -71.12
C TYR A 3087 11.88 -56.68 -70.39
N VAL A 3088 11.34 -57.77 -70.92
CA VAL A 3088 10.23 -58.48 -70.30
C VAL A 3088 10.73 -59.67 -69.49
N LEU A 3089 10.05 -59.97 -68.38
CA LEU A 3089 10.37 -61.14 -67.55
C LEU A 3089 9.53 -62.37 -67.90
N ALA B 31 -46.86 62.31 -103.32
CA ALA B 31 -46.99 63.69 -102.87
C ALA B 31 -45.87 64.03 -101.90
N HIS B 32 -44.80 64.62 -102.39
CA HIS B 32 -43.71 65.01 -101.51
C HIS B 32 -43.75 66.51 -101.29
N ALA B 33 -43.98 66.93 -100.06
CA ALA B 33 -44.12 68.35 -99.76
C ALA B 33 -42.87 69.15 -100.10
N LEU B 34 -41.69 68.67 -99.69
CA LEU B 34 -40.44 69.39 -99.92
C LEU B 34 -40.25 69.72 -101.39
N VAL B 35 -40.38 68.69 -102.22
CA VAL B 35 -40.30 68.81 -103.67
C VAL B 35 -41.35 69.81 -104.15
N ASP B 36 -42.53 69.72 -103.56
CA ASP B 36 -43.62 70.65 -103.80
C ASP B 36 -43.26 72.03 -103.25
N ARG B 37 -42.54 72.04 -102.13
CA ARG B 37 -41.98 73.27 -101.60
C ARG B 37 -40.89 73.70 -102.57
N LEU B 38 -39.97 72.79 -102.90
CA LEU B 38 -38.85 73.07 -103.80
C LEU B 38 -39.30 73.75 -105.09
N SER B 39 -40.42 73.30 -105.64
CA SER B 39 -40.92 73.86 -106.88
C SER B 39 -41.38 75.32 -106.71
N ALA B 40 -42.36 75.55 -105.85
CA ALA B 40 -42.84 76.91 -105.59
C ALA B 40 -41.98 77.68 -104.58
N GLY B 41 -41.71 77.05 -103.44
CA GLY B 41 -41.01 77.67 -102.33
C GLY B 41 -39.53 77.33 -102.31
N GLU B 42 -38.99 77.17 -101.10
CA GLU B 42 -37.55 77.13 -100.82
C GLU B 42 -36.72 76.17 -101.68
N PRO B 43 -35.51 76.61 -102.09
CA PRO B 43 -34.53 75.93 -102.96
C PRO B 43 -33.69 74.82 -102.33
N TYR B 44 -33.02 74.03 -103.16
CA TYR B 44 -32.32 72.82 -102.71
C TYR B 44 -30.96 72.54 -103.38
N ALA B 45 -30.09 71.84 -102.67
CA ALA B 45 -28.75 71.49 -103.15
C ALA B 45 -28.33 70.06 -102.80
N VAL B 46 -27.74 69.36 -103.78
CA VAL B 46 -27.34 67.96 -103.62
C VAL B 46 -25.89 67.84 -103.14
N ALA B 47 -25.66 67.00 -102.15
CA ALA B 47 -24.29 66.77 -101.67
C ALA B 47 -23.87 65.29 -101.75
N PHE B 48 -22.62 65.05 -102.17
CA PHE B 48 -22.09 63.70 -102.24
C PHE B 48 -20.86 63.51 -101.34
N GLY B 49 -20.88 62.45 -100.55
CA GLY B 49 -19.79 62.16 -99.62
C GLY B 49 -18.57 61.56 -100.29
N GLY B 50 -17.44 61.59 -99.57
CA GLY B 50 -16.19 61.07 -100.09
C GLY B 50 -15.73 59.78 -99.44
N GLN B 51 -14.43 59.50 -99.54
CA GLN B 51 -13.84 58.28 -98.99
C GLN B 51 -13.87 58.32 -97.46
N GLY B 52 -13.80 57.13 -96.85
CA GLY B 52 -13.83 57.01 -95.40
C GLY B 52 -15.25 56.97 -94.89
N SER B 53 -16.16 56.49 -95.74
CA SER B 53 -17.58 56.48 -95.42
C SER B 53 -18.09 55.15 -94.87
N ALA B 54 -17.19 54.18 -94.72
CA ALA B 54 -17.57 52.81 -94.33
C ALA B 54 -18.64 52.27 -95.27
N TRP B 55 -18.34 52.30 -96.56
CA TRP B 55 -19.32 52.13 -97.62
C TRP B 55 -20.00 50.76 -97.74
N LEU B 56 -19.25 49.69 -97.52
CA LEU B 56 -19.75 48.34 -97.81
C LEU B 56 -21.04 47.96 -97.06
N GLU B 57 -21.07 48.24 -95.77
CA GLU B 57 -22.23 47.89 -94.95
C GLU B 57 -23.47 48.67 -95.40
N THR B 58 -23.23 49.86 -95.95
CA THR B 58 -24.31 50.66 -96.51
C THR B 58 -24.76 50.06 -97.83
N LEU B 59 -23.81 49.59 -98.63
CA LEU B 59 -24.10 48.97 -99.91
C LEU B 59 -24.84 47.65 -99.71
N GLU B 60 -24.45 46.91 -98.68
CA GLU B 60 -25.09 45.64 -98.35
C GLU B 60 -26.55 45.86 -97.95
N GLU B 61 -26.77 46.86 -97.11
CA GLU B 61 -28.11 47.21 -96.67
C GLU B 61 -28.94 47.77 -97.81
N LEU B 62 -28.31 48.60 -98.64
CA LEU B 62 -28.99 49.23 -99.77
C LEU B 62 -29.52 48.18 -100.74
N VAL B 63 -28.74 47.12 -100.94
CA VAL B 63 -29.18 46.01 -101.79
C VAL B 63 -30.36 45.28 -101.14
N SER B 64 -30.23 45.00 -99.85
CA SER B 64 -31.28 44.30 -99.11
C SER B 64 -32.54 45.15 -99.01
N SER B 65 -32.37 46.46 -98.85
CA SER B 65 -33.50 47.36 -98.73
C SER B 65 -34.09 47.71 -100.10
N ALA B 66 -33.41 47.28 -101.16
CA ALA B 66 -33.89 47.54 -102.52
C ALA B 66 -34.84 46.45 -103.00
N GLY B 67 -36.01 46.88 -103.47
CA GLY B 67 -36.97 45.95 -104.06
C GLY B 67 -36.93 46.04 -105.57
N ILE B 68 -36.17 47.01 -106.08
CA ILE B 68 -36.05 47.21 -107.52
C ILE B 68 -34.60 47.06 -107.97
N GLU B 69 -34.34 46.01 -108.74
CA GLU B 69 -32.98 45.72 -109.21
C GLU B 69 -32.70 46.24 -110.62
N SER B 70 -33.67 46.93 -111.21
CA SER B 70 -33.61 47.32 -112.62
C SER B 70 -32.33 48.04 -113.03
N GLU B 71 -31.92 49.04 -112.25
CA GLU B 71 -30.71 49.79 -112.56
C GLU B 71 -29.47 48.90 -112.47
N LEU B 72 -29.42 48.08 -111.43
CA LEU B 72 -28.25 47.23 -111.17
C LEU B 72 -27.92 46.28 -112.31
N ALA B 73 -28.91 46.02 -113.17
CA ALA B 73 -28.71 45.13 -114.32
C ALA B 73 -27.79 45.79 -115.36
N THR B 74 -28.07 47.04 -115.67
CA THR B 74 -27.30 47.78 -116.67
C THR B 74 -25.96 48.23 -116.11
N LEU B 75 -25.97 48.69 -114.85
CA LEU B 75 -24.75 49.18 -114.20
C LEU B 75 -23.69 48.09 -114.11
N ALA B 76 -24.13 46.84 -113.95
CA ALA B 76 -23.23 45.71 -113.86
C ALA B 76 -22.65 45.35 -115.23
N GLY B 77 -23.49 45.43 -116.25
CA GLY B 77 -23.07 45.11 -117.60
C GLY B 77 -22.13 46.14 -118.19
N GLU B 78 -22.42 47.42 -117.94
CA GLU B 78 -21.58 48.49 -118.45
C GLU B 78 -20.24 48.53 -117.72
N ALA B 79 -20.22 48.04 -116.49
CA ALA B 79 -18.98 47.92 -115.73
C ALA B 79 -18.09 46.87 -116.37
N GLU B 80 -18.71 45.79 -116.85
CA GLU B 80 -18.00 44.75 -117.56
C GLU B 80 -17.51 45.28 -118.91
N LEU B 81 -18.44 45.91 -119.63
CA LEU B 81 -18.13 46.44 -120.96
C LEU B 81 -16.98 47.43 -120.94
N LEU B 82 -17.18 48.58 -120.30
CA LEU B 82 -16.25 49.71 -120.40
C LEU B 82 -14.77 49.37 -120.16
N LEU B 83 -14.51 48.32 -119.39
CA LEU B 83 -13.14 47.91 -119.11
C LEU B 83 -12.43 47.27 -120.31
N GLU B 84 -13.19 46.54 -121.13
CA GLU B 84 -12.62 45.79 -122.25
C GLU B 84 -12.03 46.63 -123.40
N PRO B 85 -12.80 47.59 -123.96
CA PRO B 85 -12.27 48.40 -125.06
C PRO B 85 -11.11 49.31 -124.67
N VAL B 86 -10.85 49.45 -123.37
CA VAL B 86 -9.88 50.44 -122.88
C VAL B 86 -8.53 50.29 -123.58
N ALA B 87 -8.10 51.40 -124.20
CA ALA B 87 -6.84 51.43 -124.92
C ALA B 87 -5.75 52.03 -124.03
N SER B 88 -6.16 52.47 -122.85
CA SER B 88 -5.23 52.97 -121.86
C SER B 88 -4.49 51.80 -121.27
N GLU B 89 -3.35 52.07 -120.61
CA GLU B 89 -2.49 51.03 -120.07
C GLU B 89 -3.30 49.98 -119.31
N LEU B 90 -3.79 50.34 -118.12
CA LEU B 90 -4.81 49.58 -117.40
C LEU B 90 -4.60 48.06 -117.37
N VAL B 91 -3.35 47.62 -117.36
CA VAL B 91 -3.07 46.19 -117.41
C VAL B 91 -3.23 45.56 -116.04
N VAL B 92 -2.79 46.27 -115.01
CA VAL B 92 -2.85 45.78 -113.64
C VAL B 92 -4.25 45.94 -113.08
N VAL B 93 -4.95 46.97 -113.53
CA VAL B 93 -6.23 47.35 -112.94
C VAL B 93 -7.39 46.41 -113.25
N ARG B 94 -7.58 46.12 -114.54
CA ARG B 94 -8.69 45.26 -114.97
C ARG B 94 -8.80 43.88 -114.31
N PRO B 95 -7.67 43.15 -114.13
CA PRO B 95 -7.84 41.87 -113.45
C PRO B 95 -8.14 42.03 -111.96
N ILE B 96 -7.57 43.04 -111.32
CA ILE B 96 -7.77 43.27 -109.89
C ILE B 96 -9.13 43.92 -109.64
N GLY B 97 -9.80 44.32 -110.72
CA GLY B 97 -11.19 44.74 -110.63
C GLY B 97 -12.05 43.52 -110.41
N PHE B 98 -13.19 43.69 -109.75
CA PHE B 98 -14.07 42.57 -109.45
C PHE B 98 -15.50 42.80 -109.93
N GLU B 99 -16.16 41.73 -110.35
CA GLU B 99 -17.55 41.78 -110.77
C GLU B 99 -18.44 42.13 -109.58
N PRO B 100 -19.13 43.28 -109.65
CA PRO B 100 -19.93 43.80 -108.53
C PRO B 100 -21.12 42.92 -108.18
N LEU B 101 -21.70 42.26 -109.18
CA LEU B 101 -22.88 41.43 -108.95
C LEU B 101 -22.58 40.21 -108.10
N GLN B 102 -21.37 39.66 -108.26
CA GLN B 102 -20.99 38.44 -107.56
C GLN B 102 -20.74 38.68 -106.07
N TRP B 103 -19.99 39.74 -105.76
CA TRP B 103 -19.69 40.09 -104.37
C TRP B 103 -20.95 40.40 -103.57
N VAL B 104 -21.92 41.01 -104.22
CA VAL B 104 -23.18 41.37 -103.57
C VAL B 104 -24.00 40.12 -103.23
N ARG B 105 -24.21 39.26 -104.22
CA ARG B 105 -24.97 38.02 -104.01
C ARG B 105 -24.28 37.11 -103.01
N ALA B 106 -22.95 37.14 -103.01
CA ALA B 106 -22.17 36.41 -102.03
C ALA B 106 -22.47 36.97 -100.64
N LEU B 107 -22.33 38.28 -100.50
CA LEU B 107 -22.60 38.96 -99.24
C LEU B 107 -24.04 38.79 -98.79
N ALA B 108 -24.92 38.43 -99.72
CA ALA B 108 -26.32 38.19 -99.41
C ALA B 108 -26.56 36.76 -98.93
N ALA B 109 -25.58 35.88 -99.13
CA ALA B 109 -25.65 34.51 -98.65
C ALA B 109 -25.10 34.44 -97.22
N GLU B 110 -24.60 35.59 -96.78
CA GLU B 110 -24.13 35.87 -95.42
C GLU B 110 -22.78 35.25 -95.06
N GLU B 111 -22.36 34.21 -95.78
CA GLU B 111 -21.00 33.69 -95.59
C GLU B 111 -19.85 34.49 -96.23
N PRO B 112 -19.88 34.68 -97.56
CA PRO B 112 -18.71 35.28 -98.23
C PRO B 112 -18.60 36.80 -98.14
N VAL B 113 -17.37 37.28 -98.01
CA VAL B 113 -16.98 38.67 -98.19
C VAL B 113 -15.49 38.78 -97.86
N PRO B 114 -14.73 39.55 -98.66
CA PRO B 114 -13.32 39.75 -98.31
C PRO B 114 -13.19 40.57 -97.03
N SER B 115 -11.95 40.76 -96.56
CA SER B 115 -11.71 41.52 -95.35
C SER B 115 -11.94 43.01 -95.59
N ASP B 116 -12.17 43.75 -94.52
CA ASP B 116 -12.37 45.19 -94.61
C ASP B 116 -11.12 45.86 -95.20
N LYS B 117 -9.95 45.31 -94.89
CA LYS B 117 -8.69 45.84 -95.41
C LYS B 117 -8.63 45.78 -96.92
N GLN B 118 -9.21 44.73 -97.49
CA GLN B 118 -9.23 44.56 -98.94
C GLN B 118 -10.29 45.46 -99.59
N LEU B 119 -11.42 45.59 -98.92
CA LEU B 119 -12.54 46.37 -99.44
C LEU B 119 -12.32 47.87 -99.33
N THR B 120 -11.48 48.27 -98.36
CA THR B 120 -11.20 49.69 -98.14
C THR B 120 -10.13 50.24 -99.08
N SER B 121 -9.41 49.34 -99.74
CA SER B 121 -8.36 49.76 -100.68
C SER B 121 -8.98 50.51 -101.85
N ALA B 122 -8.35 51.60 -102.24
CA ALA B 122 -8.90 52.54 -103.21
C ALA B 122 -9.37 51.91 -104.52
N ALA B 123 -8.67 50.86 -104.94
CA ALA B 123 -8.97 50.20 -106.21
C ALA B 123 -10.43 49.73 -106.29
N VAL B 124 -10.84 48.90 -105.33
CA VAL B 124 -12.22 48.44 -105.29
C VAL B 124 -13.16 49.31 -104.46
N SER B 125 -12.61 50.18 -103.62
CA SER B 125 -13.45 50.99 -102.72
C SER B 125 -14.07 52.19 -103.42
N VAL B 126 -13.25 52.94 -104.15
CA VAL B 126 -13.69 54.14 -104.85
C VAL B 126 -14.88 53.94 -105.79
N PRO B 127 -14.85 52.88 -106.63
CA PRO B 127 -16.04 52.63 -107.45
C PRO B 127 -17.24 52.25 -106.60
N GLY B 128 -17.02 51.41 -105.60
CA GLY B 128 -18.09 50.92 -104.75
C GLY B 128 -18.82 52.01 -103.99
N VAL B 129 -18.08 53.05 -103.61
CA VAL B 129 -18.66 54.19 -102.92
C VAL B 129 -19.64 54.93 -103.82
N LEU B 130 -19.26 55.12 -105.07
CA LEU B 130 -20.12 55.80 -106.04
C LEU B 130 -21.39 55.01 -106.32
N LEU B 131 -21.24 53.69 -106.45
CA LEU B 131 -22.39 52.82 -106.71
C LEU B 131 -23.41 52.93 -105.59
N THR B 132 -22.92 53.04 -104.35
CA THR B 132 -23.78 53.24 -103.19
C THR B 132 -24.51 54.57 -103.31
N GLN B 133 -23.78 55.60 -103.74
CA GLN B 133 -24.35 56.92 -103.93
C GLN B 133 -25.34 56.95 -105.09
N ILE B 134 -24.96 56.31 -106.19
CA ILE B 134 -25.82 56.23 -107.37
C ILE B 134 -27.11 55.48 -107.06
N ALA B 135 -26.98 54.37 -106.34
CA ALA B 135 -28.14 53.60 -105.91
C ALA B 135 -29.00 54.41 -104.95
N ALA B 136 -28.37 55.32 -104.21
CA ALA B 136 -29.07 56.19 -103.30
C ALA B 136 -29.89 57.24 -104.05
N VAL B 137 -29.40 57.63 -105.22
CA VAL B 137 -30.12 58.56 -106.08
C VAL B 137 -31.38 57.90 -106.60
N ARG B 138 -31.24 56.66 -107.05
CA ARG B 138 -32.33 55.91 -107.66
C ARG B 138 -33.48 55.66 -106.69
N ALA B 139 -33.15 55.40 -105.43
CA ALA B 139 -34.13 55.09 -104.41
C ALA B 139 -35.22 56.16 -104.28
N LEU B 140 -34.80 57.40 -104.11
CA LEU B 140 -35.74 58.52 -104.06
C LEU B 140 -36.40 58.71 -105.41
N ALA B 141 -35.65 58.45 -106.47
CA ALA B 141 -36.15 58.61 -107.83
C ALA B 141 -37.20 57.56 -108.19
N ARG B 142 -37.24 56.47 -107.43
CA ARG B 142 -38.22 55.41 -107.69
C ARG B 142 -39.64 55.88 -107.42
N GLN B 143 -39.87 56.39 -106.22
CA GLN B 143 -41.21 56.77 -105.78
C GLN B 143 -41.74 58.05 -106.45
N GLY B 144 -40.94 59.11 -106.39
CA GLY B 144 -41.42 60.43 -106.78
C GLY B 144 -40.87 61.08 -108.04
N MET B 145 -40.31 60.30 -108.96
CA MET B 145 -39.46 60.87 -110.03
C MET B 145 -40.00 62.08 -110.76
N ASP B 146 -41.25 62.02 -111.22
CA ASP B 146 -41.88 63.15 -111.89
C ASP B 146 -41.72 64.39 -111.02
N LEU B 147 -41.93 64.22 -109.72
CA LEU B 147 -41.65 65.27 -108.73
C LEU B 147 -40.18 65.32 -108.31
N THR B 148 -39.58 64.16 -108.09
CA THR B 148 -38.22 64.06 -107.52
C THR B 148 -37.14 64.19 -108.57
N ALA B 149 -37.54 64.67 -109.73
CA ALA B 149 -36.66 64.94 -110.86
C ALA B 149 -35.76 66.09 -110.52
N THR B 150 -35.18 66.67 -111.56
CA THR B 150 -33.97 67.47 -111.44
C THR B 150 -33.79 68.43 -110.25
N PRO B 151 -34.71 69.40 -110.01
CA PRO B 151 -34.22 70.73 -109.58
C PRO B 151 -33.47 70.97 -108.24
N PRO B 152 -32.12 70.88 -108.27
CA PRO B 152 -31.34 71.54 -107.22
C PRO B 152 -31.05 72.98 -107.63
N VAL B 153 -30.39 73.78 -106.79
CA VAL B 153 -29.80 75.04 -107.29
C VAL B 153 -28.46 74.65 -107.89
N ALA B 154 -27.75 73.82 -107.12
CA ALA B 154 -26.41 73.38 -107.45
C ALA B 154 -26.18 71.95 -106.95
N VAL B 155 -25.17 71.30 -107.51
CA VAL B 155 -24.75 70.00 -107.01
C VAL B 155 -23.29 70.04 -106.60
N ALA B 156 -23.02 69.79 -105.32
CA ALA B 156 -21.65 69.80 -104.81
C ALA B 156 -21.21 68.46 -104.23
N GLY B 157 -19.90 68.28 -104.12
CA GLY B 157 -19.34 67.01 -103.69
C GLY B 157 -18.06 67.15 -102.89
N HIS B 158 -17.68 66.07 -102.20
CA HIS B 158 -16.49 66.07 -101.37
C HIS B 158 -15.54 64.97 -101.78
N SER B 159 -14.27 65.32 -101.94
CA SER B 159 -13.25 64.38 -102.39
C SER B 159 -13.67 63.70 -103.69
N GLN B 160 -13.83 62.38 -103.64
CA GLN B 160 -14.28 61.63 -104.81
C GLN B 160 -15.77 61.82 -105.05
N GLY B 161 -16.45 62.50 -104.12
CA GLY B 161 -17.87 62.76 -104.25
C GLY B 161 -18.20 63.74 -105.35
N VAL B 162 -17.21 64.53 -105.78
CA VAL B 162 -17.40 65.49 -106.85
C VAL B 162 -17.64 64.77 -108.18
N LEU B 163 -17.15 63.53 -108.26
CA LEU B 163 -17.37 62.70 -109.43
C LEU B 163 -18.86 62.50 -109.68
N ALA B 164 -19.53 61.81 -108.77
CA ALA B 164 -20.95 61.48 -108.91
C ALA B 164 -21.85 62.71 -109.07
N VAL B 165 -21.34 63.85 -108.65
CA VAL B 165 -22.01 65.13 -108.80
C VAL B 165 -22.18 65.49 -110.28
N GLN B 166 -21.10 65.34 -111.04
CA GLN B 166 -21.04 65.81 -112.42
C GLN B 166 -22.07 65.16 -113.34
N ALA B 167 -22.07 63.84 -113.43
CA ALA B 167 -22.95 63.15 -114.37
C ALA B 167 -24.38 63.02 -113.85
N LEU B 168 -24.61 63.38 -112.60
CA LEU B 168 -25.96 63.47 -112.09
C LEU B 168 -26.60 64.73 -112.66
N ALA B 169 -25.75 65.73 -112.93
CA ALA B 169 -26.19 66.96 -113.56
C ALA B 169 -26.17 66.81 -115.08
N ALA B 170 -25.63 65.68 -115.55
CA ALA B 170 -25.63 65.36 -116.97
C ALA B 170 -26.73 64.35 -117.26
N LYS B 171 -26.82 63.89 -118.51
CA LYS B 171 -27.85 62.93 -118.89
C LYS B 171 -27.61 61.56 -118.28
N GLY B 172 -28.66 60.74 -118.23
CA GLY B 172 -28.64 59.46 -117.55
C GLY B 172 -27.68 58.42 -118.11
N ALA B 173 -27.21 58.64 -119.33
CA ALA B 173 -26.29 57.70 -119.96
C ALA B 173 -24.87 57.85 -119.42
N LYS B 174 -24.66 58.87 -118.60
CA LYS B 174 -23.34 59.17 -118.03
C LYS B 174 -23.14 58.57 -116.65
N ASP B 175 -24.11 57.80 -116.18
CA ASP B 175 -24.09 57.25 -114.82
C ASP B 175 -22.87 56.39 -114.49
N VAL B 176 -22.60 55.38 -115.31
CA VAL B 176 -21.47 54.48 -115.07
C VAL B 176 -20.14 55.21 -115.24
N GLU B 177 -20.13 56.25 -116.08
CA GLU B 177 -18.94 57.05 -116.32
C GLU B 177 -18.28 57.51 -115.03
N LEU B 178 -19.13 57.80 -114.04
CA LEU B 178 -18.69 58.03 -112.68
C LEU B 178 -17.95 56.81 -112.15
N LEU B 179 -18.67 55.70 -112.05
CA LEU B 179 -18.11 54.42 -111.64
C LEU B 179 -16.91 54.06 -112.50
N ALA B 180 -16.97 54.43 -113.78
CA ALA B 180 -15.88 54.20 -114.71
C ALA B 180 -14.65 55.02 -114.34
N LEU B 181 -14.86 56.30 -114.05
CA LEU B 181 -13.75 57.18 -113.65
C LEU B 181 -13.28 56.84 -112.25
N ALA B 182 -14.21 56.48 -111.37
CA ALA B 182 -13.88 56.07 -110.02
C ALA B 182 -13.01 54.82 -110.03
N GLN B 183 -13.31 53.91 -110.95
CA GLN B 183 -12.51 52.71 -111.13
C GLN B 183 -11.10 53.10 -111.52
N LEU B 184 -10.98 54.18 -112.30
CA LEU B 184 -9.69 54.68 -112.75
C LEU B 184 -8.98 55.51 -111.67
N ILE B 185 -9.76 56.26 -110.89
CA ILE B 185 -9.18 57.13 -109.85
C ILE B 185 -8.47 56.33 -108.76
N GLY B 186 -9.19 55.39 -108.16
CA GLY B 186 -8.63 54.58 -107.09
C GLY B 186 -7.54 53.65 -107.56
N ALA B 187 -7.57 53.32 -108.84
CA ALA B 187 -6.60 52.40 -109.44
C ALA B 187 -5.20 52.99 -109.55
N ALA B 188 -5.11 54.16 -110.20
CA ALA B 188 -3.84 54.83 -110.39
C ALA B 188 -3.30 55.32 -109.06
N GLY B 189 -4.20 55.83 -108.22
CA GLY B 189 -3.84 56.29 -106.89
C GLY B 189 -3.19 55.17 -106.10
N THR B 190 -3.74 53.96 -106.24
CA THR B 190 -3.19 52.79 -105.58
C THR B 190 -1.82 52.40 -106.15
N LEU B 191 -1.73 52.37 -107.48
CA LEU B 191 -0.48 51.99 -108.15
C LEU B 191 0.64 52.97 -107.83
N VAL B 192 0.34 54.26 -107.90
CA VAL B 192 1.32 55.29 -107.58
C VAL B 192 1.78 55.26 -106.12
N ALA B 193 0.83 55.34 -105.18
CA ALA B 193 1.16 55.29 -103.76
C ALA B 193 0.16 54.43 -102.99
N ARG B 194 0.68 53.46 -102.23
CA ARG B 194 -0.16 52.62 -101.39
C ARG B 194 0.51 52.42 -100.02
N ARG B 195 -0.29 52.10 -99.01
CA ARG B 195 0.23 51.96 -97.65
C ARG B 195 1.24 50.83 -97.54
N ARG B 196 2.44 51.15 -97.08
CA ARG B 196 3.47 50.14 -96.86
C ARG B 196 3.62 49.69 -95.41
N GLY B 197 2.89 50.32 -94.51
CA GLY B 197 2.97 49.94 -93.11
C GLY B 197 1.90 50.57 -92.23
N ILE B 198 1.58 49.89 -91.14
CA ILE B 198 0.57 50.35 -90.20
C ILE B 198 0.85 49.75 -88.82
N THR B 199 0.55 50.50 -87.76
CA THR B 199 0.82 50.04 -86.39
C THR B 199 -0.36 50.33 -85.46
N VAL B 200 -0.77 49.32 -84.69
CA VAL B 200 -1.99 49.37 -83.89
C VAL B 200 -2.12 50.63 -83.04
N LEU B 201 -0.99 51.20 -82.64
CA LEU B 201 -1.02 52.41 -81.83
C LEU B 201 -1.43 53.62 -82.66
N GLY B 202 -2.52 54.23 -82.24
CA GLY B 202 -3.04 55.47 -82.78
C GLY B 202 -4.27 55.46 -83.68
N ASP B 203 -4.52 54.45 -84.51
CA ASP B 203 -3.54 53.68 -85.26
C ASP B 203 -3.09 54.62 -86.38
N ARG B 204 -1.92 54.38 -86.98
CA ARG B 204 -1.31 55.33 -87.93
C ARG B 204 -1.61 55.09 -89.42
N PRO B 205 -2.49 55.91 -90.02
CA PRO B 205 -2.86 56.00 -91.43
C PRO B 205 -2.12 57.12 -92.17
N PRO B 206 -2.39 57.28 -93.47
CA PRO B 206 -2.06 58.48 -94.25
C PRO B 206 -2.91 59.73 -93.92
N MET B 207 -4.03 59.55 -93.22
CA MET B 207 -4.93 60.67 -92.94
C MET B 207 -5.02 60.99 -91.44
N VAL B 208 -4.69 62.23 -91.08
CA VAL B 208 -4.66 62.64 -89.69
C VAL B 208 -5.55 63.86 -89.40
N SER B 209 -6.15 63.91 -88.21
CA SER B 209 -7.04 65.01 -87.85
C SER B 209 -6.73 65.58 -86.47
N VAL B 210 -6.68 66.90 -86.38
CA VAL B 210 -6.47 67.60 -85.11
C VAL B 210 -7.66 68.50 -84.81
N THR B 211 -8.03 68.60 -83.54
CA THR B 211 -9.20 69.38 -83.13
C THR B 211 -8.82 70.53 -82.20
N ASN B 212 -9.68 71.55 -82.18
CA ASN B 212 -9.58 72.70 -81.28
C ASN B 212 -8.50 73.72 -81.65
N ALA B 213 -7.58 73.33 -82.54
CA ALA B 213 -6.47 74.20 -82.90
C ALA B 213 -6.75 75.02 -84.16
N ASP B 214 -6.26 76.25 -84.17
CA ASP B 214 -6.44 77.16 -85.31
C ASP B 214 -5.84 76.59 -86.59
N PRO B 215 -6.40 76.96 -87.75
CA PRO B 215 -5.84 76.58 -89.04
C PRO B 215 -4.43 77.16 -89.21
N GLU B 216 -4.20 78.32 -88.60
CA GLU B 216 -2.90 78.95 -88.62
C GLU B 216 -1.91 78.23 -87.70
N ARG B 217 -2.38 77.85 -86.52
CA ARG B 217 -1.55 77.17 -85.54
C ARG B 217 -1.16 75.77 -86.01
N ILE B 218 -2.11 75.06 -86.62
CA ILE B 218 -1.85 73.73 -87.14
C ILE B 218 -0.82 73.77 -88.26
N TYR B 219 -0.99 74.71 -89.18
CA TYR B 219 -0.05 74.88 -90.27
C TYR B 219 1.32 75.29 -89.76
N GLU B 220 1.34 75.99 -88.63
CA GLU B 220 2.59 76.39 -87.99
C GLU B 220 3.40 75.17 -87.58
N LEU B 221 2.78 74.31 -86.76
CA LEU B 221 3.40 73.07 -86.32
C LEU B 221 3.72 72.18 -87.53
N LEU B 222 2.84 72.23 -88.53
CA LEU B 222 3.06 71.53 -89.78
C LEU B 222 4.34 72.06 -90.43
N GLU B 223 4.40 73.38 -90.60
CA GLU B 223 5.57 74.03 -91.17
C GLU B 223 6.81 73.85 -90.30
N GLU B 224 6.60 73.80 -88.99
CA GLU B 224 7.70 73.54 -88.06
C GLU B 224 8.32 72.16 -88.30
N PHE B 225 7.46 71.16 -88.53
CA PHE B 225 7.90 69.79 -88.77
C PHE B 225 8.39 69.57 -90.20
N SER B 226 7.69 70.16 -91.16
CA SER B 226 8.05 70.01 -92.57
C SER B 226 9.42 70.62 -92.86
N SER B 227 9.86 71.51 -91.99
CA SER B 227 11.21 72.08 -92.10
C SER B 227 12.27 71.01 -91.95
N ASP B 228 11.94 69.95 -91.21
CA ASP B 228 12.92 68.93 -90.87
C ASP B 228 12.90 67.71 -91.80
N VAL B 229 12.01 67.71 -92.78
CA VAL B 229 11.87 66.55 -93.67
C VAL B 229 12.06 66.90 -95.15
N ARG B 230 12.36 65.87 -95.95
CA ARG B 230 12.60 66.01 -97.37
C ARG B 230 11.33 66.28 -98.18
N THR B 231 11.51 66.80 -99.39
CA THR B 231 10.40 67.14 -100.28
C THR B 231 9.52 65.93 -100.61
N VAL B 232 10.08 64.73 -100.48
CA VAL B 232 9.36 63.51 -100.85
C VAL B 232 8.21 63.15 -99.92
N LEU B 233 8.33 63.47 -98.62
CA LEU B 233 7.28 63.12 -97.68
C LEU B 233 6.84 64.25 -96.73
N PRO B 234 6.41 65.40 -97.29
CA PRO B 234 5.83 66.42 -96.41
C PRO B 234 4.37 66.13 -96.05
N PRO B 235 3.97 66.43 -94.80
CA PRO B 235 2.53 66.47 -94.52
C PRO B 235 1.94 67.81 -94.96
N VAL B 236 0.67 67.81 -95.35
CA VAL B 236 0.01 69.05 -95.76
C VAL B 236 -1.42 69.09 -95.24
N LEU B 237 -2.02 70.27 -95.25
CA LEU B 237 -3.42 70.42 -94.86
C LEU B 237 -4.32 70.00 -96.01
N SER B 238 -5.16 69.00 -95.76
CA SER B 238 -6.07 68.50 -96.78
C SER B 238 -7.46 69.11 -96.60
N ILE B 239 -8.12 68.76 -95.51
CA ILE B 239 -9.47 69.24 -95.26
C ILE B 239 -9.51 70.21 -94.09
N ARG B 240 -10.15 71.35 -94.30
CA ARG B 240 -10.51 72.21 -93.18
C ARG B 240 -11.99 71.98 -92.94
N ASN B 241 -12.31 71.26 -91.87
CA ASN B 241 -13.67 70.82 -91.61
C ASN B 241 -14.55 71.86 -90.92
N GLY B 242 -13.91 72.84 -90.30
CA GLY B 242 -14.62 73.86 -89.56
C GLY B 242 -13.66 74.89 -89.00
N ARG B 243 -14.12 75.63 -88.00
CA ARG B 243 -13.31 76.67 -87.38
C ARG B 243 -11.97 76.13 -86.85
N ARG B 244 -12.04 75.38 -85.75
CA ARG B 244 -10.85 74.86 -85.12
C ARG B 244 -10.54 73.39 -85.45
N SER B 245 -11.36 72.78 -86.30
CA SER B 245 -11.17 71.38 -86.68
C SER B 245 -10.58 71.27 -88.09
N VAL B 246 -9.42 70.64 -88.20
CA VAL B 246 -8.77 70.47 -89.49
C VAL B 246 -8.34 69.02 -89.72
N VAL B 247 -7.82 68.76 -90.92
CA VAL B 247 -7.28 67.45 -91.27
C VAL B 247 -5.97 67.61 -92.04
N ILE B 248 -4.89 67.05 -91.50
CA ILE B 248 -3.61 67.10 -92.18
C ILE B 248 -3.24 65.70 -92.67
N THR B 249 -2.63 65.60 -93.85
CA THR B 249 -2.36 64.32 -94.46
C THR B 249 -0.98 64.23 -95.10
N GLY B 250 -0.52 62.98 -95.28
CA GLY B 250 0.78 62.72 -95.85
C GLY B 250 1.19 61.29 -95.60
N THR B 251 2.49 61.02 -95.61
CA THR B 251 3.01 59.69 -95.30
C THR B 251 2.73 59.38 -93.84
N PRO B 252 2.23 58.16 -93.56
CA PRO B 252 1.88 57.73 -92.20
C PRO B 252 3.01 57.92 -91.19
N GLU B 253 4.23 57.60 -91.59
CA GLU B 253 5.38 57.73 -90.70
C GLU B 253 5.67 59.20 -90.37
N GLN B 254 5.68 60.05 -91.39
CA GLN B 254 5.93 61.47 -91.18
C GLN B 254 4.80 62.13 -90.41
N LEU B 255 3.57 61.68 -90.63
CA LEU B 255 2.43 62.15 -89.86
C LEU B 255 2.59 61.78 -88.39
N SER B 256 3.19 60.62 -88.15
CA SER B 256 3.42 60.14 -86.79
C SER B 256 4.47 60.99 -86.09
N ARG B 257 5.32 61.65 -86.88
CA ARG B 257 6.34 62.53 -86.34
C ARG B 257 5.76 63.86 -85.93
N PHE B 258 4.84 64.37 -86.73
CA PHE B 258 4.11 65.59 -86.40
C PHE B 258 3.35 65.35 -85.10
N GLU B 259 2.89 64.11 -84.93
CA GLU B 259 2.16 63.70 -83.74
C GLU B 259 2.98 63.90 -82.46
N LEU B 260 4.29 63.86 -82.59
CA LEU B 260 5.21 63.95 -81.45
C LEU B 260 5.32 65.36 -80.90
N TYR B 261 5.43 66.34 -81.80
CA TYR B 261 5.57 67.73 -81.41
C TYR B 261 4.33 68.24 -80.70
N CYS B 262 3.16 67.86 -81.21
CA CYS B 262 1.89 68.29 -80.62
C CYS B 262 1.72 67.72 -79.22
N THR B 263 2.28 66.54 -78.99
CA THR B 263 2.23 65.90 -77.68
C THR B 263 3.12 66.62 -76.68
N GLN B 264 4.32 66.99 -77.12
CA GLN B 264 5.27 67.69 -76.26
C GLN B 264 4.72 69.05 -75.84
N ILE B 265 4.14 69.78 -76.78
CA ILE B 265 3.54 71.07 -76.49
C ILE B 265 2.35 70.92 -75.54
N ALA B 266 1.56 69.87 -75.75
CA ALA B 266 0.42 69.58 -74.89
C ALA B 266 0.88 69.37 -73.45
N GLU B 267 2.02 68.71 -73.28
CA GLU B 267 2.54 68.42 -71.94
C GLU B 267 3.21 69.61 -71.29
N LYS B 268 3.95 70.40 -72.08
CA LYS B 268 4.62 71.58 -71.56
C LYS B 268 3.61 72.64 -71.15
N GLU B 269 2.50 72.69 -71.87
CA GLU B 269 1.42 73.62 -71.55
C GLU B 269 0.61 73.12 -70.35
N GLU B 270 0.71 71.83 -70.05
CA GLU B 270 0.03 71.26 -68.88
C GLU B 270 0.61 71.85 -67.59
N ALA B 271 1.93 72.04 -67.58
CA ALA B 271 2.59 72.67 -66.44
C ALA B 271 2.14 74.11 -66.33
N GLU B 272 1.72 74.67 -67.45
CA GLU B 272 1.21 76.03 -67.48
C GLU B 272 -0.19 76.13 -66.86
N ARG B 273 -1.10 75.25 -67.30
CA ARG B 273 -2.49 75.29 -66.83
C ARG B 273 -2.61 75.11 -65.32
N LYS B 274 -1.74 74.29 -64.76
CA LYS B 274 -1.80 73.95 -63.35
C LYS B 274 -1.18 75.05 -62.50
N ASN B 275 -0.70 76.09 -63.15
CA ASN B 275 -0.33 77.32 -62.47
C ASN B 275 -1.55 78.20 -62.28
N LYS B 276 -2.70 77.73 -62.76
CA LYS B 276 -3.97 78.44 -62.66
C LYS B 276 -3.97 79.79 -63.37
N LEU B 277 -3.50 79.79 -64.61
CA LEU B 277 -3.43 81.02 -65.42
C LEU B 277 -4.05 80.75 -66.78
N ARG B 278 -4.87 81.69 -67.29
CA ARG B 278 -5.58 81.48 -68.56
C ARG B 278 -4.76 81.65 -69.83
N GLY B 279 -4.01 82.76 -69.93
CA GLY B 279 -3.12 82.94 -71.06
C GLY B 279 -2.00 81.94 -70.92
N GLY B 280 -1.77 81.55 -69.67
CA GLY B 280 -0.82 80.52 -69.31
C GLY B 280 -1.49 79.18 -69.14
N ALA B 281 -2.61 78.95 -69.81
CA ALA B 281 -3.33 77.66 -69.71
C ALA B 281 -2.98 76.69 -70.82
N VAL B 282 -2.99 75.39 -70.48
CA VAL B 282 -2.79 74.35 -71.48
C VAL B 282 -3.85 74.46 -72.55
N PHE B 283 -3.48 74.06 -73.76
CA PHE B 283 -4.48 73.85 -74.79
C PHE B 283 -5.02 72.46 -74.60
N ALA B 284 -6.30 72.27 -74.90
CA ALA B 284 -6.91 70.95 -74.79
C ALA B 284 -7.39 70.51 -76.16
N PRO B 285 -6.46 70.17 -77.06
CA PRO B 285 -6.89 69.78 -78.40
C PRO B 285 -7.31 68.32 -78.37
N VAL B 286 -7.81 67.82 -79.50
CA VAL B 286 -8.11 66.42 -79.62
C VAL B 286 -7.43 65.88 -80.86
N PHE B 287 -6.43 65.03 -80.65
CA PHE B 287 -5.73 64.43 -81.77
C PHE B 287 -5.96 62.94 -81.80
N ASP B 288 -6.20 62.43 -83.00
CA ASP B 288 -6.40 61.01 -83.24
C ASP B 288 -6.57 60.83 -84.73
N PRO B 289 -5.89 59.81 -85.28
CA PRO B 289 -5.92 59.45 -86.69
C PRO B 289 -7.27 58.93 -87.19
N VAL B 290 -7.31 58.56 -88.47
CA VAL B 290 -8.53 58.14 -89.13
C VAL B 290 -8.34 56.77 -89.79
N GLN B 291 -9.43 56.14 -90.22
CA GLN B 291 -9.38 54.81 -90.79
C GLN B 291 -9.07 54.78 -92.29
N VAL B 292 -8.82 55.95 -92.88
CA VAL B 292 -8.54 56.04 -94.32
C VAL B 292 -7.19 55.44 -94.70
N GLU B 293 -7.19 54.64 -95.76
CA GLU B 293 -6.04 53.81 -96.12
C GLU B 293 -4.93 54.47 -96.94
N VAL B 294 -5.23 55.60 -97.58
CA VAL B 294 -4.28 56.19 -98.52
C VAL B 294 -4.39 57.72 -98.59
N GLY B 295 -3.25 58.38 -98.75
CA GLY B 295 -3.21 59.83 -98.83
C GLY B 295 -3.97 60.37 -100.01
N PHE B 296 -4.89 61.29 -99.74
CA PHE B 296 -5.61 61.99 -100.80
C PHE B 296 -5.35 63.47 -100.72
N HIS B 297 -5.54 64.16 -101.85
CA HIS B 297 -5.28 65.60 -101.96
C HIS B 297 -3.85 65.92 -101.54
N THR B 298 -2.92 65.06 -101.93
CA THR B 298 -1.51 65.28 -101.63
C THR B 298 -0.67 65.14 -102.91
N PRO B 299 0.50 65.80 -102.94
CA PRO B 299 1.45 65.69 -104.06
C PRO B 299 1.95 64.27 -104.30
N ARG B 300 1.76 63.39 -103.33
CA ARG B 300 2.16 61.99 -103.49
C ARG B 300 1.33 61.30 -104.57
N LEU B 301 0.19 61.90 -104.89
CA LEU B 301 -0.67 61.38 -105.95
C LEU B 301 -0.42 62.06 -107.30
N SER B 302 0.60 62.93 -107.36
CA SER B 302 0.85 63.74 -108.55
C SER B 302 1.09 62.94 -109.84
N ASP B 303 1.71 61.77 -109.72
CA ASP B 303 1.99 60.94 -110.89
C ASP B 303 0.71 60.24 -111.35
N GLY B 304 -0.32 60.28 -110.53
CA GLY B 304 -1.59 59.64 -110.82
C GLY B 304 -2.49 60.43 -111.75
N ILE B 305 -2.38 61.75 -111.70
CA ILE B 305 -3.23 62.63 -112.50
C ILE B 305 -3.12 62.33 -114.00
N GLU B 306 -1.89 62.39 -114.50
CA GLU B 306 -1.60 62.11 -115.92
C GLU B 306 -2.23 60.80 -116.38
N ILE B 307 -1.82 59.70 -115.75
CA ILE B 307 -2.32 58.37 -116.09
C ILE B 307 -3.84 58.30 -116.09
N VAL B 308 -4.47 58.85 -115.06
CA VAL B 308 -5.94 58.89 -114.97
C VAL B 308 -6.57 59.61 -116.16
N GLY B 309 -5.96 60.74 -116.54
CA GLY B 309 -6.45 61.54 -117.65
C GLY B 309 -6.53 60.76 -118.96
N ARG B 310 -5.48 60.01 -119.26
CA ARG B 310 -5.44 59.20 -120.46
C ARG B 310 -6.42 58.05 -120.37
N TRP B 311 -6.67 57.59 -119.15
CA TRP B 311 -7.59 56.48 -118.91
C TRP B 311 -9.02 56.85 -119.30
N ALA B 312 -9.36 58.13 -119.21
CA ALA B 312 -10.70 58.61 -119.56
C ALA B 312 -10.90 58.82 -121.06
N GLU B 313 -9.85 59.30 -121.74
CA GLU B 313 -9.95 59.65 -123.15
C GLU B 313 -9.94 58.42 -124.06
N THR B 314 -9.45 57.30 -123.51
CA THR B 314 -9.43 56.04 -124.24
C THR B 314 -10.76 55.31 -124.07
N VAL B 315 -11.68 55.98 -123.38
CA VAL B 315 -13.02 55.45 -123.12
C VAL B 315 -14.00 56.51 -123.62
N GLY B 316 -15.28 56.16 -123.70
CA GLY B 316 -16.31 57.07 -124.16
C GLY B 316 -16.70 58.03 -123.05
N LEU B 317 -15.79 58.17 -122.10
CA LEU B 317 -15.96 58.98 -120.90
C LEU B 317 -15.66 60.45 -121.20
N ASP B 318 -15.41 60.77 -122.46
CA ASP B 318 -14.86 62.08 -122.77
C ASP B 318 -15.86 63.18 -122.43
N VAL B 319 -15.46 64.00 -121.47
CA VAL B 319 -16.15 65.20 -121.03
C VAL B 319 -15.01 66.04 -120.50
N GLU B 320 -15.11 67.36 -120.62
CA GLU B 320 -13.97 68.23 -120.36
C GLU B 320 -13.59 68.39 -118.89
N LEU B 321 -14.39 67.84 -117.98
CA LEU B 321 -14.13 67.99 -116.55
C LEU B 321 -13.37 66.83 -115.92
N ALA B 322 -13.05 65.81 -116.71
CA ALA B 322 -12.31 64.65 -116.19
C ALA B 322 -10.91 65.06 -115.74
N LYS B 323 -10.37 66.08 -116.39
CA LYS B 323 -9.05 66.60 -116.05
C LYS B 323 -9.11 67.43 -114.76
N GLU B 324 -10.20 68.17 -114.60
CA GLU B 324 -10.36 69.05 -113.44
C GLU B 324 -10.75 68.28 -112.18
N LEU B 325 -11.61 67.28 -112.34
CA LEU B 325 -12.02 66.44 -111.21
C LEU B 325 -10.82 65.74 -110.59
N THR B 326 -10.00 65.15 -111.43
CA THR B 326 -8.82 64.42 -110.99
C THR B 326 -7.89 65.26 -110.11
N GLU B 327 -7.56 66.46 -110.59
CA GLU B 327 -6.70 67.38 -109.85
C GLU B 327 -7.33 67.77 -108.51
N SER B 328 -8.64 67.99 -108.52
CA SER B 328 -9.36 68.36 -107.30
C SER B 328 -9.33 67.20 -106.30
N ILE B 329 -9.51 65.99 -106.81
CA ILE B 329 -9.51 64.80 -105.96
C ILE B 329 -8.10 64.33 -105.56
N LEU B 330 -7.21 64.22 -106.54
CA LEU B 330 -5.89 63.64 -106.30
C LEU B 330 -4.85 64.58 -105.68
N VAL B 331 -4.78 65.82 -106.16
CA VAL B 331 -3.73 66.75 -105.73
C VAL B 331 -4.25 67.99 -105.02
N ARG B 332 -5.03 68.81 -105.73
CA ARG B 332 -5.58 70.02 -105.14
C ARG B 332 -6.36 69.69 -103.88
N GLN B 333 -6.26 70.56 -102.88
CA GLN B 333 -6.93 70.33 -101.61
C GLN B 333 -8.42 70.54 -101.80
N VAL B 334 -9.17 70.31 -100.73
CA VAL B 334 -10.59 70.64 -100.73
C VAL B 334 -10.83 71.68 -99.65
N ASP B 335 -11.17 72.89 -100.06
CA ASP B 335 -11.65 73.86 -99.09
C ASP B 335 -13.14 73.62 -99.12
N TRP B 336 -13.63 73.01 -98.05
CA TRP B 336 -14.99 72.47 -98.04
C TRP B 336 -16.00 73.46 -97.49
N VAL B 337 -15.78 73.89 -96.26
CA VAL B 337 -16.68 74.81 -95.58
C VAL B 337 -17.06 75.95 -96.51
N ASP B 338 -16.07 76.54 -97.18
CA ASP B 338 -16.32 77.68 -98.06
C ASP B 338 -17.14 77.37 -99.31
N GLU B 339 -17.06 76.14 -99.84
CA GLU B 339 -17.84 75.82 -101.04
C GLU B 339 -19.32 75.58 -100.78
N ILE B 340 -19.65 74.58 -99.95
CA ILE B 340 -21.05 74.31 -99.63
C ILE B 340 -21.73 75.50 -98.92
N THR B 341 -20.94 76.35 -98.27
CA THR B 341 -21.45 77.58 -97.68
C THR B 341 -21.79 78.59 -98.77
N GLU B 342 -20.97 78.61 -99.82
CA GLU B 342 -21.18 79.54 -100.92
C GLU B 342 -22.50 79.28 -101.61
N LEU B 343 -22.80 78.00 -101.85
CA LEU B 343 -24.08 77.60 -102.41
C LEU B 343 -25.17 77.80 -101.36
N HIS B 344 -24.77 77.79 -100.09
CA HIS B 344 -25.70 78.03 -98.99
C HIS B 344 -26.04 79.52 -98.85
N GLU B 345 -25.02 80.36 -98.97
CA GLU B 345 -25.22 81.81 -98.87
C GLU B 345 -26.00 82.34 -100.07
N ALA B 346 -26.19 81.49 -101.07
CA ALA B 346 -27.09 81.80 -102.18
C ALA B 346 -28.53 81.71 -101.69
N GLY B 347 -28.70 81.27 -100.45
CA GLY B 347 -30.01 81.18 -99.85
C GLY B 347 -30.78 79.94 -100.26
N ALA B 348 -30.06 78.84 -100.49
CA ALA B 348 -30.73 77.57 -100.75
C ALA B 348 -30.95 76.86 -99.42
N ARG B 349 -32.21 76.58 -99.10
CA ARG B 349 -32.53 76.12 -97.76
C ARG B 349 -32.21 74.63 -97.50
N TRP B 350 -32.26 73.80 -98.54
CA TRP B 350 -32.14 72.36 -98.34
C TRP B 350 -30.89 71.70 -98.93
N ILE B 351 -30.35 70.72 -98.21
CA ILE B 351 -29.20 69.95 -98.66
C ILE B 351 -29.34 68.47 -98.33
N LEU B 352 -29.22 67.62 -99.34
CA LEU B 352 -29.29 66.18 -99.15
C LEU B 352 -27.95 65.54 -99.44
N ASP B 353 -27.70 64.40 -98.81
CA ASP B 353 -26.45 63.68 -99.02
C ASP B 353 -26.69 62.20 -99.29
N LEU B 354 -26.33 61.76 -100.50
CA LEU B 354 -26.51 60.38 -100.90
C LEU B 354 -25.27 59.53 -100.64
N GLY B 355 -24.29 60.13 -99.96
CA GLY B 355 -23.08 59.41 -99.57
C GLY B 355 -23.31 58.24 -98.63
N PRO B 356 -22.44 57.21 -98.71
CA PRO B 356 -22.47 55.94 -97.96
C PRO B 356 -22.51 56.18 -96.45
N GLY B 357 -23.20 55.30 -95.73
CA GLY B 357 -23.63 55.63 -94.38
C GLY B 357 -24.35 56.95 -94.55
N ASP B 358 -24.01 57.94 -93.73
CA ASP B 358 -24.07 59.31 -94.20
C ASP B 358 -22.89 60.15 -93.71
N ILE B 359 -22.07 60.59 -94.66
CA ILE B 359 -20.89 61.39 -94.36
C ILE B 359 -21.03 62.68 -95.13
N LEU B 360 -20.60 63.77 -94.50
CA LEU B 360 -20.65 65.12 -95.05
C LEU B 360 -22.03 65.78 -94.89
N THR B 361 -23.03 64.99 -94.52
CA THR B 361 -24.35 65.54 -94.23
C THR B 361 -24.29 66.23 -92.86
N ARG B 362 -23.69 65.55 -91.89
CA ARG B 362 -23.54 66.08 -90.55
C ARG B 362 -22.30 66.96 -90.38
N LEU B 363 -21.31 66.79 -91.26
CA LEU B 363 -20.12 67.63 -91.22
C LEU B 363 -20.53 69.06 -91.56
N THR B 364 -21.47 69.18 -92.48
CA THR B 364 -21.92 70.47 -92.97
C THR B 364 -22.85 71.20 -92.00
N ALA B 365 -23.55 70.46 -91.15
CA ALA B 365 -24.59 71.06 -90.31
C ALA B 365 -24.08 72.08 -89.26
N PRO B 366 -23.14 71.68 -88.38
CA PRO B 366 -22.63 72.71 -87.47
C PRO B 366 -21.78 73.77 -88.17
N VAL B 367 -21.32 73.47 -89.39
CA VAL B 367 -20.63 74.47 -90.19
C VAL B 367 -21.58 75.64 -90.46
N ILE B 368 -22.73 75.35 -91.05
CA ILE B 368 -23.75 76.36 -91.28
C ILE B 368 -24.61 76.63 -90.04
N ARG B 369 -25.10 75.56 -89.41
CA ARG B 369 -25.96 75.66 -88.23
C ARG B 369 -27.19 76.55 -88.45
N GLY B 370 -27.25 77.67 -87.74
CA GLY B 370 -28.42 78.51 -87.69
C GLY B 370 -28.54 79.58 -88.75
N LEU B 371 -27.91 79.37 -89.89
CA LEU B 371 -27.98 80.32 -91.00
C LEU B 371 -29.17 80.06 -91.92
N GLY B 372 -30.03 79.13 -91.53
CA GLY B 372 -31.27 78.87 -92.26
C GLY B 372 -31.27 77.55 -92.99
N ILE B 373 -30.08 76.95 -93.10
CA ILE B 373 -29.92 75.63 -93.69
C ILE B 373 -30.31 74.53 -92.72
N GLY B 374 -30.87 73.45 -93.24
CA GLY B 374 -31.07 72.24 -92.47
C GLY B 374 -30.85 71.08 -93.41
N ILE B 375 -30.47 69.93 -92.85
CA ILE B 375 -29.94 68.85 -93.67
C ILE B 375 -30.40 67.46 -93.27
N VAL B 376 -31.08 66.77 -94.18
CA VAL B 376 -31.52 65.41 -93.98
C VAL B 376 -30.56 64.42 -94.64
N PRO B 377 -30.05 63.45 -93.87
CA PRO B 377 -29.25 62.39 -94.49
C PRO B 377 -30.10 61.57 -95.46
N ALA B 378 -29.65 61.39 -96.70
CA ALA B 378 -30.41 60.61 -97.69
C ALA B 378 -30.04 59.14 -97.62
N ALA B 379 -31.05 58.29 -97.80
CA ALA B 379 -31.00 56.84 -97.52
C ALA B 379 -31.09 56.51 -96.02
N THR B 380 -31.20 57.55 -95.19
CA THR B 380 -31.55 57.38 -93.78
C THR B 380 -33.07 57.35 -93.64
N ARG B 381 -33.60 56.30 -93.01
CA ARG B 381 -35.06 56.11 -92.96
C ARG B 381 -35.80 57.21 -92.22
N GLY B 382 -35.20 57.71 -91.14
CA GLY B 382 -35.81 58.76 -90.34
C GLY B 382 -35.98 60.05 -91.13
N GLY B 383 -34.90 60.45 -91.80
CA GLY B 383 -34.89 61.69 -92.55
C GLY B 383 -35.64 61.59 -93.87
N GLN B 384 -35.83 60.37 -94.35
CA GLN B 384 -36.57 60.16 -95.59
C GLN B 384 -38.07 60.20 -95.29
N ARG B 385 -38.45 59.90 -94.06
CA ARG B 385 -39.84 59.99 -93.65
C ARG B 385 -40.36 61.41 -93.84
N ASN B 386 -39.49 62.39 -93.60
CA ASN B 386 -39.79 63.78 -93.93
C ASN B 386 -40.12 63.88 -95.40
N LEU B 387 -39.18 63.44 -96.23
CA LEU B 387 -39.23 63.57 -97.69
C LEU B 387 -40.55 63.15 -98.34
N PHE B 388 -41.14 62.07 -97.84
CA PHE B 388 -42.27 61.46 -98.53
C PHE B 388 -43.65 61.92 -98.06
N THR B 389 -43.70 62.86 -97.12
CA THR B 389 -45.01 63.28 -96.59
C THR B 389 -45.28 64.76 -96.81
N VAL B 390 -46.57 65.13 -96.85
CA VAL B 390 -46.99 66.51 -97.01
C VAL B 390 -46.74 67.34 -95.74
N GLY B 391 -46.91 66.71 -94.59
CA GLY B 391 -46.80 67.44 -93.33
C GLY B 391 -45.51 67.33 -92.54
N ALA B 392 -44.71 66.32 -92.82
CA ALA B 392 -43.52 66.04 -92.02
C ALA B 392 -42.28 66.68 -92.62
N VAL B 393 -42.45 67.33 -93.77
CA VAL B 393 -41.33 67.91 -94.52
C VAL B 393 -40.55 69.10 -93.93
N PRO B 394 -41.23 70.22 -93.64
CA PRO B 394 -40.49 71.49 -93.54
C PRO B 394 -39.58 71.60 -92.31
N GLU B 395 -38.45 70.90 -92.35
CA GLU B 395 -37.48 71.11 -91.29
C GLU B 395 -36.57 72.24 -91.75
N VAL B 396 -36.69 73.38 -91.10
CA VAL B 396 -35.89 74.54 -91.47
C VAL B 396 -35.23 75.08 -90.22
N ALA B 397 -33.90 74.95 -90.15
CA ALA B 397 -33.19 75.29 -88.92
C ALA B 397 -33.26 76.79 -88.67
N ARG B 398 -33.24 77.15 -87.40
CA ARG B 398 -33.52 78.53 -86.99
C ARG B 398 -32.47 79.54 -87.41
N PRO B 399 -32.91 80.56 -88.16
CA PRO B 399 -32.16 81.72 -88.68
C PRO B 399 -31.89 82.73 -87.57
N TRP B 400 -30.76 82.62 -86.86
CA TRP B 400 -30.50 83.32 -85.59
C TRP B 400 -31.00 84.76 -85.60
N SER B 401 -30.89 85.39 -86.77
CA SER B 401 -31.47 86.71 -87.00
C SER B 401 -32.96 86.77 -86.63
N SER B 402 -33.63 85.61 -86.56
CA SER B 402 -35.02 85.56 -86.13
C SER B 402 -35.18 86.04 -84.68
N TYR B 403 -34.17 85.79 -83.86
CA TYR B 403 -34.21 86.21 -82.45
C TYR B 403 -33.56 87.58 -82.25
N ALA B 404 -33.18 88.23 -83.35
CA ALA B 404 -32.58 89.56 -83.28
C ALA B 404 -33.51 90.57 -82.61
N PRO B 405 -32.98 91.37 -81.68
CA PRO B 405 -33.78 92.31 -80.88
C PRO B 405 -34.56 93.35 -81.69
N THR B 406 -35.67 93.81 -81.11
CA THR B 406 -36.53 94.80 -81.74
C THR B 406 -36.93 95.92 -80.78
N VAL B 407 -37.55 96.96 -81.32
CA VAL B 407 -37.94 98.12 -80.53
C VAL B 407 -39.45 98.15 -80.25
N VAL B 408 -39.81 98.60 -79.05
CA VAL B 408 -41.18 98.58 -78.58
C VAL B 408 -41.58 99.95 -78.00
N LYS B 409 -42.85 100.33 -78.20
CA LYS B 409 -43.39 101.55 -77.64
C LYS B 409 -44.48 101.20 -76.63
N LEU B 410 -44.79 102.11 -75.71
CA LEU B 410 -45.78 101.82 -74.66
C LEU B 410 -46.79 102.97 -74.50
N PRO B 411 -47.85 102.80 -73.68
CA PRO B 411 -48.88 103.83 -73.62
C PRO B 411 -48.38 105.22 -73.19
N ASP B 412 -47.57 105.26 -72.14
CA ASP B 412 -46.98 106.53 -71.72
C ASP B 412 -45.83 106.93 -72.64
N GLY B 413 -45.56 106.07 -73.62
CA GLY B 413 -44.61 106.35 -74.67
C GLY B 413 -43.16 106.15 -74.29
N SER B 414 -42.88 105.03 -73.62
CA SER B 414 -41.53 104.67 -73.28
C SER B 414 -40.96 103.79 -74.39
N VAL B 415 -39.67 103.94 -74.66
CA VAL B 415 -39.00 103.08 -75.61
C VAL B 415 -38.54 101.83 -74.89
N LYS B 416 -38.82 100.67 -75.47
CA LYS B 416 -38.42 99.41 -74.89
C LYS B 416 -37.69 98.56 -75.90
N LEU B 417 -36.48 98.13 -75.55
CA LEU B 417 -35.69 97.27 -76.41
C LEU B 417 -36.17 95.84 -76.19
N GLU B 418 -36.65 95.20 -77.25
CA GLU B 418 -37.31 93.90 -77.11
C GLU B 418 -36.37 92.71 -77.23
N THR B 419 -36.37 91.88 -76.19
CA THR B 419 -35.66 90.60 -76.19
C THR B 419 -36.54 89.58 -75.49
N LYS B 420 -36.05 88.35 -75.37
CA LYS B 420 -36.79 87.29 -74.70
C LYS B 420 -36.86 87.57 -73.20
N PHE B 421 -35.91 88.37 -72.72
CA PHE B 421 -35.88 88.80 -71.33
C PHE B 421 -36.91 89.89 -71.08
N THR B 422 -36.71 91.02 -71.76
CA THR B 422 -37.59 92.18 -71.65
C THR B 422 -39.07 91.84 -71.84
N ARG B 423 -39.37 91.00 -72.81
CA ARG B 423 -40.74 90.60 -73.12
C ARG B 423 -41.45 90.04 -71.89
N LEU B 424 -40.73 89.24 -71.11
CA LEU B 424 -41.26 88.67 -69.89
C LEU B 424 -41.39 89.73 -68.79
N THR B 425 -40.27 90.42 -68.51
CA THR B 425 -40.19 91.31 -67.36
C THR B 425 -40.83 92.68 -67.61
N GLY B 426 -40.90 93.11 -68.87
CA GLY B 426 -41.48 94.39 -69.21
C GLY B 426 -40.55 95.55 -68.93
N ARG B 427 -39.25 95.26 -68.80
CA ARG B 427 -38.26 96.28 -68.48
C ARG B 427 -37.08 96.22 -69.45
N SER B 428 -36.11 97.10 -69.23
CA SER B 428 -34.90 97.12 -70.05
C SER B 428 -34.11 95.83 -69.86
N PRO B 429 -33.48 95.32 -70.94
CA PRO B 429 -32.73 94.07 -70.85
C PRO B 429 -31.39 94.25 -70.13
N ILE B 430 -31.45 94.83 -68.93
CA ILE B 430 -30.25 95.07 -68.14
C ILE B 430 -30.58 95.00 -66.66
N LEU B 431 -29.67 94.46 -65.86
CA LEU B 431 -29.91 94.29 -64.44
C LEU B 431 -28.64 94.47 -63.61
N LEU B 432 -28.82 94.90 -62.37
CA LEU B 432 -27.72 94.95 -61.42
C LEU B 432 -27.72 93.65 -60.63
N ALA B 433 -26.70 92.85 -60.85
CA ALA B 433 -26.62 91.52 -60.23
C ALA B 433 -26.42 91.63 -58.72
N GLY B 434 -26.77 90.56 -58.01
CA GLY B 434 -26.61 90.52 -56.57
C GLY B 434 -25.15 90.65 -56.17
N MET B 435 -24.86 91.64 -55.32
CA MET B 435 -23.50 91.91 -54.89
C MET B 435 -23.45 92.15 -53.40
N THR B 436 -22.59 91.41 -52.70
CA THR B 436 -22.58 91.40 -51.24
C THR B 436 -22.36 92.77 -50.56
N PRO B 437 -21.22 93.44 -50.82
CA PRO B 437 -21.11 94.76 -50.17
C PRO B 437 -22.09 95.77 -50.77
N THR B 438 -22.21 95.75 -52.09
CA THR B 438 -22.93 96.80 -52.81
C THR B 438 -24.44 96.78 -52.66
N THR B 439 -25.06 95.63 -52.95
CA THR B 439 -26.51 95.57 -53.03
C THR B 439 -27.18 95.22 -51.71
N VAL B 440 -26.40 95.01 -50.66
CA VAL B 440 -26.94 94.66 -49.36
C VAL B 440 -27.76 95.81 -48.76
N ASP B 441 -27.40 97.04 -49.12
CA ASP B 441 -28.12 98.21 -48.64
C ASP B 441 -29.48 98.29 -49.33
N ALA B 442 -30.52 98.46 -48.53
CA ALA B 442 -31.88 98.54 -49.05
C ALA B 442 -32.12 99.83 -49.83
N LYS B 443 -31.23 100.80 -49.63
CA LYS B 443 -31.36 102.11 -50.26
C LYS B 443 -31.00 102.07 -51.75
N ILE B 444 -29.89 101.41 -52.07
CA ILE B 444 -29.42 101.36 -53.45
C ILE B 444 -30.27 100.46 -54.35
N VAL B 445 -30.64 99.30 -53.84
CA VAL B 445 -31.47 98.36 -54.59
C VAL B 445 -32.85 98.94 -54.88
N ALA B 446 -33.34 99.76 -53.95
CA ALA B 446 -34.59 100.48 -54.16
C ALA B 446 -34.41 101.56 -55.22
N ALA B 447 -33.37 102.37 -55.05
CA ALA B 447 -33.09 103.46 -55.98
C ALA B 447 -32.84 102.96 -57.40
N ALA B 448 -32.19 101.80 -57.49
CA ALA B 448 -31.92 101.18 -58.79
C ALA B 448 -33.22 100.69 -59.41
N ALA B 449 -34.13 100.20 -58.57
CA ALA B 449 -35.43 99.71 -59.03
C ALA B 449 -36.36 100.88 -59.34
N ASN B 450 -36.25 101.95 -58.55
CA ASN B 450 -37.05 103.15 -58.78
C ASN B 450 -36.61 103.89 -60.04
N ALA B 451 -35.44 103.54 -60.54
CA ALA B 451 -34.95 104.06 -61.80
C ALA B 451 -35.51 103.20 -62.93
N GLY B 452 -36.34 102.23 -62.56
CA GLY B 452 -36.96 101.33 -63.53
C GLY B 452 -36.02 100.26 -64.03
N HIS B 453 -35.31 99.61 -63.10
CA HIS B 453 -34.37 98.55 -63.49
C HIS B 453 -34.41 97.33 -62.57
N TRP B 454 -34.13 96.18 -63.16
CA TRP B 454 -34.12 94.89 -62.46
C TRP B 454 -32.86 94.79 -61.59
N ALA B 455 -33.03 94.32 -60.35
CA ALA B 455 -31.92 94.23 -59.41
C ALA B 455 -32.08 93.07 -58.43
N GLU B 456 -30.96 92.59 -57.89
CA GLU B 456 -30.97 91.44 -56.99
C GLU B 456 -30.42 91.79 -55.62
N LEU B 457 -31.28 91.74 -54.60
CA LEU B 457 -30.87 92.04 -53.23
C LEU B 457 -29.91 90.98 -52.69
N ALA B 458 -28.77 91.42 -52.19
CA ALA B 458 -27.72 90.51 -51.74
C ALA B 458 -28.09 89.80 -50.44
N GLY B 459 -27.81 88.51 -50.37
CA GLY B 459 -28.11 87.72 -49.19
C GLY B 459 -26.89 87.43 -48.34
N GLY B 460 -25.71 87.77 -48.85
CA GLY B 460 -24.48 87.50 -48.15
C GLY B 460 -24.25 88.42 -46.95
N GLY B 461 -25.06 89.48 -46.87
CA GLY B 461 -24.95 90.42 -45.77
C GLY B 461 -26.07 90.28 -44.76
N GLN B 462 -26.86 89.22 -44.90
CA GLN B 462 -27.98 88.98 -44.00
C GLN B 462 -27.90 87.58 -43.39
N VAL B 463 -27.71 87.52 -42.08
CA VAL B 463 -27.45 86.26 -41.39
C VAL B 463 -28.68 85.54 -40.83
N THR B 464 -29.82 86.21 -40.81
CA THR B 464 -31.06 85.60 -40.30
C THR B 464 -32.27 85.99 -41.13
N GLU B 465 -33.38 85.30 -40.89
CA GLU B 465 -34.65 85.64 -41.53
C GLU B 465 -35.10 87.04 -41.08
N GLN B 466 -35.03 87.28 -39.78
CA GLN B 466 -35.51 88.52 -39.18
C GLN B 466 -34.76 89.75 -39.70
N ILE B 467 -33.43 89.69 -39.68
CA ILE B 467 -32.61 90.81 -40.13
C ILE B 467 -32.84 91.09 -41.61
N PHE B 468 -33.04 90.05 -42.39
CA PHE B 468 -33.30 90.20 -43.82
C PHE B 468 -34.73 90.66 -44.09
N ASN B 469 -35.66 90.26 -43.23
CA ASN B 469 -37.05 90.69 -43.35
C ASN B 469 -37.16 92.19 -43.11
N ASP B 470 -36.21 92.74 -42.37
CA ASP B 470 -36.14 94.18 -42.15
C ASP B 470 -35.80 94.88 -43.46
N ARG B 471 -34.90 94.27 -44.22
CA ARG B 471 -34.44 94.84 -45.49
C ARG B 471 -35.56 94.89 -46.53
N ILE B 472 -36.28 93.77 -46.67
CA ILE B 472 -37.42 93.71 -47.58
C ILE B 472 -38.48 94.73 -47.18
N ALA B 473 -38.70 94.86 -45.88
CA ALA B 473 -39.64 95.84 -45.35
C ALA B 473 -39.16 97.26 -45.67
N GLU B 474 -37.86 97.49 -45.51
CA GLU B 474 -37.27 98.77 -45.87
C GLU B 474 -37.32 98.96 -47.38
N LEU B 475 -37.17 97.86 -48.11
CA LEU B 475 -37.29 97.88 -49.56
C LEU B 475 -38.71 98.26 -50.00
N GLU B 476 -39.68 97.49 -49.54
CA GLU B 476 -41.07 97.69 -49.93
C GLU B 476 -41.61 99.06 -49.50
N THR B 477 -40.98 99.65 -48.49
CA THR B 477 -41.33 101.00 -48.07
C THR B 477 -40.75 101.99 -49.08
N LEU B 478 -39.48 101.79 -49.44
CA LEU B 478 -38.83 102.62 -50.44
C LEU B 478 -39.28 102.22 -51.84
N LEU B 479 -39.84 101.02 -51.96
CA LEU B 479 -40.47 100.61 -53.21
C LEU B 479 -41.74 101.40 -53.40
N GLU B 480 -41.84 102.10 -54.52
CA GLU B 480 -43.01 102.90 -54.83
C GLU B 480 -44.06 101.94 -55.42
N PRO B 481 -45.29 102.42 -55.68
CA PRO B 481 -46.34 101.45 -56.04
C PRO B 481 -46.04 100.55 -57.24
N GLY B 482 -46.21 99.24 -57.04
CA GLY B 482 -46.14 98.27 -58.11
C GLY B 482 -44.76 97.71 -58.41
N ARG B 483 -43.73 98.45 -58.02
CA ARG B 483 -42.36 98.11 -58.42
C ARG B 483 -41.85 96.87 -57.70
N ALA B 484 -41.09 96.05 -58.43
CA ALA B 484 -40.72 94.72 -57.93
C ALA B 484 -39.23 94.37 -58.11
N ILE B 485 -38.69 93.62 -57.15
CA ILE B 485 -37.27 93.30 -57.08
C ILE B 485 -37.06 91.80 -56.85
N GLN B 486 -35.84 91.30 -56.98
CA GLN B 486 -35.54 89.89 -56.69
C GLN B 486 -34.48 89.71 -55.60
N PHE B 487 -34.13 88.46 -55.31
CA PHE B 487 -33.20 88.13 -54.23
C PHE B 487 -32.10 87.15 -54.64
N ASN B 488 -30.89 87.38 -54.12
CA ASN B 488 -29.72 86.55 -54.43
C ASN B 488 -29.26 85.69 -53.25
N THR B 489 -28.98 84.42 -53.52
CA THR B 489 -28.56 83.48 -52.47
C THR B 489 -27.32 82.69 -52.90
N LEU B 490 -26.50 82.28 -51.93
CA LEU B 490 -25.26 81.57 -52.20
C LEU B 490 -25.32 80.07 -51.86
N PHE B 491 -24.65 79.26 -52.67
CA PHE B 491 -24.66 77.81 -52.54
C PHE B 491 -23.50 77.30 -51.67
N LEU B 492 -22.57 78.21 -51.35
CA LEU B 492 -21.25 77.83 -50.82
C LEU B 492 -21.21 76.90 -49.59
N ASP B 493 -21.86 77.29 -48.50
CA ASP B 493 -21.71 76.55 -47.24
C ASP B 493 -23.04 75.98 -46.73
N PRO B 494 -22.97 74.87 -45.97
CA PRO B 494 -24.16 74.20 -45.44
C PRO B 494 -24.99 75.06 -44.49
N TYR B 495 -24.35 75.86 -43.64
CA TYR B 495 -25.07 76.68 -42.66
C TYR B 495 -26.01 77.67 -43.33
N LEU B 496 -25.58 78.20 -44.47
CA LEU B 496 -26.40 79.14 -45.23
C LEU B 496 -27.53 78.40 -45.94
N TRP B 497 -27.26 77.17 -46.35
CA TRP B 497 -28.25 76.35 -47.03
C TRP B 497 -29.31 75.86 -46.06
N LYS B 498 -28.91 75.68 -44.80
CA LYS B 498 -29.85 75.36 -43.74
C LYS B 498 -30.58 76.63 -43.32
N LEU B 499 -29.87 77.75 -43.42
CA LEU B 499 -30.47 79.06 -43.16
C LEU B 499 -31.44 79.41 -44.28
N GLN B 500 -31.18 78.88 -45.47
CA GLN B 500 -32.03 79.13 -46.62
C GLN B 500 -33.32 78.34 -46.52
N VAL B 501 -33.29 77.21 -45.81
CA VAL B 501 -34.51 76.44 -45.55
C VAL B 501 -35.47 77.34 -44.78
N GLY B 502 -34.92 78.10 -43.84
CA GLY B 502 -35.67 79.12 -43.15
C GLY B 502 -35.78 80.35 -44.04
N GLY B 503 -34.80 80.53 -44.91
CA GLY B 503 -34.79 81.65 -45.83
C GLY B 503 -35.79 81.51 -46.96
N LYS B 504 -35.88 80.30 -47.53
CA LYS B 504 -36.83 80.05 -48.61
C LYS B 504 -38.25 80.08 -48.07
N ARG B 505 -38.45 79.57 -46.86
CA ARG B 505 -39.76 79.60 -46.24
C ARG B 505 -40.09 81.04 -45.83
N LEU B 506 -39.06 81.83 -45.58
CA LEU B 506 -39.24 83.26 -45.37
C LEU B 506 -39.70 83.90 -46.67
N VAL B 507 -39.02 83.55 -47.76
CA VAL B 507 -39.41 83.98 -49.09
C VAL B 507 -40.80 83.44 -49.42
N GLN B 508 -41.06 82.20 -48.99
CA GLN B 508 -42.38 81.61 -49.15
C GLN B 508 -43.42 82.38 -48.34
N ARG B 509 -43.13 82.62 -47.07
CA ARG B 509 -44.02 83.37 -46.19
C ARG B 509 -44.26 84.78 -46.71
N ALA B 510 -43.19 85.44 -47.13
CA ALA B 510 -43.28 86.79 -47.67
C ALA B 510 -44.23 86.84 -48.85
N ARG B 511 -44.02 85.95 -49.81
CA ARG B 511 -44.85 85.92 -51.01
C ARG B 511 -46.20 85.27 -50.79
N GLN B 512 -46.32 84.43 -49.76
CA GLN B 512 -47.62 83.92 -49.36
C GLN B 512 -48.40 85.09 -48.78
N SER B 513 -47.67 86.06 -48.26
CA SER B 513 -48.26 87.30 -47.77
C SER B 513 -48.38 88.30 -48.92
N GLY B 514 -47.83 87.94 -50.08
CA GLY B 514 -47.95 88.77 -51.26
C GLY B 514 -46.83 89.78 -51.46
N ALA B 515 -45.65 89.49 -50.91
CA ALA B 515 -44.51 90.39 -51.01
C ALA B 515 -44.10 90.69 -52.45
N PRO B 516 -43.67 91.94 -52.70
CA PRO B 516 -43.27 92.47 -54.01
C PRO B 516 -42.10 91.74 -54.67
N ILE B 517 -41.38 90.88 -53.94
CA ILE B 517 -40.15 90.33 -54.51
C ILE B 517 -40.49 89.24 -55.52
N ASP B 518 -40.15 89.52 -56.79
CA ASP B 518 -40.59 88.67 -57.90
C ASP B 518 -39.61 87.65 -58.47
N GLY B 519 -38.44 87.50 -57.87
CA GLY B 519 -37.47 86.53 -58.37
C GLY B 519 -36.47 85.99 -57.34
N LEU B 520 -35.85 84.86 -57.67
CA LEU B 520 -34.82 84.27 -56.81
C LEU B 520 -33.55 83.96 -57.59
N VAL B 521 -32.40 84.29 -57.01
CA VAL B 521 -31.10 84.08 -57.67
C VAL B 521 -30.20 83.14 -56.87
N VAL B 522 -29.92 81.96 -57.42
CA VAL B 522 -28.99 81.04 -56.79
C VAL B 522 -27.58 81.25 -57.34
N SER B 523 -26.61 81.37 -56.45
CA SER B 523 -25.25 81.75 -56.83
C SER B 523 -24.18 80.77 -56.38
N ALA B 524 -23.00 80.90 -56.99
CA ALA B 524 -21.81 80.11 -56.66
C ALA B 524 -21.92 78.63 -57.00
N GLY B 525 -23.10 78.20 -57.43
CA GLY B 525 -23.31 76.82 -57.81
C GLY B 525 -24.71 76.60 -58.37
N ILE B 526 -24.87 75.51 -59.10
CA ILE B 526 -26.18 75.15 -59.66
C ILE B 526 -26.78 73.99 -58.87
N PRO B 527 -27.95 74.23 -58.25
CA PRO B 527 -28.65 73.21 -57.46
C PRO B 527 -28.97 71.98 -58.29
N ASP B 528 -28.98 70.81 -57.65
CA ASP B 528 -29.37 69.58 -58.32
C ASP B 528 -30.85 69.62 -58.67
N LEU B 529 -31.26 68.77 -59.61
CA LEU B 529 -32.62 68.77 -60.13
C LEU B 529 -33.69 68.79 -59.05
N GLU B 530 -33.58 67.88 -58.09
CA GLU B 530 -34.55 67.80 -56.99
C GLU B 530 -34.53 69.05 -56.11
N GLU B 531 -33.37 69.68 -56.00
CA GLU B 531 -33.24 70.91 -55.24
C GLU B 531 -33.86 72.08 -56.00
N ALA B 532 -33.68 72.08 -57.32
CA ALA B 532 -34.18 73.15 -58.17
C ALA B 532 -35.70 73.06 -58.36
N VAL B 533 -36.21 71.83 -58.44
CA VAL B 533 -37.65 71.60 -58.55
C VAL B 533 -38.37 72.20 -57.34
N ASP B 534 -37.80 71.98 -56.17
CA ASP B 534 -38.33 72.50 -54.92
C ASP B 534 -38.49 74.02 -55.02
N ILE B 535 -37.41 74.69 -55.39
CA ILE B 535 -37.40 76.15 -55.54
C ILE B 535 -38.48 76.65 -56.52
N ILE B 536 -38.53 76.02 -57.69
CA ILE B 536 -39.47 76.39 -58.73
C ILE B 536 -40.93 76.17 -58.30
N ASP B 537 -41.17 75.07 -57.58
CA ASP B 537 -42.52 74.66 -57.21
C ASP B 537 -43.02 75.14 -55.83
N GLU B 538 -42.27 76.04 -55.20
CA GLU B 538 -42.61 76.54 -53.87
C GLU B 538 -43.97 77.23 -53.85
N LEU B 539 -44.56 77.35 -52.66
CA LEU B 539 -45.83 78.05 -52.49
C LEU B 539 -45.77 79.47 -53.05
N ASN B 540 -44.56 80.01 -53.13
CA ASN B 540 -44.33 81.36 -53.63
C ASN B 540 -44.02 81.40 -55.13
N GLU B 541 -44.18 80.25 -55.78
CA GLU B 541 -43.76 80.06 -57.19
C GLU B 541 -44.19 81.14 -58.18
N VAL B 542 -45.47 81.52 -58.16
CA VAL B 542 -45.96 82.54 -59.07
C VAL B 542 -45.24 83.85 -58.78
N GLY B 543 -45.01 84.09 -57.49
CA GLY B 543 -44.25 85.25 -57.07
C GLY B 543 -42.78 85.13 -57.38
N ILE B 544 -42.32 83.90 -57.69
CA ILE B 544 -40.96 83.72 -58.18
C ILE B 544 -40.88 84.02 -59.67
N SER B 545 -41.86 83.55 -60.43
CA SER B 545 -42.12 83.98 -61.81
C SER B 545 -40.98 83.68 -62.80
N HIS B 546 -39.77 83.50 -62.27
CA HIS B 546 -38.65 82.94 -63.00
C HIS B 546 -37.58 82.54 -61.99
N VAL B 547 -36.69 81.64 -62.36
CA VAL B 547 -35.57 81.27 -61.50
C VAL B 547 -34.25 81.64 -62.15
N VAL B 548 -33.30 82.08 -61.33
CA VAL B 548 -32.03 82.57 -61.83
C VAL B 548 -30.85 81.71 -61.39
N PHE B 549 -30.09 81.23 -62.37
CA PHE B 549 -28.92 80.39 -62.11
C PHE B 549 -27.67 81.00 -62.75
N LYS B 550 -26.52 80.74 -62.15
CA LYS B 550 -25.26 81.28 -62.65
C LYS B 550 -24.20 80.21 -62.87
N PRO B 551 -24.24 79.55 -64.04
CA PRO B 551 -23.26 78.52 -64.40
C PRO B 551 -21.87 79.10 -64.62
N GLY B 552 -20.85 78.48 -64.05
CA GLY B 552 -19.48 78.92 -64.26
C GLY B 552 -18.69 78.04 -65.23
N THR B 553 -19.22 76.85 -65.51
CA THR B 553 -18.51 75.89 -66.36
C THR B 553 -19.43 75.32 -67.43
N VAL B 554 -18.84 74.62 -68.40
CA VAL B 554 -19.60 73.93 -69.43
C VAL B 554 -20.58 72.94 -68.81
N GLU B 555 -20.11 72.19 -67.83
CA GLU B 555 -20.94 71.21 -67.13
C GLU B 555 -22.05 71.89 -66.35
N GLN B 556 -21.75 73.04 -65.75
CA GLN B 556 -22.73 73.80 -65.00
C GLN B 556 -23.82 74.35 -65.92
N ILE B 557 -23.43 74.70 -67.14
CA ILE B 557 -24.39 75.15 -68.15
C ILE B 557 -25.32 74.01 -68.54
N ARG B 558 -24.73 72.85 -68.81
CA ARG B 558 -25.50 71.67 -69.20
C ARG B 558 -26.41 71.19 -68.07
N SER B 559 -26.05 71.53 -66.84
CA SER B 559 -26.87 71.19 -65.68
C SER B 559 -28.16 72.00 -65.69
N VAL B 560 -28.04 73.29 -65.98
CA VAL B 560 -29.20 74.19 -66.02
C VAL B 560 -30.13 73.83 -67.16
N ILE B 561 -29.57 73.35 -68.27
CA ILE B 561 -30.37 72.89 -69.40
C ILE B 561 -31.29 71.76 -68.96
N ARG B 562 -30.80 70.93 -68.05
CA ARG B 562 -31.60 69.84 -67.51
C ARG B 562 -32.61 70.34 -66.49
N ILE B 563 -32.33 71.50 -65.91
CA ILE B 563 -33.29 72.16 -65.02
C ILE B 563 -34.37 72.82 -65.85
N ALA B 564 -34.00 73.22 -67.06
CA ALA B 564 -34.93 73.85 -68.00
C ALA B 564 -35.91 72.84 -68.54
N ALA B 565 -35.42 71.68 -68.94
CA ALA B 565 -36.26 70.62 -69.47
C ALA B 565 -37.16 70.02 -68.39
N GLU B 566 -36.78 70.26 -67.14
CA GLU B 566 -37.57 69.79 -66.00
C GLU B 566 -38.95 70.44 -66.01
N VAL B 567 -38.97 71.77 -66.01
CA VAL B 567 -40.22 72.52 -66.12
C VAL B 567 -40.15 73.47 -67.32
N PRO B 568 -40.51 72.96 -68.51
CA PRO B 568 -40.42 73.69 -69.78
C PRO B 568 -41.26 74.96 -69.81
N THR B 569 -42.25 75.07 -68.94
CA THR B 569 -43.14 76.23 -68.93
C THR B 569 -42.67 77.30 -67.93
N LYS B 570 -41.61 76.99 -67.18
CA LYS B 570 -41.09 77.93 -66.20
C LYS B 570 -39.91 78.71 -66.76
N PRO B 571 -40.02 80.05 -66.79
CA PRO B 571 -38.92 80.89 -67.27
C PRO B 571 -37.67 80.71 -66.41
N VAL B 572 -36.53 80.48 -67.05
CA VAL B 572 -35.27 80.37 -66.34
C VAL B 572 -34.25 81.30 -66.97
N ILE B 573 -33.80 82.28 -66.20
CA ILE B 573 -32.82 83.23 -66.71
C ILE B 573 -31.44 82.68 -66.42
N VAL B 574 -30.71 82.31 -67.47
CA VAL B 574 -29.37 81.79 -67.28
C VAL B 574 -28.37 82.91 -67.44
N HIS B 575 -27.75 83.32 -66.35
CA HIS B 575 -26.74 84.34 -66.40
C HIS B 575 -25.37 83.68 -66.54
N ILE B 576 -24.75 83.84 -67.71
CA ILE B 576 -23.45 83.25 -67.95
C ILE B 576 -22.37 84.28 -67.61
N GLU B 577 -21.64 84.00 -66.54
CA GLU B 577 -20.59 84.92 -66.10
C GLU B 577 -19.24 84.41 -66.54
N GLY B 578 -18.21 85.23 -66.31
CA GLY B 578 -16.85 84.82 -66.57
C GLY B 578 -16.03 84.69 -65.31
N GLY B 579 -14.70 84.61 -65.47
CA GLY B 579 -13.79 84.80 -64.38
C GLY B 579 -13.15 86.16 -64.52
N ARG B 580 -13.46 86.84 -65.62
CA ARG B 580 -12.99 88.21 -65.83
C ARG B 580 -13.90 89.14 -65.03
N ALA B 581 -14.96 88.55 -64.50
CA ALA B 581 -15.93 89.27 -63.67
C ALA B 581 -15.31 89.57 -62.31
N GLY B 582 -16.10 90.18 -61.44
CA GLY B 582 -15.63 90.52 -60.11
C GLY B 582 -16.04 89.48 -59.07
N GLY B 583 -15.37 89.52 -57.93
CA GLY B 583 -15.74 88.68 -56.80
C GLY B 583 -15.42 87.23 -57.02
N HIS B 584 -16.44 86.38 -56.82
CA HIS B 584 -16.29 84.96 -57.04
C HIS B 584 -15.76 84.71 -58.45
N HIS B 585 -14.79 83.81 -58.55
CA HIS B 585 -13.95 83.70 -59.73
C HIS B 585 -14.17 82.39 -60.47
N SER B 586 -13.34 82.17 -61.49
CA SER B 586 -13.35 80.96 -62.30
C SER B 586 -12.21 80.99 -63.30
N TRP B 587 -11.84 79.83 -63.82
CA TRP B 587 -10.76 79.71 -64.79
C TRP B 587 -11.28 79.65 -66.22
N GLU B 588 -12.60 79.76 -66.36
CA GLU B 588 -13.25 79.56 -67.65
C GLU B 588 -13.42 80.83 -68.49
N ASP B 589 -13.08 80.72 -69.76
CA ASP B 589 -13.12 81.85 -70.69
C ASP B 589 -14.56 82.36 -70.90
N LEU B 590 -14.67 83.63 -71.28
CA LEU B 590 -15.97 84.26 -71.53
C LEU B 590 -16.65 83.70 -72.77
N ASP B 591 -15.87 83.55 -73.83
CA ASP B 591 -16.39 83.18 -75.14
C ASP B 591 -16.60 81.68 -75.31
N ASP B 592 -15.51 80.92 -75.19
CA ASP B 592 -15.50 79.48 -75.47
C ASP B 592 -16.65 78.69 -74.84
N LEU B 593 -17.00 79.03 -73.61
CA LEU B 593 -18.13 78.38 -72.94
C LEU B 593 -19.43 78.63 -73.69
N LEU B 594 -19.75 79.91 -73.88
CA LEU B 594 -20.98 80.30 -74.57
C LEU B 594 -20.92 79.92 -76.05
N LEU B 595 -19.72 79.94 -76.61
CA LEU B 595 -19.52 79.58 -78.02
C LEU B 595 -19.94 78.15 -78.28
N ALA B 596 -19.57 77.25 -77.37
CA ALA B 596 -19.86 75.83 -77.51
C ALA B 596 -21.28 75.44 -77.11
N THR B 597 -21.78 76.03 -76.03
CA THR B 597 -23.04 75.60 -75.43
C THR B 597 -24.28 76.34 -75.92
N TYR B 598 -24.10 77.34 -76.77
CA TYR B 598 -25.20 78.20 -77.20
C TYR B 598 -26.32 77.45 -77.93
N SER B 599 -25.93 76.58 -78.85
CA SER B 599 -26.89 75.85 -79.67
C SER B 599 -27.85 75.02 -78.84
N GLU B 600 -27.32 74.32 -77.84
CA GLU B 600 -28.15 73.49 -76.97
C GLU B 600 -28.99 74.35 -76.02
N LEU B 601 -28.49 75.54 -75.72
CA LEU B 601 -29.20 76.46 -74.83
C LEU B 601 -30.43 77.06 -75.50
N ARG B 602 -30.41 77.12 -76.82
CA ARG B 602 -31.52 77.72 -77.58
C ARG B 602 -32.59 76.69 -77.97
N SER B 603 -32.34 75.42 -77.65
CA SER B 603 -33.33 74.39 -77.92
C SER B 603 -34.39 74.39 -76.82
N ARG B 604 -34.17 75.19 -75.79
CA ARG B 604 -35.13 75.35 -74.71
C ARG B 604 -35.67 76.78 -74.70
N SER B 605 -36.97 76.93 -74.96
CA SER B 605 -37.60 78.23 -75.05
C SER B 605 -37.72 78.92 -73.69
N ASN B 606 -37.66 78.13 -72.63
CA ASN B 606 -37.79 78.66 -71.28
C ASN B 606 -36.47 79.21 -70.73
N ILE B 607 -35.41 79.08 -71.53
CA ILE B 607 -34.10 79.59 -71.15
C ILE B 607 -33.88 81.01 -71.68
N THR B 608 -33.64 81.94 -70.77
CA THR B 608 -33.31 83.31 -71.15
C THR B 608 -31.81 83.53 -70.97
N ILE B 609 -31.10 83.67 -72.08
CA ILE B 609 -29.64 83.78 -72.04
C ILE B 609 -29.20 85.20 -71.72
N CYS B 610 -28.35 85.34 -70.71
CA CYS B 610 -27.88 86.64 -70.29
C CYS B 610 -26.37 86.64 -70.10
N VAL B 611 -25.67 87.44 -70.90
CA VAL B 611 -24.22 87.53 -70.82
C VAL B 611 -23.78 88.62 -69.85
N GLY B 612 -22.75 88.34 -69.09
CA GLY B 612 -22.27 89.28 -68.10
C GLY B 612 -20.77 89.25 -67.91
N GLY B 613 -20.27 90.25 -67.20
CA GLY B 613 -18.86 90.39 -66.92
C GLY B 613 -18.17 91.36 -67.85
N GLY B 614 -17.18 92.08 -67.33
CA GLY B 614 -16.37 93.00 -68.13
C GLY B 614 -17.12 93.94 -69.05
N ILE B 615 -18.26 94.45 -68.60
CA ILE B 615 -19.07 95.32 -69.41
C ILE B 615 -19.43 96.58 -68.61
N GLY B 616 -18.90 97.72 -69.02
CA GLY B 616 -19.25 99.00 -68.42
C GLY B 616 -20.11 99.92 -69.27
N THR B 617 -20.28 99.58 -70.54
CA THR B 617 -20.85 100.51 -71.51
C THR B 617 -21.83 99.86 -72.51
N PRO B 618 -22.73 100.66 -73.08
CA PRO B 618 -23.65 100.17 -74.12
C PRO B 618 -22.96 99.84 -75.43
N GLU B 619 -21.83 100.48 -75.70
CA GLU B 619 -21.14 100.32 -76.98
C GLU B 619 -20.42 98.99 -77.07
N ARG B 620 -19.68 98.63 -76.02
CA ARG B 620 -18.95 97.38 -75.99
C ARG B 620 -19.87 96.17 -75.86
N SER B 621 -21.05 96.39 -75.29
CA SER B 621 -22.00 95.30 -75.03
C SER B 621 -23.03 95.17 -76.13
N ALA B 622 -22.94 96.05 -77.13
CA ALA B 622 -23.93 96.09 -78.20
C ALA B 622 -23.81 94.92 -79.16
N GLU B 623 -22.58 94.42 -79.32
CA GLU B 623 -22.31 93.38 -80.32
C GLU B 623 -22.80 92.01 -79.85
N TYR B 624 -22.85 91.82 -78.53
CA TYR B 624 -23.38 90.57 -77.98
C TYR B 624 -24.89 90.54 -78.14
N LEU B 625 -25.49 91.72 -78.21
CA LEU B 625 -26.93 91.84 -78.38
C LEU B 625 -27.33 91.61 -79.84
N SER B 626 -26.54 92.17 -80.76
CA SER B 626 -26.80 92.00 -82.18
C SER B 626 -26.39 90.58 -82.61
N GLY B 627 -25.48 89.99 -81.85
CA GLY B 627 -24.97 88.67 -82.17
C GLY B 627 -23.72 88.75 -83.02
N ARG B 628 -23.22 89.97 -83.21
CA ARG B 628 -22.08 90.22 -84.07
C ARG B 628 -20.78 89.77 -83.41
N TRP B 629 -20.87 89.46 -82.12
CA TRP B 629 -19.70 89.13 -81.32
C TRP B 629 -19.10 87.77 -81.68
N ALA B 630 -19.93 86.88 -82.22
CA ALA B 630 -19.51 85.52 -82.52
C ALA B 630 -18.83 85.45 -83.88
N GLU B 631 -18.93 86.55 -84.63
CA GLU B 631 -18.37 86.62 -85.98
C GLU B 631 -16.85 86.64 -85.97
N VAL B 632 -16.26 87.17 -84.89
CA VAL B 632 -14.79 87.19 -84.77
C VAL B 632 -14.27 85.77 -84.64
N HIS B 633 -15.06 84.89 -84.06
CA HIS B 633 -14.68 83.50 -83.89
C HIS B 633 -15.17 82.64 -85.06
N GLY B 634 -15.77 83.30 -86.04
CA GLY B 634 -16.22 82.63 -87.25
C GLY B 634 -17.61 82.02 -87.14
N TYR B 635 -18.08 81.83 -85.92
CA TYR B 635 -19.42 81.30 -85.69
C TYR B 635 -20.45 82.32 -86.17
N PRO B 636 -21.53 81.82 -86.78
CA PRO B 636 -22.63 82.70 -87.22
C PRO B 636 -23.25 83.43 -86.03
N LEU B 637 -24.03 84.47 -86.31
CA LEU B 637 -24.51 85.41 -85.29
C LEU B 637 -25.13 84.72 -84.07
N MET B 638 -24.77 85.20 -82.89
CA MET B 638 -25.24 84.61 -81.63
C MET B 638 -25.75 85.68 -80.67
N PRO B 639 -27.01 86.11 -80.87
CA PRO B 639 -27.63 87.18 -80.07
C PRO B 639 -27.90 86.77 -78.63
N ILE B 640 -28.08 87.75 -77.74
CA ILE B 640 -28.37 87.48 -76.33
C ILE B 640 -29.62 88.24 -75.86
N ASP B 641 -30.29 87.69 -74.85
CA ASP B 641 -31.55 88.26 -74.37
C ASP B 641 -31.39 89.34 -73.30
N GLY B 642 -30.22 89.42 -72.67
CA GLY B 642 -30.02 90.36 -71.60
C GLY B 642 -28.58 90.50 -71.16
N ILE B 643 -28.28 91.55 -70.40
CA ILE B 643 -26.92 91.85 -69.97
C ILE B 643 -26.89 92.35 -68.52
N LEU B 644 -26.00 91.79 -67.71
CA LEU B 644 -25.86 92.23 -66.32
C LEU B 644 -24.58 93.03 -66.10
N VAL B 645 -24.67 94.11 -65.33
CA VAL B 645 -23.50 94.89 -64.99
C VAL B 645 -23.24 94.86 -63.49
N GLY B 646 -22.23 94.10 -63.07
CA GLY B 646 -21.83 94.10 -61.67
C GLY B 646 -20.92 95.22 -61.21
N THR B 647 -19.83 95.43 -61.95
CA THR B 647 -18.75 96.30 -61.47
C THR B 647 -18.95 97.79 -61.70
N ALA B 648 -19.45 98.15 -62.87
CA ALA B 648 -19.56 99.57 -63.26
C ALA B 648 -20.55 100.36 -62.40
N ALA B 649 -21.36 99.65 -61.62
CA ALA B 649 -22.37 100.30 -60.80
C ALA B 649 -21.90 100.54 -59.36
N MET B 650 -20.65 100.21 -59.08
CA MET B 650 -20.10 100.35 -57.74
C MET B 650 -19.71 101.78 -57.40
N ALA B 651 -19.39 102.56 -58.42
CA ALA B 651 -18.98 103.95 -58.24
C ALA B 651 -20.19 104.88 -58.25
N THR B 652 -21.38 104.29 -58.31
CA THR B 652 -22.62 105.05 -58.41
C THR B 652 -22.94 105.88 -57.17
N LEU B 653 -23.76 106.91 -57.37
CA LEU B 653 -24.08 107.86 -56.30
C LEU B 653 -24.86 107.24 -55.15
N GLU B 654 -25.87 106.44 -55.46
CA GLU B 654 -26.71 105.86 -54.43
C GLU B 654 -26.09 104.62 -53.80
N ALA B 655 -24.93 104.23 -54.29
CA ALA B 655 -24.18 103.13 -53.70
C ALA B 655 -23.58 103.58 -52.37
N THR B 656 -23.46 102.65 -51.42
CA THR B 656 -22.96 102.97 -50.09
C THR B 656 -21.44 102.96 -50.03
N THR B 657 -20.80 102.71 -51.17
CA THR B 657 -19.35 102.72 -51.27
C THR B 657 -18.78 104.05 -50.76
N SER B 658 -17.76 103.96 -49.90
CA SER B 658 -17.16 105.14 -49.29
C SER B 658 -16.52 106.05 -50.34
N PRO B 659 -16.53 107.37 -50.08
CA PRO B 659 -15.97 108.38 -50.98
C PRO B 659 -14.53 108.08 -51.41
N GLN B 660 -13.71 107.62 -50.49
CA GLN B 660 -12.32 107.29 -50.81
C GLN B 660 -12.22 106.00 -51.62
N VAL B 661 -13.13 105.06 -51.35
CA VAL B 661 -13.13 103.79 -52.06
C VAL B 661 -13.60 103.97 -53.50
N LYS B 662 -14.55 104.88 -53.70
CA LYS B 662 -15.04 105.19 -55.05
C LYS B 662 -13.94 105.80 -55.91
N GLN B 663 -13.20 106.74 -55.33
CA GLN B 663 -12.07 107.37 -56.02
C GLN B 663 -11.02 106.33 -56.37
N LEU B 664 -10.92 105.30 -55.53
CA LEU B 664 -9.96 104.22 -55.74
C LEU B 664 -10.35 103.32 -56.91
N LEU B 665 -11.62 102.96 -56.96
CA LEU B 665 -12.14 102.15 -58.06
C LEU B 665 -12.01 102.88 -59.38
N VAL B 666 -12.26 104.19 -59.33
CA VAL B 666 -12.13 105.07 -60.50
C VAL B 666 -10.75 105.05 -61.13
N GLU B 667 -9.74 105.49 -60.37
CA GLU B 667 -8.39 105.67 -60.90
C GLU B 667 -7.74 104.38 -61.38
N THR B 668 -8.36 103.26 -61.05
CA THR B 668 -7.91 101.97 -61.55
C THR B 668 -8.10 101.92 -63.06
N LYS B 669 -7.03 101.60 -63.77
CA LYS B 669 -7.08 101.46 -65.23
C LYS B 669 -7.55 100.05 -65.56
N GLY B 670 -8.35 99.90 -66.60
CA GLY B 670 -8.87 98.60 -66.97
C GLY B 670 -8.03 97.89 -68.02
N THR B 671 -8.50 96.71 -68.44
CA THR B 671 -7.75 95.91 -69.40
C THR B 671 -8.62 95.24 -70.45
N GLU B 672 -7.96 94.73 -71.48
CA GLU B 672 -8.55 93.84 -72.46
C GLU B 672 -8.53 92.44 -71.87
N ALA B 673 -8.74 91.43 -72.71
CA ALA B 673 -8.94 90.05 -72.24
C ALA B 673 -7.88 89.61 -71.23
N TRP B 674 -8.36 89.01 -70.14
CA TRP B 674 -7.56 88.71 -68.96
C TRP B 674 -6.30 87.90 -69.27
N VAL B 675 -5.21 88.23 -68.58
CA VAL B 675 -3.93 87.58 -68.80
C VAL B 675 -3.55 86.67 -67.63
N GLY B 676 -2.79 85.63 -67.92
CA GLY B 676 -2.45 84.64 -66.92
C GLY B 676 -1.34 85.03 -65.97
N ALA B 677 -0.37 85.80 -66.46
CA ALA B 677 0.83 86.13 -65.68
C ALA B 677 0.49 86.78 -64.34
N GLY B 678 1.03 86.19 -63.27
CA GLY B 678 0.79 86.69 -61.92
C GLY B 678 1.39 88.06 -61.68
N LYS B 679 0.53 89.00 -61.29
CA LYS B 679 0.90 90.40 -61.10
C LYS B 679 -0.37 91.13 -60.72
N ALA B 680 -0.25 92.41 -60.40
CA ALA B 680 -1.42 93.26 -60.37
C ALA B 680 -1.65 93.63 -61.83
N ALA B 681 -2.77 93.21 -62.39
CA ALA B 681 -3.03 93.43 -63.80
C ALA B 681 -4.07 94.52 -63.97
N ASN B 682 -3.61 95.67 -64.44
CA ASN B 682 -4.46 96.84 -64.56
C ASN B 682 -5.21 97.12 -63.26
N GLY B 683 -4.44 97.23 -62.18
CA GLY B 683 -5.00 97.50 -60.87
C GLY B 683 -5.84 96.37 -60.33
N MET B 684 -5.72 95.20 -60.94
CA MET B 684 -6.52 94.04 -60.55
C MET B 684 -5.67 92.78 -60.45
N ALA B 685 -5.66 92.17 -59.27
CA ALA B 685 -4.96 90.92 -59.06
C ALA B 685 -5.85 89.94 -58.31
N SER B 686 -5.85 88.69 -58.75
CA SER B 686 -6.66 87.65 -58.13
C SER B 686 -6.07 87.24 -56.78
N GLY B 687 -6.93 86.75 -55.90
CA GLY B 687 -6.49 86.21 -54.62
C GLY B 687 -7.49 85.18 -54.15
N ARG B 688 -7.02 84.25 -53.32
CA ARG B 688 -7.88 83.15 -52.89
C ARG B 688 -8.51 83.41 -51.53
N SER B 689 -9.77 83.01 -51.39
CA SER B 689 -10.48 83.19 -50.13
C SER B 689 -10.03 82.14 -49.13
N GLN B 690 -10.66 82.13 -47.96
CA GLN B 690 -10.32 81.19 -46.91
C GLN B 690 -10.58 79.75 -47.33
N LEU B 691 -11.47 79.58 -48.31
CA LEU B 691 -11.81 78.25 -48.80
C LEU B 691 -10.94 77.83 -49.99
N GLY B 692 -10.14 78.77 -50.51
CA GLY B 692 -9.23 78.46 -51.59
C GLY B 692 -9.69 78.94 -52.96
N ALA B 693 -10.95 79.37 -53.04
CA ALA B 693 -11.49 79.87 -54.30
C ALA B 693 -11.00 81.28 -54.56
N ASP B 694 -10.69 81.58 -55.82
CA ASP B 694 -10.15 82.89 -56.18
C ASP B 694 -11.17 84.00 -55.98
N ILE B 695 -10.66 85.20 -55.72
CA ILE B 695 -11.49 86.39 -55.57
C ILE B 695 -10.81 87.55 -56.29
N HIS B 696 -11.56 88.24 -57.14
CA HIS B 696 -11.00 89.39 -57.83
C HIS B 696 -11.12 90.61 -56.93
N GLU B 697 -9.97 91.17 -56.54
CA GLU B 697 -9.93 92.31 -55.65
C GLU B 697 -9.04 93.39 -56.24
N ILE B 698 -9.12 94.59 -55.67
CA ILE B 698 -8.37 95.70 -56.23
C ILE B 698 -6.97 95.77 -55.60
N ASP B 699 -5.97 95.49 -56.42
CA ASP B 699 -4.59 95.38 -55.94
C ASP B 699 -3.77 96.65 -56.16
N ASN B 700 -4.39 97.64 -56.80
CA ASN B 700 -3.75 98.93 -56.97
C ASN B 700 -4.20 99.88 -55.87
N ALA B 701 -5.51 100.10 -55.82
CA ALA B 701 -6.13 100.87 -54.75
C ALA B 701 -5.64 100.39 -53.39
N ALA B 702 -5.61 99.07 -53.21
CA ALA B 702 -4.96 98.50 -52.04
C ALA B 702 -3.96 97.45 -52.48
N SER B 703 -2.68 97.76 -52.38
CA SER B 703 -1.64 96.82 -52.77
C SER B 703 -1.07 96.02 -51.60
N ARG B 704 -1.41 96.44 -50.38
CA ARG B 704 -0.81 95.86 -49.19
C ARG B 704 -1.43 94.55 -48.72
N CYS B 705 -2.76 94.47 -48.78
CA CYS B 705 -3.47 93.27 -48.32
C CYS B 705 -3.25 92.07 -49.23
N GLY B 706 -3.50 92.26 -50.52
CA GLY B 706 -3.45 91.18 -51.49
C GLY B 706 -2.08 90.54 -51.67
N ARG B 707 -1.06 91.36 -51.85
CA ARG B 707 0.29 90.85 -52.12
C ARG B 707 0.90 90.18 -50.88
N LEU B 708 0.67 90.75 -49.71
CA LEU B 708 1.14 90.17 -48.46
C LEU B 708 0.47 88.82 -48.24
N LEU B 709 -0.81 88.76 -48.55
CA LEU B 709 -1.58 87.53 -48.42
C LEU B 709 -0.97 86.43 -49.27
N ASP B 710 -0.56 86.78 -50.49
CA ASP B 710 0.10 85.84 -51.39
C ASP B 710 1.49 85.48 -50.85
N GLU B 711 2.13 86.43 -50.20
CA GLU B 711 3.42 86.17 -49.56
C GLU B 711 3.23 85.18 -48.42
N VAL B 712 2.33 85.51 -47.49
CA VAL B 712 2.06 84.65 -46.34
C VAL B 712 1.58 83.26 -46.74
N ALA B 713 0.68 83.21 -47.71
CA ALA B 713 0.13 81.93 -48.18
C ALA B 713 1.22 81.00 -48.71
N GLY B 714 2.04 81.52 -49.63
CA GLY B 714 3.11 80.73 -50.20
C GLY B 714 4.26 80.50 -49.23
N ASP B 715 4.32 81.31 -48.18
CA ASP B 715 5.41 81.22 -47.21
C ASP B 715 5.11 80.40 -45.96
N ALA B 716 3.94 79.77 -45.85
CA ALA B 716 3.67 79.20 -44.55
C ALA B 716 4.17 77.77 -44.43
N ASP B 717 5.40 77.70 -43.93
CA ASP B 717 5.99 76.58 -43.22
C ASP B 717 6.82 77.31 -42.16
N ALA B 718 7.71 78.13 -42.69
CA ALA B 718 8.77 78.85 -41.98
C ALA B 718 8.33 80.14 -41.32
N VAL B 719 7.01 80.38 -41.26
CA VAL B 719 6.43 81.63 -40.75
C VAL B 719 7.13 82.14 -39.49
N ALA B 720 7.49 81.21 -38.60
CA ALA B 720 8.25 81.55 -37.40
C ALA B 720 9.54 82.32 -37.71
N GLU B 721 10.20 81.98 -38.80
CA GLU B 721 11.45 82.63 -39.18
C GLU B 721 11.22 84.04 -39.73
N ARG B 722 10.15 84.22 -40.49
CA ARG B 722 9.82 85.51 -41.08
C ARG B 722 8.87 86.31 -40.20
N ARG B 723 8.63 85.80 -38.99
CA ARG B 723 7.66 86.38 -38.05
C ARG B 723 7.76 87.90 -37.90
N ASP B 724 8.98 88.42 -37.83
CA ASP B 724 9.17 89.87 -37.76
C ASP B 724 8.65 90.56 -39.02
N GLU B 725 8.93 89.97 -40.18
CA GLU B 725 8.49 90.51 -41.46
C GLU B 725 6.98 90.37 -41.61
N ILE B 726 6.43 89.28 -41.09
CA ILE B 726 5.01 88.98 -41.24
C ILE B 726 4.13 89.76 -40.25
N ILE B 727 4.57 89.87 -39.01
CA ILE B 727 3.78 90.52 -37.97
C ILE B 727 3.73 92.04 -38.14
N ALA B 728 4.75 92.60 -38.80
CA ALA B 728 4.79 94.02 -39.05
C ALA B 728 3.89 94.39 -40.24
N ALA B 729 3.79 93.45 -41.18
CA ALA B 729 3.00 93.66 -42.38
C ALA B 729 1.51 93.54 -42.10
N MET B 730 1.16 92.84 -41.03
CA MET B 730 -0.23 92.78 -40.58
C MET B 730 -0.62 94.13 -39.99
N ALA B 731 0.36 94.80 -39.40
CA ALA B 731 0.15 96.13 -38.81
C ALA B 731 0.07 97.20 -39.89
N GLN B 732 0.66 96.92 -41.05
CA GLN B 732 0.65 97.85 -42.17
C GLN B 732 -0.72 97.86 -42.85
N THR B 733 -1.38 96.70 -42.86
CA THR B 733 -2.69 96.56 -43.46
C THR B 733 -3.78 96.77 -42.42
N ALA B 734 -3.35 97.15 -41.21
CA ALA B 734 -4.22 97.28 -40.05
C ALA B 734 -4.96 95.98 -39.74
N LYS B 735 -4.18 94.95 -39.42
CA LYS B 735 -4.68 93.72 -38.84
C LYS B 735 -3.87 93.52 -37.56
N PRO B 736 -4.00 94.46 -36.61
CA PRO B 736 -3.04 94.56 -35.52
C PRO B 736 -3.05 93.37 -34.57
N TYR B 737 -1.86 92.85 -34.29
CA TYR B 737 -1.68 91.92 -33.20
C TYR B 737 -1.65 92.80 -31.96
N PHE B 738 -1.55 92.19 -30.79
CA PHE B 738 -1.52 92.97 -29.56
C PHE B 738 -0.06 93.07 -29.12
N GLY B 739 0.28 94.16 -28.43
CA GLY B 739 1.62 94.32 -27.88
C GLY B 739 1.87 93.15 -26.96
N ASP B 740 3.12 92.94 -26.54
CA ASP B 740 3.52 91.64 -25.99
C ASP B 740 2.54 91.18 -24.93
N VAL B 741 2.00 89.98 -25.14
CA VAL B 741 0.75 89.55 -24.52
C VAL B 741 0.81 89.55 -23.00
N ALA B 742 1.85 88.92 -22.47
CA ALA B 742 2.09 88.96 -21.04
C ALA B 742 2.24 90.40 -20.57
N GLU B 743 3.33 91.04 -21.00
CA GLU B 743 3.69 92.37 -20.50
C GLU B 743 2.58 93.42 -20.60
N MET B 744 1.68 93.26 -21.56
CA MET B 744 0.62 94.23 -21.75
C MET B 744 -0.38 94.28 -20.58
N THR B 745 -0.59 95.50 -20.11
CA THR B 745 -1.47 95.80 -18.99
C THR B 745 -2.94 95.58 -19.38
N TYR B 746 -3.76 95.15 -18.43
CA TYR B 746 -5.19 94.93 -18.67
C TYR B 746 -5.87 96.16 -19.28
N LEU B 747 -5.43 97.36 -18.89
CA LEU B 747 -5.89 98.59 -19.51
C LEU B 747 -5.65 98.50 -21.01
N GLN B 748 -4.41 98.23 -21.39
CA GLN B 748 -4.01 98.13 -22.79
C GLN B 748 -4.90 97.16 -23.55
N TRP B 749 -5.22 96.03 -22.93
CA TRP B 749 -6.19 95.10 -23.48
C TRP B 749 -7.52 95.81 -23.71
N LEU B 750 -8.13 96.23 -22.61
CA LEU B 750 -9.45 96.85 -22.64
C LEU B 750 -9.50 98.18 -23.41
N ARG B 751 -8.36 98.89 -23.45
CA ARG B 751 -8.30 100.15 -24.19
C ARG B 751 -8.09 99.91 -25.69
N ARG B 752 -7.59 98.73 -26.04
CA ARG B 752 -7.35 98.40 -27.45
C ARG B 752 -8.66 98.04 -28.15
N TYR B 753 -9.52 97.31 -27.45
CA TYR B 753 -10.81 96.92 -28.00
C TYR B 753 -11.67 98.16 -28.24
N VAL B 754 -11.69 99.06 -27.27
CA VAL B 754 -12.41 100.33 -27.40
C VAL B 754 -11.84 101.14 -28.56
N GLU B 755 -10.52 101.12 -28.71
CA GLU B 755 -9.86 101.83 -29.80
C GLU B 755 -10.32 101.33 -31.17
N LEU B 756 -10.34 100.01 -31.33
CA LEU B 756 -10.71 99.39 -32.61
C LEU B 756 -12.22 99.30 -32.86
N ALA B 757 -12.97 98.95 -31.82
CA ALA B 757 -14.42 98.76 -31.97
C ALA B 757 -15.19 100.08 -32.00
N ILE B 758 -14.80 101.02 -31.15
CA ILE B 758 -15.51 102.29 -31.07
C ILE B 758 -14.86 103.37 -31.94
N GLY B 759 -15.55 103.75 -33.02
CA GLY B 759 -15.12 104.85 -33.84
C GLY B 759 -15.43 106.18 -33.18
N ASP B 760 -14.49 107.12 -33.25
CA ASP B 760 -14.71 108.45 -32.69
C ASP B 760 -15.54 109.31 -33.62
N GLY B 761 -15.36 109.12 -34.92
CA GLY B 761 -16.09 109.87 -35.91
C GLY B 761 -17.56 109.48 -35.95
N ASN B 762 -17.81 108.16 -35.99
CA ASN B 762 -19.17 107.66 -36.03
C ASN B 762 -19.86 107.67 -34.67
N SER B 763 -19.06 107.72 -33.59
CA SER B 763 -19.60 107.91 -32.25
C SER B 763 -20.61 106.82 -31.87
N THR B 764 -20.11 105.63 -31.52
CA THR B 764 -20.95 104.45 -31.31
C THR B 764 -22.23 104.75 -30.52
N ALA B 765 -22.12 105.62 -29.52
CA ALA B 765 -23.30 106.11 -28.81
C ALA B 765 -24.27 106.80 -29.77
N ASP B 766 -23.74 107.66 -30.63
CA ASP B 766 -24.56 108.35 -31.63
C ASP B 766 -24.90 107.43 -32.80
N THR B 767 -24.20 106.30 -32.90
CA THR B 767 -24.48 105.33 -33.96
C THR B 767 -25.64 104.42 -33.57
N LYS B 768 -25.89 104.33 -32.26
CA LYS B 768 -26.92 103.46 -31.72
C LYS B 768 -28.32 104.09 -31.86
N ARG B 769 -28.36 105.42 -31.83
CA ARG B 769 -29.62 106.16 -31.90
C ARG B 769 -30.41 106.02 -33.21
N PRO B 770 -29.75 106.15 -34.37
CA PRO B 770 -30.46 105.93 -35.63
C PRO B 770 -30.87 104.47 -35.85
N ASP B 771 -30.32 103.57 -35.03
CA ASP B 771 -30.50 102.12 -35.18
C ASP B 771 -29.91 101.64 -36.51
N SER B 772 -28.67 102.05 -36.76
CA SER B 772 -27.96 101.67 -37.97
C SER B 772 -27.61 100.18 -37.95
N PRO B 773 -27.64 99.54 -39.13
CA PRO B 773 -27.27 98.13 -39.26
C PRO B 773 -25.77 97.92 -39.05
N TRP B 774 -25.00 98.99 -39.15
CA TRP B 774 -23.56 98.93 -38.97
C TRP B 774 -23.19 98.71 -37.50
N LEU B 775 -24.21 98.77 -36.63
CA LEU B 775 -24.00 98.59 -35.19
C LEU B 775 -23.24 97.32 -34.84
N ASP B 776 -22.25 97.48 -33.98
CA ASP B 776 -21.27 96.46 -33.64
C ASP B 776 -21.64 95.63 -32.42
N ILE B 777 -22.88 95.77 -31.94
CA ILE B 777 -23.26 95.48 -30.55
C ILE B 777 -22.64 94.19 -29.97
N THR B 778 -22.43 93.18 -30.82
CA THR B 778 -21.68 92.01 -30.39
C THR B 778 -20.27 92.38 -29.93
N TRP B 779 -19.68 93.39 -30.57
CA TRP B 779 -18.35 93.88 -30.18
C TRP B 779 -18.42 94.56 -28.81
N ARG B 780 -19.54 95.24 -28.55
CA ARG B 780 -19.75 95.87 -27.26
C ARG B 780 -20.03 94.80 -26.21
N ASP B 781 -20.66 93.71 -26.64
CA ASP B 781 -20.92 92.57 -25.76
C ASP B 781 -19.62 91.79 -25.55
N ARG B 782 -18.79 91.75 -26.58
CA ARG B 782 -17.48 91.12 -26.50
C ARG B 782 -16.63 91.80 -25.43
N PHE B 783 -16.63 93.12 -25.46
CA PHE B 783 -15.85 93.92 -24.53
C PHE B 783 -16.34 93.76 -23.10
N GLU B 784 -17.65 93.54 -22.95
CA GLU B 784 -18.24 93.31 -21.64
C GLU B 784 -17.74 92.03 -21.01
N GLN B 785 -17.74 90.96 -21.81
CA GLN B 785 -17.29 89.65 -21.33
C GLN B 785 -15.82 89.71 -20.92
N MET B 786 -15.07 90.59 -21.57
CA MET B 786 -13.68 90.82 -21.21
C MET B 786 -13.58 91.65 -19.93
N LEU B 787 -14.43 92.67 -19.82
CA LEU B 787 -14.49 93.50 -18.62
C LEU B 787 -14.88 92.66 -17.42
N LYS B 788 -15.97 91.90 -17.56
CA LYS B 788 -16.46 91.05 -16.48
C LYS B 788 -15.45 89.98 -16.10
N ARG B 789 -14.60 89.60 -17.04
CA ARG B 789 -13.53 88.65 -16.79
C ARG B 789 -12.43 89.29 -15.94
N ALA B 790 -12.23 90.59 -16.16
CA ALA B 790 -11.22 91.34 -15.41
C ALA B 790 -11.59 91.42 -13.93
N GLU B 791 -12.88 91.64 -13.65
CA GLU B 791 -13.38 91.61 -12.28
C GLU B 791 -13.29 90.20 -11.75
N ALA B 792 -13.54 89.24 -12.65
CA ALA B 792 -13.51 87.83 -12.30
C ALA B 792 -12.09 87.39 -11.93
N ARG B 793 -11.10 88.02 -12.53
CA ARG B 793 -9.71 87.64 -12.31
C ARG B 793 -9.10 88.19 -11.02
N LEU B 794 -9.36 89.45 -10.70
CA LEU B 794 -8.64 90.11 -9.62
C LEU B 794 -9.33 90.21 -8.26
N HIS B 795 -10.56 89.70 -8.14
CA HIS B 795 -11.31 89.89 -6.90
C HIS B 795 -11.11 88.73 -5.92
N PRO B 796 -10.49 89.02 -4.76
CA PRO B 796 -10.24 88.05 -3.69
C PRO B 796 -11.51 87.67 -2.93
N GLN B 797 -12.49 88.58 -2.90
CA GLN B 797 -13.70 88.38 -2.09
C GLN B 797 -14.82 87.70 -2.86
N ASP B 798 -16.03 87.73 -2.30
CA ASP B 798 -17.17 86.92 -2.78
C ASP B 798 -17.82 87.36 -4.10
N PHE B 799 -17.36 88.48 -4.66
CA PHE B 799 -17.91 89.02 -5.92
C PHE B 799 -19.36 89.49 -5.80
N GLY B 800 -19.78 89.82 -4.59
CA GLY B 800 -21.10 90.37 -4.38
C GLY B 800 -21.33 91.76 -4.95
N PRO B 801 -20.51 92.75 -4.54
CA PRO B 801 -20.73 94.14 -4.96
C PRO B 801 -20.58 94.42 -6.45
N ILE B 802 -19.56 93.87 -7.09
CA ILE B 802 -19.23 94.25 -8.47
C ILE B 802 -20.14 93.64 -9.52
N GLU B 803 -20.38 92.33 -9.43
CA GLU B 803 -21.14 91.63 -10.45
C GLU B 803 -22.61 92.03 -10.51
N THR B 804 -23.19 92.34 -9.36
CA THR B 804 -24.62 92.65 -9.29
C THR B 804 -24.92 94.06 -9.79
N LEU B 805 -23.88 94.85 -10.01
CA LEU B 805 -24.04 96.22 -10.49
C LEU B 805 -24.03 96.29 -12.01
N PHE B 806 -22.91 95.91 -12.60
CA PHE B 806 -22.70 96.03 -14.04
C PHE B 806 -23.66 95.18 -14.89
N ASP B 807 -24.36 94.24 -14.25
CA ASP B 807 -25.24 93.33 -14.97
C ASP B 807 -26.65 93.89 -15.18
N ALA B 808 -26.98 94.97 -14.48
CA ALA B 808 -28.30 95.57 -14.61
C ALA B 808 -28.45 96.24 -15.98
N ASP B 809 -29.63 96.09 -16.57
CA ASP B 809 -29.92 96.70 -17.88
C ASP B 809 -29.72 98.21 -17.87
N ALA B 810 -30.56 98.91 -17.11
CA ALA B 810 -30.51 100.36 -17.03
C ALA B 810 -29.13 100.86 -16.63
N ASP B 811 -28.54 100.21 -15.63
CA ASP B 811 -27.22 100.60 -15.14
C ASP B 811 -26.12 100.27 -16.13
N GLY B 812 -26.08 99.02 -16.57
CA GLY B 812 -25.02 98.54 -17.44
C GLY B 812 -24.97 99.21 -18.81
N GLU B 813 -26.14 99.41 -19.41
CA GLU B 813 -26.21 100.04 -20.73
C GLU B 813 -25.70 101.47 -20.70
N ARG B 814 -25.96 102.18 -19.61
CA ARG B 814 -25.44 103.53 -19.44
C ARG B 814 -23.92 103.51 -19.30
N LEU B 815 -23.42 102.48 -18.65
CA LEU B 815 -21.98 102.30 -18.48
C LEU B 815 -21.31 101.98 -19.81
N LEU B 816 -22.07 101.34 -20.70
CA LEU B 816 -21.53 100.87 -21.98
C LEU B 816 -21.34 101.97 -23.01
N GLU B 817 -22.29 102.90 -23.07
CA GLU B 817 -22.25 103.98 -24.06
C GLU B 817 -21.11 104.96 -23.77
N ASP B 818 -20.53 104.85 -22.59
CA ASP B 818 -19.38 105.67 -22.20
C ASP B 818 -18.20 104.77 -21.91
N PRO B 819 -17.47 104.36 -22.95
CA PRO B 819 -16.38 103.37 -22.86
C PRO B 819 -15.23 103.81 -21.96
N GLU B 820 -14.83 105.07 -22.05
CA GLU B 820 -13.71 105.57 -21.24
C GLU B 820 -14.05 105.60 -19.76
N ALA B 821 -15.26 106.03 -19.44
CA ALA B 821 -15.70 106.09 -18.04
C ALA B 821 -15.91 104.70 -17.45
N ALA B 822 -16.29 103.75 -18.30
CA ALA B 822 -16.52 102.38 -17.85
C ALA B 822 -15.20 101.68 -17.53
N ILE B 823 -14.22 101.84 -18.42
CA ILE B 823 -12.90 101.26 -18.23
C ILE B 823 -12.28 101.73 -16.93
N THR B 824 -12.35 103.04 -16.69
CA THR B 824 -11.80 103.64 -15.48
C THR B 824 -12.51 103.11 -14.24
N ALA B 825 -13.83 102.96 -14.33
CA ALA B 825 -14.64 102.51 -13.20
C ALA B 825 -14.24 101.12 -12.72
N LEU B 826 -14.02 100.20 -13.67
CA LEU B 826 -13.66 98.83 -13.36
C LEU B 826 -12.24 98.73 -12.78
N LEU B 827 -11.29 99.33 -13.49
CA LEU B 827 -9.88 99.15 -13.18
C LEU B 827 -9.41 100.06 -12.04
N GLN B 828 -10.31 100.89 -11.56
CA GLN B 828 -10.09 101.64 -10.32
C GLN B 828 -10.32 100.70 -9.15
N ARG B 829 -11.37 99.88 -9.28
CA ARG B 829 -11.71 98.88 -8.28
C ARG B 829 -10.62 97.82 -8.22
N TYR B 830 -10.03 97.51 -9.37
CA TYR B 830 -8.94 96.55 -9.44
C TYR B 830 -7.70 97.20 -10.05
N PRO B 831 -6.96 97.96 -9.23
CA PRO B 831 -5.77 98.71 -9.67
C PRO B 831 -4.64 97.79 -10.11
N ASP B 832 -4.66 96.55 -9.62
CA ASP B 832 -3.63 95.58 -9.95
C ASP B 832 -3.66 95.20 -11.43
N ALA B 833 -4.80 95.44 -12.07
CA ALA B 833 -4.96 95.13 -13.49
C ALA B 833 -4.01 95.97 -14.34
N GLU B 834 -3.54 97.07 -13.75
CA GLU B 834 -2.67 97.98 -14.47
C GLU B 834 -1.21 97.51 -14.51
N THR B 835 -0.79 96.76 -13.49
CA THR B 835 0.60 96.32 -13.39
C THR B 835 0.91 94.88 -13.84
N VAL B 836 -0.09 94.08 -14.18
CA VAL B 836 0.16 92.65 -14.35
C VAL B 836 -0.15 92.12 -15.76
N VAL B 837 0.19 90.86 -15.99
CA VAL B 837 0.00 90.16 -17.26
C VAL B 837 -1.41 89.60 -17.38
N LEU B 838 -1.90 89.50 -18.62
CA LEU B 838 -3.12 88.75 -18.86
C LEU B 838 -2.81 87.30 -18.53
N HIS B 839 -3.64 86.70 -17.68
CA HIS B 839 -3.40 85.33 -17.20
C HIS B 839 -3.31 84.35 -18.37
N PRO B 840 -2.35 83.42 -18.30
CA PRO B 840 -2.12 82.42 -19.36
C PRO B 840 -3.38 81.63 -19.72
N ALA B 841 -4.33 81.54 -18.78
CA ALA B 841 -5.60 80.87 -19.07
C ALA B 841 -6.63 81.85 -19.62
N ASP B 842 -6.35 83.15 -19.52
CA ASP B 842 -7.24 84.16 -20.06
C ASP B 842 -6.97 84.45 -21.53
N VAL B 843 -5.80 84.04 -22.00
CA VAL B 843 -5.45 84.16 -23.40
C VAL B 843 -6.28 83.25 -24.32
N PRO B 844 -6.41 81.94 -23.96
CA PRO B 844 -7.26 81.10 -24.81
C PRO B 844 -8.72 81.55 -24.80
N PHE B 845 -9.16 82.12 -23.67
CA PHE B 845 -10.54 82.59 -23.54
C PHE B 845 -10.85 83.71 -24.53
N PHE B 846 -9.95 84.66 -24.65
CA PHE B 846 -10.12 85.78 -25.57
C PHE B 846 -10.12 85.31 -27.03
N VAL B 847 -9.17 84.45 -27.36
CA VAL B 847 -9.08 83.88 -28.70
C VAL B 847 -10.32 83.04 -29.00
N GLU B 848 -10.86 82.40 -27.97
CA GLU B 848 -12.07 81.62 -28.09
C GLU B 848 -13.27 82.52 -28.39
N LEU B 849 -13.30 83.68 -27.73
CA LEU B 849 -14.39 84.64 -27.91
C LEU B 849 -14.38 85.25 -29.31
N CYS B 850 -13.18 85.38 -29.88
CA CYS B 850 -13.03 85.90 -31.22
C CYS B 850 -13.68 84.99 -32.26
N LYS B 851 -13.68 83.69 -31.95
CA LYS B 851 -14.24 82.69 -32.85
C LYS B 851 -15.77 82.61 -32.78
N THR B 852 -16.32 82.92 -31.61
CA THR B 852 -17.77 82.86 -31.42
C THR B 852 -18.45 84.21 -31.58
N LEU B 853 -17.66 85.25 -31.86
CA LEU B 853 -18.18 86.60 -31.95
C LEU B 853 -19.20 86.73 -33.09
N GLY B 854 -20.26 87.50 -32.85
CA GLY B 854 -21.32 87.69 -33.83
C GLY B 854 -20.83 88.26 -35.14
N LYS B 855 -20.19 89.42 -35.08
CA LYS B 855 -19.54 89.98 -36.25
C LYS B 855 -18.04 89.75 -36.11
N PRO B 856 -17.43 89.13 -37.13
CA PRO B 856 -16.02 88.73 -37.12
C PRO B 856 -15.07 89.84 -36.67
N VAL B 857 -14.07 89.47 -35.88
CA VAL B 857 -13.15 90.41 -35.27
C VAL B 857 -12.38 91.27 -36.28
N ASN B 858 -12.20 92.54 -35.96
CA ASN B 858 -11.63 93.52 -36.88
C ASN B 858 -10.11 93.41 -37.03
N PHE B 859 -9.49 92.56 -36.21
CA PHE B 859 -8.04 92.43 -36.17
C PHE B 859 -7.58 90.97 -36.27
N VAL B 860 -6.28 90.75 -36.12
CA VAL B 860 -5.75 89.39 -36.02
C VAL B 860 -5.19 89.15 -34.62
N PRO B 861 -5.90 88.35 -33.82
CA PRO B 861 -5.52 88.06 -32.43
C PRO B 861 -4.30 87.16 -32.29
N VAL B 862 -4.07 86.26 -33.24
CA VAL B 862 -3.01 85.26 -33.13
C VAL B 862 -2.42 84.88 -34.49
N ILE B 863 -1.11 84.68 -34.54
CA ILE B 863 -0.46 84.14 -35.72
C ILE B 863 -0.33 82.62 -35.56
N ASP B 864 -1.09 81.88 -36.37
CA ASP B 864 -1.11 80.43 -36.29
C ASP B 864 -1.57 79.81 -37.61
N LYS B 865 -1.86 78.51 -37.58
CA LYS B 865 -2.31 77.78 -38.77
C LYS B 865 -3.55 78.37 -39.43
N ASP B 866 -4.40 79.01 -38.62
CA ASP B 866 -5.67 79.55 -39.11
C ASP B 866 -5.57 81.01 -39.57
N VAL B 867 -4.34 81.54 -39.62
CA VAL B 867 -4.10 82.95 -39.95
C VAL B 867 -4.77 83.38 -41.27
N ARG B 868 -4.89 82.46 -42.21
CA ARG B 868 -5.57 82.75 -43.47
C ARG B 868 -7.06 83.00 -43.24
N ARG B 869 -7.64 82.22 -42.33
CA ARG B 869 -9.05 82.38 -41.98
C ARG B 869 -9.28 83.65 -41.17
N TRP B 870 -8.26 84.07 -40.44
CA TRP B 870 -8.34 85.31 -39.67
C TRP B 870 -8.22 86.53 -40.57
N TRP B 871 -7.42 86.38 -41.63
CA TRP B 871 -7.15 87.48 -42.55
C TRP B 871 -8.30 87.76 -43.50
N ARG B 872 -8.82 86.72 -44.13
CA ARG B 872 -9.76 86.87 -45.24
C ARG B 872 -11.22 86.95 -44.81
N SER B 873 -11.51 86.64 -43.56
CA SER B 873 -12.88 86.57 -43.09
C SER B 873 -13.56 87.94 -43.00
N ASP B 874 -14.74 88.05 -43.62
CA ASP B 874 -15.59 89.24 -43.52
C ASP B 874 -14.84 90.51 -43.94
N SER B 875 -14.22 90.45 -45.12
CA SER B 875 -13.42 91.57 -45.61
C SER B 875 -14.16 92.49 -46.59
N LEU B 876 -15.43 92.23 -46.83
CA LEU B 876 -16.18 92.95 -47.85
C LEU B 876 -16.89 94.22 -47.39
N TRP B 877 -17.01 94.41 -46.08
CA TRP B 877 -17.84 95.50 -45.54
C TRP B 877 -17.14 96.84 -45.31
N GLN B 878 -15.81 96.86 -45.39
CA GLN B 878 -15.06 98.06 -45.07
C GLN B 878 -15.10 99.10 -46.19
N ALA B 879 -15.55 98.68 -47.37
CA ALA B 879 -15.63 99.57 -48.52
C ALA B 879 -16.79 100.56 -48.38
N HIS B 880 -17.71 100.26 -47.47
CA HIS B 880 -18.91 101.07 -47.31
C HIS B 880 -18.99 101.72 -45.93
N ASP B 881 -19.09 103.05 -45.91
CA ASP B 881 -19.23 103.83 -44.68
C ASP B 881 -18.11 103.59 -43.67
N ALA B 882 -16.86 103.76 -44.12
CA ALA B 882 -15.71 103.63 -43.23
C ALA B 882 -14.73 104.77 -43.42
N ARG B 883 -14.29 105.37 -42.31
CA ARG B 883 -13.36 106.50 -42.34
C ARG B 883 -11.91 106.07 -42.52
N TYR B 884 -11.66 104.77 -42.38
CA TYR B 884 -10.29 104.26 -42.42
C TYR B 884 -9.64 104.40 -43.79
N GLU B 885 -8.30 104.31 -43.80
CA GLU B 885 -7.54 104.30 -45.03
C GLU B 885 -8.07 103.19 -45.92
N ALA B 886 -8.44 103.54 -47.15
CA ALA B 886 -9.08 102.59 -48.05
C ALA B 886 -8.08 101.76 -48.84
N ASP B 887 -6.79 101.95 -48.55
CA ASP B 887 -5.74 101.18 -49.19
C ASP B 887 -5.39 99.92 -48.38
N GLN B 888 -6.07 99.73 -47.26
CA GLN B 888 -5.89 98.54 -46.44
C GLN B 888 -6.99 97.51 -46.69
N VAL B 889 -7.96 97.87 -47.52
CA VAL B 889 -9.21 97.14 -47.62
C VAL B 889 -9.29 96.26 -48.86
N CYS B 890 -9.90 95.08 -48.72
CA CYS B 890 -10.24 94.28 -49.88
C CYS B 890 -11.48 94.89 -50.50
N VAL B 891 -11.35 95.37 -51.73
CA VAL B 891 -12.46 95.93 -52.47
C VAL B 891 -12.52 95.17 -53.78
N ILE B 892 -13.73 94.87 -54.24
CA ILE B 892 -13.89 93.93 -55.35
C ILE B 892 -14.43 94.56 -56.64
N PRO B 893 -13.54 94.79 -57.61
CA PRO B 893 -13.86 94.98 -59.02
C PRO B 893 -13.67 93.71 -59.86
N GLY B 894 -13.92 93.81 -61.16
CA GLY B 894 -13.46 92.83 -62.13
C GLY B 894 -12.29 93.42 -62.89
N THR B 895 -11.58 92.61 -63.67
CA THR B 895 -10.43 93.12 -64.42
C THR B 895 -10.77 94.04 -65.58
N ALA B 896 -11.58 93.53 -66.51
CA ALA B 896 -11.88 94.26 -67.75
C ALA B 896 -12.96 95.32 -67.59
N ALA B 897 -13.86 95.12 -66.63
CA ALA B 897 -14.96 96.06 -66.40
C ALA B 897 -14.46 97.37 -65.84
N VAL B 898 -13.28 97.34 -65.22
CA VAL B 898 -12.68 98.51 -64.60
C VAL B 898 -12.44 99.64 -65.62
N ALA B 899 -12.08 99.27 -66.84
CA ALA B 899 -11.85 100.25 -67.90
C ALA B 899 -13.09 101.09 -68.15
N GLY B 900 -14.26 100.46 -68.03
CA GLY B 900 -15.52 101.14 -68.22
C GLY B 900 -15.91 101.97 -67.01
N ILE B 901 -15.11 101.90 -65.95
CA ILE B 901 -15.38 102.67 -64.75
C ILE B 901 -14.48 103.89 -64.67
N THR B 902 -15.07 105.06 -64.88
CA THR B 902 -14.34 106.32 -64.81
C THR B 902 -15.10 107.33 -63.94
N ARG B 903 -16.29 107.69 -64.38
CA ARG B 903 -17.12 108.67 -63.67
C ARG B 903 -17.43 108.24 -62.23
N VAL B 904 -17.18 109.14 -61.29
CA VAL B 904 -17.38 108.86 -59.86
C VAL B 904 -18.67 109.49 -59.33
N ASP B 905 -19.35 108.76 -58.46
CA ASP B 905 -20.61 109.23 -57.86
C ASP B 905 -21.67 109.56 -58.90
N GLU B 906 -21.65 108.83 -60.00
CA GLU B 906 -22.66 108.97 -61.05
C GLU B 906 -23.87 108.10 -60.71
N PRO B 907 -25.04 108.72 -60.56
CA PRO B 907 -26.27 108.05 -60.13
C PRO B 907 -26.57 106.77 -60.92
N VAL B 908 -27.11 105.76 -60.23
CA VAL B 908 -27.46 104.48 -60.83
C VAL B 908 -28.38 104.68 -62.04
N GLY B 909 -29.37 105.55 -61.88
CA GLY B 909 -30.31 105.83 -62.95
C GLY B 909 -29.65 106.36 -64.21
N GLU B 910 -28.54 107.08 -64.05
CA GLU B 910 -27.82 107.62 -65.18
C GLU B 910 -27.04 106.54 -65.93
N LEU B 911 -26.33 105.70 -65.19
CA LEU B 911 -25.52 104.63 -65.77
C LEU B 911 -26.36 103.62 -66.53
N LEU B 912 -27.44 103.17 -65.91
CA LEU B 912 -28.31 102.16 -66.53
C LEU B 912 -29.06 102.71 -67.74
N ASP B 913 -29.45 103.98 -67.66
CA ASP B 913 -30.09 104.63 -68.81
C ASP B 913 -29.09 104.87 -69.91
N ARG B 914 -27.87 105.26 -69.54
CA ARG B 914 -26.78 105.48 -70.49
C ARG B 914 -26.58 104.24 -71.36
N PHE B 915 -26.74 103.07 -70.74
CA PHE B 915 -26.68 101.82 -71.47
C PHE B 915 -27.85 101.70 -72.45
N GLU B 916 -29.06 101.90 -71.93
CA GLU B 916 -30.25 101.73 -72.73
C GLU B 916 -30.39 102.78 -73.82
N GLN B 917 -30.10 104.03 -73.47
CA GLN B 917 -30.29 105.15 -74.40
C GLN B 917 -29.36 105.08 -75.62
N ALA B 918 -28.11 104.70 -75.40
CA ALA B 918 -27.14 104.61 -76.48
C ALA B 918 -27.30 103.30 -77.26
N ALA B 919 -27.92 102.31 -76.63
CA ALA B 919 -28.23 101.06 -77.32
C ALA B 919 -29.41 101.29 -78.25
N VAL B 920 -30.33 102.15 -77.83
CA VAL B 920 -31.47 102.52 -78.64
C VAL B 920 -31.02 103.28 -79.89
N ASP B 921 -30.17 104.28 -79.69
CA ASP B 921 -29.67 105.12 -80.78
C ASP B 921 -28.95 104.32 -81.86
N GLU B 922 -28.10 103.39 -81.43
CA GLU B 922 -27.36 102.54 -82.36
C GLU B 922 -28.30 101.64 -83.15
N VAL B 923 -29.31 101.11 -82.47
CA VAL B 923 -30.32 100.28 -83.10
C VAL B 923 -31.23 101.12 -84.00
N LEU B 924 -31.57 102.31 -83.53
CA LEU B 924 -32.42 103.22 -84.30
C LEU B 924 -31.78 103.63 -85.61
N GLY B 925 -30.57 104.20 -85.53
CA GLY B 925 -29.89 104.77 -86.68
C GLY B 925 -29.78 103.89 -87.92
N ALA B 926 -29.30 102.66 -87.73
CA ALA B 926 -29.03 101.78 -88.85
C ALA B 926 -30.28 101.04 -89.36
N GLY B 927 -30.76 100.09 -88.59
CA GLY B 927 -31.88 99.26 -89.00
C GLY B 927 -33.22 99.98 -88.99
N ALA B 928 -33.52 100.65 -87.88
CA ALA B 928 -34.80 101.32 -87.70
C ALA B 928 -34.91 102.61 -88.49
N GLU B 929 -33.89 103.46 -88.39
CA GLU B 929 -33.86 104.75 -89.07
C GLU B 929 -35.05 105.62 -88.71
N PRO B 930 -35.09 106.10 -87.47
CA PRO B 930 -36.23 106.83 -86.92
C PRO B 930 -37.49 105.98 -87.03
N VAL B 931 -37.52 104.89 -86.27
CA VAL B 931 -38.58 103.89 -86.36
C VAL B 931 -39.93 104.43 -85.90
N GLU B 932 -41.00 103.76 -86.32
CA GLU B 932 -42.34 104.08 -85.87
C GLU B 932 -42.44 103.85 -84.36
N VAL B 933 -41.64 102.90 -83.86
CA VAL B 933 -41.63 102.57 -82.44
C VAL B 933 -41.03 103.70 -81.60
N LEU B 934 -40.00 104.35 -82.14
CA LEU B 934 -39.34 105.44 -81.43
C LEU B 934 -40.18 106.71 -81.50
N SER B 935 -40.80 106.93 -82.64
CA SER B 935 -41.64 108.11 -82.84
C SER B 935 -42.93 108.00 -82.04
N ARG B 936 -43.46 106.78 -81.96
CA ARG B 936 -44.69 106.52 -81.21
C ARG B 936 -44.51 106.80 -79.73
N ARG B 937 -43.27 106.64 -79.26
CA ARG B 937 -42.95 106.82 -77.85
C ARG B 937 -43.00 108.29 -77.41
N GLN B 938 -42.30 109.16 -78.13
CA GLN B 938 -42.30 110.58 -77.83
C GLN B 938 -43.70 111.18 -78.04
N ALA B 939 -44.48 110.52 -78.88
CA ALA B 939 -45.87 110.92 -79.13
C ALA B 939 -46.87 110.12 -78.31
N ARG B 940 -46.38 109.21 -77.47
CA ARG B 940 -47.21 108.35 -76.63
C ARG B 940 -48.16 107.42 -77.40
N ARG B 941 -47.59 106.44 -78.10
CA ARG B 941 -48.37 105.34 -78.68
C ARG B 941 -47.77 104.02 -78.20
N ASP B 942 -48.54 102.94 -78.26
CA ASP B 942 -48.23 101.75 -77.48
C ASP B 942 -48.21 100.41 -78.22
N ALA B 943 -47.64 99.41 -77.53
CA ALA B 943 -47.83 98.01 -77.87
C ALA B 943 -48.54 97.37 -76.69
N SER B 944 -49.29 96.30 -76.95
CA SER B 944 -50.06 95.62 -75.90
C SER B 944 -51.05 96.55 -75.20
N GLY B 945 -52.15 96.85 -75.89
CA GLY B 945 -53.19 97.70 -75.32
C GLY B 945 -53.96 96.99 -74.23
N PRO B 946 -55.11 97.57 -73.82
CA PRO B 946 -55.88 97.05 -72.68
C PRO B 946 -56.24 95.58 -72.79
N LEU B 947 -56.64 95.13 -73.97
CA LEU B 947 -57.02 93.74 -74.17
C LEU B 947 -55.84 92.79 -74.00
N ALA B 948 -54.67 93.22 -74.48
CA ALA B 948 -53.47 92.40 -74.40
C ALA B 948 -52.91 92.36 -72.98
N VAL B 949 -52.86 93.52 -72.33
CA VAL B 949 -52.35 93.65 -70.97
C VAL B 949 -53.02 92.67 -70.00
N VAL B 950 -54.33 92.50 -70.16
CA VAL B 950 -55.09 91.55 -69.36
C VAL B 950 -54.58 90.13 -69.56
N LEU B 951 -54.22 89.80 -70.79
CA LEU B 951 -53.77 88.45 -71.13
C LEU B 951 -52.26 88.29 -71.03
N ASP B 952 -51.56 89.39 -70.77
CA ASP B 952 -50.09 89.35 -70.72
C ASP B 952 -49.53 89.22 -69.31
N ALA B 953 -49.67 90.28 -68.52
CA ALA B 953 -49.08 90.31 -67.19
C ALA B 953 -49.68 89.25 -66.26
N PRO B 954 -48.82 88.34 -65.76
CA PRO B 954 -49.22 87.27 -64.84
C PRO B 954 -49.59 87.80 -63.44
N ASP B 955 -49.11 88.99 -63.08
CA ASP B 955 -49.34 89.57 -61.76
C ASP B 955 -50.52 90.55 -61.73
N VAL B 956 -51.46 90.34 -60.81
CA VAL B 956 -52.59 91.24 -60.60
C VAL B 956 -52.48 91.88 -59.22
N LEU B 957 -52.32 93.21 -59.20
CA LEU B 957 -52.10 93.90 -57.94
C LEU B 957 -53.41 94.29 -57.27
N TRP B 958 -53.51 94.03 -55.97
CA TRP B 958 -54.59 94.57 -55.15
C TRP B 958 -53.98 95.28 -53.96
N ALA B 959 -54.20 96.59 -53.90
CA ALA B 959 -53.48 97.48 -52.98
C ALA B 959 -51.98 97.35 -53.18
N GLY B 960 -51.27 96.89 -52.15
CA GLY B 960 -49.84 96.69 -52.25
C GLY B 960 -49.46 95.23 -52.39
N ARG B 961 -50.46 94.37 -52.51
CA ARG B 961 -50.24 92.93 -52.61
C ARG B 961 -50.24 92.46 -54.07
N MET B 962 -49.41 91.47 -54.37
CA MET B 962 -49.34 90.91 -55.70
C MET B 962 -50.06 89.56 -55.82
N SER B 963 -50.92 89.43 -56.83
CA SER B 963 -51.65 88.19 -57.07
C SER B 963 -51.45 87.68 -58.49
N VAL B 964 -51.64 86.39 -58.68
CA VAL B 964 -51.58 85.77 -60.00
C VAL B 964 -52.80 86.21 -60.83
N ASN B 965 -52.62 86.29 -62.14
CA ASN B 965 -53.70 86.64 -63.06
C ASN B 965 -54.77 85.55 -63.11
N PRO B 966 -56.01 85.90 -62.74
CA PRO B 966 -57.12 84.93 -62.72
C PRO B 966 -57.49 84.49 -64.13
N VAL B 967 -57.21 85.34 -65.11
CA VAL B 967 -57.50 85.04 -66.51
C VAL B 967 -56.72 83.81 -66.98
N HIS B 968 -55.52 83.62 -66.43
CA HIS B 968 -54.76 82.41 -66.70
C HIS B 968 -55.58 81.18 -66.36
N ARG B 969 -56.28 81.25 -65.23
CA ARG B 969 -57.20 80.18 -64.83
C ARG B 969 -58.61 80.42 -65.34
N ILE B 970 -58.87 81.63 -65.83
CA ILE B 970 -60.14 81.92 -66.48
C ILE B 970 -60.17 81.53 -67.96
N ALA B 971 -59.08 81.81 -68.68
CA ALA B 971 -59.05 81.58 -70.13
C ALA B 971 -59.32 80.14 -70.54
N ALA B 972 -58.35 79.26 -70.30
CA ALA B 972 -58.47 77.86 -70.68
C ALA B 972 -59.50 77.02 -69.90
N PRO B 973 -59.45 77.03 -68.55
CA PRO B 973 -60.36 76.16 -67.79
C PRO B 973 -61.84 76.49 -67.96
N THR B 974 -62.16 77.68 -68.48
CA THR B 974 -63.55 78.04 -68.74
C THR B 974 -64.20 77.09 -69.75
N GLU B 975 -65.41 76.63 -69.42
CA GLU B 975 -66.14 75.76 -70.32
C GLU B 975 -66.60 76.55 -71.55
N TRP B 976 -67.25 77.69 -71.31
CA TRP B 976 -67.59 78.61 -72.38
C TRP B 976 -66.87 79.94 -72.22
N GLN B 977 -65.92 80.21 -73.10
CA GLN B 977 -65.18 81.46 -73.08
C GLN B 977 -65.54 82.30 -74.30
N VAL B 978 -65.72 83.60 -74.09
CA VAL B 978 -66.15 84.47 -75.16
C VAL B 978 -65.33 85.76 -75.25
N ARG B 979 -64.81 86.04 -76.44
CA ARG B 979 -64.15 87.30 -76.72
C ARG B 979 -65.04 88.14 -77.63
N GLU B 980 -65.60 89.20 -77.08
CA GLU B 980 -66.56 90.02 -77.83
C GLU B 980 -65.89 91.17 -78.56
N GLY B 981 -66.21 91.30 -79.85
CA GLY B 981 -65.68 92.37 -80.69
C GLY B 981 -64.15 92.43 -80.66
N SER B 982 -63.52 91.42 -81.25
CA SER B 982 -62.06 91.28 -81.23
C SER B 982 -61.30 92.48 -81.81
N ASP B 983 -61.47 92.69 -83.11
CA ASP B 983 -60.69 93.70 -83.84
C ASP B 983 -60.95 95.13 -83.36
N ASN B 984 -62.10 95.36 -82.72
CA ASN B 984 -62.41 96.67 -82.17
C ASN B 984 -62.00 96.75 -80.71
N ARG B 985 -61.04 97.62 -80.41
CA ARG B 985 -60.42 97.70 -79.10
C ARG B 985 -61.33 98.24 -78.00
N SER B 986 -62.01 99.36 -78.29
CA SER B 986 -62.83 100.04 -77.30
C SER B 986 -63.96 99.17 -76.78
N ALA B 987 -64.57 98.38 -77.66
CA ALA B 987 -65.70 97.54 -77.30
C ALA B 987 -65.29 96.12 -76.93
N SER B 988 -63.99 95.86 -76.88
CA SER B 988 -63.48 94.52 -76.61
C SER B 988 -63.93 93.97 -75.26
N HIS B 989 -64.45 92.74 -75.25
CA HIS B 989 -64.89 92.11 -74.01
C HIS B 989 -64.53 90.63 -73.96
N PRO B 990 -63.96 90.19 -72.85
CA PRO B 990 -63.59 88.78 -72.68
C PRO B 990 -64.32 88.15 -71.48
N SER B 991 -65.25 87.24 -71.77
CA SER B 991 -66.10 86.65 -70.73
C SER B 991 -65.95 85.13 -70.63
N THR B 992 -66.39 84.56 -69.52
CA THR B 992 -66.21 83.13 -69.27
C THR B 992 -67.41 82.48 -68.56
N GLY B 993 -67.47 81.15 -68.59
CA GLY B 993 -68.53 80.41 -67.93
C GLY B 993 -68.31 80.34 -66.42
N ALA B 994 -67.14 80.77 -65.97
CA ALA B 994 -66.85 80.88 -64.55
C ALA B 994 -67.56 82.12 -64.03
N ARG B 995 -68.20 82.84 -64.95
CA ARG B 995 -68.77 84.16 -64.74
C ARG B 995 -67.67 85.15 -64.35
N LEU B 996 -66.78 85.43 -65.30
CA LEU B 996 -65.82 86.52 -65.18
C LEU B 996 -65.68 87.24 -66.51
N GLU B 997 -65.93 88.55 -66.51
CA GLU B 997 -65.89 89.30 -67.76
C GLU B 997 -65.01 90.54 -67.66
N VAL B 998 -64.29 90.85 -68.74
CA VAL B 998 -63.38 91.99 -68.75
C VAL B 998 -63.66 92.98 -69.87
N ALA B 999 -63.66 94.27 -69.52
CA ALA B 999 -63.92 95.33 -70.48
C ALA B 999 -63.20 96.60 -70.04
N ASP B 1000 -63.06 97.57 -70.94
CA ASP B 1000 -62.39 98.82 -70.62
C ASP B 1000 -63.39 99.94 -70.36
N ASP B 1001 -63.10 100.76 -69.35
CA ASP B 1001 -63.95 101.89 -69.02
C ASP B 1001 -63.10 103.09 -68.63
N GLN B 1002 -63.54 104.29 -68.99
CA GLN B 1002 -62.81 105.53 -68.68
C GLN B 1002 -61.35 105.46 -69.14
N HIS B 1003 -61.15 105.16 -70.42
CA HIS B 1003 -59.82 105.00 -71.00
C HIS B 1003 -58.99 103.92 -70.31
N VAL B 1004 -57.88 104.34 -69.69
CA VAL B 1004 -56.86 103.43 -69.17
C VAL B 1004 -57.36 102.41 -68.16
N VAL B 1005 -58.51 102.67 -67.55
CA VAL B 1005 -59.06 101.75 -66.55
C VAL B 1005 -59.66 100.49 -67.17
N LEU B 1006 -59.16 99.34 -66.76
CA LEU B 1006 -59.67 98.06 -67.25
C LEU B 1006 -60.60 97.40 -66.24
N SER B 1007 -61.80 97.06 -66.66
CA SER B 1007 -62.82 96.57 -65.72
C SER B 1007 -63.08 95.07 -65.85
N VAL B 1008 -62.68 94.31 -64.83
CA VAL B 1008 -62.92 92.88 -64.77
C VAL B 1008 -64.13 92.58 -63.89
N PRO B 1009 -65.14 91.95 -64.47
CA PRO B 1009 -66.38 91.72 -63.74
C PRO B 1009 -66.68 90.23 -63.57
N LEU B 1010 -66.59 89.76 -62.33
CA LEU B 1010 -66.85 88.37 -62.02
C LEU B 1010 -68.15 88.27 -61.22
N SER B 1011 -68.86 87.16 -61.35
CA SER B 1011 -70.17 87.06 -60.69
C SER B 1011 -70.44 85.66 -60.13
N GLY B 1012 -71.15 85.63 -58.99
CA GLY B 1012 -71.59 84.37 -58.41
C GLY B 1012 -73.12 84.35 -58.37
N THR B 1013 -73.71 83.38 -59.05
CA THR B 1013 -75.15 83.35 -59.28
C THR B 1013 -75.63 84.64 -59.95
N TRP B 1014 -76.49 85.39 -59.28
CA TRP B 1014 -77.07 86.59 -59.87
C TRP B 1014 -76.36 87.90 -59.48
N ILE B 1015 -75.31 87.81 -58.66
CA ILE B 1015 -74.63 89.01 -58.17
C ILE B 1015 -73.22 89.16 -58.76
N GLU B 1016 -72.86 90.39 -59.16
CA GLU B 1016 -71.60 90.65 -59.85
C GLU B 1016 -70.50 91.33 -59.01
N ILE B 1017 -69.24 91.00 -59.31
CA ILE B 1017 -68.09 91.61 -58.65
C ILE B 1017 -67.19 92.32 -59.67
N ARG B 1018 -66.95 93.61 -59.47
CA ARG B 1018 -66.16 94.37 -60.44
C ARG B 1018 -64.81 94.82 -59.88
N PHE B 1019 -63.82 94.95 -60.77
CA PHE B 1019 -62.48 95.40 -60.39
C PHE B 1019 -61.92 96.37 -61.43
N THR B 1020 -60.88 97.13 -61.06
CA THR B 1020 -60.34 98.18 -61.92
C THR B 1020 -58.81 98.26 -61.88
N LEU B 1021 -58.19 98.52 -63.03
CA LEU B 1021 -56.74 98.59 -63.13
C LEU B 1021 -56.28 99.95 -63.68
N THR B 1022 -55.01 100.27 -63.47
CA THR B 1022 -54.43 101.51 -63.99
C THR B 1022 -52.98 101.32 -64.43
N ASP B 1023 -52.64 101.79 -65.63
CA ASP B 1023 -51.32 101.50 -66.19
C ASP B 1023 -50.42 102.72 -66.42
N VAL B 1024 -49.30 102.75 -65.69
CA VAL B 1024 -48.26 103.75 -65.91
C VAL B 1024 -46.98 103.04 -66.31
N VAL B 1025 -46.58 103.20 -67.56
CA VAL B 1025 -45.46 102.43 -68.11
C VAL B 1025 -44.11 103.14 -68.02
N ARG B 1026 -44.08 104.30 -67.37
CA ARG B 1026 -42.81 104.96 -67.06
C ARG B 1026 -41.94 104.00 -66.25
N SER B 1027 -42.59 103.29 -65.33
CA SER B 1027 -41.92 102.22 -64.60
C SER B 1027 -42.21 100.89 -65.29
N GLY B 1028 -41.19 100.31 -65.89
CA GLY B 1028 -41.33 99.08 -66.66
C GLY B 1028 -41.57 97.86 -65.79
N GLY B 1029 -40.96 97.86 -64.60
CA GLY B 1029 -41.15 96.78 -63.66
C GLY B 1029 -42.51 96.85 -62.99
N ALA B 1030 -43.14 98.01 -63.10
CA ALA B 1030 -44.48 98.20 -62.57
C ALA B 1030 -45.42 98.73 -63.65
N PRO B 1031 -45.65 97.93 -64.71
CA PRO B 1031 -46.53 98.40 -65.78
C PRO B 1031 -47.97 98.51 -65.28
N ILE B 1032 -48.32 97.66 -64.32
CA ILE B 1032 -49.66 97.64 -63.77
C ILE B 1032 -49.69 97.99 -62.30
N VAL B 1033 -50.47 99.01 -61.96
CA VAL B 1033 -50.75 99.36 -60.57
C VAL B 1033 -52.27 99.53 -60.44
N GLU B 1034 -52.88 98.81 -59.51
CA GLU B 1034 -54.34 98.73 -59.51
C GLU B 1034 -54.99 99.42 -58.31
N VAL B 1035 -56.23 99.85 -58.54
CA VAL B 1035 -56.92 100.85 -57.72
C VAL B 1035 -56.93 100.59 -56.21
N ASP B 1036 -56.64 101.64 -55.45
CA ASP B 1036 -56.55 101.58 -53.99
C ASP B 1036 -57.92 101.43 -53.34
N ASP B 1037 -58.98 101.54 -54.14
CA ASP B 1037 -60.34 101.45 -53.63
C ASP B 1037 -60.79 100.00 -53.52
N ALA B 1038 -59.89 99.07 -53.86
CA ALA B 1038 -60.19 97.65 -53.89
C ALA B 1038 -60.82 97.14 -52.60
N ALA B 1039 -60.19 97.44 -51.47
CA ALA B 1039 -60.67 97.00 -50.16
C ALA B 1039 -62.12 97.42 -49.90
N THR B 1040 -62.40 98.70 -50.15
CA THR B 1040 -63.75 99.23 -49.98
C THR B 1040 -64.68 98.67 -51.06
N ALA B 1041 -64.13 98.44 -52.25
CA ALA B 1041 -64.90 97.89 -53.36
C ALA B 1041 -65.28 96.44 -53.12
N MET B 1042 -64.37 95.68 -52.50
CA MET B 1042 -64.65 94.29 -52.17
C MET B 1042 -65.75 94.19 -51.12
N ARG B 1043 -65.75 95.12 -50.18
CA ARG B 1043 -66.73 95.12 -49.09
C ARG B 1043 -68.16 95.30 -49.60
N ALA B 1044 -68.36 96.25 -50.50
CA ALA B 1044 -69.68 96.51 -51.06
C ALA B 1044 -70.23 95.29 -51.78
N VAL B 1045 -69.34 94.50 -52.38
CA VAL B 1045 -69.74 93.28 -53.07
C VAL B 1045 -70.21 92.23 -52.06
N LEU B 1046 -69.42 92.02 -51.01
CA LEU B 1046 -69.75 91.03 -49.99
C LEU B 1046 -71.01 91.43 -49.23
N ALA B 1047 -71.19 92.73 -49.02
CA ALA B 1047 -72.32 93.24 -48.27
C ALA B 1047 -73.65 92.95 -48.96
N ILE B 1048 -73.67 93.03 -50.28
CA ILE B 1048 -74.86 92.74 -51.06
C ILE B 1048 -75.22 91.26 -50.97
N ALA B 1049 -74.22 90.40 -51.14
CA ALA B 1049 -74.44 88.96 -51.11
C ALA B 1049 -74.74 88.43 -49.71
N ALA B 1050 -73.88 88.76 -48.75
CA ALA B 1050 -74.01 88.24 -47.39
C ALA B 1050 -75.34 88.58 -46.71
N GLY B 1051 -75.51 89.85 -46.36
CA GLY B 1051 -76.69 90.26 -45.61
C GLY B 1051 -77.90 90.59 -46.47
N VAL B 1052 -77.65 91.07 -47.68
CA VAL B 1052 -78.70 91.54 -48.59
C VAL B 1052 -79.57 92.58 -47.89
N GLU B 1053 -78.97 93.27 -46.92
CA GLU B 1053 -79.65 94.21 -46.05
C GLU B 1053 -80.81 93.54 -45.31
N GLY B 1054 -80.79 92.21 -45.22
CA GLY B 1054 -81.87 91.50 -44.58
C GLY B 1054 -81.90 91.66 -43.07
N PRO B 1055 -80.84 91.17 -42.38
CA PRO B 1055 -80.62 91.57 -40.99
C PRO B 1055 -80.06 92.97 -40.95
N GLU B 1056 -80.58 93.84 -40.09
CA GLU B 1056 -79.95 95.14 -39.93
C GLU B 1056 -79.85 95.66 -38.50
N ASN B 1057 -78.61 95.83 -38.06
CA ASN B 1057 -78.27 96.61 -36.89
C ASN B 1057 -77.02 97.32 -37.32
N LEU B 1058 -76.73 98.49 -36.77
CA LEU B 1058 -75.58 99.26 -37.27
C LEU B 1058 -74.53 99.57 -36.21
N PRO B 1059 -73.90 98.53 -35.64
CA PRO B 1059 -72.82 98.76 -34.68
C PRO B 1059 -71.48 99.04 -35.36
N LYS B 1060 -70.62 99.79 -34.69
CA LYS B 1060 -69.20 99.75 -34.98
C LYS B 1060 -68.68 98.47 -34.32
N VAL B 1061 -67.50 98.00 -34.73
CA VAL B 1061 -66.99 96.71 -34.26
C VAL B 1061 -67.06 96.52 -32.74
N VAL B 1062 -66.79 97.60 -32.00
CA VAL B 1062 -66.84 97.56 -30.54
C VAL B 1062 -68.29 97.47 -30.07
N ASP B 1063 -69.17 98.17 -30.77
CA ASP B 1063 -70.59 98.17 -30.44
C ASP B 1063 -71.18 96.79 -30.65
N ASN B 1064 -72.12 96.40 -29.78
CA ASN B 1064 -72.73 95.07 -29.82
C ASN B 1064 -73.49 94.79 -31.10
N THR B 1065 -73.34 93.56 -31.59
CA THR B 1065 -74.09 93.08 -32.74
C THR B 1065 -75.25 92.21 -32.27
N ALA B 1066 -76.47 92.62 -32.56
CA ALA B 1066 -77.64 91.93 -32.01
C ALA B 1066 -78.34 91.04 -33.03
N THR B 1067 -78.68 89.83 -32.60
CA THR B 1067 -79.48 88.92 -33.40
C THR B 1067 -80.91 88.95 -32.87
N VAL B 1068 -81.83 89.44 -33.70
CA VAL B 1068 -83.17 89.81 -33.25
C VAL B 1068 -83.94 88.68 -32.55
N THR B 1069 -84.40 87.70 -33.30
CA THR B 1069 -85.20 86.61 -32.72
C THR B 1069 -85.01 85.28 -33.46
N VAL B 1070 -84.93 84.19 -32.72
CA VAL B 1070 -84.63 82.88 -33.30
C VAL B 1070 -85.47 81.72 -32.73
N ASP B 1071 -86.12 80.98 -33.63
CA ASP B 1071 -86.99 79.88 -33.23
C ASP B 1071 -86.56 78.54 -33.84
N TRP B 1072 -86.55 77.51 -32.99
CA TRP B 1072 -86.02 76.19 -33.35
C TRP B 1072 -87.15 75.21 -33.64
N ASP B 1073 -87.31 74.85 -34.92
CA ASP B 1073 -88.33 73.91 -35.33
C ASP B 1073 -87.82 72.48 -35.17
N PRO B 1074 -88.72 71.51 -34.98
CA PRO B 1074 -88.31 70.11 -34.85
C PRO B 1074 -87.61 69.58 -36.10
N GLU B 1075 -87.90 70.20 -37.25
CA GLU B 1075 -87.30 69.77 -38.51
C GLU B 1075 -85.89 70.32 -38.67
N ARG B 1076 -85.59 71.39 -37.94
CA ARG B 1076 -84.23 71.92 -37.92
C ARG B 1076 -83.37 71.06 -37.00
N VAL B 1077 -84.03 70.36 -36.08
CA VAL B 1077 -83.36 69.39 -35.21
C VAL B 1077 -82.94 68.19 -36.06
N ALA B 1078 -83.88 67.71 -36.85
CA ALA B 1078 -83.67 66.52 -37.66
C ALA B 1078 -82.59 66.72 -38.72
N ASP B 1079 -82.70 67.81 -39.48
CA ASP B 1079 -81.76 68.10 -40.56
C ASP B 1079 -80.32 68.11 -40.10
N HIS B 1080 -80.05 68.74 -38.96
CA HIS B 1080 -78.69 68.80 -38.43
C HIS B 1080 -78.23 67.44 -37.92
N THR B 1081 -79.09 66.76 -37.18
CA THR B 1081 -78.77 65.44 -36.65
C THR B 1081 -78.67 64.41 -37.78
N GLY B 1082 -79.31 64.70 -38.90
CA GLY B 1082 -79.24 63.84 -40.06
C GLY B 1082 -78.06 64.18 -40.96
N VAL B 1083 -77.65 65.44 -40.93
CA VAL B 1083 -76.50 65.89 -41.71
C VAL B 1083 -75.22 65.21 -41.20
N THR B 1084 -75.13 65.09 -39.88
CA THR B 1084 -74.03 64.36 -39.26
C THR B 1084 -74.58 63.19 -38.47
N ALA B 1085 -74.25 61.98 -38.90
CA ALA B 1085 -74.80 60.78 -38.28
C ALA B 1085 -73.72 59.75 -37.95
N THR B 1086 -73.95 58.98 -36.89
CA THR B 1086 -73.05 57.88 -36.54
C THR B 1086 -73.82 56.66 -36.07
N PHE B 1087 -73.52 55.51 -36.67
CA PHE B 1087 -74.20 54.26 -36.34
C PHE B 1087 -73.28 53.08 -36.01
N GLY B 1088 -72.40 52.72 -36.93
CA GLY B 1088 -71.55 51.55 -36.80
C GLY B 1088 -70.90 51.40 -35.43
N ALA B 1089 -70.47 52.51 -34.86
CA ALA B 1089 -70.16 52.55 -33.44
C ALA B 1089 -71.49 52.83 -32.74
N PRO B 1090 -71.82 52.05 -31.70
CA PRO B 1090 -73.20 52.03 -31.17
C PRO B 1090 -73.62 53.38 -30.62
N LEU B 1091 -73.92 54.32 -31.52
CA LEU B 1091 -74.16 55.71 -31.18
C LEU B 1091 -75.63 56.12 -31.33
N ALA B 1092 -76.19 56.71 -30.28
CA ALA B 1092 -77.59 57.12 -30.27
C ALA B 1092 -77.77 58.57 -29.81
N PRO B 1093 -77.79 59.51 -30.75
CA PRO B 1093 -77.94 60.93 -30.42
C PRO B 1093 -79.29 61.24 -29.77
N THR B 1094 -79.24 61.90 -28.61
CA THR B 1094 -80.44 62.33 -27.93
C THR B 1094 -80.27 63.70 -27.28
N LEU B 1095 -81.16 64.64 -27.62
CA LEU B 1095 -81.27 65.94 -26.98
C LEU B 1095 -82.35 66.71 -27.74
N THR B 1096 -82.90 67.74 -27.11
CA THR B 1096 -83.82 68.63 -27.81
C THR B 1096 -83.04 69.48 -28.80
N VAL B 1097 -82.01 70.16 -28.31
CA VAL B 1097 -81.11 70.92 -29.18
C VAL B 1097 -79.65 70.63 -28.83
N VAL B 1098 -78.93 70.02 -29.77
CA VAL B 1098 -77.50 69.79 -29.62
C VAL B 1098 -76.80 71.14 -29.50
N PRO B 1099 -75.84 71.26 -28.57
CA PRO B 1099 -75.12 72.53 -28.39
C PRO B 1099 -74.39 72.99 -29.66
N ASP B 1100 -74.18 72.07 -30.59
CA ASP B 1100 -73.61 72.41 -31.89
C ASP B 1100 -74.54 73.33 -32.67
N ALA B 1101 -75.85 73.19 -32.43
CA ALA B 1101 -76.85 73.96 -33.16
C ALA B 1101 -76.78 75.45 -32.85
N LEU B 1102 -76.02 75.81 -31.82
CA LEU B 1102 -75.84 77.21 -31.47
C LEU B 1102 -75.18 78.02 -32.58
N VAL B 1103 -74.24 77.40 -33.28
CA VAL B 1103 -73.45 78.10 -34.29
C VAL B 1103 -74.28 78.57 -35.50
N GLY B 1104 -75.38 77.88 -35.77
CA GLY B 1104 -76.25 78.26 -36.88
C GLY B 1104 -77.01 79.54 -36.61
N ARG B 1105 -77.27 79.80 -35.33
CA ARG B 1105 -78.03 80.97 -34.92
C ARG B 1105 -77.17 82.23 -34.87
N CYS B 1106 -75.92 82.05 -34.47
CA CYS B 1106 -75.01 83.18 -34.22
C CYS B 1106 -74.15 83.55 -35.42
N TRP B 1107 -74.17 82.72 -36.45
CA TRP B 1107 -73.31 82.93 -37.62
C TRP B 1107 -73.47 84.28 -38.34
N PRO B 1108 -74.70 84.65 -38.75
CA PRO B 1108 -74.82 85.85 -39.58
C PRO B 1108 -74.42 87.14 -38.84
N ALA B 1109 -74.51 87.13 -37.52
CA ALA B 1109 -74.15 88.31 -36.72
C ALA B 1109 -72.64 88.46 -36.57
N VAL B 1110 -71.95 87.37 -36.29
CA VAL B 1110 -70.49 87.39 -36.06
C VAL B 1110 -69.72 88.03 -37.21
N PHE B 1111 -70.08 87.67 -38.44
CA PHE B 1111 -69.37 88.13 -39.63
C PHE B 1111 -69.32 89.65 -39.78
N ALA B 1112 -70.33 90.34 -39.25
CA ALA B 1112 -70.44 91.77 -39.40
C ALA B 1112 -69.32 92.54 -38.70
N ALA B 1113 -68.65 91.89 -37.75
CA ALA B 1113 -67.63 92.55 -36.95
C ALA B 1113 -66.25 92.52 -37.62
N ILE B 1114 -66.15 91.83 -38.75
CA ILE B 1114 -64.88 91.60 -39.42
C ILE B 1114 -64.23 92.89 -39.97
N GLY B 1115 -65.01 93.95 -40.12
CA GLY B 1115 -64.46 95.22 -40.58
C GLY B 1115 -65.17 96.42 -39.98
N SER B 1116 -64.47 97.55 -39.93
CA SER B 1116 -64.90 98.69 -39.14
C SER B 1116 -63.95 99.88 -39.20
N ALA B 1117 -64.34 100.96 -38.51
CA ALA B 1117 -63.51 102.15 -38.38
C ALA B 1117 -62.29 101.89 -37.50
N ALA B 1118 -62.46 101.03 -36.49
CA ALA B 1118 -61.35 100.61 -35.65
C ALA B 1118 -60.36 99.82 -36.51
N THR B 1119 -60.91 99.13 -37.52
CA THR B 1119 -60.10 98.48 -38.52
C THR B 1119 -59.55 99.54 -39.47
N GLU B 1120 -60.26 100.65 -39.61
CA GLU B 1120 -59.79 101.72 -40.48
C GLU B 1120 -58.65 102.52 -39.84
N ALA B 1121 -58.77 102.79 -38.54
CA ALA B 1121 -57.73 103.47 -37.79
C ALA B 1121 -56.38 102.74 -37.81
N GLY B 1122 -56.33 101.59 -37.14
CA GLY B 1122 -55.08 100.87 -36.92
C GLY B 1122 -54.68 99.85 -37.98
N PHE B 1123 -55.62 99.46 -38.82
CA PHE B 1123 -55.35 98.49 -39.88
C PHE B 1123 -55.44 99.21 -41.22
N PRO B 1124 -54.76 98.68 -42.25
CA PRO B 1124 -54.92 99.10 -43.65
C PRO B 1124 -56.31 98.80 -44.18
N VAL B 1125 -57.08 98.00 -43.43
CA VAL B 1125 -58.38 97.48 -43.85
C VAL B 1125 -58.21 96.60 -45.09
N ILE B 1126 -57.09 95.88 -45.16
CA ILE B 1126 -56.89 94.95 -46.26
C ILE B 1126 -57.22 93.55 -45.79
N GLU B 1127 -58.36 93.06 -46.27
CA GLU B 1127 -58.79 91.72 -45.94
C GLU B 1127 -59.33 91.03 -47.18
N GLY B 1128 -58.66 89.98 -47.63
CA GLY B 1128 -59.25 89.05 -48.56
C GLY B 1128 -60.21 88.17 -47.79
N LEU B 1129 -61.43 88.00 -48.29
CA LEU B 1129 -62.39 87.15 -47.60
C LEU B 1129 -62.08 85.68 -47.92
N LEU B 1130 -61.44 85.47 -49.06
CA LEU B 1130 -61.00 84.14 -49.45
C LEU B 1130 -59.83 83.69 -48.58
N SER B 1131 -59.12 84.66 -48.02
CA SER B 1131 -57.97 84.39 -47.16
C SER B 1131 -58.40 84.19 -45.69
N LEU B 1132 -59.70 84.28 -45.43
CA LEU B 1132 -60.22 84.09 -44.08
C LEU B 1132 -59.97 82.67 -43.58
N VAL B 1133 -59.44 82.56 -42.37
CA VAL B 1133 -59.14 81.26 -41.77
C VAL B 1133 -59.76 81.15 -40.38
N HIS B 1134 -60.50 80.07 -40.15
CA HIS B 1134 -61.10 79.82 -38.86
C HIS B 1134 -60.12 79.11 -37.93
N LEU B 1135 -59.81 79.75 -36.81
CA LEU B 1135 -58.83 79.19 -35.87
C LEU B 1135 -59.48 78.26 -34.86
N ASP B 1136 -60.31 78.82 -33.97
CA ASP B 1136 -60.92 78.04 -32.91
C ASP B 1136 -62.41 78.33 -32.77
N HIS B 1137 -63.14 77.35 -32.26
CA HIS B 1137 -64.56 77.53 -31.97
C HIS B 1137 -64.91 76.77 -30.69
N ALA B 1138 -65.66 77.43 -29.81
CA ALA B 1138 -66.00 76.82 -28.52
C ALA B 1138 -67.36 77.31 -28.02
N ALA B 1139 -68.07 76.45 -27.30
CA ALA B 1139 -69.35 76.81 -26.71
C ALA B 1139 -69.32 76.59 -25.20
N ARG B 1140 -69.41 77.68 -24.44
CA ARG B 1140 -69.43 77.58 -22.99
C ARG B 1140 -70.83 77.80 -22.46
N LEU B 1141 -71.26 76.91 -21.56
CA LEU B 1141 -72.60 76.99 -21.01
C LEU B 1141 -72.64 77.79 -19.70
N LEU B 1142 -73.73 78.51 -19.53
CA LEU B 1142 -74.00 79.30 -18.33
C LEU B 1142 -74.71 78.43 -17.29
N ALA B 1143 -74.70 77.12 -17.55
CA ALA B 1143 -75.42 76.07 -16.82
C ALA B 1143 -76.83 75.80 -17.37
N GLU B 1144 -77.21 76.58 -18.37
CA GLU B 1144 -78.46 76.31 -19.10
C GLU B 1144 -78.20 75.58 -20.40
N LEU B 1145 -79.10 74.69 -20.77
CA LEU B 1145 -79.01 73.94 -22.02
C LEU B 1145 -80.16 74.34 -22.93
N PRO B 1146 -79.94 74.29 -24.25
CA PRO B 1146 -80.99 74.65 -25.20
C PRO B 1146 -82.11 73.61 -25.22
N LYS B 1147 -83.34 74.06 -25.44
CA LYS B 1147 -84.50 73.19 -25.40
C LYS B 1147 -85.42 73.37 -26.60
N GLU B 1148 -86.56 72.68 -26.55
CA GLU B 1148 -87.63 72.82 -27.54
C GLU B 1148 -88.32 74.21 -27.44
N PRO B 1149 -89.54 74.38 -27.96
CA PRO B 1149 -89.94 75.50 -28.83
C PRO B 1149 -89.53 76.91 -28.37
N ALA B 1150 -89.12 77.08 -27.11
CA ALA B 1150 -88.74 78.41 -26.61
C ALA B 1150 -87.76 79.14 -27.53
N GLU B 1151 -88.06 80.42 -27.75
CA GLU B 1151 -87.35 81.22 -28.73
C GLU B 1151 -86.01 81.76 -28.22
N PHE B 1152 -85.05 81.91 -29.12
CA PHE B 1152 -83.73 82.42 -28.76
C PHE B 1152 -83.47 83.82 -29.33
N THR B 1153 -82.67 84.60 -28.62
CA THR B 1153 -82.13 85.86 -29.16
C THR B 1153 -80.64 85.97 -28.82
N VAL B 1154 -79.81 86.24 -29.84
CA VAL B 1154 -78.35 86.16 -29.70
C VAL B 1154 -77.67 87.54 -29.73
N THR B 1155 -76.59 87.70 -28.97
CA THR B 1155 -75.78 88.91 -29.01
C THR B 1155 -74.33 88.58 -29.32
N ALA B 1156 -73.76 89.27 -30.30
CA ALA B 1156 -72.37 89.05 -30.69
C ALA B 1156 -71.51 90.28 -30.42
N LYS B 1157 -70.38 90.08 -29.76
CA LYS B 1157 -69.43 91.16 -29.51
C LYS B 1157 -68.00 90.75 -29.86
N ALA B 1158 -67.22 91.70 -30.36
CA ALA B 1158 -65.82 91.43 -30.63
C ALA B 1158 -65.00 91.81 -29.41
N SER B 1159 -64.42 90.81 -28.76
CA SER B 1159 -63.64 91.04 -27.55
C SER B 1159 -62.36 91.78 -27.87
N ALA B 1160 -61.72 91.39 -28.97
CA ALA B 1160 -60.48 92.03 -29.39
C ALA B 1160 -60.31 91.93 -30.91
N ALA B 1161 -59.53 92.84 -31.47
CA ALA B 1161 -59.14 92.77 -32.87
C ALA B 1161 -57.63 92.70 -32.94
N THR B 1162 -57.09 91.55 -33.34
CA THR B 1162 -55.66 91.34 -33.26
C THR B 1162 -55.02 91.09 -34.63
N ASP B 1163 -53.73 91.36 -34.71
CA ASP B 1163 -52.95 91.02 -35.89
C ASP B 1163 -51.81 90.07 -35.50
N THR B 1164 -51.42 89.20 -36.41
CA THR B 1164 -50.39 88.21 -36.14
C THR B 1164 -49.35 88.20 -37.26
N GLU B 1165 -48.25 87.50 -37.02
CA GLU B 1165 -47.22 87.32 -38.04
C GLU B 1165 -47.82 86.70 -39.28
N VAL B 1166 -48.81 85.84 -39.10
CA VAL B 1166 -49.50 85.21 -40.21
C VAL B 1166 -50.73 85.98 -40.66
N GLY B 1167 -51.15 86.98 -39.88
CA GLY B 1167 -52.26 87.82 -40.29
C GLY B 1167 -53.15 88.42 -39.20
N ARG B 1168 -54.32 88.89 -39.62
CA ARG B 1168 -55.26 89.57 -38.71
C ARG B 1168 -56.24 88.60 -38.05
N VAL B 1169 -56.40 88.72 -36.74
CA VAL B 1169 -57.25 87.82 -35.98
C VAL B 1169 -58.32 88.56 -35.18
N VAL B 1170 -59.57 88.11 -35.29
CA VAL B 1170 -60.69 88.74 -34.60
C VAL B 1170 -61.50 87.76 -33.75
N PRO B 1171 -61.14 87.62 -32.47
CA PRO B 1171 -61.94 86.83 -31.52
C PRO B 1171 -63.33 87.43 -31.32
N VAL B 1172 -64.36 86.60 -31.40
CA VAL B 1172 -65.74 87.07 -31.27
C VAL B 1172 -66.48 86.33 -30.17
N SER B 1173 -67.04 87.09 -29.22
CA SER B 1173 -67.83 86.52 -28.14
C SER B 1173 -69.31 86.58 -28.47
N VAL B 1174 -70.03 85.52 -28.14
CA VAL B 1174 -71.44 85.42 -28.50
C VAL B 1174 -72.30 84.94 -27.32
N GLU B 1175 -73.40 85.63 -27.05
CA GLU B 1175 -74.29 85.28 -25.95
C GLU B 1175 -75.69 84.90 -26.43
N VAL B 1176 -76.08 83.65 -26.20
CA VAL B 1176 -77.39 83.17 -26.63
C VAL B 1176 -78.39 83.19 -25.49
N ARG B 1177 -79.54 83.83 -25.73
CA ARG B 1177 -80.55 84.03 -24.70
C ARG B 1177 -81.91 83.46 -25.09
N ASN B 1178 -82.59 82.86 -24.13
CA ASN B 1178 -83.96 82.41 -24.34
C ASN B 1178 -84.93 83.58 -24.28
N ALA B 1179 -85.67 83.78 -25.37
CA ALA B 1179 -86.61 84.89 -25.50
C ALA B 1179 -87.68 84.93 -24.41
N ALA B 1180 -88.53 83.91 -24.37
CA ALA B 1180 -89.64 83.85 -23.43
C ALA B 1180 -89.22 84.01 -21.97
N ASP B 1181 -88.13 83.32 -21.60
CA ASP B 1181 -87.63 83.38 -20.23
C ASP B 1181 -86.83 84.66 -19.96
N GLY B 1182 -86.07 85.09 -20.95
CA GLY B 1182 -85.27 86.31 -20.83
C GLY B 1182 -84.02 86.14 -19.98
N ALA B 1183 -83.26 85.08 -20.23
CA ALA B 1183 -82.00 84.84 -19.53
C ALA B 1183 -80.95 84.33 -20.50
N LEU B 1184 -79.68 84.46 -20.13
CA LEU B 1184 -78.59 84.07 -21.01
C LEU B 1184 -78.24 82.60 -20.82
N LEU B 1185 -78.50 81.79 -21.84
CA LEU B 1185 -78.30 80.35 -21.77
C LEU B 1185 -76.84 79.91 -22.00
N ALA B 1186 -76.21 80.46 -23.02
CA ALA B 1186 -74.89 79.98 -23.43
C ALA B 1186 -73.97 81.05 -24.00
N THR B 1187 -72.67 80.77 -23.99
CA THR B 1187 -71.68 81.66 -24.56
C THR B 1187 -70.92 80.94 -25.68
N LEU B 1188 -70.88 81.57 -26.86
CA LEU B 1188 -70.19 80.99 -28.00
C LEU B 1188 -68.95 81.82 -28.37
N GLU B 1189 -67.84 81.13 -28.63
CA GLU B 1189 -66.58 81.82 -28.90
C GLU B 1189 -66.01 81.45 -30.27
N GLU B 1190 -65.71 82.48 -31.07
CA GLU B 1190 -65.13 82.28 -32.40
C GLU B 1190 -63.93 83.18 -32.61
N ARG B 1191 -62.89 82.65 -33.25
CA ARG B 1191 -61.70 83.43 -33.59
C ARG B 1191 -61.31 83.20 -35.05
N PHE B 1192 -61.31 84.27 -35.84
CA PHE B 1192 -61.09 84.17 -37.27
C PHE B 1192 -59.76 84.77 -37.67
N ALA B 1193 -59.17 84.27 -38.75
CA ALA B 1193 -57.86 84.76 -39.19
C ALA B 1193 -57.86 85.24 -40.64
N ILE B 1194 -57.67 86.54 -40.82
CA ILE B 1194 -57.37 87.11 -42.13
C ILE B 1194 -55.85 87.25 -42.19
N ARG B 1195 -55.24 86.89 -43.30
CA ARG B 1195 -53.78 86.70 -43.31
C ARG B 1195 -52.89 87.87 -43.77
N GLY B 1196 -53.49 88.95 -44.24
CA GLY B 1196 -52.70 90.05 -44.84
C GLY B 1196 -52.40 91.29 -43.98
N ARG B 1197 -52.88 91.34 -42.74
CA ARG B 1197 -52.92 92.62 -42.02
C ARG B 1197 -52.07 92.74 -40.75
N THR B 1198 -51.74 93.99 -40.40
CA THR B 1198 -51.03 94.33 -39.18
C THR B 1198 -51.75 95.48 -38.46
N GLY B 1199 -51.52 95.64 -37.16
CA GLY B 1199 -52.24 96.66 -36.39
C GLY B 1199 -51.60 97.11 -35.09
N ALA B 1200 -52.04 98.28 -34.62
CA ALA B 1200 -51.69 98.78 -33.30
C ALA B 1200 -52.80 98.48 -32.28
N ALA B 1201 -53.83 97.78 -32.73
CA ALA B 1201 -54.98 97.48 -31.87
C ALA B 1201 -54.64 96.41 -30.84
N GLU B 1202 -54.45 95.19 -31.31
CA GLU B 1202 -53.98 94.09 -30.48
C GLU B 1202 -52.90 93.32 -31.21
N LEU B 1203 -51.74 93.18 -30.60
CA LEU B 1203 -50.61 92.54 -31.26
C LEU B 1203 -50.32 91.14 -30.70
N THR B 1204 -50.23 90.18 -31.61
CA THR B 1204 -49.88 88.81 -31.24
C THR B 1204 -48.87 88.31 -32.26
N ASP B 1205 -47.85 87.59 -31.81
CA ASP B 1205 -46.94 86.99 -32.77
C ASP B 1205 -47.36 85.55 -33.03
N PRO B 1206 -47.04 84.64 -32.10
CA PRO B 1206 -47.62 83.31 -32.10
C PRO B 1206 -48.73 83.15 -31.05
N VAL B 1207 -48.98 84.22 -30.29
CA VAL B 1207 -49.66 84.07 -29.00
C VAL B 1207 -51.19 84.17 -29.01
N ARG B 1208 -51.82 83.03 -28.72
CA ARG B 1208 -53.23 82.99 -28.36
C ARG B 1208 -53.46 81.76 -27.49
N ALA B 1209 -54.37 81.85 -26.53
CA ALA B 1209 -54.62 80.72 -25.64
C ALA B 1209 -56.06 80.70 -25.13
N GLY B 1210 -56.60 79.49 -24.98
CA GLY B 1210 -57.94 79.29 -24.47
C GLY B 1210 -58.01 78.01 -23.65
N GLY B 1211 -58.88 77.99 -22.66
CA GLY B 1211 -59.01 76.81 -21.79
C GLY B 1211 -60.42 76.65 -21.23
N ALA B 1212 -60.83 75.39 -21.09
CA ALA B 1212 -62.07 75.09 -20.37
C ALA B 1212 -61.69 74.71 -18.95
N ILE B 1213 -62.03 75.57 -17.99
CA ILE B 1213 -61.60 75.37 -16.61
C ILE B 1213 -62.76 75.29 -15.64
N SER B 1214 -62.53 74.60 -14.53
CA SER B 1214 -63.56 74.41 -13.51
C SER B 1214 -62.95 74.43 -12.11
N ASP B 1215 -63.77 74.78 -11.12
CA ASP B 1215 -63.30 74.94 -9.75
C ASP B 1215 -62.73 73.65 -9.14
N ASN B 1216 -63.54 72.61 -9.09
CA ASN B 1216 -63.11 71.34 -8.50
C ASN B 1216 -62.70 70.36 -9.59
N ALA B 1217 -61.51 69.77 -9.45
CA ALA B 1217 -60.98 68.89 -10.48
C ALA B 1217 -60.35 67.61 -9.92
N THR B 1218 -60.47 66.54 -10.70
CA THR B 1218 -59.79 65.28 -10.40
C THR B 1218 -58.98 64.85 -11.61
N ASP B 1219 -57.89 64.12 -11.36
CA ASP B 1219 -56.99 63.71 -12.43
C ASP B 1219 -57.13 62.23 -12.72
N THR B 1220 -57.08 61.86 -13.99
CA THR B 1220 -57.17 60.44 -14.37
C THR B 1220 -56.03 60.01 -15.29
N PRO B 1221 -56.12 58.79 -15.79
CA PRO B 1221 -55.11 58.24 -16.68
C PRO B 1221 -55.72 58.05 -18.06
N ARG B 1222 -54.90 58.06 -19.09
CA ARG B 1222 -55.39 57.95 -20.46
C ARG B 1222 -56.18 56.66 -20.69
N ARG B 1223 -57.41 56.81 -21.19
CA ARG B 1223 -58.27 55.67 -21.44
C ARG B 1223 -58.84 55.70 -22.86
N ARG B 1224 -58.46 54.72 -23.67
CA ARG B 1224 -58.97 54.62 -25.04
C ARG B 1224 -60.44 54.27 -25.03
N ARG B 1225 -61.25 55.08 -25.70
CA ARG B 1225 -62.69 54.89 -25.72
C ARG B 1225 -63.16 54.32 -27.06
N ARG B 1226 -63.08 55.11 -28.11
CA ARG B 1226 -63.59 54.69 -29.43
C ARG B 1226 -62.65 54.98 -30.59
N ASP B 1227 -62.71 54.10 -31.59
CA ASP B 1227 -62.05 54.31 -32.86
C ASP B 1227 -63.11 54.68 -33.88
N VAL B 1228 -63.08 55.89 -34.39
CA VAL B 1228 -64.18 56.41 -35.19
C VAL B 1228 -63.88 56.49 -36.67
N THR B 1229 -64.89 56.19 -37.50
CA THR B 1229 -64.75 56.36 -38.94
C THR B 1229 -65.84 57.30 -39.44
N VAL B 1230 -65.41 58.42 -39.98
CA VAL B 1230 -66.34 59.46 -40.41
C VAL B 1230 -66.11 59.88 -41.85
N GLY B 1231 -67.16 59.81 -42.66
CA GLY B 1231 -67.10 60.28 -44.03
C GLY B 1231 -67.45 61.74 -44.12
N ALA B 1232 -66.82 62.44 -45.07
CA ALA B 1232 -67.17 63.82 -45.35
C ALA B 1232 -68.26 63.82 -46.41
N PRO B 1233 -69.12 64.85 -46.40
CA PRO B 1233 -70.23 64.90 -47.37
C PRO B 1233 -69.74 64.99 -48.81
N VAL B 1234 -70.59 64.62 -49.76
CA VAL B 1234 -70.25 64.68 -51.17
C VAL B 1234 -70.13 66.14 -51.61
N ASP B 1235 -71.12 66.94 -51.23
CA ASP B 1235 -71.10 68.37 -51.55
C ASP B 1235 -71.26 69.20 -50.27
N MET B 1236 -70.70 70.40 -50.27
CA MET B 1236 -70.74 71.26 -49.08
C MET B 1236 -71.95 72.18 -49.03
N ARG B 1237 -72.69 72.24 -50.14
CA ARG B 1237 -73.90 73.05 -50.21
C ARG B 1237 -75.00 72.71 -49.17
N PRO B 1238 -75.23 71.41 -48.89
CA PRO B 1238 -76.23 71.08 -47.86
C PRO B 1238 -75.97 71.76 -46.51
N PHE B 1239 -74.72 71.75 -46.04
CA PHE B 1239 -74.40 72.40 -44.79
C PHE B 1239 -74.44 73.92 -44.93
N ALA B 1240 -74.10 74.40 -46.13
CA ALA B 1240 -74.09 75.83 -46.41
C ALA B 1240 -75.47 76.45 -46.28
N VAL B 1241 -76.50 75.66 -46.63
CA VAL B 1241 -77.88 76.12 -46.55
C VAL B 1241 -78.34 76.27 -45.10
N VAL B 1242 -78.06 75.26 -44.29
CA VAL B 1242 -78.52 75.23 -42.90
C VAL B 1242 -77.74 76.22 -42.02
N SER B 1243 -76.42 76.18 -42.13
CA SER B 1243 -75.56 77.02 -41.29
C SER B 1243 -75.68 78.49 -41.66
N GLY B 1244 -75.89 78.77 -42.93
CA GLY B 1244 -75.97 80.14 -43.41
C GLY B 1244 -74.62 80.66 -43.86
N ASP B 1245 -73.70 79.74 -44.15
CA ASP B 1245 -72.39 80.13 -44.65
C ASP B 1245 -72.37 79.94 -46.16
N HIS B 1246 -72.39 81.05 -46.87
CA HIS B 1246 -72.47 81.05 -48.32
C HIS B 1246 -71.12 81.18 -49.03
N ASN B 1247 -70.04 81.15 -48.24
CA ASN B 1247 -68.69 81.34 -48.76
C ASN B 1247 -68.41 80.44 -49.96
N PRO B 1248 -68.09 81.06 -51.10
CA PRO B 1248 -67.87 80.37 -52.39
C PRO B 1248 -66.70 79.40 -52.36
N ILE B 1249 -65.83 79.53 -51.37
CA ILE B 1249 -64.69 78.63 -51.20
C ILE B 1249 -65.13 77.17 -51.10
N HIS B 1250 -66.19 76.92 -50.35
CA HIS B 1250 -66.66 75.55 -50.12
C HIS B 1250 -67.59 75.06 -51.22
N THR B 1251 -68.05 75.98 -52.06
CA THR B 1251 -69.01 75.63 -53.11
C THR B 1251 -68.42 75.79 -54.52
N ASP B 1252 -68.25 77.03 -54.95
CA ASP B 1252 -67.74 77.32 -56.28
C ASP B 1252 -66.28 76.90 -56.41
N ARG B 1253 -65.96 76.20 -57.49
CA ARG B 1253 -64.60 75.71 -57.70
C ARG B 1253 -63.67 76.82 -58.20
N ALA B 1254 -64.26 77.84 -58.83
CA ALA B 1254 -63.49 78.96 -59.35
C ALA B 1254 -62.94 79.83 -58.23
N ALA B 1255 -63.71 79.96 -57.17
CA ALA B 1255 -63.30 80.75 -56.01
C ALA B 1255 -62.31 79.99 -55.15
N ALA B 1256 -62.48 78.68 -55.09
CA ALA B 1256 -61.58 77.82 -54.32
C ALA B 1256 -60.20 77.75 -54.97
N LEU B 1257 -60.18 77.72 -56.29
CA LEU B 1257 -58.92 77.69 -57.03
C LEU B 1257 -58.22 79.04 -57.01
N LEU B 1258 -59.00 80.12 -57.01
CA LEU B 1258 -58.46 81.47 -56.99
C LEU B 1258 -57.79 81.75 -55.64
N ALA B 1259 -58.28 81.10 -54.59
CA ALA B 1259 -57.74 81.28 -53.25
C ALA B 1259 -56.54 80.36 -53.02
N GLY B 1260 -56.19 79.58 -54.03
CA GLY B 1260 -55.08 78.66 -53.93
C GLY B 1260 -55.34 77.54 -52.93
N LEU B 1261 -56.43 76.81 -53.14
CA LEU B 1261 -56.84 75.77 -52.23
C LEU B 1261 -56.86 74.41 -52.92
N GLU B 1262 -56.79 73.34 -52.13
CA GLU B 1262 -56.78 71.98 -52.64
C GLU B 1262 -58.07 71.65 -53.39
N GLY B 1263 -59.13 72.40 -53.12
CA GLY B 1263 -60.41 72.20 -53.78
C GLY B 1263 -61.53 72.85 -53.00
N PRO B 1264 -62.77 72.39 -53.23
CA PRO B 1264 -63.93 72.89 -52.48
C PRO B 1264 -63.90 72.36 -51.04
N ILE B 1265 -63.07 72.97 -50.21
CA ILE B 1265 -62.83 72.51 -48.85
C ILE B 1265 -64.10 72.33 -48.03
N VAL B 1266 -64.19 71.20 -47.32
CA VAL B 1266 -65.28 70.96 -46.41
C VAL B 1266 -65.32 72.05 -45.34
N HIS B 1267 -66.53 72.49 -45.00
CA HIS B 1267 -66.70 73.45 -43.91
C HIS B 1267 -66.06 72.90 -42.65
N GLY B 1268 -65.19 73.69 -42.03
CA GLY B 1268 -64.62 73.31 -40.76
C GLY B 1268 -65.71 73.21 -39.72
N MET B 1269 -66.77 73.98 -39.92
CA MET B 1269 -67.92 73.96 -39.02
C MET B 1269 -68.71 72.66 -39.10
N TRP B 1270 -68.74 72.05 -40.28
CA TRP B 1270 -69.41 70.77 -40.42
C TRP B 1270 -68.63 69.70 -39.64
N LEU B 1271 -67.31 69.70 -39.83
CA LEU B 1271 -66.41 68.81 -39.12
C LEU B 1271 -66.59 68.97 -37.61
N SER B 1272 -66.69 70.23 -37.18
CA SER B 1272 -66.88 70.57 -35.78
C SER B 1272 -68.08 69.85 -35.18
N ALA B 1273 -69.18 69.83 -35.93
CA ALA B 1273 -70.38 69.11 -35.51
C ALA B 1273 -70.24 67.62 -35.82
N ALA B 1274 -69.33 67.29 -36.73
CA ALA B 1274 -69.09 65.90 -37.12
C ALA B 1274 -68.40 65.10 -36.03
N ALA B 1275 -67.27 65.61 -35.56
CA ALA B 1275 -66.52 64.94 -34.50
C ALA B 1275 -67.25 65.05 -33.18
N GLN B 1276 -68.02 66.13 -33.02
CA GLN B 1276 -68.77 66.37 -31.80
C GLN B 1276 -69.88 65.36 -31.61
N HIS B 1277 -70.65 65.14 -32.69
CA HIS B 1277 -71.77 64.20 -32.68
C HIS B 1277 -71.34 62.80 -32.23
N VAL B 1278 -70.09 62.45 -32.49
CA VAL B 1278 -69.52 61.19 -32.03
C VAL B 1278 -69.24 61.24 -30.53
N VAL B 1279 -68.54 62.28 -30.10
CA VAL B 1279 -68.26 62.50 -28.68
C VAL B 1279 -69.58 62.65 -27.94
N THR B 1280 -70.55 63.24 -28.62
CA THR B 1280 -71.91 63.35 -28.14
C THR B 1280 -72.45 61.96 -27.80
N ALA B 1281 -72.44 61.08 -28.78
CA ALA B 1281 -73.01 59.74 -28.63
C ALA B 1281 -72.12 58.65 -27.99
N THR B 1282 -70.81 58.76 -28.12
CA THR B 1282 -69.95 57.65 -27.68
C THR B 1282 -69.64 57.64 -26.20
N ASP B 1283 -68.77 58.55 -25.76
CA ASP B 1283 -68.42 58.66 -24.36
C ASP B 1283 -69.62 59.23 -23.64
N GLY B 1284 -70.40 59.99 -24.40
CA GLY B 1284 -71.67 60.50 -23.91
C GLY B 1284 -72.69 59.40 -23.75
N LYS B 1285 -72.58 58.34 -24.57
CA LYS B 1285 -73.44 57.18 -24.42
C LYS B 1285 -74.85 57.55 -24.88
N PRO B 1286 -75.82 56.60 -24.89
CA PRO B 1286 -77.19 56.96 -25.29
C PRO B 1286 -77.76 58.22 -24.62
N VAL B 1287 -77.12 58.73 -23.57
CA VAL B 1287 -77.51 60.00 -22.97
C VAL B 1287 -76.45 61.10 -23.12
N PRO B 1288 -76.42 61.77 -24.29
CA PRO B 1288 -75.72 63.05 -24.46
C PRO B 1288 -76.35 64.36 -23.89
N PRO B 1289 -77.69 64.45 -23.74
CA PRO B 1289 -78.27 65.80 -23.63
C PRO B 1289 -77.81 66.67 -22.46
N ALA B 1290 -77.80 66.13 -21.25
CA ALA B 1290 -77.41 66.90 -20.07
C ALA B 1290 -75.95 66.67 -19.71
N LYS B 1291 -75.28 65.87 -20.53
CA LYS B 1291 -73.92 65.43 -20.24
C LYS B 1291 -72.82 66.38 -20.74
N LEU B 1292 -72.77 66.63 -22.04
CA LEU B 1292 -71.76 67.56 -22.54
C LEU B 1292 -72.21 68.97 -22.19
N ILE B 1293 -71.43 69.63 -21.33
CA ILE B 1293 -71.70 71.01 -20.96
C ILE B 1293 -70.80 71.99 -21.72
N GLY B 1294 -69.91 71.47 -22.55
CA GLY B 1294 -69.04 72.31 -23.35
C GLY B 1294 -68.18 71.53 -24.32
N TRP B 1295 -67.73 72.20 -25.38
CA TRP B 1295 -66.86 71.59 -26.36
C TRP B 1295 -65.96 72.62 -27.02
N THR B 1296 -64.72 72.25 -27.30
CA THR B 1296 -63.84 73.13 -28.05
C THR B 1296 -63.26 72.40 -29.26
N ALA B 1297 -62.99 73.14 -30.32
CA ALA B 1297 -62.53 72.54 -31.56
C ALA B 1297 -61.42 73.35 -32.23
N ARG B 1298 -60.32 72.69 -32.57
CA ARG B 1298 -59.23 73.34 -33.29
C ARG B 1298 -59.03 72.68 -34.65
N PHE B 1299 -59.01 73.49 -35.71
CA PHE B 1299 -58.83 72.96 -37.05
C PHE B 1299 -57.35 73.00 -37.42
N LEU B 1300 -56.75 71.82 -37.50
CA LEU B 1300 -55.32 71.70 -37.80
C LEU B 1300 -55.04 71.79 -39.31
N GLY B 1301 -55.91 71.17 -40.12
CA GLY B 1301 -55.70 71.13 -41.55
C GLY B 1301 -56.98 71.10 -42.37
N MET B 1302 -56.84 71.38 -43.67
CA MET B 1302 -57.98 71.46 -44.57
C MET B 1302 -58.52 70.08 -44.97
N VAL B 1303 -59.81 70.02 -45.30
CA VAL B 1303 -60.47 68.76 -45.66
C VAL B 1303 -61.27 68.83 -46.96
N LYS B 1304 -61.00 67.89 -47.88
CA LYS B 1304 -61.76 67.78 -49.12
C LYS B 1304 -62.94 66.83 -48.95
N PRO B 1305 -64.05 67.10 -49.67
CA PRO B 1305 -65.23 66.23 -49.67
C PRO B 1305 -64.90 64.82 -50.14
N GLY B 1306 -65.66 63.82 -49.69
CA GLY B 1306 -65.36 62.43 -49.99
C GLY B 1306 -64.12 61.99 -49.23
N ASP B 1307 -64.10 62.30 -47.93
CA ASP B 1307 -62.92 62.07 -47.11
C ASP B 1307 -63.21 61.07 -46.00
N GLN B 1308 -62.40 60.03 -45.90
CA GLN B 1308 -62.52 59.08 -44.81
C GLN B 1308 -61.56 59.47 -43.69
N VAL B 1309 -62.14 59.91 -42.57
CA VAL B 1309 -61.35 60.46 -41.48
C VAL B 1309 -61.50 59.60 -40.22
N ASP B 1310 -60.38 59.35 -39.54
CA ASP B 1310 -60.41 58.55 -38.32
C ASP B 1310 -60.22 59.37 -37.06
N PHE B 1311 -61.22 59.35 -36.19
CA PHE B 1311 -61.20 60.09 -34.93
C PHE B 1311 -60.97 59.13 -33.76
N ARG B 1312 -60.32 59.62 -32.71
CA ARG B 1312 -60.13 58.85 -31.49
C ARG B 1312 -60.34 59.71 -30.23
N VAL B 1313 -61.34 59.35 -29.42
CA VAL B 1313 -61.58 60.07 -28.17
C VAL B 1313 -61.05 59.27 -26.99
N ASP B 1314 -60.38 59.95 -26.06
CA ASP B 1314 -59.87 59.29 -24.86
C ASP B 1314 -60.39 60.02 -23.63
N ARG B 1315 -60.38 59.34 -22.49
CA ARG B 1315 -60.74 59.97 -21.23
C ARG B 1315 -59.46 60.35 -20.49
N VAL B 1316 -59.33 61.64 -20.16
CA VAL B 1316 -58.10 62.22 -19.62
C VAL B 1316 -58.20 62.54 -18.14
N GLY B 1317 -59.09 63.46 -17.81
CA GLY B 1317 -59.22 63.96 -16.46
C GLY B 1317 -60.63 64.43 -16.16
N ILE B 1318 -60.82 64.98 -14.97
CA ILE B 1318 -62.15 65.40 -14.52
C ILE B 1318 -62.19 66.86 -14.07
N ASP B 1319 -63.22 67.57 -14.54
CA ASP B 1319 -63.45 68.96 -14.13
C ASP B 1319 -64.90 69.13 -13.68
N VAL B 1320 -65.06 69.68 -12.48
CA VAL B 1320 -66.36 69.95 -11.84
C VAL B 1320 -67.31 68.75 -11.87
N GLY B 1321 -66.74 67.55 -11.75
CA GLY B 1321 -67.52 66.34 -11.78
C GLY B 1321 -67.84 65.90 -13.20
N ALA B 1322 -67.37 66.68 -14.17
CA ALA B 1322 -67.58 66.36 -15.58
C ALA B 1322 -66.29 65.84 -16.19
N GLU B 1323 -66.37 64.67 -16.84
CA GLU B 1323 -65.21 64.06 -17.47
C GLU B 1323 -64.72 64.91 -18.63
N VAL B 1324 -63.41 65.05 -18.78
CA VAL B 1324 -62.85 65.71 -19.96
C VAL B 1324 -62.46 64.65 -20.98
N LEU B 1325 -62.72 64.95 -22.26
CA LEU B 1325 -62.51 63.98 -23.32
C LEU B 1325 -61.74 64.59 -24.47
N GLU B 1326 -60.56 64.06 -24.76
CA GLU B 1326 -59.71 64.61 -25.81
C GLU B 1326 -59.85 63.84 -27.11
N VAL B 1327 -59.91 64.57 -28.23
CA VAL B 1327 -60.14 63.98 -29.54
C VAL B 1327 -59.07 64.40 -30.54
N SER B 1328 -58.51 63.42 -31.23
CA SER B 1328 -57.53 63.68 -32.29
C SER B 1328 -58.07 63.14 -33.62
N ALA B 1329 -57.73 63.80 -34.72
CA ALA B 1329 -58.26 63.41 -36.02
C ALA B 1329 -57.16 63.16 -37.06
N ARG B 1330 -57.30 62.08 -37.81
CA ARG B 1330 -56.33 61.74 -38.84
C ARG B 1330 -56.97 61.27 -40.14
N ILE B 1331 -56.58 61.91 -41.24
CA ILE B 1331 -56.84 61.35 -42.57
C ILE B 1331 -55.50 60.83 -43.04
N GLY B 1332 -55.34 59.52 -43.07
CA GLY B 1332 -54.03 58.93 -43.29
C GLY B 1332 -53.10 59.42 -42.21
N SER B 1333 -51.98 60.01 -42.61
CA SER B 1333 -50.99 60.52 -41.67
C SER B 1333 -51.31 61.92 -41.13
N GLU B 1334 -52.13 62.66 -41.85
CA GLU B 1334 -52.35 64.09 -41.54
C GLU B 1334 -53.29 64.33 -40.35
N LEU B 1335 -52.84 65.15 -39.41
CA LEU B 1335 -53.70 65.62 -38.32
C LEU B 1335 -54.67 66.65 -38.84
N VAL B 1336 -55.93 66.56 -38.42
CA VAL B 1336 -57.01 67.37 -38.96
C VAL B 1336 -57.67 68.23 -37.89
N MET B 1337 -58.27 67.57 -36.92
CA MET B 1337 -58.92 68.30 -35.82
C MET B 1337 -58.40 67.90 -34.46
N ALA B 1338 -58.18 68.89 -33.61
CA ALA B 1338 -57.92 68.67 -32.20
C ALA B 1338 -59.14 69.13 -31.43
N ALA B 1339 -59.81 68.21 -30.74
CA ALA B 1339 -61.03 68.54 -30.02
C ALA B 1339 -60.99 68.08 -28.56
N THR B 1340 -61.70 68.81 -27.70
CA THR B 1340 -61.75 68.50 -26.27
C THR B 1340 -63.13 68.85 -25.70
N ALA B 1341 -63.69 67.98 -24.86
CA ALA B 1341 -65.04 68.20 -24.36
C ALA B 1341 -65.23 67.91 -22.87
N ARG B 1342 -66.12 68.65 -22.24
CA ARG B 1342 -66.49 68.42 -20.86
C ARG B 1342 -67.80 67.64 -20.81
N LEU B 1343 -67.76 66.43 -20.25
CA LEU B 1343 -68.93 65.55 -20.25
C LEU B 1343 -69.27 65.06 -18.85
N ALA B 1344 -70.54 65.17 -18.49
CA ALA B 1344 -71.01 64.60 -17.23
C ALA B 1344 -70.98 63.09 -17.33
N ALA B 1345 -70.78 62.42 -16.20
CA ALA B 1345 -70.73 60.96 -16.18
C ALA B 1345 -72.13 60.39 -16.38
N PRO B 1346 -72.23 59.11 -16.78
CA PRO B 1346 -73.54 58.46 -16.80
C PRO B 1346 -74.20 58.56 -15.43
N LYS B 1347 -75.45 59.02 -15.40
CA LYS B 1347 -76.09 59.42 -14.14
C LYS B 1347 -76.14 58.32 -13.09
N THR B 1348 -75.78 58.68 -11.87
CA THR B 1348 -75.59 57.70 -10.80
C THR B 1348 -76.71 57.75 -9.76
N VAL B 1349 -77.16 56.57 -9.34
CA VAL B 1349 -78.14 56.45 -8.27
C VAL B 1349 -77.52 55.69 -7.11
N TYR B 1350 -77.53 56.30 -5.92
CA TYR B 1350 -76.83 55.74 -4.77
C TYR B 1350 -77.75 55.04 -3.78
N ALA B 1351 -77.26 53.97 -3.18
CA ALA B 1351 -77.99 53.25 -2.14
C ALA B 1351 -77.06 52.84 -1.01
N PHE B 1352 -77.52 52.99 0.22
CA PHE B 1352 -76.71 52.68 1.38
C PHE B 1352 -77.26 51.49 2.16
N PRO B 1353 -76.49 50.38 2.17
CA PRO B 1353 -76.85 49.07 2.73
C PRO B 1353 -77.11 49.09 4.23
N GLY B 1354 -77.76 48.03 4.72
CA GLY B 1354 -78.02 47.90 6.13
C GLY B 1354 -76.98 47.08 6.86
N GLN B 1355 -77.31 46.71 8.10
CA GLN B 1355 -76.42 45.97 8.99
C GLN B 1355 -76.27 44.50 8.62
N GLY B 1356 -75.22 43.87 9.15
CA GLY B 1356 -75.01 42.44 9.04
C GLY B 1356 -73.90 41.92 8.13
N ILE B 1357 -73.43 42.74 7.20
CA ILE B 1357 -72.31 42.36 6.35
C ILE B 1357 -70.99 42.97 6.83
N GLN B 1358 -71.08 43.73 7.92
CA GLN B 1358 -69.91 44.41 8.47
C GLN B 1358 -68.75 43.45 8.81
N HIS B 1359 -67.53 43.87 8.48
CA HIS B 1359 -66.35 43.03 8.66
C HIS B 1359 -65.27 43.78 9.44
N LYS B 1360 -64.36 43.05 10.06
CA LYS B 1360 -63.27 43.66 10.81
C LYS B 1360 -62.29 44.37 9.88
N GLY B 1361 -62.01 45.64 10.20
CA GLY B 1361 -61.10 46.44 9.40
C GLY B 1361 -61.75 46.91 8.10
N MET B 1362 -63.06 47.13 8.14
CA MET B 1362 -63.79 47.56 6.96
C MET B 1362 -63.52 49.02 6.63
N GLY B 1363 -63.10 49.28 5.40
CA GLY B 1363 -62.80 50.62 4.94
C GLY B 1363 -61.61 51.24 5.66
N MET B 1364 -60.80 50.38 6.29
CA MET B 1364 -59.64 50.84 7.04
C MET B 1364 -58.48 51.14 6.10
N GLU B 1365 -58.53 50.55 4.90
CA GLU B 1365 -57.52 50.80 3.88
C GLU B 1365 -57.70 52.21 3.32
N VAL B 1366 -58.96 52.62 3.18
CA VAL B 1366 -59.30 53.95 2.68
C VAL B 1366 -58.85 55.03 3.66
N ARG B 1367 -58.96 54.74 4.94
CA ARG B 1367 -58.57 55.67 5.99
C ARG B 1367 -57.08 56.00 5.92
N ALA B 1368 -56.28 55.02 5.51
CA ALA B 1368 -54.83 55.18 5.44
C ALA B 1368 -54.39 55.99 4.22
N ARG B 1369 -55.29 56.10 3.24
CA ARG B 1369 -54.97 56.80 1.99
C ARG B 1369 -55.69 58.14 1.87
N SER B 1370 -57.03 58.09 1.79
CA SER B 1370 -57.83 59.29 1.61
C SER B 1370 -57.78 60.23 2.81
N LYS B 1371 -57.69 61.53 2.54
CA LYS B 1371 -57.71 62.54 3.58
C LYS B 1371 -59.13 62.76 4.08
N ALA B 1372 -60.09 62.71 3.16
CA ALA B 1372 -61.50 62.91 3.50
C ALA B 1372 -62.01 61.81 4.42
N ALA B 1373 -61.47 60.61 4.25
CA ALA B 1373 -61.85 59.48 5.07
C ALA B 1373 -61.35 59.64 6.50
N ARG B 1374 -60.14 60.19 6.64
CA ARG B 1374 -59.55 60.41 7.95
C ARG B 1374 -60.34 61.44 8.76
N LYS B 1375 -60.72 62.53 8.12
CA LYS B 1375 -61.47 63.59 8.78
C LYS B 1375 -62.82 63.08 9.28
N VAL B 1376 -63.45 62.21 8.49
CA VAL B 1376 -64.71 61.60 8.89
C VAL B 1376 -64.53 60.68 10.08
N TRP B 1377 -63.51 59.83 10.02
CA TRP B 1377 -63.23 58.88 11.09
C TRP B 1377 -62.76 59.56 12.38
N ASP B 1378 -61.75 60.41 12.26
CA ASP B 1378 -61.14 61.04 13.44
C ASP B 1378 -62.07 61.97 14.20
N SER B 1379 -62.85 62.78 13.48
CA SER B 1379 -63.83 63.65 14.11
C SER B 1379 -64.87 62.80 14.82
N ALA B 1380 -65.16 61.64 14.25
CA ALA B 1380 -66.12 60.71 14.82
C ALA B 1380 -65.52 59.96 16.00
N ASP B 1381 -64.27 59.56 15.85
CA ASP B 1381 -63.59 58.77 16.88
C ASP B 1381 -63.26 59.62 18.10
N LYS B 1382 -62.99 60.89 17.89
CA LYS B 1382 -62.66 61.81 18.97
C LYS B 1382 -63.88 62.06 19.86
N PHE B 1383 -65.03 62.32 19.22
CA PHE B 1383 -66.26 62.57 19.93
C PHE B 1383 -66.65 61.37 20.79
N THR B 1384 -66.58 60.18 20.21
CA THR B 1384 -66.96 58.96 20.89
C THR B 1384 -66.05 58.68 22.08
N ARG B 1385 -64.77 59.04 21.93
CA ARG B 1385 -63.78 58.84 22.98
C ARG B 1385 -64.01 59.76 24.17
N GLU B 1386 -64.35 61.02 23.87
CA GLU B 1386 -64.57 62.00 24.92
C GLU B 1386 -65.91 61.82 25.64
N THR B 1387 -66.99 61.71 24.89
CA THR B 1387 -68.32 61.56 25.47
C THR B 1387 -68.62 60.18 26.06
N LEU B 1388 -68.46 59.13 25.24
CA LEU B 1388 -68.82 57.78 25.64
C LEU B 1388 -67.63 56.96 26.14
N GLY B 1389 -66.43 57.52 26.04
CA GLY B 1389 -65.24 56.87 26.53
C GLY B 1389 -64.75 55.68 25.73
N PHE B 1390 -65.12 55.60 24.45
CA PHE B 1390 -64.62 54.52 23.60
C PHE B 1390 -64.35 54.94 22.16
N SER B 1391 -63.55 54.14 21.45
CA SER B 1391 -63.18 54.46 20.07
C SER B 1391 -63.73 53.44 19.08
N VAL B 1392 -64.35 53.95 18.02
CA VAL B 1392 -64.92 53.11 16.97
C VAL B 1392 -63.80 52.54 16.11
N LEU B 1393 -62.71 53.28 16.00
CA LEU B 1393 -61.54 52.86 15.23
C LEU B 1393 -61.00 51.52 15.73
N HIS B 1394 -60.82 51.42 17.05
CA HIS B 1394 -60.30 50.22 17.67
C HIS B 1394 -61.23 49.03 17.45
N VAL B 1395 -62.53 49.27 17.63
CA VAL B 1395 -63.56 48.26 17.45
C VAL B 1395 -63.55 47.70 16.03
N VAL B 1396 -63.43 48.59 15.05
CA VAL B 1396 -63.38 48.19 13.65
C VAL B 1396 -62.04 47.52 13.31
N ARG B 1397 -60.95 48.11 13.78
CA ARG B 1397 -59.61 47.61 13.47
C ARG B 1397 -59.37 46.20 14.01
N ASP B 1398 -59.60 46.02 15.31
CA ASP B 1398 -59.51 44.70 15.92
C ASP B 1398 -60.76 44.43 16.74
N ASN B 1399 -61.44 43.32 16.48
CA ASN B 1399 -62.72 43.01 17.11
C ASN B 1399 -62.58 42.45 18.52
N PRO B 1400 -63.02 43.23 19.53
CA PRO B 1400 -62.99 42.82 20.93
C PRO B 1400 -64.17 41.90 21.25
N THR B 1401 -64.37 41.59 22.53
CA THR B 1401 -65.40 40.65 23.00
C THR B 1401 -66.40 41.39 23.90
N SER B 1402 -65.90 41.90 25.02
CA SER B 1402 -66.71 42.70 25.93
C SER B 1402 -66.27 44.17 25.89
N LEU B 1403 -67.20 45.06 26.18
CA LEU B 1403 -66.85 46.46 26.33
C LEU B 1403 -67.73 47.09 27.38
N ILE B 1404 -67.14 47.92 28.23
CA ILE B 1404 -67.94 48.70 29.16
C ILE B 1404 -67.91 50.14 28.71
N ALA B 1405 -69.08 50.75 28.65
CA ALA B 1405 -69.23 52.12 28.19
C ALA B 1405 -69.67 52.95 29.38
N SER B 1406 -70.03 54.21 29.10
CA SER B 1406 -70.44 55.16 30.14
C SER B 1406 -71.43 54.58 31.13
N GLY B 1407 -72.65 54.31 30.67
CA GLY B 1407 -73.66 53.75 31.55
C GLY B 1407 -73.99 52.30 31.28
N VAL B 1408 -73.37 51.73 30.25
CA VAL B 1408 -73.79 50.43 29.75
C VAL B 1408 -72.64 49.44 29.62
N HIS B 1409 -72.98 48.15 29.73
CA HIS B 1409 -72.01 47.08 29.61
C HIS B 1409 -72.40 46.11 28.50
N TYR B 1410 -71.57 46.04 27.46
CA TYR B 1410 -71.87 45.19 26.32
C TYR B 1410 -70.90 44.02 26.25
N HIS B 1411 -71.44 42.81 26.29
CA HIS B 1411 -70.63 41.61 26.16
C HIS B 1411 -71.12 40.72 25.02
N HIS B 1412 -70.20 40.28 24.17
CA HIS B 1412 -70.51 39.32 23.11
C HIS B 1412 -69.39 38.28 23.12
N PRO B 1413 -69.75 36.99 22.95
CA PRO B 1413 -68.73 35.94 22.84
C PRO B 1413 -67.88 36.02 21.57
N ASP B 1414 -68.43 36.58 20.50
CA ASP B 1414 -67.70 36.69 19.24
C ASP B 1414 -67.04 38.05 19.10
N GLY B 1415 -67.84 39.08 18.86
CA GLY B 1415 -67.31 40.42 18.67
C GLY B 1415 -68.27 41.56 18.96
N VAL B 1416 -67.70 42.70 19.35
CA VAL B 1416 -68.49 43.88 19.67
C VAL B 1416 -68.82 44.62 18.38
N LEU B 1417 -68.03 44.37 17.34
CA LEU B 1417 -68.22 45.05 16.06
C LEU B 1417 -69.50 44.54 15.44
N PHE B 1418 -69.92 43.35 15.88
CA PHE B 1418 -71.13 42.73 15.42
C PHE B 1418 -72.29 43.04 16.37
N LEU B 1419 -72.02 43.84 17.41
CA LEU B 1419 -73.07 44.36 18.27
C LEU B 1419 -73.62 45.65 17.68
N THR B 1420 -74.94 45.79 17.69
CA THR B 1420 -75.62 46.84 16.94
C THR B 1420 -75.27 48.29 17.35
N GLN B 1421 -75.06 48.51 18.64
CA GLN B 1421 -74.70 49.84 19.13
C GLN B 1421 -73.40 50.30 18.50
N PHE B 1422 -72.57 49.33 18.13
CA PHE B 1422 -71.28 49.55 17.48
C PHE B 1422 -71.43 49.40 15.97
N THR B 1423 -71.90 48.23 15.55
CA THR B 1423 -72.09 47.89 14.14
C THR B 1423 -72.72 49.01 13.31
N GLN B 1424 -73.79 49.60 13.82
CA GLN B 1424 -74.46 50.69 13.12
C GLN B 1424 -73.53 51.88 12.99
N VAL B 1425 -72.78 52.15 14.07
CA VAL B 1425 -71.83 53.26 14.09
C VAL B 1425 -70.70 53.02 13.09
N ALA B 1426 -70.18 51.80 13.09
CA ALA B 1426 -69.12 51.41 12.16
C ALA B 1426 -69.58 51.53 10.71
N MET B 1427 -70.74 50.95 10.42
CA MET B 1427 -71.31 50.96 9.08
C MET B 1427 -71.55 52.39 8.58
N ALA B 1428 -72.07 53.24 9.46
CA ALA B 1428 -72.39 54.62 9.10
C ALA B 1428 -71.14 55.42 8.78
N THR B 1429 -70.09 55.22 9.57
CA THR B 1429 -68.85 55.97 9.40
C THR B 1429 -68.07 55.50 8.17
N VAL B 1430 -68.09 54.18 7.94
CA VAL B 1430 -67.43 53.58 6.79
C VAL B 1430 -67.97 54.17 5.48
N ALA B 1431 -69.29 54.26 5.38
CA ALA B 1431 -69.93 54.77 4.17
C ALA B 1431 -69.77 56.29 4.05
N ALA B 1432 -69.93 57.01 5.17
CA ALA B 1432 -69.82 58.46 5.17
C ALA B 1432 -68.44 58.93 4.76
N ALA B 1433 -67.42 58.13 5.10
CA ALA B 1433 -66.04 58.44 4.75
C ALA B 1433 -65.77 58.14 3.28
N GLN B 1434 -66.41 57.09 2.77
CA GLN B 1434 -66.21 56.68 1.39
C GLN B 1434 -66.85 57.66 0.40
N VAL B 1435 -68.02 58.17 0.76
CA VAL B 1435 -68.71 59.15 -0.08
C VAL B 1435 -67.96 60.47 -0.10
N ALA B 1436 -67.42 60.85 1.06
CA ALA B 1436 -66.66 62.08 1.18
C ALA B 1436 -65.46 62.08 0.22
N GLU B 1437 -64.84 60.92 0.07
CA GLU B 1437 -63.74 60.76 -0.88
C GLU B 1437 -64.24 60.86 -2.31
N MET B 1438 -65.39 60.23 -2.56
CA MET B 1438 -66.03 60.29 -3.88
C MET B 1438 -66.42 61.72 -4.21
N ARG B 1439 -66.78 62.48 -3.19
CA ARG B 1439 -67.15 63.88 -3.36
C ARG B 1439 -65.91 64.74 -3.60
N GLU B 1440 -64.79 64.35 -2.98
CA GLU B 1440 -63.53 65.06 -3.17
C GLU B 1440 -63.01 64.91 -4.59
N GLN B 1441 -63.28 63.76 -5.20
CA GLN B 1441 -62.89 63.53 -6.58
C GLN B 1441 -63.95 64.07 -7.54
N GLY B 1442 -65.03 64.60 -6.97
CA GLY B 1442 -66.10 65.20 -7.75
C GLY B 1442 -66.96 64.19 -8.47
N ALA B 1443 -66.71 62.92 -8.23
CA ALA B 1443 -67.44 61.84 -8.92
C ALA B 1443 -68.93 61.84 -8.60
N PHE B 1444 -69.31 62.58 -7.56
CA PHE B 1444 -70.71 62.68 -7.17
C PHE B 1444 -71.47 63.60 -8.12
N VAL B 1445 -72.51 63.06 -8.76
CA VAL B 1445 -73.31 63.84 -9.70
C VAL B 1445 -74.35 64.70 -8.99
N GLU B 1446 -74.65 65.86 -9.59
CA GLU B 1446 -75.52 66.85 -8.96
C GLU B 1446 -76.98 66.40 -8.85
N GLY B 1447 -77.37 65.46 -9.71
CA GLY B 1447 -78.75 65.01 -9.76
C GLY B 1447 -79.01 63.62 -9.19
N ALA B 1448 -78.06 63.11 -8.42
CA ALA B 1448 -78.14 61.74 -7.89
C ALA B 1448 -79.30 61.52 -6.93
N ILE B 1449 -80.10 60.50 -7.19
CA ILE B 1449 -81.20 60.10 -6.32
C ILE B 1449 -80.72 59.04 -5.33
N ALA B 1450 -80.92 59.29 -4.03
CA ALA B 1450 -80.33 58.43 -3.00
C ALA B 1450 -81.35 57.77 -2.07
N CYS B 1451 -80.99 56.60 -1.56
CA CYS B 1451 -81.87 55.85 -0.66
C CYS B 1451 -81.04 54.91 0.21
N GLY B 1452 -81.65 54.39 1.26
CA GLY B 1452 -80.94 53.48 2.14
C GLY B 1452 -81.83 52.42 2.77
N HIS B 1453 -81.21 51.33 3.19
CA HIS B 1453 -81.92 50.21 3.77
C HIS B 1453 -81.70 50.17 5.28
N SER B 1454 -82.76 50.41 6.03
CA SER B 1454 -82.71 50.49 7.49
C SER B 1454 -81.72 51.55 7.98
N VAL B 1455 -80.71 51.11 8.73
CA VAL B 1455 -79.70 51.98 9.31
C VAL B 1455 -78.91 52.74 8.25
N GLY B 1456 -78.91 52.21 7.02
CA GLY B 1456 -78.20 52.83 5.92
C GLY B 1456 -78.85 54.12 5.46
N GLU B 1457 -80.13 54.28 5.76
CA GLU B 1457 -80.87 55.47 5.36
C GLU B 1457 -80.35 56.72 6.06
N TYR B 1458 -79.91 56.56 7.31
CA TYR B 1458 -79.34 57.66 8.06
C TYR B 1458 -78.03 58.13 7.43
N THR B 1459 -77.26 57.18 6.93
CA THR B 1459 -76.01 57.48 6.24
C THR B 1459 -76.31 58.13 4.89
N ALA B 1460 -77.37 57.65 4.24
CA ALA B 1460 -77.80 58.19 2.96
C ALA B 1460 -78.05 59.69 3.04
N LEU B 1461 -78.85 60.09 4.01
CA LEU B 1461 -79.16 61.50 4.23
C LEU B 1461 -77.92 62.28 4.64
N ALA B 1462 -77.05 61.64 5.40
CA ALA B 1462 -75.82 62.26 5.88
C ALA B 1462 -74.89 62.62 4.73
N CYS B 1463 -74.65 61.65 3.85
CA CYS B 1463 -73.72 61.82 2.74
C CYS B 1463 -74.21 62.82 1.71
N VAL B 1464 -75.40 62.60 1.17
CA VAL B 1464 -75.89 63.42 0.06
C VAL B 1464 -76.41 64.80 0.48
N SER B 1465 -77.26 64.84 1.50
CA SER B 1465 -77.90 66.09 1.91
C SER B 1465 -77.24 66.80 3.10
N GLY B 1466 -76.25 66.15 3.72
CA GLY B 1466 -75.60 66.69 4.90
C GLY B 1466 -76.57 67.12 5.99
N VAL B 1467 -77.48 66.24 6.35
CA VAL B 1467 -78.55 66.56 7.28
C VAL B 1467 -78.07 66.58 8.74
N TYR B 1468 -76.85 66.12 8.98
CA TYR B 1468 -76.26 66.19 10.32
C TYR B 1468 -74.74 66.17 10.30
N GLU B 1469 -74.16 66.59 11.42
CA GLU B 1469 -72.70 66.55 11.58
C GLU B 1469 -72.23 65.10 11.67
N LEU B 1470 -70.94 64.89 11.41
CA LEU B 1470 -70.35 63.56 11.52
C LEU B 1470 -70.52 62.98 12.91
N GLU B 1471 -70.35 63.84 13.92
CA GLU B 1471 -70.56 63.43 15.31
C GLU B 1471 -72.05 63.31 15.61
N ALA B 1472 -72.86 64.11 14.93
CA ALA B 1472 -74.31 64.06 15.10
C ALA B 1472 -74.90 62.78 14.53
N LEU B 1473 -74.32 62.32 13.42
CA LEU B 1473 -74.76 61.08 12.80
C LEU B 1473 -74.49 59.87 13.70
N LEU B 1474 -73.31 59.86 14.32
CA LEU B 1474 -72.92 58.73 15.15
C LEU B 1474 -73.59 58.75 16.52
N GLU B 1475 -74.23 59.86 16.85
CA GLU B 1475 -75.01 59.96 18.08
C GLU B 1475 -76.33 59.21 17.92
N VAL B 1476 -77.15 59.70 16.99
CA VAL B 1476 -78.43 59.08 16.66
C VAL B 1476 -78.28 57.58 16.40
N VAL B 1477 -77.32 57.24 15.55
CA VAL B 1477 -77.09 55.85 15.16
C VAL B 1477 -76.67 54.96 16.34
N PHE B 1478 -75.83 55.48 17.23
CA PHE B 1478 -75.43 54.75 18.42
C PHE B 1478 -76.61 54.53 19.35
N HIS B 1479 -77.35 55.60 19.61
CA HIS B 1479 -78.51 55.54 20.50
C HIS B 1479 -79.60 54.66 19.91
N ARG B 1480 -79.73 54.69 18.59
CA ARG B 1480 -80.70 53.85 17.88
C ARG B 1480 -80.34 52.38 18.06
N GLY B 1481 -79.05 52.10 18.14
CA GLY B 1481 -78.57 50.76 18.42
C GLY B 1481 -78.92 50.35 19.83
N SER B 1482 -78.60 51.21 20.79
CA SER B 1482 -78.90 50.95 22.20
C SER B 1482 -80.41 50.88 22.43
N LYS B 1483 -81.17 51.56 21.58
CA LYS B 1483 -82.62 51.55 21.66
C LYS B 1483 -83.18 50.22 21.16
N MET B 1484 -82.49 49.59 20.22
CA MET B 1484 -82.95 48.34 19.63
C MET B 1484 -82.76 47.13 20.55
N HIS B 1485 -81.90 47.27 21.55
CA HIS B 1485 -81.62 46.16 22.46
C HIS B 1485 -82.65 45.98 23.59
N ASP B 1486 -83.19 47.08 24.09
CA ASP B 1486 -84.07 47.04 25.25
C ASP B 1486 -85.57 46.98 24.94
N ILE B 1487 -85.91 46.90 23.65
CA ILE B 1487 -87.31 47.02 23.22
C ILE B 1487 -88.19 45.80 23.48
N VAL B 1488 -87.63 44.60 23.42
CA VAL B 1488 -88.44 43.38 23.44
C VAL B 1488 -88.16 42.48 24.64
N PRO B 1489 -89.22 41.85 25.17
CA PRO B 1489 -89.13 40.95 26.34
C PRO B 1489 -88.19 39.78 26.12
N ARG B 1490 -87.51 39.36 27.19
CA ARG B 1490 -86.56 38.26 27.12
C ARG B 1490 -86.75 37.29 28.28
N ASP B 1491 -86.11 36.12 28.17
CA ASP B 1491 -86.11 35.15 29.26
C ASP B 1491 -84.90 35.37 30.16
N GLU B 1492 -84.67 34.43 31.07
CA GLU B 1492 -83.47 34.46 31.91
C GLU B 1492 -82.22 34.24 31.07
N LEU B 1493 -82.38 33.45 30.01
CA LEU B 1493 -81.27 33.13 29.12
C LEU B 1493 -81.17 34.15 27.99
N GLY B 1494 -82.10 35.10 27.99
CA GLY B 1494 -82.16 36.09 26.93
C GLY B 1494 -82.90 35.56 25.72
N ARG B 1495 -83.70 34.52 25.95
CA ARG B 1495 -84.48 33.90 24.88
C ARG B 1495 -85.58 34.81 24.38
N SER B 1496 -86.07 34.54 23.17
CA SER B 1496 -87.19 35.28 22.63
C SER B 1496 -88.28 34.34 22.14
N ASN B 1497 -89.52 34.76 22.30
CA ASN B 1497 -90.65 33.98 21.79
C ASN B 1497 -90.83 34.25 20.30
N TYR B 1498 -90.05 35.18 19.77
CA TYR B 1498 -90.16 35.57 18.37
C TYR B 1498 -88.84 35.41 17.64
N ARG B 1499 -88.88 35.64 16.33
CA ARG B 1499 -87.70 35.60 15.46
C ARG B 1499 -88.02 36.16 14.08
N LEU B 1500 -87.02 36.14 13.19
CA LEU B 1500 -87.19 36.63 11.83
C LEU B 1500 -86.85 35.54 10.82
N ALA B 1501 -87.45 35.59 9.63
CA ALA B 1501 -87.19 34.59 8.61
C ALA B 1501 -87.23 35.14 7.18
N ALA B 1502 -86.29 34.70 6.36
CA ALA B 1502 -86.16 35.20 5.00
C ALA B 1502 -86.83 34.28 3.98
N ILE B 1503 -87.78 34.84 3.23
CA ILE B 1503 -88.58 34.08 2.26
C ILE B 1503 -88.10 34.30 0.83
N ARG B 1504 -88.04 33.23 0.04
CA ARG B 1504 -87.94 33.34 -1.40
C ARG B 1504 -89.16 32.69 -2.07
N PRO B 1505 -90.08 33.52 -2.56
CA PRO B 1505 -91.33 33.05 -3.17
C PRO B 1505 -91.11 32.26 -4.46
N SER B 1506 -89.91 32.36 -5.01
CA SER B 1506 -89.57 31.73 -6.28
C SER B 1506 -89.37 30.21 -6.17
N GLN B 1507 -88.88 29.61 -7.26
CA GLN B 1507 -88.66 28.16 -7.40
C GLN B 1507 -89.96 27.39 -7.59
N ILE B 1508 -91.08 28.01 -7.27
CA ILE B 1508 -92.40 27.42 -7.46
C ILE B 1508 -93.30 28.51 -8.00
N ASP B 1509 -94.52 28.18 -8.40
CA ASP B 1509 -95.41 29.24 -8.88
C ASP B 1509 -96.14 29.76 -7.66
N LEU B 1510 -95.72 30.97 -7.26
CA LEU B 1510 -96.22 31.63 -6.08
C LEU B 1510 -95.97 33.11 -6.36
N ASP B 1511 -96.83 33.98 -5.86
CA ASP B 1511 -96.66 35.41 -6.10
C ASP B 1511 -96.54 36.16 -4.79
N ASP B 1512 -96.34 37.47 -4.88
CA ASP B 1512 -96.28 38.32 -3.70
C ASP B 1512 -97.64 38.34 -3.02
N ALA B 1513 -98.70 38.32 -3.83
CA ALA B 1513 -100.05 38.28 -3.32
C ALA B 1513 -100.35 36.91 -2.71
N ASP B 1514 -99.69 35.89 -3.24
CA ASP B 1514 -99.86 34.52 -2.73
C ASP B 1514 -99.15 34.37 -1.39
N VAL B 1515 -97.97 34.97 -1.28
CA VAL B 1515 -97.23 34.96 -0.02
C VAL B 1515 -98.00 35.73 1.05
N LYS B 1516 -98.42 36.94 0.69
CA LYS B 1516 -99.20 37.79 1.59
C LYS B 1516 -100.46 37.08 2.06
N ASP B 1517 -101.15 36.41 1.13
CA ASP B 1517 -102.34 35.63 1.45
C ASP B 1517 -102.04 34.55 2.49
N PHE B 1518 -101.17 33.61 2.13
CA PHE B 1518 -100.80 32.49 3.00
C PHE B 1518 -100.35 32.94 4.39
N VAL B 1519 -99.59 34.03 4.46
CA VAL B 1519 -99.15 34.56 5.73
C VAL B 1519 -100.32 35.13 6.53
N ALA B 1520 -101.20 35.86 5.85
CA ALA B 1520 -102.34 36.48 6.50
C ALA B 1520 -103.31 35.43 7.05
N GLU B 1521 -103.43 34.31 6.34
CA GLU B 1521 -104.32 33.24 6.77
C GLU B 1521 -103.80 32.54 8.03
N ILE B 1522 -102.55 32.10 7.98
CA ILE B 1522 -101.94 31.41 9.11
C ILE B 1522 -101.76 32.35 10.31
N SER B 1523 -101.78 33.65 10.05
CA SER B 1523 -101.75 34.64 11.11
C SER B 1523 -103.08 34.68 11.85
N GLU B 1524 -104.18 34.65 11.09
CA GLU B 1524 -105.51 34.65 11.66
C GLU B 1524 -105.89 33.29 12.20
N ARG B 1525 -105.52 32.25 11.46
CA ARG B 1525 -105.87 30.87 11.83
C ARG B 1525 -105.36 30.46 13.20
N THR B 1526 -104.03 30.37 13.34
CA THR B 1526 -103.42 29.93 14.59
C THR B 1526 -103.65 30.93 15.72
N GLY B 1527 -103.96 32.17 15.36
CA GLY B 1527 -104.15 33.22 16.35
C GLY B 1527 -102.81 33.74 16.83
N GLU B 1528 -101.74 33.25 16.23
CA GLU B 1528 -100.40 33.70 16.56
C GLU B 1528 -100.07 34.97 15.79
N PHE B 1529 -98.83 35.42 15.94
CA PHE B 1529 -98.39 36.65 15.29
C PHE B 1529 -97.42 36.36 14.15
N LEU B 1530 -97.84 36.68 12.93
CA LEU B 1530 -96.98 36.56 11.76
C LEU B 1530 -97.10 37.81 10.89
N GLU B 1531 -95.97 38.47 10.65
CA GLU B 1531 -95.94 39.73 9.94
C GLU B 1531 -94.90 39.68 8.83
N ILE B 1532 -95.21 40.24 7.67
CA ILE B 1532 -94.15 40.39 6.67
C ILE B 1532 -93.38 41.64 7.07
N VAL B 1533 -92.12 41.46 7.46
CA VAL B 1533 -91.32 42.58 7.96
C VAL B 1533 -90.67 43.40 6.86
N ASN B 1534 -90.08 42.72 5.89
CA ASN B 1534 -89.37 43.41 4.83
C ASN B 1534 -89.83 42.97 3.44
N PHE B 1535 -90.16 43.96 2.62
CA PHE B 1535 -90.37 43.73 1.21
C PHE B 1535 -89.10 44.19 0.55
N ASN B 1536 -88.32 43.23 0.06
CA ASN B 1536 -86.99 43.54 -0.45
C ASN B 1536 -86.92 43.38 -1.96
N LEU B 1537 -87.11 42.16 -2.43
CA LEU B 1537 -87.12 41.92 -3.86
C LEU B 1537 -88.48 41.40 -4.30
N ARG B 1538 -88.86 41.75 -5.52
CA ARG B 1538 -90.19 41.44 -6.05
C ARG B 1538 -90.60 39.99 -5.84
N GLY B 1539 -89.92 39.08 -6.55
CA GLY B 1539 -90.18 37.67 -6.45
C GLY B 1539 -89.06 36.91 -5.75
N SER B 1540 -88.19 37.63 -5.05
CA SER B 1540 -86.99 37.01 -4.51
C SER B 1540 -86.88 37.09 -2.98
N GLN B 1541 -86.79 38.29 -2.43
CA GLN B 1541 -86.55 38.41 -1.00
C GLN B 1541 -87.67 39.05 -0.18
N TYR B 1542 -88.03 38.37 0.91
CA TYR B 1542 -89.01 38.84 1.87
C TYR B 1542 -88.60 38.41 3.26
N ALA B 1543 -88.81 39.27 4.24
CA ALA B 1543 -88.47 38.95 5.62
C ALA B 1543 -89.74 38.96 6.50
N ILE B 1544 -89.83 38.00 7.43
CA ILE B 1544 -91.03 37.80 8.26
C ILE B 1544 -90.70 37.56 9.73
N ALA B 1545 -91.28 38.41 10.60
CA ALA B 1545 -91.11 38.23 12.04
C ALA B 1545 -92.44 38.04 12.76
N GLY B 1546 -92.34 37.38 13.92
CA GLY B 1546 -93.50 37.10 14.76
C GLY B 1546 -93.18 35.92 15.64
N THR B 1547 -94.22 35.28 16.15
CA THR B 1547 -94.04 34.11 17.02
C THR B 1547 -93.25 33.03 16.29
N VAL B 1548 -92.30 32.42 16.99
CA VAL B 1548 -91.49 31.33 16.44
C VAL B 1548 -92.34 30.20 15.84
N ALA B 1549 -93.45 29.87 16.50
CA ALA B 1549 -94.36 28.85 16.02
C ALA B 1549 -95.00 29.30 14.71
N GLY B 1550 -95.26 30.59 14.62
CA GLY B 1550 -95.78 31.18 13.39
C GLY B 1550 -94.75 31.11 12.27
N LEU B 1551 -93.50 31.35 12.62
CA LEU B 1551 -92.40 31.22 11.65
C LEU B 1551 -92.23 29.77 11.21
N GLU B 1552 -92.45 28.86 12.14
CA GLU B 1552 -92.38 27.44 11.85
C GLU B 1552 -93.58 27.00 11.02
N ALA B 1553 -94.76 27.48 11.35
CA ALA B 1553 -95.97 27.09 10.64
C ALA B 1553 -95.94 27.64 9.23
N LEU B 1554 -95.30 28.79 9.06
CA LEU B 1554 -95.20 29.40 7.75
C LEU B 1554 -94.17 28.63 6.94
N GLU B 1555 -93.07 28.25 7.57
CA GLU B 1555 -92.08 27.39 6.94
C GLU B 1555 -92.74 26.12 6.41
N GLU B 1556 -93.57 25.54 7.27
CA GLU B 1556 -94.28 24.30 6.98
C GLU B 1556 -95.21 24.41 5.77
N GLU B 1557 -95.89 25.55 5.65
CA GLU B 1557 -96.87 25.75 4.59
C GLU B 1557 -96.27 25.66 3.19
N ILE B 1558 -95.19 26.41 2.96
CA ILE B 1558 -94.56 26.43 1.64
C ILE B 1558 -93.92 25.09 1.30
N GLU B 1559 -93.52 24.33 2.33
CA GLU B 1559 -92.94 23.02 2.14
C GLU B 1559 -94.03 22.07 1.63
N ARG B 1560 -95.25 22.32 2.09
CA ARG B 1560 -96.41 21.57 1.63
C ARG B 1560 -96.89 22.08 0.28
N ARG B 1561 -96.93 23.41 0.14
CA ARG B 1561 -97.39 24.03 -1.10
C ARG B 1561 -96.47 23.72 -2.28
N ARG B 1562 -95.17 23.91 -2.07
CA ARG B 1562 -94.19 23.55 -3.09
C ARG B 1562 -94.12 22.03 -3.19
N GLN B 1563 -94.32 21.52 -4.40
CA GLN B 1563 -94.42 20.09 -4.64
C GLN B 1563 -93.06 19.40 -4.59
N ILE B 1564 -92.00 20.15 -4.84
CA ILE B 1564 -90.66 19.59 -4.98
C ILE B 1564 -89.79 19.66 -3.72
N THR B 1565 -90.33 20.18 -2.62
CA THR B 1565 -89.48 20.42 -1.46
C THR B 1565 -89.23 19.12 -0.70
N GLY B 1566 -87.97 18.70 -0.67
CA GLY B 1566 -87.52 17.75 0.34
C GLY B 1566 -86.60 18.38 1.38
N GLY B 1567 -86.09 19.57 1.07
CA GLY B 1567 -85.06 20.21 1.88
C GLY B 1567 -85.45 21.47 2.63
N LYS B 1568 -86.75 21.72 2.75
CA LYS B 1568 -87.27 22.98 3.27
C LYS B 1568 -86.68 24.16 2.49
N ARG B 1569 -87.02 24.21 1.20
CA ARG B 1569 -86.51 25.25 0.31
C ARG B 1569 -87.16 26.59 0.58
N SER B 1570 -86.51 27.65 0.09
CA SER B 1570 -87.11 28.98 0.02
C SER B 1570 -87.27 29.70 1.35
N PHE B 1571 -86.98 29.00 2.45
CA PHE B 1571 -87.07 29.59 3.78
C PHE B 1571 -85.77 29.58 4.56
N ILE B 1572 -85.27 30.77 4.88
CA ILE B 1572 -84.07 30.94 5.69
C ILE B 1572 -84.41 31.67 6.98
N LEU B 1573 -84.16 31.02 8.10
CA LEU B 1573 -84.34 31.65 9.41
C LEU B 1573 -83.15 32.53 9.74
N VAL B 1574 -83.44 33.70 10.30
CA VAL B 1574 -82.41 34.67 10.66
C VAL B 1574 -81.79 34.42 12.03
N PRO B 1575 -80.47 34.18 12.06
CA PRO B 1575 -79.76 34.11 13.34
C PRO B 1575 -79.61 35.50 13.98
N GLY B 1576 -79.75 35.56 15.29
CA GLY B 1576 -79.40 36.75 16.04
C GLY B 1576 -80.50 37.76 16.29
N ILE B 1577 -81.54 37.74 15.46
CA ILE B 1577 -82.62 38.69 15.64
C ILE B 1577 -83.74 38.11 16.49
N ASP B 1578 -83.87 38.63 17.71
CA ASP B 1578 -84.87 38.16 18.66
C ASP B 1578 -86.09 39.07 18.73
N VAL B 1579 -86.04 40.17 17.98
CA VAL B 1579 -87.08 41.19 18.05
C VAL B 1579 -87.97 41.17 16.81
N PRO B 1580 -89.29 41.06 17.00
CA PRO B 1580 -90.23 41.20 15.88
C PRO B 1580 -90.42 42.67 15.51
N PHE B 1581 -89.33 43.38 15.28
CA PHE B 1581 -89.40 44.79 14.89
C PHE B 1581 -89.84 44.93 13.44
N HIS B 1582 -90.28 46.14 13.08
CA HIS B 1582 -90.91 46.41 11.79
C HIS B 1582 -92.23 45.65 11.68
N SER B 1583 -92.86 45.45 12.83
CA SER B 1583 -94.18 44.86 12.92
C SER B 1583 -95.06 45.80 13.73
N SER B 1584 -96.25 45.34 14.11
CA SER B 1584 -97.19 46.19 14.83
C SER B 1584 -96.87 46.26 16.33
N VAL B 1585 -95.83 45.55 16.76
CA VAL B 1585 -95.49 45.47 18.18
C VAL B 1585 -94.56 46.59 18.67
N LEU B 1586 -93.91 47.29 17.76
CA LEU B 1586 -92.83 48.22 18.12
C LEU B 1586 -93.23 49.70 18.27
N ARG B 1587 -94.48 50.03 17.99
CA ARG B 1587 -94.90 51.43 17.85
C ARG B 1587 -94.81 52.29 19.12
N VAL B 1588 -94.52 51.67 20.26
CA VAL B 1588 -94.51 52.38 21.55
C VAL B 1588 -93.33 53.34 21.72
N GLY B 1589 -92.13 52.87 21.42
CA GLY B 1589 -90.91 53.60 21.71
C GLY B 1589 -90.48 54.65 20.71
N VAL B 1590 -91.41 55.10 19.87
CA VAL B 1590 -91.10 56.09 18.85
C VAL B 1590 -90.96 57.51 19.40
N ALA B 1591 -91.92 57.90 20.27
CA ALA B 1591 -92.00 59.26 20.78
C ALA B 1591 -90.70 59.74 21.46
N ASP B 1592 -90.01 58.81 22.12
CA ASP B 1592 -88.75 59.13 22.77
C ASP B 1592 -87.64 59.31 21.74
N PHE B 1593 -87.69 58.49 20.69
CA PHE B 1593 -86.71 58.57 19.61
C PHE B 1593 -87.03 59.73 18.68
N ARG B 1594 -88.31 60.07 18.58
CA ARG B 1594 -88.76 61.17 17.74
C ARG B 1594 -88.26 62.50 18.30
N ARG B 1595 -88.17 62.59 19.62
CA ARG B 1595 -87.63 63.77 20.28
C ARG B 1595 -86.12 63.79 20.18
N SER B 1596 -85.50 62.61 20.30
CA SER B 1596 -84.06 62.47 20.22
C SER B 1596 -83.55 62.93 18.85
N LEU B 1597 -84.32 62.64 17.81
CA LEU B 1597 -83.97 63.06 16.45
C LEU B 1597 -84.00 64.58 16.30
N GLU B 1598 -85.06 65.20 16.80
CA GLU B 1598 -85.22 66.64 16.69
C GLU B 1598 -84.12 67.40 17.43
N ARG B 1599 -83.52 66.74 18.41
CA ARG B 1599 -82.41 67.33 19.16
C ARG B 1599 -81.12 67.30 18.34
N VAL B 1600 -80.86 66.18 17.70
CA VAL B 1600 -79.62 66.00 16.93
C VAL B 1600 -79.80 66.44 15.47
N MET B 1601 -81.04 66.67 15.06
CA MET B 1601 -81.32 67.11 13.70
C MET B 1601 -82.04 68.46 13.70
N PRO B 1602 -81.27 69.55 13.66
CA PRO B 1602 -81.78 70.92 13.72
C PRO B 1602 -82.51 71.35 12.45
N ARG B 1603 -82.93 72.61 12.39
CA ARG B 1603 -83.79 73.09 11.32
C ARG B 1603 -83.06 73.77 10.16
N ASP B 1604 -81.74 73.86 10.23
CA ASP B 1604 -81.01 74.46 9.11
C ASP B 1604 -80.41 73.33 8.28
N LYS B 1605 -81.04 73.06 7.13
CA LYS B 1605 -80.73 71.91 6.30
C LYS B 1605 -81.12 72.23 4.86
N ASP B 1606 -80.65 71.42 3.91
CA ASP B 1606 -80.98 71.63 2.51
C ASP B 1606 -82.21 70.84 2.07
N PRO B 1607 -83.31 71.55 1.76
CA PRO B 1607 -84.57 70.92 1.32
C PRO B 1607 -84.42 70.20 -0.02
N GLU B 1608 -83.73 70.83 -0.98
CA GLU B 1608 -83.66 70.32 -2.34
C GLU B 1608 -82.86 69.02 -2.46
N LEU B 1609 -81.73 68.96 -1.76
CA LEU B 1609 -80.88 67.77 -1.79
C LEU B 1609 -81.65 66.52 -1.38
N ILE B 1610 -82.61 66.68 -0.47
CA ILE B 1610 -83.47 65.59 -0.06
C ILE B 1610 -84.64 65.35 -1.04
N ILE B 1611 -85.27 66.43 -1.49
CA ILE B 1611 -86.53 66.29 -2.24
C ILE B 1611 -86.33 65.67 -3.62
N GLY B 1612 -87.00 64.54 -3.82
CA GLY B 1612 -87.00 63.83 -5.09
C GLY B 1612 -85.82 62.88 -5.18
N ARG B 1613 -84.77 63.21 -4.44
CA ARG B 1613 -83.59 62.37 -4.36
C ARG B 1613 -83.72 61.25 -3.32
N TYR B 1614 -84.46 61.52 -2.25
CA TYR B 1614 -84.52 60.63 -1.10
C TYR B 1614 -85.80 59.79 -1.03
N ILE B 1615 -85.62 58.48 -0.88
CA ILE B 1615 -86.74 57.55 -0.76
C ILE B 1615 -86.76 56.96 0.64
N PRO B 1616 -87.71 57.39 1.47
CA PRO B 1616 -87.82 56.80 2.81
C PRO B 1616 -88.18 55.32 2.78
N ASN B 1617 -88.22 54.71 3.96
CA ASN B 1617 -88.57 53.31 4.12
C ASN B 1617 -90.07 53.18 4.35
N LEU B 1618 -90.52 53.79 5.44
CA LEU B 1618 -91.94 53.93 5.75
C LEU B 1618 -92.73 54.47 4.57
N VAL B 1619 -92.08 55.31 3.77
CA VAL B 1619 -92.71 55.88 2.58
C VAL B 1619 -91.91 55.57 1.31
N PRO B 1620 -92.31 54.51 0.59
CA PRO B 1620 -91.67 53.92 -0.59
C PRO B 1620 -91.51 54.91 -1.74
N ARG B 1621 -92.15 56.06 -1.65
CA ARG B 1621 -92.19 57.01 -2.77
C ARG B 1621 -91.33 58.23 -2.46
N PRO B 1622 -90.80 58.90 -3.50
CA PRO B 1622 -89.71 59.85 -3.28
C PRO B 1622 -90.13 61.04 -2.44
N PHE B 1623 -89.20 61.58 -1.67
CA PHE B 1623 -89.48 62.71 -0.80
C PHE B 1623 -89.84 63.94 -1.61
N THR B 1624 -91.01 64.51 -1.31
CA THR B 1624 -91.39 65.82 -1.81
C THR B 1624 -92.31 66.42 -0.75
N LEU B 1625 -92.22 67.72 -0.53
CA LEU B 1625 -93.08 68.34 0.46
C LEU B 1625 -94.33 68.85 -0.24
N ASP B 1626 -95.44 68.17 0.03
CA ASP B 1626 -96.72 68.47 -0.61
C ASP B 1626 -97.84 67.99 0.29
N ARG B 1627 -99.03 68.54 0.09
CA ARG B 1627 -100.20 68.13 0.87
C ARG B 1627 -100.52 66.66 0.60
N ASP B 1628 -100.20 66.21 -0.60
CA ASP B 1628 -100.41 64.82 -1.01
C ASP B 1628 -99.48 63.89 -0.24
N PHE B 1629 -98.20 64.25 -0.19
CA PHE B 1629 -97.18 63.41 0.42
C PHE B 1629 -97.36 63.29 1.93
N ILE B 1630 -97.55 64.42 2.60
CA ILE B 1630 -97.73 64.44 4.05
C ILE B 1630 -98.93 63.60 4.48
N GLN B 1631 -99.94 63.53 3.62
CA GLN B 1631 -101.12 62.71 3.90
C GLN B 1631 -100.80 61.23 3.83
N GLU B 1632 -99.98 60.84 2.85
CA GLU B 1632 -99.57 59.45 2.70
C GLU B 1632 -98.83 58.97 3.94
N ILE B 1633 -98.04 59.85 4.53
CA ILE B 1633 -97.33 59.55 5.76
C ILE B 1633 -98.32 59.27 6.89
N ARG B 1634 -99.20 60.24 7.13
CA ARG B 1634 -100.24 60.13 8.17
C ARG B 1634 -101.05 58.85 8.07
N ASP B 1635 -101.39 58.46 6.84
CA ASP B 1635 -102.15 57.24 6.60
C ASP B 1635 -101.38 56.01 7.07
N LEU B 1636 -100.11 55.94 6.68
CA LEU B 1636 -99.25 54.84 7.09
C LEU B 1636 -98.90 54.96 8.56
N VAL B 1637 -98.57 56.18 8.98
CA VAL B 1637 -98.25 56.46 10.38
C VAL B 1637 -99.02 57.63 10.98
N PRO B 1638 -100.13 57.33 11.68
CA PRO B 1638 -100.89 58.39 12.36
C PRO B 1638 -100.00 59.14 13.35
N ALA B 1639 -99.99 60.48 13.25
CA ALA B 1639 -99.10 61.29 14.07
C ALA B 1639 -99.67 62.69 14.34
N GLU B 1640 -99.35 63.22 15.51
CA GLU B 1640 -99.80 64.54 15.93
C GLU B 1640 -99.18 65.74 15.18
N PRO B 1641 -97.85 65.75 14.97
CA PRO B 1641 -97.32 66.90 14.23
C PRO B 1641 -97.78 66.90 12.77
N LEU B 1642 -98.07 65.72 12.23
CA LEU B 1642 -98.47 65.60 10.82
C LEU B 1642 -99.94 65.92 10.57
N ASP B 1643 -100.83 65.44 11.44
CA ASP B 1643 -102.26 65.55 11.20
C ASP B 1643 -102.75 67.00 11.22
N GLU B 1644 -102.06 67.85 11.97
CA GLU B 1644 -102.40 69.26 12.04
C GLU B 1644 -102.01 69.98 10.75
N VAL B 1645 -100.79 69.72 10.28
CA VAL B 1645 -100.28 70.31 9.05
C VAL B 1645 -101.21 69.99 7.88
N LEU B 1646 -101.73 68.76 7.88
CA LEU B 1646 -102.69 68.34 6.87
C LEU B 1646 -104.02 69.06 7.04
N ALA B 1647 -104.40 69.32 8.28
CA ALA B 1647 -105.65 70.00 8.58
C ALA B 1647 -105.67 71.41 7.98
N ASP B 1648 -104.65 72.19 8.30
CA ASP B 1648 -104.50 73.50 7.66
C ASP B 1648 -103.24 73.57 6.78
N TYR B 1649 -103.45 73.55 5.47
CA TYR B 1649 -102.37 73.72 4.51
C TYR B 1649 -102.30 75.18 4.05
N ASP B 1650 -103.12 76.01 4.70
CA ASP B 1650 -103.28 77.41 4.36
C ASP B 1650 -102.24 78.29 5.06
N THR B 1651 -101.27 77.62 5.66
CA THR B 1651 -100.13 78.22 6.36
C THR B 1651 -99.08 78.69 5.34
N TRP B 1652 -99.52 78.78 4.09
CA TRP B 1652 -98.70 78.94 2.89
C TRP B 1652 -97.55 79.95 2.97
N ARG B 1653 -97.62 80.90 3.90
CA ARG B 1653 -96.59 81.92 4.05
C ARG B 1653 -95.18 81.33 4.07
N ASN B 1654 -94.25 82.02 3.40
CA ASN B 1654 -92.95 81.46 3.02
C ASN B 1654 -91.98 81.07 4.13
N GLU B 1655 -92.33 81.37 5.38
CA GLU B 1655 -91.49 80.97 6.49
C GLU B 1655 -91.58 79.46 6.74
N LYS B 1656 -92.68 78.86 6.31
CA LYS B 1656 -92.98 77.45 6.56
C LYS B 1656 -92.16 76.33 5.86
N PRO B 1657 -91.95 76.42 4.53
CA PRO B 1657 -91.51 75.26 3.75
C PRO B 1657 -90.30 74.49 4.30
N LYS B 1658 -89.25 75.19 4.70
CA LYS B 1658 -88.08 74.53 5.27
C LYS B 1658 -88.45 73.89 6.60
N GLU B 1659 -89.21 74.61 7.40
CA GLU B 1659 -89.67 74.14 8.69
C GLU B 1659 -90.57 72.92 8.52
N LEU B 1660 -91.31 72.87 7.41
CA LEU B 1660 -92.15 71.72 7.11
C LEU B 1660 -91.33 70.51 6.73
N CYS B 1661 -90.38 70.71 5.83
CA CYS B 1661 -89.49 69.63 5.39
C CYS B 1661 -88.70 69.05 6.56
N ARG B 1662 -88.32 69.92 7.49
CA ARG B 1662 -87.48 69.51 8.62
C ARG B 1662 -88.21 68.55 9.56
N LYS B 1663 -89.51 68.75 9.74
CA LYS B 1663 -90.31 67.86 10.58
C LYS B 1663 -90.73 66.59 9.84
N VAL B 1664 -91.04 66.73 8.56
CA VAL B 1664 -91.42 65.59 7.73
C VAL B 1664 -90.27 64.60 7.62
N VAL B 1665 -89.06 65.13 7.45
CA VAL B 1665 -87.86 64.30 7.39
C VAL B 1665 -87.68 63.50 8.68
N ILE B 1666 -87.86 64.18 9.82
CA ILE B 1666 -87.71 63.54 11.12
C ILE B 1666 -88.81 62.53 11.40
N GLU B 1667 -90.04 62.84 10.96
CA GLU B 1667 -91.16 61.93 11.11
C GLU B 1667 -90.92 60.61 10.39
N LEU B 1668 -90.30 60.70 9.21
CA LEU B 1668 -90.00 59.52 8.40
C LEU B 1668 -88.93 58.65 9.06
N LEU B 1669 -87.94 59.30 9.67
CA LEU B 1669 -86.83 58.59 10.31
C LEU B 1669 -87.23 57.99 11.66
N ALA B 1670 -88.07 58.71 12.40
CA ALA B 1670 -88.50 58.27 13.72
C ALA B 1670 -89.42 57.06 13.64
N TRP B 1671 -90.33 57.08 12.67
CA TRP B 1671 -91.29 56.00 12.51
C TRP B 1671 -90.81 54.95 11.53
N GLN B 1672 -89.59 55.14 11.01
CA GLN B 1672 -88.93 54.12 10.22
C GLN B 1672 -88.69 52.91 11.10
N PHE B 1673 -88.55 53.17 12.39
CA PHE B 1673 -88.44 52.14 13.42
C PHE B 1673 -89.60 51.16 13.33
N ALA B 1674 -90.80 51.71 13.17
CA ALA B 1674 -92.03 50.92 13.19
C ALA B 1674 -92.37 50.31 11.83
N SER B 1675 -92.62 51.16 10.85
CA SER B 1675 -93.06 50.69 9.54
C SER B 1675 -92.03 49.81 8.83
N PRO B 1676 -92.52 48.76 8.15
CA PRO B 1676 -91.70 47.86 7.33
C PRO B 1676 -90.91 48.63 6.28
N VAL B 1677 -89.66 48.22 6.07
CA VAL B 1677 -88.85 48.79 4.99
C VAL B 1677 -89.32 48.19 3.66
N ARG B 1678 -89.71 49.04 2.72
CA ARG B 1678 -90.05 48.53 1.41
C ARG B 1678 -88.89 48.79 0.45
N TRP B 1679 -88.13 47.74 0.17
CA TRP B 1679 -87.07 47.79 -0.85
C TRP B 1679 -87.58 47.49 -2.26
N ILE B 1680 -88.57 46.61 -2.36
CA ILE B 1680 -89.20 46.30 -3.65
C ILE B 1680 -89.67 47.59 -4.30
N GLU B 1681 -90.52 48.31 -3.57
CA GLU B 1681 -91.15 49.51 -4.07
C GLU B 1681 -90.10 50.57 -4.32
N THR B 1682 -89.08 50.61 -3.47
CA THR B 1682 -87.95 51.53 -3.66
C THR B 1682 -87.27 51.30 -5.00
N GLN B 1683 -87.01 50.04 -5.31
CA GLN B 1683 -86.45 49.69 -6.61
C GLN B 1683 -87.44 50.00 -7.73
N ASP B 1684 -88.65 49.49 -7.59
CA ASP B 1684 -89.68 49.68 -8.61
C ASP B 1684 -90.01 51.16 -8.85
N LEU B 1685 -89.98 51.94 -7.78
CA LEU B 1685 -90.21 53.38 -7.87
C LEU B 1685 -89.21 54.06 -8.79
N LEU B 1686 -87.95 53.69 -8.65
CA LEU B 1686 -86.89 54.19 -9.52
C LEU B 1686 -87.25 53.95 -10.98
N PHE B 1687 -87.78 52.76 -11.27
CA PHE B 1687 -88.24 52.46 -12.62
C PHE B 1687 -89.42 53.35 -13.03
N ILE B 1688 -90.36 53.55 -12.10
CA ILE B 1688 -91.53 54.38 -12.36
C ILE B 1688 -91.15 55.82 -12.71
N GLU B 1689 -90.23 56.38 -11.93
CA GLU B 1689 -89.80 57.76 -12.11
C GLU B 1689 -88.98 57.94 -13.39
N GLU B 1690 -88.09 56.99 -13.68
CA GLU B 1690 -87.31 57.01 -14.90
C GLU B 1690 -88.25 56.94 -16.11
N ALA B 1691 -89.06 55.88 -16.18
CA ALA B 1691 -89.98 55.65 -17.29
C ALA B 1691 -90.79 56.88 -17.65
N ALA B 1692 -91.24 57.61 -16.63
CA ALA B 1692 -91.97 58.85 -16.86
C ALA B 1692 -91.02 60.01 -17.19
N GLY B 1693 -89.77 59.90 -16.76
CA GLY B 1693 -88.78 60.94 -16.98
C GLY B 1693 -87.74 60.56 -18.01
N GLY B 1694 -87.96 59.45 -18.70
CA GLY B 1694 -87.03 58.96 -19.70
C GLY B 1694 -86.17 57.82 -19.18
N LEU B 1695 -85.89 56.86 -20.05
CA LEU B 1695 -85.28 55.62 -19.61
C LEU B 1695 -83.77 55.54 -19.83
N GLY B 1696 -83.16 56.61 -20.32
CA GLY B 1696 -81.75 56.58 -20.71
C GLY B 1696 -80.80 56.23 -19.59
N VAL B 1697 -79.54 55.97 -19.97
CA VAL B 1697 -78.58 55.20 -19.16
C VAL B 1697 -78.53 55.61 -17.69
N GLU B 1698 -78.55 54.62 -16.82
CA GLU B 1698 -78.50 54.86 -15.38
C GLU B 1698 -77.34 54.08 -14.77
N ARG B 1699 -76.77 54.59 -13.69
CA ARG B 1699 -75.69 53.89 -12.99
C ARG B 1699 -76.10 53.72 -11.54
N PHE B 1700 -76.05 52.49 -11.04
CA PHE B 1700 -76.45 52.23 -9.67
C PHE B 1700 -75.22 51.90 -8.83
N VAL B 1701 -74.88 52.78 -7.90
CA VAL B 1701 -73.67 52.63 -7.10
C VAL B 1701 -74.01 52.43 -5.62
N GLU B 1702 -73.39 51.42 -5.02
CA GLU B 1702 -73.59 51.13 -3.60
C GLU B 1702 -72.32 51.46 -2.82
N ILE B 1703 -72.49 52.11 -1.67
CA ILE B 1703 -71.36 52.63 -0.90
C ILE B 1703 -71.37 52.06 0.51
N GLY B 1704 -70.26 52.22 1.24
CA GLY B 1704 -70.10 51.54 2.52
C GLY B 1704 -69.13 50.38 2.45
N VAL B 1705 -68.34 50.35 1.39
CA VAL B 1705 -67.34 49.29 1.15
C VAL B 1705 -67.98 47.90 1.14
N LYS B 1706 -67.61 47.03 2.08
CA LYS B 1706 -67.97 45.62 2.00
C LYS B 1706 -69.48 45.35 2.08
N SER B 1707 -70.25 46.38 2.38
CA SER B 1707 -71.70 46.25 2.41
C SER B 1707 -72.28 46.43 1.00
N ALA B 1708 -71.46 46.94 0.09
CA ALA B 1708 -71.86 47.22 -1.28
C ALA B 1708 -72.34 46.04 -2.16
N PRO B 1709 -71.78 44.83 -1.99
CA PRO B 1709 -72.32 43.79 -2.88
C PRO B 1709 -73.78 43.42 -2.64
N THR B 1710 -74.25 43.57 -1.40
CA THR B 1710 -75.59 43.10 -1.03
C THR B 1710 -76.78 43.68 -1.80
N VAL B 1711 -77.10 44.96 -1.59
CA VAL B 1711 -78.28 45.56 -2.19
C VAL B 1711 -78.12 45.74 -3.70
N ALA B 1712 -76.88 45.59 -4.17
CA ALA B 1712 -76.58 45.54 -5.59
C ALA B 1712 -76.99 44.19 -6.17
N GLY B 1713 -76.62 43.13 -5.46
CA GLY B 1713 -77.07 41.79 -5.80
C GLY B 1713 -78.58 41.69 -5.67
N LEU B 1714 -79.13 42.47 -4.74
CA LEU B 1714 -80.57 42.62 -4.62
C LEU B 1714 -81.11 43.31 -5.86
N ALA B 1715 -80.40 44.33 -6.33
CA ALA B 1715 -80.81 45.07 -7.51
C ALA B 1715 -80.60 44.23 -8.77
N THR B 1716 -79.45 43.57 -8.84
CA THR B 1716 -79.09 42.74 -9.99
C THR B 1716 -80.16 41.70 -10.33
N ASN B 1717 -80.60 40.93 -9.34
CA ASN B 1717 -81.65 39.93 -9.53
C ASN B 1717 -83.00 40.56 -9.83
N THR B 1718 -83.16 41.79 -9.36
CA THR B 1718 -84.35 42.58 -9.62
C THR B 1718 -84.27 43.16 -11.03
N LEU B 1719 -83.05 43.42 -11.50
CA LEU B 1719 -82.87 44.00 -12.83
C LEU B 1719 -83.17 42.92 -13.85
N LYS B 1720 -83.16 41.68 -13.38
CA LYS B 1720 -83.35 40.55 -14.25
C LYS B 1720 -84.84 40.34 -14.43
N LEU B 1721 -85.50 39.94 -13.34
CA LEU B 1721 -86.88 39.46 -13.42
C LEU B 1721 -87.96 40.46 -13.91
N PRO B 1722 -88.22 41.56 -13.18
CA PRO B 1722 -89.15 42.49 -13.83
C PRO B 1722 -88.56 43.27 -15.01
N GLU B 1723 -87.26 43.55 -14.97
CA GLU B 1723 -86.63 44.54 -15.86
C GLU B 1723 -86.11 44.01 -17.20
N TYR B 1724 -86.58 42.83 -17.56
CA TYR B 1724 -86.13 42.07 -18.71
C TYR B 1724 -86.14 42.86 -20.04
N SER B 1725 -86.60 44.11 -19.97
CA SER B 1725 -86.86 44.98 -21.12
C SER B 1725 -85.63 45.26 -21.97
N HIS B 1726 -84.50 44.69 -21.57
CA HIS B 1726 -83.19 44.96 -22.19
C HIS B 1726 -82.78 46.43 -22.06
N SER B 1727 -82.43 46.85 -20.85
CA SER B 1727 -81.93 48.20 -20.63
C SER B 1727 -80.43 48.20 -20.32
N THR B 1728 -79.76 49.30 -20.64
CA THR B 1728 -78.35 49.47 -20.36
C THR B 1728 -78.30 49.99 -18.95
N VAL B 1729 -77.79 49.18 -18.04
CA VAL B 1729 -77.74 49.54 -16.62
C VAL B 1729 -76.41 49.10 -16.06
N GLU B 1730 -75.84 49.91 -15.16
CA GLU B 1730 -74.58 49.54 -14.53
C GLU B 1730 -74.69 49.42 -13.01
N VAL B 1731 -74.42 48.22 -12.52
CA VAL B 1731 -74.43 47.94 -11.09
C VAL B 1731 -72.99 48.03 -10.58
N LEU B 1732 -72.73 49.00 -9.72
CA LEU B 1732 -71.38 49.22 -9.23
C LEU B 1732 -71.31 49.17 -7.71
N ASN B 1733 -70.23 48.56 -7.19
CA ASN B 1733 -70.06 48.42 -5.75
C ASN B 1733 -68.77 49.08 -5.28
N SER B 1734 -68.83 49.76 -4.13
CA SER B 1734 -67.67 50.43 -3.57
C SER B 1734 -66.55 49.45 -3.23
N GLU B 1735 -66.93 48.34 -2.59
CA GLU B 1735 -65.99 47.27 -2.29
C GLU B 1735 -65.37 46.69 -3.55
N ARG B 1736 -66.21 46.06 -4.37
CA ARG B 1736 -65.75 45.30 -5.54
C ARG B 1736 -65.28 46.16 -6.72
N ASP B 1737 -66.12 47.12 -7.12
CA ASP B 1737 -65.98 47.81 -8.41
C ASP B 1737 -65.18 49.10 -8.42
N ALA B 1738 -64.48 49.40 -7.31
CA ALA B 1738 -63.85 50.70 -7.08
C ALA B 1738 -63.10 51.29 -8.28
N ALA B 1739 -62.43 50.45 -9.06
CA ALA B 1739 -61.78 50.90 -10.28
C ALA B 1739 -62.74 51.58 -11.24
N VAL B 1740 -63.99 51.14 -11.24
CA VAL B 1740 -65.02 51.71 -12.11
C VAL B 1740 -65.59 53.00 -11.52
N LEU B 1741 -65.68 53.06 -10.19
CA LEU B 1741 -66.22 54.24 -9.50
C LEU B 1741 -65.36 55.47 -9.77
N PHE B 1742 -64.05 55.34 -9.52
CA PHE B 1742 -63.12 56.44 -9.71
C PHE B 1742 -62.70 56.53 -11.17
N ALA B 1743 -63.24 55.63 -11.99
CA ALA B 1743 -63.02 55.63 -13.43
C ALA B 1743 -61.60 55.27 -13.86
N THR B 1744 -60.73 55.04 -12.88
CA THR B 1744 -59.35 54.69 -13.17
C THR B 1744 -59.25 53.30 -13.78
N ASP B 1745 -58.67 53.23 -14.98
CA ASP B 1745 -58.49 51.97 -15.71
C ASP B 1745 -57.70 52.20 -16.99
N SER B 1983 -25.19 9.21 -20.15
CA SER B 1983 -24.80 10.53 -20.62
C SER B 1983 -23.30 10.73 -20.52
N ALA B 1984 -22.76 10.55 -19.32
CA ALA B 1984 -21.33 10.73 -19.09
C ALA B 1984 -20.60 9.40 -18.96
N ALA B 1985 -19.51 9.26 -19.70
CA ALA B 1985 -18.73 8.03 -19.72
C ALA B 1985 -17.93 7.86 -18.42
N LEU B 1986 -18.01 8.87 -17.56
CA LEU B 1986 -17.22 8.93 -16.33
C LEU B 1986 -17.52 7.85 -15.28
N GLY B 1987 -18.51 7.02 -15.55
CA GLY B 1987 -18.99 6.03 -14.58
C GLY B 1987 -17.95 5.19 -13.87
N GLU B 1988 -16.90 4.79 -14.57
CA GLU B 1988 -15.83 3.99 -13.96
C GLU B 1988 -14.84 4.87 -13.20
N PHE B 1989 -14.89 6.17 -13.45
CA PHE B 1989 -14.04 7.11 -12.73
C PHE B 1989 -14.67 7.44 -11.38
N ALA B 1990 -15.92 7.06 -11.21
CA ALA B 1990 -16.58 7.16 -9.91
C ALA B 1990 -16.16 6.00 -9.04
N GLU B 1991 -15.99 4.84 -9.66
CA GLU B 1991 -15.53 3.63 -8.97
C GLU B 1991 -14.07 3.79 -8.56
N LYS B 1992 -13.31 4.50 -9.39
CA LYS B 1992 -11.88 4.69 -9.14
C LYS B 1992 -11.63 5.69 -8.01
N VAL B 1993 -12.68 6.42 -7.62
CA VAL B 1993 -12.61 7.30 -6.46
C VAL B 1993 -12.83 6.50 -5.18
N THR B 1994 -13.76 5.55 -5.24
CA THR B 1994 -14.13 4.73 -4.09
C THR B 1994 -12.96 3.92 -3.53
N GLY B 1995 -12.14 3.38 -4.42
CA GLY B 1995 -11.03 2.53 -4.03
C GLY B 1995 -10.01 3.16 -3.10
N PRO B 1996 -9.41 4.29 -3.52
CA PRO B 1996 -8.46 5.02 -2.66
C PRO B 1996 -9.11 5.51 -1.37
N ASP B 1997 -10.42 5.78 -1.40
CA ASP B 1997 -11.15 6.13 -0.19
C ASP B 1997 -11.04 5.02 0.83
N GLY B 1998 -11.15 3.77 0.36
CA GLY B 1998 -10.96 2.61 1.19
C GLY B 1998 -9.50 2.48 1.61
N VAL B 1999 -8.62 2.81 0.69
CA VAL B 1999 -7.19 2.83 0.97
C VAL B 1999 -6.88 3.94 1.97
N LEU B 2000 -7.58 5.06 1.82
CA LEU B 2000 -7.42 6.20 2.72
C LEU B 2000 -7.96 5.86 4.11
N ALA B 2001 -9.18 5.34 4.16
CA ALA B 2001 -9.84 5.02 5.42
C ALA B 2001 -9.07 3.97 6.21
N SER B 2002 -8.64 2.91 5.53
CA SER B 2002 -7.90 1.83 6.18
C SER B 2002 -6.57 2.31 6.72
N ALA B 2003 -5.87 3.14 5.94
CA ALA B 2003 -4.58 3.67 6.35
C ALA B 2003 -4.72 4.67 7.49
N ALA B 2004 -5.83 5.40 7.49
CA ALA B 2004 -6.08 6.41 8.53
C ALA B 2004 -6.28 5.78 9.89
N ARG B 2005 -6.86 4.58 9.91
CA ARG B 2005 -7.12 3.87 11.16
C ARG B 2005 -5.83 3.32 11.77
N LEU B 2006 -4.83 3.10 10.91
CA LEU B 2006 -3.54 2.60 11.36
C LEU B 2006 -2.75 3.67 12.10
N VAL B 2007 -2.86 4.90 11.63
CA VAL B 2007 -2.16 6.03 12.23
C VAL B 2007 -2.97 6.61 13.39
N LEU B 2008 -4.11 5.99 13.66
CA LEU B 2008 -4.99 6.40 14.75
C LEU B 2008 -5.49 7.84 14.58
N ASN B 2009 -5.63 8.28 13.34
CA ASN B 2009 -6.22 9.58 13.07
C ASN B 2009 -7.73 9.48 13.20
N GLN B 2010 -8.28 10.24 14.13
CA GLN B 2010 -9.67 10.06 14.53
C GLN B 2010 -10.65 10.91 13.72
N LEU B 2011 -11.56 10.23 13.03
CA LEU B 2011 -12.58 10.90 12.26
C LEU B 2011 -13.93 10.77 12.94
N GLY B 2012 -14.78 11.79 12.79
CA GLY B 2012 -16.01 11.84 13.53
C GLY B 2012 -15.72 12.06 15.01
N LEU B 2013 -14.96 13.12 15.30
CA LEU B 2013 -14.68 13.51 16.67
C LEU B 2013 -15.54 14.64 17.25
N SER B 2014 -16.46 15.17 16.46
CA SER B 2014 -17.21 16.35 16.89
C SER B 2014 -18.28 16.03 17.93
N ASP B 2015 -18.17 16.64 19.10
CA ASP B 2015 -19.12 16.40 20.18
C ASP B 2015 -19.71 17.72 20.65
N VAL B 2016 -20.46 17.68 21.75
CA VAL B 2016 -21.02 18.91 22.27
C VAL B 2016 -20.02 19.46 23.28
N VAL B 2017 -19.32 20.51 22.85
CA VAL B 2017 -18.28 21.14 23.66
C VAL B 2017 -18.35 22.67 23.61
N THR B 2018 -18.09 23.23 22.42
CA THR B 2018 -17.87 24.65 22.25
C THR B 2018 -19.12 25.45 21.90
N THR B 2019 -19.69 25.18 20.72
CA THR B 2019 -20.84 25.92 20.21
C THR B 2019 -22.01 26.14 21.19
N PRO B 2020 -22.51 25.06 21.83
CA PRO B 2020 -23.66 25.27 22.72
C PRO B 2020 -23.32 26.12 23.95
N GLU B 2021 -22.08 25.99 24.44
CA GLU B 2021 -21.62 26.84 25.53
C GLU B 2021 -21.61 28.29 25.07
N ALA B 2022 -21.12 28.51 23.85
CA ALA B 2022 -21.14 29.83 23.24
C ALA B 2022 -22.58 30.26 22.99
N ALA B 2023 -23.42 29.30 22.58
CA ALA B 2023 -24.82 29.57 22.35
C ALA B 2023 -25.52 29.93 23.67
N THR B 2024 -25.08 29.30 24.75
CA THR B 2024 -25.59 29.61 26.08
C THR B 2024 -25.12 31.01 26.49
N ASP B 2025 -23.86 31.32 26.18
CA ASP B 2025 -23.30 32.63 26.47
C ASP B 2025 -23.97 33.69 25.59
N ALA B 2026 -24.19 33.35 24.32
CA ALA B 2026 -24.84 34.27 23.39
C ALA B 2026 -26.31 34.46 23.74
N GLU B 2027 -26.87 33.49 24.45
CA GLU B 2027 -28.27 33.57 24.88
C GLU B 2027 -28.41 34.54 26.04
N LEU B 2028 -27.44 34.50 26.96
CA LEU B 2028 -27.46 35.37 28.13
C LEU B 2028 -27.25 36.82 27.75
N ILE B 2029 -26.33 37.08 26.83
CA ILE B 2029 -26.04 38.44 26.39
C ILE B 2029 -27.22 39.04 25.63
N ASP B 2030 -28.02 38.18 25.01
CA ASP B 2030 -29.23 38.63 24.31
C ASP B 2030 -30.31 39.02 25.31
N LEU B 2031 -30.40 38.25 26.40
CA LEU B 2031 -31.39 38.51 27.44
C LEU B 2031 -31.06 39.79 28.19
N VAL B 2032 -29.77 39.99 28.48
CA VAL B 2032 -29.30 41.17 29.17
C VAL B 2032 -29.57 42.42 28.33
N THR B 2033 -29.36 42.30 27.02
CA THR B 2033 -29.62 43.38 26.09
C THR B 2033 -31.12 43.67 26.00
N ALA B 2034 -31.92 42.62 26.03
CA ALA B 2034 -33.37 42.74 25.95
C ALA B 2034 -33.94 43.59 27.08
N GLU B 2035 -33.39 43.42 28.27
CA GLU B 2035 -33.83 44.17 29.44
C GLU B 2035 -33.39 45.63 29.41
N LEU B 2036 -32.09 45.83 29.21
CA LEU B 2036 -31.48 47.16 29.32
C LEU B 2036 -31.64 48.06 28.09
N GLY B 2037 -31.69 47.45 26.91
CA GLY B 2037 -31.80 48.21 25.68
C GLY B 2037 -30.51 48.28 24.88
N SER B 2038 -30.55 48.97 23.75
CA SER B 2038 -29.41 49.06 22.83
C SER B 2038 -28.35 50.10 23.23
N ASP B 2039 -28.81 51.26 23.68
CA ASP B 2039 -27.92 52.39 23.93
C ASP B 2039 -27.10 52.25 25.20
N TRP B 2040 -27.71 51.66 26.23
CA TRP B 2040 -27.06 51.50 27.53
C TRP B 2040 -25.72 50.74 27.51
N PRO B 2041 -25.66 49.58 26.82
CA PRO B 2041 -24.36 48.89 26.78
C PRO B 2041 -23.31 49.65 25.96
N ARG B 2042 -23.74 50.32 24.90
CA ARG B 2042 -22.79 51.01 24.01
C ARG B 2042 -22.23 52.28 24.63
N LEU B 2043 -23.05 52.99 25.40
CA LEU B 2043 -22.62 54.23 26.03
C LEU B 2043 -21.82 54.00 27.31
N VAL B 2044 -21.93 52.79 27.87
CA VAL B 2044 -21.27 52.47 29.13
C VAL B 2044 -19.84 52.00 28.91
N ALA B 2045 -19.44 51.94 27.64
CA ALA B 2045 -18.08 51.53 27.27
C ALA B 2045 -17.03 52.45 27.92
N PRO B 2046 -15.89 51.88 28.33
CA PRO B 2046 -14.85 52.64 29.02
C PRO B 2046 -14.22 53.71 28.12
N THR B 2047 -13.77 54.80 28.74
CA THR B 2047 -13.17 55.91 28.02
C THR B 2047 -11.82 56.28 28.62
N PHE B 2048 -11.85 56.68 29.89
CA PHE B 2048 -10.65 57.14 30.60
C PHE B 2048 -9.49 56.14 30.60
N ASP B 2049 -8.30 56.64 30.34
CA ASP B 2049 -7.06 55.91 30.53
C ASP B 2049 -6.01 56.85 31.09
N ALA B 2050 -5.11 56.33 31.92
CA ALA B 2050 -4.19 57.17 32.69
C ALA B 2050 -3.11 57.88 31.86
N ARG B 2051 -2.97 57.47 30.58
CA ARG B 2051 -1.89 57.96 29.72
C ARG B 2051 -2.24 59.16 28.82
N LYS B 2052 -3.52 59.53 28.77
CA LYS B 2052 -3.95 60.63 27.90
C LYS B 2052 -4.02 61.98 28.60
N ALA B 2053 -3.66 62.03 29.88
CA ALA B 2053 -3.76 63.27 30.66
C ALA B 2053 -2.81 64.38 30.19
N VAL B 2054 -3.26 65.62 30.30
CA VAL B 2054 -2.44 66.79 29.96
C VAL B 2054 -2.45 67.87 31.03
N VAL B 2055 -1.26 68.27 31.44
CA VAL B 2055 -1.06 69.19 32.55
C VAL B 2055 -0.47 70.49 32.04
N PHE B 2056 -1.12 71.60 32.37
CA PHE B 2056 -0.54 72.90 32.11
C PHE B 2056 -0.29 73.59 33.45
N ASP B 2057 0.99 73.55 33.87
CA ASP B 2057 1.45 74.33 35.02
C ASP B 2057 2.22 75.57 34.62
N ASP B 2058 2.39 75.85 33.34
CA ASP B 2058 3.17 77.03 33.01
C ASP B 2058 2.31 78.28 32.80
N ARG B 2059 2.42 79.20 33.75
CA ARG B 2059 2.09 80.61 33.58
C ARG B 2059 3.26 81.41 32.99
N TRP B 2060 4.47 81.11 33.46
CA TRP B 2060 5.67 81.87 33.13
C TRP B 2060 5.88 82.00 31.62
N ALA B 2061 5.56 80.92 30.90
CA ALA B 2061 5.70 80.91 29.46
C ALA B 2061 4.55 81.64 28.79
N SER B 2062 3.34 81.42 29.28
CA SER B 2062 2.14 82.00 28.66
C SER B 2062 1.95 83.48 28.96
N ALA B 2063 2.52 83.93 30.08
CA ALA B 2063 2.41 85.33 30.47
C ALA B 2063 3.32 86.22 29.61
N ARG B 2064 4.48 85.68 29.23
CA ARG B 2064 5.43 86.43 28.41
C ARG B 2064 4.88 86.67 27.00
N GLU B 2065 4.31 85.63 26.41
CA GLU B 2065 3.72 85.74 25.08
C GLU B 2065 2.48 86.62 25.11
N ASP B 2066 1.83 86.65 26.27
CA ASP B 2066 0.61 87.42 26.45
C ASP B 2066 0.89 88.93 26.47
N LEU B 2067 2.01 89.30 27.08
CA LEU B 2067 2.38 90.71 27.21
C LEU B 2067 2.83 91.31 25.87
N VAL B 2068 3.70 90.60 25.17
CA VAL B 2068 4.25 91.08 23.90
C VAL B 2068 3.15 91.26 22.85
N LYS B 2069 2.09 90.46 22.98
CA LYS B 2069 0.94 90.55 22.08
C LYS B 2069 0.14 91.81 22.37
N LEU B 2070 0.10 92.19 23.64
CA LEU B 2070 -0.56 93.43 24.05
C LEU B 2070 0.27 94.61 23.57
N TRP B 2071 1.57 94.57 23.88
CA TRP B 2071 2.49 95.66 23.57
C TRP B 2071 2.51 96.03 22.09
N LEU B 2072 2.48 95.03 21.23
CA LEU B 2072 2.52 95.26 19.78
C LEU B 2072 1.17 95.74 19.25
N ALA B 2073 0.09 95.18 19.77
CA ALA B 2073 -1.25 95.44 19.25
C ALA B 2073 -1.96 96.61 19.94
N GLU B 2074 -1.27 97.30 20.83
CA GLU B 2074 -1.87 98.40 21.58
C GLU B 2074 -2.48 99.47 20.68
N GLU B 2075 -3.76 99.75 20.90
CA GLU B 2075 -4.49 100.76 20.15
C GLU B 2075 -5.24 101.69 21.10
N GLY B 2076 -6.18 101.12 21.84
CA GLY B 2076 -6.98 101.86 22.82
C GLY B 2076 -6.11 102.56 23.85
N ASP B 2077 -6.56 103.72 24.30
CA ASP B 2077 -5.79 104.56 25.20
C ASP B 2077 -5.88 104.10 26.65
N ILE B 2078 -5.36 104.92 27.56
CA ILE B 2078 -5.28 104.59 28.97
C ILE B 2078 -6.63 104.50 29.66
N ASP B 2079 -7.66 105.01 29.01
CA ASP B 2079 -9.00 105.03 29.60
C ASP B 2079 -9.65 103.64 29.61
N ALA B 2080 -9.01 102.70 28.93
CA ALA B 2080 -9.54 101.33 28.83
C ALA B 2080 -9.53 100.61 30.17
N GLN B 2081 -10.62 99.90 30.45
CA GLN B 2081 -10.69 99.08 31.65
C GLN B 2081 -10.03 97.73 31.39
N TRP B 2082 -9.80 97.44 30.12
CA TRP B 2082 -9.15 96.19 29.72
C TRP B 2082 -7.69 96.18 30.16
N GLU B 2083 -7.06 97.35 30.16
CA GLU B 2083 -5.68 97.48 30.60
C GLU B 2083 -5.55 97.16 32.07
N GLN B 2084 -6.59 97.51 32.85
CA GLN B 2084 -6.61 97.20 34.27
C GLN B 2084 -6.92 95.73 34.49
N LEU B 2085 -7.75 95.17 33.62
CA LEU B 2085 -8.12 93.76 33.70
C LEU B 2085 -6.94 92.88 33.30
N SER B 2086 -6.23 93.30 32.24
CA SER B 2086 -5.08 92.56 31.76
C SER B 2086 -3.91 92.67 32.73
N GLN B 2087 -3.83 93.78 33.45
CA GLN B 2087 -2.79 93.98 34.44
C GLN B 2087 -2.99 93.02 35.61
N ARG B 2088 -4.25 92.72 35.91
CA ARG B 2088 -4.57 91.78 36.96
C ARG B 2088 -4.31 90.35 36.49
N PHE B 2089 -4.38 90.14 35.18
CA PHE B 2089 -4.05 88.84 34.60
C PHE B 2089 -2.55 88.69 34.48
N GLU B 2090 -1.86 89.82 34.36
CA GLU B 2090 -0.41 89.84 34.29
C GLU B 2090 0.18 89.88 35.69
N GLY B 2091 -0.69 89.83 36.69
CA GLY B 2091 -0.28 89.83 38.09
C GLY B 2091 0.51 88.59 38.46
N THR B 2092 0.55 87.62 37.55
CA THR B 2092 1.40 86.46 37.75
C THR B 2092 2.82 86.97 37.63
N GLY B 2093 3.61 86.78 38.68
CA GLY B 2093 4.95 87.36 38.68
C GLY B 2093 5.97 86.58 39.50
N HIS B 2094 7.19 86.57 38.98
CA HIS B 2094 8.33 85.97 39.64
C HIS B 2094 9.57 86.53 38.97
N VAL B 2095 10.74 86.00 39.29
CA VAL B 2095 11.98 86.43 38.66
C VAL B 2095 11.93 86.23 37.15
N VAL B 2096 11.23 85.18 36.72
CA VAL B 2096 11.12 84.85 35.30
C VAL B 2096 10.30 85.88 34.51
N ALA B 2097 9.07 86.13 34.95
CA ALA B 2097 8.17 87.01 34.22
C ALA B 2097 8.58 88.48 34.34
N THR B 2098 9.27 88.82 35.43
CA THR B 2098 9.77 90.17 35.63
C THR B 2098 10.88 90.47 34.63
N GLN B 2099 11.74 89.49 34.39
CA GLN B 2099 12.84 89.63 33.44
C GLN B 2099 12.32 89.89 32.02
N ALA B 2100 11.10 89.45 31.75
CA ALA B 2100 10.44 89.72 30.48
C ALA B 2100 9.93 91.15 30.43
N ASN B 2101 9.01 91.47 31.34
CA ASN B 2101 8.38 92.79 31.39
C ASN B 2101 9.36 93.94 31.59
N TRP B 2102 10.28 93.80 32.54
CA TRP B 2102 11.23 94.86 32.86
C TRP B 2102 12.14 95.20 31.68
N TRP B 2103 12.17 94.28 30.72
CA TRP B 2103 13.06 94.40 29.56
C TRP B 2103 12.39 95.15 28.42
N GLN B 2104 11.31 94.58 27.91
CA GLN B 2104 10.55 95.20 26.83
C GLN B 2104 10.10 96.60 27.21
N GLY B 2105 10.00 96.86 28.51
CA GLY B 2105 9.68 98.18 29.02
C GLY B 2105 10.89 99.10 28.95
N LYS B 2106 12.05 98.59 29.37
CA LYS B 2106 13.27 99.39 29.37
C LYS B 2106 13.78 99.60 27.95
N ALA B 2107 13.40 98.71 27.05
CA ALA B 2107 13.80 98.81 25.65
C ALA B 2107 12.90 99.81 24.92
N LEU B 2108 11.74 100.09 25.51
CA LEU B 2108 10.81 101.04 24.92
C LEU B 2108 11.35 102.46 24.99
N ALA B 2109 11.12 103.23 23.91
CA ALA B 2109 11.66 104.59 23.80
C ALA B 2109 10.56 105.64 23.79
N ALA B 2110 10.95 106.88 23.57
CA ALA B 2110 10.05 108.03 23.58
C ALA B 2110 9.42 108.29 22.21
N GLY B 2111 9.63 107.37 21.28
CA GLY B 2111 9.27 107.53 19.87
C GLY B 2111 7.86 108.09 19.59
N ARG B 2112 6.86 107.63 20.35
CA ARG B 2112 5.49 108.09 20.12
C ARG B 2112 4.63 108.12 21.39
N ASN B 2113 3.37 108.50 21.22
CA ASN B 2113 2.43 108.59 22.34
C ASN B 2113 2.15 107.22 22.94
N VAL B 2114 2.01 106.22 22.07
CA VAL B 2114 1.78 104.84 22.52
C VAL B 2114 2.99 104.34 23.28
N HIS B 2115 4.17 104.74 22.83
CA HIS B 2115 5.41 104.35 23.48
C HIS B 2115 5.56 105.03 24.84
N ALA B 2116 4.95 106.19 24.98
CA ALA B 2116 4.98 106.93 26.24
C ALA B 2116 4.01 106.30 27.24
N SER B 2117 2.88 105.81 26.74
CA SER B 2117 1.87 105.18 27.59
C SER B 2117 2.29 103.76 27.95
N LEU B 2118 2.88 103.05 27.00
CA LEU B 2118 3.31 101.67 27.23
C LEU B 2118 4.44 101.60 28.24
N PHE B 2119 5.44 102.48 28.08
CA PHE B 2119 6.60 102.51 28.96
C PHE B 2119 6.23 102.80 30.40
N GLY B 2120 5.34 103.77 30.59
CA GLY B 2120 4.90 104.16 31.93
C GLY B 2120 4.06 103.07 32.59
N ARG B 2121 3.12 102.52 31.82
CA ARG B 2121 2.24 101.47 32.34
C ARG B 2121 3.00 100.18 32.63
N ILE B 2122 4.00 99.90 31.80
CA ILE B 2122 4.80 98.69 31.97
C ILE B 2122 5.71 98.79 33.19
N ALA B 2123 6.27 99.99 33.41
CA ALA B 2123 7.12 100.22 34.56
C ALA B 2123 6.32 100.10 35.85
N ALA B 2124 5.07 100.53 35.80
CA ALA B 2124 4.17 100.42 36.93
C ALA B 2124 3.77 98.96 37.14
N GLY B 2125 3.59 98.25 36.03
CA GLY B 2125 3.23 96.83 36.09
C GLY B 2125 4.43 96.00 36.55
N ALA B 2126 5.63 96.45 36.21
CA ALA B 2126 6.85 95.77 36.63
C ALA B 2126 7.06 95.96 38.13
N GLU B 2127 6.63 97.10 38.65
CA GLU B 2127 6.75 97.39 40.07
C GLU B 2127 5.69 96.62 40.86
N ASN B 2128 4.49 96.53 40.30
CA ASN B 2128 3.40 95.81 40.95
C ASN B 2128 3.64 94.30 40.89
N PRO B 2129 4.45 93.88 39.92
CA PRO B 2129 4.78 92.47 39.77
C PRO B 2129 5.74 92.00 40.87
N GLY B 2130 6.67 92.89 41.25
CA GLY B 2130 7.67 92.55 42.25
C GLY B 2130 7.06 92.21 43.61
N LYS B 2131 5.99 92.91 43.97
CA LYS B 2131 5.35 92.73 45.27
C LYS B 2131 4.15 91.78 45.22
N GLY B 2132 3.89 91.22 44.05
CA GLY B 2132 2.71 90.37 43.84
C GLY B 2132 2.65 89.18 44.79
N ARG B 2133 1.45 88.89 45.27
CA ARG B 2133 1.22 87.76 46.17
C ARG B 2133 0.36 86.73 45.46
N TYR B 2134 0.01 85.66 46.18
CA TYR B 2134 -0.83 84.61 45.62
C TYR B 2134 -1.71 83.95 46.68
N SER B 2135 -2.75 83.28 46.22
CA SER B 2135 -3.57 82.42 47.06
C SER B 2135 -3.46 81.00 46.53
N ASP B 2136 -4.13 80.06 47.18
CA ASP B 2136 -4.17 78.69 46.70
C ASP B 2136 -5.53 78.01 46.94
N GLU B 2137 -6.07 77.40 45.88
CA GLU B 2137 -7.30 76.61 45.96
C GLU B 2137 -7.18 75.37 45.07
N VAL B 2138 -7.56 74.21 45.60
CA VAL B 2138 -7.53 72.99 44.81
C VAL B 2138 -8.95 72.53 44.47
N ALA B 2139 -9.32 72.62 43.19
CA ALA B 2139 -10.69 72.30 42.80
C ALA B 2139 -10.80 71.28 41.65
N VAL B 2140 -11.89 70.53 41.67
CA VAL B 2140 -12.21 69.61 40.58
C VAL B 2140 -13.55 69.99 39.96
N VAL B 2141 -13.54 70.40 38.70
CA VAL B 2141 -14.76 70.88 38.04
C VAL B 2141 -15.13 70.04 36.82
N THR B 2142 -16.35 69.54 36.80
CA THR B 2142 -16.87 68.80 35.65
C THR B 2142 -17.96 69.62 34.97
N GLY B 2143 -18.12 69.43 33.67
CA GLY B 2143 -19.09 70.20 32.90
C GLY B 2143 -18.58 71.61 32.68
N ALA B 2144 -17.28 71.72 32.40
CA ALA B 2144 -16.58 72.99 32.31
C ALA B 2144 -16.56 73.58 30.90
N SER B 2145 -17.32 72.98 29.98
CA SER B 2145 -17.14 73.23 28.55
C SER B 2145 -17.52 74.64 28.12
N LYS B 2146 -17.35 74.91 26.82
CA LYS B 2146 -17.44 76.27 26.28
C LYS B 2146 -18.86 76.82 26.28
N GLY B 2147 -18.98 78.11 26.60
CA GLY B 2147 -20.26 78.78 26.61
C GLY B 2147 -21.17 78.27 27.70
N SER B 2148 -20.60 78.08 28.89
CA SER B 2148 -21.34 77.53 30.02
C SER B 2148 -21.05 78.30 31.30
N ILE B 2149 -21.86 78.05 32.33
CA ILE B 2149 -21.68 78.69 33.63
C ILE B 2149 -20.34 78.30 34.26
N ALA B 2150 -20.00 77.02 34.18
CA ALA B 2150 -18.80 76.51 34.81
C ALA B 2150 -17.52 77.04 34.15
N ALA B 2151 -17.58 77.27 32.84
CA ALA B 2151 -16.44 77.84 32.12
C ALA B 2151 -16.12 79.23 32.63
N SER B 2152 -17.17 79.96 33.00
CA SER B 2152 -17.01 81.28 33.59
C SER B 2152 -16.51 81.14 35.02
N VAL B 2153 -16.84 80.02 35.66
CA VAL B 2153 -16.37 79.72 37.01
C VAL B 2153 -14.89 79.31 36.97
N VAL B 2154 -14.53 78.50 35.97
CA VAL B 2154 -13.17 78.00 35.83
C VAL B 2154 -12.15 79.13 35.66
N GLY B 2155 -12.38 80.00 34.68
CA GLY B 2155 -11.50 81.13 34.44
C GLY B 2155 -11.42 82.04 35.64
N GLN B 2156 -12.51 82.12 36.40
CA GLN B 2156 -12.55 82.95 37.60
C GLN B 2156 -11.79 82.30 38.75
N LEU B 2157 -11.86 80.97 38.83
CA LEU B 2157 -11.06 80.23 39.80
C LEU B 2157 -9.58 80.43 39.50
N LEU B 2158 -9.24 80.34 38.22
CA LEU B 2158 -7.89 80.60 37.76
C LEU B 2158 -7.51 82.05 38.05
N ASP B 2159 -8.50 82.94 38.01
CA ASP B 2159 -8.26 84.34 38.35
C ASP B 2159 -8.00 84.53 39.84
N GLY B 2160 -8.39 83.54 40.64
CA GLY B 2160 -8.24 83.60 42.09
C GLY B 2160 -7.03 82.85 42.60
N GLY B 2161 -6.11 82.52 41.70
CA GLY B 2161 -4.89 81.84 42.07
C GLY B 2161 -5.12 80.44 42.60
N ALA B 2162 -5.88 79.65 41.86
CA ALA B 2162 -6.29 78.32 42.32
C ALA B 2162 -5.57 77.24 41.54
N THR B 2163 -5.84 75.99 41.88
CA THR B 2163 -5.39 74.84 41.11
C THR B 2163 -6.64 74.08 40.70
N VAL B 2164 -6.85 73.94 39.40
CA VAL B 2164 -8.14 73.44 38.90
C VAL B 2164 -8.04 72.21 38.02
N ILE B 2165 -8.81 71.18 38.38
CA ILE B 2165 -8.96 70.00 37.55
C ILE B 2165 -10.18 70.16 36.66
N ALA B 2166 -9.95 70.27 35.35
CA ALA B 2166 -11.02 70.49 34.39
C ALA B 2166 -11.23 69.26 33.52
N THR B 2167 -12.46 68.76 33.49
CA THR B 2167 -12.80 67.59 32.70
C THR B 2167 -13.55 67.99 31.43
N THR B 2168 -13.25 67.29 30.33
CA THR B 2168 -13.97 67.52 29.08
C THR B 2168 -14.45 66.20 28.48
N SER B 2169 -15.71 66.16 28.08
CA SER B 2169 -16.28 64.96 27.47
C SER B 2169 -15.68 64.71 26.09
N ARG B 2170 -15.60 65.77 25.29
CA ARG B 2170 -14.99 65.69 23.97
C ARG B 2170 -13.49 65.99 24.07
N LEU B 2171 -12.67 65.02 23.68
CA LEU B 2171 -11.22 65.13 23.82
C LEU B 2171 -10.57 65.76 22.58
N ASP B 2172 -11.40 66.07 21.58
CA ASP B 2172 -10.90 66.62 20.33
C ASP B 2172 -10.13 67.92 20.53
N ASP B 2173 -9.15 68.17 19.67
CA ASP B 2173 -8.25 69.31 19.81
C ASP B 2173 -8.96 70.66 19.79
N ASP B 2174 -10.19 70.70 19.27
CA ASP B 2174 -10.96 71.93 19.26
C ASP B 2174 -11.42 72.29 20.66
N ARG B 2175 -11.66 71.27 21.48
CA ARG B 2175 -11.99 71.46 22.88
C ARG B 2175 -10.71 71.70 23.67
N LEU B 2176 -9.64 71.04 23.25
CA LEU B 2176 -8.34 71.15 23.91
C LEU B 2176 -7.75 72.54 23.71
N ALA B 2177 -7.93 73.10 22.52
CA ALA B 2177 -7.42 74.43 22.21
C ALA B 2177 -8.15 75.52 22.98
N PHE B 2178 -9.42 75.26 23.29
CA PHE B 2178 -10.25 76.23 24.00
C PHE B 2178 -9.77 76.47 25.42
N TYR B 2179 -9.46 75.39 26.14
CA TYR B 2179 -8.99 75.51 27.52
C TYR B 2179 -7.61 76.15 27.58
N LYS B 2180 -6.82 75.98 26.53
CA LYS B 2180 -5.53 76.64 26.43
C LYS B 2180 -5.73 78.13 26.26
N GLN B 2181 -6.73 78.50 25.46
CA GLN B 2181 -7.10 79.90 25.26
C GLN B 2181 -7.63 80.49 26.56
N LEU B 2182 -8.46 79.71 27.26
CA LEU B 2182 -9.06 80.16 28.50
C LEU B 2182 -8.02 80.33 29.61
N TYR B 2183 -7.03 79.43 29.61
CA TYR B 2183 -5.99 79.47 30.65
C TYR B 2183 -5.02 80.63 30.42
N ARG B 2184 -4.53 80.77 29.20
CA ARG B 2184 -3.54 81.81 28.88
C ARG B 2184 -4.09 83.23 29.06
N ASP B 2185 -5.39 83.34 29.26
CA ASP B 2185 -6.03 84.62 29.55
C ASP B 2185 -6.15 84.86 31.05
N HIS B 2186 -6.89 83.97 31.72
CA HIS B 2186 -7.29 84.17 33.11
C HIS B 2186 -6.34 83.61 34.18
N ALA B 2187 -5.17 83.11 33.78
CA ALA B 2187 -4.25 82.51 34.75
C ALA B 2187 -3.41 83.54 35.52
N ARG B 2188 -3.38 83.37 36.85
CA ARG B 2188 -2.54 84.18 37.72
C ARG B 2188 -1.31 83.40 38.16
N PHE B 2189 -0.56 84.00 39.08
CA PHE B 2189 0.54 83.32 39.74
C PHE B 2189 -0.01 82.16 40.57
N ASP B 2190 0.83 81.15 40.81
CA ASP B 2190 0.44 79.96 41.58
C ASP B 2190 -0.63 79.12 40.91
N ALA B 2191 -1.11 79.55 39.75
CA ALA B 2191 -2.20 78.87 39.05
C ALA B 2191 -1.72 77.73 38.14
N THR B 2192 -2.32 76.56 38.36
CA THR B 2192 -2.04 75.37 37.57
C THR B 2192 -3.37 74.76 37.11
N LEU B 2193 -3.53 74.56 35.80
CA LEU B 2193 -4.75 73.97 35.27
C LEU B 2193 -4.52 72.56 34.72
N TRP B 2194 -5.52 71.70 34.88
CA TRP B 2194 -5.43 70.32 34.39
C TRP B 2194 -6.67 69.93 33.56
N VAL B 2195 -6.43 69.53 32.32
CA VAL B 2195 -7.49 69.13 31.40
C VAL B 2195 -7.40 67.64 31.14
N VAL B 2196 -8.53 66.94 31.20
CA VAL B 2196 -8.55 65.50 30.96
C VAL B 2196 -9.79 65.02 30.21
N PRO B 2197 -9.64 63.95 29.42
CA PRO B 2197 -10.83 63.26 28.91
C PRO B 2197 -11.56 62.58 30.06
N ALA B 2198 -12.86 62.77 30.17
CA ALA B 2198 -13.61 62.18 31.27
C ALA B 2198 -15.05 61.89 30.90
N ASN B 2199 -15.58 60.80 31.43
CA ASN B 2199 -17.00 60.46 31.25
C ASN B 2199 -17.65 60.17 32.60
N MET B 2200 -18.58 61.02 33.00
CA MET B 2200 -19.22 60.89 34.32
C MET B 2200 -20.24 59.76 34.33
N ALA B 2201 -20.57 59.25 33.14
CA ALA B 2201 -21.53 58.16 33.01
C ALA B 2201 -20.87 56.82 33.35
N SER B 2202 -19.54 56.79 33.29
CA SER B 2202 -18.80 55.56 33.55
C SER B 2202 -18.30 55.51 35.00
N TYR B 2203 -18.68 54.46 35.71
CA TYR B 2203 -18.18 54.25 37.07
C TYR B 2203 -16.70 53.96 37.06
N SER B 2204 -16.25 53.26 36.02
CA SER B 2204 -14.83 52.96 35.85
C SER B 2204 -14.03 54.25 35.76
N ASP B 2205 -14.52 55.20 34.96
CA ASP B 2205 -13.88 56.50 34.82
C ASP B 2205 -13.75 57.20 36.15
N ILE B 2206 -14.85 57.28 36.89
CA ILE B 2206 -14.87 57.92 38.20
C ILE B 2206 -13.83 57.32 39.14
N ASP B 2207 -13.81 55.99 39.23
CA ASP B 2207 -12.84 55.30 40.07
C ASP B 2207 -11.41 55.51 39.57
N LYS B 2208 -11.23 55.38 38.26
CA LYS B 2208 -9.90 55.55 37.66
C LYS B 2208 -9.41 56.99 37.74
N LEU B 2209 -10.33 57.94 37.61
CA LEU B 2209 -9.97 59.36 37.62
C LEU B 2209 -9.45 59.78 38.99
N VAL B 2210 -10.23 59.48 40.03
CA VAL B 2210 -9.86 59.89 41.38
C VAL B 2210 -8.68 59.07 41.91
N GLU B 2211 -8.50 57.88 41.36
CA GLU B 2211 -7.33 57.06 41.68
C GLU B 2211 -6.10 57.75 41.09
N TRP B 2212 -6.33 58.50 40.02
CA TRP B 2212 -5.29 59.31 39.41
C TRP B 2212 -5.13 60.62 40.19
N VAL B 2213 -6.25 61.19 40.62
CA VAL B 2213 -6.24 62.46 41.36
C VAL B 2213 -5.63 62.33 42.76
N GLY B 2214 -5.64 61.12 43.31
CA GLY B 2214 -5.25 60.95 44.70
C GLY B 2214 -3.95 60.24 45.07
N THR B 2215 -3.12 59.92 44.09
CA THR B 2215 -2.01 59.00 44.37
C THR B 2215 -0.71 59.61 44.90
N GLU B 2216 0.05 60.27 44.03
CA GLU B 2216 1.44 60.62 44.38
C GLU B 2216 1.85 62.09 44.20
N GLN B 2217 1.71 62.61 42.99
CA GLN B 2217 2.42 63.79 42.51
C GLN B 2217 3.92 63.52 42.49
N THR B 2218 4.30 62.63 41.58
CA THR B 2218 5.69 62.23 41.44
C THR B 2218 5.93 61.86 39.99
N GLU B 2219 7.14 62.12 39.48
CA GLU B 2219 7.46 61.73 38.12
C GLU B 2219 8.77 60.95 38.11
N SER B 2220 8.69 59.66 37.79
CA SER B 2220 9.85 58.80 37.82
C SER B 2220 10.54 58.73 36.47
N LEU B 2221 11.80 59.15 36.40
CA LEU B 2221 12.56 58.92 35.17
C LEU B 2221 13.51 57.75 35.34
N GLY B 2222 13.14 56.64 34.73
CA GLY B 2222 13.99 55.47 34.61
C GLY B 2222 14.51 55.42 33.18
N PRO B 2223 14.71 54.19 32.66
CA PRO B 2223 14.97 54.04 31.22
C PRO B 2223 13.83 54.66 30.41
N GLN B 2224 12.63 54.67 30.99
CA GLN B 2224 11.45 55.24 30.34
C GLN B 2224 10.78 56.33 31.18
N SER B 2225 9.68 56.88 30.65
CA SER B 2225 8.94 57.97 31.29
C SER B 2225 7.65 57.49 31.95
N ILE B 2226 7.63 57.53 33.29
CA ILE B 2226 6.46 57.14 34.06
C ILE B 2226 6.01 58.30 34.93
N HIS B 2227 4.80 58.80 34.72
CA HIS B 2227 4.27 59.85 35.58
C HIS B 2227 3.33 59.25 36.62
N LEU B 2228 3.78 59.25 37.87
CA LEU B 2228 2.95 58.75 38.95
C LEU B 2228 1.82 59.73 39.23
N LYS B 2229 0.64 59.18 39.50
CA LYS B 2229 -0.61 59.95 39.55
C LYS B 2229 -0.57 61.11 40.53
N ASP B 2230 -0.95 62.29 40.05
CA ASP B 2230 -0.79 63.52 40.81
C ASP B 2230 -1.79 63.63 41.95
N ALA B 2231 -1.29 63.82 43.17
CA ALA B 2231 -2.17 63.84 44.35
C ALA B 2231 -2.42 65.26 44.86
N GLN B 2232 -3.64 65.73 44.66
CA GLN B 2232 -4.08 67.02 45.19
C GLN B 2232 -5.45 66.87 45.88
N THR B 2233 -5.48 67.13 47.19
CA THR B 2233 -6.71 66.95 47.94
C THR B 2233 -7.70 68.06 47.61
N PRO B 2234 -8.84 67.70 46.99
CA PRO B 2234 -9.79 68.69 46.46
C PRO B 2234 -10.42 69.56 47.54
N THR B 2235 -10.37 70.87 47.35
CA THR B 2235 -11.06 71.80 48.24
C THR B 2235 -12.51 71.89 47.78
N LEU B 2236 -12.70 72.37 46.55
CA LEU B 2236 -14.02 72.52 45.96
C LEU B 2236 -14.29 71.47 44.90
N LEU B 2237 -15.51 70.96 44.88
CA LEU B 2237 -15.94 70.01 43.84
C LEU B 2237 -17.17 70.56 43.14
N PHE B 2238 -17.13 70.60 41.81
CA PHE B 2238 -18.21 71.20 41.04
C PHE B 2238 -18.81 70.25 40.01
N PRO B 2239 -19.80 69.45 40.41
CA PRO B 2239 -20.42 68.51 39.47
C PRO B 2239 -21.40 69.19 38.53
N PHE B 2240 -20.88 70.03 37.63
CA PHE B 2240 -21.70 70.74 36.66
C PHE B 2240 -21.90 69.95 35.36
N ALA B 2241 -21.42 68.71 35.33
CA ALA B 2241 -21.58 67.85 34.16
C ALA B 2241 -23.06 67.76 33.80
N ALA B 2242 -23.37 68.13 32.56
CA ALA B 2242 -24.76 68.28 32.14
C ALA B 2242 -25.03 67.59 30.81
N PRO B 2243 -25.43 66.32 30.86
CA PRO B 2243 -25.84 65.62 29.64
C PRO B 2243 -26.99 66.36 28.96
N ARG B 2244 -26.97 66.38 27.64
CA ARG B 2244 -27.95 67.11 26.85
C ARG B 2244 -28.74 66.08 26.07
N VAL B 2245 -29.92 66.45 25.60
CA VAL B 2245 -30.76 65.49 24.93
C VAL B 2245 -30.38 65.51 23.45
N ALA B 2246 -29.67 64.47 23.03
CA ALA B 2246 -29.36 64.22 21.63
C ALA B 2246 -29.53 62.73 21.38
N GLY B 2247 -30.50 62.38 20.55
CA GLY B 2247 -31.00 61.02 20.46
C GLY B 2247 -30.67 60.17 19.25
N ASP B 2248 -29.59 60.49 18.54
CA ASP B 2248 -29.29 59.87 17.25
C ASP B 2248 -29.41 58.34 17.20
N MET B 2249 -29.00 57.68 18.28
CA MET B 2249 -29.10 56.22 18.38
C MET B 2249 -30.53 55.73 18.70
N SER B 2250 -31.47 56.68 18.84
CA SER B 2250 -32.87 56.42 19.23
C SER B 2250 -33.11 56.36 20.75
N GLU B 2251 -32.07 56.68 21.51
CA GLU B 2251 -32.07 56.58 22.97
C GLU B 2251 -33.21 57.33 23.67
N VAL B 2252 -33.97 58.11 22.91
CA VAL B 2252 -35.03 58.98 23.43
C VAL B 2252 -35.98 58.30 24.42
N GLY B 2253 -36.26 58.99 25.52
CA GLY B 2253 -37.23 58.52 26.49
C GLY B 2253 -36.63 57.74 27.65
N SER B 2254 -35.47 57.14 27.43
CA SER B 2254 -34.79 56.39 28.48
C SER B 2254 -33.71 57.22 29.17
N ARG B 2255 -33.52 58.45 28.71
CA ARG B 2255 -32.41 59.28 29.16
C ARG B 2255 -32.60 59.79 30.58
N ALA B 2256 -33.80 60.21 30.91
CA ALA B 2256 -34.12 60.69 32.25
C ALA B 2256 -33.88 59.60 33.30
N GLU B 2257 -33.96 58.34 32.86
CA GLU B 2257 -33.69 57.21 33.72
C GLU B 2257 -32.19 57.04 33.93
N MET B 2258 -31.43 57.18 32.86
CA MET B 2258 -29.98 56.99 32.90
C MET B 2258 -29.28 58.16 33.59
N GLU B 2259 -29.76 59.38 33.35
CA GLU B 2259 -29.16 60.57 33.93
C GLU B 2259 -29.29 60.61 35.45
N MET B 2260 -30.28 59.88 35.97
CA MET B 2260 -30.45 59.77 37.42
C MET B 2260 -29.26 59.06 38.05
N LYS B 2261 -28.60 58.22 37.27
CA LYS B 2261 -27.34 57.62 37.70
C LYS B 2261 -26.27 58.71 37.70
N VAL B 2262 -26.17 59.42 36.59
CA VAL B 2262 -25.16 60.46 36.40
C VAL B 2262 -25.31 61.64 37.35
N LEU B 2263 -26.52 62.21 37.40
CA LEU B 2263 -26.74 63.43 38.15
C LEU B 2263 -26.70 63.22 39.67
N LEU B 2264 -26.98 62.00 40.12
CA LEU B 2264 -27.05 61.72 41.54
C LEU B 2264 -26.22 60.53 41.99
N TRP B 2265 -26.59 59.34 41.50
CA TRP B 2265 -25.95 58.09 41.92
C TRP B 2265 -24.45 58.09 41.65
N ALA B 2266 -24.05 58.48 40.45
CA ALA B 2266 -22.63 58.55 40.08
C ALA B 2266 -21.92 59.70 40.79
N VAL B 2267 -22.67 60.75 41.10
CA VAL B 2267 -22.15 61.84 41.92
C VAL B 2267 -21.91 61.30 43.32
N GLN B 2268 -22.89 60.55 43.82
CA GLN B 2268 -22.76 59.89 45.12
C GLN B 2268 -21.51 59.04 45.19
N ARG B 2269 -21.25 58.26 44.14
CA ARG B 2269 -20.03 57.48 44.07
C ARG B 2269 -18.81 58.37 43.88
N LEU B 2270 -19.01 59.53 43.28
CA LEU B 2270 -17.93 60.50 43.11
C LEU B 2270 -17.59 61.14 44.45
N ILE B 2271 -18.62 61.45 45.22
CA ILE B 2271 -18.45 61.99 46.56
C ILE B 2271 -17.85 60.94 47.48
N SER B 2272 -18.34 59.71 47.33
CA SER B 2272 -17.81 58.58 48.10
C SER B 2272 -16.36 58.29 47.73
N GLY B 2273 -16.05 58.41 46.44
CA GLY B 2273 -14.70 58.17 45.95
C GLY B 2273 -13.67 59.09 46.55
N LEU B 2274 -13.96 60.39 46.53
CA LEU B 2274 -13.06 61.39 47.09
C LEU B 2274 -13.07 61.35 48.61
N SER B 2275 -14.10 60.72 49.18
CA SER B 2275 -14.17 60.54 50.62
C SER B 2275 -13.21 59.44 51.07
N LYS B 2276 -13.09 58.40 50.23
CA LYS B 2276 -12.16 57.31 50.51
C LYS B 2276 -10.72 57.80 50.47
N ILE B 2277 -10.37 58.49 49.39
CA ILE B 2277 -9.04 59.06 49.24
C ILE B 2277 -8.67 59.94 50.42
N GLY B 2278 -9.60 60.79 50.82
CA GLY B 2278 -9.40 61.68 51.94
C GLY B 2278 -9.23 60.94 53.25
N ALA B 2279 -9.95 59.84 53.41
CA ALA B 2279 -9.88 59.04 54.62
C ALA B 2279 -8.65 58.12 54.63
N GLU B 2280 -8.37 57.50 53.49
CA GLU B 2280 -7.22 56.60 53.37
C GLU B 2280 -5.91 57.35 53.52
N ARG B 2281 -5.79 58.46 52.81
CA ARG B 2281 -4.58 59.28 52.88
C ARG B 2281 -4.68 60.22 54.07
N ASP B 2282 -5.80 60.11 54.79
CA ASP B 2282 -5.96 60.74 56.09
C ASP B 2282 -5.82 62.26 56.08
N ILE B 2283 -6.82 62.93 55.52
CA ILE B 2283 -6.92 64.38 55.63
C ILE B 2283 -8.19 64.76 56.37
N ALA B 2284 -8.11 65.78 57.22
CA ALA B 2284 -9.28 66.30 57.92
C ALA B 2284 -9.92 67.42 57.09
N SER B 2285 -9.25 67.76 55.98
CA SER B 2285 -9.72 68.80 55.10
C SER B 2285 -11.10 68.49 54.54
N ARG B 2286 -12.01 69.46 54.64
CA ARG B 2286 -13.36 69.26 54.13
C ARG B 2286 -13.48 69.64 52.66
N LEU B 2287 -13.82 68.67 51.83
CA LEU B 2287 -14.10 68.95 50.43
C LEU B 2287 -15.45 69.62 50.33
N HIS B 2288 -15.49 70.81 49.75
CA HIS B 2288 -16.74 71.53 49.62
C HIS B 2288 -17.35 71.21 48.28
N VAL B 2289 -18.45 70.46 48.31
CA VAL B 2289 -19.14 70.09 47.10
C VAL B 2289 -20.33 71.01 46.88
N VAL B 2290 -20.27 71.83 45.84
CA VAL B 2290 -21.38 72.71 45.54
C VAL B 2290 -22.37 71.91 44.71
N LEU B 2291 -23.57 71.72 45.27
CA LEU B 2291 -24.60 70.93 44.60
C LEU B 2291 -25.44 71.81 43.70
N PRO B 2292 -25.31 71.61 42.38
CA PRO B 2292 -25.99 72.44 41.38
C PRO B 2292 -27.49 72.25 41.38
N GLY B 2293 -28.16 72.66 42.46
CA GLY B 2293 -29.60 72.54 42.55
C GLY B 2293 -30.33 73.37 41.53
N SER B 2294 -31.46 72.86 41.06
CA SER B 2294 -32.35 73.59 40.15
C SER B 2294 -33.20 74.58 40.94
N PRO B 2295 -33.47 75.76 40.35
CA PRO B 2295 -34.14 76.80 41.13
C PRO B 2295 -35.60 76.46 41.41
N ASN B 2296 -36.00 76.59 42.68
CA ASN B 2296 -37.41 76.60 43.07
C ASN B 2296 -38.32 75.55 42.42
N ARG B 2297 -38.16 74.29 42.83
CA ARG B 2297 -38.99 73.20 42.33
C ARG B 2297 -40.47 73.42 42.61
N GLY B 2298 -41.32 73.02 41.65
CA GLY B 2298 -42.76 73.03 41.84
C GLY B 2298 -43.50 74.27 41.37
N MET B 2299 -42.79 75.39 41.27
CA MET B 2299 -43.41 76.63 40.79
C MET B 2299 -43.16 76.89 39.30
N PHE B 2300 -42.52 75.94 38.63
CA PHE B 2300 -42.37 75.96 37.18
C PHE B 2300 -42.79 74.61 36.61
N GLY B 2301 -43.60 74.63 35.56
CA GLY B 2301 -43.98 73.40 34.88
C GLY B 2301 -43.33 73.26 33.51
N GLY B 2302 -42.60 74.29 33.09
CA GLY B 2302 -42.10 74.37 31.74
C GLY B 2302 -40.67 73.89 31.50
N ASP B 2303 -39.89 73.79 32.56
CA ASP B 2303 -38.51 73.34 32.43
C ASP B 2303 -38.48 71.89 31.96
N GLY B 2304 -39.22 71.04 32.67
CA GLY B 2304 -39.38 69.65 32.30
C GLY B 2304 -38.25 68.72 32.73
N ALA B 2305 -37.11 69.28 33.08
CA ALA B 2305 -35.96 68.48 33.47
C ALA B 2305 -35.41 68.91 34.83
N TYR B 2306 -34.89 70.13 34.90
CA TYR B 2306 -34.28 70.68 36.11
C TYR B 2306 -35.14 70.55 37.37
N GLY B 2307 -36.37 71.05 37.29
CA GLY B 2307 -37.24 71.17 38.45
C GLY B 2307 -37.46 69.91 39.27
N GLU B 2308 -37.67 68.80 38.60
CA GLU B 2308 -37.96 67.54 39.28
C GLU B 2308 -36.71 66.83 39.80
N ALA B 2309 -35.67 66.81 38.99
CA ALA B 2309 -34.48 65.99 39.27
C ALA B 2309 -33.72 66.44 40.51
N LYS B 2310 -33.68 67.75 40.74
CA LYS B 2310 -32.82 68.32 41.78
C LYS B 2310 -33.47 68.50 43.15
N SER B 2311 -34.72 68.03 43.27
CA SER B 2311 -35.45 68.16 44.54
C SER B 2311 -35.00 67.11 45.54
N ALA B 2312 -34.32 66.07 45.04
CA ALA B 2312 -33.81 65.00 45.90
C ALA B 2312 -32.46 65.37 46.51
N LEU B 2313 -31.95 66.55 46.14
CA LEU B 2313 -30.75 67.08 46.76
C LEU B 2313 -31.00 67.45 48.23
N ASP B 2314 -32.26 67.73 48.55
CA ASP B 2314 -32.68 67.93 49.93
C ASP B 2314 -32.60 66.61 50.68
N ALA B 2315 -32.85 65.52 49.95
CA ALA B 2315 -32.73 64.19 50.52
C ALA B 2315 -31.27 63.77 50.61
N LEU B 2316 -30.45 64.33 49.73
CA LEU B 2316 -29.01 64.04 49.72
C LEU B 2316 -28.33 64.76 50.88
N GLU B 2317 -28.85 65.93 51.23
CA GLU B 2317 -28.37 66.66 52.40
C GLU B 2317 -28.69 65.88 53.67
N ASN B 2318 -29.74 65.07 53.60
CA ASN B 2318 -30.12 64.21 54.71
C ASN B 2318 -29.15 63.06 54.90
N ARG B 2319 -28.60 62.56 53.79
CA ARG B 2319 -27.64 61.45 53.84
C ARG B 2319 -26.37 61.89 54.56
N TRP B 2320 -25.96 63.12 54.34
CA TRP B 2320 -24.79 63.67 55.02
C TRP B 2320 -25.13 63.97 56.48
N SER B 2321 -26.37 64.36 56.73
CA SER B 2321 -26.82 64.64 58.08
C SER B 2321 -27.07 63.34 58.84
N ALA B 2322 -27.15 62.24 58.09
CA ALA B 2322 -27.31 60.92 58.68
C ALA B 2322 -25.95 60.27 58.91
N GLU B 2323 -25.23 60.00 57.83
CA GLU B 2323 -23.90 59.41 57.90
C GLU B 2323 -22.95 60.30 58.69
N LYS B 2324 -22.33 59.73 59.71
CA LYS B 2324 -21.55 60.49 60.68
C LYS B 2324 -20.13 60.84 60.24
N SER B 2325 -19.46 59.89 59.60
CA SER B 2325 -18.03 60.04 59.29
C SER B 2325 -17.76 60.83 57.99
N TRP B 2326 -18.82 61.26 57.32
CA TRP B 2326 -18.68 61.99 56.07
C TRP B 2326 -18.34 63.46 56.27
N ALA B 2327 -18.57 63.96 57.49
CA ALA B 2327 -18.41 65.38 57.79
C ALA B 2327 -17.01 65.92 57.50
N GLU B 2328 -15.99 65.23 57.98
CA GLU B 2328 -14.62 65.68 57.83
C GLU B 2328 -14.14 65.64 56.37
N ARG B 2329 -14.63 64.66 55.62
CA ARG B 2329 -14.23 64.52 54.22
C ARG B 2329 -14.99 65.44 53.26
N VAL B 2330 -16.30 65.56 53.45
CA VAL B 2330 -17.14 66.28 52.50
C VAL B 2330 -18.16 67.22 53.17
N SER B 2331 -18.20 68.46 52.69
CA SER B 2331 -19.24 69.41 53.10
C SER B 2331 -20.17 69.71 51.93
N LEU B 2332 -21.46 69.71 52.18
CA LEU B 2332 -22.44 69.94 51.12
C LEU B 2332 -22.89 71.40 51.06
N ALA B 2333 -22.57 72.06 49.96
CA ALA B 2333 -23.02 73.43 49.72
C ALA B 2333 -24.09 73.41 48.63
N HIS B 2334 -25.33 73.69 48.98
CA HIS B 2334 -26.42 73.62 48.03
C HIS B 2334 -26.71 74.96 47.36
N ALA B 2335 -26.62 74.99 46.04
CA ALA B 2335 -26.87 76.21 45.28
C ALA B 2335 -27.99 76.00 44.27
N LEU B 2336 -29.00 76.86 44.34
CA LEU B 2336 -30.10 76.80 43.39
C LEU B 2336 -29.80 77.77 42.26
N ILE B 2337 -29.51 77.24 41.08
CA ILE B 2337 -29.06 78.07 39.96
C ILE B 2337 -30.28 78.57 39.20
N GLY B 2338 -30.48 79.88 39.23
CA GLY B 2338 -31.68 80.47 38.67
C GLY B 2338 -31.68 80.51 37.15
N TRP B 2339 -32.52 81.37 36.58
CA TRP B 2339 -32.60 81.48 35.15
C TRP B 2339 -31.27 82.05 34.68
N THR B 2340 -30.59 81.32 33.79
CA THR B 2340 -29.27 81.69 33.34
C THR B 2340 -29.17 81.48 31.85
N LYS B 2341 -28.80 82.52 31.11
CA LYS B 2341 -28.94 82.50 29.66
C LYS B 2341 -27.71 82.00 28.90
N GLY B 2342 -27.82 80.80 28.35
CA GLY B 2342 -26.84 80.29 27.40
C GLY B 2342 -27.38 80.44 25.98
N THR B 2343 -26.48 80.42 25.00
CA THR B 2343 -26.89 80.60 23.60
C THR B 2343 -27.46 79.32 22.96
N GLY B 2344 -26.76 78.20 23.15
CA GLY B 2344 -27.11 76.98 22.46
C GLY B 2344 -28.44 76.34 22.81
N LEU B 2345 -28.63 76.04 24.10
CA LEU B 2345 -29.84 75.36 24.55
C LEU B 2345 -31.01 76.33 24.60
N MET B 2346 -30.72 77.54 25.09
CA MET B 2346 -31.74 78.53 25.37
C MET B 2346 -31.99 79.53 24.24
N GLY B 2347 -31.40 79.28 23.07
CA GLY B 2347 -31.53 80.18 21.93
C GLY B 2347 -32.97 80.52 21.58
N GLN B 2348 -33.90 79.66 21.96
CA GLN B 2348 -35.32 79.98 21.87
C GLN B 2348 -35.75 80.85 23.05
N ASN B 2349 -35.23 80.54 24.23
CA ASN B 2349 -35.63 81.25 25.45
C ASN B 2349 -35.10 82.68 25.55
N ASP B 2350 -34.14 83.02 24.68
CA ASP B 2350 -33.46 84.31 24.76
C ASP B 2350 -34.37 85.52 24.53
N ALA B 2351 -35.36 85.37 23.65
CA ALA B 2351 -36.23 86.49 23.28
C ALA B 2351 -37.20 86.87 24.40
N ILE B 2352 -37.64 85.88 25.15
CA ILE B 2352 -38.61 86.10 26.22
C ILE B 2352 -37.95 86.34 27.56
N VAL B 2353 -36.62 86.38 27.57
CA VAL B 2353 -35.86 86.74 28.75
C VAL B 2353 -36.31 88.11 29.25
N SER B 2354 -36.52 89.01 28.30
CA SER B 2354 -37.02 90.35 28.63
C SER B 2354 -38.45 90.28 29.15
N ALA B 2355 -39.24 89.35 28.61
CA ALA B 2355 -40.64 89.21 28.98
C ALA B 2355 -40.80 88.72 30.41
N VAL B 2356 -40.04 87.70 30.78
CA VAL B 2356 -40.08 87.16 32.14
C VAL B 2356 -39.57 88.18 33.14
N GLU B 2357 -38.61 89.00 32.70
CA GLU B 2357 -37.99 90.00 33.55
C GLU B 2357 -38.94 91.17 33.82
N GLU B 2358 -40.07 91.18 33.13
CA GLU B 2358 -41.07 92.24 33.30
C GLU B 2358 -41.96 92.00 34.52
N ALA B 2359 -41.81 90.84 35.14
CA ALA B 2359 -42.61 90.49 36.31
C ALA B 2359 -41.94 90.94 37.60
N GLY B 2360 -40.83 91.66 37.47
CA GLY B 2360 -40.08 92.12 38.63
C GLY B 2360 -39.12 91.05 39.09
N VAL B 2361 -38.71 90.20 38.16
CA VAL B 2361 -37.85 89.07 38.46
C VAL B 2361 -36.54 89.19 37.69
N THR B 2362 -35.49 88.51 38.18
CA THR B 2362 -34.17 88.64 37.58
C THR B 2362 -33.70 87.37 36.89
N THR B 2363 -33.29 87.51 35.63
CA THR B 2363 -32.62 86.45 34.89
C THR B 2363 -31.14 86.79 34.82
N TYR B 2364 -30.29 85.78 34.87
CA TYR B 2364 -28.85 86.01 35.01
C TYR B 2364 -28.02 85.63 33.79
N THR B 2365 -26.98 86.41 33.54
CA THR B 2365 -25.95 86.04 32.57
C THR B 2365 -25.04 85.00 33.20
N THR B 2366 -24.31 84.26 32.37
CA THR B 2366 -23.41 83.22 32.86
C THR B 2366 -22.32 83.77 33.79
N ASP B 2367 -21.86 84.98 33.50
CA ASP B 2367 -20.84 85.61 34.33
C ASP B 2367 -21.40 86.03 35.69
N GLU B 2368 -22.67 86.43 35.71
CA GLU B 2368 -23.33 86.80 36.95
C GLU B 2368 -23.49 85.58 37.86
N MET B 2369 -23.99 84.49 37.30
CA MET B 2369 -24.20 83.27 38.05
C MET B 2369 -22.90 82.65 38.52
N ALA B 2370 -21.86 82.77 37.69
CA ALA B 2370 -20.53 82.30 38.04
C ALA B 2370 -20.04 83.04 39.29
N ALA B 2371 -20.32 84.35 39.32
CA ALA B 2371 -19.93 85.18 40.45
C ALA B 2371 -20.68 84.76 41.72
N MET B 2372 -21.93 84.35 41.54
CA MET B 2372 -22.74 83.91 42.67
C MET B 2372 -22.22 82.60 43.23
N LEU B 2373 -21.63 81.78 42.36
CA LEU B 2373 -21.11 80.50 42.78
C LEU B 2373 -19.78 80.63 43.51
N LEU B 2374 -18.97 81.62 43.11
CA LEU B 2374 -17.69 81.87 43.76
C LEU B 2374 -17.88 82.41 45.17
N ASP B 2375 -18.93 83.21 45.35
CA ASP B 2375 -19.20 83.84 46.64
C ASP B 2375 -19.51 82.79 47.71
N LEU B 2376 -20.01 81.65 47.26
CA LEU B 2376 -20.19 80.50 48.14
C LEU B 2376 -18.83 79.87 48.44
N CYS B 2377 -17.84 80.15 47.62
CA CYS B 2377 -16.50 79.57 47.78
C CYS B 2377 -15.60 80.50 48.60
N THR B 2378 -16.15 81.62 49.04
CA THR B 2378 -15.42 82.55 49.89
C THR B 2378 -15.20 81.93 51.27
N VAL B 2379 -14.15 82.39 51.94
CA VAL B 2379 -13.78 81.87 53.26
C VAL B 2379 -14.94 81.95 54.25
N GLU B 2380 -15.74 83.00 54.13
CA GLU B 2380 -16.84 83.23 55.07
C GLU B 2380 -17.89 82.13 54.96
N THR B 2381 -18.29 81.82 53.73
CA THR B 2381 -19.31 80.81 53.48
C THR B 2381 -18.75 79.39 53.48
N LYS B 2382 -17.44 79.26 53.34
CA LYS B 2382 -16.81 77.94 53.43
C LYS B 2382 -16.92 77.38 54.85
N VAL B 2383 -16.54 78.19 55.83
CA VAL B 2383 -16.63 77.80 57.24
C VAL B 2383 -18.07 77.53 57.65
N ALA B 2384 -18.99 78.26 57.05
CA ALA B 2384 -20.42 78.07 57.32
C ALA B 2384 -20.86 76.67 56.89
N ALA B 2385 -20.26 76.17 55.82
CA ALA B 2385 -20.58 74.85 55.30
C ALA B 2385 -19.97 73.76 56.18
N ALA B 2386 -18.89 74.08 56.86
CA ALA B 2386 -18.20 73.13 57.74
C ALA B 2386 -19.04 72.86 59.00
N GLY B 2387 -19.79 73.86 59.43
CA GLY B 2387 -20.61 73.73 60.62
C GLY B 2387 -21.94 73.06 60.34
N ALA B 2388 -22.42 73.20 59.11
CA ALA B 2388 -23.74 72.70 58.72
C ALA B 2388 -23.96 72.96 57.23
N PRO B 2389 -24.74 72.08 56.57
CA PRO B 2389 -25.05 72.22 55.14
C PRO B 2389 -25.66 73.57 54.80
N VAL B 2390 -25.16 74.21 53.75
CA VAL B 2390 -25.64 75.52 53.36
C VAL B 2390 -26.47 75.45 52.08
N LYS B 2391 -27.74 75.83 52.19
CA LYS B 2391 -28.62 75.89 51.04
C LYS B 2391 -28.79 77.33 50.57
N VAL B 2392 -28.28 77.63 49.37
CA VAL B 2392 -28.29 78.99 48.86
C VAL B 2392 -29.25 79.14 47.70
N ASP B 2393 -30.11 80.16 47.77
CA ASP B 2393 -31.00 80.47 46.66
C ASP B 2393 -30.34 81.55 45.81
N LEU B 2394 -29.89 81.16 44.62
CA LEU B 2394 -29.26 82.09 43.69
C LEU B 2394 -30.28 82.58 42.68
N THR B 2395 -31.52 82.16 42.86
CA THR B 2395 -32.61 82.54 41.96
C THR B 2395 -32.93 84.02 42.08
N GLY B 2396 -33.47 84.59 41.00
CA GLY B 2396 -33.76 86.02 40.94
C GLY B 2396 -35.14 86.38 41.42
N GLY B 2397 -35.73 85.51 42.26
CA GLY B 2397 -37.07 85.73 42.74
C GLY B 2397 -38.11 85.03 41.88
N LEU B 2398 -37.66 84.01 41.16
CA LEU B 2398 -38.54 83.23 40.30
C LEU B 2398 -39.48 82.34 41.13
N GLY B 2399 -39.27 82.32 42.45
CA GLY B 2399 -40.04 81.46 43.34
C GLY B 2399 -41.46 81.90 43.60
N ASP B 2400 -41.66 83.19 43.87
CA ASP B 2400 -42.98 83.72 44.16
C ASP B 2400 -43.67 84.13 42.86
N ILE B 2401 -43.02 83.83 41.75
CA ILE B 2401 -43.55 84.12 40.41
C ILE B 2401 -44.95 83.58 40.19
N LYS B 2402 -45.85 84.45 39.74
CA LYS B 2402 -47.22 84.07 39.42
C LYS B 2402 -47.41 83.84 37.92
N ILE B 2403 -46.32 83.98 37.17
CA ILE B 2403 -46.33 83.76 35.72
C ILE B 2403 -46.70 82.33 35.39
N ASP B 2404 -47.69 82.16 34.52
CA ASP B 2404 -48.14 80.83 34.12
C ASP B 2404 -47.20 80.24 33.08
N MET B 2405 -46.61 79.10 33.40
CA MET B 2405 -45.66 78.44 32.51
C MET B 2405 -46.36 77.72 31.36
N ALA B 2406 -47.62 77.36 31.57
CA ALA B 2406 -48.40 76.69 30.54
C ALA B 2406 -48.49 77.54 29.27
N GLU B 2407 -48.40 78.86 29.45
CA GLU B 2407 -48.44 79.78 28.32
C GLU B 2407 -47.06 80.41 28.05
N LEU B 2408 -46.61 81.25 28.97
CA LEU B 2408 -45.41 82.06 28.76
C LEU B 2408 -44.12 81.26 28.53
N ALA B 2409 -44.15 79.96 28.83
CA ALA B 2409 -43.04 79.08 28.52
C ALA B 2409 -43.25 78.43 27.15
N ALA B 2410 -44.34 77.67 27.04
CA ALA B 2410 -44.71 77.03 25.78
C ALA B 2410 -44.73 78.00 24.61
N LYS B 2411 -45.47 79.10 24.75
CA LYS B 2411 -45.55 80.12 23.69
C LYS B 2411 -44.17 80.63 23.32
N ALA B 2412 -43.33 80.83 24.33
CA ALA B 2412 -41.94 81.24 24.12
C ALA B 2412 -41.21 80.22 23.29
N ARG B 2413 -41.40 78.95 23.64
CA ARG B 2413 -40.78 77.85 22.93
C ARG B 2413 -41.40 77.70 21.55
N GLU B 2414 -42.70 77.93 21.45
CA GLU B 2414 -43.42 77.79 20.19
C GLU B 2414 -43.09 78.88 19.18
N GLU B 2415 -43.16 80.13 19.63
CA GLU B 2415 -42.89 81.27 18.75
C GLU B 2415 -41.46 81.24 18.20
N MET B 2416 -40.51 80.93 19.07
CA MET B 2416 -39.10 80.96 18.70
C MET B 2416 -38.66 79.73 17.90
N SER B 2417 -39.25 78.58 18.20
CA SER B 2417 -39.01 77.39 17.39
C SER B 2417 -39.58 77.65 16.01
N GLY B 2418 -40.79 78.21 15.99
CA GLY B 2418 -41.45 78.57 14.75
C GLY B 2418 -40.64 79.59 13.96
N ALA B 2419 -40.09 80.58 14.67
CA ALA B 2419 -39.23 81.58 14.05
C ALA B 2419 -38.00 80.89 13.44
N ALA B 2420 -37.54 79.85 14.12
CA ALA B 2420 -36.44 79.03 13.60
C ALA B 2420 -36.96 78.05 12.55
N ASP B 2421 -38.19 77.60 12.73
CA ASP B 2421 -38.80 76.68 11.78
C ASP B 2421 -39.31 77.39 10.54
N GLU B 2422 -39.62 78.68 10.66
CA GLU B 2422 -40.04 79.44 9.50
C GLU B 2422 -38.82 80.10 8.88
N SER B 2423 -38.42 79.57 7.74
CA SER B 2423 -37.28 80.10 7.00
C SER B 2423 -37.76 80.99 5.87
N ASP B 2424 -36.82 81.36 5.01
CA ASP B 2424 -37.10 82.16 3.83
C ASP B 2424 -35.81 82.27 3.03
N ASP B 2425 -35.93 82.62 1.76
CA ASP B 2425 -34.76 82.75 0.91
C ASP B 2425 -34.64 84.16 0.39
N GLU B 2426 -33.64 84.90 0.89
CA GLU B 2426 -33.32 86.20 0.35
C GLU B 2426 -32.44 85.95 -0.87
N ALA B 2427 -32.84 86.50 -2.01
CA ALA B 2427 -32.16 86.20 -3.27
C ALA B 2427 -30.69 86.58 -3.20
N PRO B 2428 -29.83 85.60 -3.48
CA PRO B 2428 -28.41 85.85 -3.57
C PRO B 2428 -27.89 85.29 -4.87
N ALA B 2429 -27.49 86.18 -5.78
CA ALA B 2429 -26.91 85.76 -7.04
C ALA B 2429 -25.44 86.10 -7.01
N GLY B 2430 -24.61 85.06 -6.90
CA GLY B 2430 -23.18 85.26 -6.79
C GLY B 2430 -22.38 84.21 -7.54
N THR B 2431 -21.42 84.68 -8.33
CA THR B 2431 -20.44 83.80 -8.93
C THR B 2431 -19.07 84.31 -8.53
N ILE B 2432 -18.36 83.53 -7.72
CA ILE B 2432 -17.07 83.97 -7.19
C ILE B 2432 -15.93 83.20 -7.84
N ARG B 2433 -14.80 83.88 -8.05
CA ARG B 2433 -13.61 83.23 -8.59
C ARG B 2433 -12.38 83.56 -7.76
N ALA B 2434 -11.32 82.78 -7.94
CA ALA B 2434 -10.11 82.95 -7.15
C ALA B 2434 -8.86 83.02 -8.00
N LEU B 2435 -8.14 84.13 -7.88
CA LEU B 2435 -6.93 84.37 -8.67
C LEU B 2435 -6.30 85.68 -8.21
N PRO B 2436 -5.04 85.89 -8.60
CA PRO B 2436 -4.29 87.02 -8.07
C PRO B 2436 -3.20 87.53 -9.02
N SER B 2437 -2.72 88.73 -8.71
CA SER B 2437 -1.60 89.33 -9.44
C SER B 2437 -0.31 88.61 -9.05
N PRO B 2438 0.72 88.76 -9.88
CA PRO B 2438 2.04 88.20 -9.57
C PRO B 2438 2.55 88.75 -8.24
N PRO B 2439 3.32 87.93 -7.52
CA PRO B 2439 3.77 88.28 -6.18
C PRO B 2439 4.54 89.60 -6.12
N ARG B 2440 4.21 90.41 -5.13
CA ARG B 2440 4.89 91.69 -4.92
C ARG B 2440 5.67 91.65 -3.61
N GLY B 2441 6.33 92.76 -3.28
CA GLY B 2441 7.11 92.85 -2.05
C GLY B 2441 6.74 94.09 -1.25
N TYR B 2442 6.51 93.90 0.04
CA TYR B 2442 6.19 95.01 0.93
C TYR B 2442 7.42 95.44 1.71
N ASN B 2443 7.91 96.64 1.43
CA ASN B 2443 9.11 97.15 2.07
C ASN B 2443 8.88 97.43 3.55
N PRO B 2444 9.98 97.48 4.31
CA PRO B 2444 9.91 97.78 5.73
C PRO B 2444 10.60 99.11 6.01
N ALA B 2445 10.21 99.76 7.09
CA ALA B 2445 10.75 101.08 7.40
C ALA B 2445 11.98 100.93 8.30
N PRO B 2446 13.15 101.26 7.75
CA PRO B 2446 14.40 101.09 8.46
C PRO B 2446 15.30 102.31 8.32
N ALA B 2447 15.75 102.84 9.45
CA ALA B 2447 16.65 103.98 9.46
C ALA B 2447 18.10 103.52 9.52
N PRO B 2448 18.91 103.98 8.58
CA PRO B 2448 20.31 103.55 8.50
C PRO B 2448 21.26 104.72 8.29
N GLU B 2449 22.20 104.88 9.21
CA GLU B 2449 23.28 105.84 9.06
C GLU B 2449 24.51 105.08 8.61
N TRP B 2450 24.93 105.30 7.36
CA TRP B 2450 25.96 104.46 6.76
C TRP B 2450 26.94 105.23 5.87
N ASP B 2451 28.12 104.65 5.70
CA ASP B 2451 29.10 105.16 4.75
C ASP B 2451 29.10 104.23 3.53
N ASP B 2452 29.32 104.82 2.35
CA ASP B 2452 29.16 104.07 1.10
C ASP B 2452 30.39 103.23 0.73
N LEU B 2453 31.47 103.89 0.37
CA LEU B 2453 32.63 103.23 -0.22
C LEU B 2453 33.37 102.25 0.69
N ASP B 2454 33.06 102.29 1.99
CA ASP B 2454 33.82 101.52 2.99
C ASP B 2454 33.78 100.00 2.79
N VAL B 2455 32.64 99.47 2.39
CA VAL B 2455 32.48 98.02 2.29
C VAL B 2455 32.76 97.48 0.89
N ASP B 2456 33.65 96.48 0.82
CA ASP B 2456 34.04 95.87 -0.44
C ASP B 2456 32.96 94.87 -0.87
N PRO B 2457 32.32 95.13 -2.01
CA PRO B 2457 31.26 94.27 -2.55
C PRO B 2457 31.79 92.93 -3.00
N ALA B 2458 33.09 92.86 -3.30
CA ALA B 2458 33.71 91.61 -3.73
C ALA B 2458 33.88 90.65 -2.56
N ASP B 2459 33.92 91.18 -1.35
CA ASP B 2459 34.12 90.39 -0.14
C ASP B 2459 32.81 89.99 0.54
N LEU B 2460 31.70 90.43 -0.04
CA LEU B 2460 30.40 90.14 0.53
C LEU B 2460 29.71 88.99 -0.21
N VAL B 2461 28.98 88.19 0.54
CA VAL B 2461 28.18 87.11 -0.04
C VAL B 2461 26.70 87.46 0.08
N VAL B 2462 26.00 87.37 -1.05
CA VAL B 2462 24.62 87.80 -1.15
C VAL B 2462 23.78 86.70 -1.79
N ILE B 2463 22.57 86.49 -1.30
CA ILE B 2463 21.70 85.45 -1.85
C ILE B 2463 20.88 86.01 -3.02
N VAL B 2464 21.13 85.47 -4.21
CA VAL B 2464 20.43 85.93 -5.41
C VAL B 2464 19.03 85.32 -5.50
N GLY B 2465 18.92 84.04 -5.20
CA GLY B 2465 17.65 83.35 -5.24
C GLY B 2465 17.68 82.01 -4.51
N GLY B 2466 16.54 81.33 -4.49
CA GLY B 2466 16.45 80.03 -3.84
C GLY B 2466 15.14 79.32 -4.11
N ALA B 2467 15.14 78.01 -3.92
CA ALA B 2467 13.94 77.20 -4.10
C ALA B 2467 14.03 75.91 -3.29
N GLU B 2468 12.88 75.26 -3.10
CA GLU B 2468 12.85 74.01 -2.34
C GLU B 2468 11.78 73.06 -2.85
N LEU B 2469 12.04 71.77 -2.71
CA LEU B 2469 11.04 70.75 -2.98
C LEU B 2469 10.82 69.93 -1.72
N GLY B 2470 9.61 69.99 -1.17
CA GLY B 2470 9.33 69.34 0.08
C GLY B 2470 7.88 68.92 0.23
N PRO B 2471 7.52 68.37 1.40
CA PRO B 2471 6.18 67.85 1.69
C PRO B 2471 5.05 68.86 1.46
N TYR B 2472 5.36 70.14 1.55
CA TYR B 2472 4.37 71.20 1.33
C TYR B 2472 4.44 71.82 -0.06
N GLY B 2473 5.30 71.30 -0.92
CA GLY B 2473 5.49 71.85 -2.24
C GLY B 2473 6.66 72.81 -2.32
N SER B 2474 6.60 73.74 -3.27
CA SER B 2474 7.70 74.68 -3.48
C SER B 2474 7.78 75.72 -2.36
N SER B 2475 8.77 76.61 -2.47
CA SER B 2475 9.01 77.62 -1.45
C SER B 2475 7.84 78.58 -1.31
N ARG B 2476 7.08 78.76 -2.38
CA ARG B 2476 5.93 79.66 -2.37
C ARG B 2476 4.77 79.08 -1.55
N THR B 2477 4.44 77.82 -1.82
CA THR B 2477 3.31 77.18 -1.14
C THR B 2477 3.65 76.80 0.29
N ARG B 2478 4.89 76.40 0.54
CA ARG B 2478 5.33 76.02 1.87
C ARG B 2478 5.32 77.23 2.81
N PHE B 2479 5.77 78.37 2.30
CA PHE B 2479 5.82 79.59 3.09
C PHE B 2479 4.41 80.07 3.43
N GLU B 2480 3.46 79.84 2.52
CA GLU B 2480 2.08 80.19 2.75
C GLU B 2480 1.49 79.34 3.88
N MET B 2481 1.80 78.06 3.87
CA MET B 2481 1.27 77.15 4.89
C MET B 2481 1.92 77.41 6.25
N GLU B 2482 3.20 77.79 6.24
CA GLU B 2482 3.92 78.06 7.47
C GLU B 2482 3.47 79.36 8.14
N VAL B 2483 3.46 80.44 7.37
CA VAL B 2483 3.10 81.75 7.91
C VAL B 2483 1.59 81.93 8.12
N SER B 2484 0.81 81.59 7.10
CA SER B 2484 -0.64 81.75 7.16
C SER B 2484 -1.32 80.55 7.83
N GLY B 2485 -1.15 79.38 7.24
CA GLY B 2485 -1.82 78.18 7.71
C GLY B 2485 -2.90 77.76 6.72
N GLU B 2486 -3.14 78.61 5.74
CA GLU B 2486 -4.08 78.31 4.67
C GLU B 2486 -3.58 78.90 3.35
N LEU B 2487 -3.86 78.21 2.25
CA LEU B 2487 -3.41 78.65 0.94
C LEU B 2487 -4.28 79.77 0.40
N SER B 2488 -3.67 80.62 -0.42
CA SER B 2488 -4.41 81.65 -1.14
C SER B 2488 -4.94 81.06 -2.44
N ALA B 2489 -5.45 81.90 -3.32
CA ALA B 2489 -5.89 81.46 -4.64
C ALA B 2489 -4.72 80.84 -5.39
N ALA B 2490 -3.60 81.53 -5.41
CA ALA B 2490 -2.40 81.05 -6.07
C ALA B 2490 -1.80 79.84 -5.35
N GLY B 2491 -2.12 79.71 -4.06
CA GLY B 2491 -1.64 78.61 -3.25
C GLY B 2491 -2.23 77.28 -3.67
N VAL B 2492 -3.55 77.25 -3.81
CA VAL B 2492 -4.25 76.03 -4.19
C VAL B 2492 -4.06 75.74 -5.68
N LEU B 2493 -4.02 76.80 -6.49
CA LEU B 2493 -3.80 76.68 -7.93
C LEU B 2493 -2.45 76.03 -8.23
N GLU B 2494 -1.43 76.43 -7.49
CA GLU B 2494 -0.08 75.90 -7.69
C GLU B 2494 0.03 74.46 -7.18
N LEU B 2495 -0.54 74.20 -6.01
CA LEU B 2495 -0.49 72.86 -5.43
C LEU B 2495 -1.28 71.85 -6.27
N ALA B 2496 -2.46 72.25 -6.74
CA ALA B 2496 -3.27 71.39 -7.58
C ALA B 2496 -2.54 71.08 -8.88
N TRP B 2497 -1.71 72.02 -9.32
CA TRP B 2497 -0.90 71.83 -10.52
C TRP B 2497 0.26 70.88 -10.25
N THR B 2498 0.93 71.08 -9.12
CA THR B 2498 2.07 70.24 -8.74
C THR B 2498 1.62 68.82 -8.39
N THR B 2499 0.50 68.73 -7.67
CA THR B 2499 -0.07 67.42 -7.33
C THR B 2499 -0.66 66.74 -8.55
N GLY B 2500 -0.77 67.49 -9.64
CA GLY B 2500 -1.26 66.94 -10.90
C GLY B 2500 -2.76 66.74 -10.92
N MET B 2501 -3.49 67.59 -10.21
CA MET B 2501 -4.94 67.54 -10.26
C MET B 2501 -5.48 68.21 -11.52
N VAL B 2502 -4.82 69.29 -11.94
CA VAL B 2502 -5.26 70.07 -13.08
C VAL B 2502 -4.34 69.92 -14.30
N LYS B 2503 -4.93 69.71 -15.47
CA LYS B 2503 -4.15 69.54 -16.70
C LYS B 2503 -4.53 70.58 -17.75
N TRP B 2504 -3.66 70.75 -18.75
CA TRP B 2504 -3.85 71.76 -19.79
C TRP B 2504 -3.95 71.13 -21.18
N GLU B 2505 -5.13 71.24 -21.80
CA GLU B 2505 -5.36 70.66 -23.12
C GLU B 2505 -5.55 71.74 -24.19
N ASP B 2506 -5.00 71.51 -25.37
CA ASP B 2506 -5.19 72.42 -26.49
C ASP B 2506 -6.38 71.95 -27.34
N ASP B 2507 -6.97 70.83 -26.93
CA ASP B 2507 -8.20 70.36 -27.52
C ASP B 2507 -9.28 71.42 -27.29
N PRO B 2508 -10.36 71.39 -28.09
CA PRO B 2508 -11.41 72.42 -27.97
C PRO B 2508 -11.93 72.59 -26.54
N LYS B 2509 -12.42 73.80 -26.26
CA LYS B 2509 -12.70 74.35 -24.92
C LYS B 2509 -11.46 74.93 -24.24
N ALA B 2510 -10.27 74.56 -24.74
CA ALA B 2510 -9.02 75.31 -24.51
C ALA B 2510 -8.81 75.89 -23.09
N GLY B 2511 -8.55 75.05 -22.11
CA GLY B 2511 -8.46 75.54 -20.74
C GLY B 2511 -7.80 74.62 -19.73
N TRP B 2512 -8.01 74.92 -18.46
CA TRP B 2512 -7.56 74.04 -17.38
C TRP B 2512 -8.56 72.91 -17.16
N TYR B 2513 -8.05 71.68 -17.11
CA TYR B 2513 -8.90 70.51 -16.95
C TYR B 2513 -8.45 69.67 -15.77
N ASP B 2514 -9.40 69.00 -15.12
CA ASP B 2514 -9.09 68.05 -14.06
C ASP B 2514 -8.41 66.85 -14.71
N THR B 2515 -7.29 66.42 -14.14
CA THR B 2515 -6.48 65.36 -14.72
C THR B 2515 -7.04 63.96 -14.45
N GLU B 2516 -7.69 63.79 -13.30
CA GLU B 2516 -8.21 62.50 -12.89
C GLU B 2516 -9.46 62.12 -13.70
N THR B 2517 -10.50 62.93 -13.57
CA THR B 2517 -11.79 62.65 -14.20
C THR B 2517 -11.95 63.23 -15.61
N GLY B 2518 -10.99 64.04 -16.06
CA GLY B 2518 -11.05 64.63 -17.39
C GLY B 2518 -12.11 65.70 -17.51
N GLU B 2519 -12.23 66.54 -16.49
CA GLU B 2519 -13.26 67.58 -16.46
C GLU B 2519 -12.68 68.98 -16.47
N LEU B 2520 -13.28 69.86 -17.27
CA LEU B 2520 -12.85 71.26 -17.33
C LEU B 2520 -13.06 71.95 -15.98
N VAL B 2521 -12.07 72.73 -15.54
CA VAL B 2521 -12.16 73.44 -14.27
C VAL B 2521 -11.78 74.91 -14.43
N PRO B 2522 -12.47 75.80 -13.69
CA PRO B 2522 -12.03 77.19 -13.55
C PRO B 2522 -11.10 77.35 -12.34
N GLU B 2523 -10.71 78.59 -12.05
CA GLU B 2523 -9.79 78.87 -10.94
C GLU B 2523 -10.47 78.95 -9.58
N CYS B 2524 -11.78 79.18 -9.57
CA CYS B 2524 -12.52 79.32 -8.32
C CYS B 2524 -12.69 78.01 -7.61
N GLU B 2525 -13.23 77.04 -8.33
CA GLU B 2525 -13.63 75.76 -7.77
C GLU B 2525 -12.44 74.91 -7.35
N ILE B 2526 -11.24 75.38 -7.68
CA ILE B 2526 -10.00 74.70 -7.30
C ILE B 2526 -9.94 74.44 -5.80
N VAL B 2527 -10.31 75.43 -5.01
CA VAL B 2527 -10.33 75.29 -3.56
C VAL B 2527 -11.40 74.29 -3.11
N GLU B 2528 -12.60 74.42 -3.68
CA GLU B 2528 -13.73 73.59 -3.29
C GLU B 2528 -13.58 72.14 -3.72
N ARG B 2529 -13.14 71.92 -4.96
CA ARG B 2529 -13.05 70.57 -5.53
C ARG B 2529 -11.79 69.80 -5.13
N TYR B 2530 -10.77 70.51 -4.67
CA TYR B 2530 -9.44 69.92 -4.48
C TYR B 2530 -8.87 70.03 -3.07
N HIS B 2531 -8.74 71.26 -2.59
CA HIS B 2531 -7.99 71.58 -1.36
C HIS B 2531 -8.26 70.63 -0.19
N ASP B 2532 -9.50 70.20 -0.04
CA ASP B 2532 -9.84 69.19 0.96
C ASP B 2532 -9.01 67.93 0.77
N ALA B 2533 -8.88 67.49 -0.48
CA ALA B 2533 -8.07 66.30 -0.80
C ALA B 2533 -6.59 66.64 -0.86
N VAL B 2534 -6.28 67.90 -1.19
CA VAL B 2534 -4.89 68.34 -1.25
C VAL B 2534 -4.24 68.29 0.12
N VAL B 2535 -4.90 68.89 1.11
CA VAL B 2535 -4.41 68.90 2.49
C VAL B 2535 -4.11 67.50 3.00
N GLU B 2536 -5.02 66.56 2.70
CA GLU B 2536 -4.84 65.17 3.11
C GLU B 2536 -3.63 64.54 2.45
N ARG B 2537 -3.49 64.75 1.14
CA ARG B 2537 -2.45 64.08 0.37
C ARG B 2537 -1.17 64.89 0.21
N CYS B 2538 -1.12 66.06 0.86
CA CYS B 2538 0.12 66.83 0.95
C CYS B 2538 0.54 66.92 2.41
N GLY B 2539 1.66 67.58 2.66
CA GLY B 2539 2.17 67.72 4.02
C GLY B 2539 2.51 66.40 4.65
N ILE B 2540 2.18 66.25 5.93
CA ILE B 2540 2.47 65.00 6.64
C ILE B 2540 1.24 64.09 6.68
N ARG B 2541 1.43 62.85 6.28
CA ARG B 2541 0.33 61.89 6.25
C ARG B 2541 0.88 60.46 6.35
N GLU B 2542 -0.02 59.49 6.40
CA GLU B 2542 0.37 58.08 6.39
C GLU B 2542 1.16 57.81 5.10
N PHE B 2543 2.16 56.95 5.18
CA PHE B 2543 3.03 56.73 4.05
C PHE B 2543 2.29 56.06 2.91
N VAL B 2544 2.29 56.72 1.75
CA VAL B 2544 1.68 56.17 0.55
C VAL B 2544 2.74 55.34 -0.14
N ASP B 2545 2.39 54.13 -0.55
CA ASP B 2545 3.40 53.19 -0.99
C ASP B 2545 3.62 53.30 -2.50
N ASP B 2546 4.75 53.87 -2.87
CA ASP B 2546 5.15 53.95 -4.27
C ASP B 2546 6.17 52.86 -4.57
N GLY B 2547 6.59 52.15 -3.53
CA GLY B 2547 7.60 51.12 -3.67
C GLY B 2547 7.06 49.71 -3.49
N ALA B 2548 5.74 49.59 -3.42
CA ALA B 2548 5.07 48.32 -3.18
C ALA B 2548 5.53 47.67 -1.86
N ILE B 2549 6.01 48.50 -0.94
CA ILE B 2549 6.43 48.04 0.38
C ILE B 2549 6.00 49.01 1.48
N ASP B 2550 5.47 48.47 2.57
CA ASP B 2550 5.10 49.30 3.71
C ASP B 2550 5.99 48.93 4.89
N PRO B 2551 6.82 49.87 5.36
CA PRO B 2551 7.65 49.56 6.51
C PRO B 2551 6.79 49.21 7.74
N ASP B 2552 5.78 50.02 8.01
CA ASP B 2552 4.94 49.86 9.17
C ASP B 2552 4.06 48.62 9.11
N HIS B 2553 3.56 48.30 7.92
CA HIS B 2553 2.68 47.15 7.77
C HIS B 2553 3.51 45.89 7.50
N ALA B 2554 4.03 45.79 6.28
CA ALA B 2554 4.78 44.59 5.90
C ALA B 2554 6.08 44.90 5.15
N SER B 2555 7.20 44.56 5.79
CA SER B 2555 8.52 44.75 5.20
C SER B 2555 9.18 43.39 4.97
N PRO B 2556 9.49 43.07 3.71
CA PRO B 2556 10.03 41.77 3.27
C PRO B 2556 11.27 41.33 4.05
N LEU B 2557 11.24 40.11 4.56
CA LEU B 2557 12.34 39.55 5.34
C LEU B 2557 12.75 38.23 4.69
N LEU B 2558 14.03 37.91 4.70
CA LEU B 2558 14.50 36.58 4.27
C LEU B 2558 15.53 35.95 5.22
N VAL B 2559 15.16 34.84 5.85
CA VAL B 2559 16.06 34.18 6.81
C VAL B 2559 16.93 33.12 6.16
N SER B 2560 18.18 33.05 6.61
CA SER B 2560 19.10 32.02 6.16
C SER B 2560 18.79 30.72 6.88
N VAL B 2561 18.47 29.68 6.11
CA VAL B 2561 18.13 28.38 6.67
C VAL B 2561 18.85 27.24 5.97
N PHE B 2562 19.19 26.20 6.73
CA PHE B 2562 19.87 25.05 6.17
C PHE B 2562 18.88 23.94 5.83
N LEU B 2563 18.92 23.50 4.57
CA LEU B 2563 17.99 22.49 4.09
C LEU B 2563 18.30 21.14 4.72
N ASP B 2564 17.29 20.57 5.37
CA ASP B 2564 17.47 19.32 6.12
C ASP B 2564 17.48 18.08 5.24
N LYS B 2565 16.73 18.14 4.13
CA LYS B 2565 16.70 17.03 3.19
C LYS B 2565 16.62 17.55 1.75
N ASP B 2566 17.14 16.75 0.81
CA ASP B 2566 17.32 17.18 -0.58
C ASP B 2566 16.05 17.75 -1.23
N PHE B 2567 16.21 18.92 -1.84
CA PHE B 2567 15.10 19.60 -2.52
C PHE B 2567 14.85 18.99 -3.89
N THR B 2568 13.60 19.11 -4.37
CA THR B 2568 13.22 18.59 -5.67
C THR B 2568 13.90 19.36 -6.80
N PHE B 2569 14.38 18.65 -7.80
CA PHE B 2569 15.10 19.23 -8.93
C PHE B 2569 14.30 20.31 -9.66
N VAL B 2570 15.00 21.34 -10.12
CA VAL B 2570 14.38 22.41 -10.91
C VAL B 2570 15.21 22.68 -12.16
N VAL B 2571 14.53 23.06 -13.25
CA VAL B 2571 15.18 23.30 -14.52
C VAL B 2571 15.85 24.67 -14.57
N SER B 2572 17.09 24.71 -15.05
CA SER B 2572 17.84 25.96 -15.16
C SER B 2572 18.77 25.94 -16.37
N SER B 2573 19.21 27.13 -16.79
CA SER B 2573 20.13 27.24 -17.92
C SER B 2573 21.53 26.79 -17.49
N GLU B 2574 22.35 26.44 -18.48
CA GLU B 2574 23.71 25.97 -18.21
C GLU B 2574 24.56 27.01 -17.51
N ALA B 2575 24.39 28.27 -17.90
CA ALA B 2575 25.16 29.36 -17.31
C ALA B 2575 24.77 29.60 -15.86
N ASP B 2576 23.47 29.52 -15.57
CA ASP B 2576 22.97 29.74 -14.22
C ASP B 2576 23.23 28.53 -13.32
N ALA B 2577 23.20 27.34 -13.91
CA ALA B 2577 23.38 26.12 -13.14
C ALA B 2577 24.84 25.88 -12.76
N ARG B 2578 25.76 26.26 -13.65
CA ARG B 2578 27.18 26.18 -13.32
C ARG B 2578 27.49 27.11 -12.17
N ALA B 2579 26.79 28.25 -12.15
CA ALA B 2579 26.93 29.22 -11.07
C ALA B 2579 26.50 28.60 -9.75
N PHE B 2580 25.37 27.88 -9.78
CA PHE B 2580 24.88 27.16 -8.61
C PHE B 2580 25.96 26.31 -7.98
N VAL B 2581 26.72 25.62 -8.84
CA VAL B 2581 27.78 24.73 -8.38
C VAL B 2581 28.91 25.50 -7.69
N GLN B 2582 29.07 26.77 -8.02
CA GLN B 2582 30.19 27.54 -7.50
C GLN B 2582 30.06 27.94 -6.03
N PHE B 2583 28.88 27.71 -5.44
CA PHE B 2583 28.60 28.11 -4.07
C PHE B 2583 28.61 26.90 -3.15
N ASP B 2584 27.65 26.03 -3.40
CA ASP B 2584 27.44 24.74 -2.73
C ASP B 2584 28.48 23.60 -2.84
N PRO B 2585 29.31 23.58 -3.90
CA PRO B 2585 29.48 22.44 -4.82
C PRO B 2585 29.43 21.05 -4.20
N GLU B 2586 29.85 20.86 -2.96
CA GLU B 2586 29.62 19.57 -2.33
C GLU B 2586 28.13 19.37 -2.07
N HIS B 2587 27.44 20.48 -1.83
CA HIS B 2587 26.02 20.43 -1.46
C HIS B 2587 24.99 20.58 -2.59
N THR B 2588 25.43 20.95 -3.79
CA THR B 2588 24.50 21.03 -4.93
C THR B 2588 24.92 20.12 -6.07
N VAL B 2589 23.94 19.78 -6.92
CA VAL B 2589 24.15 18.83 -7.99
C VAL B 2589 23.50 19.33 -9.28
N ALA B 2590 24.26 19.35 -10.37
CA ALA B 2590 23.76 19.88 -11.65
C ALA B 2590 24.11 18.98 -12.84
N ARG B 2591 23.15 18.78 -13.74
CA ARG B 2591 23.34 17.89 -14.89
C ARG B 2591 22.81 18.46 -16.19
N PRO B 2592 23.52 18.19 -17.30
CA PRO B 2592 22.96 18.52 -18.60
C PRO B 2592 21.79 17.61 -18.94
N LEU B 2593 20.71 18.20 -19.44
CA LEU B 2593 19.61 17.41 -19.98
C LEU B 2593 19.84 17.27 -21.47
N PRO B 2594 20.21 16.06 -21.91
CA PRO B 2594 20.69 15.76 -23.27
C PRO B 2594 19.81 16.32 -24.38
N ASP B 2595 18.50 16.27 -24.20
CA ASP B 2595 17.57 16.73 -25.23
C ASP B 2595 17.45 18.25 -25.31
N SER B 2596 17.27 18.89 -24.17
CA SER B 2596 17.03 20.34 -24.13
C SER B 2596 18.29 21.16 -23.88
N SER B 2597 19.42 20.47 -23.66
CA SER B 2597 20.72 21.11 -23.43
C SER B 2597 20.79 21.93 -22.13
N ASP B 2598 19.67 22.10 -21.45
CA ASP B 2598 19.63 22.86 -20.20
C ASP B 2598 20.04 21.97 -19.03
N TRP B 2599 20.08 22.55 -17.84
CA TRP B 2599 20.55 21.82 -16.66
C TRP B 2599 19.51 21.71 -15.54
N GLU B 2600 19.55 20.59 -14.82
CA GLU B 2600 18.74 20.40 -13.63
C GLU B 2600 19.54 20.78 -12.39
N VAL B 2601 18.93 21.52 -11.48
CA VAL B 2601 19.60 21.94 -10.25
C VAL B 2601 18.97 21.30 -9.03
N THR B 2602 19.71 20.42 -8.37
CA THR B 2602 19.22 19.72 -7.19
C THR B 2602 20.06 20.06 -5.95
N ARG B 2603 19.42 20.69 -4.97
CA ARG B 2603 20.09 21.03 -3.72
C ARG B 2603 19.99 19.90 -2.72
N LYS B 2604 21.14 19.42 -2.25
CA LYS B 2604 21.18 18.32 -1.29
C LYS B 2604 20.95 18.85 0.12
N ALA B 2605 21.13 17.97 1.10
CA ALA B 2605 21.03 18.36 2.50
C ALA B 2605 22.30 19.08 2.92
N GLY B 2606 22.14 20.19 3.64
CA GLY B 2606 23.27 20.97 4.10
C GLY B 2606 23.43 22.29 3.34
N THR B 2607 22.62 22.47 2.30
CA THR B 2607 22.66 23.70 1.52
C THR B 2607 22.13 24.88 2.33
N GLU B 2608 22.51 26.09 1.93
CA GLU B 2608 22.02 27.30 2.57
C GLU B 2608 20.91 27.94 1.73
N ILE B 2609 19.73 28.10 2.33
CA ILE B 2609 18.59 28.67 1.64
C ILE B 2609 18.13 29.95 2.32
N ARG B 2610 17.72 30.93 1.52
CA ARG B 2610 17.17 32.17 2.06
C ARG B 2610 15.66 32.23 1.80
N VAL B 2611 14.88 32.13 2.87
CA VAL B 2611 13.43 32.00 2.77
C VAL B 2611 12.67 33.26 3.17
N PRO B 2612 11.81 33.77 2.27
CA PRO B 2612 11.02 35.00 2.44
C PRO B 2612 10.17 35.04 3.71
N ARG B 2613 10.21 36.17 4.41
CA ARG B 2613 9.41 36.40 5.61
C ARG B 2613 9.00 37.88 5.64
N LYS B 2614 8.46 38.34 6.76
CA LYS B 2614 7.99 39.71 6.88
C LYS B 2614 8.24 40.32 8.26
N THR B 2615 8.08 41.63 8.36
CA THR B 2615 8.23 42.33 9.63
C THR B 2615 7.25 43.49 9.74
N LYS B 2616 6.77 43.76 10.96
CA LYS B 2616 5.96 44.93 11.22
C LYS B 2616 6.82 46.00 11.92
N LEU B 2617 6.70 47.24 11.47
CA LEU B 2617 7.56 48.30 11.99
C LEU B 2617 6.79 49.45 12.62
N SER B 2618 7.51 50.27 13.38
CA SER B 2618 6.93 51.30 14.22
C SER B 2618 6.49 52.57 13.49
N ARG B 2619 7.21 52.96 12.43
CA ARG B 2619 6.93 54.24 11.80
C ARG B 2619 5.94 54.09 10.65
N THR B 2620 4.72 54.57 10.85
CA THR B 2620 3.69 54.52 9.83
C THR B 2620 3.51 55.84 9.07
N VAL B 2621 4.23 56.87 9.52
CA VAL B 2621 4.01 58.22 8.99
C VAL B 2621 5.34 58.94 8.71
N GLY B 2622 5.36 59.72 7.64
CA GLY B 2622 6.51 60.55 7.32
C GLY B 2622 6.06 61.82 6.63
N ALA B 2623 6.94 62.80 6.52
CA ALA B 2623 6.61 64.01 5.81
C ALA B 2623 7.03 63.83 4.36
N GLN B 2624 6.05 63.75 3.48
CA GLN B 2624 6.29 63.34 2.11
C GLN B 2624 5.82 64.41 1.13
N ILE B 2625 6.58 64.57 0.05
CA ILE B 2625 6.20 65.47 -1.04
C ILE B 2625 4.80 65.13 -1.51
N PRO B 2626 3.96 66.16 -1.74
CA PRO B 2626 2.53 65.99 -2.03
C PRO B 2626 2.27 64.95 -3.12
N THR B 2627 1.31 64.08 -2.87
CA THR B 2627 1.02 62.96 -3.76
C THR B 2627 0.61 63.44 -5.15
N GLY B 2628 1.25 62.87 -6.17
CA GLY B 2628 0.98 63.25 -7.54
C GLY B 2628 2.08 64.09 -8.15
N PHE B 2629 3.13 64.34 -7.37
CA PHE B 2629 4.30 65.07 -7.88
C PHE B 2629 4.96 64.28 -8.99
N ASP B 2630 5.33 64.96 -10.06
CA ASP B 2630 6.05 64.33 -11.15
C ASP B 2630 7.14 65.29 -11.60
N PRO B 2631 8.34 64.77 -11.86
CA PRO B 2631 9.37 65.58 -12.52
C PRO B 2631 8.99 65.83 -13.98
N THR B 2632 8.11 64.98 -14.50
CA THR B 2632 7.64 65.10 -15.88
C THR B 2632 6.78 66.35 -16.06
N VAL B 2633 5.91 66.61 -15.09
CA VAL B 2633 5.06 67.79 -15.13
C VAL B 2633 5.90 69.06 -15.14
N TRP B 2634 6.99 69.04 -14.37
CA TRP B 2634 7.94 70.15 -14.37
C TRP B 2634 8.71 70.21 -15.71
N GLY B 2635 8.65 69.13 -16.48
CA GLY B 2635 9.31 69.09 -17.77
C GLY B 2635 10.59 68.29 -17.89
N ILE B 2636 10.88 67.46 -16.90
CA ILE B 2636 12.03 66.54 -16.99
C ILE B 2636 11.73 65.39 -17.96
N SER B 2637 12.67 65.16 -18.88
CA SER B 2637 12.52 64.09 -19.87
C SER B 2637 12.51 62.71 -19.22
N PRO B 2638 11.74 61.77 -19.81
CA PRO B 2638 11.61 60.40 -19.30
C PRO B 2638 12.96 59.66 -19.22
N ASP B 2639 13.87 59.96 -20.12
CA ASP B 2639 15.19 59.32 -20.13
C ASP B 2639 15.95 59.65 -18.85
N MET B 2640 15.82 60.89 -18.39
CA MET B 2640 16.48 61.32 -17.16
C MET B 2640 15.84 60.66 -15.94
N ALA B 2641 14.52 60.64 -15.90
CA ALA B 2641 13.77 60.06 -14.79
C ALA B 2641 14.19 58.61 -14.54
N SER B 2642 14.27 57.83 -15.61
CA SER B 2642 14.76 56.46 -15.56
C SER B 2642 16.18 56.37 -15.00
N SER B 2643 17.12 56.96 -15.74
CA SER B 2643 18.55 56.81 -15.47
C SER B 2643 19.03 57.32 -14.11
N ILE B 2644 18.28 58.22 -13.49
CA ILE B 2644 18.75 58.88 -12.27
C ILE B 2644 17.92 58.51 -11.04
N ASP B 2645 18.53 58.65 -9.88
CA ASP B 2645 17.88 58.36 -8.61
C ASP B 2645 16.77 59.38 -8.35
N ARG B 2646 15.84 59.03 -7.46
CA ARG B 2646 14.75 59.92 -7.09
C ARG B 2646 15.28 61.22 -6.48
N VAL B 2647 16.35 61.10 -5.69
CA VAL B 2647 16.96 62.26 -5.06
C VAL B 2647 17.46 63.27 -6.08
N ALA B 2648 17.81 62.77 -7.26
CA ALA B 2648 18.30 63.62 -8.34
C ALA B 2648 17.19 64.52 -8.88
N LEU B 2649 15.99 63.98 -8.98
CA LEU B 2649 14.84 64.74 -9.46
C LEU B 2649 14.51 65.90 -8.54
N TRP B 2650 14.85 65.75 -7.26
CA TRP B 2650 14.61 66.80 -6.28
C TRP B 2650 15.56 67.98 -6.45
N ASN B 2651 16.85 67.69 -6.57
CA ASN B 2651 17.85 68.73 -6.71
C ASN B 2651 17.83 69.39 -8.09
N ILE B 2652 17.42 68.63 -9.09
CA ILE B 2652 17.37 69.11 -10.47
C ILE B 2652 16.28 70.18 -10.66
N VAL B 2653 15.08 69.87 -10.20
CA VAL B 2653 13.95 70.80 -10.32
C VAL B 2653 14.14 72.01 -9.41
N ALA B 2654 14.69 71.76 -8.22
CA ALA B 2654 14.93 72.83 -7.26
C ALA B 2654 15.92 73.85 -7.80
N THR B 2655 16.95 73.36 -8.48
CA THR B 2655 17.96 74.23 -9.08
C THR B 2655 17.35 75.14 -10.14
N VAL B 2656 16.47 74.56 -10.96
CA VAL B 2656 15.77 75.32 -11.99
C VAL B 2656 14.91 76.42 -11.37
N ASP B 2657 14.12 76.05 -10.38
CA ASP B 2657 13.26 77.02 -9.69
C ASP B 2657 14.07 78.01 -8.86
N ALA B 2658 15.28 77.60 -8.47
CA ALA B 2658 16.17 78.49 -7.73
C ALA B 2658 16.68 79.60 -8.64
N PHE B 2659 17.04 79.23 -9.87
CA PHE B 2659 17.47 80.21 -10.86
C PHE B 2659 16.31 81.14 -11.21
N LEU B 2660 15.13 80.58 -11.35
CA LEU B 2660 13.94 81.33 -11.77
C LEU B 2660 13.66 82.54 -10.88
N SER B 2661 14.22 82.54 -9.69
CA SER B 2661 14.13 83.69 -8.79
C SER B 2661 14.75 84.93 -9.43
N SER B 2662 15.82 84.74 -10.22
CA SER B 2662 16.45 85.87 -10.90
C SER B 2662 16.51 85.71 -12.41
N GLY B 2663 17.46 84.91 -12.88
CA GLY B 2663 17.64 84.68 -14.31
C GLY B 2663 17.15 83.31 -14.71
N PHE B 2664 17.08 83.06 -16.01
CA PHE B 2664 16.68 81.72 -16.45
C PHE B 2664 17.83 80.98 -17.11
N THR B 2665 18.24 81.45 -18.29
CA THR B 2665 19.29 80.79 -19.04
C THR B 2665 20.59 80.82 -18.26
N PRO B 2666 21.10 79.64 -17.88
CA PRO B 2666 22.28 79.49 -17.03
C PRO B 2666 23.53 80.02 -17.71
N THR B 2667 23.48 80.14 -19.03
CA THR B 2667 24.63 80.61 -19.78
C THR B 2667 24.71 82.14 -19.78
N GLU B 2668 23.65 82.80 -19.31
CA GLU B 2668 23.69 84.25 -19.13
C GLU B 2668 24.75 84.61 -18.09
N LEU B 2669 25.04 83.66 -17.20
CA LEU B 2669 26.10 83.82 -16.22
C LEU B 2669 27.46 83.94 -16.92
N MET B 2670 27.56 83.32 -18.09
CA MET B 2670 28.83 83.31 -18.83
C MET B 2670 29.02 84.59 -19.63
N ARG B 2671 28.02 85.48 -19.59
CA ARG B 2671 28.15 86.80 -20.17
C ARG B 2671 28.98 87.70 -19.26
N TRP B 2672 28.62 87.70 -17.98
CA TRP B 2672 29.31 88.52 -16.99
C TRP B 2672 30.55 87.86 -16.39
N VAL B 2673 30.64 86.54 -16.53
CA VAL B 2673 31.61 85.75 -15.78
C VAL B 2673 32.25 84.68 -16.65
N HIS B 2674 33.55 84.45 -16.47
CA HIS B 2674 34.19 83.29 -17.09
C HIS B 2674 33.69 82.02 -16.39
N PRO B 2675 33.21 81.05 -17.19
CA PRO B 2675 32.57 79.80 -16.75
C PRO B 2675 33.29 79.06 -15.61
N SER B 2676 34.61 79.20 -15.49
CA SER B 2676 35.32 78.53 -14.42
C SER B 2676 35.08 79.20 -13.06
N GLN B 2677 34.44 80.36 -13.09
CA GLN B 2677 34.10 81.08 -11.86
C GLN B 2677 32.68 80.75 -11.37
N VAL B 2678 32.04 79.77 -11.99
CA VAL B 2678 30.76 79.26 -11.50
C VAL B 2678 30.99 78.05 -10.61
N ALA B 2679 30.48 78.09 -9.38
CA ALA B 2679 30.71 77.00 -8.44
C ALA B 2679 29.44 76.25 -8.05
N SER B 2680 29.60 75.00 -7.65
CA SER B 2680 28.48 74.23 -7.15
C SER B 2680 28.88 73.59 -5.83
N THR B 2681 28.27 74.07 -4.75
CA THR B 2681 28.46 73.48 -3.43
C THR B 2681 27.12 72.88 -2.99
N GLN B 2682 27.03 71.56 -2.97
CA GLN B 2682 25.75 70.89 -2.71
C GLN B 2682 25.88 69.76 -1.69
N GLY B 2683 25.25 69.93 -0.54
CA GLY B 2683 25.40 68.96 0.54
C GLY B 2683 24.43 67.79 0.50
N THR B 2684 24.81 66.71 1.18
CA THR B 2684 23.96 65.54 1.35
C THR B 2684 24.27 64.94 2.71
N GLY B 2685 23.25 64.38 3.37
CA GLY B 2685 23.49 63.49 4.50
C GLY B 2685 23.88 62.10 4.02
N MET B 2686 23.15 61.63 3.01
CA MET B 2686 23.46 60.38 2.33
C MET B 2686 23.41 60.64 0.83
N GLY B 2687 22.20 60.82 0.33
CA GLY B 2687 21.98 61.10 -1.06
C GLY B 2687 22.09 59.83 -1.88
N GLY B 2688 21.41 59.80 -3.03
CA GLY B 2688 21.40 58.62 -3.88
C GLY B 2688 20.89 57.36 -3.23
N MET B 2689 20.15 57.50 -2.14
CA MET B 2689 19.71 56.37 -1.31
C MET B 2689 19.03 55.26 -2.11
N THR B 2690 18.07 55.64 -2.93
CA THR B 2690 17.38 54.70 -3.80
C THR B 2690 18.37 53.91 -4.68
N SER B 2691 19.28 54.62 -5.31
CA SER B 2691 20.25 54.01 -6.23
C SER B 2691 21.20 53.10 -5.48
N MET B 2692 21.45 53.42 -4.22
CA MET B 2692 22.26 52.55 -3.38
C MET B 2692 21.46 51.29 -3.06
N GLN B 2693 20.27 51.44 -2.47
CA GLN B 2693 19.47 50.28 -2.12
C GLN B 2693 19.07 49.48 -3.35
N THR B 2694 19.19 50.09 -4.52
CA THR B 2694 18.83 49.43 -5.76
C THR B 2694 19.93 48.44 -6.13
N MET B 2695 21.19 48.82 -5.89
CA MET B 2695 22.28 47.92 -6.22
C MET B 2695 22.35 46.73 -5.25
N TYR B 2696 22.28 46.99 -3.95
CA TYR B 2696 22.56 45.96 -2.96
C TYR B 2696 21.45 44.90 -2.92
N HIS B 2697 20.20 45.32 -3.11
CA HIS B 2697 19.12 44.38 -3.43
C HIS B 2697 19.42 43.67 -4.74
N GLY B 2698 19.37 44.45 -5.82
CA GLY B 2698 19.47 43.94 -7.18
C GLY B 2698 20.59 42.98 -7.49
N ASN B 2699 21.80 43.30 -7.05
CA ASN B 2699 22.96 42.45 -7.27
C ASN B 2699 22.81 41.12 -6.54
N LEU B 2700 22.53 41.18 -5.24
CA LEU B 2700 22.32 39.97 -4.44
C LEU B 2700 21.11 39.19 -4.96
N LEU B 2701 20.20 39.90 -5.61
CA LEU B 2701 18.99 39.30 -6.16
C LEU B 2701 19.08 38.98 -7.65
N GLY B 2702 20.19 39.36 -8.27
CA GLY B 2702 20.44 39.11 -9.69
C GLY B 2702 19.38 39.65 -10.63
N ARG B 2703 18.51 40.50 -10.08
CA ARG B 2703 17.46 41.17 -10.84
C ARG B 2703 18.17 42.08 -11.83
N ALA B 2704 17.52 42.40 -12.94
CA ALA B 2704 18.11 43.38 -13.86
C ALA B 2704 18.02 44.75 -13.21
N LYS B 2705 19.19 45.38 -13.08
CA LYS B 2705 19.35 46.69 -12.46
C LYS B 2705 20.28 47.53 -13.36
N PRO B 2706 20.28 48.88 -13.19
CA PRO B 2706 21.05 49.67 -14.15
C PRO B 2706 22.57 49.54 -13.95
N ASN B 2707 23.31 49.69 -15.06
CA ASN B 2707 24.77 49.64 -15.04
C ASN B 2707 25.43 50.88 -14.46
N ASP B 2708 24.66 51.94 -14.34
CA ASP B 2708 25.23 53.22 -13.91
C ASP B 2708 25.13 53.43 -12.40
N ILE B 2709 24.72 52.37 -11.71
CA ILE B 2709 24.40 52.43 -10.29
C ILE B 2709 25.43 53.12 -9.42
N LEU B 2710 26.69 52.68 -9.49
CA LEU B 2710 27.67 53.24 -8.57
C LEU B 2710 27.94 54.70 -8.92
N GLN B 2711 27.83 55.06 -10.19
CA GLN B 2711 27.98 56.46 -10.57
C GLN B 2711 26.83 57.25 -9.97
N GLU B 2712 25.63 56.68 -9.99
CA GLU B 2712 24.45 57.39 -9.53
C GLU B 2712 24.29 57.36 -8.00
N VAL B 2713 25.10 56.55 -7.32
CA VAL B 2713 25.06 56.55 -5.85
C VAL B 2713 26.05 57.53 -5.20
N LEU B 2714 26.92 58.12 -6.01
CA LEU B 2714 27.87 59.11 -5.50
C LEU B 2714 27.07 60.37 -5.14
N PRO B 2715 27.10 60.77 -3.86
CA PRO B 2715 26.29 61.91 -3.42
C PRO B 2715 26.58 63.19 -4.20
N ASN B 2716 27.68 63.20 -4.95
CA ASN B 2716 28.03 64.37 -5.75
C ASN B 2716 27.47 64.31 -7.16
N VAL B 2717 26.93 63.14 -7.53
CA VAL B 2717 26.59 62.92 -8.92
C VAL B 2717 25.28 63.61 -9.27
N VAL B 2718 24.50 63.89 -8.24
CA VAL B 2718 23.20 64.51 -8.42
C VAL B 2718 23.31 65.92 -9.00
N ALA B 2719 24.14 66.76 -8.38
CA ALA B 2719 24.38 68.10 -8.94
C ALA B 2719 25.31 68.04 -10.15
N ALA B 2720 26.10 66.97 -10.22
CA ALA B 2720 26.87 66.68 -11.43
C ALA B 2720 25.92 66.52 -12.62
N HIS B 2721 24.80 65.83 -12.38
CA HIS B 2721 23.74 65.69 -13.38
C HIS B 2721 23.13 67.03 -13.77
N VAL B 2722 23.00 67.92 -12.78
CA VAL B 2722 22.46 69.26 -13.01
C VAL B 2722 23.43 70.13 -13.81
N MET B 2723 24.72 69.98 -13.55
CA MET B 2723 25.73 70.75 -14.25
C MET B 2723 25.85 70.28 -15.70
N GLN B 2724 25.64 68.98 -15.91
CA GLN B 2724 25.63 68.40 -17.25
C GLN B 2724 24.40 68.83 -18.03
N SER B 2725 23.25 68.81 -17.36
CA SER B 2725 21.98 69.13 -18.00
C SER B 2725 21.66 70.63 -18.14
N TYR B 2726 22.14 71.46 -17.23
CA TYR B 2726 21.66 72.84 -17.16
C TYR B 2726 22.70 73.96 -17.25
N VAL B 2727 23.42 74.18 -16.15
CA VAL B 2727 24.34 75.31 -16.04
C VAL B 2727 25.52 75.19 -17.00
N GLY B 2728 26.19 74.04 -16.97
CA GLY B 2728 27.30 73.79 -17.86
C GLY B 2728 28.54 74.57 -17.46
N GLY B 2729 28.61 74.94 -16.19
CA GLY B 2729 29.74 75.71 -15.68
C GLY B 2729 31.04 74.94 -15.77
N TYR B 2730 32.14 75.67 -15.89
CA TYR B 2730 33.45 75.05 -15.99
C TYR B 2730 34.19 75.05 -14.65
N GLY B 2731 33.50 75.56 -13.63
CA GLY B 2731 34.09 75.81 -12.33
C GLY B 2731 33.77 74.88 -11.18
N ALA B 2732 34.09 75.35 -9.97
CA ALA B 2732 34.17 74.49 -8.79
C ALA B 2732 32.96 73.63 -8.48
N MET B 2733 33.23 72.41 -8.03
CA MET B 2733 32.19 71.54 -7.51
C MET B 2733 32.61 70.93 -6.18
N VAL B 2734 31.84 71.23 -5.14
CA VAL B 2734 32.04 70.70 -3.80
C VAL B 2734 30.71 70.11 -3.32
N HIS B 2735 30.79 69.06 -2.49
CA HIS B 2735 29.61 68.33 -2.04
C HIS B 2735 29.69 67.87 -0.59
N PRO B 2736 29.44 68.79 0.35
CA PRO B 2736 29.55 68.52 1.79
C PRO B 2736 28.72 67.34 2.29
N VAL B 2737 29.23 66.65 3.31
CA VAL B 2737 28.38 65.78 4.10
C VAL B 2737 28.31 66.32 5.54
N GLY B 2738 27.14 66.85 5.89
CA GLY B 2738 26.92 67.41 7.22
C GLY B 2738 25.93 66.62 8.05
N ALA B 2739 25.66 65.38 7.64
CA ALA B 2739 24.60 64.59 8.26
C ALA B 2739 23.29 65.37 8.15
N CYS B 2740 22.80 65.83 9.29
CA CYS B 2740 21.65 66.72 9.31
C CYS B 2740 22.02 68.18 8.98
N ALA B 2741 23.30 68.53 9.12
CA ALA B 2741 23.75 69.91 8.96
C ALA B 2741 24.34 70.32 7.59
N THR B 2742 24.32 69.40 6.62
CA THR B 2742 24.93 69.64 5.30
C THR B 2742 24.54 70.96 4.66
N ALA B 2743 23.25 71.30 4.77
CA ALA B 2743 22.71 72.50 4.16
C ALA B 2743 23.46 73.77 4.60
N ALA B 2744 23.53 73.99 5.90
CA ALA B 2744 24.25 75.14 6.44
C ALA B 2744 25.77 74.98 6.25
N VAL B 2745 26.23 73.74 6.28
CA VAL B 2745 27.63 73.44 6.03
C VAL B 2745 27.98 73.74 4.57
N SER B 2746 27.03 73.50 3.68
CA SER B 2746 27.21 73.81 2.27
C SER B 2746 27.31 75.31 2.03
N VAL B 2747 26.43 76.08 2.68
CA VAL B 2747 26.44 77.53 2.56
C VAL B 2747 27.80 78.09 2.97
N GLU B 2748 28.36 77.52 4.04
CA GLU B 2748 29.66 77.94 4.55
C GLU B 2748 30.72 77.86 3.47
N GLU B 2749 30.76 76.75 2.75
CA GLU B 2749 31.76 76.55 1.72
C GLU B 2749 31.43 77.32 0.43
N GLY B 2750 30.15 77.51 0.18
CA GLY B 2750 29.71 78.35 -0.93
C GLY B 2750 30.19 79.77 -0.71
N VAL B 2751 30.10 80.22 0.54
CA VAL B 2751 30.61 81.52 0.94
C VAL B 2751 32.13 81.56 0.79
N ASP B 2752 32.78 80.47 1.19
CA ASP B 2752 34.23 80.38 1.14
C ASP B 2752 34.79 80.44 -0.27
N LYS B 2753 34.09 79.82 -1.22
CA LYS B 2753 34.54 79.78 -2.60
C LYS B 2753 34.56 81.15 -3.27
N ILE B 2754 33.64 82.02 -2.87
CA ILE B 2754 33.52 83.33 -3.50
C ILE B 2754 34.60 84.31 -3.04
N LYS B 2755 34.80 84.41 -1.73
CA LYS B 2755 35.67 85.41 -1.14
C LYS B 2755 37.13 85.26 -1.56
N LEU B 2756 37.50 84.06 -1.99
CA LEU B 2756 38.87 83.79 -2.40
C LEU B 2756 39.08 83.91 -3.90
N GLY B 2757 38.03 84.29 -4.61
CA GLY B 2757 38.12 84.53 -6.05
C GLY B 2757 38.16 83.27 -6.90
N LYS B 2758 37.99 82.12 -6.25
CA LYS B 2758 37.97 80.84 -6.97
C LYS B 2758 36.74 80.78 -7.88
N ALA B 2759 35.60 81.24 -7.35
CA ALA B 2759 34.39 81.35 -8.15
C ALA B 2759 33.56 82.54 -7.70
N ASP B 2760 32.95 83.26 -8.66
CA ASP B 2760 32.11 84.40 -8.33
C ASP B 2760 30.63 84.08 -8.19
N LEU B 2761 30.22 82.89 -8.62
CA LEU B 2761 28.82 82.48 -8.51
C LEU B 2761 28.74 81.05 -8.01
N VAL B 2762 28.04 80.85 -6.90
CA VAL B 2762 27.91 79.50 -6.35
C VAL B 2762 26.46 79.10 -6.11
N ILE B 2763 26.21 77.80 -6.17
CA ILE B 2763 24.92 77.25 -5.82
C ILE B 2763 25.11 76.48 -4.54
N ALA B 2764 24.44 76.89 -3.47
CA ALA B 2764 24.52 76.18 -2.20
C ALA B 2764 23.20 75.51 -1.87
N GLY B 2765 23.27 74.36 -1.19
CA GLY B 2765 22.08 73.63 -0.84
C GLY B 2765 22.33 72.27 -0.21
N GLY B 2766 21.24 71.53 -0.01
CA GLY B 2766 21.30 70.17 0.48
C GLY B 2766 20.03 69.41 0.13
N PHE B 2767 20.14 68.09 0.07
CA PHE B 2767 18.99 67.26 -0.27
C PHE B 2767 19.17 65.83 0.25
N ASP B 2768 18.05 65.17 0.54
CA ASP B 2768 18.05 63.79 1.02
C ASP B 2768 16.71 63.13 0.68
N ASP B 2769 16.65 61.81 0.73
CA ASP B 2769 15.42 61.12 0.40
C ASP B 2769 14.93 60.28 1.57
N LEU B 2770 13.63 59.96 1.57
CA LEU B 2770 13.04 59.08 2.56
C LEU B 2770 12.64 57.76 1.91
N THR B 2771 13.35 56.70 2.29
CA THR B 2771 13.06 55.36 1.78
C THR B 2771 12.84 54.39 2.94
N LEU B 2772 12.70 53.12 2.60
CA LEU B 2772 12.47 52.04 3.56
C LEU B 2772 13.55 51.98 4.64
N GLU B 2773 14.78 51.73 4.21
CA GLU B 2773 15.88 51.44 5.11
C GLU B 2773 16.48 52.70 5.72
N ALA B 2774 15.97 53.86 5.31
CA ALA B 2774 16.32 55.09 5.98
C ALA B 2774 15.54 55.12 7.29
N ILE B 2775 14.29 54.70 7.21
CA ILE B 2775 13.42 54.66 8.37
C ILE B 2775 13.92 53.66 9.42
N ILE B 2776 14.28 52.46 8.98
CA ILE B 2776 14.62 51.41 9.92
C ILE B 2776 15.94 51.68 10.64
N GLY B 2777 16.78 52.53 10.05
CA GLY B 2777 18.02 52.94 10.68
C GLY B 2777 17.80 53.90 11.83
N PHE B 2778 16.90 54.85 11.62
CA PHE B 2778 16.54 55.81 12.67
C PHE B 2778 15.77 55.12 13.80
N GLY B 2779 14.73 54.36 13.44
CA GLY B 2779 13.87 53.69 14.42
C GLY B 2779 14.63 52.70 15.31
N ASP B 2780 15.62 52.08 14.71
CA ASP B 2780 16.53 51.21 15.44
C ASP B 2780 17.41 52.04 16.35
N MET B 2781 17.85 53.20 15.87
CA MET B 2781 18.73 54.09 16.63
C MET B 2781 17.98 54.79 17.76
N ALA B 2782 16.67 54.59 17.80
CA ALA B 2782 15.77 55.15 18.83
C ALA B 2782 15.50 56.65 18.66
N ALA B 2783 16.13 57.27 17.67
CA ALA B 2783 16.06 58.72 17.50
C ALA B 2783 14.75 59.22 16.91
N THR B 2784 14.01 58.33 16.25
CA THR B 2784 12.75 58.71 15.62
C THR B 2784 11.56 58.44 16.52
N ALA B 2785 10.55 59.30 16.41
CA ALA B 2785 9.35 59.19 17.21
C ALA B 2785 8.56 57.94 16.82
N ASP B 2786 8.10 57.20 17.83
CA ASP B 2786 7.43 55.93 17.59
C ASP B 2786 5.93 56.14 17.43
N THR B 2787 5.42 55.90 16.23
CA THR B 2787 4.05 56.22 15.85
C THR B 2787 2.99 55.51 16.70
N GLU B 2788 3.27 54.28 17.08
CA GLU B 2788 2.35 53.51 17.91
C GLU B 2788 2.15 54.18 19.27
N MET B 2789 3.19 54.86 19.74
CA MET B 2789 3.11 55.60 21.00
C MET B 2789 2.40 56.93 20.83
N MET B 2790 2.52 57.53 19.65
CA MET B 2790 1.90 58.83 19.37
C MET B 2790 0.39 58.70 19.29
N ARG B 2791 -0.07 57.63 18.65
CA ARG B 2791 -1.50 57.36 18.53
C ARG B 2791 -2.11 57.02 19.88
N ALA B 2792 -1.28 56.44 20.76
CA ALA B 2792 -1.73 56.10 22.10
C ALA B 2792 -1.92 57.35 22.95
N LYS B 2793 -1.20 58.42 22.60
CA LYS B 2793 -1.32 59.68 23.32
C LYS B 2793 -2.34 60.60 22.66
N GLY B 2794 -2.98 60.10 21.61
CA GLY B 2794 -4.00 60.85 20.90
C GLY B 2794 -3.41 61.93 20.00
N ILE B 2795 -2.30 61.61 19.34
CA ILE B 2795 -1.63 62.57 18.47
C ILE B 2795 -1.87 62.27 17.00
N SER B 2796 -2.44 63.24 16.30
CA SER B 2796 -2.63 63.14 14.85
C SER B 2796 -1.29 63.31 14.14
N ASP B 2797 -1.22 62.85 12.89
CA ASP B 2797 0.02 62.88 12.11
C ASP B 2797 0.60 64.28 11.92
N SER B 2798 -0.26 65.29 11.87
CA SER B 2798 0.22 66.65 11.66
C SER B 2798 0.78 67.26 12.94
N LYS B 2799 0.37 66.72 14.08
CA LYS B 2799 0.71 67.30 15.39
C LYS B 2799 1.89 66.64 16.08
N PHE B 2800 2.48 65.62 15.47
CA PHE B 2800 3.48 64.81 16.17
C PHE B 2800 4.92 65.33 16.15
N SER B 2801 5.16 66.35 15.33
CA SER B 2801 6.46 67.01 15.34
C SER B 2801 6.31 68.30 16.12
N ARG B 2802 6.85 68.32 17.34
CA ARG B 2802 6.70 69.46 18.23
C ARG B 2802 8.03 69.83 18.84
N ALA B 2803 8.52 71.02 18.49
CA ALA B 2803 9.82 71.46 18.98
C ALA B 2803 9.68 72.21 20.30
N ASN B 2804 10.60 71.94 21.22
CA ASN B 2804 10.65 72.61 22.52
C ASN B 2804 9.46 72.30 23.43
N ASP B 2805 8.50 71.52 22.92
CA ASP B 2805 7.36 71.09 23.69
C ASP B 2805 7.81 70.14 24.81
N ARG B 2806 7.07 70.16 25.92
CA ARG B 2806 7.35 69.29 27.05
C ARG B 2806 7.29 67.82 26.64
N ARG B 2807 6.40 67.52 25.69
CA ARG B 2807 6.11 66.15 25.28
C ARG B 2807 6.91 65.66 24.08
N ARG B 2808 7.87 66.46 23.62
CA ARG B 2808 8.59 66.13 22.38
C ARG B 2808 9.21 64.73 22.45
N LEU B 2809 8.80 63.89 21.51
CA LEU B 2809 9.15 62.46 21.52
C LEU B 2809 10.27 61.99 20.57
N GLY B 2810 10.91 62.93 19.88
CA GLY B 2810 11.87 62.58 18.85
C GLY B 2810 11.39 62.96 17.45
N PHE B 2811 12.31 63.00 16.49
CA PHE B 2811 12.02 63.65 15.21
C PHE B 2811 11.20 62.87 14.20
N LEU B 2812 10.46 63.61 13.39
CA LEU B 2812 9.79 63.05 12.23
C LEU B 2812 10.73 63.10 11.03
N GLU B 2813 10.91 61.96 10.36
CA GLU B 2813 11.79 61.89 9.20
C GLU B 2813 11.07 62.39 7.95
N ALA B 2814 11.79 63.09 7.08
CA ALA B 2814 11.19 63.65 5.87
C ALA B 2814 12.04 63.42 4.63
N GLN B 2815 11.55 63.88 3.50
CA GLN B 2815 12.27 63.79 2.23
C GLN B 2815 12.18 65.10 1.48
N GLY B 2816 13.16 65.35 0.60
CA GLY B 2816 13.12 66.52 -0.26
C GLY B 2816 14.49 67.09 -0.55
N GLY B 2817 14.50 68.29 -1.10
CA GLY B 2817 15.74 68.99 -1.38
C GLY B 2817 15.50 70.45 -1.65
N GLY B 2818 16.52 71.26 -1.42
CA GLY B 2818 16.44 72.68 -1.70
C GLY B 2818 17.80 73.27 -1.94
N THR B 2819 17.85 74.38 -2.68
CA THR B 2819 19.11 75.02 -3.01
C THR B 2819 18.97 76.54 -3.04
N ILE B 2820 20.07 77.24 -2.85
CA ILE B 2820 20.10 78.68 -2.96
C ILE B 2820 21.25 79.12 -3.84
N LEU B 2821 21.09 80.27 -4.50
CA LEU B 2821 22.16 80.82 -5.33
C LEU B 2821 22.88 81.94 -4.59
N LEU B 2822 24.12 81.67 -4.18
CA LEU B 2822 24.93 82.67 -3.51
C LEU B 2822 25.88 83.32 -4.50
N ALA B 2823 25.97 84.64 -4.46
CA ALA B 2823 26.82 85.37 -5.40
C ALA B 2823 27.60 86.50 -4.74
N ARG B 2824 28.60 87.00 -5.45
CA ARG B 2824 29.33 88.18 -5.04
C ARG B 2824 28.40 89.39 -5.10
N GLY B 2825 28.43 90.22 -4.07
CA GLY B 2825 27.58 91.39 -4.00
C GLY B 2825 27.76 92.34 -5.17
N ASP B 2826 28.99 92.45 -5.65
CA ASP B 2826 29.29 93.34 -6.78
C ASP B 2826 28.66 92.80 -8.06
N LEU B 2827 28.67 91.48 -8.21
CA LEU B 2827 28.12 90.82 -9.39
C LEU B 2827 26.61 90.93 -9.45
N ALA B 2828 25.96 90.79 -8.29
CA ALA B 2828 24.50 90.84 -8.21
C ALA B 2828 23.96 92.19 -8.67
N LEU B 2829 24.69 93.25 -8.34
CA LEU B 2829 24.33 94.59 -8.77
C LEU B 2829 24.56 94.73 -10.27
N LYS B 2830 25.69 94.21 -10.73
CA LYS B 2830 26.10 94.32 -12.12
C LYS B 2830 25.19 93.52 -13.04
N MET B 2831 24.84 92.31 -12.63
CA MET B 2831 23.88 91.49 -13.37
C MET B 2831 22.48 92.06 -13.22
N GLY B 2832 22.25 92.75 -12.10
CA GLY B 2832 20.96 93.34 -11.81
C GLY B 2832 19.93 92.29 -11.45
N LEU B 2833 20.29 91.39 -10.55
CA LEU B 2833 19.37 90.35 -10.10
C LEU B 2833 18.75 90.77 -8.77
N PRO B 2834 17.77 90.00 -8.26
CA PRO B 2834 17.23 90.31 -6.94
C PRO B 2834 18.18 89.98 -5.80
N VAL B 2835 18.22 90.82 -4.78
CA VAL B 2835 18.97 90.52 -3.57
C VAL B 2835 18.01 90.06 -2.47
N LEU B 2836 18.05 88.77 -2.15
CA LEU B 2836 17.13 88.20 -1.17
C LEU B 2836 17.58 88.45 0.26
N ALA B 2837 18.89 88.47 0.48
CA ALA B 2837 19.47 88.71 1.79
C ALA B 2837 21.00 88.71 1.72
N VAL B 2838 21.62 89.23 2.77
CA VAL B 2838 23.07 89.20 2.88
C VAL B 2838 23.46 88.12 3.88
N VAL B 2839 24.40 87.27 3.50
CA VAL B 2839 24.92 86.29 4.42
C VAL B 2839 26.08 86.93 5.14
N GLY B 2840 25.88 87.22 6.42
CA GLY B 2840 26.84 87.95 7.20
C GLY B 2840 27.94 87.05 7.71
N TYR B 2841 27.67 85.75 7.69
CA TYR B 2841 28.60 84.76 8.22
C TYR B 2841 28.03 83.37 8.02
N ALA B 2842 28.91 82.38 8.00
CA ALA B 2842 28.50 80.99 8.01
C ALA B 2842 29.61 80.18 8.66
N GLN B 2843 29.24 79.20 9.48
CA GLN B 2843 30.23 78.37 10.14
C GLN B 2843 29.69 77.00 10.45
N SER B 2844 30.56 76.00 10.42
CA SER B 2844 30.28 74.69 10.95
C SER B 2844 31.14 74.57 12.19
N PHE B 2845 30.70 73.75 13.14
CA PHE B 2845 31.42 73.60 14.41
C PHE B 2845 31.31 72.19 14.98
N ALA B 2846 32.43 71.64 15.44
CA ALA B 2846 32.42 70.31 16.07
C ALA B 2846 32.22 70.45 17.58
N ASP B 2847 32.30 69.35 18.32
CA ASP B 2847 32.06 69.42 19.76
C ASP B 2847 33.23 68.94 20.60
N GLY B 2848 33.44 67.63 20.66
CA GLY B 2848 34.59 67.12 21.38
C GLY B 2848 34.58 65.68 21.82
N VAL B 2849 35.59 65.30 22.60
CA VAL B 2849 35.68 63.95 23.11
C VAL B 2849 34.71 63.70 24.26
N HIS B 2850 33.85 62.70 24.08
CA HIS B 2850 33.07 62.14 25.18
C HIS B 2850 32.55 60.74 24.83
N THR B 2851 32.26 59.94 25.86
CA THR B 2851 31.68 58.60 25.68
C THR B 2851 30.16 58.60 25.47
N SER B 2852 29.47 59.48 26.17
CA SER B 2852 28.01 59.43 26.33
C SER B 2852 27.20 59.68 25.06
N ILE B 2853 26.31 58.75 24.74
CA ILE B 2853 25.46 58.91 23.55
C ILE B 2853 24.37 60.00 23.57
N PRO B 2854 23.67 60.20 24.71
CA PRO B 2854 22.76 61.36 24.62
C PRO B 2854 23.47 62.71 24.61
N ALA B 2855 24.71 62.80 25.06
CA ALA B 2855 25.35 64.11 25.22
C ALA B 2855 25.54 64.82 23.89
N PRO B 2856 24.79 65.91 23.69
CA PRO B 2856 24.71 66.69 22.44
C PRO B 2856 25.88 67.66 22.28
N GLY B 2857 26.26 67.95 21.03
CA GLY B 2857 27.31 68.91 20.76
C GLY B 2857 26.96 70.37 21.04
N LEU B 2858 27.76 71.02 21.86
CA LEU B 2858 27.60 72.45 22.16
C LEU B 2858 28.55 73.38 21.41
N GLY B 2859 29.40 72.84 20.55
CA GLY B 2859 30.49 73.60 19.96
C GLY B 2859 30.15 74.80 19.08
N ALA B 2860 28.87 74.98 18.77
CA ALA B 2860 28.41 76.09 17.93
C ALA B 2860 28.57 77.43 18.64
N LEU B 2861 28.93 77.38 19.91
CA LEU B 2861 29.14 78.57 20.72
C LEU B 2861 30.42 79.31 20.32
N GLY B 2862 31.30 78.63 19.60
CA GLY B 2862 32.58 79.20 19.22
C GLY B 2862 32.49 80.46 18.36
N ALA B 2863 31.32 80.70 17.78
CA ALA B 2863 31.11 81.88 16.95
C ALA B 2863 30.88 83.13 17.79
N ALA B 2864 30.42 82.95 19.02
CA ALA B 2864 30.11 84.07 19.90
C ALA B 2864 31.28 84.43 20.79
N ARG B 2865 32.41 83.74 20.61
CA ARG B 2865 33.58 83.95 21.44
C ARG B 2865 34.29 85.27 21.14
N GLY B 2866 34.51 86.06 22.20
CA GLY B 2866 35.22 87.31 22.06
C GLY B 2866 34.39 88.57 22.23
N GLY B 2867 33.08 88.42 22.33
CA GLY B 2867 32.21 89.57 22.56
C GLY B 2867 32.18 90.53 21.39
N ARG B 2868 32.60 91.77 21.63
CA ARG B 2868 32.73 92.75 20.55
C ARG B 2868 33.73 92.26 19.49
N GLU B 2869 34.65 91.40 19.91
CA GLU B 2869 35.64 90.82 19.01
C GLU B 2869 35.15 89.51 18.39
N SER B 2870 33.94 89.10 18.75
CA SER B 2870 33.39 87.83 18.27
C SER B 2870 33.01 87.89 16.80
N THR B 2871 33.01 86.74 16.15
CA THR B 2871 32.67 86.66 14.74
C THR B 2871 31.22 87.04 14.50
N LEU B 2872 30.37 86.69 15.46
CA LEU B 2872 28.94 86.96 15.35
C LEU B 2872 28.67 88.46 15.42
N ALA B 2873 29.31 89.13 16.36
CA ALA B 2873 29.07 90.55 16.58
C ALA B 2873 29.76 91.43 15.54
N ARG B 2874 30.96 91.04 15.13
CA ARG B 2874 31.70 91.78 14.12
C ARG B 2874 31.00 91.72 12.77
N SER B 2875 30.46 90.54 12.46
CA SER B 2875 29.68 90.36 11.24
C SER B 2875 28.53 91.35 11.22
N LEU B 2876 27.83 91.44 12.35
CA LEU B 2876 26.77 92.41 12.52
C LEU B 2876 27.29 93.85 12.44
N ALA B 2877 28.35 94.13 13.21
CA ALA B 2877 28.90 95.49 13.35
C ALA B 2877 29.35 96.10 12.02
N GLN B 2878 29.86 95.26 11.13
CA GLN B 2878 30.26 95.73 9.81
C GLN B 2878 29.10 96.31 9.00
N LEU B 2879 27.87 95.88 9.31
CA LEU B 2879 26.69 96.47 8.71
C LEU B 2879 26.13 97.59 9.60
N GLY B 2880 26.81 97.83 10.72
CA GLY B 2880 26.34 98.82 11.67
C GLY B 2880 25.17 98.25 12.46
N VAL B 2881 25.18 96.93 12.60
CA VAL B 2881 24.13 96.22 13.31
C VAL B 2881 24.66 95.71 14.65
N GLY B 2882 23.83 95.81 15.68
CA GLY B 2882 24.20 95.36 17.01
C GLY B 2882 23.74 93.95 17.32
N ALA B 2883 24.11 93.46 18.51
CA ALA B 2883 23.74 92.12 18.95
C ALA B 2883 22.24 92.03 19.24
N ASP B 2884 21.65 93.15 19.63
CA ASP B 2884 20.23 93.20 19.93
C ASP B 2884 19.41 93.12 18.65
N ASP B 2885 20.07 93.34 17.52
CA ASP B 2885 19.39 93.46 16.24
C ASP B 2885 19.16 92.12 15.55
N ILE B 2886 19.53 91.02 16.21
CA ILE B 2886 19.11 89.72 15.76
C ILE B 2886 17.82 89.41 16.49
N ALA B 2887 16.71 89.47 15.77
CA ALA B 2887 15.40 89.18 16.34
C ALA B 2887 15.10 87.69 16.32
N VAL B 2888 15.44 87.05 15.22
CA VAL B 2888 15.03 85.68 14.97
C VAL B 2888 16.21 84.71 14.83
N ILE B 2889 16.11 83.58 15.53
CA ILE B 2889 17.01 82.46 15.27
C ILE B 2889 16.17 81.33 14.73
N SER B 2890 16.62 80.71 13.65
CA SER B 2890 15.95 79.51 13.17
C SER B 2890 16.67 78.32 13.78
N LYS B 2891 16.02 77.66 14.73
CA LYS B 2891 16.62 76.52 15.40
C LYS B 2891 16.55 75.29 14.50
N HIS B 2892 17.45 74.35 14.73
CA HIS B 2892 17.36 73.06 14.08
C HIS B 2892 16.05 72.42 14.53
N ASP B 2893 15.79 72.51 15.83
CA ASP B 2893 14.52 72.10 16.43
C ASP B 2893 14.05 70.74 15.94
N THR B 2894 14.81 69.71 16.31
CA THR B 2894 14.56 68.37 15.81
C THR B 2894 13.36 67.73 16.51
N SER B 2895 12.87 68.37 17.57
CA SER B 2895 11.76 67.82 18.38
C SER B 2895 12.20 66.60 19.20
N THR B 2896 13.46 66.21 19.09
CA THR B 2896 14.03 65.20 19.96
C THR B 2896 14.27 65.81 21.35
N LEU B 2897 14.29 64.97 22.37
CA LEU B 2897 14.52 65.44 23.74
C LEU B 2897 15.96 65.88 23.97
N ALA B 2898 16.87 65.36 23.15
CA ALA B 2898 18.30 65.68 23.29
C ALA B 2898 18.65 67.04 22.68
N ASN B 2899 18.16 67.29 21.47
CA ASN B 2899 18.54 68.47 20.70
C ASN B 2899 17.93 69.78 21.17
N ASP B 2900 16.62 69.80 21.36
CA ASP B 2900 15.88 71.02 21.69
C ASP B 2900 16.40 71.82 22.90
N PRO B 2901 16.53 71.19 24.09
CA PRO B 2901 17.00 72.00 25.23
C PRO B 2901 18.47 72.41 25.08
N ASN B 2902 19.27 71.57 24.42
CA ASN B 2902 20.69 71.86 24.22
C ASN B 2902 20.90 73.02 23.27
N GLU B 2903 20.19 72.99 22.14
CA GLU B 2903 20.27 74.07 21.16
C GLU B 2903 19.74 75.37 21.77
N THR B 2904 18.81 75.24 22.71
CA THR B 2904 18.25 76.39 23.41
C THR B 2904 19.28 76.98 24.37
N GLU B 2905 19.89 76.11 25.18
CA GLU B 2905 20.97 76.52 26.07
C GLU B 2905 22.10 77.15 25.28
N LEU B 2906 22.35 76.61 24.09
CA LEU B 2906 23.39 77.10 23.21
C LEU B 2906 23.09 78.52 22.74
N HIS B 2907 21.89 78.72 22.22
CA HIS B 2907 21.48 80.04 21.72
C HIS B 2907 21.31 81.03 22.86
N GLU B 2908 20.99 80.52 24.05
CA GLU B 2908 20.85 81.36 25.23
C GLU B 2908 22.21 81.91 25.64
N ARG B 2909 23.24 81.07 25.55
CA ARG B 2909 24.57 81.44 25.99
C ARG B 2909 25.29 82.35 24.99
N ILE B 2910 25.14 82.06 23.70
CA ILE B 2910 25.77 82.90 22.67
C ILE B 2910 25.24 84.34 22.74
N ALA B 2911 24.02 84.49 23.21
CA ALA B 2911 23.43 85.81 23.42
C ALA B 2911 23.91 86.42 24.73
N ASP B 2912 24.03 85.58 25.76
CA ASP B 2912 24.38 86.05 27.10
C ASP B 2912 25.74 86.72 27.18
N SER B 2913 26.74 86.12 26.55
CA SER B 2913 28.11 86.65 26.61
C SER B 2913 28.37 87.83 25.67
N MET B 2914 27.58 87.93 24.60
CA MET B 2914 27.77 88.99 23.62
C MET B 2914 27.09 90.27 24.08
N GLY B 2915 26.46 90.24 25.25
CA GLY B 2915 25.84 91.42 25.81
C GLY B 2915 24.47 91.70 25.23
N ARG B 2916 23.72 90.64 24.94
CA ARG B 2916 22.32 90.79 24.55
C ARG B 2916 21.61 91.46 25.71
N ALA B 2917 20.90 92.55 25.43
CA ALA B 2917 20.17 93.27 26.46
C ALA B 2917 19.24 92.32 27.19
N PRO B 2918 19.23 92.36 28.52
CA PRO B 2918 18.43 91.44 29.33
C PRO B 2918 16.98 91.46 28.88
N GLY B 2919 16.42 90.28 28.65
CA GLY B 2919 15.04 90.14 28.22
C GLY B 2919 14.73 90.74 26.86
N ASN B 2920 15.68 90.66 25.94
CA ASN B 2920 15.42 91.00 24.55
C ASN B 2920 15.60 89.71 23.77
N PRO B 2921 14.63 88.81 23.91
CA PRO B 2921 14.79 87.40 23.54
C PRO B 2921 14.77 87.17 22.04
N LEU B 2922 15.46 86.13 21.60
CA LEU B 2922 15.47 85.76 20.21
C LEU B 2922 14.20 84.98 19.90
N PHE B 2923 13.38 85.53 19.01
CA PHE B 2923 12.13 84.89 18.64
C PHE B 2923 12.42 83.77 17.67
N ILE B 2924 12.06 82.55 18.04
CA ILE B 2924 12.52 81.39 17.29
C ILE B 2924 11.41 80.58 16.62
N VAL B 2925 11.64 80.23 15.37
CA VAL B 2925 10.70 79.44 14.59
C VAL B 2925 11.18 77.99 14.46
N SER B 2926 10.24 77.06 14.46
CA SER B 2926 10.56 75.66 14.16
C SER B 2926 9.84 75.21 12.90
N GLN B 2927 10.60 75.02 11.84
CA GLN B 2927 10.03 74.63 10.56
C GLN B 2927 9.90 73.11 10.46
N LYS B 2928 10.57 72.40 11.37
CA LYS B 2928 10.54 70.95 11.37
C LYS B 2928 9.20 70.44 11.89
N THR B 2929 8.47 71.30 12.58
CA THR B 2929 7.13 70.95 13.06
C THR B 2929 6.17 70.90 11.89
N LEU B 2930 6.46 71.68 10.86
CA LEU B 2930 5.68 71.66 9.64
C LEU B 2930 6.27 70.65 8.66
N THR B 2931 7.42 71.00 8.08
CA THR B 2931 8.01 70.24 6.98
C THR B 2931 8.60 68.90 7.39
N GLY B 2932 8.72 68.65 8.69
CA GLY B 2932 9.39 67.46 9.18
C GLY B 2932 10.89 67.64 9.04
N HIS B 2933 11.65 66.61 9.40
CA HIS B 2933 13.10 66.70 9.30
C HIS B 2933 13.66 65.93 8.11
N ALA B 2934 14.13 66.66 7.11
CA ALA B 2934 14.87 66.07 6.00
C ALA B 2934 16.34 66.29 6.30
N LYS B 2935 17.07 65.20 6.51
CA LYS B 2935 18.47 65.24 6.94
C LYS B 2935 19.35 66.22 6.15
N GLY B 2936 19.54 65.92 4.87
CA GLY B 2936 20.41 66.73 4.03
C GLY B 2936 19.93 68.14 3.75
N GLY B 2937 18.64 68.28 3.47
CA GLY B 2937 18.06 69.56 3.12
C GLY B 2937 17.41 70.30 4.28
N ALA B 2938 17.82 69.96 5.49
CA ALA B 2938 17.28 70.59 6.69
C ALA B 2938 17.47 72.10 6.73
N ALA B 2939 18.73 72.54 6.86
CA ALA B 2939 19.03 73.95 7.11
C ALA B 2939 18.79 74.87 5.90
N VAL B 2940 18.57 74.29 4.73
CA VAL B 2940 18.25 75.08 3.54
C VAL B 2940 16.79 75.51 3.56
N PHE B 2941 15.92 74.59 3.96
CA PHE B 2941 14.51 74.92 4.13
C PHE B 2941 14.37 76.00 5.19
N GLN B 2942 15.25 75.95 6.18
CA GLN B 2942 15.32 77.00 7.19
C GLN B 2942 15.98 78.24 6.60
N MET B 2943 16.95 78.01 5.72
CA MET B 2943 17.62 79.10 5.01
C MET B 2943 16.62 79.83 4.13
N MET B 2944 15.79 79.05 3.44
CA MET B 2944 14.73 79.62 2.60
C MET B 2944 13.73 80.41 3.42
N GLY B 2945 13.27 79.81 4.51
CA GLY B 2945 12.31 80.46 5.39
C GLY B 2945 12.85 81.74 5.99
N LEU B 2946 14.15 81.77 6.26
CA LEU B 2946 14.77 82.94 6.88
C LEU B 2946 14.82 84.13 5.93
N CYS B 2947 15.07 83.87 4.65
CA CYS B 2947 15.05 84.93 3.65
C CYS B 2947 13.65 85.50 3.55
N GLN B 2948 12.67 84.59 3.52
CA GLN B 2948 11.26 84.97 3.46
C GLN B 2948 10.82 85.71 4.72
N ILE B 2949 11.48 85.41 5.84
CA ILE B 2949 11.24 86.13 7.09
C ILE B 2949 11.73 87.57 6.99
N LEU B 2950 12.94 87.75 6.47
CA LEU B 2950 13.55 89.06 6.38
C LEU B 2950 12.78 90.02 5.48
N ARG B 2951 12.43 89.56 4.28
CA ARG B 2951 11.76 90.42 3.31
C ARG B 2951 10.32 90.76 3.71
N ASP B 2952 9.56 89.75 4.15
CA ASP B 2952 8.17 89.97 4.54
C ASP B 2952 8.04 90.52 5.95
N GLY B 2953 9.07 90.29 6.77
CA GLY B 2953 9.04 90.71 8.15
C GLY B 2953 8.33 89.73 9.06
N VAL B 2954 7.53 88.86 8.48
CA VAL B 2954 6.68 87.95 9.24
C VAL B 2954 7.48 86.84 9.94
N ILE B 2955 7.24 86.66 11.23
CA ILE B 2955 7.85 85.59 11.98
C ILE B 2955 6.85 84.45 12.16
N PRO B 2956 7.10 83.31 11.47
CA PRO B 2956 6.21 82.13 11.51
C PRO B 2956 6.11 81.53 12.90
N PRO B 2957 4.91 81.07 13.27
CA PRO B 2957 4.62 80.41 14.55
C PRO B 2957 5.08 78.97 14.58
N ASN B 2958 5.16 78.41 15.77
CA ASN B 2958 5.13 76.96 15.90
C ASN B 2958 3.72 76.60 16.36
N ARG B 2959 2.93 76.04 15.45
CA ARG B 2959 1.54 75.76 15.72
C ARG B 2959 1.37 74.39 16.34
N SER B 2960 2.49 73.68 16.47
CA SER B 2960 2.51 72.36 17.07
C SER B 2960 2.80 72.43 18.56
N LEU B 2961 2.93 73.65 19.08
CA LEU B 2961 3.26 73.82 20.49
C LEU B 2961 2.01 73.91 21.34
N ASP B 2962 1.77 72.85 22.11
CA ASP B 2962 0.73 72.87 23.13
C ASP B 2962 1.23 73.54 24.42
N CYS B 2963 2.41 73.12 24.85
CA CYS B 2963 3.03 73.64 26.07
C CYS B 2963 4.54 73.72 25.95
N VAL B 2964 5.12 74.82 26.43
CA VAL B 2964 6.57 74.98 26.43
C VAL B 2964 7.18 74.14 27.55
N ASP B 2965 8.28 73.45 27.25
CA ASP B 2965 8.96 72.62 28.24
C ASP B 2965 9.40 73.48 29.43
N ASP B 2966 9.05 73.04 30.63
CA ASP B 2966 9.31 73.80 31.85
C ASP B 2966 10.81 73.96 32.13
N GLU B 2967 11.62 73.13 31.48
CA GLU B 2967 13.07 73.20 31.62
C GLU B 2967 13.62 74.45 30.92
N LEU B 2968 12.96 74.85 29.85
CA LEU B 2968 13.42 75.97 29.02
C LEU B 2968 13.23 77.33 29.68
N ALA B 2969 12.58 77.33 30.83
CA ALA B 2969 12.35 78.56 31.59
C ALA B 2969 13.65 79.25 31.98
N THR B 2970 14.70 78.45 32.18
CA THR B 2970 16.00 78.97 32.59
C THR B 2970 16.64 79.86 31.51
N SER B 2971 16.12 79.74 30.28
CA SER B 2971 16.61 80.57 29.18
C SER B 2971 15.71 81.79 29.02
N GLY B 2972 16.25 82.97 29.32
CA GLY B 2972 15.48 84.20 29.27
C GLY B 2972 15.71 85.01 28.01
N HIS B 2973 16.74 84.65 27.26
CA HIS B 2973 17.05 85.29 25.99
C HIS B 2973 16.35 84.57 24.84
N PHE B 2974 15.50 83.60 25.19
CA PHE B 2974 14.79 82.82 24.20
C PHE B 2974 13.27 82.88 24.38
N VAL B 2975 12.55 83.16 23.29
CA VAL B 2975 11.10 83.17 23.31
C VAL B 2975 10.51 82.23 22.24
N TRP B 2976 9.56 81.40 22.67
CA TRP B 2976 8.94 80.42 21.81
C TRP B 2976 7.52 80.84 21.48
N VAL B 2977 7.27 81.16 20.21
CA VAL B 2977 5.98 81.73 19.80
C VAL B 2977 5.06 80.70 19.16
N ARG B 2978 3.87 80.54 19.73
CA ARG B 2978 2.89 79.57 19.23
C ARG B 2978 1.99 80.13 18.13
N GLU B 2979 1.96 81.44 17.98
CA GLU B 2979 1.08 82.09 17.00
C GLU B 2979 1.86 83.09 16.15
N PRO B 2980 1.50 83.23 14.87
CA PRO B 2980 2.30 84.06 13.97
C PRO B 2980 2.32 85.52 14.38
N LEU B 2981 3.51 86.10 14.47
CA LEU B 2981 3.64 87.52 14.68
C LEU B 2981 3.98 88.13 13.34
N ASP B 2982 3.01 88.82 12.75
CA ASP B 2982 3.16 89.34 11.41
C ASP B 2982 3.59 90.80 11.42
N LEU B 2983 4.78 91.04 10.88
CA LEU B 2983 5.36 92.38 10.89
C LEU B 2983 5.02 93.14 9.62
N ARG B 2984 4.26 94.22 9.79
CA ARG B 2984 3.80 95.05 8.67
C ARG B 2984 4.85 96.09 8.29
N GLY B 2985 4.45 97.04 7.45
CA GLY B 2985 5.35 98.07 6.96
C GLY B 2985 5.90 98.99 8.04
N LYS B 2986 5.16 99.15 9.13
CA LYS B 2986 5.59 100.01 10.23
C LYS B 2986 6.41 99.25 11.26
N PHE B 2987 6.49 97.94 11.09
CA PHE B 2987 7.19 97.08 12.04
C PHE B 2987 8.19 96.22 11.28
N PRO B 2988 9.42 96.74 11.11
CA PRO B 2988 10.45 96.06 10.33
C PRO B 2988 11.17 94.99 11.14
N LEU B 2989 12.12 94.32 10.50
CA LEU B 2989 13.02 93.42 11.20
C LEU B 2989 14.40 93.51 10.56
N LYS B 2990 15.38 92.79 11.11
CA LYS B 2990 16.76 92.99 10.66
C LYS B 2990 17.52 91.73 10.26
N ALA B 2991 17.86 90.89 11.24
CA ALA B 2991 18.76 89.77 10.97
C ALA B 2991 18.35 88.45 11.61
N GLY B 2992 18.39 87.38 10.82
CA GLY B 2992 18.13 86.04 11.33
C GLY B 2992 19.36 85.18 11.50
N LEU B 2993 19.21 84.04 12.17
CA LEU B 2993 20.31 83.09 12.32
C LEU B 2993 19.83 81.64 12.14
N VAL B 2994 20.43 80.94 11.19
CA VAL B 2994 20.12 79.52 10.97
C VAL B 2994 21.13 78.63 11.67
N THR B 2995 20.65 77.77 12.55
CA THR B 2995 21.51 76.85 13.29
C THR B 2995 21.04 75.41 13.08
N SER B 2996 22.00 74.53 12.78
CA SER B 2996 21.68 73.12 12.57
C SER B 2996 22.73 72.20 13.20
N LEU B 2997 22.25 71.17 13.88
CA LEU B 2997 23.14 70.19 14.51
C LEU B 2997 23.06 68.84 13.80
N GLY B 2998 24.14 68.46 13.11
CA GLY B 2998 24.20 67.18 12.44
C GLY B 2998 24.69 66.10 13.38
N PHE B 2999 24.73 64.86 12.87
CA PHE B 2999 25.20 63.72 13.65
C PHE B 2999 26.72 63.65 13.68
N GLY B 3000 27.27 63.30 14.83
CA GLY B 3000 28.70 63.24 15.01
C GLY B 3000 29.36 64.59 15.10
N HIS B 3001 28.82 65.44 15.98
CA HIS B 3001 29.40 66.74 16.27
C HIS B 3001 29.40 67.67 15.07
N VAL B 3002 28.45 67.49 14.16
CA VAL B 3002 28.32 68.48 13.09
C VAL B 3002 27.32 69.53 13.54
N SER B 3003 27.82 70.73 13.79
CA SER B 3003 26.97 71.83 14.20
C SER B 3003 27.27 72.98 13.25
N GLY B 3004 26.29 73.85 13.02
CA GLY B 3004 26.51 74.96 12.11
C GLY B 3004 25.69 76.19 12.42
N LEU B 3005 26.21 77.33 11.97
CA LEU B 3005 25.55 78.62 12.19
C LEU B 3005 25.67 79.50 10.96
N VAL B 3006 24.55 80.05 10.51
CA VAL B 3006 24.55 80.98 9.39
C VAL B 3006 23.83 82.27 9.77
N ALA B 3007 24.59 83.36 9.83
CA ALA B 3007 24.01 84.65 10.16
C ALA B 3007 23.47 85.32 8.90
N LEU B 3008 22.16 85.58 8.88
CA LEU B 3008 21.54 86.23 7.74
C LEU B 3008 21.07 87.64 8.05
N VAL B 3009 21.27 88.57 7.11
CA VAL B 3009 20.96 89.98 7.31
C VAL B 3009 20.14 90.54 6.15
N HIS B 3010 19.23 91.47 6.46
CA HIS B 3010 18.33 92.09 5.48
C HIS B 3010 19.06 92.72 4.31
N PRO B 3011 18.51 92.57 3.08
CA PRO B 3011 19.10 93.12 1.85
C PRO B 3011 19.36 94.64 1.90
N GLU B 3012 18.47 95.39 2.52
CA GLU B 3012 18.56 96.85 2.52
C GLU B 3012 19.76 97.39 3.29
N ALA B 3013 20.47 96.51 3.99
CA ALA B 3013 21.71 96.90 4.65
C ALA B 3013 22.83 97.06 3.64
N PHE B 3014 22.74 96.32 2.54
CA PHE B 3014 23.75 96.36 1.49
C PHE B 3014 23.58 97.57 0.59
N ILE B 3015 22.34 97.99 0.38
CA ILE B 3015 22.02 99.10 -0.52
C ILE B 3015 22.51 100.43 0.06
N ALA B 3016 22.90 100.42 1.33
CA ALA B 3016 23.35 101.62 2.02
C ALA B 3016 24.81 101.95 1.74
N ALA B 3017 25.50 101.01 1.08
CA ALA B 3017 26.91 101.19 0.77
C ALA B 3017 27.16 101.73 -0.65
N LEU B 3018 26.08 102.04 -1.36
CA LEU B 3018 26.22 102.46 -2.75
C LEU B 3018 26.32 103.97 -2.97
N ASP B 3019 26.10 104.76 -1.90
CA ASP B 3019 25.95 106.21 -1.97
C ASP B 3019 24.61 106.55 -2.65
N PRO B 3020 24.01 107.70 -2.32
CA PRO B 3020 22.64 108.01 -2.76
C PRO B 3020 22.41 107.95 -4.27
N SER B 3021 23.41 108.33 -5.06
CA SER B 3021 23.28 108.29 -6.51
C SER B 3021 23.22 106.86 -7.03
N GLU B 3022 24.17 106.03 -6.62
CA GLU B 3022 24.23 104.65 -7.09
C GLU B 3022 23.18 103.79 -6.41
N ARG B 3023 22.79 104.15 -5.18
CA ARG B 3023 21.73 103.44 -4.48
C ARG B 3023 20.43 103.58 -5.25
N GLU B 3024 20.17 104.80 -5.72
CA GLU B 3024 18.99 105.09 -6.50
C GLU B 3024 19.06 104.41 -7.86
N ASP B 3025 20.28 104.27 -8.39
CA ASP B 3025 20.48 103.62 -9.67
C ASP B 3025 20.25 102.11 -9.60
N TYR B 3026 20.56 101.52 -8.45
CA TYR B 3026 20.38 100.08 -8.26
C TYR B 3026 18.91 99.72 -8.10
N ARG B 3027 18.17 100.52 -7.35
CA ARG B 3027 16.75 100.29 -7.14
C ARG B 3027 16.01 100.32 -8.47
N THR B 3028 16.51 101.14 -9.40
CA THR B 3028 15.96 101.22 -10.74
C THR B 3028 16.11 99.89 -11.47
N ARG B 3029 17.32 99.32 -11.39
CA ARG B 3029 17.61 98.04 -12.05
C ARG B 3029 16.87 96.88 -11.40
N ALA B 3030 16.85 96.87 -10.07
CA ALA B 3030 16.18 95.81 -9.32
C ALA B 3030 14.68 95.80 -9.56
N GLU B 3031 14.11 97.00 -9.73
CA GLU B 3031 12.68 97.14 -10.00
C GLU B 3031 12.32 96.57 -11.37
N GLN B 3032 13.17 96.86 -12.36
CA GLN B 3032 12.97 96.36 -13.71
C GLN B 3032 13.10 94.85 -13.77
N ARG B 3033 13.95 94.30 -12.92
CA ARG B 3033 14.19 92.86 -12.89
C ARG B 3033 13.00 92.11 -12.29
N MET B 3034 12.42 92.69 -11.24
CA MET B 3034 11.27 92.09 -10.58
C MET B 3034 10.10 91.95 -11.54
N LEU B 3035 9.87 92.98 -12.34
CA LEU B 3035 8.80 92.98 -13.34
C LEU B 3035 9.07 91.91 -14.40
N ALA B 3036 10.31 91.84 -14.85
CA ALA B 3036 10.71 90.83 -15.82
C ALA B 3036 10.76 89.44 -15.19
N GLY B 3037 11.03 89.41 -13.89
CA GLY B 3037 11.08 88.17 -13.14
C GLY B 3037 9.70 87.59 -12.93
N GLN B 3038 8.73 88.46 -12.63
CA GLN B 3038 7.35 88.05 -12.48
C GLN B 3038 6.80 87.51 -13.80
N ARG B 3039 7.21 88.14 -14.89
CA ARG B 3039 6.89 87.68 -16.24
C ARG B 3039 7.34 86.25 -16.46
N ARG B 3040 8.65 86.03 -16.38
CA ARG B 3040 9.26 84.72 -16.58
C ARG B 3040 8.64 83.62 -15.72
N LEU B 3041 8.36 83.93 -14.46
CA LEU B 3041 7.85 82.95 -13.52
C LEU B 3041 6.46 82.44 -13.89
N VAL B 3042 5.51 83.36 -14.07
CA VAL B 3042 4.13 82.98 -14.38
C VAL B 3042 4.01 82.32 -15.74
N SER B 3043 4.97 82.59 -16.62
CA SER B 3043 5.01 81.95 -17.93
C SER B 3043 5.52 80.52 -17.79
N ALA B 3044 6.42 80.32 -16.83
CA ALA B 3044 7.01 79.01 -16.59
C ALA B 3044 6.01 78.09 -15.88
N ILE B 3045 5.37 78.60 -14.84
CA ILE B 3045 4.44 77.82 -14.03
C ILE B 3045 3.31 77.22 -14.86
N ALA B 3046 2.77 78.02 -15.78
CA ALA B 3046 1.58 77.62 -16.54
C ALA B 3046 1.87 76.66 -17.69
N GLY B 3047 2.98 76.88 -18.40
CA GLY B 3047 3.24 76.15 -19.63
C GLY B 3047 4.06 74.88 -19.52
N GLY B 3048 4.74 74.70 -18.39
CA GLY B 3048 5.63 73.57 -18.22
C GLY B 3048 6.98 73.87 -18.88
N ARG B 3049 7.17 75.14 -19.20
CA ARG B 3049 8.40 75.64 -19.82
C ARG B 3049 9.73 75.57 -19.04
N PRO B 3050 9.72 75.84 -17.70
CA PRO B 3050 10.97 76.17 -17.02
C PRO B 3050 12.07 75.11 -17.11
N MET B 3051 11.74 73.89 -17.50
CA MET B 3051 12.76 72.88 -17.66
C MET B 3051 12.97 72.49 -19.12
N TYR B 3052 14.11 72.92 -19.66
CA TYR B 3052 14.51 72.62 -21.02
C TYR B 3052 15.89 71.99 -20.97
N GLU B 3053 16.00 70.74 -21.41
CA GLU B 3053 17.28 70.05 -21.38
C GLU B 3053 18.06 70.39 -22.64
N LYS B 3054 19.20 71.04 -22.45
CA LYS B 3054 19.94 71.67 -23.55
C LYS B 3054 20.69 70.68 -24.42
N PRO B 3055 20.56 70.86 -25.75
CA PRO B 3055 21.29 70.14 -26.79
C PRO B 3055 22.77 70.52 -26.82
N ALA B 3056 23.11 71.59 -26.10
CA ALA B 3056 24.48 72.12 -26.04
C ALA B 3056 24.96 72.63 -27.40
N ASP B 3057 24.14 73.45 -28.04
CA ASP B 3057 24.43 74.04 -29.34
C ASP B 3057 25.77 74.77 -29.39
N ARG B 3058 26.08 75.52 -28.34
CA ARG B 3058 27.28 76.35 -28.32
C ARG B 3058 28.56 75.52 -28.36
N ARG B 3059 28.48 74.29 -27.84
CA ARG B 3059 29.63 73.39 -27.84
C ARG B 3059 30.06 72.97 -29.25
N PHE B 3060 29.13 72.36 -29.97
CA PHE B 3060 29.41 71.74 -31.28
C PHE B 3060 29.05 72.55 -32.53
N ASP B 3061 28.68 73.82 -32.35
CA ASP B 3061 27.91 74.58 -33.34
C ASP B 3061 28.33 74.39 -34.81
N HIS B 3062 29.63 74.40 -35.07
CA HIS B 3062 30.16 73.97 -36.35
C HIS B 3062 31.13 72.82 -36.10
N ASP B 3063 30.82 71.64 -36.62
CA ASP B 3063 31.53 70.41 -36.26
C ASP B 3063 33.05 70.51 -36.37
N VAL B 3064 33.56 70.96 -37.51
CA VAL B 3064 35.00 71.04 -37.73
C VAL B 3064 35.74 72.06 -36.83
N PRO B 3065 35.38 73.35 -36.91
CA PRO B 3065 36.19 74.32 -36.14
C PRO B 3065 36.00 74.25 -34.62
N GLU B 3066 34.77 74.01 -34.16
CA GLU B 3066 34.49 74.10 -32.72
C GLU B 3066 35.25 73.04 -31.93
N LYS B 3067 35.48 71.89 -32.54
CA LYS B 3067 36.30 70.86 -31.91
C LYS B 3067 37.76 71.33 -31.85
N ARG B 3068 38.16 72.10 -32.85
CA ARG B 3068 39.48 72.72 -32.86
C ARG B 3068 39.49 73.94 -31.95
N GLN B 3069 38.38 74.68 -31.94
CA GLN B 3069 38.25 75.87 -31.10
C GLN B 3069 38.05 75.51 -29.64
N GLU B 3070 37.85 74.23 -29.36
CA GLU B 3070 37.63 73.75 -28.00
C GLU B 3070 38.80 74.11 -27.10
N ALA B 3071 40.01 73.93 -27.61
CA ALA B 3071 41.22 74.29 -26.88
C ALA B 3071 41.30 75.80 -26.69
N ALA B 3072 41.18 76.54 -27.79
CA ALA B 3072 41.33 77.99 -27.79
C ALA B 3072 40.39 78.71 -26.84
N MET B 3073 39.19 78.16 -26.64
CA MET B 3073 38.21 78.75 -25.74
C MET B 3073 38.68 78.73 -24.29
N LEU B 3074 39.05 77.54 -23.82
CA LEU B 3074 39.47 77.35 -22.44
C LEU B 3074 40.76 78.07 -22.12
N LEU B 3075 41.56 78.32 -23.16
CA LEU B 3075 42.88 78.95 -22.98
C LEU B 3075 42.82 80.45 -22.72
N SER B 3076 42.07 81.17 -23.55
CA SER B 3076 42.03 82.64 -23.47
C SER B 3076 40.90 83.13 -22.58
N THR B 3077 41.20 84.13 -21.75
CA THR B 3077 40.28 84.57 -20.70
C THR B 3077 38.94 85.14 -21.15
N ASP B 3078 38.98 86.12 -22.06
CA ASP B 3078 37.82 86.97 -22.33
C ASP B 3078 36.82 86.46 -23.35
N ALA B 3079 37.05 85.26 -23.89
CA ALA B 3079 36.15 84.69 -24.88
C ALA B 3079 34.81 84.29 -24.24
N ARG B 3080 33.72 84.82 -24.80
CA ARG B 3080 32.38 84.63 -24.21
C ARG B 3080 31.25 84.49 -25.24
N LEU B 3081 30.02 84.52 -24.74
CA LEU B 3081 28.82 84.39 -25.57
C LEU B 3081 28.29 85.74 -26.03
N GLY B 3082 27.99 85.86 -27.33
CA GLY B 3082 27.24 86.99 -27.84
C GLY B 3082 25.78 86.69 -27.61
N GLU B 3083 24.99 87.72 -27.27
CA GLU B 3083 23.56 87.50 -27.04
C GLU B 3083 22.73 87.51 -28.31
N ASN B 3084 23.15 88.32 -29.28
CA ASN B 3084 22.37 88.59 -30.49
C ASN B 3084 22.05 87.38 -31.38
N ASP B 3085 22.92 86.38 -31.36
CA ASP B 3085 22.72 85.16 -32.13
C ASP B 3085 21.93 84.17 -31.31
N GLN B 3086 21.47 84.63 -30.15
CA GLN B 3086 20.93 83.77 -29.09
C GLN B 3086 21.99 82.83 -28.53
N TYR B 3087 22.92 83.41 -27.77
CA TYR B 3087 23.92 82.67 -27.00
C TYR B 3087 24.80 81.74 -27.83
N VAL B 3088 25.65 82.33 -28.66
CA VAL B 3088 26.63 81.60 -29.46
C VAL B 3088 28.00 81.60 -28.78
N LEU B 3089 28.74 80.50 -28.94
CA LEU B 3089 30.11 80.41 -28.41
C LEU B 3089 31.17 80.77 -29.46
N ALA C 31 -93.22 37.89 -81.09
CA ALA C 31 -94.32 36.95 -80.86
C ALA C 31 -94.33 36.54 -79.40
N HIS C 32 -95.14 37.21 -78.59
CA HIS C 32 -95.26 36.84 -77.19
C HIS C 32 -96.55 36.10 -76.95
N ALA C 33 -96.44 34.83 -76.57
CA ALA C 33 -97.62 33.99 -76.41
C ALA C 33 -98.59 34.53 -75.35
N LEU C 34 -98.07 34.92 -74.17
CA LEU C 34 -98.92 35.40 -73.08
C LEU C 34 -99.79 36.56 -73.52
N VAL C 35 -99.14 37.56 -74.12
CA VAL C 35 -99.82 38.72 -74.68
C VAL C 35 -100.85 38.28 -75.71
N ASP C 36 -100.45 37.28 -76.51
CA ASP C 36 -101.33 36.65 -77.48
C ASP C 36 -102.41 35.86 -76.76
N ARG C 37 -102.04 35.27 -75.62
CA ARG C 37 -103.02 34.63 -74.75
C ARG C 37 -103.87 35.75 -74.16
N LEU C 38 -103.21 36.77 -73.60
CA LEU C 38 -103.89 37.90 -72.96
C LEU C 38 -104.98 38.50 -73.84
N SER C 39 -104.70 38.60 -75.14
CA SER C 39 -105.65 39.17 -76.07
C SER C 39 -106.90 38.30 -76.24
N ALA C 40 -106.71 37.06 -76.71
CA ALA C 40 -107.82 36.13 -76.86
C ALA C 40 -108.21 35.42 -75.56
N GLY C 41 -107.22 34.86 -74.89
CA GLY C 41 -107.43 34.04 -73.71
C GLY C 41 -107.21 34.82 -72.42
N GLU C 42 -106.64 34.13 -71.42
CA GLU C 42 -106.60 34.56 -70.03
C GLU C 42 -106.09 36.00 -69.77
N PRO C 43 -106.75 36.71 -68.83
CA PRO C 43 -106.53 38.11 -68.43
C PRO C 43 -105.32 38.39 -67.51
N TYR C 44 -104.95 39.66 -67.38
CA TYR C 44 -103.72 40.06 -66.69
C TYR C 44 -103.82 41.32 -65.82
N ALA C 45 -102.95 41.40 -64.81
CA ALA C 45 -102.91 42.53 -63.86
C ALA C 45 -101.48 42.95 -63.49
N VAL C 46 -101.26 44.27 -63.48
CA VAL C 46 -99.95 44.84 -63.22
C VAL C 46 -99.76 45.15 -61.74
N ALA C 47 -98.60 44.76 -61.18
CA ALA C 47 -98.31 45.08 -59.78
C ALA C 47 -97.01 45.88 -59.60
N PHE C 48 -97.05 46.86 -58.70
CA PHE C 48 -95.86 47.67 -58.42
C PHE C 48 -95.44 47.57 -56.95
N GLY C 49 -94.15 47.31 -56.73
CA GLY C 49 -93.60 47.15 -55.40
C GLY C 49 -93.39 48.46 -54.67
N GLY C 50 -93.23 48.38 -53.36
CA GLY C 50 -93.04 49.56 -52.52
C GLY C 50 -91.63 49.72 -51.98
N GLN C 51 -91.51 50.49 -50.89
CA GLN C 51 -90.23 50.75 -50.27
C GLN C 51 -89.66 49.49 -49.61
N GLY C 52 -88.34 49.47 -49.40
CA GLY C 52 -87.68 48.32 -48.81
C GLY C 52 -87.34 47.28 -49.86
N SER C 53 -87.16 47.74 -51.10
CA SER C 53 -86.93 46.84 -52.22
C SER C 53 -85.46 46.65 -52.58
N ALA C 54 -84.57 47.31 -51.82
CA ALA C 54 -83.13 47.32 -52.14
C ALA C 54 -82.92 47.80 -53.58
N TRP C 55 -83.46 48.97 -53.87
CA TRP C 55 -83.64 49.45 -55.24
C TRP C 55 -82.37 49.76 -56.05
N LEU C 56 -81.34 50.31 -55.40
CA LEU C 56 -80.18 50.82 -56.13
C LEU C 56 -79.47 49.77 -56.99
N GLU C 57 -79.21 48.60 -56.41
CA GLU C 57 -78.49 47.55 -57.13
C GLU C 57 -79.30 47.06 -58.33
N THR C 58 -80.63 47.18 -58.23
CA THR C 58 -81.50 46.85 -59.35
C THR C 58 -81.41 47.94 -60.41
N LEU C 59 -81.36 49.19 -59.96
CA LEU C 59 -81.25 50.33 -60.85
C LEU C 59 -79.90 50.32 -61.58
N GLU C 60 -78.85 49.94 -60.85
CA GLU C 60 -77.52 49.86 -61.42
C GLU C 60 -77.47 48.79 -62.52
N GLU C 61 -78.06 47.64 -62.23
CA GLU C 61 -78.11 46.54 -63.19
C GLU C 61 -79.00 46.89 -64.37
N LEU C 62 -80.13 47.54 -64.08
CA LEU C 62 -81.09 47.91 -65.11
C LEU C 62 -80.45 48.86 -66.14
N VAL C 63 -79.60 49.76 -65.66
CA VAL C 63 -78.88 50.67 -66.55
C VAL C 63 -77.87 49.88 -67.39
N SER C 64 -77.13 48.99 -66.74
CA SER C 64 -76.14 48.19 -67.43
C SER C 64 -76.78 47.21 -68.41
N SER C 65 -77.94 46.68 -68.03
CA SER C 65 -78.66 45.73 -68.88
C SER C 65 -79.45 46.45 -69.97
N ALA C 66 -79.51 47.78 -69.89
CA ALA C 66 -80.23 48.57 -70.88
C ALA C 66 -79.35 48.94 -72.07
N GLY C 67 -79.83 48.63 -73.26
CA GLY C 67 -79.13 49.01 -74.48
C GLY C 67 -79.80 50.23 -75.11
N ILE C 68 -80.94 50.62 -74.56
CA ILE C 68 -81.68 51.77 -75.06
C ILE C 68 -81.81 52.85 -73.99
N GLU C 69 -81.16 53.98 -74.21
CA GLU C 69 -81.17 55.08 -73.24
C GLU C 69 -82.20 56.16 -73.56
N SER C 70 -82.99 55.94 -74.60
CA SER C 70 -83.90 56.97 -75.13
C SER C 70 -84.81 57.62 -74.08
N GLU C 71 -85.46 56.80 -73.27
CA GLU C 71 -86.36 57.32 -72.24
C GLU C 71 -85.59 58.13 -71.20
N LEU C 72 -84.44 57.62 -70.78
CA LEU C 72 -83.64 58.25 -69.73
C LEU C 72 -83.22 59.68 -70.05
N ALA C 73 -83.23 60.03 -71.34
CA ALA C 73 -82.88 61.37 -71.76
C ALA C 73 -83.94 62.39 -71.34
N THR C 74 -85.20 62.05 -71.58
CA THR C 74 -86.31 62.94 -71.25
C THR C 74 -86.61 62.92 -69.76
N LEU C 75 -86.55 61.73 -69.16
CA LEU C 75 -86.84 61.56 -67.74
C LEU C 75 -85.87 62.37 -66.87
N ALA C 76 -84.63 62.50 -67.34
CA ALA C 76 -83.62 63.26 -66.62
C ALA C 76 -83.86 64.76 -66.75
N GLY C 77 -84.26 65.20 -67.95
CA GLY C 77 -84.50 66.60 -68.21
C GLY C 77 -85.74 67.11 -67.51
N GLU C 78 -86.81 66.31 -67.52
CA GLU C 78 -88.06 66.69 -66.87
C GLU C 78 -87.91 66.69 -65.35
N ALA C 79 -87.00 65.89 -64.84
CA ALA C 79 -86.68 65.87 -63.41
C ALA C 79 -86.02 67.19 -63.03
N GLU C 80 -85.16 67.69 -63.91
CA GLU C 80 -84.53 68.99 -63.71
C GLU C 80 -85.56 70.09 -63.82
N LEU C 81 -86.35 70.04 -64.89
CA LEU C 81 -87.37 71.05 -65.14
C LEU C 81 -88.36 71.19 -64.00
N LEU C 82 -89.15 70.16 -63.75
CA LEU C 82 -90.31 70.23 -62.84
C LEU C 82 -90.01 70.83 -61.47
N LEU C 83 -88.77 70.72 -61.01
CA LEU C 83 -88.38 71.25 -59.71
C LEU C 83 -88.29 72.79 -59.69
N GLU C 84 -87.87 73.38 -60.81
CA GLU C 84 -87.65 74.83 -60.89
C GLU C 84 -88.90 75.72 -60.76
N PRO C 85 -89.94 75.47 -61.59
CA PRO C 85 -91.16 76.30 -61.51
C PRO C 85 -91.92 76.17 -60.20
N VAL C 86 -91.58 75.18 -59.38
CA VAL C 86 -92.37 74.85 -58.20
C VAL C 86 -92.61 76.08 -57.33
N ALA C 87 -93.88 76.37 -57.08
CA ALA C 87 -94.29 77.51 -56.28
C ALA C 87 -94.57 77.06 -54.85
N SER C 88 -94.50 75.75 -54.65
CA SER C 88 -94.66 75.18 -53.31
C SER C 88 -93.40 75.47 -52.53
N GLU C 89 -93.48 75.34 -51.20
CA GLU C 89 -92.37 75.69 -50.32
C GLU C 89 -91.05 75.08 -50.82
N LEU C 90 -90.90 73.77 -50.67
CA LEU C 90 -89.86 73.00 -51.36
C LEU C 90 -88.46 73.63 -51.33
N VAL C 91 -88.14 74.36 -50.26
CA VAL C 91 -86.86 75.05 -50.20
C VAL C 91 -85.74 74.10 -49.81
N VAL C 92 -86.03 73.21 -48.88
CA VAL C 92 -85.07 72.25 -48.39
C VAL C 92 -84.89 71.09 -49.37
N VAL C 93 -85.96 70.76 -50.06
CA VAL C 93 -86.01 69.56 -50.91
C VAL C 93 -85.17 69.65 -52.18
N ARG C 94 -85.38 70.71 -52.95
CA ARG C 94 -84.68 70.88 -54.23
C ARG C 94 -83.14 70.80 -54.19
N PRO C 95 -82.48 71.44 -53.19
CA PRO C 95 -81.03 71.29 -53.18
C PRO C 95 -80.58 69.88 -52.77
N ILE C 96 -81.32 69.25 -51.86
CA ILE C 96 -80.98 67.91 -51.39
C ILE C 96 -81.39 66.85 -52.41
N GLY C 97 -82.10 67.28 -53.44
CA GLY C 97 -82.36 66.43 -54.59
C GLY C 97 -81.09 66.32 -55.41
N PHE C 98 -80.91 65.20 -56.11
CA PHE C 98 -79.70 64.96 -56.88
C PHE C 98 -79.99 64.62 -58.34
N GLU C 99 -79.11 65.07 -59.23
CA GLU C 99 -79.23 64.76 -60.65
C GLU C 99 -79.03 63.27 -60.87
N PRO C 100 -80.07 62.59 -61.38
CA PRO C 100 -80.08 61.13 -61.55
C PRO C 100 -79.04 60.63 -62.55
N LEU C 101 -78.77 61.42 -63.58
CA LEU C 101 -77.84 61.01 -64.63
C LEU C 101 -76.40 60.92 -64.12
N GLN C 102 -76.05 61.79 -63.19
CA GLN C 102 -74.69 61.84 -62.66
C GLN C 102 -74.36 60.66 -61.77
N TRP C 103 -75.26 60.35 -60.83
CA TRP C 103 -75.08 59.24 -59.91
C TRP C 103 -74.97 57.90 -60.65
N VAL C 104 -75.72 57.77 -61.74
CA VAL C 104 -75.69 56.54 -62.53
C VAL C 104 -74.37 56.35 -63.24
N ARG C 105 -73.93 57.38 -63.96
CA ARG C 105 -72.67 57.32 -64.70
C ARG C 105 -71.48 57.17 -63.74
N ALA C 106 -71.62 57.75 -62.55
CA ALA C 106 -70.61 57.57 -61.51
C ALA C 106 -70.59 56.11 -61.10
N LEU C 107 -71.76 55.57 -60.76
CA LEU C 107 -71.89 54.18 -60.36
C LEU C 107 -71.44 53.21 -61.47
N ALA C 108 -71.40 53.71 -62.70
CA ALA C 108 -70.96 52.92 -63.84
C ALA C 108 -69.44 52.96 -64.00
N ALA C 109 -68.79 53.89 -63.32
CA ALA C 109 -67.33 53.96 -63.32
C ALA C 109 -66.77 53.08 -62.22
N GLU C 110 -67.70 52.52 -61.44
CA GLU C 110 -67.46 51.53 -60.39
C GLU C 110 -66.85 52.08 -59.11
N GLU C 111 -66.20 53.24 -59.15
CA GLU C 111 -65.75 53.89 -57.92
C GLU C 111 -66.81 54.63 -57.09
N PRO C 112 -67.49 55.63 -57.70
CA PRO C 112 -68.38 56.47 -56.88
C PRO C 112 -69.75 55.88 -56.57
N VAL C 113 -70.23 56.16 -55.36
CA VAL C 113 -71.62 55.96 -54.93
C VAL C 113 -71.70 56.34 -53.45
N PRO C 114 -72.76 57.03 -53.05
CA PRO C 114 -72.91 57.30 -51.61
C PRO C 114 -73.18 56.02 -50.83
N SER C 115 -73.28 56.14 -49.51
CA SER C 115 -73.53 54.98 -48.66
C SER C 115 -74.98 54.52 -48.81
N ASP C 116 -75.24 53.27 -48.46
CA ASP C 116 -76.59 52.72 -48.50
C ASP C 116 -77.52 53.51 -47.58
N LYS C 117 -76.97 54.00 -46.48
CA LYS C 117 -77.74 54.78 -45.52
C LYS C 117 -78.28 56.07 -46.14
N GLN C 118 -77.48 56.66 -47.03
CA GLN C 118 -77.88 57.88 -47.71
C GLN C 118 -78.88 57.60 -48.82
N LEU C 119 -78.67 56.49 -49.51
CA LEU C 119 -79.50 56.13 -50.66
C LEU C 119 -80.86 55.57 -50.24
N THR C 120 -80.93 55.03 -49.03
CA THR C 120 -82.17 54.45 -48.52
C THR C 120 -83.10 55.48 -47.91
N SER C 121 -82.58 56.69 -47.67
CA SER C 121 -83.39 57.77 -47.10
C SER C 121 -84.49 58.16 -48.09
N ALA C 122 -85.70 58.35 -47.57
CA ALA C 122 -86.89 58.55 -48.39
C ALA C 122 -86.76 59.63 -49.45
N ALA C 123 -86.01 60.67 -49.15
CA ALA C 123 -85.87 61.81 -50.05
C ALA C 123 -85.37 61.39 -51.43
N VAL C 124 -84.21 60.74 -51.47
CA VAL C 124 -83.67 60.25 -52.72
C VAL C 124 -84.08 58.83 -53.10
N SER C 125 -84.60 58.06 -52.14
CA SER C 125 -84.95 56.67 -52.40
C SER C 125 -86.29 56.51 -53.12
N VAL C 126 -87.30 57.20 -52.62
CA VAL C 126 -88.66 57.12 -53.18
C VAL C 126 -88.73 57.43 -54.69
N PRO C 127 -88.08 58.51 -55.15
CA PRO C 127 -88.08 58.73 -56.60
C PRO C 127 -87.31 57.63 -57.34
N GLY C 128 -86.18 57.23 -56.80
CA GLY C 128 -85.32 56.25 -57.44
C GLY C 128 -85.99 54.90 -57.61
N VAL C 129 -86.85 54.55 -56.68
CA VAL C 129 -87.60 53.29 -56.75
C VAL C 129 -88.56 53.30 -57.94
N LEU C 130 -89.23 54.43 -58.14
CA LEU C 130 -90.16 54.57 -59.25
C LEU C 130 -89.46 54.52 -60.59
N LEU C 131 -88.31 55.18 -60.67
CA LEU C 131 -87.52 55.19 -61.90
C LEU C 131 -87.11 53.78 -62.30
N THR C 132 -86.78 52.97 -61.31
CA THR C 132 -86.46 51.56 -61.54
C THR C 132 -87.68 50.83 -62.08
N GLN C 133 -88.84 51.13 -61.52
CA GLN C 133 -90.10 50.53 -61.95
C GLN C 133 -90.49 51.02 -63.34
N ILE C 134 -90.35 52.33 -63.57
CA ILE C 134 -90.67 52.93 -64.86
C ILE C 134 -89.76 52.37 -65.96
N ALA C 135 -88.48 52.25 -65.65
CA ALA C 135 -87.52 51.67 -66.58
C ALA C 135 -87.84 50.19 -66.83
N ALA C 136 -88.44 49.56 -65.83
CA ALA C 136 -88.84 48.16 -65.96
C ALA C 136 -90.04 48.02 -66.89
N VAL C 137 -90.88 49.04 -66.93
CA VAL C 137 -92.02 49.08 -67.84
C VAL C 137 -91.51 49.18 -69.28
N ARG C 138 -90.55 50.07 -69.49
CA ARG C 138 -90.02 50.34 -70.82
C ARG C 138 -89.34 49.12 -71.44
N ALA C 139 -88.64 48.35 -70.61
CA ALA C 139 -87.89 47.18 -71.07
C ALA C 139 -88.75 46.21 -71.86
N LEU C 140 -89.87 45.79 -71.27
CA LEU C 140 -90.81 44.91 -71.95
C LEU C 140 -91.45 45.65 -73.12
N ALA C 141 -91.67 46.94 -72.95
CA ALA C 141 -92.29 47.76 -73.98
C ALA C 141 -91.38 47.97 -75.18
N ARG C 142 -90.09 47.73 -75.02
CA ARG C 142 -89.15 47.90 -76.12
C ARG C 142 -89.37 46.86 -77.22
N GLN C 143 -89.38 45.59 -76.84
CA GLN C 143 -89.46 44.49 -77.79
C GLN C 143 -90.85 44.32 -78.41
N GLY C 144 -91.87 44.23 -77.56
CA GLY C 144 -93.20 43.86 -77.99
C GLY C 144 -94.32 44.88 -78.00
N MET C 145 -94.00 46.17 -77.99
CA MET C 145 -94.98 47.22 -77.64
C MET C 145 -96.34 47.12 -78.31
N ASP C 146 -96.36 46.95 -79.63
CA ASP C 146 -97.62 46.79 -80.36
C ASP C 146 -98.45 45.69 -79.69
N LEU C 147 -97.78 44.60 -79.32
CA LEU C 147 -98.38 43.54 -78.52
C LEU C 147 -98.38 43.84 -77.02
N THR C 148 -97.26 44.37 -76.52
CA THR C 148 -97.06 44.55 -75.07
C THR C 148 -97.65 45.84 -74.56
N ALA C 149 -98.51 46.43 -75.38
CA ALA C 149 -99.25 47.64 -75.07
C ALA C 149 -100.25 47.34 -73.97
N THR C 150 -101.22 48.24 -73.86
CA THR C 150 -101.99 48.39 -72.64
C THR C 150 -102.45 47.15 -71.84
N PRO C 151 -103.18 46.18 -72.44
CA PRO C 151 -104.28 45.57 -71.66
C PRO C 151 -104.03 44.73 -70.37
N PRO C 152 -104.07 45.38 -69.19
CA PRO C 152 -104.32 44.64 -67.96
C PRO C 152 -105.83 44.57 -67.71
N VAL C 153 -106.30 43.89 -66.68
CA VAL C 153 -107.68 44.09 -66.23
C VAL C 153 -107.65 45.32 -65.33
N ALA C 154 -106.65 45.33 -64.46
CA ALA C 154 -106.47 46.36 -63.46
C ALA C 154 -104.97 46.60 -63.21
N VAL C 155 -104.65 47.74 -62.63
CA VAL C 155 -103.29 48.01 -62.19
C VAL C 155 -103.29 48.32 -60.69
N ALA C 156 -102.59 47.49 -59.92
CA ALA C 156 -102.50 47.70 -58.47
C ALA C 156 -101.07 47.92 -57.98
N GLY C 157 -100.96 48.48 -56.77
CA GLY C 157 -99.67 48.86 -56.24
C GLY C 157 -99.57 48.74 -54.73
N HIS C 158 -98.35 48.75 -54.22
CA HIS C 158 -98.11 48.61 -52.78
C HIS C 158 -97.32 49.78 -52.25
N SER C 159 -97.80 50.36 -51.15
CA SER C 159 -97.17 51.52 -50.55
C SER C 159 -97.02 52.64 -51.56
N GLN C 160 -95.77 53.02 -51.84
CA GLN C 160 -95.49 54.05 -52.84
C GLN C 160 -95.66 53.50 -54.26
N GLY C 161 -95.87 52.19 -54.36
CA GLY C 161 -96.06 51.55 -55.66
C GLY C 161 -97.37 51.94 -56.34
N VAL C 162 -98.31 52.43 -55.56
CA VAL C 162 -99.61 52.86 -56.09
C VAL C 162 -99.43 54.10 -56.97
N LEU C 163 -98.36 54.84 -56.70
CA LEU C 163 -98.02 56.00 -57.51
C LEU C 163 -97.83 55.61 -58.97
N ALA C 164 -96.79 54.83 -59.25
CA ALA C 164 -96.43 54.42 -60.62
C ALA C 164 -97.57 53.70 -61.35
N VAL C 165 -98.50 53.16 -60.57
CA VAL C 165 -99.69 52.51 -61.09
C VAL C 165 -100.57 53.49 -61.85
N GLN C 166 -100.80 54.66 -61.24
CA GLN C 166 -101.75 55.63 -61.75
C GLN C 166 -101.45 56.16 -63.15
N ALA C 167 -100.26 56.72 -63.34
CA ALA C 167 -99.91 57.33 -64.61
C ALA C 167 -99.49 56.33 -65.67
N LEU C 168 -99.34 55.07 -65.28
CA LEU C 168 -99.13 54.01 -66.25
C LEU C 168 -100.47 53.72 -66.93
N ALA C 169 -101.53 53.95 -66.18
CA ALA C 169 -102.89 53.81 -66.69
C ALA C 169 -103.33 55.11 -67.37
N ALA C 170 -102.51 56.14 -67.24
CA ALA C 170 -102.75 57.42 -67.90
C ALA C 170 -101.85 57.54 -69.12
N LYS C 171 -101.90 58.68 -69.80
CA LYS C 171 -101.09 58.88 -71.00
C LYS C 171 -99.60 59.01 -70.67
N GLY C 172 -98.76 58.79 -71.68
CA GLY C 172 -97.33 58.72 -71.50
C GLY C 172 -96.64 59.99 -71.01
N ALA C 173 -97.34 61.11 -71.11
CA ALA C 173 -96.78 62.39 -70.67
C ALA C 173 -96.81 62.54 -69.15
N LYS C 174 -97.47 61.58 -68.49
CA LYS C 174 -97.62 61.61 -67.04
C LYS C 174 -96.55 60.80 -66.31
N ASP C 175 -95.58 60.27 -67.05
CA ASP C 175 -94.57 59.37 -66.49
C ASP C 175 -93.73 59.97 -65.36
N VAL C 176 -93.14 61.13 -65.60
CA VAL C 176 -92.29 61.79 -64.60
C VAL C 176 -93.14 62.25 -63.40
N GLU C 177 -94.40 62.54 -63.65
CA GLU C 177 -95.32 63.00 -62.60
C GLU C 177 -95.29 62.06 -61.40
N LEU C 178 -95.14 60.77 -61.68
CA LEU C 178 -94.85 59.77 -60.66
C LEU C 178 -93.58 60.13 -59.90
N LEU C 179 -92.47 60.14 -60.64
CA LEU C 179 -91.18 60.54 -60.09
C LEU C 179 -91.26 61.92 -59.44
N ALA C 180 -92.09 62.78 -60.02
CA ALA C 180 -92.30 64.11 -59.49
C ALA C 180 -93.00 64.06 -58.14
N LEU C 181 -94.06 63.26 -58.04
CA LEU C 181 -94.79 63.11 -56.80
C LEU C 181 -93.98 62.30 -55.78
N ALA C 182 -93.25 61.32 -56.28
CA ALA C 182 -92.38 60.51 -55.42
C ALA C 182 -91.30 61.37 -54.80
N GLN C 183 -90.79 62.32 -55.58
CA GLN C 183 -89.80 63.28 -55.09
C GLN C 183 -90.42 64.09 -53.95
N LEU C 184 -91.71 64.37 -54.07
CA LEU C 184 -92.44 65.13 -53.06
C LEU C 184 -92.84 64.27 -51.86
N ILE C 185 -93.18 63.01 -52.12
CA ILE C 185 -93.62 62.11 -51.05
C ILE C 185 -92.53 61.83 -50.03
N GLY C 186 -91.38 61.38 -50.51
CA GLY C 186 -90.27 61.05 -49.63
C GLY C 186 -89.66 62.27 -48.98
N ALA C 187 -89.85 63.43 -49.60
CA ALA C 187 -89.29 64.68 -49.11
C ALA C 187 -89.99 65.19 -47.85
N ALA C 188 -91.31 65.32 -47.93
CA ALA C 188 -92.09 65.80 -46.79
C ALA C 188 -92.08 64.78 -45.67
N GLY C 189 -92.17 63.51 -46.04
CA GLY C 189 -92.10 62.42 -45.09
C GLY C 189 -90.82 62.48 -44.29
N THR C 190 -89.73 62.81 -44.96
CA THR C 190 -88.43 62.95 -44.31
C THR C 190 -88.39 64.17 -43.41
N LEU C 191 -88.87 65.31 -43.91
CA LEU C 191 -88.86 66.55 -43.15
C LEU C 191 -89.72 66.43 -41.89
N VAL C 192 -90.92 65.87 -42.04
CA VAL C 192 -91.82 65.67 -40.92
C VAL C 192 -91.26 64.71 -39.86
N ALA C 193 -90.92 63.49 -40.28
CA ALA C 193 -90.35 62.50 -39.37
C ALA C 193 -89.19 61.74 -40.01
N ARG C 194 -88.05 61.72 -39.32
CA ARG C 194 -86.90 60.97 -39.79
C ARG C 194 -86.23 60.24 -38.62
N ARG C 195 -85.50 59.17 -38.91
CA ARG C 195 -84.89 58.36 -37.87
C ARG C 195 -83.87 59.15 -37.05
N ARG C 196 -84.07 59.19 -35.74
CA ARG C 196 -83.13 59.87 -34.84
C ARG C 196 -82.18 58.91 -34.12
N GLY C 197 -82.37 57.62 -34.31
CA GLY C 197 -81.49 56.65 -33.67
C GLY C 197 -81.66 55.23 -34.14
N ILE C 198 -80.58 54.45 -34.03
CA ILE C 198 -80.59 53.06 -34.46
C ILE C 198 -79.52 52.28 -33.67
N THR C 199 -79.79 51.02 -33.38
CA THR C 199 -78.86 50.19 -32.59
C THR C 199 -78.69 48.80 -33.19
N VAL C 200 -77.44 48.36 -33.34
CA VAL C 200 -77.09 47.15 -34.07
C VAL C 200 -77.92 45.93 -33.66
N LEU C 201 -78.37 45.91 -32.41
CA LEU C 201 -79.17 44.78 -31.94
C LEU C 201 -80.58 44.83 -32.53
N GLY C 202 -80.90 43.76 -33.25
CA GLY C 202 -82.22 43.50 -33.82
C GLY C 202 -82.47 43.69 -35.31
N ASP C 203 -81.84 44.62 -36.01
CA ASP C 203 -81.48 45.96 -35.55
C ASP C 203 -82.80 46.72 -35.54
N ARG C 204 -82.89 47.82 -34.79
CA ARG C 204 -84.18 48.52 -34.57
C ARG C 204 -84.50 49.69 -35.52
N PRO C 205 -85.42 49.47 -36.47
CA PRO C 205 -86.01 50.41 -37.42
C PRO C 205 -87.39 50.93 -36.95
N PRO C 206 -88.01 51.81 -37.76
CA PRO C 206 -89.44 52.15 -37.66
C PRO C 206 -90.40 51.04 -38.13
N MET C 207 -89.89 50.03 -38.85
CA MET C 207 -90.75 48.97 -39.39
C MET C 207 -90.47 47.60 -38.77
N VAL C 208 -91.50 47.00 -38.18
CA VAL C 208 -91.35 45.73 -37.48
C VAL C 208 -92.29 44.64 -38.01
N SER C 209 -91.84 43.40 -38.02
CA SER C 209 -92.66 42.29 -38.52
C SER C 209 -92.69 41.09 -37.57
N VAL C 210 -93.87 40.55 -37.34
CA VAL C 210 -94.04 39.36 -36.51
C VAL C 210 -94.67 38.24 -37.34
N THR C 211 -94.26 37.00 -37.09
CA THR C 211 -94.74 35.86 -37.87
C THR C 211 -95.47 34.86 -36.98
N ASN C 212 -96.34 34.06 -37.62
CA ASN C 212 -97.06 32.95 -37.00
C ASN C 212 -98.23 33.37 -36.09
N ALA C 213 -98.27 34.64 -35.71
CA ALA C 213 -99.28 35.11 -34.78
C ALA C 213 -100.50 35.72 -35.49
N ASP C 214 -101.68 35.48 -34.92
CA ASP C 214 -102.93 35.98 -35.48
C ASP C 214 -102.94 37.51 -35.58
N PRO C 215 -103.69 38.06 -36.55
CA PRO C 215 -103.86 39.51 -36.66
C PRO C 215 -104.56 40.06 -35.42
N GLU C 216 -105.41 39.24 -34.81
CA GLU C 216 -106.10 39.61 -33.58
C GLU C 216 -105.16 39.58 -32.40
N ARG C 217 -104.32 38.54 -32.33
CA ARG C 217 -103.37 38.38 -31.23
C ARG C 217 -102.30 39.45 -31.25
N ILE C 218 -101.81 39.78 -32.45
CA ILE C 218 -100.79 40.82 -32.60
C ILE C 218 -101.33 42.18 -32.17
N TYR C 219 -102.54 42.50 -32.63
CA TYR C 219 -103.18 43.75 -32.25
C TYR C 219 -103.46 43.80 -30.75
N GLU C 220 -103.67 42.63 -30.15
CA GLU C 220 -103.89 42.52 -28.72
C GLU C 220 -102.66 43.00 -27.96
N LEU C 221 -101.51 42.39 -28.25
CA LEU C 221 -100.25 42.78 -27.63
C LEU C 221 -99.92 44.21 -27.99
N LEU C 222 -100.27 44.61 -29.20
CA LEU C 222 -100.12 45.99 -29.65
C LEU C 222 -100.95 46.90 -28.74
N GLU C 223 -102.23 46.57 -28.61
CA GLU C 223 -103.14 47.33 -27.75
C GLU C 223 -102.73 47.24 -26.28
N GLU C 224 -102.16 46.10 -25.88
CA GLU C 224 -101.65 45.94 -24.53
C GLU C 224 -100.52 46.92 -24.25
N PHE C 225 -99.62 47.10 -25.22
CA PHE C 225 -98.48 48.00 -25.10
C PHE C 225 -98.87 49.46 -25.31
N SER C 226 -99.72 49.71 -26.29
CA SER C 226 -100.14 51.07 -26.61
C SER C 226 -100.92 51.70 -25.45
N SER C 227 -101.43 50.86 -24.57
CA SER C 227 -102.11 51.33 -23.36
C SER C 227 -101.13 52.09 -22.47
N ASP C 228 -99.85 51.74 -22.55
CA ASP C 228 -98.84 52.29 -21.65
C ASP C 228 -98.08 53.49 -22.22
N VAL C 229 -98.39 53.88 -23.45
CA VAL C 229 -97.65 54.97 -24.09
C VAL C 229 -98.55 56.13 -24.54
N ARG C 230 -97.92 57.28 -24.74
CA ARG C 230 -98.62 58.51 -25.14
C ARG C 230 -99.09 58.48 -26.60
N THR C 231 -100.03 59.35 -26.92
CA THR C 231 -100.60 59.46 -28.26
C THR C 231 -99.55 59.78 -29.33
N VAL C 232 -98.43 60.37 -28.91
CA VAL C 232 -97.40 60.80 -29.85
C VAL C 232 -96.63 59.64 -30.49
N LEU C 233 -96.44 58.55 -29.77
CA LEU C 233 -95.69 57.42 -30.35
C LEU C 233 -96.34 56.04 -30.18
N PRO C 234 -97.58 55.86 -30.69
CA PRO C 234 -98.14 54.52 -30.69
C PRO C 234 -97.64 53.66 -31.86
N PRO C 235 -97.40 52.37 -31.64
CA PRO C 235 -97.23 51.48 -32.78
C PRO C 235 -98.59 51.07 -33.35
N VAL C 236 -98.65 50.81 -34.66
CA VAL C 236 -99.90 50.39 -35.29
C VAL C 236 -99.64 49.31 -36.32
N LEU C 237 -100.69 48.60 -36.73
CA LEU C 237 -100.58 47.61 -37.78
C LEU C 237 -100.56 48.29 -39.14
N SER C 238 -99.48 48.08 -39.89
CA SER C 238 -99.35 48.68 -41.21
C SER C 238 -99.75 47.69 -42.30
N ILE C 239 -98.96 46.63 -42.44
CA ILE C 239 -99.20 45.64 -43.48
C ILE C 239 -99.65 44.31 -42.88
N ARG C 240 -100.74 43.76 -43.42
CA ARG C 240 -101.08 42.38 -43.14
C ARG C 240 -100.67 41.60 -44.38
N ASN C 241 -99.58 40.85 -44.27
CA ASN C 241 -98.97 40.19 -45.42
C ASN C 241 -99.61 38.86 -45.78
N GLY C 242 -100.32 38.28 -44.82
CA GLY C 242 -100.93 36.97 -45.01
C GLY C 242 -101.73 36.57 -43.80
N ARG C 243 -101.99 35.28 -43.67
CA ARG C 243 -102.77 34.76 -42.56
C ARG C 243 -102.18 35.13 -41.21
N ARG C 244 -101.06 34.49 -40.87
CA ARG C 244 -100.42 34.70 -39.58
C ARG C 244 -99.22 35.66 -39.62
N SER C 245 -98.92 36.19 -40.80
CA SER C 245 -97.80 37.11 -40.95
C SER C 245 -98.26 38.56 -41.07
N VAL C 246 -97.80 39.40 -40.15
CA VAL C 246 -98.18 40.82 -40.16
C VAL C 246 -96.98 41.74 -40.05
N VAL C 247 -97.23 43.04 -40.14
CA VAL C 247 -96.20 44.05 -39.98
C VAL C 247 -96.72 45.20 -39.13
N ILE C 248 -96.08 45.46 -38.00
CA ILE C 248 -96.48 46.58 -37.14
C ILE C 248 -95.40 47.65 -37.20
N THR C 249 -95.82 48.92 -37.17
CA THR C 249 -94.88 50.03 -37.37
C THR C 249 -95.12 51.19 -36.42
N GLY C 250 -94.10 52.01 -36.23
CA GLY C 250 -94.16 53.16 -35.35
C GLY C 250 -92.76 53.67 -35.06
N THR C 251 -92.62 54.37 -33.93
CA THR C 251 -91.32 54.84 -33.48
C THR C 251 -90.45 53.64 -33.12
N PRO C 252 -89.18 53.63 -33.58
CA PRO C 252 -88.24 52.54 -33.34
C PRO C 252 -88.11 52.16 -31.87
N GLU C 253 -88.06 53.15 -31.00
CA GLU C 253 -87.94 52.90 -29.56
C GLU C 253 -89.17 52.22 -28.99
N GLN C 254 -90.34 52.73 -29.34
CA GLN C 254 -91.59 52.15 -28.86
C GLN C 254 -91.82 50.76 -29.44
N LEU C 255 -91.41 50.57 -30.69
CA LEU C 255 -91.47 49.24 -31.31
C LEU C 255 -90.58 48.26 -30.55
N SER C 256 -89.45 48.77 -30.05
CA SER C 256 -88.51 47.95 -29.30
C SER C 256 -89.09 47.54 -27.96
N ARG C 257 -90.08 48.31 -27.48
CA ARG C 257 -90.75 48.02 -26.23
C ARG C 257 -91.79 46.92 -26.41
N PHE C 258 -92.49 46.97 -27.53
CA PHE C 258 -93.43 45.92 -27.90
C PHE C 258 -92.67 44.62 -28.03
N GLU C 259 -91.43 44.72 -28.49
CA GLU C 259 -90.54 43.58 -28.67
C GLU C 259 -90.30 42.83 -27.35
N LEU C 260 -90.40 43.55 -26.24
CA LEU C 260 -90.12 43.00 -24.92
C LEU C 260 -91.23 42.08 -24.42
N TYR C 261 -92.47 42.50 -24.60
CA TYR C 261 -93.61 41.73 -24.15
C TYR C 261 -93.73 40.40 -24.88
N CYS C 262 -93.49 40.43 -26.19
CA CYS C 262 -93.57 39.22 -27.01
C CYS C 262 -92.50 38.22 -26.59
N THR C 263 -91.36 38.73 -26.13
CA THR C 263 -90.27 37.87 -25.68
C THR C 263 -90.61 37.20 -24.36
N GLN C 264 -91.21 37.96 -23.44
CA GLN C 264 -91.60 37.43 -22.14
C GLN C 264 -92.64 36.34 -22.28
N ILE C 265 -93.64 36.57 -23.15
CA ILE C 265 -94.68 35.58 -23.39
C ILE C 265 -94.09 34.34 -24.05
N ALA C 266 -93.15 34.54 -24.96
CA ALA C 266 -92.47 33.43 -25.63
C ALA C 266 -91.76 32.55 -24.61
N GLU C 267 -91.16 33.17 -23.59
CA GLU C 267 -90.42 32.43 -22.57
C GLU C 267 -91.33 31.75 -21.55
N LYS C 268 -92.40 32.44 -21.15
CA LYS C 268 -93.34 31.88 -20.19
C LYS C 268 -94.09 30.70 -20.79
N GLU C 269 -94.33 30.76 -22.10
CA GLU C 269 -94.99 29.67 -22.80
C GLU C 269 -94.01 28.52 -23.05
N GLU C 270 -92.71 28.80 -22.98
CA GLU C 270 -91.70 27.75 -23.12
C GLU C 270 -91.79 26.76 -21.98
N ALA C 271 -92.05 27.26 -20.78
CA ALA C 271 -92.24 26.41 -19.62
C ALA C 271 -93.50 25.58 -19.80
N GLU C 272 -94.42 26.10 -20.61
CA GLU C 272 -95.65 25.38 -20.92
C GLU C 272 -95.39 24.21 -21.89
N ARG C 273 -94.69 24.48 -22.98
CA ARG C 273 -94.45 23.46 -24.01
C ARG C 273 -93.71 22.25 -23.47
N LYS C 274 -92.80 22.49 -22.53
CA LYS C 274 -91.94 21.44 -22.02
C LYS C 274 -92.67 20.62 -20.95
N ASN C 275 -93.92 20.98 -20.70
CA ASN C 275 -94.83 20.14 -19.93
C ASN C 275 -95.48 19.10 -20.83
N LYS C 276 -95.13 19.16 -22.11
CA LYS C 276 -95.66 18.23 -23.13
C LYS C 276 -97.17 18.31 -23.28
N LEU C 277 -97.69 19.53 -23.42
CA LEU C 277 -99.12 19.76 -23.57
C LEU C 277 -99.36 20.69 -24.76
N ARG C 278 -100.36 20.39 -25.59
CA ARG C 278 -100.60 21.17 -26.82
C ARG C 278 -101.30 22.51 -26.63
N GLY C 279 -102.40 22.52 -25.89
CA GLY C 279 -103.07 23.77 -25.56
C GLY C 279 -102.17 24.54 -24.62
N GLY C 280 -101.35 23.77 -23.92
CA GLY C 280 -100.34 24.29 -23.03
C GLY C 280 -98.98 24.34 -23.70
N ALA C 281 -98.95 24.47 -25.02
CA ALA C 281 -97.68 24.54 -25.76
C ALA C 281 -97.22 25.96 -26.06
N VAL C 282 -95.90 26.16 -26.06
CA VAL C 282 -95.33 27.44 -26.43
C VAL C 282 -95.76 27.80 -27.84
N PHE C 283 -95.88 29.09 -28.10
CA PHE C 283 -96.02 29.56 -29.46
C PHE C 283 -94.61 29.68 -30.03
N ALA C 284 -94.47 29.41 -31.32
CA ALA C 284 -93.17 29.54 -31.96
C ALA C 284 -93.25 30.60 -33.05
N PRO C 285 -93.35 31.88 -32.65
CA PRO C 285 -93.46 32.91 -33.67
C PRO C 285 -92.09 33.24 -34.20
N VAL C 286 -92.02 34.12 -35.19
CA VAL C 286 -90.74 34.60 -35.67
C VAL C 286 -90.77 36.11 -35.68
N PHE C 287 -89.97 36.71 -34.79
CA PHE C 287 -89.90 38.16 -34.73
C PHE C 287 -88.52 38.63 -35.11
N ASP C 288 -88.49 39.69 -35.93
CA ASP C 288 -87.26 40.31 -36.37
C ASP C 288 -87.65 41.52 -37.20
N PRO C 289 -86.97 42.64 -36.95
CA PRO C 289 -87.17 43.91 -37.65
C PRO C 289 -86.79 43.90 -39.12
N VAL C 290 -86.94 45.05 -39.76
CA VAL C 290 -86.70 45.20 -41.20
C VAL C 290 -85.71 46.34 -41.47
N GLN C 291 -85.22 46.41 -42.70
CA GLN C 291 -84.21 47.40 -43.07
C GLN C 291 -84.78 48.77 -43.46
N VAL C 292 -86.10 48.92 -43.35
CA VAL C 292 -86.75 50.18 -43.74
C VAL C 292 -86.44 51.32 -42.77
N GLU C 293 -86.11 52.48 -43.33
CA GLU C 293 -85.56 53.60 -42.57
C GLU C 293 -86.56 54.52 -41.86
N VAL C 294 -87.83 54.49 -42.28
CA VAL C 294 -88.79 55.46 -41.78
C VAL C 294 -90.22 54.90 -41.73
N GLY C 295 -90.98 55.29 -40.71
CA GLY C 295 -92.34 54.85 -40.55
C GLY C 295 -93.24 55.27 -41.69
N PHE C 296 -93.92 54.29 -42.28
CA PHE C 296 -94.91 54.56 -43.32
C PHE C 296 -96.28 54.07 -42.88
N HIS C 297 -97.31 54.65 -43.47
CA HIS C 297 -98.69 54.32 -43.13
C HIS C 297 -98.95 54.50 -41.63
N THR C 298 -98.37 55.55 -41.07
CA THR C 298 -98.56 55.87 -39.65
C THR C 298 -98.98 57.34 -39.49
N PRO C 299 -99.68 57.65 -38.39
CA PRO C 299 -100.08 59.02 -38.06
C PRO C 299 -98.89 59.98 -37.88
N ARG C 300 -97.69 59.43 -37.72
CA ARG C 300 -96.48 60.25 -37.59
C ARG C 300 -96.21 61.01 -38.89
N LEU C 301 -96.80 60.54 -39.98
CA LEU C 301 -96.67 61.20 -41.27
C LEU C 301 -97.83 62.15 -41.57
N SER C 302 -98.72 62.34 -40.59
CA SER C 302 -99.93 63.13 -40.80
C SER C 302 -99.71 64.58 -41.26
N ASP C 303 -98.63 65.19 -40.77
CA ASP C 303 -98.32 66.57 -41.14
C ASP C 303 -97.77 66.64 -42.55
N GLY C 304 -97.42 65.48 -43.11
CA GLY C 304 -96.85 65.39 -44.44
C GLY C 304 -97.87 65.45 -45.56
N ILE C 305 -99.08 64.96 -45.28
CA ILE C 305 -100.13 64.91 -46.31
C ILE C 305 -100.44 66.28 -46.90
N GLU C 306 -100.78 67.23 -46.02
CA GLU C 306 -101.06 68.60 -46.41
C GLU C 306 -100.00 69.18 -47.33
N ILE C 307 -98.78 69.26 -46.82
CA ILE C 307 -97.64 69.81 -47.56
C ILE C 307 -97.47 69.15 -48.93
N VAL C 308 -97.54 67.82 -48.97
CA VAL C 308 -97.43 67.08 -50.23
C VAL C 308 -98.51 67.49 -51.23
N GLY C 309 -99.73 67.65 -50.74
CA GLY C 309 -100.86 68.03 -51.56
C GLY C 309 -100.64 69.35 -52.30
N ARG C 310 -100.14 70.35 -51.59
CA ARG C 310 -99.85 71.64 -52.18
C ARG C 310 -98.68 71.55 -53.14
N TRP C 311 -97.78 70.61 -52.88
CA TRP C 311 -96.60 70.43 -53.71
C TRP C 311 -96.97 69.96 -55.11
N ALA C 312 -98.10 69.26 -55.23
CA ALA C 312 -98.58 68.76 -56.52
C ALA C 312 -99.34 69.82 -57.34
N GLU C 313 -100.11 70.65 -56.66
CA GLU C 313 -100.97 71.63 -57.32
C GLU C 313 -100.17 72.83 -57.85
N THR C 314 -98.98 73.02 -57.31
CA THR C 314 -98.09 74.09 -57.75
C THR C 314 -97.26 73.62 -58.95
N VAL C 315 -97.55 72.40 -59.39
CA VAL C 315 -96.86 71.78 -60.52
C VAL C 315 -97.95 71.35 -61.49
N GLY C 316 -97.58 70.96 -62.71
CA GLY C 316 -98.52 70.53 -63.72
C GLY C 316 -98.96 69.10 -63.47
N LEU C 317 -98.79 68.68 -62.22
CA LEU C 317 -99.07 67.33 -61.76
C LEU C 317 -100.55 67.17 -61.45
N ASP C 318 -101.35 68.20 -61.75
CA ASP C 318 -102.71 68.20 -61.25
C ASP C 318 -103.52 67.07 -61.87
N VAL C 319 -103.94 66.17 -60.99
CA VAL C 319 -104.82 65.04 -61.27
C VAL C 319 -105.49 64.82 -59.92
N GLU C 320 -106.74 64.39 -59.92
CA GLU C 320 -107.51 64.37 -58.69
C GLU C 320 -107.14 63.28 -57.69
N LEU C 321 -106.23 62.38 -58.07
CA LEU C 321 -105.84 61.29 -57.18
C LEU C 321 -104.58 61.55 -56.36
N ALA C 322 -103.95 62.71 -56.54
CA ALA C 322 -102.75 63.06 -55.79
C ALA C 322 -103.05 63.16 -54.30
N LYS C 323 -104.28 63.56 -53.98
CA LYS C 323 -104.73 63.68 -52.60
C LYS C 323 -105.00 62.31 -51.99
N GLU C 324 -105.54 61.41 -52.79
CA GLU C 324 -105.90 60.07 -52.33
C GLU C 324 -104.68 59.16 -52.21
N LEU C 325 -103.75 59.26 -53.16
CA LEU C 325 -102.53 58.47 -53.12
C LEU C 325 -101.73 58.77 -51.86
N THR C 326 -101.57 60.05 -51.56
CA THR C 326 -100.80 60.49 -50.40
C THR C 326 -101.32 59.88 -49.09
N GLU C 327 -102.63 59.98 -48.88
CA GLU C 327 -103.24 59.42 -47.68
C GLU C 327 -103.05 57.91 -47.60
N SER C 328 -103.18 57.24 -48.74
CA SER C 328 -102.99 55.80 -48.80
C SER C 328 -101.55 55.42 -48.48
N ILE C 329 -100.61 56.20 -48.98
CA ILE C 329 -99.19 55.95 -48.74
C ILE C 329 -98.70 56.43 -47.38
N LEU C 330 -99.04 57.67 -47.02
CA LEU C 330 -98.51 58.29 -45.80
C LEU C 330 -99.22 57.91 -44.51
N VAL C 331 -100.55 57.87 -44.52
CA VAL C 331 -101.31 57.66 -43.28
C VAL C 331 -102.15 56.38 -43.29
N ARG C 332 -103.12 56.30 -44.20
CA ARG C 332 -103.97 55.13 -44.30
C ARG C 332 -103.13 53.86 -44.47
N GLN C 333 -103.56 52.78 -43.85
CA GLN C 333 -102.82 51.54 -43.90
C GLN C 333 -102.98 50.94 -45.29
N VAL C 334 -102.30 49.82 -45.51
CA VAL C 334 -102.51 49.06 -46.73
C VAL C 334 -103.03 47.69 -46.34
N ASP C 335 -104.28 47.42 -46.70
CA ASP C 335 -104.77 46.05 -46.58
C ASP C 335 -104.45 45.49 -47.95
N TRP C 336 -103.45 44.63 -47.99
CA TRP C 336 -102.85 44.21 -49.24
C TRP C 336 -103.48 42.95 -49.80
N VAL C 337 -103.42 41.88 -49.01
CA VAL C 337 -103.95 40.59 -49.40
C VAL C 337 -105.33 40.75 -50.02
N ASP C 338 -106.19 41.52 -49.37
CA ASP C 338 -107.56 41.70 -49.85
C ASP C 338 -107.70 42.45 -51.18
N GLU C 339 -106.78 43.37 -51.47
CA GLU C 339 -106.87 44.13 -52.72
C GLU C 339 -106.44 43.32 -53.96
N ILE C 340 -105.19 42.87 -54.00
CA ILE C 340 -104.72 42.08 -55.13
C ILE C 340 -105.50 40.76 -55.29
N THR C 341 -106.10 40.28 -54.20
CA THR C 341 -106.97 39.11 -54.25
C THR C 341 -108.29 39.47 -54.92
N GLU C 342 -108.76 40.68 -54.67
CA GLU C 342 -110.03 41.14 -55.23
C GLU C 342 -109.96 41.20 -56.75
N LEU C 343 -108.85 41.73 -57.25
CA LEU C 343 -108.59 41.76 -58.68
C LEU C 343 -108.30 40.34 -59.17
N HIS C 344 -107.84 39.49 -58.26
CA HIS C 344 -107.57 38.09 -58.57
C HIS C 344 -108.86 37.29 -58.64
N GLU C 345 -109.76 37.51 -57.69
CA GLU C 345 -111.04 36.81 -57.66
C GLU C 345 -111.94 37.24 -58.82
N ALA C 346 -111.52 38.28 -59.53
CA ALA C 346 -112.16 38.66 -60.79
C ALA C 346 -111.79 37.64 -61.86
N GLY C 347 -110.90 36.73 -61.51
CA GLY C 347 -110.49 35.68 -62.41
C GLY C 347 -109.46 36.13 -63.42
N ALA C 348 -108.58 37.03 -63.01
CA ALA C 348 -107.46 37.43 -63.87
C ALA C 348 -106.28 36.52 -63.57
N ARG C 349 -105.81 35.79 -64.56
CA ARG C 349 -104.85 34.72 -64.31
C ARG C 349 -103.41 35.20 -64.09
N TRP C 350 -103.04 36.33 -64.68
CA TRP C 350 -101.63 36.77 -64.65
C TRP C 350 -101.35 38.05 -63.88
N ILE C 351 -100.21 38.07 -63.19
CA ILE C 351 -99.75 39.24 -62.45
C ILE C 351 -98.25 39.45 -62.60
N LEU C 352 -97.86 40.65 -63.04
CA LEU C 352 -96.46 41.00 -63.18
C LEU C 352 -96.07 42.07 -62.19
N ASP C 353 -94.80 42.10 -61.82
CA ASP C 353 -94.31 43.09 -60.88
C ASP C 353 -93.03 43.76 -61.37
N LEU C 354 -93.11 45.06 -61.65
CA LEU C 354 -91.98 45.83 -62.15
C LEU C 354 -91.18 46.48 -61.01
N GLY C 355 -91.54 46.15 -59.78
CA GLY C 355 -90.82 46.64 -58.62
C GLY C 355 -89.36 46.21 -58.54
N PRO C 356 -88.51 47.06 -57.91
CA PRO C 356 -87.06 46.90 -57.75
C PRO C 356 -86.69 45.57 -57.09
N GLY C 357 -85.56 44.99 -57.49
CA GLY C 357 -85.31 43.57 -57.23
C GLY C 357 -86.55 42.91 -57.80
N ASP C 358 -87.16 42.03 -57.02
CA ASP C 358 -88.62 41.88 -57.14
C ASP C 358 -89.27 41.70 -55.77
N ILE C 359 -90.11 42.68 -55.41
CA ILE C 359 -90.80 42.67 -54.14
C ILE C 359 -92.29 42.76 -54.45
N LEU C 360 -93.09 42.02 -53.68
CA LEU C 360 -94.54 41.95 -53.81
C LEU C 360 -94.98 40.96 -54.89
N THR C 361 -94.03 40.50 -55.70
CA THR C 361 -94.35 39.47 -56.68
C THR C 361 -94.46 38.12 -55.95
N ARG C 362 -93.50 37.86 -55.05
CA ARG C 362 -93.50 36.64 -54.28
C ARG C 362 -94.33 36.74 -53.00
N LEU C 363 -94.58 37.96 -52.53
CA LEU C 363 -95.42 38.14 -51.36
C LEU C 363 -96.84 37.72 -51.70
N THR C 364 -97.24 37.99 -52.93
CA THR C 364 -98.58 37.71 -53.41
C THR C 364 -98.82 36.24 -53.73
N ALA C 365 -97.76 35.50 -54.05
CA ALA C 365 -97.92 34.13 -54.53
C ALA C 365 -98.49 33.13 -53.50
N PRO C 366 -97.87 32.99 -52.32
CA PRO C 366 -98.51 32.09 -51.35
C PRO C 366 -99.80 32.66 -50.78
N VAL C 367 -100.02 33.96 -50.94
CA VAL C 367 -101.30 34.55 -50.57
C VAL C 367 -102.41 33.91 -51.39
N ILE C 368 -102.29 33.99 -52.72
CA ILE C 368 -103.23 33.33 -53.62
C ILE C 368 -102.95 31.83 -53.80
N ARG C 369 -101.69 31.50 -54.07
CA ARG C 369 -101.27 30.11 -54.32
C ARG C 369 -102.09 29.42 -55.40
N GLY C 370 -102.85 28.40 -55.01
CA GLY C 370 -103.51 27.51 -55.94
C GLY C 370 -104.89 27.92 -56.40
N LEU C 371 -105.17 29.22 -56.36
CA LEU C 371 -106.47 29.72 -56.80
C LEU C 371 -106.51 30.03 -58.30
N GLY C 372 -105.43 29.67 -59.00
CA GLY C 372 -105.39 29.81 -60.45
C GLY C 372 -104.44 30.89 -60.92
N ILE C 373 -104.02 31.73 -59.99
CA ILE C 373 -103.04 32.78 -60.25
C ILE C 373 -101.63 32.21 -60.29
N GLY C 374 -100.80 32.80 -61.14
CA GLY C 374 -99.37 32.52 -61.12
C GLY C 374 -98.67 33.82 -61.48
N ILE C 375 -97.43 33.95 -61.02
CA ILE C 375 -96.78 35.27 -61.03
C ILE C 375 -95.31 35.24 -61.43
N VAL C 376 -94.99 35.94 -62.51
CA VAL C 376 -93.61 36.08 -62.97
C VAL C 376 -93.03 37.42 -62.52
N PRO C 377 -91.87 37.38 -61.84
CA PRO C 377 -91.19 38.63 -61.51
C PRO C 377 -90.74 39.35 -62.79
N ALA C 378 -91.08 40.62 -62.97
CA ALA C 378 -90.69 41.36 -64.16
C ALA C 378 -89.33 42.02 -63.97
N ALA C 379 -88.54 42.03 -65.04
CA ALA C 379 -87.10 42.36 -65.05
C ALA C 379 -86.22 41.22 -64.50
N THR C 380 -86.85 40.12 -64.12
CA THR C 380 -86.13 38.88 -63.81
C THR C 380 -85.94 38.09 -65.12
N ARG C 381 -84.71 37.73 -65.44
CA ARG C 381 -84.40 37.11 -66.73
C ARG C 381 -85.08 35.75 -66.93
N GLY C 382 -85.18 34.97 -65.86
CA GLY C 382 -85.79 33.66 -65.95
C GLY C 382 -87.26 33.74 -66.28
N GLY C 383 -87.97 34.62 -65.57
CA GLY C 383 -89.41 34.78 -65.76
C GLY C 383 -89.76 35.54 -67.01
N GLN C 384 -88.80 36.30 -67.54
CA GLN C 384 -89.03 37.05 -68.76
C GLN C 384 -88.85 36.13 -69.97
N ARG C 385 -88.07 35.06 -69.79
CA ARG C 385 -87.91 34.06 -70.84
C ARG C 385 -89.24 33.46 -71.23
N ASN C 386 -90.12 33.30 -70.23
CA ASN C 386 -91.49 32.91 -70.50
C ASN C 386 -92.14 33.92 -71.43
N LEU C 387 -92.11 35.19 -71.00
CA LEU C 387 -92.80 36.29 -71.68
C LEU C 387 -92.55 36.39 -73.19
N PHE C 388 -91.32 36.11 -73.61
CA PHE C 388 -90.94 36.38 -74.99
C PHE C 388 -91.09 35.22 -75.95
N THR C 389 -91.59 34.07 -75.48
CA THR C 389 -91.69 32.91 -76.36
C THR C 389 -93.12 32.41 -76.54
N VAL C 390 -93.37 31.73 -77.65
CA VAL C 390 -94.68 31.16 -77.94
C VAL C 390 -94.98 29.94 -77.06
N GLY C 391 -93.95 29.14 -76.78
CA GLY C 391 -94.15 27.91 -76.05
C GLY C 391 -93.84 27.88 -74.56
N ALA C 392 -93.07 28.85 -74.09
CA ALA C 392 -92.59 28.84 -72.71
C ALA C 392 -93.51 29.64 -71.79
N VAL C 393 -94.52 30.26 -72.38
CA VAL C 393 -95.43 31.16 -71.65
C VAL C 393 -96.35 30.60 -70.56
N PRO C 394 -97.23 29.63 -70.91
CA PRO C 394 -98.41 29.43 -70.06
C PRO C 394 -98.12 28.80 -68.70
N GLU C 395 -97.56 29.59 -67.78
CA GLU C 395 -97.42 29.10 -66.43
C GLU C 395 -98.70 29.47 -65.70
N VAL C 396 -99.50 28.46 -65.39
CA VAL C 396 -100.77 28.68 -64.71
C VAL C 396 -100.83 27.77 -63.49
N ALA C 397 -100.78 28.36 -62.30
CA ALA C 397 -100.67 27.55 -61.10
C ALA C 397 -101.95 26.76 -60.87
N ARG C 398 -101.81 25.60 -60.25
CA ARG C 398 -102.90 24.64 -60.17
C ARG C 398 -104.07 25.08 -59.30
N PRO C 399 -105.27 25.12 -59.91
CA PRO C 399 -106.58 25.44 -59.34
C PRO C 399 -107.12 24.29 -58.49
N TRP C 400 -106.81 24.26 -57.18
CA TRP C 400 -107.00 23.09 -56.31
C TRP C 400 -108.30 22.34 -56.60
N SER C 401 -109.32 23.10 -56.94
CA SER C 401 -110.58 22.54 -57.41
C SER C 401 -110.39 21.54 -58.56
N SER C 402 -109.26 21.62 -59.26
CA SER C 402 -108.95 20.65 -60.32
C SER C 402 -108.83 19.23 -59.76
N TYR C 403 -108.36 19.11 -58.53
CA TYR C 403 -108.20 17.80 -57.89
C TYR C 403 -109.43 17.42 -57.08
N ALA C 404 -110.48 18.23 -57.16
CA ALA C 404 -111.72 17.95 -56.43
C ALA C 404 -112.33 16.63 -56.86
N PRO C 405 -112.76 15.81 -55.87
CA PRO C 405 -113.26 14.45 -56.12
C PRO C 405 -114.47 14.37 -57.06
N THR C 406 -114.59 13.23 -57.72
CA THR C 406 -115.67 12.98 -58.68
C THR C 406 -116.33 11.61 -58.46
N VAL C 407 -117.44 11.38 -59.15
CA VAL C 407 -118.18 10.13 -59.01
C VAL C 407 -118.00 9.22 -60.22
N VAL C 408 -117.93 7.91 -59.96
CA VAL C 408 -117.63 6.91 -60.98
C VAL C 408 -118.64 5.77 -60.93
N LYS C 409 -118.97 5.22 -62.09
CA LYS C 409 -119.85 4.06 -62.20
C LYS C 409 -119.06 2.88 -62.76
N LEU C 410 -119.53 1.65 -62.51
CA LEU C 410 -118.80 0.46 -62.97
C LEU C 410 -119.73 -0.55 -63.67
N PRO C 411 -119.17 -1.62 -64.27
CA PRO C 411 -120.04 -2.53 -65.04
C PRO C 411 -121.17 -3.17 -64.25
N ASP C 412 -120.88 -3.67 -63.05
CA ASP C 412 -121.92 -4.21 -62.20
C ASP C 412 -122.73 -3.09 -61.54
N GLY C 413 -122.32 -1.86 -61.83
CA GLY C 413 -123.06 -0.68 -61.41
C GLY C 413 -122.83 -0.26 -59.99
N SER C 414 -121.57 -0.26 -59.57
CA SER C 414 -121.20 0.21 -58.25
C SER C 414 -120.85 1.68 -58.33
N VAL C 415 -121.19 2.43 -57.29
CA VAL C 415 -120.80 3.83 -57.21
C VAL C 415 -119.41 3.91 -56.63
N LYS C 416 -118.55 4.69 -57.27
CA LYS C 416 -117.19 4.85 -56.79
C LYS C 416 -116.84 6.33 -56.68
N LEU C 417 -116.40 6.75 -55.51
CA LEU C 417 -115.98 8.12 -55.28
C LEU C 417 -114.56 8.26 -55.78
N GLU C 418 -114.33 9.14 -56.74
CA GLU C 418 -113.03 9.20 -57.41
C GLU C 418 -112.05 10.17 -56.77
N THR C 419 -110.88 9.63 -56.40
CA THR C 419 -109.76 10.43 -55.92
C THR C 419 -108.49 9.85 -56.51
N LYS C 420 -107.35 10.43 -56.16
CA LYS C 420 -106.07 9.94 -56.64
C LYS C 420 -105.75 8.58 -56.01
N PHE C 421 -106.36 8.32 -54.86
CA PHE C 421 -106.22 7.04 -54.17
C PHE C 421 -107.07 5.98 -54.85
N THR C 422 -108.39 6.20 -54.85
CA THR C 422 -109.35 5.29 -55.45
C THR C 422 -109.00 4.89 -56.88
N ARG C 423 -108.57 5.87 -57.68
CA ARG C 423 -108.23 5.65 -59.08
C ARG C 423 -107.19 4.54 -59.23
N LEU C 424 -106.20 4.53 -58.34
CA LEU C 424 -105.18 3.49 -58.34
C LEU C 424 -105.73 2.16 -57.83
N THR C 425 -106.33 2.18 -56.65
CA THR C 425 -106.74 0.96 -55.97
C THR C 425 -108.04 0.35 -56.49
N GLY C 426 -108.90 1.19 -57.05
CA GLY C 426 -110.17 0.73 -57.57
C GLY C 426 -111.21 0.49 -56.49
N ARG C 427 -110.98 1.08 -55.32
CA ARG C 427 -111.87 0.89 -54.18
C ARG C 427 -112.27 2.23 -53.56
N SER C 428 -113.06 2.17 -52.51
CA SER C 428 -113.48 3.38 -51.79
C SER C 428 -112.28 4.05 -51.15
N PRO C 429 -112.27 5.39 -51.12
CA PRO C 429 -111.14 6.14 -50.56
C PRO C 429 -111.11 6.07 -49.02
N ILE C 430 -111.19 4.87 -48.48
CA ILE C 430 -111.20 4.68 -47.04
C ILE C 430 -110.55 3.34 -46.69
N LEU C 431 -109.81 3.31 -45.58
CA LEU C 431 -109.10 2.11 -45.19
C LEU C 431 -109.03 1.95 -43.68
N LEU C 432 -108.94 0.70 -43.23
CA LEU C 432 -108.71 0.39 -41.83
C LEU C 432 -107.22 0.24 -41.63
N ALA C 433 -106.62 1.19 -40.91
CA ALA C 433 -105.17 1.20 -40.71
C ALA C 433 -104.71 0.03 -39.86
N GLY C 434 -103.43 -0.31 -39.98
CA GLY C 434 -102.86 -1.39 -39.20
C GLY C 434 -102.93 -1.11 -37.71
N MET C 435 -103.53 -2.03 -36.97
CA MET C 435 -103.73 -1.87 -35.53
C MET C 435 -103.38 -3.16 -34.80
N THR C 436 -102.49 -3.04 -33.82
CA THR C 436 -101.92 -4.22 -33.16
C THR C 436 -102.94 -5.19 -32.50
N PRO C 437 -103.74 -4.71 -31.53
CA PRO C 437 -104.71 -5.67 -31.00
C PRO C 437 -105.80 -6.01 -32.01
N THR C 438 -106.29 -4.99 -32.72
CA THR C 438 -107.47 -5.11 -33.55
C THR C 438 -107.29 -5.90 -34.83
N THR C 439 -106.30 -5.53 -35.63
CA THR C 439 -106.16 -6.09 -36.97
C THR C 439 -105.29 -7.34 -37.03
N VAL C 440 -104.77 -7.76 -35.89
CA VAL C 440 -103.90 -8.94 -35.84
C VAL C 440 -104.67 -10.22 -36.17
N ASP C 441 -105.96 -10.22 -35.86
CA ASP C 441 -106.82 -11.36 -36.17
C ASP C 441 -107.06 -11.46 -37.66
N ALA C 442 -106.83 -12.63 -38.23
CA ALA C 442 -107.01 -12.85 -39.65
C ALA C 442 -108.48 -12.80 -40.06
N LYS C 443 -109.36 -12.93 -39.07
CA LYS C 443 -110.80 -12.95 -39.32
C LYS C 443 -111.35 -11.56 -39.66
N ILE C 444 -110.95 -10.56 -38.89
CA ILE C 444 -111.46 -9.21 -39.09
C ILE C 444 -110.92 -8.53 -40.34
N VAL C 445 -109.62 -8.69 -40.59
CA VAL C 445 -108.97 -8.09 -41.75
C VAL C 445 -109.53 -8.70 -43.03
N ALA C 446 -109.90 -9.98 -42.97
CA ALA C 446 -110.55 -10.65 -44.10
C ALA C 446 -111.96 -10.11 -44.29
N ALA C 447 -112.72 -10.07 -43.20
CA ALA C 447 -114.11 -9.60 -43.23
C ALA C 447 -114.19 -8.15 -43.69
N ALA C 448 -113.21 -7.35 -43.29
CA ALA C 448 -113.15 -5.95 -43.70
C ALA C 448 -112.84 -5.84 -45.19
N ALA C 449 -112.00 -6.75 -45.67
CA ALA C 449 -111.64 -6.78 -47.08
C ALA C 449 -112.77 -7.37 -47.92
N ASN C 450 -113.46 -8.37 -47.36
CA ASN C 450 -114.59 -8.99 -48.03
C ASN C 450 -115.78 -8.05 -48.11
N ALA C 451 -115.73 -6.98 -47.32
CA ALA C 451 -116.74 -5.92 -47.39
C ALA C 451 -116.34 -4.94 -48.48
N GLY C 452 -115.24 -5.25 -49.17
CA GLY C 452 -114.74 -4.42 -50.25
C GLY C 452 -114.01 -3.19 -49.76
N HIS C 453 -113.11 -3.38 -48.80
CA HIS C 453 -112.35 -2.26 -48.26
C HIS C 453 -110.86 -2.57 -48.01
N TRP C 454 -110.05 -1.53 -48.16
CA TRP C 454 -108.60 -1.61 -47.99
C TRP C 454 -108.25 -1.71 -46.50
N ALA C 455 -107.34 -2.62 -46.16
CA ALA C 455 -106.98 -2.86 -44.75
C ALA C 455 -105.52 -3.29 -44.59
N GLU C 456 -104.95 -3.05 -43.42
CA GLU C 456 -103.56 -3.36 -43.17
C GLU C 456 -103.39 -4.35 -42.02
N LEU C 457 -102.90 -5.56 -42.35
CA LEU C 457 -102.68 -6.60 -41.34
C LEU C 457 -101.57 -6.20 -40.38
N ALA C 458 -101.87 -6.26 -39.08
CA ALA C 458 -100.92 -5.82 -38.06
C ALA C 458 -99.75 -6.77 -37.89
N GLY C 459 -98.55 -6.22 -37.76
CA GLY C 459 -97.35 -7.02 -37.59
C GLY C 459 -96.85 -7.06 -36.16
N GLY C 460 -97.44 -6.23 -35.31
CA GLY C 460 -97.01 -6.15 -33.92
C GLY C 460 -97.42 -7.36 -33.09
N GLY C 461 -98.31 -8.18 -33.65
CA GLY C 461 -98.77 -9.37 -32.96
C GLY C 461 -98.18 -10.65 -33.53
N GLN C 462 -97.19 -10.50 -34.40
CA GLN C 462 -96.55 -11.65 -35.04
C GLN C 462 -95.03 -11.58 -34.85
N VAL C 463 -94.49 -12.55 -34.11
CA VAL C 463 -93.08 -12.51 -33.72
C VAL C 463 -92.12 -13.25 -34.66
N THR C 464 -92.65 -14.04 -35.59
CA THR C 464 -91.81 -14.79 -36.52
C THR C 464 -92.38 -14.80 -37.93
N GLU C 465 -91.58 -15.24 -38.90
CA GLU C 465 -92.06 -15.43 -40.26
C GLU C 465 -93.14 -16.51 -40.31
N GLN C 466 -92.86 -17.62 -39.64
CA GLN C 466 -93.75 -18.77 -39.66
C GLN C 466 -95.14 -18.49 -39.08
N ILE C 467 -95.16 -17.88 -37.90
CA ILE C 467 -96.42 -17.56 -37.24
C ILE C 467 -97.24 -16.56 -38.07
N PHE C 468 -96.55 -15.63 -38.71
CA PHE C 468 -97.22 -14.64 -39.55
C PHE C 468 -97.66 -15.24 -40.89
N ASN C 469 -96.88 -16.21 -41.38
CA ASN C 469 -97.23 -16.90 -42.62
C ASN C 469 -98.51 -17.70 -42.45
N ASP C 470 -98.81 -18.07 -41.22
CA ASP C 470 -100.05 -18.76 -40.89
C ASP C 470 -101.22 -17.80 -41.08
N ARG C 471 -101.01 -16.55 -40.69
CA ARG C 471 -102.06 -15.53 -40.78
C ARG C 471 -102.41 -15.20 -42.23
N ILE C 472 -101.40 -15.00 -43.06
CA ILE C 472 -101.60 -14.75 -44.48
C ILE C 472 -102.31 -15.93 -45.13
N ALA C 473 -101.91 -17.13 -44.73
CA ALA C 473 -102.56 -18.35 -45.22
C ALA C 473 -104.01 -18.40 -44.77
N GLU C 474 -104.26 -18.03 -43.53
CA GLU C 474 -105.62 -17.95 -43.01
C GLU C 474 -106.36 -16.81 -43.71
N LEU C 475 -105.64 -15.74 -44.02
CA LEU C 475 -106.21 -14.62 -44.77
C LEU C 475 -106.61 -15.05 -46.18
N GLU C 476 -105.67 -15.59 -46.94
CA GLU C 476 -105.90 -15.96 -48.32
C GLU C 476 -106.97 -17.05 -48.45
N THR C 477 -107.16 -17.81 -47.38
CA THR C 477 -108.23 -18.81 -47.35
C THR C 477 -109.57 -18.10 -47.16
N LEU C 478 -109.60 -17.17 -46.22
CA LEU C 478 -110.80 -16.37 -45.99
C LEU C 478 -110.93 -15.29 -47.05
N LEU C 479 -109.83 -15.00 -47.74
CA LEU C 479 -109.89 -14.10 -48.89
C LEU C 479 -110.59 -14.83 -50.03
N GLU C 480 -111.66 -14.22 -50.53
CA GLU C 480 -112.42 -14.80 -51.61
C GLU C 480 -111.70 -14.42 -52.92
N PRO C 481 -112.15 -14.95 -54.07
CA PRO C 481 -111.32 -14.77 -55.28
C PRO C 481 -110.97 -13.33 -55.64
N GLY C 482 -109.67 -13.09 -55.85
CA GLY C 482 -109.18 -11.83 -56.38
C GLY C 482 -108.89 -10.75 -55.34
N ARG C 483 -109.50 -10.86 -54.18
CA ARG C 483 -109.44 -9.81 -53.18
C ARG C 483 -108.05 -9.69 -52.53
N ALA C 484 -107.62 -8.46 -52.27
CA ALA C 484 -106.24 -8.21 -51.88
C ALA C 484 -106.10 -7.27 -50.68
N ILE C 485 -105.07 -7.52 -49.85
CA ILE C 485 -104.86 -6.82 -48.59
C ILE C 485 -103.39 -6.36 -48.47
N GLN C 486 -103.07 -5.51 -47.51
CA GLN C 486 -101.68 -5.09 -47.28
C GLN C 486 -101.17 -5.44 -45.87
N PHE C 487 -99.93 -5.04 -45.58
CA PHE C 487 -99.29 -5.37 -44.30
C PHE C 487 -98.63 -4.18 -43.61
N ASN C 488 -98.72 -4.15 -42.28
CA ASN C 488 -98.16 -3.06 -41.48
C ASN C 488 -96.96 -3.49 -40.63
N THR C 489 -95.90 -2.67 -40.65
CA THR C 489 -94.67 -2.99 -39.93
C THR C 489 -94.19 -1.78 -39.10
N LEU C 490 -93.49 -2.06 -38.00
CA LEU C 490 -93.03 -1.01 -37.08
C LEU C 490 -91.53 -0.76 -37.16
N PHE C 491 -91.14 0.50 -37.02
CA PHE C 491 -89.74 0.92 -37.12
C PHE C 491 -89.03 0.92 -35.77
N LEU C 492 -89.81 0.75 -34.70
CA LEU C 492 -89.35 1.05 -33.34
C LEU C 492 -88.02 0.42 -32.86
N ASP C 493 -87.92 -0.90 -32.91
CA ASP C 493 -86.78 -1.58 -32.31
C ASP C 493 -85.96 -2.38 -33.32
N PRO C 494 -84.65 -2.56 -33.06
CA PRO C 494 -83.74 -3.28 -33.97
C PRO C 494 -84.12 -4.75 -34.18
N TYR C 495 -84.58 -5.44 -33.14
CA TYR C 495 -84.90 -6.86 -33.26
C TYR C 495 -86.01 -7.11 -34.27
N LEU C 496 -86.97 -6.19 -34.34
CA LEU C 496 -88.06 -6.29 -35.30
C LEU C 496 -87.57 -5.95 -36.71
N TRP C 497 -86.60 -5.03 -36.78
CA TRP C 497 -86.05 -4.62 -38.06
C TRP C 497 -85.15 -5.71 -38.63
N LYS C 498 -84.53 -6.48 -37.73
CA LYS C 498 -83.76 -7.65 -38.14
C LYS C 498 -84.73 -8.79 -38.46
N LEU C 499 -85.85 -8.81 -37.75
CA LEU C 499 -86.90 -9.78 -38.01
C LEU C 499 -87.58 -9.44 -39.33
N GLN C 500 -87.56 -8.15 -39.68
CA GLN C 500 -88.18 -7.70 -40.92
C GLN C 500 -87.31 -8.06 -42.12
N VAL C 501 -86.01 -8.20 -41.91
CA VAL C 501 -85.12 -8.68 -42.97
C VAL C 501 -85.57 -10.07 -43.38
N GLY C 502 -85.97 -10.87 -42.38
CA GLY C 502 -86.60 -12.15 -42.62
C GLY C 502 -88.05 -11.94 -42.99
N GLY C 503 -88.62 -10.85 -42.48
CA GLY C 503 -90.01 -10.51 -42.75
C GLY C 503 -90.22 -9.99 -44.14
N LYS C 504 -89.33 -9.13 -44.62
CA LYS C 504 -89.44 -8.58 -45.96
C LYS C 504 -89.16 -9.67 -46.99
N ARG C 505 -88.21 -10.56 -46.69
CA ARG C 505 -87.91 -11.67 -47.58
C ARG C 505 -89.05 -12.68 -47.53
N LEU C 506 -89.77 -12.71 -46.42
CA LEU C 506 -90.99 -13.49 -46.31
C LEU C 506 -92.04 -12.88 -47.23
N VAL C 507 -92.18 -11.56 -47.14
CA VAL C 507 -93.06 -10.82 -48.03
C VAL C 507 -92.59 -10.96 -49.47
N GLN C 508 -91.26 -10.97 -49.65
CA GLN C 508 -90.68 -11.22 -50.96
C GLN C 508 -91.01 -12.63 -51.44
N ARG C 509 -90.77 -13.63 -50.59
CA ARG C 509 -91.06 -15.02 -50.92
C ARG C 509 -92.55 -15.23 -51.20
N ALA C 510 -93.39 -14.65 -50.36
CA ALA C 510 -94.83 -14.76 -50.52
C ALA C 510 -95.27 -14.24 -51.88
N ARG C 511 -94.81 -13.04 -52.23
CA ARG C 511 -95.20 -12.43 -53.49
C ARG C 511 -94.41 -12.97 -54.68
N GLN C 512 -93.24 -13.54 -54.41
CA GLN C 512 -92.53 -14.27 -55.46
C GLN C 512 -93.32 -15.52 -55.77
N SER C 513 -94.07 -15.99 -54.77
CA SER C 513 -94.99 -17.10 -54.93
C SER C 513 -96.34 -16.60 -55.45
N GLY C 514 -96.49 -15.28 -55.51
CA GLY C 514 -97.69 -14.67 -56.04
C GLY C 514 -98.78 -14.38 -55.02
N ALA C 515 -98.38 -14.19 -53.76
CA ALA C 515 -99.33 -13.93 -52.68
C ALA C 515 -100.20 -12.70 -52.93
N PRO C 516 -101.47 -12.75 -52.51
CA PRO C 516 -102.48 -11.70 -52.67
C PRO C 516 -102.14 -10.36 -52.00
N ILE C 517 -101.14 -10.32 -51.14
CA ILE C 517 -100.92 -9.11 -50.36
C ILE C 517 -100.29 -8.03 -51.23
N ASP C 518 -101.04 -6.96 -51.46
CA ASP C 518 -100.66 -5.94 -52.44
C ASP C 518 -100.01 -4.65 -51.93
N GLY C 519 -99.72 -4.55 -50.64
CA GLY C 519 -99.08 -3.35 -50.11
C GLY C 519 -98.27 -3.54 -48.84
N LEU C 520 -97.40 -2.57 -48.55
CA LEU C 520 -96.59 -2.59 -47.32
C LEU C 520 -96.70 -1.26 -46.57
N VAL C 521 -96.87 -1.34 -45.25
CA VAL C 521 -97.01 -0.15 -44.42
C VAL C 521 -95.91 -0.03 -43.37
N VAL C 522 -95.05 0.98 -43.50
CA VAL C 522 -94.03 1.23 -42.49
C VAL C 522 -94.53 2.23 -41.46
N SER C 523 -94.37 1.90 -40.18
CA SER C 523 -94.97 2.68 -39.11
C SER C 523 -93.97 3.16 -38.06
N ALA C 524 -94.41 4.14 -37.26
CA ALA C 524 -93.65 4.70 -36.15
C ALA C 524 -92.39 5.48 -36.57
N GLY C 525 -92.08 5.45 -37.86
CA GLY C 525 -90.94 6.18 -38.38
C GLY C 525 -90.84 6.09 -39.89
N ILE C 526 -90.11 7.01 -40.49
CA ILE C 526 -89.90 7.01 -41.93
C ILE C 526 -88.49 6.53 -42.26
N PRO C 527 -88.38 5.41 -42.99
CA PRO C 527 -87.10 4.82 -43.37
C PRO C 527 -86.25 5.80 -44.17
N ASP C 528 -84.94 5.72 -44.04
CA ASP C 528 -84.03 6.55 -44.81
C ASP C 528 -84.09 6.14 -46.28
N LEU C 529 -83.64 7.04 -47.16
CA LEU C 529 -83.74 6.85 -48.60
C LEU C 529 -83.26 5.48 -49.07
N GLU C 530 -82.06 5.08 -48.66
CA GLU C 530 -81.51 3.79 -49.05
C GLU C 530 -82.32 2.63 -48.49
N GLU C 531 -82.95 2.82 -47.34
CA GLU C 531 -83.80 1.81 -46.75
C GLU C 531 -85.13 1.71 -47.49
N ALA C 532 -85.63 2.86 -47.92
CA ALA C 532 -86.90 2.93 -48.62
C ALA C 532 -86.79 2.43 -50.06
N VAL C 533 -85.65 2.72 -50.70
CA VAL C 533 -85.38 2.24 -52.05
C VAL C 533 -85.42 0.73 -52.09
N ASP C 534 -84.81 0.11 -51.09
CA ASP C 534 -84.79 -1.34 -50.96
C ASP C 534 -86.21 -1.89 -50.97
N ILE C 535 -87.05 -1.36 -50.09
CA ILE C 535 -88.46 -1.77 -49.99
C ILE C 535 -89.20 -1.64 -51.31
N ILE C 536 -89.06 -0.48 -51.95
CA ILE C 536 -89.72 -0.19 -53.21
C ILE C 536 -89.26 -1.13 -54.34
N ASP C 537 -87.96 -1.41 -54.36
CA ASP C 537 -87.34 -2.17 -55.45
C ASP C 537 -87.23 -3.69 -55.24
N GLU C 538 -87.87 -4.20 -54.18
CA GLU C 538 -87.81 -5.62 -53.83
C GLU C 538 -88.33 -6.51 -54.96
N LEU C 539 -87.95 -7.78 -54.95
CA LEU C 539 -88.44 -8.75 -55.92
C LEU C 539 -89.96 -8.80 -55.95
N ASN C 540 -90.58 -8.38 -54.84
CA ASN C 540 -92.02 -8.37 -54.71
C ASN C 540 -92.65 -7.03 -55.10
N GLU C 541 -91.83 -6.14 -55.65
CA GLU C 541 -92.22 -4.75 -55.92
C GLU C 541 -93.58 -4.54 -56.62
N VAL C 542 -93.82 -5.27 -57.71
CA VAL C 542 -95.07 -5.13 -58.43
C VAL C 542 -96.21 -5.53 -57.51
N GLY C 543 -95.97 -6.55 -56.71
CA GLY C 543 -96.92 -6.99 -55.72
C GLY C 543 -97.04 -6.02 -54.56
N ILE C 544 -96.07 -5.12 -54.43
CA ILE C 544 -96.17 -4.04 -53.45
C ILE C 544 -97.03 -2.90 -54.00
N SER C 545 -96.81 -2.55 -55.27
CA SER C 545 -97.71 -1.70 -56.06
C SER C 545 -97.89 -0.28 -55.52
N HIS C 546 -97.63 -0.10 -54.24
CA HIS C 546 -97.45 1.21 -53.62
C HIS C 546 -96.77 1.01 -52.27
N VAL C 547 -96.15 2.06 -51.74
CA VAL C 547 -95.56 1.99 -50.41
C VAL C 547 -96.24 2.99 -49.47
N VAL C 548 -96.39 2.58 -48.22
CA VAL C 548 -97.14 3.38 -47.25
C VAL C 548 -96.27 3.88 -46.10
N PHE C 549 -96.25 5.19 -45.92
CA PHE C 549 -95.47 5.82 -44.86
C PHE C 549 -96.37 6.67 -43.96
N LYS C 550 -95.96 6.81 -42.70
CA LYS C 550 -96.76 7.57 -41.73
C LYS C 550 -95.93 8.63 -41.01
N PRO C 551 -95.76 9.80 -41.64
CA PRO C 551 -95.01 10.92 -41.04
C PRO C 551 -95.74 11.51 -39.85
N GLY C 552 -95.02 11.74 -38.75
CA GLY C 552 -95.60 12.37 -37.58
C GLY C 552 -95.21 13.83 -37.40
N THR C 553 -94.19 14.27 -38.13
CA THR C 553 -93.68 15.63 -37.99
C THR C 553 -93.50 16.30 -39.34
N VAL C 554 -93.26 17.61 -39.32
CA VAL C 554 -92.96 18.37 -40.54
C VAL C 554 -91.75 17.78 -41.25
N GLU C 555 -90.71 17.48 -40.48
CA GLU C 555 -89.49 16.90 -41.03
C GLU C 555 -89.74 15.50 -41.60
N GLN C 556 -90.59 14.74 -40.92
CA GLN C 556 -90.94 13.39 -41.38
C GLN C 556 -91.71 13.45 -42.69
N ILE C 557 -92.53 14.49 -42.85
CA ILE C 557 -93.26 14.71 -44.08
C ILE C 557 -92.29 15.02 -45.22
N ARG C 558 -91.37 15.95 -44.96
CA ARG C 558 -90.37 16.35 -45.94
C ARG C 558 -89.43 15.20 -46.32
N SER C 559 -89.31 14.24 -45.41
CA SER C 559 -88.49 13.06 -45.67
C SER C 559 -89.15 12.18 -46.72
N VAL C 560 -90.46 11.99 -46.60
CA VAL C 560 -91.22 11.17 -47.54
C VAL C 560 -91.26 11.80 -48.92
N ILE C 561 -91.27 13.14 -48.96
CA ILE C 561 -91.23 13.87 -50.22
C ILE C 561 -89.94 13.51 -50.98
N ARG C 562 -88.87 13.30 -50.23
CA ARG C 562 -87.60 12.91 -50.82
C ARG C 562 -87.60 11.44 -51.22
N ILE C 563 -88.48 10.65 -50.58
CA ILE C 563 -88.67 9.27 -50.97
C ILE C 563 -89.52 9.21 -52.23
N ALA C 564 -90.38 10.21 -52.38
CA ALA C 564 -91.25 10.32 -53.54
C ALA C 564 -90.46 10.69 -54.79
N ALA C 565 -89.57 11.66 -54.64
CA ALA C 565 -88.74 12.12 -55.76
C ALA C 565 -87.72 11.05 -56.14
N GLU C 566 -87.48 10.11 -55.23
CA GLU C 566 -86.56 9.01 -55.48
C GLU C 566 -87.07 8.16 -56.64
N VAL C 567 -88.29 7.65 -56.51
CA VAL C 567 -88.93 6.90 -57.58
C VAL C 567 -90.26 7.55 -57.93
N PRO C 568 -90.22 8.54 -58.84
CA PRO C 568 -91.39 9.34 -59.23
C PRO C 568 -92.51 8.52 -59.87
N THR C 569 -92.21 7.33 -60.35
CA THR C 569 -93.21 6.48 -60.99
C THR C 569 -93.85 5.49 -60.02
N LYS C 570 -93.36 5.47 -58.79
CA LYS C 570 -93.89 4.56 -57.77
C LYS C 570 -94.90 5.27 -56.89
N PRO C 571 -96.14 4.75 -56.85
CA PRO C 571 -97.17 5.31 -55.98
C PRO C 571 -96.77 5.24 -54.51
N VAL C 572 -96.89 6.35 -53.80
CA VAL C 572 -96.60 6.39 -52.38
C VAL C 572 -97.77 7.02 -51.65
N ILE C 573 -98.42 6.24 -50.79
CA ILE C 573 -99.55 6.75 -50.05
C ILE C 573 -99.03 7.33 -48.75
N VAL C 574 -99.14 8.65 -48.61
CA VAL C 574 -98.68 9.28 -47.39
C VAL C 574 -99.86 9.47 -46.44
N HIS C 575 -99.85 8.71 -45.36
CA HIS C 575 -100.91 8.83 -44.36
C HIS C 575 -100.45 9.80 -43.29
N ILE C 576 -101.08 10.97 -43.24
CA ILE C 576 -100.72 11.97 -42.25
C ILE C 576 -101.60 11.80 -41.03
N GLU C 577 -101.00 11.36 -39.92
CA GLU C 577 -101.75 11.13 -38.70
C GLU C 577 -101.55 12.29 -37.74
N GLY C 578 -102.29 12.26 -36.64
CA GLY C 578 -102.12 13.24 -35.58
C GLY C 578 -101.57 12.63 -34.31
N GLY C 579 -101.65 13.39 -33.22
CA GLY C 579 -101.48 12.84 -31.90
C GLY C 579 -102.83 12.75 -31.24
N ARG C 580 -103.86 13.26 -31.92
CA ARG C 580 -105.22 13.12 -31.44
C ARG C 580 -105.70 11.72 -31.79
N ALA C 581 -104.90 11.02 -32.58
CA ALA C 581 -105.17 9.65 -32.97
C ALA C 581 -104.97 8.71 -31.79
N GLY C 582 -105.15 7.42 -32.04
CA GLY C 582 -104.99 6.43 -31.00
C GLY C 582 -103.61 5.79 -31.02
N GLY C 583 -103.25 5.15 -29.92
CA GLY C 583 -102.03 4.38 -29.84
C GLY C 583 -100.79 5.23 -29.82
N HIS C 584 -99.87 4.93 -30.73
CA HIS C 584 -98.64 5.71 -30.86
C HIS C 584 -98.99 7.18 -31.05
N HIS C 585 -98.26 8.03 -30.33
CA HIS C 585 -98.68 9.41 -30.12
C HIS C 585 -97.74 10.40 -30.78
N SER C 586 -97.98 11.69 -30.51
CA SER C 586 -97.17 12.78 -31.03
C SER C 586 -97.67 14.10 -30.44
N TRP C 587 -96.82 15.12 -30.48
CA TRP C 587 -97.16 16.44 -29.96
C TRP C 587 -97.61 17.38 -31.07
N GLU C 588 -97.67 16.86 -32.29
CA GLU C 588 -97.93 17.69 -33.47
C GLU C 588 -99.40 17.83 -33.84
N ASP C 589 -99.82 19.06 -34.11
CA ASP C 589 -101.21 19.36 -34.43
C ASP C 589 -101.65 18.71 -35.74
N LEU C 590 -102.95 18.50 -35.88
CA LEU C 590 -103.55 17.88 -37.07
C LEU C 590 -103.45 18.78 -38.28
N ASP C 591 -103.77 20.05 -38.06
CA ASP C 591 -103.90 21.02 -39.16
C ASP C 591 -102.56 21.61 -39.59
N ASP C 592 -101.90 22.29 -38.66
CA ASP C 592 -100.68 23.06 -38.93
C ASP C 592 -99.62 22.32 -39.76
N LEU C 593 -99.45 21.03 -39.49
CA LEU C 593 -98.51 20.22 -40.28
C LEU C 593 -98.94 20.16 -41.74
N LEU C 594 -100.16 19.69 -41.97
CA LEU C 594 -100.69 19.55 -43.31
C LEU C 594 -100.91 20.92 -43.95
N LEU C 595 -101.23 21.92 -43.13
CA LEU C 595 -101.45 23.27 -43.62
C LEU C 595 -100.20 23.84 -44.28
N ALA C 596 -99.05 23.58 -43.65
CA ALA C 596 -97.77 24.10 -44.13
C ALA C 596 -97.16 23.28 -45.27
N THR C 597 -97.26 21.96 -45.16
CA THR C 597 -96.54 21.07 -46.06
C THR C 597 -97.32 20.62 -47.30
N TYR C 598 -98.59 21.03 -47.40
CA TYR C 598 -99.46 20.55 -48.47
C TYR C 598 -98.96 20.92 -49.86
N SER C 599 -98.54 22.18 -50.03
CA SER C 599 -98.12 22.68 -51.34
C SER C 599 -96.95 21.88 -51.92
N GLU C 600 -95.98 21.56 -51.08
CA GLU C 600 -94.82 20.79 -51.53
C GLU C 600 -95.18 19.32 -51.75
N LEU C 601 -96.21 18.86 -51.04
CA LEU C 601 -96.67 17.48 -51.17
C LEU C 601 -97.39 17.24 -52.50
N ARG C 602 -97.95 18.31 -53.07
CA ARG C 602 -98.70 18.20 -54.32
C ARG C 602 -97.84 18.42 -55.56
N SER C 603 -96.57 18.73 -55.34
CA SER C 603 -95.64 18.89 -56.46
C SER C 603 -95.15 17.53 -56.92
N ARG C 604 -95.51 16.49 -56.17
CA ARG C 604 -95.19 15.12 -56.53
C ARG C 604 -96.46 14.34 -56.84
N SER C 605 -96.59 13.91 -58.09
CA SER C 605 -97.79 13.21 -58.54
C SER C 605 -97.89 11.80 -57.97
N ASN C 606 -96.76 11.26 -57.55
CA ASN C 606 -96.73 9.91 -57.00
C ASN C 606 -97.12 9.85 -55.53
N ILE C 607 -97.38 11.02 -54.95
CA ILE C 607 -97.80 11.11 -53.56
C ILE C 607 -99.33 11.13 -53.43
N THR C 608 -99.86 10.15 -52.71
CA THR C 608 -101.28 10.10 -52.43
C THR C 608 -101.53 10.54 -50.99
N ILE C 609 -102.13 11.71 -50.83
CA ILE C 609 -102.31 12.30 -49.51
C ILE C 609 -103.54 11.71 -48.81
N CYS C 610 -103.35 11.22 -47.59
CA CYS C 610 -104.43 10.61 -46.83
C CYS C 610 -104.45 11.14 -45.41
N VAL C 611 -105.54 11.81 -45.05
CA VAL C 611 -105.70 12.37 -43.71
C VAL C 611 -106.37 11.37 -42.78
N GLY C 612 -105.88 11.32 -41.54
CA GLY C 612 -106.42 10.38 -40.59
C GLY C 612 -106.42 10.91 -39.17
N GLY C 613 -107.10 10.19 -38.29
CA GLY C 613 -107.22 10.56 -36.90
C GLY C 613 -108.53 11.26 -36.58
N GLY C 614 -109.06 11.02 -35.39
CA GLY C 614 -110.27 11.69 -34.92
C GLY C 614 -111.43 11.75 -35.88
N ILE C 615 -111.66 10.69 -36.63
CA ILE C 615 -112.72 10.65 -37.62
C ILE C 615 -113.55 9.39 -37.45
N GLY C 616 -114.80 9.55 -37.02
CA GLY C 616 -115.72 8.41 -36.92
C GLY C 616 -116.81 8.37 -37.98
N THR C 617 -116.99 9.47 -38.70
CA THR C 617 -118.17 9.64 -39.54
C THR C 617 -117.88 10.25 -40.92
N PRO C 618 -118.77 10.00 -41.90
CA PRO C 618 -118.65 10.61 -43.22
C PRO C 618 -118.89 12.12 -43.22
N GLU C 619 -119.67 12.61 -42.27
CA GLU C 619 -120.06 14.02 -42.24
C GLU C 619 -118.91 14.91 -41.79
N ARG C 620 -118.23 14.52 -40.72
CA ARG C 620 -117.12 15.29 -40.19
C ARG C 620 -115.89 15.22 -41.10
N SER C 621 -115.79 14.13 -41.86
CA SER C 621 -114.62 13.90 -42.70
C SER C 621 -114.86 14.38 -44.13
N ALA C 622 -116.05 14.90 -44.40
CA ALA C 622 -116.43 15.31 -45.74
C ALA C 622 -115.72 16.59 -46.20
N GLU C 623 -115.41 17.45 -45.24
CA GLU C 623 -114.84 18.76 -45.55
C GLU C 623 -113.37 18.68 -45.93
N TYR C 624 -112.68 17.66 -45.43
CA TYR C 624 -111.30 17.44 -45.78
C TYR C 624 -111.21 16.90 -47.20
N LEU C 625 -112.28 16.23 -47.63
CA LEU C 625 -112.37 15.68 -48.98
C LEU C 625 -112.68 16.78 -50.00
N SER C 626 -113.60 17.66 -49.64
CA SER C 626 -113.96 18.78 -50.51
C SER C 626 -112.86 19.82 -50.51
N GLY C 627 -112.08 19.85 -49.44
CA GLY C 627 -111.02 20.82 -49.28
C GLY C 627 -111.51 22.04 -48.52
N ARG C 628 -112.74 21.97 -48.03
CA ARG C 628 -113.39 23.09 -47.37
C ARG C 628 -112.82 23.30 -45.97
N TRP C 629 -112.03 22.34 -45.51
CA TRP C 629 -111.49 22.34 -44.15
C TRP C 629 -110.43 23.40 -43.94
N ALA C 630 -109.76 23.79 -45.02
CA ALA C 630 -108.64 24.74 -44.93
C ALA C 630 -109.16 26.17 -44.93
N GLU C 631 -110.44 26.33 -45.23
CA GLU C 631 -111.05 27.64 -45.31
C GLU C 631 -111.18 28.32 -43.95
N VAL C 632 -111.30 27.53 -42.89
CA VAL C 632 -111.38 28.06 -41.54
C VAL C 632 -110.06 28.73 -41.16
N HIS C 633 -108.97 28.22 -41.72
CA HIS C 633 -107.65 28.77 -41.46
C HIS C 633 -107.28 29.82 -42.50
N GLY C 634 -108.20 30.09 -43.41
CA GLY C 634 -108.02 31.13 -44.41
C GLY C 634 -107.32 30.64 -45.67
N TYR C 635 -106.64 29.50 -45.57
CA TYR C 635 -105.97 28.91 -46.72
C TYR C 635 -107.01 28.46 -47.74
N PRO C 636 -106.72 28.65 -49.03
CA PRO C 636 -107.62 28.19 -50.10
C PRO C 636 -107.78 26.67 -50.04
N LEU C 637 -108.79 26.16 -50.74
CA LEU C 637 -109.23 24.78 -50.61
C LEU C 637 -108.10 23.76 -50.70
N MET C 638 -108.11 22.77 -49.80
CA MET C 638 -107.06 21.76 -49.73
C MET C 638 -107.64 20.36 -49.64
N PRO C 639 -108.03 19.79 -50.79
CA PRO C 639 -108.66 18.47 -50.89
C PRO C 639 -107.71 17.33 -50.52
N ILE C 640 -108.26 16.16 -50.18
CA ILE C 640 -107.46 14.99 -49.85
C ILE C 640 -107.89 13.76 -50.66
N ASP C 641 -106.95 12.84 -50.88
CA ASP C 641 -107.20 11.67 -51.72
C ASP C 641 -107.80 10.48 -50.98
N GLY C 642 -107.72 10.47 -49.65
CA GLY C 642 -108.19 9.32 -48.89
C GLY C 642 -108.25 9.57 -47.40
N ILE C 643 -108.96 8.69 -46.69
CA ILE C 643 -109.16 8.86 -45.24
C ILE C 643 -109.07 7.51 -44.53
N LEU C 644 -108.32 7.45 -43.43
CA LEU C 644 -108.20 6.22 -42.65
C LEU C 644 -108.95 6.34 -41.32
N VAL C 645 -109.64 5.26 -40.94
CA VAL C 645 -110.33 5.22 -39.66
C VAL C 645 -109.73 4.13 -38.77
N GLY C 646 -108.95 4.53 -37.77
CA GLY C 646 -108.44 3.57 -36.80
C GLY C 646 -109.37 3.20 -35.66
N THR C 647 -109.92 4.21 -34.99
CA THR C 647 -110.61 3.99 -33.71
C THR C 647 -112.06 3.53 -33.82
N ALA C 648 -112.81 4.12 -34.75
CA ALA C 648 -114.25 3.87 -34.85
C ALA C 648 -114.58 2.44 -35.27
N ALA C 649 -113.58 1.69 -35.73
CA ALA C 649 -113.78 0.32 -36.19
C ALA C 649 -113.50 -0.71 -35.10
N MET C 650 -113.17 -0.25 -33.91
CA MET C 650 -112.82 -1.15 -32.81
C MET C 650 -114.05 -1.78 -32.15
N ALA C 651 -115.18 -1.10 -32.23
CA ALA C 651 -116.41 -1.58 -31.62
C ALA C 651 -117.19 -2.46 -32.60
N THR C 652 -116.58 -2.73 -33.75
CA THR C 652 -117.24 -3.48 -34.80
C THR C 652 -117.50 -4.94 -34.45
N LEU C 653 -118.47 -5.54 -35.15
CA LEU C 653 -118.92 -6.89 -34.86
C LEU C 653 -117.85 -7.96 -35.11
N GLU C 654 -117.16 -7.86 -36.24
CA GLU C 654 -116.17 -8.87 -36.61
C GLU C 654 -114.83 -8.63 -35.91
N ALA C 655 -114.74 -7.56 -35.13
CA ALA C 655 -113.56 -7.31 -34.33
C ALA C 655 -113.51 -8.28 -33.16
N THR C 656 -112.30 -8.64 -32.74
CA THR C 656 -112.13 -9.62 -31.67
C THR C 656 -112.19 -8.98 -30.29
N THR C 657 -112.45 -7.68 -30.26
CA THR C 657 -112.61 -6.94 -29.00
C THR C 657 -113.67 -7.59 -28.12
N SER C 658 -113.33 -7.80 -26.86
CA SER C 658 -114.23 -8.46 -25.91
C SER C 658 -115.52 -7.66 -25.70
N PRO C 659 -116.64 -8.37 -25.44
CA PRO C 659 -117.95 -7.76 -25.23
C PRO C 659 -117.94 -6.64 -24.17
N GLN C 660 -117.22 -6.86 -23.08
CA GLN C 660 -117.13 -5.85 -22.03
C GLN C 660 -116.27 -4.66 -22.45
N VAL C 661 -115.24 -4.95 -23.24
CA VAL C 661 -114.33 -3.90 -23.71
C VAL C 661 -115.01 -3.01 -24.74
N LYS C 662 -115.86 -3.61 -25.58
CA LYS C 662 -116.62 -2.85 -26.56
C LYS C 662 -117.59 -1.88 -25.90
N GLN C 663 -118.29 -2.37 -24.88
CA GLN C 663 -119.22 -1.53 -24.11
C GLN C 663 -118.47 -0.38 -23.44
N LEU C 664 -117.20 -0.64 -23.09
CA LEU C 664 -116.36 0.37 -22.46
C LEU C 664 -115.94 1.46 -23.42
N LEU C 665 -115.54 1.07 -24.63
CA LEU C 665 -115.17 2.03 -25.68
C LEU C 665 -116.37 2.89 -26.05
N VAL C 666 -117.54 2.26 -26.09
CA VAL C 666 -118.79 2.93 -26.40
C VAL C 666 -119.11 4.08 -25.45
N GLU C 667 -119.30 3.75 -24.17
CA GLU C 667 -119.77 4.71 -23.17
C GLU C 667 -118.81 5.88 -22.96
N THR C 668 -117.60 5.75 -23.50
CA THR C 668 -116.64 6.84 -23.46
C THR C 668 -117.15 8.00 -24.30
N LYS C 669 -117.21 9.18 -23.70
CA LYS C 669 -117.64 10.38 -24.42
C LYS C 669 -116.43 10.97 -25.13
N GLY C 670 -116.63 11.51 -26.33
CA GLY C 670 -115.53 12.06 -27.09
C GLY C 670 -115.34 13.55 -26.89
N THR C 671 -114.39 14.12 -27.63
CA THR C 671 -114.06 15.53 -27.48
C THR C 671 -113.77 16.24 -28.79
N GLU C 672 -113.76 17.56 -28.71
CA GLU C 672 -113.27 18.42 -29.78
C GLU C 672 -111.75 18.47 -29.66
N ALA C 673 -111.12 19.43 -30.34
CA ALA C 673 -109.66 19.48 -30.46
C ALA C 673 -108.94 19.29 -29.12
N TRP C 674 -107.94 18.42 -29.14
CA TRP C 674 -107.27 17.93 -27.92
C TRP C 674 -106.73 19.05 -27.04
N VAL C 675 -106.85 18.86 -25.73
CA VAL C 675 -106.43 19.86 -24.76
C VAL C 675 -105.18 19.41 -24.01
N GLY C 676 -104.38 20.37 -23.59
CA GLY C 676 -103.11 20.09 -22.95
C GLY C 676 -103.18 19.66 -21.50
N ALA C 677 -104.15 20.22 -20.76
CA ALA C 677 -104.23 20.00 -19.32
C ALA C 677 -104.30 18.52 -18.94
N GLY C 678 -103.40 18.11 -18.06
CA GLY C 678 -103.33 16.73 -17.63
C GLY C 678 -104.53 16.30 -16.83
N LYS C 679 -105.19 15.24 -17.31
CA LYS C 679 -106.43 14.74 -16.74
C LYS C 679 -106.87 13.57 -17.61
N ALA C 680 -107.94 12.91 -17.22
CA ALA C 680 -108.62 12.04 -18.16
C ALA C 680 -109.52 12.98 -18.96
N ALA C 681 -109.26 13.09 -20.26
CA ALA C 681 -109.97 14.04 -21.09
C ALA C 681 -110.97 13.30 -21.96
N ASN C 682 -112.24 13.46 -21.64
CA ASN C 682 -113.31 12.74 -22.31
C ASN C 682 -113.02 11.24 -22.36
N GLY C 683 -112.77 10.68 -21.19
CA GLY C 683 -112.48 9.26 -21.08
C GLY C 683 -111.17 8.85 -21.72
N MET C 684 -110.33 9.84 -22.01
CA MET C 684 -109.06 9.59 -22.68
C MET C 684 -107.91 10.36 -22.03
N ALA C 685 -106.90 9.62 -21.56
CA ALA C 685 -105.71 10.24 -21.00
C ALA C 685 -104.46 9.60 -21.57
N SER C 686 -103.48 10.42 -21.91
CA SER C 686 -102.23 9.93 -22.47
C SER C 686 -101.39 9.26 -21.40
N GLY C 687 -100.53 8.33 -21.82
CA GLY C 687 -99.58 7.70 -20.93
C GLY C 687 -98.37 7.25 -21.72
N ARG C 688 -97.23 7.12 -21.05
CA ARG C 688 -96.00 6.80 -21.75
C ARG C 688 -95.67 5.31 -21.68
N SER C 689 -95.17 4.77 -22.79
CA SER C 689 -94.80 3.37 -22.84
C SER C 689 -93.48 3.14 -22.12
N GLN C 690 -92.98 1.92 -22.16
CA GLN C 690 -91.74 1.57 -21.49
C GLN C 690 -90.55 2.33 -22.08
N LEU C 691 -90.71 2.78 -23.32
CA LEU C 691 -89.65 3.53 -24.01
C LEU C 691 -89.77 5.03 -23.80
N GLY C 692 -90.88 5.46 -23.21
CA GLY C 692 -91.09 6.86 -22.91
C GLY C 692 -92.01 7.59 -23.87
N ALA C 693 -92.35 6.94 -24.97
CA ALA C 693 -93.25 7.53 -25.96
C ALA C 693 -94.70 7.43 -25.47
N ASP C 694 -95.48 8.48 -25.73
CA ASP C 694 -96.85 8.53 -25.25
C ASP C 694 -97.73 7.51 -25.95
N ILE C 695 -98.77 7.08 -25.24
CA ILE C 695 -99.75 6.14 -25.78
C ILE C 695 -101.13 6.60 -25.37
N HIS C 696 -102.05 6.70 -26.32
CA HIS C 696 -103.41 7.08 -25.99
C HIS C 696 -104.18 5.85 -25.57
N GLU C 697 -104.63 5.85 -24.31
CA GLU C 697 -105.34 4.72 -23.74
C GLU C 697 -106.63 5.20 -23.11
N ILE C 698 -107.51 4.26 -22.77
CA ILE C 698 -108.81 4.64 -22.23
C ILE C 698 -108.72 4.73 -20.70
N ASP C 699 -108.85 5.95 -20.20
CA ASP C 699 -108.67 6.22 -18.77
C ASP C 699 -109.98 6.31 -18.01
N ASN C 700 -111.09 6.18 -18.72
CA ASN C 700 -112.40 6.13 -18.08
C ASN C 700 -112.81 4.68 -17.90
N ALA C 701 -112.91 3.96 -19.01
CA ALA C 701 -113.16 2.53 -19.00
C ALA C 701 -112.24 1.83 -18.01
N ALA C 702 -110.96 2.18 -18.06
CA ALA C 702 -110.03 1.73 -17.03
C ALA C 702 -109.30 2.93 -16.45
N SER C 703 -109.64 3.31 -15.23
CA SER C 703 -109.00 4.45 -14.58
C SER C 703 -107.86 4.05 -13.66
N ARG C 704 -107.75 2.76 -13.37
CA ARG C 704 -106.81 2.28 -12.37
C ARG C 704 -105.37 2.09 -12.87
N CYS C 705 -105.22 1.58 -14.09
CA CYS C 705 -103.91 1.32 -14.65
C CYS C 705 -103.16 2.60 -14.99
N GLY C 706 -103.81 3.47 -15.77
CA GLY C 706 -103.18 4.68 -16.27
C GLY C 706 -102.75 5.68 -15.21
N ARG C 707 -103.66 5.99 -14.28
CA ARG C 707 -103.38 6.99 -13.27
C ARG C 707 -102.34 6.53 -12.25
N LEU C 708 -102.42 5.25 -11.87
CA LEU C 708 -101.43 4.67 -10.97
C LEU C 708 -100.05 4.68 -11.61
N LEU C 709 -100.01 4.37 -12.91
CA LEU C 709 -98.77 4.39 -13.67
C LEU C 709 -98.14 5.76 -13.63
N ASP C 710 -98.96 6.80 -13.76
CA ASP C 710 -98.47 8.17 -13.68
C ASP C 710 -98.03 8.50 -12.25
N GLU C 711 -98.71 7.90 -11.28
CA GLU C 711 -98.32 8.06 -9.89
C GLU C 711 -96.96 7.42 -9.66
N VAL C 712 -96.84 6.14 -10.01
CA VAL C 712 -95.60 5.40 -9.84
C VAL C 712 -94.43 6.03 -10.60
N ALA C 713 -94.69 6.43 -11.84
CA ALA C 713 -93.66 7.04 -12.68
C ALA C 713 -93.08 8.30 -12.05
N GLY C 714 -93.95 9.22 -11.66
CA GLY C 714 -93.52 10.47 -11.05
C GLY C 714 -93.02 10.28 -9.63
N ASP C 715 -93.38 9.16 -9.02
CA ASP C 715 -93.00 8.89 -7.64
C ASP C 715 -91.75 8.04 -7.45
N ALA C 716 -91.04 7.67 -8.50
CA ALA C 716 -90.01 6.69 -8.23
C ALA C 716 -88.68 7.36 -7.90
N ASP C 717 -88.51 7.53 -6.60
CA ASP C 717 -87.25 7.64 -5.87
C ASP C 717 -87.57 6.88 -4.59
N ALA C 718 -88.60 7.41 -3.94
CA ALA C 718 -89.07 7.05 -2.61
C ALA C 718 -89.98 5.82 -2.56
N VAL C 719 -90.08 5.10 -3.67
CA VAL C 719 -90.99 3.95 -3.82
C VAL C 719 -91.03 3.05 -2.58
N ALA C 720 -89.87 2.85 -1.98
CA ALA C 720 -89.77 2.08 -0.73
C ALA C 720 -90.69 2.62 0.37
N GLU C 721 -90.84 3.95 0.43
CA GLU C 721 -91.68 4.57 1.45
C GLU C 721 -93.17 4.38 1.17
N ARG C 722 -93.54 4.46 -0.10
CA ARG C 722 -94.94 4.31 -0.52
C ARG C 722 -95.27 2.87 -0.88
N ARG C 723 -94.32 1.97 -0.61
CA ARG C 723 -94.43 0.55 -0.99
C ARG C 723 -95.78 -0.07 -0.67
N ASP C 724 -96.32 0.21 0.51
CA ASP C 724 -97.65 -0.28 0.89
C ASP C 724 -98.73 0.24 -0.07
N GLU C 725 -98.63 1.53 -0.40
CA GLU C 725 -99.60 2.16 -1.30
C GLU C 725 -99.41 1.66 -2.73
N ILE C 726 -98.17 1.39 -3.11
CA ILE C 726 -97.86 0.99 -4.47
C ILE C 726 -98.14 -0.50 -4.72
N ILE C 727 -97.79 -1.36 -3.77
CA ILE C 727 -97.93 -2.80 -3.94
C ILE C 727 -99.40 -3.24 -3.89
N ALA C 728 -100.23 -2.45 -3.22
CA ALA C 728 -101.66 -2.76 -3.12
C ALA C 728 -102.36 -2.33 -4.40
N ALA C 729 -101.86 -1.26 -5.02
CA ALA C 729 -102.45 -0.73 -6.23
C ALA C 729 -102.14 -1.59 -7.45
N MET C 730 -101.06 -2.34 -7.37
CA MET C 730 -100.73 -3.31 -8.41
C MET C 730 -101.72 -4.47 -8.33
N ALA C 731 -102.19 -4.76 -7.12
CA ALA C 731 -103.16 -5.82 -6.90
C ALA C 731 -104.56 -5.38 -7.33
N GLN C 732 -104.78 -4.07 -7.34
CA GLN C 732 -106.08 -3.52 -7.75
C GLN C 732 -106.25 -3.59 -9.26
N THR C 733 -105.13 -3.44 -9.99
CA THR C 733 -105.13 -3.49 -11.44
C THR C 733 -104.85 -4.91 -11.91
N ALA C 734 -104.77 -5.83 -10.96
CA ALA C 734 -104.39 -7.22 -11.21
C ALA C 734 -103.02 -7.32 -11.87
N LYS C 735 -102.01 -6.84 -11.16
CA LYS C 735 -100.62 -7.09 -11.48
C LYS C 735 -100.00 -7.68 -10.23
N PRO C 736 -100.49 -8.86 -9.82
CA PRO C 736 -100.24 -9.35 -8.46
C PRO C 736 -98.78 -9.69 -8.19
N TYR C 737 -98.29 -9.19 -7.06
CA TYR C 737 -97.02 -9.65 -6.53
C TYR C 737 -97.36 -10.97 -5.86
N PHE C 738 -96.36 -11.65 -5.33
CA PHE C 738 -96.62 -12.92 -4.65
C PHE C 738 -96.63 -12.66 -3.15
N GLY C 739 -97.41 -13.47 -2.42
CA GLY C 739 -97.44 -13.37 -0.97
C GLY C 739 -96.02 -13.57 -0.48
N ASP C 740 -95.76 -13.27 0.80
CA ASP C 740 -94.38 -13.05 1.25
C ASP C 740 -93.48 -14.19 0.79
N VAL C 741 -92.43 -13.82 0.08
CA VAL C 741 -91.71 -14.72 -0.80
C VAL C 741 -91.13 -15.92 -0.08
N ALA C 742 -90.41 -15.65 1.02
CA ALA C 742 -89.92 -16.72 1.87
C ALA C 742 -91.09 -17.57 2.37
N GLU C 743 -91.92 -16.98 3.23
CA GLU C 743 -92.98 -17.70 3.92
C GLU C 743 -93.90 -18.51 3.01
N MET C 744 -94.06 -18.08 1.75
CA MET C 744 -94.95 -18.77 0.83
C MET C 744 -94.49 -20.17 0.47
N THR C 745 -95.41 -21.11 0.64
CA THR C 745 -95.19 -22.53 0.38
C THR C 745 -95.05 -22.79 -1.12
N TYR C 746 -94.21 -23.77 -1.49
CA TYR C 746 -94.01 -24.15 -2.89
C TYR C 746 -95.33 -24.41 -3.63
N LEU C 747 -96.31 -24.97 -2.92
CA LEU C 747 -97.66 -25.13 -3.47
C LEU C 747 -98.16 -23.77 -3.93
N GLN C 748 -98.14 -22.81 -3.02
CA GLN C 748 -98.61 -21.45 -3.30
C GLN C 748 -97.94 -20.88 -4.54
N TRP C 749 -96.64 -21.11 -4.67
CA TRP C 749 -95.92 -20.76 -5.89
C TRP C 749 -96.57 -21.43 -7.09
N LEU C 750 -96.50 -22.76 -7.09
CA LEU C 750 -96.98 -23.55 -8.21
C LEU C 750 -98.50 -23.44 -8.44
N ARG C 751 -99.25 -23.17 -7.37
CA ARG C 751 -100.70 -23.00 -7.50
C ARG C 751 -101.06 -21.60 -8.00
N ARG C 752 -100.15 -20.64 -7.85
CA ARG C 752 -100.39 -19.28 -8.30
C ARG C 752 -100.23 -19.16 -9.81
N TYR C 753 -99.24 -19.85 -10.35
CA TYR C 753 -99.00 -19.85 -11.80
C TYR C 753 -100.17 -20.49 -12.52
N VAL C 754 -100.63 -21.62 -12.00
CA VAL C 754 -101.79 -22.31 -12.55
C VAL C 754 -103.03 -21.41 -12.47
N GLU C 755 -103.16 -20.68 -11.37
CA GLU C 755 -104.27 -19.76 -11.18
C GLU C 755 -104.30 -18.68 -12.25
N LEU C 756 -103.15 -18.07 -12.49
CA LEU C 756 -103.04 -16.96 -13.45
C LEU C 756 -102.94 -17.42 -14.91
N ALA C 757 -102.17 -18.46 -15.17
CA ALA C 757 -101.94 -18.93 -16.54
C ALA C 757 -103.12 -19.74 -17.10
N ILE C 758 -103.69 -20.60 -16.26
CA ILE C 758 -104.78 -21.46 -16.70
C ILE C 758 -106.15 -20.86 -16.39
N GLY C 759 -106.86 -20.43 -17.44
CA GLY C 759 -108.22 -19.98 -17.29
C GLY C 759 -109.18 -21.15 -17.14
N ASP C 760 -110.13 -21.02 -16.22
CA ASP C 760 -111.12 -22.06 -16.01
C ASP C 760 -112.22 -22.01 -17.07
N GLY C 761 -112.55 -20.79 -17.50
CA GLY C 761 -113.57 -20.59 -18.51
C GLY C 761 -113.11 -21.07 -19.87
N ASN C 762 -111.91 -20.67 -20.26
CA ASN C 762 -111.36 -21.07 -21.56
C ASN C 762 -110.80 -22.49 -21.55
N SER C 763 -110.49 -23.01 -20.37
CA SER C 763 -110.11 -24.42 -20.24
C SER C 763 -108.89 -24.79 -21.08
N THR C 764 -107.70 -24.40 -20.63
CA THR C 764 -106.47 -24.52 -21.41
C THR C 764 -106.35 -25.84 -22.16
N ALA C 765 -106.78 -26.93 -21.53
CA ALA C 765 -106.89 -28.21 -22.20
C ALA C 765 -107.81 -28.13 -23.42
N ASP C 766 -108.98 -27.52 -23.23
CA ASP C 766 -109.94 -27.33 -24.32
C ASP C 766 -109.51 -26.19 -25.25
N THR C 767 -108.56 -25.38 -24.80
CA THR C 767 -108.03 -24.29 -25.62
C THR C 767 -106.97 -24.79 -26.59
N LYS C 768 -106.37 -25.93 -26.24
CA LYS C 768 -105.29 -26.51 -27.03
C LYS C 768 -105.82 -27.26 -28.26
N ARG C 769 -107.03 -27.79 -28.12
CA ARG C 769 -107.65 -28.59 -29.19
C ARG C 769 -107.97 -27.83 -30.50
N PRO C 770 -108.59 -26.63 -30.40
CA PRO C 770 -108.81 -25.84 -31.62
C PRO C 770 -107.51 -25.31 -32.23
N ASP C 771 -106.41 -25.39 -31.49
CA ASP C 771 -105.13 -24.81 -31.88
C ASP C 771 -105.23 -23.30 -32.00
N SER C 772 -105.80 -22.69 -30.96
CA SER C 772 -105.95 -21.23 -30.91
C SER C 772 -104.59 -20.55 -30.77
N PRO C 773 -104.45 -19.37 -31.38
CA PRO C 773 -103.22 -18.56 -31.27
C PRO C 773 -103.05 -17.99 -29.87
N TRP C 774 -104.15 -17.95 -29.10
CA TRP C 774 -104.12 -17.42 -27.75
C TRP C 774 -103.38 -18.38 -26.80
N LEU C 775 -103.03 -19.56 -27.31
CA LEU C 775 -102.33 -20.57 -26.51
C LEU C 775 -101.08 -20.04 -25.83
N ASP C 776 -100.97 -20.35 -24.54
CA ASP C 776 -99.97 -19.80 -23.64
C ASP C 776 -98.71 -20.66 -23.52
N ILE C 777 -98.58 -21.66 -24.39
CA ILE C 777 -97.75 -22.85 -24.16
C ILE C 777 -96.39 -22.56 -23.50
N THR C 778 -95.80 -21.41 -23.80
CA THR C 778 -94.61 -20.98 -23.07
C THR C 778 -94.88 -20.85 -21.57
N TRP C 779 -96.09 -20.44 -21.21
CA TRP C 779 -96.49 -20.35 -19.81
C TRP C 779 -96.58 -21.74 -19.19
N ARG C 780 -97.03 -22.71 -19.98
CA ARG C 780 -97.11 -24.09 -19.53
C ARG C 780 -95.70 -24.67 -19.44
N ASP C 781 -94.82 -24.20 -20.31
CA ASP C 781 -93.42 -24.60 -20.28
C ASP C 781 -92.70 -23.90 -19.13
N ARG C 782 -93.12 -22.68 -18.84
CA ARG C 782 -92.60 -21.91 -17.72
C ARG C 782 -92.87 -22.65 -16.42
N PHE C 783 -94.10 -23.12 -16.28
CA PHE C 783 -94.55 -23.81 -15.07
C PHE C 783 -93.82 -25.14 -14.91
N GLU C 784 -93.46 -25.77 -16.02
CA GLU C 784 -92.72 -27.02 -15.99
C GLU C 784 -91.32 -26.82 -15.42
N GLN C 785 -90.64 -25.79 -15.89
CA GLN C 785 -89.29 -25.48 -15.44
C GLN C 785 -89.29 -25.17 -13.94
N MET C 786 -90.40 -24.64 -13.45
CA MET C 786 -90.57 -24.39 -12.02
C MET C 786 -90.86 -25.69 -11.28
N LEU C 787 -91.70 -26.54 -11.87
CA LEU C 787 -92.00 -27.85 -11.31
C LEU C 787 -90.75 -28.69 -11.22
N LYS C 788 -90.02 -28.78 -12.33
CA LYS C 788 -88.79 -29.56 -12.40
C LYS C 788 -87.73 -29.02 -11.44
N ARG C 789 -87.81 -27.73 -11.15
CA ARG C 789 -86.90 -27.11 -10.19
C ARG C 789 -87.26 -27.53 -8.77
N ALA C 790 -88.55 -27.75 -8.54
CA ALA C 790 -89.02 -28.18 -7.22
C ALA C 790 -88.50 -29.58 -6.89
N GLU C 791 -88.52 -30.47 -7.89
CA GLU C 791 -87.93 -31.79 -7.72
C GLU C 791 -86.42 -31.65 -7.58
N ALA C 792 -85.87 -30.70 -8.31
CA ALA C 792 -84.44 -30.43 -8.28
C ALA C 792 -83.99 -29.93 -6.90
N ARG C 793 -84.88 -29.24 -6.22
CA ARG C 793 -84.54 -28.63 -4.93
C ARG C 793 -84.59 -29.62 -3.75
N LEU C 794 -85.62 -30.45 -3.70
CA LEU C 794 -85.87 -31.26 -2.50
C LEU C 794 -85.38 -32.72 -2.51
N HIS C 795 -84.80 -33.18 -3.61
CA HIS C 795 -84.44 -34.59 -3.70
C HIS C 795 -83.01 -34.87 -3.22
N PRO C 796 -82.88 -35.63 -2.12
CA PRO C 796 -81.60 -36.04 -1.54
C PRO C 796 -80.86 -37.08 -2.38
N GLN C 797 -81.62 -37.88 -3.13
CA GLN C 797 -81.05 -39.01 -3.87
C GLN C 797 -80.63 -38.65 -5.30
N ASP C 798 -80.36 -39.66 -6.11
CA ASP C 798 -79.72 -39.48 -7.43
C ASP C 798 -80.57 -38.86 -8.55
N PHE C 799 -81.85 -38.61 -8.26
CA PHE C 799 -82.79 -38.04 -9.24
C PHE C 799 -83.08 -38.96 -10.42
N GLY C 800 -82.89 -40.26 -10.23
CA GLY C 800 -83.22 -41.23 -11.24
C GLY C 800 -84.70 -41.38 -11.54
N PRO C 801 -85.51 -41.72 -10.51
CA PRO C 801 -86.94 -41.99 -10.73
C PRO C 801 -87.78 -40.82 -11.23
N ILE C 802 -87.59 -39.63 -10.67
CA ILE C 802 -88.49 -38.51 -10.94
C ILE C 802 -88.26 -37.84 -12.29
N GLU C 803 -87.01 -37.53 -12.61
CA GLU C 803 -86.69 -36.78 -13.82
C GLU C 803 -86.99 -37.54 -15.11
N THR C 804 -86.79 -38.86 -15.08
CA THR C 804 -86.94 -39.68 -16.28
C THR C 804 -88.41 -39.93 -16.62
N LEU C 805 -89.30 -39.57 -15.70
CA LEU C 805 -90.73 -39.77 -15.90
C LEU C 805 -91.38 -38.55 -16.55
N PHE C 806 -91.33 -37.42 -15.85
CA PHE C 806 -92.01 -36.20 -16.29
C PHE C 806 -91.48 -35.64 -17.61
N ASP C 807 -90.32 -36.12 -18.06
CA ASP C 807 -89.69 -35.59 -19.27
C ASP C 807 -90.18 -36.26 -20.56
N ALA C 808 -90.88 -37.38 -20.42
CA ALA C 808 -91.40 -38.10 -21.58
C ALA C 808 -92.53 -37.31 -22.24
N ASP C 809 -92.54 -37.29 -23.58
CA ASP C 809 -93.57 -36.59 -24.33
C ASP C 809 -94.97 -37.07 -23.99
N ALA C 810 -95.27 -38.33 -24.32
CA ALA C 810 -96.58 -38.91 -24.08
C ALA C 810 -96.99 -38.79 -22.61
N ASP C 811 -96.04 -39.10 -21.71
CA ASP C 811 -96.32 -39.06 -20.28
C ASP C 811 -96.47 -37.62 -19.77
N GLY C 812 -95.49 -36.78 -20.07
CA GLY C 812 -95.45 -35.42 -19.58
C GLY C 812 -96.58 -34.53 -20.06
N GLU C 813 -96.92 -34.65 -21.34
CA GLU C 813 -98.00 -33.84 -21.92
C GLU C 813 -99.35 -34.16 -21.29
N ARG C 814 -99.56 -35.43 -20.96
CA ARG C 814 -100.79 -35.84 -20.26
C ARG C 814 -100.81 -35.26 -18.86
N LEU C 815 -99.65 -35.18 -18.23
CA LEU C 815 -99.52 -34.60 -16.89
C LEU C 815 -99.78 -33.10 -16.94
N LEU C 816 -99.49 -32.48 -18.07
CA LEU C 816 -99.57 -31.03 -18.21
C LEU C 816 -101.00 -30.52 -18.37
N GLU C 817 -101.81 -31.24 -19.14
CA GLU C 817 -103.18 -30.81 -19.42
C GLU C 817 -104.06 -30.89 -18.16
N ASP C 818 -103.55 -31.55 -17.13
CA ASP C 818 -104.24 -31.65 -15.86
C ASP C 818 -103.37 -31.02 -14.76
N PRO C 819 -103.45 -29.69 -14.63
CA PRO C 819 -102.58 -28.92 -13.73
C PRO C 819 -102.72 -29.30 -12.25
N GLU C 820 -103.95 -29.51 -11.80
CA GLU C 820 -104.19 -29.83 -10.39
C GLU C 820 -103.62 -31.20 -10.03
N ALA C 821 -103.81 -32.18 -10.92
CA ALA C 821 -103.31 -33.53 -10.69
C ALA C 821 -101.79 -33.59 -10.77
N ALA C 822 -101.21 -32.72 -11.59
CA ALA C 822 -99.76 -32.67 -11.76
C ALA C 822 -99.09 -32.09 -10.53
N ILE C 823 -99.64 -30.98 -10.04
CA ILE C 823 -99.13 -30.32 -8.83
C ILE C 823 -99.11 -31.28 -7.65
N THR C 824 -100.23 -31.98 -7.46
CA THR C 824 -100.34 -32.93 -6.36
C THR C 824 -99.33 -34.07 -6.51
N ALA C 825 -99.14 -34.54 -7.74
CA ALA C 825 -98.23 -35.65 -8.01
C ALA C 825 -96.80 -35.35 -7.61
N LEU C 826 -96.34 -34.14 -7.93
CA LEU C 826 -94.98 -33.73 -7.62
C LEU C 826 -94.77 -33.51 -6.13
N LEU C 827 -95.65 -32.73 -5.53
CA LEU C 827 -95.47 -32.28 -4.16
C LEU C 827 -95.91 -33.33 -3.13
N GLN C 828 -96.42 -34.45 -3.63
CA GLN C 828 -96.66 -35.62 -2.80
C GLN C 828 -95.33 -36.33 -2.59
N ARG C 829 -94.56 -36.39 -3.67
CA ARG C 829 -93.22 -36.98 -3.64
C ARG C 829 -92.29 -36.15 -2.77
N TYR C 830 -92.50 -34.84 -2.78
CA TYR C 830 -91.72 -33.93 -1.97
C TYR C 830 -92.63 -33.11 -1.04
N PRO C 831 -93.08 -33.73 0.05
CA PRO C 831 -94.02 -33.11 1.00
C PRO C 831 -93.42 -31.90 1.70
N ASP C 832 -92.09 -31.85 1.77
CA ASP C 832 -91.40 -30.76 2.44
C ASP C 832 -91.61 -29.44 1.71
N ALA C 833 -91.99 -29.51 0.43
CA ALA C 833 -92.23 -28.32 -0.37
C ALA C 833 -93.40 -27.52 0.19
N GLU C 834 -94.23 -28.18 0.99
CA GLU C 834 -95.40 -27.54 1.57
C GLU C 834 -95.08 -26.69 2.79
N THR C 835 -94.03 -27.05 3.52
CA THR C 835 -93.69 -26.33 4.76
C THR C 835 -92.56 -25.29 4.68
N VAL C 836 -91.89 -25.17 3.54
CA VAL C 836 -90.64 -24.39 3.52
C VAL C 836 -90.67 -23.19 2.56
N VAL C 837 -89.61 -22.38 2.62
CA VAL C 837 -89.45 -21.19 1.81
C VAL C 837 -88.87 -21.51 0.44
N LEU C 838 -89.21 -20.70 -0.56
CA LEU C 838 -88.53 -20.76 -1.83
C LEU C 838 -87.09 -20.35 -1.59
N HIS C 839 -86.15 -21.20 -2.00
CA HIS C 839 -84.73 -20.97 -1.74
C HIS C 839 -84.28 -19.62 -2.28
N PRO C 840 -83.45 -18.89 -1.50
CA PRO C 840 -82.96 -17.57 -1.88
C PRO C 840 -82.27 -17.55 -3.26
N ALA C 841 -81.77 -18.69 -3.69
CA ALA C 841 -81.18 -18.79 -5.03
C ALA C 841 -82.21 -19.18 -6.08
N ASP C 842 -83.38 -19.61 -5.64
CA ASP C 842 -84.47 -19.95 -6.55
C ASP C 842 -85.31 -18.73 -6.93
N VAL C 843 -85.18 -17.68 -6.13
CA VAL C 843 -85.87 -16.42 -6.44
C VAL C 843 -85.31 -15.71 -7.69
N PRO C 844 -83.97 -15.58 -7.79
CA PRO C 844 -83.45 -14.97 -9.02
C PRO C 844 -83.76 -15.81 -10.26
N PHE C 845 -83.82 -17.13 -10.09
CA PHE C 845 -84.10 -18.02 -11.20
C PHE C 845 -85.49 -17.77 -11.80
N PHE C 846 -86.48 -17.63 -10.93
CA PHE C 846 -87.85 -17.37 -11.38
C PHE C 846 -87.97 -16.02 -12.06
N VAL C 847 -87.37 -15.00 -11.46
CA VAL C 847 -87.37 -13.66 -12.04
C VAL C 847 -86.62 -13.66 -13.37
N GLU C 848 -85.60 -14.51 -13.47
CA GLU C 848 -84.84 -14.66 -14.70
C GLU C 848 -85.70 -15.30 -15.78
N LEU C 849 -86.51 -16.27 -15.39
CA LEU C 849 -87.39 -16.97 -16.33
C LEU C 849 -88.48 -16.06 -16.86
N CYS C 850 -88.91 -15.11 -16.03
CA CYS C 850 -89.92 -14.14 -16.44
C CYS C 850 -89.41 -13.26 -17.58
N LYS C 851 -88.10 -13.03 -17.59
CA LYS C 851 -87.48 -12.17 -18.60
C LYS C 851 -87.27 -12.89 -19.93
N THR C 852 -87.06 -14.20 -19.88
CA THR C 852 -86.84 -14.99 -21.09
C THR C 852 -88.09 -15.67 -21.61
N LEU C 853 -89.22 -15.48 -20.91
CA LEU C 853 -90.47 -16.13 -21.28
C LEU C 853 -90.95 -15.71 -22.66
N GLY C 854 -91.48 -16.67 -23.41
CA GLY C 854 -91.95 -16.43 -24.76
C GLY C 854 -93.01 -15.36 -24.84
N LYS C 855 -94.11 -15.54 -24.11
CA LYS C 855 -95.12 -14.50 -23.98
C LYS C 855 -94.96 -13.86 -22.62
N PRO C 856 -94.83 -12.51 -22.60
CA PRO C 856 -94.54 -11.75 -21.37
C PRO C 856 -95.48 -12.10 -20.21
N VAL C 857 -94.90 -12.15 -19.02
CA VAL C 857 -95.60 -12.59 -17.81
C VAL C 857 -96.83 -11.72 -17.49
N ASN C 858 -97.90 -12.38 -17.04
CA ASN C 858 -99.19 -11.73 -16.82
C ASN C 858 -99.25 -10.90 -15.54
N PHE C 859 -98.20 -10.97 -14.74
CA PHE C 859 -98.16 -10.29 -13.44
C PHE C 859 -96.89 -9.46 -13.25
N VAL C 860 -96.72 -8.92 -12.05
CA VAL C 860 -95.47 -8.26 -11.69
C VAL C 860 -94.75 -9.05 -10.60
N PRO C 861 -93.66 -9.72 -10.97
CA PRO C 861 -92.89 -10.57 -10.05
C PRO C 861 -92.10 -9.80 -8.99
N VAL C 862 -91.65 -8.59 -9.33
CA VAL C 862 -90.76 -7.83 -8.44
C VAL C 862 -90.97 -6.33 -8.56
N ILE C 863 -90.90 -5.62 -7.44
CA ILE C 863 -90.89 -4.16 -7.44
C ILE C 863 -89.45 -3.67 -7.44
N ASP C 864 -89.02 -3.08 -8.55
CA ASP C 864 -87.64 -2.62 -8.70
C ASP C 864 -87.54 -1.53 -9.76
N LYS C 865 -86.31 -1.20 -10.16
CA LYS C 865 -86.06 -0.16 -11.16
C LYS C 865 -86.77 -0.42 -12.49
N ASP C 866 -86.99 -1.68 -12.82
CA ASP C 866 -87.59 -2.06 -14.10
C ASP C 866 -89.11 -2.17 -14.05
N VAL C 867 -89.70 -1.79 -12.91
CA VAL C 867 -91.14 -1.93 -12.70
C VAL C 867 -92.00 -1.32 -13.82
N ARG C 868 -91.50 -0.26 -14.45
CA ARG C 868 -92.20 0.34 -15.57
C ARG C 868 -92.23 -0.62 -16.77
N ARG C 869 -91.13 -1.32 -16.98
CA ARG C 869 -91.04 -2.31 -18.05
C ARG C 869 -91.89 -3.53 -17.76
N TRP C 870 -92.08 -3.84 -16.48
CA TRP C 870 -92.91 -4.96 -16.07
C TRP C 870 -94.39 -4.61 -16.22
N TRP C 871 -94.71 -3.34 -15.99
CA TRP C 871 -96.10 -2.87 -16.03
C TRP C 871 -96.64 -2.72 -17.44
N ARG C 872 -95.88 -2.06 -18.31
CA ARG C 872 -96.37 -1.64 -19.61
C ARG C 872 -96.18 -2.68 -20.73
N SER C 873 -95.40 -3.71 -20.44
CA SER C 873 -95.06 -4.69 -21.48
C SER C 873 -96.24 -5.57 -21.89
N ASP C 874 -96.48 -5.65 -23.19
CA ASP C 874 -97.50 -6.54 -23.76
C ASP C 874 -98.87 -6.34 -23.14
N SER C 875 -99.32 -5.09 -23.12
CA SER C 875 -100.58 -4.72 -22.50
C SER C 875 -101.75 -4.61 -23.48
N LEU C 876 -101.51 -4.90 -24.76
CA LEU C 876 -102.52 -4.67 -25.79
C LEU C 876 -103.47 -5.84 -26.08
N TRP C 877 -103.13 -7.03 -25.57
CA TRP C 877 -103.87 -8.24 -25.96
C TRP C 877 -105.06 -8.60 -25.08
N GLN C 878 -105.20 -7.94 -23.93
CA GLN C 878 -106.25 -8.32 -22.99
C GLN C 878 -107.64 -7.80 -23.40
N ALA C 879 -107.66 -6.90 -24.37
CA ALA C 879 -108.92 -6.34 -24.85
C ALA C 879 -109.68 -7.33 -25.70
N HIS C 880 -109.00 -8.38 -26.16
CA HIS C 880 -109.60 -9.35 -27.06
C HIS C 880 -109.67 -10.75 -26.44
N ASP C 881 -110.88 -11.30 -26.37
CA ASP C 881 -111.12 -12.65 -25.87
C ASP C 881 -110.60 -12.88 -24.44
N ALA C 882 -111.01 -12.02 -23.51
CA ALA C 882 -110.63 -12.17 -22.11
C ALA C 882 -111.83 -12.00 -21.19
N ARG C 883 -111.98 -12.92 -20.24
CA ARG C 883 -113.10 -12.89 -19.31
C ARG C 883 -112.88 -11.94 -18.14
N TYR C 884 -111.65 -11.45 -18.00
CA TYR C 884 -111.29 -10.62 -16.86
C TYR C 884 -111.99 -9.26 -16.87
N GLU C 885 -112.01 -8.63 -15.70
CA GLU C 885 -112.52 -7.27 -15.57
C GLU C 885 -111.80 -6.38 -16.55
N ALA C 886 -112.56 -5.67 -17.39
CA ALA C 886 -111.99 -4.88 -18.47
C ALA C 886 -111.59 -3.48 -18.01
N ASP C 887 -111.75 -3.21 -16.72
CA ASP C 887 -111.36 -1.93 -16.16
C ASP C 887 -109.92 -1.96 -15.63
N GLN C 888 -109.27 -3.11 -15.76
CA GLN C 888 -107.87 -3.24 -15.38
C GLN C 888 -106.93 -3.16 -16.58
N VAL C 889 -107.52 -3.06 -17.77
CA VAL C 889 -106.79 -3.27 -19.01
C VAL C 889 -106.44 -1.97 -19.73
N CYS C 890 -105.27 -1.92 -20.35
CA CYS C 890 -104.95 -0.83 -21.25
C CYS C 890 -105.65 -1.12 -22.57
N VAL C 891 -106.57 -0.24 -22.93
CA VAL C 891 -107.29 -0.35 -24.19
C VAL C 891 -107.09 0.97 -24.91
N ILE C 892 -106.89 0.92 -26.21
CA ILE C 892 -106.45 2.09 -26.95
C ILE C 892 -107.48 2.65 -27.93
N PRO C 893 -108.13 3.76 -27.54
CA PRO C 893 -108.81 4.70 -28.44
C PRO C 893 -107.97 5.93 -28.77
N GLY C 894 -108.55 6.84 -29.57
CA GLY C 894 -108.04 8.19 -29.70
C GLY C 894 -108.96 9.12 -28.92
N THR C 895 -108.56 10.38 -28.74
CA THR C 895 -109.40 11.31 -27.97
C THR C 895 -110.66 11.76 -28.70
N ALA C 896 -110.50 12.34 -29.89
CA ALA C 896 -111.62 12.93 -30.61
C ALA C 896 -112.46 11.93 -31.40
N ALA C 897 -111.84 10.82 -31.78
CA ALA C 897 -112.53 9.79 -32.56
C ALA C 897 -113.57 9.07 -31.71
N VAL C 898 -113.39 9.12 -30.39
CA VAL C 898 -114.29 8.45 -29.45
C VAL C 898 -115.72 8.96 -29.55
N ALA C 899 -115.87 10.25 -29.81
CA ALA C 899 -117.19 10.86 -29.97
C ALA C 899 -117.98 10.19 -31.09
N GLY C 900 -117.27 9.80 -32.14
CA GLY C 900 -117.88 9.13 -33.27
C GLY C 900 -118.15 7.66 -33.00
N ILE C 901 -117.74 7.19 -31.82
CA ILE C 901 -117.97 5.80 -31.45
C ILE C 901 -119.13 5.69 -30.47
N THR C 902 -120.25 5.17 -30.96
CA THR C 902 -121.44 4.97 -30.14
C THR C 902 -121.97 3.55 -30.30
N ARG C 903 -122.39 3.23 -31.52
CA ARG C 903 -122.97 1.93 -31.82
C ARG C 903 -122.01 0.78 -31.53
N VAL C 904 -122.50 -0.22 -30.78
CA VAL C 904 -121.67 -1.35 -30.36
C VAL C 904 -121.96 -2.59 -31.20
N ASP C 905 -120.91 -3.36 -31.51
CA ASP C 905 -121.01 -4.58 -32.31
C ASP C 905 -121.66 -4.33 -33.67
N GLU C 906 -121.39 -3.15 -34.22
CA GLU C 906 -121.84 -2.81 -35.56
C GLU C 906 -120.83 -3.30 -36.59
N PRO C 907 -121.27 -4.19 -37.50
CA PRO C 907 -120.39 -4.85 -38.47
C PRO C 907 -119.49 -3.87 -39.24
N VAL C 908 -118.26 -4.30 -39.53
CA VAL C 908 -117.29 -3.49 -40.26
C VAL C 908 -117.86 -2.99 -41.58
N GLY C 909 -118.54 -3.89 -42.30
CA GLY C 909 -119.14 -3.56 -43.57
C GLY C 909 -120.15 -2.43 -43.49
N GLU C 910 -120.83 -2.33 -42.34
CA GLU C 910 -121.82 -1.28 -42.13
C GLU C 910 -121.16 0.08 -41.90
N LEU C 911 -120.15 0.10 -41.03
CA LEU C 911 -119.45 1.33 -40.69
C LEU C 911 -118.76 1.95 -41.89
N LEU C 912 -118.02 1.13 -42.63
CA LEU C 912 -117.26 1.61 -43.78
C LEU C 912 -118.17 2.05 -44.92
N ASP C 913 -119.28 1.34 -45.11
CA ASP C 913 -120.27 1.74 -46.10
C ASP C 913 -121.00 3.01 -45.67
N ARG C 914 -121.29 3.10 -44.38
CA ARG C 914 -121.93 4.29 -43.81
C ARG C 914 -121.14 5.54 -44.16
N PHE C 915 -119.82 5.41 -44.16
CA PHE C 915 -118.94 6.49 -44.56
C PHE C 915 -119.12 6.80 -46.04
N GLU C 916 -119.02 5.76 -46.87
CA GLU C 916 -119.08 5.93 -48.32
C GLU C 916 -120.46 6.36 -48.79
N GLN C 917 -121.51 5.76 -48.24
CA GLN C 917 -122.88 6.01 -48.69
C GLN C 917 -123.34 7.44 -48.42
N ALA C 918 -122.99 7.96 -47.25
CA ALA C 918 -123.38 9.32 -46.87
C ALA C 918 -122.47 10.36 -47.50
N ALA C 919 -121.27 9.94 -47.89
CA ALA C 919 -120.37 10.81 -48.62
C ALA C 919 -120.85 10.96 -50.05
N VAL C 920 -121.41 9.88 -50.58
CA VAL C 920 -121.98 9.90 -51.92
C VAL C 920 -123.20 10.82 -51.98
N ASP C 921 -124.10 10.67 -51.02
CA ASP C 921 -125.32 11.48 -50.97
C ASP C 921 -125.04 12.97 -50.89
N GLU C 922 -124.08 13.35 -50.05
CA GLU C 922 -123.71 14.76 -49.90
C GLU C 922 -123.11 15.31 -51.19
N VAL C 923 -122.29 14.49 -51.85
CA VAL C 923 -121.70 14.86 -53.13
C VAL C 923 -122.75 14.87 -54.23
N LEU C 924 -123.64 13.88 -54.20
CA LEU C 924 -124.72 13.79 -55.18
C LEU C 924 -125.65 15.00 -55.15
N GLY C 925 -126.22 15.27 -53.97
CA GLY C 925 -127.23 16.30 -53.82
C GLY C 925 -126.89 17.68 -54.36
N ALA C 926 -125.73 18.19 -53.99
CA ALA C 926 -125.36 19.56 -54.34
C ALA C 926 -124.80 19.68 -55.75
N GLY C 927 -123.57 19.19 -55.95
CA GLY C 927 -122.91 19.32 -57.24
C GLY C 927 -123.46 18.45 -58.34
N ALA C 928 -123.63 17.16 -58.03
CA ALA C 928 -124.08 16.19 -59.02
C ALA C 928 -125.58 16.30 -59.32
N GLU C 929 -126.39 16.37 -58.27
CA GLU C 929 -127.85 16.46 -58.39
C GLU C 929 -128.42 15.30 -59.21
N PRO C 930 -128.38 14.11 -58.62
CA PRO C 930 -128.76 12.87 -59.32
C PRO C 930 -127.93 12.71 -60.59
N VAL C 931 -126.64 12.48 -60.40
CA VAL C 931 -125.68 12.44 -61.50
C VAL C 931 -125.91 11.26 -62.44
N GLU C 932 -125.37 11.37 -63.64
CA GLU C 932 -125.39 10.28 -64.60
C GLU C 932 -124.60 9.10 -64.05
N VAL C 933 -123.59 9.41 -63.24
CA VAL C 933 -122.75 8.37 -62.63
C VAL C 933 -123.52 7.54 -61.59
N LEU C 934 -124.39 8.21 -60.83
CA LEU C 934 -125.18 7.53 -59.82
C LEU C 934 -126.31 6.74 -60.45
N SER C 935 -126.91 7.30 -61.48
CA SER C 935 -128.00 6.65 -62.19
C SER C 935 -127.50 5.45 -62.99
N ARG C 936 -126.32 5.60 -63.57
CA ARG C 936 -125.70 4.54 -64.36
C ARG C 936 -125.41 3.30 -63.50
N ARG C 937 -125.17 3.54 -62.22
CA ARG C 937 -124.83 2.47 -61.28
C ARG C 937 -126.00 1.55 -60.97
N GLN C 938 -127.13 2.13 -60.57
CA GLN C 938 -128.33 1.36 -60.28
C GLN C 938 -128.85 0.68 -61.54
N ALA C 939 -128.52 1.25 -62.69
CA ALA C 939 -128.89 0.69 -63.99
C ALA C 939 -127.76 -0.14 -64.61
N ARG C 940 -126.64 -0.26 -63.90
CA ARG C 940 -125.47 -1.00 -64.37
C ARG C 940 -124.84 -0.45 -65.66
N ARG C 941 -124.24 0.72 -65.58
CA ARG C 941 -123.39 1.25 -66.64
C ARG C 941 -122.04 1.62 -66.05
N ASP C 942 -121.00 1.72 -66.89
CA ASP C 942 -119.63 1.68 -66.40
C ASP C 942 -118.67 2.78 -66.86
N ALA C 943 -117.55 2.85 -66.17
CA ALA C 943 -116.36 3.56 -66.65
C ALA C 943 -115.27 2.52 -66.83
N SER C 944 -114.33 2.78 -67.73
CA SER C 944 -113.25 1.84 -68.03
C SER C 944 -113.76 0.49 -68.50
N GLY C 945 -114.23 0.44 -69.75
CA GLY C 945 -114.73 -0.81 -70.31
C GLY C 945 -113.60 -1.78 -70.61
N PRO C 946 -113.89 -2.84 -71.38
CA PRO C 946 -112.93 -3.93 -71.62
C PRO C 946 -111.58 -3.45 -72.15
N LEU C 947 -111.60 -2.51 -73.09
CA LEU C 947 -110.35 -2.00 -73.68
C LEU C 947 -109.50 -1.26 -72.65
N ALA C 948 -110.16 -0.50 -71.78
CA ALA C 948 -109.46 0.27 -70.76
C ALA C 948 -108.92 -0.61 -69.65
N VAL C 949 -109.75 -1.54 -69.18
CA VAL C 949 -109.39 -2.47 -68.11
C VAL C 949 -108.07 -3.19 -68.40
N VAL C 950 -107.88 -3.59 -69.65
CA VAL C 950 -106.65 -4.24 -70.07
C VAL C 950 -105.44 -3.31 -69.86
N LEU C 951 -105.64 -2.03 -70.14
CA LEU C 951 -104.55 -1.06 -70.05
C LEU C 951 -104.48 -0.39 -68.67
N ASP C 952 -105.44 -0.69 -67.80
CA ASP C 952 -105.50 -0.05 -66.49
C ASP C 952 -104.87 -0.90 -65.38
N ALA C 953 -105.54 -2.00 -65.03
CA ALA C 953 -105.10 -2.82 -63.91
C ALA C 953 -103.73 -3.46 -64.15
N PRO C 954 -102.77 -3.14 -63.27
CA PRO C 954 -101.40 -3.67 -63.34
C PRO C 954 -101.32 -5.16 -62.99
N ASP C 955 -102.31 -5.69 -62.27
CA ASP C 955 -102.33 -7.08 -61.83
C ASP C 955 -103.14 -8.00 -62.76
N VAL C 956 -102.52 -9.09 -63.20
CA VAL C 956 -103.20 -10.11 -64.02
C VAL C 956 -103.27 -11.41 -63.24
N LEU C 957 -104.49 -11.85 -62.93
CA LEU C 957 -104.67 -13.03 -62.10
C LEU C 957 -104.68 -14.31 -62.92
N TRP C 958 -103.95 -15.32 -62.46
CA TRP C 958 -103.89 -16.61 -63.14
C TRP C 958 -104.15 -17.75 -62.18
N ALA C 959 -105.38 -18.26 -62.20
CA ALA C 959 -105.76 -19.36 -61.33
C ALA C 959 -105.99 -18.89 -59.90
N GLY C 960 -104.89 -18.67 -59.18
CA GLY C 960 -104.96 -18.22 -57.80
C GLY C 960 -103.80 -17.32 -57.43
N ARG C 961 -102.96 -17.01 -58.40
CA ARG C 961 -101.80 -16.14 -58.18
C ARG C 961 -101.97 -14.79 -58.86
N MET C 962 -101.19 -13.81 -58.42
CA MET C 962 -101.25 -12.48 -59.00
C MET C 962 -100.01 -12.18 -59.83
N SER C 963 -100.22 -11.74 -61.07
CA SER C 963 -99.11 -11.41 -61.97
C SER C 963 -99.19 -9.98 -62.48
N VAL C 964 -98.06 -9.43 -62.86
CA VAL C 964 -98.01 -8.11 -63.47
C VAL C 964 -98.63 -8.15 -64.87
N ASN C 965 -99.22 -7.03 -65.29
CA ASN C 965 -99.82 -6.90 -66.61
C ASN C 965 -98.75 -6.94 -67.71
N PRO C 966 -98.85 -7.92 -68.62
CA PRO C 966 -97.88 -8.08 -69.70
C PRO C 966 -97.97 -6.94 -70.70
N VAL C 967 -99.16 -6.33 -70.79
CA VAL C 967 -99.39 -5.22 -71.70
C VAL C 967 -98.48 -4.03 -71.35
N HIS C 968 -98.19 -3.87 -70.07
CA HIS C 968 -97.23 -2.85 -69.65
C HIS C 968 -95.91 -3.05 -70.37
N ARG C 969 -95.49 -4.30 -70.48
CA ARG C 969 -94.28 -4.64 -71.24
C ARG C 969 -94.60 -4.96 -72.71
N ILE C 970 -95.88 -5.13 -73.01
CA ILE C 970 -96.31 -5.28 -74.40
C ILE C 970 -96.51 -3.94 -75.12
N ALA C 971 -97.12 -2.97 -74.44
CA ALA C 971 -97.47 -1.69 -75.07
C ALA C 971 -96.28 -0.94 -75.66
N ALA C 972 -95.44 -0.38 -74.79
CA ALA C 972 -94.28 0.39 -75.22
C ALA C 972 -93.13 -0.39 -75.89
N PRO C 973 -92.65 -1.47 -75.24
CA PRO C 973 -91.49 -2.18 -75.82
C PRO C 973 -91.75 -2.83 -77.18
N THR C 974 -93.02 -2.99 -77.57
CA THR C 974 -93.35 -3.54 -78.87
C THR C 974 -92.81 -2.66 -79.99
N GLU C 975 -92.18 -3.30 -80.99
CA GLU C 975 -91.68 -2.57 -82.14
C GLU C 975 -92.83 -2.09 -82.99
N TRP C 976 -93.74 -2.99 -83.33
CA TRP C 976 -94.97 -2.61 -84.01
C TRP C 976 -96.19 -2.92 -83.14
N GLN C 977 -96.84 -1.87 -82.66
CA GLN C 977 -98.04 -2.02 -81.85
C GLN C 977 -99.25 -1.50 -82.60
N VAL C 978 -100.36 -2.23 -82.53
CA VAL C 978 -101.55 -1.89 -83.29
C VAL C 978 -102.82 -1.92 -82.45
N ARG C 979 -103.56 -0.82 -82.49
CA ARG C 979 -104.88 -0.77 -81.88
C ARG C 979 -105.94 -0.73 -82.97
N GLU C 980 -106.68 -1.82 -83.11
CA GLU C 980 -107.64 -1.96 -84.20
C GLU C 980 -109.03 -1.49 -83.80
N GLY C 981 -109.61 -0.64 -84.63
CA GLY C 981 -110.96 -0.10 -84.41
C GLY C 981 -111.12 0.53 -83.03
N SER C 982 -110.45 1.67 -82.84
CA SER C 982 -110.42 2.36 -81.56
C SER C 982 -111.80 2.73 -81.01
N ASP C 983 -112.48 3.64 -81.70
CA ASP C 983 -113.74 4.20 -81.22
C ASP C 983 -114.86 3.17 -81.08
N ASN C 984 -114.75 2.05 -81.79
CA ASN C 984 -115.72 0.98 -81.68
C ASN C 984 -115.26 -0.07 -80.65
N ARG C 985 -116.03 -0.19 -79.57
CA ARG C 985 -115.64 -1.01 -78.43
C ARG C 985 -115.67 -2.51 -78.69
N SER C 986 -116.75 -2.99 -79.29
CA SER C 986 -116.94 -4.42 -79.51
C SER C 986 -115.86 -5.03 -80.39
N ALA C 987 -115.43 -4.29 -81.40
CA ALA C 987 -114.44 -4.79 -82.35
C ALA C 987 -113.01 -4.38 -81.98
N SER C 988 -112.85 -3.73 -80.83
CA SER C 988 -111.54 -3.22 -80.40
C SER C 988 -110.49 -4.33 -80.27
N HIS C 989 -109.32 -4.12 -80.86
CA HIS C 989 -108.23 -5.08 -80.79
C HIS C 989 -106.87 -4.40 -80.62
N PRO C 990 -106.08 -4.89 -79.67
CA PRO C 990 -104.75 -4.35 -79.43
C PRO C 990 -103.66 -5.41 -79.62
N SER C 991 -102.86 -5.26 -80.67
CA SER C 991 -101.87 -6.27 -81.03
C SER C 991 -100.44 -5.71 -81.04
N THR C 992 -99.45 -6.60 -81.00
CA THR C 992 -98.05 -6.20 -80.89
C THR C 992 -97.10 -7.07 -81.72
N GLY C 993 -95.88 -6.58 -81.93
CA GLY C 993 -94.86 -7.31 -82.67
C GLY C 993 -94.24 -8.42 -81.82
N ALA C 994 -94.56 -8.42 -80.53
CA ALA C 994 -94.14 -9.48 -79.63
C ALA C 994 -95.04 -10.70 -79.88
N ARG C 995 -96.00 -10.49 -80.78
CA ARG C 995 -97.09 -11.41 -81.04
C ARG C 995 -97.93 -11.61 -79.78
N LEU C 996 -98.63 -10.54 -79.39
CA LEU C 996 -99.65 -10.61 -78.34
C LEU C 996 -100.82 -9.73 -78.73
N GLU C 997 -102.02 -10.31 -78.80
CA GLU C 997 -103.19 -9.56 -79.24
C GLU C 997 -104.35 -9.71 -78.26
N VAL C 998 -105.10 -8.62 -78.07
CA VAL C 998 -106.23 -8.62 -77.13
C VAL C 998 -107.54 -8.22 -77.77
N ALA C 999 -108.60 -8.97 -77.46
CA ALA C 999 -109.92 -8.70 -78.00
C ALA C 999 -110.98 -9.21 -77.02
N ASP C 1000 -112.22 -8.76 -77.19
CA ASP C 1000 -113.30 -9.20 -76.30
C ASP C 1000 -114.16 -10.27 -76.95
N ASP C 1001 -114.56 -11.27 -76.15
CA ASP C 1001 -115.42 -12.34 -76.63
C ASP C 1001 -116.43 -12.71 -75.56
N GLN C 1002 -117.65 -13.07 -75.98
CA GLN C 1002 -118.72 -13.44 -75.05
C GLN C 1002 -118.93 -12.40 -73.97
N HIS C 1003 -119.15 -11.15 -74.39
CA HIS C 1003 -119.33 -10.03 -73.48
C HIS C 1003 -118.14 -9.80 -72.55
N VAL C 1004 -118.37 -9.95 -71.25
CA VAL C 1004 -117.40 -9.59 -70.21
C VAL C 1004 -116.03 -10.25 -70.34
N VAL C 1005 -115.96 -11.37 -71.06
CA VAL C 1005 -114.69 -12.09 -71.20
C VAL C 1005 -113.73 -11.38 -72.15
N LEU C 1006 -112.54 -11.06 -71.66
CA LEU C 1006 -111.51 -10.41 -72.48
C LEU C 1006 -110.45 -11.42 -72.93
N SER C 1007 -110.22 -11.50 -74.24
CA SER C 1007 -109.32 -12.53 -74.78
C SER C 1007 -107.97 -11.99 -75.24
N VAL C 1008 -106.93 -12.35 -74.51
CA VAL C 1008 -105.57 -11.98 -74.87
C VAL C 1008 -104.86 -13.13 -75.58
N PRO C 1009 -104.44 -12.88 -76.81
CA PRO C 1009 -103.85 -13.95 -77.62
C PRO C 1009 -102.39 -13.67 -77.98
N LEU C 1010 -101.49 -14.47 -77.41
CA LEU C 1010 -100.07 -14.31 -77.66
C LEU C 1010 -99.59 -15.50 -78.47
N SER C 1011 -98.56 -15.31 -79.30
CA SER C 1011 -98.12 -16.39 -80.17
C SER C 1011 -96.60 -16.47 -80.33
N GLY C 1012 -96.09 -17.69 -80.46
CA GLY C 1012 -94.67 -17.90 -80.73
C GLY C 1012 -94.53 -18.61 -82.07
N THR C 1013 -93.85 -17.97 -83.02
CA THR C 1013 -93.80 -18.43 -84.41
C THR C 1013 -95.22 -18.56 -84.98
N TRP C 1014 -95.59 -19.78 -85.36
CA TRP C 1014 -96.89 -20.01 -86.00
C TRP C 1014 -98.00 -20.48 -85.06
N ILE C 1015 -97.68 -20.64 -83.78
CA ILE C 1015 -98.64 -21.19 -82.79
C ILE C 1015 -99.11 -20.13 -81.79
N GLU C 1016 -100.41 -20.11 -81.51
CA GLU C 1016 -101.01 -19.06 -80.66
C GLU C 1016 -101.39 -19.50 -79.24
N ILE C 1017 -101.31 -18.57 -78.29
CA ILE C 1017 -101.69 -18.81 -76.90
C ILE C 1017 -102.79 -17.85 -76.46
N ARG C 1018 -103.93 -18.37 -76.02
CA ARG C 1018 -105.06 -17.50 -75.66
C ARG C 1018 -105.35 -17.51 -74.16
N PHE C 1019 -105.88 -16.40 -73.65
CA PHE C 1019 -106.25 -16.28 -72.25
C PHE C 1019 -107.59 -15.54 -72.10
N THR C 1020 -108.21 -15.65 -70.94
CA THR C 1020 -109.54 -15.10 -70.71
C THR C 1020 -109.71 -14.47 -69.33
N LEU C 1021 -110.43 -13.35 -69.25
CA LEU C 1021 -110.64 -12.64 -67.99
C LEU C 1021 -112.14 -12.50 -67.67
N THR C 1022 -112.44 -12.21 -66.41
CA THR C 1022 -113.83 -11.99 -65.99
C THR C 1022 -113.93 -10.89 -64.90
N ASP C 1023 -114.83 -9.94 -65.08
CA ASP C 1023 -114.87 -8.80 -64.19
C ASP C 1023 -116.15 -8.66 -63.35
N VAL C 1024 -115.99 -8.76 -62.03
CA VAL C 1024 -117.07 -8.48 -61.09
C VAL C 1024 -116.65 -7.30 -60.20
N VAL C 1025 -117.31 -6.16 -60.39
CA VAL C 1025 -116.89 -4.93 -59.72
C VAL C 1025 -117.60 -4.66 -58.39
N ARG C 1026 -118.42 -5.61 -57.94
CA ARG C 1026 -119.00 -5.53 -56.61
C ARG C 1026 -117.88 -5.46 -55.59
N SER C 1027 -116.82 -6.22 -55.83
CA SER C 1027 -115.60 -6.12 -55.05
C SER C 1027 -114.63 -5.19 -55.76
N GLY C 1028 -114.39 -4.02 -55.17
CA GLY C 1028 -113.54 -3.01 -55.78
C GLY C 1028 -112.07 -3.38 -55.75
N GLY C 1029 -111.66 -4.07 -54.69
CA GLY C 1029 -110.29 -4.51 -54.56
C GLY C 1029 -110.00 -5.69 -55.46
N ALA C 1030 -111.07 -6.32 -55.94
CA ALA C 1030 -110.95 -7.42 -56.88
C ALA C 1030 -111.77 -7.16 -58.14
N PRO C 1031 -111.42 -6.12 -58.88
CA PRO C 1031 -112.14 -5.77 -60.10
C PRO C 1031 -111.54 -6.48 -61.33
N ILE C 1032 -110.65 -7.42 -61.09
CA ILE C 1032 -110.02 -8.16 -62.18
C ILE C 1032 -109.96 -9.65 -61.88
N VAL C 1033 -110.98 -10.38 -62.33
CA VAL C 1033 -111.05 -11.82 -62.12
C VAL C 1033 -110.66 -12.60 -63.37
N GLU C 1034 -109.37 -12.60 -63.67
CA GLU C 1034 -108.85 -13.29 -64.85
C GLU C 1034 -109.34 -14.74 -64.89
N VAL C 1035 -109.04 -15.44 -65.98
CA VAL C 1035 -109.45 -16.82 -66.15
C VAL C 1035 -109.08 -17.65 -64.92
N ASP C 1036 -110.10 -18.17 -64.23
CA ASP C 1036 -109.88 -18.98 -63.04
C ASP C 1036 -109.85 -20.46 -63.38
N ASP C 1037 -108.64 -20.99 -63.57
CA ASP C 1037 -108.47 -22.40 -63.90
C ASP C 1037 -107.01 -22.84 -63.75
N ALA C 1038 -106.61 -23.27 -62.55
CA ALA C 1038 -107.50 -23.36 -61.39
C ALA C 1038 -108.59 -24.39 -61.60
N ALA C 1039 -109.76 -23.94 -62.05
CA ALA C 1039 -110.89 -24.82 -62.28
C ALA C 1039 -112.06 -24.07 -62.90
N THR C 1040 -112.48 -24.49 -64.09
CA THR C 1040 -113.59 -23.84 -64.78
C THR C 1040 -113.15 -22.53 -65.43
N ALA C 1041 -112.32 -22.64 -66.46
CA ALA C 1041 -111.83 -21.45 -67.17
C ALA C 1041 -110.79 -21.85 -68.21
N MET C 1042 -109.52 -21.67 -67.86
CA MET C 1042 -108.42 -22.00 -68.76
C MET C 1042 -108.39 -23.50 -69.06
N ARG C 1043 -108.01 -24.29 -68.07
CA ARG C 1043 -107.95 -25.74 -68.23
C ARG C 1043 -108.32 -26.19 -69.63
N ALA C 1044 -109.42 -25.64 -70.15
CA ALA C 1044 -109.88 -25.99 -71.50
C ALA C 1044 -108.83 -25.67 -72.56
N VAL C 1045 -108.05 -24.62 -72.32
CA VAL C 1045 -106.99 -24.23 -73.23
C VAL C 1045 -105.85 -25.25 -73.20
N LEU C 1046 -105.42 -25.61 -72.00
CA LEU C 1046 -104.34 -26.57 -71.83
C LEU C 1046 -104.74 -27.96 -72.34
N ALA C 1047 -106.01 -28.30 -72.14
CA ALA C 1047 -106.52 -29.61 -72.54
C ALA C 1047 -106.44 -29.82 -74.05
N ILE C 1048 -106.73 -28.77 -74.80
CA ILE C 1048 -106.67 -28.84 -76.26
C ILE C 1048 -105.23 -29.03 -76.74
N ALA C 1049 -104.31 -28.26 -76.17
CA ALA C 1049 -102.91 -28.33 -76.57
C ALA C 1049 -102.22 -29.61 -76.09
N ALA C 1050 -102.32 -29.88 -74.79
CA ALA C 1050 -101.63 -31.03 -74.19
C ALA C 1050 -101.99 -32.37 -74.81
N GLY C 1051 -103.21 -32.83 -74.53
CA GLY C 1051 -103.63 -34.15 -74.98
C GLY C 1051 -104.19 -34.20 -76.39
N VAL C 1052 -104.81 -33.10 -76.81
CA VAL C 1052 -105.50 -33.02 -78.10
C VAL C 1052 -106.52 -34.16 -78.22
N GLU C 1053 -107.00 -34.63 -77.07
CA GLU C 1053 -107.87 -35.80 -76.96
C GLU C 1053 -107.21 -37.03 -77.57
N GLY C 1054 -105.89 -37.00 -77.72
CA GLY C 1054 -105.19 -38.12 -78.33
C GLY C 1054 -105.14 -39.36 -77.45
N PRO C 1055 -104.47 -39.26 -76.30
CA PRO C 1055 -104.63 -40.26 -75.24
C PRO C 1055 -105.96 -40.06 -74.54
N GLU C 1056 -106.74 -41.11 -74.33
CA GLU C 1056 -107.94 -40.94 -73.52
C GLU C 1056 -108.23 -42.06 -72.54
N ASN C 1057 -108.22 -41.69 -71.27
CA ASN C 1057 -108.79 -42.48 -70.19
C ASN C 1057 -109.43 -41.42 -69.31
N LEU C 1058 -110.47 -41.77 -68.58
CA LEU C 1058 -111.19 -40.73 -67.82
C LEU C 1058 -111.25 -40.98 -66.31
N PRO C 1059 -110.07 -41.00 -65.65
CA PRO C 1059 -110.06 -41.15 -64.19
C PRO C 1059 -110.29 -39.83 -63.48
N LYS C 1060 -110.86 -39.90 -62.28
CA LYS C 1060 -110.73 -38.83 -61.30
C LYS C 1060 -109.33 -38.97 -60.72
N VAL C 1061 -108.81 -37.92 -60.10
CA VAL C 1061 -107.41 -37.92 -59.61
C VAL C 1061 -107.03 -39.17 -58.82
N VAL C 1062 -107.94 -39.67 -58.01
CA VAL C 1062 -107.70 -40.87 -57.21
C VAL C 1062 -107.69 -42.09 -58.12
N ASP C 1063 -108.57 -42.10 -59.11
CA ASP C 1063 -108.66 -43.21 -60.05
C ASP C 1063 -107.38 -43.31 -60.89
N ASN C 1064 -106.98 -44.53 -61.19
CA ASN C 1064 -105.73 -44.79 -61.91
C ASN C 1064 -105.70 -44.20 -63.31
N THR C 1065 -104.54 -43.65 -63.67
CA THR C 1065 -104.31 -43.14 -65.01
C THR C 1065 -103.50 -44.14 -65.81
N ALA C 1066 -104.07 -44.66 -66.90
CA ALA C 1066 -103.42 -45.75 -67.63
C ALA C 1066 -102.76 -45.29 -68.92
N THR C 1067 -101.54 -45.78 -69.13
CA THR C 1067 -100.83 -45.55 -70.39
C THR C 1067 -100.93 -46.82 -71.22
N VAL C 1068 -101.62 -46.73 -72.35
CA VAL C 1068 -102.05 -47.91 -73.11
C VAL C 1068 -100.92 -48.86 -73.50
N THR C 1069 -100.09 -48.47 -74.47
CA THR C 1069 -99.02 -49.34 -74.94
C THR C 1069 -97.81 -48.56 -75.45
N VAL C 1070 -96.60 -49.05 -75.12
CA VAL C 1070 -95.36 -48.32 -75.44
C VAL C 1070 -94.24 -49.21 -75.96
N ASP C 1071 -93.69 -48.83 -77.12
CA ASP C 1071 -92.64 -49.60 -77.77
C ASP C 1071 -91.37 -48.78 -77.99
N TRP C 1072 -90.23 -49.39 -77.66
CA TRP C 1072 -88.93 -48.71 -77.66
C TRP C 1072 -88.11 -49.10 -78.89
N ASP C 1073 -87.96 -48.14 -79.81
CA ASP C 1073 -87.18 -48.36 -81.03
C ASP C 1073 -85.70 -48.10 -80.76
N PRO C 1074 -84.80 -48.74 -81.53
CA PRO C 1074 -83.37 -48.52 -81.36
C PRO C 1074 -82.96 -47.06 -81.59
N GLU C 1075 -83.76 -46.35 -82.39
CA GLU C 1075 -83.46 -44.95 -82.70
C GLU C 1075 -83.89 -44.02 -81.58
N ARG C 1076 -84.81 -44.49 -80.74
CA ARG C 1076 -85.20 -43.74 -79.57
C ARG C 1076 -84.13 -43.92 -78.49
N VAL C 1077 -83.37 -45.01 -78.59
CA VAL C 1077 -82.23 -45.25 -77.71
C VAL C 1077 -81.14 -44.26 -78.06
N ALA C 1078 -80.87 -44.13 -79.34
CA ALA C 1078 -79.79 -43.29 -79.85
C ALA C 1078 -80.03 -41.82 -79.56
N ASP C 1079 -81.22 -41.34 -79.91
CA ASP C 1079 -81.56 -39.93 -79.73
C ASP C 1079 -81.37 -39.44 -78.30
N HIS C 1080 -81.81 -40.24 -77.33
CA HIS C 1080 -81.66 -39.87 -75.93
C HIS C 1080 -80.20 -39.92 -75.49
N THR C 1081 -79.51 -41.00 -75.86
CA THR C 1081 -78.10 -41.14 -75.51
C THR C 1081 -77.24 -40.12 -76.24
N GLY C 1082 -77.75 -39.61 -77.37
CA GLY C 1082 -77.06 -38.59 -78.12
C GLY C 1082 -77.40 -37.19 -77.64
N VAL C 1083 -78.60 -37.05 -77.08
CA VAL C 1083 -79.05 -35.76 -76.53
C VAL C 1083 -78.19 -35.38 -75.33
N THR C 1084 -77.87 -36.38 -74.51
CA THR C 1084 -76.95 -36.19 -73.40
C THR C 1084 -75.74 -37.07 -73.57
N ALA C 1085 -74.58 -36.47 -73.76
CA ALA C 1085 -73.35 -37.22 -74.03
C ALA C 1085 -72.19 -36.79 -73.15
N THR C 1086 -71.30 -37.72 -72.84
CA THR C 1086 -70.09 -37.41 -72.09
C THR C 1086 -68.88 -38.17 -72.64
N PHE C 1087 -67.81 -37.45 -72.93
CA PHE C 1087 -66.60 -38.05 -73.50
C PHE C 1087 -65.29 -37.70 -72.76
N GLY C 1088 -64.99 -36.42 -72.65
CA GLY C 1088 -63.74 -35.95 -72.08
C GLY C 1088 -63.33 -36.66 -70.81
N ALA C 1089 -64.30 -36.93 -69.93
CA ALA C 1089 -64.12 -37.89 -68.87
C ALA C 1089 -64.42 -39.25 -69.49
N PRO C 1090 -63.53 -40.24 -69.27
CA PRO C 1090 -63.57 -41.48 -70.07
C PRO C 1090 -64.86 -42.26 -69.87
N LEU C 1091 -65.94 -41.75 -70.47
CA LEU C 1091 -67.29 -42.26 -70.25
C LEU C 1091 -67.86 -43.02 -71.44
N ALA C 1092 -68.34 -44.24 -71.19
CA ALA C 1092 -68.87 -45.10 -72.23
C ALA C 1092 -70.26 -45.66 -71.87
N PRO C 1093 -71.33 -44.96 -72.29
CA PRO C 1093 -72.69 -45.41 -71.99
C PRO C 1093 -73.03 -46.74 -72.63
N THR C 1094 -73.51 -47.68 -71.82
CA THR C 1094 -73.96 -48.97 -72.33
C THR C 1094 -75.20 -49.48 -71.59
N LEU C 1095 -76.25 -49.78 -72.35
CA LEU C 1095 -77.46 -50.43 -71.85
C LEU C 1095 -78.42 -50.51 -73.03
N THR C 1096 -79.41 -51.39 -72.94
CA THR C 1096 -80.47 -51.42 -73.93
C THR C 1096 -81.38 -50.22 -73.75
N VAL C 1097 -81.87 -50.04 -72.52
CA VAL C 1097 -82.65 -48.86 -72.17
C VAL C 1097 -82.18 -48.26 -70.86
N VAL C 1098 -81.65 -47.04 -70.92
CA VAL C 1098 -81.25 -46.31 -69.73
C VAL C 1098 -82.50 -46.06 -68.88
N PRO C 1099 -82.40 -46.25 -67.55
CA PRO C 1099 -83.55 -46.04 -66.67
C PRO C 1099 -84.10 -44.62 -66.74
N ASP C 1100 -83.32 -43.69 -67.27
CA ASP C 1100 -83.79 -42.33 -67.51
C ASP C 1100 -84.89 -42.31 -68.55
N ALA C 1101 -84.85 -43.26 -69.48
CA ALA C 1101 -85.81 -43.31 -70.57
C ALA C 1101 -87.23 -43.61 -70.10
N LEU C 1102 -87.36 -44.01 -68.84
CA LEU C 1102 -88.67 -44.27 -68.26
C LEU C 1102 -89.55 -43.03 -68.24
N VAL C 1103 -88.96 -41.87 -68.00
CA VAL C 1103 -89.71 -40.63 -67.84
C VAL C 1103 -90.43 -40.19 -69.12
N GLY C 1104 -89.90 -40.58 -70.27
CA GLY C 1104 -90.51 -40.22 -71.54
C GLY C 1104 -91.81 -40.96 -71.78
N ARG C 1105 -91.91 -42.16 -71.21
CA ARG C 1105 -93.08 -43.01 -71.39
C ARG C 1105 -94.23 -42.61 -70.48
N CYS C 1106 -93.89 -42.18 -69.26
CA CYS C 1106 -94.86 -41.91 -68.23
C CYS C 1106 -95.32 -40.45 -68.16
N TRP C 1107 -94.65 -39.59 -68.91
CA TRP C 1107 -94.94 -38.15 -68.86
C TRP C 1107 -96.39 -37.75 -69.18
N PRO C 1108 -96.93 -38.18 -70.33
CA PRO C 1108 -98.24 -37.64 -70.71
C PRO C 1108 -99.36 -38.08 -69.76
N ALA C 1109 -99.17 -39.19 -69.07
CA ALA C 1109 -100.18 -39.68 -68.14
C ALA C 1109 -100.17 -38.93 -66.82
N VAL C 1110 -98.98 -38.67 -66.28
CA VAL C 1110 -98.83 -38.01 -64.98
C VAL C 1110 -99.55 -36.66 -64.91
N PHE C 1111 -99.41 -35.87 -65.97
CA PHE C 1111 -99.97 -34.52 -66.02
C PHE C 1111 -101.47 -34.45 -65.82
N ALA C 1112 -102.17 -35.51 -66.22
CA ALA C 1112 -103.63 -35.55 -66.15
C ALA C 1112 -104.17 -35.49 -64.72
N ALA C 1113 -103.33 -35.82 -63.75
CA ALA C 1113 -103.76 -35.89 -62.36
C ALA C 1113 -103.69 -34.54 -61.65
N ILE C 1114 -103.17 -33.53 -62.34
CA ILE C 1114 -102.91 -32.23 -61.73
C ILE C 1114 -104.20 -31.47 -61.33
N GLY C 1115 -105.35 -31.88 -61.86
CA GLY C 1115 -106.60 -31.26 -61.48
C GLY C 1115 -107.76 -32.23 -61.51
N SER C 1116 -108.81 -31.91 -60.74
CA SER C 1116 -109.86 -32.88 -60.45
C SER C 1116 -110.96 -32.34 -59.53
N ALA C 1117 -111.95 -33.18 -59.27
CA ALA C 1117 -113.02 -32.87 -58.32
C ALA C 1117 -112.51 -32.84 -56.88
N ALA C 1118 -111.55 -33.70 -56.58
CA ALA C 1118 -110.91 -33.69 -55.27
C ALA C 1118 -110.15 -32.38 -55.11
N THR C 1119 -109.67 -31.85 -56.24
CA THR C 1119 -109.10 -30.52 -56.27
C THR C 1119 -110.23 -29.49 -56.21
N GLU C 1120 -111.41 -29.87 -56.69
CA GLU C 1120 -112.54 -28.95 -56.63
C GLU C 1120 -113.12 -28.83 -55.22
N ALA C 1121 -113.20 -29.97 -54.52
CA ALA C 1121 -113.68 -29.99 -53.14
C ALA C 1121 -112.83 -29.14 -52.19
N GLY C 1122 -111.59 -29.58 -51.96
CA GLY C 1122 -110.74 -28.97 -50.95
C GLY C 1122 -109.84 -27.83 -51.40
N PHE C 1123 -109.67 -27.68 -52.71
CA PHE C 1123 -108.84 -26.62 -53.26
C PHE C 1123 -109.75 -25.64 -53.99
N PRO C 1124 -109.30 -24.37 -54.12
CA PRO C 1124 -109.94 -23.36 -54.98
C PRO C 1124 -109.86 -23.75 -56.45
N VAL C 1125 -109.04 -24.76 -56.77
CA VAL C 1125 -108.70 -25.15 -58.14
C VAL C 1125 -108.00 -24.00 -58.86
N ILE C 1126 -107.20 -23.25 -58.12
CA ILE C 1126 -106.42 -22.20 -58.74
C ILE C 1126 -105.00 -22.68 -58.98
N GLU C 1127 -104.69 -22.95 -60.23
CA GLU C 1127 -103.37 -23.39 -60.60
C GLU C 1127 -102.91 -22.67 -61.87
N GLY C 1128 -101.88 -21.85 -61.76
CA GLY C 1128 -101.16 -21.40 -62.92
C GLY C 1128 -100.27 -22.53 -63.39
N LEU C 1129 -100.30 -22.85 -64.68
CA LEU C 1129 -99.45 -23.92 -65.19
C LEU C 1129 -98.03 -23.40 -65.36
N LEU C 1130 -97.91 -22.08 -65.53
CA LEU C 1130 -96.62 -21.43 -65.63
C LEU C 1130 -95.94 -21.41 -64.26
N SER C 1131 -96.75 -21.50 -63.22
CA SER C 1131 -96.24 -21.51 -61.85
C SER C 1131 -95.88 -22.90 -61.38
N LEU C 1132 -96.05 -23.89 -62.25
CA LEU C 1132 -95.72 -25.27 -61.92
C LEU C 1132 -94.23 -25.45 -61.66
N VAL C 1133 -93.91 -26.11 -60.55
CA VAL C 1133 -92.51 -26.34 -60.18
C VAL C 1133 -92.25 -27.81 -59.89
N HIS C 1134 -91.23 -28.37 -60.52
CA HIS C 1134 -90.87 -29.76 -60.30
C HIS C 1134 -89.94 -29.88 -59.10
N LEU C 1135 -90.37 -30.64 -58.10
CA LEU C 1135 -89.60 -30.78 -56.87
C LEU C 1135 -88.60 -31.93 -56.96
N ASP C 1136 -89.11 -33.16 -57.01
CA ASP C 1136 -88.25 -34.33 -57.01
C ASP C 1136 -88.66 -35.34 -58.07
N HIS C 1137 -87.69 -36.13 -58.54
CA HIS C 1137 -87.95 -37.21 -59.47
C HIS C 1137 -87.06 -38.40 -59.14
N ALA C 1138 -87.66 -39.60 -59.12
CA ALA C 1138 -86.92 -40.80 -58.75
C ALA C 1138 -87.45 -42.03 -59.46
N ALA C 1139 -86.57 -42.98 -59.76
CA ALA C 1139 -86.96 -44.23 -60.38
C ALA C 1139 -86.53 -45.41 -59.53
N ARG C 1140 -87.50 -46.13 -58.98
CA ARG C 1140 -87.20 -47.31 -58.17
C ARG C 1140 -87.48 -48.58 -58.96
N LEU C 1141 -86.52 -49.51 -58.92
CA LEU C 1141 -86.65 -50.75 -59.67
C LEU C 1141 -87.24 -51.87 -58.82
N LEU C 1142 -88.04 -52.70 -59.47
CA LEU C 1142 -88.67 -53.86 -58.87
C LEU C 1142 -87.74 -55.07 -58.98
N ALA C 1143 -86.49 -54.78 -59.34
CA ALA C 1143 -85.42 -55.73 -59.66
C ALA C 1143 -85.38 -56.11 -61.14
N GLU C 1144 -86.31 -55.58 -61.91
CA GLU C 1144 -86.27 -55.72 -63.35
C GLU C 1144 -85.72 -54.46 -64.03
N LEU C 1145 -84.98 -54.65 -65.11
CA LEU C 1145 -84.41 -53.55 -65.88
C LEU C 1145 -85.04 -53.52 -67.26
N PRO C 1146 -85.16 -52.32 -67.85
CA PRO C 1146 -85.75 -52.20 -69.18
C PRO C 1146 -84.84 -52.79 -70.26
N LYS C 1147 -85.44 -53.37 -71.30
CA LYS C 1147 -84.68 -54.04 -72.35
C LYS C 1147 -85.13 -53.63 -73.75
N GLU C 1148 -84.55 -54.31 -74.74
CA GLU C 1148 -84.92 -54.15 -76.15
C GLU C 1148 -86.35 -54.71 -76.41
N PRO C 1149 -86.72 -55.03 -77.67
CA PRO C 1149 -87.99 -54.63 -78.30
C PRO C 1149 -89.27 -54.84 -77.49
N ALA C 1150 -89.22 -55.62 -76.40
CA ALA C 1150 -90.41 -55.87 -75.59
C ALA C 1150 -91.17 -54.60 -75.22
N GLU C 1151 -92.49 -54.66 -75.38
CA GLU C 1151 -93.35 -53.51 -75.24
C GLU C 1151 -93.67 -53.16 -73.78
N PHE C 1152 -93.86 -51.88 -73.51
CA PHE C 1152 -94.18 -51.41 -72.16
C PHE C 1152 -95.61 -50.89 -72.06
N THR C 1153 -96.21 -51.03 -70.87
CA THR C 1153 -97.47 -50.34 -70.56
C THR C 1153 -97.40 -49.74 -69.14
N VAL C 1154 -97.71 -48.45 -69.03
CA VAL C 1154 -97.49 -47.69 -67.80
C VAL C 1154 -98.78 -47.34 -67.04
N THR C 1155 -98.72 -47.35 -65.72
CA THR C 1155 -99.84 -46.90 -64.89
C THR C 1155 -99.42 -45.76 -63.96
N ALA C 1156 -100.18 -44.68 -63.97
CA ALA C 1156 -99.88 -43.54 -63.11
C ALA C 1156 -100.98 -43.32 -62.07
N LYS C 1157 -100.56 -43.16 -60.81
CA LYS C 1157 -101.51 -42.86 -59.74
C LYS C 1157 -101.02 -41.72 -58.87
N ALA C 1158 -101.94 -40.90 -58.37
CA ALA C 1158 -101.58 -39.83 -57.45
C ALA C 1158 -101.71 -40.35 -56.02
N SER C 1159 -100.56 -40.48 -55.35
CA SER C 1159 -100.55 -41.01 -53.99
C SER C 1159 -101.20 -40.03 -53.03
N ALA C 1160 -100.90 -38.74 -53.20
CA ALA C 1160 -101.48 -37.71 -52.36
C ALA C 1160 -101.59 -36.39 -53.11
N ALA C 1161 -102.49 -35.53 -52.66
CA ALA C 1161 -102.57 -34.17 -53.18
C ALA C 1161 -102.37 -33.22 -52.02
N THR C 1162 -101.24 -32.51 -52.00
CA THR C 1162 -100.88 -31.70 -50.85
C THR C 1162 -100.76 -30.22 -51.17
N ASP C 1163 -100.92 -29.39 -50.13
CA ASP C 1163 -100.67 -27.96 -50.24
C ASP C 1163 -99.59 -27.56 -49.26
N THR C 1164 -98.82 -26.54 -49.63
CA THR C 1164 -97.70 -26.09 -48.80
C THR C 1164 -97.75 -24.58 -48.63
N GLU C 1165 -96.92 -24.08 -47.71
CA GLU C 1165 -96.79 -22.64 -47.50
C GLU C 1165 -96.41 -21.95 -48.81
N VAL C 1166 -95.63 -22.64 -49.63
CA VAL C 1166 -95.23 -22.12 -50.93
C VAL C 1166 -96.18 -22.53 -52.04
N GLY C 1167 -97.10 -23.46 -51.77
CA GLY C 1167 -98.09 -23.84 -52.75
C GLY C 1167 -98.61 -25.27 -52.75
N ARG C 1168 -99.25 -25.67 -53.84
CA ARG C 1168 -99.88 -26.98 -53.96
C ARG C 1168 -98.92 -28.04 -54.52
N VAL C 1169 -98.87 -29.19 -53.88
CA VAL C 1169 -97.96 -30.26 -54.26
C VAL C 1169 -98.67 -31.58 -54.54
N VAL C 1170 -98.37 -32.20 -55.68
CA VAL C 1170 -99.01 -33.46 -56.07
C VAL C 1170 -98.00 -34.55 -56.39
N PRO C 1171 -97.64 -35.37 -55.38
CA PRO C 1171 -96.80 -36.56 -55.61
C PRO C 1171 -97.50 -37.58 -56.50
N VAL C 1172 -96.79 -38.08 -57.51
CA VAL C 1172 -97.37 -39.02 -58.46
C VAL C 1172 -96.56 -40.31 -58.54
N SER C 1173 -97.23 -41.44 -58.32
CA SER C 1173 -96.58 -42.74 -58.42
C SER C 1173 -96.85 -43.36 -59.79
N VAL C 1174 -95.82 -43.98 -60.35
CA VAL C 1174 -95.90 -44.53 -61.69
C VAL C 1174 -95.35 -45.95 -61.77
N GLU C 1175 -96.10 -46.86 -62.39
CA GLU C 1175 -95.69 -48.25 -62.52
C GLU C 1175 -95.52 -48.67 -63.98
N VAL C 1176 -94.29 -49.02 -64.37
CA VAL C 1176 -94.01 -49.42 -65.74
C VAL C 1176 -93.97 -50.94 -65.88
N ARG C 1177 -94.74 -51.45 -66.83
CA ARG C 1177 -94.87 -52.89 -67.01
C ARG C 1177 -94.51 -53.35 -68.42
N ASN C 1178 -93.83 -54.49 -68.52
CA ASN C 1178 -93.56 -55.11 -69.80
C ASN C 1178 -94.81 -55.79 -70.36
N ALA C 1179 -95.23 -55.36 -71.55
CA ALA C 1179 -96.44 -55.88 -72.18
C ALA C 1179 -96.42 -57.40 -72.40
N ALA C 1180 -95.49 -57.87 -73.23
CA ALA C 1180 -95.41 -59.29 -73.59
C ALA C 1180 -95.31 -60.22 -72.38
N ASP C 1181 -94.48 -59.84 -71.41
CA ASP C 1181 -94.30 -60.64 -70.21
C ASP C 1181 -95.43 -60.45 -69.20
N GLY C 1182 -95.92 -59.23 -69.09
CA GLY C 1182 -97.03 -58.93 -68.19
C GLY C 1182 -96.62 -58.86 -66.72
N ALA C 1183 -95.54 -58.15 -66.44
CA ALA C 1183 -95.08 -57.96 -65.07
C ALA C 1183 -94.61 -56.51 -64.86
N LEU C 1184 -94.57 -56.08 -63.61
CA LEU C 1184 -94.20 -54.69 -63.32
C LEU C 1184 -92.68 -54.57 -63.16
N LEU C 1185 -92.07 -53.85 -64.09
CA LEU C 1185 -90.61 -53.70 -64.12
C LEU C 1185 -90.08 -52.64 -63.16
N ALA C 1186 -90.70 -51.46 -63.14
CA ALA C 1186 -90.15 -50.33 -62.41
C ALA C 1186 -91.21 -49.39 -61.83
N THR C 1187 -90.81 -48.62 -60.83
CA THR C 1187 -91.66 -47.62 -60.23
C THR C 1187 -91.05 -46.23 -60.37
N LEU C 1188 -91.83 -45.29 -60.91
CA LEU C 1188 -91.35 -43.93 -61.12
C LEU C 1188 -92.10 -42.96 -60.21
N GLU C 1189 -91.36 -42.05 -59.57
CA GLU C 1189 -91.94 -41.13 -58.61
C GLU C 1189 -91.73 -39.67 -59.02
N GLU C 1190 -92.81 -38.90 -59.06
CA GLU C 1190 -92.76 -37.48 -59.40
C GLU C 1190 -93.56 -36.64 -58.42
N ARG C 1191 -93.02 -35.49 -58.04
CA ARG C 1191 -93.73 -34.56 -57.16
C ARG C 1191 -93.67 -33.14 -57.72
N PHE C 1192 -94.84 -32.57 -58.01
CA PHE C 1192 -94.92 -31.27 -58.68
C PHE C 1192 -95.44 -30.20 -57.73
N ALA C 1193 -95.05 -28.96 -57.96
CA ALA C 1193 -95.47 -27.87 -57.10
C ALA C 1193 -96.14 -26.72 -57.86
N ILE C 1194 -97.43 -26.53 -57.59
CA ILE C 1194 -98.14 -25.34 -58.02
C ILE C 1194 -98.14 -24.41 -56.82
N ARG C 1195 -97.88 -23.13 -57.03
CA ARG C 1195 -97.56 -22.25 -55.89
C ARG C 1195 -98.68 -21.41 -55.27
N GLY C 1196 -99.89 -21.45 -55.84
CA GLY C 1196 -100.97 -20.57 -55.37
C GLY C 1196 -102.04 -21.16 -54.43
N ARG C 1197 -101.97 -22.44 -54.09
CA ARG C 1197 -103.12 -23.11 -53.50
C ARG C 1197 -102.98 -23.65 -52.07
N THR C 1198 -104.13 -23.81 -51.41
CA THR C 1198 -104.23 -24.39 -50.07
C THR C 1198 -105.33 -25.45 -50.05
N GLY C 1199 -105.27 -26.37 -49.08
CA GLY C 1199 -106.24 -27.47 -49.05
C GLY C 1199 -106.43 -28.17 -47.71
N ALA C 1200 -107.56 -28.87 -47.60
CA ALA C 1200 -107.83 -29.77 -46.49
C ALA C 1200 -107.50 -31.22 -46.83
N ALA C 1201 -106.97 -31.44 -48.03
CA ALA C 1201 -106.67 -32.79 -48.50
C ALA C 1201 -105.43 -33.35 -47.81
N GLU C 1202 -104.28 -32.78 -48.13
CA GLU C 1202 -103.03 -33.12 -47.45
C GLU C 1202 -102.27 -31.83 -47.13
N LEU C 1203 -101.94 -31.64 -45.87
CA LEU C 1203 -101.29 -30.41 -45.46
C LEU C 1203 -99.81 -30.59 -45.13
N THR C 1204 -98.98 -29.76 -45.74
CA THR C 1204 -97.55 -29.76 -45.47
C THR C 1204 -97.10 -28.32 -45.33
N ASP C 1205 -96.22 -28.04 -44.37
CA ASP C 1205 -95.67 -26.69 -44.29
C ASP C 1205 -94.34 -26.64 -45.01
N PRO C 1206 -93.29 -27.15 -44.37
CA PRO C 1206 -92.03 -27.42 -45.05
C PRO C 1206 -91.83 -28.91 -45.35
N VAL C 1207 -92.79 -29.73 -44.95
CA VAL C 1207 -92.54 -31.16 -44.77
C VAL C 1207 -92.78 -32.06 -45.98
N ARG C 1208 -91.68 -32.61 -46.50
CA ARG C 1208 -91.72 -33.73 -47.43
C ARG C 1208 -90.40 -34.49 -47.32
N ALA C 1209 -90.45 -35.81 -47.46
CA ALA C 1209 -89.24 -36.61 -47.34
C ALA C 1209 -89.28 -37.87 -48.20
N GLY C 1210 -88.12 -38.23 -48.75
CA GLY C 1210 -87.98 -39.43 -49.57
C GLY C 1210 -86.61 -40.05 -49.35
N GLY C 1211 -86.53 -41.37 -49.48
CA GLY C 1211 -85.26 -42.07 -49.27
C GLY C 1211 -85.16 -43.34 -50.11
N ALA C 1212 -83.94 -43.64 -50.56
CA ALA C 1212 -83.66 -44.92 -51.17
C ALA C 1212 -83.04 -45.82 -50.13
N ILE C 1213 -83.79 -46.84 -49.70
CA ILE C 1213 -83.35 -47.68 -48.59
C ILE C 1213 -83.25 -49.15 -48.97
N SER C 1214 -82.39 -49.87 -48.26
CA SER C 1214 -82.16 -51.28 -48.53
C SER C 1214 -81.92 -52.05 -47.23
N ASP C 1215 -82.19 -53.35 -47.26
CA ASP C 1215 -82.12 -54.19 -46.06
C ASP C 1215 -80.71 -54.26 -45.46
N ASN C 1216 -79.76 -54.73 -46.26
CA ASN C 1216 -78.38 -54.86 -45.78
C ASN C 1216 -77.52 -53.69 -46.24
N ALA C 1217 -76.81 -53.07 -45.29
CA ALA C 1217 -76.04 -51.87 -45.59
C ALA C 1217 -74.64 -51.88 -44.99
N THR C 1218 -73.70 -51.25 -45.71
CA THR C 1218 -72.36 -51.02 -45.20
C THR C 1218 -72.02 -49.55 -45.31
N ASP C 1219 -71.17 -49.06 -44.42
CA ASP C 1219 -70.83 -47.64 -44.38
C ASP C 1219 -69.41 -47.41 -44.90
N THR C 1220 -69.23 -46.33 -45.66
CA THR C 1220 -67.90 -46.01 -46.17
C THR C 1220 -67.50 -44.56 -45.87
N PRO C 1221 -66.38 -44.14 -46.42
CA PRO C 1221 -65.86 -42.79 -46.22
C PRO C 1221 -65.92 -42.05 -47.54
N ARG C 1222 -66.00 -40.72 -47.47
CA ARG C 1222 -66.14 -39.90 -48.68
C ARG C 1222 -64.98 -40.11 -49.65
N ARG C 1223 -65.32 -40.45 -50.89
CA ARG C 1223 -64.31 -40.68 -51.92
C ARG C 1223 -64.60 -39.88 -53.18
N ARG C 1224 -63.71 -38.94 -53.51
CA ARG C 1224 -63.86 -38.15 -54.72
C ARG C 1224 -63.66 -39.01 -55.95
N ARG C 1225 -64.63 -38.99 -56.85
CA ARG C 1225 -64.57 -39.81 -58.05
C ARG C 1225 -64.26 -38.98 -59.30
N ARG C 1226 -65.19 -38.13 -59.70
CA ARG C 1226 -65.01 -37.36 -60.94
C ARG C 1226 -65.37 -35.88 -60.81
N ASP C 1227 -64.66 -35.06 -61.57
CA ASP C 1227 -64.98 -33.65 -61.74
C ASP C 1227 -65.58 -33.50 -63.13
N VAL C 1228 -66.85 -33.12 -63.20
CA VAL C 1228 -67.58 -33.17 -64.46
C VAL C 1228 -67.84 -31.80 -65.06
N THR C 1229 -67.76 -31.72 -66.38
CA THR C 1229 -68.11 -30.49 -67.09
C THR C 1229 -69.21 -30.78 -68.09
N VAL C 1230 -70.37 -30.16 -67.88
CA VAL C 1230 -71.54 -30.42 -68.71
C VAL C 1230 -72.14 -29.15 -69.28
N GLY C 1231 -72.28 -29.13 -70.60
CA GLY C 1231 -72.93 -28.01 -71.27
C GLY C 1231 -74.43 -28.23 -71.36
N ALA C 1232 -75.18 -27.14 -71.29
CA ALA C 1232 -76.63 -27.19 -71.51
C ALA C 1232 -76.87 -26.99 -73.00
N PRO C 1233 -77.98 -27.56 -73.51
CA PRO C 1233 -78.27 -27.45 -74.95
C PRO C 1233 -78.52 -26.01 -75.37
N VAL C 1234 -78.37 -25.73 -76.65
CA VAL C 1234 -78.60 -24.39 -77.19
C VAL C 1234 -80.08 -24.04 -77.12
N ASP C 1235 -80.92 -24.98 -77.55
CA ASP C 1235 -82.37 -24.80 -77.48
C ASP C 1235 -83.01 -25.97 -76.75
N MET C 1236 -84.15 -25.71 -76.10
CA MET C 1236 -84.83 -26.73 -75.30
C MET C 1236 -85.84 -27.54 -76.10
N ARG C 1237 -86.13 -27.11 -77.32
CA ARG C 1237 -87.06 -27.81 -78.21
C ARG C 1237 -86.69 -29.27 -78.54
N PRO C 1238 -85.38 -29.56 -78.78
CA PRO C 1238 -85.01 -30.96 -79.03
C PRO C 1238 -85.46 -31.93 -77.94
N PHE C 1239 -85.27 -31.57 -76.67
CA PHE C 1239 -85.70 -32.43 -75.57
C PHE C 1239 -87.21 -32.42 -75.43
N ALA C 1240 -87.83 -31.29 -75.79
CA ALA C 1240 -89.27 -31.14 -75.71
C ALA C 1240 -90.00 -32.10 -76.64
N VAL C 1241 -89.37 -32.38 -77.78
CA VAL C 1241 -89.95 -33.28 -78.77
C VAL C 1241 -89.93 -34.73 -78.28
N VAL C 1242 -88.80 -35.16 -77.76
CA VAL C 1242 -88.62 -36.54 -77.32
C VAL C 1242 -89.38 -36.84 -76.04
N SER C 1243 -89.23 -35.98 -75.04
CA SER C 1243 -89.86 -36.18 -73.74
C SER C 1243 -91.37 -36.06 -73.80
N GLY C 1244 -91.85 -35.17 -74.66
CA GLY C 1244 -93.27 -34.92 -74.78
C GLY C 1244 -93.72 -33.79 -73.88
N ASP C 1245 -92.77 -32.94 -73.46
CA ASP C 1245 -93.08 -31.80 -72.62
C ASP C 1245 -93.11 -30.56 -73.51
N HIS C 1246 -94.32 -30.06 -73.76
CA HIS C 1246 -94.53 -28.93 -74.67
C HIS C 1246 -94.63 -27.58 -73.96
N ASN C 1247 -94.37 -27.58 -72.66
CA ASN C 1247 -94.51 -26.37 -71.85
C ASN C 1247 -93.76 -25.19 -72.46
N PRO C 1248 -94.51 -24.10 -72.77
CA PRO C 1248 -93.99 -22.91 -73.45
C PRO C 1248 -92.92 -22.18 -72.64
N ILE C 1249 -92.81 -22.49 -71.36
CA ILE C 1249 -91.80 -21.90 -70.49
C ILE C 1249 -90.39 -22.14 -71.03
N HIS C 1250 -90.13 -23.36 -71.48
CA HIS C 1250 -88.81 -23.74 -71.95
C HIS C 1250 -88.57 -23.38 -73.41
N THR C 1251 -89.64 -23.02 -74.11
CA THR C 1251 -89.53 -22.72 -75.54
C THR C 1251 -89.83 -21.26 -75.86
N ASP C 1252 -91.11 -20.89 -75.77
CA ASP C 1252 -91.53 -19.52 -76.09
C ASP C 1252 -90.99 -18.53 -75.06
N ARG C 1253 -90.42 -17.43 -75.54
CA ARG C 1253 -89.84 -16.43 -74.65
C ARG C 1253 -90.91 -15.55 -74.01
N ALA C 1254 -92.06 -15.45 -74.68
CA ALA C 1254 -93.17 -14.63 -74.19
C ALA C 1254 -93.82 -15.27 -72.96
N ALA C 1255 -93.87 -16.59 -72.93
CA ALA C 1255 -94.45 -17.32 -71.81
C ALA C 1255 -93.47 -17.38 -70.64
N ALA C 1256 -92.18 -17.45 -70.95
CA ALA C 1256 -91.15 -17.49 -69.93
C ALA C 1256 -91.04 -16.16 -69.21
N LEU C 1257 -91.19 -15.07 -69.96
CA LEU C 1257 -91.14 -13.73 -69.39
C LEU C 1257 -92.40 -13.41 -68.60
N LEU C 1258 -93.54 -13.93 -69.06
CA LEU C 1258 -94.81 -13.72 -68.39
C LEU C 1258 -94.84 -14.42 -67.03
N ALA C 1259 -94.09 -15.51 -66.92
CA ALA C 1259 -94.03 -16.28 -65.69
C ALA C 1259 -92.98 -15.72 -64.74
N GLY C 1260 -92.31 -14.64 -65.17
CA GLY C 1260 -91.28 -14.01 -64.36
C GLY C 1260 -90.07 -14.90 -64.18
N LEU C 1261 -89.49 -15.34 -65.30
CA LEU C 1261 -88.36 -16.26 -65.27
C LEU C 1261 -87.12 -15.63 -65.90
N GLU C 1262 -85.96 -16.16 -65.56
CA GLU C 1262 -84.69 -15.66 -66.08
C GLU C 1262 -84.59 -15.79 -67.60
N GLY C 1263 -85.40 -16.69 -68.16
CA GLY C 1263 -85.42 -16.91 -69.60
C GLY C 1263 -86.05 -18.24 -69.94
N PRO C 1264 -85.75 -18.76 -71.14
CA PRO C 1264 -86.26 -20.07 -71.55
C PRO C 1264 -85.53 -21.18 -70.80
N ILE C 1265 -85.93 -21.39 -69.55
CA ILE C 1265 -85.26 -22.32 -68.63
C ILE C 1265 -85.08 -23.72 -69.22
N VAL C 1266 -83.89 -24.27 -69.05
CA VAL C 1266 -83.61 -25.65 -69.44
C VAL C 1266 -84.54 -26.59 -68.69
N HIS C 1267 -85.06 -27.61 -69.38
CA HIS C 1267 -85.85 -28.64 -68.74
C HIS C 1267 -85.06 -29.24 -67.59
N GLY C 1268 -85.67 -29.28 -66.40
CA GLY C 1268 -85.07 -29.93 -65.27
C GLY C 1268 -84.92 -31.41 -65.57
N MET C 1269 -85.81 -31.92 -66.40
CA MET C 1269 -85.77 -33.32 -66.81
C MET C 1269 -84.59 -33.64 -67.69
N TRP C 1270 -84.15 -32.68 -68.50
CA TRP C 1270 -82.98 -32.90 -69.33
C TRP C 1270 -81.75 -32.99 -68.43
N LEU C 1271 -81.64 -32.05 -67.49
CA LEU C 1271 -80.56 -32.06 -66.50
C LEU C 1271 -80.54 -33.38 -65.74
N SER C 1272 -81.72 -33.86 -65.37
CA SER C 1272 -81.86 -35.12 -64.65
C SER C 1272 -81.19 -36.27 -65.40
N ALA C 1273 -81.39 -36.31 -66.71
CA ALA C 1273 -80.74 -37.32 -67.54
C ALA C 1273 -79.30 -36.90 -67.85
N ALA C 1274 -79.02 -35.61 -67.70
CA ALA C 1274 -77.68 -35.08 -67.97
C ALA C 1274 -76.67 -35.50 -66.91
N ALA C 1275 -76.99 -35.23 -65.65
CA ALA C 1275 -76.11 -35.60 -64.55
C ALA C 1275 -76.11 -37.11 -64.35
N GLN C 1276 -77.22 -37.75 -64.70
CA GLN C 1276 -77.35 -39.19 -64.55
C GLN C 1276 -76.43 -39.94 -65.51
N HIS C 1277 -76.45 -39.52 -66.77
CA HIS C 1277 -75.63 -40.13 -67.82
C HIS C 1277 -74.14 -40.16 -67.44
N VAL C 1278 -73.72 -39.19 -66.65
CA VAL C 1278 -72.36 -39.15 -66.13
C VAL C 1278 -72.15 -40.19 -65.03
N VAL C 1279 -73.06 -40.20 -64.06
CA VAL C 1279 -73.04 -41.17 -62.97
C VAL C 1279 -73.21 -42.55 -63.58
N THR C 1280 -73.99 -42.62 -64.66
CA THR C 1280 -74.16 -43.82 -65.44
C THR C 1280 -72.80 -44.33 -65.91
N ALA C 1281 -72.06 -43.48 -66.61
CA ALA C 1281 -70.79 -43.86 -67.20
C ALA C 1281 -69.54 -43.79 -66.30
N THR C 1282 -69.52 -42.92 -65.30
CA THR C 1282 -68.29 -42.69 -64.54
C THR C 1282 -68.03 -43.70 -63.43
N ASP C 1283 -68.79 -43.58 -62.34
CA ASP C 1283 -68.66 -44.52 -61.23
C ASP C 1283 -69.23 -45.84 -61.69
N GLY C 1284 -70.17 -45.74 -62.63
CA GLY C 1284 -70.73 -46.91 -63.28
C GLY C 1284 -69.71 -47.57 -64.18
N LYS C 1285 -68.79 -46.79 -64.73
CA LYS C 1285 -67.69 -47.35 -65.53
C LYS C 1285 -68.28 -47.84 -66.87
N PRO C 1286 -67.43 -48.34 -67.80
CA PRO C 1286 -67.98 -48.85 -69.07
C PRO C 1286 -69.17 -49.81 -68.94
N VAL C 1287 -69.47 -50.30 -67.72
CA VAL C 1287 -70.67 -51.10 -67.49
C VAL C 1287 -71.67 -50.41 -66.55
N PRO C 1288 -72.49 -49.48 -67.09
CA PRO C 1288 -73.72 -49.01 -66.42
C PRO C 1288 -74.98 -49.92 -66.39
N PRO C 1289 -75.18 -50.83 -67.36
CA PRO C 1289 -76.56 -51.34 -67.54
C PRO C 1289 -77.20 -52.06 -66.35
N ALA C 1290 -76.49 -53.00 -65.74
CA ALA C 1290 -77.05 -53.76 -64.62
C ALA C 1290 -76.62 -53.17 -63.28
N LYS C 1291 -75.89 -52.07 -63.34
CA LYS C 1291 -75.29 -51.48 -62.16
C LYS C 1291 -76.18 -50.48 -61.42
N LEU C 1292 -76.61 -49.42 -62.08
CA LEU C 1292 -77.50 -48.48 -61.42
C LEU C 1292 -78.88 -49.10 -61.34
N ILE C 1293 -79.33 -49.37 -60.11
CA ILE C 1293 -80.65 -49.91 -59.89
C ILE C 1293 -81.65 -48.82 -59.46
N GLY C 1294 -81.16 -47.59 -59.30
CA GLY C 1294 -82.03 -46.49 -58.93
C GLY C 1294 -81.30 -45.15 -58.93
N TRP C 1295 -82.07 -44.08 -59.08
CA TRP C 1295 -81.53 -42.73 -59.04
C TRP C 1295 -82.56 -41.74 -58.53
N THR C 1296 -82.12 -40.75 -57.77
CA THR C 1296 -83.00 -39.68 -57.34
C THR C 1296 -82.39 -38.32 -57.70
N ALA C 1297 -83.25 -37.35 -57.97
CA ALA C 1297 -82.78 -36.04 -58.41
C ALA C 1297 -83.58 -34.89 -57.79
N ARG C 1298 -82.87 -33.93 -57.21
CA ARG C 1298 -83.50 -32.75 -56.65
C ARG C 1298 -83.03 -31.50 -57.38
N PHE C 1299 -83.97 -30.69 -57.84
CA PHE C 1299 -83.62 -29.47 -58.56
C PHE C 1299 -83.57 -28.29 -57.58
N LEU C 1300 -82.36 -27.80 -57.34
CA LEU C 1300 -82.16 -26.71 -56.40
C LEU C 1300 -82.43 -25.35 -57.02
N GLY C 1301 -82.02 -25.17 -58.28
CA GLY C 1301 -82.16 -23.89 -58.95
C GLY C 1301 -82.38 -23.98 -60.45
N MET C 1302 -82.82 -22.88 -61.04
CA MET C 1302 -83.14 -22.83 -62.46
C MET C 1302 -81.89 -22.75 -63.35
N VAL C 1303 -82.00 -23.24 -64.58
CA VAL C 1303 -80.87 -23.27 -65.52
C VAL C 1303 -81.21 -22.70 -66.90
N LYS C 1304 -80.39 -21.75 -67.36
CA LYS C 1304 -80.53 -21.19 -68.71
C LYS C 1304 -79.69 -21.97 -69.72
N PRO C 1305 -80.16 -22.06 -70.96
CA PRO C 1305 -79.42 -22.71 -72.06
C PRO C 1305 -78.06 -22.06 -72.29
N GLY C 1306 -77.10 -22.82 -72.81
CA GLY C 1306 -75.74 -22.32 -72.96
C GLY C 1306 -75.08 -22.17 -71.61
N ASP C 1307 -75.20 -23.21 -70.79
CA ASP C 1307 -74.73 -23.18 -69.41
C ASP C 1307 -73.63 -24.19 -69.17
N GLN C 1308 -72.50 -23.71 -68.63
CA GLN C 1308 -71.42 -24.61 -68.24
C GLN C 1308 -71.55 -24.97 -66.77
N VAL C 1309 -71.88 -26.22 -66.51
CA VAL C 1309 -72.19 -26.68 -65.17
C VAL C 1309 -71.18 -27.72 -64.69
N ASP C 1310 -70.73 -27.60 -63.45
CA ASP C 1310 -69.77 -28.54 -62.90
C ASP C 1310 -70.38 -29.50 -61.88
N PHE C 1311 -70.33 -30.79 -62.19
CA PHE C 1311 -70.87 -31.82 -61.31
C PHE C 1311 -69.75 -32.58 -60.62
N ARG C 1312 -70.01 -33.07 -59.41
CA ARG C 1312 -69.06 -33.89 -58.68
C ARG C 1312 -69.74 -35.07 -57.99
N VAL C 1313 -69.39 -36.30 -58.37
CA VAL C 1313 -69.94 -37.48 -57.72
C VAL C 1313 -68.92 -38.07 -56.76
N ASP C 1314 -69.39 -38.46 -55.58
CA ASP C 1314 -68.53 -39.08 -54.58
C ASP C 1314 -69.12 -40.43 -54.16
N ARG C 1315 -68.28 -41.31 -53.61
CA ARG C 1315 -68.76 -42.57 -53.07
C ARG C 1315 -68.91 -42.43 -51.55
N VAL C 1316 -70.12 -42.69 -51.06
CA VAL C 1316 -70.49 -42.43 -49.66
C VAL C 1316 -70.60 -43.70 -48.83
N GLY C 1317 -71.55 -44.55 -49.21
CA GLY C 1317 -71.86 -45.74 -48.46
C GLY C 1317 -72.42 -46.83 -49.33
N ILE C 1318 -72.82 -47.95 -48.71
CA ILE C 1318 -73.28 -49.11 -49.45
C ILE C 1318 -74.67 -49.58 -48.98
N ASP C 1319 -75.53 -49.86 -49.95
CA ASP C 1319 -76.86 -50.40 -49.69
C ASP C 1319 -77.11 -51.63 -50.56
N VAL C 1320 -77.50 -52.73 -49.90
CA VAL C 1320 -77.79 -54.02 -50.52
C VAL C 1320 -76.71 -54.50 -51.50
N GLY C 1321 -75.46 -54.18 -51.17
CA GLY C 1321 -74.35 -54.55 -52.01
C GLY C 1321 -74.15 -53.57 -53.15
N ALA C 1322 -75.00 -52.56 -53.21
CA ALA C 1322 -74.91 -51.53 -54.24
C ALA C 1322 -74.36 -50.24 -53.64
N GLU C 1323 -73.32 -49.71 -54.27
CA GLU C 1323 -72.69 -48.47 -53.81
C GLU C 1323 -73.65 -47.30 -53.95
N VAL C 1324 -73.67 -46.41 -52.96
CA VAL C 1324 -74.43 -45.18 -53.09
C VAL C 1324 -73.50 -44.06 -53.55
N LEU C 1325 -74.00 -43.20 -54.44
CA LEU C 1325 -73.18 -42.16 -55.04
C LEU C 1325 -73.88 -40.81 -54.99
N GLU C 1326 -73.27 -39.86 -54.30
CA GLU C 1326 -73.88 -38.54 -54.13
C GLU C 1326 -73.32 -37.53 -55.13
N VAL C 1327 -74.21 -36.72 -55.70
CA VAL C 1327 -73.84 -35.76 -56.73
C VAL C 1327 -74.29 -34.35 -56.39
N SER C 1328 -73.37 -33.39 -56.50
CA SER C 1328 -73.68 -31.98 -56.29
C SER C 1328 -73.39 -31.21 -57.57
N ALA C 1329 -74.16 -30.16 -57.83
CA ALA C 1329 -74.02 -29.40 -59.07
C ALA C 1329 -73.81 -27.91 -58.81
N ARG C 1330 -72.87 -27.32 -59.54
CA ARG C 1330 -72.59 -25.89 -59.41
C ARG C 1330 -72.37 -25.20 -60.75
N ILE C 1331 -73.12 -24.13 -60.98
CA ILE C 1331 -72.79 -23.19 -62.03
C ILE C 1331 -72.21 -21.97 -61.32
N GLY C 1332 -70.90 -21.78 -61.43
CA GLY C 1332 -70.23 -20.80 -60.60
C GLY C 1332 -70.46 -21.14 -59.15
N SER C 1333 -71.00 -20.19 -58.39
CA SER C 1333 -71.27 -20.39 -56.98
C SER C 1333 -72.60 -21.09 -56.69
N GLU C 1334 -73.52 -21.05 -57.65
CA GLU C 1334 -74.89 -21.52 -57.40
C GLU C 1334 -75.06 -23.04 -57.43
N LEU C 1335 -75.69 -23.57 -56.40
CA LEU C 1335 -76.07 -24.98 -56.38
C LEU C 1335 -77.28 -25.20 -57.29
N VAL C 1336 -77.23 -26.28 -58.07
CA VAL C 1336 -78.22 -26.52 -59.11
C VAL C 1336 -78.97 -27.83 -58.89
N MET C 1337 -78.25 -28.94 -58.91
CA MET C 1337 -78.86 -30.24 -58.69
C MET C 1337 -78.23 -31.00 -57.54
N ALA C 1338 -79.07 -31.62 -56.72
CA ALA C 1338 -78.62 -32.58 -55.73
C ALA C 1338 -79.09 -33.95 -56.19
N ALA C 1339 -78.15 -34.84 -56.47
CA ALA C 1339 -78.48 -36.17 -56.97
C ALA C 1339 -77.82 -37.30 -56.18
N THR C 1340 -78.48 -38.44 -56.14
CA THR C 1340 -77.98 -39.60 -55.41
C THR C 1340 -78.38 -40.89 -56.12
N ALA C 1341 -77.45 -41.85 -56.22
CA ALA C 1341 -77.73 -43.07 -56.98
C ALA C 1341 -77.24 -44.36 -56.32
N ARG C 1342 -77.97 -45.44 -56.55
CA ARG C 1342 -77.58 -46.77 -56.08
C ARG C 1342 -76.94 -47.53 -57.24
N LEU C 1343 -75.67 -47.88 -57.08
CA LEU C 1343 -74.92 -48.52 -58.14
C LEU C 1343 -74.26 -49.81 -57.70
N ALA C 1344 -74.45 -50.88 -58.48
CA ALA C 1344 -73.75 -52.13 -58.23
C ALA C 1344 -72.26 -51.94 -58.51
N ALA C 1345 -71.42 -52.69 -57.81
CA ALA C 1345 -69.99 -52.60 -57.99
C ALA C 1345 -69.60 -53.23 -59.33
N PRO C 1346 -68.40 -52.90 -59.83
CA PRO C 1346 -67.89 -53.62 -61.00
C PRO C 1346 -67.86 -55.12 -60.72
N LYS C 1347 -68.43 -55.90 -61.62
CA LYS C 1347 -68.70 -57.31 -61.35
C LYS C 1347 -67.47 -58.12 -60.98
N THR C 1348 -67.61 -58.91 -59.92
CA THR C 1348 -66.49 -59.61 -59.31
C THR C 1348 -66.49 -61.11 -59.59
N VAL C 1349 -65.31 -61.64 -59.91
CA VAL C 1349 -65.13 -63.07 -60.10
C VAL C 1349 -64.16 -63.60 -59.04
N TYR C 1350 -64.60 -64.59 -58.27
CA TYR C 1350 -63.81 -65.07 -57.13
C TYR C 1350 -63.07 -66.38 -57.43
N ALA C 1351 -61.88 -66.51 -56.85
CA ALA C 1351 -61.09 -67.73 -56.96
C ALA C 1351 -60.44 -68.06 -55.63
N PHE C 1352 -60.45 -69.34 -55.26
CA PHE C 1352 -59.91 -69.77 -53.99
C PHE C 1352 -58.67 -70.65 -54.17
N PRO C 1353 -57.51 -70.15 -53.74
CA PRO C 1353 -56.17 -70.73 -53.92
C PRO C 1353 -56.00 -72.09 -53.25
N GLY C 1354 -54.96 -72.80 -53.66
CA GLY C 1354 -54.65 -74.09 -53.08
C GLY C 1354 -53.64 -74.02 -51.96
N GLN C 1355 -53.14 -75.19 -51.56
CA GLN C 1355 -52.19 -75.33 -50.45
C GLN C 1355 -50.77 -74.86 -50.80
N GLY C 1356 -49.98 -74.63 -49.75
CA GLY C 1356 -48.56 -74.33 -49.88
C GLY C 1356 -48.07 -72.92 -49.59
N ILE C 1357 -48.97 -71.94 -49.63
CA ILE C 1357 -48.61 -70.56 -49.29
C ILE C 1357 -49.00 -70.21 -47.84
N GLN C 1358 -49.61 -71.18 -47.16
CA GLN C 1358 -50.09 -70.97 -45.79
C GLN C 1358 -48.99 -70.50 -44.84
N HIS C 1359 -49.32 -69.54 -43.99
CA HIS C 1359 -48.36 -68.94 -43.07
C HIS C 1359 -48.88 -68.98 -41.63
N LYS C 1360 -47.98 -68.89 -40.66
CA LYS C 1360 -48.37 -68.88 -39.26
C LYS C 1360 -49.11 -67.60 -38.90
N GLY C 1361 -50.29 -67.76 -38.29
CA GLY C 1361 -51.11 -66.62 -37.89
C GLY C 1361 -51.81 -65.99 -39.07
N MET C 1362 -52.14 -66.81 -40.06
CA MET C 1362 -52.81 -66.32 -41.26
C MET C 1362 -54.27 -65.98 -41.00
N GLY C 1363 -54.65 -64.75 -41.34
CA GLY C 1363 -56.02 -64.29 -41.14
C GLY C 1363 -56.40 -64.20 -39.67
N MET C 1364 -55.40 -64.18 -38.80
CA MET C 1364 -55.63 -64.11 -37.37
C MET C 1364 -55.95 -62.70 -36.93
N GLU C 1365 -55.54 -61.73 -37.76
CA GLU C 1365 -55.83 -60.32 -37.50
C GLU C 1365 -57.32 -60.06 -37.73
N VAL C 1366 -57.86 -60.72 -38.75
CA VAL C 1366 -59.27 -60.59 -39.10
C VAL C 1366 -60.16 -61.17 -38.00
N ARG C 1367 -59.70 -62.26 -37.40
CA ARG C 1367 -60.43 -62.92 -36.32
C ARG C 1367 -60.62 -62.00 -35.11
N ALA C 1368 -59.63 -61.14 -34.88
CA ALA C 1368 -59.66 -60.24 -33.73
C ALA C 1368 -60.60 -59.06 -33.96
N ARG C 1369 -60.93 -58.79 -35.22
CA ARG C 1369 -61.76 -57.65 -35.57
C ARG C 1369 -63.17 -58.05 -36.00
N SER C 1370 -63.25 -58.77 -37.11
CA SER C 1370 -64.55 -59.17 -37.67
C SER C 1370 -65.29 -60.17 -36.79
N LYS C 1371 -66.61 -59.97 -36.67
CA LYS C 1371 -67.46 -60.88 -35.92
C LYS C 1371 -67.75 -62.14 -36.73
N ALA C 1372 -67.93 -61.96 -38.03
CA ALA C 1372 -68.20 -63.07 -38.93
C ALA C 1372 -67.04 -64.05 -38.98
N ALA C 1373 -65.83 -63.52 -38.85
CA ALA C 1373 -64.62 -64.34 -38.86
C ALA C 1373 -64.54 -65.21 -37.61
N ARG C 1374 -64.95 -64.64 -36.47
CA ARG C 1374 -64.92 -65.35 -35.20
C ARG C 1374 -65.88 -66.53 -35.20
N LYS C 1375 -67.10 -66.30 -35.70
CA LYS C 1375 -68.12 -67.34 -35.75
C LYS C 1375 -67.67 -68.51 -36.62
N VAL C 1376 -66.99 -68.20 -37.72
CA VAL C 1376 -66.46 -69.23 -38.61
C VAL C 1376 -65.36 -70.03 -37.92
N TRP C 1377 -64.44 -69.33 -37.28
CA TRP C 1377 -63.32 -69.98 -36.59
C TRP C 1377 -63.76 -70.76 -35.36
N ASP C 1378 -64.52 -70.13 -34.48
CA ASP C 1378 -64.90 -70.74 -33.21
C ASP C 1378 -65.80 -71.96 -33.37
N SER C 1379 -66.78 -71.89 -34.28
CA SER C 1379 -67.64 -73.03 -34.55
C SER C 1379 -66.81 -74.16 -35.11
N ALA C 1380 -65.78 -73.81 -35.86
CA ALA C 1380 -64.87 -74.78 -36.46
C ALA C 1380 -63.90 -75.33 -35.42
N ASP C 1381 -63.40 -74.45 -34.56
CA ASP C 1381 -62.43 -74.83 -33.56
C ASP C 1381 -63.04 -75.66 -32.45
N LYS C 1382 -64.31 -75.40 -32.14
CA LYS C 1382 -65.03 -76.14 -31.11
C LYS C 1382 -65.27 -77.59 -31.54
N PHE C 1383 -65.73 -77.76 -32.78
CA PHE C 1383 -65.98 -79.08 -33.32
C PHE C 1383 -64.72 -79.94 -33.34
N THR C 1384 -63.63 -79.35 -33.79
CA THR C 1384 -62.37 -80.06 -33.90
C THR C 1384 -61.83 -80.46 -32.53
N ARG C 1385 -62.09 -79.61 -31.54
CA ARG C 1385 -61.63 -79.85 -30.18
C ARG C 1385 -62.40 -80.99 -29.52
N GLU C 1386 -63.71 -81.04 -29.77
CA GLU C 1386 -64.55 -82.07 -29.18
C GLU C 1386 -64.39 -83.42 -29.86
N THR C 1387 -64.51 -83.44 -31.18
CA THR C 1387 -64.40 -84.70 -31.93
C THR C 1387 -62.98 -85.26 -32.06
N LEU C 1388 -62.07 -84.45 -32.58
CA LEU C 1388 -60.70 -84.92 -32.84
C LEU C 1388 -59.70 -84.55 -31.75
N GLY C 1389 -60.16 -83.80 -30.75
CA GLY C 1389 -59.34 -83.45 -29.61
C GLY C 1389 -58.22 -82.45 -29.88
N PHE C 1390 -58.36 -81.64 -30.92
CA PHE C 1390 -57.37 -80.60 -31.18
C PHE C 1390 -57.97 -79.30 -31.74
N SER C 1391 -57.20 -78.21 -31.64
CA SER C 1391 -57.67 -76.90 -32.08
C SER C 1391 -56.87 -76.37 -33.26
N VAL C 1392 -57.58 -75.92 -34.29
CA VAL C 1392 -56.95 -75.37 -35.48
C VAL C 1392 -56.41 -73.97 -35.18
N LEU C 1393 -57.06 -73.28 -34.24
CA LEU C 1393 -56.63 -71.95 -33.83
C LEU C 1393 -55.20 -71.95 -33.32
N HIS C 1394 -54.89 -72.89 -32.43
CA HIS C 1394 -53.55 -73.02 -31.86
C HIS C 1394 -52.52 -73.33 -32.93
N VAL C 1395 -52.86 -74.26 -33.82
CA VAL C 1395 -51.98 -74.66 -34.91
C VAL C 1395 -51.63 -73.47 -35.80
N VAL C 1396 -52.64 -72.68 -36.14
CA VAL C 1396 -52.45 -71.49 -36.96
C VAL C 1396 -51.70 -70.40 -36.20
N ARG C 1397 -52.11 -70.15 -34.96
CA ARG C 1397 -51.53 -69.09 -34.15
C ARG C 1397 -50.04 -69.30 -33.88
N ASP C 1398 -49.69 -70.46 -33.34
CA ASP C 1398 -48.29 -70.82 -33.13
C ASP C 1398 -48.04 -72.21 -33.70
N ASN C 1399 -47.04 -72.34 -34.58
CA ASN C 1399 -46.77 -73.58 -35.29
C ASN C 1399 -46.01 -74.61 -34.45
N PRO C 1400 -46.68 -75.72 -34.10
CA PRO C 1400 -46.07 -76.80 -33.34
C PRO C 1400 -45.24 -77.71 -34.25
N THR C 1401 -44.77 -78.84 -33.71
CA THR C 1401 -43.88 -79.77 -34.43
C THR C 1401 -44.57 -81.13 -34.58
N SER C 1402 -44.87 -81.76 -33.45
CA SER C 1402 -45.61 -83.02 -33.44
C SER C 1402 -47.01 -82.82 -32.87
N LEU C 1403 -47.94 -83.65 -33.30
CA LEU C 1403 -49.26 -83.63 -32.71
C LEU C 1403 -49.82 -85.05 -32.70
N ILE C 1404 -50.45 -85.43 -31.61
CA ILE C 1404 -51.16 -86.69 -31.59
C ILE C 1404 -52.65 -86.40 -31.59
N ALA C 1405 -53.37 -87.08 -32.47
CA ALA C 1405 -54.80 -86.87 -32.62
C ALA C 1405 -55.50 -88.13 -32.16
N SER C 1406 -56.81 -88.20 -32.40
CA SER C 1406 -57.64 -89.33 -31.98
C SER C 1406 -57.02 -90.69 -32.29
N GLY C 1407 -56.94 -91.02 -33.58
CA GLY C 1407 -56.37 -92.29 -33.97
C GLY C 1407 -55.00 -92.18 -34.62
N VAL C 1408 -54.53 -90.96 -34.81
CA VAL C 1408 -53.36 -90.73 -35.65
C VAL C 1408 -52.29 -89.89 -34.96
N HIS C 1409 -51.05 -90.10 -35.38
CA HIS C 1409 -49.91 -89.37 -34.85
C HIS C 1409 -49.15 -88.66 -35.97
N TYR C 1410 -49.15 -87.32 -35.92
CA TYR C 1410 -48.50 -86.53 -36.94
C TYR C 1410 -47.27 -85.83 -36.40
N HIS C 1411 -46.12 -86.12 -37.01
CA HIS C 1411 -44.88 -85.46 -36.63
C HIS C 1411 -44.21 -84.78 -37.82
N HIS C 1412 -43.80 -83.53 -37.64
CA HIS C 1412 -43.05 -82.80 -38.66
C HIS C 1412 -41.90 -82.10 -37.93
N PRO C 1413 -40.70 -82.08 -38.53
CA PRO C 1413 -39.59 -81.33 -37.94
C PRO C 1413 -39.76 -79.82 -37.98
N ASP C 1414 -40.52 -79.31 -38.95
CA ASP C 1414 -40.74 -77.88 -39.07
C ASP C 1414 -42.03 -77.45 -38.40
N GLY C 1415 -43.16 -77.79 -39.02
CA GLY C 1415 -44.45 -77.41 -38.48
C GLY C 1415 -45.63 -78.27 -38.90
N VAL C 1416 -46.63 -78.31 -38.04
CA VAL C 1416 -47.83 -79.10 -38.28
C VAL C 1416 -48.78 -78.30 -39.18
N LEU C 1417 -48.61 -76.99 -39.18
CA LEU C 1417 -49.46 -76.12 -39.97
C LEU C 1417 -49.18 -76.35 -41.43
N PHE C 1418 -47.99 -76.86 -41.70
CA PHE C 1418 -47.56 -77.18 -43.05
C PHE C 1418 -47.85 -78.66 -43.37
N LEU C 1419 -48.46 -79.37 -42.42
CA LEU C 1419 -48.94 -80.71 -42.68
C LEU C 1419 -50.36 -80.64 -43.25
N THR C 1420 -50.62 -81.44 -44.28
CA THR C 1420 -51.84 -81.31 -45.09
C THR C 1420 -53.16 -81.51 -44.35
N GLN C 1421 -53.18 -82.43 -43.39
CA GLN C 1421 -54.38 -82.69 -42.61
C GLN C 1421 -54.80 -81.44 -41.85
N PHE C 1422 -53.81 -80.60 -41.56
CA PHE C 1422 -54.00 -79.33 -40.87
C PHE C 1422 -54.09 -78.18 -41.88
N THR C 1423 -53.03 -78.07 -42.69
CA THR C 1423 -52.92 -77.03 -43.71
C THR C 1423 -54.19 -76.79 -44.51
N GLN C 1424 -54.81 -77.87 -44.97
CA GLN C 1424 -56.05 -77.76 -45.74
C GLN C 1424 -57.15 -77.18 -44.86
N VAL C 1425 -57.20 -77.62 -43.61
CA VAL C 1425 -58.19 -77.13 -42.66
C VAL C 1425 -57.99 -75.66 -42.37
N ALA C 1426 -56.73 -75.27 -42.15
CA ALA C 1426 -56.38 -73.88 -41.90
C ALA C 1426 -56.75 -73.00 -43.09
N MET C 1427 -56.33 -73.42 -44.28
CA MET C 1427 -56.59 -72.66 -45.50
C MET C 1427 -58.09 -72.49 -45.76
N ALA C 1428 -58.85 -73.55 -45.52
CA ALA C 1428 -60.29 -73.54 -45.77
C ALA C 1428 -61.01 -72.59 -44.81
N THR C 1429 -60.60 -72.58 -43.55
CA THR C 1429 -61.24 -71.76 -42.54
C THR C 1429 -60.87 -70.29 -42.71
N VAL C 1430 -59.61 -70.04 -43.06
CA VAL C 1430 -59.12 -68.68 -43.30
C VAL C 1430 -59.94 -67.98 -44.38
N ALA C 1431 -60.17 -68.69 -45.48
CA ALA C 1431 -60.92 -68.13 -46.61
C ALA C 1431 -62.41 -68.03 -46.32
N ALA C 1432 -62.97 -69.05 -45.67
CA ALA C 1432 -64.39 -69.08 -45.35
C ALA C 1432 -64.77 -67.95 -44.40
N ALA C 1433 -63.85 -67.59 -43.53
CA ALA C 1433 -64.07 -66.50 -42.58
C ALA C 1433 -63.96 -65.14 -43.25
N GLN C 1434 -63.05 -65.04 -44.22
CA GLN C 1434 -62.82 -63.79 -44.93
C GLN C 1434 -63.99 -63.44 -45.84
N VAL C 1435 -64.56 -64.45 -46.50
CA VAL C 1435 -65.71 -64.24 -47.38
C VAL C 1435 -66.94 -63.85 -46.57
N ALA C 1436 -67.10 -64.49 -45.42
CA ALA C 1436 -68.22 -64.21 -44.53
C ALA C 1436 -68.24 -62.74 -44.13
N GLU C 1437 -67.05 -62.17 -43.92
CA GLU C 1437 -66.93 -60.75 -43.59
C GLU C 1437 -67.28 -59.91 -44.81
N MET C 1438 -66.80 -60.34 -45.98
CA MET C 1438 -67.11 -59.66 -47.23
C MET C 1438 -68.61 -59.71 -47.51
N ARG C 1439 -69.25 -60.79 -47.09
CA ARG C 1439 -70.69 -60.96 -47.25
C ARG C 1439 -71.44 -60.08 -46.26
N GLU C 1440 -70.87 -59.89 -45.08
CA GLU C 1440 -71.47 -59.04 -44.06
C GLU C 1440 -71.48 -57.58 -44.48
N GLN C 1441 -70.46 -57.18 -45.24
CA GLN C 1441 -70.38 -55.82 -45.77
C GLN C 1441 -71.16 -55.72 -47.07
N GLY C 1442 -71.71 -56.85 -47.52
CA GLY C 1442 -72.51 -56.88 -48.72
C GLY C 1442 -71.71 -56.76 -50.00
N ALA C 1443 -70.38 -56.73 -49.88
CA ALA C 1443 -69.50 -56.54 -51.03
C ALA C 1443 -69.59 -57.69 -52.03
N PHE C 1444 -70.22 -58.78 -51.62
CA PHE C 1444 -70.39 -59.94 -52.50
C PHE C 1444 -71.50 -59.67 -53.51
N VAL C 1445 -71.18 -59.74 -54.79
CA VAL C 1445 -72.14 -59.50 -55.85
C VAL C 1445 -72.99 -60.73 -56.13
N GLU C 1446 -74.25 -60.50 -56.52
CA GLU C 1446 -75.22 -61.58 -56.69
C GLU C 1446 -74.91 -62.49 -57.88
N GLY C 1447 -74.14 -61.98 -58.85
CA GLY C 1447 -73.84 -62.74 -60.05
C GLY C 1447 -72.42 -63.27 -60.15
N ALA C 1448 -71.71 -63.30 -59.03
CA ALA C 1448 -70.30 -63.69 -59.02
C ALA C 1448 -70.05 -65.14 -59.42
N ILE C 1449 -69.16 -65.34 -60.38
CA ILE C 1449 -68.75 -66.66 -60.82
C ILE C 1449 -67.52 -67.12 -60.04
N ALA C 1450 -67.60 -68.29 -59.41
CA ALA C 1450 -66.55 -68.73 -58.48
C ALA C 1450 -65.86 -70.04 -58.87
N CYS C 1451 -64.60 -70.17 -58.49
CA CYS C 1451 -63.82 -71.36 -58.79
C CYS C 1451 -62.70 -71.53 -57.77
N GLY C 1452 -62.08 -72.70 -57.74
CA GLY C 1452 -61.00 -72.94 -56.80
C GLY C 1452 -59.96 -73.90 -57.33
N HIS C 1453 -58.76 -73.82 -56.76
CA HIS C 1453 -57.64 -74.64 -57.18
C HIS C 1453 -57.36 -75.72 -56.14
N SER C 1454 -57.60 -76.97 -56.52
CA SER C 1454 -57.47 -78.11 -55.62
C SER C 1454 -58.34 -77.97 -54.37
N VAL C 1455 -57.69 -77.96 -53.21
CA VAL C 1455 -58.38 -77.88 -51.92
C VAL C 1455 -59.20 -76.60 -51.79
N GLY C 1456 -58.85 -75.58 -52.57
CA GLY C 1456 -59.55 -74.31 -52.54
C GLY C 1456 -60.96 -74.39 -53.11
N GLU C 1457 -61.19 -75.41 -53.95
CA GLU C 1457 -62.50 -75.60 -54.57
C GLU C 1457 -63.57 -75.92 -53.54
N TYR C 1458 -63.20 -76.66 -52.50
CA TYR C 1458 -64.12 -76.99 -51.43
C TYR C 1458 -64.54 -75.73 -50.67
N THR C 1459 -63.60 -74.82 -50.49
CA THR C 1459 -63.89 -73.55 -49.84
C THR C 1459 -64.73 -72.67 -50.76
N ALA C 1460 -64.46 -72.76 -52.06
CA ALA C 1460 -65.21 -72.01 -53.06
C ALA C 1460 -66.71 -72.30 -52.96
N LEU C 1461 -67.04 -73.59 -52.99
CA LEU C 1461 -68.42 -74.03 -52.87
C LEU C 1461 -69.02 -73.67 -51.52
N ALA C 1462 -68.19 -73.73 -50.48
CA ALA C 1462 -68.62 -73.43 -49.12
C ALA C 1462 -69.04 -71.96 -48.99
N CYS C 1463 -68.18 -71.06 -49.46
CA CYS C 1463 -68.42 -69.64 -49.33
C CYS C 1463 -69.61 -69.14 -50.15
N VAL C 1464 -69.58 -69.41 -51.45
CA VAL C 1464 -70.60 -68.85 -52.35
C VAL C 1464 -71.94 -69.58 -52.31
N SER C 1465 -71.92 -70.91 -52.38
CA SER C 1465 -73.16 -71.68 -52.45
C SER C 1465 -73.62 -72.29 -51.13
N GLY C 1466 -72.80 -72.17 -50.09
CA GLY C 1466 -73.11 -72.75 -48.80
C GLY C 1466 -73.47 -74.24 -48.87
N VAL C 1467 -72.62 -75.01 -49.54
CA VAL C 1467 -72.93 -76.42 -49.80
C VAL C 1467 -72.68 -77.31 -48.57
N TYR C 1468 -72.07 -76.75 -47.53
CA TYR C 1468 -71.90 -77.48 -46.28
C TYR C 1468 -71.73 -76.56 -45.08
N GLU C 1469 -71.93 -77.14 -43.89
CA GLU C 1469 -71.72 -76.42 -42.64
C GLU C 1469 -70.25 -76.12 -42.45
N LEU C 1470 -69.95 -75.15 -41.60
CA LEU C 1470 -68.56 -74.79 -41.29
C LEU C 1470 -67.82 -75.98 -40.70
N GLU C 1471 -68.50 -76.75 -39.86
CA GLU C 1471 -67.92 -77.97 -39.28
C GLU C 1471 -67.89 -79.08 -40.33
N ALA C 1472 -68.86 -79.05 -41.24
CA ALA C 1472 -68.93 -80.04 -42.30
C ALA C 1472 -67.80 -79.86 -43.31
N LEU C 1473 -67.45 -78.61 -43.56
CA LEU C 1473 -66.35 -78.29 -44.49
C LEU C 1473 -65.02 -78.78 -43.94
N LEU C 1474 -64.80 -78.58 -42.64
CA LEU C 1474 -63.53 -78.96 -42.02
C LEU C 1474 -63.43 -80.45 -41.77
N GLU C 1475 -64.54 -81.16 -41.91
CA GLU C 1475 -64.53 -82.62 -41.82
C GLU C 1475 -63.94 -83.23 -43.08
N VAL C 1476 -64.63 -83.00 -44.20
CA VAL C 1476 -64.20 -83.46 -45.52
C VAL C 1476 -62.74 -83.07 -45.78
N VAL C 1477 -62.43 -81.80 -45.57
CA VAL C 1477 -61.10 -81.26 -45.83
C VAL C 1477 -60.02 -81.92 -44.96
N PHE C 1478 -60.32 -82.17 -43.69
CA PHE C 1478 -59.39 -82.84 -42.80
C PHE C 1478 -59.15 -84.27 -43.23
N HIS C 1479 -60.25 -84.99 -43.51
CA HIS C 1479 -60.16 -86.37 -43.93
C HIS C 1479 -59.50 -86.50 -45.30
N ARG C 1480 -59.73 -85.51 -46.16
CA ARG C 1480 -59.10 -85.47 -47.47
C ARG C 1480 -57.59 -85.32 -47.33
N GLY C 1481 -57.18 -84.60 -46.28
CA GLY C 1481 -55.76 -84.47 -45.97
C GLY C 1481 -55.19 -85.79 -45.50
N SER C 1482 -55.87 -86.41 -44.54
CA SER C 1482 -55.45 -87.71 -44.01
C SER C 1482 -55.49 -88.79 -45.09
N LYS C 1483 -56.35 -88.59 -46.09
CA LYS C 1483 -56.47 -89.52 -47.20
C LYS C 1483 -55.28 -89.37 -48.16
N MET C 1484 -54.73 -88.16 -48.25
CA MET C 1484 -53.63 -87.89 -49.16
C MET C 1484 -52.30 -88.44 -48.68
N HIS C 1485 -52.20 -88.75 -47.39
CA HIS C 1485 -50.96 -89.25 -46.81
C HIS C 1485 -50.71 -90.74 -47.02
N ASP C 1486 -51.78 -91.54 -46.99
CA ASP C 1486 -51.66 -92.99 -47.02
C ASP C 1486 -51.80 -93.62 -48.41
N ILE C 1487 -51.93 -92.79 -49.45
CA ILE C 1487 -52.24 -93.28 -50.79
C ILE C 1487 -51.09 -93.93 -51.55
N VAL C 1488 -49.86 -93.49 -51.32
CA VAL C 1488 -48.75 -93.90 -52.17
C VAL C 1488 -47.66 -94.66 -51.40
N PRO C 1489 -47.05 -95.68 -52.04
CA PRO C 1489 -46.00 -96.51 -51.43
C PRO C 1489 -44.78 -95.71 -51.00
N ARG C 1490 -44.16 -96.14 -49.91
CA ARG C 1490 -42.99 -95.46 -49.36
C ARG C 1490 -41.88 -96.45 -49.01
N ASP C 1491 -40.69 -95.92 -48.75
CA ASP C 1491 -39.57 -96.73 -48.27
C ASP C 1491 -39.54 -96.76 -46.75
N GLU C 1492 -38.46 -97.29 -46.18
CA GLU C 1492 -38.27 -97.27 -44.75
C GLU C 1492 -38.05 -95.84 -44.27
N LEU C 1493 -37.43 -95.03 -45.12
CA LEU C 1493 -37.14 -93.64 -44.81
C LEU C 1493 -38.29 -92.74 -45.23
N GLY C 1494 -39.32 -93.33 -45.82
CA GLY C 1494 -40.45 -92.58 -46.31
C GLY C 1494 -40.16 -92.01 -47.68
N ARG C 1495 -39.20 -92.61 -48.37
CA ARG C 1495 -38.81 -92.17 -49.70
C ARG C 1495 -39.89 -92.49 -50.72
N SER C 1496 -39.85 -91.78 -51.85
CA SER C 1496 -40.76 -92.05 -52.95
C SER C 1496 -40.00 -92.25 -54.25
N ASN C 1497 -40.50 -93.13 -55.09
CA ASN C 1497 -39.93 -93.34 -56.41
C ASN C 1497 -40.42 -92.28 -57.37
N TYR C 1498 -41.34 -91.44 -56.90
CA TYR C 1498 -41.94 -90.40 -57.72
C TYR C 1498 -41.75 -89.01 -57.12
N ARG C 1499 -42.18 -88.00 -57.88
CA ARG C 1499 -42.13 -86.60 -57.44
C ARG C 1499 -42.92 -85.71 -58.39
N LEU C 1500 -42.93 -84.41 -58.13
CA LEU C 1500 -43.62 -83.44 -58.96
C LEU C 1500 -42.66 -82.36 -59.45
N ALA C 1501 -42.95 -81.77 -60.61
CA ALA C 1501 -42.08 -80.73 -61.16
C ALA C 1501 -42.82 -79.65 -61.92
N ALA C 1502 -42.41 -78.39 -61.71
CA ALA C 1502 -43.10 -77.26 -62.30
C ALA C 1502 -42.41 -76.78 -63.58
N ILE C 1503 -43.15 -76.77 -64.69
CA ILE C 1503 -42.61 -76.42 -66.01
C ILE C 1503 -42.99 -75.00 -66.42
N ARG C 1504 -42.03 -74.27 -66.99
CA ARG C 1504 -42.34 -73.05 -67.73
C ARG C 1504 -41.92 -73.20 -69.19
N PRO C 1505 -42.90 -73.40 -70.08
CA PRO C 1505 -42.63 -73.62 -71.51
C PRO C 1505 -42.03 -72.41 -72.21
N SER C 1506 -42.09 -71.26 -71.55
CA SER C 1506 -41.61 -70.00 -72.12
C SER C 1506 -40.08 -69.89 -72.13
N GLN C 1507 -39.60 -68.69 -72.47
CA GLN C 1507 -38.17 -68.36 -72.61
C GLN C 1507 -37.56 -68.93 -73.89
N ILE C 1508 -38.25 -69.88 -74.50
CA ILE C 1508 -37.82 -70.48 -75.76
C ILE C 1508 -39.06 -70.64 -76.62
N ASP C 1509 -38.90 -71.02 -77.88
CA ASP C 1509 -40.09 -71.22 -78.69
C ASP C 1509 -40.51 -72.67 -78.47
N LEU C 1510 -41.60 -72.81 -77.72
CA LEU C 1510 -42.15 -74.09 -77.33
C LEU C 1510 -43.60 -73.81 -77.05
N ASP C 1511 -44.47 -74.78 -77.32
CA ASP C 1511 -45.90 -74.55 -77.08
C ASP C 1511 -46.44 -75.59 -76.12
N ASP C 1512 -47.73 -75.47 -75.79
CA ASP C 1512 -48.39 -76.43 -74.92
C ASP C 1512 -48.45 -77.79 -75.61
N ALA C 1513 -48.64 -77.75 -76.92
CA ALA C 1513 -48.66 -78.97 -77.72
C ALA C 1513 -47.26 -79.55 -77.84
N ASP C 1514 -46.26 -78.68 -77.78
CA ASP C 1514 -44.87 -79.11 -77.84
C ASP C 1514 -44.44 -79.76 -76.53
N VAL C 1515 -44.91 -79.19 -75.41
CA VAL C 1515 -44.64 -79.76 -74.10
C VAL C 1515 -45.33 -81.11 -73.98
N LYS C 1516 -46.62 -81.14 -74.33
CA LYS C 1516 -47.40 -82.37 -74.30
C LYS C 1516 -46.75 -83.47 -75.14
N ASP C 1517 -46.30 -83.09 -76.34
CA ASP C 1517 -45.59 -84.00 -77.24
C ASP C 1517 -44.35 -84.60 -76.58
N PHE C 1518 -43.39 -83.73 -76.24
CA PHE C 1518 -42.13 -84.15 -75.63
C PHE C 1518 -42.33 -85.03 -74.39
N VAL C 1519 -43.32 -84.70 -73.56
CA VAL C 1519 -43.62 -85.50 -72.38
C VAL C 1519 -44.19 -86.86 -72.77
N ALA C 1520 -45.08 -86.88 -73.75
CA ALA C 1520 -45.72 -88.11 -74.19
C ALA C 1520 -44.70 -89.06 -74.81
N GLU C 1521 -43.71 -88.50 -75.50
CA GLU C 1521 -42.67 -89.30 -76.14
C GLU C 1521 -41.76 -89.97 -75.11
N ILE C 1522 -41.21 -89.18 -74.21
CA ILE C 1522 -40.30 -89.68 -73.18
C ILE C 1522 -41.04 -90.59 -72.20
N SER C 1523 -42.36 -90.47 -72.16
CA SER C 1523 -43.18 -91.36 -71.34
C SER C 1523 -43.24 -92.75 -71.99
N GLU C 1524 -43.44 -92.78 -73.30
CA GLU C 1524 -43.49 -94.03 -74.04
C GLU C 1524 -42.09 -94.61 -74.25
N ARG C 1525 -41.14 -93.74 -74.55
CA ARG C 1525 -39.77 -94.15 -74.85
C ARG C 1525 -39.12 -94.93 -73.71
N THR C 1526 -38.88 -94.26 -72.59
CA THR C 1526 -38.22 -94.87 -71.45
C THR C 1526 -39.06 -95.97 -70.80
N GLY C 1527 -40.36 -95.95 -71.07
CA GLY C 1527 -41.27 -96.91 -70.48
C GLY C 1527 -41.60 -96.54 -69.05
N GLU C 1528 -41.09 -95.39 -68.62
CA GLU C 1528 -41.35 -94.89 -67.28
C GLU C 1528 -42.68 -94.15 -67.25
N PHE C 1529 -42.98 -93.56 -66.11
CA PHE C 1529 -44.24 -92.85 -65.93
C PHE C 1529 -44.02 -91.34 -65.86
N LEU C 1530 -44.56 -90.63 -66.84
CA LEU C 1530 -44.52 -89.17 -66.86
C LEU C 1530 -45.88 -88.62 -67.24
N GLU C 1531 -46.46 -87.80 -66.36
CA GLU C 1531 -47.80 -87.28 -66.55
C GLU C 1531 -47.81 -85.78 -66.37
N ILE C 1532 -48.55 -85.05 -67.20
CA ILE C 1532 -48.73 -83.64 -66.90
C ILE C 1532 -49.84 -83.56 -65.85
N VAL C 1533 -49.49 -83.12 -64.64
CA VAL C 1533 -50.44 -83.12 -63.54
C VAL C 1533 -51.34 -81.90 -63.51
N ASN C 1534 -50.76 -80.73 -63.71
CA ASN C 1534 -51.52 -79.49 -63.64
C ASN C 1534 -51.32 -78.63 -64.88
N PHE C 1535 -52.45 -78.21 -65.45
CA PHE C 1535 -52.44 -77.20 -66.48
C PHE C 1535 -52.86 -75.94 -65.76
N ASN C 1536 -51.92 -75.03 -65.57
CA ASN C 1536 -52.16 -73.86 -64.76
C ASN C 1536 -52.22 -72.59 -65.60
N LEU C 1537 -51.10 -72.24 -66.22
CA LEU C 1537 -51.07 -71.08 -67.10
C LEU C 1537 -50.75 -71.51 -68.53
N ARG C 1538 -51.30 -70.77 -69.48
CA ARG C 1538 -51.22 -71.11 -70.89
C ARG C 1538 -49.79 -71.43 -71.34
N GLY C 1539 -48.93 -70.42 -71.35
CA GLY C 1539 -47.54 -70.58 -71.73
C GLY C 1539 -46.58 -70.42 -70.56
N SER C 1540 -47.12 -70.51 -69.35
CA SER C 1540 -46.32 -70.22 -68.17
C SER C 1540 -46.16 -71.37 -67.18
N GLN C 1541 -47.26 -71.84 -66.60
CA GLN C 1541 -47.15 -72.86 -65.56
C GLN C 1541 -47.77 -74.22 -65.87
N TYR C 1542 -46.97 -75.25 -65.65
CA TYR C 1542 -47.40 -76.64 -65.81
C TYR C 1542 -46.74 -77.49 -64.74
N ALA C 1543 -47.47 -78.46 -64.20
CA ALA C 1543 -46.92 -79.34 -63.19
C ALA C 1543 -46.93 -80.80 -63.69
N ILE C 1544 -45.86 -81.54 -63.39
CA ILE C 1544 -45.66 -82.90 -63.91
C ILE C 1544 -45.19 -83.89 -62.83
N ALA C 1545 -45.95 -84.98 -62.65
CA ALA C 1545 -45.55 -86.03 -61.71
C ALA C 1545 -45.39 -87.37 -62.39
N GLY C 1546 -44.57 -88.21 -61.77
CA GLY C 1546 -44.29 -89.55 -62.24
C GLY C 1546 -42.96 -90.01 -61.68
N THR C 1547 -42.36 -91.00 -62.31
CA THR C 1547 -41.07 -91.51 -61.86
C THR C 1547 -40.03 -90.40 -61.82
N VAL C 1548 -39.24 -90.37 -60.75
CA VAL C 1548 -38.16 -89.39 -60.60
C VAL C 1548 -37.22 -89.35 -61.81
N ALA C 1549 -36.92 -90.51 -62.37
CA ALA C 1549 -36.05 -90.60 -63.55
C ALA C 1549 -36.75 -89.94 -64.74
N GLY C 1550 -38.07 -90.10 -64.80
CA GLY C 1550 -38.87 -89.46 -65.82
C GLY C 1550 -38.86 -87.95 -65.65
N LEU C 1551 -38.93 -87.49 -64.40
CA LEU C 1551 -38.83 -86.07 -64.11
C LEU C 1551 -37.45 -85.53 -64.47
N GLU C 1552 -36.44 -86.36 -64.25
CA GLU C 1552 -35.07 -86.00 -64.59
C GLU C 1552 -34.87 -86.00 -66.11
N ALA C 1553 -35.42 -87.01 -66.78
CA ALA C 1553 -35.25 -87.13 -68.23
C ALA C 1553 -35.99 -86.01 -68.92
N LEU C 1554 -37.09 -85.57 -68.32
CA LEU C 1554 -37.86 -84.48 -68.90
C LEU C 1554 -37.13 -83.18 -68.67
N GLU C 1555 -36.54 -83.02 -67.48
CA GLU C 1555 -35.70 -81.85 -67.20
C GLU C 1555 -34.59 -81.77 -68.24
N GLU C 1556 -33.96 -82.90 -68.50
CA GLU C 1556 -32.86 -83.02 -69.44
C GLU C 1556 -33.24 -82.60 -70.86
N GLU C 1557 -34.44 -82.98 -71.28
CA GLU C 1557 -34.88 -82.71 -72.65
C GLU C 1557 -34.94 -81.23 -72.99
N ILE C 1558 -35.60 -80.44 -72.14
CA ILE C 1558 -35.75 -79.01 -72.40
C ILE C 1558 -34.41 -78.29 -72.29
N GLU C 1559 -33.49 -78.84 -71.51
CA GLU C 1559 -32.16 -78.26 -71.37
C GLU C 1559 -31.41 -78.44 -72.68
N ARG C 1560 -31.70 -79.55 -73.36
CA ARG C 1560 -31.13 -79.82 -74.67
C ARG C 1560 -31.88 -79.05 -75.75
N ARG C 1561 -33.21 -79.03 -75.65
CA ARG C 1561 -34.05 -78.35 -76.64
C ARG C 1561 -33.82 -76.84 -76.62
N ARG C 1562 -33.86 -76.25 -75.43
CA ARG C 1562 -33.54 -74.83 -75.30
C ARG C 1562 -32.05 -74.62 -75.55
N GLN C 1563 -31.75 -73.73 -76.48
CA GLN C 1563 -30.38 -73.51 -76.93
C GLN C 1563 -29.57 -72.71 -75.93
N ILE C 1564 -30.25 -71.92 -75.10
CA ILE C 1564 -29.57 -70.98 -74.20
C ILE C 1564 -29.38 -71.50 -72.77
N THR C 1565 -29.78 -72.73 -72.49
CA THR C 1565 -29.78 -73.17 -71.09
C THR C 1565 -28.37 -73.56 -70.67
N GLY C 1566 -27.82 -72.81 -69.71
CA GLY C 1566 -26.70 -73.30 -68.92
C GLY C 1566 -27.09 -73.63 -67.48
N GLY C 1567 -28.25 -73.14 -67.06
CA GLY C 1567 -28.67 -73.22 -65.66
C GLY C 1567 -29.84 -74.14 -65.34
N LYS C 1568 -30.20 -75.01 -66.27
CA LYS C 1568 -31.42 -75.81 -66.18
C LYS C 1568 -32.63 -74.91 -65.98
N ARG C 1569 -32.90 -74.07 -66.97
CA ARG C 1569 -33.99 -73.12 -66.91
C ARG C 1569 -35.34 -73.79 -67.06
N SER C 1570 -36.39 -73.08 -66.64
CA SER C 1570 -37.78 -73.45 -66.95
C SER C 1570 -38.30 -74.67 -66.19
N PHE C 1571 -37.43 -75.33 -65.44
CA PHE C 1571 -37.83 -76.50 -64.65
C PHE C 1571 -37.58 -76.36 -63.15
N ILE C 1572 -38.67 -76.38 -62.38
CA ILE C 1572 -38.60 -76.33 -60.93
C ILE C 1572 -39.17 -77.61 -60.34
N LEU C 1573 -38.34 -78.33 -59.59
CA LEU C 1573 -38.80 -79.51 -58.89
C LEU C 1573 -39.49 -79.13 -57.60
N VAL C 1574 -40.59 -79.83 -57.31
CA VAL C 1574 -41.40 -79.55 -56.13
C VAL C 1574 -40.90 -80.28 -54.88
N PRO C 1575 -40.52 -79.52 -53.85
CA PRO C 1575 -40.21 -80.12 -52.55
C PRO C 1575 -41.47 -80.62 -51.84
N GLY C 1576 -41.35 -81.76 -51.18
CA GLY C 1576 -42.39 -82.23 -50.27
C GLY C 1576 -43.45 -83.14 -50.84
N ILE C 1577 -43.65 -83.08 -52.15
CA ILE C 1577 -44.68 -83.93 -52.78
C ILE C 1577 -44.08 -85.23 -53.28
N ASP C 1578 -44.42 -86.31 -52.58
CA ASP C 1578 -43.93 -87.65 -52.90
C ASP C 1578 -44.94 -88.48 -53.69
N VAL C 1579 -46.13 -87.91 -53.91
CA VAL C 1579 -47.22 -88.64 -54.54
C VAL C 1579 -47.46 -88.17 -55.97
N PRO C 1580 -47.46 -89.09 -56.94
CA PRO C 1580 -47.84 -88.76 -58.31
C PRO C 1580 -49.36 -88.67 -58.44
N PHE C 1581 -50.00 -87.88 -57.59
CA PHE C 1581 -51.44 -87.68 -57.63
C PHE C 1581 -51.83 -86.78 -58.80
N HIS C 1582 -53.11 -86.82 -59.17
CA HIS C 1582 -53.63 -86.18 -60.38
C HIS C 1582 -53.02 -86.83 -61.61
N SER C 1583 -52.73 -88.12 -61.49
CA SER C 1583 -52.25 -88.93 -62.59
C SER C 1583 -53.15 -90.17 -62.67
N SER C 1584 -52.76 -91.14 -63.48
CA SER C 1584 -53.59 -92.33 -63.67
C SER C 1584 -53.41 -93.35 -62.55
N VAL C 1585 -52.54 -93.04 -61.58
CA VAL C 1585 -52.23 -93.97 -60.50
C VAL C 1585 -53.17 -93.88 -59.29
N LEU C 1586 -53.94 -92.81 -59.19
CA LEU C 1586 -54.69 -92.52 -57.96
C LEU C 1586 -56.17 -92.95 -57.95
N ARG C 1587 -56.65 -93.49 -59.07
CA ARG C 1587 -58.10 -93.70 -59.24
C ARG C 1587 -58.75 -94.73 -58.30
N VAL C 1588 -57.95 -95.43 -57.52
CA VAL C 1588 -58.47 -96.50 -56.65
C VAL C 1588 -59.27 -96.00 -55.45
N GLY C 1589 -58.73 -95.01 -54.74
CA GLY C 1589 -59.29 -94.57 -53.47
C GLY C 1589 -60.42 -93.57 -53.54
N VAL C 1590 -61.08 -93.48 -54.69
CA VAL C 1590 -62.17 -92.53 -54.87
C VAL C 1590 -63.49 -92.98 -54.22
N ALA C 1591 -63.83 -94.25 -54.42
CA ALA C 1591 -65.11 -94.80 -53.96
C ALA C 1591 -65.35 -94.60 -52.46
N ASP C 1592 -64.29 -94.67 -51.67
CA ASP C 1592 -64.39 -94.47 -50.24
C ASP C 1592 -64.59 -92.99 -49.92
N PHE C 1593 -63.95 -92.13 -50.69
CA PHE C 1593 -64.09 -90.69 -50.51
C PHE C 1593 -65.38 -90.19 -51.13
N ARG C 1594 -65.86 -90.90 -52.15
CA ARG C 1594 -67.11 -90.55 -52.81
C ARG C 1594 -68.29 -90.78 -51.88
N ARG C 1595 -68.18 -91.80 -51.03
CA ARG C 1595 -69.20 -92.08 -50.03
C ARG C 1595 -69.09 -91.09 -48.87
N SER C 1596 -67.85 -90.77 -48.50
CA SER C 1596 -67.58 -89.83 -47.41
C SER C 1596 -68.18 -88.47 -47.72
N LEU C 1597 -68.12 -88.07 -48.99
CA LEU C 1597 -68.69 -86.80 -49.42
C LEU C 1597 -70.21 -86.79 -49.28
N GLU C 1598 -70.85 -87.84 -49.75
CA GLU C 1598 -72.31 -87.93 -49.70
C GLU C 1598 -72.84 -87.93 -48.27
N ARG C 1599 -71.99 -88.31 -47.32
CA ARG C 1599 -72.37 -88.29 -45.92
C ARG C 1599 -72.32 -86.87 -45.35
N VAL C 1600 -71.27 -86.13 -45.69
CA VAL C 1600 -71.08 -84.77 -45.19
C VAL C 1600 -71.75 -83.73 -46.09
N MET C 1601 -72.15 -84.14 -47.29
CA MET C 1601 -72.81 -83.24 -48.23
C MET C 1601 -74.21 -83.75 -48.59
N PRO C 1602 -75.22 -83.33 -47.80
CA PRO C 1602 -76.61 -83.76 -47.97
C PRO C 1602 -77.27 -83.19 -49.22
N ARG C 1603 -78.57 -83.47 -49.37
CA ARG C 1603 -79.28 -83.14 -50.60
C ARG C 1603 -80.05 -81.82 -50.57
N ASP C 1604 -80.00 -81.09 -49.47
CA ASP C 1604 -80.67 -79.80 -49.42
C ASP C 1604 -79.63 -78.71 -49.61
N LYS C 1605 -79.59 -78.14 -50.82
CA LYS C 1605 -78.54 -77.23 -51.25
C LYS C 1605 -79.10 -76.32 -52.33
N ASP C 1606 -78.39 -75.24 -52.64
CA ASP C 1606 -78.83 -74.31 -53.68
C ASP C 1606 -78.23 -74.64 -55.05
N PRO C 1607 -79.07 -75.08 -55.99
CA PRO C 1607 -78.65 -75.43 -57.35
C PRO C 1607 -78.12 -74.22 -58.13
N GLU C 1608 -78.81 -73.09 -58.02
CA GLU C 1608 -78.48 -71.91 -58.84
C GLU C 1608 -77.15 -71.28 -58.47
N LEU C 1609 -76.88 -71.16 -57.18
CA LEU C 1609 -75.63 -70.56 -56.70
C LEU C 1609 -74.41 -71.28 -57.29
N ILE C 1610 -74.54 -72.58 -57.50
CA ILE C 1610 -73.48 -73.36 -58.14
C ILE C 1610 -73.51 -73.25 -59.67
N ILE C 1611 -74.70 -73.32 -60.27
CA ILE C 1611 -74.79 -73.46 -61.73
C ILE C 1611 -74.35 -72.20 -62.46
N GLY C 1612 -73.34 -72.37 -63.30
CA GLY C 1612 -72.82 -71.30 -64.15
C GLY C 1612 -71.78 -70.48 -63.41
N ARG C 1613 -71.90 -70.47 -62.09
CA ARG C 1613 -70.93 -69.79 -61.22
C ARG C 1613 -69.71 -70.64 -60.91
N TYR C 1614 -69.89 -71.95 -60.85
CA TYR C 1614 -68.85 -72.86 -60.38
C TYR C 1614 -68.13 -73.62 -61.50
N ILE C 1615 -66.81 -73.55 -61.49
CA ILE C 1615 -65.98 -74.26 -62.46
C ILE C 1615 -65.20 -75.37 -61.77
N PRO C 1616 -65.60 -76.63 -61.98
CA PRO C 1616 -64.84 -77.74 -61.39
C PRO C 1616 -63.42 -77.83 -61.93
N ASN C 1617 -62.66 -78.78 -61.38
CA ASN C 1617 -61.29 -79.02 -61.81
C ASN C 1617 -61.28 -80.10 -62.88
N LEU C 1618 -61.77 -81.27 -62.53
CA LEU C 1618 -61.99 -82.37 -63.45
C LEU C 1618 -62.77 -81.91 -64.69
N VAL C 1619 -63.65 -80.94 -64.49
CA VAL C 1619 -64.45 -80.39 -65.58
C VAL C 1619 -64.24 -78.87 -65.73
N PRO C 1620 -63.34 -78.48 -66.63
CA PRO C 1620 -62.87 -77.12 -66.90
C PRO C 1620 -63.99 -76.15 -67.27
N ARG C 1621 -65.18 -76.66 -67.55
CA ARG C 1621 -66.26 -75.84 -68.07
C ARG C 1621 -67.34 -75.66 -67.01
N PRO C 1622 -68.10 -74.54 -67.08
CA PRO C 1622 -68.90 -74.13 -65.92
C PRO C 1622 -69.99 -75.13 -65.58
N PHE C 1623 -70.32 -75.22 -64.30
CA PHE C 1623 -71.34 -76.15 -63.84
C PHE C 1623 -72.70 -75.79 -64.40
N THR C 1624 -73.33 -76.74 -65.06
CA THR C 1624 -74.73 -76.66 -65.44
C THR C 1624 -75.26 -78.08 -65.48
N LEU C 1625 -76.50 -78.29 -65.05
CA LEU C 1625 -77.06 -79.63 -65.07
C LEU C 1625 -77.78 -79.84 -66.40
N ASP C 1626 -77.18 -80.66 -67.25
CA ASP C 1626 -77.69 -80.92 -68.58
C ASP C 1626 -77.20 -82.29 -69.04
N ARG C 1627 -77.89 -82.87 -70.02
CA ARG C 1627 -77.48 -84.15 -70.57
C ARG C 1627 -76.11 -84.04 -71.22
N ASP C 1628 -75.80 -82.85 -71.74
CA ASP C 1628 -74.51 -82.59 -72.36
C ASP C 1628 -73.39 -82.59 -71.33
N PHE C 1629 -73.62 -81.90 -70.23
CA PHE C 1629 -72.60 -81.74 -69.19
C PHE C 1629 -72.28 -83.05 -68.48
N ILE C 1630 -73.32 -83.77 -68.07
CA ILE C 1630 -73.16 -85.03 -67.36
C ILE C 1630 -72.38 -86.04 -68.22
N GLN C 1631 -72.53 -85.94 -69.53
CA GLN C 1631 -71.81 -86.83 -70.44
C GLN C 1631 -70.32 -86.49 -70.46
N GLU C 1632 -70.00 -85.20 -70.44
CA GLU C 1632 -68.61 -84.75 -70.43
C GLU C 1632 -67.89 -85.28 -69.20
N ILE C 1633 -68.60 -85.34 -68.07
CA ILE C 1633 -68.05 -85.89 -66.85
C ILE C 1633 -67.72 -87.37 -67.04
N ARG C 1634 -68.72 -88.14 -67.45
CA ARG C 1634 -68.57 -89.58 -67.69
C ARG C 1634 -67.40 -89.90 -68.61
N ASP C 1635 -67.22 -89.10 -69.65
CA ASP C 1635 -66.13 -89.29 -70.60
C ASP C 1635 -64.78 -89.13 -69.91
N LEU C 1636 -64.64 -88.07 -69.14
CA LEU C 1636 -63.41 -87.82 -68.39
C LEU C 1636 -63.29 -88.81 -67.23
N VAL C 1637 -64.40 -89.02 -66.54
CA VAL C 1637 -64.44 -89.97 -65.42
C VAL C 1637 -65.59 -90.97 -65.51
N PRO C 1638 -65.30 -92.18 -66.03
CA PRO C 1638 -66.31 -93.24 -66.08
C PRO C 1638 -66.84 -93.56 -64.68
N ALA C 1639 -68.16 -93.53 -64.51
CA ALA C 1639 -68.76 -93.72 -63.19
C ALA C 1639 -70.15 -94.35 -63.26
N GLU C 1640 -70.47 -95.14 -62.24
CA GLU C 1640 -71.77 -95.82 -62.14
C GLU C 1640 -72.99 -94.92 -61.90
N PRO C 1641 -72.90 -93.97 -60.94
CA PRO C 1641 -74.07 -93.12 -60.76
C PRO C 1641 -74.34 -92.22 -61.97
N LEU C 1642 -73.28 -91.89 -62.70
CA LEU C 1642 -73.40 -90.99 -63.85
C LEU C 1642 -73.89 -91.68 -65.13
N ASP C 1643 -73.39 -92.86 -65.41
CA ASP C 1643 -73.68 -93.53 -66.68
C ASP C 1643 -75.14 -93.92 -66.83
N GLU C 1644 -75.79 -94.17 -65.70
CA GLU C 1644 -77.22 -94.51 -65.71
C GLU C 1644 -78.07 -93.27 -66.02
N VAL C 1645 -77.76 -92.17 -65.36
CA VAL C 1645 -78.48 -90.91 -65.57
C VAL C 1645 -78.41 -90.49 -67.04
N LEU C 1646 -77.25 -90.73 -67.65
CA LEU C 1646 -77.07 -90.47 -69.07
C LEU C 1646 -77.89 -91.43 -69.93
N ALA C 1647 -78.00 -92.67 -69.47
CA ALA C 1647 -78.76 -93.70 -70.19
C ALA C 1647 -80.23 -93.30 -70.32
N ASP C 1648 -80.86 -93.01 -69.19
CA ASP C 1648 -82.22 -92.47 -69.22
C ASP C 1648 -82.30 -91.02 -68.71
N TYR C 1649 -82.48 -90.09 -69.64
CA TYR C 1649 -82.68 -88.68 -69.30
C TYR C 1649 -84.17 -88.37 -69.27
N ASP C 1650 -84.97 -89.42 -69.42
CA ASP C 1650 -86.43 -89.33 -69.52
C ASP C 1650 -87.09 -89.33 -68.14
N THR C 1651 -86.25 -89.20 -67.13
CA THR C 1651 -86.64 -89.12 -65.71
C THR C 1651 -87.13 -87.71 -65.38
N TRP C 1652 -87.44 -86.96 -66.44
CA TRP C 1652 -87.70 -85.52 -66.45
C TRP C 1652 -88.57 -84.96 -65.33
N ARG C 1653 -89.37 -85.81 -64.68
CA ARG C 1653 -90.26 -85.39 -63.60
C ARG C 1653 -89.54 -84.51 -62.56
N ASN C 1654 -90.22 -83.48 -62.10
CA ASN C 1654 -89.60 -82.37 -61.37
C ASN C 1654 -88.96 -82.67 -60.02
N GLU C 1655 -89.11 -83.90 -59.52
CA GLU C 1655 -88.47 -84.27 -58.27
C GLU C 1655 -86.96 -84.43 -58.45
N LYS C 1656 -86.55 -84.71 -59.67
CA LYS C 1656 -85.14 -85.00 -60.00
C LYS C 1656 -84.07 -83.89 -59.93
N PRO C 1657 -84.33 -82.70 -60.52
CA PRO C 1657 -83.25 -81.74 -60.80
C PRO C 1657 -82.30 -81.43 -59.64
N LYS C 1658 -82.82 -81.17 -58.45
CA LYS C 1658 -81.98 -80.89 -57.30
C LYS C 1658 -81.19 -82.14 -56.93
N GLU C 1659 -81.87 -83.27 -56.96
CA GLU C 1659 -81.26 -84.57 -56.65
C GLU C 1659 -80.17 -84.90 -57.68
N LEU C 1660 -80.35 -84.43 -58.91
CA LEU C 1660 -79.34 -84.63 -59.95
C LEU C 1660 -78.12 -83.76 -59.70
N CYS C 1661 -78.36 -82.48 -59.43
CA CYS C 1661 -77.28 -81.55 -59.15
C CYS C 1661 -76.46 -81.98 -57.94
N ARG C 1662 -77.15 -82.56 -56.95
CA ARG C 1662 -76.51 -82.94 -55.70
C ARG C 1662 -75.49 -84.08 -55.90
N LYS C 1663 -75.79 -85.00 -56.80
CA LYS C 1663 -74.87 -86.09 -57.10
C LYS C 1663 -73.77 -85.68 -58.07
N VAL C 1664 -74.12 -84.84 -59.04
CA VAL C 1664 -73.16 -84.33 -60.00
C VAL C 1664 -72.08 -83.50 -59.30
N VAL C 1665 -72.50 -82.67 -58.35
CA VAL C 1665 -71.58 -81.87 -57.55
C VAL C 1665 -70.59 -82.76 -56.79
N ILE C 1666 -71.11 -83.82 -56.18
CA ILE C 1666 -70.29 -84.75 -55.40
C ILE C 1666 -69.35 -85.56 -56.30
N GLU C 1667 -69.85 -85.95 -57.47
CA GLU C 1667 -69.04 -86.68 -58.44
C GLU C 1667 -67.81 -85.88 -58.88
N LEU C 1668 -68.02 -84.57 -59.05
CA LEU C 1668 -66.94 -83.68 -59.46
C LEU C 1668 -65.89 -83.53 -58.37
N LEU C 1669 -66.33 -83.47 -57.12
CA LEU C 1669 -65.44 -83.29 -55.98
C LEU C 1669 -64.70 -84.57 -55.62
N ALA C 1670 -65.38 -85.71 -55.75
CA ALA C 1670 -64.80 -87.00 -55.40
C ALA C 1670 -63.71 -87.40 -56.39
N TRP C 1671 -63.96 -87.17 -57.67
CA TRP C 1671 -63.01 -87.54 -58.71
C TRP C 1671 -62.06 -86.40 -59.06
N GLN C 1672 -62.20 -85.29 -58.34
CA GLN C 1672 -61.25 -84.19 -58.45
C GLN C 1672 -59.91 -84.68 -57.93
N PHE C 1673 -59.97 -85.66 -57.03
CA PHE C 1673 -58.81 -86.35 -56.52
C PHE C 1673 -57.97 -86.92 -57.66
N ALA C 1674 -58.64 -87.54 -58.63
CA ALA C 1674 -57.97 -88.23 -59.72
C ALA C 1674 -57.60 -87.32 -60.88
N SER C 1675 -58.60 -86.71 -61.52
CA SER C 1675 -58.38 -85.89 -62.70
C SER C 1675 -57.50 -84.66 -62.42
N PRO C 1676 -56.61 -84.34 -63.38
CA PRO C 1676 -55.78 -83.14 -63.34
C PRO C 1676 -56.60 -81.87 -63.18
N VAL C 1677 -56.10 -80.94 -62.38
CA VAL C 1677 -56.74 -79.64 -62.26
C VAL C 1677 -56.39 -78.81 -63.49
N ARG C 1678 -57.39 -78.32 -64.21
CA ARG C 1678 -57.11 -77.44 -65.33
C ARG C 1678 -57.39 -76.00 -64.91
N TRP C 1679 -56.32 -75.26 -64.63
CA TRP C 1679 -56.42 -73.83 -64.37
C TRP C 1679 -56.38 -72.97 -65.63
N ILE C 1680 -55.61 -73.42 -66.63
CA ILE C 1680 -55.56 -72.76 -67.92
C ILE C 1680 -56.96 -72.58 -68.47
N GLU C 1681 -57.64 -73.71 -68.61
CA GLU C 1681 -58.96 -73.76 -69.21
C GLU C 1681 -59.94 -72.98 -68.34
N THR C 1682 -59.77 -73.06 -67.03
CA THR C 1682 -60.58 -72.31 -66.08
C THR C 1682 -60.49 -70.82 -66.36
N GLN C 1683 -59.27 -70.33 -66.53
CA GLN C 1683 -59.05 -68.94 -66.88
C GLN C 1683 -59.61 -68.64 -68.27
N ASP C 1684 -59.20 -69.44 -69.25
CA ASP C 1684 -59.64 -69.23 -70.63
C ASP C 1684 -61.16 -69.32 -70.79
N LEU C 1685 -61.78 -70.21 -70.02
CA LEU C 1685 -63.23 -70.37 -70.03
C LEU C 1685 -63.93 -69.07 -69.65
N LEU C 1686 -63.42 -68.41 -68.60
CA LEU C 1686 -63.94 -67.12 -68.18
C LEU C 1686 -63.94 -66.14 -69.35
N PHE C 1687 -62.87 -66.15 -70.14
CA PHE C 1687 -62.80 -65.33 -71.34
C PHE C 1687 -63.85 -65.74 -72.36
N ILE C 1688 -64.01 -67.05 -72.55
CA ILE C 1688 -64.98 -67.58 -73.51
C ILE C 1688 -66.41 -67.16 -73.16
N GLU C 1689 -66.76 -67.29 -71.89
CA GLU C 1689 -68.10 -66.96 -71.42
C GLU C 1689 -68.39 -65.46 -71.48
N GLU C 1690 -67.40 -64.66 -71.10
CA GLU C 1690 -67.52 -63.20 -71.17
C GLU C 1690 -67.72 -62.78 -72.62
N ALA C 1691 -66.77 -63.15 -73.49
CA ALA C 1691 -66.78 -62.77 -74.91
C ALA C 1691 -68.13 -63.04 -75.56
N ALA C 1692 -68.74 -64.18 -75.22
CA ALA C 1692 -70.08 -64.49 -75.72
C ALA C 1692 -71.17 -63.73 -74.97
N GLY C 1693 -70.87 -63.34 -73.73
CA GLY C 1693 -71.84 -62.63 -72.91
C GLY C 1693 -71.51 -61.16 -72.73
N GLY C 1694 -70.54 -60.68 -73.48
CA GLY C 1694 -70.10 -59.29 -73.39
C GLY C 1694 -68.83 -59.13 -72.59
N LEU C 1695 -67.99 -58.21 -73.03
CA LEU C 1695 -66.64 -58.13 -72.49
C LEU C 1695 -66.43 -57.06 -71.41
N GLY C 1696 -67.51 -56.36 -71.04
CA GLY C 1696 -67.40 -55.22 -70.14
C GLY C 1696 -66.80 -55.54 -68.78
N VAL C 1697 -66.47 -54.48 -68.04
CA VAL C 1697 -65.51 -54.51 -66.93
C VAL C 1697 -65.70 -55.68 -65.97
N GLU C 1698 -64.59 -56.34 -65.65
CA GLU C 1698 -64.61 -57.47 -64.74
C GLU C 1698 -63.65 -57.24 -63.59
N ARG C 1699 -63.94 -57.80 -62.42
CA ARG C 1699 -63.06 -57.69 -61.28
C ARG C 1699 -62.72 -59.08 -60.78
N PHE C 1700 -61.43 -59.39 -60.66
CA PHE C 1700 -61.01 -60.70 -60.22
C PHE C 1700 -60.44 -60.63 -58.82
N VAL C 1701 -61.15 -61.22 -57.86
CA VAL C 1701 -60.77 -61.16 -56.46
C VAL C 1701 -60.40 -62.53 -55.91
N GLU C 1702 -59.25 -62.60 -55.23
CA GLU C 1702 -58.79 -63.83 -54.62
C GLU C 1702 -58.89 -63.73 -53.10
N ILE C 1703 -59.36 -64.79 -52.47
CA ILE C 1703 -59.67 -64.77 -51.04
C ILE C 1703 -58.89 -65.88 -50.32
N GLY C 1704 -58.84 -65.82 -48.99
CA GLY C 1704 -57.99 -66.71 -48.22
C GLY C 1704 -56.75 -66.02 -47.67
N VAL C 1705 -56.80 -64.68 -47.67
CA VAL C 1705 -55.69 -63.86 -47.17
C VAL C 1705 -54.38 -64.13 -47.92
N LYS C 1706 -53.36 -64.62 -47.22
CA LYS C 1706 -52.02 -64.69 -47.78
C LYS C 1706 -51.89 -65.62 -48.99
N SER C 1707 -52.93 -66.40 -49.27
CA SER C 1707 -52.94 -67.26 -50.44
C SER C 1707 -53.37 -66.49 -51.68
N ALA C 1708 -53.93 -65.30 -51.46
CA ALA C 1708 -54.44 -64.44 -52.54
C ALA C 1708 -53.45 -63.95 -53.61
N PRO C 1709 -52.18 -63.69 -53.27
CA PRO C 1709 -51.33 -63.23 -54.37
C PRO C 1709 -51.08 -64.27 -55.46
N THR C 1710 -51.10 -65.56 -55.12
CA THR C 1710 -50.71 -66.62 -56.04
C THR C 1710 -51.50 -66.73 -57.35
N VAL C 1711 -52.76 -67.17 -57.27
CA VAL C 1711 -53.55 -67.42 -58.47
C VAL C 1711 -53.93 -66.11 -59.18
N ALA C 1712 -53.73 -65.00 -58.48
CA ALA C 1712 -53.86 -63.67 -59.07
C ALA C 1712 -52.65 -63.37 -59.94
N GLY C 1713 -51.47 -63.66 -59.42
CA GLY C 1713 -50.24 -63.58 -60.19
C GLY C 1713 -50.27 -64.57 -61.34
N LEU C 1714 -50.96 -65.69 -61.12
CA LEU C 1714 -51.22 -66.65 -62.18
C LEU C 1714 -52.14 -66.01 -63.21
N ALA C 1715 -53.14 -65.27 -62.74
CA ALA C 1715 -54.08 -64.60 -63.65
C ALA C 1715 -53.40 -63.42 -64.33
N THR C 1716 -52.65 -62.64 -63.56
CA THR C 1716 -51.96 -61.47 -64.07
C THR C 1716 -51.10 -61.76 -65.30
N ASN C 1717 -50.24 -62.78 -65.20
CA ASN C 1717 -49.38 -63.18 -66.32
C ASN C 1717 -50.17 -63.77 -67.46
N THR C 1718 -51.33 -64.31 -67.12
CA THR C 1718 -52.26 -64.85 -68.09
C THR C 1718 -53.04 -63.72 -68.75
N LEU C 1719 -53.23 -62.63 -68.01
CA LEU C 1719 -53.98 -61.48 -68.53
C LEU C 1719 -53.09 -60.79 -69.54
N LYS C 1720 -51.80 -61.08 -69.46
CA LYS C 1720 -50.84 -60.42 -70.31
C LYS C 1720 -50.80 -61.15 -71.63
N LEU C 1721 -50.31 -62.40 -71.59
CA LEU C 1721 -49.99 -63.12 -72.82
C LEU C 1721 -51.13 -63.43 -73.80
N PRO C 1722 -52.15 -64.23 -73.40
CA PRO C 1722 -53.26 -64.31 -74.38
C PRO C 1722 -54.13 -63.05 -74.47
N GLU C 1723 -54.28 -62.34 -73.35
CA GLU C 1723 -55.32 -61.31 -73.20
C GLU C 1723 -54.94 -59.89 -73.64
N TYR C 1724 -53.86 -59.81 -74.42
CA TYR C 1724 -53.23 -58.56 -74.85
C TYR C 1724 -54.21 -57.56 -75.48
N SER C 1725 -55.48 -57.96 -75.63
CA SER C 1725 -56.52 -57.24 -76.35
C SER C 1725 -56.80 -55.84 -75.81
N HIS C 1726 -56.07 -55.46 -74.76
CA HIS C 1726 -56.30 -54.20 -74.04
C HIS C 1726 -57.69 -54.14 -73.40
N SER C 1727 -57.89 -54.94 -72.34
CA SER C 1727 -59.15 -54.90 -71.60
C SER C 1727 -58.96 -54.26 -70.22
N THR C 1728 -60.02 -53.68 -69.69
CA THR C 1728 -60.00 -53.07 -68.37
C THR C 1728 -60.32 -54.22 -67.44
N VAL C 1729 -59.33 -54.59 -66.62
CA VAL C 1729 -59.48 -55.72 -65.71
C VAL C 1729 -58.84 -55.36 -64.38
N GLU C 1730 -59.45 -55.80 -63.29
CA GLU C 1730 -58.88 -55.53 -61.98
C GLU C 1730 -58.55 -56.81 -61.22
N VAL C 1731 -57.28 -56.98 -60.91
CA VAL C 1731 -56.79 -58.12 -60.14
C VAL C 1731 -56.66 -57.69 -58.68
N LEU C 1732 -57.48 -58.28 -57.81
CA LEU C 1732 -57.50 -57.89 -56.40
C LEU C 1732 -57.22 -59.06 -55.47
N ASN C 1733 -56.45 -58.81 -54.43
CA ASN C 1733 -56.08 -59.85 -53.47
C ASN C 1733 -56.54 -59.51 -52.06
N SER C 1734 -57.05 -60.51 -51.34
CA SER C 1734 -57.52 -60.31 -49.98
C SER C 1734 -56.39 -59.87 -49.05
N GLU C 1735 -55.25 -60.54 -49.15
CA GLU C 1735 -54.06 -60.18 -48.41
C GLU C 1735 -53.61 -58.75 -48.74
N ARG C 1736 -53.19 -58.55 -49.98
CA ARG C 1736 -52.56 -57.30 -50.41
C ARG C 1736 -53.54 -56.13 -50.58
N ASP C 1737 -54.61 -56.36 -51.32
CA ASP C 1737 -55.46 -55.28 -51.84
C ASP C 1737 -56.66 -54.87 -50.98
N ALA C 1738 -56.72 -55.36 -49.76
CA ALA C 1738 -57.91 -55.24 -48.90
C ALA C 1738 -58.60 -53.87 -48.90
N ALA C 1739 -57.81 -52.81 -48.95
CA ALA C 1739 -58.36 -51.45 -49.05
C ALA C 1739 -59.27 -51.30 -50.27
N VAL C 1740 -58.95 -52.01 -51.36
CA VAL C 1740 -59.74 -51.96 -52.57
C VAL C 1740 -60.99 -52.84 -52.48
N LEU C 1741 -60.86 -53.97 -51.78
CA LEU C 1741 -61.97 -54.90 -51.61
C LEU C 1741 -63.14 -54.25 -50.89
N PHE C 1742 -62.85 -53.67 -49.73
CA PHE C 1742 -63.87 -53.04 -48.90
C PHE C 1742 -64.13 -51.61 -49.38
N ALA C 1743 -63.41 -51.22 -50.44
CA ALA C 1743 -63.61 -49.93 -51.11
C ALA C 1743 -63.16 -48.73 -50.27
N THR C 1744 -62.71 -48.99 -49.05
CA THR C 1744 -62.27 -47.92 -48.16
C THR C 1744 -60.98 -47.28 -48.66
N ASP C 1745 -61.03 -45.97 -48.90
CA ASP C 1745 -59.89 -45.21 -49.39
C ASP C 1745 -60.21 -43.72 -49.46
N SER C 1983 -14.12 -0.18 -31.10
CA SER C 1983 -15.55 -0.12 -30.81
C SER C 1983 -15.81 0.40 -29.40
N ALA C 1984 -15.22 -0.27 -28.41
CA ALA C 1984 -15.40 0.12 -27.02
C ALA C 1984 -14.18 0.85 -26.47
N ALA C 1985 -14.41 2.00 -25.86
CA ALA C 1985 -13.34 2.82 -25.28
C ALA C 1985 -12.75 2.18 -24.02
N LEU C 1986 -13.33 1.07 -23.60
CA LEU C 1986 -12.99 0.41 -22.34
C LEU C 1986 -11.57 -0.17 -22.27
N GLY C 1987 -10.83 -0.10 -23.37
CA GLY C 1987 -9.52 -0.74 -23.47
C GLY C 1987 -8.55 -0.54 -22.33
N GLU C 1988 -8.52 0.67 -21.75
CA GLU C 1988 -7.63 0.94 -20.62
C GLU C 1988 -8.21 0.45 -19.31
N PHE C 1989 -9.51 0.14 -19.31
CA PHE C 1989 -10.16 -0.41 -18.14
C PHE C 1989 -9.91 -1.91 -18.04
N ALA C 1990 -9.40 -2.47 -19.14
CA ALA C 1990 -8.96 -3.87 -19.15
C ALA C 1990 -7.58 -3.95 -18.51
N GLU C 1991 -6.76 -2.93 -18.77
CA GLU C 1991 -5.42 -2.84 -18.19
C GLU C 1991 -5.51 -2.58 -16.69
N LYS C 1992 -6.54 -1.82 -16.29
CA LYS C 1992 -6.71 -1.46 -14.89
C LYS C 1992 -7.22 -2.63 -14.07
N VAL C 1993 -7.67 -3.68 -14.74
CA VAL C 1993 -8.05 -4.93 -14.08
C VAL C 1993 -6.81 -5.77 -13.79
N THR C 1994 -5.89 -5.79 -14.74
CA THR C 1994 -4.67 -6.59 -14.66
C THR C 1994 -3.80 -6.21 -13.47
N GLY C 1995 -3.70 -4.91 -13.20
CA GLY C 1995 -2.84 -4.41 -12.13
C GLY C 1995 -3.14 -4.95 -10.74
N PRO C 1996 -4.38 -4.75 -10.25
CA PRO C 1996 -4.79 -5.30 -8.96
C PRO C 1996 -4.70 -6.82 -8.91
N ASP C 1997 -4.87 -7.47 -10.05
CA ASP C 1997 -4.69 -8.92 -10.12
C ASP C 1997 -3.27 -9.28 -9.70
N GLY C 1998 -2.31 -8.50 -10.16
CA GLY C 1998 -0.93 -8.66 -9.75
C GLY C 1998 -0.75 -8.29 -8.28
N VAL C 1999 -1.47 -7.26 -7.87
CA VAL C 1999 -1.48 -6.85 -6.46
C VAL C 1999 -2.15 -7.94 -5.63
N LEU C 2000 -3.19 -8.55 -6.18
CA LEU C 2000 -3.90 -9.64 -5.52
C LEU C 2000 -3.03 -10.87 -5.42
N ALA C 2001 -2.44 -11.28 -6.55
CA ALA C 2001 -1.62 -12.48 -6.61
C ALA C 2001 -0.40 -12.38 -5.70
N SER C 2002 0.28 -11.24 -5.73
CA SER C 2002 1.47 -11.03 -4.91
C SER C 2002 1.14 -11.05 -3.42
N ALA C 2003 0.03 -10.42 -3.06
CA ALA C 2003 -0.40 -10.36 -1.67
C ALA C 2003 -0.86 -11.72 -1.18
N ALA C 2004 -1.47 -12.50 -2.08
CA ALA C 2004 -1.98 -13.82 -1.73
C ALA C 2004 -0.87 -14.78 -1.38
N ARG C 2005 0.29 -14.61 -2.03
CA ARG C 2005 1.43 -15.49 -1.78
C ARG C 2005 2.07 -15.19 -0.42
N LEU C 2006 1.89 -13.96 0.06
CA LEU C 2006 2.43 -13.56 1.34
C LEU C 2006 1.67 -14.19 2.50
N VAL C 2007 0.36 -14.33 2.32
CA VAL C 2007 -0.50 -14.91 3.35
C VAL C 2007 -0.53 -16.44 3.21
N LEU C 2008 0.22 -16.94 2.24
CA LEU C 2008 0.32 -18.39 1.98
C LEU C 2008 -1.03 -19.00 1.64
N ASN C 2009 -1.90 -18.21 1.01
CA ASN C 2009 -3.16 -18.74 0.52
C ASN C 2009 -2.91 -19.49 -0.78
N GLN C 2010 -3.22 -20.78 -0.78
CA GLN C 2010 -2.80 -21.66 -1.86
C GLN C 2010 -3.82 -21.77 -2.98
N LEU C 2011 -3.40 -21.37 -4.18
CA LEU C 2011 -4.24 -21.44 -5.36
C LEU C 2011 -3.76 -22.56 -6.27
N GLY C 2012 -4.69 -23.19 -6.97
CA GLY C 2012 -4.37 -24.37 -7.73
C GLY C 2012 -4.03 -25.51 -6.80
N LEU C 2013 -4.95 -25.82 -5.88
CA LEU C 2013 -4.80 -26.94 -4.97
C LEU C 2013 -5.57 -28.21 -5.36
N SER C 2014 -6.30 -28.19 -6.47
CA SER C 2014 -7.17 -29.31 -6.81
C SER C 2014 -6.40 -30.52 -7.34
N ASP C 2015 -6.52 -31.65 -6.65
CA ASP C 2015 -5.82 -32.86 -7.05
C ASP C 2015 -6.82 -34.00 -7.21
N VAL C 2016 -6.31 -35.22 -7.40
CA VAL C 2016 -7.20 -36.35 -7.53
C VAL C 2016 -7.40 -36.92 -6.13
N VAL C 2017 -8.57 -36.64 -5.57
CA VAL C 2017 -8.93 -37.07 -4.22
C VAL C 2017 -10.35 -37.63 -4.14
N THR C 2018 -11.33 -36.75 -4.36
CA THR C 2018 -12.73 -37.04 -4.08
C THR C 2018 -13.51 -37.62 -5.26
N THR C 2019 -13.66 -36.82 -6.31
CA THR C 2019 -14.46 -37.20 -7.48
C THR C 2019 -14.21 -38.59 -8.07
N PRO C 2020 -12.94 -38.94 -8.35
CA PRO C 2020 -12.70 -40.26 -8.96
C PRO C 2020 -13.04 -41.41 -8.01
N GLU C 2021 -12.83 -41.21 -6.71
CA GLU C 2021 -13.22 -42.21 -5.72
C GLU C 2021 -14.74 -42.37 -5.75
N ALA C 2022 -15.43 -41.23 -5.83
CA ALA C 2022 -16.89 -41.24 -5.96
C ALA C 2022 -17.27 -41.84 -7.30
N ALA C 2023 -16.49 -41.53 -8.34
CA ALA C 2023 -16.72 -42.08 -9.67
C ALA C 2023 -16.50 -43.59 -9.65
N THR C 2024 -15.54 -44.04 -8.86
CA THR C 2024 -15.28 -45.46 -8.69
C THR C 2024 -16.45 -46.10 -7.93
N ASP C 2025 -16.94 -45.40 -6.91
CA ASP C 2025 -18.09 -45.86 -6.14
C ASP C 2025 -19.35 -45.85 -6.99
N ALA C 2026 -19.51 -44.80 -7.80
CA ALA C 2026 -20.65 -44.67 -8.68
C ALA C 2026 -20.60 -45.70 -9.81
N GLU C 2027 -19.39 -46.16 -10.12
CA GLU C 2027 -19.20 -47.16 -11.15
C GLU C 2027 -19.65 -48.53 -10.65
N LEU C 2028 -19.32 -48.83 -9.40
CA LEU C 2028 -19.67 -50.10 -8.79
C LEU C 2028 -21.18 -50.25 -8.61
N ILE C 2029 -21.83 -49.17 -8.17
CA ILE C 2029 -23.27 -49.20 -7.94
C ILE C 2029 -24.04 -49.32 -9.27
N ASP C 2030 -23.42 -48.88 -10.35
CA ASP C 2030 -24.01 -49.02 -11.67
C ASP C 2030 -23.91 -50.46 -12.16
N LEU C 2031 -22.79 -51.10 -11.85
CA LEU C 2031 -22.56 -52.49 -12.24
C LEU C 2031 -23.47 -53.42 -11.46
N VAL C 2032 -23.63 -53.14 -10.17
CA VAL C 2032 -24.50 -53.94 -9.31
C VAL C 2032 -25.96 -53.84 -9.78
N THR C 2033 -26.36 -52.63 -10.18
CA THR C 2033 -27.70 -52.40 -10.70
C THR C 2033 -27.88 -53.11 -12.04
N ALA C 2034 -26.84 -53.10 -12.86
CA ALA C 2034 -26.88 -53.73 -14.17
C ALA C 2034 -27.19 -55.22 -14.08
N GLU C 2035 -26.62 -55.88 -13.09
CA GLU C 2035 -26.83 -57.31 -12.88
C GLU C 2035 -28.22 -57.62 -12.33
N LEU C 2036 -28.58 -56.95 -11.24
CA LEU C 2036 -29.81 -57.26 -10.50
C LEU C 2036 -31.09 -56.67 -11.09
N GLY C 2037 -30.98 -55.50 -11.71
CA GLY C 2037 -32.14 -54.84 -12.27
C GLY C 2037 -32.60 -53.63 -11.47
N SER C 2038 -33.67 -52.99 -11.93
CA SER C 2038 -34.17 -51.76 -11.31
C SER C 2038 -35.06 -52.00 -10.08
N ASP C 2039 -35.93 -52.99 -10.16
CA ASP C 2039 -36.94 -53.21 -9.12
C ASP C 2039 -36.38 -53.83 -7.84
N TRP C 2040 -35.40 -54.72 -8.00
CA TRP C 2040 -34.80 -55.43 -6.86
C TRP C 2040 -34.20 -54.52 -5.77
N PRO C 2041 -33.41 -53.51 -6.15
CA PRO C 2041 -32.88 -52.63 -5.10
C PRO C 2041 -33.96 -51.78 -4.43
N ARG C 2042 -34.96 -51.35 -5.20
CA ARG C 2042 -36.00 -50.46 -4.68
C ARG C 2042 -36.97 -51.19 -3.75
N LEU C 2043 -37.27 -52.43 -4.06
CA LEU C 2043 -38.22 -53.22 -3.27
C LEU C 2043 -37.56 -53.81 -2.02
N VAL C 2044 -36.24 -53.87 -2.01
CA VAL C 2044 -35.50 -54.47 -0.89
C VAL C 2044 -35.25 -53.46 0.22
N ALA C 2045 -35.71 -52.23 0.03
CA ALA C 2045 -35.58 -51.17 1.02
C ALA C 2045 -36.25 -51.56 2.33
N PRO C 2046 -35.64 -51.18 3.46
CA PRO C 2046 -36.17 -51.54 4.78
C PRO C 2046 -37.53 -50.93 5.07
N THR C 2047 -38.33 -51.64 5.86
CA THR C 2047 -39.68 -51.19 6.22
C THR C 2047 -39.88 -51.21 7.72
N PHE C 2048 -39.77 -52.40 8.32
CA PHE C 2048 -40.01 -52.60 9.74
C PHE C 2048 -39.16 -51.70 10.65
N ASP C 2049 -39.82 -51.15 11.66
CA ASP C 2049 -39.15 -50.46 12.76
C ASP C 2049 -39.89 -50.80 14.05
N ALA C 2050 -39.14 -50.87 15.16
CA ALA C 2050 -39.71 -51.39 16.41
C ALA C 2050 -40.74 -50.50 17.08
N ARG C 2051 -40.87 -49.25 16.60
CA ARG C 2051 -41.72 -48.25 17.24
C ARG C 2051 -43.14 -48.11 16.66
N LYS C 2052 -43.42 -48.78 15.55
CA LYS C 2052 -44.73 -48.68 14.91
C LYS C 2052 -45.70 -49.79 15.31
N ALA C 2053 -45.28 -50.69 16.20
CA ALA C 2053 -46.13 -51.82 16.60
C ALA C 2053 -47.39 -51.42 17.36
N VAL C 2054 -48.47 -52.17 17.14
CA VAL C 2054 -49.73 -51.95 17.85
C VAL C 2054 -50.32 -53.23 18.44
N VAL C 2055 -50.61 -53.18 19.73
CA VAL C 2055 -51.05 -54.33 20.50
C VAL C 2055 -52.49 -54.13 20.95
N PHE C 2056 -53.34 -55.10 20.64
CA PHE C 2056 -54.68 -55.12 21.19
C PHE C 2056 -54.82 -56.34 22.09
N ASP C 2057 -54.71 -56.10 23.40
CA ASP C 2057 -55.02 -57.11 24.40
C ASP C 2057 -56.39 -56.90 25.06
N ASP C 2058 -57.14 -55.88 24.67
CA ASP C 2058 -58.42 -55.71 25.35
C ASP C 2058 -59.58 -56.39 24.64
N ARG C 2059 -60.07 -57.46 25.27
CA ARG C 2059 -61.41 -57.98 25.07
C ARG C 2059 -62.46 -57.28 25.93
N TRP C 2060 -62.09 -57.00 27.19
CA TRP C 2060 -63.00 -56.46 28.20
C TRP C 2060 -63.72 -55.19 27.72
N ALA C 2061 -62.97 -54.36 27.00
CA ALA C 2061 -63.51 -53.11 26.48
C ALA C 2061 -64.36 -53.36 25.25
N SER C 2062 -63.89 -54.22 24.36
CA SER C 2062 -64.56 -54.47 23.09
C SER C 2062 -65.80 -55.35 23.22
N ALA C 2063 -65.84 -56.17 24.27
CA ALA C 2063 -66.98 -57.06 24.51
C ALA C 2063 -68.18 -56.28 25.04
N ARG C 2064 -67.92 -55.26 25.84
CA ARG C 2064 -68.99 -54.43 26.40
C ARG C 2064 -69.70 -53.63 25.33
N GLU C 2065 -68.93 -53.02 24.43
CA GLU C 2065 -69.50 -52.24 23.34
C GLU C 2065 -70.20 -53.16 22.35
N ASP C 2066 -69.75 -54.41 22.28
CA ASP C 2066 -70.31 -55.39 21.36
C ASP C 2066 -71.70 -55.84 21.79
N LEU C 2067 -71.90 -55.95 23.10
CA LEU C 2067 -73.17 -56.42 23.64
C LEU C 2067 -74.26 -55.36 23.53
N VAL C 2068 -73.94 -54.13 23.91
CA VAL C 2068 -74.91 -53.04 23.89
C VAL C 2068 -75.38 -52.73 22.46
N LYS C 2069 -74.53 -53.02 21.49
CA LYS C 2069 -74.88 -52.84 20.09
C LYS C 2069 -75.88 -53.90 19.65
N LEU C 2070 -75.73 -55.10 20.21
CA LEU C 2070 -76.67 -56.18 19.95
C LEU C 2070 -78.00 -55.85 20.61
N TRP C 2071 -77.94 -55.52 21.90
CA TRP C 2071 -79.12 -55.25 22.71
C TRP C 2071 -80.04 -54.18 22.11
N LEU C 2072 -79.44 -53.11 21.60
CA LEU C 2072 -80.20 -52.02 21.01
C LEU C 2072 -80.76 -52.37 19.63
N ALA C 2073 -79.96 -53.07 18.84
CA ALA C 2073 -80.31 -53.35 17.44
C ALA C 2073 -81.07 -54.66 17.24
N GLU C 2074 -81.42 -55.32 18.34
CA GLU C 2074 -82.10 -56.62 18.25
C GLU C 2074 -83.39 -56.56 17.43
N GLU C 2075 -83.46 -57.42 16.42
CA GLU C 2075 -84.63 -57.51 15.56
C GLU C 2075 -85.07 -58.96 15.42
N GLY C 2076 -84.19 -59.78 14.85
CA GLY C 2076 -84.45 -61.20 14.65
C GLY C 2076 -84.77 -61.92 15.96
N ASP C 2077 -85.64 -62.91 15.88
CA ASP C 2077 -86.12 -63.61 17.07
C ASP C 2077 -85.14 -64.66 17.58
N ILE C 2078 -85.58 -65.46 18.54
CA ILE C 2078 -84.75 -66.44 19.20
C ILE C 2078 -84.31 -67.59 18.29
N ASP C 2079 -84.96 -67.72 17.13
CA ASP C 2079 -84.65 -68.80 16.21
C ASP C 2079 -83.32 -68.59 15.48
N ALA C 2080 -82.75 -67.39 15.64
CA ALA C 2080 -81.51 -67.04 14.96
C ALA C 2080 -80.32 -67.86 15.48
N GLN C 2081 -79.48 -68.32 14.56
CA GLN C 2081 -78.26 -69.03 14.93
C GLN C 2081 -77.16 -68.02 15.25
N TRP C 2082 -77.39 -66.77 14.87
CA TRP C 2082 -76.44 -65.69 15.12
C TRP C 2082 -76.37 -65.38 16.61
N GLU C 2083 -77.50 -65.53 17.31
CA GLU C 2083 -77.55 -65.31 18.74
C GLU C 2083 -76.69 -66.34 19.47
N GLN C 2084 -76.65 -67.55 18.94
CA GLN C 2084 -75.83 -68.61 19.50
C GLN C 2084 -74.36 -68.38 19.16
N LEU C 2085 -74.11 -67.85 17.97
CA LEU C 2085 -72.76 -67.55 17.53
C LEU C 2085 -72.19 -66.37 18.30
N SER C 2086 -73.02 -65.35 18.50
CA SER C 2086 -72.61 -64.16 19.23
C SER C 2086 -72.43 -64.45 20.72
N GLN C 2087 -73.18 -65.42 21.23
CA GLN C 2087 -73.06 -65.83 22.62
C GLN C 2087 -71.73 -66.53 22.85
N ARG C 2088 -71.23 -67.22 21.83
CA ARG C 2088 -69.94 -67.87 21.89
C ARG C 2088 -68.83 -66.84 21.77
N PHE C 2089 -69.12 -65.73 21.10
CA PHE C 2089 -68.17 -64.64 20.98
C PHE C 2089 -68.19 -63.80 22.26
N GLU C 2090 -69.33 -63.80 22.94
CA GLU C 2090 -69.47 -63.10 24.20
C GLU C 2090 -69.02 -63.99 25.35
N GLY C 2091 -68.52 -65.18 25.01
CA GLY C 2091 -68.03 -66.14 26.00
C GLY C 2091 -66.80 -65.61 26.73
N THR C 2092 -66.25 -64.49 26.24
CA THR C 2092 -65.17 -63.84 26.96
C THR C 2092 -65.78 -63.29 28.22
N GLY C 2093 -65.27 -63.72 29.37
CA GLY C 2093 -65.89 -63.34 30.63
C GLY C 2093 -64.94 -63.25 31.80
N HIS C 2094 -65.21 -62.27 32.66
CA HIS C 2094 -64.49 -62.07 33.90
C HIS C 2094 -65.36 -61.18 34.76
N VAL C 2095 -64.82 -60.71 35.89
CA VAL C 2095 -65.55 -59.80 36.76
C VAL C 2095 -65.94 -58.53 36.03
N VAL C 2096 -65.09 -58.10 35.10
CA VAL C 2096 -65.31 -56.88 34.32
C VAL C 2096 -66.50 -56.99 33.38
N ALA C 2097 -66.48 -58.00 32.50
CA ALA C 2097 -67.51 -58.14 31.48
C ALA C 2097 -68.84 -58.59 32.07
N THR C 2098 -68.78 -59.28 33.20
CA THR C 2098 -69.99 -59.72 33.89
C THR C 2098 -70.74 -58.52 34.46
N GLN C 2099 -69.98 -57.58 35.01
CA GLN C 2099 -70.55 -56.36 35.59
C GLN C 2099 -71.30 -55.54 34.54
N ALA C 2100 -70.90 -55.71 33.28
CA ALA C 2100 -71.58 -55.07 32.16
C ALA C 2100 -72.89 -55.80 31.85
N ASN C 2101 -72.77 -57.07 31.47
CA ASN C 2101 -73.92 -57.88 31.07
C ASN C 2101 -74.98 -58.02 32.17
N TRP C 2102 -74.55 -58.33 33.39
CA TRP C 2102 -75.48 -58.56 34.51
C TRP C 2102 -76.30 -57.31 34.83
N TRP C 2103 -75.83 -56.18 34.32
CA TRP C 2103 -76.43 -54.89 34.61
C TRP C 2103 -77.51 -54.53 33.60
N GLN C 2104 -77.11 -54.40 32.34
CA GLN C 2104 -78.04 -54.09 31.26
C GLN C 2104 -79.16 -55.12 31.19
N GLY C 2105 -78.89 -56.32 31.70
CA GLY C 2105 -79.89 -57.36 31.80
C GLY C 2105 -80.85 -57.10 32.94
N LYS C 2106 -80.31 -56.74 34.10
CA LYS C 2106 -81.13 -56.49 35.28
C LYS C 2106 -81.90 -55.18 35.14
N ALA C 2107 -81.38 -54.29 34.30
CA ALA C 2107 -82.05 -53.01 34.05
C ALA C 2107 -83.19 -53.20 33.04
N LEU C 2108 -83.14 -54.30 32.29
CA LEU C 2108 -84.17 -54.59 31.31
C LEU C 2108 -85.50 -54.92 31.99
N ALA C 2109 -86.60 -54.45 31.40
CA ALA C 2109 -87.92 -54.61 31.97
C ALA C 2109 -88.82 -55.49 31.11
N ALA C 2110 -90.08 -55.59 31.51
CA ALA C 2110 -91.06 -56.44 30.84
C ALA C 2110 -91.79 -55.71 29.71
N GLY C 2111 -91.31 -54.51 29.38
CA GLY C 2111 -91.96 -53.59 28.44
C GLY C 2111 -92.47 -54.20 27.13
N ARG C 2112 -91.70 -55.11 26.53
CA ARG C 2112 -92.12 -55.70 25.26
C ARG C 2112 -91.61 -57.12 25.06
N ASN C 2113 -91.92 -57.70 23.90
CA ASN C 2113 -91.51 -59.06 23.57
C ASN C 2113 -90.00 -59.17 23.43
N VAL C 2114 -89.40 -58.16 22.81
CA VAL C 2114 -87.95 -58.12 22.64
C VAL C 2114 -87.27 -58.01 24.01
N HIS C 2115 -87.90 -57.26 24.91
CA HIS C 2115 -87.39 -57.08 26.26
C HIS C 2115 -87.50 -58.37 27.06
N ALA C 2116 -88.48 -59.19 26.71
CA ALA C 2116 -88.68 -60.47 27.38
C ALA C 2116 -87.65 -61.49 26.89
N SER C 2117 -87.31 -61.41 25.61
CA SER C 2117 -86.33 -62.32 25.02
C SER C 2117 -84.91 -61.91 25.38
N LEU C 2118 -84.66 -60.60 25.41
CA LEU C 2118 -83.33 -60.09 25.73
C LEU C 2118 -82.97 -60.37 27.19
N PHE C 2119 -83.91 -60.11 28.10
CA PHE C 2119 -83.67 -60.31 29.53
C PHE C 2119 -83.37 -61.76 29.86
N GLY C 2120 -84.13 -62.68 29.26
CA GLY C 2120 -83.95 -64.10 29.51
C GLY C 2120 -82.63 -64.61 28.93
N ARG C 2121 -82.35 -64.21 27.70
CA ARG C 2121 -81.13 -64.63 27.02
C ARG C 2121 -79.88 -64.05 27.67
N ILE C 2122 -80.00 -62.81 28.17
CA ILE C 2122 -78.88 -62.15 28.82
C ILE C 2122 -78.59 -62.77 30.18
N ALA C 2123 -79.63 -63.14 30.91
CA ALA C 2123 -79.48 -63.78 32.21
C ALA C 2123 -78.81 -65.14 32.05
N ALA C 2124 -79.16 -65.82 30.96
CA ALA C 2124 -78.53 -67.11 30.65
C ALA C 2124 -77.09 -66.91 30.21
N GLY C 2125 -76.84 -65.83 29.49
CA GLY C 2125 -75.49 -65.52 29.03
C GLY C 2125 -74.63 -65.03 30.19
N ALA C 2126 -75.27 -64.39 31.18
CA ALA C 2126 -74.57 -63.93 32.37
C ALA C 2126 -74.19 -65.12 33.24
N GLU C 2127 -75.00 -66.16 33.21
CA GLU C 2127 -74.74 -67.37 33.98
C GLU C 2127 -73.66 -68.20 33.31
N ASN C 2128 -73.70 -68.26 31.98
CA ASN C 2128 -72.70 -69.00 31.21
C ASN C 2128 -71.36 -68.29 31.23
N PRO C 2129 -71.39 -66.98 31.48
CA PRO C 2129 -70.18 -66.19 31.55
C PRO C 2129 -69.41 -66.48 32.82
N GLY C 2130 -70.13 -66.69 33.92
CA GLY C 2130 -69.52 -66.94 35.22
C GLY C 2130 -68.64 -68.19 35.23
N LYS C 2131 -69.07 -69.22 34.52
CA LYS C 2131 -68.37 -70.49 34.51
C LYS C 2131 -67.42 -70.65 33.32
N GLY C 2132 -67.34 -69.60 32.50
CA GLY C 2132 -66.55 -69.65 31.26
C GLY C 2132 -65.08 -70.01 31.49
N ARG C 2133 -64.54 -70.83 30.60
CA ARG C 2133 -63.15 -71.25 30.67
C ARG C 2133 -62.40 -70.68 29.47
N TYR C 2134 -61.12 -71.02 29.36
CA TYR C 2134 -60.31 -70.57 28.24
C TYR C 2134 -59.23 -71.57 27.86
N SER C 2135 -58.71 -71.41 26.64
CA SER C 2135 -57.54 -72.15 26.18
C SER C 2135 -56.44 -71.13 25.89
N ASP C 2136 -55.28 -71.62 25.48
CA ASP C 2136 -54.19 -70.74 25.07
C ASP C 2136 -53.39 -71.29 23.88
N GLU C 2137 -53.19 -70.46 22.88
CA GLU C 2137 -52.34 -70.79 21.73
C GLU C 2137 -51.55 -69.55 21.29
N VAL C 2138 -50.25 -69.72 21.07
CA VAL C 2138 -49.42 -68.60 20.59
C VAL C 2138 -49.02 -68.80 19.13
N ALA C 2139 -49.56 -67.97 18.24
CA ALA C 2139 -49.32 -68.14 16.82
C ALA C 2139 -48.82 -66.89 16.09
N VAL C 2140 -48.04 -67.11 15.04
CA VAL C 2140 -47.58 -66.03 14.18
C VAL C 2140 -48.07 -66.28 12.75
N VAL C 2141 -48.94 -65.40 12.25
CA VAL C 2141 -49.54 -65.59 10.94
C VAL C 2141 -49.21 -64.45 9.98
N THR C 2142 -48.68 -64.80 8.81
CA THR C 2142 -48.39 -63.84 7.77
C THR C 2142 -49.32 -64.07 6.59
N GLY C 2143 -49.62 -63.01 5.84
CA GLY C 2143 -50.56 -63.12 4.73
C GLY C 2143 -51.99 -63.23 5.25
N ALA C 2144 -52.28 -62.46 6.29
CA ALA C 2144 -53.54 -62.54 7.01
C ALA C 2144 -54.62 -61.61 6.48
N SER C 2145 -54.36 -60.98 5.33
CA SER C 2145 -55.15 -59.84 4.89
C SER C 2145 -56.60 -60.17 4.53
N LYS C 2146 -57.35 -59.14 4.13
CA LYS C 2146 -58.79 -59.24 3.96
C LYS C 2146 -59.21 -60.09 2.77
N GLY C 2147 -60.26 -60.88 2.95
CA GLY C 2147 -60.79 -61.72 1.88
C GLY C 2147 -59.83 -62.83 1.50
N SER C 2148 -59.24 -63.47 2.51
CA SER C 2148 -58.26 -64.51 2.29
C SER C 2148 -58.50 -65.70 3.20
N ILE C 2149 -57.82 -66.81 2.92
CA ILE C 2149 -57.93 -68.03 3.72
C ILE C 2149 -57.43 -67.79 5.13
N ALA C 2150 -56.30 -67.10 5.26
CA ALA C 2150 -55.67 -66.86 6.55
C ALA C 2150 -56.50 -65.96 7.46
N ALA C 2151 -57.21 -65.02 6.86
CA ALA C 2151 -58.09 -64.12 7.61
C ALA C 2151 -59.20 -64.92 8.28
N SER C 2152 -59.66 -65.95 7.59
CA SER C 2152 -60.66 -66.86 8.15
C SER C 2152 -60.02 -67.73 9.21
N VAL C 2153 -58.72 -67.98 9.07
CA VAL C 2153 -57.97 -68.75 10.05
C VAL C 2153 -57.71 -67.91 11.30
N VAL C 2154 -57.37 -66.64 11.09
CA VAL C 2154 -57.06 -65.72 12.18
C VAL C 2154 -58.23 -65.54 13.14
N GLY C 2155 -59.39 -65.18 12.60
CA GLY C 2155 -60.59 -65.01 13.41
C GLY C 2155 -60.98 -66.27 14.12
N GLN C 2156 -60.70 -67.41 13.50
CA GLN C 2156 -60.99 -68.72 14.08
C GLN C 2156 -60.00 -69.06 15.19
N LEU C 2157 -58.75 -68.67 15.01
CA LEU C 2157 -57.75 -68.82 16.07
C LEU C 2157 -58.16 -67.98 17.27
N LEU C 2158 -58.59 -66.76 17.00
CA LEU C 2158 -59.10 -65.86 18.03
C LEU C 2158 -60.36 -66.47 18.66
N ASP C 2159 -61.11 -67.22 17.85
CA ASP C 2159 -62.30 -67.90 18.38
C ASP C 2159 -61.92 -69.07 19.30
N GLY C 2160 -60.67 -69.53 19.18
CA GLY C 2160 -60.19 -70.66 19.97
C GLY C 2160 -59.38 -70.25 21.19
N GLY C 2161 -59.49 -68.97 21.56
CA GLY C 2161 -58.81 -68.47 22.74
C GLY C 2161 -57.30 -68.49 22.61
N ALA C 2162 -56.79 -67.93 21.53
CA ALA C 2162 -55.37 -68.01 21.21
C ALA C 2162 -54.73 -66.65 21.38
N THR C 2163 -53.41 -66.58 21.15
CA THR C 2163 -52.69 -65.33 21.08
C THR C 2163 -52.06 -65.28 19.70
N VAL C 2164 -52.40 -64.26 18.91
CA VAL C 2164 -52.05 -64.27 17.49
C VAL C 2164 -51.26 -63.04 17.05
N ILE C 2165 -50.13 -63.29 16.41
CA ILE C 2165 -49.33 -62.25 15.78
C ILE C 2165 -49.74 -62.13 14.31
N ALA C 2166 -50.35 -61.01 13.95
CA ALA C 2166 -50.84 -60.80 12.59
C ALA C 2166 -50.02 -59.73 11.89
N THR C 2167 -49.48 -60.08 10.73
CA THR C 2167 -48.68 -59.14 9.93
C THR C 2167 -49.48 -58.60 8.76
N THR C 2168 -49.28 -57.32 8.45
CA THR C 2168 -49.91 -56.71 7.29
C THR C 2168 -48.89 -55.95 6.44
N SER C 2169 -48.92 -56.18 5.14
CA SER C 2169 -48.00 -55.50 4.23
C SER C 2169 -48.35 -54.02 4.14
N ARG C 2170 -49.63 -53.72 3.97
CA ARG C 2170 -50.09 -52.35 3.92
C ARG C 2170 -50.45 -51.86 5.33
N LEU C 2171 -49.76 -50.81 5.77
CA LEU C 2171 -49.91 -50.32 7.14
C LEU C 2171 -51.02 -49.26 7.24
N ASP C 2172 -51.62 -48.94 6.11
CA ASP C 2172 -52.64 -47.89 6.05
C ASP C 2172 -53.82 -48.19 6.98
N ASP C 2173 -54.44 -47.14 7.49
CA ASP C 2173 -55.50 -47.27 8.48
C ASP C 2173 -56.71 -48.08 8.00
N ASP C 2174 -56.84 -48.22 6.69
CA ASP C 2174 -57.94 -49.02 6.13
C ASP C 2174 -57.70 -50.50 6.37
N ARG C 2175 -56.43 -50.89 6.40
CA ARG C 2175 -56.05 -52.25 6.77
C ARG C 2175 -56.06 -52.40 8.28
N LEU C 2176 -55.69 -51.33 8.97
CA LEU C 2176 -55.64 -51.33 10.42
C LEU C 2176 -57.03 -51.42 11.02
N ALA C 2177 -57.99 -50.73 10.39
CA ALA C 2177 -59.37 -50.74 10.87
C ALA C 2177 -60.02 -52.10 10.67
N PHE C 2178 -59.58 -52.84 9.65
CA PHE C 2178 -60.15 -54.14 9.35
C PHE C 2178 -59.86 -55.17 10.44
N TYR C 2179 -58.62 -55.21 10.90
CA TYR C 2179 -58.23 -56.17 11.94
C TYR C 2179 -58.89 -55.83 13.28
N LYS C 2180 -59.19 -54.55 13.49
CA LYS C 2180 -59.93 -54.13 14.67
C LYS C 2180 -61.36 -54.64 14.58
N GLN C 2181 -61.94 -54.58 13.37
CA GLN C 2181 -63.27 -55.10 13.13
C GLN C 2181 -63.29 -56.62 13.29
N LEU C 2182 -62.25 -57.27 12.78
CA LEU C 2182 -62.14 -58.72 12.84
C LEU C 2182 -61.94 -59.21 14.27
N TYR C 2183 -61.19 -58.44 15.05
CA TYR C 2183 -60.91 -58.82 16.44
C TYR C 2183 -62.12 -58.63 17.35
N ARG C 2184 -62.76 -57.46 17.26
CA ARG C 2184 -63.91 -57.15 18.11
C ARG C 2184 -65.12 -58.06 17.86
N ASP C 2185 -65.04 -58.86 16.80
CA ASP C 2185 -66.06 -59.86 16.51
C ASP C 2185 -65.70 -61.22 17.09
N HIS C 2186 -64.57 -61.77 16.63
CA HIS C 2186 -64.20 -63.15 16.91
C HIS C 2186 -63.34 -63.38 18.16
N ALA C 2187 -63.11 -62.35 18.96
CA ALA C 2187 -62.27 -62.49 20.15
C ALA C 2187 -62.98 -63.13 21.35
N ARG C 2188 -62.33 -64.12 21.94
CA ARG C 2188 -62.80 -64.75 23.17
C ARG C 2188 -62.00 -64.27 24.37
N PHE C 2189 -62.25 -64.90 25.51
CA PHE C 2189 -61.45 -64.69 26.72
C PHE C 2189 -60.02 -65.18 26.46
N ASP C 2190 -59.06 -64.62 27.20
CA ASP C 2190 -57.66 -64.99 27.07
C ASP C 2190 -57.04 -64.60 25.71
N ALA C 2191 -57.86 -64.04 24.83
CA ALA C 2191 -57.41 -63.71 23.46
C ALA C 2191 -56.76 -62.34 23.36
N THR C 2192 -55.55 -62.35 22.79
CA THR C 2192 -54.77 -61.15 22.55
C THR C 2192 -54.29 -61.14 21.10
N LEU C 2193 -54.58 -60.08 20.36
CA LEU C 2193 -54.16 -59.98 18.96
C LEU C 2193 -53.09 -58.91 18.77
N TRP C 2194 -52.16 -59.17 17.85
CA TRP C 2194 -51.09 -58.22 17.55
C TRP C 2194 -50.95 -57.96 16.04
N VAL C 2195 -51.08 -56.69 15.66
CA VAL C 2195 -50.98 -56.27 14.26
C VAL C 2195 -49.71 -55.46 14.06
N VAL C 2196 -48.97 -55.77 13.00
CA VAL C 2196 -47.73 -55.04 12.72
C VAL C 2196 -47.49 -54.82 11.23
N PRO C 2197 -46.80 -53.72 10.89
CA PRO C 2197 -46.29 -53.58 9.52
C PRO C 2197 -45.16 -54.59 9.32
N ALA C 2198 -45.21 -55.34 8.22
CA ALA C 2198 -44.19 -56.35 7.97
C ALA C 2198 -43.96 -56.59 6.50
N ASN C 2199 -42.72 -56.86 6.13
CA ASN C 2199 -42.37 -57.23 4.76
C ASN C 2199 -41.54 -58.50 4.74
N MET C 2200 -42.10 -59.57 4.18
CA MET C 2200 -41.44 -60.87 4.18
C MET C 2200 -40.32 -60.93 3.14
N ALA C 2201 -40.28 -59.92 2.27
CA ALA C 2201 -39.25 -59.85 1.25
C ALA C 2201 -37.93 -59.32 1.82
N SER C 2202 -38.02 -58.67 2.97
CA SER C 2202 -36.85 -58.09 3.61
C SER C 2202 -36.28 -59.01 4.69
N TYR C 2203 -35.01 -59.38 4.55
CA TYR C 2203 -34.34 -60.19 5.56
C TYR C 2203 -34.18 -59.40 6.85
N SER C 2204 -33.96 -58.10 6.71
CA SER C 2204 -33.85 -57.21 7.86
C SER C 2204 -35.14 -57.25 8.67
N ASP C 2205 -36.27 -57.16 7.99
CA ASP C 2205 -37.58 -57.23 8.65
C ASP C 2205 -37.73 -58.53 9.44
N ILE C 2206 -37.44 -59.66 8.79
CA ILE C 2206 -37.53 -60.97 9.42
C ILE C 2206 -36.69 -61.03 10.70
N ASP C 2207 -35.44 -60.60 10.61
CA ASP C 2207 -34.55 -60.60 11.76
C ASP C 2207 -35.02 -59.63 12.83
N LYS C 2208 -35.42 -58.43 12.41
CA LYS C 2208 -35.89 -57.41 13.34
C LYS C 2208 -37.23 -57.79 13.97
N LEU C 2209 -38.10 -58.45 13.21
CA LEU C 2209 -39.43 -58.82 13.70
C LEU C 2209 -39.32 -59.86 14.81
N VAL C 2210 -38.61 -60.94 14.54
CA VAL C 2210 -38.50 -62.02 15.52
C VAL C 2210 -37.61 -61.62 16.70
N GLU C 2211 -36.73 -60.65 16.49
CA GLU C 2211 -35.94 -60.08 17.57
C GLU C 2211 -36.89 -59.30 18.48
N TRP C 2212 -37.97 -58.80 17.90
CA TRP C 2212 -39.04 -58.15 18.64
C TRP C 2212 -39.96 -59.19 19.29
N VAL C 2213 -40.24 -60.25 18.55
CA VAL C 2213 -41.12 -61.32 19.01
C VAL C 2213 -40.51 -62.14 20.17
N GLY C 2214 -39.19 -62.15 20.27
CA GLY C 2214 -38.53 -63.04 21.21
C GLY C 2214 -37.83 -62.48 22.44
N THR C 2215 -37.96 -61.19 22.72
CA THR C 2215 -37.09 -60.58 23.72
C THR C 2215 -37.54 -60.64 25.19
N GLU C 2216 -38.53 -59.85 25.56
CA GLU C 2216 -38.83 -59.63 26.97
C GLU C 2216 -40.28 -59.85 27.43
N GLN C 2217 -41.20 -59.11 26.83
CA GLN C 2217 -42.53 -58.85 27.39
C GLN C 2217 -42.40 -58.05 28.68
N THR C 2218 -41.96 -56.81 28.52
CA THR C 2218 -41.73 -55.93 29.64
C THR C 2218 -41.96 -54.49 29.17
N GLU C 2219 -42.48 -53.64 30.05
CA GLU C 2219 -42.67 -52.24 29.70
C GLU C 2219 -42.04 -51.36 30.77
N SER C 2220 -40.97 -50.66 30.40
CA SER C 2220 -40.25 -49.84 31.36
C SER C 2220 -40.74 -48.41 31.36
N LEU C 2221 -41.25 -47.94 32.50
CA LEU C 2221 -41.56 -46.52 32.61
C LEU C 2221 -40.49 -45.78 33.40
N GLY C 2222 -39.66 -45.04 32.67
CA GLY C 2222 -38.70 -44.12 33.24
C GLY C 2222 -39.22 -42.72 33.07
N PRO C 2223 -38.32 -41.75 32.87
CA PRO C 2223 -38.75 -40.41 32.46
C PRO C 2223 -39.54 -40.50 31.15
N GLN C 2224 -39.24 -41.51 30.33
CA GLN C 2224 -39.92 -41.73 29.07
C GLN C 2224 -40.58 -43.11 28.97
N SER C 2225 -41.20 -43.38 27.82
CA SER C 2225 -41.90 -44.64 27.57
C SER C 2225 -41.12 -45.58 26.66
N ILE C 2226 -40.65 -46.68 27.23
CA ILE C 2226 -39.92 -47.69 26.47
C ILE C 2226 -40.62 -49.05 26.61
N HIS C 2227 -41.06 -49.60 25.49
CA HIS C 2227 -41.68 -50.93 25.52
C HIS C 2227 -40.66 -51.97 25.08
N LEU C 2228 -40.21 -52.79 26.02
CA LEU C 2228 -39.28 -53.85 25.72
C LEU C 2228 -39.99 -54.95 24.93
N LYS C 2229 -39.30 -55.51 23.95
CA LYS C 2229 -39.90 -56.38 22.94
C LYS C 2229 -40.60 -57.59 23.54
N ASP C 2230 -41.85 -57.81 23.13
CA ASP C 2230 -42.71 -58.82 23.75
C ASP C 2230 -42.29 -60.23 23.37
N ALA C 2231 -42.05 -61.07 24.38
CA ALA C 2231 -41.56 -62.43 24.12
C ALA C 2231 -42.63 -63.48 24.29
N GLN C 2232 -43.07 -64.05 23.16
CA GLN C 2232 -44.02 -65.15 23.15
C GLN C 2232 -43.53 -66.28 22.24
N THR C 2233 -43.26 -67.44 22.81
CA THR C 2233 -42.72 -68.55 22.02
C THR C 2233 -43.81 -69.13 21.12
N PRO C 2234 -43.63 -69.01 19.79
CA PRO C 2234 -44.67 -69.37 18.82
C PRO C 2234 -45.01 -70.86 18.84
N THR C 2235 -46.30 -71.17 18.95
CA THR C 2235 -46.77 -72.54 18.83
C THR C 2235 -46.92 -72.86 17.35
N LEU C 2236 -47.82 -72.12 16.70
CA LEU C 2236 -48.09 -72.30 15.29
C LEU C 2236 -47.50 -71.17 14.45
N LEU C 2237 -46.96 -71.51 13.29
CA LEU C 2237 -46.45 -70.52 12.35
C LEU C 2237 -47.13 -70.70 11.00
N PHE C 2238 -47.68 -69.62 10.45
CA PHE C 2238 -48.45 -69.70 9.21
C PHE C 2238 -47.92 -68.78 8.12
N PRO C 2239 -46.96 -69.26 7.34
CA PRO C 2239 -46.41 -68.42 6.27
C PRO C 2239 -47.33 -68.36 5.06
N PHE C 2240 -48.48 -67.70 5.21
CA PHE C 2240 -49.44 -67.54 4.13
C PHE C 2240 -49.20 -66.28 3.30
N ALA C 2241 -48.10 -65.60 3.56
CA ALA C 2241 -47.74 -64.40 2.80
C ALA C 2241 -47.70 -64.73 1.32
N ALA C 2242 -48.48 -64.01 0.53
CA ALA C 2242 -48.68 -64.35 -0.87
C ALA C 2242 -48.54 -63.13 -1.77
N PRO C 2243 -47.32 -62.88 -2.26
CA PRO C 2243 -47.11 -61.82 -3.24
C PRO C 2243 -47.96 -62.06 -4.48
N ARG C 2244 -48.49 -60.98 -5.03
CA ARG C 2244 -49.39 -61.05 -6.17
C ARG C 2244 -48.68 -60.39 -7.34
N VAL C 2245 -49.11 -60.69 -8.57
CA VAL C 2245 -48.42 -60.15 -9.71
C VAL C 2245 -49.04 -58.79 -10.04
N ALA C 2246 -48.30 -57.75 -9.69
CA ALA C 2246 -48.62 -56.38 -10.08
C ALA C 2246 -47.32 -55.70 -10.50
N GLY C 2247 -47.24 -55.34 -11.77
CA GLY C 2247 -45.99 -54.99 -12.41
C GLY C 2247 -45.69 -53.53 -12.75
N ASP C 2248 -46.34 -52.60 -12.06
CA ASP C 2248 -46.28 -51.17 -12.44
C ASP C 2248 -44.88 -50.62 -12.74
N MET C 2249 -43.88 -51.08 -11.98
CA MET C 2249 -42.51 -50.65 -12.20
C MET C 2249 -41.82 -51.39 -13.37
N SER C 2250 -42.58 -52.27 -14.03
CA SER C 2250 -42.08 -53.12 -15.14
C SER C 2250 -41.44 -54.44 -14.69
N GLU C 2251 -41.51 -54.72 -13.39
CA GLU C 2251 -40.86 -55.87 -12.76
C GLU C 2251 -41.21 -57.22 -13.38
N VAL C 2252 -42.17 -57.23 -14.31
CA VAL C 2252 -42.69 -58.46 -14.91
C VAL C 2252 -41.62 -59.42 -15.41
N GLY C 2253 -41.82 -60.71 -15.09
CA GLY C 2253 -40.96 -61.77 -15.57
C GLY C 2253 -39.83 -62.15 -14.62
N SER C 2254 -39.45 -61.22 -13.75
CA SER C 2254 -38.40 -61.49 -12.77
C SER C 2254 -38.97 -61.86 -11.41
N ARG C 2255 -40.29 -61.87 -11.30
CA ARG C 2255 -40.97 -62.04 -10.02
C ARG C 2255 -40.88 -63.47 -9.50
N ALA C 2256 -41.06 -64.44 -10.38
CA ALA C 2256 -40.97 -65.84 -10.00
C ALA C 2256 -39.58 -66.19 -9.46
N GLU C 2257 -38.59 -65.39 -9.87
CA GLU C 2257 -37.23 -65.56 -9.37
C GLU C 2257 -37.10 -64.99 -7.96
N MET C 2258 -37.71 -63.82 -7.75
CA MET C 2258 -37.62 -63.14 -6.46
C MET C 2258 -38.47 -63.82 -5.40
N GLU C 2259 -39.65 -64.28 -5.80
CA GLU C 2259 -40.58 -64.93 -4.87
C GLU C 2259 -40.02 -66.24 -4.32
N MET C 2260 -39.08 -66.83 -5.04
CA MET C 2260 -38.43 -68.04 -4.57
C MET C 2260 -37.61 -67.75 -3.31
N LYS C 2261 -37.17 -66.51 -3.17
CA LYS C 2261 -36.55 -66.07 -1.92
C LYS C 2261 -37.63 -66.00 -0.84
N VAL C 2262 -38.72 -65.31 -1.17
CA VAL C 2262 -39.82 -65.09 -0.24
C VAL C 2262 -40.53 -66.36 0.18
N LEU C 2263 -40.94 -67.16 -0.80
CA LEU C 2263 -41.78 -68.33 -0.52
C LEU C 2263 -41.00 -69.46 0.15
N LEU C 2264 -39.69 -69.50 -0.04
CA LEU C 2264 -38.89 -70.59 0.50
C LEU C 2264 -37.68 -70.13 1.30
N TRP C 2265 -36.74 -69.46 0.63
CA TRP C 2265 -35.48 -69.05 1.24
C TRP C 2265 -35.68 -68.14 2.46
N ALA C 2266 -36.53 -67.14 2.32
CA ALA C 2266 -36.84 -66.23 3.42
C ALA C 2266 -37.68 -66.91 4.51
N VAL C 2267 -38.48 -67.89 4.10
CA VAL C 2267 -39.20 -68.73 5.03
C VAL C 2267 -38.19 -69.55 5.81
N GLN C 2268 -37.23 -70.12 5.08
CA GLN C 2268 -36.14 -70.88 5.69
C GLN C 2268 -35.42 -70.05 6.75
N ARG C 2269 -35.12 -68.80 6.42
CA ARG C 2269 -34.51 -67.90 7.37
C ARG C 2269 -35.49 -67.52 8.49
N LEU C 2270 -36.79 -67.56 8.17
CA LEU C 2270 -37.82 -67.29 9.16
C LEU C 2270 -37.92 -68.46 10.15
N ILE C 2271 -37.84 -69.66 9.60
CA ILE C 2271 -37.84 -70.88 10.40
C ILE C 2271 -36.56 -70.96 11.22
N SER C 2272 -35.44 -70.60 10.59
CA SER C 2272 -34.16 -70.57 11.26
C SER C 2272 -34.14 -69.51 12.36
N GLY C 2273 -34.76 -68.37 12.09
CA GLY C 2273 -34.80 -67.27 13.03
C GLY C 2273 -35.51 -67.64 14.32
N LEU C 2274 -36.69 -68.24 14.20
CA LEU C 2274 -37.46 -68.65 15.37
C LEU C 2274 -36.84 -69.88 16.03
N SER C 2275 -35.98 -70.57 15.29
CA SER C 2275 -35.26 -71.71 15.84
C SER C 2275 -34.15 -71.23 16.76
N LYS C 2276 -33.51 -70.12 16.39
CA LYS C 2276 -32.47 -69.51 17.20
C LYS C 2276 -33.03 -69.02 18.53
N ILE C 2277 -34.10 -68.24 18.45
CA ILE C 2277 -34.79 -67.72 19.63
C ILE C 2277 -35.17 -68.85 20.58
N GLY C 2278 -35.73 -69.91 20.02
CA GLY C 2278 -36.14 -71.06 20.80
C GLY C 2278 -34.98 -71.77 21.45
N ALA C 2279 -33.85 -71.81 20.75
CA ALA C 2279 -32.65 -72.48 21.27
C ALA C 2279 -31.90 -71.58 22.25
N GLU C 2280 -31.78 -70.30 21.93
CA GLU C 2280 -31.07 -69.35 22.79
C GLU C 2280 -31.80 -69.16 24.11
N ARG C 2281 -33.10 -68.93 24.03
CA ARG C 2281 -33.92 -68.76 25.23
C ARG C 2281 -34.32 -70.12 25.77
N ASP C 2282 -33.87 -71.16 25.09
CA ASP C 2282 -33.95 -72.52 25.59
C ASP C 2282 -35.36 -73.02 25.88
N ILE C 2283 -36.13 -73.26 24.82
CA ILE C 2283 -37.41 -73.93 24.95
C ILE C 2283 -37.38 -75.25 24.18
N ALA C 2284 -38.01 -76.28 24.75
CA ALA C 2284 -38.13 -77.56 24.06
C ALA C 2284 -39.43 -77.59 23.27
N SER C 2285 -40.22 -76.52 23.42
CA SER C 2285 -41.50 -76.40 22.72
C SER C 2285 -41.31 -76.46 21.21
N ARG C 2286 -42.10 -77.30 20.55
CA ARG C 2286 -42.01 -77.43 19.10
C ARG C 2286 -42.92 -76.43 18.40
N LEU C 2287 -42.32 -75.55 17.61
CA LEU C 2287 -43.09 -74.63 16.78
C LEU C 2287 -43.64 -75.42 15.61
N HIS C 2288 -44.97 -75.41 15.45
CA HIS C 2288 -45.60 -76.13 14.37
C HIS C 2288 -45.75 -75.19 13.19
N VAL C 2289 -44.98 -75.44 12.14
CA VAL C 2289 -45.05 -74.63 10.95
C VAL C 2289 -45.89 -75.34 9.90
N VAL C 2290 -47.05 -74.76 9.60
CA VAL C 2290 -47.90 -75.33 8.57
C VAL C 2290 -47.41 -74.82 7.22
N LEU C 2291 -46.94 -75.74 6.39
CA LEU C 2291 -46.38 -75.38 5.09
C LEU C 2291 -47.47 -75.35 4.03
N PRO C 2292 -47.81 -74.15 3.54
CA PRO C 2292 -48.91 -73.94 2.59
C PRO C 2292 -48.62 -74.55 1.22
N GLY C 2293 -48.54 -75.88 1.16
CA GLY C 2293 -48.29 -76.56 -0.09
C GLY C 2293 -49.40 -76.38 -1.10
N SER C 2294 -49.02 -76.31 -2.37
CA SER C 2294 -49.98 -76.24 -3.47
C SER C 2294 -50.53 -77.63 -3.78
N PRO C 2295 -51.82 -77.71 -4.14
CA PRO C 2295 -52.44 -79.03 -4.28
C PRO C 2295 -51.91 -79.79 -5.49
N ASN C 2296 -51.51 -81.04 -5.27
CA ASN C 2296 -51.28 -82.01 -6.34
C ASN C 2296 -50.50 -81.50 -7.56
N ARG C 2297 -49.19 -81.30 -7.38
CA ARG C 2297 -48.32 -80.86 -8.46
C ARG C 2297 -48.31 -81.83 -9.63
N GLY C 2298 -48.24 -81.29 -10.85
CA GLY C 2298 -48.08 -82.10 -12.05
C GLY C 2298 -49.35 -82.51 -12.77
N MET C 2299 -50.47 -82.52 -12.08
CA MET C 2299 -51.76 -82.86 -12.69
C MET C 2299 -52.57 -81.64 -13.10
N PHE C 2300 -52.00 -80.45 -12.93
CA PHE C 2300 -52.58 -79.22 -13.44
C PHE C 2300 -51.52 -78.45 -14.21
N GLY C 2301 -51.89 -77.98 -15.40
CA GLY C 2301 -50.99 -77.13 -16.17
C GLY C 2301 -51.42 -75.69 -16.23
N GLY C 2302 -52.58 -75.40 -15.64
CA GLY C 2302 -53.21 -74.09 -15.78
C GLY C 2302 -52.96 -73.09 -14.68
N ASP C 2303 -52.52 -73.55 -13.51
CA ASP C 2303 -52.25 -72.65 -12.40
C ASP C 2303 -51.09 -71.73 -12.75
N GLY C 2304 -49.98 -72.32 -13.18
CA GLY C 2304 -48.83 -71.57 -13.65
C GLY C 2304 -47.89 -71.07 -12.57
N ALA C 2305 -48.37 -71.05 -11.32
CA ALA C 2305 -47.55 -70.55 -10.22
C ALA C 2305 -47.47 -71.56 -9.08
N TYR C 2306 -48.61 -71.84 -8.46
CA TYR C 2306 -48.70 -72.75 -7.31
C TYR C 2306 -48.03 -74.12 -7.54
N GLY C 2307 -48.44 -74.80 -8.60
CA GLY C 2307 -48.05 -76.17 -8.85
C GLY C 2307 -46.56 -76.47 -8.83
N GLU C 2308 -45.78 -75.60 -9.44
CA GLU C 2308 -44.34 -75.82 -9.54
C GLU C 2308 -43.57 -75.42 -8.28
N ALA C 2309 -43.94 -74.28 -7.71
CA ALA C 2309 -43.16 -73.67 -6.63
C ALA C 2309 -43.17 -74.50 -5.34
N LYS C 2310 -44.28 -75.16 -5.07
CA LYS C 2310 -44.47 -75.82 -3.78
C LYS C 2310 -44.07 -77.29 -3.74
N SER C 2311 -43.49 -77.78 -4.83
CA SER C 2311 -43.08 -79.19 -4.91
C SER C 2311 -41.75 -79.41 -4.19
N ALA C 2312 -41.04 -78.32 -3.92
CA ALA C 2312 -39.77 -78.39 -3.21
C ALA C 2312 -39.98 -78.42 -1.70
N LEU C 2313 -41.23 -78.32 -1.28
CA LEU C 2313 -41.58 -78.48 0.12
C LEU C 2313 -41.34 -79.90 0.59
N ASP C 2314 -41.38 -80.85 -0.35
CA ASP C 2314 -41.01 -82.24 -0.09
C ASP C 2314 -39.52 -82.31 0.16
N ALA C 2315 -38.77 -81.43 -0.50
CA ALA C 2315 -37.33 -81.35 -0.30
C ALA C 2315 -37.02 -80.61 0.99
N LEU C 2316 -37.93 -79.73 1.40
CA LEU C 2316 -37.77 -78.97 2.63
C LEU C 2316 -38.04 -79.87 3.84
N GLU C 2317 -38.94 -80.83 3.66
CA GLU C 2317 -39.21 -81.82 4.69
C GLU C 2317 -37.98 -82.71 4.88
N ASN C 2318 -37.19 -82.82 3.82
CA ASN C 2318 -35.95 -83.58 3.88
C ASN C 2318 -34.87 -82.87 4.68
N ARG C 2319 -34.88 -81.54 4.63
CA ARG C 2319 -33.92 -80.74 5.38
C ARG C 2319 -34.12 -80.90 6.88
N TRP C 2320 -35.38 -81.00 7.29
CA TRP C 2320 -35.71 -81.23 8.70
C TRP C 2320 -35.40 -82.67 9.08
N SER C 2321 -35.58 -83.58 8.13
CA SER C 2321 -35.29 -84.99 8.35
C SER C 2321 -33.79 -85.23 8.32
N ALA C 2322 -33.05 -84.26 7.79
CA ALA C 2322 -31.59 -84.33 7.76
C ALA C 2322 -31.01 -83.65 9.00
N GLU C 2323 -31.23 -82.35 9.12
CA GLU C 2323 -30.75 -81.59 10.27
C GLU C 2323 -31.34 -82.14 11.57
N LYS C 2324 -30.46 -82.47 12.51
CA LYS C 2324 -30.85 -83.19 13.72
C LYS C 2324 -31.45 -82.31 14.83
N SER C 2325 -30.87 -81.14 15.04
CA SER C 2325 -31.22 -80.30 16.18
C SER C 2325 -32.46 -79.43 15.95
N TRP C 2326 -33.03 -79.51 14.75
CA TRP C 2326 -34.20 -78.70 14.41
C TRP C 2326 -35.51 -79.26 14.97
N ALA C 2327 -35.49 -80.54 15.36
CA ALA C 2327 -36.68 -81.24 15.79
C ALA C 2327 -37.40 -80.57 16.97
N GLU C 2328 -36.64 -80.25 18.01
CA GLU C 2328 -37.22 -79.66 19.21
C GLU C 2328 -37.77 -78.26 18.99
N ARG C 2329 -37.12 -77.50 18.11
CA ARG C 2329 -37.55 -76.13 17.83
C ARG C 2329 -38.71 -76.04 16.83
N VAL C 2330 -38.65 -76.83 15.76
CA VAL C 2330 -39.63 -76.70 14.68
C VAL C 2330 -40.16 -78.06 14.18
N SER C 2331 -41.48 -78.15 14.06
CA SER C 2331 -42.12 -79.29 13.43
C SER C 2331 -42.78 -78.87 12.13
N LEU C 2332 -42.59 -79.66 11.09
CA LEU C 2332 -43.14 -79.33 9.77
C LEU C 2332 -44.47 -80.02 9.51
N ALA C 2333 -45.54 -79.23 9.39
CA ALA C 2333 -46.85 -79.74 9.03
C ALA C 2333 -47.18 -79.33 7.60
N HIS C 2334 -47.21 -80.29 6.69
CA HIS C 2334 -47.43 -79.97 5.28
C HIS C 2334 -48.90 -80.07 4.89
N ALA C 2335 -49.44 -78.96 4.38
CA ALA C 2335 -50.83 -78.90 3.96
C ALA C 2335 -50.95 -78.52 2.49
N LEU C 2336 -51.63 -79.35 1.72
CA LEU C 2336 -51.87 -79.05 0.32
C LEU C 2336 -53.22 -78.34 0.20
N ILE C 2337 -53.19 -77.06 -0.12
CA ILE C 2337 -54.41 -76.26 -0.12
C ILE C 2337 -55.07 -76.39 -1.48
N GLY C 2338 -56.26 -76.98 -1.51
CA GLY C 2338 -56.94 -77.29 -2.76
C GLY C 2338 -57.55 -76.07 -3.42
N TRP C 2339 -58.50 -76.30 -4.32
CA TRP C 2339 -59.14 -75.21 -5.02
C TRP C 2339 -59.94 -74.44 -3.97
N THR C 2340 -59.65 -73.16 -3.85
CA THR C 2340 -60.26 -72.32 -2.82
C THR C 2340 -60.64 -70.99 -3.42
N LYS C 2341 -61.91 -70.60 -3.30
CA LYS C 2341 -62.43 -69.49 -4.07
C LYS C 2341 -62.35 -68.13 -3.36
N GLY C 2342 -61.45 -67.28 -3.84
CA GLY C 2342 -61.42 -65.88 -3.46
C GLY C 2342 -62.05 -65.04 -4.54
N THR C 2343 -62.47 -63.83 -4.18
CA THR C 2343 -63.13 -62.95 -5.14
C THR C 2343 -62.17 -62.20 -6.07
N GLY C 2344 -61.11 -61.64 -5.50
CA GLY C 2344 -60.21 -60.77 -6.25
C GLY C 2344 -59.40 -61.43 -7.35
N LEU C 2345 -58.62 -62.44 -6.99
CA LEU C 2345 -57.73 -63.10 -7.94
C LEU C 2345 -58.52 -64.03 -8.85
N MET C 2346 -59.47 -64.73 -8.24
CA MET C 2346 -60.22 -65.79 -8.91
C MET C 2346 -61.55 -65.36 -9.51
N GLY C 2347 -61.80 -64.06 -9.53
CA GLY C 2347 -63.05 -63.52 -10.06
C GLY C 2347 -63.40 -64.01 -11.44
N GLN C 2348 -62.40 -64.42 -12.21
CA GLN C 2348 -62.62 -65.11 -13.48
C GLN C 2348 -62.94 -66.58 -13.23
N ASN C 2349 -62.25 -67.19 -12.28
CA ASN C 2349 -62.40 -68.62 -12.02
C ASN C 2349 -63.72 -68.99 -11.35
N ASP C 2350 -64.44 -67.99 -10.85
CA ASP C 2350 -65.65 -68.21 -10.05
C ASP C 2350 -66.78 -68.89 -10.82
N ALA C 2351 -66.91 -68.56 -12.11
CA ALA C 2351 -68.01 -69.07 -12.91
C ALA C 2351 -67.88 -70.55 -13.24
N ILE C 2352 -66.65 -71.00 -13.42
CA ILE C 2352 -66.38 -72.38 -13.78
C ILE C 2352 -66.13 -73.27 -12.57
N VAL C 2353 -66.26 -72.68 -11.38
CA VAL C 2353 -66.19 -73.44 -10.14
C VAL C 2353 -67.23 -74.55 -10.16
N SER C 2354 -68.41 -74.22 -10.66
CA SER C 2354 -69.48 -75.20 -10.81
C SER C 2354 -69.11 -76.24 -11.87
N ALA C 2355 -68.41 -75.81 -12.91
CA ALA C 2355 -68.04 -76.70 -14.02
C ALA C 2355 -67.03 -77.76 -13.59
N VAL C 2356 -66.00 -77.33 -12.84
CA VAL C 2356 -64.98 -78.25 -12.35
C VAL C 2356 -65.58 -79.21 -11.33
N GLU C 2357 -66.57 -78.72 -10.59
CA GLU C 2357 -67.23 -79.50 -9.55
C GLU C 2357 -68.13 -80.59 -10.14
N GLU C 2358 -68.32 -80.55 -11.45
CA GLU C 2358 -69.16 -81.53 -12.15
C GLU C 2358 -68.41 -82.82 -12.41
N ALA C 2359 -67.12 -82.83 -12.13
CA ALA C 2359 -66.28 -84.00 -12.38
C ALA C 2359 -66.27 -84.93 -11.16
N GLY C 2360 -67.04 -84.59 -10.15
CA GLY C 2360 -67.08 -85.36 -8.92
C GLY C 2360 -65.99 -84.91 -7.98
N VAL C 2361 -65.60 -83.65 -8.13
CA VAL C 2361 -64.50 -83.08 -7.35
C VAL C 2361 -64.99 -81.91 -6.51
N THR C 2362 -64.27 -81.58 -5.45
CA THR C 2362 -64.70 -80.56 -4.51
C THR C 2362 -63.83 -79.30 -4.55
N THR C 2363 -64.47 -78.15 -4.72
CA THR C 2363 -63.81 -76.87 -4.58
C THR C 2363 -64.27 -76.25 -3.25
N TYR C 2364 -63.37 -75.53 -2.58
CA TYR C 2364 -63.63 -75.09 -1.22
C TYR C 2364 -63.81 -73.59 -1.07
N THR C 2365 -64.70 -73.20 -0.16
CA THR C 2365 -64.80 -71.81 0.28
C THR C 2365 -63.66 -71.53 1.25
N THR C 2366 -63.35 -70.25 1.45
CA THR C 2366 -62.27 -69.85 2.35
C THR C 2366 -62.50 -70.32 3.79
N ASP C 2367 -63.76 -70.34 4.21
CA ASP C 2367 -64.10 -70.78 5.55
C ASP C 2367 -63.92 -72.29 5.71
N GLU C 2368 -64.20 -73.02 4.65
CA GLU C 2368 -64.01 -74.47 4.64
C GLU C 2368 -62.54 -74.84 4.75
N MET C 2369 -61.71 -74.20 3.94
CA MET C 2369 -60.28 -74.45 3.94
C MET C 2369 -59.63 -74.01 5.25
N ALA C 2370 -60.13 -72.91 5.81
CA ALA C 2370 -59.66 -72.44 7.10
C ALA C 2370 -59.91 -73.49 8.16
N ALA C 2371 -61.07 -74.13 8.09
CA ALA C 2371 -61.43 -75.19 9.03
C ALA C 2371 -60.51 -76.40 8.87
N MET C 2372 -60.11 -76.66 7.63
CA MET C 2372 -59.22 -77.78 7.36
C MET C 2372 -57.84 -77.50 7.93
N LEU C 2373 -57.46 -76.23 7.96
CA LEU C 2373 -56.15 -75.86 8.47
C LEU C 2373 -56.08 -75.91 10.00
N LEU C 2374 -57.20 -75.59 10.64
CA LEU C 2374 -57.28 -75.63 12.11
C LEU C 2374 -57.23 -77.06 12.61
N ASP C 2375 -57.83 -77.98 11.86
CA ASP C 2375 -57.90 -79.38 12.25
C ASP C 2375 -56.51 -80.00 12.33
N LEU C 2376 -55.59 -79.44 11.56
CA LEU C 2376 -54.17 -79.80 11.66
C LEU C 2376 -53.57 -79.21 12.93
N CYS C 2377 -54.22 -78.19 13.48
CA CYS C 2377 -53.71 -77.51 14.67
C CYS C 2377 -54.33 -78.10 15.94
N THR C 2378 -55.16 -79.13 15.78
CA THR C 2378 -55.74 -79.83 16.92
C THR C 2378 -54.66 -80.62 17.65
N VAL C 2379 -54.89 -80.87 18.93
CA VAL C 2379 -53.94 -81.58 19.78
C VAL C 2379 -53.56 -82.93 19.21
N GLU C 2380 -54.51 -83.60 18.56
CA GLU C 2380 -54.29 -84.94 18.01
C GLU C 2380 -53.24 -84.91 16.91
N THR C 2381 -53.40 -83.97 15.98
CA THR C 2381 -52.48 -83.86 14.84
C THR C 2381 -51.22 -83.08 15.17
N LYS C 2382 -51.24 -82.34 16.28
CA LYS C 2382 -50.04 -81.63 16.72
C LYS C 2382 -48.97 -82.63 17.18
N VAL C 2383 -49.37 -83.56 18.04
CA VAL C 2383 -48.47 -84.58 18.55
C VAL C 2383 -47.96 -85.48 17.42
N ALA C 2384 -48.80 -85.67 16.40
CA ALA C 2384 -48.42 -86.46 15.24
C ALA C 2384 -47.26 -85.80 14.50
N ALA C 2385 -47.25 -84.47 14.49
CA ALA C 2385 -46.20 -83.71 13.84
C ALA C 2385 -44.90 -83.73 14.65
N ALA C 2386 -45.02 -83.93 15.95
CA ALA C 2386 -43.86 -83.98 16.83
C ALA C 2386 -43.07 -85.27 16.63
N GLY C 2387 -43.78 -86.33 16.25
CA GLY C 2387 -43.15 -87.62 16.03
C GLY C 2387 -42.53 -87.75 14.65
N ALA C 2388 -43.10 -87.02 13.69
CA ALA C 2388 -42.69 -87.10 12.29
C ALA C 2388 -43.48 -86.08 11.46
N PRO C 2389 -42.87 -85.58 10.38
CA PRO C 2389 -43.52 -84.60 9.49
C PRO C 2389 -44.85 -85.12 8.95
N VAL C 2390 -45.88 -84.27 9.00
CA VAL C 2390 -47.20 -84.66 8.55
C VAL C 2390 -47.56 -83.97 7.24
N LYS C 2391 -47.78 -84.77 6.20
CA LYS C 2391 -48.22 -84.25 4.91
C LYS C 2391 -49.71 -84.48 4.73
N VAL C 2392 -50.47 -83.39 4.68
CA VAL C 2392 -51.93 -83.49 4.60
C VAL C 2392 -52.44 -83.04 3.24
N ASP C 2393 -53.29 -83.85 2.63
CA ASP C 2393 -53.93 -83.47 1.39
C ASP C 2393 -55.30 -82.88 1.72
N LEU C 2394 -55.42 -81.57 1.54
CA LEU C 2394 -56.68 -80.87 1.80
C LEU C 2394 -57.45 -80.69 0.51
N THR C 2395 -56.91 -81.25 -0.57
CA THR C 2395 -57.52 -81.15 -1.89
C THR C 2395 -58.82 -81.94 -1.96
N GLY C 2396 -59.72 -81.52 -2.85
CA GLY C 2396 -61.03 -82.12 -2.96
C GLY C 2396 -61.08 -83.28 -3.95
N GLY C 2397 -59.93 -83.89 -4.19
CA GLY C 2397 -59.84 -84.98 -5.15
C GLY C 2397 -59.45 -84.48 -6.52
N LEU C 2398 -58.82 -83.31 -6.57
CA LEU C 2398 -58.36 -82.72 -7.82
C LEU C 2398 -57.15 -83.49 -8.39
N GLY C 2399 -56.65 -84.46 -7.63
CA GLY C 2399 -55.48 -85.21 -8.01
C GLY C 2399 -55.68 -86.23 -9.12
N ASP C 2400 -56.74 -87.02 -9.02
CA ASP C 2400 -57.03 -88.04 -10.01
C ASP C 2400 -57.86 -87.46 -11.16
N ILE C 2401 -58.05 -86.14 -11.11
CA ILE C 2401 -58.80 -85.41 -12.12
C ILE C 2401 -58.27 -85.66 -13.54
N LYS C 2402 -59.18 -86.02 -14.44
CA LYS C 2402 -58.86 -86.24 -15.84
C LYS C 2402 -59.19 -85.02 -16.69
N ILE C 2403 -59.70 -83.97 -16.04
CA ILE C 2403 -60.05 -82.72 -16.71
C ILE C 2403 -58.82 -82.08 -17.36
N ASP C 2404 -58.92 -81.76 -18.64
CA ASP C 2404 -57.83 -81.14 -19.37
C ASP C 2404 -57.74 -79.65 -19.06
N MET C 2405 -56.60 -79.23 -18.53
CA MET C 2405 -56.41 -77.84 -18.13
C MET C 2405 -56.14 -76.95 -19.35
N ALA C 2406 -55.64 -77.56 -20.42
CA ALA C 2406 -55.35 -76.83 -21.65
C ALA C 2406 -56.62 -76.15 -22.19
N GLU C 2407 -57.77 -76.74 -21.90
CA GLU C 2407 -59.05 -76.17 -22.32
C GLU C 2407 -59.81 -75.58 -21.14
N LEU C 2408 -60.28 -76.44 -20.24
CA LEU C 2408 -61.19 -76.02 -19.16
C LEU C 2408 -60.64 -74.96 -18.21
N ALA C 2409 -59.32 -74.73 -18.25
CA ALA C 2409 -58.71 -73.65 -17.50
C ALA C 2409 -58.61 -72.40 -18.37
N ALA C 2410 -57.91 -72.52 -19.49
CA ALA C 2410 -57.77 -71.41 -20.43
C ALA C 2410 -59.13 -70.91 -20.89
N LYS C 2411 -60.01 -71.85 -21.22
CA LYS C 2411 -61.35 -71.51 -21.67
C LYS C 2411 -62.09 -70.71 -20.60
N ALA C 2412 -61.87 -71.08 -19.33
CA ALA C 2412 -62.48 -70.39 -18.22
C ALA C 2412 -61.87 -68.99 -18.04
N ARG C 2413 -60.56 -68.90 -18.21
CA ARG C 2413 -59.86 -67.63 -18.10
C ARG C 2413 -60.20 -66.74 -19.29
N GLU C 2414 -60.37 -67.33 -20.46
CA GLU C 2414 -60.66 -66.58 -21.68
C GLU C 2414 -62.08 -66.02 -21.71
N GLU C 2415 -63.06 -66.87 -21.42
CA GLU C 2415 -64.46 -66.46 -21.44
C GLU C 2415 -64.75 -65.36 -20.42
N MET C 2416 -64.19 -65.52 -19.22
CA MET C 2416 -64.47 -64.59 -18.12
C MET C 2416 -63.67 -63.29 -18.23
N SER C 2417 -62.45 -63.38 -18.74
CA SER C 2417 -61.68 -62.16 -19.03
C SER C 2417 -62.41 -61.40 -20.12
N GLY C 2418 -62.84 -62.13 -21.15
CA GLY C 2418 -63.61 -61.57 -22.24
C GLY C 2418 -64.90 -60.94 -21.75
N ALA C 2419 -65.58 -61.63 -20.84
CA ALA C 2419 -66.80 -61.10 -20.23
C ALA C 2419 -66.49 -59.82 -19.49
N ALA C 2420 -65.30 -59.76 -18.89
CA ALA C 2420 -64.83 -58.55 -18.23
C ALA C 2420 -64.28 -57.56 -19.27
N ASP C 2421 -63.70 -58.10 -20.34
CA ASP C 2421 -63.17 -57.26 -21.41
C ASP C 2421 -64.28 -56.75 -22.34
N GLU C 2422 -65.38 -57.47 -22.40
CA GLU C 2422 -66.51 -56.99 -23.21
C GLU C 2422 -67.43 -56.19 -22.31
N SER C 2423 -67.42 -54.88 -22.52
CA SER C 2423 -68.26 -53.96 -21.78
C SER C 2423 -69.48 -53.59 -22.60
N ASP C 2424 -70.22 -52.60 -22.10
CA ASP C 2424 -71.38 -52.06 -22.79
C ASP C 2424 -71.87 -50.88 -21.98
N ASP C 2425 -72.67 -50.03 -22.61
CA ASP C 2425 -73.20 -48.87 -21.92
C ASP C 2425 -74.72 -48.91 -21.89
N GLU C 2426 -75.27 -49.13 -20.70
CA GLU C 2426 -76.71 -49.03 -20.50
C GLU C 2426 -77.00 -47.56 -20.28
N ALA C 2427 -77.91 -47.02 -21.08
CA ALA C 2427 -78.17 -45.58 -21.07
C ALA C 2427 -78.59 -45.11 -19.69
N PRO C 2428 -77.86 -44.14 -19.16
CA PRO C 2428 -78.22 -43.51 -17.90
C PRO C 2428 -78.24 -42.01 -18.09
N ALA C 2429 -79.43 -41.42 -18.03
CA ALA C 2429 -79.57 -39.98 -18.12
C ALA C 2429 -79.97 -39.47 -16.75
N GLY C 2430 -79.04 -38.79 -16.08
CA GLY C 2430 -79.28 -38.32 -14.73
C GLY C 2430 -78.66 -36.97 -14.48
N THR C 2431 -79.46 -36.06 -13.92
CA THR C 2431 -78.94 -34.79 -13.41
C THR C 2431 -79.37 -34.69 -11.96
N ILE C 2432 -78.39 -34.75 -11.06
CA ILE C 2432 -78.68 -34.76 -9.63
C ILE C 2432 -78.29 -33.43 -8.99
N ARG C 2433 -79.08 -33.00 -8.01
CA ARG C 2433 -78.78 -31.79 -7.26
C ARG C 2433 -78.86 -32.03 -5.75
N ALA C 2434 -78.28 -31.12 -4.98
CA ALA C 2434 -78.22 -31.28 -3.53
C ALA C 2434 -78.70 -30.05 -2.79
N LEU C 2435 -79.73 -30.22 -1.97
CA LEU C 2435 -80.35 -29.14 -1.22
C LEU C 2435 -81.42 -29.71 -0.29
N PRO C 2436 -81.85 -28.90 0.66
CA PRO C 2436 -82.74 -29.41 1.71
C PRO C 2436 -83.65 -28.35 2.30
N SER C 2437 -84.68 -28.81 3.00
CA SER C 2437 -85.57 -27.94 3.75
C SER C 2437 -84.87 -27.41 4.98
N PRO C 2438 -85.39 -26.34 5.56
CA PRO C 2438 -84.85 -25.79 6.80
C PRO C 2438 -84.89 -26.83 7.90
N PRO C 2439 -83.92 -26.77 8.81
CA PRO C 2439 -83.75 -27.78 9.86
C PRO C 2439 -85.01 -27.96 10.72
N ARG C 2440 -85.35 -29.22 10.94
CA ARG C 2440 -86.49 -29.56 11.79
C ARG C 2440 -86.02 -30.27 13.06
N GLY C 2441 -86.97 -30.64 13.91
CA GLY C 2441 -86.63 -31.32 15.17
C GLY C 2441 -87.45 -32.60 15.33
N TYR C 2442 -86.76 -33.68 15.69
CA TYR C 2442 -87.42 -34.96 15.91
C TYR C 2442 -87.60 -35.19 17.40
N ASN C 2443 -88.85 -35.19 17.85
CA ASN C 2443 -89.18 -35.36 19.26
C ASN C 2443 -88.85 -36.77 19.75
N PRO C 2444 -88.68 -36.90 21.06
CA PRO C 2444 -88.41 -38.20 21.66
C PRO C 2444 -89.58 -38.61 22.54
N ALA C 2445 -89.75 -39.91 22.76
CA ALA C 2445 -90.88 -40.40 23.52
C ALA C 2445 -90.49 -40.53 25.00
N PRO C 2446 -91.07 -39.68 25.83
CA PRO C 2446 -90.74 -39.63 27.24
C PRO C 2446 -91.99 -39.56 28.12
N ALA C 2447 -92.08 -40.47 29.08
CA ALA C 2447 -93.20 -40.48 30.01
C ALA C 2447 -92.84 -39.71 31.27
N PRO C 2448 -93.69 -38.75 31.63
CA PRO C 2448 -93.42 -37.91 32.79
C PRO C 2448 -94.65 -37.74 33.68
N GLU C 2449 -94.51 -38.12 34.94
CA GLU C 2449 -95.53 -37.87 35.94
C GLU C 2449 -95.09 -36.66 36.76
N TRP C 2450 -95.80 -35.54 36.60
CA TRP C 2450 -95.33 -34.28 37.15
C TRP C 2450 -96.44 -33.41 37.72
N ASP C 2451 -96.06 -32.51 38.62
CA ASP C 2451 -96.96 -31.49 39.13
C ASP C 2451 -96.57 -30.16 38.50
N ASP C 2452 -97.57 -29.33 38.24
CA ASP C 2452 -97.35 -28.10 37.47
C ASP C 2452 -96.80 -26.94 38.29
N LEU C 2453 -97.63 -26.39 39.17
CA LEU C 2453 -97.33 -25.14 39.87
C LEU C 2453 -96.13 -25.19 40.81
N ASP C 2454 -95.65 -26.41 41.12
CA ASP C 2454 -94.61 -26.59 42.14
C ASP C 2454 -93.28 -25.88 41.85
N VAL C 2455 -92.86 -25.87 40.59
CA VAL C 2455 -91.55 -25.33 40.25
C VAL C 2455 -91.61 -23.86 39.81
N ASP C 2456 -90.79 -23.04 40.46
CA ASP C 2456 -90.72 -21.61 40.18
C ASP C 2456 -89.89 -21.37 38.92
N PRO C 2457 -90.53 -20.83 37.87
CA PRO C 2457 -89.86 -20.56 36.60
C PRO C 2457 -88.82 -19.45 36.72
N ALA C 2458 -88.98 -18.60 37.73
CA ALA C 2458 -88.04 -17.51 37.95
C ALA C 2458 -86.71 -18.01 38.51
N ASP C 2459 -86.74 -19.19 39.14
CA ASP C 2459 -85.57 -19.77 39.77
C ASP C 2459 -84.85 -20.78 38.85
N LEU C 2460 -85.39 -20.97 37.66
CA LEU C 2460 -84.81 -21.92 36.72
C LEU C 2460 -83.99 -21.20 35.65
N VAL C 2461 -82.91 -21.84 35.24
CA VAL C 2461 -82.08 -21.33 34.15
C VAL C 2461 -82.25 -22.22 32.92
N VAL C 2462 -82.55 -21.59 31.79
CA VAL C 2462 -82.90 -22.29 30.56
C VAL C 2462 -82.06 -21.74 29.42
N ILE C 2463 -81.59 -22.61 28.53
CA ILE C 2463 -80.78 -22.16 27.40
C ILE C 2463 -81.68 -21.79 26.21
N VAL C 2464 -81.66 -20.51 25.84
CA VAL C 2464 -82.48 -20.02 24.74
C VAL C 2464 -81.87 -20.35 23.39
N GLY C 2465 -80.55 -20.18 23.29
CA GLY C 2465 -79.84 -20.45 22.05
C GLY C 2465 -78.35 -20.54 22.25
N GLY C 2466 -77.62 -20.82 21.17
CA GLY C 2466 -76.18 -20.91 21.22
C GLY C 2466 -75.52 -21.02 19.85
N ALA C 2467 -74.24 -20.68 19.79
CA ALA C 2467 -73.47 -20.77 18.56
C ALA C 2467 -71.99 -20.92 18.85
N GLU C 2468 -71.23 -21.34 17.84
CA GLU C 2468 -69.79 -21.51 18.00
C GLU C 2468 -69.03 -21.24 16.71
N LEU C 2469 -67.81 -20.74 16.85
CA LEU C 2469 -66.89 -20.60 15.73
C LEU C 2469 -65.65 -21.42 16.01
N GLY C 2470 -65.40 -22.43 15.18
CA GLY C 2470 -64.30 -23.34 15.40
C GLY C 2470 -63.77 -23.96 14.13
N PRO C 2471 -62.79 -24.87 14.27
CA PRO C 2471 -62.09 -25.51 13.15
C PRO C 2471 -63.03 -26.21 12.16
N TYR C 2472 -64.20 -26.62 12.62
CA TYR C 2472 -65.18 -27.28 11.76
C TYR C 2472 -66.30 -26.35 11.27
N GLY C 2473 -66.20 -25.07 11.61
CA GLY C 2473 -67.23 -24.11 11.25
C GLY C 2473 -68.23 -23.88 12.37
N SER C 2474 -69.45 -23.47 12.00
CA SER C 2474 -70.47 -23.16 12.99
C SER C 2474 -71.01 -24.41 13.68
N SER C 2475 -71.94 -24.21 14.60
CA SER C 2475 -72.51 -25.30 15.39
C SER C 2475 -73.25 -26.31 14.53
N ARG C 2476 -73.76 -25.84 13.40
CA ARG C 2476 -74.50 -26.70 12.48
C ARG C 2476 -73.59 -27.67 11.74
N THR C 2477 -72.51 -27.15 11.19
CA THR C 2477 -71.56 -27.96 10.41
C THR C 2477 -70.69 -28.84 11.29
N ARG C 2478 -70.33 -28.32 12.47
CA ARG C 2478 -69.50 -29.06 13.41
C ARG C 2478 -70.25 -30.29 13.94
N PHE C 2479 -71.53 -30.09 14.26
CA PHE C 2479 -72.36 -31.17 14.77
C PHE C 2479 -72.57 -32.26 13.73
N GLU C 2480 -72.64 -31.84 12.46
CA GLU C 2480 -72.78 -32.80 11.37
C GLU C 2480 -71.53 -33.67 11.25
N MET C 2481 -70.36 -33.04 11.37
CA MET C 2481 -69.10 -33.78 11.25
C MET C 2481 -68.87 -34.68 12.46
N GLU C 2482 -69.31 -34.23 13.64
CA GLU C 2482 -69.15 -35.00 14.86
C GLU C 2482 -70.05 -36.24 14.90
N VAL C 2483 -71.35 -36.03 14.67
CA VAL C 2483 -72.32 -37.10 14.73
C VAL C 2483 -72.29 -38.02 13.51
N SER C 2484 -72.31 -37.42 12.32
CA SER C 2484 -72.33 -38.18 11.08
C SER C 2484 -70.93 -38.59 10.63
N GLY C 2485 -70.09 -37.59 10.39
CA GLY C 2485 -68.76 -37.83 9.86
C GLY C 2485 -68.66 -37.36 8.43
N GLU C 2486 -69.81 -36.99 7.87
CA GLU C 2486 -69.87 -36.43 6.52
C GLU C 2486 -70.95 -35.35 6.45
N LEU C 2487 -70.71 -34.34 5.64
CA LEU C 2487 -71.65 -33.23 5.52
C LEU C 2487 -72.83 -33.60 4.63
N SER C 2488 -73.98 -32.97 4.91
CA SER C 2488 -75.14 -33.10 4.05
C SER C 2488 -75.04 -32.07 2.93
N ALA C 2489 -76.13 -31.90 2.19
CA ALA C 2489 -76.20 -30.87 1.16
C ALA C 2489 -75.99 -29.49 1.80
N ALA C 2490 -76.72 -29.23 2.87
CA ALA C 2490 -76.61 -27.96 3.59
C ALA C 2490 -75.26 -27.85 4.30
N GLY C 2491 -74.63 -28.98 4.57
CA GLY C 2491 -73.34 -29.01 5.23
C GLY C 2491 -72.24 -28.44 4.36
N VAL C 2492 -72.16 -28.92 3.13
CA VAL C 2492 -71.13 -28.47 2.20
C VAL C 2492 -71.45 -27.07 1.68
N LEU C 2493 -72.74 -26.80 1.47
CA LEU C 2493 -73.18 -25.48 1.03
C LEU C 2493 -72.80 -24.38 2.02
N GLU C 2494 -72.96 -24.67 3.30
CA GLU C 2494 -72.65 -23.70 4.34
C GLU C 2494 -71.14 -23.53 4.51
N LEU C 2495 -70.41 -24.64 4.50
CA LEU C 2495 -68.95 -24.59 4.63
C LEU C 2495 -68.29 -23.90 3.45
N ALA C 2496 -68.75 -24.20 2.23
CA ALA C 2496 -68.23 -23.55 1.04
C ALA C 2496 -68.49 -22.05 1.08
N TRP C 2497 -69.57 -21.67 1.73
CA TRP C 2497 -69.92 -20.26 1.91
C TRP C 2497 -69.02 -19.60 2.95
N THR C 2498 -68.82 -20.29 4.07
CA THR C 2498 -67.98 -19.78 5.15
C THR C 2498 -66.51 -19.75 4.75
N THR C 2499 -66.07 -20.80 4.06
CA THR C 2499 -64.69 -20.84 3.56
C THR C 2499 -64.48 -19.87 2.41
N GLY C 2500 -65.59 -19.31 1.92
CA GLY C 2500 -65.52 -18.31 0.87
C GLY C 2500 -65.24 -18.89 -0.51
N MET C 2501 -65.71 -20.11 -0.74
CA MET C 2501 -65.57 -20.72 -2.07
C MET C 2501 -66.64 -20.18 -3.03
N VAL C 2502 -67.83 -19.94 -2.50
CA VAL C 2502 -68.97 -19.50 -3.31
C VAL C 2502 -69.35 -18.04 -3.04
N LYS C 2503 -69.56 -17.27 -4.11
CA LYS C 2503 -69.93 -15.86 -3.98
C LYS C 2503 -71.26 -15.57 -4.66
N TRP C 2504 -71.86 -14.42 -4.32
CA TRP C 2504 -73.17 -14.05 -4.83
C TRP C 2504 -73.11 -12.73 -5.60
N GLU C 2505 -73.36 -12.79 -6.90
CA GLU C 2505 -73.32 -11.61 -7.76
C GLU C 2505 -74.71 -11.24 -8.29
N ASP C 2506 -74.98 -9.94 -8.34
CA ASP C 2506 -76.24 -9.46 -8.91
C ASP C 2506 -76.04 -9.12 -10.38
N ASP C 2507 -74.82 -9.31 -10.86
CA ASP C 2507 -74.52 -9.20 -12.29
C ASP C 2507 -75.33 -10.27 -13.01
N PRO C 2508 -75.53 -10.10 -14.33
CA PRO C 2508 -76.36 -11.05 -15.09
C PRO C 2508 -75.94 -12.51 -14.90
N LYS C 2509 -76.91 -13.40 -15.09
CA LYS C 2509 -76.89 -14.83 -14.68
C LYS C 2509 -77.24 -15.02 -13.20
N ALA C 2510 -77.18 -13.96 -12.40
CA ALA C 2510 -77.88 -13.86 -11.11
C ALA C 2510 -77.89 -15.12 -10.23
N GLY C 2511 -76.74 -15.50 -9.66
CA GLY C 2511 -76.69 -16.75 -8.91
C GLY C 2511 -75.50 -16.93 -8.00
N TRP C 2512 -75.27 -18.17 -7.58
CA TRP C 2512 -74.09 -18.52 -6.80
C TRP C 2512 -72.88 -18.72 -7.72
N TYR C 2513 -71.78 -18.08 -7.40
CA TYR C 2513 -70.57 -18.15 -8.21
C TYR C 2513 -69.38 -18.61 -7.39
N ASP C 2514 -68.46 -19.32 -8.02
CA ASP C 2514 -67.19 -19.68 -7.38
C ASP C 2514 -66.38 -18.40 -7.20
N THR C 2515 -65.85 -18.21 -6.00
CA THR C 2515 -65.15 -16.97 -5.66
C THR C 2515 -63.72 -16.93 -6.19
N GLU C 2516 -63.08 -18.08 -6.29
CA GLU C 2516 -61.69 -18.17 -6.71
C GLU C 2516 -61.56 -17.95 -8.22
N THR C 2517 -62.19 -18.82 -9.00
CA THR C 2517 -62.07 -18.79 -10.45
C THR C 2517 -63.14 -17.92 -11.16
N GLY C 2518 -64.12 -17.42 -10.41
CA GLY C 2518 -65.17 -16.59 -10.98
C GLY C 2518 -66.13 -17.38 -11.86
N GLU C 2519 -66.50 -18.57 -11.42
CA GLU C 2519 -67.38 -19.43 -12.20
C GLU C 2519 -68.72 -19.69 -11.53
N LEU C 2520 -69.79 -19.63 -12.32
CA LEU C 2520 -71.12 -19.91 -11.80
C LEU C 2520 -71.23 -21.36 -11.32
N VAL C 2521 -71.86 -21.56 -10.16
CA VAL C 2521 -72.02 -22.89 -9.59
C VAL C 2521 -73.47 -23.14 -9.16
N PRO C 2522 -73.95 -24.39 -9.34
CA PRO C 2522 -75.21 -24.81 -8.73
C PRO C 2522 -74.98 -25.43 -7.35
N GLU C 2523 -76.03 -25.95 -6.72
CA GLU C 2523 -75.93 -26.54 -5.39
C GLU C 2523 -75.43 -27.98 -5.39
N CYS C 2524 -75.55 -28.66 -6.52
CA CYS C 2524 -75.16 -30.07 -6.61
C CYS C 2524 -73.66 -30.23 -6.59
N GLU C 2525 -73.00 -29.53 -7.51
CA GLU C 2525 -71.58 -29.69 -7.76
C GLU C 2525 -70.72 -29.19 -6.60
N ILE C 2526 -71.37 -28.55 -5.64
CA ILE C 2526 -70.68 -28.04 -4.45
C ILE C 2526 -69.87 -29.14 -3.75
N VAL C 2527 -70.46 -30.32 -3.62
CA VAL C 2527 -69.77 -31.45 -3.01
C VAL C 2527 -68.61 -31.92 -3.89
N GLU C 2528 -68.87 -32.05 -5.18
CA GLU C 2528 -67.87 -32.57 -6.12
C GLU C 2528 -66.70 -31.61 -6.34
N ARG C 2529 -67.01 -30.33 -6.51
CA ARG C 2529 -65.99 -29.33 -6.84
C ARG C 2529 -65.22 -28.80 -5.64
N TYR C 2530 -65.77 -28.98 -4.44
CA TYR C 2530 -65.25 -28.32 -3.24
C TYR C 2530 -64.84 -29.24 -2.10
N HIS C 2531 -65.81 -30.03 -1.62
CA HIS C 2531 -65.69 -30.80 -0.38
C HIS C 2531 -64.35 -31.52 -0.21
N ASP C 2532 -63.80 -32.05 -1.30
CA ASP C 2532 -62.47 -32.64 -1.28
C ASP C 2532 -61.44 -31.64 -0.76
N ALA C 2533 -61.51 -30.40 -1.25
CA ALA C 2533 -60.61 -29.34 -0.82
C ALA C 2533 -61.04 -28.75 0.52
N VAL C 2534 -62.34 -28.82 0.80
CA VAL C 2534 -62.89 -28.29 2.05
C VAL C 2534 -62.36 -29.10 3.23
N VAL C 2535 -62.49 -30.42 3.15
CA VAL C 2535 -62.01 -31.32 4.19
C VAL C 2535 -60.53 -31.08 4.52
N GLU C 2536 -59.73 -30.91 3.48
CA GLU C 2536 -58.30 -30.64 3.66
C GLU C 2536 -58.06 -29.33 4.39
N ARG C 2537 -58.75 -28.28 3.95
CA ARG C 2537 -58.51 -26.94 4.46
C ARG C 2537 -59.41 -26.53 5.63
N CYS C 2538 -60.24 -27.46 6.08
CA CYS C 2538 -61.00 -27.26 7.32
C CYS C 2538 -60.57 -28.30 8.34
N GLY C 2539 -61.16 -28.23 9.53
CA GLY C 2539 -60.81 -29.16 10.59
C GLY C 2539 -59.37 -29.02 11.02
N ILE C 2540 -58.72 -30.15 11.28
CA ILE C 2540 -57.33 -30.15 11.71
C ILE C 2540 -56.39 -30.39 10.53
N ARG C 2541 -55.39 -29.53 10.38
CA ARG C 2541 -54.44 -29.64 9.28
C ARG C 2541 -53.14 -28.95 9.65
N GLU C 2542 -52.16 -29.03 8.76
CA GLU C 2542 -50.89 -28.32 8.95
C GLU C 2542 -51.19 -26.83 9.04
N PHE C 2543 -50.43 -26.12 9.87
CA PHE C 2543 -50.73 -24.72 10.13
C PHE C 2543 -50.49 -23.88 8.88
N VAL C 2544 -51.54 -23.19 8.44
CA VAL C 2544 -51.44 -22.29 7.31
C VAL C 2544 -51.02 -20.94 7.86
N ASP C 2545 -50.04 -20.32 7.22
CA ASP C 2545 -49.41 -19.16 7.82
C ASP C 2545 -50.10 -17.88 7.36
N ASP C 2546 -50.86 -17.27 8.26
CA ASP C 2546 -51.49 -15.98 8.01
C ASP C 2546 -50.67 -14.87 8.67
N GLY C 2547 -49.65 -15.27 9.41
CA GLY C 2547 -48.82 -14.32 10.14
C GLY C 2547 -47.42 -14.18 9.57
N ALA C 2548 -47.18 -14.80 8.43
CA ALA C 2548 -45.86 -14.82 7.79
C ALA C 2548 -44.80 -15.44 8.71
N ILE C 2549 -45.25 -16.29 9.63
CA ILE C 2549 -44.35 -17.00 10.53
C ILE C 2549 -44.80 -18.44 10.76
N ASP C 2550 -43.85 -19.37 10.70
CA ASP C 2550 -44.15 -20.76 10.97
C ASP C 2550 -43.42 -21.19 12.23
N PRO C 2551 -44.17 -21.54 13.28
CA PRO C 2551 -43.51 -22.00 14.51
C PRO C 2551 -42.65 -23.23 14.24
N ASP C 2552 -43.23 -24.21 13.56
CA ASP C 2552 -42.58 -25.49 13.31
C ASP C 2552 -41.40 -25.37 12.35
N HIS C 2553 -41.52 -24.51 11.34
CA HIS C 2553 -40.45 -24.36 10.37
C HIS C 2553 -39.46 -23.30 10.83
N ALA C 2554 -39.85 -22.04 10.75
CA ALA C 2554 -38.96 -20.94 11.11
C ALA C 2554 -39.61 -19.86 11.98
N SER C 2555 -39.14 -19.75 13.22
CA SER C 2555 -39.64 -18.74 14.15
C SER C 2555 -38.52 -17.75 14.48
N PRO C 2556 -38.73 -16.47 14.16
CA PRO C 2556 -37.73 -15.40 14.30
C PRO C 2556 -37.12 -15.30 15.70
N LEU C 2557 -35.79 -15.28 15.76
CA LEU C 2557 -35.05 -15.21 17.01
C LEU C 2557 -34.12 -14.01 16.94
N LEU C 2558 -33.91 -13.32 18.06
CA LEU C 2558 -32.89 -12.27 18.13
C LEU C 2558 -32.02 -12.33 19.40
N VAL C 2559 -30.73 -12.61 19.22
CA VAL C 2559 -29.82 -12.74 20.36
C VAL C 2559 -29.15 -11.42 20.74
N SER C 2560 -29.00 -11.20 22.03
CA SER C 2560 -28.30 -10.04 22.53
C SER C 2560 -26.80 -10.28 22.43
N VAL C 2561 -26.12 -9.41 21.69
CA VAL C 2561 -24.67 -9.55 21.49
C VAL C 2561 -23.94 -8.22 21.70
N PHE C 2562 -22.72 -8.30 22.22
CA PHE C 2562 -21.91 -7.11 22.44
C PHE C 2562 -20.96 -6.86 21.27
N LEU C 2563 -21.03 -5.66 20.70
CA LEU C 2563 -20.22 -5.32 19.55
C LEU C 2563 -18.75 -5.20 19.95
N ASP C 2564 -17.90 -5.97 19.28
CA ASP C 2564 -16.48 -6.03 19.63
C ASP C 2564 -15.67 -4.85 19.10
N LYS C 2565 -16.11 -4.30 17.96
CA LYS C 2565 -15.44 -3.15 17.38
C LYS C 2565 -16.45 -2.20 16.74
N ASP C 2566 -16.12 -0.92 16.70
CA ASP C 2566 -17.05 0.14 16.28
C ASP C 2566 -17.73 -0.12 14.94
N PHE C 2567 -19.06 0.01 14.93
CA PHE C 2567 -19.86 -0.18 13.74
C PHE C 2567 -19.81 1.04 12.83
N THR C 2568 -20.01 0.82 11.53
CA THR C 2568 -19.99 1.90 10.56
C THR C 2568 -21.19 2.83 10.74
N PHE C 2569 -20.94 4.13 10.65
CA PHE C 2569 -21.97 5.15 10.85
C PHE C 2569 -23.18 4.99 9.95
N VAL C 2570 -24.35 5.29 10.48
CA VAL C 2570 -25.59 5.26 9.71
C VAL C 2570 -26.39 6.55 9.91
N VAL C 2571 -27.10 6.97 8.87
CA VAL C 2571 -27.86 8.23 8.92
C VAL C 2571 -29.19 8.06 9.65
N SER C 2572 -29.48 8.99 10.55
CA SER C 2572 -30.73 8.96 11.30
C SER C 2572 -31.25 10.36 11.59
N SER C 2573 -32.53 10.46 11.92
CA SER C 2573 -33.13 11.75 12.27
C SER C 2573 -32.66 12.21 13.64
N GLU C 2574 -32.77 13.51 13.91
CA GLU C 2574 -32.33 14.08 15.18
C GLU C 2574 -33.09 13.50 16.37
N ALA C 2575 -34.39 13.28 16.19
CA ALA C 2575 -35.22 12.74 17.26
C ALA C 2575 -34.86 11.29 17.58
N ASP C 2576 -34.58 10.51 16.54
CA ASP C 2576 -34.23 9.10 16.71
C ASP C 2576 -32.79 8.94 17.21
N ALA C 2577 -31.91 9.84 16.78
CA ALA C 2577 -30.51 9.76 17.15
C ALA C 2577 -30.25 10.19 18.58
N ARG C 2578 -31.00 11.18 19.05
CA ARG C 2578 -30.90 11.59 20.45
C ARG C 2578 -31.35 10.45 21.34
N ALA C 2579 -32.34 9.71 20.86
CA ALA C 2579 -32.83 8.53 21.57
C ALA C 2579 -31.73 7.49 21.70
N PHE C 2580 -31.01 7.27 20.61
CA PHE C 2580 -29.86 6.36 20.60
C PHE C 2580 -28.90 6.66 21.75
N VAL C 2581 -28.65 7.95 21.96
CA VAL C 2581 -27.73 8.39 23.01
C VAL C 2581 -28.26 8.05 24.40
N GLN C 2582 -29.57 7.92 24.54
CA GLN C 2582 -30.17 7.72 25.86
C GLN C 2582 -29.95 6.31 26.44
N PHE C 2583 -29.44 5.40 25.63
CA PHE C 2583 -29.26 4.00 26.03
C PHE C 2583 -27.80 3.71 26.30
N ASP C 2584 -27.02 3.81 25.24
CA ASP C 2584 -25.57 3.64 25.19
C ASP C 2584 -24.63 4.62 25.95
N PRO C 2585 -25.07 5.86 26.22
CA PRO C 2585 -24.38 7.11 25.84
C PRO C 2585 -22.87 7.10 25.90
N GLU C 2586 -22.25 6.36 26.80
CA GLU C 2586 -20.80 6.23 26.73
C GLU C 2586 -20.41 5.41 25.50
N HIS C 2587 -21.29 4.49 25.11
CA HIS C 2587 -21.00 3.57 24.01
C HIS C 2587 -21.50 3.97 22.62
N THR C 2588 -22.33 5.01 22.51
CA THR C 2588 -22.77 5.48 21.19
C THR C 2588 -22.40 6.93 20.95
N VAL C 2589 -22.34 7.30 19.67
CA VAL C 2589 -21.89 8.63 19.28
C VAL C 2589 -22.79 9.19 18.18
N ALA C 2590 -23.28 10.41 18.39
CA ALA C 2590 -24.21 11.03 17.43
C ALA C 2590 -23.87 12.49 17.11
N ARG C 2591 -23.95 12.85 15.84
CA ARG C 2591 -23.59 14.21 15.40
C ARG C 2591 -24.57 14.81 14.42
N PRO C 2592 -24.79 16.13 14.53
CA PRO C 2592 -25.56 16.81 13.50
C PRO C 2592 -24.77 16.91 12.19
N LEU C 2593 -25.43 16.60 11.08
CA LEU C 2593 -24.81 16.83 9.77
C LEU C 2593 -25.27 18.20 9.31
N PRO C 2594 -24.35 19.18 9.29
CA PRO C 2594 -24.63 20.61 9.09
C PRO C 2594 -25.52 20.90 7.89
N ASP C 2595 -25.30 20.18 6.79
CA ASP C 2595 -26.05 20.44 5.57
C ASP C 2595 -27.47 19.88 5.60
N SER C 2596 -27.61 18.63 6.02
CA SER C 2596 -28.92 17.96 5.98
C SER C 2596 -29.67 18.02 7.31
N SER C 2597 -29.03 18.60 8.32
CA SER C 2597 -29.63 18.76 9.66
C SER C 2597 -29.90 17.44 10.39
N ASP C 2598 -29.71 16.32 9.71
CA ASP C 2598 -29.93 15.01 10.32
C ASP C 2598 -28.69 14.56 11.10
N TRP C 2599 -28.78 13.40 11.73
CA TRP C 2599 -27.68 12.94 12.58
C TRP C 2599 -27.08 11.59 12.14
N GLU C 2600 -25.78 11.45 12.37
CA GLU C 2600 -25.09 10.18 12.15
C GLU C 2600 -25.04 9.39 13.46
N VAL C 2601 -25.33 8.10 13.39
CA VAL C 2601 -25.29 7.25 14.58
C VAL C 2601 -24.18 6.21 14.48
N THR C 2602 -23.18 6.34 15.34
CA THR C 2602 -22.05 5.42 15.35
C THR C 2602 -21.96 4.66 16.67
N ARG C 2603 -22.11 3.35 16.61
CA ARG C 2603 -22.00 2.50 17.80
C ARG C 2603 -20.56 2.06 18.02
N LYS C 2604 -20.03 2.38 19.20
CA LYS C 2604 -18.66 2.03 19.54
C LYS C 2604 -18.58 0.59 20.02
N ALA C 2605 -17.41 0.19 20.51
CA ALA C 2605 -17.23 -1.13 21.08
C ALA C 2605 -17.83 -1.17 22.49
N GLY C 2606 -18.56 -2.24 22.79
CA GLY C 2606 -19.19 -2.38 24.09
C GLY C 2606 -20.70 -2.19 24.03
N THR C 2607 -21.21 -1.77 22.89
CA THR C 2607 -22.65 -1.59 22.70
C THR C 2607 -23.38 -2.91 22.73
N GLU C 2608 -24.68 -2.86 23.03
CA GLU C 2608 -25.51 -4.05 23.01
C GLU C 2608 -26.34 -4.11 21.73
N ILE C 2609 -26.18 -5.19 20.97
CA ILE C 2609 -26.89 -5.35 19.70
C ILE C 2609 -27.78 -6.58 19.74
N ARG C 2610 -28.96 -6.48 19.13
CA ARG C 2610 -29.85 -7.63 19.03
C ARG C 2610 -29.90 -8.12 17.58
N VAL C 2611 -29.34 -9.30 17.34
CA VAL C 2611 -29.15 -9.83 15.99
C VAL C 2611 -30.12 -10.97 15.64
N PRO C 2612 -30.86 -10.81 14.53
CA PRO C 2612 -31.88 -11.76 14.05
C PRO C 2612 -31.37 -13.19 13.85
N ARG C 2613 -32.14 -14.16 14.33
CA ARG C 2613 -31.85 -15.58 14.18
C ARG C 2613 -33.17 -16.33 13.99
N LYS C 2614 -33.12 -17.66 14.06
CA LYS C 2614 -34.31 -18.48 13.85
C LYS C 2614 -34.36 -19.71 14.75
N THR C 2615 -35.53 -20.35 14.81
CA THR C 2615 -35.69 -21.58 15.58
C THR C 2615 -36.65 -22.54 14.89
N LYS C 2616 -36.39 -23.84 15.03
CA LYS C 2616 -37.33 -24.86 14.55
C LYS C 2616 -38.10 -25.42 15.75
N LEU C 2617 -39.41 -25.57 15.59
CA LEU C 2617 -40.26 -26.00 16.70
C LEU C 2617 -41.02 -27.29 16.43
N SER C 2618 -41.53 -27.88 17.50
CA SER C 2618 -42.12 -29.21 17.46
C SER C 2618 -43.54 -29.29 16.89
N ARG C 2619 -44.35 -28.26 17.11
CA ARG C 2619 -45.76 -28.34 16.73
C ARG C 2619 -45.99 -27.79 15.33
N THR C 2620 -46.26 -28.69 14.38
CA THR C 2620 -46.54 -28.30 13.00
C THR C 2620 -48.02 -28.26 12.67
N VAL C 2621 -48.86 -28.68 13.62
CA VAL C 2621 -50.28 -28.84 13.36
C VAL C 2621 -51.14 -28.29 14.48
N GLY C 2622 -52.27 -27.68 14.12
CA GLY C 2622 -53.24 -27.23 15.10
C GLY C 2622 -54.64 -27.34 14.53
N ALA C 2623 -55.65 -27.22 15.38
CA ALA C 2623 -57.02 -27.24 14.92
C ALA C 2623 -57.43 -25.80 14.63
N GLN C 2624 -57.62 -25.51 13.35
CA GLN C 2624 -57.79 -24.13 12.91
C GLN C 2624 -59.11 -23.94 12.19
N ILE C 2625 -59.73 -22.79 12.41
CA ILE C 2625 -60.94 -22.40 11.69
C ILE C 2625 -60.71 -22.53 10.19
N PRO C 2626 -61.69 -23.10 9.47
CA PRO C 2626 -61.55 -23.44 8.04
C PRO C 2626 -60.98 -22.30 7.21
N THR C 2627 -60.01 -22.61 6.36
CA THR C 2627 -59.31 -21.60 5.58
C THR C 2627 -60.25 -20.83 4.67
N GLY C 2628 -60.15 -19.51 4.72
CA GLY C 2628 -61.00 -18.65 3.92
C GLY C 2628 -62.09 -17.98 4.72
N PHE C 2629 -62.10 -18.23 6.03
CA PHE C 2629 -63.04 -17.57 6.92
C PHE C 2629 -62.78 -16.07 6.94
N ASP C 2630 -63.86 -15.29 6.86
CA ASP C 2630 -63.74 -13.84 6.95
C ASP C 2630 -64.88 -13.34 7.83
N PRO C 2631 -64.58 -12.39 8.73
CA PRO C 2631 -65.65 -11.69 9.45
C PRO C 2631 -66.41 -10.78 8.49
N THR C 2632 -65.77 -10.43 7.39
CA THR C 2632 -66.36 -9.57 6.37
C THR C 2632 -67.52 -10.27 5.66
N VAL C 2633 -67.33 -11.55 5.35
CA VAL C 2633 -68.38 -12.35 4.71
C VAL C 2633 -69.61 -12.42 5.60
N TRP C 2634 -69.37 -12.55 6.91
CA TRP C 2634 -70.46 -12.52 7.87
C TRP C 2634 -71.08 -11.12 7.97
N GLY C 2635 -70.38 -10.12 7.46
CA GLY C 2635 -70.88 -8.76 7.47
C GLY C 2635 -70.27 -7.79 8.47
N ILE C 2636 -69.15 -8.15 9.07
CA ILE C 2636 -68.43 -7.22 9.95
C ILE C 2636 -67.73 -6.14 9.12
N SER C 2637 -67.92 -4.88 9.52
CA SER C 2637 -67.31 -3.75 8.84
C SER C 2637 -65.78 -3.77 8.95
N PRO C 2638 -65.09 -3.30 7.90
CA PRO C 2638 -63.62 -3.25 7.86
C PRO C 2638 -63.00 -2.45 8.99
N ASP C 2639 -63.68 -1.40 9.45
CA ASP C 2639 -63.19 -0.58 10.55
C ASP C 2639 -63.07 -1.39 11.83
N MET C 2640 -64.02 -2.27 12.05
CA MET C 2640 -64.00 -3.14 13.23
C MET C 2640 -62.88 -4.18 13.13
N ALA C 2641 -62.76 -4.80 11.97
CA ALA C 2641 -61.74 -5.81 11.73
C ALA C 2641 -60.34 -5.29 12.06
N SER C 2642 -60.03 -4.10 11.55
CA SER C 2642 -58.78 -3.42 11.86
C SER C 2642 -58.59 -3.19 13.37
N SER C 2643 -59.49 -2.39 13.94
CA SER C 2643 -59.34 -1.90 15.31
C SER C 2643 -59.33 -2.98 16.40
N ILE C 2644 -59.87 -4.16 16.11
CA ILE C 2644 -60.03 -5.18 17.13
C ILE C 2644 -59.18 -6.42 16.90
N ASP C 2645 -58.91 -7.14 17.98
CA ASP C 2645 -58.12 -8.36 17.92
C ASP C 2645 -58.88 -9.45 17.18
N ARG C 2646 -58.14 -10.45 16.69
CA ARG C 2646 -58.74 -11.58 15.99
C ARG C 2646 -59.75 -12.32 16.88
N VAL C 2647 -59.42 -12.43 18.17
CA VAL C 2647 -60.29 -13.11 19.12
C VAL C 2647 -61.64 -12.42 19.22
N ALA C 2648 -61.66 -11.11 18.96
CA ALA C 2648 -62.89 -10.33 19.02
C ALA C 2648 -63.85 -10.73 17.90
N LEU C 2649 -63.29 -10.99 16.72
CA LEU C 2649 -64.09 -11.39 15.57
C LEU C 2649 -64.79 -12.73 15.82
N TRP C 2650 -64.20 -13.55 16.67
CA TRP C 2650 -64.77 -14.86 17.01
C TRP C 2650 -65.99 -14.72 17.91
N ASN C 2651 -65.86 -13.93 18.97
CA ASN C 2651 -66.95 -13.76 19.92
C ASN C 2651 -68.08 -12.89 19.36
N ILE C 2652 -67.73 -11.98 18.47
CA ILE C 2652 -68.70 -11.07 17.87
C ILE C 2652 -69.67 -11.79 16.95
N VAL C 2653 -69.13 -12.59 16.03
CA VAL C 2653 -69.94 -13.34 15.09
C VAL C 2653 -70.72 -14.45 15.80
N ALA C 2654 -70.09 -15.08 16.78
CA ALA C 2654 -70.72 -16.15 17.54
C ALA C 2654 -71.93 -15.64 18.31
N THR C 2655 -71.82 -14.44 18.86
CA THR C 2655 -72.92 -13.82 19.60
C THR C 2655 -74.12 -13.58 18.68
N VAL C 2656 -73.84 -13.09 17.47
CA VAL C 2656 -74.88 -12.85 16.49
C VAL C 2656 -75.59 -14.15 16.11
N ASP C 2657 -74.83 -15.18 15.80
CA ASP C 2657 -75.40 -16.48 15.45
C ASP C 2657 -76.05 -17.15 16.66
N ALA C 2658 -75.62 -16.77 17.86
CA ALA C 2658 -76.21 -17.30 19.08
C ALA C 2658 -77.62 -16.74 19.26
N PHE C 2659 -77.76 -15.45 19.00
CA PHE C 2659 -79.08 -14.82 19.05
C PHE C 2659 -79.99 -15.40 17.98
N LEU C 2660 -79.44 -15.60 16.78
CA LEU C 2660 -80.20 -16.08 15.63
C LEU C 2660 -80.96 -17.37 15.91
N SER C 2661 -80.54 -18.09 16.95
CA SER C 2661 -81.26 -19.28 17.39
C SER C 2661 -82.69 -18.95 17.81
N SER C 2662 -82.89 -17.76 18.38
CA SER C 2662 -84.23 -17.34 18.77
C SER C 2662 -84.67 -16.03 18.13
N GLY C 2663 -84.19 -14.92 18.68
CA GLY C 2663 -84.53 -13.60 18.19
C GLY C 2663 -83.39 -12.98 17.41
N PHE C 2664 -83.64 -11.86 16.75
CA PHE C 2664 -82.55 -11.19 16.05
C PHE C 2664 -82.19 -9.86 16.70
N THR C 2665 -83.11 -8.90 16.60
CA THR C 2665 -82.86 -7.56 17.12
C THR C 2665 -82.69 -7.62 18.64
N PRO C 2666 -81.49 -7.27 19.11
CA PRO C 2666 -81.11 -7.37 20.52
C PRO C 2666 -81.94 -6.45 21.39
N THR C 2667 -82.56 -5.44 20.78
CA THR C 2667 -83.36 -4.49 21.54
C THR C 2667 -84.78 -5.02 21.77
N GLU C 2668 -85.12 -6.13 21.11
CA GLU C 2668 -86.39 -6.79 21.39
C GLU C 2668 -86.41 -7.29 22.83
N LEU C 2669 -85.22 -7.53 23.37
CA LEU C 2669 -85.07 -7.90 24.78
C LEU C 2669 -85.54 -6.77 25.67
N MET C 2670 -85.42 -5.54 25.20
CA MET C 2670 -85.78 -4.37 25.99
C MET C 2670 -87.29 -4.11 25.96
N ARG C 2671 -88.01 -4.92 25.18
CA ARG C 2671 -89.46 -4.87 25.19
C ARG C 2671 -90.01 -5.57 26.42
N TRP C 2672 -89.49 -6.78 26.68
CA TRP C 2672 -89.93 -7.58 27.82
C TRP C 2672 -89.17 -7.26 29.10
N VAL C 2673 -88.01 -6.61 28.98
CA VAL C 2673 -87.07 -6.50 30.09
C VAL C 2673 -86.46 -5.11 30.15
N HIS C 2674 -86.28 -4.58 31.36
CA HIS C 2674 -85.48 -3.36 31.53
C HIS C 2674 -84.02 -3.68 31.24
N PRO C 2675 -83.39 -2.89 30.35
CA PRO C 2675 -82.02 -3.07 29.85
C PRO C 2675 -80.97 -3.40 30.90
N SER C 2676 -81.14 -2.95 32.14
CA SER C 2676 -80.16 -3.25 33.17
C SER C 2676 -80.25 -4.71 33.64
N GLN C 2677 -81.29 -5.41 33.18
CA GLN C 2677 -81.45 -6.83 33.50
C GLN C 2677 -80.86 -7.74 32.43
N VAL C 2678 -80.15 -7.16 31.47
CA VAL C 2678 -79.40 -7.95 30.48
C VAL C 2678 -77.96 -8.12 30.95
N ALA C 2679 -77.48 -9.36 31.04
CA ALA C 2679 -76.14 -9.62 31.54
C ALA C 2679 -75.22 -10.23 30.49
N SER C 2680 -73.91 -10.01 30.67
CA SER C 2680 -72.94 -10.65 29.81
C SER C 2680 -71.88 -11.30 30.68
N THR C 2681 -71.86 -12.63 30.67
CA THR C 2681 -70.83 -13.40 31.35
C THR C 2681 -70.02 -14.13 30.28
N GLN C 2682 -68.78 -13.70 30.06
CA GLN C 2682 -67.97 -14.24 28.97
C GLN C 2682 -66.55 -14.59 29.40
N GLY C 2683 -66.21 -15.88 29.37
CA GLY C 2683 -64.93 -16.32 29.87
C GLY C 2683 -63.80 -16.29 28.86
N THR C 2684 -62.57 -16.28 29.37
CA THR C 2684 -61.37 -16.36 28.55
C THR C 2684 -60.33 -17.11 29.36
N GLY C 2685 -59.48 -17.89 28.69
CA GLY C 2685 -58.25 -18.38 29.30
C GLY C 2685 -57.18 -17.29 29.27
N MET C 2686 -57.07 -16.63 28.12
CA MET C 2686 -56.21 -15.48 27.97
C MET C 2686 -57.01 -14.38 27.28
N GLY C 2687 -57.28 -14.59 25.99
CA GLY C 2687 -58.05 -13.64 25.22
C GLY C 2687 -57.20 -12.47 24.81
N GLY C 2688 -57.55 -11.83 23.70
CA GLY C 2688 -56.81 -10.70 23.17
C GLY C 2688 -55.35 -10.99 22.86
N MET C 2689 -55.02 -12.28 22.71
CA MET C 2689 -53.63 -12.71 22.55
C MET C 2689 -52.86 -11.97 21.47
N THR C 2690 -53.45 -11.87 20.29
CA THR C 2690 -52.87 -11.12 19.20
C THR C 2690 -52.55 -9.68 19.59
N SER C 2691 -53.51 -9.01 20.20
CA SER C 2691 -53.37 -7.61 20.59
C SER C 2691 -52.30 -7.44 21.66
N MET C 2692 -52.14 -8.48 22.48
CA MET C 2692 -51.07 -8.48 23.47
C MET C 2692 -49.74 -8.63 22.77
N GLN C 2693 -49.57 -9.70 21.98
CA GLN C 2693 -48.30 -9.92 21.28
C GLN C 2693 -48.01 -8.80 20.29
N THR C 2694 -49.02 -8.02 19.96
CA THR C 2694 -48.85 -6.93 19.01
C THR C 2694 -48.17 -5.77 19.72
N MET C 2695 -48.52 -5.54 20.98
CA MET C 2695 -47.89 -4.44 21.71
C MET C 2695 -46.43 -4.76 22.06
N TYR C 2696 -46.17 -5.94 22.60
CA TYR C 2696 -44.87 -6.23 23.17
C TYR C 2696 -43.79 -6.38 22.08
N HIS C 2697 -44.16 -6.95 20.93
CA HIS C 2697 -43.34 -6.82 19.73
C HIS C 2697 -43.20 -5.36 19.33
N GLY C 2698 -44.32 -4.80 18.90
CA GLY C 2698 -44.38 -3.45 18.33
C GLY C 2698 -43.70 -2.34 19.08
N ASN C 2699 -43.91 -2.27 20.39
CA ASN C 2699 -43.30 -1.25 21.23
C ASN C 2699 -41.78 -1.42 21.26
N LEU C 2700 -41.33 -2.63 21.59
CA LEU C 2700 -39.89 -2.92 21.63
C LEU C 2700 -39.28 -2.77 20.24
N LEU C 2701 -40.11 -2.91 19.21
CA LEU C 2701 -39.68 -2.78 17.82
C LEU C 2701 -39.97 -1.41 17.20
N GLY C 2702 -40.66 -0.55 17.96
CA GLY C 2702 -40.94 0.81 17.52
C GLY C 2702 -41.76 0.90 16.25
N ARG C 2703 -42.24 -0.25 15.79
CA ARG C 2703 -43.08 -0.36 14.61
C ARG C 2703 -44.36 0.42 14.91
N ALA C 2704 -45.03 0.91 13.88
CA ALA C 2704 -46.31 1.56 14.10
C ALA C 2704 -47.33 0.49 14.46
N LYS C 2705 -47.94 0.68 15.63
CA LYS C 2705 -48.92 -0.24 16.19
C LYS C 2705 -50.12 0.59 16.73
N PRO C 2706 -51.28 -0.04 16.96
CA PRO C 2706 -52.44 0.79 17.30
C PRO C 2706 -52.35 1.37 18.72
N ASN C 2707 -52.96 2.54 18.92
CA ASN C 2707 -53.01 3.20 20.21
C ASN C 2707 -53.98 2.58 21.20
N ASP C 2708 -54.87 1.73 20.70
CA ASP C 2708 -55.92 1.16 21.53
C ASP C 2708 -55.53 -0.19 22.13
N ILE C 2709 -54.26 -0.53 21.97
CA ILE C 2709 -53.75 -1.85 22.30
C ILE C 2709 -54.13 -2.34 23.69
N LEU C 2710 -53.83 -1.57 24.73
CA LEU C 2710 -54.08 -2.07 26.07
C LEU C 2710 -55.57 -2.21 26.33
N GLN C 2711 -56.38 -1.37 25.70
CA GLN C 2711 -57.83 -1.50 25.82
C GLN C 2711 -58.25 -2.81 25.16
N GLU C 2712 -57.64 -3.11 24.02
CA GLU C 2712 -58.04 -4.28 23.25
C GLU C 2712 -57.43 -5.58 23.78
N VAL C 2713 -56.47 -5.49 24.71
CA VAL C 2713 -55.90 -6.68 25.33
C VAL C 2713 -56.63 -7.12 26.60
N LEU C 2714 -57.55 -6.30 27.09
CA LEU C 2714 -58.33 -6.66 28.27
C LEU C 2714 -59.29 -7.77 27.86
N PRO C 2715 -59.18 -8.95 28.51
CA PRO C 2715 -60.01 -10.10 28.11
C PRO C 2715 -61.50 -9.81 28.17
N ASN C 2716 -61.89 -8.71 28.82
CA ASN C 2716 -63.29 -8.32 28.90
C ASN C 2716 -63.72 -7.42 27.78
N VAL C 2717 -62.76 -6.93 27.00
CA VAL C 2717 -63.05 -5.86 26.05
C VAL C 2717 -63.73 -6.42 24.82
N VAL C 2718 -63.54 -7.72 24.60
CA VAL C 2718 -64.08 -8.39 23.44
C VAL C 2718 -65.61 -8.40 23.45
N ALA C 2719 -66.22 -8.84 24.55
CA ALA C 2719 -67.68 -8.77 24.66
C ALA C 2719 -68.14 -7.34 24.96
N ALA C 2720 -67.25 -6.53 25.51
CA ALA C 2720 -67.50 -5.10 25.63
C ALA C 2720 -67.73 -4.50 24.24
N HIS C 2721 -66.93 -4.95 23.26
CA HIS C 2721 -67.09 -4.56 21.87
C HIS C 2721 -68.44 -5.01 21.30
N VAL C 2722 -68.88 -6.20 21.72
CA VAL C 2722 -70.16 -6.76 21.29
C VAL C 2722 -71.34 -6.00 21.90
N MET C 2723 -71.19 -5.56 23.15
CA MET C 2723 -72.24 -4.82 23.83
C MET C 2723 -72.37 -3.43 23.23
N GLN C 2724 -71.24 -2.87 22.82
CA GLN C 2724 -71.22 -1.56 22.15
C GLN C 2724 -71.82 -1.65 20.76
N SER C 2725 -71.46 -2.70 20.03
CA SER C 2725 -71.91 -2.87 18.65
C SER C 2725 -73.32 -3.46 18.47
N TYR C 2726 -73.77 -4.30 19.40
CA TYR C 2726 -74.99 -5.07 19.15
C TYR C 2726 -76.12 -4.96 20.17
N VAL C 2727 -75.96 -5.60 21.32
CA VAL C 2727 -77.02 -5.69 22.32
C VAL C 2727 -77.36 -4.33 22.94
N GLY C 2728 -76.34 -3.63 23.41
CA GLY C 2728 -76.53 -2.32 23.97
C GLY C 2728 -77.19 -2.37 25.33
N GLY C 2729 -77.05 -3.51 26.00
CA GLY C 2729 -77.64 -3.70 27.32
C GLY C 2729 -77.07 -2.75 28.35
N TYR C 2730 -77.86 -2.43 29.36
CA TYR C 2730 -77.42 -1.53 30.43
C TYR C 2730 -76.97 -2.28 31.66
N GLY C 2731 -77.00 -3.61 31.56
CA GLY C 2731 -76.78 -4.49 32.69
C GLY C 2731 -75.45 -5.23 32.82
N ALA C 2732 -75.45 -6.24 33.67
CA ALA C 2732 -74.21 -6.85 34.18
C ALA C 2732 -73.21 -7.32 33.14
N MET C 2733 -71.94 -7.12 33.44
CA MET C 2733 -70.86 -7.68 32.64
C MET C 2733 -69.82 -8.34 33.54
N VAL C 2734 -69.65 -9.65 33.34
CA VAL C 2734 -68.67 -10.45 34.05
C VAL C 2734 -67.84 -11.21 33.02
N HIS C 2735 -66.57 -11.47 33.34
CA HIS C 2735 -65.64 -12.09 32.40
C HIS C 2735 -64.66 -13.06 33.06
N PRO C 2736 -65.13 -14.28 33.36
CA PRO C 2736 -64.35 -15.31 34.06
C PRO C 2736 -63.01 -15.64 33.42
N VAL C 2737 -62.03 -15.99 34.24
CA VAL C 2737 -60.87 -16.70 33.73
C VAL C 2737 -60.80 -18.09 34.36
N GLY C 2738 -61.07 -19.10 33.54
CA GLY C 2738 -61.06 -20.49 33.98
C GLY C 2738 -59.94 -21.31 33.39
N ALA C 2739 -58.95 -20.64 32.82
CA ALA C 2739 -57.90 -21.32 32.07
C ALA C 2739 -58.57 -22.13 30.95
N CYS C 2740 -58.51 -23.44 31.07
CA CYS C 2740 -59.26 -24.31 30.15
C CYS C 2740 -60.76 -24.41 30.50
N ALA C 2741 -61.11 -24.08 31.73
CA ALA C 2741 -62.49 -24.26 32.23
C ALA C 2741 -63.41 -23.03 32.19
N THR C 2742 -62.95 -21.91 31.65
CA THR C 2742 -63.71 -20.66 31.62
C THR C 2742 -65.15 -20.80 31.14
N ALA C 2743 -65.33 -21.59 30.10
CA ALA C 2743 -66.63 -21.79 29.47
C ALA C 2743 -67.67 -22.28 30.47
N ALA C 2744 -67.39 -23.38 31.14
CA ALA C 2744 -68.29 -23.92 32.16
C ALA C 2744 -68.33 -23.03 33.39
N VAL C 2745 -67.21 -22.39 33.68
CA VAL C 2745 -67.13 -21.43 34.79
C VAL C 2745 -68.00 -20.21 34.50
N SER C 2746 -68.04 -19.83 33.23
CA SER C 2746 -68.88 -18.71 32.79
C SER C 2746 -70.35 -19.02 32.94
N VAL C 2747 -70.75 -20.23 32.54
CA VAL C 2747 -72.14 -20.67 32.67
C VAL C 2747 -72.59 -20.60 34.12
N GLU C 2748 -71.70 -21.00 35.02
CA GLU C 2748 -71.99 -20.99 36.45
C GLU C 2748 -72.41 -19.61 36.92
N GLU C 2749 -71.65 -18.59 36.50
CA GLU C 2749 -71.93 -17.22 36.91
C GLU C 2749 -73.10 -16.61 36.14
N GLY C 2750 -73.29 -17.06 34.90
CA GLY C 2750 -74.46 -16.66 34.12
C GLY C 2750 -75.72 -17.16 34.80
N VAL C 2751 -75.65 -18.37 35.33
CA VAL C 2751 -76.73 -18.95 36.10
C VAL C 2751 -76.93 -18.16 37.40
N ASP C 2752 -75.82 -17.80 38.03
CA ASP C 2752 -75.86 -17.06 39.29
C ASP C 2752 -76.50 -15.68 39.18
N LYS C 2753 -76.24 -15.00 38.06
CA LYS C 2753 -76.75 -13.66 37.84
C LYS C 2753 -78.28 -13.61 37.72
N ILE C 2754 -78.86 -14.68 37.18
CA ILE C 2754 -80.30 -14.72 36.94
C ILE C 2754 -81.11 -14.96 38.21
N LYS C 2755 -80.70 -15.97 38.98
CA LYS C 2755 -81.47 -16.42 40.13
C LYS C 2755 -81.60 -15.37 41.22
N LEU C 2756 -80.68 -14.40 41.23
CA LEU C 2756 -80.68 -13.35 42.24
C LEU C 2756 -81.39 -12.08 41.78
N GLY C 2757 -81.93 -12.12 40.56
CA GLY C 2757 -82.70 -11.01 40.05
C GLY C 2757 -81.87 -9.84 39.56
N LYS C 2758 -80.55 -10.01 39.56
CA LYS C 2758 -79.64 -8.97 39.08
C LYS C 2758 -79.84 -8.76 37.58
N ALA C 2759 -80.00 -9.87 36.86
CA ALA C 2759 -80.31 -9.80 35.44
C ALA C 2759 -81.18 -10.99 35.03
N ASP C 2760 -82.16 -10.74 34.15
CA ASP C 2760 -83.03 -11.82 33.68
C ASP C 2760 -82.57 -12.49 32.38
N LEU C 2761 -81.60 -11.89 31.70
CA LEU C 2761 -81.09 -12.45 30.45
C LEU C 2761 -79.57 -12.36 30.43
N VAL C 2762 -78.91 -13.50 30.29
CA VAL C 2762 -77.45 -13.51 30.25
C VAL C 2762 -76.90 -14.20 29.02
N ILE C 2763 -75.70 -13.79 28.63
CA ILE C 2763 -74.98 -14.45 27.57
C ILE C 2763 -73.77 -15.12 28.22
N ALA C 2764 -73.70 -16.44 28.14
CA ALA C 2764 -72.56 -17.16 28.70
C ALA C 2764 -71.73 -17.79 27.60
N GLY C 2765 -70.42 -17.87 27.82
CA GLY C 2765 -69.53 -18.44 26.84
C GLY C 2765 -68.05 -18.33 27.18
N GLY C 2766 -67.21 -18.71 26.21
CA GLY C 2766 -65.78 -18.57 26.33
C GLY C 2766 -65.12 -18.57 24.97
N PHE C 2767 -63.93 -17.99 24.87
CA PHE C 2767 -63.21 -17.92 23.61
C PHE C 2767 -61.71 -17.74 23.83
N ASP C 2768 -60.91 -18.23 22.89
CA ASP C 2768 -59.46 -18.11 22.95
C ASP C 2768 -58.89 -18.19 21.53
N ASP C 2769 -57.64 -17.78 21.36
CA ASP C 2769 -57.04 -17.80 20.03
C ASP C 2769 -55.78 -18.66 20.02
N LEU C 2770 -55.41 -19.13 18.83
CA LEU C 2770 -54.16 -19.87 18.64
C LEU C 2770 -53.17 -19.04 17.85
N THR C 2771 -52.10 -18.63 18.52
CA THR C 2771 -51.04 -17.85 17.89
C THR C 2771 -49.69 -18.53 18.10
N LEU C 2772 -48.63 -17.85 17.67
CA LEU C 2772 -47.27 -18.34 17.78
C LEU C 2772 -46.87 -18.70 19.20
N GLU C 2773 -46.89 -17.71 20.08
CA GLU C 2773 -46.36 -17.83 21.42
C GLU C 2773 -47.34 -18.52 22.37
N ALA C 2774 -48.52 -18.85 21.87
CA ALA C 2774 -49.43 -19.69 22.61
C ALA C 2774 -48.91 -21.12 22.51
N ILE C 2775 -48.46 -21.47 21.31
CA ILE C 2775 -47.91 -22.78 21.03
C ILE C 2775 -46.63 -23.04 21.83
N ILE C 2776 -45.71 -22.08 21.82
CA ILE C 2776 -44.40 -22.29 22.42
C ILE C 2776 -44.48 -22.39 23.95
N GLY C 2777 -45.54 -21.84 24.53
CA GLY C 2777 -45.78 -21.94 25.95
C GLY C 2777 -46.20 -23.34 26.38
N PHE C 2778 -47.10 -23.93 25.59
CA PHE C 2778 -47.55 -25.29 25.85
C PHE C 2778 -46.44 -26.30 25.58
N GLY C 2779 -45.80 -26.20 24.41
CA GLY C 2779 -44.74 -27.14 24.01
C GLY C 2779 -43.55 -27.14 24.96
N ASP C 2780 -43.27 -25.97 25.51
CA ASP C 2780 -42.26 -25.84 26.54
C ASP C 2780 -42.74 -26.49 27.83
N MET C 2781 -44.03 -26.33 28.14
CA MET C 2781 -44.61 -26.89 29.36
C MET C 2781 -44.78 -28.40 29.27
N ALA C 2782 -44.49 -28.95 28.10
CA ALA C 2782 -44.54 -30.39 27.81
C ALA C 2782 -45.97 -30.93 27.67
N ALA C 2783 -46.96 -30.07 27.86
CA ALA C 2783 -48.36 -30.51 27.89
C ALA C 2783 -48.96 -30.80 26.51
N THR C 2784 -48.34 -30.27 25.46
CA THR C 2784 -48.83 -30.47 24.11
C THR C 2784 -48.16 -31.64 23.42
N ALA C 2785 -48.91 -32.32 22.58
CA ALA C 2785 -48.42 -33.47 21.85
C ALA C 2785 -47.36 -33.06 20.83
N ASP C 2786 -46.27 -33.80 20.78
CA ASP C 2786 -45.13 -33.44 19.93
C ASP C 2786 -45.29 -34.07 18.55
N THR C 2787 -45.48 -33.23 17.55
CA THR C 2787 -45.82 -33.66 16.19
C THR C 2787 -44.78 -34.56 15.55
N GLU C 2788 -43.51 -34.28 15.81
CA GLU C 2788 -42.42 -35.10 15.28
C GLU C 2788 -42.50 -36.54 15.77
N MET C 2789 -43.04 -36.71 16.98
CA MET C 2789 -43.23 -38.03 17.56
C MET C 2789 -44.48 -38.71 17.00
N MET C 2790 -45.48 -37.92 16.65
CA MET C 2790 -46.73 -38.45 16.13
C MET C 2790 -46.54 -39.01 14.73
N ARG C 2791 -45.77 -38.31 13.91
CA ARG C 2791 -45.46 -38.76 12.56
C ARG C 2791 -44.59 -40.01 12.59
N ALA C 2792 -43.78 -40.13 13.64
CA ALA C 2792 -42.92 -41.30 13.80
C ALA C 2792 -43.74 -42.54 14.15
N LYS C 2793 -44.91 -42.32 14.74
CA LYS C 2793 -45.79 -43.43 15.12
C LYS C 2793 -46.82 -43.69 14.02
N GLY C 2794 -46.71 -42.95 12.91
CA GLY C 2794 -47.60 -43.10 11.78
C GLY C 2794 -48.98 -42.51 12.03
N ILE C 2795 -49.02 -41.36 12.69
CA ILE C 2795 -50.28 -40.71 13.02
C ILE C 2795 -50.55 -39.50 12.13
N SER C 2796 -51.67 -39.55 11.41
CA SER C 2796 -52.11 -38.42 10.59
C SER C 2796 -52.64 -37.30 11.50
N ASP C 2797 -52.70 -36.09 10.94
CA ASP C 2797 -53.10 -34.91 11.70
C ASP C 2797 -54.51 -35.01 12.30
N SER C 2798 -55.39 -35.73 11.64
CA SER C 2798 -56.76 -35.85 12.12
C SER C 2798 -56.88 -36.86 13.26
N LYS C 2799 -55.92 -37.78 13.32
CA LYS C 2799 -55.98 -38.90 14.27
C LYS C 2799 -55.19 -38.68 15.56
N PHE C 2800 -54.52 -37.54 15.70
CA PHE C 2800 -53.58 -37.36 16.79
C PHE C 2800 -54.18 -36.89 18.13
N SER C 2801 -55.44 -36.50 18.11
CA SER C 2801 -56.14 -36.16 19.34
C SER C 2801 -57.02 -37.34 19.70
N ARG C 2802 -56.62 -38.09 20.71
CA ARG C 2802 -57.31 -39.30 21.10
C ARG C 2802 -57.52 -39.33 22.60
N ALA C 2803 -58.78 -39.27 23.02
CA ALA C 2803 -59.10 -39.25 24.44
C ALA C 2803 -59.27 -40.65 24.98
N ASN C 2804 -58.74 -40.88 26.18
CA ASN C 2804 -58.86 -42.18 26.87
C ASN C 2804 -58.15 -43.34 26.18
N ASP C 2805 -57.56 -43.06 25.03
CA ASP C 2805 -56.78 -44.04 24.29
C ASP C 2805 -55.52 -44.40 25.08
N ARG C 2806 -55.06 -45.64 24.91
CA ARG C 2806 -53.84 -46.11 25.56
C ARG C 2806 -52.64 -45.24 25.15
N ARG C 2807 -52.66 -44.78 23.91
CA ARG C 2807 -51.53 -44.07 23.33
C ARG C 2807 -51.60 -42.55 23.44
N ARG C 2808 -52.58 -42.03 24.19
CA ARG C 2808 -52.80 -40.59 24.24
C ARG C 2808 -51.53 -39.84 24.67
N LEU C 2809 -51.08 -38.95 23.80
CA LEU C 2809 -49.78 -38.28 23.94
C LEU C 2809 -49.79 -36.84 24.47
N GLY C 2810 -50.96 -36.33 24.84
CA GLY C 2810 -51.11 -34.93 25.19
C GLY C 2810 -51.96 -34.15 24.19
N PHE C 2811 -52.43 -32.97 24.59
CA PHE C 2811 -53.50 -32.31 23.86
C PHE C 2811 -53.10 -31.56 22.58
N LEU C 2812 -54.04 -31.50 21.64
CA LEU C 2812 -53.92 -30.65 20.47
C LEU C 2812 -54.48 -29.28 20.79
N GLU C 2813 -53.71 -28.23 20.52
CA GLU C 2813 -54.15 -26.86 20.78
C GLU C 2813 -55.02 -26.36 19.64
N ALA C 2814 -56.06 -25.60 19.98
CA ALA C 2814 -56.98 -25.09 18.97
C ALA C 2814 -57.32 -23.62 19.17
N GLN C 2815 -58.14 -23.09 18.27
CA GLN C 2815 -58.59 -21.70 18.34
C GLN C 2815 -60.08 -21.61 18.08
N GLY C 2816 -60.70 -20.56 18.60
CA GLY C 2816 -62.11 -20.31 18.31
C GLY C 2816 -62.84 -19.66 19.46
N GLY C 2817 -64.16 -19.65 19.36
CA GLY C 2817 -65.00 -19.14 20.43
C GLY C 2817 -66.43 -19.56 20.26
N GLY C 2818 -67.17 -19.58 21.36
CA GLY C 2818 -68.58 -19.93 21.32
C GLY C 2818 -69.31 -19.33 22.50
N THR C 2819 -70.60 -19.12 22.34
CA THR C 2819 -71.42 -18.53 23.39
C THR C 2819 -72.82 -19.12 23.41
N ILE C 2820 -73.47 -19.04 24.57
CA ILE C 2820 -74.85 -19.48 24.71
C ILE C 2820 -75.67 -18.40 25.39
N LEU C 2821 -76.97 -18.37 25.09
CA LEU C 2821 -77.87 -17.42 25.74
C LEU C 2821 -78.66 -18.11 26.83
N LEU C 2822 -78.36 -17.78 28.09
CA LEU C 2822 -79.07 -18.33 29.22
C LEU C 2822 -80.12 -17.33 29.70
N ALA C 2823 -81.34 -17.82 29.94
CA ALA C 2823 -82.42 -16.95 30.37
C ALA C 2823 -83.26 -17.55 31.49
N ARG C 2824 -84.07 -16.70 32.11
CA ARG C 2824 -85.05 -17.15 33.09
C ARG C 2824 -86.13 -17.95 32.37
N GLY C 2825 -86.50 -19.09 32.95
CA GLY C 2825 -87.50 -19.97 32.36
C GLY C 2825 -88.82 -19.29 32.10
N ASP C 2826 -89.21 -18.38 33.00
CA ASP C 2826 -90.47 -17.67 32.86
C ASP C 2826 -90.42 -16.70 31.68
N LEU C 2827 -89.25 -16.09 31.47
CA LEU C 2827 -89.07 -15.13 30.39
C LEU C 2827 -89.08 -15.82 29.02
N ALA C 2828 -88.46 -16.99 28.94
CA ALA C 2828 -88.37 -17.73 27.70
C ALA C 2828 -89.75 -18.09 27.16
N LEU C 2829 -90.65 -18.45 28.08
CA LEU C 2829 -92.03 -18.74 27.71
C LEU C 2829 -92.74 -17.48 27.27
N LYS C 2830 -92.51 -16.40 28.02
CA LYS C 2830 -93.19 -15.13 27.78
C LYS C 2830 -92.73 -14.49 26.46
N MET C 2831 -91.42 -14.54 26.20
CA MET C 2831 -90.90 -14.07 24.93
C MET C 2831 -91.26 -15.03 23.82
N GLY C 2832 -91.46 -16.30 24.18
CA GLY C 2832 -91.79 -17.33 23.23
C GLY C 2832 -90.62 -17.71 22.35
N LEU C 2833 -89.47 -17.94 22.97
CA LEU C 2833 -88.27 -18.33 22.22
C LEU C 2833 -88.11 -19.85 22.31
N PRO C 2834 -87.13 -20.41 21.58
CA PRO C 2834 -86.88 -21.85 21.71
C PRO C 2834 -86.21 -22.21 23.03
N VAL C 2835 -86.59 -23.35 23.62
CA VAL C 2835 -85.91 -23.87 24.78
C VAL C 2835 -85.00 -25.03 24.37
N LEU C 2836 -83.69 -24.80 24.39
CA LEU C 2836 -82.73 -25.80 23.95
C LEU C 2836 -82.45 -26.85 25.00
N ALA C 2837 -82.48 -26.44 26.27
CA ALA C 2837 -82.23 -27.34 27.39
C ALA C 2837 -82.37 -26.60 28.72
N VAL C 2838 -82.50 -27.36 29.79
CA VAL C 2838 -82.53 -26.78 31.13
C VAL C 2838 -81.18 -27.02 31.80
N VAL C 2839 -80.61 -25.95 32.37
CA VAL C 2839 -79.38 -26.12 33.13
C VAL C 2839 -79.80 -26.41 34.56
N GLY C 2840 -79.55 -27.65 34.97
CA GLY C 2840 -80.01 -28.13 36.26
C GLY C 2840 -79.06 -27.70 37.35
N TYR C 2841 -77.84 -27.34 36.97
CA TYR C 2841 -76.80 -26.97 37.91
C TYR C 2841 -75.56 -26.55 37.15
N ALA C 2842 -74.70 -25.78 37.81
CA ALA C 2842 -73.39 -25.45 37.30
C ALA C 2842 -72.47 -25.19 38.48
N GLN C 2843 -71.24 -25.64 38.40
CA GLN C 2843 -70.30 -25.42 39.48
C GLN C 2843 -68.86 -25.42 38.98
N SER C 2844 -68.02 -24.63 39.63
CA SER C 2844 -66.58 -24.70 39.47
C SER C 2844 -66.07 -25.28 40.76
N PHE C 2845 -64.92 -25.94 40.70
CA PHE C 2845 -64.35 -26.58 41.89
C PHE C 2845 -62.82 -26.57 41.88
N ALA C 2846 -62.22 -26.25 43.02
CA ALA C 2846 -60.76 -26.27 43.14
C ALA C 2846 -60.30 -27.64 43.63
N ASP C 2847 -59.01 -27.79 43.91
CA ASP C 2847 -58.52 -29.10 44.34
C ASP C 2847 -57.84 -29.07 45.70
N GLY C 2848 -56.61 -28.54 45.76
CA GLY C 2848 -55.96 -28.42 47.04
C GLY C 2848 -54.45 -28.25 47.07
N VAL C 2849 -53.88 -28.29 48.27
CA VAL C 2849 -52.44 -28.16 48.42
C VAL C 2849 -51.70 -29.43 48.04
N HIS C 2850 -50.79 -29.31 47.07
CA HIS C 2850 -49.80 -30.34 46.80
C HIS C 2850 -48.60 -29.78 46.02
N THR C 2851 -47.45 -30.45 46.13
CA THR C 2851 -46.25 -30.06 45.39
C THR C 2851 -46.22 -30.57 43.94
N SER C 2852 -46.72 -31.79 43.74
CA SER C 2852 -46.50 -32.55 42.51
C SER C 2852 -47.16 -31.98 41.26
N ILE C 2853 -46.37 -31.77 40.21
CA ILE C 2853 -46.91 -31.26 38.95
C ILE C 2853 -47.83 -32.17 38.11
N PRO C 2854 -47.53 -33.48 38.01
CA PRO C 2854 -48.56 -34.25 37.30
C PRO C 2854 -49.86 -34.42 38.08
N ALA C 2855 -49.86 -34.26 39.39
CA ALA C 2855 -51.05 -34.59 40.17
C ALA C 2855 -52.23 -33.69 39.84
N PRO C 2856 -53.26 -34.26 39.20
CA PRO C 2856 -54.45 -33.58 38.67
C PRO C 2856 -55.49 -33.28 39.75
N GLY C 2857 -56.26 -32.20 39.58
CA GLY C 2857 -57.32 -31.86 40.51
C GLY C 2857 -58.54 -32.78 40.48
N LEU C 2858 -58.89 -33.34 41.63
CA LEU C 2858 -60.07 -34.17 41.77
C LEU C 2858 -61.28 -33.50 42.40
N GLY C 2859 -61.17 -32.21 42.72
CA GLY C 2859 -62.17 -31.52 43.51
C GLY C 2859 -63.59 -31.40 42.95
N ALA C 2860 -63.78 -31.80 41.69
CA ALA C 2860 -65.10 -31.73 41.06
C ALA C 2860 -66.07 -32.74 41.65
N LEU C 2861 -65.56 -33.59 42.53
CA LEU C 2861 -66.37 -34.59 43.22
C LEU C 2861 -67.28 -33.96 44.25
N GLY C 2862 -67.00 -32.72 44.64
CA GLY C 2862 -67.76 -32.05 45.67
C GLY C 2862 -69.24 -31.86 45.36
N ALA C 2863 -69.60 -32.02 44.09
CA ALA C 2863 -70.99 -31.86 43.66
C ALA C 2863 -71.82 -33.11 43.98
N ALA C 2864 -71.14 -34.25 44.08
CA ALA C 2864 -71.83 -35.52 44.33
C ALA C 2864 -71.89 -35.85 45.82
N ARG C 2865 -71.41 -34.94 46.65
CA ARG C 2865 -71.37 -35.16 48.09
C ARG C 2865 -72.75 -35.09 48.74
N GLY C 2866 -73.09 -36.13 49.50
CA GLY C 2866 -74.35 -36.17 50.21
C GLY C 2866 -75.39 -37.15 49.70
N GLY C 2867 -75.12 -37.77 48.55
CA GLY C 2867 -76.02 -38.78 48.02
C GLY C 2867 -77.35 -38.19 47.57
N ARG C 2868 -78.44 -38.66 48.19
CA ARG C 2868 -79.75 -38.08 47.95
C ARG C 2868 -79.78 -36.59 48.31
N GLU C 2869 -78.88 -36.20 49.21
CA GLU C 2869 -78.78 -34.80 49.63
C GLU C 2869 -77.76 -34.04 48.77
N SER C 2870 -77.17 -34.72 47.81
CA SER C 2870 -76.14 -34.11 46.96
C SER C 2870 -76.73 -33.11 45.98
N THR C 2871 -75.91 -32.16 45.56
CA THR C 2871 -76.35 -31.13 44.63
C THR C 2871 -76.69 -31.74 43.28
N LEU C 2872 -75.94 -32.77 42.90
CA LEU C 2872 -76.15 -33.42 41.61
C LEU C 2872 -77.47 -34.16 41.57
N ALA C 2873 -77.78 -34.88 42.64
CA ALA C 2873 -78.99 -35.70 42.67
C ALA C 2873 -80.24 -34.87 42.94
N ARG C 2874 -80.12 -33.85 43.77
CA ARG C 2874 -81.25 -32.98 44.07
C ARG C 2874 -81.64 -32.17 42.85
N SER C 2875 -80.64 -31.72 42.09
CA SER C 2875 -80.88 -31.01 40.84
C SER C 2875 -81.72 -31.89 39.92
N LEU C 2876 -81.32 -33.15 39.81
CA LEU C 2876 -82.08 -34.12 39.04
C LEU C 2876 -83.47 -34.36 39.65
N ALA C 2877 -83.51 -34.61 40.95
CA ALA C 2877 -84.74 -34.98 41.65
C ALA C 2877 -85.85 -33.92 41.55
N GLN C 2878 -85.46 -32.65 41.50
CA GLN C 2878 -86.42 -31.58 41.34
C GLN C 2878 -87.19 -31.66 40.01
N LEU C 2879 -86.59 -32.31 39.02
CA LEU C 2879 -87.27 -32.58 37.75
C LEU C 2879 -87.92 -33.95 37.78
N GLY C 2880 -87.77 -34.65 38.90
CA GLY C 2880 -88.29 -36.01 39.01
C GLY C 2880 -87.38 -36.96 38.27
N VAL C 2881 -86.11 -36.58 38.18
CA VAL C 2881 -85.10 -37.37 37.48
C VAL C 2881 -84.16 -38.03 38.48
N GLY C 2882 -83.80 -39.28 38.22
CA GLY C 2882 -82.90 -40.03 39.09
C GLY C 2882 -81.45 -39.96 38.65
N ALA C 2883 -80.58 -40.57 39.45
CA ALA C 2883 -79.15 -40.61 39.16
C ALA C 2883 -78.84 -41.48 37.96
N ASP C 2884 -79.68 -42.48 37.73
CA ASP C 2884 -79.52 -43.38 36.60
C ASP C 2884 -79.87 -42.69 35.29
N ASP C 2885 -80.56 -41.56 35.41
CA ASP C 2885 -81.09 -40.87 34.24
C ASP C 2885 -80.11 -39.91 33.58
N ILE C 2886 -78.88 -39.88 34.08
CA ILE C 2886 -77.81 -39.21 33.36
C ILE C 2886 -77.16 -40.27 32.50
N ALA C 2887 -77.41 -40.21 31.20
CA ALA C 2887 -76.83 -41.16 30.25
C ALA C 2887 -75.45 -40.73 29.81
N VAL C 2888 -75.30 -39.44 29.56
CA VAL C 2888 -74.10 -38.92 28.92
C VAL C 2888 -73.35 -37.91 29.79
N ILE C 2889 -72.03 -38.09 29.89
CA ILE C 2889 -71.16 -37.08 30.45
C ILE C 2889 -70.26 -36.59 29.33
N SER C 2890 -70.14 -35.28 29.18
CA SER C 2890 -69.17 -34.75 28.25
C SER C 2890 -67.89 -34.48 29.02
N LYS C 2891 -66.87 -35.30 28.79
CA LYS C 2891 -65.60 -35.14 29.48
C LYS C 2891 -64.82 -33.99 28.89
N HIS C 2892 -63.92 -33.42 29.68
CA HIS C 2892 -62.97 -32.46 29.16
C HIS C 2892 -62.13 -33.19 28.12
N ASP C 2893 -61.70 -34.40 28.48
CA ASP C 2893 -61.00 -35.30 27.57
C ASP C 2893 -59.89 -34.61 26.79
N THR C 2894 -58.86 -34.18 27.51
CA THR C 2894 -57.80 -33.39 26.90
C THR C 2894 -56.85 -34.26 26.08
N SER C 2895 -56.99 -35.58 26.17
CA SER C 2895 -56.10 -36.52 25.49
C SER C 2895 -54.71 -36.56 26.11
N THR C 2896 -54.48 -35.75 27.13
CA THR C 2896 -53.25 -35.83 27.91
C THR C 2896 -53.30 -37.06 28.81
N LEU C 2897 -52.14 -37.58 29.19
CA LEU C 2897 -52.07 -38.76 30.04
C LEU C 2897 -52.49 -38.46 31.47
N ALA C 2898 -52.39 -37.19 31.87
CA ALA C 2898 -52.73 -36.78 33.23
C ALA C 2898 -54.25 -36.64 33.43
N ASN C 2899 -54.89 -35.96 32.49
CA ASN C 2899 -56.30 -35.60 32.62
C ASN C 2899 -57.29 -36.75 32.44
N ASP C 2900 -57.13 -37.50 31.35
CA ASP C 2900 -58.09 -38.55 30.98
C ASP C 2900 -58.40 -39.60 32.07
N PRO C 2901 -57.39 -40.27 32.65
CA PRO C 2901 -57.72 -41.28 33.66
C PRO C 2901 -58.26 -40.65 34.94
N ASN C 2902 -57.80 -39.45 35.27
CA ASN C 2902 -58.24 -38.75 36.47
C ASN C 2902 -59.70 -38.32 36.38
N GLU C 2903 -60.04 -37.71 35.23
CA GLU C 2903 -61.41 -37.27 34.99
C GLU C 2903 -62.34 -38.49 34.95
N THR C 2904 -61.80 -39.63 34.52
CA THR C 2904 -62.55 -40.87 34.46
C THR C 2904 -62.81 -41.40 35.87
N GLU C 2905 -61.74 -41.46 36.67
CA GLU C 2905 -61.85 -41.86 38.07
C GLU C 2905 -62.81 -40.94 38.80
N LEU C 2906 -62.79 -39.66 38.42
CA LEU C 2906 -63.65 -38.66 39.03
C LEU C 2906 -65.11 -38.94 38.72
N HIS C 2907 -65.43 -39.12 37.44
CA HIS C 2907 -66.79 -39.39 37.01
C HIS C 2907 -67.26 -40.76 37.47
N GLU C 2908 -66.32 -41.68 37.65
CA GLU C 2908 -66.62 -43.01 38.15
C GLU C 2908 -67.08 -42.95 39.60
N ARG C 2909 -66.41 -42.10 40.37
CA ARG C 2909 -66.68 -41.99 41.80
C ARG C 2909 -67.94 -41.19 42.10
N ILE C 2910 -68.17 -40.10 41.37
CA ILE C 2910 -69.37 -39.29 41.57
C ILE C 2910 -70.63 -40.11 41.30
N ALA C 2911 -70.51 -41.11 40.43
CA ALA C 2911 -71.60 -42.03 40.15
C ALA C 2911 -71.70 -43.11 41.23
N ASP C 2912 -70.55 -43.59 41.69
CA ASP C 2912 -70.48 -44.69 42.64
C ASP C 2912 -71.18 -44.38 43.97
N SER C 2913 -70.93 -43.20 44.52
CA SER C 2913 -71.50 -42.83 45.81
C SER C 2913 -72.95 -42.38 45.76
N MET C 2914 -73.40 -41.91 44.60
CA MET C 2914 -74.77 -41.42 44.45
C MET C 2914 -75.74 -42.57 44.20
N GLY C 2915 -75.20 -43.79 44.16
CA GLY C 2915 -76.03 -44.97 43.98
C GLY C 2915 -76.41 -45.22 42.54
N ARG C 2916 -75.49 -44.93 41.63
CA ARG C 2916 -75.68 -45.30 40.23
C ARG C 2916 -75.81 -46.81 40.18
N ALA C 2917 -76.88 -47.30 39.56
CA ALA C 2917 -77.09 -48.74 39.44
C ALA C 2917 -75.86 -49.39 38.82
N PRO C 2918 -75.40 -50.50 39.42
CA PRO C 2918 -74.18 -51.17 38.94
C PRO C 2918 -74.27 -51.47 37.46
N GLY C 2919 -73.22 -51.09 36.72
CA GLY C 2919 -73.17 -51.33 35.30
C GLY C 2919 -74.21 -50.57 34.48
N ASN C 2920 -74.56 -49.37 34.92
CA ASN C 2920 -75.38 -48.49 34.11
C ASN C 2920 -74.50 -47.30 33.78
N PRO C 2921 -73.55 -47.51 32.87
CA PRO C 2921 -72.41 -46.62 32.70
C PRO C 2921 -72.77 -45.32 31.99
N LEU C 2922 -72.02 -44.27 32.29
CA LEU C 2922 -72.22 -42.99 31.64
C LEU C 2922 -71.52 -43.03 30.29
N PHE C 2923 -72.30 -42.88 29.22
CA PHE C 2923 -71.76 -42.91 27.87
C PHE C 2923 -71.12 -41.58 27.58
N ILE C 2924 -69.83 -41.58 27.29
CA ILE C 2924 -69.08 -40.33 27.23
C ILE C 2924 -68.52 -40.00 25.85
N VAL C 2925 -68.69 -38.74 25.46
CA VAL C 2925 -68.18 -38.24 24.18
C VAL C 2925 -66.94 -37.39 24.39
N SER C 2926 -66.01 -37.47 23.46
CA SER C 2926 -64.86 -36.56 23.45
C SER C 2926 -64.87 -35.69 22.20
N GLN C 2927 -65.15 -34.42 22.38
CA GLN C 2927 -65.24 -33.49 21.27
C GLN C 2927 -63.87 -32.91 20.93
N LYS C 2928 -62.92 -33.08 21.85
CA LYS C 2928 -61.57 -32.56 21.66
C LYS C 2928 -60.81 -33.39 20.63
N THR C 2929 -61.29 -34.60 20.39
CA THR C 2929 -60.69 -35.47 19.38
C THR C 2929 -61.02 -34.93 17.99
N LEU C 2930 -62.16 -34.25 17.89
CA LEU C 2930 -62.55 -33.59 16.65
C LEU C 2930 -62.03 -32.17 16.62
N THR C 2931 -62.65 -31.32 17.44
CA THR C 2931 -62.41 -29.88 17.39
C THR C 2931 -61.06 -29.43 17.94
N GLY C 2932 -60.35 -30.35 18.59
CA GLY C 2932 -59.12 -30.00 19.27
C GLY C 2932 -59.44 -29.28 20.57
N HIS C 2933 -58.41 -28.84 21.29
CA HIS C 2933 -58.64 -28.14 22.54
C HIS C 2933 -58.41 -26.64 22.41
N ALA C 2934 -59.51 -25.88 22.47
CA ALA C 2934 -59.44 -24.44 22.59
C ALA C 2934 -59.63 -24.09 24.06
N LYS C 2935 -58.60 -23.53 24.67
CA LYS C 2935 -58.57 -23.26 26.11
C LYS C 2935 -59.84 -22.59 26.65
N GLY C 2936 -60.07 -21.35 26.22
CA GLY C 2936 -61.19 -20.58 26.73
C GLY C 2936 -62.55 -21.09 26.33
N GLY C 2937 -62.70 -21.50 25.07
CA GLY C 2937 -63.98 -21.95 24.54
C GLY C 2937 -64.17 -23.45 24.57
N ALA C 2938 -63.43 -24.13 25.43
CA ALA C 2938 -63.51 -25.58 25.55
C ALA C 2938 -64.91 -26.09 25.91
N ALA C 2939 -65.34 -25.79 27.12
CA ALA C 2939 -66.57 -26.38 27.67
C ALA C 2939 -67.86 -25.85 27.02
N VAL C 2940 -67.75 -24.78 26.24
CA VAL C 2940 -68.91 -24.25 25.53
C VAL C 2940 -69.20 -25.08 24.29
N PHE C 2941 -68.14 -25.47 23.58
CA PHE C 2941 -68.28 -26.36 22.44
C PHE C 2941 -68.87 -27.68 22.91
N GLN C 2942 -68.50 -28.08 24.13
CA GLN C 2942 -69.08 -29.25 24.76
C GLN C 2942 -70.50 -28.93 25.23
N MET C 2943 -70.70 -27.69 25.67
CA MET C 2943 -72.02 -27.22 26.08
C MET C 2943 -72.96 -27.22 24.88
N MET C 2944 -72.45 -26.75 23.75
CA MET C 2944 -73.20 -26.75 22.50
C MET C 2944 -73.56 -28.17 22.06
N GLY C 2945 -72.55 -29.05 22.07
CA GLY C 2945 -72.75 -30.43 21.67
C GLY C 2945 -73.74 -31.15 22.56
N LEU C 2946 -73.76 -30.79 23.84
CA LEU C 2946 -74.64 -31.45 24.80
C LEU C 2946 -76.11 -31.10 24.57
N CYS C 2947 -76.37 -29.85 24.19
CA CYS C 2947 -77.72 -29.44 23.85
C CYS C 2947 -78.18 -30.20 22.62
N GLN C 2948 -77.30 -30.28 21.64
CA GLN C 2948 -77.57 -31.00 20.40
C GLN C 2948 -77.73 -32.50 20.65
N ILE C 2949 -77.08 -33.00 21.69
CA ILE C 2949 -77.25 -34.39 22.12
C ILE C 2949 -78.65 -34.62 22.67
N LEU C 2950 -79.09 -33.71 23.53
CA LEU C 2950 -80.38 -33.86 24.19
C LEU C 2950 -81.56 -33.83 23.22
N ARG C 2951 -81.57 -32.85 22.32
CA ARG C 2951 -82.69 -32.68 21.39
C ARG C 2951 -82.75 -33.77 20.32
N ASP C 2952 -81.60 -34.11 19.73
CA ASP C 2952 -81.55 -35.12 18.68
C ASP C 2952 -81.50 -36.54 19.26
N GLY C 2953 -81.05 -36.65 20.51
CA GLY C 2953 -80.92 -37.94 21.16
C GLY C 2953 -79.61 -38.64 20.82
N VAL C 2954 -78.98 -38.21 19.74
CA VAL C 2954 -77.79 -38.87 19.22
C VAL C 2954 -76.56 -38.66 20.11
N ILE C 2955 -75.89 -39.75 20.44
CA ILE C 2955 -74.64 -39.70 21.20
C ILE C 2955 -73.45 -39.87 20.27
N PRO C 2956 -72.69 -38.78 20.04
CA PRO C 2956 -71.53 -38.76 19.15
C PRO C 2956 -70.42 -39.71 19.60
N PRO C 2957 -69.78 -40.38 18.63
CA PRO C 2957 -68.67 -41.31 18.87
C PRO C 2957 -67.36 -40.59 19.13
N ASN C 2958 -66.39 -41.32 19.67
CA ASN C 2958 -65.00 -40.90 19.53
C ASN C 2958 -64.40 -41.77 18.44
N ARG C 2959 -64.18 -41.18 17.28
CA ARG C 2959 -63.71 -41.94 16.12
C ARG C 2959 -62.19 -41.99 16.09
N SER C 2960 -61.57 -41.33 17.06
CA SER C 2960 -60.12 -41.33 17.19
C SER C 2960 -59.65 -42.44 18.13
N LEU C 2961 -60.59 -43.25 18.59
CA LEU C 2961 -60.23 -44.31 19.54
C LEU C 2961 -59.90 -45.59 18.82
N ASP C 2962 -58.62 -45.94 18.82
CA ASP C 2962 -58.16 -47.24 18.35
C ASP C 2962 -58.33 -48.30 19.44
N CYS C 2963 -57.86 -47.96 20.63
CA CYS C 2963 -57.92 -48.88 21.78
C CYS C 2963 -58.14 -48.12 23.09
N VAL C 2964 -59.02 -48.65 23.93
CA VAL C 2964 -59.27 -48.07 25.24
C VAL C 2964 -58.11 -48.39 26.18
N ASP C 2965 -57.67 -47.40 26.96
CA ASP C 2965 -56.58 -47.59 27.91
C ASP C 2965 -56.94 -48.67 28.91
N ASP C 2966 -56.05 -49.64 29.09
CA ASP C 2966 -56.32 -50.80 29.95
C ASP C 2966 -56.46 -50.40 31.42
N GLU C 2967 -56.00 -49.20 31.76
CA GLU C 2967 -56.12 -48.69 33.12
C GLU C 2967 -57.57 -48.34 33.45
N LEU C 2968 -58.30 -47.91 32.42
CA LEU C 2968 -59.68 -47.44 32.60
C LEU C 2968 -60.67 -48.57 32.86
N ALA C 2969 -60.18 -49.81 32.81
CA ALA C 2969 -61.02 -50.97 33.07
C ALA C 2969 -61.59 -50.96 34.49
N THR C 2970 -60.86 -50.36 35.42
CA THR C 2970 -61.28 -50.29 36.80
C THR C 2970 -62.54 -49.45 37.00
N SER C 2971 -62.87 -48.65 35.98
CA SER C 2971 -64.09 -47.85 36.03
C SER C 2971 -65.22 -48.57 35.29
N GLY C 2972 -66.22 -49.01 36.05
CA GLY C 2972 -67.31 -49.78 35.48
C GLY C 2972 -68.56 -48.95 35.22
N HIS C 2973 -68.59 -47.73 35.76
CA HIS C 2973 -69.70 -46.81 35.55
C HIS C 2973 -69.41 -45.93 34.34
N PHE C 2974 -68.33 -46.23 33.63
CA PHE C 2974 -67.94 -45.45 32.45
C PHE C 2974 -67.81 -46.31 31.20
N VAL C 2975 -68.44 -45.85 30.11
CA VAL C 2975 -68.33 -46.52 28.82
C VAL C 2975 -67.83 -45.58 27.73
N TRP C 2976 -66.83 -46.05 26.98
CA TRP C 2976 -66.21 -45.25 25.93
C TRP C 2976 -66.62 -45.80 24.56
N VAL C 2977 -67.39 -45.00 23.82
CA VAL C 2977 -67.98 -45.45 22.56
C VAL C 2977 -67.20 -44.96 21.34
N ARG C 2978 -66.76 -45.90 20.51
CA ARG C 2978 -65.98 -45.58 19.31
C ARG C 2978 -66.85 -45.30 18.08
N GLU C 2979 -68.12 -45.68 18.14
CA GLU C 2979 -69.03 -45.52 17.00
C GLU C 2979 -70.33 -44.86 17.43
N PRO C 2980 -70.92 -44.03 16.55
CA PRO C 2980 -72.08 -43.24 16.97
C PRO C 2980 -73.27 -44.11 17.33
N LEU C 2981 -73.85 -43.85 18.50
CA LEU C 2981 -75.10 -44.50 18.87
C LEU C 2981 -76.20 -43.48 18.65
N ASP C 2982 -76.99 -43.70 17.61
CA ASP C 2982 -77.99 -42.73 17.19
C ASP C 2982 -79.35 -43.08 17.76
N LEU C 2983 -79.88 -42.20 18.60
CA LEU C 2983 -81.14 -42.44 19.27
C LEU C 2983 -82.31 -41.85 18.50
N ARG C 2984 -83.18 -42.72 18.02
CA ARG C 2984 -84.33 -42.33 17.21
C ARG C 2984 -85.51 -41.93 18.09
N GLY C 2985 -86.69 -41.78 17.47
CA GLY C 2985 -87.88 -41.37 18.19
C GLY C 2985 -88.36 -42.33 19.25
N LYS C 2986 -88.04 -43.62 19.09
CA LYS C 2986 -88.44 -44.63 20.06
C LYS C 2986 -87.41 -44.82 21.16
N PHE C 2987 -86.27 -44.16 21.00
CA PHE C 2987 -85.18 -44.29 21.95
C PHE C 2987 -84.74 -42.91 22.40
N PRO C 2988 -85.38 -42.40 23.48
CA PRO C 2988 -85.12 -41.05 23.98
C PRO C 2988 -83.87 -40.99 24.85
N LEU C 2989 -83.56 -39.80 25.34
CA LEU C 2989 -82.52 -39.62 26.35
C LEU C 2989 -82.96 -38.52 27.30
N LYS C 2990 -82.16 -38.26 28.33
CA LYS C 2990 -82.61 -37.34 29.39
C LYS C 2990 -81.66 -36.21 29.75
N ALA C 2991 -80.53 -36.54 30.38
CA ALA C 2991 -79.67 -35.49 30.94
C ALA C 2991 -78.17 -35.72 30.72
N GLY C 2992 -77.49 -34.66 30.27
CA GLY C 2992 -76.05 -34.70 30.11
C GLY C 2992 -75.28 -33.95 31.19
N LEU C 2993 -73.96 -34.14 31.21
CA LEU C 2993 -73.10 -33.43 32.15
C LEU C 2993 -71.81 -32.96 31.49
N VAL C 2994 -71.56 -31.65 31.52
CA VAL C 2994 -70.32 -31.09 30.98
C VAL C 2994 -69.30 -30.88 32.10
N THR C 2995 -68.14 -31.48 31.95
CA THR C 2995 -67.07 -31.36 32.93
C THR C 2995 -65.79 -30.87 32.27
N SER C 2996 -65.15 -29.87 32.88
CA SER C 2996 -63.92 -29.31 32.34
C SER C 2996 -62.90 -29.00 33.45
N LEU C 2997 -61.65 -29.39 33.21
CA LEU C 2997 -60.58 -29.14 34.18
C LEU C 2997 -59.60 -28.10 33.64
N GLY C 2998 -59.60 -26.92 34.23
CA GLY C 2998 -58.67 -25.87 33.86
C GLY C 2998 -57.34 -26.01 34.58
N PHE C 2999 -56.41 -25.12 34.25
CA PHE C 2999 -55.09 -25.12 34.88
C PHE C 2999 -55.13 -24.44 36.24
N GLY C 3000 -54.40 -24.99 37.20
CA GLY C 3000 -54.38 -24.46 38.55
C GLY C 3000 -55.64 -24.75 39.33
N HIS C 3001 -56.05 -26.01 39.33
CA HIS C 3001 -57.18 -26.48 40.13
C HIS C 3001 -58.50 -25.84 39.70
N VAL C 3002 -58.61 -25.47 38.44
CA VAL C 3002 -59.90 -25.02 37.96
C VAL C 3002 -60.64 -26.22 37.39
N SER C 3003 -61.68 -26.65 38.08
CA SER C 3003 -62.49 -27.77 37.62
C SER C 3003 -63.93 -27.29 37.60
N GLY C 3004 -64.74 -27.87 36.74
CA GLY C 3004 -66.13 -27.44 36.65
C GLY C 3004 -67.09 -28.52 36.20
N LEU C 3005 -68.36 -28.36 36.59
CA LEU C 3005 -69.40 -29.30 36.25
C LEU C 3005 -70.69 -28.56 35.91
N VAL C 3006 -71.29 -28.91 34.78
CA VAL C 3006 -72.58 -28.35 34.39
C VAL C 3006 -73.57 -29.46 34.07
N ALA C 3007 -74.61 -29.58 34.89
CA ALA C 3007 -75.64 -30.57 34.67
C ALA C 3007 -76.69 -30.04 33.70
N LEU C 3008 -76.84 -30.71 32.57
CA LEU C 3008 -77.83 -30.30 31.58
C LEU C 3008 -78.97 -31.31 31.45
N VAL C 3009 -80.20 -30.79 31.33
CA VAL C 3009 -81.41 -31.62 31.30
C VAL C 3009 -82.31 -31.25 30.12
N HIS C 3010 -82.99 -32.25 29.56
CA HIS C 3010 -83.85 -32.10 28.39
C HIS C 3010 -84.95 -31.04 28.59
N PRO C 3011 -85.23 -30.25 27.55
CA PRO C 3011 -86.26 -29.19 27.60
C PRO C 3011 -87.65 -29.67 28.02
N GLU C 3012 -88.05 -30.85 27.58
CA GLU C 3012 -89.40 -31.34 27.83
C GLU C 3012 -89.69 -31.64 29.30
N ALA C 3013 -88.67 -31.56 30.14
CA ALA C 3013 -88.85 -31.68 31.58
C ALA C 3013 -89.47 -30.41 32.15
N PHE C 3014 -89.19 -29.29 31.50
CA PHE C 3014 -89.71 -27.99 31.94
C PHE C 3014 -91.16 -27.79 31.53
N ILE C 3015 -91.53 -28.35 30.38
CA ILE C 3015 -92.87 -28.16 29.83
C ILE C 3015 -93.92 -28.90 30.66
N ALA C 3016 -93.44 -29.76 31.56
CA ALA C 3016 -94.33 -30.56 32.41
C ALA C 3016 -94.84 -29.79 33.62
N ALA C 3017 -94.28 -28.61 33.84
CA ALA C 3017 -94.66 -27.77 34.98
C ALA C 3017 -95.71 -26.71 34.64
N LEU C 3018 -96.20 -26.73 33.41
CA LEU C 3018 -97.13 -25.70 32.95
C LEU C 3018 -98.61 -26.05 33.13
N ASP C 3019 -98.91 -27.30 33.50
CA ASP C 3019 -100.27 -27.85 33.49
C ASP C 3019 -100.73 -28.02 32.03
N PRO C 3020 -101.64 -28.99 31.78
CA PRO C 3020 -101.99 -29.36 30.39
C PRO C 3020 -102.49 -28.22 29.51
N SER C 3021 -103.21 -27.27 30.10
CA SER C 3021 -103.73 -26.14 29.34
C SER C 3021 -102.60 -25.20 28.89
N GLU C 3022 -101.75 -24.80 29.83
CA GLU C 3022 -100.65 -23.89 29.52
C GLU C 3022 -99.52 -24.60 28.78
N ARG C 3023 -99.37 -25.89 29.03
CA ARG C 3023 -98.36 -26.68 28.31
C ARG C 3023 -98.70 -26.70 26.83
N GLU C 3024 -99.98 -26.88 26.53
CA GLU C 3024 -100.46 -26.89 25.16
C GLU C 3024 -100.35 -25.50 24.55
N ASP C 3025 -100.51 -24.47 25.38
CA ASP C 3025 -100.42 -23.09 24.93
C ASP C 3025 -98.99 -22.70 24.58
N TYR C 3026 -98.03 -23.28 25.29
CA TYR C 3026 -96.62 -22.98 25.05
C TYR C 3026 -96.11 -23.63 23.76
N ARG C 3027 -96.52 -24.87 23.54
CA ARG C 3027 -96.12 -25.60 22.34
C ARG C 3027 -96.61 -24.86 21.09
N THR C 3028 -97.75 -24.19 21.23
CA THR C 3028 -98.29 -23.37 20.15
C THR C 3028 -97.35 -22.22 19.82
N ARG C 3029 -96.88 -21.53 20.86
CA ARG C 3029 -95.98 -20.39 20.68
C ARG C 3029 -94.61 -20.82 20.18
N ALA C 3030 -94.09 -21.91 20.74
CA ALA C 3030 -92.78 -22.42 20.36
C ALA C 3030 -92.76 -22.91 18.91
N GLU C 3031 -93.89 -23.47 18.47
CA GLU C 3031 -94.01 -23.94 17.10
C GLU C 3031 -93.99 -22.79 16.11
N GLN C 3032 -94.69 -21.70 16.46
CA GLN C 3032 -94.74 -20.52 15.62
C GLN C 3032 -93.36 -19.84 15.54
N ARG C 3033 -92.59 -19.95 16.62
CA ARG C 3033 -91.28 -19.33 16.67
C ARG C 3033 -90.29 -20.08 15.80
N MET C 3034 -90.37 -21.40 15.81
CA MET C 3034 -89.48 -22.24 15.01
C MET C 3034 -89.64 -21.93 13.53
N LEU C 3035 -90.88 -21.77 13.09
CA LEU C 3035 -91.17 -21.45 11.69
C LEU C 3035 -90.61 -20.07 11.34
N ALA C 3036 -90.80 -19.11 12.25
CA ALA C 3036 -90.28 -17.76 12.05
C ALA C 3036 -88.77 -17.75 12.22
N GLY C 3037 -88.26 -18.68 13.03
CA GLY C 3037 -86.83 -18.79 13.26
C GLY C 3037 -86.12 -19.37 12.06
N GLN C 3038 -86.74 -20.37 11.43
CA GLN C 3038 -86.20 -20.96 10.21
C GLN C 3038 -86.17 -19.94 9.09
N ARG C 3039 -87.20 -19.10 9.05
CA ARG C 3039 -87.27 -17.99 8.10
C ARG C 3039 -86.06 -17.07 8.25
N ARG C 3040 -85.92 -16.47 9.43
CA ARG C 3040 -84.83 -15.54 9.73
C ARG C 3040 -83.44 -16.11 9.44
N LEU C 3041 -83.24 -17.37 9.78
CA LEU C 3041 -81.93 -18.00 9.62
C LEU C 3041 -81.50 -18.14 8.17
N VAL C 3042 -82.35 -18.76 7.35
CA VAL C 3042 -82.02 -19.00 5.95
C VAL C 3042 -81.92 -17.69 5.16
N SER C 3043 -82.58 -16.66 5.66
CA SER C 3043 -82.48 -15.33 5.04
C SER C 3043 -81.16 -14.69 5.39
N ALA C 3044 -80.67 -14.98 6.59
CA ALA C 3044 -79.41 -14.44 7.07
C ALA C 3044 -78.22 -15.11 6.39
N ILE C 3045 -78.25 -16.44 6.35
CA ILE C 3045 -77.15 -17.23 5.78
C ILE C 3045 -76.83 -16.84 4.33
N ALA C 3046 -77.89 -16.63 3.54
CA ALA C 3046 -77.73 -16.40 2.11
C ALA C 3046 -77.30 -14.98 1.75
N GLY C 3047 -77.84 -13.98 2.44
CA GLY C 3047 -77.65 -12.60 2.05
C GLY C 3047 -76.51 -11.85 2.69
N GLY C 3048 -75.96 -12.40 3.77
CA GLY C 3048 -74.92 -11.71 4.52
C GLY C 3048 -75.54 -10.69 5.45
N ARG C 3049 -76.85 -10.81 5.63
CA ARG C 3049 -77.63 -9.93 6.50
C ARG C 3049 -77.36 -9.95 8.02
N PRO C 3050 -77.11 -11.13 8.62
CA PRO C 3050 -77.24 -11.24 10.09
C PRO C 3050 -76.38 -10.28 10.91
N MET C 3051 -75.37 -9.66 10.29
CA MET C 3051 -74.57 -8.70 11.03
C MET C 3051 -74.79 -7.27 10.52
N TYR C 3052 -75.47 -6.49 11.34
CA TYR C 3052 -75.74 -5.08 11.06
C TYR C 3052 -75.24 -4.27 12.24
N GLU C 3053 -74.27 -3.40 12.00
CA GLU C 3053 -73.72 -2.59 13.07
C GLU C 3053 -74.55 -1.34 13.25
N LYS C 3054 -75.17 -1.23 14.42
CA LYS C 3054 -76.21 -0.24 14.66
C LYS C 3054 -75.70 1.18 14.83
N PRO C 3055 -76.35 2.14 14.14
CA PRO C 3055 -76.14 3.59 14.25
C PRO C 3055 -76.60 4.13 15.61
N ALA C 3056 -77.33 3.30 16.35
CA ALA C 3056 -77.91 3.68 17.64
C ALA C 3056 -78.93 4.81 17.54
N ASP C 3057 -79.87 4.65 16.62
CA ASP C 3057 -80.93 5.62 16.37
C ASP C 3057 -81.71 6.00 17.62
N ARG C 3058 -82.03 5.00 18.45
CA ARG C 3058 -82.88 5.22 19.62
C ARG C 3058 -82.21 6.14 20.65
N ARG C 3059 -80.89 6.14 20.68
CA ARG C 3059 -80.13 6.99 21.58
C ARG C 3059 -80.33 8.47 21.29
N PHE C 3060 -79.95 8.88 20.08
CA PHE C 3060 -79.91 10.30 19.68
C PHE C 3060 -81.11 10.84 18.91
N ASP C 3061 -82.18 10.06 18.80
CA ASP C 3061 -83.20 10.24 17.75
C ASP C 3061 -83.63 11.68 17.47
N HIS C 3062 -83.82 12.48 18.51
CA HIS C 3062 -83.95 13.93 18.36
C HIS C 3062 -82.87 14.58 19.20
N ASP C 3063 -81.95 15.31 18.55
CA ASP C 3063 -80.74 15.78 19.22
C ASP C 3063 -80.97 16.53 20.54
N VAL C 3064 -81.86 17.52 20.53
CA VAL C 3064 -82.12 18.31 21.73
C VAL C 3064 -82.76 17.53 22.90
N PRO C 3065 -83.97 16.96 22.70
CA PRO C 3065 -84.62 16.34 23.86
C PRO C 3065 -83.97 15.04 24.35
N GLU C 3066 -83.49 14.20 23.44
CA GLU C 3066 -82.99 12.88 23.83
C GLU C 3066 -81.77 12.97 24.74
N LYS C 3067 -80.95 14.00 24.53
CA LYS C 3067 -79.83 14.24 25.43
C LYS C 3067 -80.34 14.67 26.80
N ARG C 3068 -81.47 15.37 26.81
CA ARG C 3068 -82.13 15.75 28.05
C ARG C 3068 -82.91 14.56 28.61
N GLN C 3069 -83.51 13.78 27.71
CA GLN C 3069 -84.28 12.61 28.10
C GLN C 3069 -83.38 11.45 28.53
N GLU C 3070 -82.07 11.61 28.32
CA GLU C 3070 -81.10 10.60 28.68
C GLU C 3070 -81.17 10.25 30.15
N ALA C 3071 -81.29 11.28 30.99
CA ALA C 3071 -81.42 11.09 32.42
C ALA C 3071 -82.75 10.42 32.76
N ALA C 3072 -83.84 10.99 32.24
CA ALA C 3072 -85.19 10.52 32.55
C ALA C 3072 -85.42 9.05 32.21
N MET C 3073 -84.75 8.56 31.17
CA MET C 3073 -84.89 7.16 30.76
C MET C 3073 -84.35 6.21 31.81
N LEU C 3074 -83.09 6.43 32.21
CA LEU C 3074 -82.42 5.57 33.17
C LEU C 3074 -83.07 5.63 34.55
N LEU C 3075 -83.75 6.73 34.83
CA LEU C 3075 -84.34 6.96 36.15
C LEU C 3075 -85.64 6.17 36.39
N SER C 3076 -86.56 6.23 35.43
CA SER C 3076 -87.88 5.61 35.60
C SER C 3076 -87.90 4.18 35.05
N THR C 3077 -88.54 3.27 35.80
CA THR C 3077 -88.48 1.84 35.49
C THR C 3077 -89.09 1.39 34.16
N ASP C 3078 -90.32 1.78 33.91
CA ASP C 3078 -91.14 1.16 32.86
C ASP C 3078 -90.98 1.74 31.46
N ALA C 3079 -90.10 2.73 31.29
CA ALA C 3079 -89.88 3.33 29.98
C ALA C 3079 -89.18 2.36 29.02
N ARG C 3080 -89.80 2.12 27.87
CA ARG C 3080 -89.31 1.12 26.92
C ARG C 3080 -89.49 1.49 25.44
N LEU C 3081 -89.23 0.51 24.57
CA LEU C 3081 -89.34 0.70 23.13
C LEU C 3081 -90.74 0.33 22.60
N GLY C 3082 -91.31 1.21 21.78
CA GLY C 3082 -92.50 0.87 21.01
C GLY C 3082 -92.04 0.14 19.77
N GLU C 3083 -92.79 -0.87 19.33
CA GLU C 3083 -92.40 -1.63 18.15
C GLU C 3083 -92.84 -0.97 16.84
N ASN C 3084 -93.98 -0.30 16.88
CA ASN C 3084 -94.64 0.24 15.69
C ASN C 3084 -93.84 1.26 14.87
N ASP C 3085 -92.97 2.01 15.55
CA ASP C 3085 -92.12 3.00 14.89
C ASP C 3085 -90.84 2.34 14.44
N GLN C 3086 -90.79 1.01 14.58
CA GLN C 3086 -89.55 0.23 14.48
C GLN C 3086 -88.55 0.60 15.56
N TYR C 3087 -88.87 0.19 16.79
CA TYR C 3087 -87.97 0.29 17.93
C TYR C 3087 -87.48 1.71 18.25
N VAL C 3088 -88.41 2.54 18.69
CA VAL C 3088 -88.10 3.91 19.12
C VAL C 3088 -87.94 3.98 20.65
N LEU C 3089 -87.05 4.83 21.12
CA LEU C 3089 -86.86 5.06 22.56
C LEU C 3089 -87.67 6.26 23.08
N ALA D 31 38.08 -49.44 108.13
CA ALA D 31 37.13 -48.94 109.11
C ALA D 31 35.75 -48.83 108.47
N HIS D 32 34.91 -49.85 108.65
CA HIS D 32 33.57 -49.79 108.11
C HIS D 32 32.59 -49.53 109.24
N ALA D 33 31.92 -48.38 109.19
CA ALA D 33 31.02 -48.00 110.26
C ALA D 33 29.88 -48.99 110.46
N LEU D 34 29.21 -49.39 109.38
CA LEU D 34 28.07 -50.31 109.45
C LEU D 34 28.42 -51.58 110.21
N VAL D 35 29.52 -52.20 109.78
CA VAL D 35 30.06 -53.40 110.42
C VAL D 35 30.35 -53.11 111.88
N ASP D 36 30.90 -51.92 112.11
CA ASP D 36 31.16 -51.41 113.46
C ASP D 36 29.83 -51.14 114.17
N ARG D 37 28.84 -50.67 113.40
CA ARG D 37 27.49 -50.54 113.92
C ARG D 37 26.97 -51.95 114.15
N LEU D 38 27.08 -52.81 113.12
CA LEU D 38 26.59 -54.19 113.18
C LEU D 38 27.06 -54.92 114.43
N SER D 39 28.32 -54.70 114.82
CA SER D 39 28.88 -55.35 115.98
C SER D 39 28.22 -54.87 117.29
N ALA D 40 28.31 -53.58 117.59
CA ALA D 40 27.68 -53.03 118.77
C ALA D 40 26.20 -52.71 118.59
N GLY D 41 25.88 -52.00 117.51
CA GLY D 41 24.53 -51.52 117.26
C GLY D 41 23.77 -52.41 116.29
N GLU D 42 22.96 -51.78 115.44
CA GLU D 42 21.92 -52.43 114.64
C GLU D 42 22.36 -53.66 113.83
N PRO D 43 21.50 -54.69 113.79
CA PRO D 43 21.67 -56.01 113.14
C PRO D 43 21.51 -56.06 111.62
N TYR D 44 21.93 -57.17 111.01
CA TYR D 44 22.00 -57.29 109.54
C TYR D 44 21.60 -58.66 108.98
N ALA D 45 21.13 -58.65 107.72
CA ALA D 45 20.69 -59.86 107.01
C ALA D 45 21.12 -59.90 105.54
N VAL D 46 21.60 -61.06 105.10
CA VAL D 46 22.13 -61.24 103.75
C VAL D 46 21.04 -61.74 102.80
N ALA D 47 20.93 -61.13 101.62
CA ALA D 47 19.97 -61.59 100.63
C ALA D 47 20.61 -61.97 99.29
N PHE D 48 20.15 -63.07 98.70
CA PHE D 48 20.65 -63.51 97.40
C PHE D 48 19.55 -63.55 96.33
N GLY D 49 19.85 -62.96 95.18
CA GLY D 49 18.89 -62.89 94.08
C GLY D 49 18.76 -64.18 93.30
N GLY D 50 17.69 -64.30 92.53
CA GLY D 50 17.42 -65.48 91.75
C GLY D 50 17.61 -65.31 90.25
N GLN D 51 16.98 -66.18 89.47
CA GLN D 51 17.08 -66.14 88.02
C GLN D 51 16.37 -64.92 87.44
N GLY D 52 16.76 -64.53 86.22
CA GLY D 52 16.19 -63.37 85.58
C GLY D 52 16.90 -62.10 85.99
N SER D 53 18.17 -62.24 86.37
CA SER D 53 18.95 -61.13 86.89
C SER D 53 19.84 -60.45 85.86
N ALA D 54 19.77 -60.92 84.60
CA ALA D 54 20.66 -60.44 83.54
C ALA D 54 22.12 -60.56 83.97
N TRP D 55 22.50 -61.77 84.37
CA TRP D 55 23.73 -62.03 85.10
C TRP D 55 25.06 -61.76 84.38
N LEU D 56 25.11 -62.09 83.09
CA LEU D 56 26.39 -62.08 82.36
C LEU D 56 27.10 -60.74 82.36
N GLU D 57 26.36 -59.67 82.07
CA GLU D 57 26.96 -58.33 82.02
C GLU D 57 27.48 -57.90 83.38
N THR D 58 26.87 -58.43 84.44
CA THR D 58 27.35 -58.18 85.79
C THR D 58 28.62 -58.99 86.05
N LEU D 59 28.64 -60.22 85.55
CA LEU D 59 29.80 -61.10 85.69
C LEU D 59 30.99 -60.55 84.91
N GLU D 60 30.70 -60.00 83.72
CA GLU D 60 31.74 -59.40 82.89
C GLU D 60 32.36 -58.20 83.57
N GLU D 61 31.51 -57.34 84.15
CA GLU D 61 31.97 -56.17 84.86
C GLU D 61 32.70 -56.55 86.14
N LEU D 62 32.17 -57.55 86.83
CA LEU D 62 32.76 -58.02 88.10
C LEU D 62 34.18 -58.52 87.89
N VAL D 63 34.42 -59.19 86.77
CA VAL D 63 35.76 -59.64 86.43
C VAL D 63 36.66 -58.46 86.13
N SER D 64 36.16 -57.51 85.34
CA SER D 64 36.92 -56.33 84.98
C SER D 64 37.18 -55.44 86.19
N SER D 65 36.20 -55.36 87.09
CA SER D 65 36.34 -54.54 88.29
C SER D 65 37.14 -55.26 89.36
N ALA D 66 37.45 -56.53 89.13
CA ALA D 66 38.22 -57.31 90.09
C ALA D 66 39.72 -57.17 89.86
N GLY D 67 40.44 -56.81 90.92
CA GLY D 67 41.89 -56.74 90.86
C GLY D 67 42.52 -57.96 91.51
N ILE D 68 41.67 -58.78 92.14
CA ILE D 68 42.13 -59.99 92.81
C ILE D 68 41.49 -61.23 92.20
N GLU D 69 42.30 -62.05 91.55
CA GLU D 69 41.82 -63.25 90.88
C GLU D 69 41.97 -64.53 91.70
N SER D 70 42.45 -64.37 92.94
CA SER D 70 42.83 -65.51 93.78
C SER D 70 41.75 -66.58 93.94
N GLU D 71 40.52 -66.17 94.23
CA GLU D 71 39.42 -67.12 94.39
C GLU D 71 39.11 -67.84 93.08
N LEU D 72 39.10 -67.08 91.98
CA LEU D 72 38.74 -67.60 90.67
C LEU D 72 39.63 -68.77 90.21
N ALA D 73 40.82 -68.85 90.79
CA ALA D 73 41.75 -69.94 90.45
C ALA D 73 41.25 -71.28 90.96
N THR D 74 40.80 -71.31 92.22
CA THR D 74 40.31 -72.54 92.83
C THR D 74 38.91 -72.89 92.35
N LEU D 75 38.06 -71.86 92.23
CA LEU D 75 36.68 -72.05 91.79
C LEU D 75 36.61 -72.66 90.41
N ALA D 76 37.58 -72.33 89.56
CA ALA D 76 37.63 -72.86 88.20
C ALA D 76 38.09 -74.31 88.20
N GLY D 77 39.07 -74.62 89.05
CA GLY D 77 39.62 -75.95 89.14
C GLY D 77 38.65 -76.94 89.75
N GLU D 78 37.96 -76.51 90.81
CA GLU D 78 36.99 -77.37 91.47
C GLU D 78 35.76 -77.60 90.60
N ALA D 79 35.47 -76.66 89.72
CA ALA D 79 34.39 -76.82 88.75
C ALA D 79 34.75 -77.91 87.76
N GLU D 80 36.01 -77.96 87.37
CA GLU D 80 36.51 -79.01 86.50
C GLU D 80 36.50 -80.34 87.23
N LEU D 81 37.05 -80.34 88.43
CA LEU D 81 37.15 -81.55 89.25
C LEU D 81 35.80 -82.19 89.49
N LEU D 82 34.93 -81.51 90.24
CA LEU D 82 33.70 -82.10 90.76
C LEU D 82 32.82 -82.81 89.72
N LEU D 83 32.93 -82.42 88.45
CA LEU D 83 32.16 -83.04 87.39
C LEU D 83 32.64 -84.45 87.03
N GLU D 84 33.96 -84.67 87.11
CA GLU D 84 34.56 -85.93 86.69
C GLU D 84 34.19 -87.17 87.54
N PRO D 85 34.37 -87.11 88.88
CA PRO D 85 34.04 -88.27 89.72
C PRO D 85 32.56 -88.63 89.75
N VAL D 86 31.71 -87.74 89.24
CA VAL D 86 30.27 -87.89 89.38
C VAL D 86 29.78 -89.27 88.93
N ALA D 87 29.12 -89.97 89.84
CA ALA D 87 28.60 -91.31 89.58
C ALA D 87 27.14 -91.23 89.20
N SER D 88 26.59 -90.03 89.27
CA SER D 88 25.22 -89.78 88.86
C SER D 88 25.19 -89.82 87.34
N GLU D 89 23.99 -89.96 86.78
CA GLU D 89 23.81 -90.11 85.33
C GLU D 89 24.62 -89.06 84.58
N LEU D 90 24.16 -87.80 84.62
CA LEU D 90 24.95 -86.64 84.20
C LEU D 90 25.72 -86.81 82.89
N VAL D 91 25.17 -87.58 81.96
CA VAL D 91 25.88 -87.86 80.71
C VAL D 91 25.74 -86.69 79.74
N VAL D 92 24.55 -86.11 79.69
CA VAL D 92 24.25 -85.01 78.79
C VAL D 92 24.81 -83.71 79.34
N VAL D 93 24.84 -83.58 80.66
CA VAL D 93 25.17 -82.33 81.33
C VAL D 93 26.63 -81.93 81.23
N ARG D 94 27.53 -82.84 81.60
CA ARG D 94 28.97 -82.55 81.60
C ARG D 94 29.57 -82.02 80.29
N PRO D 95 29.20 -82.60 79.13
CA PRO D 95 29.76 -82.01 77.90
C PRO D 95 29.18 -80.63 77.59
N ILE D 96 27.89 -80.43 77.87
CA ILE D 96 27.23 -79.16 77.58
C ILE D 96 27.60 -78.11 78.63
N GLY D 97 28.30 -78.54 79.68
CA GLY D 97 28.90 -77.61 80.62
C GLY D 97 30.12 -76.96 79.96
N PHE D 98 30.44 -75.75 80.36
CA PHE D 98 31.55 -75.03 79.75
C PHE D 98 32.56 -74.53 80.78
N GLU D 99 33.83 -74.52 80.39
CA GLU D 99 34.89 -74.01 81.25
C GLU D 99 34.71 -72.50 81.47
N PRO D 100 34.49 -72.10 82.72
CA PRO D 100 34.19 -70.71 83.07
C PRO D 100 35.33 -69.74 82.78
N LEU D 101 36.57 -70.21 82.91
CA LEU D 101 37.74 -69.35 82.72
C LEU D 101 37.89 -68.91 81.26
N GLN D 102 37.51 -69.79 80.34
CA GLN D 102 37.66 -69.52 78.91
C GLN D 102 36.68 -68.48 78.41
N TRP D 103 35.41 -68.63 78.78
CA TRP D 103 34.37 -67.70 78.36
C TRP D 103 34.62 -66.30 78.87
N VAL D 104 35.19 -66.19 80.07
CA VAL D 104 35.49 -64.90 80.66
C VAL D 104 36.62 -64.18 79.92
N ARG D 105 37.73 -64.88 79.72
CA ARG D 105 38.88 -64.31 79.01
C ARG D 105 38.52 -63.97 77.57
N ALA D 106 37.64 -64.78 76.99
CA ALA D 106 37.12 -64.50 75.65
C ALA D 106 36.34 -63.19 75.69
N LEU D 107 35.39 -63.11 76.62
CA LEU D 107 34.56 -61.91 76.78
C LEU D 107 35.40 -60.69 77.14
N ALA D 108 36.61 -60.92 77.61
CA ALA D 108 37.53 -59.83 77.95
C ALA D 108 38.34 -59.37 76.74
N ALA D 109 38.32 -60.16 75.66
CA ALA D 109 38.97 -59.79 74.41
C ALA D 109 38.00 -59.00 73.55
N GLU D 110 36.78 -58.89 74.06
CA GLU D 110 35.68 -58.08 73.52
C GLU D 110 35.01 -58.65 72.26
N GLU D 111 35.69 -59.52 71.53
CA GLU D 111 35.04 -60.22 70.41
C GLU D 111 34.10 -61.39 70.78
N PRO D 112 34.62 -62.42 71.47
CA PRO D 112 33.81 -63.63 71.67
C PRO D 112 32.77 -63.55 72.79
N VAL D 113 31.63 -64.18 72.55
CA VAL D 113 30.61 -64.49 73.56
C VAL D 113 29.43 -65.13 72.82
N PRO D 114 28.84 -66.19 73.40
CA PRO D 114 27.65 -66.74 72.77
C PRO D 114 26.46 -65.78 72.85
N SER D 115 25.34 -66.15 72.26
CA SER D 115 24.16 -65.30 72.26
C SER D 115 23.52 -65.28 73.65
N ASP D 116 22.72 -64.25 73.92
CA ASP D 116 22.02 -64.14 75.20
C ASP D 116 21.07 -65.34 75.39
N LYS D 117 20.52 -65.82 74.29
CA LYS D 117 19.61 -66.97 74.33
C LYS D 117 20.31 -68.22 74.85
N GLN D 118 21.59 -68.37 74.51
CA GLN D 118 22.37 -69.52 74.96
C GLN D 118 22.81 -69.35 76.41
N LEU D 119 23.15 -68.12 76.78
CA LEU D 119 23.65 -67.83 78.12
C LEU D 119 22.54 -67.80 79.16
N THR D 120 21.32 -67.53 78.72
CA THR D 120 20.18 -67.46 79.63
C THR D 120 19.57 -68.83 79.94
N SER D 121 19.95 -69.84 79.15
CA SER D 121 19.46 -71.20 79.38
C SER D 121 19.95 -71.72 80.72
N ALA D 122 19.05 -72.37 81.46
CA ALA D 122 19.28 -72.75 82.85
C ALA D 122 20.57 -73.54 83.06
N ALA D 123 20.97 -74.34 82.07
CA ALA D 123 22.13 -75.20 82.20
C ALA D 123 23.39 -74.40 82.53
N VAL D 124 23.72 -73.43 81.68
CA VAL D 124 24.89 -72.58 81.92
C VAL D 124 24.59 -71.30 82.72
N SER D 125 23.31 -70.93 82.83
CA SER D 125 22.95 -69.68 83.51
C SER D 125 22.95 -69.81 85.03
N VAL D 126 22.31 -70.86 85.52
CA VAL D 126 22.18 -71.09 86.96
C VAL D 126 23.52 -71.13 87.72
N PRO D 127 24.52 -71.86 87.20
CA PRO D 127 25.82 -71.80 87.88
C PRO D 127 26.44 -70.42 87.79
N GLY D 128 26.35 -69.78 86.63
CA GLY D 128 26.95 -68.49 86.39
C GLY D 128 26.41 -67.40 87.30
N VAL D 129 25.12 -67.50 87.63
CA VAL D 129 24.49 -66.55 88.53
C VAL D 129 25.09 -66.64 89.93
N LEU D 130 25.32 -67.85 90.40
CA LEU D 130 25.90 -68.07 91.72
C LEU D 130 27.33 -67.56 91.78
N LEU D 131 28.11 -67.81 90.72
CA LEU D 131 29.49 -67.36 90.65
C LEU D 131 29.57 -65.85 90.77
N THR D 132 28.62 -65.16 90.14
CA THR D 132 28.52 -63.71 90.23
C THR D 132 28.24 -63.30 91.67
N GLN D 133 27.35 -64.04 92.33
CA GLN D 133 27.00 -63.78 93.72
C GLN D 133 28.16 -64.11 94.65
N ILE D 134 28.82 -65.25 94.40
CA ILE D 134 29.96 -65.66 95.21
C ILE D 134 31.11 -64.67 95.07
N ALA D 135 31.36 -64.23 93.85
CA ALA D 135 32.40 -63.22 93.61
C ALA D 135 32.01 -61.89 94.26
N ALA D 136 30.72 -61.66 94.40
CA ALA D 136 30.22 -60.45 95.06
C ALA D 136 30.46 -60.51 96.56
N VAL D 137 30.44 -61.74 97.12
CA VAL D 137 30.75 -61.94 98.53
C VAL D 137 32.21 -61.62 98.80
N ARG D 138 33.07 -62.11 97.91
CA ARG D 138 34.52 -61.97 98.07
C ARG D 138 34.97 -60.51 98.01
N ALA D 139 34.33 -59.72 97.16
CA ALA D 139 34.69 -58.32 96.95
C ALA D 139 34.68 -57.53 98.25
N LEU D 140 33.58 -57.59 98.99
CA LEU D 140 33.48 -56.93 100.28
C LEU D 140 34.43 -57.59 101.27
N ALA D 141 34.59 -58.90 101.14
CA ALA D 141 35.45 -59.67 102.03
C ALA D 141 36.92 -59.37 101.82
N ARG D 142 37.26 -58.79 100.67
CA ARG D 142 38.66 -58.46 100.39
C ARG D 142 39.18 -57.36 101.31
N GLN D 143 38.46 -56.24 101.35
CA GLN D 143 38.91 -55.07 102.09
C GLN D 143 38.78 -55.22 103.62
N GLY D 144 37.60 -55.60 104.07
CA GLY D 144 37.28 -55.58 105.48
C GLY D 144 37.12 -56.87 106.26
N MET D 145 37.64 -57.99 105.74
CA MET D 145 37.24 -59.32 106.22
C MET D 145 37.20 -59.52 107.72
N ASP D 146 38.26 -59.12 108.42
CA ASP D 146 38.29 -59.22 109.88
C ASP D 146 37.04 -58.58 110.46
N LEU D 147 36.67 -57.43 109.90
CA LEU D 147 35.41 -56.77 110.22
C LEU D 147 34.23 -57.32 109.42
N THR D 148 34.44 -57.55 108.13
CA THR D 148 33.35 -57.93 107.20
C THR D 148 33.05 -59.42 107.21
N ALA D 149 33.57 -60.07 108.25
CA ALA D 149 33.35 -61.49 108.50
C ALA D 149 31.90 -61.71 108.87
N THR D 150 31.66 -62.87 109.47
CA THR D 150 30.33 -63.47 109.50
C THR D 150 29.09 -62.60 109.71
N PRO D 151 28.99 -61.80 110.81
CA PRO D 151 27.66 -61.70 111.46
C PRO D 151 26.41 -61.07 110.79
N PRO D 152 25.60 -61.92 110.11
CA PRO D 152 24.21 -61.52 109.85
C PRO D 152 23.34 -61.96 111.04
N VAL D 153 22.05 -61.65 111.04
CA VAL D 153 21.14 -62.35 111.96
C VAL D 153 20.77 -63.66 111.27
N ALA D 154 20.46 -63.52 109.99
CA ALA D 154 20.00 -64.62 109.14
C ALA D 154 20.49 -64.41 107.71
N VAL D 155 20.49 -65.50 106.94
CA VAL D 155 20.78 -65.41 105.52
C VAL D 155 19.61 -65.98 104.71
N ALA D 156 18.99 -65.13 103.89
CA ALA D 156 17.86 -65.55 103.07
C ALA D 156 18.12 -65.41 101.57
N GLY D 157 17.33 -66.13 100.77
CA GLY D 157 17.54 -66.18 99.34
C GLY D 157 16.26 -66.30 98.54
N HIS D 158 16.34 -66.04 97.25
CA HIS D 158 15.19 -66.10 96.36
C HIS D 158 15.43 -67.05 95.21
N SER D 159 14.46 -67.93 94.97
CA SER D 159 14.57 -68.94 93.92
C SER D 159 15.85 -69.75 94.09
N GLN D 160 16.73 -69.68 93.10
CA GLN D 160 18.01 -70.37 93.17
C GLN D 160 18.98 -69.65 94.11
N GLY D 161 18.58 -68.48 94.59
CA GLY D 161 19.40 -67.70 95.51
C GLY D 161 19.54 -68.34 96.87
N VAL D 162 18.62 -69.23 97.20
CA VAL D 162 18.66 -69.93 98.49
C VAL D 162 19.85 -70.88 98.54
N LEU D 163 20.31 -71.29 97.37
CA LEU D 163 21.50 -72.12 97.26
C LEU D 163 22.71 -71.43 97.91
N ALA D 164 23.16 -70.33 97.29
CA ALA D 164 24.34 -69.60 97.74
C ALA D 164 24.25 -69.13 99.20
N VAL D 165 23.03 -69.05 99.70
CA VAL D 165 22.77 -68.71 101.09
C VAL D 165 23.33 -69.77 102.04
N GLN D 166 23.07 -71.02 101.72
CA GLN D 166 23.39 -72.14 102.60
C GLN D 166 24.88 -72.29 102.94
N ALA D 167 25.71 -72.41 101.92
CA ALA D 167 27.14 -72.66 102.15
C ALA D 167 27.91 -71.39 102.49
N LEU D 168 27.25 -70.24 102.39
CA LEU D 168 27.84 -69.01 102.89
C LEU D 168 27.76 -69.02 104.41
N ALA D 169 26.73 -69.69 104.91
CA ALA D 169 26.56 -69.89 106.35
C ALA D 169 27.34 -71.11 106.82
N ALA D 170 27.89 -71.85 105.86
CA ALA D 170 28.73 -73.00 106.16
C ALA D 170 30.20 -72.61 105.98
N LYS D 171 31.10 -73.58 106.15
CA LYS D 171 32.53 -73.30 106.01
C LYS D 171 32.92 -73.02 104.56
N GLY D 172 34.08 -72.38 104.40
CA GLY D 172 34.53 -71.91 103.09
C GLY D 172 34.78 -72.98 102.05
N ALA D 173 34.91 -74.23 102.47
CA ALA D 173 35.18 -75.33 101.55
C ALA D 173 33.92 -75.75 100.80
N LYS D 174 32.78 -75.18 101.20
CA LYS D 174 31.49 -75.51 100.62
C LYS D 174 31.08 -74.55 99.49
N ASP D 175 31.97 -73.63 99.14
CA ASP D 175 31.65 -72.58 98.16
C ASP D 175 31.22 -73.10 96.78
N VAL D 176 32.04 -73.95 96.18
CA VAL D 176 31.74 -74.50 94.85
C VAL D 176 30.51 -75.40 94.88
N GLU D 177 30.26 -76.02 96.04
CA GLU D 177 29.12 -76.91 96.22
C GLU D 177 27.82 -76.24 95.77
N LEU D 178 27.73 -74.94 96.01
CA LEU D 178 26.68 -74.10 95.45
C LEU D 178 26.70 -74.19 93.93
N LEU D 179 27.80 -73.73 93.33
CA LEU D 179 28.01 -73.81 91.90
C LEU D 179 27.85 -75.24 91.41
N ALA D 180 28.25 -76.19 92.23
CA ALA D 180 28.11 -77.61 91.91
C ALA D 180 26.64 -78.01 91.86
N LEU D 181 25.87 -77.59 92.85
CA LEU D 181 24.45 -77.91 92.88
C LEU D 181 23.69 -77.10 91.83
N ALA D 182 24.11 -75.86 91.63
CA ALA D 182 23.52 -75.00 90.63
C ALA D 182 23.71 -75.58 89.24
N GLN D 183 24.89 -76.18 89.02
CA GLN D 183 25.17 -76.86 87.76
C GLN D 183 24.21 -78.01 87.58
N LEU D 184 23.83 -78.64 88.69
CA LEU D 184 22.90 -79.76 88.67
C LEU D 184 21.44 -79.30 88.58
N ILE D 185 21.12 -78.18 89.23
CA ILE D 185 19.75 -77.67 89.24
C ILE D 185 19.27 -77.26 87.85
N GLY D 186 20.03 -76.39 87.18
CA GLY D 186 19.67 -75.91 85.86
C GLY D 186 19.74 -76.98 84.80
N ALA D 187 20.54 -78.01 85.07
CA ALA D 187 20.75 -79.10 84.12
C ALA D 187 19.53 -80.02 84.00
N ALA D 188 19.07 -80.52 85.13
CA ALA D 188 17.92 -81.42 85.16
C ALA D 188 16.66 -80.66 84.77
N GLY D 189 16.55 -79.43 85.27
CA GLY D 189 15.43 -78.57 84.94
C GLY D 189 15.31 -78.38 83.44
N THR D 190 16.47 -78.23 82.78
CA THR D 190 16.51 -78.09 81.33
C THR D 190 16.13 -79.38 80.63
N LEU D 191 16.70 -80.50 81.08
CA LEU D 191 16.43 -81.80 80.48
C LEU D 191 14.96 -82.18 80.61
N VAL D 192 14.41 -81.99 81.80
CA VAL D 192 12.99 -82.29 82.04
C VAL D 192 12.04 -81.41 81.23
N ALA D 193 12.18 -80.09 81.36
CA ALA D 193 11.35 -79.15 80.62
C ALA D 193 12.15 -77.97 80.07
N ARG D 194 12.05 -77.72 78.78
CA ARG D 194 12.72 -76.59 78.15
C ARG D 194 11.78 -75.92 77.15
N ARG D 195 12.03 -74.64 76.87
CA ARG D 195 11.15 -73.88 75.98
C ARG D 195 11.12 -74.46 74.57
N ARG D 196 9.93 -74.81 74.08
CA ARG D 196 9.78 -75.31 72.73
C ARG D 196 9.29 -74.26 71.72
N GLY D 197 8.97 -73.07 72.21
CA GLY D 197 8.50 -72.02 71.31
C GLY D 197 8.41 -70.65 71.96
N ILE D 198 8.53 -69.62 71.13
CA ILE D 198 8.48 -68.24 71.60
C ILE D 198 8.02 -67.34 70.45
N THR D 199 7.27 -66.28 70.76
CA THR D 199 6.75 -65.37 69.73
C THR D 199 6.90 -63.91 70.14
N VAL D 200 7.42 -63.09 69.22
CA VAL D 200 7.83 -61.71 69.50
C VAL D 200 6.75 -60.91 70.23
N LEU D 201 5.49 -61.25 70.00
CA LEU D 201 4.41 -60.52 70.66
C LEU D 201 4.32 -60.89 72.13
N GLY D 202 4.46 -59.87 72.96
CA GLY D 202 4.31 -59.92 74.40
C GLY D 202 5.52 -59.89 75.33
N ASP D 203 6.68 -60.45 74.96
CA ASP D 203 6.85 -61.68 74.18
C ASP D 203 6.50 -62.79 75.17
N ARG D 204 6.17 -63.99 74.67
CA ARG D 204 5.63 -65.07 75.53
C ARG D 204 6.66 -66.09 76.07
N PRO D 205 7.01 -66.00 77.36
CA PRO D 205 7.85 -66.88 78.16
C PRO D 205 7.03 -67.87 79.01
N PRO D 206 7.71 -68.74 79.77
CA PRO D 206 7.12 -69.51 80.87
C PRO D 206 6.77 -68.68 82.12
N MET D 207 7.28 -67.46 82.22
CA MET D 207 7.06 -66.62 83.42
C MET D 207 6.23 -65.37 83.13
N VAL D 208 5.10 -65.23 83.82
CA VAL D 208 4.18 -64.11 83.57
C VAL D 208 3.91 -63.30 84.84
N SER D 209 3.72 -61.99 84.68
CA SER D 209 3.46 -61.12 85.83
C SER D 209 2.28 -60.18 85.60
N VAL D 210 1.40 -60.07 86.59
CA VAL D 210 0.27 -59.16 86.54
C VAL D 210 0.36 -58.16 87.69
N THR D 211 -0.06 -56.93 87.44
CA THR D 211 0.05 -55.87 88.43
C THR D 211 -1.32 -55.30 88.81
N ASN D 212 -1.39 -54.72 90.01
CA ASN D 212 -2.57 -54.00 90.52
C ASN D 212 -3.71 -54.92 90.98
N ALA D 213 -3.66 -56.19 90.60
CA ALA D 213 -4.75 -57.11 90.92
C ALA D 213 -4.48 -57.91 92.20
N ASP D 214 -5.54 -58.16 92.95
CA ASP D 214 -5.45 -58.91 94.20
C ASP D 214 -4.91 -60.32 93.99
N PRO D 215 -4.23 -60.88 95.00
CA PRO D 215 -3.78 -62.28 94.94
C PRO D 215 -4.96 -63.23 94.82
N GLU D 216 -6.09 -62.84 95.40
CA GLU D 216 -7.31 -63.62 95.31
C GLU D 216 -7.93 -63.51 93.92
N ARG D 217 -7.94 -62.30 93.37
CA ARG D 217 -8.51 -62.06 92.06
C ARG D 217 -7.72 -62.73 90.95
N ILE D 218 -6.39 -62.67 91.06
CA ILE D 218 -5.51 -63.30 90.08
C ILE D 218 -5.69 -64.81 90.09
N TYR D 219 -5.72 -65.40 91.28
CA TYR D 219 -5.93 -66.84 91.41
C TYR D 219 -7.31 -67.23 90.91
N GLU D 220 -8.27 -66.32 91.01
CA GLU D 220 -9.62 -66.55 90.50
C GLU D 220 -9.58 -66.76 88.99
N LEU D 221 -9.04 -65.78 88.27
CA LEU D 221 -8.90 -65.86 86.82
C LEU D 221 -8.01 -67.04 86.44
N LEU D 222 -7.01 -67.31 87.28
CA LEU D 222 -6.15 -68.46 87.13
C LEU D 222 -7.01 -69.73 87.21
N GLU D 223 -7.76 -69.84 88.30
CA GLU D 223 -8.65 -70.98 88.51
C GLU D 223 -9.75 -71.04 87.44
N GLU D 224 -10.20 -69.88 86.98
CA GLU D 224 -11.18 -69.82 85.91
C GLU D 224 -10.63 -70.45 84.62
N PHE D 225 -9.36 -70.15 84.31
CA PHE D 225 -8.71 -70.67 83.11
C PHE D 225 -8.24 -72.11 83.28
N SER D 226 -7.69 -72.42 84.45
CA SER D 226 -7.19 -73.77 84.72
C SER D 226 -8.31 -74.80 84.69
N SER D 227 -9.55 -74.34 84.85
CA SER D 227 -10.71 -75.21 84.73
C SER D 227 -10.83 -75.78 83.32
N ASP D 228 -10.31 -75.04 82.34
CA ASP D 228 -10.48 -75.41 80.94
C ASP D 228 -9.31 -76.20 80.35
N VAL D 229 -8.28 -76.44 81.16
CA VAL D 229 -7.08 -77.12 80.65
C VAL D 229 -6.73 -78.39 81.41
N ARG D 230 -5.93 -79.25 80.77
CA ARG D 230 -5.53 -80.53 81.34
C ARG D 230 -4.49 -80.38 82.46
N THR D 231 -4.36 -81.42 83.27
CA THR D 231 -3.43 -81.46 84.39
C THR D 231 -1.97 -81.24 83.96
N VAL D 232 -1.67 -81.52 82.70
CA VAL D 232 -0.30 -81.44 82.22
C VAL D 232 0.24 -80.02 82.09
N LEU D 233 -0.64 -79.06 81.77
CA LEU D 233 -0.17 -77.67 81.62
C LEU D 233 -1.01 -76.61 82.34
N PRO D 234 -1.15 -76.73 83.67
CA PRO D 234 -1.81 -75.65 84.41
C PRO D 234 -0.86 -74.49 84.70
N PRO D 235 -1.35 -73.23 84.63
CA PRO D 235 -0.57 -72.14 85.22
C PRO D 235 -0.79 -72.08 86.72
N VAL D 236 0.20 -71.62 87.47
CA VAL D 236 0.08 -71.49 88.91
C VAL D 236 0.74 -70.20 89.40
N LEU D 237 0.42 -69.80 90.63
CA LEU D 237 1.06 -68.64 91.24
C LEU D 237 2.43 -69.03 91.76
N SER D 238 3.47 -68.37 91.25
CA SER D 238 4.83 -68.64 91.69
C SER D 238 5.28 -67.64 92.74
N ILE D 239 5.42 -66.38 92.33
CA ILE D 239 5.90 -65.35 93.24
C ILE D 239 4.79 -64.35 93.56
N ARG D 240 4.61 -64.08 94.85
CA ARG D 240 3.81 -62.94 95.26
C ARG D 240 4.81 -61.85 95.67
N ASN D 241 4.95 -60.84 94.81
CA ASN D 241 5.99 -59.83 94.98
C ASN D 241 5.61 -58.72 95.95
N GLY D 242 4.31 -58.57 96.19
CA GLY D 242 3.82 -57.49 97.03
C GLY D 242 2.32 -57.59 97.18
N ARG D 243 1.71 -56.47 97.58
CA ARG D 243 0.26 -56.43 97.79
C ARG D 243 -0.52 -56.84 96.55
N ARG D 244 -0.53 -55.96 95.55
CA ARG D 244 -1.28 -56.20 94.33
C ARG D 244 -0.44 -56.71 93.15
N SER D 245 0.85 -56.92 93.39
CA SER D 245 1.75 -57.41 92.33
C SER D 245 2.09 -58.89 92.53
N VAL D 246 1.76 -59.70 91.53
CA VAL D 246 2.04 -61.14 91.61
C VAL D 246 2.74 -61.64 90.35
N VAL D 247 3.11 -62.91 90.37
CA VAL D 247 3.72 -63.58 89.23
C VAL D 247 3.13 -64.98 89.05
N ILE D 248 2.52 -65.22 87.90
CA ILE D 248 1.96 -66.54 87.61
C ILE D 248 2.80 -67.21 86.53
N THR D 249 2.99 -68.52 86.65
CA THR D 249 3.89 -69.24 85.74
C THR D 249 3.34 -70.58 85.27
N GLY D 250 3.87 -71.06 84.15
CA GLY D 250 3.45 -72.31 83.56
C GLY D 250 3.94 -72.42 82.13
N THR D 251 3.26 -73.23 81.33
CA THR D 251 3.59 -73.35 79.91
C THR D 251 3.28 -72.03 79.21
N PRO D 252 4.22 -71.56 78.37
CA PRO D 252 4.08 -70.29 77.65
C PRO D 252 2.76 -70.16 76.88
N GLU D 253 2.34 -71.23 76.23
CA GLU D 253 1.11 -71.22 75.45
C GLU D 253 -0.12 -71.06 76.35
N GLN D 254 -0.17 -71.85 77.42
CA GLN D 254 -1.29 -71.76 78.36
C GLN D 254 -1.32 -70.43 79.09
N LEU D 255 -0.13 -69.90 79.39
CA LEU D 255 -0.04 -68.56 79.98
C LEU D 255 -0.60 -67.51 79.03
N SER D 256 -0.39 -67.73 77.75
CA SER D 256 -0.88 -66.82 76.72
C SER D 256 -2.39 -66.86 76.63
N ARG D 257 -2.98 -67.97 77.09
CA ARG D 257 -4.43 -68.12 77.09
C ARG D 257 -5.05 -67.38 78.27
N PHE D 258 -4.38 -67.43 79.41
CA PHE D 258 -4.80 -66.68 80.58
C PHE D 258 -4.76 -65.20 80.23
N GLU D 259 -3.80 -64.84 79.39
CA GLU D 259 -3.62 -63.47 78.92
C GLU D 259 -4.85 -62.94 78.20
N LEU D 260 -5.63 -63.84 77.62
CA LEU D 260 -6.80 -63.48 76.83
C LEU D 260 -7.98 -63.05 77.68
N TYR D 261 -8.22 -63.79 78.76
CA TYR D 261 -9.34 -63.50 79.64
C TYR D 261 -9.17 -62.16 80.35
N CYS D 262 -7.95 -61.87 80.79
CA CYS D 262 -7.66 -60.63 81.47
C CYS D 262 -7.86 -59.43 80.54
N THR D 263 -7.60 -59.65 79.25
CA THR D 263 -7.78 -58.60 78.25
C THR D 263 -9.26 -58.31 78.02
N GLN D 264 -10.06 -59.36 77.94
CA GLN D 264 -11.50 -59.23 77.72
C GLN D 264 -12.16 -58.50 78.88
N ILE D 265 -11.78 -58.86 80.10
CA ILE D 265 -12.31 -58.21 81.30
C ILE D 265 -11.89 -56.75 81.34
N ALA D 266 -10.64 -56.48 80.96
CA ALA D 266 -10.13 -55.12 80.91
C ALA D 266 -10.95 -54.26 79.96
N GLU D 267 -11.37 -54.84 78.85
CA GLU D 267 -12.15 -54.12 77.84
C GLU D 267 -13.61 -53.95 78.23
N LYS D 268 -14.20 -54.99 78.82
CA LYS D 268 -15.59 -54.92 79.25
C LYS D 268 -15.77 -53.94 80.40
N GLU D 269 -14.74 -53.83 81.23
CA GLU D 269 -14.75 -52.89 82.34
C GLU D 269 -14.48 -51.47 81.84
N GLU D 270 -13.90 -51.35 80.65
CA GLU D 270 -13.65 -50.03 80.05
C GLU D 270 -14.97 -49.33 79.75
N ALA D 271 -15.95 -50.10 79.28
CA ALA D 271 -17.28 -49.57 79.03
C ALA D 271 -17.92 -49.16 80.34
N GLU D 272 -17.47 -49.78 81.43
CA GLU D 272 -17.94 -49.43 82.76
C GLU D 272 -17.38 -48.08 83.23
N ARG D 273 -16.06 -47.91 83.12
CA ARG D 273 -15.39 -46.70 83.60
C ARG D 273 -15.90 -45.44 82.92
N LYS D 274 -16.24 -45.56 81.65
CA LYS D 274 -16.63 -44.41 80.86
C LYS D 274 -18.09 -44.05 81.09
N ASN D 275 -18.73 -44.83 81.98
CA ASN D 275 -20.04 -44.45 82.51
C ASN D 275 -19.86 -43.51 83.70
N LYS D 276 -18.61 -43.23 84.04
CA LYS D 276 -18.25 -42.34 85.15
C LYS D 276 -18.75 -42.85 86.50
N LEU D 277 -18.49 -44.12 86.78
CA LEU D 277 -18.90 -44.74 88.04
C LEU D 277 -17.70 -45.47 88.66
N ARG D 278 -17.52 -45.35 89.97
CA ARG D 278 -16.33 -45.92 90.64
C ARG D 278 -16.38 -47.42 90.90
N GLY D 279 -17.49 -47.91 91.47
CA GLY D 279 -17.68 -49.34 91.65
C GLY D 279 -17.85 -49.96 90.28
N GLY D 280 -18.33 -49.12 89.37
CA GLY D 280 -18.51 -49.45 87.98
C GLY D 280 -17.34 -48.96 87.15
N ALA D 281 -16.15 -48.83 87.75
CA ALA D 281 -14.96 -48.37 87.03
C ALA D 281 -14.08 -49.50 86.51
N VAL D 282 -13.46 -49.30 85.36
CA VAL D 282 -12.49 -50.25 84.83
C VAL D 282 -11.37 -50.46 85.83
N PHE D 283 -10.81 -51.66 85.82
CA PHE D 283 -9.57 -51.90 86.52
C PHE D 283 -8.45 -51.47 85.58
N ALA D 284 -7.37 -50.94 86.15
CA ALA D 284 -6.23 -50.55 85.34
C ALA D 284 -5.01 -51.36 85.75
N PRO D 285 -5.00 -52.66 85.40
CA PRO D 285 -3.87 -53.47 85.82
C PRO D 285 -2.73 -53.27 84.85
N VAL D 286 -1.59 -53.89 85.13
CA VAL D 286 -0.49 -53.86 84.19
C VAL D 286 -0.04 -55.28 83.94
N PHE D 287 -0.27 -55.76 82.72
CA PHE D 287 0.15 -57.10 82.37
C PHE D 287 1.22 -57.05 81.29
N ASP D 288 2.25 -57.88 81.48
CA ASP D 288 3.34 -58.01 80.53
C ASP D 288 4.25 -59.10 81.05
N PRO D 289 4.67 -59.99 80.15
CA PRO D 289 5.57 -61.12 80.43
C PRO D 289 6.98 -60.72 80.85
N VAL D 290 7.82 -61.73 81.08
CA VAL D 290 9.18 -61.54 81.56
C VAL D 290 10.19 -62.24 80.64
N GLN D 291 11.47 -61.95 80.82
CA GLN D 291 12.52 -62.49 79.96
C GLN D 291 13.01 -63.88 80.39
N VAL D 292 12.41 -64.43 81.43
CA VAL D 292 12.84 -65.74 81.94
C VAL D 292 12.49 -66.89 81.00
N GLU D 293 13.47 -67.77 80.78
CA GLU D 293 13.39 -68.79 79.73
C GLU D 293 12.65 -70.08 80.07
N VAL D 294 12.45 -70.36 81.36
CA VAL D 294 11.90 -71.66 81.75
C VAL D 294 11.09 -71.58 83.05
N GLY D 295 10.02 -72.37 83.11
CA GLY D 295 9.15 -72.39 84.28
C GLY D 295 9.87 -72.85 85.53
N PHE D 296 9.79 -72.03 86.58
CA PHE D 296 10.32 -72.40 87.88
C PHE D 296 9.21 -72.43 88.91
N HIS D 297 9.44 -73.18 89.98
CA HIS D 297 8.47 -73.37 91.05
C HIS D 297 7.14 -73.89 90.50
N THR D 298 7.23 -74.80 89.53
CA THR D 298 6.05 -75.41 88.94
C THR D 298 6.18 -76.93 88.94
N PRO D 299 5.04 -77.65 88.95
CA PRO D 299 5.00 -79.11 88.87
C PRO D 299 5.65 -79.67 87.59
N ARG D 300 5.86 -78.82 86.60
CA ARG D 300 6.51 -79.25 85.36
C ARG D 300 7.97 -79.64 85.63
N LEU D 301 8.50 -79.17 86.75
CA LEU D 301 9.86 -79.52 87.16
C LEU D 301 9.90 -80.71 88.11
N SER D 302 8.75 -81.33 88.36
CA SER D 302 8.65 -82.40 89.36
C SER D 302 9.56 -83.60 89.13
N ASP D 303 9.81 -83.94 87.86
CA ASP D 303 10.67 -85.06 87.53
C ASP D 303 12.14 -84.71 87.74
N GLY D 304 12.40 -83.42 87.94
CA GLY D 304 13.74 -82.91 88.11
C GLY D 304 14.28 -83.08 89.52
N ILE D 305 13.38 -83.04 90.51
CA ILE D 305 13.78 -83.13 91.92
C ILE D 305 14.57 -84.39 92.22
N GLU D 306 13.98 -85.54 91.90
CA GLU D 306 14.60 -86.84 92.09
C GLU D 306 16.02 -86.89 91.54
N ILE D 307 16.13 -86.69 90.22
CA ILE D 307 17.41 -86.72 89.53
C ILE D 307 18.46 -85.80 90.17
N VAL D 308 18.05 -84.58 90.50
CA VAL D 308 18.94 -83.61 91.16
C VAL D 308 19.45 -84.15 92.50
N GLY D 309 18.56 -84.76 93.26
CA GLY D 309 18.91 -85.32 94.57
C GLY D 309 20.02 -86.34 94.50
N ARG D 310 19.94 -87.24 93.53
CA ARG D 310 20.96 -88.27 93.35
C ARG D 310 22.25 -87.65 92.85
N TRP D 311 22.12 -86.54 92.12
CA TRP D 311 23.28 -85.86 91.56
C TRP D 311 24.17 -85.28 92.67
N ALA D 312 23.57 -84.95 93.81
CA ALA D 312 24.31 -84.40 94.94
C ALA D 312 25.01 -85.47 95.80
N GLU D 313 24.35 -86.61 95.96
CA GLU D 313 24.84 -87.66 96.85
C GLU D 313 26.00 -88.43 96.22
N THR D 314 26.11 -88.35 94.90
CA THR D 314 27.19 -89.00 94.16
C THR D 314 28.42 -88.09 94.13
N VAL D 315 28.31 -86.97 94.82
CA VAL D 315 29.37 -85.97 94.91
C VAL D 315 29.60 -85.72 96.40
N GLY D 316 30.68 -85.02 96.74
CA GLY D 316 31.01 -84.72 98.13
C GLY D 316 30.17 -83.57 98.64
N LEU D 317 29.05 -83.35 97.95
CA LEU D 317 28.12 -82.26 98.20
C LEU D 317 27.17 -82.62 99.35
N ASP D 318 27.41 -83.76 99.98
CA ASP D 318 26.39 -84.28 100.89
C ASP D 318 26.22 -83.36 102.09
N VAL D 319 25.02 -82.80 102.17
CA VAL D 319 24.54 -81.97 103.27
C VAL D 319 23.04 -82.20 103.20
N GLU D 320 22.37 -82.19 104.35
CA GLU D 320 20.99 -82.63 104.41
C GLU D 320 19.96 -81.68 103.78
N LEU D 321 20.40 -80.49 103.36
CA LEU D 321 19.48 -79.51 102.80
C LEU D 321 19.40 -79.51 101.27
N ALA D 322 20.17 -80.38 100.62
CA ALA D 322 20.16 -80.47 99.17
C ALA D 322 18.80 -80.94 98.66
N LYS D 323 18.11 -81.74 99.48
CA LYS D 323 16.79 -82.24 99.15
C LYS D 323 15.73 -81.16 99.33
N GLU D 324 15.92 -80.33 100.35
CA GLU D 324 14.96 -79.27 100.67
C GLU D 324 15.10 -78.07 99.74
N LEU D 325 16.34 -77.72 99.40
CA LEU D 325 16.59 -76.61 98.48
C LEU D 325 15.94 -76.87 97.13
N THR D 326 16.16 -78.06 96.61
CA THR D 326 15.63 -78.46 95.31
C THR D 326 14.11 -78.29 95.21
N GLU D 327 13.40 -78.81 96.20
CA GLU D 327 11.95 -78.70 96.24
C GLU D 327 11.50 -77.24 96.31
N SER D 328 12.21 -76.45 97.10
CA SER D 328 11.90 -75.03 97.24
C SER D 328 12.12 -74.30 95.91
N ILE D 329 13.20 -74.65 95.22
CA ILE D 329 13.53 -74.02 93.95
C ILE D 329 12.72 -74.58 92.77
N LEU D 330 12.65 -75.90 92.66
CA LEU D 330 12.04 -76.54 91.49
C LEU D 330 10.50 -76.63 91.52
N VAL D 331 9.94 -77.00 92.66
CA VAL D 331 8.50 -77.25 92.74
C VAL D 331 7.74 -76.32 93.69
N ARG D 332 8.09 -76.38 94.98
CA ARG D 332 7.45 -75.52 95.97
C ARG D 332 7.57 -74.06 95.57
N GLN D 333 6.51 -73.29 95.82
CA GLN D 333 6.51 -71.88 95.45
C GLN D 333 7.43 -71.12 96.37
N VAL D 334 7.57 -69.82 96.11
CA VAL D 334 8.28 -68.95 97.03
C VAL D 334 7.31 -67.91 97.53
N ASP D 335 7.00 -67.97 98.81
CA ASP D 335 6.28 -66.87 99.43
C ASP D 335 7.41 -66.00 99.93
N TRP D 336 7.60 -64.87 99.25
CA TRP D 336 8.80 -64.07 99.44
C TRP D 336 8.61 -62.99 100.48
N VAL D 337 7.64 -62.12 100.22
CA VAL D 337 7.35 -61.00 101.11
C VAL D 337 7.34 -61.45 102.56
N ASP D 338 6.66 -62.55 102.83
CA ASP D 338 6.52 -63.05 104.20
C ASP D 338 7.83 -63.55 104.83
N GLU D 339 8.75 -64.09 104.03
CA GLU D 339 10.00 -64.59 104.60
C GLU D 339 11.00 -63.49 104.99
N ILE D 340 11.44 -62.68 104.02
CA ILE D 340 12.36 -61.58 104.32
C ILE D 340 11.75 -60.56 105.30
N THR D 341 10.43 -60.49 105.35
CA THR D 341 9.73 -59.66 106.34
C THR D 341 9.85 -60.27 107.73
N GLU D 342 9.80 -61.60 107.79
CA GLU D 342 9.87 -62.30 109.05
C GLU D 342 11.21 -62.06 109.73
N LEU D 343 12.29 -62.13 108.95
CA LEU D 343 13.62 -61.82 109.44
C LEU D 343 13.73 -60.32 109.67
N HIS D 344 12.88 -59.55 108.99
CA HIS D 344 12.83 -58.10 109.17
C HIS D 344 12.10 -57.73 110.45
N GLU D 345 10.98 -58.39 110.71
CA GLU D 345 10.19 -58.13 111.90
C GLU D 345 10.91 -58.59 113.16
N ALA D 346 12.03 -59.31 112.97
CA ALA D 346 12.93 -59.63 114.07
C ALA D 346 13.69 -58.37 114.47
N GLY D 347 13.50 -57.31 113.70
CA GLY D 347 14.12 -56.04 114.00
C GLY D 347 15.56 -55.96 113.53
N ALA D 348 15.87 -56.61 112.42
CA ALA D 348 17.19 -56.48 111.82
C ALA D 348 17.16 -55.32 110.83
N ARG D 349 17.99 -54.31 111.05
CA ARG D 349 17.86 -53.07 110.31
C ARG D 349 18.43 -53.12 108.88
N TRP D 350 19.45 -53.96 108.66
CA TRP D 350 20.15 -53.95 107.36
C TRP D 350 20.01 -55.20 106.51
N ILE D 351 19.91 -55.00 105.20
CA ILE D 351 19.84 -56.09 104.23
C ILE D 351 20.69 -55.79 102.99
N LEU D 352 21.58 -56.71 102.66
CA LEU D 352 22.42 -56.59 101.47
C LEU D 352 22.06 -57.66 100.46
N ASP D 353 22.30 -57.35 99.18
CA ASP D 353 22.02 -58.31 98.13
C ASP D 353 23.20 -58.45 97.16
N LEU D 354 23.78 -59.64 97.13
CA LEU D 354 24.92 -59.92 96.27
C LEU D 354 24.50 -60.49 94.92
N GLY D 355 23.20 -60.52 94.67
CA GLY D 355 22.67 -60.98 93.39
C GLY D 355 23.09 -60.15 92.19
N PRO D 356 23.19 -60.78 91.01
CA PRO D 356 23.63 -60.22 89.72
C PRO D 356 22.82 -58.99 89.32
N GLY D 357 23.46 -58.02 88.67
CA GLY D 357 22.92 -56.68 88.59
C GLY D 357 22.66 -56.33 90.04
N ASP D 358 21.47 -55.83 90.35
CA ASP D 358 20.90 -56.12 91.66
C ASP D 358 19.40 -56.40 91.58
N ILE D 359 19.04 -57.63 91.93
CA ILE D 359 17.66 -58.07 91.90
C ILE D 359 17.31 -58.55 93.29
N LEU D 360 16.09 -58.24 93.72
CA LEU D 360 15.55 -58.60 95.03
C LEU D 360 15.98 -57.61 96.12
N THR D 361 16.94 -56.74 95.81
CA THR D 361 17.31 -55.69 96.74
C THR D 361 16.24 -54.61 96.72
N ARG D 362 15.81 -54.24 95.51
CA ARG D 362 14.77 -53.23 95.34
C ARG D 362 13.36 -53.81 95.40
N LEU D 363 13.24 -55.10 95.16
CA LEU D 363 11.92 -55.76 95.27
C LEU D 363 11.49 -55.72 96.72
N THR D 364 12.45 -55.87 97.62
CA THR D 364 12.18 -55.93 99.04
C THR D 364 11.90 -54.57 99.68
N ALA D 365 12.40 -53.51 99.06
CA ALA D 365 12.33 -52.19 99.69
C ALA D 365 10.91 -51.62 99.85
N PRO D 366 10.13 -51.50 98.76
CA PRO D 366 8.75 -51.03 98.98
C PRO D 366 7.88 -52.06 99.71
N VAL D 367 8.33 -53.32 99.75
CA VAL D 367 7.65 -54.33 100.53
C VAL D 367 7.67 -53.92 102.00
N ILE D 368 8.88 -53.71 102.54
CA ILE D 368 9.03 -53.23 103.91
C ILE D 368 8.86 -51.71 104.02
N ARG D 369 9.53 -50.96 103.14
CA ARG D 369 9.49 -49.49 103.16
C ARG D 369 9.85 -48.89 104.52
N GLY D 370 8.88 -48.24 105.16
CA GLY D 370 9.11 -47.44 106.34
C GLY D 370 9.03 -48.17 107.67
N LEU D 371 9.28 -49.48 107.66
CA LEU D 371 9.26 -50.26 108.89
C LEU D 371 10.60 -50.29 109.60
N GLY D 372 11.55 -49.51 109.10
CA GLY D 372 12.84 -49.35 109.74
C GLY D 372 13.98 -49.99 108.98
N ILE D 373 13.62 -50.82 108.01
CA ILE D 373 14.59 -51.44 107.12
C ILE D 373 15.05 -50.48 106.03
N GLY D 374 16.31 -50.61 105.64
CA GLY D 374 16.83 -49.93 104.47
C GLY D 374 17.82 -50.86 103.82
N ILE D 375 18.01 -50.70 102.52
CA ILE D 375 18.69 -51.73 101.72
C ILE D 375 19.65 -51.17 100.67
N VAL D 376 20.93 -51.53 100.81
CA VAL D 376 21.95 -51.16 99.84
C VAL D 376 22.23 -52.32 98.88
N PRO D 377 22.13 -52.05 97.57
CA PRO D 377 22.54 -53.07 96.59
C PRO D 377 24.02 -53.36 96.72
N ALA D 378 24.42 -54.64 96.86
CA ALA D 378 25.84 -55.00 96.97
C ALA D 378 26.45 -55.23 95.61
N ALA D 379 27.70 -54.79 95.47
CA ALA D 379 28.42 -54.67 94.18
C ALA D 379 27.99 -53.44 93.37
N THR D 380 27.06 -52.67 93.92
CA THR D 380 26.73 -51.34 93.39
C THR D 380 27.67 -50.31 94.02
N ARG D 381 28.37 -49.54 93.18
CA ARG D 381 29.40 -48.62 93.67
C ARG D 381 28.87 -47.53 94.60
N GLY D 382 27.68 -47.02 94.29
CA GLY D 382 27.09 -45.97 95.09
C GLY D 382 26.77 -46.44 96.50
N GLY D 383 26.14 -47.60 96.59
CA GLY D 383 25.73 -48.16 97.87
C GLY D 383 26.88 -48.75 98.66
N GLN D 384 27.96 -49.07 97.97
CA GLN D 384 29.14 -49.62 98.62
C GLN D 384 29.95 -48.47 99.23
N ARG D 385 29.80 -47.28 98.68
CA ARG D 385 30.47 -46.10 99.24
C ARG D 385 30.04 -45.88 100.68
N ASN D 386 28.77 -46.18 100.96
CA ASN D 386 28.29 -46.19 102.33
C ASN D 386 29.12 -47.16 103.15
N LEU D 387 29.15 -48.41 102.69
CA LEU D 387 29.77 -49.52 103.39
C LEU D 387 31.18 -49.26 103.93
N PHE D 388 31.99 -48.55 103.14
CA PHE D 388 33.40 -48.45 103.44
C PHE D 388 33.81 -47.22 104.27
N THR D 389 32.85 -46.39 104.67
CA THR D 389 33.20 -45.17 105.39
C THR D 389 32.58 -45.11 106.78
N VAL D 390 33.22 -44.35 107.67
CA VAL D 390 32.72 -44.16 109.02
C VAL D 390 31.48 -43.28 109.08
N GLY D 391 31.42 -42.27 108.21
CA GLY D 391 30.35 -41.31 108.24
C GLY D 391 29.20 -41.46 107.24
N ALA D 392 29.43 -42.21 106.18
CA ALA D 392 28.46 -42.32 105.09
C ALA D 392 27.54 -43.51 105.27
N VAL D 393 27.79 -44.29 106.32
CA VAL D 393 27.06 -45.54 106.56
C VAL D 393 25.56 -45.50 106.91
N PRO D 394 25.18 -44.80 108.00
CA PRO D 394 23.89 -45.12 108.63
C PRO D 394 22.68 -44.69 107.81
N GLU D 395 22.37 -45.43 106.76
CA GLU D 395 21.12 -45.17 106.05
C GLU D 395 20.06 -46.04 106.71
N VAL D 396 19.15 -45.39 107.42
CA VAL D 396 18.10 -46.12 108.13
C VAL D 396 16.77 -45.50 107.74
N ALA D 397 15.96 -46.26 107.01
CA ALA D 397 14.73 -45.69 106.47
C ALA D 397 13.74 -45.38 107.58
N ARG D 398 12.92 -44.36 107.38
CA ARG D 398 12.09 -43.81 108.43
C ARG D 398 10.99 -44.73 108.92
N PRO D 399 11.01 -45.02 110.23
CA PRO D 399 10.05 -45.83 111.00
C PRO D 399 8.75 -45.07 111.25
N TRP D 400 7.77 -45.20 110.35
CA TRP D 400 6.59 -44.31 110.29
C TRP D 400 6.04 -43.96 111.68
N SER D 401 6.13 -44.93 112.59
CA SER D 401 5.82 -44.70 114.00
C SER D 401 6.58 -43.49 114.58
N SER D 402 7.68 -43.09 113.94
CA SER D 402 8.41 -41.90 114.37
C SER D 402 7.56 -40.64 114.26
N TYR D 403 6.67 -40.60 113.27
CA TYR D 403 5.79 -39.45 113.07
C TYR D 403 4.46 -39.61 113.78
N ALA D 404 4.33 -40.68 114.56
CA ALA D 404 3.09 -40.94 115.31
C ALA D 404 2.79 -39.80 116.27
N PRO D 405 1.52 -39.35 116.30
CA PRO D 405 1.10 -38.19 117.10
C PRO D 405 1.35 -38.30 118.60
N THR D 406 1.53 -37.16 119.25
CA THR D 406 1.79 -37.09 120.68
C THR D 406 0.92 -36.04 121.38
N VAL D 407 0.95 -36.05 122.70
CA VAL D 407 0.13 -35.13 123.49
C VAL D 407 0.96 -33.99 124.10
N VAL D 408 0.37 -32.80 124.15
CA VAL D 408 1.06 -31.59 124.58
C VAL D 408 0.24 -30.83 125.63
N LYS D 409 0.91 -30.22 126.59
CA LYS D 409 0.27 -29.38 127.59
C LYS D 409 0.73 -27.93 127.41
N LEU D 410 -0.05 -26.98 127.92
CA LEU D 410 0.28 -25.56 127.74
C LEU D 410 0.18 -24.77 129.05
N PRO D 411 0.58 -23.48 129.06
CA PRO D 411 0.60 -22.77 130.35
C PRO D 411 -0.76 -22.65 131.04
N ASP D 412 -1.79 -22.32 130.28
CA ASP D 412 -3.15 -22.28 130.85
C ASP D 412 -3.70 -23.70 131.01
N GLY D 413 -2.91 -24.67 130.58
CA GLY D 413 -3.21 -26.06 130.79
C GLY D 413 -4.20 -26.65 129.82
N SER D 414 -4.01 -26.34 128.54
CA SER D 414 -4.84 -26.91 127.49
C SER D 414 -4.16 -28.16 126.96
N VAL D 415 -4.97 -29.15 126.60
CA VAL D 415 -4.44 -30.36 125.98
C VAL D 415 -4.32 -30.12 124.49
N LYS D 416 -3.17 -30.47 123.93
CA LYS D 416 -2.94 -30.29 122.51
C LYS D 416 -2.43 -31.59 121.90
N LEU D 417 -3.12 -32.05 120.86
CA LEU D 417 -2.71 -33.25 120.15
C LEU D 417 -1.64 -32.85 119.16
N GLU D 418 -0.45 -33.44 119.28
CA GLU D 418 0.70 -32.97 118.50
C GLU D 418 0.88 -33.69 117.16
N THR D 419 0.89 -32.90 116.09
CA THR D 419 1.21 -33.39 114.76
C THR D 419 2.08 -32.35 114.07
N LYS D 420 2.43 -32.60 112.81
CA LYS D 420 3.25 -31.67 112.05
C LYS D 420 2.43 -30.42 111.71
N PHE D 421 1.12 -30.57 111.72
CA PHE D 421 0.20 -29.47 111.49
C PHE D 421 0.09 -28.61 112.74
N THR D 422 -0.40 -29.21 113.82
CA THR D 422 -0.59 -28.55 115.11
C THR D 422 0.66 -27.81 115.59
N ARG D 423 1.82 -28.45 115.44
CA ARG D 423 3.09 -27.88 115.88
C ARG D 423 3.32 -26.50 115.28
N LEU D 424 2.98 -26.35 114.00
CA LEU D 424 3.10 -25.08 113.31
C LEU D 424 2.04 -24.09 113.78
N THR D 425 0.78 -24.50 113.69
CA THR D 425 -0.35 -23.60 113.92
C THR D 425 -0.64 -23.35 115.40
N GLY D 426 -0.29 -24.30 116.26
CA GLY D 426 -0.53 -24.16 117.68
C GLY D 426 -1.97 -24.45 118.07
N ARG D 427 -2.68 -25.13 117.19
CA ARG D 427 -4.09 -25.43 117.42
C ARG D 427 -4.37 -26.92 117.21
N SER D 428 -5.64 -27.31 117.38
CA SER D 428 -6.05 -28.68 117.16
C SER D 428 -5.88 -29.07 115.69
N PRO D 429 -5.49 -30.33 115.43
CA PRO D 429 -5.26 -30.77 114.05
C PRO D 429 -6.57 -30.98 113.29
N ILE D 430 -7.43 -29.98 113.31
CA ILE D 430 -8.71 -30.07 112.63
C ILE D 430 -9.15 -28.68 112.14
N LEU D 431 -9.77 -28.64 110.98
CA LEU D 431 -10.18 -27.36 110.40
C LEU D 431 -11.48 -27.47 109.63
N LEU D 432 -12.21 -26.35 109.56
CA LEU D 432 -13.39 -26.26 108.73
C LEU D 432 -12.97 -25.69 107.38
N ALA D 433 -13.04 -26.53 106.35
CA ALA D 433 -12.58 -26.13 105.02
C ALA D 433 -13.47 -25.05 104.42
N GLY D 434 -12.92 -24.32 103.45
CA GLY D 434 -13.66 -23.28 102.78
C GLY D 434 -14.87 -23.83 102.05
N MET D 435 -16.04 -23.28 102.36
CA MET D 435 -17.30 -23.76 101.79
C MET D 435 -18.17 -22.59 101.36
N THR D 436 -18.59 -22.59 100.10
CA THR D 436 -19.26 -21.44 99.51
C THR D 436 -20.55 -20.97 100.23
N PRO D 437 -21.58 -21.83 100.34
CA PRO D 437 -22.74 -21.33 101.09
C PRO D 437 -22.45 -21.17 102.57
N THR D 438 -21.74 -22.14 103.14
CA THR D 438 -21.59 -22.24 104.59
C THR D 438 -20.65 -21.20 105.21
N THR D 439 -19.44 -21.11 104.69
CA THR D 439 -18.41 -20.29 105.34
C THR D 439 -18.37 -18.85 104.85
N VAL D 440 -19.24 -18.51 103.91
CA VAL D 440 -19.27 -17.15 103.38
C VAL D 440 -19.71 -16.13 104.42
N ASP D 441 -20.53 -16.58 105.38
CA ASP D 441 -20.99 -15.72 106.45
C ASP D 441 -19.84 -15.43 107.42
N ALA D 442 -19.62 -14.15 107.71
CA ALA D 442 -18.55 -13.74 108.61
C ALA D 442 -18.82 -14.18 110.05
N LYS D 443 -20.08 -14.50 110.34
CA LYS D 443 -20.49 -14.87 111.68
C LYS D 443 -20.02 -16.27 112.07
N ILE D 444 -20.19 -17.23 111.17
CA ILE D 444 -19.84 -18.62 111.45
C ILE D 444 -18.33 -18.85 111.48
N VAL D 445 -17.62 -18.27 110.53
CA VAL D 445 -16.16 -18.42 110.45
C VAL D 445 -15.49 -17.78 111.67
N ALA D 446 -16.10 -16.71 112.19
CA ALA D 446 -15.63 -16.08 113.41
C ALA D 446 -15.90 -16.98 114.61
N ALA D 447 -17.14 -17.45 114.71
CA ALA D 447 -17.56 -18.31 115.82
C ALA D 447 -16.76 -19.61 115.85
N ALA D 448 -16.44 -20.13 114.67
CA ALA D 448 -15.64 -21.34 114.57
C ALA D 448 -14.21 -21.07 115.02
N ALA D 449 -13.71 -19.88 114.72
CA ALA D 449 -12.36 -19.48 115.11
C ALA D 449 -12.32 -19.12 116.59
N ASN D 450 -13.40 -18.51 117.07
CA ASN D 450 -13.50 -18.15 118.49
C ASN D 450 -13.66 -19.38 119.37
N ALA D 451 -13.98 -20.51 118.75
CA ALA D 451 -14.03 -21.79 119.44
C ALA D 451 -12.63 -22.39 119.46
N GLY D 452 -11.67 -21.63 118.93
CA GLY D 452 -10.29 -22.07 118.88
C GLY D 452 -10.01 -23.08 117.80
N HIS D 453 -10.50 -22.80 116.59
CA HIS D 453 -10.29 -23.72 115.47
C HIS D 453 -9.96 -23.02 114.15
N TRP D 454 -9.16 -23.71 113.34
CA TRP D 454 -8.71 -23.23 112.03
C TRP D 454 -9.88 -23.29 111.03
N ALA D 455 -10.04 -22.23 110.24
CA ALA D 455 -11.16 -22.16 109.29
C ALA D 455 -10.80 -21.33 108.05
N GLU D 456 -11.48 -21.61 106.94
CA GLU D 456 -11.19 -20.92 105.68
C GLU D 456 -12.40 -20.15 105.16
N LEU D 457 -12.28 -18.83 105.12
CA LEU D 457 -13.36 -17.96 104.63
C LEU D 457 -13.58 -18.18 103.13
N ALA D 458 -14.83 -18.45 102.76
CA ALA D 458 -15.17 -18.75 101.37
C ALA D 458 -15.10 -17.54 100.46
N GLY D 459 -14.53 -17.71 99.28
CA GLY D 459 -14.39 -16.62 98.32
C GLY D 459 -15.40 -16.69 97.19
N GLY D 460 -16.13 -17.80 97.12
CA GLY D 460 -17.10 -18.00 96.06
C GLY D 460 -18.35 -17.14 96.22
N GLY D 461 -18.50 -16.55 97.39
CA GLY D 461 -19.65 -15.70 97.66
C GLY D 461 -19.30 -14.22 97.68
N GLN D 462 -18.09 -13.90 97.25
CA GLN D 462 -17.63 -12.52 97.22
C GLN D 462 -17.12 -12.15 95.83
N VAL D 463 -17.81 -11.22 95.17
CA VAL D 463 -17.53 -10.89 93.78
C VAL D 463 -16.55 -9.74 93.56
N THR D 464 -16.22 -9.00 94.60
CA THR D 464 -15.29 -7.87 94.49
C THR D 464 -14.36 -7.77 95.68
N GLU D 465 -13.32 -6.94 95.55
CA GLU D 465 -12.42 -6.66 96.66
C GLU D 465 -13.17 -5.98 97.80
N GLN D 466 -13.97 -4.98 97.44
CA GLN D 466 -14.68 -4.16 98.41
C GLN D 466 -15.67 -4.96 99.25
N ILE D 467 -16.51 -5.75 98.59
CA ILE D 467 -17.51 -6.56 99.28
C ILE D 467 -16.85 -7.59 100.19
N PHE D 468 -15.72 -8.13 99.76
CA PHE D 468 -15.00 -9.11 100.56
C PHE D 468 -14.22 -8.43 101.70
N ASN D 469 -13.77 -7.21 101.47
CA ASN D 469 -13.07 -6.45 102.49
C ASN D 469 -14.01 -6.11 103.65
N ASP D 470 -15.31 -6.07 103.36
CA ASP D 470 -16.32 -5.88 104.37
C ASP D 470 -16.37 -7.10 105.29
N ARG D 471 -16.23 -8.28 104.70
CA ARG D 471 -16.29 -9.53 105.44
C ARG D 471 -15.11 -9.68 106.40
N ILE D 472 -13.91 -9.40 105.90
CA ILE D 472 -12.70 -9.44 106.73
C ILE D 472 -12.82 -8.44 107.87
N ALA D 473 -13.36 -7.26 107.57
CA ALA D 473 -13.59 -6.24 108.58
C ALA D 473 -14.61 -6.71 109.60
N GLU D 474 -15.66 -7.36 109.13
CA GLU D 474 -16.66 -7.96 110.01
C GLU D 474 -16.03 -9.11 110.79
N LEU D 475 -15.13 -9.83 110.13
CA LEU D 475 -14.40 -10.91 110.77
C LEU D 475 -13.51 -10.39 111.89
N GLU D 476 -12.63 -9.46 111.55
CA GLU D 476 -11.66 -8.92 112.51
C GLU D 476 -12.33 -8.21 113.68
N THR D 477 -13.56 -7.75 113.45
CA THR D 477 -14.35 -7.15 114.53
C THR D 477 -14.86 -8.25 115.44
N LEU D 478 -15.41 -9.31 114.84
CA LEU D 478 -15.87 -10.47 115.60
C LEU D 478 -14.69 -11.33 116.04
N LEU D 479 -13.54 -11.14 115.39
CA LEU D 479 -12.32 -11.77 115.85
C LEU D 479 -11.87 -11.11 117.14
N GLU D 480 -11.73 -11.91 118.18
CA GLU D 480 -11.30 -11.41 119.46
C GLU D 480 -9.77 -11.30 119.43
N PRO D 481 -9.14 -10.74 120.48
CA PRO D 481 -7.70 -10.43 120.34
C PRO D 481 -6.80 -11.60 119.96
N GLY D 482 -6.00 -11.39 118.92
CA GLY D 482 -4.96 -12.33 118.53
C GLY D 482 -5.37 -13.43 117.57
N ARG D 483 -6.67 -13.72 117.53
CA ARG D 483 -7.17 -14.88 116.79
C ARG D 483 -7.08 -14.68 115.28
N ALA D 484 -6.74 -15.75 114.56
CA ALA D 484 -6.42 -15.64 113.15
C ALA D 484 -7.10 -16.69 112.26
N ILE D 485 -7.42 -16.29 111.03
CA ILE D 485 -8.19 -17.11 110.09
C ILE D 485 -7.52 -17.11 108.71
N GLN D 486 -7.95 -17.98 107.80
CA GLN D 486 -7.43 -18.00 106.44
C GLN D 486 -8.50 -17.77 105.37
N PHE D 487 -8.10 -17.81 104.10
CA PHE D 487 -9.02 -17.54 102.98
C PHE D 487 -8.95 -18.57 101.86
N ASN D 488 -10.11 -18.87 101.28
CA ASN D 488 -10.22 -19.87 100.21
C ASN D 488 -10.55 -19.25 98.84
N THR D 489 -9.84 -19.69 97.81
CA THR D 489 -10.03 -19.15 96.45
C THR D 489 -10.16 -20.28 95.42
N LEU D 490 -10.88 -20.01 94.34
CA LEU D 490 -11.14 -21.02 93.31
C LEU D 490 -10.35 -20.78 92.02
N PHE D 491 -9.92 -21.87 91.39
CA PHE D 491 -9.10 -21.81 90.17
C PHE D 491 -9.95 -21.85 88.90
N LEU D 492 -11.24 -22.11 89.06
CA LEU D 492 -12.11 -22.50 87.95
C LEU D 492 -12.14 -21.60 86.70
N ASP D 493 -12.46 -20.33 86.88
CA ASP D 493 -12.68 -19.44 85.73
C ASP D 493 -11.71 -18.25 85.68
N PRO D 494 -11.44 -17.74 84.47
CA PRO D 494 -10.51 -16.62 84.28
C PRO D 494 -10.93 -15.33 84.97
N TYR D 495 -12.21 -15.01 84.97
CA TYR D 495 -12.69 -13.76 85.56
C TYR D 495 -12.38 -13.68 87.05
N LEU D 496 -12.45 -14.83 87.73
CA LEU D 496 -12.14 -14.89 89.16
C LEU D 496 -10.63 -14.81 89.37
N TRP D 497 -9.87 -15.35 88.42
CA TRP D 497 -8.42 -15.33 88.50
C TRP D 497 -7.88 -13.94 88.22
N LYS D 498 -8.61 -13.19 87.39
CA LYS D 498 -8.29 -11.79 87.14
C LYS D 498 -8.78 -10.97 88.33
N LEU D 499 -9.87 -11.42 88.94
CA LEU D 499 -10.40 -10.79 90.15
C LEU D 499 -9.47 -11.08 91.31
N GLN D 500 -8.77 -12.20 91.23
CA GLN D 500 -7.84 -12.58 92.29
C GLN D 500 -6.55 -11.76 92.21
N VAL D 501 -6.22 -11.28 91.02
CA VAL D 501 -5.09 -10.36 90.87
C VAL D 501 -5.36 -9.13 91.72
N GLY D 502 -6.61 -8.68 91.70
CA GLY D 502 -7.07 -7.64 92.58
C GLY D 502 -7.32 -8.21 93.97
N GLY D 503 -7.66 -9.50 94.01
CA GLY D 503 -7.93 -10.18 95.26
C GLY D 503 -6.67 -10.48 96.04
N LYS D 504 -5.62 -10.94 95.35
CA LYS D 504 -4.36 -11.23 96.01
C LYS D 504 -3.70 -9.93 96.48
N ARG D 505 -3.82 -8.88 95.68
CA ARG D 505 -3.28 -7.59 96.07
C ARG D 505 -4.11 -7.00 97.21
N LEU D 506 -5.38 -7.39 97.26
CA LEU D 506 -6.23 -7.05 98.39
C LEU D 506 -5.71 -7.78 99.62
N VAL D 507 -5.44 -9.07 99.47
CA VAL D 507 -4.83 -9.87 100.52
C VAL D 507 -3.45 -9.32 100.85
N GLN D 508 -2.73 -8.88 99.82
CA GLN D 508 -1.45 -8.23 100.02
C GLN D 508 -1.60 -6.92 100.78
N ARG D 509 -2.54 -6.08 100.34
CA ARG D 509 -2.80 -4.81 101.01
C ARG D 509 -3.26 -5.01 102.44
N ALA D 510 -4.16 -5.96 102.64
CA ALA D 510 -4.69 -6.27 103.97
C ALA D 510 -3.55 -6.63 104.92
N ARG D 511 -2.70 -7.56 104.48
CA ARG D 511 -1.60 -8.03 105.32
C ARG D 511 -0.42 -7.06 105.35
N GLN D 512 -0.31 -6.21 104.31
CA GLN D 512 0.66 -5.13 104.35
C GLN D 512 0.20 -4.14 105.41
N SER D 513 -1.11 -4.12 105.64
CA SER D 513 -1.70 -3.33 106.71
C SER D 513 -1.70 -4.12 108.01
N GLY D 514 -1.31 -5.39 107.93
CA GLY D 514 -1.19 -6.22 109.11
C GLY D 514 -2.43 -7.02 109.47
N ALA D 515 -3.28 -7.29 108.49
CA ALA D 515 -4.52 -8.03 108.72
C ALA D 515 -4.30 -9.40 109.35
N PRO D 516 -5.23 -9.81 110.24
CA PRO D 516 -5.20 -11.08 110.98
C PRO D 516 -5.20 -12.34 110.12
N ILE D 517 -5.50 -12.24 108.82
CA ILE D 517 -5.70 -13.45 108.04
C ILE D 517 -4.36 -14.11 107.74
N ASP D 518 -4.15 -15.30 108.30
CA ASP D 518 -2.85 -15.95 108.27
C ASP D 518 -2.61 -17.05 107.23
N GLY D 519 -3.55 -17.29 106.33
CA GLY D 519 -3.37 -18.31 105.31
C GLY D 519 -4.16 -18.12 104.02
N LEU D 520 -3.73 -18.81 102.96
CA LEU D 520 -4.43 -18.76 101.68
C LEU D 520 -4.72 -20.18 101.15
N VAL D 521 -5.93 -20.40 100.65
CA VAL D 521 -6.35 -21.71 100.15
C VAL D 521 -6.73 -21.67 98.68
N VAL D 522 -5.94 -22.33 97.82
CA VAL D 522 -6.28 -22.43 96.41
C VAL D 522 -7.07 -23.71 96.16
N SER D 523 -8.19 -23.58 95.45
CA SER D 523 -9.12 -24.69 95.29
C SER D 523 -9.43 -25.02 93.83
N ALA D 524 -10.00 -26.22 93.63
CA ALA D 524 -10.45 -26.71 92.33
C ALA D 524 -9.32 -26.99 91.33
N GLY D 525 -8.10 -26.63 91.71
CA GLY D 525 -6.95 -26.86 90.86
C GLY D 525 -5.65 -26.47 91.54
N ILE D 526 -4.54 -27.01 91.04
CA ILE D 526 -3.23 -26.67 91.57
C ILE D 526 -2.49 -25.74 90.62
N PRO D 527 -2.16 -24.53 91.10
CA PRO D 527 -1.46 -23.52 90.30
C PRO D 527 -0.12 -24.03 89.79
N ASP D 528 0.29 -23.56 88.63
CA ASP D 528 1.61 -23.94 88.09
C ASP D 528 2.70 -23.30 88.94
N LEU D 529 3.91 -23.85 88.83
CA LEU D 529 5.04 -23.44 89.67
C LEU D 529 5.23 -21.92 89.73
N GLU D 530 5.26 -21.27 88.58
CA GLU D 530 5.44 -19.82 88.54
C GLU D 530 4.26 -19.07 89.17
N GLU D 531 3.08 -19.66 89.09
CA GLU D 531 1.89 -19.07 89.71
C GLU D 531 1.93 -19.25 91.22
N ALA D 532 2.44 -20.40 91.65
CA ALA D 532 2.51 -20.74 93.08
C ALA D 532 3.63 -19.97 93.77
N VAL D 533 4.74 -19.77 93.07
CA VAL D 533 5.86 -19.01 93.60
C VAL D 533 5.42 -17.59 93.92
N ASP D 534 4.64 -17.01 93.01
CA ASP D 534 4.10 -15.67 93.20
C ASP D 534 3.33 -15.58 94.51
N ILE D 535 2.38 -16.50 94.70
CA ILE D 535 1.57 -16.56 95.91
C ILE D 535 2.42 -16.67 97.18
N ILE D 536 3.37 -17.60 97.17
CA ILE D 536 4.24 -17.84 98.31
C ILE D 536 5.12 -16.62 98.64
N ASP D 537 5.60 -15.96 97.60
CA ASP D 537 6.56 -14.86 97.74
C ASP D 537 5.97 -13.44 97.82
N GLU D 538 4.64 -13.35 97.94
CA GLU D 538 3.94 -12.07 97.96
C GLU D 538 4.40 -11.20 99.13
N LEU D 539 4.16 -9.89 99.02
CA LEU D 539 4.48 -8.96 100.10
C LEU D 539 3.84 -9.37 101.43
N ASN D 540 2.78 -10.15 101.32
CA ASN D 540 2.03 -10.63 102.49
C ASN D 540 2.50 -12.00 102.97
N GLU D 541 3.60 -12.48 102.38
CA GLU D 541 4.09 -13.85 102.60
C GLU D 541 4.17 -14.33 104.05
N VAL D 542 4.76 -13.53 104.93
CA VAL D 542 4.88 -13.91 106.33
C VAL D 542 3.49 -14.05 106.92
N GLY D 543 2.60 -13.16 106.50
CA GLY D 543 1.22 -13.23 106.91
C GLY D 543 0.48 -14.37 106.25
N ILE D 544 1.06 -14.95 105.20
CA ILE D 544 0.51 -16.17 104.60
C ILE D 544 0.96 -17.40 105.40
N SER D 545 2.24 -17.43 105.77
CA SER D 545 2.79 -18.34 106.79
C SER D 545 2.68 -19.84 106.41
N HIS D 546 1.76 -20.16 105.51
CA HIS D 546 1.71 -21.43 104.82
C HIS D 546 0.79 -21.29 103.62
N VAL D 547 0.93 -22.18 102.64
CA VAL D 547 0.03 -22.18 101.49
C VAL D 547 -0.76 -23.47 101.42
N VAL D 548 -2.02 -23.38 101.02
CA VAL D 548 -2.92 -24.53 101.02
C VAL D 548 -3.36 -24.94 99.63
N PHE D 549 -3.11 -26.20 99.27
CA PHE D 549 -3.49 -26.73 97.97
C PHE D 549 -4.37 -27.96 98.13
N LYS D 550 -5.24 -28.20 97.15
CA LYS D 550 -6.16 -29.34 97.21
C LYS D 550 -6.09 -30.20 95.95
N PRO D 551 -5.13 -31.13 95.91
CA PRO D 551 -4.98 -32.05 94.78
C PRO D 551 -6.12 -33.05 94.70
N GLY D 552 -6.67 -33.23 93.51
CA GLY D 552 -7.73 -34.22 93.30
C GLY D 552 -7.27 -35.50 92.62
N THR D 553 -6.08 -35.46 92.03
CA THR D 553 -5.57 -36.61 91.28
C THR D 553 -4.13 -36.92 91.66
N VAL D 554 -3.65 -38.08 91.22
CA VAL D 554 -2.26 -38.49 91.43
C VAL D 554 -1.31 -37.43 90.86
N GLU D 555 -1.61 -36.98 89.65
CA GLU D 555 -0.80 -35.96 88.98
C GLU D 555 -0.85 -34.63 89.72
N GLN D 556 -2.02 -34.29 90.26
CA GLN D 556 -2.18 -33.06 91.02
C GLN D 556 -1.38 -33.12 92.32
N ILE D 557 -1.29 -34.31 92.91
CA ILE D 557 -0.48 -34.50 94.10
C ILE D 557 1.00 -34.30 93.78
N ARG D 558 1.45 -34.92 92.69
CA ARG D 558 2.83 -34.82 92.25
C ARG D 558 3.19 -33.39 91.86
N SER D 559 2.19 -32.62 91.47
CA SER D 559 2.40 -31.22 91.12
C SER D 559 2.75 -30.41 92.37
N VAL D 560 2.03 -30.66 93.45
CA VAL D 560 2.25 -29.95 94.71
C VAL D 560 3.60 -30.30 95.31
N ILE D 561 4.04 -31.55 95.10
CA ILE D 561 5.34 -31.99 95.55
C ILE D 561 6.43 -31.13 94.91
N ARG D 562 6.20 -30.74 93.66
CA ARG D 562 7.13 -29.87 92.94
C ARG D 562 7.01 -28.42 93.41
N ILE D 563 5.86 -28.08 93.97
CA ILE D 563 5.67 -26.76 94.58
C ILE D 563 6.37 -26.75 95.94
N ALA D 564 6.43 -27.92 96.56
CA ALA D 564 7.08 -28.06 97.86
C ALA D 564 8.60 -27.95 97.73
N ALA D 565 9.15 -28.62 96.73
CA ALA D 565 10.59 -28.58 96.48
C ALA D 565 11.03 -27.20 96.00
N GLU D 566 10.07 -26.43 95.52
CA GLU D 566 10.33 -25.06 95.07
C GLU D 566 10.84 -24.21 96.22
N VAL D 567 10.06 -24.13 97.29
CA VAL D 567 10.46 -23.43 98.49
C VAL D 567 10.40 -24.39 99.69
N PRO D 568 11.49 -25.13 99.92
CA PRO D 568 11.57 -26.17 100.96
C PRO D 568 11.37 -25.63 102.37
N THR D 569 11.53 -24.33 102.57
CA THR D 569 11.40 -23.74 103.90
C THR D 569 10.01 -23.17 104.14
N LYS D 570 9.16 -23.23 103.12
CA LYS D 570 7.79 -22.73 103.23
C LYS D 570 6.81 -23.86 103.53
N PRO D 571 6.09 -23.75 104.65
CA PRO D 571 5.09 -24.76 105.01
C PRO D 571 3.99 -24.83 103.95
N VAL D 572 3.68 -26.04 103.51
CA VAL D 572 2.61 -26.25 102.54
C VAL D 572 1.67 -27.33 103.06
N ILE D 573 0.43 -26.95 103.33
CA ILE D 573 -0.55 -27.91 103.84
C ILE D 573 -1.24 -28.53 102.65
N VAL D 574 -1.01 -29.81 102.44
CA VAL D 574 -1.65 -30.50 101.33
C VAL D 574 -2.90 -31.19 101.83
N HIS D 575 -4.06 -30.68 101.42
CA HIS D 575 -5.32 -31.30 101.80
C HIS D 575 -5.74 -32.26 100.70
N ILE D 576 -5.70 -33.55 101.01
CA ILE D 576 -6.07 -34.56 100.03
C ILE D 576 -7.55 -34.89 100.21
N GLU D 577 -8.36 -34.49 99.24
CA GLU D 577 -9.79 -34.74 99.32
C GLU D 577 -10.17 -35.93 98.46
N GLY D 578 -11.42 -36.34 98.54
CA GLY D 578 -11.96 -37.38 97.70
C GLY D 578 -12.99 -36.87 96.71
N GLY D 579 -13.72 -37.82 96.12
CA GLY D 579 -14.94 -37.49 95.40
C GLY D 579 -16.12 -37.94 96.24
N ARG D 580 -15.82 -38.59 97.37
CA ARG D 580 -16.85 -38.97 98.32
C ARG D 580 -17.18 -37.75 99.16
N ALA D 581 -16.39 -36.71 98.97
CA ALA D 581 -16.58 -35.44 99.66
C ALA D 581 -17.78 -34.71 99.08
N GLY D 582 -18.04 -33.51 99.58
CA GLY D 582 -19.16 -32.72 99.12
C GLY D 582 -18.75 -31.71 98.07
N GLY D 583 -19.73 -31.20 97.34
CA GLY D 583 -19.52 -30.12 96.40
C GLY D 583 -18.73 -30.54 95.18
N HIS D 584 -17.66 -29.81 94.90
CA HIS D 584 -16.79 -30.14 93.79
C HIS D 584 -16.33 -31.58 93.90
N HIS D 585 -16.36 -32.29 92.78
CA HIS D 585 -16.31 -33.75 92.77
C HIS D 585 -15.03 -34.27 92.12
N SER D 586 -14.97 -35.59 91.96
CA SER D 586 -13.85 -36.28 91.34
C SER D 586 -14.17 -37.76 91.23
N TRP D 587 -13.45 -38.45 90.33
CA TRP D 587 -13.64 -39.88 90.13
C TRP D 587 -12.60 -40.70 90.88
N GLU D 588 -11.75 -40.01 91.63
CA GLU D 588 -10.60 -40.65 92.28
C GLU D 588 -10.88 -41.16 93.70
N ASP D 589 -10.45 -42.39 93.96
CA ASP D 589 -10.67 -43.04 95.25
C ASP D 589 -9.95 -42.33 96.39
N LEU D 590 -10.46 -42.50 97.60
CA LEU D 590 -9.90 -41.88 98.80
C LEU D 590 -8.54 -42.48 99.16
N ASP D 591 -8.47 -43.80 99.09
CA ASP D 591 -7.31 -44.55 99.57
C ASP D 591 -6.18 -44.62 98.53
N ASP D 592 -6.48 -45.22 97.39
CA ASP D 592 -5.49 -45.52 96.35
C ASP D 592 -4.56 -44.35 95.99
N LEU D 593 -5.11 -43.13 95.95
CA LEU D 593 -4.29 -41.95 95.68
C LEU D 593 -3.25 -41.76 96.77
N LEU D 594 -3.73 -41.66 98.01
CA LEU D 594 -2.85 -41.45 99.16
C LEU D 594 -1.98 -42.67 99.41
N LEU D 595 -2.51 -43.85 99.10
CA LEU D 595 -1.77 -45.09 99.28
C LEU D 595 -0.51 -45.12 98.43
N ALA D 596 -0.63 -44.65 97.20
CA ALA D 596 0.49 -44.66 96.25
C ALA D 596 1.46 -43.50 96.44
N THR D 597 0.93 -42.31 96.71
CA THR D 597 1.73 -41.09 96.71
C THR D 597 2.31 -40.69 98.06
N TYR D 598 1.98 -41.44 99.11
CA TYR D 598 2.37 -41.07 100.48
C TYR D 598 3.88 -41.01 100.68
N SER D 599 4.58 -42.01 100.17
CA SER D 599 6.03 -42.12 100.36
C SER D 599 6.79 -40.91 99.81
N GLU D 600 6.40 -40.46 98.62
CA GLU D 600 7.03 -39.31 97.99
C GLU D 600 6.62 -38.01 98.68
N LEU D 601 5.43 -38.02 99.29
CA LEU D 601 4.92 -36.85 100.00
C LEU D 601 5.68 -36.61 101.30
N ARG D 602 6.24 -37.67 101.87
CA ARG D 602 6.95 -37.57 103.14
C ARG D 602 8.44 -37.29 102.98
N SER D 603 8.90 -37.23 101.74
CA SER D 603 10.30 -36.90 101.47
C SER D 603 10.48 -35.39 101.53
N ARG D 604 9.37 -34.66 101.65
CA ARG D 604 9.39 -33.22 101.80
C ARG D 604 8.88 -32.82 103.19
N SER D 605 9.76 -32.23 103.99
CA SER D 605 9.42 -31.87 105.35
C SER D 605 8.46 -30.68 105.43
N ASN D 606 8.41 -29.91 104.35
CA ASN D 606 7.54 -28.73 104.30
C ASN D 606 6.10 -29.07 103.91
N ILE D 607 5.87 -30.34 103.64
CA ILE D 607 4.53 -30.82 103.29
C ILE D 607 3.77 -31.31 104.52
N THR D 608 2.63 -30.69 104.79
CA THR D 608 1.76 -31.13 105.88
C THR D 608 0.57 -31.88 105.29
N ILE D 609 0.53 -33.20 105.51
CA ILE D 609 -0.49 -34.03 104.91
C ILE D 609 -1.78 -33.98 105.72
N CYS D 610 -2.89 -33.69 105.04
CA CYS D 610 -4.19 -33.58 105.69
C CYS D 610 -5.24 -34.35 104.92
N VAL D 611 -5.81 -35.37 105.55
CA VAL D 611 -6.85 -36.18 104.92
C VAL D 611 -8.23 -35.63 105.21
N GLY D 612 -9.09 -35.66 104.20
CA GLY D 612 -10.42 -35.12 104.34
C GLY D 612 -11.46 -35.88 103.56
N GLY D 613 -12.73 -35.57 103.83
CA GLY D 613 -13.85 -36.20 103.18
C GLY D 613 -14.46 -37.31 104.01
N GLY D 614 -15.78 -37.46 103.91
CA GLY D 614 -16.48 -38.55 104.59
C GLY D 614 -16.16 -38.79 106.04
N ILE D 615 -15.92 -37.71 106.79
CA ILE D 615 -15.56 -37.83 108.19
C ILE D 615 -16.44 -36.92 109.03
N GLY D 616 -17.29 -37.52 109.87
CA GLY D 616 -18.12 -36.76 110.80
C GLY D 616 -17.73 -36.88 112.27
N THR D 617 -16.82 -37.80 112.57
CA THR D 617 -16.56 -38.19 113.97
C THR D 617 -15.08 -38.42 114.28
N PRO D 618 -14.71 -38.29 115.57
CA PRO D 618 -13.34 -38.59 116.01
C PRO D 618 -12.99 -40.07 115.93
N GLU D 619 -13.99 -40.94 116.05
CA GLU D 619 -13.74 -42.38 116.10
C GLU D 619 -13.37 -42.95 114.74
N ARG D 620 -14.11 -42.57 113.71
CA ARG D 620 -13.85 -43.05 112.36
C ARG D 620 -12.58 -42.43 111.77
N SER D 621 -12.21 -41.26 112.26
CA SER D 621 -11.05 -40.53 111.74
C SER D 621 -9.80 -40.77 112.57
N ALA D 622 -9.92 -41.60 113.60
CA ALA D 622 -8.81 -41.85 114.51
C ALA D 622 -7.73 -42.74 113.90
N GLU D 623 -8.15 -43.64 113.01
CA GLU D 623 -7.24 -44.63 112.44
C GLU D 623 -6.32 -44.03 111.39
N TYR D 624 -6.77 -42.96 110.74
CA TYR D 624 -5.94 -42.25 109.77
C TYR D 624 -4.85 -41.46 110.51
N LEU D 625 -5.15 -41.09 111.75
CA LEU D 625 -4.21 -40.37 112.59
C LEU D 625 -3.15 -41.29 113.15
N SER D 626 -3.57 -42.47 113.60
CA SER D 626 -2.65 -43.45 114.14
C SER D 626 -1.85 -44.10 113.01
N GLY D 627 -2.43 -44.08 111.81
CA GLY D 627 -1.81 -44.70 110.65
C GLY D 627 -2.30 -46.13 110.48
N ARG D 628 -3.26 -46.52 111.30
CA ARG D 628 -3.76 -47.89 111.31
C ARG D 628 -4.64 -48.18 110.09
N TRP D 629 -4.99 -47.11 109.37
CA TRP D 629 -5.91 -47.19 108.25
C TRP D 629 -5.31 -47.90 107.04
N ALA D 630 -4.00 -47.87 106.93
CA ALA D 630 -3.30 -48.43 105.77
C ALA D 630 -3.07 -49.92 105.95
N GLU D 631 -3.33 -50.40 107.16
CA GLU D 631 -3.11 -51.81 107.49
C GLU D 631 -4.12 -52.74 106.80
N VAL D 632 -5.32 -52.21 106.52
CA VAL D 632 -6.34 -52.98 105.83
C VAL D 632 -5.88 -53.28 104.40
N HIS D 633 -5.10 -52.37 103.84
CA HIS D 633 -4.59 -52.53 102.48
C HIS D 633 -3.22 -53.20 102.49
N GLY D 634 -2.76 -53.58 103.68
CA GLY D 634 -1.51 -54.30 103.82
C GLY D 634 -0.30 -53.40 103.95
N TYR D 635 -0.44 -52.16 103.52
CA TYR D 635 0.64 -51.18 103.63
C TYR D 635 0.92 -50.90 105.10
N PRO D 636 2.21 -50.76 105.46
CA PRO D 636 2.60 -50.40 106.83
C PRO D 636 2.01 -49.05 107.22
N LEU D 637 2.02 -48.75 108.51
CA LEU D 637 1.30 -47.60 109.08
C LEU D 637 1.55 -46.29 108.34
N MET D 638 0.48 -45.54 108.09
CA MET D 638 0.56 -44.29 107.34
C MET D 638 -0.20 -43.17 108.04
N PRO D 639 0.45 -42.55 109.04
CA PRO D 639 -0.16 -41.49 109.87
C PRO D 639 -0.41 -40.20 109.08
N ILE D 640 -1.28 -39.34 109.61
CA ILE D 640 -1.58 -38.06 108.97
C ILE D 640 -1.44 -36.90 109.96
N ASP D 641 -1.14 -35.70 109.43
CA ASP D 641 -0.89 -34.54 110.28
C ASP D 641 -2.14 -33.73 110.64
N GLY D 642 -3.24 -33.95 109.91
CA GLY D 642 -4.43 -33.16 110.16
C GLY D 642 -5.66 -33.69 109.42
N ILE D 643 -6.84 -33.21 109.82
CA ILE D 643 -8.10 -33.68 109.26
C ILE D 643 -9.08 -32.52 109.06
N LEU D 644 -9.70 -32.44 107.90
CA LEU D 644 -10.69 -31.40 107.64
C LEU D 644 -12.11 -31.97 107.60
N VAL D 645 -13.06 -31.26 108.19
CA VAL D 645 -14.46 -31.66 108.14
C VAL D 645 -15.29 -30.62 107.40
N GLY D 646 -15.68 -30.93 106.17
CA GLY D 646 -16.58 -30.06 105.44
C GLY D 646 -18.07 -30.20 105.73
N THR D 647 -18.56 -31.43 105.68
CA THR D 647 -20.01 -31.67 105.67
C THR D 647 -20.68 -31.67 107.05
N ALA D 648 -20.03 -32.27 108.04
CA ALA D 648 -20.65 -32.46 109.35
C ALA D 648 -20.87 -31.15 110.10
N ALA D 649 -20.27 -30.06 109.62
CA ALA D 649 -20.38 -28.77 110.26
C ALA D 649 -21.50 -27.90 109.67
N MET D 650 -22.24 -28.45 108.73
CA MET D 650 -23.29 -27.70 108.05
C MET D 650 -24.58 -27.60 108.88
N ALA D 651 -24.78 -28.58 109.75
CA ALA D 651 -25.98 -28.61 110.59
C ALA D 651 -25.75 -27.85 111.90
N THR D 652 -24.59 -27.22 112.00
CA THR D 652 -24.20 -26.51 113.22
C THR D 652 -25.06 -25.28 113.53
N LEU D 653 -25.06 -24.91 114.80
CA LEU D 653 -25.92 -23.82 115.29
C LEU D 653 -25.57 -22.47 114.70
N GLU D 654 -24.29 -22.13 114.65
CA GLU D 654 -23.86 -20.82 114.17
C GLU D 654 -23.80 -20.76 112.65
N ALA D 655 -24.10 -21.88 112.00
CA ALA D 655 -24.20 -21.90 110.54
C ALA D 655 -25.46 -21.19 110.10
N THR D 656 -25.41 -20.55 108.93
CA THR D 656 -26.55 -19.77 108.43
C THR D 656 -27.56 -20.65 107.69
N THR D 657 -27.30 -21.95 107.66
CA THR D 657 -28.21 -22.91 107.04
C THR D 657 -29.62 -22.80 107.62
N SER D 658 -30.61 -22.72 106.75
CA SER D 658 -32.00 -22.56 107.16
C SER D 658 -32.48 -23.73 108.01
N PRO D 659 -33.40 -23.46 108.96
CA PRO D 659 -33.96 -24.48 109.87
C PRO D 659 -34.50 -25.70 109.13
N GLN D 660 -35.19 -25.48 108.03
CA GLN D 660 -35.74 -26.59 107.24
C GLN D 660 -34.65 -27.35 106.51
N VAL D 661 -33.63 -26.63 106.06
CA VAL D 661 -32.52 -27.25 105.33
C VAL D 661 -31.66 -28.10 106.26
N LYS D 662 -31.50 -27.65 107.50
CA LYS D 662 -30.75 -28.41 108.50
C LYS D 662 -31.44 -29.73 108.82
N GLN D 663 -32.76 -29.68 109.01
CA GLN D 663 -33.55 -30.88 109.25
C GLN D 663 -33.44 -31.85 108.08
N LEU D 664 -33.28 -31.28 106.89
CA LEU D 664 -33.16 -32.08 105.67
C LEU D 664 -31.81 -32.81 105.60
N LEU D 665 -30.74 -32.10 105.91
CA LEU D 665 -29.40 -32.69 105.94
C LEU D 665 -29.34 -33.80 106.99
N VAL D 666 -29.99 -33.55 108.12
CA VAL D 666 -30.06 -34.51 109.23
C VAL D 666 -30.66 -35.85 108.82
N GLU D 667 -31.92 -35.83 108.40
CA GLU D 667 -32.67 -37.06 108.14
C GLU D 667 -32.09 -37.89 107.00
N THR D 668 -31.16 -37.31 106.26
CA THR D 668 -30.44 -38.03 105.23
C THR D 668 -29.59 -39.13 105.87
N LYS D 669 -29.77 -40.36 105.41
CA LYS D 669 -28.97 -41.48 105.90
C LYS D 669 -27.68 -41.53 105.11
N GLY D 670 -26.58 -41.87 105.78
CA GLY D 670 -25.29 -41.92 105.13
C GLY D 670 -24.92 -43.29 104.59
N THR D 671 -23.71 -43.40 104.05
CA THR D 671 -23.26 -44.64 103.44
C THR D 671 -21.81 -44.98 103.71
N GLU D 672 -21.47 -46.22 103.41
CA GLU D 672 -20.09 -46.69 103.37
C GLU D 672 -19.52 -46.29 102.01
N ALA D 673 -18.38 -46.88 101.64
CA ALA D 673 -17.64 -46.45 100.45
C ALA D 673 -18.52 -46.30 99.21
N TRP D 674 -18.36 -45.17 98.52
CA TRP D 674 -19.25 -44.73 97.45
C TRP D 674 -19.42 -45.77 96.35
N VAL D 675 -20.65 -45.87 95.84
CA VAL D 675 -20.99 -46.86 94.81
C VAL D 675 -21.23 -46.18 93.46
N GLY D 676 -20.95 -46.92 92.40
CA GLY D 676 -21.03 -46.38 91.06
C GLY D 676 -22.43 -46.28 90.49
N ALA D 677 -23.30 -47.22 90.83
CA ALA D 677 -24.63 -47.30 90.24
C ALA D 677 -25.43 -46.01 90.38
N GLY D 678 -25.92 -45.51 89.25
CA GLY D 678 -26.67 -44.27 89.23
C GLY D 678 -28.01 -44.38 89.94
N LYS D 679 -28.21 -43.52 90.93
CA LYS D 679 -29.37 -43.53 91.79
C LYS D 679 -29.16 -42.42 92.81
N ALA D 680 -30.18 -42.18 93.65
CA ALA D 680 -29.93 -41.41 94.85
C ALA D 680 -29.33 -42.42 95.83
N ALA D 681 -28.10 -42.20 96.23
CA ALA D 681 -27.40 -43.16 97.08
C ALA D 681 -27.32 -42.62 98.49
N ASN D 682 -28.09 -43.21 99.38
CA ASN D 682 -28.19 -42.74 100.76
C ASN D 682 -28.48 -41.25 100.80
N GLY D 683 -29.54 -40.85 100.12
CA GLY D 683 -29.94 -39.45 100.07
C GLY D 683 -28.96 -38.56 99.34
N MET D 684 -28.06 -39.18 98.59
CA MET D 684 -27.02 -38.44 97.89
C MET D 684 -26.85 -38.92 96.46
N ALA D 685 -27.04 -38.02 95.50
CA ALA D 685 -26.81 -38.34 94.10
C ALA D 685 -25.99 -37.23 93.43
N SER D 686 -25.03 -37.65 92.62
CA SER D 686 -24.17 -36.70 91.92
C SER D 686 -24.92 -36.02 90.79
N GLY D 687 -24.47 -34.82 90.44
CA GLY D 687 -25.02 -34.09 89.32
C GLY D 687 -23.97 -33.16 88.76
N ARG D 688 -24.09 -32.82 87.48
CA ARG D 688 -23.07 -32.01 86.83
C ARG D 688 -23.44 -30.53 86.80
N SER D 689 -22.46 -29.68 87.01
CA SER D 689 -22.67 -28.24 86.98
C SER D 689 -22.79 -27.75 85.54
N GLN D 690 -22.91 -26.44 85.36
CA GLN D 690 -23.06 -25.86 84.03
C GLN D 690 -21.81 -26.10 83.18
N LEU D 691 -20.68 -26.35 83.83
CA LEU D 691 -19.42 -26.60 83.14
C LEU D 691 -19.20 -28.09 82.87
N GLY D 692 -20.04 -28.93 83.45
CA GLY D 692 -19.96 -30.37 83.22
C GLY D 692 -19.30 -31.15 84.35
N ALA D 693 -18.72 -30.44 85.31
CA ALA D 693 -18.09 -31.08 86.45
C ALA D 693 -19.14 -31.53 87.46
N ASP D 694 -18.94 -32.70 88.04
CA ASP D 694 -19.92 -33.25 88.97
C ASP D 694 -20.02 -32.44 90.25
N ILE D 695 -21.20 -32.48 90.86
CA ILE D 695 -21.45 -31.81 92.13
C ILE D 695 -22.26 -32.74 93.02
N HIS D 696 -21.80 -32.94 94.25
CA HIS D 696 -22.55 -33.76 95.19
C HIS D 696 -23.62 -32.92 95.85
N GLU D 697 -24.87 -33.28 95.61
CA GLU D 697 -26.01 -32.55 96.14
C GLU D 697 -26.96 -33.51 96.84
N ILE D 698 -27.90 -32.97 97.59
CA ILE D 698 -28.80 -33.81 98.36
C ILE D 698 -30.04 -34.15 97.52
N ASP D 699 -30.15 -35.42 97.15
CA ASP D 699 -31.20 -35.87 96.25
C ASP D 699 -32.39 -36.50 96.97
N ASN D 700 -32.30 -36.59 98.29
CA ASN D 700 -33.42 -37.06 99.10
C ASN D 700 -34.20 -35.86 99.61
N ALA D 701 -33.50 -35.02 100.37
CA ALA D 701 -34.05 -33.75 100.85
C ALA D 701 -34.72 -33.01 99.71
N ALA D 702 -34.02 -32.92 98.57
CA ALA D 702 -34.64 -32.41 97.36
C ALA D 702 -34.44 -33.42 96.24
N SER D 703 -35.52 -34.10 95.85
CA SER D 703 -35.45 -35.08 94.78
C SER D 703 -35.87 -34.53 93.42
N ARG D 704 -36.46 -33.34 93.43
CA ARG D 704 -37.06 -32.78 92.22
C ARG D 704 -36.06 -32.08 91.28
N CYS D 705 -35.13 -31.33 91.85
CA CYS D 705 -34.16 -30.59 91.05
C CYS D 705 -33.16 -31.51 90.35
N GLY D 706 -32.52 -32.37 91.13
CA GLY D 706 -31.45 -33.22 90.63
C GLY D 706 -31.86 -34.21 89.56
N ARG D 707 -32.95 -34.94 89.81
CA ARG D 707 -33.39 -35.99 88.89
C ARG D 707 -33.95 -35.42 87.59
N LEU D 708 -34.69 -34.32 87.69
CA LEU D 708 -35.21 -33.63 86.52
C LEU D 708 -34.07 -33.11 85.66
N LEU D 709 -33.05 -32.58 86.33
CA LEU D 709 -31.86 -32.07 85.66
C LEU D 709 -31.21 -33.17 84.83
N ASP D 710 -31.12 -34.36 85.40
CA ASP D 710 -30.57 -35.51 84.70
C ASP D 710 -31.50 -35.95 83.58
N GLU D 711 -32.80 -35.77 83.77
CA GLU D 711 -33.77 -36.06 82.72
C GLU D 711 -33.57 -35.08 81.57
N VAL D 712 -33.61 -33.79 81.87
CA VAL D 712 -33.45 -32.74 80.86
C VAL D 712 -32.11 -32.83 80.14
N ALA D 713 -31.05 -33.07 80.89
CA ALA D 713 -29.70 -33.17 80.32
C ALA D 713 -29.60 -34.28 79.29
N GLY D 714 -30.03 -35.48 79.67
CA GLY D 714 -29.98 -36.63 78.79
C GLY D 714 -31.03 -36.56 77.69
N ASP D 715 -32.05 -35.73 77.90
CA ASP D 715 -33.14 -35.62 76.93
C ASP D 715 -33.03 -34.48 75.93
N ALA D 716 -31.94 -33.71 75.92
CA ALA D 716 -32.02 -32.53 75.08
C ALA D 716 -31.54 -32.81 73.67
N ASP D 717 -32.51 -33.16 72.85
CA ASP D 717 -32.56 -33.00 71.41
C ASP D 717 -34.01 -32.63 71.18
N ALA D 718 -34.85 -33.55 71.63
CA ALA D 718 -36.29 -33.60 71.44
C ALA D 718 -37.10 -32.74 72.42
N VAL D 719 -36.42 -31.89 73.19
CA VAL D 719 -37.04 -31.08 74.24
C VAL D 719 -38.37 -30.47 73.83
N ALA D 720 -38.47 -30.03 72.57
CA ALA D 720 -39.71 -29.52 72.01
C ALA D 720 -40.87 -30.50 72.16
N GLU D 721 -40.59 -31.79 72.02
CA GLU D 721 -41.62 -32.83 72.12
C GLU D 721 -42.08 -33.06 73.55
N ARG D 722 -41.13 -33.01 74.49
CA ARG D 722 -41.43 -33.21 75.90
C ARG D 722 -41.70 -31.90 76.62
N ARG D 723 -41.80 -30.82 75.85
CA ARG D 723 -41.96 -29.47 76.38
C ARG D 723 -43.00 -29.35 77.49
N ASP D 724 -44.14 -30.00 77.32
CA ASP D 724 -45.18 -30.01 78.35
C ASP D 724 -44.67 -30.65 79.65
N GLU D 725 -43.96 -31.77 79.50
CA GLU D 725 -43.41 -32.48 80.64
C GLU D 725 -42.28 -31.71 81.28
N ILE D 726 -41.50 -31.01 80.46
CA ILE D 726 -40.33 -30.28 80.94
C ILE D 726 -40.69 -28.93 81.57
N ILE D 727 -41.61 -28.21 80.96
CA ILE D 727 -41.97 -26.86 81.43
C ILE D 727 -42.77 -26.91 82.74
N ALA D 728 -43.46 -28.02 82.96
CA ALA D 728 -44.25 -28.19 84.18
C ALA D 728 -43.33 -28.57 85.34
N ALA D 729 -42.27 -29.30 85.03
CA ALA D 729 -41.33 -29.76 86.03
C ALA D 729 -40.42 -28.64 86.52
N MET D 730 -40.25 -27.61 85.69
CA MET D 730 -39.53 -26.42 86.11
C MET D 730 -40.37 -25.66 87.12
N ALA D 731 -41.68 -25.75 86.97
CA ALA D 731 -42.61 -25.10 87.89
C ALA D 731 -42.72 -25.86 89.21
N GLN D 732 -42.40 -27.15 89.17
CA GLN D 732 -42.43 -27.99 90.37
C GLN D 732 -41.24 -27.69 91.28
N THR D 733 -40.11 -27.36 90.65
CA THR D 733 -38.89 -27.05 91.39
C THR D 733 -38.79 -25.55 91.63
N ALA D 734 -39.86 -24.84 91.26
CA ALA D 734 -39.90 -23.39 91.32
C ALA D 734 -38.78 -22.75 90.49
N LYS D 735 -38.82 -23.01 89.19
CA LYS D 735 -38.01 -22.29 88.22
C LYS D 735 -38.99 -21.79 87.18
N PRO D 736 -39.91 -20.91 87.61
CA PRO D 736 -41.11 -20.62 86.82
C PRO D 736 -40.82 -19.92 85.50
N TYR D 737 -41.41 -20.43 84.44
CA TYR D 737 -41.46 -19.71 83.18
C TYR D 737 -42.59 -18.71 83.38
N PHE D 738 -42.82 -17.86 82.39
CA PHE D 738 -43.89 -16.88 82.50
C PHE D 738 -45.10 -17.39 81.74
N GLY D 739 -46.29 -17.01 82.18
CA GLY D 739 -47.51 -17.37 81.46
C GLY D 739 -47.39 -16.84 80.04
N ASP D 740 -48.27 -17.28 79.15
CA ASP D 740 -48.00 -17.14 77.71
C ASP D 740 -47.56 -15.72 77.38
N VAL D 741 -46.40 -15.62 76.76
CA VAL D 741 -45.61 -14.39 76.76
C VAL D 741 -46.34 -13.22 76.12
N ALA D 742 -46.88 -13.46 74.93
CA ALA D 742 -47.73 -12.46 74.28
C ALA D 742 -48.91 -12.11 75.18
N GLU D 743 -49.81 -13.07 75.36
CA GLU D 743 -51.07 -12.85 76.04
C GLU D 743 -50.95 -12.21 77.43
N MET D 744 -49.82 -12.43 78.10
CA MET D 744 -49.62 -11.89 79.44
C MET D 744 -49.55 -10.37 79.48
N THR D 745 -50.37 -9.81 80.35
CA THR D 745 -50.49 -8.37 80.55
C THR D 745 -49.23 -7.81 81.21
N TYR D 746 -48.87 -6.57 80.86
CA TYR D 746 -47.70 -5.91 81.46
C TYR D 746 -47.72 -5.92 82.98
N LEU D 747 -48.91 -5.83 83.58
CA LEU D 747 -49.07 -5.99 85.02
C LEU D 747 -48.48 -7.33 85.43
N GLN D 748 -48.95 -8.39 84.79
CA GLN D 748 -48.50 -9.76 85.08
C GLN D 748 -46.99 -9.86 85.02
N TRP D 749 -46.39 -9.22 84.02
CA TRP D 749 -44.94 -9.11 83.94
C TRP D 749 -44.40 -8.46 85.21
N LEU D 750 -44.77 -7.21 85.40
CA LEU D 750 -44.27 -6.40 86.51
C LEU D 750 -44.69 -6.93 87.88
N ARG D 751 -45.82 -7.61 87.94
CA ARG D 751 -46.28 -8.18 89.21
C ARG D 751 -45.60 -9.51 89.51
N ARG D 752 -45.03 -10.14 88.49
CA ARG D 752 -44.36 -11.42 88.67
C ARG D 752 -42.96 -11.21 89.27
N TYR D 753 -42.28 -10.16 88.81
CA TYR D 753 -40.95 -9.82 89.31
C TYR D 753 -41.03 -9.45 90.78
N VAL D 754 -42.02 -8.63 91.13
CA VAL D 754 -42.26 -8.24 92.51
C VAL D 754 -42.58 -9.47 93.36
N GLU D 755 -43.35 -10.39 92.79
CA GLU D 755 -43.71 -11.62 93.48
C GLU D 755 -42.48 -12.46 93.83
N LEU D 756 -41.59 -12.63 92.86
CA LEU D 756 -40.40 -13.45 93.05
C LEU D 756 -39.25 -12.74 93.76
N ALA D 757 -39.01 -11.47 93.43
CA ALA D 757 -37.89 -10.73 94.00
C ALA D 757 -38.18 -10.22 95.41
N ILE D 758 -39.39 -9.74 95.65
CA ILE D 758 -39.74 -9.19 96.95
C ILE D 758 -40.41 -10.23 97.84
N GLY D 759 -39.70 -10.64 98.89
CA GLY D 759 -40.27 -11.52 99.90
C GLY D 759 -41.17 -10.75 100.85
N ASP D 760 -42.31 -11.32 101.18
CA ASP D 760 -43.24 -10.69 102.11
C ASP D 760 -42.79 -10.89 103.56
N GLY D 761 -42.20 -12.05 103.83
CA GLY D 761 -41.71 -12.35 105.16
C GLY D 761 -40.51 -11.52 105.52
N ASN D 762 -39.54 -11.46 104.63
CA ASN D 762 -38.32 -10.68 104.87
C ASN D 762 -38.52 -9.18 104.65
N SER D 763 -39.55 -8.81 103.90
CA SER D 763 -39.93 -7.41 103.76
C SER D 763 -38.80 -6.54 103.21
N THR D 764 -38.56 -6.62 101.90
CA THR D 764 -37.40 -6.00 101.27
C THR D 764 -37.11 -4.58 101.77
N ALA D 765 -38.17 -3.81 102.03
CA ALA D 765 -38.03 -2.52 102.68
C ALA D 765 -37.37 -2.67 104.05
N ASP D 766 -37.85 -3.63 104.85
CA ASP D 766 -37.27 -3.90 106.16
C ASP D 766 -35.96 -4.66 106.05
N THR D 767 -35.68 -5.21 104.87
CA THR D 767 -34.42 -5.92 104.64
C THR D 767 -33.29 -4.95 104.29
N LYS D 768 -33.68 -3.77 103.82
CA LYS D 768 -32.73 -2.75 103.40
C LYS D 768 -32.14 -1.99 104.59
N ARG D 769 -32.93 -1.88 105.65
CA ARG D 769 -32.54 -1.13 106.85
C ARG D 769 -31.33 -1.71 107.62
N PRO D 770 -31.30 -3.04 107.88
CA PRO D 770 -30.12 -3.62 108.53
C PRO D 770 -28.88 -3.60 107.63
N ASP D 771 -29.07 -3.32 106.34
CA ASP D 771 -28.00 -3.40 105.34
C ASP D 771 -27.49 -4.83 105.22
N SER D 772 -28.43 -5.76 105.07
CA SER D 772 -28.10 -7.18 104.91
C SER D 772 -27.43 -7.43 103.57
N PRO D 773 -26.48 -8.38 103.53
CA PRO D 773 -25.81 -8.78 102.29
C PRO D 773 -26.75 -9.52 101.35
N TRP D 774 -27.86 -10.01 101.89
CA TRP D 774 -28.84 -10.75 101.10
C TRP D 774 -29.62 -9.81 100.19
N LEU D 775 -29.39 -8.51 100.35
CA LEU D 775 -30.09 -7.49 99.55
C LEU D 775 -29.96 -7.73 98.05
N ASP D 776 -31.11 -7.64 97.38
CA ASP D 776 -31.27 -8.01 95.98
C ASP D 776 -31.10 -6.85 95.01
N ILE D 777 -30.61 -5.71 95.51
CA ILE D 777 -30.81 -4.39 94.90
C ILE D 777 -30.71 -4.37 93.37
N THR D 778 -29.85 -5.21 92.80
CA THR D 778 -29.82 -5.38 91.35
C THR D 778 -31.18 -5.86 90.82
N TRP D 779 -31.87 -6.67 91.59
CA TRP D 779 -33.21 -7.13 91.23
C TRP D 779 -34.21 -5.98 91.26
N ARG D 780 -34.02 -5.06 92.21
CA ARG D 780 -34.85 -3.88 92.30
C ARG D 780 -34.51 -2.93 91.17
N ASP D 781 -33.25 -2.94 90.76
CA ASP D 781 -32.79 -2.14 89.63
C ASP D 781 -33.25 -2.78 88.32
N ARG D 782 -33.30 -4.11 88.31
CA ARG D 782 -33.80 -4.86 87.16
C ARG D 782 -35.25 -4.49 86.89
N PHE D 783 -36.04 -4.46 87.97
CA PHE D 783 -37.46 -4.16 87.86
C PHE D 783 -37.70 -2.73 87.41
N GLU D 784 -36.79 -1.83 87.77
CA GLU D 784 -36.88 -0.44 87.34
C GLU D 784 -36.71 -0.31 85.84
N GLN D 785 -35.70 -0.98 85.30
CA GLN D 785 -35.42 -0.94 83.88
C GLN D 785 -36.59 -1.50 83.08
N MET D 786 -37.32 -2.43 83.69
CA MET D 786 -38.53 -2.97 83.09
C MET D 786 -39.68 -1.97 83.21
N LEU D 787 -39.80 -1.33 84.37
CA LEU D 787 -40.80 -0.30 84.58
C LEU D 787 -40.60 0.85 83.62
N LYS D 788 -39.37 1.36 83.57
CA LYS D 788 -39.03 2.48 82.70
C LYS D 788 -39.22 2.13 81.22
N ARG D 789 -39.11 0.84 80.91
CA ARG D 789 -39.35 0.36 79.56
C ARG D 789 -40.84 0.39 79.23
N ALA D 790 -41.66 0.16 80.25
CA ALA D 790 -43.11 0.18 80.09
C ALA D 790 -43.60 1.59 79.74
N GLU D 791 -43.02 2.58 80.40
CA GLU D 791 -43.32 3.98 80.07
C GLU D 791 -42.76 4.28 78.69
N ALA D 792 -41.60 3.69 78.39
CA ALA D 792 -40.94 3.87 77.11
C ALA D 792 -41.76 3.30 75.97
N ARG D 793 -42.51 2.25 76.26
CA ARG D 793 -43.28 1.56 75.23
C ARG D 793 -44.60 2.25 74.87
N LEU D 794 -45.33 2.70 75.87
CA LEU D 794 -46.71 3.17 75.64
C LEU D 794 -46.94 4.67 75.49
N HIS D 795 -45.89 5.49 75.62
CA HIS D 795 -46.09 6.92 75.62
C HIS D 795 -45.98 7.54 74.22
N PRO D 796 -47.09 8.09 73.70
CA PRO D 796 -47.16 8.75 72.39
C PRO D 796 -46.45 10.12 72.38
N GLN D 797 -46.38 10.77 73.53
CA GLN D 797 -45.84 12.13 73.62
C GLN D 797 -44.34 12.17 73.90
N ASP D 798 -43.84 13.35 74.25
CA ASP D 798 -42.40 13.62 74.34
C ASP D 798 -41.63 12.99 75.50
N PHE D 799 -42.33 12.30 76.40
CA PHE D 799 -41.73 11.66 77.58
C PHE D 799 -41.13 12.65 78.58
N GLY D 800 -41.61 13.89 78.54
CA GLY D 800 -41.18 14.88 79.51
C GLY D 800 -41.62 14.63 80.95
N PRO D 801 -42.94 14.50 81.19
CA PRO D 801 -43.44 14.36 82.56
C PRO D 801 -43.02 13.10 83.31
N ILE D 802 -43.06 11.95 82.65
CA ILE D 802 -42.87 10.68 83.34
C ILE D 802 -41.42 10.36 83.70
N GLU D 803 -40.52 10.52 82.73
CA GLU D 803 -39.12 10.13 82.92
C GLU D 803 -38.38 10.99 83.95
N THR D 804 -38.71 12.27 84.01
CA THR D 804 -38.01 13.20 84.88
C THR D 804 -38.44 13.06 86.34
N LEU D 805 -39.50 12.28 86.57
CA LEU D 805 -40.00 12.06 87.93
C LEU D 805 -39.35 10.85 88.59
N PHE D 806 -39.58 9.68 88.00
CA PHE D 806 -39.12 8.42 88.56
C PHE D 806 -37.60 8.29 88.67
N ASP D 807 -36.87 9.17 87.99
CA ASP D 807 -35.41 9.10 87.95
C ASP D 807 -34.73 9.80 89.12
N ALA D 808 -35.49 10.61 89.86
CA ALA D 808 -34.95 11.34 91.00
C ALA D 808 -34.62 10.37 92.14
N ASP D 809 -33.49 10.59 92.80
CA ASP D 809 -33.07 9.76 93.93
C ASP D 809 -34.12 9.72 95.04
N ALA D 810 -34.33 10.86 95.68
CA ALA D 810 -35.29 10.96 96.78
C ALA D 810 -36.67 10.47 96.38
N ASP D 811 -37.12 10.87 95.19
CA ASP D 811 -38.45 10.48 94.71
C ASP D 811 -38.51 9.01 94.34
N GLY D 812 -37.57 8.58 93.50
CA GLY D 812 -37.57 7.23 92.98
C GLY D 812 -37.37 6.14 94.02
N GLU D 813 -36.46 6.38 94.95
CA GLU D 813 -36.18 5.41 96.00
C GLU D 813 -37.39 5.17 96.89
N ARG D 814 -38.16 6.24 97.15
CA ARG D 814 -39.39 6.12 97.91
C ARG D 814 -40.42 5.30 97.15
N LEU D 815 -40.43 5.48 95.82
CA LEU D 815 -41.34 4.73 94.96
C LEU D 815 -40.96 3.26 94.92
N LEU D 816 -39.68 2.98 95.12
CA LEU D 816 -39.16 1.62 95.00
C LEU D 816 -39.47 0.73 96.20
N GLU D 817 -39.39 1.30 97.40
CA GLU D 817 -39.61 0.53 98.62
C GLU D 817 -41.07 0.11 98.76
N ASP D 818 -41.94 0.69 97.94
CA ASP D 818 -43.35 0.35 97.92
C ASP D 818 -43.71 -0.17 96.54
N PRO D 819 -43.45 -1.48 96.29
CA PRO D 819 -43.61 -2.08 94.96
C PRO D 819 -45.04 -2.05 94.43
N GLU D 820 -46.03 -2.30 95.28
CA GLU D 820 -47.42 -2.33 94.85
C GLU D 820 -47.90 -0.94 94.44
N ALA D 821 -47.52 0.07 95.21
CA ALA D 821 -47.92 1.45 94.93
C ALA D 821 -47.21 1.98 93.67
N ALA D 822 -45.99 1.50 93.43
CA ALA D 822 -45.22 1.92 92.27
C ALA D 822 -45.80 1.35 90.98
N ILE D 823 -46.13 0.07 91.01
CA ILE D 823 -46.72 -0.61 89.87
C ILE D 823 -48.01 0.07 89.44
N THR D 824 -48.87 0.36 90.42
CA THR D 824 -50.14 1.02 90.16
C THR D 824 -49.94 2.41 89.58
N ALA D 825 -48.95 3.13 90.10
CA ALA D 825 -48.67 4.50 89.66
C ALA D 825 -48.30 4.57 88.19
N LEU D 826 -47.45 3.65 87.74
CA LEU D 826 -47.01 3.63 86.35
C LEU D 826 -48.12 3.21 85.40
N LEU D 827 -48.78 2.10 85.71
CA LEU D 827 -49.73 1.49 84.80
C LEU D 827 -51.11 2.15 84.85
N GLN D 828 -51.26 3.12 85.75
CA GLN D 828 -52.41 3.99 85.74
C GLN D 828 -52.23 5.02 84.64
N ARG D 829 -51.00 5.52 84.53
CA ARG D 829 -50.63 6.47 83.49
C ARG D 829 -50.72 5.82 82.11
N TYR D 830 -50.41 4.53 82.07
CA TYR D 830 -50.49 3.77 80.82
C TYR D 830 -51.41 2.56 81.00
N PRO D 831 -52.73 2.81 80.94
CA PRO D 831 -53.75 1.77 81.18
C PRO D 831 -53.72 0.71 80.09
N ASP D 832 -53.19 1.05 78.92
CA ASP D 832 -53.12 0.11 77.81
C ASP D 832 -52.19 -1.06 78.11
N ALA D 833 -51.30 -0.87 79.07
CA ALA D 833 -50.35 -1.91 79.46
C ALA D 833 -51.09 -3.12 80.03
N GLU D 834 -52.32 -2.90 80.46
CA GLU D 834 -53.11 -3.96 81.05
C GLU D 834 -53.76 -4.89 80.01
N THR D 835 -54.05 -4.36 78.84
CA THR D 835 -54.73 -5.15 77.81
C THR D 835 -53.87 -5.76 76.69
N VAL D 836 -52.56 -5.47 76.66
CA VAL D 836 -51.78 -5.81 75.47
C VAL D 836 -50.62 -6.77 75.75
N VAL D 837 -49.97 -7.21 74.68
CA VAL D 837 -48.84 -8.13 74.71
C VAL D 837 -47.52 -7.40 74.97
N LEU D 838 -46.58 -8.09 75.59
CA LEU D 838 -45.21 -7.58 75.66
C LEU D 838 -44.68 -7.58 74.23
N HIS D 839 -44.18 -6.42 73.80
CA HIS D 839 -43.72 -6.24 72.42
C HIS D 839 -42.66 -7.28 72.06
N PRO D 840 -42.75 -7.84 70.84
CA PRO D 840 -41.81 -8.86 70.36
C PRO D 840 -40.35 -8.42 70.45
N ALA D 841 -40.10 -7.12 70.46
CA ALA D 841 -38.75 -6.60 70.63
C ALA D 841 -38.41 -6.37 72.09
N ASP D 842 -39.42 -6.40 72.95
CA ASP D 842 -39.22 -6.24 74.39
C ASP D 842 -38.89 -7.56 75.06
N VAL D 843 -39.18 -8.66 74.38
CA VAL D 843 -38.83 -10.00 74.88
C VAL D 843 -37.32 -10.26 74.90
N PRO D 844 -36.61 -9.95 73.78
CA PRO D 844 -35.15 -10.15 73.84
C PRO D 844 -34.49 -9.23 74.87
N PHE D 845 -35.06 -8.04 75.07
CA PHE D 845 -34.52 -7.09 76.02
C PHE D 845 -34.53 -7.64 77.44
N PHE D 846 -35.65 -8.23 77.84
CA PHE D 846 -35.78 -8.81 79.17
C PHE D 846 -34.83 -9.98 79.36
N VAL D 847 -34.77 -10.87 78.38
CA VAL D 847 -33.87 -12.02 78.42
C VAL D 847 -32.41 -11.55 78.44
N GLU D 848 -32.16 -10.43 77.77
CA GLU D 848 -30.83 -9.82 77.76
C GLU D 848 -30.47 -9.29 79.14
N LEU D 849 -31.45 -8.70 79.82
CA LEU D 849 -31.24 -8.14 81.15
C LEU D 849 -30.98 -9.24 82.18
N CYS D 850 -31.57 -10.40 81.97
CA CYS D 850 -31.36 -11.54 82.85
C CYS D 850 -29.91 -12.00 82.82
N LYS D 851 -29.27 -11.82 81.67
CA LYS D 851 -27.88 -12.24 81.48
C LYS D 851 -26.88 -11.26 82.09
N THR D 852 -27.24 -9.99 82.13
CA THR D 852 -26.35 -8.96 82.68
C THR D 852 -26.65 -8.63 84.13
N LEU D 853 -27.67 -9.27 84.70
CA LEU D 853 -28.11 -8.97 86.06
C LEU D 853 -27.00 -9.26 87.08
N GLY D 854 -26.89 -8.39 88.08
CA GLY D 854 -25.85 -8.51 89.09
C GLY D 854 -25.91 -9.83 89.85
N LYS D 855 -27.07 -10.11 90.45
CA LYS D 855 -27.29 -11.42 91.06
C LYS D 855 -28.19 -12.22 90.13
N PRO D 856 -27.74 -13.43 89.77
CA PRO D 856 -28.42 -14.30 88.79
C PRO D 856 -29.92 -14.47 89.06
N VAL D 857 -30.70 -14.46 87.99
CA VAL D 857 -32.16 -14.49 88.08
C VAL D 857 -32.70 -15.72 88.80
N ASN D 858 -33.73 -15.51 89.61
CA ASN D 858 -34.27 -16.56 90.48
C ASN D 858 -35.13 -17.59 89.75
N PHE D 859 -35.40 -17.34 88.47
CA PHE D 859 -36.28 -18.20 87.67
C PHE D 859 -35.64 -18.62 86.36
N VAL D 860 -36.43 -19.29 85.51
CA VAL D 860 -35.99 -19.60 84.16
C VAL D 860 -36.86 -18.84 83.15
N PRO D 861 -36.28 -17.81 82.53
CA PRO D 861 -36.98 -16.95 81.57
C PRO D 861 -37.31 -17.62 80.24
N VAL D 862 -36.47 -18.55 79.80
CA VAL D 862 -36.60 -19.14 78.47
C VAL D 862 -36.14 -20.60 78.43
N ILE D 863 -36.86 -21.45 77.69
CA ILE D 863 -36.39 -22.80 77.41
C ILE D 863 -35.63 -22.82 76.10
N ASP D 864 -34.32 -23.04 76.18
CA ASP D 864 -33.45 -23.03 75.00
C ASP D 864 -32.17 -23.82 75.24
N LYS D 865 -31.21 -23.67 74.33
CA LYS D 865 -29.94 -24.39 74.42
C LYS D 865 -29.19 -24.13 75.73
N ASP D 866 -29.39 -22.95 76.30
CA ASP D 866 -28.67 -22.54 77.52
C ASP D 866 -29.40 -22.92 78.81
N VAL D 867 -30.51 -23.66 78.68
CA VAL D 867 -31.35 -24.01 79.82
C VAL D 867 -30.57 -24.64 80.99
N ARG D 868 -29.50 -25.35 80.69
CA ARG D 868 -28.66 -25.94 81.73
C ARG D 868 -27.96 -24.84 82.52
N ARG D 869 -27.52 -23.80 81.81
CA ARG D 869 -26.86 -22.66 82.45
C ARG D 869 -27.86 -21.82 83.25
N TRP D 870 -29.11 -21.84 82.83
CA TRP D 870 -30.16 -21.11 83.55
C TRP D 870 -30.56 -21.86 84.81
N TRP D 871 -30.51 -23.19 84.75
CA TRP D 871 -30.92 -24.04 85.85
C TRP D 871 -29.91 -24.08 86.98
N ARG D 872 -28.65 -24.31 86.64
CA ARG D 872 -27.61 -24.62 87.63
C ARG D 872 -26.91 -23.39 88.20
N SER D 873 -27.12 -22.23 87.59
CA SER D 873 -26.40 -21.03 87.99
C SER D 873 -26.83 -20.49 89.36
N ASP D 874 -25.84 -20.26 90.23
CA ASP D 874 -26.06 -19.63 91.53
C ASP D 874 -27.12 -20.35 92.35
N SER D 875 -26.95 -21.66 92.49
CA SER D 875 -27.91 -22.50 93.21
C SER D 875 -27.54 -22.79 94.66
N LEU D 876 -26.44 -22.21 95.13
CA LEU D 876 -25.93 -22.55 96.46
C LEU D 876 -26.44 -21.68 97.61
N TRP D 877 -27.09 -20.56 97.30
CA TRP D 877 -27.44 -19.59 98.34
C TRP D 877 -28.82 -19.77 98.99
N GLN D 878 -29.66 -20.64 98.42
CA GLN D 878 -31.02 -20.79 98.91
C GLN D 878 -31.10 -21.61 100.19
N ALA D 879 -30.01 -22.28 100.54
CA ALA D 879 -29.98 -23.11 101.74
C ALA D 879 -29.89 -22.26 102.99
N HIS D 880 -29.52 -20.99 102.83
CA HIS D 880 -29.31 -20.10 103.96
C HIS D 880 -30.29 -18.92 103.97
N ASP D 881 -31.03 -18.79 105.06
CA ASP D 881 -31.98 -17.70 105.26
C ASP D 881 -33.04 -17.57 104.16
N ALA D 882 -33.74 -18.68 103.89
CA ALA D 882 -34.81 -18.68 102.91
C ALA D 882 -36.07 -19.38 103.44
N ARG D 883 -37.22 -18.73 103.26
CA ARG D 883 -38.48 -19.27 103.75
C ARG D 883 -39.09 -20.31 102.82
N TYR D 884 -38.54 -20.41 101.62
CA TYR D 884 -39.09 -21.28 100.60
C TYR D 884 -38.97 -22.75 100.94
N GLU D 885 -39.78 -23.57 100.28
CA GLU D 885 -39.70 -25.02 100.39
C GLU D 885 -38.27 -25.46 100.10
N ALA D 886 -37.69 -26.20 101.03
CA ALA D 886 -36.28 -26.56 100.93
C ALA D 886 -36.06 -27.83 100.12
N ASP D 887 -37.15 -28.37 99.57
CA ASP D 887 -37.07 -29.55 98.72
C ASP D 887 -36.91 -29.18 97.24
N GLN D 888 -36.88 -27.88 96.96
CA GLN D 888 -36.64 -27.40 95.61
C GLN D 888 -35.19 -26.98 95.39
N VAL D 889 -34.39 -27.04 96.45
CA VAL D 889 -33.09 -26.39 96.48
C VAL D 889 -31.93 -27.37 96.32
N CYS D 890 -30.89 -26.93 95.61
CA CYS D 890 -29.65 -27.70 95.58
C CYS D 890 -28.92 -27.41 96.88
N VAL D 891 -28.74 -28.45 97.69
CA VAL D 891 -28.01 -28.33 98.94
C VAL D 891 -26.92 -29.37 98.89
N ILE D 892 -25.73 -29.02 99.37
CA ILE D 892 -24.56 -29.85 99.14
C ILE D 892 -23.99 -30.52 100.40
N PRO D 893 -24.27 -31.82 100.56
CA PRO D 893 -23.51 -32.74 101.42
C PRO D 893 -22.48 -33.57 100.65
N GLY D 894 -21.79 -34.46 101.37
CA GLY D 894 -21.04 -35.54 100.74
C GLY D 894 -21.82 -36.83 100.98
N THR D 895 -21.42 -37.92 100.32
CA THR D 895 -22.14 -39.18 100.49
C THR D 895 -21.92 -39.86 101.83
N ALA D 896 -20.66 -40.14 102.17
CA ALA D 896 -20.35 -40.90 103.38
C ALA D 896 -20.35 -40.07 104.66
N ALA D 897 -20.09 -38.78 104.53
CA ALA D 897 -20.05 -37.89 105.69
C ALA D 897 -21.44 -37.68 106.28
N VAL D 898 -22.46 -37.91 105.46
CA VAL D 898 -23.85 -37.73 105.89
C VAL D 898 -24.22 -38.63 107.07
N ALA D 899 -23.67 -39.84 107.09
CA ALA D 899 -23.92 -40.78 108.19
C ALA D 899 -23.51 -40.19 109.53
N GLY D 900 -22.42 -39.42 109.51
CA GLY D 900 -21.93 -38.77 110.72
C GLY D 900 -22.73 -37.54 111.07
N ILE D 901 -23.69 -37.19 110.23
CA ILE D 901 -24.54 -36.02 110.49
C ILE D 901 -25.90 -36.45 111.02
N THR D 902 -26.13 -36.21 112.30
CA THR D 902 -27.39 -36.54 112.94
C THR D 902 -27.92 -35.36 113.74
N ARG D 903 -27.16 -34.95 114.75
CA ARG D 903 -27.54 -33.85 115.63
C ARG D 903 -27.74 -32.54 114.87
N VAL D 904 -28.88 -31.89 115.10
CA VAL D 904 -29.24 -30.66 114.40
C VAL D 904 -29.02 -29.43 115.28
N ASP D 905 -28.54 -28.35 114.68
CA ASP D 905 -28.28 -27.09 115.38
C ASP D 905 -27.32 -27.27 116.56
N GLU D 906 -26.37 -28.19 116.40
CA GLU D 906 -25.32 -28.41 117.38
C GLU D 906 -24.17 -27.45 117.12
N PRO D 907 -23.85 -26.59 118.09
CA PRO D 907 -22.85 -25.54 117.95
C PRO D 907 -21.51 -26.03 117.39
N VAL D 908 -20.87 -25.20 116.56
CA VAL D 908 -19.60 -25.53 115.95
C VAL D 908 -18.56 -25.93 117.00
N GLY D 909 -18.52 -25.17 118.09
CA GLY D 909 -17.58 -25.43 119.17
C GLY D 909 -17.75 -26.81 119.78
N GLU D 910 -18.98 -27.31 119.77
CA GLU D 910 -19.26 -28.63 120.32
C GLU D 910 -18.76 -29.75 119.40
N LEU D 911 -19.06 -29.61 118.11
CA LEU D 911 -18.68 -30.62 117.12
C LEU D 911 -17.17 -30.77 117.01
N LEU D 912 -16.47 -29.64 116.89
CA LEU D 912 -15.02 -29.64 116.73
C LEU D 912 -14.31 -30.13 118.01
N ASP D 913 -14.85 -29.77 119.17
CA ASP D 913 -14.31 -30.26 120.42
C ASP D 913 -14.59 -31.75 120.59
N ARG D 914 -15.79 -32.16 120.19
CA ARG D 914 -16.18 -33.57 120.24
C ARG D 914 -15.16 -34.43 119.51
N PHE D 915 -14.65 -33.91 118.40
CA PHE D 915 -13.59 -34.58 117.67
C PHE D 915 -12.32 -34.65 118.50
N GLU D 916 -11.88 -33.50 119.01
CA GLU D 916 -10.63 -33.41 119.74
C GLU D 916 -10.69 -34.15 121.07
N GLN D 917 -11.79 -33.99 121.80
CA GLN D 917 -11.91 -34.57 123.14
C GLN D 917 -11.91 -36.10 123.14
N ALA D 918 -12.59 -36.71 122.17
CA ALA D 918 -12.67 -38.16 122.07
C ALA D 918 -11.43 -38.74 121.42
N ALA D 919 -10.71 -37.91 120.67
CA ALA D 919 -9.44 -38.31 120.09
C ALA D 919 -8.38 -38.34 121.18
N VAL D 920 -8.49 -37.41 122.12
CA VAL D 920 -7.59 -37.35 123.26
C VAL D 920 -7.78 -38.57 124.16
N ASP D 921 -9.03 -38.89 124.48
CA ASP D 921 -9.35 -40.02 125.35
C ASP D 921 -8.84 -41.35 124.80
N GLU D 922 -9.03 -41.56 123.50
CA GLU D 922 -8.57 -42.79 122.85
C GLU D 922 -7.05 -42.88 122.89
N VAL D 923 -6.39 -41.75 122.66
CA VAL D 923 -4.93 -41.69 122.71
C VAL D 923 -4.44 -41.82 124.16
N LEU D 924 -5.16 -41.18 125.08
CA LEU D 924 -4.81 -41.23 126.49
C LEU D 924 -4.87 -42.65 127.05
N GLY D 925 -6.02 -43.30 126.90
CA GLY D 925 -6.29 -44.59 127.51
C GLY D 925 -5.26 -45.68 127.23
N ALA D 926 -4.91 -45.88 125.96
CA ALA D 926 -4.04 -46.98 125.57
C ALA D 926 -2.56 -46.66 125.78
N GLY D 927 -2.01 -45.79 124.93
CA GLY D 927 -0.60 -45.48 124.95
C GLY D 927 -0.17 -44.63 126.15
N ALA D 928 -0.88 -43.54 126.36
CA ALA D 928 -0.54 -42.59 127.42
C ALA D 928 -0.88 -43.09 128.82
N GLU D 929 -2.11 -43.59 128.98
CA GLU D 929 -2.60 -44.10 130.26
C GLU D 929 -2.51 -43.04 131.36
N PRO D 930 -3.35 -42.02 131.26
CA PRO D 930 -3.30 -40.86 132.15
C PRO D 930 -1.92 -40.22 132.10
N VAL D 931 -1.59 -39.65 130.94
CA VAL D 931 -0.25 -39.12 130.68
C VAL D 931 0.08 -37.92 131.54
N GLU D 932 1.38 -37.64 131.67
CA GLU D 932 1.84 -36.44 132.36
C GLU D 932 1.35 -35.20 131.63
N VAL D 933 1.19 -35.32 130.31
CA VAL D 933 0.71 -34.22 129.48
C VAL D 933 -0.74 -33.87 129.77
N LEU D 934 -1.56 -34.88 130.02
CA LEU D 934 -2.97 -34.68 130.31
C LEU D 934 -3.17 -34.16 131.73
N SER D 935 -2.37 -34.69 132.66
CA SER D 935 -2.44 -34.28 134.05
C SER D 935 -1.90 -32.88 134.23
N ARG D 936 -0.86 -32.54 133.47
CA ARG D 936 -0.25 -31.22 133.54
C ARG D 936 -1.23 -30.13 133.10
N ARG D 937 -2.15 -30.52 132.22
CA ARG D 937 -3.12 -29.58 131.65
C ARG D 937 -4.16 -29.13 132.68
N GLN D 938 -4.81 -30.10 133.33
CA GLN D 938 -5.81 -29.79 134.34
C GLN D 938 -5.17 -29.08 135.54
N ALA D 939 -3.87 -29.31 135.72
CA ALA D 939 -3.11 -28.66 136.77
C ALA D 939 -2.34 -27.43 136.26
N ARG D 940 -2.51 -27.10 134.99
CA ARG D 940 -1.83 -25.97 134.36
C ARG D 940 -0.30 -26.05 134.35
N ARG D 941 0.24 -26.99 133.59
CA ARG D 941 1.68 -27.03 133.30
C ARG D 941 1.87 -27.07 131.79
N ASP D 942 3.06 -26.70 131.31
CA ASP D 942 3.22 -26.32 129.90
C ASP D 942 4.35 -26.98 129.13
N ALA D 943 4.27 -26.82 127.80
CA ALA D 943 5.40 -27.04 126.91
C ALA D 943 5.70 -25.70 126.26
N SER D 944 6.96 -25.50 125.85
CA SER D 944 7.38 -24.23 125.25
C SER D 944 7.17 -23.04 126.17
N GLY D 945 8.00 -22.90 127.20
CA GLY D 945 7.89 -21.79 128.13
C GLY D 945 8.32 -20.48 127.48
N PRO D 946 8.54 -19.44 128.31
CA PRO D 946 8.81 -18.08 127.81
C PRO D 946 9.99 -18.02 126.84
N LEU D 947 11.07 -18.74 127.14
CA LEU D 947 12.25 -18.73 126.29
C LEU D 947 11.97 -19.35 124.92
N ALA D 948 11.19 -20.42 124.91
CA ALA D 948 10.86 -21.12 123.67
C ALA D 948 9.87 -20.33 122.82
N VAL D 949 8.83 -19.79 123.46
CA VAL D 949 7.79 -19.01 122.80
C VAL D 949 8.38 -17.89 121.95
N VAL D 950 9.41 -17.22 122.48
CA VAL D 950 10.10 -16.16 121.76
C VAL D 950 10.72 -16.70 120.47
N LEU D 951 11.26 -17.91 120.53
CA LEU D 951 11.94 -18.50 119.39
C LEU D 951 11.00 -19.35 118.52
N ASP D 952 9.76 -19.52 118.96
CA ASP D 952 8.82 -20.38 118.25
C ASP D 952 7.88 -19.60 117.33
N ALA D 953 6.97 -18.83 117.91
CA ALA D 953 5.95 -18.13 117.15
C ALA D 953 6.55 -17.08 116.22
N PRO D 954 6.32 -17.23 114.90
CA PRO D 954 6.79 -16.30 113.87
C PRO D 954 6.08 -14.96 113.90
N ASP D 955 4.88 -14.91 114.48
CA ASP D 955 4.07 -13.69 114.52
C ASP D 955 4.23 -12.91 115.84
N VAL D 956 4.54 -11.61 115.74
CA VAL D 956 4.63 -10.72 116.90
C VAL D 956 3.54 -9.67 116.82
N LEU D 957 2.62 -9.70 117.78
CA LEU D 957 1.48 -8.80 117.74
C LEU D 957 1.78 -7.44 118.39
N TRP D 958 1.41 -6.37 117.71
CA TRP D 958 1.41 -5.05 118.32
C TRP D 958 0.03 -4.42 118.13
N ALA D 959 -0.65 -4.19 119.25
CA ALA D 959 -2.08 -3.85 119.26
C ALA D 959 -2.88 -4.93 118.54
N GLY D 960 -3.53 -4.56 117.45
CA GLY D 960 -4.30 -5.51 116.66
C GLY D 960 -3.59 -5.92 115.38
N ARG D 961 -2.36 -5.44 115.21
CA ARG D 961 -1.59 -5.73 114.00
C ARG D 961 -0.63 -6.90 114.21
N MET D 962 -0.45 -7.69 113.15
CA MET D 962 0.47 -8.83 113.20
C MET D 962 1.81 -8.54 112.51
N SER D 963 2.90 -8.82 113.20
CA SER D 963 4.24 -8.62 112.65
C SER D 963 5.07 -9.90 112.72
N VAL D 964 6.06 -9.99 111.84
CA VAL D 964 7.01 -11.09 111.86
C VAL D 964 7.92 -11.00 113.09
N ASN D 965 8.36 -12.15 113.59
CA ASN D 965 9.28 -12.22 114.72
C ASN D 965 10.65 -11.66 114.36
N PRO D 966 11.07 -10.60 115.08
CA PRO D 966 12.36 -9.96 114.81
C PRO D 966 13.52 -10.87 115.18
N VAL D 967 13.29 -11.79 116.12
CA VAL D 967 14.29 -12.73 116.57
C VAL D 967 14.75 -13.63 115.42
N HIS D 968 13.83 -13.92 114.49
CA HIS D 968 14.19 -14.67 113.28
C HIS D 968 15.31 -13.94 112.55
N ARG D 969 15.20 -12.62 112.49
CA ARG D 969 16.26 -11.80 111.90
C ARG D 969 17.27 -11.33 112.94
N ILE D 970 16.94 -11.51 114.21
CA ILE D 970 17.88 -11.25 115.29
C ILE D 970 18.82 -12.43 115.58
N ALA D 971 18.28 -13.64 115.58
CA ALA D 971 19.05 -14.83 115.96
C ALA D 971 20.30 -15.06 115.10
N ALA D 972 20.09 -15.48 113.86
CA ALA D 972 21.19 -15.78 112.94
C ALA D 972 22.01 -14.57 112.44
N PRO D 973 21.34 -13.53 111.90
CA PRO D 973 22.11 -12.41 111.34
C PRO D 973 22.96 -11.64 112.34
N THR D 974 22.69 -11.81 113.64
CA THR D 974 23.49 -11.16 114.67
C THR D 974 24.95 -11.61 114.61
N GLU D 975 25.86 -10.64 114.67
CA GLU D 975 27.28 -10.96 114.67
C GLU D 975 27.65 -11.61 115.99
N TRP D 976 27.28 -10.98 117.10
CA TRP D 976 27.45 -11.58 118.42
C TRP D 976 26.10 -11.82 119.08
N GLN D 977 25.73 -13.09 119.20
CA GLN D 977 24.48 -13.47 119.85
C GLN D 977 24.76 -14.19 121.16
N VAL D 978 24.00 -13.85 122.20
CA VAL D 978 24.24 -14.40 123.52
C VAL D 978 22.97 -14.92 124.19
N ARG D 979 23.02 -16.16 124.65
CA ARG D 979 21.94 -16.72 125.45
C ARG D 979 22.44 -16.88 126.88
N GLU D 980 21.91 -16.06 127.78
CA GLU D 980 22.38 -16.02 129.16
C GLU D 980 21.59 -16.97 130.06
N GLY D 981 22.30 -17.79 130.82
CA GLY D 981 21.70 -18.74 131.76
C GLY D 981 20.65 -19.63 131.09
N SER D 982 21.13 -20.53 130.23
CA SER D 982 20.26 -21.40 129.43
C SER D 982 19.31 -22.26 130.27
N ASP D 983 19.89 -23.19 131.03
CA ASP D 983 19.11 -24.19 131.77
C ASP D 983 18.20 -23.59 132.83
N ASN D 984 18.51 -22.38 133.29
CA ASN D 984 17.66 -21.70 134.26
C ASN D 984 16.68 -20.77 133.55
N ARG D 985 15.39 -21.09 133.69
CA ARG D 985 14.34 -20.41 132.94
C ARG D 985 14.10 -18.96 133.36
N SER D 986 13.99 -18.74 134.67
CA SER D 986 13.65 -17.42 135.21
C SER D 986 14.68 -16.35 134.82
N ALA D 987 15.95 -16.73 134.82
CA ALA D 987 17.03 -15.79 134.54
C ALA D 987 17.45 -15.80 133.07
N SER D 988 16.74 -16.57 132.25
CA SER D 988 17.10 -16.73 130.83
C SER D 988 17.10 -15.40 130.07
N HIS D 989 18.16 -15.13 129.33
CA HIS D 989 18.27 -13.91 128.55
C HIS D 989 18.92 -14.16 127.19
N PRO D 990 18.30 -13.64 126.13
CA PRO D 990 18.83 -13.77 124.78
C PRO D 990 19.14 -12.42 124.15
N SER D 991 20.42 -12.12 123.95
CA SER D 991 20.85 -10.81 123.47
C SER D 991 21.64 -10.90 122.16
N THR D 992 21.75 -9.77 121.47
CA THR D 992 22.38 -9.73 120.15
C THR D 992 23.22 -8.48 119.90
N GLY D 993 24.08 -8.54 118.88
CA GLY D 993 24.92 -7.40 118.52
C GLY D 993 24.13 -6.32 117.77
N ALA D 994 22.90 -6.67 117.40
CA ALA D 994 21.99 -5.70 116.80
C ALA D 994 21.44 -4.80 117.89
N ARG D 995 21.86 -5.12 119.12
CA ARG D 995 21.32 -4.55 120.35
C ARG D 995 19.84 -4.85 120.48
N LEU D 996 19.53 -6.14 120.68
CA LEU D 996 18.19 -6.57 121.05
C LEU D 996 18.28 -7.68 122.08
N GLU D 997 17.65 -7.48 123.23
CA GLU D 997 17.75 -8.46 124.31
C GLU D 997 16.37 -8.86 124.85
N VAL D 998 16.22 -10.14 125.19
CA VAL D 998 14.94 -10.65 125.68
C VAL D 998 15.04 -11.32 127.05
N ALA D 999 14.10 -10.99 127.92
CA ALA D 999 14.06 -11.55 129.27
C ALA D 999 12.63 -11.58 129.77
N ASP D 1000 12.37 -12.34 130.82
CA ASP D 1000 11.03 -12.43 131.39
C ASP D 1000 10.88 -11.57 132.64
N ASP D 1001 9.73 -10.90 132.77
CA ASP D 1001 9.45 -10.07 133.92
C ASP D 1001 7.98 -10.23 134.32
N GLN D 1002 7.72 -10.19 135.63
CA GLN D 1002 6.35 -10.34 136.16
C GLN D 1002 5.65 -11.58 135.61
N HIS D 1003 6.29 -12.74 135.78
CA HIS D 1003 5.79 -14.01 135.28
C HIS D 1003 5.59 -14.02 133.76
N VAL D 1004 4.33 -14.18 133.34
CA VAL D 1004 3.98 -14.41 131.94
C VAL D 1004 4.47 -13.36 130.96
N VAL D 1005 4.77 -12.16 131.46
CA VAL D 1005 5.21 -11.08 130.58
C VAL D 1005 6.65 -11.26 130.11
N LEU D 1006 6.84 -11.29 128.79
CA LEU D 1006 8.17 -11.43 128.20
C LEU D 1006 8.69 -10.09 127.71
N SER D 1007 9.88 -9.71 128.17
CA SER D 1007 10.42 -8.38 127.87
C SER D 1007 11.55 -8.38 126.85
N VAL D 1008 11.28 -7.85 125.66
CA VAL D 1008 12.28 -7.73 124.61
C VAL D 1008 12.83 -6.31 124.57
N PRO D 1009 14.13 -6.18 124.77
CA PRO D 1009 14.75 -4.86 124.87
C PRO D 1009 15.77 -4.61 123.76
N LEU D 1010 15.42 -3.69 122.86
CA LEU D 1010 16.30 -3.35 121.74
C LEU D 1010 16.82 -1.94 121.94
N SER D 1011 18.02 -1.66 121.45
CA SER D 1011 18.63 -0.36 121.70
C SER D 1011 19.39 0.20 120.50
N GLY D 1012 19.34 1.53 120.35
CA GLY D 1012 20.12 2.21 119.32
C GLY D 1012 21.11 3.15 119.99
N THR D 1013 22.40 2.93 119.76
CA THR D 1013 23.45 3.64 120.49
C THR D 1013 23.29 3.43 122.00
N TRP D 1014 23.09 4.52 122.73
CA TRP D 1014 23.01 4.46 124.18
C TRP D 1014 21.58 4.39 124.75
N ILE D 1015 20.58 4.41 123.87
CA ILE D 1015 19.18 4.45 124.30
C ILE D 1015 18.44 3.13 124.02
N GLU D 1016 17.65 2.65 124.98
CA GLU D 1016 16.99 1.33 124.89
C GLU D 1016 15.49 1.38 124.59
N ILE D 1017 15.00 0.35 123.88
CA ILE D 1017 13.58 0.22 123.56
C ILE D 1017 13.03 -1.10 124.10
N ARG D 1018 12.01 -1.04 124.95
CA ARG D 1018 11.48 -2.26 125.58
C ARG D 1018 10.07 -2.60 125.09
N PHE D 1019 9.76 -3.91 125.08
CA PHE D 1019 8.44 -4.39 124.68
C PHE D 1019 7.97 -5.52 125.62
N THR D 1020 6.67 -5.82 125.59
CA THR D 1020 6.08 -6.78 126.51
C THR D 1020 5.03 -7.67 125.85
N LEU D 1021 4.99 -8.94 126.22
CA LEU D 1021 4.05 -9.90 125.65
C LEU D 1021 3.18 -10.55 126.74
N THR D 1022 2.06 -11.15 126.33
CA THR D 1022 1.18 -11.86 127.25
C THR D 1022 0.55 -13.09 126.61
N ASP D 1023 0.59 -14.23 127.30
CA ASP D 1023 0.17 -15.48 126.68
C ASP D 1023 -1.05 -16.16 127.32
N VAL D 1024 -2.13 -16.25 126.55
CA VAL D 1024 -3.30 -17.02 126.95
C VAL D 1024 -3.53 -18.14 125.94
N VAL D 1025 -3.30 -19.38 126.39
CA VAL D 1025 -3.31 -20.52 125.49
C VAL D 1025 -4.66 -21.23 125.38
N ARG D 1026 -5.69 -20.68 126.03
CA ARG D 1026 -7.04 -21.17 125.85
C ARG D 1026 -7.40 -21.09 124.37
N SER D 1027 -6.98 -20.01 123.74
CA SER D 1027 -7.10 -19.86 122.30
C SER D 1027 -5.78 -20.31 121.66
N GLY D 1028 -5.83 -21.43 120.94
CA GLY D 1028 -4.64 -22.01 120.35
C GLY D 1028 -4.14 -21.22 119.15
N GLY D 1029 -5.08 -20.65 118.39
CA GLY D 1029 -4.74 -19.84 117.24
C GLY D 1029 -4.21 -18.48 117.66
N ALA D 1030 -4.44 -18.13 118.92
CA ALA D 1030 -3.94 -16.89 119.48
C ALA D 1030 -3.15 -17.16 120.75
N PRO D 1031 -2.03 -17.89 120.65
CA PRO D 1031 -1.25 -18.19 121.85
C PRO D 1031 -0.61 -16.92 122.41
N ILE D 1032 -0.31 -15.99 121.51
CA ILE D 1032 0.32 -14.74 121.89
C ILE D 1032 -0.56 -13.53 121.60
N VAL D 1033 -0.82 -12.75 122.63
CA VAL D 1033 -1.48 -11.45 122.50
C VAL D 1033 -0.67 -10.43 123.28
N GLU D 1034 -0.26 -9.36 122.62
CA GLU D 1034 0.73 -8.47 123.23
C GLU D 1034 0.19 -7.09 123.61
N VAL D 1035 0.83 -6.50 124.61
CA VAL D 1035 0.30 -5.39 125.40
C VAL D 1035 -0.23 -4.20 124.60
N ASP D 1036 -1.40 -3.72 125.00
CA ASP D 1036 -2.09 -2.63 124.34
C ASP D 1036 -1.42 -1.28 124.59
N ASP D 1037 -0.42 -1.28 125.48
CA ASP D 1037 0.28 -0.05 125.84
C ASP D 1037 1.40 0.25 124.85
N ALA D 1038 1.53 -0.61 123.83
CA ALA D 1038 2.60 -0.51 122.85
C ALA D 1038 2.73 0.88 122.22
N ALA D 1039 1.61 1.41 121.73
CA ALA D 1039 1.60 2.72 121.08
C ALA D 1039 2.16 3.81 121.98
N THR D 1040 1.69 3.84 123.22
CA THR D 1040 2.17 4.82 124.20
C THR D 1040 3.60 4.50 124.61
N ALA D 1041 3.93 3.21 124.64
CA ALA D 1041 5.28 2.77 125.00
C ALA D 1041 6.29 3.13 123.92
N MET D 1042 5.87 3.03 122.66
CA MET D 1042 6.74 3.40 121.54
C MET D 1042 7.03 4.90 121.56
N ARG D 1043 6.03 5.69 121.94
CA ARG D 1043 6.17 7.14 121.96
C ARG D 1043 7.23 7.62 122.95
N ALA D 1044 7.19 7.07 124.16
CA ALA D 1044 8.15 7.42 125.19
C ALA D 1044 9.59 7.14 124.76
N VAL D 1045 9.76 6.09 123.96
CA VAL D 1045 11.07 5.73 123.44
C VAL D 1045 11.55 6.76 122.43
N LEU D 1046 10.67 7.12 121.49
CA LEU D 1046 11.03 8.08 120.44
C LEU D 1046 11.25 9.46 121.05
N ALA D 1047 10.48 9.80 122.07
CA ALA D 1047 10.56 11.11 122.71
C ALA D 1047 11.93 11.35 123.35
N ILE D 1048 12.48 10.30 123.96
CA ILE D 1048 13.80 10.39 124.59
C ILE D 1048 14.88 10.62 123.54
N ALA D 1049 14.84 9.85 122.46
CA ALA D 1049 15.84 9.94 121.40
C ALA D 1049 15.71 11.21 120.57
N ALA D 1050 14.51 11.47 120.05
CA ALA D 1050 14.28 12.60 119.16
C ALA D 1050 14.62 13.96 119.77
N GLY D 1051 13.81 14.41 120.73
CA GLY D 1051 13.98 15.72 121.29
C GLY D 1051 14.96 15.79 122.45
N VAL D 1052 15.07 14.70 123.21
CA VAL D 1052 15.88 14.62 124.41
C VAL D 1052 15.50 15.76 125.37
N GLU D 1053 14.24 16.20 125.26
CA GLU D 1053 13.72 17.35 125.98
C GLU D 1053 14.53 18.61 125.69
N GLY D 1054 15.28 18.60 124.59
CA GLY D 1054 16.12 19.74 124.26
C GLY D 1054 15.35 20.95 123.81
N PRO D 1055 14.64 20.84 122.67
CA PRO D 1055 13.61 21.83 122.32
C PRO D 1055 12.38 21.59 123.18
N GLU D 1056 11.80 22.63 123.77
CA GLU D 1056 10.52 22.43 124.44
C GLU D 1056 9.50 23.53 124.24
N ASN D 1057 8.39 23.14 123.64
CA ASN D 1057 7.15 23.90 123.63
C ASN D 1057 6.10 22.82 123.78
N LEU D 1058 4.95 23.14 124.37
CA LEU D 1058 3.98 22.08 124.65
C LEU D 1058 2.61 22.31 124.00
N PRO D 1059 2.58 22.33 122.65
CA PRO D 1059 1.29 22.45 121.96
C PRO D 1059 0.57 21.11 121.83
N LYS D 1060 -0.75 21.15 121.77
CA LYS D 1060 -1.52 20.06 121.20
C LYS D 1060 -1.39 20.22 119.69
N VAL D 1061 -1.68 19.16 118.93
CA VAL D 1061 -1.45 19.17 117.48
C VAL D 1061 -2.00 20.41 116.76
N VAL D 1062 -3.16 20.88 117.20
CA VAL D 1062 -3.78 22.07 116.61
C VAL D 1062 -2.99 23.31 117.02
N ASP D 1063 -2.53 23.33 118.27
CA ASP D 1063 -1.76 24.44 118.79
C ASP D 1063 -0.43 24.57 118.05
N ASN D 1064 0.00 25.81 117.84
CA ASN D 1064 1.22 26.10 117.06
C ASN D 1064 2.48 25.52 117.70
N THR D 1065 3.35 25.00 116.84
CA THR D 1065 4.66 24.51 117.26
C THR D 1065 5.72 25.54 116.91
N ALA D 1066 6.40 26.08 117.93
CA ALA D 1066 7.33 27.18 117.70
C ALA D 1066 8.79 26.76 117.72
N THR D 1067 9.54 27.26 116.74
CA THR D 1067 10.98 27.06 116.70
C THR D 1067 11.65 28.35 117.18
N VAL D 1068 12.33 28.26 118.32
CA VAL D 1068 12.77 29.46 119.05
C VAL D 1068 13.63 30.42 118.22
N THR D 1069 14.88 30.06 117.95
CA THR D 1069 15.77 30.96 117.22
C THR D 1069 16.80 30.20 116.39
N VAL D 1070 17.06 30.70 115.17
CA VAL D 1070 17.94 29.99 114.23
C VAL D 1070 18.91 30.90 113.47
N ASP D 1071 20.19 30.53 113.53
CA ASP D 1071 21.25 31.34 112.90
C ASP D 1071 22.05 30.53 111.88
N TRP D 1072 22.29 31.15 110.72
CA TRP D 1072 22.90 30.48 109.56
C TRP D 1072 24.36 30.90 109.43
N ASP D 1073 25.27 29.97 109.72
CA ASP D 1073 26.71 30.21 109.60
C ASP D 1073 27.16 29.96 108.17
N PRO D 1074 28.25 30.63 107.73
CA PRO D 1074 28.77 30.41 106.38
C PRO D 1074 29.20 28.98 106.13
N GLU D 1075 29.54 28.26 107.20
CA GLU D 1075 30.00 26.88 107.09
C GLU D 1075 28.82 25.92 106.95
N ARG D 1076 27.64 26.36 107.37
CA ARG D 1076 26.43 25.58 107.15
C ARG D 1076 25.97 25.76 105.71
N VAL D 1077 26.39 26.86 105.10
CA VAL D 1077 26.15 27.10 103.67
C VAL D 1077 26.99 26.13 102.86
N ALA D 1078 28.26 26.03 103.23
CA ALA D 1078 29.22 25.21 102.51
C ALA D 1078 28.87 23.72 102.59
N ASP D 1079 28.65 23.24 103.80
CA ASP D 1079 28.36 21.82 104.03
C ASP D 1079 27.19 21.31 103.19
N HIS D 1080 26.12 22.09 103.11
CA HIS D 1080 24.96 21.69 102.33
C HIS D 1080 25.24 21.76 100.83
N THR D 1081 25.87 22.85 100.39
CA THR D 1081 26.23 23.00 98.98
C THR D 1081 27.29 22.00 98.57
N GLY D 1082 28.06 21.51 99.54
CA GLY D 1082 29.07 20.50 99.28
C GLY D 1082 28.51 19.09 99.36
N VAL D 1083 27.46 18.92 100.16
CA VAL D 1083 26.80 17.63 100.30
C VAL D 1083 26.15 17.23 98.97
N THR D 1084 25.55 18.22 98.31
CA THR D 1084 25.00 18.01 96.98
C THR D 1084 25.70 18.92 95.98
N ALA D 1085 26.42 18.33 95.04
CA ALA D 1085 27.21 19.10 94.09
C ALA D 1085 26.98 18.66 92.66
N THR D 1086 27.10 19.60 91.72
CA THR D 1086 27.03 19.29 90.30
C THR D 1086 28.05 20.08 89.48
N PHE D 1087 28.83 19.37 88.67
CA PHE D 1087 29.88 19.99 87.87
C PHE D 1087 29.84 19.65 86.38
N GLY D 1088 29.91 18.37 86.06
CA GLY D 1088 30.01 17.90 84.67
C GLY D 1088 29.05 18.59 83.72
N ALA D 1089 27.82 18.83 84.18
CA ALA D 1089 26.95 19.78 83.51
C ALA D 1089 27.32 21.14 84.07
N PRO D 1090 27.53 22.14 83.20
CA PRO D 1090 28.18 23.39 83.60
C PRO D 1090 27.39 24.15 84.65
N LEU D 1091 27.44 23.65 85.88
CA LEU D 1091 26.58 24.14 86.97
C LEU D 1091 27.37 24.92 88.03
N ALA D 1092 26.90 26.12 88.33
CA ALA D 1092 27.55 26.99 89.31
C ALA D 1092 26.58 27.53 90.35
N PRO D 1093 26.46 26.83 91.49
CA PRO D 1093 25.55 27.25 92.57
C PRO D 1093 25.93 28.60 93.16
N THR D 1094 24.97 29.51 93.21
CA THR D 1094 25.18 30.82 93.85
C THR D 1094 23.93 31.28 94.59
N LEU D 1095 24.10 31.59 95.88
CA LEU D 1095 23.09 32.22 96.72
C LEU D 1095 23.67 32.31 98.13
N THR D 1096 23.12 33.18 98.95
CA THR D 1096 23.50 33.22 100.35
C THR D 1096 22.94 32.01 101.07
N VAL D 1097 21.63 31.80 100.93
CA VAL D 1097 20.98 30.60 101.47
C VAL D 1097 20.06 29.98 100.43
N VAL D 1098 20.38 28.77 99.99
CA VAL D 1098 19.53 28.03 99.08
C VAL D 1098 18.20 27.74 99.78
N PRO D 1099 17.07 27.91 99.07
CA PRO D 1099 15.75 27.68 99.67
C PRO D 1099 15.59 26.25 100.20
N ASP D 1100 16.45 25.34 99.76
CA ASP D 1100 16.46 23.98 100.28
C ASP D 1100 16.87 23.95 101.74
N ALA D 1101 17.69 24.93 102.13
CA ALA D 1101 18.21 24.99 103.50
C ALA D 1101 17.12 25.26 104.53
N LEU D 1102 15.93 25.63 104.06
CA LEU D 1102 14.80 25.88 104.95
C LEU D 1102 14.41 24.62 105.73
N VAL D 1103 14.49 23.47 105.08
CA VAL D 1103 14.02 22.22 105.67
C VAL D 1103 14.83 21.79 106.91
N GLY D 1104 16.09 22.21 106.97
CA GLY D 1104 16.93 21.87 108.10
C GLY D 1104 16.52 22.60 109.37
N ARG D 1105 15.95 23.78 109.19
CA ARG D 1105 15.55 24.63 110.31
C ARG D 1105 14.20 24.19 110.90
N CYS D 1106 13.30 23.75 110.02
CA CYS D 1106 11.93 23.45 110.40
C CYS D 1106 11.70 21.99 110.78
N TRP D 1107 12.69 21.14 110.53
CA TRP D 1107 12.54 19.70 110.77
C TRP D 1107 12.15 19.29 112.20
N PRO D 1108 12.92 19.73 113.22
CA PRO D 1108 12.65 19.19 114.55
C PRO D 1108 11.28 19.60 115.10
N ALA D 1109 10.73 20.70 114.61
CA ALA D 1109 9.43 21.16 115.07
C ALA D 1109 8.27 20.39 114.43
N VAL D 1110 8.35 20.14 113.13
CA VAL D 1110 7.30 19.45 112.39
C VAL D 1110 6.93 18.09 112.99
N PHE D 1111 7.95 17.32 113.37
CA PHE D 1111 7.76 15.96 113.88
C PHE D 1111 6.88 15.88 115.12
N ALA D 1112 6.88 16.94 115.92
CA ALA D 1112 6.14 16.95 117.18
C ALA D 1112 4.63 16.86 116.99
N ALA D 1113 4.16 17.19 115.80
CA ALA D 1113 2.72 17.23 115.53
C ALA D 1113 2.15 15.87 115.13
N ILE D 1114 3.03 14.88 114.99
CA ILE D 1114 2.64 13.56 114.48
C ILE D 1114 1.70 12.78 115.42
N GLY D 1115 1.63 13.19 116.68
CA GLY D 1115 0.72 12.55 117.61
C GLY D 1115 0.19 13.50 118.67
N SER D 1116 -0.98 13.17 119.23
CA SER D 1116 -1.76 14.12 120.02
C SER D 1116 -3.07 13.55 120.55
N ALA D 1117 -3.78 14.37 121.32
CA ALA D 1117 -5.11 14.02 121.82
C ALA D 1117 -6.14 13.98 120.71
N ALA D 1118 -5.98 14.85 119.71
CA ALA D 1118 -6.83 14.82 118.53
C ALA D 1118 -6.59 13.51 117.78
N THR D 1119 -5.37 13.02 117.89
CA THR D 1119 -5.04 11.69 117.39
C THR D 1119 -5.60 10.64 118.37
N GLU D 1120 -5.74 11.02 119.63
CA GLU D 1120 -6.30 10.09 120.61
C GLU D 1120 -7.81 9.94 120.47
N ALA D 1121 -8.49 11.06 120.22
CA ALA D 1121 -9.93 11.05 119.98
C ALA D 1121 -10.36 10.19 118.78
N GLY D 1122 -9.99 10.64 117.59
CA GLY D 1122 -10.47 10.03 116.36
C GLY D 1122 -9.64 8.91 115.77
N PHE D 1123 -8.40 8.78 116.24
CA PHE D 1123 -7.50 7.73 115.75
C PHE D 1123 -7.25 6.75 116.90
N PRO D 1124 -6.91 5.50 116.56
CA PRO D 1124 -6.42 4.50 117.52
C PRO D 1124 -5.09 4.92 118.14
N VAL D 1125 -4.45 5.93 117.57
CA VAL D 1125 -3.09 6.36 117.91
C VAL D 1125 -2.10 5.23 117.62
N ILE D 1126 -2.36 4.47 116.56
CA ILE D 1126 -1.42 3.43 116.17
C ILE D 1126 -0.57 3.94 115.03
N GLU D 1127 0.68 4.24 115.34
CA GLU D 1127 1.62 4.70 114.34
C GLU D 1127 2.96 4.01 114.54
N GLY D 1128 3.36 3.20 113.57
CA GLY D 1128 4.74 2.78 113.48
C GLY D 1128 5.54 3.93 112.91
N LEU D 1129 6.67 4.27 113.53
CA LEU D 1129 7.50 5.36 113.02
C LEU D 1129 8.32 4.85 111.84
N LEU D 1130 8.56 3.54 111.82
CA LEU D 1130 9.26 2.90 110.72
C LEU D 1130 8.37 2.86 109.48
N SER D 1131 7.06 2.94 109.71
CA SER D 1131 6.09 2.92 108.62
C SER D 1131 5.80 4.31 108.09
N LEU D 1132 6.48 5.32 108.64
CA LEU D 1132 6.31 6.69 108.21
C LEU D 1132 6.78 6.89 106.77
N VAL D 1133 5.94 7.53 105.96
CA VAL D 1133 6.25 7.77 104.55
C VAL D 1133 6.08 9.24 104.19
N HIS D 1134 7.12 9.81 103.58
CA HIS D 1134 7.06 11.20 103.16
C HIS D 1134 6.43 11.31 101.78
N LEU D 1135 5.32 12.04 101.69
CA LEU D 1135 4.59 12.18 100.44
C LEU D 1135 5.11 13.33 99.59
N ASP D 1136 4.90 14.56 100.07
CA ASP D 1136 5.28 15.74 99.31
C ASP D 1136 6.00 16.77 100.17
N HIS D 1137 6.84 17.57 99.52
CA HIS D 1137 7.52 18.67 100.21
C HIS D 1137 7.62 19.86 99.26
N ALA D 1138 7.30 21.05 99.77
CA ALA D 1138 7.30 22.25 98.95
C ALA D 1138 7.65 23.49 99.76
N ALA D 1139 8.30 24.45 99.11
CA ALA D 1139 8.64 25.71 99.76
C ALA D 1139 8.07 26.88 98.98
N ARG D 1140 7.11 27.58 99.58
CA ARG D 1140 6.52 28.75 98.94
C ARG D 1140 7.06 30.03 99.56
N LEU D 1141 7.45 30.96 98.69
CA LEU D 1141 8.01 32.22 99.16
C LEU D 1141 6.97 33.31 99.28
N LEU D 1142 7.16 34.15 100.30
CA LEU D 1142 6.30 35.29 100.57
C LEU D 1142 6.82 36.51 99.80
N ALA D 1143 7.72 36.24 98.86
CA ALA D 1143 8.49 37.22 98.06
C ALA D 1143 9.80 37.62 98.72
N GLU D 1144 10.06 37.09 99.91
CA GLU D 1144 11.36 37.25 100.55
C GLU D 1144 12.23 36.02 100.38
N LEU D 1145 13.53 36.24 100.22
CA LEU D 1145 14.49 35.16 100.08
C LEU D 1145 15.42 35.15 101.29
N PRO D 1146 15.91 33.96 101.67
CA PRO D 1146 16.82 33.85 102.81
C PRO D 1146 18.18 34.48 102.51
N LYS D 1147 18.81 35.07 103.52
CA LYS D 1147 20.08 35.76 103.33
C LYS D 1147 21.12 35.37 104.39
N GLU D 1148 22.25 36.07 104.35
CA GLU D 1148 23.32 35.94 105.33
C GLU D 1148 22.87 36.50 106.72
N PRO D 1149 23.81 36.83 107.63
CA PRO D 1149 23.78 36.44 109.04
C PRO D 1149 22.46 36.61 109.79
N ALA D 1150 21.51 37.37 109.25
CA ALA D 1150 20.22 37.59 109.92
C ALA D 1150 19.57 36.30 110.42
N GLU D 1151 19.09 36.36 111.66
CA GLU D 1151 18.60 35.18 112.36
C GLU D 1151 17.17 34.81 111.96
N PHE D 1152 16.86 33.52 112.00
CA PHE D 1152 15.53 33.03 111.64
C PHE D 1152 14.78 32.49 112.87
N THR D 1153 13.45 32.60 112.86
CA THR D 1153 12.61 31.90 113.81
C THR D 1153 11.40 31.27 113.08
N VAL D 1154 11.18 29.98 113.30
CA VAL D 1154 10.21 29.19 112.53
C VAL D 1154 8.95 28.82 113.32
N THR D 1155 7.80 28.80 112.64
CA THR D 1155 6.56 28.32 113.25
C THR D 1155 5.96 27.17 112.44
N ALA D 1156 5.62 26.08 113.12
CA ALA D 1156 5.04 24.93 112.45
C ALA D 1156 3.61 24.68 112.93
N LYS D 1157 2.69 24.50 111.98
CA LYS D 1157 1.31 24.18 112.32
C LYS D 1157 0.79 23.01 111.46
N ALA D 1158 -0.06 22.19 112.06
CA ALA D 1158 -0.68 21.10 111.31
C ALA D 1158 -2.02 21.59 110.75
N SER D 1159 -2.08 21.72 109.43
CA SER D 1159 -3.28 22.23 108.78
C SER D 1159 -4.42 21.23 108.90
N ALA D 1160 -4.10 19.95 108.73
CA ALA D 1160 -5.09 18.89 108.84
C ALA D 1160 -4.45 17.58 109.28
N ALA D 1161 -5.25 16.70 109.87
CA ALA D 1161 -4.80 15.35 110.18
C ALA D 1161 -5.72 14.38 109.46
N THR D 1162 -5.19 13.69 108.45
CA THR D 1162 -6.02 12.86 107.59
C THR D 1162 -5.66 11.38 107.64
N ASP D 1163 -6.62 10.54 107.29
CA ASP D 1163 -6.38 9.11 107.13
C ASP D 1163 -6.73 8.70 105.70
N THR D 1164 -6.03 7.70 105.19
CA THR D 1164 -6.22 7.25 103.82
C THR D 1164 -6.37 5.73 103.78
N GLU D 1165 -6.79 5.22 102.62
CA GLU D 1165 -6.87 3.79 102.40
C GLU D 1165 -5.53 3.13 102.68
N VAL D 1166 -4.46 3.84 102.38
CA VAL D 1166 -3.11 3.34 102.63
C VAL D 1166 -2.58 3.76 103.99
N GLY D 1167 -3.26 4.68 104.67
CA GLY D 1167 -2.86 5.07 106.01
C GLY D 1167 -3.15 6.50 106.46
N ARG D 1168 -2.49 6.90 107.55
CA ARG D 1168 -2.70 8.20 108.16
C ARG D 1168 -1.79 9.28 107.57
N VAL D 1169 -2.36 10.43 107.23
CA VAL D 1169 -1.61 11.51 106.60
C VAL D 1169 -1.72 12.84 107.37
N VAL D 1170 -0.59 13.48 107.62
CA VAL D 1170 -0.57 14.73 108.38
C VAL D 1170 0.17 15.85 107.64
N PRO D 1171 -0.57 16.64 106.84
CA PRO D 1171 -0.01 17.84 106.22
C PRO D 1171 0.43 18.87 107.26
N VAL D 1172 1.63 19.40 107.10
CA VAL D 1172 2.19 20.35 108.06
C VAL D 1172 2.61 21.65 107.38
N SER D 1173 2.08 22.77 107.86
CA SER D 1173 2.45 24.08 107.34
C SER D 1173 3.51 24.72 108.21
N VAL D 1174 4.48 25.37 107.57
CA VAL D 1174 5.62 25.94 108.28
C VAL D 1174 5.92 27.37 107.82
N GLU D 1175 6.09 28.27 108.78
CA GLU D 1175 6.37 29.68 108.47
C GLU D 1175 7.74 30.12 109.00
N VAL D 1176 8.64 30.49 108.11
CA VAL D 1176 9.98 30.92 108.50
C VAL D 1176 10.09 32.44 108.52
N ARG D 1177 10.56 32.96 109.65
CA ARG D 1177 10.63 34.40 109.86
C ARG D 1177 12.03 34.89 110.20
N ASN D 1178 12.40 36.04 109.64
CA ASN D 1178 13.66 36.69 110.00
C ASN D 1178 13.55 37.36 111.36
N ALA D 1179 14.41 36.96 112.29
CA ALA D 1179 14.41 37.47 113.66
C ALA D 1179 14.57 38.99 113.75
N ALA D 1180 15.72 39.49 113.32
CA ALA D 1180 16.05 40.91 113.42
C ALA D 1180 15.01 41.82 112.76
N ASP D 1181 14.55 41.43 111.57
CA ASP D 1181 13.56 42.22 110.85
C ASP D 1181 12.15 42.00 111.39
N GLY D 1182 11.83 40.77 111.78
CA GLY D 1182 10.53 40.44 112.31
C GLY D 1182 9.42 40.34 111.28
N ALA D 1183 9.70 39.65 110.18
CA ALA D 1183 8.70 39.43 109.14
C ALA D 1183 8.77 38.00 108.64
N LEU D 1184 7.69 37.53 108.00
CA LEU D 1184 7.64 36.15 107.54
C LEU D 1184 8.21 36.03 106.12
N LEU D 1185 9.33 35.34 106.02
CA LEU D 1185 10.04 35.21 104.75
C LEU D 1185 9.46 34.14 103.82
N ALA D 1186 9.19 32.96 104.37
CA ALA D 1186 8.82 31.82 103.53
C ALA D 1186 7.84 30.85 104.20
N THR D 1187 7.15 30.07 103.37
CA THR D 1187 6.23 29.05 103.84
C THR D 1187 6.68 27.66 103.36
N LEU D 1188 6.82 26.73 104.31
CA LEU D 1188 7.26 25.38 103.98
C LEU D 1188 6.12 24.38 104.22
N GLU D 1189 5.93 23.48 103.26
CA GLU D 1189 4.82 22.52 103.33
C GLU D 1189 5.31 21.07 103.33
N GLU D 1190 4.86 20.29 104.31
CA GLU D 1190 5.22 18.88 104.41
C GLU D 1190 3.98 18.01 104.67
N ARG D 1191 3.93 16.86 104.01
CA ARG D 1191 2.84 15.91 104.23
C ARG D 1191 3.40 14.50 104.43
N PHE D 1192 3.12 13.92 105.60
CA PHE D 1192 3.69 12.64 105.98
C PHE D 1192 2.64 11.55 106.00
N ALA D 1193 3.06 10.31 105.76
CA ALA D 1193 2.12 9.20 105.72
C ALA D 1193 2.50 8.07 106.68
N ILE D 1194 1.66 7.86 107.70
CA ILE D 1194 1.73 6.66 108.52
C ILE D 1194 0.69 5.71 107.95
N ARG D 1195 1.02 4.43 107.83
CA ARG D 1195 0.19 3.54 107.02
C ARG D 1195 -0.87 2.68 107.72
N GLY D 1196 -0.93 2.72 109.04
CA GLY D 1196 -1.83 1.82 109.78
C GLY D 1196 -3.17 2.37 110.29
N ARG D 1197 -3.46 3.65 110.06
CA ARG D 1197 -4.54 4.30 110.81
C ARG D 1197 -5.76 4.80 110.02
N THR D 1198 -6.87 4.94 110.73
CA THR D 1198 -8.11 5.49 110.19
C THR D 1198 -8.68 6.55 111.15
N GLY D 1199 -9.51 7.46 110.65
CA GLY D 1199 -10.01 8.55 111.49
C GLY D 1199 -11.31 9.22 111.04
N ALA D 1200 -11.95 9.90 111.97
CA ALA D 1200 -13.08 10.77 111.70
C ALA D 1200 -12.65 12.23 111.57
N ALA D 1201 -11.35 12.48 111.67
CA ALA D 1201 -10.82 13.84 111.62
C ALA D 1201 -10.87 14.40 110.20
N GLU D 1202 -10.03 13.85 109.33
CA GLU D 1202 -10.06 14.20 107.91
C GLU D 1202 -9.95 12.91 107.10
N LEU D 1203 -10.91 12.70 106.21
CA LEU D 1203 -10.95 11.46 105.44
C LEU D 1203 -10.55 11.66 103.98
N THR D 1204 -9.61 10.85 103.52
CA THR D 1204 -9.18 10.87 102.13
C THR D 1204 -9.06 9.42 101.67
N ASP D 1205 -9.49 9.13 100.45
CA ASP D 1205 -9.28 7.79 99.92
C ASP D 1205 -8.01 7.76 99.08
N PRO D 1206 -8.10 8.27 97.85
CA PRO D 1206 -6.92 8.57 97.06
C PRO D 1206 -6.59 10.06 97.03
N VAL D 1207 -7.42 10.87 97.68
CA VAL D 1207 -7.48 12.30 97.37
C VAL D 1207 -6.54 13.21 98.15
N ARG D 1208 -5.59 13.78 97.43
CA ARG D 1208 -4.81 14.92 97.91
C ARG D 1208 -4.32 15.69 96.69
N ALA D 1209 -4.23 17.01 96.80
CA ALA D 1209 -3.79 17.83 95.67
C ALA D 1209 -3.07 19.11 96.11
N GLY D 1210 -2.05 19.49 95.34
CA GLY D 1210 -1.30 20.70 95.60
C GLY D 1210 -0.86 21.34 94.29
N GLY D 1211 -0.74 22.66 94.27
CA GLY D 1211 -0.34 23.36 93.06
C GLY D 1211 0.42 24.65 93.36
N ALA D 1212 1.37 24.98 92.50
CA ALA D 1212 2.03 26.27 92.55
C ALA D 1212 1.36 27.16 91.50
N ILE D 1213 0.63 28.16 91.96
CA ILE D 1213 -0.17 28.99 91.06
C ILE D 1213 0.19 30.46 91.15
N SER D 1214 -0.06 31.18 90.06
CA SER D 1214 0.25 32.60 89.98
C SER D 1214 -0.80 33.35 89.17
N ASP D 1215 -0.92 34.64 89.42
CA ASP D 1215 -1.97 35.45 88.79
C ASP D 1215 -1.85 35.53 87.27
N ASN D 1216 -0.70 36.02 86.79
CA ASN D 1216 -0.48 36.16 85.36
C ASN D 1216 0.34 35.01 84.82
N ALA D 1217 -0.14 34.39 83.75
CA ALA D 1217 0.52 33.19 83.21
C ALA D 1217 0.63 33.21 81.68
N THR D 1218 1.72 32.61 81.18
CA THR D 1218 1.90 32.39 79.76
C THR D 1218 2.18 30.91 79.52
N ASP D 1219 1.81 30.42 78.34
CA ASP D 1219 1.96 29.01 78.02
C ASP D 1219 3.08 28.80 77.01
N THR D 1220 3.86 27.74 77.21
CA THR D 1220 4.95 27.43 76.27
C THR D 1220 4.89 25.99 75.77
N PRO D 1221 5.92 25.59 75.03
CA PRO D 1221 6.01 24.24 74.48
C PRO D 1221 7.16 23.52 75.16
N ARG D 1222 7.10 22.20 75.19
CA ARG D 1222 8.11 21.39 75.88
C ARG D 1222 9.50 21.63 75.31
N ARG D 1223 10.44 22.00 76.18
CA ARG D 1223 11.82 22.26 75.77
C ARG D 1223 12.81 21.47 76.62
N ARG D 1224 13.54 20.56 75.98
CA ARG D 1224 14.55 19.77 76.68
C ARG D 1224 15.72 20.67 77.07
N ARG D 1225 16.06 20.66 78.36
CA ARG D 1225 17.13 21.50 78.88
C ARG D 1225 18.39 20.69 79.17
N ARG D 1226 18.34 19.83 80.18
CA ARG D 1226 19.53 19.09 80.60
C ARG D 1226 19.28 17.61 80.86
N ASP D 1227 20.31 16.81 80.58
CA ASP D 1227 20.33 15.40 80.94
C ASP D 1227 21.29 15.26 82.13
N VAL D 1228 20.76 14.88 83.29
CA VAL D 1228 21.53 14.94 84.52
C VAL D 1228 21.97 13.58 85.03
N THR D 1229 23.18 13.52 85.57
CA THR D 1229 23.67 12.31 86.21
C THR D 1229 24.03 12.60 87.65
N VAL D 1230 23.32 11.97 88.58
CA VAL D 1230 23.50 12.23 89.99
C VAL D 1230 23.75 10.96 90.79
N GLY D 1231 24.85 10.96 91.53
CA GLY D 1231 25.16 9.84 92.42
C GLY D 1231 24.54 10.05 93.79
N ALA D 1232 24.15 8.96 94.42
CA ALA D 1232 23.67 8.99 95.80
C ALA D 1232 24.87 8.82 96.71
N PRO D 1233 24.80 9.38 97.93
CA PRO D 1233 25.93 9.30 98.86
C PRO D 1233 26.22 7.85 99.27
N VAL D 1234 27.44 7.60 99.74
CA VAL D 1234 27.82 6.28 100.19
C VAL D 1234 27.08 5.91 101.47
N ASP D 1235 27.06 6.84 102.42
CA ASP D 1235 26.32 6.65 103.67
C ASP D 1235 25.35 7.80 103.90
N MET D 1236 24.24 7.51 104.60
CA MET D 1236 23.20 8.51 104.83
C MET D 1236 23.42 9.33 106.10
N ARG D 1237 24.38 8.91 106.92
CA ARG D 1237 24.69 9.62 108.15
C ARG D 1237 25.14 11.08 107.97
N PRO D 1238 25.95 11.40 106.94
CA PRO D 1238 26.32 12.80 106.73
C PRO D 1238 25.12 13.75 106.62
N PHE D 1239 24.11 13.37 105.86
CA PHE D 1239 22.91 14.20 105.73
C PHE D 1239 22.08 14.17 107.00
N ALA D 1240 22.14 13.05 107.70
CA ALA D 1240 21.38 12.87 108.94
C ALA D 1240 21.85 13.85 110.02
N VAL D 1241 23.15 14.15 110.01
CA VAL D 1241 23.73 15.07 110.98
C VAL D 1241 23.28 16.50 110.74
N VAL D 1242 23.34 16.94 109.48
CA VAL D 1242 23.01 18.32 109.13
C VAL D 1242 21.50 18.59 109.20
N SER D 1243 20.72 17.71 108.61
CA SER D 1243 19.27 17.89 108.55
C SER D 1243 18.62 17.74 109.92
N GLY D 1244 19.17 16.86 110.74
CA GLY D 1244 18.62 16.59 112.05
C GLY D 1244 17.64 15.44 112.02
N ASP D 1245 17.73 14.61 110.99
CA ASP D 1245 16.88 13.44 110.88
C ASP D 1245 17.66 12.21 111.32
N HIS D 1246 17.33 11.71 112.50
CA HIS D 1246 18.07 10.60 113.11
C HIS D 1246 17.42 9.23 112.87
N ASN D 1247 16.39 9.20 112.04
CA ASN D 1247 15.63 7.98 111.77
C ASN D 1247 16.55 6.82 111.39
N PRO D 1248 16.49 5.74 112.19
CA PRO D 1248 17.36 4.57 112.05
C PRO D 1248 17.17 3.83 110.73
N ILE D 1249 16.07 4.11 110.04
CA ILE D 1249 15.79 3.51 108.74
C ILE D 1249 16.93 3.78 107.74
N HIS D 1250 17.41 5.01 107.73
CA HIS D 1250 18.43 5.42 106.77
C HIS D 1250 19.85 5.08 107.24
N THR D 1251 19.98 4.73 108.51
CA THR D 1251 21.29 4.46 109.09
C THR D 1251 21.46 3.00 109.50
N ASP D 1252 20.80 2.61 110.58
CA ASP D 1252 20.91 1.25 111.11
C ASP D 1252 20.28 0.24 110.15
N ARG D 1253 20.99 -0.84 109.87
CA ARG D 1253 20.50 -1.85 108.94
C ARG D 1253 19.46 -2.75 109.60
N ALA D 1254 19.51 -2.85 110.91
CA ALA D 1254 18.57 -3.70 111.66
C ALA D 1254 17.17 -3.10 111.67
N ALA D 1255 17.10 -1.77 111.70
CA ALA D 1255 15.82 -1.07 111.68
C ALA D 1255 15.24 -1.02 110.28
N ALA D 1256 16.12 -0.92 109.28
CA ALA D 1256 15.70 -0.89 107.89
C ALA D 1256 15.14 -2.25 107.46
N LEU D 1257 15.75 -3.31 107.94
CA LEU D 1257 15.30 -4.67 107.64
C LEU D 1257 14.02 -5.02 108.37
N LEU D 1258 13.88 -4.49 109.60
CA LEU D 1258 12.69 -4.73 110.40
C LEU D 1258 11.47 -4.05 109.79
N ALA D 1259 11.71 -2.96 109.09
CA ALA D 1259 10.63 -2.21 108.45
C ALA D 1259 10.29 -2.78 107.08
N GLY D 1260 11.00 -3.84 106.69
CA GLY D 1260 10.78 -4.47 105.41
C GLY D 1260 11.18 -3.58 104.25
N LEU D 1261 12.42 -3.12 104.26
CA LEU D 1261 12.90 -2.19 103.24
C LEU D 1261 14.05 -2.79 102.44
N GLU D 1262 14.29 -2.24 101.26
CA GLU D 1262 15.35 -2.72 100.38
C GLU D 1262 16.74 -2.56 101.00
N GLY D 1263 16.83 -1.66 101.98
CA GLY D 1263 18.09 -1.42 102.67
C GLY D 1263 18.07 -0.09 103.39
N PRO D 1264 19.27 0.46 103.69
CA PRO D 1264 19.36 1.78 104.33
C PRO D 1264 19.01 2.88 103.32
N ILE D 1265 17.71 3.06 103.10
CA ILE D 1265 17.20 3.97 102.08
C ILE D 1265 17.77 5.38 102.20
N VAL D 1266 18.17 5.95 101.07
CA VAL D 1266 18.62 7.33 101.01
C VAL D 1266 17.50 8.25 101.47
N HIS D 1267 17.84 9.27 102.26
CA HIS D 1267 16.87 10.28 102.66
C HIS D 1267 16.22 10.88 101.42
N GLY D 1268 14.89 10.87 101.42
CA GLY D 1268 14.15 11.53 100.35
C GLY D 1268 14.44 13.01 100.36
N MET D 1269 14.77 13.52 101.54
CA MET D 1269 15.11 14.93 101.70
C MET D 1269 16.44 15.28 101.06
N TRP D 1270 17.38 14.35 101.06
CA TRP D 1270 18.65 14.59 100.40
C TRP D 1270 18.43 14.68 98.90
N LEU D 1271 17.67 13.73 98.37
CA LEU D 1271 17.30 13.72 96.94
C LEU D 1271 16.62 15.03 96.57
N SER D 1272 15.71 15.48 97.44
CA SER D 1272 15.00 16.73 97.23
C SER D 1272 15.94 17.90 96.99
N ALA D 1273 17.01 17.96 97.78
CA ALA D 1273 18.02 18.99 97.58
C ALA D 1273 18.97 18.60 96.47
N ALA D 1274 19.00 17.31 96.14
CA ALA D 1274 19.87 16.80 95.09
C ALA D 1274 19.41 17.21 93.69
N ALA D 1275 18.14 16.92 93.39
CA ALA D 1275 17.57 17.27 92.10
C ALA D 1275 17.38 18.78 92.01
N GLN D 1276 17.15 19.41 93.15
CA GLN D 1276 16.93 20.85 93.20
C GLN D 1276 18.19 21.63 92.83
N HIS D 1277 19.30 21.23 93.44
CA HIS D 1277 20.59 21.87 93.21
C HIS D 1277 20.96 21.91 91.72
N VAL D 1278 20.48 20.92 90.97
CA VAL D 1278 20.65 20.89 89.53
C VAL D 1278 19.75 21.92 88.84
N VAL D 1279 18.47 21.90 89.18
CA VAL D 1279 17.50 22.86 88.66
C VAL D 1279 17.93 24.25 89.10
N THR D 1280 18.52 24.31 90.28
CA THR D 1280 19.10 25.53 90.80
C THR D 1280 20.14 26.07 89.83
N ALA D 1281 21.12 25.23 89.50
CA ALA D 1281 22.22 25.64 88.64
C ALA D 1281 22.02 25.57 87.12
N THR D 1282 21.16 24.67 86.63
CA THR D 1282 21.07 24.45 85.18
C THR D 1282 20.19 25.45 84.45
N ASP D 1283 18.88 25.30 84.61
CA ASP D 1283 17.94 26.22 83.98
C ASP D 1283 18.05 27.54 84.70
N GLY D 1284 18.44 27.45 85.96
CA GLY D 1284 18.73 28.61 86.76
C GLY D 1284 19.99 29.31 86.29
N LYS D 1285 20.92 28.54 85.72
CA LYS D 1285 22.13 29.14 85.14
C LYS D 1285 23.02 29.64 86.27
N PRO D 1286 24.23 30.16 85.96
CA PRO D 1286 25.09 30.70 87.03
C PRO D 1286 24.39 31.64 88.03
N VAL D 1287 23.18 32.11 87.73
CA VAL D 1287 22.39 32.89 88.68
C VAL D 1287 21.10 32.16 89.13
N PRO D 1288 21.22 31.24 90.11
CA PRO D 1288 20.07 30.75 90.88
C PRO D 1288 19.43 31.62 91.98
N PRO D 1289 20.18 32.57 92.61
CA PRO D 1289 19.69 33.07 93.90
C PRO D 1289 18.31 33.75 93.92
N ALA D 1290 18.08 34.69 93.01
CA ALA D 1290 16.82 35.43 92.98
C ALA D 1290 15.84 34.82 91.98
N LYS D 1291 16.27 33.72 91.36
CA LYS D 1291 15.52 33.12 90.27
C LYS D 1291 14.47 32.10 90.71
N LEU D 1292 14.87 31.04 91.41
CA LEU D 1292 13.89 30.07 91.87
C LEU D 1292 13.16 30.68 93.06
N ILE D 1293 11.87 30.93 92.88
CA ILE D 1293 11.03 31.44 93.96
C ILE D 1293 10.21 30.34 94.63
N GLY D 1294 10.32 29.12 94.12
CA GLY D 1294 9.62 27.99 94.72
C GLY D 1294 9.98 26.67 94.08
N TRP D 1295 9.78 25.59 94.83
CA TRP D 1295 10.03 24.25 94.33
C TRP D 1295 9.12 23.24 95.01
N THR D 1296 8.67 22.24 94.25
CA THR D 1296 7.90 21.14 94.83
C THR D 1296 8.53 19.81 94.46
N ALA D 1297 8.39 18.83 95.34
CA ALA D 1297 9.03 17.53 95.14
C ALA D 1297 8.13 16.37 95.54
N ARG D 1298 7.97 15.40 94.64
CA ARG D 1298 7.20 14.20 94.94
C ARG D 1298 8.09 12.97 94.86
N PHE D 1299 8.08 12.16 95.91
CA PHE D 1299 8.90 10.95 95.94
C PHE D 1299 8.08 9.77 95.44
N LEU D 1300 8.44 9.28 94.26
CA LEU D 1300 7.73 8.17 93.63
C LEU D 1300 8.19 6.81 94.15
N GLY D 1301 9.50 6.67 94.39
CA GLY D 1301 10.05 5.41 94.82
C GLY D 1301 11.27 5.52 95.71
N MET D 1302 11.61 4.42 96.38
CA MET D 1302 12.72 4.40 97.33
C MET D 1302 14.09 4.34 96.64
N VAL D 1303 15.12 4.86 97.31
CA VAL D 1303 16.47 4.91 96.75
C VAL D 1303 17.55 4.37 97.69
N LYS D 1304 18.35 3.44 97.19
CA LYS D 1304 19.49 2.90 97.93
C LYS D 1304 20.76 3.71 97.66
N PRO D 1305 21.64 3.82 98.67
CA PRO D 1305 22.95 4.49 98.52
C PRO D 1305 23.79 3.85 97.43
N GLY D 1306 24.69 4.64 96.81
CA GLY D 1306 25.47 4.16 95.69
C GLY D 1306 24.58 3.99 94.47
N ASP D 1307 23.78 5.02 94.20
CA ASP D 1307 22.78 4.95 93.14
C ASP D 1307 23.06 5.97 92.05
N GLN D 1308 23.12 5.51 90.80
CA GLN D 1308 23.26 6.41 89.67
C GLN D 1308 21.90 6.73 89.09
N VAL D 1309 21.49 7.99 89.27
CA VAL D 1309 20.14 8.40 88.90
C VAL D 1309 20.17 9.45 87.81
N ASP D 1310 19.29 9.31 86.82
CA ASP D 1310 19.23 10.26 85.71
C ASP D 1310 18.02 11.20 85.79
N PHE D 1311 18.29 12.49 85.89
CA PHE D 1311 17.25 13.50 85.96
C PHE D 1311 17.14 14.26 84.63
N ARG D 1312 15.93 14.72 84.31
CA ARG D 1312 15.72 15.54 83.12
C ARG D 1312 14.76 16.70 83.40
N VAL D 1313 15.24 17.94 83.27
CA VAL D 1313 14.39 19.11 83.45
C VAL D 1313 13.99 19.68 82.10
N ASP D 1314 12.73 20.05 81.97
CA ASP D 1314 12.24 20.66 80.74
C ASP D 1314 11.56 22.00 81.07
N ARG D 1315 11.45 22.86 80.07
CA ARG D 1315 10.72 24.12 80.24
C ARG D 1315 9.30 23.95 79.67
N VAL D 1316 8.30 24.18 80.51
CA VAL D 1316 6.90 23.90 80.18
C VAL D 1316 6.09 25.15 79.89
N GLY D 1317 5.96 25.99 80.91
CA GLY D 1317 5.11 27.17 80.83
C GLY D 1317 5.61 28.27 81.74
N ILE D 1318 4.85 29.36 81.79
CA ILE D 1318 5.26 30.54 82.56
C ILE D 1318 4.19 30.99 83.57
N ASP D 1319 4.64 31.27 84.79
CA ASP D 1319 3.78 31.80 85.83
C ASP D 1319 4.41 33.04 86.47
N VAL D 1320 3.62 34.11 86.51
CA VAL D 1320 4.00 35.42 87.06
C VAL D 1320 5.36 35.93 86.56
N GLY D 1321 5.66 35.62 85.30
CA GLY D 1321 6.92 36.01 84.71
C GLY D 1321 8.05 35.06 85.06
N ALA D 1322 7.71 34.03 85.84
CA ALA D 1322 8.69 33.03 86.24
C ALA D 1322 8.45 31.74 85.47
N GLU D 1323 9.50 31.21 84.85
CA GLU D 1323 9.41 29.98 84.07
C GLU D 1323 9.11 28.80 84.99
N VAL D 1324 8.25 27.90 84.54
CA VAL D 1324 8.03 26.66 85.28
C VAL D 1324 8.90 25.56 84.66
N LEU D 1325 9.46 24.72 85.52
CA LEU D 1325 10.41 23.70 85.07
C LEU D 1325 10.06 22.34 85.67
N GLU D 1326 9.75 21.37 84.81
CA GLU D 1326 9.35 20.05 85.27
C GLU D 1326 10.52 19.06 85.24
N VAL D 1327 10.62 18.25 86.28
CA VAL D 1327 11.72 17.32 86.44
C VAL D 1327 11.24 15.89 86.68
N SER D 1328 11.79 14.95 85.91
CA SER D 1328 11.49 13.54 86.09
C SER D 1328 12.77 12.79 86.43
N ALA D 1329 12.66 11.74 87.23
CA ALA D 1329 13.84 11.00 87.69
C ALA D 1329 13.75 9.52 87.39
N ARG D 1330 14.84 8.94 86.88
CA ARG D 1330 14.88 7.52 86.58
C ARG D 1330 16.18 6.85 87.01
N ILE D 1331 16.06 5.77 87.78
CA ILE D 1331 17.17 4.85 87.97
C ILE D 1331 16.83 3.64 87.13
N GLY D 1332 17.54 3.47 86.02
CA GLY D 1332 17.15 2.48 85.05
C GLY D 1332 15.74 2.79 84.57
N SER D 1333 14.85 1.81 84.69
CA SER D 1333 13.46 1.99 84.27
C SER D 1333 12.57 2.66 85.32
N GLU D 1334 12.99 2.64 86.57
CA GLU D 1334 12.13 3.07 87.68
C GLU D 1334 12.05 4.60 87.83
N LEU D 1335 10.81 5.11 87.91
CA LEU D 1335 10.60 6.52 88.23
C LEU D 1335 10.84 6.74 89.73
N VAL D 1336 11.52 7.83 90.05
CA VAL D 1336 11.98 8.08 91.41
C VAL D 1336 11.40 9.37 91.98
N MET D 1337 11.74 10.49 91.35
CA MET D 1337 11.22 11.78 91.80
C MET D 1337 10.49 12.53 90.69
N ALA D 1338 9.35 13.12 91.05
CA ALA D 1338 8.67 14.06 90.20
C ALA D 1338 8.82 15.45 90.83
N ALA D 1339 9.51 16.35 90.12
CA ALA D 1339 9.76 17.68 90.66
C ALA D 1339 9.35 18.80 89.71
N THR D 1340 8.96 19.94 90.27
CA THR D 1340 8.54 21.09 89.49
C THR D 1340 8.95 22.39 90.18
N ALA D 1341 9.46 23.36 89.41
CA ALA D 1341 9.97 24.59 90.01
C ALA D 1341 9.58 25.87 89.27
N ARG D 1342 9.43 26.95 90.03
CA ARG D 1342 9.17 28.26 89.47
C ARG D 1342 10.47 29.06 89.43
N LEU D 1343 10.92 29.42 88.23
CA LEU D 1343 12.20 30.09 88.07
C LEU D 1343 12.09 31.39 87.28
N ALA D 1344 12.67 32.45 87.81
CA ALA D 1344 12.74 33.72 87.08
C ALA D 1344 13.69 33.54 85.90
N ALA D 1345 13.44 34.29 84.83
CA ALA D 1345 14.28 34.23 83.64
C ALA D 1345 15.63 34.87 83.92
N PRO D 1346 16.64 34.56 83.09
CA PRO D 1346 17.91 35.32 83.19
C PRO D 1346 17.64 36.80 83.03
N LYS D 1347 18.15 37.60 83.97
CA LYS D 1347 17.76 39.01 84.08
C LYS D 1347 17.98 39.82 82.81
N THR D 1348 16.95 40.59 82.45
CA THR D 1348 16.93 41.29 81.17
C THR D 1348 17.15 42.79 81.30
N VAL D 1349 17.97 43.34 80.42
CA VAL D 1349 18.19 44.78 80.34
C VAL D 1349 17.69 45.30 78.99
N TYR D 1350 16.79 46.27 79.02
CA TYR D 1350 16.14 46.75 77.80
C TYR D 1350 16.71 48.06 77.28
N ALA D 1351 16.76 48.19 75.95
CA ALA D 1351 17.21 49.43 75.31
C ALA D 1351 16.32 49.74 74.11
N PHE D 1352 15.96 51.01 73.96
CA PHE D 1352 15.09 51.42 72.87
C PHE D 1352 15.80 52.33 71.87
N PRO D 1353 15.98 51.82 70.64
CA PRO D 1353 16.75 52.43 69.54
C PRO D 1353 16.21 53.77 69.08
N GLY D 1354 17.04 54.51 68.35
CA GLY D 1354 16.65 55.78 67.81
C GLY D 1354 16.12 55.70 66.38
N GLN D 1355 15.99 56.87 65.76
CA GLN D 1355 15.46 57.00 64.41
C GLN D 1355 16.42 56.55 63.31
N GLY D 1356 15.87 56.31 62.13
CA GLY D 1356 16.66 56.03 60.93
C GLY D 1356 16.66 54.62 60.37
N ILE D 1357 16.29 53.63 61.17
CA ILE D 1357 16.18 52.25 60.69
C ILE D 1357 14.73 51.87 60.38
N GLN D 1358 13.83 52.82 60.59
CA GLN D 1358 12.41 52.58 60.37
C GLN D 1358 12.09 52.11 58.95
N HIS D 1359 11.19 51.12 58.85
CA HIS D 1359 10.84 50.51 57.56
C HIS D 1359 9.33 50.53 57.36
N LYS D 1360 8.90 50.43 56.10
CA LYS D 1360 7.47 50.39 55.80
C LYS D 1360 6.83 49.10 56.29
N GLY D 1361 5.74 49.23 57.03
CA GLY D 1361 5.04 48.08 57.57
C GLY D 1361 5.76 47.46 58.75
N MET D 1362 6.47 48.29 59.50
CA MET D 1362 7.23 47.82 60.66
C MET D 1362 6.32 47.46 61.82
N GLY D 1363 6.46 46.23 62.33
CA GLY D 1363 5.66 45.76 63.43
C GLY D 1363 4.19 45.62 63.09
N MET D 1364 3.89 45.60 61.80
CA MET D 1364 2.51 45.52 61.32
C MET D 1364 2.01 44.08 61.40
N GLU D 1365 2.94 43.13 61.43
CA GLU D 1365 2.61 41.73 61.57
C GLU D 1365 2.14 41.45 62.99
N VAL D 1366 2.77 42.12 63.95
CA VAL D 1366 2.42 41.98 65.36
C VAL D 1366 1.01 42.52 65.62
N ARG D 1367 0.68 43.61 64.94
CA ARG D 1367 -0.63 44.24 65.08
C ARG D 1367 -1.76 43.30 64.69
N ALA D 1368 -1.50 42.45 63.70
CA ALA D 1368 -2.51 41.53 63.19
C ALA D 1368 -2.71 40.34 64.11
N ARG D 1369 -1.75 40.10 65.00
CA ARG D 1369 -1.80 38.95 65.90
C ARG D 1369 -2.10 39.34 67.35
N SER D 1370 -1.16 40.08 67.94
CA SER D 1370 -1.29 40.48 69.35
C SER D 1370 -2.43 41.44 69.60
N LYS D 1371 -3.14 41.23 70.69
CA LYS D 1371 -4.23 42.12 71.10
C LYS D 1371 -3.67 43.39 71.73
N ALA D 1372 -2.60 43.24 72.50
CA ALA D 1372 -1.96 44.36 73.17
C ALA D 1372 -1.39 45.35 72.16
N ALA D 1373 -0.93 44.83 71.03
CA ALA D 1373 -0.37 45.67 69.98
C ALA D 1373 -1.46 46.51 69.32
N ARG D 1374 -2.64 45.92 69.14
CA ARG D 1374 -3.77 46.62 68.53
C ARG D 1374 -4.24 47.77 69.38
N LYS D 1375 -4.36 47.54 70.68
CA LYS D 1375 -4.82 48.57 71.62
C LYS D 1375 -3.86 49.76 71.63
N VAL D 1376 -2.57 49.48 71.54
CA VAL D 1376 -1.55 50.53 71.49
C VAL D 1376 -1.67 51.33 70.20
N TRP D 1377 -1.79 50.63 69.08
CA TRP D 1377 -1.89 51.27 67.77
C TRP D 1377 -3.20 52.04 67.58
N ASP D 1378 -4.32 51.37 67.84
CA ASP D 1378 -5.63 51.96 67.59
C ASP D 1378 -5.95 53.17 68.47
N SER D 1379 -5.59 53.10 69.74
CA SER D 1379 -5.78 54.24 70.64
C SER D 1379 -4.92 55.40 70.17
N ALA D 1380 -3.77 55.06 69.60
CA ALA D 1380 -2.84 56.06 69.09
C ALA D 1380 -3.32 56.61 67.74
N ASP D 1381 -3.82 55.71 66.91
CA ASP D 1381 -4.27 56.07 65.56
C ASP D 1381 -5.55 56.89 65.59
N LYS D 1382 -6.39 56.61 66.58
CA LYS D 1382 -7.66 57.32 66.72
C LYS D 1382 -7.43 58.77 67.13
N PHE D 1383 -6.55 58.97 68.12
CA PHE D 1383 -6.21 60.29 68.61
C PHE D 1383 -5.64 61.16 67.50
N THR D 1384 -4.71 60.60 66.74
CA THR D 1384 -4.03 61.32 65.67
C THR D 1384 -5.00 61.69 64.57
N ARG D 1385 -5.98 60.83 64.32
CA ARG D 1385 -6.98 61.05 63.29
C ARG D 1385 -7.95 62.17 63.67
N GLU D 1386 -8.34 62.20 64.94
CA GLU D 1386 -9.28 63.21 65.42
C GLU D 1386 -8.63 64.59 65.59
N THR D 1387 -7.51 64.64 66.30
CA THR D 1387 -6.83 65.90 66.57
C THR D 1387 -6.06 66.48 65.37
N LEU D 1388 -5.16 65.69 64.80
CA LEU D 1388 -4.30 66.17 63.71
C LEU D 1388 -4.80 65.80 62.32
N GLY D 1389 -5.88 65.03 62.27
CA GLY D 1389 -6.48 64.67 61.00
C GLY D 1389 -5.71 63.68 60.14
N PHE D 1390 -4.83 62.89 60.75
CA PHE D 1390 -4.11 61.86 60.00
C PHE D 1390 -3.88 60.57 60.78
N SER D 1391 -3.59 59.48 60.06
CA SER D 1391 -3.39 58.17 60.67
C SER D 1391 -1.95 57.68 60.51
N VAL D 1392 -1.37 57.23 61.63
CA VAL D 1392 -0.01 56.71 61.62
C VAL D 1392 0.00 55.32 61.01
N LEU D 1393 -1.11 54.60 61.13
CA LEU D 1393 -1.25 53.27 60.56
C LEU D 1393 -1.03 53.28 59.05
N HIS D 1394 -1.69 54.21 58.38
CA HIS D 1394 -1.58 54.34 56.93
C HIS D 1394 -0.16 54.68 56.51
N VAL D 1395 0.46 55.62 57.23
CA VAL D 1395 1.82 56.05 56.97
C VAL D 1395 2.80 54.88 57.07
N VAL D 1396 2.63 54.08 58.12
CA VAL D 1396 3.48 52.92 58.33
C VAL D 1396 3.18 51.81 57.32
N ARG D 1397 1.90 51.55 57.09
CA ARG D 1397 1.47 50.46 56.21
C ARG D 1397 1.92 50.69 54.75
N ASP D 1398 1.59 51.85 54.20
CA ASP D 1398 2.05 52.22 52.87
C ASP D 1398 2.65 53.63 52.91
N ASN D 1399 3.88 53.77 52.44
CA ASN D 1399 4.61 55.03 52.54
C ASN D 1399 4.21 56.05 51.47
N PRO D 1400 3.56 57.15 51.90
CA PRO D 1400 3.14 58.23 51.00
C PRO D 1400 4.32 59.16 50.69
N THR D 1401 4.05 60.28 50.03
CA THR D 1401 5.06 61.24 49.57
C THR D 1401 4.85 62.59 50.26
N SER D 1402 3.70 63.20 50.00
CA SER D 1402 3.32 64.45 50.65
C SER D 1402 2.17 64.22 51.62
N LEU D 1403 2.09 65.05 52.65
CA LEU D 1403 0.95 65.02 53.55
C LEU D 1403 0.67 66.42 54.03
N ILE D 1404 -0.61 66.77 54.09
CA ILE D 1404 -0.99 68.03 54.70
C ILE D 1404 -1.67 67.72 56.02
N ALA D 1405 -1.26 68.40 57.06
CA ALA D 1405 -1.78 68.19 58.40
C ALA D 1405 -2.54 69.44 58.80
N SER D 1406 -2.95 69.49 60.07
CA SER D 1406 -3.72 70.60 60.61
C SER D 1406 -3.18 71.97 60.22
N GLY D 1407 -2.02 72.33 60.74
CA GLY D 1407 -1.43 73.61 60.42
C GLY D 1407 -0.22 73.53 59.52
N VAL D 1408 0.19 72.32 59.19
CA VAL D 1408 1.49 72.11 58.54
C VAL D 1408 1.40 71.28 57.28
N HIS D 1409 2.35 71.51 56.38
CA HIS D 1409 2.42 70.78 55.11
C HIS D 1409 3.78 70.09 54.97
N TYR D 1410 3.76 68.76 54.94
CA TYR D 1410 4.99 67.99 54.85
C TYR D 1410 5.10 67.30 53.50
N HIS D 1411 6.17 67.61 52.78
CA HIS D 1411 6.42 66.95 51.50
C HIS D 1411 7.81 66.31 51.46
N HIS D 1412 7.87 65.05 51.02
CA HIS D 1412 9.13 64.35 50.83
C HIS D 1412 9.03 63.65 49.48
N PRO D 1413 10.13 63.66 48.69
CA PRO D 1413 10.15 62.91 47.43
C PRO D 1413 10.13 61.39 47.60
N ASP D 1414 10.64 60.90 48.72
CA ASP D 1414 10.69 59.46 48.97
C ASP D 1414 9.49 59.00 49.80
N GLY D 1415 9.50 59.35 51.08
CA GLY D 1415 8.43 58.94 51.98
C GLY D 1415 8.23 59.81 53.22
N VAL D 1416 7.01 59.82 53.70
CA VAL D 1416 6.65 60.60 54.88
C VAL D 1416 7.00 59.81 56.13
N LEU D 1417 7.12 58.49 55.98
CA LEU D 1417 7.43 57.62 57.11
C LEU D 1417 8.86 57.88 57.54
N PHE D 1418 9.64 58.42 56.61
CA PHE D 1418 11.02 58.77 56.86
C PHE D 1418 11.15 60.25 57.27
N LEU D 1419 10.01 60.93 57.36
CA LEU D 1419 9.98 62.28 57.91
C LEU D 1419 9.82 62.20 59.42
N THR D 1420 10.59 63.01 60.15
CA THR D 1420 10.74 62.88 61.60
C THR D 1420 9.46 63.06 62.42
N GLN D 1421 8.59 63.96 61.98
CA GLN D 1421 7.33 64.20 62.68
C GLN D 1421 6.49 62.92 62.70
N PHE D 1422 6.71 62.09 61.70
CA PHE D 1422 6.04 60.80 61.54
C PHE D 1422 6.92 59.68 62.08
N THR D 1423 8.13 59.58 61.54
CA THR D 1423 9.11 58.57 61.90
C THR D 1423 9.23 58.33 63.41
N GLN D 1424 9.32 59.41 64.17
CA GLN D 1424 9.42 59.31 65.62
C GLN D 1424 8.15 58.69 66.19
N VAL D 1425 7.01 59.11 65.65
CA VAL D 1425 5.72 58.60 66.08
C VAL D 1425 5.59 57.12 65.76
N ALA D 1426 5.99 56.75 64.55
CA ALA D 1426 5.96 55.36 64.12
C ALA D 1426 6.85 54.48 65.00
N MET D 1427 8.09 54.93 65.18
CA MET D 1427 9.07 54.20 65.99
C MET D 1427 8.60 54.02 67.43
N ALA D 1428 8.02 55.06 67.99
CA ALA D 1428 7.55 55.03 69.38
C ALA D 1428 6.39 54.07 69.57
N THR D 1429 5.47 54.04 68.62
CA THR D 1429 4.30 53.19 68.70
C THR D 1429 4.65 51.72 68.46
N VAL D 1430 5.56 51.49 67.52
CA VAL D 1430 6.03 50.16 67.19
C VAL D 1430 6.62 49.46 68.42
N ALA D 1431 7.47 50.18 69.14
CA ALA D 1431 8.13 49.64 70.32
C ALA D 1431 7.17 49.51 71.50
N ALA D 1432 6.33 50.52 71.70
CA ALA D 1432 5.37 50.53 72.81
C ALA D 1432 4.38 49.38 72.70
N ALA D 1433 4.05 49.01 71.46
CA ALA D 1433 3.12 47.90 71.23
C ALA D 1433 3.81 46.56 71.43
N GLN D 1434 5.08 46.49 71.10
CA GLN D 1434 5.84 45.25 71.22
C GLN D 1434 6.11 44.90 72.68
N VAL D 1435 6.40 45.91 73.49
CA VAL D 1435 6.65 45.70 74.91
C VAL D 1435 5.37 45.30 75.63
N ALA D 1436 4.26 45.91 75.23
CA ALA D 1436 2.96 45.60 75.80
C ALA D 1436 2.63 44.12 75.64
N GLU D 1437 3.00 43.57 74.49
CA GLU D 1437 2.81 42.15 74.22
C GLU D 1437 3.74 41.31 75.09
N MET D 1438 4.98 41.78 75.22
CA MET D 1438 5.97 41.11 76.08
C MET D 1438 5.52 41.15 77.53
N ARG D 1439 4.81 42.22 77.90
CA ARG D 1439 4.28 42.37 79.25
C ARG D 1439 3.07 41.47 79.46
N GLU D 1440 2.30 41.27 78.39
CA GLU D 1440 1.13 40.39 78.46
C GLU D 1440 1.54 38.94 78.66
N GLN D 1441 2.69 38.56 78.11
CA GLN D 1441 3.23 37.21 78.28
C GLN D 1441 4.02 37.13 79.58
N GLY D 1442 4.13 38.26 80.27
CA GLY D 1442 4.82 38.31 81.55
C GLY D 1442 6.33 38.21 81.44
N ALA D 1443 6.83 38.19 80.21
CA ALA D 1443 8.26 38.04 79.97
C ALA D 1443 9.09 39.20 80.52
N PHE D 1444 8.41 40.29 80.87
CA PHE D 1444 9.08 41.45 81.44
C PHE D 1444 9.45 41.19 82.90
N VAL D 1445 10.75 41.29 83.20
CA VAL D 1445 11.23 41.05 84.56
C VAL D 1445 11.06 42.28 85.45
N GLU D 1446 10.82 42.04 86.73
CA GLU D 1446 10.50 43.11 87.67
C GLU D 1446 11.68 44.05 87.95
N GLY D 1447 12.90 43.58 87.72
CA GLY D 1447 14.08 44.35 88.02
C GLY D 1447 14.83 44.90 86.81
N ALA D 1448 14.17 44.92 85.67
CA ALA D 1448 14.81 45.31 84.41
C ALA D 1448 15.24 46.78 84.38
N ILE D 1449 16.50 47.01 84.04
CA ILE D 1449 17.06 48.35 83.89
C ILE D 1449 16.93 48.80 82.43
N ALA D 1450 16.31 49.96 82.21
CA ALA D 1450 15.97 50.39 80.85
C ALA D 1450 16.61 51.72 80.42
N CYS D 1451 16.86 51.86 79.13
CA CYS D 1451 17.46 53.06 78.58
C CYS D 1451 17.09 53.22 77.11
N GLY D 1452 17.33 54.40 76.56
CA GLY D 1452 17.01 54.63 75.16
C GLY D 1452 17.93 55.61 74.49
N HIS D 1453 17.98 55.53 73.16
CA HIS D 1453 18.87 56.37 72.37
C HIS D 1453 18.05 57.43 71.64
N SER D 1454 18.25 58.69 72.03
CA SER D 1454 17.50 59.82 71.49
C SER D 1454 15.99 59.65 71.68
N VAL D 1455 15.26 59.62 70.57
CA VAL D 1455 13.80 59.52 70.57
C VAL D 1455 13.32 58.21 71.24
N GLY D 1456 14.20 57.22 71.28
CA GLY D 1456 13.87 55.94 71.89
C GLY D 1456 13.72 56.02 73.40
N GLU D 1457 14.33 57.04 74.00
CA GLU D 1457 14.27 57.23 75.44
C GLU D 1457 12.85 57.52 75.92
N TYR D 1458 12.09 58.25 75.10
CA TYR D 1458 10.69 58.55 75.42
C TYR D 1458 9.86 57.28 75.43
N THR D 1459 10.17 56.37 74.51
CA THR D 1459 9.48 55.08 74.46
C THR D 1459 9.92 54.21 75.64
N ALA D 1460 11.19 54.32 76.01
CA ALA D 1460 11.74 53.59 77.14
C ALA D 1460 10.96 53.86 78.41
N LEU D 1461 10.79 55.15 78.72
CA LEU D 1461 10.04 55.57 79.90
C LEU D 1461 8.57 55.17 79.78
N ALA D 1462 8.03 55.23 78.57
CA ALA D 1462 6.64 54.89 78.31
C ALA D 1462 6.36 53.43 78.62
N CYS D 1463 7.19 52.55 78.09
CA CYS D 1463 7.00 51.11 78.23
C CYS D 1463 7.18 50.62 79.67
N VAL D 1464 8.33 50.91 80.25
CA VAL D 1464 8.67 50.36 81.55
C VAL D 1464 7.98 51.07 82.73
N SER D 1465 8.03 52.40 82.76
CA SER D 1465 7.49 53.16 83.88
C SER D 1465 6.10 53.75 83.67
N GLY D 1466 5.57 53.61 82.46
CA GLY D 1466 4.26 54.17 82.12
C GLY D 1466 4.14 55.64 82.48
N VAL D 1467 5.10 56.45 82.05
CA VAL D 1467 5.17 57.85 82.43
C VAL D 1467 4.17 58.72 81.65
N TYR D 1468 3.55 58.15 80.63
CA TYR D 1468 2.51 58.87 79.89
C TYR D 1468 1.54 57.93 79.17
N GLU D 1469 0.39 58.48 78.80
CA GLU D 1469 -0.61 57.73 78.03
C GLU D 1469 -0.08 57.45 76.63
N LEU D 1470 -0.67 56.46 75.97
CA LEU D 1470 -0.29 56.12 74.60
C LEU D 1470 -0.49 57.30 73.66
N GLU D 1471 -1.56 58.05 73.88
CA GLU D 1471 -1.83 59.26 73.11
C GLU D 1471 -0.92 60.39 73.56
N ALA D 1472 -0.56 60.37 74.84
CA ALA D 1472 0.32 61.38 75.41
C ALA D 1472 1.75 61.23 74.87
N LEU D 1473 2.17 59.99 74.68
CA LEU D 1473 3.49 59.69 74.14
C LEU D 1473 3.62 60.19 72.72
N LEU D 1474 2.58 59.97 71.91
CA LEU D 1474 2.62 60.35 70.50
C LEU D 1474 2.42 61.85 70.29
N GLU D 1475 2.01 62.55 71.34
CA GLU D 1475 1.90 64.00 71.29
C GLU D 1475 3.28 64.63 71.37
N VAL D 1476 3.95 64.42 72.50
CA VAL D 1476 5.30 64.90 72.73
C VAL D 1476 6.23 64.54 71.57
N VAL D 1477 6.20 63.26 71.18
CA VAL D 1477 7.08 62.76 70.13
C VAL D 1477 6.80 63.40 68.77
N PHE D 1478 5.53 63.63 68.45
CA PHE D 1478 5.16 64.29 67.20
C PHE D 1478 5.63 65.74 67.21
N HIS D 1479 5.35 66.44 68.30
CA HIS D 1479 5.73 67.84 68.43
C HIS D 1479 7.24 68.00 68.46
N ARG D 1480 7.92 67.03 69.08
CA ARG D 1480 9.37 67.01 69.13
C ARG D 1480 9.95 66.87 67.73
N GLY D 1481 9.24 66.14 66.88
CA GLY D 1481 9.61 66.01 65.49
C GLY D 1481 9.44 67.33 64.76
N SER D 1482 8.28 67.94 64.91
CA SER D 1482 7.97 69.23 64.30
C SER D 1482 8.88 70.32 64.83
N LYS D 1483 9.36 70.13 66.06
CA LYS D 1483 10.27 71.08 66.69
C LYS D 1483 11.67 70.96 66.09
N MET D 1484 12.03 69.77 65.64
CA MET D 1484 13.36 69.52 65.09
C MET D 1484 13.55 70.08 63.69
N HIS D 1485 12.44 70.36 63.00
CA HIS D 1485 12.51 70.87 61.63
C HIS D 1485 12.77 72.36 61.52
N ASP D 1486 12.23 73.14 62.45
CA ASP D 1486 12.29 74.61 62.35
C ASP D 1486 13.44 75.25 63.13
N ILE D 1487 14.30 74.44 63.73
CA ILE D 1487 15.33 74.95 64.63
C ILE D 1487 16.54 75.64 63.97
N VAL D 1488 16.91 75.19 62.78
CA VAL D 1488 18.18 75.64 62.18
C VAL D 1488 17.99 76.40 60.86
N PRO D 1489 18.82 77.43 60.63
CA PRO D 1489 18.76 78.27 59.42
C PRO D 1489 18.96 77.47 58.13
N ARG D 1490 18.27 77.88 57.07
CA ARG D 1490 18.35 77.21 55.78
C ARG D 1490 18.54 78.20 54.64
N ASP D 1491 18.88 77.68 53.46
CA ASP D 1491 18.96 78.50 52.26
C ASP D 1491 17.62 78.50 51.52
N GLU D 1492 17.62 79.03 50.30
CA GLU D 1492 16.44 78.98 49.46
C GLU D 1492 16.16 77.54 49.04
N LEU D 1493 17.21 76.76 48.89
CA LEU D 1493 17.10 75.37 48.49
C LEU D 1493 16.95 74.47 49.69
N GLY D 1494 16.97 75.06 50.88
CA GLY D 1494 16.90 74.30 52.11
C GLY D 1494 18.26 73.76 52.50
N ARG D 1495 19.31 74.39 51.97
CA ARG D 1495 20.68 73.98 52.25
C ARG D 1495 21.07 74.30 53.68
N SER D 1496 22.10 73.61 54.16
CA SER D 1496 22.64 73.89 55.49
C SER D 1496 24.13 74.11 55.42
N ASN D 1497 24.63 75.01 56.27
CA ASN D 1497 26.06 75.25 56.37
C ASN D 1497 26.70 74.20 57.26
N TYR D 1498 25.87 73.34 57.85
CA TYR D 1498 26.35 72.31 58.75
C TYR D 1498 25.93 70.92 58.31
N ARG D 1499 26.42 69.91 59.04
CA ARG D 1499 26.08 68.51 58.80
C ARG D 1499 26.58 67.62 59.94
N LEU D 1500 26.36 66.32 59.81
CA LEU D 1500 26.80 65.36 60.83
C LEU D 1500 27.70 64.30 60.19
N ALA D 1501 28.60 63.73 60.99
CA ALA D 1501 29.51 62.70 60.46
C ALA D 1501 29.86 61.62 61.48
N ALA D 1502 29.90 60.38 61.03
CA ALA D 1502 30.13 59.24 61.91
C ALA D 1502 31.59 58.80 61.89
N ILE D 1503 32.22 58.80 63.07
CA ILE D 1503 33.64 58.49 63.21
C ILE D 1503 33.86 57.07 63.73
N ARG D 1504 34.83 56.35 63.16
CA ARG D 1504 35.37 55.14 63.77
C ARG D 1504 36.85 55.33 64.08
N PRO D 1505 37.17 55.53 65.37
CA PRO D 1505 38.56 55.78 65.81
C PRO D 1505 39.49 54.59 65.59
N SER D 1506 38.91 53.43 65.34
CA SER D 1506 39.66 52.18 65.17
C SER D 1506 40.39 52.09 63.82
N GLN D 1507 40.93 50.90 63.55
CA GLN D 1507 41.72 50.59 62.36
C GLN D 1507 43.14 51.18 62.41
N ILE D 1508 43.33 52.13 63.31
CA ILE D 1508 44.64 52.77 63.51
C ILE D 1508 44.80 52.93 65.01
N ASP D 1509 45.98 53.34 65.47
CA ASP D 1509 46.14 53.54 66.89
C ASP D 1509 45.72 54.97 67.17
N LEU D 1510 44.55 55.08 67.78
CA LEU D 1510 43.92 56.36 68.08
C LEU D 1510 43.00 56.06 69.25
N ASP D 1511 42.81 57.02 70.14
CA ASP D 1511 41.94 56.78 71.28
C ASP D 1511 40.81 57.79 71.31
N ASP D 1512 39.92 57.65 72.30
CA ASP D 1512 38.83 58.59 72.47
C ASP D 1512 39.38 59.96 72.85
N ALA D 1513 40.45 59.95 73.64
CA ALA D 1513 41.13 61.17 74.03
C ALA D 1513 41.87 61.77 72.84
N ASP D 1514 42.30 60.91 71.93
CA ASP D 1514 42.99 61.36 70.73
C ASP D 1514 42.02 61.98 69.74
N VAL D 1515 40.83 61.39 69.63
CA VAL D 1515 39.78 61.94 68.79
C VAL D 1515 39.32 63.28 69.34
N LYS D 1516 39.03 63.31 70.64
CA LYS D 1516 38.61 64.54 71.32
C LYS D 1516 39.64 65.64 71.14
N ASP D 1517 40.92 65.30 71.30
CA ASP D 1517 42.02 66.23 71.10
C ASP D 1517 42.00 66.83 69.69
N PHE D 1518 42.18 65.97 68.69
CA PHE D 1518 42.21 66.39 67.28
C PHE D 1518 41.00 67.24 66.88
N VAL D 1519 39.82 66.88 67.37
CA VAL D 1519 38.62 67.66 67.09
C VAL D 1519 38.66 69.03 67.77
N ALA D 1520 39.10 69.05 69.02
CA ALA D 1520 39.18 70.28 69.78
C ALA D 1520 40.19 71.26 69.18
N GLU D 1521 41.27 70.72 68.62
CA GLU D 1521 42.30 71.55 68.00
C GLU D 1521 41.81 72.20 66.72
N ILE D 1522 41.28 71.40 65.82
CA ILE D 1522 40.78 71.88 64.53
C ILE D 1522 39.56 72.78 64.72
N SER D 1523 38.89 72.64 65.87
CA SER D 1523 37.78 73.51 66.22
C SER D 1523 38.29 74.91 66.58
N GLU D 1524 39.36 74.95 67.36
CA GLU D 1524 39.96 76.23 67.75
C GLU D 1524 40.79 76.82 66.63
N ARG D 1525 41.52 75.97 65.91
CA ARG D 1525 42.42 76.39 64.84
C ARG D 1525 41.70 77.17 63.74
N THR D 1526 40.83 76.48 63.01
CA THR D 1526 40.12 77.08 61.88
C THR D 1526 39.14 78.15 62.33
N GLY D 1527 38.76 78.13 63.60
CA GLY D 1527 37.80 79.05 64.13
C GLY D 1527 36.38 78.66 63.75
N GLU D 1528 36.27 77.50 63.10
CA GLU D 1528 34.97 76.98 62.70
C GLU D 1528 34.34 76.23 63.86
N PHE D 1529 33.19 75.62 63.60
CA PHE D 1529 32.47 74.89 64.62
C PHE D 1529 32.54 73.38 64.40
N LEU D 1530 33.18 72.68 65.34
CA LEU D 1530 33.22 71.23 65.30
C LEU D 1530 32.95 70.66 66.69
N GLU D 1531 31.93 69.82 66.79
CA GLU D 1531 31.46 69.30 68.06
C GLU D 1531 31.33 67.78 67.98
N ILE D 1532 31.74 67.06 69.03
CA ILE D 1532 31.42 65.64 69.05
C ILE D 1532 29.98 65.54 69.53
N VAL D 1533 29.09 65.09 68.66
CA VAL D 1533 27.67 65.05 68.98
C VAL D 1533 27.25 63.82 69.77
N ASN D 1534 27.72 62.66 69.34
CA ASN D 1534 27.33 61.41 69.97
C ASN D 1534 28.52 60.57 70.39
N PHE D 1535 28.53 60.16 71.64
CA PHE D 1535 29.46 59.15 72.12
C PHE D 1535 28.65 57.88 72.16
N ASN D 1536 28.95 56.98 71.23
CA ASN D 1536 28.15 55.79 71.06
C ASN D 1536 28.88 54.54 71.50
N LEU D 1537 29.96 54.22 70.81
CA LEU D 1537 30.77 53.08 71.19
C LEU D 1537 32.17 53.53 71.58
N ARG D 1538 32.78 52.80 72.51
CA ARG D 1538 34.06 53.17 73.09
C ARG D 1538 35.11 53.52 72.04
N GLY D 1539 35.55 52.51 71.29
CA GLY D 1539 36.53 52.69 70.23
C GLY D 1539 35.94 52.52 68.84
N SER D 1540 34.62 52.58 68.75
CA SER D 1540 33.96 52.27 67.49
C SER D 1540 33.13 53.41 66.88
N GLN D 1541 32.10 53.85 67.59
CA GLN D 1541 31.21 54.85 67.01
C GLN D 1541 31.16 56.22 67.70
N TYR D 1542 31.32 57.25 66.90
CA TYR D 1542 31.23 58.63 67.35
C TYR D 1542 30.58 59.48 66.26
N ALA D 1543 29.74 60.42 66.66
CA ALA D 1543 29.08 61.31 65.70
C ALA D 1543 29.49 62.77 65.94
N ILE D 1544 29.70 63.52 64.86
CA ILE D 1544 30.23 64.90 64.94
C ILE D 1544 29.48 65.85 64.01
N ALA D 1545 28.94 66.93 64.60
CA ALA D 1545 28.27 67.97 63.81
C ALA D 1545 28.92 69.34 63.98
N GLY D 1546 28.73 70.17 62.97
CA GLY D 1546 29.26 71.52 62.94
C GLY D 1546 29.37 71.98 61.50
N THR D 1547 30.19 73.00 61.27
CA THR D 1547 30.38 73.51 59.93
C THR D 1547 30.85 72.41 58.99
N VAL D 1548 30.28 72.36 57.79
CA VAL D 1548 30.67 71.39 56.76
C VAL D 1548 32.18 71.39 56.49
N ALA D 1549 32.79 72.56 56.49
CA ALA D 1549 34.23 72.68 56.28
C ALA D 1549 34.98 72.04 57.45
N GLY D 1550 34.41 72.18 58.64
CA GLY D 1550 34.96 71.56 59.82
C GLY D 1550 34.84 70.04 59.74
N LEU D 1551 33.71 69.56 59.21
CA LEU D 1551 33.53 68.13 58.99
C LEU D 1551 34.50 67.61 57.94
N GLU D 1552 34.77 68.46 56.94
CA GLU D 1552 35.72 68.11 55.89
C GLU D 1552 37.15 68.14 56.42
N ALA D 1553 37.47 69.16 57.22
CA ALA D 1553 38.81 69.31 57.75
C ALA D 1553 39.11 68.19 58.73
N LEU D 1554 38.08 67.72 59.42
CA LEU D 1554 38.25 66.64 60.37
C LEU D 1554 38.42 65.34 59.61
N GLU D 1555 37.64 65.17 58.54
CA GLU D 1555 37.81 64.01 57.65
C GLU D 1555 39.25 63.95 57.16
N GLU D 1556 39.75 65.10 56.73
CA GLU D 1556 41.10 65.24 56.19
C GLU D 1556 42.18 64.84 57.19
N GLU D 1557 42.00 65.22 58.45
CA GLU D 1557 43.00 64.98 59.49
C GLU D 1557 43.30 63.49 59.69
N ILE D 1558 42.25 62.69 59.88
CA ILE D 1558 42.45 61.26 60.13
C ILE D 1558 42.99 60.55 58.90
N GLU D 1559 42.71 61.10 57.72
CA GLU D 1559 43.24 60.53 56.48
C GLU D 1559 44.74 60.74 56.42
N ARG D 1560 45.17 61.85 57.00
CA ARG D 1560 46.59 62.16 57.11
C ARG D 1560 47.21 61.40 58.28
N ARG D 1561 46.51 61.37 59.41
CA ARG D 1561 47.00 60.70 60.60
C ARG D 1561 47.12 59.18 60.40
N ARG D 1562 46.07 58.57 59.87
CA ARG D 1562 46.12 57.16 59.53
C ARG D 1562 47.04 56.96 58.33
N GLN D 1563 48.04 56.09 58.50
CA GLN D 1563 49.08 55.91 57.50
C GLN D 1563 48.59 55.10 56.30
N ILE D 1564 47.56 54.28 56.52
CA ILE D 1564 47.09 53.33 55.51
C ILE D 1564 45.91 53.82 54.66
N THR D 1565 45.44 55.04 54.89
CA THR D 1565 44.21 55.47 54.24
C THR D 1565 44.48 55.85 52.79
N GLY D 1566 43.90 55.11 51.85
CA GLY D 1566 43.71 55.58 50.50
C GLY D 1566 42.27 55.88 50.17
N GLY D 1567 41.35 55.38 51.00
CA GLY D 1567 39.93 55.43 50.72
C GLY D 1567 39.08 56.33 51.60
N LYS D 1568 39.71 57.21 52.36
CA LYS D 1568 39.04 57.99 53.39
C LYS D 1568 38.32 57.07 54.36
N ARG D 1569 39.09 56.26 55.06
CA ARG D 1569 38.54 55.28 56.00
C ARG D 1569 38.03 55.95 57.28
N SER D 1570 37.19 55.21 58.00
CA SER D 1570 36.81 55.58 59.38
C SER D 1570 35.87 56.77 59.48
N PHE D 1571 35.59 57.44 58.36
CA PHE D 1571 34.69 58.58 58.35
C PHE D 1571 33.49 58.41 57.43
N ILE D 1572 32.30 58.41 58.03
CA ILE D 1572 31.04 58.33 57.29
C ILE D 1572 30.23 59.61 57.53
N LEU D 1573 29.95 60.32 56.44
CA LEU D 1573 29.08 61.48 56.51
C LEU D 1573 27.63 61.06 56.53
N VAL D 1574 26.84 61.76 57.34
CA VAL D 1574 25.43 61.43 57.50
C VAL D 1574 24.54 62.17 56.50
N PRO D 1575 23.84 61.40 55.64
CA PRO D 1575 22.86 62.03 54.75
C PRO D 1575 21.62 62.47 55.51
N GLY D 1576 21.04 63.60 55.12
CA GLY D 1576 19.74 64.02 55.64
C GLY D 1576 19.71 64.88 56.88
N ILE D 1577 20.79 64.87 57.67
CA ILE D 1577 20.83 65.71 58.86
C ILE D 1577 21.52 67.04 58.57
N ASP D 1578 20.72 68.10 58.55
CA ASP D 1578 21.21 69.45 58.27
C ASP D 1578 21.42 70.28 59.53
N VAL D 1579 21.07 69.70 60.67
CA VAL D 1579 21.10 70.43 61.93
C VAL D 1579 22.25 69.99 62.82
N PRO D 1580 23.10 70.93 63.26
CA PRO D 1580 24.13 70.62 64.25
C PRO D 1580 23.55 70.51 65.65
N PHE D 1581 22.51 69.69 65.81
CA PHE D 1581 21.88 69.49 67.11
C PHE D 1581 22.75 68.62 68.00
N HIS D 1582 22.47 68.64 69.31
CA HIS D 1582 23.32 68.02 70.33
C HIS D 1582 24.68 68.69 70.37
N SER D 1583 24.68 69.97 70.05
CA SER D 1583 25.86 70.83 70.14
C SER D 1583 25.48 72.04 70.98
N SER D 1584 26.37 73.04 71.02
CA SER D 1584 26.12 74.21 71.84
C SER D 1584 25.18 75.22 71.16
N VAL D 1585 24.74 74.90 69.94
CA VAL D 1585 23.91 75.81 69.16
C VAL D 1585 22.40 75.70 69.41
N LEU D 1586 21.98 74.62 70.05
CA LEU D 1586 20.55 74.30 70.15
C LEU D 1586 19.85 74.70 71.45
N ARG D 1587 20.59 75.26 72.40
CA ARG D 1587 20.07 75.47 73.75
C ARG D 1587 18.92 76.47 73.90
N VAL D 1588 18.57 77.17 72.82
CA VAL D 1588 17.55 78.21 72.88
C VAL D 1588 16.12 77.68 73.03
N GLY D 1589 15.77 76.69 72.22
CA GLY D 1589 14.40 76.21 72.12
C GLY D 1589 13.94 75.21 73.15
N VAL D 1590 14.66 75.12 74.27
CA VAL D 1590 14.32 74.17 75.33
C VAL D 1590 13.13 74.60 76.17
N ALA D 1591 13.11 75.86 76.57
CA ALA D 1591 12.10 76.39 77.49
C ALA D 1591 10.67 76.17 77.01
N ASP D 1592 10.47 76.23 75.69
CA ASP D 1592 9.15 76.00 75.12
C ASP D 1592 8.81 74.51 75.15
N PHE D 1593 9.82 73.67 74.93
CA PHE D 1593 9.62 72.23 74.97
C PHE D 1593 9.56 71.73 76.41
N ARG D 1594 10.23 72.45 77.30
CA ARG D 1594 10.24 72.10 78.72
C ARG D 1594 8.86 72.30 79.33
N ARG D 1595 8.14 73.30 78.83
CA ARG D 1595 6.77 73.55 79.27
C ARG D 1595 5.82 72.55 78.62
N SER D 1596 6.08 72.23 77.35
CA SER D 1596 5.26 71.28 76.62
C SER D 1596 5.29 69.91 77.28
N LEU D 1597 6.44 69.54 77.82
CA LEU D 1597 6.58 68.27 78.52
C LEU D 1597 5.75 68.23 79.80
N GLU D 1598 5.84 69.30 80.60
CA GLU D 1598 5.12 69.37 81.87
C GLU D 1598 3.61 69.33 81.66
N ARG D 1599 3.15 69.71 80.47
CA ARG D 1599 1.74 69.66 80.14
C ARG D 1599 1.29 68.22 79.84
N VAL D 1600 2.11 67.50 79.07
CA VAL D 1600 1.77 66.15 78.67
C VAL D 1600 2.28 65.11 79.67
N MET D 1601 3.14 65.54 80.59
CA MET D 1601 3.68 64.64 81.61
C MET D 1601 3.34 65.14 83.01
N PRO D 1602 2.18 64.70 83.53
CA PRO D 1602 1.66 65.12 84.84
C PRO D 1602 2.47 64.57 86.02
N ARG D 1603 2.01 64.83 87.23
CA ARG D 1603 2.76 64.52 88.44
C ARG D 1603 2.41 63.19 89.10
N ASP D 1604 1.47 62.43 88.54
CA ASP D 1604 1.14 61.14 89.11
C ASP D 1604 1.83 60.07 88.27
N LYS D 1605 2.92 59.52 88.81
CA LYS D 1605 3.80 58.62 88.07
C LYS D 1605 4.52 57.73 89.07
N ASP D 1606 5.14 56.66 88.59
CA ASP D 1606 5.88 55.75 89.47
C ASP D 1606 7.36 56.12 89.58
N PRO D 1607 7.79 56.57 90.77
CA PRO D 1607 9.19 56.94 91.02
C PRO D 1607 10.15 55.75 90.92
N GLU D 1608 9.76 54.61 91.48
CA GLU D 1608 10.65 53.46 91.57
C GLU D 1608 10.97 52.82 90.22
N LEU D 1609 9.94 52.69 89.37
CA LEU D 1609 10.13 52.10 88.05
C LEU D 1609 11.20 52.83 87.25
N ILE D 1610 11.29 54.15 87.46
CA ILE D 1610 12.34 54.94 86.82
C ILE D 1610 13.69 54.87 87.56
N ILE D 1611 13.66 54.93 88.89
CA ILE D 1611 14.89 55.09 89.66
C ILE D 1611 15.78 53.85 89.60
N GLY D 1612 17.00 54.04 89.11
CA GLY D 1612 18.01 53.00 89.04
C GLY D 1612 17.85 52.17 87.78
N ARG D 1613 16.63 52.14 87.26
CA ARG D 1613 16.34 51.46 86.01
C ARG D 1613 16.62 52.31 84.77
N TYR D 1614 16.43 53.62 84.91
CA TYR D 1614 16.49 54.54 83.77
C TYR D 1614 17.80 55.32 83.67
N ILE D 1615 18.41 55.27 82.49
CA ILE D 1615 19.64 56.00 82.22
C ILE D 1615 19.38 57.11 81.21
N PRO D 1616 19.34 58.36 81.66
CA PRO D 1616 19.15 59.46 80.71
C PRO D 1616 20.30 59.59 79.70
N ASN D 1617 20.14 60.52 78.77
CA ASN D 1617 21.16 60.81 77.76
C ASN D 1617 22.09 61.89 78.26
N LEU D 1618 21.51 63.05 78.52
CA LEU D 1618 22.22 64.18 79.15
C LEU D 1618 22.95 63.73 80.41
N VAL D 1619 22.39 62.74 81.10
CA VAL D 1619 22.99 62.20 82.32
C VAL D 1619 23.24 60.70 82.20
N PRO D 1620 24.48 60.31 81.83
CA PRO D 1620 24.96 58.97 81.53
C PRO D 1620 24.78 57.99 82.70
N ARG D 1621 24.47 58.50 83.88
CA ARG D 1621 24.44 57.68 85.08
C ARG D 1621 23.00 57.47 85.54
N PRO D 1622 22.73 56.34 86.24
CA PRO D 1622 21.33 55.90 86.41
C PRO D 1622 20.51 56.88 87.22
N PHE D 1623 19.22 56.94 86.91
CA PHE D 1623 18.32 57.86 87.60
C PHE D 1623 18.19 57.49 89.07
N THR D 1624 18.46 58.46 89.93
CA THR D 1624 18.14 58.36 91.34
C THR D 1624 17.90 59.77 91.83
N LEU D 1625 16.94 59.96 92.73
CA LEU D 1625 16.67 61.29 93.23
C LEU D 1625 17.50 61.52 94.48
N ASP D 1626 18.51 62.37 94.35
CA ASP D 1626 19.45 62.65 95.43
C ASP D 1626 20.05 64.02 95.22
N ARG D 1627 20.58 64.61 96.28
CA ARG D 1627 21.22 65.92 96.18
C ARG D 1627 22.46 65.83 95.27
N ASP D 1628 23.08 64.66 95.24
CA ASP D 1628 24.23 64.42 94.39
C ASP D 1628 23.85 64.41 92.91
N PHE D 1629 22.78 63.70 92.60
CA PHE D 1629 22.34 63.52 91.22
C PHE D 1629 21.83 64.83 90.60
N ILE D 1630 20.97 65.53 91.33
CA ILE D 1630 20.40 66.79 90.86
C ILE D 1630 21.49 67.82 90.56
N GLN D 1631 22.59 67.74 91.31
CA GLN D 1631 23.71 68.65 91.10
C GLN D 1631 24.43 68.32 89.79
N GLU D 1632 24.59 67.04 89.51
CA GLU D 1632 25.24 66.61 88.27
C GLU D 1632 24.48 67.13 87.06
N ILE D 1633 23.15 67.16 87.16
CA ILE D 1633 22.32 67.69 86.10
C ILE D 1633 22.60 69.17 85.90
N ARG D 1634 22.47 69.94 86.97
CA ARG D 1634 22.72 71.38 86.96
C ARG D 1634 24.08 71.74 86.35
N ASP D 1635 25.11 70.95 86.69
CA ASP D 1635 26.45 71.17 86.16
C ASP D 1635 26.48 71.02 84.65
N LEU D 1636 25.87 69.94 84.15
CA LEU D 1636 25.80 69.70 82.72
C LEU D 1636 24.81 70.66 82.07
N VAL D 1637 23.67 70.85 82.73
CA VAL D 1637 22.65 71.78 82.25
C VAL D 1637 22.17 72.77 83.31
N PRO D 1638 22.74 73.99 83.30
CA PRO D 1638 22.28 75.03 84.21
C PRO D 1638 20.79 75.32 84.02
N ALA D 1639 20.03 75.28 85.11
CA ALA D 1639 18.58 75.44 85.03
C ALA D 1639 17.97 76.05 86.29
N GLU D 1640 16.91 76.83 86.10
CA GLU D 1640 16.21 77.49 87.20
C GLU D 1640 15.44 76.58 88.17
N PRO D 1641 14.65 75.61 87.64
CA PRO D 1641 13.96 74.74 88.60
C PRO D 1641 14.92 73.86 89.39
N LEU D 1642 16.08 73.55 88.81
CA LEU D 1642 17.06 72.68 89.44
C LEU D 1642 17.93 73.37 90.47
N ASP D 1643 18.40 74.58 90.16
CA ASP D 1643 19.38 75.26 91.00
C ASP D 1643 18.81 75.64 92.37
N GLU D 1644 17.50 75.86 92.43
CA GLU D 1644 16.85 76.18 93.69
C GLU D 1644 16.75 74.94 94.58
N VAL D 1645 16.32 73.82 94.00
CA VAL D 1645 16.21 72.56 94.73
C VAL D 1645 17.54 72.18 95.35
N LEU D 1646 18.62 72.44 94.63
CA LEU D 1646 19.97 72.21 95.12
C LEU D 1646 20.31 73.17 96.25
N ALA D 1647 19.84 74.41 96.13
CA ALA D 1647 20.10 75.43 97.13
C ALA D 1647 19.54 75.03 98.49
N ASP D 1648 18.24 74.70 98.53
CA ASP D 1648 17.65 74.15 99.75
C ASP D 1648 17.20 72.70 99.57
N TYR D 1649 17.95 71.78 100.17
CA TYR D 1649 17.58 70.37 100.18
C TYR D 1649 16.87 70.03 101.49
N ASP D 1650 16.60 71.08 102.27
CA ASP D 1650 16.01 70.97 103.60
C ASP D 1650 14.48 70.94 103.54
N THR D 1651 13.98 70.80 102.33
CA THR D 1651 12.56 70.69 102.01
C THR D 1651 12.06 69.27 102.29
N TRP D 1652 12.86 68.54 103.06
CA TRP D 1652 12.80 67.10 103.29
C TRP D 1652 11.40 66.51 103.53
N ARG D 1653 10.44 67.34 103.95
CA ARG D 1653 9.08 66.88 104.22
C ARG D 1653 8.51 66.00 103.10
N ASN D 1654 7.80 64.94 103.49
CA ASN D 1654 7.48 63.83 102.60
C ASN D 1654 6.57 64.11 101.39
N GLU D 1655 6.04 65.33 101.30
CA GLU D 1655 5.22 65.69 100.15
C GLU D 1655 6.08 65.87 98.90
N LYS D 1656 7.36 66.17 99.10
CA LYS D 1656 8.28 66.48 98.02
C LYS D 1656 8.75 65.38 97.03
N PRO D 1657 9.18 64.20 97.54
CA PRO D 1657 9.95 63.27 96.71
C PRO D 1657 9.38 62.94 95.32
N LYS D 1658 8.08 62.65 95.24
CA LYS D 1658 7.46 62.36 93.95
C LYS D 1658 7.48 63.61 93.08
N GLU D 1659 7.17 64.74 93.70
CA GLU D 1659 7.16 66.03 93.01
C GLU D 1659 8.56 66.40 92.53
N LEU D 1660 9.58 65.95 93.27
CA LEU D 1660 10.97 66.17 92.87
C LEU D 1660 11.33 65.32 91.67
N CYS D 1661 11.01 64.03 91.75
CA CYS D 1661 11.28 63.09 90.66
C CYS D 1661 10.59 63.52 89.37
N ARG D 1662 9.39 64.08 89.52
CA ARG D 1662 8.57 64.44 88.37
C ARG D 1662 9.18 65.59 87.56
N LYS D 1663 9.83 66.52 88.25
CA LYS D 1663 10.50 67.64 87.57
C LYS D 1663 11.88 67.25 87.06
N VAL D 1664 12.59 66.42 87.82
CA VAL D 1664 13.90 65.95 87.42
C VAL D 1664 13.81 65.11 86.14
N VAL D 1665 12.79 64.27 86.07
CA VAL D 1665 12.53 63.46 84.87
C VAL D 1665 12.30 64.35 83.65
N ILE D 1666 11.49 65.38 83.82
CA ILE D 1666 11.18 66.31 82.73
C ILE D 1666 12.38 67.15 82.33
N GLU D 1667 13.18 67.56 83.32
CA GLU D 1667 14.40 68.32 83.05
C GLU D 1667 15.37 67.53 82.17
N LEU D 1668 15.46 66.23 82.43
CA LEU D 1668 16.35 65.35 81.66
C LEU D 1668 15.88 65.19 80.22
N LEU D 1669 14.56 65.12 80.04
CA LEU D 1669 13.98 64.91 78.72
C LEU D 1669 13.98 66.20 77.89
N ALA D 1670 13.75 67.33 78.56
CA ALA D 1670 13.68 68.62 77.88
C ALA D 1670 15.05 69.05 77.38
N TRP D 1671 16.08 68.85 78.20
CA TRP D 1671 17.43 69.25 77.84
C TRP D 1671 18.20 68.12 77.17
N GLN D 1672 17.54 66.99 76.96
CA GLN D 1672 18.09 65.91 76.16
C GLN D 1672 18.26 66.41 74.74
N PHE D 1673 17.41 67.36 74.37
CA PHE D 1673 17.49 68.06 73.10
C PHE D 1673 18.87 68.66 72.90
N ALA D 1674 19.40 69.28 73.94
CA ALA D 1674 20.66 70.01 73.87
C ALA D 1674 21.88 69.11 74.07
N SER D 1675 21.98 68.52 75.26
CA SER D 1675 23.16 67.71 75.62
C SER D 1675 23.35 66.50 74.70
N PRO D 1676 24.62 66.20 74.37
CA PRO D 1676 25.00 65.01 73.60
C PRO D 1676 24.50 63.72 74.26
N VAL D 1677 24.04 62.79 73.44
CA VAL D 1677 23.67 61.47 73.95
C VAL D 1677 24.94 60.67 74.22
N ARG D 1678 25.12 60.19 75.45
CA ARG D 1678 26.25 59.32 75.71
C ARG D 1678 25.78 57.88 75.76
N TRP D 1679 26.05 57.14 74.69
CA TRP D 1679 25.80 55.71 74.65
C TRP D 1679 26.96 54.87 75.20
N ILE D 1680 28.19 55.35 74.99
CA ILE D 1680 29.37 54.70 75.55
C ILE D 1680 29.20 54.53 77.04
N GLU D 1681 28.98 55.65 77.72
CA GLU D 1681 28.89 55.70 79.16
C GLU D 1681 27.69 54.90 79.62
N THR D 1682 26.60 54.96 78.85
CA THR D 1682 25.41 54.17 79.12
C THR D 1682 25.72 52.68 79.17
N GLN D 1683 26.47 52.22 78.17
CA GLN D 1683 26.89 50.83 78.14
C GLN D 1683 27.86 50.55 79.29
N ASP D 1684 28.91 51.38 79.39
CA ASP D 1684 29.93 51.19 80.42
C ASP D 1684 29.36 51.27 81.83
N LEU D 1685 28.38 52.14 82.02
CA LEU D 1685 27.69 52.27 83.31
C LEU D 1685 27.07 50.96 83.75
N LEU D 1686 26.40 50.29 82.81
CA LEU D 1686 25.81 48.98 83.07
C LEU D 1686 26.86 48.03 83.63
N PHE D 1687 28.06 48.07 83.04
CA PHE D 1687 29.16 47.26 83.54
C PHE D 1687 29.57 47.69 84.95
N ILE D 1688 29.64 49.00 85.18
CA ILE D 1688 30.02 49.55 86.48
C ILE D 1688 29.05 49.10 87.59
N GLU D 1689 27.76 49.18 87.30
CA GLU D 1689 26.73 48.84 88.27
C GLU D 1689 26.68 47.34 88.55
N GLU D 1690 26.81 46.54 87.49
CA GLU D 1690 26.85 45.09 87.64
C GLU D 1690 28.06 44.69 88.48
N ALA D 1691 29.25 45.08 88.04
CA ALA D 1691 30.51 44.73 88.73
C ALA D 1691 30.46 45.00 90.23
N ALA D 1692 29.85 46.12 90.61
CA ALA D 1692 29.66 46.43 92.02
C ALA D 1692 28.50 45.64 92.63
N GLY D 1693 27.56 45.23 91.79
CA GLY D 1693 26.39 44.50 92.26
C GLY D 1693 26.41 43.03 91.89
N GLY D 1694 27.55 42.57 91.37
CA GLY D 1694 27.70 41.19 90.94
C GLY D 1694 27.59 41.03 89.44
N LEU D 1695 28.40 40.13 88.91
CA LEU D 1695 28.55 40.05 87.46
C LEU D 1695 27.71 38.96 86.78
N GLY D 1696 26.89 38.25 87.54
CA GLY D 1696 26.17 37.09 87.03
C GLY D 1696 25.25 37.38 85.86
N VAL D 1697 24.76 36.32 85.23
CA VAL D 1697 24.23 36.35 83.86
C VAL D 1697 23.27 37.49 83.58
N GLU D 1698 23.49 38.16 82.45
CA GLU D 1698 22.65 39.28 82.05
C GLU D 1698 22.08 39.03 80.66
N ARG D 1699 20.91 39.56 80.37
CA ARG D 1699 20.31 39.44 79.05
C ARG D 1699 20.00 40.83 78.53
N PHE D 1700 20.49 41.14 77.33
CA PHE D 1700 20.28 42.46 76.76
C PHE D 1700 19.30 42.37 75.59
N VAL D 1701 18.11 42.94 75.78
CA VAL D 1701 17.05 42.85 74.78
C VAL D 1701 16.71 44.22 74.20
N GLU D 1702 16.64 44.28 72.88
CA GLU D 1702 16.29 45.51 72.18
C GLU D 1702 14.91 45.37 71.56
N ILE D 1703 14.10 46.42 71.68
CA ILE D 1703 12.70 46.38 71.27
C ILE D 1703 12.40 47.47 70.26
N GLY D 1704 11.25 47.39 69.60
CA GLY D 1704 10.95 48.28 68.48
C GLY D 1704 11.05 47.58 67.14
N VAL D 1705 11.06 46.25 67.16
CA VAL D 1705 11.15 45.43 65.96
C VAL D 1705 12.41 45.73 65.14
N LYS D 1706 12.27 46.22 63.92
CA LYS D 1706 13.39 46.32 63.00
C LYS D 1706 14.50 47.28 63.45
N SER D 1707 14.24 48.04 64.50
CA SER D 1707 15.25 48.92 65.05
C SER D 1707 16.17 48.17 66.02
N ALA D 1708 15.74 46.97 66.41
CA ALA D 1708 16.47 46.13 67.36
C ALA D 1708 17.90 45.67 66.99
N PRO D 1709 18.18 45.42 65.70
CA PRO D 1709 19.57 44.98 65.47
C PRO D 1709 20.64 46.04 65.76
N THR D 1710 20.29 47.32 65.61
CA THR D 1710 21.27 48.41 65.70
C THR D 1710 22.05 48.53 67.02
N VAL D 1711 21.37 48.96 68.09
CA VAL D 1711 22.07 49.22 69.36
C VAL D 1711 22.55 47.93 70.02
N ALA D 1712 22.04 46.81 69.51
CA ALA D 1712 22.53 45.49 69.90
C ALA D 1712 23.88 45.21 69.24
N GLY D 1713 23.96 45.51 67.94
CA GLY D 1713 25.21 45.45 67.22
C GLY D 1713 26.19 46.46 67.78
N LEU D 1714 25.65 47.56 68.29
CA LEU D 1714 26.44 48.54 69.03
C LEU D 1714 26.95 47.91 70.32
N ALA D 1715 26.08 47.16 70.99
CA ALA D 1715 26.45 46.50 72.23
C ALA D 1715 27.40 45.34 71.95
N THR D 1716 27.08 44.55 70.93
CA THR D 1716 27.88 43.39 70.55
C THR D 1716 29.37 43.71 70.37
N ASN D 1717 29.65 44.73 69.56
CA ASN D 1717 31.03 45.17 69.32
C ASN D 1717 31.67 45.78 70.56
N THR D 1718 30.82 46.31 71.43
CA THR D 1718 31.23 46.85 72.71
C THR D 1718 31.47 45.71 73.69
N LEU D 1719 30.74 44.61 73.52
CA LEU D 1719 30.89 43.47 74.42
C LEU D 1719 32.20 42.80 74.11
N LYS D 1720 32.73 43.10 72.93
CA LYS D 1720 33.94 42.46 72.47
C LYS D 1720 35.11 43.23 73.05
N LEU D 1721 35.28 44.47 72.61
CA LEU D 1721 36.51 45.22 72.89
C LEU D 1721 36.84 45.54 74.37
N PRO D 1722 35.99 46.32 75.09
CA PRO D 1722 36.34 46.40 76.52
C PRO D 1722 36.03 45.15 77.33
N GLU D 1723 34.99 44.40 76.94
CA GLU D 1723 34.39 43.36 77.78
C GLU D 1723 34.99 41.96 77.66
N TYR D 1724 36.18 41.90 77.07
CA TYR D 1724 36.89 40.68 76.71
C TYR D 1724 37.01 39.66 77.87
N SER D 1725 36.53 40.06 79.05
CA SER D 1725 36.70 39.34 80.32
C SER D 1725 36.13 37.93 80.30
N HIS D 1726 35.54 37.53 79.18
CA HIS D 1726 34.82 36.27 79.03
C HIS D 1726 33.61 36.18 79.96
N SER D 1727 32.56 36.94 79.64
CA SER D 1727 31.32 36.88 80.41
C SER D 1727 30.21 36.23 79.60
N THR D 1728 29.25 35.61 80.30
CA THR D 1728 28.10 34.99 79.65
C THR D 1728 27.12 36.11 79.50
N VAL D 1729 26.84 36.49 78.26
CA VAL D 1729 25.94 37.60 77.97
C VAL D 1729 25.08 37.22 76.78
N GLU D 1730 23.82 37.63 76.80
CA GLU D 1730 22.93 37.34 75.68
C GLU D 1730 22.38 38.61 75.05
N VAL D 1731 22.70 38.79 73.77
CA VAL D 1731 22.22 39.92 72.98
C VAL D 1731 21.00 39.47 72.18
N LEU D 1732 19.84 40.02 72.50
CA LEU D 1732 18.60 39.61 71.85
C LEU D 1732 17.88 40.78 71.19
N ASN D 1733 17.32 40.52 70.01
CA ASN D 1733 16.62 41.54 69.25
C ASN D 1733 15.17 41.17 68.99
N SER D 1734 14.27 42.14 69.11
CA SER D 1734 12.85 41.91 68.88
C SER D 1734 12.57 41.47 67.45
N GLU D 1735 13.18 42.16 66.49
CA GLU D 1735 13.08 41.79 65.09
C GLU D 1735 13.61 40.38 64.85
N ARG D 1736 14.92 40.21 65.06
CA ARG D 1736 15.62 38.97 64.71
C ARG D 1736 15.34 37.79 65.63
N ASP D 1737 15.48 38.01 66.94
CA ASP D 1737 15.58 36.94 67.93
C ASP D 1737 14.26 36.50 68.59
N ALA D 1738 13.13 36.97 68.07
CA ALA D 1738 11.82 36.84 68.72
C ALA D 1738 11.54 35.45 69.32
N ALA D 1739 11.97 34.39 68.65
CA ALA D 1739 11.83 33.04 69.19
C ALA D 1739 12.49 32.90 70.56
N VAL D 1740 13.58 33.63 70.77
CA VAL D 1740 14.29 33.60 72.05
C VAL D 1740 13.61 34.46 73.11
N LEU D 1741 13.02 35.58 72.68
CA LEU D 1741 12.34 36.49 73.57
C LEU D 1741 11.17 35.82 74.27
N PHE D 1742 10.28 35.23 73.47
CA PHE D 1742 9.09 34.56 73.99
C PHE D 1742 9.43 33.14 74.44
N ALA D 1743 10.70 32.78 74.30
CA ALA D 1743 11.23 31.50 74.77
C ALA D 1743 10.72 30.29 74.00
N THR D 1744 9.85 30.52 73.03
CA THR D 1744 9.29 29.44 72.23
C THR D 1744 10.36 28.83 71.31
N ASP D 1745 10.58 27.53 71.48
CA ASP D 1745 11.55 26.79 70.68
C ASP D 1745 11.49 25.29 71.00
N SER D 1983 17.84 1.21 23.10
CA SER D 1983 17.00 0.66 24.16
C SER D 1983 15.86 -0.16 23.58
N ALA D 1984 15.06 0.46 22.71
CA ALA D 1984 13.92 -0.21 22.11
C ALA D 1984 14.19 -0.61 20.67
N ALA D 1985 13.93 -1.88 20.35
CA ALA D 1985 14.15 -2.42 19.01
C ALA D 1985 13.14 -1.87 18.00
N LEU D 1986 12.18 -1.08 18.49
CA LEU D 1986 11.06 -0.59 17.69
C LEU D 1986 11.42 0.37 16.56
N GLY D 1987 12.70 0.73 16.46
CA GLY D 1987 13.16 1.74 15.52
C GLY D 1987 12.66 1.64 14.08
N GLU D 1988 12.55 0.44 13.56
CA GLU D 1988 12.06 0.24 12.19
C GLU D 1988 10.53 0.29 12.13
N PHE D 1989 9.89 0.17 13.29
CA PHE D 1989 8.44 0.27 13.37
C PHE D 1989 8.02 1.74 13.38
N ALA D 1990 8.99 2.61 13.59
CA ALA D 1990 8.77 4.05 13.46
C ALA D 1990 8.80 4.44 12.00
N GLU D 1991 9.67 3.79 11.24
CA GLU D 1991 9.77 4.01 9.80
C GLU D 1991 8.55 3.46 9.09
N LYS D 1992 8.01 2.37 9.62
CA LYS D 1992 6.84 1.72 9.02
C LYS D 1992 5.57 2.52 9.26
N VAL D 1993 5.63 3.48 10.17
CA VAL D 1993 4.52 4.41 10.38
C VAL D 1993 4.55 5.51 9.34
N THR D 1994 5.76 5.98 9.03
CA THR D 1994 5.96 7.09 8.11
C THR D 1994 5.44 6.79 6.70
N GLY D 1995 5.64 5.56 6.24
CA GLY D 1995 5.26 5.16 4.90
C GLY D 1995 3.78 5.31 4.56
N PRO D 1996 2.89 4.67 5.34
CA PRO D 1996 1.45 4.82 5.15
C PRO D 1996 0.98 6.25 5.33
N ASP D 1997 1.67 7.02 6.15
CA ASP D 1997 1.38 8.44 6.30
C ASP D 1997 1.52 9.14 4.95
N GLY D 1998 2.56 8.78 4.22
CA GLY D 1998 2.75 9.28 2.87
C GLY D 1998 1.69 8.72 1.93
N VAL D 1999 1.34 7.46 2.15
CA VAL D 1999 0.27 6.82 1.39
C VAL D 1999 -1.06 7.49 1.75
N LEU D 2000 -1.21 7.84 3.02
CA LEU D 2000 -2.42 8.51 3.49
C LEU D 2000 -2.51 9.93 2.92
N ALA D 2001 -1.42 10.68 3.05
CA ALA D 2001 -1.38 12.07 2.59
C ALA D 2001 -1.60 12.19 1.10
N SER D 2002 -0.94 11.34 0.33
CA SER D 2002 -1.06 11.35 -1.12
C SER D 2002 -2.47 11.00 -1.57
N ALA D 2003 -3.05 10.00 -0.93
CA ALA D 2003 -4.41 9.56 -1.27
C ALA D 2003 -5.45 10.61 -0.86
N ALA D 2004 -5.18 11.31 0.24
CA ALA D 2004 -6.09 12.33 0.75
C ALA D 2004 -6.21 13.51 -0.21
N ARG D 2005 -5.12 13.82 -0.89
CA ARG D 2005 -5.09 14.94 -1.84
C ARG D 2005 -5.89 14.61 -3.10
N LEU D 2006 -6.00 13.32 -3.40
CA LEU D 2006 -6.74 12.87 -4.58
C LEU D 2006 -8.24 13.03 -4.38
N VAL D 2007 -8.70 12.78 -3.15
CA VAL D 2007 -10.12 12.88 -2.82
C VAL D 2007 -10.47 14.32 -2.46
N LEU D 2008 -9.48 15.19 -2.51
CA LEU D 2008 -9.66 16.61 -2.22
C LEU D 2008 -10.13 16.84 -0.78
N ASN D 2009 -9.73 15.96 0.13
CA ASN D 2009 -10.02 16.16 1.54
C ASN D 2009 -9.02 17.17 2.10
N GLN D 2010 -9.56 18.28 2.59
CA GLN D 2010 -8.73 19.43 2.92
C GLN D 2010 -8.24 19.41 4.38
N LEU D 2011 -6.93 19.39 4.54
CA LEU D 2011 -6.30 19.42 5.85
C LEU D 2011 -5.67 20.78 6.08
N GLY D 2012 -5.66 21.22 7.34
CA GLY D 2012 -5.24 22.56 7.66
C GLY D 2012 -6.23 23.56 7.11
N LEU D 2013 -7.49 23.39 7.50
CA LEU D 2013 -8.55 24.32 7.13
C LEU D 2013 -8.95 25.35 8.20
N SER D 2014 -8.30 25.30 9.37
CA SER D 2014 -8.73 26.15 10.48
C SER D 2014 -8.32 27.60 10.31
N ASP D 2015 -9.30 28.50 10.27
CA ASP D 2015 -9.03 29.92 10.09
C ASP D 2015 -9.66 30.72 11.23
N VAL D 2016 -9.66 32.04 11.11
CA VAL D 2016 -10.28 32.85 12.14
C VAL D 2016 -11.73 33.06 11.72
N VAL D 2017 -12.62 32.35 12.40
CA VAL D 2017 -14.05 32.39 12.10
C VAL D 2017 -14.90 32.47 13.38
N THR D 2018 -14.86 31.39 14.16
CA THR D 2018 -15.79 31.17 15.27
C THR D 2018 -15.30 31.69 16.61
N THR D 2019 -14.22 31.09 17.12
CA THR D 2019 -13.68 31.41 18.45
C THR D 2019 -13.50 32.90 18.77
N PRO D 2020 -12.83 33.68 17.89
CA PRO D 2020 -12.62 35.08 18.24
C PRO D 2020 -13.92 35.88 18.27
N GLU D 2021 -14.87 35.53 17.41
CA GLU D 2021 -16.19 36.15 17.44
C GLU D 2021 -16.85 35.85 18.76
N ALA D 2022 -16.74 34.59 19.19
CA ALA D 2022 -17.25 34.18 20.49
C ALA D 2022 -16.46 34.87 21.60
N ALA D 2023 -15.16 35.00 21.38
CA ALA D 2023 -14.29 35.69 22.33
C ALA D 2023 -14.68 37.16 22.42
N THR D 2024 -15.07 37.74 21.28
CA THR D 2024 -15.54 39.11 21.25
C THR D 2024 -16.87 39.21 21.98
N ASP D 2025 -17.74 38.22 21.76
CA ASP D 2025 -19.02 38.17 22.45
C ASP D 2025 -18.84 37.92 23.94
N ALA D 2026 -17.90 37.04 24.27
CA ALA D 2026 -17.61 36.73 25.67
C ALA D 2026 -16.93 37.91 26.35
N GLU D 2027 -16.29 38.77 25.56
CA GLU D 2027 -15.64 39.96 26.10
C GLU D 2027 -16.68 41.01 26.47
N LEU D 2028 -17.70 41.15 25.63
CA LEU D 2028 -18.75 42.13 25.87
C LEU D 2028 -19.59 41.77 27.08
N ILE D 2029 -19.91 40.49 27.23
CA ILE D 2029 -20.73 40.03 28.34
C ILE D 2029 -19.98 40.16 29.68
N ASP D 2030 -18.65 40.12 29.60
CA ASP D 2030 -17.83 40.31 30.79
C ASP D 2030 -17.80 41.77 31.20
N LEU D 2031 -17.78 42.66 30.21
CA LEU D 2031 -17.78 44.10 30.46
C LEU D 2031 -19.12 44.55 31.03
N VAL D 2032 -20.20 44.02 30.46
CA VAL D 2032 -21.54 44.33 30.93
C VAL D 2032 -21.74 43.88 32.38
N THR D 2033 -21.20 42.70 32.69
CA THR D 2033 -21.26 42.17 34.05
C THR D 2033 -20.42 43.02 35.01
N ALA D 2034 -19.28 43.48 34.51
CA ALA D 2034 -18.36 44.30 35.31
C ALA D 2034 -19.03 45.58 35.81
N GLU D 2035 -19.83 46.19 34.94
CA GLU D 2035 -20.54 47.42 35.29
C GLU D 2035 -21.70 47.19 36.25
N LEU D 2036 -22.57 46.25 35.90
CA LEU D 2036 -23.82 46.04 36.63
C LEU D 2036 -23.69 45.19 37.91
N GLY D 2037 -22.76 44.24 37.91
CA GLY D 2037 -22.58 43.38 39.06
C GLY D 2037 -23.09 41.97 38.83
N SER D 2038 -22.96 41.12 39.85
CA SER D 2038 -23.33 39.71 39.74
C SER D 2038 -24.82 39.43 39.93
N ASP D 2039 -25.44 40.10 40.90
CA ASP D 2039 -26.82 39.83 41.28
C ASP D 2039 -27.85 40.34 40.28
N TRP D 2040 -27.56 41.49 39.70
CA TRP D 2040 -28.49 42.13 38.75
C TRP D 2040 -28.89 41.28 37.53
N PRO D 2041 -27.92 40.63 36.86
CA PRO D 2041 -28.32 39.78 35.73
C PRO D 2041 -29.08 38.53 36.17
N ARG D 2042 -28.73 37.97 37.32
CA ARG D 2042 -29.34 36.73 37.79
C ARG D 2042 -30.77 36.93 38.30
N LEU D 2043 -31.02 38.07 38.93
CA LEU D 2043 -32.34 38.37 39.47
C LEU D 2043 -33.31 38.90 38.41
N VAL D 2044 -32.76 39.36 37.30
CA VAL D 2044 -33.58 39.94 36.23
C VAL D 2044 -34.12 38.87 35.27
N ALA D 2045 -33.76 37.61 35.55
CA ALA D 2045 -34.23 36.49 34.75
C ALA D 2045 -35.76 36.41 34.74
N PRO D 2046 -36.35 36.03 33.59
CA PRO D 2046 -37.80 35.97 33.45
C PRO D 2046 -38.44 34.93 34.35
N THR D 2047 -39.67 35.20 34.79
CA THR D 2047 -40.41 34.31 35.67
C THR D 2047 -41.79 33.99 35.10
N PHE D 2048 -42.61 35.02 34.93
CA PHE D 2048 -43.97 34.88 34.46
C PHE D 2048 -44.12 34.14 33.14
N ASP D 2049 -45.09 33.23 33.09
CA ASP D 2049 -45.53 32.61 31.86
C ASP D 2049 -47.04 32.46 31.91
N ALA D 2050 -47.70 32.56 30.74
CA ALA D 2050 -49.15 32.64 30.69
C ALA D 2050 -49.90 31.35 31.08
N ARG D 2051 -49.16 30.25 31.20
CA ARG D 2051 -49.76 28.93 31.44
C ARG D 2051 -49.84 28.48 32.90
N LYS D 2052 -49.21 29.22 33.81
CA LYS D 2052 -49.20 28.84 35.22
C LYS D 2052 -50.30 29.51 36.06
N ALA D 2053 -51.15 30.31 35.42
CA ALA D 2053 -52.19 31.04 36.14
C ALA D 2053 -53.26 30.14 36.77
N VAL D 2054 -53.77 30.56 37.93
CA VAL D 2054 -54.85 29.83 38.61
C VAL D 2054 -55.99 30.76 39.06
N VAL D 2055 -57.20 30.37 38.66
CA VAL D 2055 -58.40 31.18 38.86
C VAL D 2055 -59.33 30.47 39.82
N PHE D 2056 -59.73 31.18 40.88
CA PHE D 2056 -60.77 30.68 41.74
C PHE D 2056 -61.97 31.61 41.64
N ASP D 2057 -62.97 31.19 40.87
CA ASP D 2057 -64.27 31.85 40.81
C ASP D 2057 -65.35 31.11 41.61
N ASP D 2058 -65.02 30.01 42.25
CA ASP D 2058 -66.11 29.33 42.97
C ASP D 2058 -66.20 29.74 44.44
N ARG D 2059 -67.27 30.47 44.74
CA ARG D 2059 -67.82 30.60 46.08
C ARG D 2059 -68.80 29.46 46.42
N TRP D 2060 -69.62 29.08 45.43
CA TRP D 2060 -70.71 28.12 45.61
C TRP D 2060 -70.22 26.81 46.21
N ALA D 2061 -69.04 26.39 45.80
CA ALA D 2061 -68.45 25.14 46.29
C ALA D 2061 -67.83 25.34 47.67
N SER D 2062 -67.15 26.46 47.85
CA SER D 2062 -66.43 26.72 49.10
C SER D 2062 -67.34 27.14 50.24
N ALA D 2063 -68.50 27.70 49.91
CA ALA D 2063 -69.46 28.13 50.92
C ALA D 2063 -70.19 26.94 51.54
N ARG D 2064 -70.44 25.92 50.74
CA ARG D 2064 -71.13 24.72 51.21
C ARG D 2064 -70.29 23.94 52.21
N GLU D 2065 -69.01 23.77 51.88
CA GLU D 2065 -68.08 23.08 52.77
C GLU D 2065 -67.81 23.89 54.02
N ASP D 2066 -67.94 25.21 53.90
CA ASP D 2066 -67.70 26.13 55.00
C ASP D 2066 -68.80 26.04 56.05
N LEU D 2067 -70.03 25.86 55.60
CA LEU D 2067 -71.18 25.80 56.50
C LEU D 2067 -71.23 24.49 57.29
N VAL D 2068 -71.04 23.38 56.60
CA VAL D 2068 -71.11 22.07 57.24
C VAL D 2068 -70.01 21.89 58.29
N LYS D 2069 -68.90 22.61 58.10
CA LYS D 2069 -67.80 22.59 59.05
C LYS D 2069 -68.18 23.36 60.32
N LEU D 2070 -68.97 24.42 60.13
CA LEU D 2070 -69.47 25.19 61.25
C LEU D 2070 -70.50 24.36 62.01
N TRP D 2071 -71.46 23.82 61.25
CA TRP D 2071 -72.59 23.06 61.82
C TRP D 2071 -72.14 21.89 62.69
N LEU D 2072 -71.12 21.17 62.24
CA LEU D 2072 -70.61 20.03 62.98
C LEU D 2072 -69.79 20.42 64.20
N ALA D 2073 -68.99 21.48 64.04
CA ALA D 2073 -68.03 21.88 65.07
C ALA D 2073 -68.58 22.91 66.06
N GLU D 2074 -69.87 23.23 65.94
CA GLU D 2074 -70.49 24.25 66.79
C GLU D 2074 -70.33 23.95 68.27
N GLU D 2075 -69.75 24.91 68.99
CA GLU D 2075 -69.55 24.79 70.43
C GLU D 2075 -70.07 26.04 71.14
N GLY D 2076 -69.45 27.18 70.82
CA GLY D 2076 -69.83 28.46 71.40
C GLY D 2076 -71.30 28.79 71.15
N ASP D 2077 -71.90 29.48 72.11
CA ASP D 2077 -73.34 29.77 72.06
C ASP D 2077 -73.67 30.96 71.17
N ILE D 2078 -74.92 31.39 71.22
CA ILE D 2078 -75.42 32.46 70.36
C ILE D 2078 -74.81 33.82 70.63
N ASP D 2079 -74.15 33.94 71.79
CA ASP D 2079 -73.55 35.23 72.18
C ASP D 2079 -72.30 35.56 71.37
N ALA D 2080 -71.83 34.60 70.58
CA ALA D 2080 -70.62 34.77 69.80
C ALA D 2080 -70.80 35.80 68.69
N GLN D 2081 -69.80 36.65 68.51
CA GLN D 2081 -69.81 37.62 67.41
C GLN D 2081 -69.30 36.96 66.14
N TRP D 2082 -68.68 35.78 66.31
CA TRP D 2082 -68.17 35.03 65.17
C TRP D 2082 -69.31 34.49 64.31
N GLU D 2083 -70.43 34.16 64.96
CA GLU D 2083 -71.60 33.67 64.25
C GLU D 2083 -72.18 34.76 63.35
N GLN D 2084 -72.08 36.01 63.81
CA GLN D 2084 -72.52 37.14 63.01
C GLN D 2084 -71.53 37.44 61.89
N LEU D 2085 -70.25 37.24 62.17
CA LEU D 2085 -69.21 37.45 61.19
C LEU D 2085 -69.25 36.38 60.11
N SER D 2086 -69.48 35.14 60.53
CA SER D 2086 -69.56 34.01 59.60
C SER D 2086 -70.83 34.08 58.77
N GLN D 2087 -71.88 34.66 59.34
CA GLN D 2087 -73.14 34.82 58.62
C GLN D 2087 -72.97 35.83 57.50
N ARG D 2088 -72.11 36.83 57.71
CA ARG D 2088 -71.81 37.82 56.70
C ARG D 2088 -70.90 37.21 55.62
N PHE D 2089 -70.12 36.21 56.00
CA PHE D 2089 -69.28 35.49 55.06
C PHE D 2089 -70.12 34.48 54.29
N GLU D 2090 -71.19 34.02 54.92
CA GLU D 2090 -72.12 33.08 54.29
C GLU D 2090 -73.16 33.85 53.50
N GLY D 2091 -73.03 35.16 53.47
CA GLY D 2091 -73.94 36.03 52.73
C GLY D 2091 -73.88 35.79 51.22
N THR D 2092 -72.90 34.99 50.79
CA THR D 2092 -72.83 34.58 49.41
C THR D 2092 -74.01 33.65 49.20
N GLY D 2093 -74.90 34.00 48.27
CA GLY D 2093 -76.11 33.23 48.12
C GLY D 2093 -76.68 33.21 46.71
N HIS D 2094 -77.23 32.07 46.34
CA HIS D 2094 -77.91 31.88 45.08
C HIS D 2094 -78.75 30.61 45.23
N VAL D 2095 -79.33 30.14 44.13
CA VAL D 2095 -80.11 28.92 44.15
C VAL D 2095 -79.26 27.73 44.62
N VAL D 2096 -77.97 27.76 44.27
CA VAL D 2096 -77.05 26.69 44.63
C VAL D 2096 -76.78 26.60 46.13
N ALA D 2097 -76.33 27.71 46.72
CA ALA D 2097 -75.94 27.72 48.12
C ALA D 2097 -77.15 27.63 49.05
N THR D 2098 -78.30 28.09 48.57
CA THR D 2098 -79.54 28.00 49.34
C THR D 2098 -79.97 26.55 49.47
N GLN D 2099 -79.83 25.80 48.38
CA GLN D 2099 -80.20 24.38 48.36
C GLN D 2099 -79.37 23.58 49.36
N ALA D 2100 -78.19 24.09 49.69
CA ALA D 2100 -77.33 23.49 50.70
C ALA D 2100 -77.84 23.82 52.09
N ASN D 2101 -77.86 25.12 52.41
CA ASN D 2101 -78.27 25.59 53.73
C ASN D 2101 -79.70 25.21 54.12
N TRP D 2102 -80.65 25.41 53.21
CA TRP D 2102 -82.06 25.13 53.48
C TRP D 2102 -82.30 23.65 53.81
N TRP D 2103 -81.33 22.83 53.44
CA TRP D 2103 -81.44 21.39 53.58
C TRP D 2103 -80.93 20.91 54.93
N GLN D 2104 -79.65 21.13 55.18
CA GLN D 2104 -79.03 20.76 56.45
C GLN D 2104 -79.77 21.39 57.63
N GLY D 2105 -80.45 22.50 57.36
CA GLY D 2105 -81.29 23.16 58.36
C GLY D 2105 -82.60 22.41 58.55
N LYS D 2106 -83.24 22.02 57.45
CA LYS D 2106 -84.51 21.33 57.53
C LYS D 2106 -84.32 19.90 58.02
N ALA D 2107 -83.11 19.37 57.84
CA ALA D 2107 -82.79 18.02 58.29
C ALA D 2107 -82.48 18.03 59.79
N LEU D 2108 -82.17 19.20 60.32
CA LEU D 2108 -81.86 19.34 61.73
C LEU D 2108 -83.10 19.13 62.59
N ALA D 2109 -82.93 18.46 63.72
CA ALA D 2109 -84.04 18.10 64.60
C ALA D 2109 -83.96 18.80 65.95
N ALA D 2110 -84.87 18.44 66.84
CA ALA D 2110 -84.97 19.05 68.17
C ALA D 2110 -84.09 18.36 69.21
N GLY D 2111 -83.25 17.44 68.74
CA GLY D 2111 -82.46 16.55 69.59
C GLY D 2111 -81.75 17.21 70.79
N ARG D 2112 -81.18 18.40 70.60
CA ARG D 2112 -80.46 19.05 71.68
C ARG D 2112 -80.50 20.59 71.60
N ASN D 2113 -79.83 21.23 72.55
CA ASN D 2113 -79.79 22.68 72.61
C ASN D 2113 -79.05 23.28 71.42
N VAL D 2114 -77.97 22.63 71.02
CA VAL D 2114 -77.19 23.07 69.86
C VAL D 2114 -78.02 22.92 68.60
N HIS D 2115 -78.83 21.86 68.56
CA HIS D 2115 -79.70 21.61 67.41
C HIS D 2115 -80.83 22.63 67.35
N ALA D 2116 -81.20 23.17 68.50
CA ALA D 2116 -82.24 24.18 68.57
C ALA D 2116 -81.70 25.54 68.12
N SER D 2117 -80.44 25.80 68.46
CA SER D 2117 -79.80 27.05 68.08
C SER D 2117 -79.36 27.04 66.62
N LEU D 2118 -78.88 25.88 66.16
CA LEU D 2118 -78.44 25.75 64.78
C LEU D 2118 -79.60 25.86 63.80
N PHE D 2119 -80.69 25.17 64.10
CA PHE D 2119 -81.87 25.17 63.24
C PHE D 2119 -82.48 26.56 63.07
N GLY D 2120 -82.57 27.29 64.18
CA GLY D 2120 -83.14 28.64 64.17
C GLY D 2120 -82.23 29.61 63.42
N ARG D 2121 -80.94 29.55 63.72
CA ARG D 2121 -79.97 30.44 63.09
C ARG D 2121 -79.81 30.16 61.60
N ILE D 2122 -79.91 28.88 61.24
CA ILE D 2122 -79.78 28.48 59.84
C ILE D 2122 -80.99 28.90 59.02
N ALA D 2123 -82.18 28.79 59.62
CA ALA D 2123 -83.42 29.20 58.96
C ALA D 2123 -83.42 30.70 58.73
N ALA D 2124 -82.84 31.44 59.67
CA ALA D 2124 -82.70 32.89 59.54
C ALA D 2124 -81.65 33.22 58.49
N GLY D 2125 -80.60 32.42 58.44
CA GLY D 2125 -79.54 32.62 57.46
C GLY D 2125 -80.01 32.22 56.07
N ALA D 2126 -80.92 31.25 56.01
CA ALA D 2126 -81.49 30.81 54.75
C ALA D 2126 -82.44 31.89 54.20
N GLU D 2127 -83.08 32.62 55.10
CA GLU D 2127 -83.99 33.68 54.72
C GLU D 2127 -83.21 34.92 54.28
N ASN D 2128 -82.11 35.20 54.98
CA ASN D 2128 -81.26 36.34 54.65
C ASN D 2128 -80.49 36.07 53.37
N PRO D 2129 -80.31 34.80 53.04
CA PRO D 2129 -79.60 34.40 51.83
C PRO D 2129 -80.45 34.69 50.58
N GLY D 2130 -81.76 34.47 50.71
CA GLY D 2130 -82.67 34.65 49.58
C GLY D 2130 -82.68 36.07 49.06
N LYS D 2131 -82.59 37.04 49.97
CA LYS D 2131 -82.66 38.46 49.60
C LYS D 2131 -81.28 39.10 49.41
N GLY D 2132 -80.23 38.30 49.56
CA GLY D 2132 -78.86 38.81 49.51
C GLY D 2132 -78.54 39.55 48.21
N ARG D 2133 -77.80 40.64 48.35
CA ARG D 2133 -77.39 41.45 47.21
C ARG D 2133 -75.87 41.37 47.05
N TYR D 2134 -75.34 42.10 46.08
CA TYR D 2134 -73.89 42.12 45.85
C TYR D 2134 -73.42 43.46 45.33
N SER D 2135 -72.11 43.69 45.45
CA SER D 2135 -71.44 44.82 44.81
C SER D 2135 -70.42 44.25 43.84
N ASP D 2136 -69.71 45.15 43.13
CA ASP D 2136 -68.64 44.72 42.25
C ASP D 2136 -67.45 45.71 42.26
N GLU D 2137 -66.25 45.17 42.44
CA GLU D 2137 -65.01 45.94 42.34
C GLU D 2137 -63.93 45.11 41.66
N VAL D 2138 -63.22 45.70 40.70
CA VAL D 2138 -62.13 45.00 40.03
C VAL D 2138 -60.78 45.57 40.45
N ALA D 2139 -60.00 44.79 41.19
CA ALA D 2139 -58.73 45.30 41.72
C ALA D 2139 -57.53 44.40 41.42
N VAL D 2140 -56.36 45.03 41.31
CA VAL D 2140 -55.10 44.31 41.16
C VAL D 2140 -54.17 44.66 42.33
N VAL D 2141 -53.85 43.67 43.14
CA VAL D 2141 -53.05 43.90 44.34
C VAL D 2141 -51.74 43.10 44.33
N THR D 2142 -50.63 43.82 44.50
CA THR D 2142 -49.32 43.18 44.61
C THR D 2142 -48.79 43.34 46.03
N GLY D 2143 -47.96 42.39 46.47
CA GLY D 2143 -47.46 42.40 47.83
C GLY D 2143 -48.54 41.98 48.81
N ALA D 2144 -49.32 40.99 48.40
CA ALA D 2144 -50.50 40.54 49.13
C ALA D 2144 -50.21 39.43 50.14
N SER D 2145 -48.94 39.14 50.38
CA SER D 2145 -48.56 37.90 51.06
C SER D 2145 -48.98 37.84 52.53
N LYS D 2146 -48.64 36.73 53.17
CA LYS D 2146 -49.15 36.40 54.50
C LYS D 2146 -48.57 37.29 55.60
N GLY D 2147 -49.41 37.67 56.55
CA GLY D 2147 -48.99 38.49 57.68
C GLY D 2147 -48.59 39.89 57.24
N SER D 2148 -49.39 40.48 56.37
CA SER D 2148 -49.10 41.81 55.84
C SER D 2148 -50.35 42.68 55.80
N ILE D 2149 -50.15 43.97 55.56
CA ILE D 2149 -51.24 44.92 55.49
C ILE D 2149 -52.17 44.60 54.32
N ALA D 2150 -51.58 44.28 53.18
CA ALA D 2150 -52.34 44.02 51.96
C ALA D 2150 -53.18 42.75 52.05
N ALA D 2151 -52.69 41.75 52.78
CA ALA D 2151 -53.44 40.52 52.98
C ALA D 2151 -54.72 40.80 53.75
N SER D 2152 -54.66 41.76 54.67
CA SER D 2152 -55.83 42.19 55.41
C SER D 2152 -56.73 43.02 54.49
N VAL D 2153 -56.13 43.68 53.51
CA VAL D 2153 -56.87 44.44 52.52
C VAL D 2153 -57.57 43.51 51.53
N VAL D 2154 -56.86 42.46 51.12
CA VAL D 2154 -57.37 41.50 50.15
C VAL D 2154 -58.63 40.80 50.64
N GLY D 2155 -58.56 40.20 51.83
CA GLY D 2155 -59.70 39.52 52.41
C GLY D 2155 -60.87 40.47 52.63
N GLN D 2156 -60.56 41.74 52.90
CA GLN D 2156 -61.58 42.76 53.10
C GLN D 2156 -62.21 43.18 51.78
N LEU D 2157 -61.39 43.23 50.72
CA LEU D 2157 -61.92 43.48 49.38
C LEU D 2157 -62.86 42.35 48.97
N LEU D 2158 -62.44 41.13 49.26
CA LEU D 2158 -63.27 39.95 49.02
C LEU D 2158 -64.51 40.02 49.89
N ASP D 2159 -64.39 40.63 51.06
CA ASP D 2159 -65.55 40.82 51.93
C ASP D 2159 -66.53 41.86 51.37
N GLY D 2160 -66.03 42.68 50.45
CA GLY D 2160 -66.85 43.74 49.86
C GLY D 2160 -67.41 43.38 48.50
N GLY D 2161 -67.39 42.09 48.18
CA GLY D 2161 -67.94 41.62 46.92
C GLY D 2161 -67.19 42.12 45.70
N ALA D 2162 -65.87 41.95 45.71
CA ALA D 2162 -65.03 42.51 44.67
C ALA D 2162 -64.47 41.40 43.79
N THR D 2163 -63.70 41.79 42.78
CA THR D 2163 -62.94 40.85 41.96
C THR D 2163 -61.49 41.25 42.11
N VAL D 2164 -60.65 40.33 42.60
CA VAL D 2164 -59.29 40.70 42.99
C VAL D 2164 -58.21 39.88 42.32
N ILE D 2165 -57.25 40.58 41.72
CA ILE D 2165 -56.06 39.96 41.16
C ILE D 2165 -54.94 40.00 42.21
N ALA D 2166 -54.57 38.82 42.71
CA ALA D 2166 -53.55 38.73 43.76
C ALA D 2166 -52.28 38.10 43.21
N THR D 2167 -51.16 38.80 43.39
CA THR D 2167 -49.87 38.31 42.94
C THR D 2167 -49.04 37.79 44.09
N THR D 2168 -48.31 36.71 43.85
CA THR D 2168 -47.40 36.15 44.85
C THR D 2168 -46.01 35.91 44.25
N SER D 2169 -44.99 36.35 44.96
CA SER D 2169 -43.61 36.15 44.51
C SER D 2169 -43.22 34.68 44.59
N ARG D 2170 -43.55 34.05 45.70
CA ARG D 2170 -43.28 32.62 45.87
C ARG D 2170 -44.48 31.81 45.39
N LEU D 2171 -44.24 30.96 44.39
CA LEU D 2171 -45.31 30.20 43.76
C LEU D 2171 -45.55 28.86 44.45
N ASP D 2172 -44.74 28.57 45.47
CA ASP D 2172 -44.81 27.29 46.18
C ASP D 2172 -46.20 27.05 46.77
N ASP D 2173 -46.59 25.79 46.86
CA ASP D 2173 -47.93 25.40 47.29
C ASP D 2173 -48.28 25.87 48.71
N ASP D 2174 -47.26 26.21 49.50
CA ASP D 2174 -47.50 26.71 50.85
C ASP D 2174 -48.06 28.13 50.80
N ARG D 2175 -47.66 28.88 49.78
CA ARG D 2175 -48.22 30.19 49.52
C ARG D 2175 -49.56 30.07 48.81
N LEU D 2176 -49.66 29.06 47.95
CA LEU D 2176 -50.88 28.80 47.19
C LEU D 2176 -52.01 28.35 48.10
N ALA D 2177 -51.68 27.54 49.09
CA ALA D 2177 -52.67 27.03 50.03
C ALA D 2177 -53.21 28.13 50.93
N PHE D 2178 -52.37 29.14 51.20
CA PHE D 2178 -52.75 30.25 52.07
C PHE D 2178 -53.87 31.09 51.47
N TYR D 2179 -53.74 31.43 50.19
CA TYR D 2179 -54.75 32.25 49.53
C TYR D 2179 -56.07 31.49 49.37
N LYS D 2180 -55.99 30.17 49.29
CA LYS D 2180 -57.18 29.34 49.26
C LYS D 2180 -57.88 29.39 50.61
N GLN D 2181 -57.07 29.38 51.68
CA GLN D 2181 -57.60 29.51 53.03
C GLN D 2181 -58.20 30.89 53.24
N LEU D 2182 -57.53 31.91 52.72
CA LEU D 2182 -57.97 33.29 52.87
C LEU D 2182 -59.26 33.54 52.08
N TYR D 2183 -59.36 32.91 50.91
CA TYR D 2183 -60.54 33.09 50.06
C TYR D 2183 -61.76 32.38 50.62
N ARG D 2184 -61.61 31.12 50.99
CA ARG D 2184 -62.73 30.32 51.49
C ARG D 2184 -63.31 30.86 52.80
N ASP D 2185 -62.63 31.81 53.41
CA ASP D 2185 -63.12 32.48 54.60
C ASP D 2185 -63.87 33.77 54.25
N HIS D 2186 -63.16 34.70 53.63
CA HIS D 2186 -63.67 36.07 53.42
C HIS D 2186 -64.44 36.31 52.12
N ALA D 2187 -64.71 35.27 51.34
CA ALA D 2187 -65.40 35.44 50.06
C ALA D 2187 -66.91 35.61 50.18
N ARG D 2188 -67.44 36.62 49.51
CA ARG D 2188 -68.88 36.84 49.44
C ARG D 2188 -69.41 36.42 48.07
N PHE D 2189 -70.68 36.72 47.83
CA PHE D 2189 -71.29 36.55 46.52
C PHE D 2189 -70.62 37.49 45.52
N ASP D 2190 -70.66 37.13 44.24
CA ASP D 2190 -70.06 37.93 43.17
C ASP D 2190 -68.54 38.01 43.25
N ALA D 2191 -67.95 37.39 44.29
CA ALA D 2191 -66.51 37.47 44.51
C ALA D 2191 -65.70 36.41 43.75
N THR D 2192 -64.71 36.88 43.01
CA THR D 2192 -63.81 36.04 42.25
C THR D 2192 -62.37 36.45 42.55
N LEU D 2193 -61.54 35.50 42.98
CA LEU D 2193 -60.14 35.79 43.30
C LEU D 2193 -59.19 35.15 42.28
N TRP D 2194 -58.09 35.84 41.99
CA TRP D 2194 -57.09 35.34 41.05
C TRP D 2194 -55.67 35.41 41.64
N VAL D 2195 -55.01 34.25 41.71
CA VAL D 2195 -53.66 34.15 42.23
C VAL D 2195 -52.69 33.81 41.10
N VAL D 2196 -51.56 34.52 41.05
CA VAL D 2196 -50.57 34.27 40.00
C VAL D 2196 -49.13 34.40 40.49
N PRO D 2197 -48.21 33.65 39.87
CA PRO D 2197 -46.79 33.93 40.08
C PRO D 2197 -46.43 35.25 39.42
N ALA D 2198 -45.76 36.13 40.14
CA ALA D 2198 -45.42 37.44 39.57
C ALA D 2198 -44.13 37.99 40.16
N ASN D 2199 -43.37 38.70 39.33
CA ASN D 2199 -42.17 39.40 39.78
C ASN D 2199 -42.19 40.85 39.31
N MET D 2200 -42.29 41.77 40.25
CA MET D 2200 -42.39 43.19 39.93
C MET D 2200 -41.05 43.78 39.50
N ALA D 2201 -39.98 43.01 39.71
CA ALA D 2201 -38.64 43.43 39.33
C ALA D 2201 -38.41 43.24 37.84
N SER D 2202 -39.23 42.39 37.22
CA SER D 2202 -39.09 42.10 35.80
C SER D 2202 -40.05 42.94 34.96
N TYR D 2203 -39.50 43.69 34.02
CA TYR D 2203 -40.31 44.47 33.08
C TYR D 2203 -41.10 43.55 32.17
N SER D 2204 -40.49 42.41 31.82
CA SER D 2204 -41.15 41.41 31.00
C SER D 2204 -42.41 40.91 31.69
N ASP D 2205 -42.29 40.61 32.99
CA ASP D 2205 -43.43 40.16 33.78
C ASP D 2205 -44.56 41.18 33.75
N ILE D 2206 -44.23 42.44 34.03
CA ILE D 2206 -45.20 43.52 34.03
C ILE D 2206 -45.95 43.61 32.70
N ASP D 2207 -45.21 43.60 31.60
CA ASP D 2207 -45.80 43.66 30.28
C ASP D 2207 -46.62 42.41 29.98
N LYS D 2208 -46.07 41.25 30.31
CA LYS D 2208 -46.75 39.98 30.07
C LYS D 2208 -47.99 39.81 30.96
N LEU D 2209 -47.90 40.31 32.20
CA LEU D 2209 -48.99 40.16 33.14
C LEU D 2209 -50.21 40.96 32.71
N VAL D 2210 -50.01 42.23 32.41
CA VAL D 2210 -51.12 43.10 32.04
C VAL D 2210 -51.64 42.78 30.63
N GLU D 2211 -50.77 42.18 29.81
CA GLU D 2211 -51.19 41.69 28.50
C GLU D 2211 -52.12 40.51 28.72
N TRP D 2212 -51.94 39.82 29.84
CA TRP D 2212 -52.83 38.75 30.25
C TRP D 2212 -54.09 39.33 30.91
N VAL D 2213 -53.91 40.36 31.71
CA VAL D 2213 -55.01 41.02 32.42
C VAL D 2213 -55.99 41.75 31.48
N GLY D 2214 -55.50 42.15 30.31
CA GLY D 2214 -56.26 43.01 29.43
C GLY D 2214 -56.86 42.48 28.14
N THR D 2215 -56.76 41.18 27.88
CA THR D 2215 -57.06 40.70 26.53
C THR D 2215 -58.51 40.35 26.21
N GLU D 2216 -59.02 39.24 26.73
CA GLU D 2216 -60.28 38.69 26.23
C GLU D 2216 -61.36 38.37 27.27
N GLN D 2217 -61.01 37.51 28.23
CA GLN D 2217 -61.98 36.74 29.03
C GLN D 2217 -62.77 35.81 28.13
N THR D 2218 -62.07 34.81 27.61
CA THR D 2218 -62.66 33.86 26.71
C THR D 2218 -61.92 32.53 26.88
N GLU D 2219 -62.63 31.41 26.73
CA GLU D 2219 -61.98 30.11 26.80
C GLU D 2219 -62.36 29.28 25.59
N SER D 2220 -61.38 29.02 24.73
CA SER D 2220 -61.62 28.30 23.49
C SER D 2220 -61.41 26.81 23.65
N LEU D 2221 -62.45 26.01 23.43
CA LEU D 2221 -62.24 24.57 23.38
C LEU D 2221 -62.23 24.07 21.95
N GLY D 2222 -61.03 23.76 21.48
CA GLY D 2222 -60.83 23.09 20.21
C GLY D 2222 -60.47 21.64 20.48
N PRO D 2223 -59.62 21.05 19.64
CA PRO D 2223 -59.04 19.74 19.96
C PRO D 2223 -58.30 19.82 21.30
N GLN D 2224 -57.79 21.01 21.63
CA GLN D 2224 -57.07 21.23 22.88
C GLN D 2224 -57.68 22.35 23.72
N SER D 2225 -57.05 22.62 24.87
CA SER D 2225 -57.53 23.62 25.84
C SER D 2225 -56.70 24.90 25.79
N ILE D 2226 -57.32 25.98 25.30
CA ILE D 2226 -56.68 27.28 25.23
C ILE D 2226 -57.50 28.30 26.01
N HIS D 2227 -56.91 28.89 27.04
CA HIS D 2227 -57.60 29.94 27.79
C HIS D 2227 -57.11 31.31 27.34
N LEU D 2228 -57.98 32.04 26.64
CA LEU D 2228 -57.64 33.37 26.19
C LEU D 2228 -57.62 34.33 27.38
N LYS D 2229 -56.65 35.24 27.38
CA LYS D 2229 -56.31 36.05 28.54
C LYS D 2229 -57.50 36.87 29.06
N ASP D 2230 -57.75 36.76 30.37
CA ASP D 2230 -58.95 37.33 30.97
C ASP D 2230 -58.89 38.84 31.06
N ALA D 2231 -59.89 39.53 30.51
CA ALA D 2231 -59.88 40.98 30.46
C ALA D 2231 -60.80 41.61 31.50
N GLN D 2232 -60.20 42.22 32.52
CA GLN D 2232 -60.94 42.96 33.54
C GLN D 2232 -60.28 44.33 33.78
N THR D 2233 -61.01 45.39 33.48
CA THR D 2233 -60.46 46.74 33.61
C THR D 2233 -60.33 47.11 35.08
N PRO D 2234 -59.09 47.30 35.56
CA PRO D 2234 -58.83 47.49 36.99
C PRO D 2234 -59.44 48.77 37.55
N THR D 2235 -60.18 48.65 38.65
CA THR D 2235 -60.70 49.81 39.35
C THR D 2235 -59.60 50.33 40.27
N LEU D 2236 -59.21 49.49 41.22
CA LEU D 2236 -58.17 49.83 42.19
C LEU D 2236 -56.87 49.10 41.89
N LEU D 2237 -55.75 49.79 42.06
CA LEU D 2237 -54.43 49.19 41.91
C LEU D 2237 -53.63 49.41 43.19
N PHE D 2238 -53.07 48.33 43.73
CA PHE D 2238 -52.38 48.39 45.01
C PHE D 2238 -50.94 47.89 44.94
N PRO D 2239 -50.00 48.78 44.59
CA PRO D 2239 -48.60 48.36 44.49
C PRO D 2239 -47.94 48.24 45.87
N PHE D 2240 -48.37 47.24 46.64
CA PHE D 2240 -47.81 47.00 47.98
C PHE D 2240 -46.61 46.05 47.95
N ALA D 2241 -46.16 45.69 46.76
CA ALA D 2241 -45.00 44.81 46.62
C ALA D 2241 -43.82 45.42 47.37
N ALA D 2242 -43.26 44.64 48.28
CA ALA D 2242 -42.26 45.15 49.22
C ALA D 2242 -41.06 44.22 49.33
N PRO D 2243 -40.04 44.45 48.47
CA PRO D 2243 -38.79 43.70 48.59
C PRO D 2243 -38.19 43.89 49.97
N ARG D 2244 -37.61 42.82 50.50
CA ARG D 2244 -37.05 42.82 51.84
C ARG D 2244 -35.55 42.63 51.69
N VAL D 2245 -34.79 42.99 52.71
CA VAL D 2245 -33.35 42.91 52.60
C VAL D 2245 -32.94 41.51 53.03
N ALA D 2246 -32.57 40.70 52.04
CA ALA D 2246 -31.98 39.39 52.26
C ALA D 2246 -30.86 39.23 51.24
N GLY D 2247 -29.62 39.14 51.74
CA GLY D 2247 -28.43 39.31 50.92
C GLY D 2247 -27.58 38.11 50.58
N ASP D 2248 -28.15 36.90 50.62
CA ASP D 2248 -27.37 35.67 50.49
C ASP D 2248 -26.34 35.64 49.35
N MET D 2249 -26.71 36.23 48.21
CA MET D 2249 -25.81 36.30 47.06
C MET D 2249 -24.74 37.39 47.21
N SER D 2250 -24.77 38.12 48.33
CA SER D 2250 -23.87 39.26 48.61
C SER D 2250 -24.38 40.61 48.08
N GLU D 2251 -25.60 40.60 47.55
CA GLU D 2251 -26.20 41.77 46.89
C GLU D 2251 -26.24 43.04 47.74
N VAL D 2252 -25.87 42.93 49.01
CA VAL D 2252 -25.95 44.02 49.99
C VAL D 2252 -25.38 45.35 49.49
N GLY D 2253 -26.13 46.42 49.73
CA GLY D 2253 -25.66 47.77 49.43
C GLY D 2253 -26.11 48.29 48.07
N SER D 2254 -26.40 47.38 47.16
CA SER D 2254 -26.87 47.77 45.82
C SER D 2254 -28.39 47.71 45.71
N ARG D 2255 -29.03 47.28 46.79
CA ARG D 2255 -30.47 47.00 46.76
C ARG D 2255 -31.31 48.27 46.69
N ALA D 2256 -30.93 49.28 47.45
CA ALA D 2256 -31.64 50.56 47.44
C ALA D 2256 -31.62 51.20 46.05
N GLU D 2257 -30.61 50.84 45.28
CA GLU D 2257 -30.49 51.31 43.90
C GLU D 2257 -31.46 50.57 42.99
N MET D 2258 -31.55 49.25 43.18
CA MET D 2258 -32.40 48.41 42.35
C MET D 2258 -33.88 48.58 42.68
N GLU D 2259 -34.18 48.74 43.96
CA GLU D 2259 -35.56 48.89 44.41
C GLU D 2259 -36.20 50.18 43.90
N MET D 2260 -35.35 51.15 43.56
CA MET D 2260 -35.84 52.40 42.99
C MET D 2260 -36.48 52.16 41.62
N LYS D 2261 -36.04 51.09 40.96
CA LYS D 2261 -36.69 50.65 39.74
C LYS D 2261 -38.05 50.06 40.11
N VAL D 2262 -38.04 49.14 41.07
CA VAL D 2262 -39.23 48.42 41.50
C VAL D 2262 -40.27 49.34 42.14
N LEU D 2263 -39.86 50.12 43.12
CA LEU D 2263 -40.81 50.91 43.89
C LEU D 2263 -41.41 52.08 43.11
N LEU D 2264 -40.69 52.54 42.09
CA LEU D 2264 -41.14 53.71 41.35
C LEU D 2264 -41.16 53.51 39.84
N TRP D 2265 -39.98 53.31 39.25
CA TRP D 2265 -39.83 53.19 37.80
C TRP D 2265 -40.68 52.07 37.21
N ALA D 2266 -40.61 50.88 37.82
CA ALA D 2266 -41.42 49.74 37.36
C ALA D 2266 -42.90 49.92 37.68
N VAL D 2267 -43.19 50.67 38.74
CA VAL D 2267 -44.56 51.06 39.04
C VAL D 2267 -45.03 52.01 37.94
N GLN D 2268 -44.17 52.95 37.60
CA GLN D 2268 -44.45 53.89 36.51
C GLN D 2268 -44.80 53.14 35.22
N ARG D 2269 -44.00 52.12 34.90
CA ARG D 2269 -44.28 51.29 33.73
C ARG D 2269 -45.54 50.44 33.96
N LEU D 2270 -45.83 50.14 35.22
CA LEU D 2270 -47.04 49.39 35.55
C LEU D 2270 -48.27 50.28 35.37
N ILE D 2271 -48.14 51.52 35.80
CA ILE D 2271 -49.19 52.52 35.62
C ILE D 2271 -49.36 52.83 34.14
N SER D 2272 -48.25 52.95 33.44
CA SER D 2272 -48.25 53.20 32.00
C SER D 2272 -48.86 52.01 31.25
N GLY D 2273 -48.54 50.81 31.71
CA GLY D 2273 -49.03 49.59 31.09
C GLY D 2273 -50.55 49.48 31.11
N LEU D 2274 -51.13 49.70 32.29
CA LEU D 2274 -52.58 49.65 32.44
C LEU D 2274 -53.25 50.87 31.81
N SER D 2275 -52.46 51.90 31.57
CA SER D 2275 -52.96 53.09 30.88
C SER D 2275 -53.13 52.81 29.40
N LYS D 2276 -52.21 52.03 28.85
CA LYS D 2276 -52.26 51.64 27.44
C LYS D 2276 -53.48 50.76 27.18
N ILE D 2277 -53.64 49.73 27.99
CA ILE D 2277 -54.78 48.82 27.89
C ILE D 2277 -56.09 49.58 27.95
N GLY D 2278 -56.17 50.50 28.90
CA GLY D 2278 -57.36 51.30 29.08
C GLY D 2278 -57.63 52.21 27.89
N ALA D 2279 -56.57 52.73 27.28
CA ALA D 2279 -56.70 53.60 26.13
C ALA D 2279 -56.93 52.84 24.83
N GLU D 2280 -56.22 51.73 24.67
CA GLU D 2280 -56.36 50.90 23.47
C GLU D 2280 -57.74 50.25 23.40
N ARG D 2281 -58.17 49.66 24.51
CA ARG D 2281 -59.48 49.03 24.58
C ARG D 2281 -60.52 50.08 24.90
N ASP D 2282 -60.07 51.32 25.04
CA ASP D 2282 -60.95 52.48 25.12
C ASP D 2282 -61.95 52.46 26.25
N ILE D 2283 -61.45 52.64 27.47
CA ILE D 2283 -62.31 52.86 28.62
C ILE D 2283 -62.05 54.23 29.23
N ALA D 2284 -63.12 54.89 29.66
CA ALA D 2284 -62.98 56.18 30.33
C ALA D 2284 -62.88 55.96 31.84
N SER D 2285 -63.01 54.70 32.24
CA SER D 2285 -62.92 54.32 33.64
C SER D 2285 -61.58 54.70 34.25
N ARG D 2286 -61.61 55.37 35.40
CA ARG D 2286 -60.38 55.78 36.06
C ARG D 2286 -59.86 54.70 37.00
N LEU D 2287 -58.67 54.20 36.71
CA LEU D 2287 -58.01 53.27 37.62
C LEU D 2287 -57.50 54.04 38.81
N HIS D 2288 -57.93 53.65 40.01
CA HIS D 2288 -57.49 54.33 41.20
C HIS D 2288 -56.28 53.62 41.76
N VAL D 2289 -55.13 54.28 41.66
CA VAL D 2289 -53.89 53.72 42.16
C VAL D 2289 -53.58 54.31 43.52
N VAL D 2290 -53.64 53.48 44.56
CA VAL D 2290 -53.31 53.95 45.89
C VAL D 2290 -51.80 53.86 46.04
N LEU D 2291 -51.17 55.01 46.22
CA LEU D 2291 -49.71 55.07 46.32
C LEU D 2291 -49.27 54.91 47.76
N PRO D 2292 -48.64 53.77 48.08
CA PRO D 2292 -48.24 53.42 49.44
C PRO D 2292 -47.13 54.33 49.98
N GLY D 2293 -47.45 55.59 50.19
CA GLY D 2293 -46.48 56.54 50.71
C GLY D 2293 -46.05 56.21 52.12
N SER D 2294 -44.78 56.49 52.42
CA SER D 2294 -44.24 56.34 53.77
C SER D 2294 -44.64 57.53 54.64
N PRO D 2295 -44.91 57.28 55.93
CA PRO D 2295 -45.45 58.35 56.76
C PRO D 2295 -44.43 59.44 57.05
N ASN D 2296 -44.83 60.69 56.83
CA ASN D 2296 -44.12 61.85 57.34
C ASN D 2296 -42.59 61.83 57.18
N ARG D 2297 -42.12 62.02 55.95
CA ARG D 2297 -40.69 62.07 55.66
C ARG D 2297 -39.98 63.20 56.40
N GLY D 2298 -38.76 62.93 56.85
CA GLY D 2298 -37.91 63.95 57.45
C GLY D 2298 -37.97 64.08 58.96
N MET D 2299 -39.05 63.62 59.57
CA MET D 2299 -39.18 63.66 61.03
C MET D 2299 -38.81 62.35 61.71
N PHE D 2300 -38.35 61.38 60.92
CA PHE D 2300 -37.78 60.15 61.45
C PHE D 2300 -36.44 59.88 60.79
N GLY D 2301 -35.43 59.54 61.59
CA GLY D 2301 -34.14 59.17 61.06
C GLY D 2301 -33.83 57.70 61.19
N GLY D 2302 -34.75 56.96 61.83
CA GLY D 2302 -34.50 55.59 62.20
C GLY D 2302 -35.02 54.52 61.26
N ASP D 2303 -35.97 54.88 60.39
CA ASP D 2303 -36.52 53.92 59.44
C ASP D 2303 -35.45 53.47 58.47
N GLY D 2304 -34.78 54.45 57.86
CA GLY D 2304 -33.67 54.17 56.97
C GLY D 2304 -34.03 53.79 55.54
N ALA D 2305 -35.28 53.40 55.33
CA ALA D 2305 -35.72 52.99 54.00
C ALA D 2305 -36.96 53.76 53.55
N TYR D 2306 -38.07 53.55 54.26
CA TYR D 2306 -39.37 54.17 53.94
C TYR D 2306 -39.30 55.69 53.73
N GLY D 2307 -38.77 56.40 54.73
CA GLY D 2307 -38.81 57.85 54.77
C GLY D 2307 -38.28 58.57 53.55
N GLU D 2308 -37.16 58.11 53.02
CA GLU D 2308 -36.53 58.78 51.88
C GLU D 2308 -37.14 58.40 50.53
N ALA D 2309 -37.44 57.12 50.36
CA ALA D 2309 -37.85 56.59 49.06
C ALA D 2309 -39.19 57.13 48.57
N LYS D 2310 -40.11 57.35 49.50
CA LYS D 2310 -41.49 57.68 49.15
C LYS D 2310 -41.79 59.17 49.06
N SER D 2311 -40.77 60.01 49.20
CA SER D 2311 -40.95 61.46 49.15
C SER D 2311 -41.07 61.94 47.70
N ALA D 2312 -40.66 61.09 46.77
CA ALA D 2312 -40.74 61.42 45.35
C ALA D 2312 -42.12 61.11 44.78
N LEU D 2313 -42.98 60.55 45.62
CA LEU D 2313 -44.38 60.33 45.25
C LEU D 2313 -45.11 61.67 45.08
N ASP D 2314 -44.61 62.71 45.76
CA ASP D 2314 -45.10 64.06 45.56
C ASP D 2314 -44.69 64.55 44.18
N ALA D 2315 -43.55 64.07 43.71
CA ALA D 2315 -43.07 64.40 42.37
C ALA D 2315 -43.81 63.57 41.34
N LEU D 2316 -44.27 62.40 41.75
CA LEU D 2316 -45.02 61.51 40.86
C LEU D 2316 -46.44 62.05 40.66
N GLU D 2317 -46.97 62.70 41.69
CA GLU D 2317 -48.27 63.36 41.60
C GLU D 2317 -48.17 64.53 40.62
N ASN D 2318 -46.97 65.07 40.49
CA ASN D 2318 -46.71 66.16 39.54
C ASN D 2318 -46.72 65.67 38.10
N ARG D 2319 -46.27 64.43 37.89
CA ARG D 2319 -46.25 63.84 36.55
C ARG D 2319 -47.67 63.66 36.02
N TRP D 2320 -48.59 63.28 36.90
CA TRP D 2320 -49.99 63.16 36.52
C TRP D 2320 -50.62 64.52 36.34
N SER D 2321 -50.17 65.50 37.13
CA SER D 2321 -50.67 66.86 37.03
C SER D 2321 -50.06 67.55 35.81
N ALA D 2322 -49.00 66.95 35.26
CA ALA D 2322 -48.38 67.47 34.05
C ALA D 2322 -48.98 66.80 32.82
N GLU D 2323 -48.77 65.49 32.71
CA GLU D 2323 -49.31 64.71 31.60
C GLU D 2323 -50.83 64.81 31.56
N LYS D 2324 -51.36 65.23 30.41
CA LYS D 2324 -52.78 65.55 30.27
C LYS D 2324 -53.71 64.35 30.08
N SER D 2325 -53.28 63.39 29.26
CA SER D 2325 -54.15 62.29 28.85
C SER D 2325 -54.21 61.14 29.85
N TRP D 2326 -53.47 61.27 30.96
CA TRP D 2326 -53.43 60.22 31.97
C TRP D 2326 -54.64 60.24 32.90
N ALA D 2327 -55.35 61.36 32.92
CA ALA D 2327 -56.44 61.57 33.86
C ALA D 2327 -57.54 60.51 33.77
N GLU D 2328 -58.01 60.25 32.55
CA GLU D 2328 -59.11 59.31 32.34
C GLU D 2328 -58.72 57.87 32.67
N ARG D 2329 -57.47 57.52 32.40
CA ARG D 2329 -57.00 56.17 32.66
C ARG D 2329 -56.61 55.90 34.11
N VAL D 2330 -55.92 56.85 34.74
CA VAL D 2330 -55.38 56.64 36.07
C VAL D 2330 -55.59 57.82 37.02
N SER D 2331 -56.09 57.53 38.23
CA SER D 2331 -56.17 58.53 39.29
C SER D 2331 -55.22 58.16 40.41
N LEU D 2332 -54.49 59.15 40.92
CA LEU D 2332 -53.51 58.91 41.98
C LEU D 2332 -54.07 59.20 43.36
N ALA D 2333 -54.18 58.16 44.17
CA ALA D 2333 -54.59 58.30 45.56
C ALA D 2333 -53.39 58.07 46.47
N HIS D 2334 -52.92 59.12 47.13
CA HIS D 2334 -51.72 59.01 47.95
C HIS D 2334 -52.05 58.73 49.41
N ALA D 2335 -51.51 57.62 49.92
CA ALA D 2335 -51.74 57.23 51.30
C ALA D 2335 -50.42 57.09 52.06
N LEU D 2336 -50.31 57.80 53.17
CA LEU D 2336 -49.13 57.70 54.01
C LEU D 2336 -49.39 56.66 55.09
N ILE D 2337 -48.71 55.51 54.99
CA ILE D 2337 -48.99 54.40 55.89
C ILE D 2337 -48.15 54.56 57.14
N GLY D 2338 -48.82 54.76 58.28
CA GLY D 2338 -48.15 55.06 59.52
C GLY D 2338 -47.47 53.86 60.14
N TRP D 2339 -47.18 53.96 61.43
CA TRP D 2339 -46.54 52.86 62.14
C TRP D 2339 -47.53 51.71 62.16
N THR D 2340 -47.12 50.58 61.62
CA THR D 2340 -48.00 49.43 61.48
C THR D 2340 -47.25 48.16 61.85
N LYS D 2341 -47.77 47.41 62.80
CA LYS D 2341 -47.00 46.33 63.43
C LYS D 2341 -47.16 44.97 62.75
N GLY D 2342 -46.11 44.53 62.08
CA GLY D 2342 -45.99 43.16 61.60
C GLY D 2342 -45.09 42.38 62.52
N THR D 2343 -45.20 41.05 62.49
CA THR D 2343 -44.40 40.19 63.36
C THR D 2343 -42.97 39.97 62.86
N GLY D 2344 -42.83 39.66 61.58
CA GLY D 2344 -41.54 39.25 61.03
C GLY D 2344 -40.45 40.32 61.00
N LEU D 2345 -40.74 41.44 60.34
CA LEU D 2345 -39.75 42.50 60.18
C LEU D 2345 -39.60 43.30 61.47
N MET D 2346 -40.73 43.55 62.10
CA MET D 2346 -40.81 44.44 63.26
C MET D 2346 -40.73 43.74 64.61
N GLY D 2347 -40.43 42.44 64.59
CA GLY D 2347 -40.36 41.65 65.82
C GLY D 2347 -39.47 42.26 66.90
N GLN D 2348 -38.52 43.08 66.49
CA GLN D 2348 -37.75 43.89 67.43
C GLN D 2348 -38.55 45.12 67.86
N ASN D 2349 -39.24 45.73 66.91
CA ASN D 2349 -39.96 46.98 67.16
C ASN D 2349 -41.22 46.79 68.02
N ASP D 2350 -41.64 45.55 68.20
CA ASP D 2350 -42.91 45.26 68.88
C ASP D 2350 -42.94 45.68 70.36
N ALA D 2351 -41.80 45.56 71.03
CA ALA D 2351 -41.74 45.85 72.47
C ALA D 2351 -41.87 47.33 72.77
N ILE D 2352 -41.32 48.16 71.89
CA ILE D 2352 -41.32 49.61 72.11
C ILE D 2352 -42.51 50.29 71.46
N VAL D 2353 -43.40 49.49 70.87
CA VAL D 2353 -44.66 49.99 70.34
C VAL D 2353 -45.42 50.72 71.44
N SER D 2354 -45.40 50.13 72.62
CA SER D 2354 -46.03 50.75 73.79
C SER D 2354 -45.30 52.03 74.19
N ALA D 2355 -43.98 52.02 74.03
CA ALA D 2355 -43.15 53.17 74.41
C ALA D 2355 -43.40 54.39 73.53
N VAL D 2356 -43.46 54.18 72.22
CA VAL D 2356 -43.72 55.25 71.27
C VAL D 2356 -45.14 55.78 71.46
N GLU D 2357 -46.05 54.89 71.84
CA GLU D 2357 -47.45 55.23 72.03
C GLU D 2357 -47.67 56.07 73.29
N GLU D 2358 -46.62 56.22 74.08
CA GLU D 2358 -46.70 57.00 75.32
C GLU D 2358 -46.53 58.50 75.06
N ALA D 2359 -46.22 58.84 73.82
CA ALA D 2359 -46.03 60.24 73.44
C ALA D 2359 -47.32 60.89 72.99
N GLY D 2360 -48.42 60.15 73.09
CA GLY D 2360 -49.72 60.64 72.66
C GLY D 2360 -49.91 60.38 71.19
N VAL D 2361 -49.23 59.34 70.69
CA VAL D 2361 -49.24 59.01 69.28
C VAL D 2361 -49.82 57.61 69.07
N THR D 2362 -50.31 57.34 67.86
CA THR D 2362 -50.97 56.07 67.58
C THR D 2362 -50.19 55.17 66.63
N THR D 2363 -49.97 53.93 67.06
CA THR D 2363 -49.41 52.90 66.19
C THR D 2363 -50.55 51.95 65.81
N TYR D 2364 -50.51 51.43 64.59
CA TYR D 2364 -51.65 50.69 64.06
C TYR D 2364 -51.40 49.20 63.86
N THR D 2365 -52.43 48.40 64.10
CA THR D 2365 -52.43 47.00 63.71
C THR D 2365 -52.68 46.91 62.21
N THR D 2366 -52.32 45.77 61.62
CA THR D 2366 -52.51 45.56 60.18
C THR D 2366 -53.97 45.66 59.76
N ASP D 2367 -54.87 45.22 60.62
CA ASP D 2367 -56.31 45.28 60.33
C ASP D 2367 -56.82 46.72 60.37
N GLU D 2368 -56.24 47.52 61.27
CA GLU D 2368 -56.61 48.93 61.37
C GLU D 2368 -56.19 49.70 60.13
N MET D 2369 -54.94 49.50 59.71
CA MET D 2369 -54.40 50.18 58.54
C MET D 2369 -55.11 49.72 57.26
N ALA D 2370 -55.46 48.45 57.21
CA ALA D 2370 -56.21 47.91 56.08
C ALA D 2370 -57.55 48.63 55.96
N ALA D 2371 -58.18 48.88 57.11
CA ALA D 2371 -59.46 49.59 57.15
C ALA D 2371 -59.29 51.02 56.67
N MET D 2372 -58.15 51.62 56.97
CA MET D 2372 -57.88 52.99 56.55
C MET D 2372 -57.69 53.05 55.05
N LEU D 2373 -57.17 51.97 54.48
CA LEU D 2373 -56.92 51.93 53.04
C LEU D 2373 -58.20 51.72 52.25
N LEU D 2374 -59.14 50.97 52.82
CA LEU D 2374 -60.42 50.71 52.17
C LEU D 2374 -61.28 51.97 52.13
N ASP D 2375 -61.17 52.78 53.18
CA ASP D 2375 -61.97 54.00 53.30
C ASP D 2375 -61.62 54.98 52.19
N LEU D 2376 -60.39 54.89 51.69
CA LEU D 2376 -59.99 55.64 50.51
C LEU D 2376 -60.62 55.04 49.26
N CYS D 2377 -61.06 53.78 49.35
CA CYS D 2377 -61.66 53.09 48.21
C CYS D 2377 -63.18 53.23 48.22
N THR D 2378 -63.70 53.96 49.19
CA THR D 2378 -65.14 54.24 49.25
C THR D 2378 -65.54 55.17 48.11
N VAL D 2379 -66.81 55.10 47.73
CA VAL D 2379 -67.34 55.89 46.63
C VAL D 2379 -67.10 57.39 46.83
N GLU D 2380 -67.16 57.83 48.08
CA GLU D 2380 -67.01 59.25 48.39
C GLU D 2380 -65.61 59.74 48.05
N THR D 2381 -64.60 59.00 48.47
CA THR D 2381 -63.21 59.37 48.24
C THR D 2381 -62.70 58.97 46.86
N LYS D 2382 -63.42 58.07 46.20
CA LYS D 2382 -63.08 57.70 44.83
C LYS D 2382 -63.31 58.87 43.88
N VAL D 2383 -64.51 59.46 43.96
CA VAL D 2383 -64.87 60.60 43.13
C VAL D 2383 -63.95 61.79 43.41
N ALA D 2384 -63.51 61.90 44.66
CA ALA D 2384 -62.60 62.97 45.05
C ALA D 2384 -61.27 62.84 44.31
N ALA D 2385 -60.86 61.60 44.07
CA ALA D 2385 -59.62 61.32 43.36
C ALA D 2385 -59.76 61.60 41.87
N ALA D 2386 -60.98 61.50 41.36
CA ALA D 2386 -61.25 61.75 39.95
C ALA D 2386 -61.13 63.24 39.61
N GLY D 2387 -61.44 64.08 40.59
CA GLY D 2387 -61.37 65.52 40.39
C GLY D 2387 -59.96 66.07 40.57
N ALA D 2388 -59.18 65.40 41.40
CA ALA D 2388 -57.83 65.85 41.76
C ALA D 2388 -57.15 64.81 42.65
N PRO D 2389 -55.82 64.72 42.59
CA PRO D 2389 -55.04 63.77 43.40
C PRO D 2389 -55.31 63.94 44.89
N VAL D 2390 -55.54 62.83 45.58
CA VAL D 2390 -55.84 62.87 47.00
C VAL D 2390 -54.67 62.36 47.83
N LYS D 2391 -54.12 63.23 48.67
CA LYS D 2391 -53.05 62.85 49.58
C LYS D 2391 -53.61 62.64 50.98
N VAL D 2392 -53.56 61.40 51.47
CA VAL D 2392 -54.14 61.06 52.75
C VAL D 2392 -53.07 60.72 53.78
N ASP D 2393 -53.17 61.34 54.95
CA ASP D 2393 -52.27 61.01 56.04
C ASP D 2393 -52.95 59.98 56.93
N LEU D 2394 -52.46 58.75 56.88
CA LEU D 2394 -53.00 57.67 57.71
C LEU D 2394 -52.18 57.49 58.97
N THR D 2395 -51.20 58.38 59.14
CA THR D 2395 -50.30 58.34 60.29
C THR D 2395 -51.04 58.70 61.57
N GLY D 2396 -50.55 58.18 62.69
CA GLY D 2396 -51.20 58.37 63.98
C GLY D 2396 -50.74 59.61 64.72
N GLY D 2397 -50.22 60.58 63.97
CA GLY D 2397 -49.70 61.80 64.58
C GLY D 2397 -48.21 61.71 64.82
N LEU D 2398 -47.55 60.82 64.10
CA LEU D 2398 -46.11 60.63 64.22
C LEU D 2398 -45.34 61.81 63.62
N GLY D 2399 -46.07 62.73 62.99
CA GLY D 2399 -45.46 63.88 62.31
C GLY D 2399 -44.92 64.97 63.21
N ASP D 2400 -45.70 65.36 64.21
CA ASP D 2400 -45.30 66.41 65.14
C ASP D 2400 -44.50 65.82 66.30
N ILE D 2401 -44.23 64.52 66.20
CA ILE D 2401 -43.46 63.79 67.20
C ILE D 2401 -42.11 64.43 67.49
N LYS D 2402 -41.85 64.66 68.78
CA LYS D 2402 -40.58 65.22 69.24
C LYS D 2402 -39.62 64.13 69.73
N ILE D 2403 -40.08 62.88 69.65
CA ILE D 2403 -39.27 61.73 70.04
C ILE D 2403 -38.00 61.61 69.20
N ASP D 2404 -36.85 61.52 69.86
CA ASP D 2404 -35.57 61.42 69.17
C ASP D 2404 -35.34 59.99 68.69
N MET D 2405 -35.19 59.85 67.38
CA MET D 2405 -35.01 58.53 66.77
C MET D 2405 -33.59 58.01 66.96
N ALA D 2406 -32.65 58.92 67.19
CA ALA D 2406 -31.25 58.55 67.42
C ALA D 2406 -31.13 57.64 68.64
N GLU D 2407 -32.05 57.78 69.57
CA GLU D 2407 -32.08 56.94 70.77
C GLU D 2407 -33.22 55.93 70.74
N LEU D 2408 -34.46 56.42 70.84
CA LEU D 2408 -35.62 55.55 71.01
C LEU D 2408 -35.88 54.57 69.87
N ALA D 2409 -35.21 54.77 68.74
CA ALA D 2409 -35.26 53.80 67.65
C ALA D 2409 -34.09 52.82 67.76
N ALA D 2410 -32.88 53.35 67.71
CA ALA D 2410 -31.67 52.55 67.87
C ALA D 2410 -31.70 51.67 69.11
N LYS D 2411 -31.95 52.28 70.27
CA LYS D 2411 -32.03 51.54 71.53
C LYS D 2411 -33.06 50.42 71.44
N ALA D 2412 -34.20 50.72 70.83
CA ALA D 2412 -35.25 49.74 70.60
C ALA D 2412 -34.71 48.60 69.78
N ARG D 2413 -33.99 48.94 68.71
CA ARG D 2413 -33.40 47.93 67.84
C ARG D 2413 -32.27 47.21 68.55
N GLU D 2414 -31.52 47.93 69.38
CA GLU D 2414 -30.37 47.36 70.08
C GLU D 2414 -30.80 46.40 71.21
N GLU D 2415 -31.71 46.85 72.05
CA GLU D 2415 -32.18 46.04 73.17
C GLU D 2415 -32.84 44.74 72.71
N MET D 2416 -33.67 44.84 71.68
CA MET D 2416 -34.42 43.70 71.21
C MET D 2416 -33.60 42.74 70.35
N SER D 2417 -32.66 43.29 69.57
CA SER D 2417 -31.72 42.44 68.85
C SER D 2417 -30.87 41.71 69.87
N GLY D 2418 -30.41 42.44 70.87
CA GLY D 2418 -29.64 41.87 71.95
C GLY D 2418 -30.41 40.81 72.70
N ALA D 2419 -31.69 41.08 72.95
CA ALA D 2419 -32.58 40.11 73.60
C ALA D 2419 -32.68 38.86 72.73
N ALA D 2420 -32.67 39.05 71.41
CA ALA D 2420 -32.64 37.95 70.46
C ALA D 2420 -31.23 37.38 70.34
N ASP D 2421 -30.23 38.25 70.47
CA ASP D 2421 -28.84 37.83 70.39
C ASP D 2421 -28.36 37.18 71.69
N GLU D 2422 -29.01 37.52 72.81
CA GLU D 2422 -28.66 36.89 74.07
C GLU D 2422 -29.57 35.69 74.27
N SER D 2423 -28.99 34.51 74.12
CA SER D 2423 -29.71 33.25 74.30
C SER D 2423 -29.41 32.69 75.67
N ASP D 2424 -29.84 31.45 75.88
CA ASP D 2424 -29.60 30.72 77.11
C ASP D 2424 -30.14 29.31 76.91
N ASP D 2425 -29.69 28.39 77.75
CA ASP D 2425 -30.14 27.02 77.65
C ASP D 2425 -30.83 26.59 78.94
N GLU D 2426 -32.14 26.41 78.85
CA GLU D 2426 -32.89 25.84 79.95
C GLU D 2426 -32.77 24.33 79.83
N ALA D 2427 -32.31 23.69 80.90
CA ALA D 2427 -31.99 22.27 80.85
C ALA D 2427 -33.20 21.45 80.45
N PRO D 2428 -33.04 20.67 79.38
CA PRO D 2428 -34.07 19.75 78.96
C PRO D 2428 -33.47 18.36 78.79
N ALA D 2429 -33.85 17.45 79.67
CA ALA D 2429 -33.39 16.07 79.57
C ALA D 2429 -34.57 15.22 79.15
N GLY D 2430 -34.53 14.76 77.90
CA GLY D 2430 -35.64 14.00 77.36
C GLY D 2430 -35.18 12.87 76.45
N THR D 2431 -35.72 11.69 76.69
CA THR D 2431 -35.54 10.57 75.78
C THR D 2431 -36.92 10.07 75.40
N ILE D 2432 -37.29 10.26 74.14
CA ILE D 2432 -38.63 9.92 73.68
C ILE D 2432 -38.61 8.69 72.79
N ARG D 2433 -39.65 7.87 72.90
CA ARG D 2433 -39.79 6.68 72.05
C ARG D 2433 -41.17 6.61 71.41
N ALA D 2434 -41.31 5.79 70.37
CA ALA D 2434 -42.57 5.71 69.64
C ALA D 2434 -43.02 4.27 69.46
N LEU D 2435 -44.22 3.98 69.96
CA LEU D 2435 -44.79 2.64 69.92
C LEU D 2435 -46.20 2.67 70.47
N PRO D 2436 -46.96 1.61 70.23
CA PRO D 2436 -48.38 1.62 70.56
C PRO D 2436 -48.96 0.25 70.84
N SER D 2437 -50.13 0.24 71.46
CA SER D 2437 -50.90 -0.98 71.69
C SER D 2437 -51.47 -1.49 70.39
N PRO D 2438 -51.86 -2.76 70.36
CA PRO D 2438 -52.50 -3.34 69.18
C PRO D 2438 -53.78 -2.57 68.86
N PRO D 2439 -54.12 -2.50 67.58
CA PRO D 2439 -55.25 -1.69 67.10
C PRO D 2439 -56.57 -2.05 67.78
N ARG D 2440 -57.31 -1.03 68.18
CA ARG D 2440 -58.61 -1.21 68.80
C ARG D 2440 -59.70 -0.64 67.90
N GLY D 2441 -60.95 -0.73 68.34
CA GLY D 2441 -62.07 -0.22 67.57
C GLY D 2441 -62.96 0.69 68.41
N TYR D 2442 -63.30 1.85 67.85
CA TYR D 2442 -64.16 2.79 68.54
C TYR D 2442 -65.58 2.69 67.99
N ASN D 2443 -66.50 2.23 68.84
CA ASN D 2443 -67.88 2.04 68.44
C ASN D 2443 -68.59 3.36 68.18
N PRO D 2444 -69.67 3.30 67.42
CA PRO D 2444 -70.47 4.48 67.13
C PRO D 2444 -71.85 4.34 67.76
N ALA D 2445 -72.49 5.47 68.04
CA ALA D 2445 -73.78 5.45 68.70
C ALA D 2445 -74.90 5.42 67.67
N PRO D 2446 -75.60 4.29 67.61
CA PRO D 2446 -76.65 4.10 66.61
C PRO D 2446 -77.90 3.49 67.23
N ALA D 2447 -79.03 4.14 66.99
CA ALA D 2447 -80.31 3.65 67.49
C ALA D 2447 -81.00 2.80 66.42
N PRO D 2448 -81.38 1.58 66.79
CA PRO D 2448 -81.99 0.66 65.85
C PRO D 2448 -83.22 -0.04 66.41
N GLU D 2449 -84.36 0.13 65.74
CA GLU D 2449 -85.56 -0.60 66.08
C GLU D 2449 -85.69 -1.74 65.07
N TRP D 2450 -85.52 -2.97 65.55
CA TRP D 2450 -85.41 -4.11 64.64
C TRP D 2450 -86.10 -5.37 65.16
N ASP D 2451 -86.43 -6.25 64.22
CA ASP D 2451 -86.94 -7.57 64.54
C ASP D 2451 -85.83 -8.59 64.29
N ASP D 2452 -85.78 -9.63 65.12
CA ASP D 2452 -84.65 -10.56 65.09
C ASP D 2452 -84.76 -11.63 64.00
N LEU D 2453 -85.71 -12.54 64.18
CA LEU D 2453 -85.79 -13.75 63.35
C LEU D 2453 -86.09 -13.51 61.87
N ASP D 2454 -86.51 -12.29 61.53
CA ASP D 2454 -86.99 -11.99 60.18
C ASP D 2454 -85.97 -12.20 59.06
N VAL D 2455 -84.71 -11.84 59.33
CA VAL D 2455 -83.68 -11.89 58.28
C VAL D 2455 -82.91 -13.20 58.27
N ASP D 2456 -82.85 -13.83 57.11
CA ASP D 2456 -82.14 -15.09 56.93
C ASP D 2456 -80.64 -14.84 56.80
N PRO D 2457 -79.86 -15.34 57.77
CA PRO D 2457 -78.40 -15.16 57.78
C PRO D 2457 -77.72 -15.91 56.64
N ALA D 2458 -78.39 -16.93 56.11
CA ALA D 2458 -77.85 -17.70 55.00
C ALA D 2458 -77.90 -16.93 53.69
N ASP D 2459 -78.81 -15.96 53.63
CA ASP D 2459 -79.02 -15.17 52.42
C ASP D 2459 -78.25 -13.84 52.44
N LEU D 2460 -77.51 -13.61 53.53
CA LEU D 2460 -76.75 -12.38 53.68
C LEU D 2460 -75.28 -12.60 53.37
N VAL D 2461 -74.66 -11.59 52.78
CA VAL D 2461 -73.23 -11.63 52.51
C VAL D 2461 -72.52 -10.63 53.42
N VAL D 2462 -71.50 -11.11 54.12
CA VAL D 2462 -70.82 -10.32 55.14
C VAL D 2462 -69.32 -10.38 54.90
N ILE D 2463 -68.62 -9.26 55.10
CA ILE D 2463 -67.17 -9.22 54.90
C ILE D 2463 -66.44 -9.63 56.17
N VAL D 2464 -65.73 -10.75 56.11
CA VAL D 2464 -65.00 -11.26 57.25
C VAL D 2464 -63.68 -10.52 57.46
N GLY D 2465 -62.98 -10.25 56.37
CA GLY D 2465 -61.71 -9.55 56.43
C GLY D 2465 -61.26 -9.06 55.06
N GLY D 2466 -60.12 -8.37 55.03
CA GLY D 2466 -59.57 -7.87 53.79
C GLY D 2466 -58.17 -7.32 53.93
N ALA D 2467 -57.46 -7.22 52.81
CA ALA D 2467 -56.11 -6.69 52.79
C ALA D 2467 -55.76 -6.15 51.42
N GLU D 2468 -54.72 -5.34 51.34
CA GLU D 2468 -54.28 -4.77 50.07
C GLU D 2468 -52.78 -4.57 50.01
N LEU D 2469 -52.22 -4.67 48.81
CA LEU D 2469 -50.83 -4.32 48.56
C LEU D 2469 -50.78 -3.22 47.51
N GLY D 2470 -50.28 -2.06 47.90
CA GLY D 2470 -50.28 -0.91 47.01
C GLY D 2470 -49.15 0.06 47.31
N PRO D 2471 -49.12 1.18 46.57
CA PRO D 2471 -48.08 2.21 46.64
C PRO D 2471 -47.85 2.75 48.05
N TYR D 2472 -48.86 2.69 48.90
CA TYR D 2472 -48.76 3.16 50.27
C TYR D 2472 -48.55 2.04 51.30
N GLY D 2473 -48.40 0.81 50.82
CA GLY D 2473 -48.23 -0.33 51.70
C GLY D 2473 -49.54 -1.06 51.96
N SER D 2474 -49.63 -1.73 53.09
CA SER D 2474 -50.81 -2.52 53.42
C SER D 2474 -52.01 -1.65 53.76
N SER D 2475 -53.14 -2.29 54.07
CA SER D 2475 -54.38 -1.58 54.34
C SER D 2475 -54.27 -0.71 55.60
N ARG D 2476 -53.38 -1.09 56.51
CA ARG D 2476 -53.19 -0.35 57.75
C ARG D 2476 -52.47 0.97 57.51
N THR D 2477 -51.37 0.92 56.76
CA THR D 2477 -50.56 2.10 56.49
C THR D 2477 -51.20 3.03 55.47
N ARG D 2478 -51.88 2.44 54.49
CA ARG D 2478 -52.55 3.21 53.46
C ARG D 2478 -53.70 4.02 54.06
N PHE D 2479 -54.46 3.40 54.95
CA PHE D 2479 -55.58 4.06 55.60
C PHE D 2479 -55.12 5.20 56.49
N GLU D 2480 -53.95 5.03 57.10
CA GLU D 2480 -53.37 6.08 57.93
C GLU D 2480 -52.99 7.30 57.09
N MET D 2481 -52.41 7.04 55.92
CA MET D 2481 -52.00 8.13 55.04
C MET D 2481 -53.19 8.83 54.41
N GLU D 2482 -54.24 8.06 54.13
CA GLU D 2482 -55.45 8.62 53.52
C GLU D 2482 -56.24 9.48 54.50
N VAL D 2483 -56.55 8.93 55.67
CA VAL D 2483 -57.35 9.63 56.67
C VAL D 2483 -56.57 10.72 57.40
N SER D 2484 -55.39 10.37 57.91
CA SER D 2484 -54.57 11.30 58.68
C SER D 2484 -53.72 12.18 57.77
N GLY D 2485 -52.85 11.56 57.00
CA GLY D 2485 -51.90 12.28 56.17
C GLY D 2485 -50.49 12.13 56.72
N GLU D 2486 -50.40 11.53 57.90
CA GLU D 2486 -49.11 11.25 58.51
C GLU D 2486 -49.19 9.92 59.27
N LEU D 2487 -48.08 9.19 59.28
CA LEU D 2487 -48.04 7.89 59.94
C LEU D 2487 -47.90 8.02 61.45
N SER D 2488 -48.44 7.05 62.17
CA SER D 2488 -48.25 6.96 63.61
C SER D 2488 -46.94 6.24 63.90
N ALA D 2489 -46.72 5.88 65.15
CA ALA D 2489 -45.57 5.08 65.53
C ALA D 2489 -45.59 3.75 64.79
N ALA D 2490 -46.74 3.08 64.82
CA ALA D 2490 -46.92 1.81 64.15
C ALA D 2490 -46.90 1.97 62.63
N GLY D 2491 -47.21 3.18 62.17
CA GLY D 2491 -47.23 3.48 60.76
C GLY D 2491 -45.85 3.44 60.14
N VAL D 2492 -44.91 4.14 60.77
CA VAL D 2492 -43.54 4.20 60.27
C VAL D 2492 -42.81 2.89 60.55
N LEU D 2493 -43.11 2.27 61.69
CA LEU D 2493 -42.50 0.99 62.06
C LEU D 2493 -42.85 -0.10 61.05
N GLU D 2494 -44.11 -0.11 60.59
CA GLU D 2494 -44.56 -1.12 59.63
C GLU D 2494 -43.99 -0.84 58.24
N LEU D 2495 -44.01 0.42 57.83
CA LEU D 2495 -43.49 0.80 56.52
C LEU D 2495 -41.98 0.56 56.41
N ALA D 2496 -41.25 0.93 57.46
CA ALA D 2496 -39.81 0.70 57.48
C ALA D 2496 -39.50 -0.79 57.41
N TRP D 2497 -40.40 -1.60 57.94
CA TRP D 2497 -40.26 -3.05 57.90
C TRP D 2497 -40.56 -3.58 56.49
N THR D 2498 -41.64 -3.08 55.90
CA THR D 2498 -42.05 -3.50 54.56
C THR D 2498 -41.06 -3.01 53.50
N THR D 2499 -40.61 -1.76 53.65
CA THR D 2499 -39.61 -1.21 52.75
C THR D 2499 -38.25 -1.85 52.96
N GLY D 2500 -38.12 -2.62 54.03
CA GLY D 2500 -36.90 -3.35 54.32
C GLY D 2500 -35.79 -2.47 54.87
N MET D 2501 -36.16 -1.42 55.59
CA MET D 2501 -35.16 -0.58 56.23
C MET D 2501 -34.64 -1.23 57.52
N VAL D 2502 -35.53 -1.92 58.23
CA VAL D 2502 -35.18 -2.52 59.52
C VAL D 2502 -35.14 -4.05 59.46
N LYS D 2503 -34.09 -4.64 60.03
CA LYS D 2503 -33.92 -6.10 60.01
C LYS D 2503 -33.83 -6.66 61.43
N TRP D 2504 -34.02 -7.97 61.55
CA TRP D 2504 -34.03 -8.64 62.85
C TRP D 2504 -32.95 -9.70 62.95
N GLU D 2505 -31.97 -9.48 63.82
CA GLU D 2505 -30.86 -10.41 63.99
C GLU D 2505 -30.90 -11.10 65.35
N ASP D 2506 -30.57 -12.39 65.39
CA ASP D 2506 -30.48 -13.12 66.65
C ASP D 2506 -29.03 -13.10 67.15
N ASP D 2507 -28.16 -12.46 66.37
CA ASP D 2507 -26.79 -12.22 66.80
C ASP D 2507 -26.85 -11.33 68.04
N PRO D 2508 -25.77 -11.31 68.84
CA PRO D 2508 -25.76 -10.54 70.09
C PRO D 2508 -26.19 -9.08 69.90
N LYS D 2509 -26.71 -8.50 70.98
CA LYS D 2509 -27.48 -7.25 71.02
C LYS D 2509 -28.96 -7.43 70.63
N ALA D 2510 -29.28 -8.56 69.99
CA ALA D 2510 -30.64 -9.10 69.93
C ALA D 2510 -31.79 -8.08 69.73
N GLY D 2511 -31.91 -7.49 68.54
CA GLY D 2511 -32.89 -6.43 68.36
C GLY D 2511 -33.23 -6.07 66.92
N TRP D 2512 -33.87 -4.92 66.75
CA TRP D 2512 -34.13 -4.37 65.43
C TRP D 2512 -32.88 -3.64 64.90
N TYR D 2513 -32.49 -3.97 63.67
CA TYR D 2513 -31.30 -3.38 63.06
C TYR D 2513 -31.63 -2.75 61.73
N ASP D 2514 -30.91 -1.69 61.38
CA ASP D 2514 -31.02 -1.09 60.06
C ASP D 2514 -30.44 -2.05 59.05
N THR D 2515 -31.18 -2.29 57.97
CA THR D 2515 -30.78 -3.30 56.98
C THR D 2515 -29.70 -2.81 56.01
N GLU D 2516 -29.71 -1.51 55.73
CA GLU D 2516 -28.77 -0.93 54.77
C GLU D 2516 -27.37 -0.82 55.37
N THR D 2517 -27.24 -0.06 56.44
CA THR D 2517 -25.94 0.20 57.06
C THR D 2517 -25.53 -0.79 58.15
N GLY D 2518 -26.44 -1.69 58.52
CA GLY D 2518 -26.16 -2.69 59.56
C GLY D 2518 -26.06 -2.10 60.95
N GLU D 2519 -26.95 -1.17 61.27
CA GLU D 2519 -26.92 -0.48 62.55
C GLU D 2519 -28.15 -0.78 63.40
N LEU D 2520 -27.93 -1.02 64.70
CA LEU D 2520 -29.02 -1.26 65.63
C LEU D 2520 -29.92 -0.03 65.74
N VAL D 2521 -31.24 -0.24 65.74
CA VAL D 2521 -32.20 0.85 65.84
C VAL D 2521 -33.26 0.57 66.90
N PRO D 2522 -33.69 1.62 67.63
CA PRO D 2522 -34.88 1.52 68.47
C PRO D 2522 -36.14 1.92 67.71
N GLU D 2523 -37.28 1.97 68.39
CA GLU D 2523 -38.55 2.31 67.75
C GLU D 2523 -38.79 3.81 67.59
N CYS D 2524 -38.08 4.62 68.38
CA CYS D 2524 -38.25 6.06 68.33
C CYS D 2524 -37.68 6.67 67.08
N GLU D 2525 -36.41 6.37 66.84
CA GLU D 2525 -35.63 7.02 65.79
C GLU D 2525 -36.10 6.60 64.40
N ILE D 2526 -37.00 5.62 64.35
CA ILE D 2526 -37.57 5.14 63.09
C ILE D 2526 -38.14 6.29 62.26
N VAL D 2527 -38.87 7.19 62.92
CA VAL D 2527 -39.44 8.35 62.24
C VAL D 2527 -38.34 9.30 61.76
N GLU D 2528 -37.38 9.58 62.64
CA GLU D 2528 -36.32 10.53 62.35
C GLU D 2528 -35.34 10.04 61.29
N ARG D 2529 -34.93 8.78 61.40
CA ARG D 2529 -33.91 8.22 60.52
C ARG D 2529 -34.45 7.73 59.17
N TYR D 2530 -35.75 7.52 59.08
CA TYR D 2530 -36.34 6.84 57.92
C TYR D 2530 -37.43 7.62 57.19
N HIS D 2531 -38.49 7.97 57.92
CA HIS D 2531 -39.72 8.51 57.35
C HIS D 2531 -39.52 9.56 56.25
N ASP D 2532 -38.51 10.42 56.42
CA ASP D 2532 -38.13 11.37 55.38
C ASP D 2532 -37.84 10.65 54.06
N ALA D 2533 -37.08 9.57 54.15
CA ALA D 2533 -36.73 8.78 52.97
C ALA D 2533 -37.88 7.84 52.58
N VAL D 2534 -38.68 7.45 53.56
CA VAL D 2534 -39.83 6.58 53.31
C VAL D 2534 -40.86 7.27 52.42
N VAL D 2535 -41.23 8.49 52.80
CA VAL D 2535 -42.20 9.28 52.05
C VAL D 2535 -41.77 9.45 50.59
N GLU D 2536 -40.49 9.73 50.38
CA GLU D 2536 -39.95 9.88 49.04
C GLU D 2536 -40.06 8.59 48.24
N ARG D 2537 -39.67 7.48 48.85
CA ARG D 2537 -39.58 6.21 48.15
C ARG D 2537 -40.84 5.34 48.27
N CYS D 2538 -41.87 5.87 48.91
CA CYS D 2538 -43.18 5.23 48.92
C CYS D 2538 -44.19 6.15 48.23
N GLY D 2539 -45.43 5.69 48.13
CA GLY D 2539 -46.47 6.47 47.48
C GLY D 2539 -46.17 6.70 46.01
N ILE D 2540 -46.46 7.91 45.54
CA ILE D 2540 -46.23 8.26 44.14
C ILE D 2540 -44.90 8.99 43.97
N ARG D 2541 -44.07 8.50 43.05
CA ARG D 2541 -42.77 9.09 42.80
C ARG D 2541 -42.31 8.78 41.38
N GLU D 2542 -41.15 9.32 41.00
CA GLU D 2542 -40.56 9.01 39.71
C GLU D 2542 -40.31 7.51 39.64
N PHE D 2543 -40.47 6.93 38.46
CA PHE D 2543 -40.39 5.47 38.33
C PHE D 2543 -38.98 4.99 38.58
N VAL D 2544 -38.84 4.12 39.57
CA VAL D 2544 -37.57 3.50 39.88
C VAL D 2544 -37.44 2.27 39.01
N ASP D 2545 -36.28 2.10 38.37
CA ASP D 2545 -36.16 1.10 37.33
C ASP D 2545 -35.67 -0.22 37.91
N ASP D 2546 -36.59 -1.18 38.00
CA ASP D 2546 -36.25 -2.53 38.43
C ASP D 2546 -36.12 -3.44 37.21
N GLY D 2547 -36.44 -2.89 36.04
CA GLY D 2547 -36.41 -3.66 34.81
C GLY D 2547 -35.29 -3.25 33.87
N ALA D 2548 -34.40 -2.40 34.35
CA ALA D 2548 -33.30 -1.87 33.54
C ALA D 2548 -33.82 -1.12 32.30
N ILE D 2549 -35.05 -0.64 32.38
CA ILE D 2549 -35.65 0.14 31.30
C ILE D 2549 -36.48 1.31 31.83
N ASP D 2550 -36.29 2.47 31.22
CA ASP D 2550 -37.09 3.64 31.60
C ASP D 2550 -37.97 4.02 30.43
N PRO D 2551 -39.30 3.94 30.61
CA PRO D 2551 -40.19 4.34 29.53
C PRO D 2551 -39.99 5.81 29.16
N ASP D 2552 -39.94 6.67 30.16
CA ASP D 2552 -39.84 8.10 29.96
C ASP D 2552 -38.48 8.53 29.41
N HIS D 2553 -37.41 7.87 29.86
CA HIS D 2553 -36.09 8.24 29.40
C HIS D 2553 -35.73 7.47 28.13
N ALA D 2554 -35.44 6.18 28.29
CA ALA D 2554 -35.03 5.36 27.15
C ALA D 2554 -35.72 4.00 27.08
N SER D 2555 -36.54 3.81 26.05
CA SER D 2555 -37.24 2.55 25.82
C SER D 2555 -36.75 1.90 24.52
N PRO D 2556 -36.16 0.69 24.63
CA PRO D 2556 -35.53 -0.03 23.51
C PRO D 2556 -36.43 -0.18 22.29
N LEU D 2557 -35.90 0.19 21.13
CA LEU D 2557 -36.63 0.13 19.87
C LEU D 2557 -35.81 -0.70 18.89
N LEU D 2558 -36.46 -1.50 18.04
CA LEU D 2558 -35.75 -2.16 16.94
C LEU D 2558 -36.48 -2.07 15.59
N VAL D 2559 -35.87 -1.39 14.62
CA VAL D 2559 -36.48 -1.19 13.31
C VAL D 2559 -36.11 -2.30 12.32
N SER D 2560 -37.08 -2.70 11.52
CA SER D 2560 -36.85 -3.65 10.46
C SER D 2560 -36.20 -2.95 9.28
N VAL D 2561 -35.00 -3.41 8.90
CA VAL D 2561 -34.25 -2.82 7.80
C VAL D 2561 -33.72 -3.86 6.84
N PHE D 2562 -33.67 -3.51 5.55
CA PHE D 2562 -33.13 -4.42 4.54
C PHE D 2562 -31.66 -4.15 4.26
N LEU D 2563 -30.85 -5.19 4.39
CA LEU D 2563 -29.41 -5.05 4.20
C LEU D 2563 -29.09 -4.79 2.73
N ASP D 2564 -28.39 -3.69 2.48
CA ASP D 2564 -28.10 -3.25 1.12
C ASP D 2564 -26.94 -4.02 0.48
N LYS D 2565 -25.99 -4.45 1.30
CA LYS D 2565 -24.85 -5.23 0.81
C LYS D 2565 -24.46 -6.31 1.82
N ASP D 2566 -23.89 -7.40 1.33
CA ASP D 2566 -23.61 -8.59 2.13
C ASP D 2566 -22.84 -8.32 3.42
N PHE D 2567 -23.36 -8.84 4.53
CA PHE D 2567 -22.75 -8.68 5.84
C PHE D 2567 -21.58 -9.65 6.02
N THR D 2568 -20.63 -9.27 6.87
CA THR D 2568 -19.46 -10.10 7.14
C THR D 2568 -19.86 -11.36 7.90
N PHE D 2569 -19.27 -12.49 7.50
CA PHE D 2569 -19.57 -13.80 8.07
C PHE D 2569 -19.36 -13.85 9.59
N VAL D 2570 -20.23 -14.59 10.27
CA VAL D 2570 -20.12 -14.79 11.72
C VAL D 2570 -20.23 -16.28 12.05
N VAL D 2571 -19.52 -16.71 13.09
CA VAL D 2571 -19.50 -18.11 13.49
C VAL D 2571 -20.75 -18.49 14.29
N SER D 2572 -21.36 -19.62 13.93
CA SER D 2572 -22.54 -20.11 14.63
C SER D 2572 -22.59 -21.63 14.66
N SER D 2573 -23.38 -22.18 15.57
CA SER D 2573 -23.55 -23.63 15.67
C SER D 2573 -24.37 -24.16 14.52
N GLU D 2574 -24.24 -25.46 14.24
CA GLU D 2574 -24.96 -26.09 13.13
C GLU D 2574 -26.47 -25.99 13.29
N ALA D 2575 -26.95 -26.15 14.53
CA ALA D 2575 -28.38 -26.10 14.81
C ALA D 2575 -28.93 -24.69 14.61
N ASP D 2576 -28.18 -23.68 15.03
CA ASP D 2576 -28.60 -22.30 14.90
C ASP D 2576 -28.46 -21.79 13.47
N ALA D 2577 -27.45 -22.29 12.76
CA ALA D 2577 -27.17 -21.85 11.41
C ALA D 2577 -28.16 -22.44 10.39
N ARG D 2578 -28.58 -23.68 10.62
CA ARG D 2578 -29.59 -24.29 9.78
C ARG D 2578 -30.90 -23.52 9.93
N ALA D 2579 -31.14 -23.04 11.13
CA ALA D 2579 -32.31 -22.22 11.42
C ALA D 2579 -32.26 -20.92 10.60
N PHE D 2580 -31.08 -20.30 10.56
CA PHE D 2580 -30.86 -19.11 9.76
C PHE D 2580 -31.34 -19.31 8.33
N VAL D 2581 -31.03 -20.47 7.77
CA VAL D 2581 -31.38 -20.79 6.39
C VAL D 2581 -32.89 -20.89 6.22
N GLN D 2582 -33.62 -21.19 7.28
CA GLN D 2582 -35.06 -21.42 7.18
C GLN D 2582 -35.89 -20.15 6.96
N PHE D 2583 -35.25 -18.99 7.09
CA PHE D 2583 -35.94 -17.71 7.00
C PHE D 2583 -35.65 -17.04 5.67
N ASP D 2584 -34.38 -16.70 5.52
CA ASP D 2584 -33.77 -16.09 4.33
C ASP D 2584 -33.71 -16.85 2.99
N PRO D 2585 -33.74 -18.20 3.00
CA PRO D 2585 -32.75 -19.09 2.37
C PRO D 2585 -32.15 -18.63 1.05
N GLU D 2586 -32.88 -17.90 0.22
CA GLU D 2586 -32.24 -17.32 -0.95
C GLU D 2586 -31.28 -16.22 -0.53
N HIS D 2587 -31.60 -15.56 0.59
CA HIS D 2587 -30.82 -14.42 1.05
C HIS D 2587 -29.73 -14.69 2.08
N THR D 2588 -29.69 -15.89 2.65
CA THR D 2588 -28.60 -16.22 3.59
C THR D 2588 -27.80 -17.42 3.14
N VAL D 2589 -26.58 -17.52 3.65
CA VAL D 2589 -25.64 -18.55 3.21
C VAL D 2589 -24.92 -19.15 4.43
N ALA D 2590 -24.93 -20.48 4.53
CA ALA D 2590 -24.33 -21.17 5.68
C ALA D 2590 -23.47 -22.37 5.28
N ARG D 2591 -22.32 -22.51 5.91
CA ARG D 2591 -21.36 -23.57 5.57
C ARG D 2591 -20.77 -24.27 6.78
N PRO D 2592 -20.55 -25.58 6.68
CA PRO D 2592 -19.80 -26.28 7.71
C PRO D 2592 -18.32 -25.88 7.67
N LEU D 2593 -17.74 -25.59 8.82
CA LEU D 2593 -16.30 -25.39 8.92
C LEU D 2593 -15.68 -26.72 9.29
N PRO D 2594 -14.98 -27.34 8.33
CA PRO D 2594 -14.50 -28.74 8.40
C PRO D 2594 -13.75 -29.06 9.70
N ASP D 2595 -12.96 -28.12 10.20
CA ASP D 2595 -12.16 -28.36 11.39
C ASP D 2595 -12.96 -28.29 12.68
N SER D 2596 -13.76 -27.24 12.82
CA SER D 2596 -14.49 -27.01 14.07
C SER D 2596 -15.93 -27.53 14.04
N SER D 2597 -16.34 -28.06 12.89
CA SER D 2597 -17.69 -28.64 12.72
C SER D 2597 -18.83 -27.62 12.82
N ASP D 2598 -18.50 -26.39 13.20
CA ASP D 2598 -19.52 -25.34 13.32
C ASP D 2598 -19.79 -24.70 11.97
N TRP D 2599 -20.71 -23.74 11.94
CA TRP D 2599 -21.11 -23.13 10.68
C TRP D 2599 -20.89 -21.61 10.62
N GLU D 2600 -20.57 -21.12 9.44
CA GLU D 2600 -20.47 -19.68 9.19
C GLU D 2600 -21.80 -19.17 8.64
N VAL D 2601 -22.27 -18.04 9.15
CA VAL D 2601 -23.52 -17.46 8.68
C VAL D 2601 -23.28 -16.12 7.98
N THR D 2602 -23.54 -16.09 6.68
CA THR D 2602 -23.35 -14.88 5.88
C THR D 2602 -24.66 -14.39 5.28
N ARG D 2603 -25.09 -13.19 5.68
CA ARG D 2603 -26.30 -12.60 5.16
C ARG D 2603 -26.00 -11.79 3.91
N LYS D 2604 -26.68 -12.14 2.81
CA LYS D 2604 -26.49 -11.44 1.54
C LYS D 2604 -27.30 -10.16 1.50
N ALA D 2605 -27.34 -9.52 0.34
CA ALA D 2605 -28.15 -8.34 0.15
C ALA D 2605 -29.62 -8.74 -0.03
N GLY D 2606 -30.51 -8.01 0.63
CA GLY D 2606 -31.93 -8.31 0.56
C GLY D 2606 -32.47 -8.94 1.83
N THR D 2607 -31.58 -9.28 2.75
CA THR D 2607 -32.00 -9.86 4.03
C THR D 2607 -32.74 -8.85 4.89
N GLU D 2608 -33.53 -9.35 5.83
CA GLU D 2608 -34.23 -8.48 6.77
C GLU D 2608 -33.52 -8.45 8.12
N ILE D 2609 -33.13 -7.26 8.55
CA ILE D 2609 -32.41 -7.09 9.80
C ILE D 2609 -33.21 -6.22 10.77
N ARG D 2610 -33.16 -6.55 12.05
CA ARG D 2610 -33.80 -5.74 13.08
C ARG D 2610 -32.74 -5.03 13.92
N VAL D 2611 -32.66 -3.71 13.77
CA VAL D 2611 -31.60 -2.91 14.38
C VAL D 2611 -32.06 -2.08 15.57
N PRO D 2612 -31.38 -2.25 16.72
CA PRO D 2612 -31.70 -1.59 18.00
C PRO D 2612 -31.75 -0.06 17.93
N ARG D 2613 -32.78 0.51 18.54
CA ARG D 2613 -32.97 1.96 18.61
C ARG D 2613 -33.60 2.31 19.96
N LYS D 2614 -34.04 3.54 20.13
CA LYS D 2614 -34.62 3.98 21.40
C LYS D 2614 -35.79 4.95 21.21
N THR D 2615 -36.53 5.19 22.30
CA THR D 2615 -37.63 6.14 22.27
C THR D 2615 -37.75 6.88 23.61
N LYS D 2616 -38.15 8.15 23.55
CA LYS D 2616 -38.46 8.90 24.77
C LYS D 2616 -39.97 8.97 24.94
N LEU D 2617 -40.45 8.74 26.16
CA LEU D 2617 -41.89 8.69 26.40
C LEU D 2617 -42.37 9.71 27.43
N SER D 2618 -43.69 9.90 27.44
CA SER D 2618 -44.32 10.97 28.20
C SER D 2618 -44.46 10.72 29.70
N ARG D 2619 -44.68 9.46 30.10
CA ARG D 2619 -44.99 9.18 31.49
C ARG D 2619 -43.72 8.85 32.28
N THR D 2620 -43.32 9.77 33.15
CA THR D 2620 -42.14 9.58 33.99
C THR D 2620 -42.47 9.16 35.41
N VAL D 2621 -43.77 9.12 35.73
CA VAL D 2621 -44.20 8.89 37.10
C VAL D 2621 -45.36 7.90 37.17
N GLY D 2622 -45.37 7.06 38.21
CA GLY D 2622 -46.47 6.15 38.47
C GLY D 2622 -46.62 5.93 39.95
N ALA D 2623 -47.73 5.35 40.36
CA ALA D 2623 -47.93 5.04 41.77
C ALA D 2623 -47.43 3.63 42.00
N GLN D 2624 -46.33 3.53 42.74
CA GLN D 2624 -45.61 2.27 42.85
C GLN D 2624 -45.50 1.82 44.29
N ILE D 2625 -45.59 0.52 44.51
CA ILE D 2625 -45.39 -0.10 45.82
C ILE D 2625 -44.06 0.38 46.38
N PRO D 2626 -44.04 0.74 47.69
CA PRO D 2626 -42.86 1.36 48.32
C PRO D 2626 -41.57 0.61 48.05
N THR D 2627 -40.53 1.36 47.69
CA THR D 2627 -39.25 0.78 47.29
C THR D 2627 -38.65 -0.07 48.41
N GLY D 2628 -38.24 -1.29 48.07
CA GLY D 2628 -37.66 -2.20 49.03
C GLY D 2628 -38.61 -3.31 49.43
N PHE D 2629 -39.80 -3.32 48.83
CA PHE D 2629 -40.76 -4.38 49.08
C PHE D 2629 -40.20 -5.71 48.58
N ASP D 2630 -40.37 -6.75 49.39
CA ASP D 2630 -39.95 -8.08 48.98
C ASP D 2630 -41.04 -9.06 49.42
N PRO D 2631 -41.38 -10.02 48.56
CA PRO D 2631 -42.23 -11.13 48.99
C PRO D 2631 -41.47 -12.05 49.94
N THR D 2632 -40.14 -11.97 49.87
CA THR D 2632 -39.27 -12.78 50.73
C THR D 2632 -39.38 -12.34 52.18
N VAL D 2633 -39.43 -11.04 52.41
CA VAL D 2633 -39.56 -10.49 53.76
C VAL D 2633 -40.88 -10.96 54.38
N TRP D 2634 -41.92 -11.00 53.56
CA TRP D 2634 -43.21 -11.54 54.01
C TRP D 2634 -43.13 -13.05 54.22
N GLY D 2635 -42.09 -13.68 53.70
CA GLY D 2635 -41.89 -15.11 53.88
C GLY D 2635 -42.19 -16.01 52.70
N ILE D 2636 -42.33 -15.44 51.51
CA ILE D 2636 -42.48 -16.25 50.29
C ILE D 2636 -41.15 -16.89 49.90
N SER D 2637 -41.19 -18.19 49.64
CA SER D 2637 -40.00 -18.95 49.25
C SER D 2637 -39.44 -18.48 47.90
N PRO D 2638 -38.12 -18.53 47.74
CA PRO D 2638 -37.43 -18.11 46.51
C PRO D 2638 -37.89 -18.89 45.27
N ASP D 2639 -38.26 -20.15 45.44
CA ASP D 2639 -38.72 -20.97 44.33
C ASP D 2639 -40.01 -20.40 43.74
N MET D 2640 -40.88 -19.91 44.60
CA MET D 2640 -42.14 -19.30 44.16
C MET D 2640 -41.89 -17.98 43.45
N ALA D 2641 -41.03 -17.15 44.03
CA ALA D 2641 -40.70 -15.85 43.46
C ALA D 2641 -40.22 -15.96 42.01
N SER D 2642 -39.30 -16.89 41.79
CA SER D 2642 -38.82 -17.20 40.45
C SER D 2642 -39.94 -17.63 39.50
N SER D 2643 -40.57 -18.75 39.83
CA SER D 2643 -41.53 -19.42 38.95
C SER D 2643 -42.78 -18.60 38.59
N ILE D 2644 -43.12 -17.62 39.42
CA ILE D 2644 -44.38 -16.90 39.23
C ILE D 2644 -44.18 -15.44 38.85
N ASP D 2645 -45.21 -14.88 38.21
CA ASP D 2645 -45.20 -13.48 37.78
C ASP D 2645 -45.22 -12.56 39.00
N ARG D 2646 -44.80 -11.31 38.79
CA ARG D 2646 -44.81 -10.31 39.86
C ARG D 2646 -46.21 -10.10 40.41
N VAL D 2647 -47.20 -10.12 39.52
CA VAL D 2647 -48.60 -9.93 39.90
C VAL D 2647 -49.05 -11.00 40.88
N ALA D 2648 -48.44 -12.18 40.79
CA ALA D 2648 -48.77 -13.29 41.66
C ALA D 2648 -48.35 -13.02 43.10
N LEU D 2649 -47.19 -12.38 43.26
CA LEU D 2649 -46.68 -12.04 44.59
C LEU D 2649 -47.60 -11.06 45.30
N TRP D 2650 -48.32 -10.26 44.52
CA TRP D 2650 -49.25 -9.28 45.08
C TRP D 2650 -50.50 -9.94 45.65
N ASN D 2651 -51.11 -10.83 44.87
CA ASN D 2651 -52.33 -11.50 45.29
C ASN D 2651 -52.08 -12.56 46.36
N ILE D 2652 -50.88 -13.14 46.34
CA ILE D 2652 -50.52 -14.18 47.30
C ILE D 2652 -50.36 -13.62 48.72
N VAL D 2653 -49.59 -12.54 48.85
CA VAL D 2653 -49.37 -11.92 50.15
C VAL D 2653 -50.65 -11.25 50.67
N ALA D 2654 -51.40 -10.65 49.75
CA ALA D 2654 -52.66 -9.98 50.10
C ALA D 2654 -53.67 -10.96 50.67
N THR D 2655 -53.72 -12.16 50.09
CA THR D 2655 -54.64 -13.20 50.55
C THR D 2655 -54.29 -13.63 51.97
N VAL D 2656 -52.99 -13.78 52.23
CA VAL D 2656 -52.53 -14.15 53.57
C VAL D 2656 -52.92 -13.09 54.59
N ASP D 2657 -52.63 -11.83 54.28
CA ASP D 2657 -52.98 -10.72 55.17
C ASP D 2657 -54.49 -10.51 55.25
N ALA D 2658 -55.21 -10.95 54.23
CA ALA D 2658 -56.67 -10.86 54.22
C ALA D 2658 -57.25 -11.84 55.23
N PHE D 2659 -56.70 -13.05 55.25
CA PHE D 2659 -57.10 -14.05 56.23
C PHE D 2659 -56.76 -13.60 57.63
N LEU D 2660 -55.58 -13.01 57.80
CA LEU D 2660 -55.07 -12.59 59.10
C LEU D 2660 -56.03 -11.67 59.85
N SER D 2661 -56.95 -11.06 59.11
CA SER D 2661 -58.00 -10.24 59.71
C SER D 2661 -58.86 -11.07 60.67
N SER D 2662 -59.07 -12.35 60.34
CA SER D 2662 -59.85 -13.22 61.20
C SER D 2662 -59.10 -14.46 61.66
N GLY D 2663 -59.02 -15.45 60.77
CA GLY D 2663 -58.34 -16.71 61.07
C GLY D 2663 -57.00 -16.79 60.37
N PHE D 2664 -56.20 -17.79 60.70
CA PHE D 2664 -54.94 -17.96 60.00
C PHE D 2664 -54.93 -19.21 59.14
N THR D 2665 -54.94 -20.38 59.79
CA THR D 2665 -54.88 -21.64 59.08
C THR D 2665 -56.10 -21.80 58.20
N PRO D 2666 -55.88 -21.85 56.88
CA PRO D 2666 -56.96 -21.90 55.88
C PRO D 2666 -57.78 -23.18 55.99
N THR D 2667 -57.21 -24.19 56.62
CA THR D 2667 -57.91 -25.46 56.77
C THR D 2667 -58.87 -25.44 57.95
N GLU D 2668 -58.81 -24.40 58.77
CA GLU D 2668 -59.79 -24.21 59.84
C GLU D 2668 -61.17 -24.01 59.22
N LEU D 2669 -61.19 -23.52 58.00
CA LEU D 2669 -62.44 -23.38 57.24
C LEU D 2669 -63.06 -24.75 56.99
N MET D 2670 -62.22 -25.77 56.90
CA MET D 2670 -62.69 -27.13 56.61
C MET D 2670 -63.23 -27.82 57.86
N ARG D 2671 -63.13 -27.13 59.00
CA ARG D 2671 -63.74 -27.64 60.23
C ARG D 2671 -65.24 -27.37 60.20
N TRP D 2672 -65.60 -26.13 59.85
CA TRP D 2672 -67.00 -25.73 59.80
C TRP D 2672 -67.68 -26.03 58.47
N VAL D 2673 -66.88 -26.25 57.43
CA VAL D 2673 -67.39 -26.27 56.07
C VAL D 2673 -66.74 -27.40 55.25
N HIS D 2674 -67.54 -28.06 54.41
CA HIS D 2674 -66.97 -28.98 53.44
C HIS D 2674 -66.19 -28.19 52.38
N PRO D 2675 -64.93 -28.57 52.15
CA PRO D 2675 -63.96 -27.89 51.28
C PRO D 2675 -64.50 -27.46 49.91
N SER D 2676 -65.49 -28.15 49.36
CA SER D 2676 -66.04 -27.76 48.07
C SER D 2676 -66.93 -26.51 48.18
N GLN D 2677 -67.20 -26.08 49.42
CA GLN D 2677 -67.98 -24.88 49.66
C GLN D 2677 -67.09 -23.64 49.85
N VAL D 2678 -65.79 -23.79 49.61
CA VAL D 2678 -64.87 -22.65 49.61
C VAL D 2678 -64.71 -22.14 48.18
N ALA D 2679 -64.96 -20.85 47.96
CA ALA D 2679 -64.88 -20.29 46.62
C ALA D 2679 -63.78 -19.24 46.46
N SER D 2680 -63.31 -19.07 45.23
CA SER D 2680 -62.35 -18.03 44.94
C SER D 2680 -62.83 -17.25 43.73
N THR D 2681 -63.22 -16.01 43.96
CA THR D 2681 -63.60 -15.09 42.89
C THR D 2681 -62.56 -13.97 42.86
N GLN D 2682 -61.71 -13.96 41.83
CA GLN D 2682 -60.61 -13.01 41.79
C GLN D 2682 -60.47 -12.32 40.43
N GLY D 2683 -60.69 -11.02 40.39
CA GLY D 2683 -60.71 -10.29 39.13
C GLY D 2683 -59.36 -9.79 38.66
N THR D 2684 -59.25 -9.53 37.37
CA THR D 2684 -58.07 -8.93 36.76
C THR D 2684 -58.54 -8.06 35.61
N GLY D 2685 -57.85 -6.95 35.37
CA GLY D 2685 -57.99 -6.23 34.11
C GLY D 2685 -57.18 -6.91 33.01
N MET D 2686 -55.95 -7.29 33.36
CA MET D 2686 -55.09 -8.07 32.50
C MET D 2686 -54.51 -9.22 33.32
N GLY D 2687 -53.61 -8.87 34.22
CA GLY D 2687 -52.99 -9.85 35.09
C GLY D 2687 -51.91 -10.62 34.35
N GLY D 2688 -50.93 -11.12 35.10
CA GLY D 2688 -49.82 -11.85 34.51
C GLY D 2688 -49.02 -11.07 33.47
N MET D 2689 -49.13 -9.75 33.49
CA MET D 2689 -48.54 -8.88 32.47
C MET D 2689 -47.07 -9.16 32.22
N THR D 2690 -46.29 -9.21 33.29
CA THR D 2690 -44.87 -9.53 33.20
C THR D 2690 -44.62 -10.85 32.47
N SER D 2691 -45.36 -11.89 32.86
CA SER D 2691 -45.20 -13.22 32.31
C SER D 2691 -45.60 -13.24 30.83
N MET D 2692 -46.55 -12.38 30.47
CA MET D 2692 -46.93 -12.24 29.07
C MET D 2692 -45.81 -11.55 28.32
N GLN D 2693 -45.40 -10.36 28.76
CA GLN D 2693 -44.32 -9.65 28.06
C GLN D 2693 -43.01 -10.42 28.10
N THR D 2694 -42.93 -11.39 29.00
CA THR D 2694 -41.72 -12.19 29.12
C THR D 2694 -41.67 -13.19 27.97
N MET D 2695 -42.82 -13.76 27.60
CA MET D 2695 -42.84 -14.71 26.51
C MET D 2695 -42.61 -14.03 25.15
N TYR D 2696 -43.32 -12.95 24.88
CA TYR D 2696 -43.33 -12.38 23.54
C TYR D 2696 -41.99 -11.72 23.19
N HIS D 2697 -41.35 -11.09 24.17
CA HIS D 2697 -39.93 -10.74 24.04
C HIS D 2697 -39.08 -11.99 23.86
N GLY D 2698 -39.03 -12.78 24.93
CA GLY D 2698 -38.17 -13.95 25.02
C GLY D 2698 -38.16 -14.93 23.86
N ASN D 2699 -39.35 -15.29 23.39
CA ASN D 2699 -39.48 -16.20 22.26
C ASN D 2699 -38.92 -15.59 20.99
N LEU D 2700 -39.38 -14.39 20.65
CA LEU D 2700 -38.88 -13.68 19.47
C LEU D 2700 -37.39 -13.39 19.62
N LEU D 2701 -36.91 -13.32 20.86
CA LEU D 2701 -35.51 -13.05 21.15
C LEU D 2701 -34.69 -14.31 21.45
N GLY D 2702 -35.36 -15.46 21.49
CA GLY D 2702 -34.70 -16.74 21.71
C GLY D 2702 -33.93 -16.83 23.01
N ARG D 2703 -34.12 -15.83 23.87
CA ARG D 2703 -33.49 -15.77 25.19
C ARG D 2703 -34.06 -16.95 25.98
N ALA D 2704 -33.31 -17.42 26.97
CA ALA D 2704 -33.86 -18.46 27.83
C ALA D 2704 -34.93 -17.83 28.71
N LYS D 2705 -36.13 -18.42 28.63
CA LYS D 2705 -37.31 -17.95 29.35
C LYS D 2705 -38.02 -19.19 29.94
N PRO D 2706 -38.91 -19.00 30.94
CA PRO D 2706 -39.45 -20.19 31.61
C PRO D 2706 -40.43 -20.97 30.72
N ASN D 2707 -40.50 -22.28 30.93
CA ASN D 2707 -41.43 -23.16 30.21
C ASN D 2707 -42.88 -23.03 30.66
N ASP D 2708 -43.08 -22.42 31.82
CA ASP D 2708 -44.42 -22.37 32.40
C ASP D 2708 -45.17 -21.11 32.02
N ILE D 2709 -44.60 -20.35 31.09
CA ILE D 2709 -45.06 -19.04 30.73
C ILE D 2709 -46.55 -18.94 30.46
N LEU D 2710 -47.08 -19.77 29.56
CA LEU D 2710 -48.48 -19.61 29.19
C LEU D 2710 -49.38 -19.98 30.36
N GLN D 2711 -48.93 -20.91 31.19
CA GLN D 2711 -49.70 -21.24 32.39
C GLN D 2711 -49.72 -20.04 33.32
N GLU D 2712 -48.57 -19.34 33.42
CA GLU D 2712 -48.45 -18.24 34.35
C GLU D 2712 -49.04 -16.93 33.80
N VAL D 2713 -49.38 -16.90 32.51
CA VAL D 2713 -50.04 -15.72 31.95
C VAL D 2713 -51.57 -15.76 32.01
N LEU D 2714 -52.13 -16.89 32.41
CA LEU D 2714 -53.57 -17.02 32.55
C LEU D 2714 -53.98 -16.20 33.77
N PRO D 2715 -54.84 -15.19 33.57
CA PRO D 2715 -55.20 -14.29 34.69
C PRO D 2715 -55.81 -15.03 35.87
N ASN D 2716 -56.18 -16.28 35.68
CA ASN D 2716 -56.74 -17.09 36.75
C ASN D 2716 -55.69 -17.87 37.53
N VAL D 2717 -54.47 -17.89 36.99
CA VAL D 2717 -53.46 -18.80 37.51
C VAL D 2717 -52.87 -18.27 38.80
N VAL D 2718 -53.00 -16.95 38.98
CA VAL D 2718 -52.46 -16.28 40.15
C VAL D 2718 -53.12 -16.74 41.45
N ALA D 2719 -54.45 -16.72 41.50
CA ALA D 2719 -55.15 -17.25 42.66
C ALA D 2719 -55.17 -18.78 42.66
N ALA D 2720 -55.00 -19.36 41.47
CA ALA D 2720 -54.77 -20.80 41.37
C ALA D 2720 -53.51 -21.18 42.14
N HIS D 2721 -52.48 -20.34 42.02
CA HIS D 2721 -51.24 -20.50 42.79
C HIS D 2721 -51.47 -20.38 44.30
N VAL D 2722 -52.38 -19.48 44.67
CA VAL D 2722 -52.73 -19.27 46.08
C VAL D 2722 -53.53 -20.45 46.63
N MET D 2723 -54.39 -21.03 45.81
CA MET D 2723 -55.20 -22.18 46.25
C MET D 2723 -54.32 -23.41 46.39
N GLN D 2724 -53.30 -23.51 45.53
CA GLN D 2724 -52.34 -24.60 45.61
C GLN D 2724 -51.43 -24.45 46.83
N SER D 2725 -50.98 -23.22 47.07
CA SER D 2725 -50.05 -22.96 48.16
C SER D 2725 -50.68 -22.81 49.56
N TYR D 2726 -51.91 -22.33 49.63
CA TYR D 2726 -52.47 -21.93 50.93
C TYR D 2726 -53.78 -22.57 51.38
N VAL D 2727 -54.89 -22.13 50.78
CA VAL D 2727 -56.22 -22.56 51.21
C VAL D 2727 -56.47 -24.03 50.95
N GLY D 2728 -56.23 -24.46 49.72
CA GLY D 2728 -56.39 -25.86 49.37
C GLY D 2728 -57.85 -26.25 49.26
N GLY D 2729 -58.70 -25.27 49.01
CA GLY D 2729 -60.13 -25.51 48.91
C GLY D 2729 -60.47 -26.40 47.73
N TYR D 2730 -61.58 -27.13 47.85
CA TYR D 2730 -62.01 -28.03 46.79
C TYR D 2730 -63.10 -27.41 45.93
N GLY D 2731 -63.43 -26.17 46.24
CA GLY D 2731 -64.57 -25.48 45.66
C GLY D 2731 -64.33 -24.41 44.60
N ALA D 2732 -65.37 -23.62 44.36
CA ALA D 2732 -65.45 -22.77 43.17
C ALA D 2732 -64.29 -21.83 42.93
N MET D 2733 -63.93 -21.69 41.66
CA MET D 2733 -62.97 -20.68 41.24
C MET D 2733 -63.49 -19.91 40.03
N VAL D 2734 -63.64 -18.61 40.22
CA VAL D 2734 -64.07 -17.68 39.18
C VAL D 2734 -63.07 -16.53 39.12
N HIS D 2735 -62.87 -15.96 37.93
CA HIS D 2735 -61.86 -14.92 37.71
C HIS D 2735 -62.31 -13.84 36.73
N PRO D 2736 -63.14 -12.89 37.20
CA PRO D 2736 -63.72 -11.82 36.38
C PRO D 2736 -62.69 -10.98 35.62
N VAL D 2737 -63.07 -10.51 34.44
CA VAL D 2737 -62.36 -9.40 33.82
C VAL D 2737 -63.29 -8.19 33.72
N GLY D 2738 -63.02 -7.18 34.54
CA GLY D 2738 -63.82 -5.97 34.57
C GLY D 2738 -63.09 -4.75 34.05
N ALA D 2739 -61.97 -4.96 33.36
CA ALA D 2739 -61.09 -3.87 32.98
C ALA D 2739 -60.67 -3.12 34.24
N CYS D 2740 -61.15 -1.89 34.38
CA CYS D 2740 -60.95 -1.15 35.62
C CYS D 2740 -61.92 -1.56 36.74
N ALA D 2741 -63.03 -2.21 36.37
CA ALA D 2741 -64.09 -2.56 37.33
C ALA D 2741 -64.09 -3.98 37.92
N THR D 2742 -63.08 -4.78 37.58
CA THR D 2742 -63.00 -6.19 38.01
C THR D 2742 -63.25 -6.40 39.50
N ALA D 2743 -62.67 -5.53 40.31
CA ALA D 2743 -62.77 -5.63 41.76
C ALA D 2743 -64.22 -5.67 42.25
N ALA D 2744 -65.00 -4.67 41.87
CA ALA D 2744 -66.42 -4.63 42.24
C ALA D 2744 -67.21 -5.70 41.50
N VAL D 2745 -66.78 -6.02 40.28
CA VAL D 2745 -67.39 -7.08 39.49
C VAL D 2745 -67.14 -8.43 40.15
N SER D 2746 -65.96 -8.58 40.76
CA SER D 2746 -65.60 -9.80 41.48
C SER D 2746 -66.47 -9.98 42.72
N VAL D 2747 -66.66 -8.90 43.46
CA VAL D 2747 -67.50 -8.93 44.67
C VAL D 2747 -68.91 -9.41 44.33
N GLU D 2748 -69.41 -8.92 43.20
CA GLU D 2748 -70.75 -9.28 42.73
C GLU D 2748 -70.90 -10.79 42.61
N GLU D 2749 -69.92 -11.43 41.98
CA GLU D 2749 -69.97 -12.87 41.77
C GLU D 2749 -69.63 -13.66 43.04
N GLY D 2750 -68.79 -13.07 43.89
CA GLY D 2750 -68.51 -13.66 45.19
C GLY D 2750 -69.78 -13.70 46.01
N VAL D 2751 -70.56 -12.63 45.92
CA VAL D 2751 -71.88 -12.56 46.56
C VAL D 2751 -72.82 -13.60 45.95
N ASP D 2752 -72.76 -13.73 44.62
CA ASP D 2752 -73.63 -14.65 43.90
C ASP D 2752 -73.38 -16.11 44.26
N LYS D 2753 -72.11 -16.46 44.46
CA LYS D 2753 -71.74 -17.84 44.76
C LYS D 2753 -72.28 -18.32 46.11
N ILE D 2754 -72.39 -17.40 47.06
CA ILE D 2754 -72.82 -17.78 48.41
C ILE D 2754 -74.32 -18.02 48.51
N LYS D 2755 -75.10 -17.09 47.98
CA LYS D 2755 -76.55 -17.10 48.15
C LYS D 2755 -77.22 -18.33 47.52
N LEU D 2756 -76.53 -18.95 46.57
CA LEU D 2756 -77.08 -20.12 45.88
C LEU D 2756 -76.59 -21.44 46.47
N GLY D 2757 -75.81 -21.35 47.54
CA GLY D 2757 -75.35 -22.54 48.26
C GLY D 2757 -74.22 -23.28 47.57
N LYS D 2758 -73.72 -22.73 46.47
CA LYS D 2758 -72.60 -23.34 45.76
C LYS D 2758 -71.35 -23.31 46.63
N ALA D 2759 -71.13 -22.19 47.31
CA ALA D 2759 -70.02 -22.09 48.27
C ALA D 2759 -70.41 -21.17 49.43
N ASP D 2760 -70.02 -21.55 50.65
CA ASP D 2760 -70.33 -20.72 51.81
C ASP D 2760 -69.24 -19.72 52.19
N LEU D 2761 -68.05 -19.87 51.60
CA LEU D 2761 -66.94 -18.96 51.88
C LEU D 2761 -66.24 -18.56 50.58
N VAL D 2762 -66.20 -17.28 50.30
CA VAL D 2762 -65.55 -16.82 49.08
C VAL D 2762 -64.47 -15.77 49.34
N ILE D 2763 -63.50 -15.72 48.44
CA ILE D 2763 -62.49 -14.69 48.46
C ILE D 2763 -62.72 -13.82 47.24
N ALA D 2764 -63.04 -12.55 47.47
CA ALA D 2764 -63.25 -11.62 46.36
C ALA D 2764 -62.13 -10.58 46.30
N GLY D 2765 -61.80 -10.15 45.09
CA GLY D 2765 -60.75 -9.17 44.92
C GLY D 2765 -60.36 -8.88 43.48
N GLY D 2766 -59.31 -8.10 43.31
CA GLY D 2766 -58.75 -7.80 42.00
C GLY D 2766 -57.31 -7.35 42.13
N PHE D 2767 -56.54 -7.52 41.05
CA PHE D 2767 -55.14 -7.13 41.04
C PHE D 2767 -54.62 -6.89 39.63
N ASP D 2768 -53.64 -6.01 39.50
CA ASP D 2768 -53.02 -5.69 38.22
C ASP D 2768 -51.60 -5.18 38.45
N ASP D 2769 -50.79 -5.16 37.40
CA ASP D 2769 -49.41 -4.71 37.55
C ASP D 2769 -49.12 -3.52 36.64
N LEU D 2770 -48.09 -2.76 36.99
CA LEU D 2770 -47.63 -1.65 36.17
C LEU D 2770 -46.27 -1.98 35.56
N THR D 2771 -46.26 -2.16 34.24
CA THR D 2771 -45.04 -2.45 33.51
C THR D 2771 -44.84 -1.44 32.38
N LEU D 2772 -43.81 -1.67 31.57
CA LEU D 2772 -43.47 -0.82 30.44
C LEU D 2772 -44.63 -0.61 29.47
N GLU D 2773 -45.07 -1.71 28.87
CA GLU D 2773 -46.03 -1.68 27.78
C GLU D 2773 -47.46 -1.51 28.27
N ALA D 2774 -47.64 -1.46 29.59
CA ALA D 2774 -48.92 -1.09 30.15
C ALA D 2774 -49.05 0.42 30.00
N ILE D 2775 -47.94 1.10 30.28
CA ILE D 2775 -47.87 2.55 30.18
C ILE D 2775 -48.07 3.03 28.76
N ILE D 2776 -47.38 2.41 27.81
CA ILE D 2776 -47.40 2.91 26.44
C ILE D 2776 -48.76 2.70 25.76
N GLY D 2777 -49.54 1.76 26.29
CA GLY D 2777 -50.89 1.52 25.80
C GLY D 2777 -51.86 2.61 26.20
N PHE D 2778 -51.75 3.03 27.47
CA PHE D 2778 -52.58 4.12 27.97
C PHE D 2778 -52.18 5.46 27.33
N GLY D 2779 -50.88 5.78 27.35
CA GLY D 2779 -50.37 7.04 26.82
C GLY D 2779 -50.67 7.24 25.34
N ASP D 2780 -50.67 6.14 24.61
CA ASP D 2780 -51.06 6.13 23.23
C ASP D 2780 -52.57 6.36 23.11
N MET D 2781 -53.33 5.76 24.03
CA MET D 2781 -54.79 5.87 24.03
C MET D 2781 -55.25 7.26 24.48
N ALA D 2782 -54.29 8.08 24.92
CA ALA D 2782 -54.51 9.46 25.36
C ALA D 2782 -55.17 9.56 26.75
N ALA D 2783 -55.50 8.41 27.34
CA ALA D 2783 -56.25 8.39 28.59
C ALA D 2783 -55.43 8.73 29.83
N THR D 2784 -54.10 8.61 29.73
CA THR D 2784 -53.22 8.90 30.85
C THR D 2784 -52.71 10.33 30.83
N ALA D 2785 -52.52 10.88 32.02
CA ALA D 2785 -52.04 12.24 32.17
C ALA D 2785 -50.60 12.36 31.69
N ASP D 2786 -50.32 13.39 30.92
CA ASP D 2786 -49.00 13.57 30.31
C ASP D 2786 -48.08 14.36 31.24
N THR D 2787 -47.06 13.68 31.75
CA THR D 2787 -46.19 14.23 32.80
C THR D 2787 -45.46 15.52 32.38
N GLU D 2788 -45.06 15.59 31.12
CA GLU D 2788 -44.38 16.78 30.60
C GLU D 2788 -45.28 18.01 30.69
N MET D 2789 -46.59 17.79 30.58
CA MET D 2789 -47.56 18.86 30.69
C MET D 2789 -47.83 19.22 32.16
N MET D 2790 -47.73 18.23 33.04
CA MET D 2790 -47.98 18.44 34.45
C MET D 2790 -46.88 19.28 35.09
N ARG D 2791 -45.64 19.01 34.70
CA ARG D 2791 -44.50 19.76 35.20
C ARG D 2791 -44.52 21.20 34.67
N ALA D 2792 -45.11 21.37 33.49
CA ALA D 2792 -45.24 22.69 32.89
C ALA D 2792 -46.26 23.55 33.63
N LYS D 2793 -47.20 22.88 34.29
CA LYS D 2793 -48.23 23.56 35.07
C LYS D 2793 -47.82 23.70 36.52
N GLY D 2794 -46.61 23.24 36.84
CA GLY D 2794 -46.08 23.32 38.19
C GLY D 2794 -46.70 22.30 39.13
N ILE D 2795 -46.92 21.09 38.63
CA ILE D 2795 -47.54 20.04 39.42
C ILE D 2795 -46.53 18.99 39.88
N SER D 2796 -46.42 18.82 41.19
CA SER D 2796 -45.58 17.78 41.76
C SER D 2796 -46.22 16.41 41.57
N ASP D 2797 -45.40 15.36 41.66
CA ASP D 2797 -45.87 14.00 41.42
C ASP D 2797 -47.01 13.55 42.33
N SER D 2798 -47.04 14.07 43.55
CA SER D 2798 -48.07 13.68 44.50
C SER D 2798 -49.40 14.38 44.21
N LYS D 2799 -49.33 15.52 43.53
CA LYS D 2799 -50.49 16.38 43.32
C LYS D 2799 -51.19 16.18 41.98
N PHE D 2800 -50.67 15.29 41.13
CA PHE D 2800 -51.15 15.21 39.75
C PHE D 2800 -52.39 14.34 39.52
N SER D 2801 -52.79 13.60 40.54
CA SER D 2801 -54.04 12.85 40.46
C SER D 2801 -55.08 13.62 41.24
N ARG D 2802 -56.01 14.26 40.53
CA ARG D 2802 -57.00 15.11 41.16
C ARG D 2802 -58.37 14.79 40.60
N ALA D 2803 -59.26 14.28 41.45
CA ALA D 2803 -60.58 13.90 41.02
C ALA D 2803 -61.56 15.07 41.15
N ASN D 2804 -62.42 15.23 40.15
CA ASN D 2804 -63.45 16.27 40.15
C ASN D 2804 -62.91 17.69 40.09
N ASP D 2805 -61.59 17.83 40.11
CA ASP D 2805 -60.94 19.12 39.99
C ASP D 2805 -61.17 19.70 38.59
N ARG D 2806 -61.21 21.03 38.51
CA ARG D 2806 -61.38 21.72 37.24
C ARG D 2806 -60.26 21.35 36.26
N ARG D 2807 -59.07 21.14 36.81
CA ARG D 2807 -57.87 20.92 36.01
C ARG D 2807 -57.54 19.46 35.73
N ARG D 2808 -58.43 18.55 36.10
CA ARG D 2808 -58.13 17.12 36.00
C ARG D 2808 -57.72 16.73 34.57
N LEU D 2809 -56.51 16.19 34.47
CA LEU D 2809 -55.87 15.93 33.17
C LEU D 2809 -55.89 14.48 32.65
N GLY D 2810 -56.55 13.59 33.37
CA GLY D 2810 -56.48 12.16 33.06
C GLY D 2810 -55.76 11.37 34.14
N PHE D 2811 -55.94 10.05 34.13
CA PHE D 2811 -55.57 9.23 35.29
C PHE D 2811 -54.08 8.88 35.44
N LEU D 2812 -53.68 8.72 36.69
CA LEU D 2812 -52.37 8.18 37.01
C LEU D 2812 -52.46 6.66 37.08
N GLU D 2813 -51.58 5.97 36.36
CA GLU D 2813 -51.58 4.51 36.36
C GLU D 2813 -50.83 3.98 37.59
N ALA D 2814 -51.32 2.88 38.15
CA ALA D 2814 -50.71 2.32 39.35
C ALA D 2814 -50.57 0.80 39.27
N GLN D 2815 -49.99 0.21 40.31
CA GLN D 2815 -49.83 -1.23 40.40
C GLN D 2815 -50.22 -1.73 41.79
N GLY D 2816 -50.60 -2.99 41.88
CA GLY D 2816 -50.88 -3.60 43.16
C GLY D 2816 -51.98 -4.64 43.10
N GLY D 2817 -52.46 -5.04 44.27
CA GLY D 2817 -53.57 -5.97 44.36
C GLY D 2817 -54.16 -5.98 45.74
N GLY D 2818 -55.43 -6.39 45.82
CA GLY D 2818 -56.10 -6.48 47.11
C GLY D 2818 -57.24 -7.48 47.03
N THR D 2819 -57.59 -8.05 48.18
CA THR D 2819 -58.65 -9.04 48.25
C THR D 2819 -59.45 -8.91 49.53
N ILE D 2820 -60.69 -9.40 49.50
CA ILE D 2820 -61.53 -9.43 50.69
C ILE D 2820 -62.13 -10.82 50.86
N LEU D 2821 -62.43 -11.19 52.10
CA LEU D 2821 -63.07 -12.47 52.37
C LEU D 2821 -64.56 -12.27 52.64
N LEU D 2822 -65.39 -12.70 51.69
CA LEU D 2822 -66.83 -12.61 51.85
C LEU D 2822 -67.38 -13.95 52.32
N ALA D 2823 -68.26 -13.91 53.31
CA ALA D 2823 -68.82 -15.14 53.87
C ALA D 2823 -70.31 -15.03 54.14
N ARG D 2824 -70.93 -16.19 54.37
CA ARG D 2824 -72.32 -16.25 54.81
C ARG D 2824 -72.41 -15.69 56.22
N GLY D 2825 -73.41 -14.84 56.46
CA GLY D 2825 -73.60 -14.22 57.75
C GLY D 2825 -73.74 -15.22 58.89
N ASP D 2826 -74.40 -16.34 58.60
CA ASP D 2826 -74.61 -17.38 59.61
C ASP D 2826 -73.28 -18.04 59.98
N LEU D 2827 -72.43 -18.23 58.98
CA LEU D 2827 -71.13 -18.86 59.18
C LEU D 2827 -70.19 -17.99 60.00
N ALA D 2828 -70.21 -16.68 59.71
CA ALA D 2828 -69.33 -15.74 60.40
C ALA D 2828 -69.58 -15.72 61.89
N LEU D 2829 -70.85 -15.84 62.28
CA LEU D 2829 -71.23 -15.91 63.68
C LEU D 2829 -70.77 -17.23 64.27
N LYS D 2830 -70.98 -18.30 63.51
CA LYS D 2830 -70.67 -19.65 63.97
C LYS D 2830 -69.17 -19.87 64.12
N MET D 2831 -68.40 -19.38 63.15
CA MET D 2831 -66.94 -19.44 63.24
C MET D 2831 -66.45 -18.43 64.28
N GLY D 2832 -67.23 -17.38 64.49
CA GLY D 2832 -66.88 -16.35 65.44
C GLY D 2832 -65.74 -15.47 64.94
N LEU D 2833 -65.84 -15.02 63.70
CA LEU D 2833 -64.82 -14.16 63.12
C LEU D 2833 -65.29 -12.70 63.21
N PRO D 2834 -64.42 -11.74 62.85
CA PRO D 2834 -64.87 -10.35 62.83
C PRO D 2834 -65.81 -10.04 61.67
N VAL D 2835 -66.81 -9.20 61.92
CA VAL D 2835 -67.67 -8.71 60.85
C VAL D 2835 -67.28 -7.28 60.50
N LEU D 2836 -66.67 -7.10 59.33
CA LEU D 2836 -66.19 -5.80 58.91
C LEU D 2836 -67.28 -4.91 58.34
N ALA D 2837 -68.25 -5.54 57.67
CA ALA D 2837 -69.37 -4.84 57.07
C ALA D 2837 -70.34 -5.80 56.40
N VAL D 2838 -71.54 -5.32 56.11
CA VAL D 2838 -72.51 -6.12 55.37
C VAL D 2838 -72.57 -5.61 53.94
N VAL D 2839 -72.49 -6.53 52.98
CA VAL D 2839 -72.65 -6.14 51.59
C VAL D 2839 -74.14 -6.25 51.29
N GLY D 2840 -74.77 -5.09 51.11
CA GLY D 2840 -76.20 -5.02 50.94
C GLY D 2840 -76.60 -5.32 49.51
N TYR D 2841 -75.63 -5.23 48.61
CA TYR D 2841 -75.88 -5.42 47.19
C TYR D 2841 -74.57 -5.29 46.43
N ALA D 2842 -74.54 -5.88 45.24
CA ALA D 2842 -73.43 -5.69 44.32
C ALA D 2842 -73.96 -5.88 42.91
N GLN D 2843 -73.51 -5.05 41.98
CA GLN D 2843 -73.95 -5.17 40.60
C GLN D 2843 -72.92 -4.65 39.63
N SER D 2844 -72.87 -5.25 38.45
CA SER D 2844 -72.13 -4.71 37.33
C SER D 2844 -73.19 -4.25 36.34
N PHE D 2845 -72.85 -3.27 35.52
CA PHE D 2845 -73.81 -2.71 34.57
C PHE D 2845 -73.14 -2.25 33.27
N ALA D 2846 -73.76 -2.58 32.13
CA ALA D 2846 -73.23 -2.13 30.84
C ALA D 2846 -73.88 -0.81 30.45
N ASP D 2847 -73.61 -0.31 29.25
CA ASP D 2847 -74.16 0.98 28.85
C ASP D 2847 -75.02 0.92 27.60
N GLY D 2848 -74.38 0.78 26.43
CA GLY D 2848 -75.16 0.64 25.21
C GLY D 2848 -74.48 0.93 23.89
N VAL D 2849 -75.27 0.92 22.82
CA VAL D 2849 -74.75 1.21 21.50
C VAL D 2849 -74.49 2.70 21.30
N HIS D 2850 -73.25 3.04 20.98
CA HIS D 2850 -72.90 4.36 20.45
C HIS D 2850 -71.56 4.34 19.71
N THR D 2851 -71.36 5.30 18.81
CA THR D 2851 -70.09 5.43 18.07
C THR D 2851 -69.00 6.18 18.86
N SER D 2852 -69.42 7.21 19.61
CA SER D 2852 -68.51 8.21 20.17
C SER D 2852 -67.56 7.70 21.25
N ILE D 2853 -66.26 7.94 21.05
CA ILE D 2853 -65.27 7.51 22.03
C ILE D 2853 -65.22 8.24 23.39
N PRO D 2854 -65.41 9.58 23.43
CA PRO D 2854 -65.48 10.11 24.80
C PRO D 2854 -66.75 9.73 25.55
N ALA D 2855 -67.82 9.35 24.86
CA ALA D 2855 -69.09 9.15 25.56
C ALA D 2855 -69.04 8.00 26.56
N PRO D 2856 -69.12 8.35 27.85
CA PRO D 2856 -68.98 7.44 29.00
C PRO D 2856 -70.24 6.64 29.30
N GLY D 2857 -70.09 5.44 29.84
CA GLY D 2857 -71.23 4.62 30.23
C GLY D 2857 -72.01 5.12 31.44
N LEU D 2858 -73.31 5.33 31.27
CA LEU D 2858 -74.19 5.72 32.36
C LEU D 2858 -75.04 4.59 32.97
N GLY D 2859 -74.87 3.37 32.47
CA GLY D 2859 -75.77 2.28 32.81
C GLY D 2859 -75.86 1.83 34.27
N ALA D 2860 -74.99 2.37 35.12
CA ALA D 2860 -74.99 2.03 36.55
C ALA D 2860 -76.22 2.55 37.27
N LEU D 2861 -77.01 3.36 36.55
CA LEU D 2861 -78.24 3.92 37.08
C LEU D 2861 -79.34 2.86 37.24
N GLY D 2862 -79.16 1.72 36.57
CA GLY D 2862 -80.16 0.67 36.59
C GLY D 2862 -80.47 0.10 37.97
N ALA D 2863 -79.59 0.37 38.94
CA ALA D 2863 -79.78 -0.13 40.29
C ALA D 2863 -80.78 0.73 41.07
N ALA D 2864 -80.93 1.98 40.65
CA ALA D 2864 -81.82 2.92 41.34
C ALA D 2864 -83.21 2.94 40.73
N ARG D 2865 -83.44 2.08 39.74
CA ARG D 2865 -84.71 2.04 39.03
C ARG D 2865 -85.84 1.44 39.87
N GLY D 2866 -86.94 2.17 39.98
CA GLY D 2866 -88.10 1.69 40.71
C GLY D 2866 -88.40 2.38 42.01
N GLY D 2867 -87.50 3.25 42.47
CA GLY D 2867 -87.74 4.00 43.69
C GLY D 2867 -87.76 3.14 44.93
N ARG D 2868 -88.89 3.14 45.63
CA ARG D 2868 -89.07 2.24 46.76
C ARG D 2868 -88.94 0.78 46.34
N GLU D 2869 -89.20 0.51 45.06
CA GLU D 2869 -89.08 -0.84 44.52
C GLU D 2869 -87.69 -1.09 43.93
N SER D 2870 -86.82 -0.08 44.02
CA SER D 2870 -85.47 -0.19 43.45
C SER D 2870 -84.59 -1.13 44.26
N THR D 2871 -83.59 -1.70 43.59
CA THR D 2871 -82.68 -2.62 44.25
C THR D 2871 -81.85 -1.90 45.31
N LEU D 2872 -81.52 -0.65 45.05
CA LEU D 2872 -80.72 0.14 45.97
C LEU D 2872 -81.47 0.43 47.25
N ALA D 2873 -82.73 0.81 47.12
CA ALA D 2873 -83.53 1.20 48.28
C ALA D 2873 -84.04 0.00 49.07
N ARG D 2874 -84.38 -1.07 48.36
CA ARG D 2874 -84.86 -2.29 49.01
C ARG D 2874 -83.74 -2.94 49.81
N SER D 2875 -82.54 -2.92 49.25
CA SER D 2875 -81.35 -3.43 49.95
C SER D 2875 -81.21 -2.69 51.27
N LEU D 2876 -81.32 -1.37 51.22
CA LEU D 2876 -81.29 -0.55 52.42
C LEU D 2876 -82.48 -0.86 53.35
N ALA D 2877 -83.68 -0.88 52.79
CA ALA D 2877 -84.92 -1.05 53.55
C ALA D 2877 -84.98 -2.34 54.35
N GLN D 2878 -84.39 -3.41 53.81
CA GLN D 2878 -84.32 -4.69 54.52
C GLN D 2878 -83.54 -4.59 55.83
N LEU D 2879 -82.64 -3.62 55.94
CA LEU D 2879 -81.94 -3.36 57.19
C LEU D 2879 -82.67 -2.27 57.97
N GLY D 2880 -83.77 -1.76 57.42
CA GLY D 2880 -84.50 -0.69 58.05
C GLY D 2880 -83.76 0.62 57.82
N VAL D 2881 -83.03 0.67 56.72
CA VAL D 2881 -82.25 1.84 56.35
C VAL D 2881 -82.90 2.56 55.17
N GLY D 2882 -82.90 3.89 55.22
CA GLY D 2882 -83.47 4.70 54.17
C GLY D 2882 -82.47 5.16 53.13
N ALA D 2883 -82.96 5.85 52.11
CA ALA D 2883 -82.12 6.38 51.04
C ALA D 2883 -81.22 7.51 51.54
N ASP D 2884 -81.69 8.23 52.55
CA ASP D 2884 -80.94 9.33 53.14
C ASP D 2884 -79.76 8.81 53.95
N ASP D 2885 -79.81 7.52 54.26
CA ASP D 2885 -78.85 6.92 55.18
C ASP D 2885 -77.57 6.45 54.49
N ILE D 2886 -77.46 6.70 53.19
CA ILE D 2886 -76.18 6.54 52.52
C ILE D 2886 -75.49 7.89 52.58
N ALA D 2887 -74.48 7.98 53.43
CA ALA D 2887 -73.71 9.21 53.57
C ALA D 2887 -72.61 9.32 52.54
N VAL D 2888 -71.94 8.21 52.30
CA VAL D 2888 -70.72 8.20 51.50
C VAL D 2888 -70.84 7.34 50.25
N ILE D 2889 -70.42 7.89 49.12
CA ILE D 2889 -70.21 7.10 47.92
C ILE D 2889 -68.73 7.12 47.61
N SER D 2890 -68.14 5.96 47.34
CA SER D 2890 -66.77 5.94 46.88
C SER D 2890 -66.80 5.93 45.36
N LYS D 2891 -66.41 7.04 44.76
CA LYS D 2891 -66.42 7.17 43.31
C LYS D 2891 -65.21 6.44 42.73
N HIS D 2892 -65.33 6.04 41.47
CA HIS D 2892 -64.19 5.52 40.75
C HIS D 2892 -63.17 6.64 40.68
N ASP D 2893 -63.65 7.84 40.35
CA ASP D 2893 -62.86 9.07 40.37
C ASP D 2893 -61.51 8.90 39.68
N THR D 2894 -61.55 8.68 38.38
CA THR D 2894 -60.34 8.38 37.62
C THR D 2894 -59.49 9.63 37.39
N SER D 2895 -60.04 10.80 37.71
CA SER D 2895 -59.36 12.08 37.46
C SER D 2895 -59.30 12.43 35.97
N THR D 2896 -59.83 11.55 35.13
CA THR D 2896 -59.99 11.86 33.71
C THR D 2896 -61.15 12.84 33.54
N LEU D 2897 -61.13 13.61 32.45
CA LEU D 2897 -62.19 14.58 32.19
C LEU D 2897 -63.50 13.90 31.78
N ALA D 2898 -63.40 12.69 31.27
CA ALA D 2898 -64.58 11.95 30.82
C ALA D 2898 -65.35 11.31 31.98
N ASN D 2899 -64.63 10.65 32.87
CA ASN D 2899 -65.24 9.86 33.94
C ASN D 2899 -65.85 10.67 35.07
N ASP D 2900 -65.09 11.62 35.62
CA ASP D 2900 -65.51 12.38 36.80
C ASP D 2900 -66.89 13.06 36.73
N PRO D 2901 -67.14 13.89 35.70
CA PRO D 2901 -68.45 14.54 35.66
C PRO D 2901 -69.59 13.56 35.38
N ASN D 2902 -69.30 12.52 34.60
CA ASN D 2902 -70.29 11.51 34.26
C ASN D 2902 -70.70 10.68 35.47
N GLU D 2903 -69.71 10.21 36.21
CA GLU D 2903 -69.95 9.43 37.42
C GLU D 2903 -70.68 10.30 38.44
N THR D 2904 -70.43 11.60 38.41
CA THR D 2904 -71.09 12.54 39.30
C THR D 2904 -72.55 12.71 38.92
N GLU D 2905 -72.80 12.95 37.64
CA GLU D 2905 -74.15 13.03 37.10
C GLU D 2905 -74.90 11.74 37.40
N LEU D 2906 -74.19 10.63 37.32
CA LEU D 2906 -74.76 9.31 37.58
C LEU D 2906 -75.22 9.18 39.03
N HIS D 2907 -74.32 9.50 39.96
CA HIS D 2907 -74.61 9.41 41.38
C HIS D 2907 -75.63 10.46 41.80
N GLU D 2908 -75.65 11.58 41.07
CA GLU D 2908 -76.62 12.64 41.34
C GLU D 2908 -78.02 12.18 40.99
N ARG D 2909 -78.14 11.45 39.89
CA ARG D 2909 -79.43 11.00 39.39
C ARG D 2909 -79.99 9.81 40.17
N ILE D 2910 -79.13 8.85 40.53
CA ILE D 2910 -79.56 7.71 41.31
C ILE D 2910 -80.13 8.13 42.66
N ALA D 2911 -79.64 9.26 43.16
CA ALA D 2911 -80.15 9.84 44.40
C ALA D 2911 -81.45 10.61 44.15
N ASP D 2912 -81.49 11.33 43.02
CA ASP D 2912 -82.61 12.20 42.70
C ASP D 2912 -83.94 11.46 42.59
N SER D 2913 -83.94 10.33 41.89
CA SER D 2913 -85.17 9.58 41.66
C SER D 2913 -85.62 8.73 42.84
N MET D 2914 -84.67 8.37 43.71
CA MET D 2914 -84.99 7.52 44.85
C MET D 2914 -85.54 8.34 46.01
N GLY D 2915 -85.65 9.66 45.80
CA GLY D 2915 -86.21 10.53 46.80
C GLY D 2915 -85.23 10.91 47.89
N ARG D 2916 -83.96 11.08 47.51
CA ARG D 2916 -82.97 11.63 48.42
C ARG D 2916 -83.45 13.01 48.82
N ALA D 2917 -83.51 13.26 50.14
CA ALA D 2917 -83.95 14.56 50.64
C ALA D 2917 -83.10 15.65 50.02
N PRO D 2918 -83.74 16.73 49.52
CA PRO D 2918 -83.03 17.82 48.85
C PRO D 2918 -81.89 18.34 49.71
N GLY D 2919 -80.71 18.44 49.12
CA GLY D 2919 -79.53 18.93 49.82
C GLY D 2919 -79.07 18.06 50.97
N ASN D 2920 -79.22 16.75 50.83
CA ASN D 2920 -78.61 15.81 51.77
C ASN D 2920 -77.59 15.03 50.98
N PRO D 2921 -76.46 15.68 50.64
CA PRO D 2921 -75.56 15.23 49.60
C PRO D 2921 -74.72 14.04 50.02
N LEU D 2922 -74.33 13.23 49.04
CA LEU D 2922 -73.48 12.09 49.29
C LEU D 2922 -72.04 12.60 49.39
N PHE D 2923 -71.42 12.40 50.55
CA PHE D 2923 -70.05 12.84 50.76
C PHE D 2923 -69.12 11.83 50.12
N ILE D 2924 -68.32 12.30 49.16
CA ILE D 2924 -67.57 11.36 48.32
C ILE D 2924 -66.06 11.48 48.47
N VAL D 2925 -65.41 10.32 48.58
CA VAL D 2925 -63.97 10.23 48.69
C VAL D 2925 -63.34 9.78 47.36
N SER D 2926 -62.17 10.31 47.05
CA SER D 2926 -61.39 9.83 45.92
C SER D 2926 -60.07 9.23 46.39
N GLN D 2927 -59.96 7.91 46.30
CA GLN D 2927 -58.76 7.23 46.76
C GLN D 2927 -57.71 7.15 45.65
N LYS D 2928 -58.14 7.45 44.43
CA LYS D 2928 -57.25 7.41 43.28
C LYS D 2928 -56.29 8.60 43.29
N THR D 2929 -56.66 9.63 44.04
CA THR D 2929 -55.82 10.80 44.18
C THR D 2929 -54.60 10.45 45.04
N LEU D 2930 -54.81 9.49 45.94
CA LEU D 2930 -53.72 8.99 46.77
C LEU D 2930 -53.04 7.82 46.08
N THR D 2931 -53.73 6.68 46.05
CA THR D 2931 -53.15 5.42 45.61
C THR D 2931 -52.91 5.31 44.10
N GLY D 2932 -53.44 6.27 43.35
CA GLY D 2932 -53.38 6.19 41.90
C GLY D 2932 -54.40 5.19 41.41
N HIS D 2933 -54.44 4.97 40.10
CA HIS D 2933 -55.39 4.00 39.55
C HIS D 2933 -54.73 2.69 39.14
N ALA D 2934 -55.02 1.65 39.90
CA ALA D 2934 -54.63 0.29 39.53
C ALA D 2934 -55.86 -0.35 38.92
N LYS D 2935 -55.78 -0.67 37.62
CA LYS D 2935 -56.91 -1.17 36.85
C LYS D 2935 -57.69 -2.29 37.52
N GLY D 2936 -57.06 -3.44 37.71
CA GLY D 2936 -57.73 -4.60 38.28
C GLY D 2936 -58.13 -4.46 39.73
N GLY D 2937 -57.25 -3.90 40.54
CA GLY D 2937 -57.49 -3.78 41.97
C GLY D 2937 -58.05 -2.44 42.40
N ALA D 2938 -58.67 -1.72 41.46
CA ALA D 2938 -59.26 -0.42 41.74
C ALA D 2938 -60.31 -0.43 42.85
N ALA D 2939 -61.44 -1.06 42.56
CA ALA D 2939 -62.61 -0.99 43.44
C ALA D 2939 -62.45 -1.77 44.75
N VAL D 2940 -61.41 -2.59 44.87
CA VAL D 2940 -61.14 -3.30 46.11
C VAL D 2940 -60.46 -2.40 47.12
N PHE D 2941 -59.53 -1.58 46.63
CA PHE D 2941 -58.88 -0.58 47.47
C PHE D 2941 -59.94 0.38 47.98
N GLN D 2942 -60.94 0.65 47.14
CA GLN D 2942 -62.08 1.45 47.54
C GLN D 2942 -62.99 0.63 48.45
N MET D 2943 -63.08 -0.67 48.17
CA MET D 2943 -63.85 -1.58 49.01
C MET D 2943 -63.23 -1.64 50.40
N MET D 2944 -61.90 -1.72 50.44
CA MET D 2944 -61.17 -1.73 51.70
C MET D 2944 -61.38 -0.43 52.48
N GLY D 2945 -61.22 0.69 51.78
CA GLY D 2945 -61.39 1.99 52.39
C GLY D 2945 -62.79 2.21 52.93
N LEU D 2946 -63.78 1.64 52.25
CA LEU D 2946 -65.17 1.80 52.64
C LEU D 2946 -65.50 1.08 53.94
N CYS D 2947 -64.90 -0.10 54.13
CA CYS D 2947 -65.07 -0.85 55.37
C CYS D 2947 -64.45 -0.05 56.51
N GLN D 2948 -63.26 0.48 56.25
CA GLN D 2948 -62.55 1.29 57.22
C GLN D 2948 -63.29 2.60 57.51
N ILE D 2949 -64.06 3.07 56.53
CA ILE D 2949 -64.90 4.24 56.72
C ILE D 2949 -66.05 3.93 57.67
N LEU D 2950 -66.70 2.79 57.46
CA LEU D 2950 -67.86 2.41 58.27
C LEU D 2950 -67.52 2.20 59.74
N ARG D 2951 -66.46 1.45 60.01
CA ARG D 2951 -66.10 1.12 61.39
C ARG D 2951 -65.55 2.32 62.17
N ASP D 2952 -64.65 3.08 61.54
CA ASP D 2952 -64.06 4.24 62.20
C ASP D 2952 -64.96 5.47 62.13
N GLY D 2953 -65.87 5.49 61.16
CA GLY D 2953 -66.75 6.62 60.95
C GLY D 2953 -66.11 7.73 60.14
N VAL D 2954 -64.79 7.72 60.05
CA VAL D 2954 -64.04 8.79 59.42
C VAL D 2954 -64.21 8.82 57.90
N ILE D 2955 -64.53 9.98 57.36
CA ILE D 2955 -64.63 10.17 55.91
C ILE D 2955 -63.37 10.86 55.39
N PRO D 2956 -62.53 10.11 54.66
CA PRO D 2956 -61.27 10.62 54.11
C PRO D 2956 -61.46 11.77 53.12
N PRO D 2957 -60.58 12.76 53.17
CA PRO D 2957 -60.58 13.92 52.28
C PRO D 2957 -60.02 13.61 50.91
N ASN D 2958 -60.29 14.48 49.94
CA ASN D 2958 -59.45 14.54 48.76
C ASN D 2958 -58.53 15.74 48.95
N ARG D 2959 -57.26 15.47 49.23
CA ARG D 2959 -56.31 16.53 49.54
C ARG D 2959 -55.66 17.06 48.26
N SER D 2960 -56.01 16.44 47.14
CA SER D 2960 -55.50 16.85 45.85
C SER D 2960 -56.43 17.86 45.18
N LEU D 2961 -57.48 18.25 45.89
CA LEU D 2961 -58.46 19.17 45.31
C LEU D 2961 -58.09 20.62 45.63
N ASP D 2962 -57.64 21.33 44.59
CA ASP D 2962 -57.45 22.77 44.68
C ASP D 2962 -58.77 23.51 44.48
N CYS D 2963 -59.49 23.12 43.42
CA CYS D 2963 -60.76 23.75 43.09
C CYS D 2963 -61.74 22.74 42.49
N VAL D 2964 -63.00 22.81 42.91
CA VAL D 2964 -64.04 21.95 42.37
C VAL D 2964 -64.43 22.43 40.98
N ASP D 2965 -64.60 21.50 40.04
CA ASP D 2965 -65.00 21.84 38.68
C ASP D 2965 -66.35 22.55 38.69
N ASP D 2966 -66.41 23.71 38.02
CA ASP D 2966 -67.60 24.54 38.03
C ASP D 2966 -68.80 23.87 37.35
N GLU D 2967 -68.53 22.82 36.58
CA GLU D 2967 -69.58 22.06 35.92
C GLU D 2967 -70.37 21.24 36.92
N LEU D 2968 -69.68 20.79 37.97
CA LEU D 2968 -70.27 19.90 38.98
C LEU D 2968 -71.26 20.61 39.88
N ALA D 2969 -71.39 21.93 39.73
CA ALA D 2969 -72.33 22.71 40.52
C ALA D 2969 -73.77 22.26 40.31
N THR D 2970 -74.06 21.76 39.11
CA THR D 2970 -75.41 21.31 38.77
C THR D 2970 -75.85 20.11 39.60
N SER D 2971 -74.89 19.44 40.23
CA SER D 2971 -75.21 18.32 41.10
C SER D 2971 -75.28 18.78 42.55
N GLY D 2972 -76.49 18.75 43.11
CA GLY D 2972 -76.71 19.23 44.47
C GLY D 2972 -76.76 18.12 45.50
N HIS D 2973 -76.87 16.89 45.04
CA HIS D 2973 -76.88 15.72 45.92
C HIS D 2973 -75.47 15.20 46.11
N PHE D 2974 -74.49 15.94 45.61
CA PHE D 2974 -73.09 15.55 45.70
C PHE D 2974 -72.22 16.61 46.37
N VAL D 2975 -71.42 16.20 47.35
CA VAL D 2975 -70.48 17.09 48.03
C VAL D 2975 -69.06 16.56 47.97
N TRP D 2976 -68.13 17.44 47.58
CA TRP D 2976 -66.73 17.08 47.43
C TRP D 2976 -65.91 17.70 48.55
N VAL D 2977 -65.36 16.86 49.42
CA VAL D 2977 -64.69 17.34 50.63
C VAL D 2977 -63.17 17.34 50.48
N ARG D 2978 -62.56 18.50 50.68
CA ARG D 2978 -61.11 18.65 50.56
C ARG D 2978 -60.35 18.35 51.85
N GLU D 2979 -61.06 18.31 52.97
CA GLU D 2979 -60.44 18.09 54.27
C GLU D 2979 -61.15 16.99 55.05
N PRO D 2980 -60.41 16.20 55.82
CA PRO D 2980 -61.01 15.04 56.47
C PRO D 2980 -62.10 15.41 57.47
N LEU D 2981 -63.27 14.79 57.33
CA LEU D 2981 -64.31 14.94 58.33
C LEU D 2981 -64.27 13.69 59.19
N ASP D 2982 -63.80 13.84 60.42
CA ASP D 2982 -63.59 12.70 61.29
C ASP D 2982 -64.76 12.52 62.24
N LEU D 2983 -65.43 11.38 62.10
CA LEU D 2983 -66.62 11.10 62.89
C LEU D 2983 -66.27 10.33 64.16
N ARG D 2984 -66.51 10.97 65.30
CA ARG D 2984 -66.20 10.40 66.60
C ARG D 2984 -67.33 9.50 67.11
N GLY D 2985 -67.26 9.12 68.38
CA GLY D 2985 -68.25 8.23 68.97
C GLY D 2985 -69.66 8.81 69.02
N LYS D 2986 -69.77 10.12 69.07
CA LYS D 2986 -71.09 10.78 69.12
C LYS D 2986 -71.63 11.07 67.73
N PHE D 2987 -70.81 10.82 66.72
CA PHE D 2987 -71.18 11.11 65.34
C PHE D 2987 -70.97 9.86 64.49
N PRO D 2988 -71.99 9.01 64.41
CA PRO D 2988 -71.90 7.74 63.70
C PRO D 2988 -72.08 7.90 62.20
N LEU D 2989 -72.01 6.79 61.46
CA LEU D 2989 -72.37 6.76 60.06
C LEU D 2989 -73.03 5.42 59.76
N LYS D 2990 -73.48 5.22 58.53
CA LYS D 2990 -74.29 4.05 58.22
C LYS D 2990 -73.84 3.21 57.02
N ALA D 2991 -73.99 3.75 55.82
CA ALA D 2991 -73.79 2.93 54.62
C ALA D 2991 -73.02 3.65 53.50
N GLY D 2992 -72.03 2.94 52.94
CA GLY D 2992 -71.28 3.45 51.80
C GLY D 2992 -71.64 2.79 50.49
N LEU D 2993 -71.17 3.36 49.38
CA LEU D 2993 -71.37 2.79 48.05
C LEU D 2993 -70.11 2.87 47.20
N VAL D 2994 -69.63 1.71 46.74
CA VAL D 2994 -68.47 1.67 45.85
C VAL D 2994 -68.91 1.57 44.40
N THR D 2995 -68.47 2.53 43.58
CA THR D 2995 -68.81 2.55 42.17
C THR D 2995 -67.55 2.60 41.32
N SER D 2996 -67.50 1.75 40.29
CA SER D 2996 -66.34 1.70 39.40
C SER D 2996 -66.75 1.54 37.95
N LEU D 2997 -66.13 2.32 37.06
CA LEU D 2997 -66.41 2.22 35.64
C LEU D 2997 -65.21 1.66 34.88
N GLY D 2998 -65.37 0.45 34.36
CA GLY D 2998 -64.33 -0.18 33.57
C GLY D 2998 -64.42 0.22 32.11
N PHE D 2999 -63.47 -0.27 31.31
CA PHE D 2999 -63.44 0.03 29.89
C PHE D 2999 -64.40 -0.88 29.11
N GLY D 3000 -65.07 -0.30 28.13
CA GLY D 3000 -66.05 -1.04 27.35
C GLY D 3000 -67.34 -1.31 28.09
N HIS D 3001 -67.90 -0.25 28.67
CA HIS D 3001 -69.21 -0.30 29.32
C HIS D 3001 -69.21 -1.22 30.53
N VAL D 3002 -68.08 -1.38 31.19
CA VAL D 3002 -68.09 -2.09 32.45
C VAL D 3002 -68.29 -1.10 33.56
N SER D 3003 -69.45 -1.14 34.20
CA SER D 3003 -69.75 -0.26 35.31
C SER D 3003 -70.20 -1.13 36.45
N GLY D 3004 -69.99 -0.69 37.68
CA GLY D 3004 -70.38 -1.49 38.82
C GLY D 3004 -70.74 -0.70 40.06
N LEU D 3005 -71.57 -1.31 40.91
CA LEU D 3005 -72.01 -0.68 42.14
C LEU D 3005 -72.05 -1.71 43.27
N VAL D 3006 -71.45 -1.36 44.40
CA VAL D 3006 -71.50 -2.21 45.58
C VAL D 3006 -71.99 -1.41 46.79
N ALA D 3007 -73.17 -1.76 47.28
CA ALA D 3007 -73.73 -1.12 48.46
C ALA D 3007 -73.19 -1.75 49.72
N LEU D 3008 -72.50 -0.96 50.55
CA LEU D 3008 -71.95 -1.48 51.80
C LEU D 3008 -72.65 -0.86 53.01
N VAL D 3009 -72.91 -1.69 54.03
CA VAL D 3009 -73.66 -1.28 55.23
C VAL D 3009 -72.92 -1.69 56.51
N HIS D 3010 -73.05 -0.85 57.53
CA HIS D 3010 -72.38 -1.05 58.82
C HIS D 3010 -72.68 -2.41 59.46
N PRO D 3011 -71.68 -3.05 60.08
CA PRO D 3011 -71.84 -4.37 60.73
C PRO D 3011 -72.94 -4.43 61.79
N GLU D 3012 -73.10 -3.35 62.56
CA GLU D 3012 -74.04 -3.34 63.68
C GLU D 3012 -75.51 -3.43 63.25
N ALA D 3013 -75.75 -3.34 61.95
CA ALA D 3013 -77.10 -3.54 61.42
C ALA D 3013 -77.46 -5.02 61.43
N PHE D 3014 -76.45 -5.88 61.31
CA PHE D 3014 -76.64 -7.32 61.30
C PHE D 3014 -76.85 -7.88 62.70
N ILE D 3015 -76.21 -7.27 63.68
CA ILE D 3015 -76.26 -7.75 65.06
C ILE D 3015 -77.64 -7.52 65.67
N ALA D 3016 -78.47 -6.75 64.98
CA ALA D 3016 -79.80 -6.42 65.46
C ALA D 3016 -80.82 -7.51 65.16
N ALA D 3017 -80.41 -8.49 64.36
CA ALA D 3017 -81.29 -9.60 63.97
C ALA D 3017 -81.12 -10.84 64.84
N LEU D 3018 -80.28 -10.75 65.87
CA LEU D 3018 -79.98 -11.92 66.70
C LEU D 3018 -80.87 -12.08 67.93
N ASP D 3019 -81.70 -11.07 68.22
CA ASP D 3019 -82.44 -10.97 69.49
C ASP D 3019 -81.46 -10.68 70.63
N PRO D 3020 -81.92 -10.00 71.70
CA PRO D 3020 -81.01 -9.51 72.75
C PRO D 3020 -80.13 -10.57 73.41
N SER D 3021 -80.65 -11.79 73.56
CA SER D 3021 -79.87 -12.86 74.17
C SER D 3021 -78.73 -13.30 73.26
N GLU D 3022 -79.04 -13.60 72.00
CA GLU D 3022 -78.02 -14.06 71.06
C GLU D 3022 -77.13 -12.93 70.59
N ARG D 3023 -77.67 -11.71 70.57
CA ARG D 3023 -76.88 -10.54 70.21
C ARG D 3023 -75.76 -10.34 71.23
N GLU D 3024 -76.11 -10.52 72.50
CA GLU D 3024 -75.15 -10.40 73.59
C GLU D 3024 -74.16 -11.56 73.55
N ASP D 3025 -74.63 -12.71 73.08
CA ASP D 3025 -73.77 -13.90 72.98
C ASP D 3025 -72.75 -13.76 71.86
N TYR D 3026 -73.11 -13.06 70.80
CA TYR D 3026 -72.21 -12.86 69.67
C TYR D 3026 -71.11 -11.87 69.99
N ARG D 3027 -71.47 -10.78 70.67
CA ARG D 3027 -70.49 -9.77 71.06
C ARG D 3027 -69.43 -10.38 71.95
N THR D 3028 -69.82 -11.39 72.73
CA THR D 3028 -68.89 -12.12 73.58
C THR D 3028 -67.86 -12.84 72.73
N ARG D 3029 -68.32 -13.53 71.70
CA ARG D 3029 -67.44 -14.30 70.82
C ARG D 3029 -66.55 -13.39 69.97
N ALA D 3030 -67.15 -12.31 69.45
CA ALA D 3030 -66.41 -11.36 68.61
C ALA D 3030 -65.32 -10.64 69.40
N GLU D 3031 -65.60 -10.39 70.68
CA GLU D 3031 -64.64 -9.72 71.55
C GLU D 3031 -63.44 -10.62 71.81
N GLN D 3032 -63.70 -11.90 72.04
CA GLN D 3032 -62.64 -12.88 72.27
C GLN D 3032 -61.78 -13.07 71.03
N ARG D 3033 -62.40 -12.94 69.86
CA ARG D 3033 -61.70 -13.13 68.59
C ARG D 3033 -60.75 -11.97 68.31
N MET D 3034 -61.20 -10.75 68.63
CA MET D 3034 -60.39 -9.56 68.42
C MET D 3034 -59.11 -9.62 69.23
N LEU D 3035 -59.22 -10.07 70.48
CA LEU D 3035 -58.06 -10.21 71.35
C LEU D 3035 -57.10 -11.27 70.80
N ALA D 3036 -57.66 -12.38 70.34
CA ALA D 3036 -56.86 -13.45 69.75
C ALA D 3036 -56.35 -13.04 68.37
N GLY D 3037 -57.11 -12.16 67.71
CA GLY D 3037 -56.72 -11.65 66.41
C GLY D 3037 -55.57 -10.67 66.49
N GLN D 3038 -55.61 -9.82 67.51
CA GLN D 3038 -54.53 -8.87 67.77
C GLN D 3038 -53.24 -9.62 68.10
N ARG D 3039 -53.39 -10.71 68.85
CA ARG D 3039 -52.27 -11.60 69.17
C ARG D 3039 -51.60 -12.11 67.90
N ARG D 3040 -52.36 -12.85 67.10
CA ARG D 3040 -51.87 -13.44 65.86
C ARG D 3040 -51.20 -12.43 64.93
N LEU D 3041 -51.79 -11.25 64.81
CA LEU D 3041 -51.29 -10.23 63.89
C LEU D 3041 -49.90 -9.71 64.27
N VAL D 3042 -49.77 -9.23 65.51
CA VAL D 3042 -48.51 -8.66 65.96
C VAL D 3042 -47.39 -9.71 66.03
N SER D 3043 -47.77 -10.97 66.15
CA SER D 3043 -46.82 -12.07 66.14
C SER D 3043 -46.34 -12.32 64.72
N ALA D 3044 -47.25 -12.12 63.77
CA ALA D 3044 -46.94 -12.33 62.36
C ALA D 3044 -46.07 -11.21 61.80
N ILE D 3045 -46.45 -9.98 62.09
CA ILE D 3045 -45.74 -8.81 61.58
C ILE D 3045 -44.25 -8.80 61.96
N ALA D 3046 -43.96 -9.17 63.20
CA ALA D 3046 -42.60 -9.08 63.73
C ALA D 3046 -41.67 -10.22 63.29
N GLY D 3047 -42.20 -11.43 63.23
CA GLY D 3047 -41.37 -12.61 63.02
C GLY D 3047 -41.19 -13.07 61.58
N GLY D 3048 -42.04 -12.58 60.68
CA GLY D 3048 -42.02 -13.04 59.31
C GLY D 3048 -42.77 -14.36 59.19
N ARG D 3049 -43.52 -14.68 60.24
CA ARG D 3049 -44.33 -15.90 60.31
C ARG D 3049 -45.51 -16.08 59.33
N PRO D 3050 -46.28 -15.00 59.03
CA PRO D 3050 -47.61 -15.21 58.44
C PRO D 3050 -47.64 -15.99 57.13
N MET D 3051 -46.50 -16.15 56.46
CA MET D 3051 -46.49 -16.94 55.24
C MET D 3051 -45.71 -18.25 55.42
N TYR D 3052 -46.47 -19.34 55.45
CA TYR D 3052 -45.91 -20.68 55.57
C TYR D 3052 -46.45 -21.51 54.41
N GLU D 3053 -45.56 -21.97 53.54
CA GLU D 3053 -46.00 -22.76 52.40
C GLU D 3053 -46.13 -24.21 52.80
N LYS D 3054 -47.36 -24.72 52.72
CA LYS D 3054 -47.70 -26.01 53.31
C LYS D 3054 -47.19 -27.21 52.53
N PRO D 3055 -46.59 -28.18 53.25
CA PRO D 3055 -46.15 -29.49 52.76
C PRO D 3055 -47.34 -30.38 52.38
N ALA D 3056 -48.54 -29.96 52.79
CA ALA D 3056 -49.77 -30.72 52.57
C ALA D 3056 -49.76 -32.09 53.28
N ASP D 3057 -49.44 -32.05 54.57
CA ASP D 3057 -49.39 -33.23 55.41
C ASP D 3057 -50.67 -34.06 55.40
N ARG D 3058 -51.82 -33.37 55.44
CA ARG D 3058 -53.10 -34.05 55.53
C ARG D 3058 -53.42 -34.89 54.29
N ARG D 3059 -52.87 -34.48 53.16
CA ARG D 3059 -53.06 -35.22 51.91
C ARG D 3059 -52.44 -36.62 51.95
N PHE D 3060 -51.12 -36.67 52.16
CA PHE D 3060 -50.33 -37.90 52.06
C PHE D 3060 -50.02 -38.63 53.36
N ASP D 3061 -50.64 -38.21 54.47
CA ASP D 3061 -50.13 -38.49 55.83
C ASP D 3061 -49.62 -39.92 56.07
N HIS D 3062 -50.35 -40.92 55.57
CA HIS D 3062 -49.84 -42.28 55.49
C HIS D 3062 -49.89 -42.72 54.03
N ASP D 3063 -48.73 -42.99 53.44
CA ASP D 3063 -48.62 -43.19 51.99
C ASP D 3063 -49.62 -44.20 51.41
N VAL D 3064 -49.69 -45.39 51.99
CA VAL D 3064 -50.58 -46.43 51.48
C VAL D 3064 -52.08 -46.12 51.58
N PRO D 3065 -52.60 -45.91 52.81
CA PRO D 3065 -54.06 -45.74 52.90
C PRO D 3065 -54.60 -44.42 52.35
N GLU D 3066 -53.87 -43.32 52.53
CA GLU D 3066 -54.39 -42.01 52.16
C GLU D 3066 -54.62 -41.88 50.67
N LYS D 3067 -53.79 -42.56 49.88
CA LYS D 3067 -53.99 -42.60 48.43
C LYS D 3067 -55.25 -43.40 48.12
N ARG D 3068 -55.52 -44.42 48.94
CA ARG D 3068 -56.75 -45.19 48.83
C ARG D 3068 -57.91 -44.42 49.44
N GLN D 3069 -57.64 -43.72 50.53
CA GLN D 3069 -58.66 -42.92 51.20
C GLN D 3069 -58.99 -41.64 50.44
N GLU D 3070 -58.21 -41.36 49.40
CA GLU D 3070 -58.41 -40.17 48.57
C GLU D 3070 -59.80 -40.14 47.97
N ALA D 3071 -60.24 -41.29 47.48
CA ALA D 3071 -61.58 -41.41 46.91
C ALA D 3071 -62.64 -41.25 47.99
N ALA D 3072 -62.49 -42.03 49.08
CA ALA D 3072 -63.47 -42.06 50.16
C ALA D 3072 -63.73 -40.69 50.80
N MET D 3073 -62.71 -39.84 50.83
CA MET D 3073 -62.85 -38.50 51.40
C MET D 3073 -63.81 -37.63 50.58
N LEU D 3074 -63.54 -37.53 49.29
CA LEU D 3074 -64.33 -36.70 48.39
C LEU D 3074 -65.76 -37.20 48.25
N LEU D 3075 -65.96 -38.49 48.49
CA LEU D 3075 -67.26 -39.11 48.31
C LEU D 3075 -68.26 -38.82 49.43
N SER D 3076 -67.83 -38.99 50.68
CA SER D 3076 -68.72 -38.84 51.82
C SER D 3076 -68.71 -37.42 52.39
N THR D 3077 -69.88 -36.89 52.72
CA THR D 3077 -70.03 -35.48 53.08
C THR D 3077 -69.30 -35.00 54.34
N ASP D 3078 -69.49 -35.71 55.44
CA ASP D 3078 -69.13 -35.18 56.76
C ASP D 3078 -67.69 -35.42 57.21
N ALA D 3079 -66.88 -36.04 56.37
CA ALA D 3079 -65.49 -36.30 56.73
C ALA D 3079 -64.68 -35.01 56.78
N ARG D 3080 -64.03 -34.76 57.91
CA ARG D 3080 -63.32 -33.50 58.15
C ARG D 3080 -62.03 -33.63 58.96
N LEU D 3081 -61.48 -32.49 59.35
CA LEU D 3081 -60.24 -32.43 60.12
C LEU D 3081 -60.50 -32.42 61.64
N GLY D 3082 -59.78 -33.27 62.37
CA GLY D 3082 -59.74 -33.17 63.82
C GLY D 3082 -58.71 -32.11 64.18
N GLU D 3083 -58.97 -31.32 65.21
CA GLU D 3083 -58.02 -30.29 65.60
C GLU D 3083 -56.90 -30.79 66.50
N ASN D 3084 -57.22 -31.79 67.33
CA ASN D 3084 -56.32 -32.26 68.38
C ASN D 3084 -54.97 -32.82 67.92
N ASP D 3085 -54.95 -33.39 66.71
CA ASP D 3085 -53.72 -33.92 66.14
C ASP D 3085 -52.98 -32.84 65.40
N GLN D 3086 -53.50 -31.62 65.52
CA GLN D 3086 -53.11 -30.49 64.67
C GLN D 3086 -53.50 -30.72 63.20
N TYR D 3087 -54.80 -30.65 62.94
CA TYR D 3087 -55.36 -30.68 61.59
C TYR D 3087 -54.99 -31.92 60.77
N VAL D 3088 -55.52 -33.06 61.18
CA VAL D 3088 -55.32 -34.33 60.46
C VAL D 3088 -56.54 -34.62 59.56
N LEU D 3089 -56.29 -35.23 58.41
CA LEU D 3089 -57.36 -35.65 57.50
C LEU D 3089 -57.79 -37.11 57.71
N ALA E 31 72.74 -4.81 101.30
CA ALA E 31 73.91 -4.01 100.95
C ALA E 31 73.50 -2.85 100.06
N HIS E 32 73.25 -1.69 100.65
CA HIS E 32 72.89 -0.53 99.84
C HIS E 32 74.08 0.41 99.76
N ALA E 33 74.60 0.60 98.55
CA ALA E 33 75.79 1.41 98.37
C ALA E 33 75.60 2.85 98.82
N LEU E 34 74.51 3.49 98.42
CA LEU E 34 74.25 4.89 98.77
C LEU E 34 74.32 5.12 100.26
N VAL E 35 73.58 4.30 101.00
CA VAL E 35 73.56 4.32 102.45
C VAL E 35 74.98 4.10 102.98
N ASP E 36 75.68 3.18 102.33
CA ASP E 36 77.09 2.91 102.61
C ASP E 36 77.94 4.11 102.19
N ARG E 37 77.53 4.76 101.10
CA ARG E 37 78.15 6.02 100.71
C ARG E 37 77.75 7.04 101.75
N LEU E 38 76.45 7.15 102.03
CA LEU E 38 75.91 8.12 103.00
C LEU E 38 76.67 8.10 104.33
N SER E 39 77.02 6.90 104.79
CA SER E 39 77.72 6.76 106.05
C SER E 39 79.14 7.34 105.99
N ALA E 40 79.98 6.80 105.11
CA ALA E 40 81.34 7.32 104.94
C ALA E 40 81.43 8.55 104.04
N GLY E 41 80.81 8.45 102.86
CA GLY E 41 80.89 9.49 101.85
C GLY E 41 79.69 10.41 101.86
N GLU E 42 79.28 10.82 100.66
CA GLU E 42 78.35 11.93 100.43
C GLU E 42 77.04 11.89 101.24
N PRO E 43 76.59 13.07 101.73
CA PRO E 43 75.41 13.32 102.60
C PRO E 43 74.04 13.33 101.89
N TYR E 44 72.97 13.27 102.69
CA TYR E 44 71.61 13.09 102.15
C TYR E 44 70.51 13.90 102.86
N ALA E 45 69.44 14.18 102.13
CA ALA E 45 68.30 14.95 102.62
C ALA E 45 66.94 14.41 102.17
N VAL E 46 66.00 14.34 103.10
CA VAL E 46 64.67 13.77 102.86
C VAL E 46 63.67 14.86 102.43
N ALA E 47 62.91 14.58 101.37
CA ALA E 47 61.88 15.53 100.93
C ALA E 47 60.47 14.93 100.90
N PHE E 48 59.49 15.69 101.35
CA PHE E 48 58.09 15.25 101.33
C PHE E 48 57.20 16.15 100.47
N GLY E 49 56.43 15.53 99.58
CA GLY E 49 55.55 16.27 98.68
C GLY E 49 54.29 16.78 99.34
N GLY E 50 53.63 17.72 98.68
CA GLY E 50 52.40 18.31 99.21
C GLY E 50 51.14 17.90 98.47
N GLN E 51 50.11 18.72 98.59
CA GLN E 51 48.82 18.45 97.95
C GLN E 51 48.91 18.58 96.44
N GLY E 52 47.98 17.95 95.73
CA GLY E 52 47.96 17.96 94.28
C GLY E 52 48.86 16.88 93.71
N SER E 53 49.03 15.81 94.48
CA SER E 53 49.94 14.74 94.11
C SER E 53 49.26 13.55 93.43
N ALA E 54 47.94 13.64 93.23
CA ALA E 54 47.15 12.52 92.71
C ALA E 54 47.38 11.28 93.56
N TRP E 55 47.16 11.42 94.86
CA TRP E 55 47.62 10.46 95.86
C TRP E 55 46.99 9.06 95.83
N LEU E 56 45.69 8.98 95.54
CA LEU E 56 44.95 7.72 95.71
C LEU E 56 45.51 6.56 94.88
N GLU E 57 45.79 6.81 93.61
CA GLU E 57 46.30 5.76 92.72
C GLU E 57 47.67 5.28 93.18
N THR E 58 48.41 6.15 93.84
CA THR E 58 49.70 5.78 94.42
C THR E 58 49.47 4.94 95.68
N LEU E 59 48.47 5.33 96.46
CA LEU E 59 48.12 4.59 97.68
C LEU E 59 47.57 3.20 97.34
N GLU E 60 46.80 3.13 96.26
CA GLU E 60 46.24 1.86 95.80
C GLU E 60 47.36 0.91 95.37
N GLU E 61 48.31 1.45 94.61
CA GLU E 61 49.45 0.66 94.13
C GLU E 61 50.36 0.28 95.29
N LEU E 62 50.55 1.22 96.22
CA LEU E 62 51.44 1.00 97.36
C LEU E 62 50.92 -0.16 98.22
N VAL E 63 49.60 -0.25 98.36
CA VAL E 63 49.00 -1.35 99.10
C VAL E 63 49.21 -2.66 98.35
N SER E 64 48.96 -2.64 97.04
CA SER E 64 49.11 -3.82 96.20
C SER E 64 50.58 -4.25 96.11
N SER E 65 51.48 -3.28 96.08
CA SER E 65 52.91 -3.57 95.99
C SER E 65 53.49 -3.92 97.36
N ALA E 66 52.69 -3.76 98.41
CA ALA E 66 53.13 -4.08 99.76
C ALA E 66 52.88 -5.53 100.11
N GLY E 67 53.94 -6.22 100.56
CA GLY E 67 53.82 -7.58 101.03
C GLY E 67 53.81 -7.63 102.54
N ILE E 68 54.04 -6.49 103.17
CA ILE E 68 54.06 -6.38 104.62
C ILE E 68 53.01 -5.39 105.12
N GLU E 69 52.00 -5.92 105.81
CA GLU E 69 50.89 -5.10 106.30
C GLU E 69 51.05 -4.68 107.76
N SER E 70 52.19 -5.03 108.37
CA SER E 70 52.39 -4.86 109.81
C SER E 70 52.12 -3.46 110.33
N GLU E 71 52.66 -2.45 109.66
CA GLU E 71 52.45 -1.06 110.08
C GLU E 71 50.99 -0.65 109.96
N LEU E 72 50.35 -1.05 108.86
CA LEU E 72 48.97 -0.67 108.57
C LEU E 72 47.98 -1.12 109.64
N ALA E 73 48.36 -2.11 110.43
CA ALA E 73 47.51 -2.61 111.51
C ALA E 73 47.39 -1.58 112.64
N THR E 74 48.53 -1.03 113.05
CA THR E 74 48.56 -0.05 114.13
C THR E 74 48.08 1.33 113.67
N LEU E 75 48.49 1.71 112.46
CA LEU E 75 48.12 3.00 111.89
C LEU E 75 46.61 3.13 111.75
N ALA E 76 45.94 2.02 111.47
CA ALA E 76 44.49 2.01 111.32
C ALA E 76 43.80 2.12 112.68
N GLY E 77 44.35 1.43 113.67
CA GLY E 77 43.78 1.43 115.01
C GLY E 77 43.95 2.77 115.71
N GLU E 78 45.12 3.37 115.56
CA GLU E 78 45.41 4.66 116.19
C GLU E 78 44.61 5.77 115.53
N ALA E 79 44.27 5.59 114.26
CA ALA E 79 43.43 6.53 113.54
C ALA E 79 42.01 6.50 114.13
N GLU E 80 41.57 5.30 114.48
CA GLU E 80 40.27 5.13 115.14
C GLU E 80 40.33 5.72 116.53
N LEU E 81 41.37 5.34 117.28
CA LEU E 81 41.53 5.81 118.65
C LEU E 81 41.56 7.32 118.77
N LEU E 82 42.60 7.95 118.22
CA LEU E 82 42.87 9.36 118.45
C LEU E 82 41.69 10.31 118.25
N LEU E 83 40.73 9.92 117.41
CA LEU E 83 39.56 10.74 117.14
C LEU E 83 38.57 10.77 118.32
N GLU E 84 38.45 9.66 119.03
CA GLU E 84 37.46 9.53 120.10
C GLU E 84 37.69 10.42 121.35
N PRO E 85 38.90 10.38 121.95
CA PRO E 85 39.15 11.21 123.14
C PRO E 85 39.12 12.71 122.87
N VAL E 86 39.12 13.11 121.61
CA VAL E 86 39.29 14.52 121.24
C VAL E 86 38.29 15.41 121.98
N ALA E 87 38.83 16.39 122.70
CA ALA E 87 38.03 17.33 123.48
C ALA E 87 37.83 18.61 122.68
N SER E 88 38.49 18.67 121.53
CA SER E 88 38.33 19.80 120.63
C SER E 88 36.97 19.68 119.98
N GLU E 89 36.49 20.78 119.38
CA GLU E 89 35.15 20.82 118.79
C GLU E 89 34.89 19.60 117.91
N LEU E 90 35.52 19.56 116.73
CA LEU E 90 35.62 18.35 115.91
C LEU E 90 34.32 17.56 115.76
N VAL E 91 33.18 18.24 115.76
CA VAL E 91 31.90 17.55 115.71
C VAL E 91 31.56 17.14 114.28
N VAL E 92 31.88 18.02 113.34
CA VAL E 92 31.60 17.79 111.93
C VAL E 92 32.63 16.84 111.32
N VAL E 93 33.85 16.93 111.83
CA VAL E 93 34.99 16.23 111.23
C VAL E 93 34.97 14.72 111.41
N ARG E 94 34.83 14.28 112.66
CA ARG E 94 34.87 12.84 112.97
C ARG E 94 33.89 11.94 112.19
N PRO E 95 32.62 12.37 112.00
CA PRO E 95 31.75 11.49 111.20
C PRO E 95 32.14 11.48 109.72
N ILE E 96 32.57 12.62 109.20
CA ILE E 96 32.94 12.73 107.79
C ILE E 96 34.32 12.12 107.53
N GLY E 97 35.01 11.75 108.61
CA GLY E 97 36.22 10.96 108.51
C GLY E 97 35.83 9.53 108.16
N PHE E 98 36.72 8.83 107.46
CA PHE E 98 36.43 7.46 107.03
C PHE E 98 37.50 6.47 107.46
N GLU E 99 37.06 5.25 107.77
CA GLU E 99 37.99 4.18 108.13
C GLU E 99 38.86 3.81 106.94
N PRO E 100 40.18 4.00 107.09
CA PRO E 100 41.13 3.81 105.99
C PRO E 100 41.23 2.36 105.51
N LEU E 101 41.05 1.41 106.42
CA LEU E 101 41.17 0.00 106.09
C LEU E 101 40.07 -0.47 105.15
N GLN E 102 38.88 0.10 105.31
CA GLN E 102 37.73 -0.31 104.52
C GLN E 102 37.82 0.16 103.07
N TRP E 103 38.16 1.43 102.88
CA TRP E 103 38.29 2.00 101.54
C TRP E 103 39.36 1.30 100.72
N VAL E 104 40.43 0.87 101.39
CA VAL E 104 41.53 0.18 100.72
C VAL E 104 41.11 -1.20 100.23
N ARG E 105 40.53 -1.99 101.13
CA ARG E 105 40.08 -3.34 100.80
C ARG E 105 38.97 -3.31 99.75
N ALA E 106 38.15 -2.26 99.80
CA ALA E 106 37.13 -2.04 98.79
C ALA E 106 37.81 -1.81 97.45
N LEU E 107 38.74 -0.85 97.43
CA LEU E 107 39.48 -0.51 96.23
C LEU E 107 40.28 -1.69 95.69
N ALA E 108 40.52 -2.68 96.56
CA ALA E 108 41.24 -3.89 96.17
C ALA E 108 40.31 -4.94 95.57
N ALA E 109 39.01 -4.75 95.74
CA ALA E 109 38.01 -5.63 95.13
C ALA E 109 37.68 -5.13 93.73
N GLU E 110 38.26 -3.97 93.41
CA GLU E 110 38.22 -3.33 92.09
C GLU E 110 36.90 -2.65 91.74
N GLU E 111 35.80 -3.04 92.39
CA GLU E 111 34.54 -2.31 92.21
C GLU E 111 34.41 -0.97 92.96
N PRO E 112 34.52 -0.99 94.30
CA PRO E 112 34.21 0.24 95.05
C PRO E 112 35.32 1.28 95.10
N VAL E 113 34.91 2.55 95.06
CA VAL E 113 35.73 3.72 95.38
C VAL E 113 34.87 4.96 95.12
N PRO E 114 34.95 5.96 96.01
CA PRO E 114 34.22 7.20 95.73
C PRO E 114 34.83 7.94 94.53
N SER E 115 34.19 9.05 94.14
CA SER E 115 34.68 9.83 93.00
C SER E 115 35.97 10.56 93.36
N ASP E 116 36.72 10.94 92.34
CA ASP E 116 37.95 11.70 92.55
C ASP E 116 37.66 13.03 93.24
N LYS E 117 36.50 13.60 92.94
CA LYS E 117 36.08 14.87 93.53
C LYS E 117 35.94 14.75 95.05
N GLN E 118 35.48 13.59 95.51
CA GLN E 118 35.31 13.34 96.93
C GLN E 118 36.63 13.04 97.61
N LEU E 119 37.50 12.31 96.91
CA LEU E 119 38.78 11.89 97.45
C LEU E 119 39.80 13.02 97.47
N THR E 120 39.61 14.00 96.59
CA THR E 120 40.53 15.13 96.49
C THR E 120 40.24 16.22 97.51
N SER E 121 39.06 16.16 98.13
CA SER E 121 38.68 17.15 99.14
C SER E 121 39.61 17.04 100.35
N ALA E 122 40.04 18.20 100.85
CA ALA E 122 41.07 18.28 101.88
C ALA E 122 40.82 17.40 103.11
N ALA E 123 39.56 17.23 103.47
CA ALA E 123 39.20 16.49 104.66
C ALA E 123 39.76 15.07 104.64
N VAL E 124 39.42 14.31 103.61
CA VAL E 124 39.94 12.95 103.47
C VAL E 124 41.25 12.84 102.67
N SER E 125 41.60 13.88 101.93
CA SER E 125 42.79 13.84 101.08
C SER E 125 44.09 14.05 101.85
N VAL E 126 44.10 15.10 102.67
CA VAL E 126 45.29 15.46 103.46
C VAL E 126 45.84 14.33 104.33
N PRO E 127 44.97 13.62 105.07
CA PRO E 127 45.52 12.47 105.82
C PRO E 127 46.03 11.37 104.89
N GLY E 128 45.27 11.10 103.82
CA GLY E 128 45.61 10.04 102.90
C GLY E 128 46.94 10.23 102.21
N VAL E 129 47.28 11.49 101.95
CA VAL E 129 48.56 11.82 101.33
C VAL E 129 49.73 11.46 102.25
N LEU E 130 49.57 11.76 103.54
CA LEU E 130 50.60 11.45 104.52
C LEU E 130 50.79 9.95 104.68
N LEU E 131 49.68 9.22 104.70
CA LEU E 131 49.73 7.76 104.84
C LEU E 131 50.51 7.14 103.69
N THR E 132 50.32 7.69 102.49
CA THR E 132 51.07 7.25 101.32
C THR E 132 52.56 7.53 101.52
N GLN E 133 52.87 8.70 102.06
CA GLN E 133 54.25 9.07 102.34
C GLN E 133 54.84 8.24 103.47
N ILE E 134 54.06 8.03 104.52
CA ILE E 134 54.51 7.22 105.65
C ILE E 134 54.76 5.77 105.23
N ALA E 135 53.86 5.24 104.43
CA ALA E 135 54.02 3.89 103.89
C ALA E 135 55.23 3.82 102.96
N ALA E 136 55.55 4.95 102.33
CA ALA E 136 56.72 5.03 101.46
C ALA E 136 58.00 5.01 102.27
N VAL E 137 57.95 5.53 103.49
CA VAL E 137 59.09 5.49 104.39
C VAL E 137 59.36 4.05 104.81
N ARG E 138 58.30 3.35 105.16
CA ARG E 138 58.40 1.97 105.65
C ARG E 138 58.97 1.01 104.62
N ALA E 139 58.61 1.21 103.35
CA ALA E 139 59.04 0.33 102.27
C ALA E 139 60.56 0.19 102.19
N LEU E 140 61.25 1.32 102.15
CA LEU E 140 62.71 1.31 102.15
C LEU E 140 63.23 0.80 103.49
N ALA E 141 62.50 1.12 104.55
CA ALA E 141 62.89 0.72 105.90
C ALA E 141 62.73 -0.78 106.13
N ARG E 142 61.96 -1.44 105.27
CA ARG E 142 61.75 -2.88 105.40
C ARG E 142 63.03 -3.66 105.11
N GLN E 143 63.62 -3.41 103.96
CA GLN E 143 64.78 -4.16 103.50
C GLN E 143 66.07 -3.83 104.25
N GLY E 144 66.40 -2.54 104.31
CA GLY E 144 67.69 -2.09 104.79
C GLY E 144 67.79 -1.38 106.13
N MET E 145 66.80 -1.51 107.00
CA MET E 145 66.65 -0.59 108.14
C MET E 145 67.90 -0.31 108.96
N ASP E 146 68.63 -1.35 109.35
CA ASP E 146 69.88 -1.18 110.08
C ASP E 146 70.77 -0.19 109.34
N LEU E 147 70.82 -0.35 108.02
CA LEU E 147 71.49 0.61 107.14
C LEU E 147 70.61 1.81 106.78
N THR E 148 69.34 1.56 106.49
CA THR E 148 68.43 2.60 105.96
C THR E 148 67.79 3.42 107.07
N ALA E 149 68.38 3.31 108.26
CA ALA E 149 67.97 4.06 109.43
C ALA E 149 68.31 5.52 109.23
N THR E 150 68.34 6.25 110.34
CA THR E 150 68.20 7.68 110.34
C THR E 150 68.86 8.54 109.24
N PRO E 151 70.21 8.46 109.04
CA PRO E 151 70.93 9.72 108.75
C PRO E 151 70.70 10.55 107.46
N PRO E 152 69.78 11.55 107.54
CA PRO E 152 69.82 12.65 106.57
C PRO E 152 70.73 13.75 107.13
N VAL E 153 70.97 14.82 106.38
CA VAL E 153 71.54 16.03 107.00
C VAL E 153 70.36 16.78 107.62
N ALA E 154 69.30 16.86 106.82
CA ALA E 154 68.10 17.59 107.16
C ALA E 154 66.87 16.90 106.56
N VAL E 155 65.70 17.22 107.10
CA VAL E 155 64.45 16.76 106.50
C VAL E 155 63.57 17.96 106.16
N ALA E 156 63.27 18.11 104.88
CA ALA E 156 62.42 19.22 104.42
C ALA E 156 61.13 18.76 103.75
N GLY E 157 60.16 19.67 103.67
CA GLY E 157 58.85 19.33 103.16
C GLY E 157 58.16 20.47 102.43
N HIS E 158 57.13 20.14 101.67
CA HIS E 158 56.40 21.13 100.88
C HIS E 158 54.92 21.13 101.25
N SER E 159 54.38 22.32 101.49
CA SER E 159 52.98 22.47 101.88
C SER E 159 52.69 21.61 103.10
N GLN E 160 51.77 20.66 102.95
CA GLN E 160 51.43 19.74 104.02
C GLN E 160 52.52 18.69 104.22
N GLY E 161 53.51 18.68 103.33
CA GLY E 161 54.60 17.74 103.41
C GLY E 161 55.53 18.00 104.59
N VAL E 162 55.49 19.22 105.11
CA VAL E 162 56.31 19.59 106.25
C VAL E 162 55.85 18.85 107.50
N LEU E 163 54.58 18.44 107.50
CA LEU E 163 54.04 17.64 108.59
C LEU E 163 54.82 16.34 108.77
N ALA E 164 54.75 15.46 107.77
CA ALA E 164 55.39 14.15 107.83
C ALA E 164 56.91 14.22 108.06
N VAL E 165 57.48 15.38 107.75
CA VAL E 165 58.88 15.65 107.99
C VAL E 165 59.21 15.63 109.47
N GLN E 166 58.38 16.30 110.26
CA GLN E 166 58.65 16.52 111.68
C GLN E 166 58.76 15.24 112.52
N ALA E 167 57.74 14.40 112.48
CA ALA E 167 57.73 13.20 113.33
C ALA E 167 58.56 12.05 112.75
N LEU E 168 59.04 12.23 111.51
CA LEU E 168 59.99 11.28 110.96
C LEU E 168 61.34 11.54 111.61
N ALA E 169 61.56 12.79 111.99
CA ALA E 169 62.76 13.19 112.71
C ALA E 169 62.57 12.97 114.21
N ALA E 170 61.35 12.63 114.61
CA ALA E 170 61.04 12.31 115.99
C ALA E 170 60.95 10.80 116.15
N LYS E 171 60.59 10.34 117.34
CA LYS E 171 60.49 8.91 117.61
C LYS E 171 59.31 8.27 116.89
N GLY E 172 59.36 6.96 116.73
CA GLY E 172 58.38 6.22 115.95
C GLY E 172 56.95 6.26 116.45
N ALA E 173 56.76 6.65 117.71
CA ALA E 173 55.43 6.72 118.30
C ALA E 173 54.66 7.94 117.82
N LYS E 174 55.35 8.82 117.10
CA LYS E 174 54.77 10.07 116.63
C LYS E 174 54.24 9.97 115.20
N ASP E 175 54.28 8.77 114.63
CA ASP E 175 53.90 8.57 113.22
C ASP E 175 52.47 8.99 112.86
N VAL E 176 51.48 8.49 113.61
CA VAL E 176 50.08 8.81 113.35
C VAL E 176 49.79 10.28 113.63
N GLU E 177 50.56 10.87 114.55
CA GLU E 177 50.40 12.28 114.91
C GLU E 177 50.39 13.18 113.68
N LEU E 178 51.19 12.80 112.69
CA LEU E 178 51.15 13.40 111.36
C LEU E 178 49.77 13.24 110.77
N LEU E 179 49.36 11.98 110.55
CA LEU E 179 48.03 11.66 110.05
C LEU E 179 46.96 12.28 110.94
N ALA E 180 47.24 12.36 112.23
CA ALA E 180 46.33 12.97 113.19
C ALA E 180 46.20 14.47 112.93
N LEU E 181 47.33 15.15 112.74
CA LEU E 181 47.31 16.58 112.47
C LEU E 181 46.81 16.86 111.06
N ALA E 182 47.16 15.98 110.12
CA ALA E 182 46.68 16.10 108.75
C ALA E 182 45.17 15.97 108.69
N GLN E 183 44.63 15.09 109.51
CA GLN E 183 43.18 14.93 109.63
C GLN E 183 42.57 16.24 110.11
N LEU E 184 43.30 16.94 110.97
CA LEU E 184 42.85 18.21 111.52
C LEU E 184 43.07 19.37 110.55
N ILE E 185 44.17 19.32 109.80
CA ILE E 185 44.51 20.39 108.87
C ILE E 185 43.50 20.53 107.74
N GLY E 186 43.25 19.43 107.03
CA GLY E 186 42.31 19.45 105.92
C GLY E 186 40.88 19.65 106.36
N ALA E 187 40.59 19.32 107.61
CA ALA E 187 39.25 19.42 108.15
C ALA E 187 38.81 20.87 108.37
N ALA E 188 39.63 21.61 109.12
CA ALA E 188 39.32 23.01 109.42
C ALA E 188 39.42 23.85 108.15
N GLY E 189 40.42 23.55 107.33
CA GLY E 189 40.59 24.23 106.06
C GLY E 189 39.35 24.09 105.20
N THR E 190 38.76 22.91 105.22
CA THR E 190 37.53 22.64 104.48
C THR E 190 36.35 23.39 105.08
N LEU E 191 36.20 23.33 106.40
CA LEU E 191 35.09 24.00 107.08
C LEU E 191 35.14 25.51 106.89
N VAL E 192 36.34 26.08 107.06
CA VAL E 192 36.52 27.52 106.87
C VAL E 192 36.25 27.98 105.43
N ALA E 193 36.96 27.38 104.46
CA ALA E 193 36.78 27.71 103.06
C ALA E 193 36.77 26.47 102.17
N ARG E 194 35.73 26.33 101.36
CA ARG E 194 35.65 25.23 100.41
C ARG E 194 35.12 25.72 99.07
N ARG E 195 35.42 24.99 98.00
CA ARG E 195 35.05 25.42 96.65
C ARG E 195 33.53 25.50 96.49
N ARG E 196 33.03 26.66 96.11
CA ARG E 196 31.60 26.83 95.85
C ARG E 196 31.22 26.79 94.38
N GLY E 197 32.21 26.70 93.49
CA GLY E 197 31.92 26.63 92.07
C GLY E 197 33.12 26.29 91.21
N ILE E 198 32.84 25.70 90.05
CA ILE E 198 33.88 25.29 89.11
C ILE E 198 33.29 25.24 87.70
N THR E 199 34.10 25.57 86.69
CA THR E 199 33.63 25.60 85.30
C THR E 199 34.64 24.98 84.35
N VAL E 200 34.16 24.08 83.48
CA VAL E 200 35.00 23.23 82.64
C VAL E 200 36.09 24.01 81.90
N LEU E 201 35.82 25.27 81.60
CA LEU E 201 36.80 26.07 80.90
C LEU E 201 37.96 26.46 81.81
N GLY E 202 39.16 26.03 81.40
CA GLY E 202 40.42 26.37 82.01
C GLY E 202 41.16 25.34 82.86
N ASP E 203 40.51 24.44 83.60
CA ASP E 203 39.26 24.65 84.31
C ASP E 203 39.65 25.49 85.53
N ARG E 204 38.70 26.19 86.15
CA ARG E 204 39.01 27.18 87.21
C ARG E 204 38.95 26.67 88.65
N PRO E 205 40.12 26.46 89.29
CA PRO E 205 40.37 26.11 90.69
C PRO E 205 40.74 27.33 91.54
N PRO E 206 40.98 27.11 92.85
CA PRO E 206 41.66 28.06 93.73
C PRO E 206 43.16 28.22 93.47
N MET E 207 43.78 27.30 92.73
CA MET E 207 45.22 27.34 92.49
C MET E 207 45.59 27.61 91.03
N VAL E 208 46.35 28.67 90.79
CA VAL E 208 46.70 29.07 89.43
C VAL E 208 48.21 29.18 89.22
N SER E 209 48.68 28.84 88.02
CA SER E 209 50.10 28.89 87.71
C SER E 209 50.42 29.61 86.40
N VAL E 210 51.40 30.49 86.43
CA VAL E 210 51.85 31.20 85.23
C VAL E 210 53.32 30.87 84.96
N THR E 211 53.68 30.77 83.68
CA THR E 211 55.04 30.39 83.31
C THR E 211 55.72 31.48 82.49
N ASN E 212 57.07 31.47 82.51
CA ASN E 212 57.92 32.35 81.72
C ASN E 212 58.00 33.80 82.22
N ALA E 213 57.08 34.17 83.10
CA ALA E 213 57.03 35.55 83.60
C ALA E 213 57.79 35.75 84.90
N ASP E 214 58.43 36.90 85.03
CA ASP E 214 59.20 37.24 86.24
C ASP E 214 58.33 37.24 87.49
N PRO E 215 58.92 36.94 88.65
CA PRO E 215 58.22 37.02 89.93
C PRO E 215 57.76 38.45 90.20
N GLU E 216 58.53 39.42 89.71
CA GLU E 216 58.19 40.83 89.83
C GLU E 216 57.04 41.20 88.90
N ARG E 217 57.10 40.70 87.67
CA ARG E 217 56.08 41.00 86.67
C ARG E 217 54.74 40.37 87.03
N ILE E 218 54.77 39.15 87.54
CA ILE E 218 53.56 38.45 87.95
C ILE E 218 52.89 39.18 89.12
N TYR E 219 53.69 39.56 90.11
CA TYR E 219 53.17 40.31 91.25
C TYR E 219 52.64 41.67 90.83
N GLU E 220 53.21 42.22 89.75
CA GLU E 220 52.75 43.49 89.21
C GLU E 220 51.31 43.37 88.72
N LEU E 221 51.08 42.42 87.81
CA LEU E 221 49.73 42.15 87.30
C LEU E 221 48.80 41.74 88.43
N LEU E 222 49.36 41.01 89.40
CA LEU E 222 48.64 40.63 90.59
C LEU E 222 48.21 41.89 91.33
N GLU E 223 49.17 42.75 91.62
CA GLU E 223 48.91 44.02 92.30
C GLU E 223 48.02 44.93 91.46
N GLU E 224 48.16 44.86 90.14
CA GLU E 224 47.29 45.62 89.24
C GLU E 224 45.83 45.20 89.39
N PHE E 225 45.61 43.89 89.49
CA PHE E 225 44.26 43.34 89.64
C PHE E 225 43.72 43.46 91.05
N SER E 226 44.58 43.21 92.04
CA SER E 226 44.18 43.28 93.44
C SER E 226 43.76 44.68 93.84
N SER E 227 44.20 45.67 93.06
CA SER E 227 43.79 47.05 93.28
C SER E 227 42.29 47.21 93.07
N ASP E 228 41.71 46.36 92.23
CA ASP E 228 40.31 46.49 91.85
C ASP E 228 39.35 45.63 92.68
N VAL E 229 39.88 44.85 93.62
CA VAL E 229 39.04 43.95 94.40
C VAL E 229 39.12 44.18 95.91
N ARG E 230 38.11 43.69 96.62
CA ARG E 230 38.01 43.86 98.08
C ARG E 230 39.00 42.97 98.84
N THR E 231 39.23 43.33 100.09
CA THR E 231 40.15 42.61 100.98
C THR E 231 39.77 41.14 101.17
N VAL E 232 38.49 40.83 100.95
CA VAL E 232 38.00 39.48 101.19
C VAL E 232 38.49 38.44 100.18
N LEU E 233 38.71 38.85 98.93
CA LEU E 233 39.16 37.90 97.91
C LEU E 233 40.35 38.36 97.05
N PRO E 234 41.48 38.70 97.68
CA PRO E 234 42.67 38.97 96.87
C PRO E 234 43.39 37.70 96.43
N PRO E 235 43.92 37.68 95.19
CA PRO E 235 44.88 36.62 94.86
C PRO E 235 46.27 36.98 95.39
N VAL E 236 47.07 35.98 95.73
CA VAL E 236 48.43 36.21 96.21
C VAL E 236 49.39 35.17 95.64
N LEU E 237 50.69 35.46 95.73
CA LEU E 237 51.70 34.51 95.30
C LEU E 237 51.90 33.45 96.37
N SER E 238 51.67 32.19 96.01
CA SER E 238 51.83 31.08 96.93
C SER E 238 53.19 30.42 96.76
N ILE E 239 53.38 29.77 95.61
CA ILE E 239 54.62 29.06 95.35
C ILE E 239 55.44 29.75 94.27
N ARG E 240 56.71 29.95 94.54
CA ARG E 240 57.65 30.31 93.49
C ARG E 240 58.44 29.05 93.18
N ASN E 241 58.12 28.44 92.04
CA ASN E 241 58.65 27.13 91.68
C ASN E 241 60.04 27.17 91.06
N GLY E 242 60.42 28.34 90.55
CA GLY E 242 61.69 28.49 89.86
C GLY E 242 61.89 29.93 89.44
N ARG E 243 62.78 30.13 88.47
CA ARG E 243 63.09 31.46 87.98
C ARG E 243 61.86 32.19 87.46
N ARG E 244 61.37 31.76 86.31
CA ARG E 244 60.23 32.41 85.67
C ARG E 244 58.90 31.69 85.89
N SER E 245 58.91 30.60 86.65
CA SER E 245 57.70 29.84 86.93
C SER E 245 57.18 30.10 88.33
N VAL E 246 55.94 30.58 88.44
CA VAL E 246 55.35 30.86 89.74
C VAL E 246 53.95 30.26 89.88
N VAL E 247 53.37 30.40 91.06
CA VAL E 247 52.01 29.95 91.32
C VAL E 247 51.26 30.99 92.14
N ILE E 248 50.17 31.52 91.62
CA ILE E 248 49.36 32.49 92.34
C ILE E 248 48.03 31.84 92.72
N THR E 249 47.53 32.16 93.92
CA THR E 249 46.33 31.49 94.43
C THR E 249 45.36 32.44 95.11
N GLY E 250 44.11 32.01 95.21
CA GLY E 250 43.04 32.80 95.80
C GLY E 250 41.69 32.22 95.44
N THR E 251 40.67 33.05 95.49
CA THR E 251 39.32 32.64 95.09
C THR E 251 39.31 32.36 93.59
N PRO E 252 38.71 31.22 93.19
CA PRO E 252 38.65 30.79 91.78
C PRO E 252 38.12 31.86 90.85
N GLU E 253 37.08 32.58 91.26
CA GLU E 253 36.50 33.62 90.44
C GLU E 253 37.44 34.80 90.24
N GLN E 254 38.05 35.25 91.33
CA GLN E 254 39.00 36.37 91.26
C GLN E 254 40.26 35.98 90.49
N LEU E 255 40.68 34.73 90.63
CA LEU E 255 41.80 34.22 89.85
C LEU E 255 41.47 34.23 88.36
N SER E 256 40.20 33.98 88.05
CA SER E 256 39.75 33.96 86.67
C SER E 256 39.76 35.37 86.09
N ARG E 257 39.71 36.37 86.96
CA ARG E 257 39.74 37.76 86.53
C ARG E 257 41.16 38.20 86.21
N PHE E 258 42.11 37.73 87.02
CA PHE E 258 43.51 37.96 86.76
C PHE E 258 43.88 37.35 85.43
N GLU E 259 43.22 36.23 85.13
CA GLU E 259 43.41 35.50 83.88
C GLU E 259 43.10 36.36 82.65
N LEU E 260 42.23 37.34 82.83
CA LEU E 260 41.76 38.20 81.74
C LEU E 260 42.80 39.23 81.32
N TYR E 261 43.45 39.85 82.30
CA TYR E 261 44.45 40.87 82.04
C TYR E 261 45.67 40.30 81.32
N CYS E 262 46.09 39.11 81.75
CA CYS E 262 47.25 38.45 81.15
C CYS E 262 46.98 38.09 79.70
N THR E 263 45.71 37.80 79.40
CA THR E 263 45.31 37.45 78.04
C THR E 263 45.34 38.68 77.14
N GLN E 264 44.84 39.80 77.65
CA GLN E 264 44.82 41.05 76.90
C GLN E 264 46.22 41.52 76.56
N ILE E 265 47.12 41.45 77.55
CA ILE E 265 48.51 41.83 77.34
C ILE E 265 49.19 40.91 76.34
N ALA E 266 48.88 39.62 76.43
CA ALA E 266 49.41 38.64 75.50
C ALA E 266 49.01 38.97 74.06
N GLU E 267 47.79 39.45 73.88
CA GLU E 267 47.27 39.77 72.55
C GLU E 267 47.80 41.11 72.03
N LYS E 268 47.90 42.09 72.91
CA LYS E 268 48.41 43.41 72.52
C LYS E 268 49.89 43.33 72.16
N GLU E 269 50.61 42.44 72.83
CA GLU E 269 52.02 42.24 72.55
C GLU E 269 52.20 41.40 71.29
N GLU E 270 51.15 40.67 70.88
CA GLU E 270 51.19 39.91 69.64
C GLU E 270 51.32 40.82 68.44
N ALA E 271 50.63 41.96 68.48
CA ALA E 271 50.74 42.96 67.43
C ALA E 271 52.15 43.55 67.43
N GLU E 272 52.80 43.48 68.58
CA GLU E 272 54.17 43.94 68.71
C GLU E 272 55.16 42.97 68.04
N ARG E 273 55.04 41.68 68.35
CA ARG E 273 55.98 40.67 67.84
C ARG E 273 55.98 40.59 66.32
N LYS E 274 54.81 40.81 65.73
CA LYS E 274 54.65 40.65 64.29
C LYS E 274 55.14 41.89 63.55
N ASN E 275 55.61 42.87 64.32
CA ASN E 275 56.35 44.00 63.76
C ASN E 275 57.82 43.63 63.59
N LYS E 276 58.16 42.40 63.99
CA LYS E 276 59.52 41.87 63.89
C LYS E 276 60.53 42.67 64.72
N LEU E 277 60.18 42.93 65.98
CA LEU E 277 61.05 43.69 66.88
C LEU E 277 61.19 42.92 68.20
N ARG E 278 62.40 42.85 68.75
CA ARG E 278 62.66 42.05 69.96
C ARG E 278 62.21 42.69 71.28
N GLY E 279 62.58 43.95 71.50
CA GLY E 279 62.11 44.67 72.67
C GLY E 279 60.63 44.90 72.50
N GLY E 280 60.24 44.94 71.24
CA GLY E 280 58.85 45.05 70.83
C GLY E 280 58.25 43.70 70.51
N ALA E 281 58.75 42.64 71.11
CA ALA E 281 58.23 41.29 70.88
C ALA E 281 57.21 40.84 71.91
N VAL E 282 56.23 40.05 71.47
CA VAL E 282 55.26 39.45 72.37
C VAL E 282 55.97 38.61 73.42
N PHE E 283 55.38 38.54 74.59
CA PHE E 283 55.82 37.56 75.57
C PHE E 283 55.10 36.27 75.23
N ALA E 284 55.76 35.14 75.47
CA ALA E 284 55.13 33.85 75.23
C ALA E 284 55.05 33.08 76.53
N PRO E 285 54.15 33.52 77.43
CA PRO E 285 54.07 32.82 78.71
C PRO E 285 53.22 31.57 78.55
N VAL E 286 53.11 30.79 79.61
CA VAL E 286 52.20 29.66 79.60
C VAL E 286 51.30 29.74 80.81
N PHE E 287 50.03 29.99 80.58
CA PHE E 287 49.07 30.05 81.67
C PHE E 287 48.06 28.94 81.56
N ASP E 288 47.79 28.32 82.70
CA ASP E 288 46.81 27.24 82.80
C ASP E 288 46.71 26.87 84.27
N PRO E 289 45.48 26.72 84.76
CA PRO E 289 45.16 26.34 86.13
C PRO E 289 45.61 24.93 86.54
N VAL E 290 45.29 24.56 87.77
CA VAL E 290 45.71 23.29 88.35
C VAL E 290 44.51 22.52 88.90
N GLN E 291 44.71 21.25 89.23
CA GLN E 291 43.62 20.39 89.68
C GLN E 291 43.34 20.49 91.19
N VAL E 292 44.06 21.38 91.88
CA VAL E 292 43.90 21.52 93.33
C VAL E 292 42.56 22.15 93.71
N GLU E 293 41.90 21.55 94.70
CA GLU E 293 40.52 21.87 95.04
C GLU E 293 40.29 23.09 95.95
N VAL E 294 41.32 23.52 96.67
CA VAL E 294 41.13 24.55 97.69
C VAL E 294 42.37 25.42 97.89
N GLY E 295 42.15 26.70 98.15
CA GLY E 295 43.23 27.65 98.36
C GLY E 295 44.09 27.30 99.55
N PHE E 296 45.40 27.20 99.33
CA PHE E 296 46.35 26.99 100.40
C PHE E 296 47.34 28.14 100.47
N HIS E 297 47.94 28.32 101.64
CA HIS E 297 48.87 29.41 101.88
C HIS E 297 48.25 30.76 101.55
N THR E 298 46.97 30.91 101.90
CA THR E 298 46.24 32.16 101.69
C THR E 298 45.55 32.61 102.97
N PRO E 299 45.32 33.92 103.11
CA PRO E 299 44.59 34.48 104.26
C PRO E 299 43.17 33.96 104.40
N ARG E 300 42.64 33.33 103.34
CA ARG E 300 41.30 32.75 103.38
C ARG E 300 41.25 31.58 104.38
N LEU E 301 42.43 31.04 104.71
CA LEU E 301 42.54 29.97 105.69
C LEU E 301 42.85 30.48 107.09
N SER E 302 42.87 31.80 107.26
CA SER E 302 43.28 32.40 108.54
C SER E 302 42.46 31.98 109.76
N ASP E 303 41.18 31.73 109.56
CA ASP E 303 40.31 31.31 110.67
C ASP E 303 40.56 29.85 111.02
N GLY E 304 41.29 29.16 110.15
CA GLY E 304 41.58 27.75 110.34
C GLY E 304 42.72 27.48 111.30
N ILE E 305 43.68 28.40 111.37
CA ILE E 305 44.86 28.23 112.21
C ILE E 305 44.50 28.00 113.68
N GLU E 306 43.74 28.95 114.24
CA GLU E 306 43.29 28.88 115.63
C GLU E 306 42.66 27.52 115.96
N ILE E 307 41.59 27.19 115.26
CA ILE E 307 40.87 25.94 115.46
C ILE E 307 41.78 24.71 115.39
N VAL E 308 42.64 24.67 114.38
CA VAL E 308 43.60 23.57 114.24
C VAL E 308 44.51 23.45 115.46
N GLY E 309 44.99 24.59 115.96
CA GLY E 309 45.88 24.62 117.11
C GLY E 309 45.27 23.96 118.35
N ARG E 310 44.01 24.26 118.62
CA ARG E 310 43.31 23.68 119.75
C ARG E 310 43.05 22.21 119.52
N TRP E 311 42.91 21.83 118.25
CA TRP E 311 42.64 20.45 117.89
C TRP E 311 43.81 19.54 118.25
N ALA E 312 45.02 20.10 118.26
CA ALA E 312 46.23 19.34 118.60
C ALA E 312 46.46 19.19 120.10
N GLU E 313 46.14 20.23 120.85
CA GLU E 313 46.42 20.28 122.29
C GLU E 313 45.42 19.42 123.08
N THR E 314 44.28 19.14 122.47
CA THR E 314 43.26 18.30 123.09
C THR E 314 43.55 16.83 122.80
N VAL E 315 44.68 16.59 122.15
CA VAL E 315 45.13 15.25 121.78
C VAL E 315 46.55 15.12 122.33
N GLY E 316 47.10 13.91 122.33
CA GLY E 316 48.44 13.65 122.82
C GLY E 316 49.47 14.06 121.78
N LEU E 317 49.03 14.92 120.87
CA LEU E 317 49.82 15.40 119.76
C LEU E 317 50.75 16.54 120.19
N ASP E 318 50.78 16.83 121.48
CA ASP E 318 51.43 18.05 121.92
C ASP E 318 52.93 18.00 121.63
N VAL E 319 53.34 18.92 120.76
CA VAL E 319 54.72 19.18 120.39
C VAL E 319 54.67 20.63 119.98
N GLU E 320 55.73 21.37 120.22
CA GLU E 320 55.69 22.82 120.07
C GLU E 320 55.63 23.35 118.64
N LEU E 321 55.77 22.45 117.66
CA LEU E 321 55.77 22.87 116.26
C LEU E 321 54.42 22.77 115.56
N ALA E 322 53.40 22.31 116.27
CA ALA E 322 52.06 22.19 115.70
C ALA E 322 51.50 23.56 115.33
N LYS E 323 51.91 24.57 116.08
CA LYS E 323 51.49 25.96 115.84
C LYS E 323 52.22 26.54 114.63
N GLU E 324 53.48 26.17 114.48
CA GLU E 324 54.31 26.71 113.40
C GLU E 324 54.02 26.03 112.06
N LEU E 325 53.79 24.72 112.10
CA LEU E 325 53.45 23.97 110.89
C LEU E 325 52.17 24.51 110.25
N THR E 326 51.16 24.70 111.09
CA THR E 326 49.86 25.18 110.63
C THR E 326 49.96 26.50 109.87
N GLU E 327 50.65 27.47 110.46
CA GLU E 327 50.84 28.77 109.83
C GLU E 327 51.59 28.66 108.51
N SER E 328 52.60 27.80 108.49
CA SER E 328 53.38 27.57 107.27
C SER E 328 52.52 26.94 106.18
N ILE E 329 51.68 26.00 106.57
CA ILE E 329 50.80 25.32 105.62
C ILE E 329 49.56 26.14 105.24
N LEU E 330 48.87 26.68 106.24
CA LEU E 330 47.58 27.35 106.02
C LEU E 330 47.67 28.79 105.52
N VAL E 331 48.57 29.59 106.10
CA VAL E 331 48.63 31.02 105.80
C VAL E 331 49.94 31.47 105.17
N ARG E 332 51.04 31.32 105.92
CA ARG E 332 52.35 31.71 105.41
C ARG E 332 52.65 31.01 104.09
N GLN E 333 53.29 31.73 103.18
CA GLN E 333 53.59 31.17 101.87
C GLN E 333 54.70 30.13 102.01
N VAL E 334 55.04 29.49 100.91
CA VAL E 334 56.19 28.62 100.87
C VAL E 334 57.18 29.19 99.87
N ASP E 335 58.32 29.65 100.37
CA ASP E 335 59.41 29.98 99.47
C ASP E 335 60.17 28.67 99.42
N TRP E 336 60.05 28.00 98.28
CA TRP E 336 60.51 26.61 98.17
C TRP E 336 61.94 26.50 97.68
N VAL E 337 62.17 27.05 96.49
CA VAL E 337 63.48 26.99 95.86
C VAL E 337 64.57 27.35 96.87
N ASP E 338 64.37 28.42 97.62
CA ASP E 338 65.36 28.88 98.58
C ASP E 338 65.60 27.93 99.76
N GLU E 339 64.59 27.19 100.19
CA GLU E 339 64.77 26.28 101.33
C GLU E 339 65.55 25.00 100.98
N ILE E 340 65.02 24.19 100.07
CA ILE E 340 65.72 22.97 99.66
C ILE E 340 67.10 23.25 99.03
N THR E 341 67.27 24.45 98.50
CA THR E 341 68.57 24.90 97.98
C THR E 341 69.51 25.18 99.14
N GLU E 342 68.97 25.73 100.23
CA GLU E 342 69.78 26.06 101.40
C GLU E 342 70.40 24.81 102.01
N LEU E 343 69.59 23.76 102.12
CA LEU E 343 70.07 22.48 102.59
C LEU E 343 70.96 21.85 101.52
N HIS E 344 70.76 22.26 100.27
CA HIS E 344 71.57 21.79 99.16
C HIS E 344 72.93 22.48 99.14
N GLU E 345 72.94 23.78 99.37
CA GLU E 345 74.18 24.55 99.38
C GLU E 345 75.04 24.20 100.60
N ALA E 346 74.47 23.42 101.51
CA ALA E 346 75.22 22.82 102.60
C ALA E 346 76.10 21.70 102.05
N GLY E 347 75.91 21.40 100.77
CA GLY E 347 76.71 20.39 100.11
C GLY E 347 76.22 18.98 100.39
N ALA E 348 74.91 18.81 100.54
CA ALA E 348 74.34 17.48 100.67
C ALA E 348 73.99 16.96 99.28
N ARG E 349 74.58 15.85 98.89
CA ARG E 349 74.49 15.43 97.49
C ARG E 349 73.15 14.75 97.13
N TRP E 350 72.50 14.10 98.10
CA TRP E 350 71.31 13.30 97.78
C TRP E 350 69.99 13.80 98.36
N ILE E 351 68.93 13.66 97.57
CA ILE E 351 67.58 14.02 98.01
C ILE E 351 66.55 13.00 97.55
N LEU E 352 65.77 12.47 98.49
CA LEU E 352 64.72 11.52 98.18
C LEU E 352 63.36 12.13 98.46
N ASP E 353 62.35 11.65 97.74
CA ASP E 353 60.99 12.14 97.95
C ASP E 353 59.98 11.01 98.09
N LEU E 354 59.38 10.90 99.26
CA LEU E 354 58.40 9.86 99.54
C LEU E 354 56.97 10.30 99.24
N GLY E 355 56.83 11.48 98.67
CA GLY E 355 55.53 11.99 98.27
C GLY E 355 54.81 11.16 97.22
N PRO E 356 53.46 11.17 97.25
CA PRO E 356 52.54 10.41 96.39
C PRO E 356 52.80 10.66 94.91
N GLY E 357 52.60 9.64 94.08
CA GLY E 357 53.18 9.63 92.74
C GLY E 357 54.64 9.89 93.00
N ASP E 358 55.22 10.85 92.29
CA ASP E 358 56.30 11.63 92.87
C ASP E 358 56.21 13.11 92.50
N ILE E 359 55.99 13.93 93.52
CA ILE E 359 55.87 15.37 93.34
C ILE E 359 56.92 16.02 94.20
N LEU E 360 57.53 17.09 93.68
CA LEU E 360 58.57 17.87 94.34
C LEU E 360 59.95 17.23 94.19
N THR E 361 60.00 15.99 93.71
CA THR E 361 61.28 15.35 93.41
C THR E 361 61.82 15.94 92.11
N ARG E 362 60.95 16.06 91.11
CA ARG E 362 61.33 16.63 89.83
C ARG E 362 61.21 18.15 89.79
N LEU E 363 60.43 18.72 90.69
CA LEU E 363 60.32 20.17 90.77
C LEU E 363 61.66 20.74 91.20
N THR E 364 62.32 20.00 92.10
CA THR E 364 63.59 20.44 92.68
C THR E 364 64.78 20.26 91.75
N ALA E 365 64.67 19.33 90.80
CA ALA E 365 65.83 18.98 89.97
C ALA E 365 66.34 20.10 89.04
N PRO E 366 65.47 20.65 88.17
CA PRO E 366 65.98 21.77 87.36
C PRO E 366 66.22 23.03 88.19
N VAL E 367 65.66 23.09 89.39
CA VAL E 367 65.95 24.19 90.30
C VAL E 367 67.44 24.18 90.63
N ILE E 368 67.92 23.06 91.15
CA ILE E 368 69.35 22.88 91.42
C ILE E 368 70.15 22.50 90.18
N ARG E 369 69.66 21.51 89.44
CA ARG E 369 70.34 21.00 88.24
C ARG E 369 71.80 20.60 88.50
N GLY E 370 72.72 21.32 87.87
CA GLY E 370 74.12 20.95 87.83
C GLY E 370 74.98 21.44 88.98
N LEU E 371 74.36 21.70 90.13
CA LEU E 371 75.10 22.16 91.30
C LEU E 371 75.63 21.01 92.16
N GLY E 372 75.47 19.78 91.66
CA GLY E 372 76.02 18.61 92.31
C GLY E 372 74.98 17.71 92.92
N ILE E 373 73.76 18.23 93.03
CA ILE E 373 72.62 17.47 93.51
C ILE E 373 72.05 16.57 92.44
N GLY E 374 71.55 15.41 92.84
CA GLY E 374 70.79 14.55 91.96
C GLY E 374 69.71 13.90 92.81
N ILE E 375 68.61 13.52 92.18
CA ILE E 375 67.41 13.18 92.91
C ILE E 375 66.64 11.97 92.38
N VAL E 376 66.52 10.94 93.21
CA VAL E 376 65.74 9.75 92.87
C VAL E 376 64.34 9.82 93.49
N PRO E 377 63.31 9.66 92.66
CA PRO E 377 61.94 9.55 93.21
C PRO E 377 61.81 8.31 94.08
N ALA E 378 61.35 8.43 95.32
CA ALA E 378 61.19 7.27 96.20
C ALA E 378 59.82 6.63 96.01
N ALA E 379 59.80 5.29 96.08
CA ALA E 379 58.67 4.45 95.69
C ALA E 379 58.53 4.30 94.17
N THR E 380 59.43 4.93 93.42
CA THR E 380 59.58 4.68 91.99
C THR E 380 60.54 3.50 91.79
N ARG E 381 60.10 2.48 91.05
CA ARG E 381 60.87 1.24 90.92
C ARG E 381 62.22 1.43 90.25
N GLY E 382 62.27 2.30 89.24
CA GLY E 382 63.50 2.55 88.51
C GLY E 382 64.56 3.18 89.39
N GLY E 383 64.16 4.20 90.14
CA GLY E 383 65.08 4.93 91.00
C GLY E 383 65.42 4.18 92.27
N GLN E 384 64.59 3.22 92.64
CA GLN E 384 64.84 2.42 93.82
C GLN E 384 65.84 1.32 93.48
N ARG E 385 65.91 0.95 92.20
CA ARG E 385 66.89 -0.05 91.75
C ARG E 385 68.29 0.43 92.04
N ASN E 386 68.51 1.75 91.93
CA ASN E 386 69.75 2.35 92.35
C ASN E 386 69.98 2.04 93.82
N LEU E 387 69.01 2.42 94.64
CA LEU E 387 69.09 2.34 96.10
C LEU E 387 69.57 1.00 96.66
N PHE E 388 69.15 -0.09 96.04
CA PHE E 388 69.36 -1.41 96.63
C PHE E 388 70.61 -2.14 96.15
N THR E 389 71.40 -1.52 95.29
CA THR E 389 72.58 -2.20 94.75
C THR E 389 73.89 -1.50 95.08
N VAL E 390 74.97 -2.27 95.09
CA VAL E 390 76.30 -1.73 95.36
C VAL E 390 76.83 -0.89 94.19
N GLY E 391 76.51 -1.32 92.97
CA GLY E 391 77.06 -0.68 91.78
C GLY E 391 76.19 0.31 91.04
N ALA E 392 74.88 0.26 91.26
CA ALA E 392 73.94 1.07 90.49
C ALA E 392 73.63 2.39 91.19
N VAL E 393 74.18 2.56 92.38
CA VAL E 393 73.89 3.73 93.22
C VAL E 393 74.34 5.13 92.78
N PRO E 394 75.65 5.34 92.55
CA PRO E 394 76.15 6.72 92.58
C PRO E 394 75.71 7.59 91.42
N GLU E 395 74.45 8.03 91.43
CA GLU E 395 74.03 8.99 90.44
C GLU E 395 74.31 10.37 91.03
N VAL E 396 75.30 11.06 90.47
CA VAL E 396 75.67 12.38 90.97
C VAL E 396 75.70 13.32 89.80
N ALA E 397 74.76 14.27 89.77
CA ALA E 397 74.63 15.14 88.60
C ALA E 397 75.83 16.07 88.47
N ARG E 398 76.16 16.41 87.24
CA ARG E 398 77.41 17.09 86.95
C ARG E 398 77.50 18.51 87.49
N PRO E 399 78.54 18.75 88.31
CA PRO E 399 78.93 20.01 88.94
C PRO E 399 79.59 20.97 87.94
N TRP E 400 78.81 21.81 87.27
CA TRP E 400 79.23 22.57 86.07
C TRP E 400 80.66 23.09 86.19
N SER E 401 81.03 23.48 87.41
CA SER E 401 82.40 23.84 87.72
C SER E 401 83.41 22.76 87.30
N SER E 402 82.95 21.53 87.12
CA SER E 402 83.81 20.46 86.62
C SER E 402 84.35 20.76 85.21
N TYR E 403 83.55 21.45 84.42
CA TYR E 403 83.95 21.81 83.06
C TYR E 403 84.60 23.18 82.99
N ALA E 404 84.82 23.79 84.16
CA ALA E 404 85.46 25.10 84.23
C ALA E 404 86.85 25.07 83.61
N PRO E 405 87.17 26.08 82.78
CA PRO E 405 88.44 26.12 82.01
C PRO E 405 89.70 26.11 82.88
N THR E 406 90.78 25.60 82.30
CA THR E 406 92.07 25.49 82.98
C THR E 406 93.22 25.99 82.10
N VAL E 407 94.40 26.11 82.70
CA VAL E 407 95.58 26.61 82.00
C VAL E 407 96.57 25.50 81.66
N VAL E 408 97.19 25.61 80.49
CA VAL E 408 98.07 24.57 79.96
C VAL E 408 99.40 25.17 79.49
N LYS E 409 100.48 24.42 79.68
CA LYS E 409 101.80 24.82 79.19
C LYS E 409 102.26 23.84 78.12
N LEU E 410 103.20 24.27 77.26
CA LEU E 410 103.65 23.41 76.16
C LEU E 410 105.19 23.37 76.06
N PRO E 411 105.76 22.51 75.18
CA PRO E 411 107.21 22.38 75.16
C PRO E 411 107.97 23.66 74.86
N ASP E 412 107.53 24.42 73.86
CA ASP E 412 108.16 25.71 73.56
C ASP E 412 107.69 26.77 74.57
N GLY E 413 106.82 26.35 75.48
CA GLY E 413 106.40 27.17 76.59
C GLY E 413 105.34 28.19 76.26
N SER E 414 104.32 27.75 75.51
CA SER E 414 103.20 28.60 75.19
C SER E 414 102.11 28.39 76.23
N VAL E 415 101.39 29.46 76.57
CA VAL E 415 100.26 29.35 77.48
C VAL E 415 99.04 28.98 76.67
N LYS E 416 98.30 27.98 77.15
CA LYS E 416 97.10 27.53 76.47
C LYS E 416 95.94 27.49 77.44
N LEU E 417 94.85 28.17 77.10
CA LEU E 417 93.65 28.16 77.92
C LEU E 417 92.86 26.91 77.56
N GLU E 418 92.63 26.04 78.54
CA GLU E 418 92.06 24.72 78.25
C GLU E 418 90.54 24.68 78.31
N THR E 419 89.94 24.25 77.21
CA THR E 419 88.51 23.99 77.13
C THR E 419 88.29 22.72 76.31
N LYS E 420 87.05 22.34 76.11
CA LYS E 420 86.74 21.16 75.32
C LYS E 420 87.05 21.41 73.85
N PHE E 421 87.08 22.68 73.47
CA PHE E 421 87.44 23.10 72.12
C PHE E 421 88.95 23.02 71.94
N THR E 422 89.68 23.82 72.72
CA THR E 422 91.13 23.88 72.67
C THR E 422 91.81 22.51 72.76
N ARG E 423 91.30 21.66 73.65
CA ARG E 423 91.86 20.34 73.87
C ARG E 423 91.92 19.54 72.57
N LEU E 424 90.88 19.65 71.76
CA LEU E 424 90.83 18.99 70.46
C LEU E 424 91.77 19.66 69.47
N THR E 425 91.60 20.97 69.28
CA THR E 425 92.29 21.70 68.23
C THR E 425 93.75 22.05 68.55
N GLY E 426 94.05 22.16 69.85
CA GLY E 426 95.41 22.49 70.27
C GLY E 426 95.72 23.97 70.13
N ARG E 427 94.67 24.79 70.02
CA ARG E 427 94.84 26.22 69.83
C ARG E 427 94.01 27.02 70.84
N SER E 428 94.07 28.34 70.74
CA SER E 428 93.29 29.21 71.60
C SER E 428 91.79 29.02 71.34
N PRO E 429 90.97 29.09 72.39
CA PRO E 429 89.52 28.89 72.24
C PRO E 429 88.85 30.09 71.57
N ILE E 430 89.37 30.52 70.43
CA ILE E 430 88.82 31.66 69.72
C ILE E 430 89.05 31.49 68.22
N LEU E 431 88.07 31.91 67.42
CA LEU E 431 88.16 31.75 65.97
C LEU E 431 87.52 32.90 65.22
N LEU E 432 88.02 33.15 64.01
CA LEU E 432 87.41 34.11 63.11
C LEU E 432 86.43 33.36 62.22
N ALA E 433 85.15 33.62 62.41
CA ALA E 433 84.11 32.90 61.68
C ALA E 433 84.12 33.25 60.20
N GLY E 434 83.55 32.36 59.39
CA GLY E 434 83.47 32.58 57.95
C GLY E 434 82.66 33.82 57.62
N MET E 435 83.27 34.74 56.87
CA MET E 435 82.63 36.00 56.53
C MET E 435 82.84 36.32 55.06
N THR E 436 81.75 36.56 54.34
CA THR E 436 81.80 36.70 52.89
C THR E 436 82.74 37.78 52.33
N PRO E 437 82.52 39.06 52.69
CA PRO E 437 83.49 40.04 52.16
C PRO E 437 84.87 39.87 52.80
N THR E 438 84.89 39.66 54.11
CA THR E 438 86.12 39.70 54.89
C THR E 438 87.07 38.53 54.68
N THR E 439 86.57 37.31 54.84
CA THR E 439 87.43 36.14 54.87
C THR E 439 87.65 35.51 53.48
N VAL E 440 87.03 36.09 52.46
CA VAL E 440 87.16 35.55 51.11
C VAL E 440 88.59 35.70 50.58
N ASP E 441 89.29 36.72 51.05
CA ASP E 441 90.68 36.95 50.65
C ASP E 441 91.58 35.89 51.28
N ALA E 442 92.40 35.26 50.46
CA ALA E 442 93.31 34.22 50.93
C ALA E 442 94.42 34.79 51.82
N LYS E 443 94.62 36.10 51.73
CA LYS E 443 95.68 36.77 52.47
C LYS E 443 95.36 36.90 53.95
N ILE E 444 94.13 37.31 54.28
CA ILE E 444 93.74 37.53 55.65
C ILE E 444 93.55 36.23 56.44
N VAL E 445 92.91 35.24 55.81
CA VAL E 445 92.67 33.95 56.45
C VAL E 445 94.00 33.24 56.73
N ALA E 446 94.97 33.46 55.85
CA ALA E 446 96.32 32.93 56.06
C ALA E 446 97.00 33.65 57.23
N ALA E 447 96.97 34.98 57.17
CA ALA E 447 97.60 35.81 58.20
C ALA E 447 96.98 35.56 59.58
N ALA E 448 95.68 35.33 59.61
CA ALA E 448 94.98 35.02 60.85
C ALA E 448 95.40 33.66 61.38
N ALA E 449 95.63 32.73 60.46
CA ALA E 449 96.06 31.38 60.82
C ALA E 449 97.54 31.37 61.20
N ASN E 450 98.33 32.20 60.51
CA ASN E 450 99.75 32.32 60.80
C ASN E 450 100.00 33.02 62.13
N ALA E 451 98.96 33.66 62.65
CA ALA E 451 99.00 34.26 63.98
C ALA E 451 98.64 33.19 65.01
N GLY E 452 98.44 31.97 64.52
CA GLY E 452 98.10 30.85 65.38
C GLY E 452 96.66 30.85 65.82
N HIS E 453 95.75 31.06 64.89
CA HIS E 453 94.33 31.07 65.21
C HIS E 453 93.44 30.37 64.18
N TRP E 454 92.35 29.78 64.69
CA TRP E 454 91.38 29.06 63.90
C TRP E 454 90.54 30.03 63.06
N ALA E 455 90.32 29.71 61.79
CA ALA E 455 89.59 30.59 60.88
C ALA E 455 88.84 29.82 59.80
N GLU E 456 87.78 30.42 59.27
CA GLU E 456 86.94 29.76 58.27
C GLU E 456 86.91 30.52 56.95
N LEU E 457 87.46 29.92 55.90
CA LEU E 457 87.48 30.54 54.58
C LEU E 457 86.08 30.65 54.00
N ALA E 458 85.72 31.86 53.58
CA ALA E 458 84.37 32.13 53.09
C ALA E 458 84.10 31.50 51.72
N GLY E 459 82.93 30.90 51.57
CA GLY E 459 82.56 30.28 50.30
C GLY E 459 81.60 31.11 49.48
N GLY E 460 81.09 32.18 50.07
CA GLY E 460 80.12 33.03 49.39
C GLY E 460 80.74 33.88 48.30
N GLY E 461 82.07 33.94 48.27
CA GLY E 461 82.77 34.71 47.26
C GLY E 461 83.42 33.84 46.20
N GLN E 462 83.09 32.56 46.21
CA GLN E 462 83.66 31.61 45.25
C GLN E 462 82.55 30.85 44.53
N VAL E 463 82.44 31.07 43.22
CA VAL E 463 81.32 30.53 42.45
C VAL E 463 81.58 29.17 41.79
N THR E 464 82.83 28.71 41.77
CA THR E 464 83.16 27.43 41.16
C THR E 464 84.20 26.66 41.97
N GLU E 465 84.39 25.39 41.63
CA GLU E 465 85.43 24.58 42.24
C GLU E 465 86.80 25.15 41.90
N GLN E 466 87.00 25.47 40.63
CA GLN E 466 88.29 25.93 40.11
C GLN E 466 88.74 27.23 40.76
N ILE E 467 87.85 28.23 40.79
CA ILE E 467 88.18 29.53 41.36
C ILE E 467 88.47 29.41 42.86
N PHE E 468 87.77 28.52 43.54
CA PHE E 468 87.99 28.31 44.96
C PHE E 468 89.25 27.47 45.21
N ASN E 469 89.56 26.57 44.29
CA ASN E 469 90.77 25.76 44.39
C ASN E 469 92.01 26.64 44.27
N ASP E 470 91.86 27.78 43.62
CA ASP E 470 92.93 28.76 43.53
C ASP E 470 93.20 29.37 44.90
N ARG E 471 92.13 29.61 45.65
CA ARG E 471 92.23 30.21 46.97
C ARG E 471 92.93 29.29 47.96
N ILE E 472 92.53 28.02 47.98
CA ILE E 472 93.16 27.02 48.84
C ILE E 472 94.63 26.89 48.48
N ALA E 473 94.93 26.91 47.19
CA ALA E 473 96.31 26.86 46.71
C ALA E 473 97.09 28.09 47.17
N GLU E 474 96.44 29.25 47.08
CA GLU E 474 97.03 30.48 47.57
C GLU E 474 97.16 30.43 49.09
N LEU E 475 96.18 29.79 49.73
CA LEU E 475 96.22 29.59 51.16
C LEU E 475 97.38 28.70 51.59
N GLU E 476 97.44 27.50 51.02
CA GLU E 476 98.46 26.52 51.37
C GLU E 476 99.87 27.01 51.05
N THR E 477 99.97 27.95 50.11
CA THR E 477 101.25 28.58 49.79
C THR E 477 101.60 29.57 50.90
N LEU E 478 100.63 30.38 51.29
CA LEU E 478 100.82 31.32 52.38
C LEU E 478 100.73 30.60 53.73
N LEU E 479 100.16 29.40 53.73
CA LEU E 479 100.19 28.56 54.91
C LEU E 479 101.60 28.05 55.11
N GLU E 480 102.16 28.34 56.28
CA GLU E 480 103.51 27.91 56.60
C GLU E 480 103.41 26.45 57.07
N PRO E 481 104.55 25.77 57.33
CA PRO E 481 104.46 24.32 57.56
C PRO E 481 103.54 23.89 58.69
N GLY E 482 102.64 22.95 58.37
CA GLY E 482 101.80 22.28 59.36
C GLY E 482 100.49 22.97 59.66
N ARG E 483 100.42 24.27 59.39
CA ARG E 483 99.27 25.08 59.81
C ARG E 483 98.01 24.75 59.01
N ALA E 484 96.86 24.75 59.69
CA ALA E 484 95.63 24.25 59.10
C ALA E 484 94.41 25.16 59.30
N ILE E 485 93.52 25.17 58.31
CA ILE E 485 92.38 26.08 58.26
C ILE E 485 91.10 25.30 57.92
N GLN E 486 89.93 25.92 58.06
CA GLN E 486 88.67 25.28 57.67
C GLN E 486 87.89 26.08 56.60
N PHE E 487 86.71 25.58 56.23
CA PHE E 487 85.92 26.19 55.16
C PHE E 487 84.44 26.38 55.53
N ASN E 488 83.87 27.50 55.07
CA ASN E 488 82.48 27.85 55.37
C ASN E 488 81.56 27.77 54.13
N THR E 489 80.39 27.16 54.30
CA THR E 489 79.45 26.98 53.20
C THR E 489 78.03 27.40 53.61
N LEU E 490 77.24 27.84 52.63
CA LEU E 490 75.89 28.34 52.90
C LEU E 490 74.79 27.37 52.43
N PHE E 491 73.71 27.31 53.20
CA PHE E 491 72.59 26.39 52.93
C PHE E 491 71.50 27.04 52.07
N LEU E 492 71.63 28.35 51.88
CA LEU E 492 70.52 29.18 51.36
C LEU E 492 69.82 28.72 50.07
N ASP E 493 70.58 28.56 48.99
CA ASP E 493 69.97 28.32 47.67
C ASP E 493 70.38 26.98 47.07
N PRO E 494 69.52 26.40 46.21
CA PRO E 494 69.79 25.10 45.58
C PRO E 494 71.01 25.08 44.67
N TYR E 495 71.26 26.16 43.93
CA TYR E 495 72.38 26.20 42.99
C TYR E 495 73.72 26.05 43.71
N LEU E 496 73.81 26.62 44.90
CA LEU E 496 75.02 26.51 45.71
C LEU E 496 75.14 25.12 46.31
N TRP E 497 74.00 24.51 46.62
CA TRP E 497 73.98 23.18 47.20
C TRP E 497 74.31 22.13 46.14
N LYS E 498 73.96 22.43 44.89
CA LYS E 498 74.36 21.60 43.76
C LYS E 498 75.82 21.87 43.43
N LEU E 499 76.24 23.11 43.66
CA LEU E 499 77.63 23.51 43.47
C LEU E 499 78.47 22.88 44.58
N GLN E 500 77.84 22.64 45.72
CA GLN E 500 78.54 22.05 46.85
C GLN E 500 78.76 20.56 46.64
N VAL E 501 77.89 19.93 45.85
CA VAL E 501 78.09 18.53 45.48
C VAL E 501 79.41 18.42 44.74
N GLY E 502 79.68 19.41 43.90
CA GLY E 502 80.98 19.54 43.27
C GLY E 502 81.98 20.14 44.24
N GLY E 503 81.46 20.94 45.17
CA GLY E 503 82.27 21.58 46.18
C GLY E 503 82.74 20.62 47.26
N LYS E 504 81.85 19.75 47.72
CA LYS E 504 82.22 18.76 48.73
C LYS E 504 83.17 17.73 48.14
N ARG E 505 82.95 17.36 46.88
CA ARG E 505 83.84 16.43 46.21
C ARG E 505 85.16 17.10 45.92
N LEU E 506 85.14 18.43 45.77
CA LEU E 506 86.36 19.22 45.68
C LEU E 506 87.09 19.14 47.01
N VAL E 507 86.35 19.35 48.09
CA VAL E 507 86.88 19.22 49.44
C VAL E 507 87.32 17.78 49.66
N GLN E 508 86.56 16.83 49.12
CA GLN E 508 86.93 15.42 49.17
C GLN E 508 88.21 15.18 48.39
N ARG E 509 88.27 15.67 47.16
CA ARG E 509 89.45 15.52 46.32
C ARG E 509 90.67 16.18 46.94
N ALA E 510 90.48 17.39 47.45
CA ALA E 510 91.56 18.13 48.10
C ALA E 510 92.16 17.33 49.25
N ARG E 511 91.30 16.85 50.13
CA ARG E 511 91.75 16.09 51.30
C ARG E 511 92.12 14.66 50.97
N GLN E 512 91.59 14.12 49.87
CA GLN E 512 92.04 12.83 49.37
C GLN E 512 93.45 13.02 48.86
N SER E 513 93.76 14.24 48.45
CA SER E 513 95.11 14.62 48.05
C SER E 513 95.92 15.04 49.28
N GLY E 514 95.24 15.14 50.42
CA GLY E 514 95.91 15.47 51.67
C GLY E 514 95.96 16.96 52.01
N ALA E 515 95.01 17.73 51.47
CA ALA E 515 94.98 19.17 51.69
C ALA E 515 94.90 19.56 53.17
N PRO E 516 95.58 20.65 53.54
CA PRO E 516 95.66 21.19 54.90
C PRO E 516 94.33 21.57 55.54
N ILE E 517 93.25 21.65 54.78
CA ILE E 517 92.02 22.20 55.34
C ILE E 517 91.36 21.16 56.24
N ASP E 518 91.30 21.49 57.54
CA ASP E 518 90.88 20.52 58.55
C ASP E 518 89.45 20.58 59.09
N GLY E 519 88.61 21.44 58.51
CA GLY E 519 87.23 21.54 58.96
C GLY E 519 86.22 22.05 57.94
N LEU E 520 84.94 21.80 58.19
CA LEU E 520 83.87 22.27 57.32
C LEU E 520 82.79 23.00 58.13
N VAL E 521 82.33 24.15 57.63
CA VAL E 521 81.32 24.95 58.31
C VAL E 521 80.05 25.12 57.47
N VAL E 522 78.95 24.54 57.94
CA VAL E 522 77.67 24.75 57.27
C VAL E 522 76.92 25.91 57.89
N SER E 523 76.42 26.81 57.05
CA SER E 523 75.84 28.06 57.52
C SER E 523 74.42 28.31 57.04
N ALA E 524 73.75 29.25 57.70
CA ALA E 524 72.40 29.70 57.35
C ALA E 524 71.31 28.65 57.57
N GLY E 525 71.71 27.43 57.91
CA GLY E 525 70.77 26.36 58.16
C GLY E 525 71.46 25.10 58.63
N ILE E 526 70.70 24.21 59.27
CA ILE E 526 71.23 22.94 59.74
C ILE E 526 70.75 21.81 58.84
N PRO E 527 71.70 21.12 58.19
CA PRO E 527 71.40 20.00 57.29
C PRO E 527 70.62 18.90 57.99
N ASP E 528 69.75 18.21 57.26
CA ASP E 528 69.02 17.08 57.81
C ASP E 528 69.98 15.93 58.10
N LEU E 529 69.55 15.00 58.94
CA LEU E 529 70.40 13.91 59.42
C LEU E 529 71.13 13.18 58.29
N GLU E 530 70.40 12.77 57.27
CA GLU E 530 71.00 12.07 56.13
C GLU E 530 71.98 12.95 55.36
N GLU E 531 71.74 14.25 55.35
CA GLU E 531 72.64 15.20 54.69
C GLU E 531 73.90 15.41 55.53
N ALA E 532 73.72 15.41 56.85
CA ALA E 532 74.83 15.63 57.76
C ALA E 532 75.72 14.39 57.89
N VAL E 533 75.10 13.21 57.84
CA VAL E 533 75.84 11.96 57.88
C VAL E 533 76.80 11.88 56.70
N ASP E 534 76.31 12.28 55.53
CA ASP E 534 77.11 12.30 54.32
C ASP E 534 78.37 13.12 54.53
N ILE E 535 78.20 14.36 55.01
CA ILE E 535 79.30 15.27 55.28
C ILE E 535 80.32 14.67 56.24
N ILE E 536 79.83 14.13 57.36
CA ILE E 536 80.67 13.55 58.39
C ILE E 536 81.45 12.33 57.88
N ASP E 537 80.79 11.51 57.06
CA ASP E 537 81.35 10.24 56.60
C ASP E 537 82.09 10.28 55.26
N GLU E 538 82.33 11.48 54.74
CA GLU E 538 82.98 11.65 53.43
C GLU E 538 84.38 11.04 53.42
N LEU E 539 84.89 10.76 52.23
CA LEU E 539 86.26 10.23 52.06
C LEU E 539 87.29 11.13 52.75
N ASN E 540 86.93 12.40 52.91
CA ASN E 540 87.80 13.39 53.54
C ASN E 540 87.58 13.52 55.04
N GLU E 541 86.76 12.62 55.60
CA GLU E 541 86.30 12.70 56.99
C GLU E 541 87.36 12.97 58.05
N VAL E 542 88.46 12.23 58.02
CA VAL E 542 89.53 12.42 58.99
C VAL E 542 90.10 13.82 58.84
N GLY E 543 90.18 14.26 57.59
CA GLY E 543 90.61 15.61 57.29
C GLY E 543 89.56 16.64 57.65
N ILE E 544 88.33 16.19 57.87
CA ILE E 544 87.29 17.08 58.39
C ILE E 544 87.42 17.22 59.92
N SER E 545 87.65 16.09 60.59
CA SER E 545 88.09 16.05 61.99
C SER E 545 87.09 16.65 63.00
N HIS E 546 86.21 17.52 62.51
CA HIS E 546 85.03 17.96 63.23
C HIS E 546 84.08 18.62 62.22
N VAL E 547 82.80 18.70 62.57
CA VAL E 547 81.85 19.40 61.71
C VAL E 547 81.26 20.61 62.44
N VAL E 548 81.02 21.68 61.70
CA VAL E 548 80.58 22.94 62.30
C VAL E 548 79.18 23.34 61.84
N PHE E 549 78.29 23.54 62.80
CA PHE E 549 76.92 23.94 62.52
C PHE E 549 76.56 25.22 63.25
N LYS E 550 75.65 26.00 62.68
CA LYS E 550 75.25 27.28 63.28
C LYS E 550 73.74 27.39 63.46
N PRO E 551 73.21 26.84 64.55
CA PRO E 551 71.78 26.91 64.85
C PRO E 551 71.34 28.33 65.19
N GLY E 552 70.23 28.77 64.61
CA GLY E 552 69.69 30.09 64.91
C GLY E 552 68.47 30.06 65.83
N THR E 553 67.87 28.89 66.00
CA THR E 553 66.65 28.75 66.79
C THR E 553 66.75 27.59 67.76
N VAL E 554 65.80 27.52 68.70
CA VAL E 554 65.71 26.41 69.63
C VAL E 554 65.61 25.08 68.89
N GLU E 555 64.75 25.05 67.87
CA GLU E 555 64.56 23.86 67.06
C GLU E 555 65.83 23.50 66.29
N GLN E 556 66.54 24.51 65.81
CA GLN E 556 67.79 24.29 65.08
C GLN E 556 68.85 23.72 66.00
N ILE E 557 68.83 24.14 67.26
CA ILE E 557 69.75 23.60 68.26
C ILE E 557 69.45 22.13 68.51
N ARG E 558 68.17 21.82 68.72
CA ARG E 558 67.73 20.45 68.97
C ARG E 558 67.99 19.54 67.78
N SER E 559 68.07 20.14 66.58
CA SER E 559 68.38 19.39 65.38
C SER E 559 69.82 18.91 65.39
N VAL E 560 70.72 19.79 65.81
CA VAL E 560 72.15 19.47 65.87
C VAL E 560 72.43 18.42 66.94
N ILE E 561 71.65 18.46 68.02
CA ILE E 561 71.76 17.46 69.08
C ILE E 561 71.49 16.07 68.51
N ARG E 562 70.58 16.00 67.56
CA ARG E 562 70.26 14.74 66.88
C ARG E 562 71.33 14.36 65.87
N ILE E 563 72.08 15.37 65.40
CA ILE E 563 73.22 15.11 64.53
C ILE E 563 74.39 14.62 65.38
N ALA E 564 74.42 15.07 66.64
CA ALA E 564 75.46 14.67 67.58
C ALA E 564 75.29 13.23 68.01
N ALA E 565 74.06 12.84 68.31
CA ALA E 565 73.75 11.47 68.73
C ALA E 565 73.91 10.51 67.56
N GLU E 566 73.90 11.04 66.35
CA GLU E 566 74.09 10.24 65.15
C GLU E 566 75.46 9.59 65.15
N VAL E 567 76.51 10.40 65.27
CA VAL E 567 77.87 9.91 65.38
C VAL E 567 78.51 10.46 66.66
N PRO E 568 78.30 9.75 67.78
CA PRO E 568 78.76 10.19 69.11
C PRO E 568 80.27 10.33 69.24
N THR E 569 81.02 9.72 68.32
CA THR E 569 82.48 9.77 68.37
C THR E 569 83.04 10.89 67.49
N LYS E 570 82.17 11.57 66.76
CA LYS E 570 82.60 12.66 65.90
C LYS E 570 82.42 14.01 66.57
N PRO E 571 83.51 14.76 66.71
CA PRO E 571 83.45 16.10 67.29
C PRO E 571 82.56 17.02 66.47
N VAL E 572 81.64 17.70 67.14
CA VAL E 572 80.76 18.66 66.47
C VAL E 572 80.81 19.98 67.22
N ILE E 573 81.31 21.01 66.55
CA ILE E 573 81.39 22.32 67.18
C ILE E 573 80.11 23.06 66.90
N VAL E 574 79.32 23.30 67.94
CA VAL E 574 78.07 24.02 67.76
C VAL E 574 78.29 25.50 68.06
N HIS E 575 78.25 26.32 67.03
CA HIS E 575 78.39 27.76 67.21
C HIS E 575 77.01 28.37 67.35
N ILE E 576 76.70 28.84 68.55
CA ILE E 576 75.41 29.46 68.79
C ILE E 576 75.52 30.96 68.58
N GLU E 577 74.89 31.45 67.52
CA GLU E 577 74.95 32.87 67.21
C GLU E 577 73.68 33.55 67.65
N GLY E 578 73.66 34.88 67.54
CA GLY E 578 72.46 35.66 67.82
C GLY E 578 71.89 36.31 66.58
N GLY E 579 70.99 37.26 66.80
CA GLY E 579 70.59 38.19 65.75
C GLY E 579 71.24 39.53 66.03
N ARG E 580 71.91 39.62 67.17
CA ARG E 580 72.66 40.83 67.51
C ARG E 580 73.98 40.78 66.77
N ALA E 581 74.23 39.64 66.14
CA ALA E 581 75.42 39.41 65.34
C ALA E 581 75.31 40.19 64.04
N GLY E 582 76.33 40.05 63.19
CA GLY E 582 76.35 40.73 61.91
C GLY E 582 75.84 39.86 60.79
N GLY E 583 75.49 40.49 59.67
CA GLY E 583 75.13 39.77 58.46
C GLY E 583 73.80 39.08 58.56
N HIS E 584 73.81 37.78 58.26
CA HIS E 584 72.60 36.97 58.37
C HIS E 584 72.02 37.11 59.76
N HIS E 585 70.70 37.28 59.82
CA HIS E 585 70.04 37.75 61.03
C HIS E 585 69.14 36.70 61.65
N SER E 586 68.40 37.11 62.67
CA SER E 586 67.44 36.27 63.38
C SER E 586 66.69 37.10 64.43
N TRP E 587 65.55 36.59 64.86
CA TRP E 587 64.73 37.27 65.86
C TRP E 587 64.96 36.71 67.25
N GLU E 588 65.88 35.75 67.34
CA GLU E 588 66.09 35.00 68.58
C GLU E 588 67.13 35.61 69.52
N ASP E 589 66.78 35.70 70.80
CA ASP E 589 67.65 36.29 71.81
C ASP E 589 68.93 35.49 72.02
N LEU E 590 69.97 36.17 72.49
CA LEU E 590 71.28 35.55 72.74
C LEU E 590 71.23 34.57 73.90
N ASP E 591 70.57 34.98 74.98
CA ASP E 591 70.57 34.25 76.23
C ASP E 591 69.54 33.12 76.26
N ASP E 592 68.27 33.48 76.13
CA ASP E 592 67.15 32.56 76.28
C ASP E 592 67.28 31.23 75.53
N LEU E 593 67.83 31.27 74.32
CA LEU E 593 68.07 30.06 73.55
C LEU E 593 69.05 29.15 74.29
N LEU E 594 70.24 29.69 74.57
CA LEU E 594 71.28 28.94 75.24
C LEU E 594 70.90 28.62 76.67
N LEU E 595 70.13 29.51 77.29
CA LEU E 595 69.68 29.31 78.66
C LEU E 595 68.82 28.05 78.78
N ALA E 596 67.94 27.86 77.82
CA ALA E 596 67.02 26.72 77.83
C ALA E 596 67.64 25.41 77.34
N THR E 597 68.46 25.50 76.29
CA THR E 597 68.94 24.30 75.61
C THR E 597 70.29 23.77 76.10
N TYR E 598 70.91 24.47 77.05
CA TYR E 598 72.25 24.13 77.50
C TYR E 598 72.35 22.74 78.11
N SER E 599 71.39 22.40 78.98
CA SER E 599 71.42 21.14 79.69
C SER E 599 71.42 19.93 78.76
N GLU E 600 70.60 19.99 77.72
CA GLU E 600 70.51 18.90 76.75
C GLU E 600 71.74 18.88 75.84
N LEU E 601 72.36 20.04 75.67
CA LEU E 601 73.56 20.15 74.84
C LEU E 601 74.76 19.52 75.50
N ARG E 602 74.75 19.46 76.83
CA ARG E 602 75.89 18.92 77.58
C ARG E 602 75.76 17.42 77.85
N SER E 603 74.65 16.83 77.43
CA SER E 603 74.46 15.40 77.57
C SER E 603 75.18 14.66 76.44
N ARG E 604 75.69 15.44 75.49
CA ARG E 604 76.48 14.90 74.39
C ARG E 604 77.92 15.39 74.47
N SER E 605 78.84 14.45 74.69
CA SER E 605 80.25 14.79 74.87
C SER E 605 80.91 15.24 73.57
N ASN E 606 80.31 14.87 72.44
CA ASN E 606 80.86 15.23 71.14
C ASN E 606 80.46 16.63 70.70
N ILE E 607 79.65 17.29 71.52
CA ILE E 607 79.23 18.66 71.24
C ILE E 607 80.15 19.68 71.90
N THR E 608 80.77 20.53 71.08
CA THR E 608 81.59 21.62 71.59
C THR E 608 80.81 22.93 71.48
N ILE E 609 80.42 23.48 72.63
CA ILE E 609 79.58 24.67 72.66
C ILE E 609 80.41 25.93 72.48
N CYS E 610 80.02 26.76 71.52
CA CYS E 610 80.74 28.00 71.23
C CYS E 610 79.78 29.16 71.10
N VAL E 611 79.92 30.14 71.99
CA VAL E 611 79.07 31.32 71.98
C VAL E 611 79.67 32.42 71.13
N GLY E 612 78.82 33.12 70.38
CA GLY E 612 79.29 34.16 69.49
C GLY E 612 78.33 35.31 69.37
N GLY E 613 78.81 36.39 68.76
CA GLY E 613 78.01 37.59 68.55
C GLY E 613 78.29 38.66 69.59
N GLY E 614 78.24 39.92 69.18
CA GLY E 614 78.40 41.05 70.08
C GLY E 614 79.56 40.99 71.04
N ILE E 615 80.69 40.48 70.59
CA ILE E 615 81.87 40.33 71.45
C ILE E 615 83.09 40.91 70.75
N GLY E 616 83.62 42.02 71.27
CA GLY E 616 84.85 42.60 70.77
C GLY E 616 86.07 42.45 71.66
N THR E 617 85.86 41.98 72.88
CA THR E 617 86.90 42.05 73.91
C THR E 617 86.99 40.81 74.79
N PRO E 618 88.16 40.57 75.41
CA PRO E 618 88.32 39.46 76.36
C PRO E 618 87.56 39.68 77.67
N GLU E 619 87.34 40.93 78.04
CA GLU E 619 86.72 41.25 79.32
C GLU E 619 85.23 40.96 79.33
N ARG E 620 84.54 41.38 78.28
CA ARG E 620 83.11 41.17 78.17
C ARG E 620 82.76 39.70 77.91
N SER E 621 83.71 38.98 77.30
CA SER E 621 83.48 37.59 76.92
C SER E 621 84.02 36.61 77.96
N ALA E 622 84.57 37.15 79.05
CA ALA E 622 85.20 36.32 80.07
C ALA E 622 84.17 35.59 80.95
N GLU E 623 83.00 36.21 81.10
CA GLU E 623 81.99 35.68 82.01
C GLU E 623 81.26 34.48 81.41
N TYR E 624 81.19 34.42 80.09
CA TYR E 624 80.59 33.29 79.40
C TYR E 624 81.52 32.08 79.49
N LEU E 625 82.82 32.36 79.63
CA LEU E 625 83.82 31.32 79.77
C LEU E 625 83.83 30.74 81.18
N SER E 626 83.73 31.62 82.18
CA SER E 626 83.69 31.20 83.57
C SER E 626 82.35 30.57 83.88
N GLY E 627 81.32 30.96 83.12
CA GLY E 627 79.97 30.50 83.36
C GLY E 627 79.21 31.45 84.26
N ARG E 628 79.82 32.58 84.56
CA ARG E 628 79.26 33.55 85.49
C ARG E 628 78.11 34.32 84.84
N TRP E 629 77.97 34.16 83.53
CA TRP E 629 77.01 34.93 82.75
C TRP E 629 75.57 34.50 83.02
N ALA E 630 75.39 33.25 83.45
CA ALA E 630 74.05 32.69 83.65
C ALA E 630 73.53 33.06 85.03
N GLU E 631 74.40 33.61 85.86
CA GLU E 631 74.05 33.97 87.22
C GLU E 631 73.09 35.16 87.29
N VAL E 632 73.17 36.03 86.29
CA VAL E 632 72.27 37.19 86.21
C VAL E 632 70.83 36.71 86.00
N HIS E 633 70.69 35.58 85.30
CA HIS E 633 69.38 35.02 85.04
C HIS E 633 68.98 34.01 86.10
N GLY E 634 69.83 33.86 87.11
CA GLY E 634 69.56 33.00 88.25
C GLY E 634 69.97 31.56 88.02
N TYR E 635 70.18 31.17 86.77
CA TYR E 635 70.63 29.83 86.45
C TYR E 635 72.04 29.63 86.97
N PRO E 636 72.33 28.44 87.50
CA PRO E 636 73.68 28.11 87.96
C PRO E 636 74.69 28.19 86.82
N LEU E 637 75.97 28.22 87.15
CA LEU E 637 77.04 28.53 86.19
C LEU E 637 76.96 27.72 84.90
N MET E 638 77.15 28.40 83.77
CA MET E 638 77.04 27.77 82.46
C MET E 638 78.23 28.13 81.57
N PRO E 639 79.36 27.43 81.75
CA PRO E 639 80.61 27.69 81.03
C PRO E 639 80.51 27.34 79.54
N ILE E 640 81.42 27.90 78.74
CA ILE E 640 81.45 27.62 77.30
C ILE E 640 82.85 27.18 76.84
N ASP E 641 82.90 26.41 75.77
CA ASP E 641 84.16 25.83 75.29
C ASP E 641 84.93 26.72 74.31
N GLY E 642 84.27 27.73 73.75
CA GLY E 642 84.92 28.58 72.76
C GLY E 642 84.12 29.81 72.39
N ILE E 643 84.78 30.77 71.73
CA ILE E 643 84.16 32.04 71.39
C ILE E 643 84.57 32.50 69.99
N LEU E 644 83.62 32.92 69.17
CA LEU E 644 83.92 33.41 67.84
C LEU E 644 83.73 34.93 67.74
N VAL E 645 84.65 35.60 67.05
CA VAL E 645 84.53 37.02 66.83
C VAL E 645 84.39 37.32 65.34
N GLY E 646 83.19 37.66 64.90
CA GLY E 646 82.99 38.08 63.53
C GLY E 646 83.29 39.54 63.21
N THR E 647 82.73 40.45 64.00
CA THR E 647 82.73 41.87 63.63
C THR E 647 84.00 42.64 63.98
N ALA E 648 84.55 42.38 65.16
CA ALA E 648 85.68 43.16 65.66
C ALA E 648 86.96 42.97 64.84
N ALA E 649 86.97 41.96 63.98
CA ALA E 649 88.14 41.66 63.16
C ALA E 649 88.08 42.29 61.78
N MET E 650 87.04 43.08 61.52
CA MET E 650 86.86 43.69 60.21
C MET E 650 87.73 44.93 60.01
N ALA E 651 88.08 45.58 61.11
CA ALA E 651 88.90 46.80 61.05
C ALA E 651 90.39 46.45 61.10
N THR E 652 90.68 45.16 61.06
CA THR E 652 92.06 44.68 61.18
C THR E 652 92.95 45.05 60.00
N LEU E 653 94.25 45.06 60.25
CA LEU E 653 95.24 45.50 59.26
C LEU E 653 95.30 44.61 58.02
N GLU E 654 95.31 43.30 58.23
CA GLU E 654 95.45 42.36 57.11
C GLU E 654 94.12 42.12 56.41
N ALA E 655 93.05 42.73 56.92
CA ALA E 655 91.76 42.66 56.25
C ALA E 655 91.77 43.51 55.00
N THR E 656 91.02 43.10 53.99
CA THR E 656 91.01 43.80 52.71
C THR E 656 90.02 44.98 52.70
N THR E 657 89.38 45.21 53.84
CA THR E 657 88.47 46.33 54.00
C THR E 657 89.14 47.65 53.63
N SER E 658 88.46 48.45 52.81
CA SER E 658 89.01 49.72 52.32
C SER E 658 89.27 50.70 53.47
N PRO E 659 90.31 51.54 53.32
CA PRO E 659 90.69 52.54 54.33
C PRO E 659 89.52 53.41 54.79
N GLN E 660 88.68 53.84 53.86
CA GLN E 660 87.54 54.67 54.20
C GLN E 660 86.45 53.86 54.92
N VAL E 661 86.31 52.60 54.53
CA VAL E 661 85.30 51.73 55.13
C VAL E 661 85.68 51.36 56.56
N LYS E 662 86.98 51.18 56.80
CA LYS E 662 87.48 50.89 58.14
C LYS E 662 87.21 52.05 59.09
N GLN E 663 87.49 53.26 58.64
CA GLN E 663 87.23 54.47 59.41
C GLN E 663 85.75 54.59 59.72
N LEU E 664 84.92 54.09 58.80
CA LEU E 664 83.46 54.14 58.96
C LEU E 664 82.98 53.16 60.03
N LEU E 665 83.51 51.95 60.01
CA LEU E 665 83.17 50.94 61.00
C LEU E 665 83.60 51.40 62.38
N VAL E 666 84.76 52.05 62.44
CA VAL E 666 85.31 52.59 63.68
C VAL E 666 84.39 53.59 64.36
N GLU E 667 84.12 54.71 63.68
CA GLU E 667 83.39 55.82 64.27
C GLU E 667 81.96 55.47 64.67
N THR E 668 81.50 54.30 64.23
CA THR E 668 80.19 53.80 64.63
C THR E 668 80.22 53.49 66.12
N LYS E 669 79.26 54.06 66.86
CA LYS E 669 79.14 53.80 68.28
C LYS E 669 78.33 52.52 68.47
N GLY E 670 78.68 51.72 69.47
CA GLY E 670 77.99 50.47 69.70
C GLY E 670 76.88 50.58 70.73
N THR E 671 76.25 49.45 71.03
CA THR E 671 75.11 49.43 71.93
C THR E 671 75.10 48.24 72.89
N GLU E 672 74.25 48.35 73.90
CA GLU E 672 73.91 47.25 74.78
C GLU E 672 72.84 46.42 74.08
N ALA E 673 72.15 45.55 74.81
CA ALA E 673 71.23 44.57 74.23
C ALA E 673 70.27 45.18 73.22
N TRP E 674 70.16 44.54 72.06
CA TRP E 674 69.46 45.07 70.89
C TRP E 674 68.02 45.50 71.19
N VAL E 675 67.61 46.60 70.57
CA VAL E 675 66.29 47.16 70.79
C VAL E 675 65.41 46.98 69.56
N GLY E 676 64.10 46.88 69.79
CA GLY E 676 63.16 46.60 68.73
C GLY E 676 62.80 47.79 67.86
N ALA E 677 62.74 48.98 68.45
CA ALA E 677 62.27 50.17 67.75
C ALA E 677 63.03 50.44 66.46
N GLY E 678 62.29 50.58 65.36
CA GLY E 678 62.88 50.81 64.05
C GLY E 678 63.55 52.16 63.95
N LYS E 679 64.84 52.14 63.62
CA LYS E 679 65.69 53.31 63.55
C LYS E 679 67.08 52.83 63.19
N ALA E 680 68.01 53.77 62.98
CA ALA E 680 69.41 53.40 62.98
C ALA E 680 69.78 53.33 64.45
N ALA E 681 70.15 52.15 64.93
CA ALA E 681 70.42 51.97 66.34
C ALA E 681 71.91 51.84 66.56
N ASN E 682 72.49 52.88 67.15
CA ASN E 682 73.94 52.95 67.33
C ASN E 682 74.67 52.67 66.03
N GLY E 683 74.32 53.43 65.00
CA GLY E 683 74.93 53.27 63.70
C GLY E 683 74.62 51.96 63.02
N MET E 684 73.61 51.26 63.54
CA MET E 684 73.25 49.95 63.02
C MET E 684 71.74 49.81 62.85
N ALA E 685 71.31 49.54 61.62
CA ALA E 685 69.90 49.29 61.33
C ALA E 685 69.75 48.06 60.46
N SER E 686 68.77 47.22 60.80
CA SER E 686 68.51 46.00 60.06
C SER E 686 67.87 46.31 58.71
N GLY E 687 68.07 45.42 57.76
CA GLY E 687 67.43 45.53 56.46
C GLY E 687 67.28 44.15 55.86
N ARG E 688 66.31 43.98 54.97
CA ARG E 688 66.02 42.67 54.42
C ARG E 688 66.67 42.46 53.06
N SER E 689 67.19 41.25 52.84
CA SER E 689 67.82 40.92 51.57
C SER E 689 66.76 40.69 50.49
N GLN E 690 67.20 40.30 49.31
CA GLN E 690 66.30 40.06 48.19
C GLN E 690 65.35 38.90 48.48
N LEU E 691 65.74 38.04 49.40
CA LEU E 691 64.92 36.89 49.78
C LEU E 691 63.99 37.20 50.96
N GLY E 692 64.18 38.35 51.58
CA GLY E 692 63.33 38.78 52.67
C GLY E 692 63.93 38.60 54.05
N ALA E 693 65.05 37.90 54.12
CA ALA E 693 65.74 37.69 55.39
C ALA E 693 66.51 38.94 55.79
N ASP E 694 66.49 39.26 57.09
CA ASP E 694 67.14 40.48 57.57
C ASP E 694 68.65 40.41 57.43
N ILE E 695 69.26 41.58 57.29
CA ILE E 695 70.71 41.70 57.21
C ILE E 695 71.15 42.89 58.05
N HIS E 696 72.11 42.69 58.93
CA HIS E 696 72.63 43.79 59.73
C HIS E 696 73.67 44.54 58.93
N GLU E 697 73.39 45.81 58.64
CA GLU E 697 74.27 46.64 57.85
C GLU E 697 74.52 47.95 58.57
N ILE E 698 75.51 48.71 58.11
CA ILE E 698 75.88 49.94 58.79
C ILE E 698 75.06 51.11 58.21
N ASP E 699 74.17 51.64 59.05
CA ASP E 699 73.23 52.66 58.61
C ASP E 699 73.68 54.08 58.99
N ASN E 700 74.81 54.18 59.68
CA ASN E 700 75.40 55.48 59.98
C ASN E 700 76.45 55.81 58.95
N ALA E 701 77.46 54.95 58.87
CA ALA E 701 78.49 55.04 57.84
C ALA E 701 77.86 55.24 56.47
N ALA E 702 76.84 54.44 56.17
CA ALA E 702 76.04 54.68 54.98
C ALA E 702 74.56 54.74 55.38
N SER E 703 74.00 55.94 55.35
CA SER E 703 72.59 56.12 55.71
C SER E 703 71.66 56.15 54.49
N ARG E 704 72.25 56.26 53.31
CA ARG E 704 71.47 56.46 52.10
C ARG E 704 70.88 55.19 51.49
N CYS E 705 71.65 54.11 51.49
CA CYS E 705 71.21 52.85 50.90
C CYS E 705 70.10 52.18 51.71
N GLY E 706 70.35 52.00 53.01
CA GLY E 706 69.45 51.28 53.88
C GLY E 706 68.08 51.91 54.05
N ARG E 707 68.05 53.20 54.35
CA ARG E 707 66.79 53.89 54.63
C ARG E 707 65.93 54.04 53.37
N LEU E 708 66.58 54.33 52.24
CA LEU E 708 65.87 54.43 50.97
C LEU E 708 65.27 53.09 50.60
N LEU E 709 66.03 52.02 50.85
CA LEU E 709 65.57 50.67 50.59
C LEU E 709 64.30 50.37 51.37
N ASP E 710 64.27 50.80 52.63
CA ASP E 710 63.08 50.64 53.46
C ASP E 710 61.94 51.53 52.96
N GLU E 711 62.30 52.68 52.41
CA GLU E 711 61.31 53.56 51.81
C GLU E 711 60.70 52.89 50.58
N VAL E 712 61.56 52.48 49.65
CA VAL E 712 61.13 51.83 48.41
C VAL E 712 60.33 50.55 48.68
N ALA E 713 60.83 49.74 49.61
CA ALA E 713 60.18 48.47 49.95
C ALA E 713 58.75 48.68 50.45
N GLY E 714 58.59 49.56 51.42
CA GLY E 714 57.27 49.83 51.97
C GLY E 714 56.40 50.65 51.03
N ASP E 715 57.04 51.31 50.06
CA ASP E 715 56.31 52.16 49.13
C ASP E 715 55.93 51.53 47.80
N ALA E 716 56.18 50.24 47.59
CA ALA E 716 55.97 49.78 46.23
C ALA E 716 54.55 49.27 46.03
N ASP E 717 53.73 50.21 45.57
CA ASP E 717 52.53 50.03 44.79
C ASP E 717 52.60 51.21 43.83
N ALA E 718 52.65 52.37 44.46
CA ALA E 718 52.55 53.70 43.86
C ALA E 718 53.87 54.24 43.29
N VAL E 719 54.88 53.38 43.20
CA VAL E 719 56.23 53.77 42.78
C VAL E 719 56.23 54.73 41.59
N ALA E 720 55.33 54.50 40.64
CA ALA E 720 55.15 55.40 39.50
C ALA E 720 54.92 56.85 39.92
N GLU E 721 54.18 57.05 41.02
CA GLU E 721 53.88 58.40 41.50
C GLU E 721 55.09 59.06 42.15
N ARG E 722 55.87 58.29 42.88
CA ARG E 722 57.05 58.79 43.56
C ARG E 722 58.32 58.64 42.72
N ARG E 723 58.13 58.25 41.46
CA ARG E 723 59.22 57.95 40.53
C ARG E 723 60.34 58.99 40.53
N ASP E 724 59.96 60.27 40.55
CA ASP E 724 60.96 61.34 40.61
C ASP E 724 61.78 61.26 41.90
N GLU E 725 61.10 61.00 43.01
CA GLU E 725 61.75 60.90 44.31
C GLU E 725 62.60 59.63 44.39
N ILE E 726 62.12 58.57 43.77
CA ILE E 726 62.79 57.27 43.82
C ILE E 726 63.99 57.17 42.88
N ILE E 727 63.83 57.68 41.65
CA ILE E 727 64.88 57.57 40.65
C ILE E 727 66.08 58.48 40.95
N ALA E 728 65.84 59.56 41.69
CA ALA E 728 66.89 60.47 42.07
C ALA E 728 67.70 59.91 43.24
N ALA E 729 67.01 59.15 44.10
CA ALA E 729 67.63 58.58 45.28
C ALA E 729 68.50 57.38 44.93
N MET E 730 68.22 56.76 43.79
CA MET E 730 69.07 55.69 43.28
C MET E 730 70.38 56.29 42.79
N ALA E 731 70.30 57.53 42.30
CA ALA E 731 71.48 58.24 41.82
C ALA E 731 72.32 58.77 42.98
N GLN E 732 71.68 58.95 44.14
CA GLN E 732 72.36 59.43 45.33
C GLN E 732 73.21 58.33 45.95
N THR E 733 72.73 57.10 45.83
CA THR E 733 73.44 55.94 46.38
C THR E 733 74.33 55.32 45.31
N ALA E 734 74.39 55.99 44.16
CA ALA E 734 75.09 55.50 42.98
C ALA E 734 74.58 54.14 42.52
N LYS E 735 73.31 54.12 42.15
CA LYS E 735 72.71 53.00 41.44
C LYS E 735 72.08 53.61 40.20
N PRO E 736 72.93 54.17 39.33
CA PRO E 736 72.43 55.08 38.29
C PRO E 736 71.56 54.40 37.24
N TYR E 737 70.42 55.02 36.96
CA TYR E 737 69.63 54.66 35.80
C TYR E 737 70.34 55.33 34.65
N PHE E 738 69.85 55.12 33.44
CA PHE E 738 70.48 55.76 32.28
C PHE E 738 69.65 56.98 31.89
N GLY E 739 70.30 57.99 31.33
CA GLY E 739 69.59 59.16 30.84
C GLY E 739 68.56 58.69 29.83
N ASP E 740 67.63 59.56 29.45
CA ASP E 740 66.39 59.09 28.81
C ASP E 740 66.71 58.14 27.67
N VAL E 741 66.12 56.95 27.76
CA VAL E 741 66.61 55.77 27.06
C VAL E 741 66.62 55.93 25.55
N ALA E 742 65.50 56.39 25.01
CA ALA E 742 65.43 56.72 23.59
C ALA E 742 66.47 57.78 23.26
N GLU E 743 66.25 59.00 23.77
CA GLU E 743 67.07 60.16 23.41
C GLU E 743 68.58 59.96 23.56
N MET E 744 68.98 59.07 24.46
CA MET E 744 70.41 58.84 24.69
C MET E 744 71.13 58.22 23.50
N THR E 745 72.22 58.87 23.11
CA THR E 745 73.06 58.47 21.99
C THR E 745 73.81 57.17 22.31
N TYR E 746 74.03 56.34 21.29
CA TYR E 746 74.77 55.09 21.45
C TYR E 746 76.12 55.29 22.14
N LEU E 747 76.77 56.42 21.87
CA LEU E 747 77.99 56.79 22.58
C LEU E 747 77.72 56.78 24.07
N GLN E 748 76.70 57.54 24.48
CA GLN E 748 76.32 57.67 25.88
C GLN E 748 76.10 56.30 26.51
N TRP E 749 75.46 55.40 25.77
CA TRP E 749 75.34 54.01 26.21
C TRP E 749 76.71 53.42 26.45
N LEU E 750 77.48 53.31 25.36
CA LEU E 750 78.80 52.68 25.39
C LEU E 750 79.81 53.42 26.27
N ARG E 751 79.64 54.73 26.42
CA ARG E 751 80.54 55.52 27.27
C ARG E 751 80.17 55.40 28.75
N ARG E 752 78.92 55.01 29.02
CA ARG E 752 78.46 54.86 30.40
C ARG E 752 78.98 53.57 31.02
N TYR E 753 79.00 52.50 30.22
CA TYR E 753 79.51 51.22 30.69
C TYR E 753 81.00 51.32 30.99
N VAL E 754 81.74 51.96 30.10
CA VAL E 754 83.16 52.20 30.31
C VAL E 754 83.38 53.04 31.56
N GLU E 755 82.52 54.03 31.76
CA GLU E 755 82.60 54.90 32.93
C GLU E 755 82.45 54.11 34.23
N LEU E 756 81.44 53.25 34.28
CA LEU E 756 81.15 52.47 35.48
C LEU E 756 82.03 51.23 35.67
N ALA E 757 82.29 50.51 34.58
CA ALA E 757 83.06 49.26 34.65
C ALA E 757 84.56 49.50 34.76
N ILE E 758 85.07 50.46 34.01
CA ILE E 758 86.50 50.74 33.99
C ILE E 758 86.88 51.83 34.99
N GLY E 759 87.57 51.45 36.06
CA GLY E 759 88.11 52.41 37.00
C GLY E 759 89.36 53.07 36.44
N ASP E 760 89.49 54.38 36.63
CA ASP E 760 90.67 55.09 36.17
C ASP E 760 91.83 54.92 37.14
N GLY E 761 91.51 54.84 38.43
CA GLY E 761 92.52 54.65 39.45
C GLY E 761 93.14 53.28 39.39
N ASN E 762 92.29 52.26 39.32
CA ASN E 762 92.77 50.88 39.25
C ASN E 762 93.26 50.47 37.87
N SER E 763 92.84 51.22 36.84
CA SER E 763 93.38 51.02 35.50
C SER E 763 93.20 49.60 34.98
N THR E 764 91.99 49.26 34.56
CA THR E 764 91.61 47.88 34.21
C THR E 764 92.69 47.15 33.39
N ALA E 765 93.33 47.87 32.48
CA ALA E 765 94.49 47.34 31.78
C ALA E 765 95.59 46.93 32.75
N ASP E 766 95.90 47.82 33.70
CA ASP E 766 96.91 47.54 34.72
C ASP E 766 96.37 46.59 35.79
N THR E 767 95.05 46.42 35.82
CA THR E 767 94.43 45.50 36.78
C THR E 767 94.49 44.06 36.26
N LYS E 768 94.63 43.92 34.95
CA LYS E 768 94.64 42.61 34.30
C LYS E 768 96.00 41.93 34.44
N ARG E 769 97.06 42.73 34.51
CA ARG E 769 98.42 42.23 34.59
C ARG E 769 98.77 41.41 35.86
N PRO E 770 98.40 41.92 37.05
CA PRO E 770 98.63 41.11 38.26
C PRO E 770 97.76 39.86 38.33
N ASP E 771 96.75 39.79 37.47
CA ASP E 771 95.74 38.73 37.49
C ASP E 771 94.95 38.77 38.79
N SER E 772 94.47 39.95 39.13
CA SER E 772 93.67 40.16 40.32
C SER E 772 92.30 39.48 40.19
N PRO E 773 91.78 38.95 41.31
CA PRO E 773 90.45 38.35 41.34
C PRO E 773 89.34 39.38 41.16
N TRP E 774 89.67 40.65 41.39
CA TRP E 774 88.71 41.73 41.26
C TRP E 774 88.37 42.00 39.80
N LEU E 775 89.09 41.33 38.89
CA LEU E 775 88.89 41.50 37.45
C LEU E 775 87.44 41.31 37.03
N ASP E 776 86.97 42.25 36.23
CA ASP E 776 85.57 42.38 35.85
C ASP E 776 85.21 41.68 34.54
N ILE E 777 86.13 40.86 34.02
CA ILE E 777 86.19 40.50 32.60
C ILE E 777 84.84 40.21 31.94
N THR E 778 83.91 39.67 32.70
CA THR E 778 82.53 39.54 32.21
C THR E 778 81.94 40.91 31.85
N TRP E 779 82.31 41.94 32.59
CA TRP E 779 81.87 43.30 32.30
C TRP E 779 82.49 43.80 30.99
N ARG E 780 83.73 43.39 30.74
CA ARG E 780 84.41 43.72 29.50
C ARG E 780 83.80 42.93 28.35
N ASP E 781 83.34 41.73 28.66
CA ASP E 781 82.67 40.88 27.68
C ASP E 781 81.25 41.38 27.46
N ARG E 782 80.65 41.93 28.52
CA ARG E 782 79.33 42.53 28.43
C ARG E 782 79.36 43.71 27.46
N PHE E 783 80.38 44.54 27.61
CA PHE E 783 80.52 45.73 26.78
C PHE E 783 80.78 45.37 25.31
N GLU E 784 81.45 44.24 25.10
CA GLU E 784 81.70 43.76 23.75
C GLU E 784 80.41 43.38 23.04
N GLN E 785 79.55 42.64 23.73
CA GLN E 785 78.28 42.19 23.17
C GLN E 785 77.41 43.40 22.83
N MET E 786 77.59 44.48 23.58
CA MET E 786 76.90 45.74 23.29
C MET E 786 77.52 46.44 22.09
N LEU E 787 78.85 46.44 22.04
CA LEU E 787 79.58 47.01 20.92
C LEU E 787 79.23 46.29 19.62
N LYS E 788 79.32 44.96 19.66
CA LYS E 788 79.03 44.13 18.50
C LYS E 788 77.58 44.27 18.07
N ARG E 789 76.71 44.61 19.01
CA ARG E 789 75.30 44.86 18.71
C ARG E 789 75.14 46.18 17.97
N ALA E 790 76.00 47.13 18.30
CA ALA E 790 75.97 48.44 17.66
C ALA E 790 76.33 48.33 16.18
N GLU E 791 77.32 47.51 15.87
CA GLU E 791 77.68 47.22 14.48
C GLU E 791 76.54 46.44 13.85
N ALA E 792 75.93 45.57 14.64
CA ALA E 792 74.84 44.74 14.17
C ALA E 792 73.61 45.58 13.82
N ARG E 793 73.44 46.69 14.52
CA ARG E 793 72.27 47.54 14.33
C ARG E 793 72.36 48.45 13.11
N LEU E 794 73.51 49.09 12.90
CA LEU E 794 73.61 50.15 11.89
C LEU E 794 74.18 49.79 10.52
N HIS E 795 74.57 48.54 10.31
CA HIS E 795 75.24 48.18 9.06
C HIS E 795 74.26 47.69 8.00
N PRO E 796 74.14 48.46 6.89
CA PRO E 796 73.28 48.12 5.75
C PRO E 796 73.82 46.96 4.91
N GLN E 797 75.14 46.78 4.92
CA GLN E 797 75.79 45.80 4.05
C GLN E 797 75.95 44.43 4.71
N ASP E 798 76.77 43.56 4.10
CA ASP E 798 76.86 42.15 4.47
C ASP E 798 77.55 41.80 5.79
N PHE E 799 78.09 42.81 6.48
CA PHE E 799 78.81 42.64 7.75
C PHE E 799 80.10 41.83 7.61
N GLY E 800 80.67 41.81 6.42
CA GLY E 800 81.95 41.16 6.20
C GLY E 800 83.14 41.81 6.88
N PRO E 801 83.39 43.10 6.58
CA PRO E 801 84.58 43.78 7.10
C PRO E 801 84.65 43.93 8.63
N ILE E 802 83.55 44.33 9.26
CA ILE E 802 83.58 44.70 10.66
C ILE E 802 83.65 43.52 11.64
N GLU E 803 82.79 42.52 11.42
CA GLU E 803 82.69 41.40 12.35
C GLU E 803 83.93 40.52 12.39
N THR E 804 84.59 40.36 11.25
CA THR E 804 85.74 39.46 11.14
C THR E 804 87.00 40.08 11.74
N LEU E 805 86.94 41.37 12.07
CA LEU E 805 88.07 42.07 12.66
C LEU E 805 88.06 42.00 14.18
N PHE E 806 87.03 42.57 14.79
CA PHE E 806 86.93 42.68 16.24
C PHE E 806 86.86 41.33 16.97
N ASP E 807 86.60 40.26 16.22
CA ASP E 807 86.43 38.94 16.83
C ASP E 807 87.75 38.18 17.03
N ALA E 808 88.82 38.67 16.41
CA ALA E 808 90.12 38.03 16.54
C ALA E 808 90.68 38.21 17.95
N ASP E 809 91.29 37.16 18.49
CA ASP E 809 91.87 37.22 19.82
C ASP E 809 92.93 38.31 19.96
N ALA E 810 94.03 38.17 19.22
CA ALA E 810 95.12 39.14 19.26
C ALA E 810 94.64 40.56 18.95
N ASP E 811 93.80 40.69 17.93
CA ASP E 811 93.29 41.99 17.53
C ASP E 811 92.30 42.55 18.54
N GLY E 812 91.29 41.75 18.87
CA GLY E 812 90.21 42.19 19.75
C GLY E 812 90.64 42.53 21.16
N GLU E 813 91.51 41.71 21.73
CA GLU E 813 91.99 41.93 23.10
C GLU E 813 92.77 43.24 23.21
N ARG E 814 93.53 43.58 22.17
CA ARG E 814 94.25 44.84 22.13
C ARG E 814 93.26 46.02 22.06
N LEU E 815 92.16 45.80 21.33
CA LEU E 815 91.13 46.82 21.21
C LEU E 815 90.40 47.01 22.54
N LEU E 816 90.36 45.96 23.34
CA LEU E 816 89.61 45.97 24.59
C LEU E 816 90.29 46.72 25.71
N GLU E 817 91.60 46.57 25.83
CA GLU E 817 92.37 47.20 26.90
C GLU E 817 92.41 48.71 26.75
N ASP E 818 92.00 49.20 25.58
CA ASP E 818 91.92 50.64 25.31
C ASP E 818 90.48 51.00 24.99
N PRO E 819 89.66 51.22 26.03
CA PRO E 819 88.22 51.44 25.89
C PRO E 819 87.86 52.68 25.07
N GLU E 820 88.58 53.78 25.28
CA GLU E 820 88.28 55.02 24.58
C GLU E 820 88.57 54.90 23.09
N ALA E 821 89.69 54.27 22.75
CA ALA E 821 90.08 54.09 21.36
C ALA E 821 89.16 53.11 20.64
N ALA E 822 88.64 52.14 21.38
CA ALA E 822 87.75 51.13 20.83
C ALA E 822 86.38 51.73 20.50
N ILE E 823 85.85 52.51 21.43
CA ILE E 823 84.56 53.18 21.25
C ILE E 823 84.59 54.07 20.01
N THR E 824 85.65 54.86 19.88
CA THR E 824 85.80 55.77 18.75
C THR E 824 85.90 54.99 17.44
N ALA E 825 86.62 53.87 17.47
CA ALA E 825 86.82 53.06 16.27
C ALA E 825 85.52 52.53 15.70
N LEU E 826 84.65 52.03 16.57
CA LEU E 826 83.38 51.48 16.15
C LEU E 826 82.42 52.55 15.63
N LEU E 827 82.24 53.60 16.43
CA LEU E 827 81.21 54.60 16.15
C LEU E 827 81.66 55.63 15.12
N GLN E 828 82.90 55.50 14.67
CA GLN E 828 83.39 56.26 13.52
C GLN E 828 82.85 55.58 12.25
N ARG E 829 82.88 54.25 12.27
CA ARG E 829 82.36 53.44 11.18
C ARG E 829 80.86 53.60 11.07
N TYR E 830 80.20 53.77 12.21
CA TYR E 830 78.76 54.00 12.25
C TYR E 830 78.45 55.32 12.96
N PRO E 831 78.60 56.44 12.24
CA PRO E 831 78.41 57.78 12.80
C PRO E 831 76.96 58.03 13.19
N ASP E 832 76.04 57.29 12.60
CA ASP E 832 74.62 57.44 12.89
C ASP E 832 74.29 57.04 14.33
N ALA E 833 75.17 56.27 14.94
CA ALA E 833 74.98 55.83 16.32
C ALA E 833 74.99 57.02 17.27
N GLU E 834 75.57 58.12 16.81
CA GLU E 834 75.68 59.31 17.63
C GLU E 834 74.38 60.13 17.69
N THR E 835 73.58 60.07 16.62
CA THR E 835 72.37 60.87 16.55
C THR E 835 71.04 60.17 16.89
N VAL E 836 71.04 58.86 17.12
CA VAL E 836 69.78 58.13 17.17
C VAL E 836 69.51 57.45 18.53
N VAL E 837 68.31 56.89 18.65
CA VAL E 837 67.85 56.19 19.84
C VAL E 837 68.31 54.74 19.87
N LEU E 838 68.49 54.19 21.07
CA LEU E 838 68.67 52.76 21.21
C LEU E 838 67.37 52.10 20.77
N HIS E 839 67.47 51.16 19.83
CA HIS E 839 66.29 50.53 19.25
C HIS E 839 65.43 49.88 20.33
N PRO E 840 64.10 50.03 20.22
CA PRO E 840 63.14 49.49 21.20
C PRO E 840 63.32 47.99 21.44
N ALA E 841 63.89 47.28 20.46
CA ALA E 841 64.17 45.86 20.64
C ALA E 841 65.57 45.63 21.24
N ASP E 842 66.39 46.67 21.25
CA ASP E 842 67.72 46.59 21.84
C ASP E 842 67.70 46.85 23.34
N VAL E 843 66.61 47.45 23.81
CA VAL E 843 66.44 47.68 25.25
C VAL E 843 66.23 46.39 26.04
N PRO E 844 65.32 45.50 25.58
CA PRO E 844 65.18 44.23 26.31
C PRO E 844 66.46 43.40 26.27
N PHE E 845 67.22 43.51 25.18
CA PHE E 845 68.46 42.76 25.04
C PHE E 845 69.47 43.13 26.11
N PHE E 846 69.64 44.43 26.34
CA PHE E 846 70.56 44.92 27.35
C PHE E 846 70.15 44.50 28.75
N VAL E 847 68.86 44.66 29.06
CA VAL E 847 68.32 44.26 30.35
C VAL E 847 68.45 42.75 30.53
N GLU E 848 68.35 42.02 29.42
CA GLU E 848 68.51 40.57 29.43
C GLU E 848 69.96 40.20 29.75
N LEU E 849 70.89 40.95 29.20
CA LEU E 849 72.32 40.71 29.41
C LEU E 849 72.72 40.99 30.85
N CYS E 850 72.04 41.94 31.48
CA CYS E 850 72.30 42.28 32.87
C CYS E 850 71.95 41.10 33.79
N LYS E 851 70.97 40.31 33.38
CA LYS E 851 70.52 39.17 34.17
C LYS E 851 71.43 37.95 34.03
N THR E 852 72.07 37.81 32.87
CA THR E 852 72.95 36.69 32.61
C THR E 852 74.42 37.00 32.87
N LEU E 853 74.70 38.25 33.25
CA LEU E 853 76.08 38.68 33.45
C LEU E 853 76.78 37.89 34.55
N GLY E 854 78.05 37.57 34.33
CA GLY E 854 78.83 36.79 35.27
C GLY E 854 78.91 37.41 36.66
N LYS E 855 79.40 38.65 36.72
CA LYS E 855 79.37 39.41 37.96
C LYS E 855 78.24 40.44 37.86
N PRO E 856 77.34 40.42 38.85
CA PRO E 856 76.13 41.26 38.86
C PRO E 856 76.40 42.73 38.55
N VAL E 857 75.52 43.33 37.77
CA VAL E 857 75.68 44.69 37.27
C VAL E 857 75.80 45.74 38.39
N ASN E 858 76.70 46.71 38.19
CA ASN E 858 77.04 47.69 39.21
C ASN E 858 75.98 48.78 39.40
N PHE E 859 74.97 48.78 38.53
CA PHE E 859 73.95 49.82 38.54
C PHE E 859 72.53 49.25 38.54
N VAL E 860 71.53 50.12 38.42
CA VAL E 860 70.15 49.68 38.23
C VAL E 860 69.67 50.08 36.84
N PRO E 861 69.54 49.08 35.95
CA PRO E 861 69.13 49.32 34.55
C PRO E 861 67.66 49.71 34.39
N VAL E 862 66.79 49.23 35.27
CA VAL E 862 65.34 49.43 35.11
C VAL E 862 64.61 49.53 36.46
N ILE E 863 63.64 50.42 36.54
CA ILE E 863 62.75 50.47 37.71
C ILE E 863 61.51 49.62 37.42
N ASP E 864 61.39 48.50 38.14
CA ASP E 864 60.29 47.57 37.93
C ASP E 864 60.05 46.71 39.17
N LYS E 865 59.24 45.67 39.02
CA LYS E 865 58.91 44.77 40.12
C LYS E 865 60.13 44.13 40.78
N ASP E 866 61.19 43.94 40.00
CA ASP E 866 62.40 43.27 40.48
C ASP E 866 63.43 44.23 41.07
N VAL E 867 63.06 45.50 41.20
CA VAL E 867 63.98 46.54 41.67
C VAL E 867 64.69 46.19 42.99
N ARG E 868 64.01 45.44 43.85
CA ARG E 868 64.62 44.99 45.10
C ARG E 868 65.77 44.02 44.82
N ARG E 869 65.58 43.15 43.84
CA ARG E 869 66.61 42.20 43.45
C ARG E 869 67.77 42.90 42.74
N TRP E 870 67.48 44.02 42.08
CA TRP E 870 68.52 44.79 41.41
C TRP E 870 69.34 45.59 42.43
N TRP E 871 68.68 46.02 43.49
CA TRP E 871 69.31 46.84 44.52
C TRP E 871 70.23 46.05 45.44
N ARG E 872 69.72 44.94 45.96
CA ARG E 872 70.38 44.21 47.04
C ARG E 872 71.40 43.17 46.57
N SER E 873 71.39 42.87 45.27
CA SER E 873 72.25 41.80 44.74
C SER E 873 73.73 42.16 44.74
N ASP E 874 74.54 41.26 45.32
CA ASP E 874 76.00 41.37 45.30
C ASP E 874 76.48 42.71 45.84
N SER E 875 76.00 43.05 47.04
CA SER E 875 76.32 44.34 47.67
C SER E 875 77.46 44.26 48.68
N LEU E 876 78.07 43.09 48.84
CA LEU E 876 79.06 42.89 49.90
C LEU E 876 80.51 43.18 49.51
N TRP E 877 80.78 43.32 48.22
CA TRP E 877 82.17 43.40 47.75
C TRP E 877 82.77 44.82 47.67
N GLN E 878 81.93 45.85 47.79
CA GLN E 878 82.41 47.22 47.61
C GLN E 878 83.18 47.74 48.81
N ALA E 879 83.09 47.03 49.93
CA ALA E 879 83.78 47.44 51.15
C ALA E 879 85.28 47.18 51.04
N HIS E 880 85.67 46.36 50.08
CA HIS E 880 87.08 45.96 49.93
C HIS E 880 87.68 46.42 48.62
N ASP E 881 88.77 47.19 48.71
CA ASP E 881 89.51 47.68 47.54
C ASP E 881 88.65 48.48 46.56
N ALA E 882 87.97 49.51 47.06
CA ALA E 882 87.17 50.39 46.22
C ALA E 882 87.42 51.86 46.54
N ARG E 883 87.64 52.67 45.50
CA ARG E 883 87.93 54.08 45.67
C ARG E 883 86.67 54.91 45.88
N TYR E 884 85.51 54.31 45.64
CA TYR E 884 84.24 55.03 45.68
C TYR E 884 83.88 55.50 47.08
N GLU E 885 82.97 56.47 47.14
CA GLU E 885 82.43 56.95 48.40
C GLU E 885 81.86 55.77 49.17
N ALA E 886 82.31 55.60 50.40
CA ALA E 886 81.97 54.43 51.20
C ALA E 886 80.65 54.61 51.94
N ASP E 887 80.00 55.75 51.72
CA ASP E 887 78.70 56.02 52.34
C ASP E 887 77.55 55.57 51.44
N GLN E 888 77.88 55.02 50.29
CA GLN E 888 76.87 54.47 49.38
C GLN E 888 76.77 52.95 49.49
N VAL E 889 77.63 52.36 50.31
CA VAL E 889 77.86 50.92 50.30
C VAL E 889 77.18 50.20 51.46
N CYS E 890 76.68 49.00 51.20
CA CYS E 890 76.22 48.14 52.28
C CYS E 890 77.46 47.50 52.89
N VAL E 891 77.69 47.81 54.16
CA VAL E 891 78.81 47.24 54.90
C VAL E 891 78.21 46.61 56.13
N ILE E 892 78.72 45.44 56.52
CA ILE E 892 78.06 44.65 57.54
C ILE E 892 78.83 44.52 58.85
N PRO E 893 78.41 45.27 59.87
CA PRO E 893 78.70 45.01 61.29
C PRO E 893 77.56 44.29 62.01
N GLY E 894 77.75 44.05 63.31
CA GLY E 894 76.66 43.70 64.21
C GLY E 894 76.34 44.91 65.06
N THR E 895 75.24 44.87 65.81
CA THR E 895 74.86 46.02 66.63
C THR E 895 75.74 46.24 67.86
N ALA E 896 75.83 45.22 68.71
CA ALA E 896 76.53 45.34 69.99
C ALA E 896 78.06 45.19 69.87
N ALA E 897 78.51 44.45 68.87
CA ALA E 897 79.93 44.21 68.67
C ALA E 897 80.65 45.48 68.25
N VAL E 898 79.90 46.41 67.68
CA VAL E 898 80.45 47.68 67.19
C VAL E 898 81.12 48.49 68.30
N ALA E 899 80.56 48.44 69.50
CA ALA E 899 81.13 49.13 70.66
C ALA E 899 82.56 48.69 70.92
N GLY E 900 82.81 47.40 70.71
CA GLY E 900 84.14 46.85 70.89
C GLY E 900 85.07 47.16 69.75
N ILE E 901 84.55 47.83 68.72
CA ILE E 901 85.36 48.21 67.57
C ILE E 901 85.74 49.68 67.63
N THR E 902 87.00 49.95 67.92
CA THR E 902 87.51 51.31 67.98
C THR E 902 88.81 51.44 67.17
N ARG E 903 89.83 50.71 67.59
CA ARG E 903 91.14 50.75 66.94
C ARG E 903 91.06 50.37 65.46
N VAL E 904 91.63 51.21 64.60
CA VAL E 904 91.59 50.99 63.16
C VAL E 904 92.92 50.45 62.63
N ASP E 905 92.84 49.53 61.66
CA ASP E 905 94.02 48.91 61.06
C ASP E 905 94.91 48.22 62.09
N GLU E 906 94.29 47.66 63.13
CA GLU E 906 94.99 46.90 64.14
C GLU E 906 95.11 45.44 63.68
N PRO E 907 96.34 44.95 63.53
CA PRO E 907 96.62 43.60 63.00
C PRO E 907 95.79 42.50 63.65
N VAL E 908 95.39 41.51 62.86
CA VAL E 908 94.60 40.38 63.35
C VAL E 908 95.28 39.69 64.53
N GLY E 909 96.59 39.50 64.41
CA GLY E 909 97.37 38.86 65.45
C GLY E 909 97.31 39.59 66.78
N GLU E 910 97.16 40.91 66.72
CA GLU E 910 97.07 41.72 67.93
C GLU E 910 95.71 41.58 68.62
N LEU E 911 94.65 41.65 67.82
CA LEU E 911 93.29 41.55 68.35
C LEU E 911 93.02 40.20 69.00
N LEU E 912 93.37 39.13 68.30
CA LEU E 912 93.12 37.78 68.78
C LEU E 912 93.97 37.44 70.00
N ASP E 913 95.21 37.94 70.02
CA ASP E 913 96.07 37.77 71.18
C ASP E 913 95.58 38.60 72.36
N ARG E 914 95.11 39.81 72.07
CA ARG E 914 94.54 40.70 73.08
C ARG E 914 93.44 40.00 73.84
N PHE E 915 92.66 39.20 73.13
CA PHE E 915 91.62 38.39 73.74
C PHE E 915 92.24 37.35 74.65
N GLU E 916 93.17 36.58 74.12
CA GLU E 916 93.78 35.47 74.84
C GLU E 916 94.64 35.94 76.02
N GLN E 917 95.43 36.99 75.79
CA GLN E 917 96.38 37.46 76.80
C GLN E 917 95.68 38.04 78.04
N ALA E 918 94.59 38.78 77.84
CA ALA E 918 93.87 39.38 78.95
C ALA E 918 92.93 38.37 79.61
N ALA E 919 92.58 37.32 78.87
CA ALA E 919 91.80 36.23 79.44
C ALA E 919 92.68 35.38 80.34
N VAL E 920 93.95 35.25 79.96
CA VAL E 920 94.93 34.54 80.76
C VAL E 920 95.18 35.26 82.08
N ASP E 921 95.41 36.57 81.99
CA ASP E 921 95.70 37.38 83.18
C ASP E 921 94.57 37.34 84.21
N GLU E 922 93.33 37.44 83.74
CA GLU E 922 92.17 37.40 84.62
C GLU E 922 92.05 36.05 85.29
N VAL E 923 92.31 34.99 84.52
CA VAL E 923 92.29 33.63 85.05
C VAL E 923 93.48 33.39 85.97
N LEU E 924 94.64 33.92 85.60
CA LEU E 924 95.85 33.78 86.39
C LEU E 924 95.70 34.42 87.77
N GLY E 925 95.37 35.71 87.79
CA GLY E 925 95.33 36.50 89.01
C GLY E 925 94.53 35.92 90.16
N ALA E 926 93.29 35.53 89.90
CA ALA E 926 92.39 35.08 90.95
C ALA E 926 92.60 33.62 91.34
N GLY E 927 92.20 32.71 90.47
CA GLY E 927 92.27 31.28 90.77
C GLY E 927 93.67 30.72 90.77
N ALA E 928 94.42 31.00 89.71
CA ALA E 928 95.75 30.45 89.53
C ALA E 928 96.79 31.11 90.43
N GLU E 929 96.80 32.43 90.44
CA GLU E 929 97.75 33.23 91.23
C GLU E 929 99.20 32.88 90.90
N PRO E 930 99.62 33.26 89.70
CA PRO E 930 100.94 32.88 89.16
C PRO E 930 101.08 31.37 89.15
N VAL E 931 100.29 30.73 88.30
CA VAL E 931 100.20 29.27 88.26
C VAL E 931 101.49 28.61 87.80
N GLU E 932 101.63 27.32 88.12
CA GLU E 932 102.75 26.53 87.64
C GLU E 932 102.69 26.44 86.12
N VAL E 933 101.48 26.49 85.57
CA VAL E 933 101.28 26.42 84.13
C VAL E 933 101.79 27.67 83.42
N LEU E 934 101.61 28.83 84.04
CA LEU E 934 102.06 30.09 83.45
C LEU E 934 103.57 30.24 83.60
N SER E 935 104.10 29.80 84.73
CA SER E 935 105.53 29.88 85.00
C SER E 935 106.30 28.88 84.13
N ARG E 936 105.70 27.71 83.93
CA ARG E 936 106.31 26.66 83.12
C ARG E 936 106.48 27.11 81.68
N ARG E 937 105.58 28.00 81.24
CA ARG E 937 105.57 28.48 79.86
C ARG E 937 106.76 29.41 79.54
N GLN E 938 106.95 30.43 80.37
CA GLN E 938 108.06 31.35 80.19
C GLN E 938 109.40 30.64 80.39
N ALA E 939 109.36 29.55 81.14
CA ALA E 939 110.54 28.71 81.37
C ALA E 939 110.60 27.49 80.45
N ARG E 940 109.61 27.38 79.56
CA ARG E 940 109.51 26.26 78.62
C ARG E 940 109.36 24.88 79.26
N ARG E 941 108.23 24.64 79.89
CA ARG E 941 107.85 23.30 80.34
C ARG E 941 106.46 22.97 79.78
N ASP E 942 106.12 21.69 79.72
CA ASP E 942 105.03 21.24 78.86
C ASP E 942 103.96 20.34 79.47
N ALA E 943 102.86 20.20 78.73
CA ALA E 943 101.88 19.15 78.95
C ALA E 943 101.89 18.30 77.68
N SER E 944 101.53 17.02 77.82
CA SER E 944 101.53 16.09 76.70
C SER E 944 102.90 15.96 76.04
N GLY E 945 103.82 15.26 76.70
CA GLY E 945 105.16 15.05 76.17
C GLY E 945 105.15 14.10 74.99
N PRO E 946 106.33 13.60 74.59
CA PRO E 946 106.48 12.79 73.38
C PRO E 946 105.57 11.56 73.34
N LEU E 947 105.43 10.87 74.47
CA LEU E 947 104.59 9.68 74.54
C LEU E 947 103.11 10.02 74.33
N ALA E 948 102.68 11.14 74.89
CA ALA E 948 101.28 11.56 74.78
C ALA E 948 100.96 12.07 73.39
N VAL E 949 101.85 12.91 72.85
CA VAL E 949 101.67 13.50 71.52
C VAL E 949 101.39 12.44 70.45
N VAL E 950 102.08 11.31 70.55
CA VAL E 950 101.87 10.19 69.63
C VAL E 950 100.44 9.68 69.72
N LEU E 951 99.90 9.64 70.94
CA LEU E 951 98.57 9.10 71.18
C LEU E 951 97.48 10.17 71.13
N ASP E 952 97.90 11.43 70.99
CA ASP E 952 96.94 12.54 71.01
C ASP E 952 96.54 13.02 69.62
N ALA E 953 97.47 13.64 68.91
CA ALA E 953 97.17 14.23 67.60
C ALA E 953 96.78 13.18 66.57
N PRO E 954 95.56 13.31 66.03
CA PRO E 954 95.03 12.40 65.00
C PRO E 954 95.71 12.56 63.64
N ASP E 955 96.34 13.72 63.41
CA ASP E 955 96.98 14.02 62.12
C ASP E 955 98.50 13.73 62.14
N VAL E 956 98.97 12.95 61.15
CA VAL E 956 100.39 12.67 60.99
C VAL E 956 100.87 13.28 59.68
N LEU E 957 101.78 14.24 59.77
CA LEU E 957 102.23 14.95 58.58
C LEU E 957 103.40 14.25 57.90
N TRP E 958 103.31 14.12 56.58
CA TRP E 958 104.45 13.69 55.76
C TRP E 958 104.66 14.72 54.65
N ALA E 959 105.81 15.38 54.70
CA ALA E 959 106.08 16.57 53.89
C ALA E 959 105.00 17.64 54.15
N GLY E 960 104.24 17.98 53.11
CA GLY E 960 103.17 18.95 53.24
C GLY E 960 101.80 18.30 53.27
N ARG E 961 101.77 16.97 53.28
CA ARG E 961 100.52 16.22 53.28
C ARG E 961 100.09 15.80 54.67
N MET E 962 98.79 15.79 54.92
CA MET E 962 98.26 15.38 56.21
C MET E 962 97.68 13.96 56.19
N SER E 963 98.09 13.13 57.14
CA SER E 963 97.58 11.77 57.25
C SER E 963 97.01 11.48 58.63
N VAL E 964 96.11 10.50 58.70
CA VAL E 964 95.56 10.04 59.96
C VAL E 964 96.64 9.30 60.77
N ASN E 965 96.54 9.38 62.10
CA ASN E 965 97.45 8.70 63.00
C ASN E 965 97.28 7.19 62.91
N PRO E 966 98.36 6.48 62.52
CA PRO E 966 98.32 5.02 62.39
C PRO E 966 98.16 4.33 63.73
N VAL E 967 98.60 5.01 64.80
CA VAL E 967 98.50 4.47 66.14
C VAL E 967 97.04 4.25 66.54
N HIS E 968 96.15 5.11 66.02
CA HIS E 968 94.72 4.92 66.23
C HIS E 968 94.31 3.52 65.75
N ARG E 969 94.85 3.13 64.59
CA ARG E 969 94.62 1.78 64.07
C ARG E 969 95.69 0.80 64.54
N ILE E 970 96.77 1.32 65.12
CA ILE E 970 97.77 0.46 65.75
C ILE E 970 97.43 0.07 67.18
N ALA E 971 96.93 1.02 67.97
CA ALA E 971 96.68 0.79 69.40
C ALA E 971 95.72 -0.37 69.68
N ALA E 972 94.43 -0.15 69.39
CA ALA E 972 93.41 -1.17 69.65
C ALA E 972 93.45 -2.42 68.76
N PRO E 973 93.48 -2.26 67.42
CA PRO E 973 93.42 -3.44 66.55
C PRO E 973 94.62 -4.40 66.69
N THR E 974 95.70 -3.94 67.30
CA THR E 974 96.86 -4.81 67.53
C THR E 974 96.50 -5.99 68.43
N GLU E 975 96.93 -7.18 68.02
CA GLU E 975 96.68 -8.38 68.82
C GLU E 975 97.54 -8.33 70.08
N TRP E 976 98.84 -8.10 69.91
CA TRP E 976 99.73 -7.87 71.04
C TRP E 976 100.31 -6.46 71.02
N GLN E 977 99.86 -5.63 71.97
CA GLN E 977 100.36 -4.27 72.08
C GLN E 977 101.18 -4.11 73.35
N VAL E 978 102.31 -3.42 73.24
CA VAL E 978 103.22 -3.29 74.37
C VAL E 978 103.68 -1.85 74.59
N ARG E 979 103.52 -1.38 75.82
CA ARG E 979 104.06 -0.10 76.24
C ARG E 979 105.23 -0.33 77.18
N GLU E 980 106.43 -0.04 76.70
CA GLU E 980 107.64 -0.33 77.47
C GLU E 980 108.07 0.85 78.33
N GLY E 981 108.33 0.58 79.61
CA GLY E 981 108.77 1.59 80.56
C GLY E 981 107.85 2.81 80.59
N SER E 982 106.65 2.61 81.12
CA SER E 982 105.62 3.65 81.15
C SER E 982 106.04 4.93 81.86
N ASP E 983 106.25 4.83 83.17
CA ASP E 983 106.51 6.01 84.00
C ASP E 983 107.79 6.75 83.64
N ASN E 984 108.72 6.06 82.98
CA ASN E 984 109.96 6.70 82.53
C ASN E 984 109.82 7.19 81.09
N ARG E 985 109.89 8.50 80.92
CA ARG E 985 109.60 9.14 79.64
C ARG E 985 110.65 8.88 78.56
N SER E 986 111.92 9.04 78.91
CA SER E 986 113.01 8.91 77.95
C SER E 986 113.09 7.54 77.31
N ALA E 987 112.82 6.50 78.09
CA ALA E 987 112.91 5.13 77.62
C ALA E 987 111.58 4.58 77.14
N SER E 988 110.55 5.42 77.13
CA SER E 988 109.19 4.99 76.76
C SER E 988 109.11 4.42 75.35
N HIS E 989 108.50 3.25 75.22
CA HIS E 989 108.34 2.60 73.91
C HIS E 989 106.97 1.94 73.76
N PRO E 990 106.32 2.20 72.63
CA PRO E 990 105.01 1.61 72.36
C PRO E 990 105.03 0.75 71.09
N SER E 991 104.91 -0.56 71.26
CA SER E 991 105.04 -1.49 70.14
C SER E 991 103.78 -2.34 69.92
N THR E 992 103.66 -2.94 68.74
CA THR E 992 102.46 -3.68 68.37
C THR E 992 102.75 -4.95 67.57
N GLY E 993 101.75 -5.85 67.49
CA GLY E 993 101.89 -7.09 66.73
C GLY E 993 101.75 -6.83 65.22
N ALA E 994 101.36 -5.61 64.86
CA ALA E 994 101.32 -5.20 63.47
C ALA E 994 102.75 -4.91 63.01
N ARG E 995 103.66 -5.03 63.97
CA ARG E 995 105.05 -4.62 63.85
C ARG E 995 105.14 -3.12 63.59
N LEU E 996 104.76 -2.34 64.60
CA LEU E 996 104.99 -0.90 64.61
C LEU E 996 105.40 -0.45 66.00
N GLU E 997 106.56 0.19 66.11
CA GLU E 997 107.07 0.59 67.42
C GLU E 997 107.46 2.06 67.46
N VAL E 998 107.21 2.71 68.59
CA VAL E 998 107.50 4.14 68.73
C VAL E 998 108.40 4.46 69.92
N ALA E 999 109.40 5.30 69.68
CA ALA E 999 110.35 5.69 70.71
C ALA E 999 110.88 7.08 70.41
N ASP E 1000 111.51 7.72 71.40
CA ASP E 1000 112.06 9.05 71.21
C ASP E 1000 113.57 9.02 71.00
N ASP E 1001 114.06 9.84 70.08
CA ASP E 1001 115.50 9.93 69.81
C ASP E 1001 115.89 11.38 69.56
N GLN E 1002 117.08 11.77 70.00
CA GLN E 1002 117.57 13.14 69.83
C GLN E 1002 116.57 14.17 70.34
N HIS E 1003 116.16 14.02 71.59
CA HIS E 1003 115.18 14.91 72.21
C HIS E 1003 113.84 14.93 71.47
N VAL E 1004 113.48 16.10 70.95
CA VAL E 1004 112.16 16.35 70.38
C VAL E 1004 111.73 15.40 69.26
N VAL E 1005 112.69 14.73 68.63
CA VAL E 1005 112.37 13.83 67.53
C VAL E 1005 111.76 12.51 68.03
N LEU E 1006 110.56 12.19 67.55
CA LEU E 1006 109.88 10.96 67.90
C LEU E 1006 110.00 9.92 66.79
N SER E 1007 110.50 8.73 67.14
CA SER E 1007 110.79 7.71 66.13
C SER E 1007 109.80 6.55 66.11
N VAL E 1008 109.01 6.47 65.06
CA VAL E 1008 108.06 5.39 64.87
C VAL E 1008 108.63 4.35 63.91
N PRO E 1009 108.77 3.12 64.39
CA PRO E 1009 109.40 2.08 63.60
C PRO E 1009 108.45 0.92 63.29
N LEU E 1010 108.09 0.79 62.02
CA LEU E 1010 107.19 -0.26 61.58
C LEU E 1010 107.97 -1.25 60.73
N SER E 1011 107.56 -2.52 60.73
CA SER E 1011 108.34 -3.53 60.02
C SER E 1011 107.47 -4.58 59.32
N GLY E 1012 107.93 -5.04 58.16
CA GLY E 1012 107.26 -6.13 57.45
C GLY E 1012 108.22 -7.30 57.36
N THR E 1013 107.82 -8.44 57.93
CA THR E 1013 108.71 -9.59 58.08
C THR E 1013 109.97 -9.20 58.85
N TRP E 1014 111.13 -9.33 58.22
CA TRP E 1014 112.41 -9.07 58.88
C TRP E 1014 112.98 -7.67 58.64
N ILE E 1015 112.28 -6.84 57.86
CA ILE E 1015 112.78 -5.51 57.49
C ILE E 1015 111.98 -4.38 58.15
N GLU E 1016 112.69 -3.37 58.66
CA GLU E 1016 112.06 -2.28 59.43
C GLU E 1016 111.91 -0.94 58.70
N ILE E 1017 110.85 -0.21 59.02
CA ILE E 1017 110.60 1.13 58.45
C ILE E 1017 110.54 2.18 59.56
N ARG E 1018 111.39 3.19 59.49
CA ARG E 1018 111.45 4.21 60.55
C ARG E 1018 110.94 5.57 60.08
N PHE E 1019 110.38 6.34 61.01
CA PHE E 1019 109.91 7.70 60.73
C PHE E 1019 110.25 8.66 61.87
N THR E 1020 110.18 9.96 61.60
CA THR E 1020 110.62 10.97 62.58
C THR E 1020 109.71 12.20 62.60
N LEU E 1021 109.47 12.73 63.80
CA LEU E 1021 108.59 13.90 63.96
C LEU E 1021 109.32 15.07 64.63
N THR E 1022 108.77 16.27 64.51
CA THR E 1022 109.34 17.46 65.16
C THR E 1022 108.25 18.42 65.65
N ASP E 1023 108.34 18.87 66.89
CA ASP E 1023 107.26 19.66 67.46
C ASP E 1023 107.62 21.10 67.83
N VAL E 1024 106.97 22.05 67.16
CA VAL E 1024 107.06 23.46 67.51
C VAL E 1024 105.67 23.97 67.90
N VAL E 1025 105.50 24.27 69.18
CA VAL E 1025 104.17 24.60 69.70
C VAL E 1025 103.86 26.10 69.72
N ARG E 1026 104.76 26.90 69.17
CA ARG E 1026 104.48 28.32 68.97
C ARG E 1026 103.23 28.46 68.11
N SER E 1027 103.12 27.59 67.11
CA SER E 1027 101.91 27.48 66.32
C SER E 1027 101.04 26.36 66.90
N GLY E 1028 99.91 26.74 67.48
CA GLY E 1028 99.03 25.79 68.13
C GLY E 1028 98.29 24.91 67.15
N GLY E 1029 97.94 25.47 66.00
CA GLY E 1029 97.26 24.72 64.96
C GLY E 1029 98.20 23.78 64.24
N ALA E 1030 99.50 24.01 64.43
CA ALA E 1030 100.51 23.15 63.86
C ALA E 1030 101.48 22.67 64.95
N PRO E 1031 100.97 21.89 65.92
CA PRO E 1031 101.85 21.43 66.99
C PRO E 1031 102.87 20.42 66.45
N ILE E 1032 102.48 19.70 65.41
CA ILE E 1032 103.32 18.69 64.81
C ILE E 1032 103.67 19.03 63.36
N VAL E 1033 104.97 19.10 63.08
CA VAL E 1033 105.47 19.21 61.73
C VAL E 1033 106.57 18.17 61.54
N GLU E 1034 106.45 17.32 60.54
CA GLU E 1034 107.31 16.15 60.46
C GLU E 1034 108.32 16.19 59.30
N VAL E 1035 109.42 15.48 59.51
CA VAL E 1035 110.67 15.64 58.76
C VAL E 1035 110.53 15.61 57.23
N ASP E 1036 111.19 16.56 56.58
CA ASP E 1036 111.15 16.71 55.13
C ASP E 1036 111.92 15.61 54.40
N ASP E 1037 112.65 14.81 55.18
CA ASP E 1037 113.46 13.74 54.60
C ASP E 1037 112.64 12.48 54.35
N ALA E 1038 111.35 12.57 54.65
CA ALA E 1038 110.43 11.43 54.54
C ALA E 1038 110.48 10.73 53.19
N ALA E 1039 110.37 11.51 52.11
CA ALA E 1039 110.38 10.96 50.76
C ALA E 1039 111.64 10.15 50.48
N THR E 1040 112.80 10.70 50.83
CA THR E 1040 114.06 10.01 50.65
C THR E 1040 114.18 8.85 51.64
N ALA E 1041 113.61 9.04 52.82
CA ALA E 1041 113.64 8.00 53.85
C ALA E 1041 112.76 6.81 53.47
N MET E 1042 111.63 7.09 52.84
CA MET E 1042 110.74 6.03 52.37
C MET E 1042 111.41 5.20 51.27
N ARG E 1043 112.17 5.87 50.41
CA ARG E 1043 112.84 5.21 49.29
C ARG E 1043 113.86 4.17 49.75
N ALA E 1044 114.69 4.54 50.72
CA ALA E 1044 115.70 3.64 51.25
C ALA E 1044 115.08 2.37 51.84
N VAL E 1045 113.88 2.52 52.40
CA VAL E 1045 113.17 1.39 52.97
C VAL E 1045 112.69 0.44 51.86
N LEU E 1046 112.09 1.01 50.83
CA LEU E 1046 111.58 0.21 49.72
C LEU E 1046 112.71 -0.44 48.94
N ALA E 1047 113.83 0.26 48.84
CA ALA E 1047 114.98 -0.23 48.08
C ALA E 1047 115.56 -1.49 48.69
N ILE E 1048 115.59 -1.56 50.02
CA ILE E 1048 116.09 -2.73 50.72
C ILE E 1048 115.19 -3.94 50.49
N ALA E 1049 113.88 -3.72 50.63
CA ALA E 1049 112.91 -4.81 50.47
C ALA E 1049 112.75 -5.25 49.01
N ALA E 1050 112.49 -4.30 48.12
CA ALA E 1050 112.23 -4.61 46.72
C ALA E 1050 113.36 -5.36 46.02
N GLY E 1051 114.47 -4.66 45.76
CA GLY E 1051 115.57 -5.25 45.01
C GLY E 1051 116.55 -6.05 45.84
N VAL E 1052 116.72 -5.65 47.10
CA VAL E 1052 117.71 -6.25 48.01
C VAL E 1052 119.09 -6.20 47.37
N GLU E 1053 119.28 -5.21 46.48
CA GLU E 1053 120.48 -5.07 45.67
C GLU E 1053 120.73 -6.33 44.82
N GLY E 1054 119.69 -7.14 44.63
CA GLY E 1054 119.85 -8.37 43.87
C GLY E 1054 120.05 -8.16 42.40
N PRO E 1055 119.05 -7.60 41.71
CA PRO E 1055 119.25 -7.06 40.37
C PRO E 1055 119.99 -5.73 40.46
N GLU E 1056 121.02 -5.52 39.67
CA GLU E 1056 121.62 -4.20 39.64
C GLU E 1056 122.02 -3.68 38.27
N ASN E 1057 121.38 -2.58 37.89
CA ASN E 1057 121.82 -1.72 36.80
C ASN E 1057 121.54 -0.34 37.35
N LEU E 1058 122.29 0.67 36.91
CA LEU E 1058 122.13 2.00 37.52
C LEU E 1058 121.75 3.09 36.53
N PRO E 1059 120.57 2.97 35.90
CA PRO E 1059 120.09 4.03 35.01
C PRO E 1059 119.42 5.18 35.76
N LYS E 1060 119.48 6.37 35.20
CA LYS E 1060 118.54 7.43 35.53
C LYS E 1060 117.25 7.07 34.79
N VAL E 1061 116.11 7.64 35.21
CA VAL E 1061 114.82 7.26 34.64
C VAL E 1061 114.78 7.23 33.12
N VAL E 1062 115.46 8.18 32.49
CA VAL E 1062 115.52 8.23 31.02
C VAL E 1062 116.39 7.10 30.49
N ASP E 1063 117.47 6.81 31.20
CA ASP E 1063 118.39 5.74 30.83
C ASP E 1063 117.69 4.38 30.90
N ASN E 1064 118.02 3.50 29.96
CA ASN E 1064 117.39 2.19 29.85
C ASN E 1064 117.60 1.31 31.08
N THR E 1065 116.54 0.60 31.46
CA THR E 1065 116.60 -0.37 32.54
C THR E 1065 116.68 -1.78 31.96
N ALA E 1066 117.77 -2.48 32.22
CA ALA E 1066 118.00 -3.77 31.59
C ALA E 1066 117.72 -4.97 32.49
N THR E 1067 117.02 -5.95 31.94
CA THR E 1067 116.80 -7.21 32.63
C THR E 1067 117.75 -8.24 32.05
N VAL E 1068 118.68 -8.71 32.87
CA VAL E 1068 119.84 -9.48 32.41
C VAL E 1068 119.48 -10.72 31.58
N THR E 1069 118.99 -11.77 32.23
CA THR E 1069 118.68 -13.02 31.52
C THR E 1069 117.52 -13.77 32.17
N VAL E 1070 116.65 -14.35 31.33
CA VAL E 1070 115.42 -14.99 31.82
C VAL E 1070 115.09 -16.32 31.11
N ASP E 1071 114.88 -17.35 31.92
CA ASP E 1071 114.61 -18.69 31.39
C ASP E 1071 113.28 -19.25 31.90
N TRP E 1072 112.51 -19.84 30.98
CA TRP E 1072 111.15 -20.27 31.24
C TRP E 1072 111.10 -21.80 31.40
N ASP E 1073 110.88 -22.26 32.63
CA ASP E 1073 110.78 -23.68 32.92
C ASP E 1073 109.36 -24.17 32.66
N PRO E 1074 109.20 -25.47 32.35
CA PRO E 1074 107.86 -26.03 32.12
C PRO E 1074 106.96 -25.92 33.35
N GLU E 1075 107.56 -25.85 34.53
CA GLU E 1075 106.81 -25.77 35.78
C GLU E 1075 106.33 -24.34 36.04
N ARG E 1076 107.00 -23.37 35.42
CA ARG E 1076 106.54 -21.99 35.50
C ARG E 1076 105.37 -21.80 34.55
N VAL E 1077 105.28 -22.67 33.54
CA VAL E 1077 104.14 -22.68 32.63
C VAL E 1077 102.92 -23.19 33.38
N ALA E 1078 103.12 -24.29 34.10
CA ALA E 1078 102.03 -24.95 34.81
C ALA E 1078 101.45 -24.08 35.92
N ASP E 1079 102.34 -23.54 36.77
CA ASP E 1079 101.92 -22.73 37.91
C ASP E 1079 101.02 -21.56 37.51
N HIS E 1080 101.39 -20.87 36.43
CA HIS E 1080 100.59 -19.74 35.95
C HIS E 1080 99.27 -20.19 35.36
N THR E 1081 99.32 -21.23 34.52
CA THR E 1081 98.12 -21.77 33.90
C THR E 1081 97.22 -22.44 34.94
N GLY E 1082 97.81 -22.84 36.06
CA GLY E 1082 97.05 -23.43 37.15
C GLY E 1082 96.52 -22.39 38.12
N VAL E 1083 97.23 -21.27 38.21
CA VAL E 1083 96.82 -20.16 39.07
C VAL E 1083 95.51 -19.57 38.55
N THR E 1084 95.41 -19.45 37.24
CA THR E 1084 94.17 -19.02 36.61
C THR E 1084 93.65 -20.11 35.69
N ALA E 1085 92.48 -20.67 36.03
CA ALA E 1085 91.93 -21.80 35.29
C ALA E 1085 90.47 -21.58 34.92
N THR E 1086 90.06 -22.16 33.79
CA THR E 1086 88.66 -22.12 33.39
C THR E 1086 88.22 -23.45 32.78
N PHE E 1087 87.12 -24.00 33.29
CA PHE E 1087 86.61 -25.29 32.83
C PHE E 1087 85.13 -25.30 32.43
N GLY E 1088 84.25 -24.93 33.35
CA GLY E 1088 82.82 -24.99 33.17
C GLY E 1088 82.34 -24.48 31.82
N ALA E 1089 82.94 -23.39 31.36
CA ALA E 1089 82.85 -23.01 29.95
C ALA E 1089 83.93 -23.80 29.23
N PRO E 1090 83.59 -24.45 28.11
CA PRO E 1090 84.46 -25.48 27.54
C PRO E 1090 85.80 -24.91 27.08
N LEU E 1091 86.66 -24.62 28.05
CA LEU E 1091 87.91 -23.90 27.80
C LEU E 1091 89.15 -24.79 27.94
N ALA E 1092 90.00 -24.76 26.92
CA ALA E 1092 91.21 -25.58 26.89
C ALA E 1092 92.45 -24.76 26.55
N PRO E 1093 93.16 -24.26 27.57
CA PRO E 1093 94.37 -23.45 27.35
C PRO E 1093 95.48 -24.24 26.67
N THR E 1094 96.01 -23.68 25.58
CA THR E 1094 97.15 -24.28 24.89
C THR E 1094 98.11 -23.22 24.37
N LEU E 1095 99.38 -23.36 24.75
CA LEU E 1095 100.49 -22.56 24.23
C LEU E 1095 101.73 -22.97 24.99
N THR E 1096 102.91 -22.69 24.44
CA THR E 1096 104.14 -22.89 25.17
C THR E 1096 104.27 -21.84 26.26
N VAL E 1097 104.15 -20.58 25.87
CA VAL E 1097 104.12 -19.48 26.84
C VAL E 1097 102.99 -18.51 26.53
N VAL E 1098 102.03 -18.41 27.43
CA VAL E 1098 100.94 -17.45 27.32
C VAL E 1098 101.54 -16.05 27.35
N PRO E 1099 101.07 -15.15 26.47
CA PRO E 1099 101.59 -13.78 26.43
C PRO E 1099 101.42 -13.03 27.75
N ASP E 1100 100.56 -13.53 28.62
CA ASP E 1100 100.40 -12.98 29.96
C ASP E 1100 101.67 -13.20 30.78
N ALA E 1101 102.40 -14.27 30.48
CA ALA E 1101 103.61 -14.61 31.23
C ALA E 1101 104.72 -13.59 31.05
N LEU E 1102 104.56 -12.69 30.10
CA LEU E 1102 105.53 -11.64 29.86
C LEU E 1102 105.69 -10.71 31.07
N VAL E 1103 104.58 -10.44 31.75
CA VAL E 1103 104.58 -9.47 32.85
C VAL E 1103 105.43 -9.92 34.04
N GLY E 1104 105.59 -11.23 34.22
CA GLY E 1104 106.38 -11.75 35.31
C GLY E 1104 107.86 -11.50 35.12
N ARG E 1105 108.29 -11.42 33.87
CA ARG E 1105 109.69 -11.25 33.53
C ARG E 1105 110.11 -9.77 33.62
N CYS E 1106 109.20 -8.89 33.25
CA CYS E 1106 109.50 -7.47 33.14
C CYS E 1106 109.19 -6.67 34.40
N TRP E 1107 108.51 -7.29 35.35
CA TRP E 1107 108.09 -6.59 36.58
C TRP E 1107 109.20 -5.92 37.40
N PRO E 1108 110.26 -6.68 37.77
CA PRO E 1108 111.22 -6.07 38.71
C PRO E 1108 111.99 -4.90 38.10
N ALA E 1109 112.09 -4.86 36.78
CA ALA E 1109 112.80 -3.77 36.11
C ALA E 1109 111.97 -2.50 36.01
N VAL E 1110 110.68 -2.63 35.68
CA VAL E 1110 109.80 -1.48 35.50
C VAL E 1110 109.74 -0.57 36.74
N PHE E 1111 109.66 -1.19 37.92
CA PHE E 1111 109.51 -0.45 39.17
C PHE E 1111 110.64 0.54 39.45
N ALA E 1112 111.83 0.23 38.95
CA ALA E 1112 113.01 1.05 39.20
C ALA E 1112 112.91 2.46 38.62
N ALA E 1113 112.03 2.64 37.65
CA ALA E 1113 111.91 3.92 36.95
C ALA E 1113 110.98 4.90 37.66
N ILE E 1114 110.34 4.43 38.74
CA ILE E 1114 109.33 5.24 39.43
C ILE E 1114 109.89 6.50 40.12
N GLY E 1115 111.20 6.55 40.32
CA GLY E 1115 111.80 7.73 40.91
C GLY E 1115 113.21 8.00 40.39
N SER E 1116 113.63 9.25 40.47
CA SER E 1116 114.83 9.71 39.75
C SER E 1116 115.14 11.19 39.95
N ALA E 1117 116.24 11.63 39.35
CA ALA E 1117 116.64 13.03 39.35
C ALA E 1117 115.69 13.88 38.49
N ALA E 1118 115.17 13.29 37.41
CA ALA E 1118 114.18 13.97 36.59
C ALA E 1118 112.91 14.13 37.42
N THR E 1119 112.69 13.20 38.33
CA THR E 1119 111.63 13.34 39.32
C THR E 1119 112.06 14.35 40.37
N GLU E 1120 113.37 14.48 40.58
CA GLU E 1120 113.86 15.45 41.55
C GLU E 1120 113.77 16.89 41.03
N ALA E 1121 114.10 17.06 39.75
CA ALA E 1121 114.00 18.38 39.11
C ALA E 1121 112.57 18.95 39.11
N GLY E 1122 111.68 18.31 38.36
CA GLY E 1122 110.34 18.84 38.13
C GLY E 1122 109.26 18.42 39.10
N PHE E 1123 109.53 17.38 39.89
CA PHE E 1123 108.56 16.88 40.85
C PHE E 1123 109.12 17.15 42.26
N PRO E 1124 108.23 17.25 43.27
CA PRO E 1124 108.61 17.28 44.68
C PRO E 1124 109.25 15.97 45.13
N VAL E 1125 109.14 14.94 44.28
CA VAL E 1125 109.55 13.57 44.60
C VAL E 1125 108.72 13.04 45.77
N ILE E 1126 107.45 13.45 45.82
CA ILE E 1126 106.56 12.92 46.85
C ILE E 1126 105.71 11.82 46.26
N GLU E 1127 106.04 10.59 46.64
CA GLU E 1127 105.28 9.44 46.18
C GLU E 1127 105.05 8.48 47.33
N GLY E 1128 103.79 8.30 47.72
CA GLY E 1128 103.43 7.17 48.55
C GLY E 1128 103.39 5.95 47.66
N LEU E 1129 104.01 4.86 48.09
CA LEU E 1129 103.99 3.63 47.31
C LEU E 1129 102.66 2.92 47.50
N LEU E 1130 102.03 3.18 48.65
CA LEU E 1130 100.71 2.64 48.95
C LEU E 1130 99.66 3.34 48.09
N SER E 1131 99.98 4.55 47.63
CA SER E 1131 99.08 5.33 46.80
C SER E 1131 99.25 5.01 45.32
N LEU E 1132 100.14 4.07 45.01
CA LEU E 1132 100.39 3.68 43.63
C LEU E 1132 99.16 3.01 43.02
N VAL E 1133 98.79 3.45 41.82
CA VAL E 1133 97.63 2.92 41.13
C VAL E 1133 97.98 2.49 39.72
N HIS E 1134 97.62 1.26 39.37
CA HIS E 1134 97.88 0.74 38.03
C HIS E 1134 96.74 1.13 37.09
N LEU E 1135 97.08 1.86 36.03
CA LEU E 1135 96.08 2.35 35.09
C LEU E 1135 95.80 1.34 33.97
N ASP E 1136 96.79 1.14 33.11
CA ASP E 1136 96.63 0.27 31.96
C ASP E 1136 97.80 -0.69 31.79
N HIS E 1137 97.54 -1.83 31.17
CA HIS E 1137 98.58 -2.79 30.83
C HIS E 1137 98.28 -3.43 29.48
N ALA E 1138 99.29 -3.52 28.63
CA ALA E 1138 99.10 -4.06 27.28
C ALA E 1138 100.36 -4.75 26.77
N ALA E 1139 100.16 -5.78 25.95
CA ALA E 1139 101.29 -6.48 25.35
C ALA E 1139 101.16 -6.48 23.82
N ARG E 1140 102.08 -5.78 23.17
CA ARG E 1140 102.08 -5.74 21.71
C ARG E 1140 103.16 -6.64 21.14
N LEU E 1141 102.78 -7.45 20.16
CA LEU E 1141 103.72 -8.39 19.55
C LEU E 1141 104.41 -7.81 18.32
N LEU E 1142 105.68 -8.18 18.17
CA LEU E 1142 106.49 -7.79 17.03
C LEU E 1142 106.32 -8.80 15.90
N ALA E 1143 105.30 -9.64 16.04
CA ALA E 1143 104.98 -10.79 15.19
C ALA E 1143 105.64 -12.08 15.65
N GLU E 1144 106.44 -11.99 16.71
CA GLU E 1144 107.00 -13.17 17.35
C GLU E 1144 106.22 -13.54 18.61
N LEU E 1145 106.09 -14.83 18.86
CA LEU E 1145 105.41 -15.34 20.04
C LEU E 1145 106.41 -16.05 20.94
N PRO E 1146 106.18 -16.02 22.26
CA PRO E 1146 107.09 -16.69 23.20
C PRO E 1146 107.00 -18.21 23.08
N LYS E 1147 108.12 -18.89 23.29
CA LYS E 1147 108.18 -20.34 23.13
C LYS E 1147 108.88 -21.03 24.30
N GLU E 1148 109.07 -22.34 24.15
CA GLU E 1148 109.81 -23.17 25.10
C GLU E 1148 111.32 -22.81 25.09
N PRO E 1149 112.21 -23.69 25.58
CA PRO E 1149 113.29 -23.35 26.51
C PRO E 1149 114.14 -22.11 26.20
N ALA E 1150 114.07 -21.58 24.98
CA ALA E 1150 114.85 -20.41 24.60
C ALA E 1150 114.76 -19.27 25.63
N GLU E 1151 115.93 -18.71 25.95
CA GLU E 1151 116.06 -17.73 27.02
C GLU E 1151 115.63 -16.32 26.60
N PHE E 1152 115.11 -15.56 27.55
CA PHE E 1152 114.67 -14.20 27.29
C PHE E 1152 115.57 -13.16 27.98
N THR E 1153 115.69 -11.98 27.37
CA THR E 1153 116.29 -10.82 28.05
C THR E 1153 115.45 -9.57 27.78
N VAL E 1154 115.08 -8.86 28.84
CA VAL E 1154 114.10 -7.76 28.76
C VAL E 1154 114.73 -6.37 28.94
N THR E 1155 114.20 -5.39 28.22
CA THR E 1155 114.61 -4.00 28.40
C THR E 1155 113.42 -3.11 28.74
N ALA E 1156 113.55 -2.32 29.81
CA ALA E 1156 112.48 -1.42 30.22
C ALA E 1156 112.90 0.03 30.10
N LYS E 1157 112.04 0.85 29.47
CA LYS E 1157 112.29 2.27 29.35
C LYS E 1157 111.05 3.09 29.73
N ALA E 1158 111.26 4.25 30.33
CA ALA E 1158 110.15 5.14 30.64
C ALA E 1158 109.97 6.12 29.49
N SER E 1159 108.86 5.98 28.77
CA SER E 1159 108.59 6.83 27.62
C SER E 1159 108.33 8.26 28.05
N ALA E 1160 107.57 8.42 29.13
CA ALA E 1160 107.27 9.74 29.66
C ALA E 1160 107.03 9.68 31.17
N ALA E 1161 107.21 10.81 31.84
CA ALA E 1161 106.84 10.94 33.24
C ALA E 1161 105.83 12.06 33.36
N THR E 1162 104.59 11.71 33.69
CA THR E 1162 103.51 12.69 33.66
C THR E 1162 102.86 12.91 35.02
N ASP E 1163 102.24 14.07 35.18
CA ASP E 1163 101.43 14.36 36.35
C ASP E 1163 100.00 14.66 35.93
N THR E 1164 99.04 14.33 36.78
CA THR E 1164 97.63 14.52 36.48
C THR E 1164 96.93 15.22 37.62
N GLU E 1165 95.70 15.66 37.37
CA GLU E 1165 94.86 16.25 38.40
C GLU E 1165 94.71 15.28 39.58
N VAL E 1166 94.68 13.99 39.27
CA VAL E 1166 94.59 12.96 40.30
C VAL E 1166 95.96 12.48 40.77
N GLY E 1167 97.02 12.84 40.05
CA GLY E 1167 98.35 12.48 40.48
C GLY E 1167 99.42 12.26 39.42
N ARG E 1168 100.53 11.63 39.82
CA ARG E 1168 101.68 11.41 38.95
C ARG E 1168 101.57 10.11 38.17
N VAL E 1169 101.83 10.17 36.87
CA VAL E 1169 101.70 9.00 36.00
C VAL E 1169 102.99 8.71 35.22
N VAL E 1170 103.43 7.46 35.24
CA VAL E 1170 104.65 7.06 34.56
C VAL E 1170 104.44 5.88 33.60
N PRO E 1171 104.16 6.18 32.33
CA PRO E 1171 104.11 5.15 31.29
C PRO E 1171 105.46 4.48 31.08
N VAL E 1172 105.47 3.14 31.05
CA VAL E 1172 106.72 2.40 30.90
C VAL E 1172 106.67 1.45 29.71
N SER E 1173 107.64 1.58 28.82
CA SER E 1173 107.74 0.70 27.66
C SER E 1173 108.72 -0.43 27.93
N VAL E 1174 108.37 -1.63 27.49
CA VAL E 1174 109.18 -2.81 27.77
C VAL E 1174 109.40 -3.67 26.52
N GLU E 1175 110.65 -4.06 26.28
CA GLU E 1175 110.99 -4.88 25.11
C GLU E 1175 111.56 -6.23 25.51
N VAL E 1176 110.86 -7.30 25.15
CA VAL E 1176 111.31 -8.65 25.49
C VAL E 1176 112.01 -9.31 24.31
N ARG E 1177 113.22 -9.81 24.56
CA ARG E 1177 114.04 -10.39 23.50
C ARG E 1177 114.47 -11.82 23.80
N ASN E 1178 114.47 -12.65 22.76
CA ASN E 1178 114.99 -14.02 22.87
C ASN E 1178 116.51 -14.01 22.89
N ALA E 1179 117.09 -14.55 23.96
CA ALA E 1179 118.55 -14.58 24.14
C ALA E 1179 119.29 -15.28 23.00
N ALA E 1180 119.06 -16.57 22.85
CA ALA E 1180 119.76 -17.39 21.86
C ALA E 1180 119.66 -16.85 20.44
N ASP E 1181 118.47 -16.41 20.06
CA ASP E 1181 118.24 -15.87 18.73
C ASP E 1181 118.73 -14.43 18.59
N GLY E 1182 118.53 -13.64 19.65
CA GLY E 1182 118.96 -12.25 19.66
C GLY E 1182 118.08 -11.32 18.85
N ALA E 1183 116.77 -11.44 19.04
CA ALA E 1183 115.81 -10.56 18.38
C ALA E 1183 114.70 -10.14 19.34
N LEU E 1184 114.02 -9.05 19.03
CA LEU E 1184 112.98 -8.54 19.92
C LEU E 1184 111.64 -9.18 19.62
N LEU E 1185 111.14 -9.98 20.56
CA LEU E 1185 109.89 -10.72 20.37
C LEU E 1185 108.64 -9.90 20.61
N ALA E 1186 108.61 -9.14 21.72
CA ALA E 1186 107.38 -8.47 22.13
C ALA E 1186 107.61 -7.14 22.83
N THR E 1187 106.57 -6.31 22.84
CA THR E 1187 106.59 -5.04 23.53
C THR E 1187 105.51 -4.99 24.61
N LEU E 1188 105.92 -4.67 25.84
CA LEU E 1188 105.00 -4.60 26.96
C LEU E 1188 104.83 -3.16 27.43
N GLU E 1189 103.58 -2.75 27.67
CA GLU E 1189 103.29 -1.38 28.06
C GLU E 1189 102.61 -1.28 29.42
N GLU E 1190 103.16 -0.47 30.31
CA GLU E 1190 102.59 -0.26 31.64
C GLU E 1190 102.52 1.22 31.99
N ARG E 1191 101.41 1.62 32.61
CA ARG E 1191 101.25 3.00 33.07
C ARG E 1191 100.76 3.04 34.52
N PHE E 1192 101.56 3.65 35.39
CA PHE E 1192 101.28 3.63 36.83
C PHE E 1192 100.88 5.01 37.31
N ALA E 1193 100.07 5.06 38.37
CA ALA E 1193 99.61 6.33 38.91
C ALA E 1193 99.92 6.51 40.39
N ILE E 1194 100.79 7.47 40.69
CA ILE E 1194 100.99 7.95 42.05
C ILE E 1194 100.13 9.19 42.18
N ARG E 1195 99.40 9.35 43.29
CA ARG E 1195 98.35 10.35 43.33
C ARG E 1195 98.65 11.73 43.94
N GLY E 1196 99.86 11.92 44.47
CA GLY E 1196 100.17 13.16 45.19
C GLY E 1196 100.97 14.25 44.45
N ARG E 1197 101.37 14.02 43.20
CA ARG E 1197 102.40 14.86 42.59
C ARG E 1197 102.01 15.71 41.37
N THR E 1198 102.79 16.77 41.14
CA THR E 1198 102.64 17.64 39.98
C THR E 1198 104.01 17.88 39.35
N GLY E 1199 104.03 18.26 38.07
CA GLY E 1199 105.31 18.41 37.36
C GLY E 1199 105.30 19.30 36.13
N ALA E 1200 106.50 19.75 35.74
CA ALA E 1200 106.72 20.45 34.48
C ALA E 1200 107.24 19.49 33.40
N ALA E 1201 107.34 18.21 33.74
CA ALA E 1201 107.87 17.21 32.81
C ALA E 1201 106.87 16.88 31.72
N GLU E 1202 105.79 16.21 32.09
CA GLU E 1202 104.68 15.96 31.18
C GLU E 1202 103.36 16.24 31.90
N LEU E 1203 102.54 17.10 31.31
CA LEU E 1203 101.31 17.51 31.96
C LEU E 1203 100.07 16.89 31.31
N THR E 1204 99.23 16.28 32.13
CA THR E 1204 97.97 15.72 31.66
C THR E 1204 96.90 16.09 32.68
N ASP E 1205 95.72 16.45 32.20
CA ASP E 1205 94.63 16.70 33.14
C ASP E 1205 93.77 15.44 33.27
N PRO E 1206 92.92 15.20 32.28
CA PRO E 1206 92.26 13.91 32.13
C PRO E 1206 92.89 13.05 31.04
N VAL E 1207 93.90 13.58 30.36
CA VAL E 1207 94.27 13.09 29.03
C VAL E 1207 95.30 11.97 29.00
N ARG E 1208 94.85 10.79 28.58
CA ARG E 1208 95.73 9.70 28.17
C ARG E 1208 94.96 8.82 27.19
N ALA E 1209 95.65 8.26 26.20
CA ALA E 1209 94.98 7.43 25.20
C ALA E 1209 95.89 6.35 24.63
N GLY E 1210 95.31 5.18 24.37
CA GLY E 1210 96.03 4.07 23.79
C GLY E 1210 95.12 3.28 22.86
N GLY E 1211 95.70 2.67 21.82
CA GLY E 1211 94.91 1.91 20.87
C GLY E 1211 95.70 0.77 20.24
N ALA E 1212 95.01 -0.34 19.97
CA ALA E 1212 95.59 -1.42 19.18
C ALA E 1212 95.11 -1.25 17.75
N ILE E 1213 96.02 -0.89 16.86
CA ILE E 1213 95.65 -0.56 15.48
C ILE E 1213 96.37 -1.43 14.46
N SER E 1214 95.74 -1.59 13.30
CA SER E 1214 96.28 -2.42 12.24
C SER E 1214 95.97 -1.82 10.87
N ASP E 1215 96.80 -2.15 9.88
CA ASP E 1215 96.68 -1.56 8.54
C ASP E 1215 95.36 -1.88 7.85
N ASN E 1216 95.07 -3.17 7.69
CA ASN E 1216 93.84 -3.58 7.02
C ASN E 1216 92.77 -3.98 8.03
N ALA E 1217 91.57 -3.42 7.87
CA ALA E 1217 90.51 -3.65 8.86
C ALA E 1217 89.15 -3.94 8.22
N THR E 1218 88.36 -4.77 8.90
CA THR E 1218 86.98 -5.02 8.51
C THR E 1218 86.08 -4.76 9.71
N ASP E 1219 84.84 -4.37 9.45
CA ASP E 1219 83.90 -4.02 10.51
C ASP E 1219 82.83 -5.10 10.67
N THR E 1220 82.46 -5.40 11.91
CA THR E 1220 81.43 -6.39 12.16
C THR E 1220 80.34 -5.86 13.09
N PRO E 1221 79.42 -6.75 13.48
CA PRO E 1221 78.32 -6.39 14.36
C PRO E 1221 78.52 -7.11 15.68
N ARG E 1222 77.95 -6.55 16.75
CA ARG E 1222 78.12 -7.11 18.09
C ARG E 1222 77.63 -8.55 18.18
N ARG E 1223 78.50 -9.45 18.63
CA ARG E 1223 78.15 -10.86 18.76
C ARG E 1223 78.49 -11.39 20.15
N ARG E 1224 77.46 -11.80 20.89
CA ARG E 1224 77.66 -12.35 22.22
C ARG E 1224 78.32 -13.72 22.11
N ARG E 1225 79.43 -13.88 22.81
CA ARG E 1225 80.19 -15.11 22.77
C ARG E 1225 80.01 -15.96 24.04
N ARG E 1226 80.53 -15.47 25.16
CA ARG E 1226 80.47 -16.25 26.40
C ARG E 1226 80.05 -15.44 27.62
N ASP E 1227 79.37 -16.12 28.54
CA ASP E 1227 79.05 -15.59 29.86
C ASP E 1227 79.98 -16.27 30.85
N VAL E 1228 80.87 -15.51 31.47
CA VAL E 1228 81.94 -16.12 32.27
C VAL E 1228 81.76 -15.95 33.77
N THR E 1229 82.13 -16.98 34.51
CA THR E 1229 82.11 -16.90 35.97
C THR E 1229 83.50 -17.18 36.50
N VAL E 1230 84.09 -16.19 37.16
CA VAL E 1230 85.45 -16.29 37.64
C VAL E 1230 85.56 -15.97 39.12
N GLY E 1231 86.16 -16.88 39.88
CA GLY E 1231 86.43 -16.66 41.28
C GLY E 1231 87.77 -16.02 41.48
N ALA E 1232 87.86 -15.17 42.51
CA ALA E 1232 89.15 -14.58 42.90
C ALA E 1232 89.80 -15.52 43.91
N PRO E 1233 91.14 -15.53 43.95
CA PRO E 1233 91.84 -16.44 44.87
C PRO E 1233 91.54 -16.13 46.33
N VAL E 1234 91.76 -17.09 47.20
CA VAL E 1234 91.53 -16.91 48.63
C VAL E 1234 92.56 -15.95 49.21
N ASP E 1235 93.83 -16.16 48.87
CA ASP E 1235 94.90 -15.27 49.29
C ASP E 1235 95.69 -14.76 48.08
N MET E 1236 96.27 -13.57 48.20
CA MET E 1236 97.00 -12.95 47.10
C MET E 1236 98.48 -13.30 47.09
N ARG E 1237 98.95 -13.93 48.15
CA ARG E 1237 100.34 -14.36 48.24
C ARG E 1237 100.82 -15.33 47.14
N PRO E 1238 99.98 -16.31 46.74
CA PRO E 1238 100.40 -17.20 45.64
C PRO E 1238 100.81 -16.46 44.37
N PHE E 1239 100.04 -15.46 43.96
CA PHE E 1239 100.37 -14.69 42.77
C PHE E 1239 101.57 -13.77 43.04
N ALA E 1240 101.68 -13.32 44.28
CA ALA E 1240 102.76 -12.43 44.68
C ALA E 1240 104.12 -13.10 44.55
N VAL E 1241 104.15 -14.41 44.79
CA VAL E 1241 105.38 -15.17 44.70
C VAL E 1241 105.86 -15.32 43.25
N VAL E 1242 104.93 -15.67 42.37
CA VAL E 1242 105.26 -15.92 40.97
C VAL E 1242 105.56 -14.63 40.21
N SER E 1243 104.67 -13.64 40.36
CA SER E 1243 104.82 -12.38 39.64
C SER E 1243 106.01 -11.56 40.11
N GLY E 1244 106.30 -11.66 41.41
CA GLY E 1244 107.39 -10.90 41.99
C GLY E 1244 106.92 -9.57 42.53
N ASP E 1245 105.63 -9.46 42.79
CA ASP E 1245 105.06 -8.26 43.36
C ASP E 1245 104.84 -8.49 44.85
N HIS E 1246 105.68 -7.86 45.67
CA HIS E 1246 105.66 -8.05 47.10
C HIS E 1246 104.89 -6.97 47.87
N ASN E 1247 104.21 -6.11 47.13
CA ASN E 1247 103.48 -4.98 47.71
C ASN E 1247 102.56 -5.44 48.84
N PRO E 1248 102.78 -4.90 50.06
CA PRO E 1248 102.06 -5.28 51.28
C PRO E 1248 100.56 -4.99 51.21
N ILE E 1249 100.16 -4.15 50.27
CA ILE E 1249 98.75 -3.82 50.06
C ILE E 1249 97.91 -5.08 49.84
N HIS E 1250 98.42 -5.99 49.01
CA HIS E 1250 97.68 -7.19 48.65
C HIS E 1250 97.83 -8.32 49.67
N THR E 1251 98.80 -8.16 50.57
CA THR E 1251 99.09 -9.21 51.55
C THR E 1251 98.79 -8.78 52.98
N ASP E 1252 99.63 -7.90 53.53
CA ASP E 1252 99.47 -7.43 54.90
C ASP E 1252 98.21 -6.59 55.05
N ARG E 1253 97.43 -6.87 56.08
CA ARG E 1253 96.18 -6.15 56.30
C ARG E 1253 96.43 -4.78 56.93
N ALA E 1254 97.56 -4.64 57.61
CA ALA E 1254 97.90 -3.39 58.27
C ALA E 1254 98.28 -2.31 57.25
N ALA E 1255 98.91 -2.73 56.16
CA ALA E 1255 99.31 -1.81 55.10
C ALA E 1255 98.12 -1.46 54.21
N ALA E 1256 97.21 -2.42 54.03
CA ALA E 1256 96.02 -2.21 53.23
C ALA E 1256 95.07 -1.24 53.92
N LEU E 1257 94.97 -1.35 55.24
CA LEU E 1257 94.12 -0.46 56.03
C LEU E 1257 94.71 0.93 56.16
N LEU E 1258 96.04 1.00 56.21
CA LEU E 1258 96.74 2.28 56.32
C LEU E 1258 96.59 3.09 55.04
N ALA E 1259 96.43 2.39 53.91
CA ALA E 1259 96.29 3.03 52.62
C ALA E 1259 94.83 3.40 52.35
N GLY E 1260 93.96 3.08 53.31
CA GLY E 1260 92.54 3.38 53.17
C GLY E 1260 91.89 2.55 52.08
N LEU E 1261 92.02 1.23 52.18
CA LEU E 1261 91.50 0.33 51.17
C LEU E 1261 90.44 -0.60 51.74
N GLU E 1262 89.61 -1.15 50.86
CA GLU E 1262 88.53 -2.05 51.27
C GLU E 1262 89.06 -3.32 51.94
N GLY E 1263 90.32 -3.63 51.68
CA GLY E 1263 90.96 -4.79 52.26
C GLY E 1263 92.21 -5.20 51.49
N PRO E 1264 92.63 -6.46 51.64
CA PRO E 1264 93.78 -6.97 50.88
C PRO E 1264 93.42 -7.17 49.41
N ILE E 1265 93.39 -6.06 48.67
CA ILE E 1265 92.94 -6.04 47.28
C ILE E 1265 93.65 -7.08 46.41
N VAL E 1266 92.86 -7.79 45.60
CA VAL E 1266 93.40 -8.72 44.62
C VAL E 1266 94.31 -7.98 43.65
N HIS E 1267 95.43 -8.59 43.30
CA HIS E 1267 96.32 -8.02 42.29
C HIS E 1267 95.54 -7.78 41.01
N GLY E 1268 95.62 -6.56 40.50
CA GLY E 1268 95.03 -6.23 39.22
C GLY E 1268 95.68 -7.05 38.14
N MET E 1269 96.94 -7.41 38.36
CA MET E 1269 97.69 -8.22 37.43
C MET E 1269 97.18 -9.66 37.36
N TRP E 1270 96.69 -10.18 38.48
CA TRP E 1270 96.12 -11.52 38.48
C TRP E 1270 94.84 -11.52 37.65
N LEU E 1271 93.99 -10.52 37.89
CA LEU E 1271 92.75 -10.33 37.14
C LEU E 1271 93.06 -10.23 35.64
N SER E 1272 94.11 -9.48 35.32
CA SER E 1272 94.54 -9.30 33.94
C SER E 1272 94.77 -10.63 33.25
N ALA E 1273 95.43 -11.55 33.95
CA ALA E 1273 95.65 -12.89 33.42
C ALA E 1273 94.41 -13.75 33.60
N ALA E 1274 93.54 -13.33 34.51
CA ALA E 1274 92.31 -14.07 34.79
C ALA E 1274 91.29 -13.94 33.68
N ALA E 1275 90.97 -12.71 33.29
CA ALA E 1275 90.03 -12.46 32.22
C ALA E 1275 90.64 -12.85 30.87
N GLN E 1276 91.96 -12.75 30.78
CA GLN E 1276 92.67 -13.07 29.55
C GLN E 1276 92.60 -14.55 29.24
N HIS E 1277 92.88 -15.37 30.25
CA HIS E 1277 92.87 -16.82 30.12
C HIS E 1277 91.54 -17.34 29.57
N VAL E 1278 90.46 -16.61 29.86
CA VAL E 1278 89.15 -16.93 29.31
C VAL E 1278 89.06 -16.56 27.84
N VAL E 1279 89.45 -15.33 27.51
CA VAL E 1279 89.49 -14.86 26.14
C VAL E 1279 90.47 -15.71 25.36
N THR E 1280 91.52 -16.14 26.06
CA THR E 1280 92.49 -17.08 25.52
C THR E 1280 91.78 -18.34 25.04
N ALA E 1281 91.05 -18.98 25.95
CA ALA E 1281 90.39 -20.25 25.66
C ALA E 1281 89.01 -20.21 24.97
N THR E 1282 88.25 -19.13 25.15
CA THR E 1282 86.86 -19.13 24.67
C THR E 1282 86.72 -18.78 23.19
N ASP E 1283 86.88 -17.49 22.88
CA ASP E 1283 86.80 -17.03 21.50
C ASP E 1283 88.04 -17.54 20.78
N GLY E 1284 89.09 -17.73 21.57
CA GLY E 1284 90.31 -18.34 21.09
C GLY E 1284 90.11 -19.81 20.79
N LYS E 1285 89.20 -20.45 21.52
CA LYS E 1285 88.86 -21.84 21.24
C LYS E 1285 90.03 -22.74 21.68
N PRO E 1286 89.91 -24.08 21.57
CA PRO E 1286 91.04 -24.94 21.94
C PRO E 1286 92.40 -24.53 21.36
N VAL E 1287 92.42 -23.62 20.38
CA VAL E 1287 93.68 -23.07 19.87
C VAL E 1287 93.84 -21.57 20.16
N PRO E 1288 94.29 -21.22 21.39
CA PRO E 1288 94.84 -19.89 21.69
C PRO E 1288 96.25 -19.50 21.21
N PRO E 1289 97.19 -20.46 21.02
CA PRO E 1289 98.60 -20.05 20.99
C PRO E 1289 99.03 -19.05 19.92
N ALA E 1290 98.65 -19.27 18.67
CA ALA E 1290 99.04 -18.39 17.58
C ALA E 1290 97.96 -17.38 17.26
N LYS E 1291 96.88 -17.44 18.03
CA LYS E 1291 95.69 -16.64 17.76
C LYS E 1291 95.70 -15.25 18.38
N LEU E 1292 95.81 -15.15 19.70
CA LEU E 1292 95.86 -13.83 20.31
C LEU E 1292 97.25 -13.26 20.06
N ILE E 1293 97.29 -12.17 19.30
CA ILE E 1293 98.54 -11.47 19.05
C ILE E 1293 98.70 -10.22 19.91
N GLY E 1294 97.69 -9.94 20.73
CA GLY E 1294 97.76 -8.81 21.64
C GLY E 1294 96.57 -8.71 22.57
N TRP E 1295 96.76 -8.04 23.69
CA TRP E 1295 95.68 -7.84 24.66
C TRP E 1295 95.90 -6.54 25.44
N THR E 1296 94.81 -5.85 25.74
CA THR E 1296 94.89 -4.68 26.59
C THR E 1296 93.91 -4.79 27.75
N ALA E 1297 94.27 -4.21 28.89
CA ALA E 1297 93.45 -4.34 30.09
C ALA E 1297 93.35 -3.02 30.87
N ARG E 1298 92.13 -2.63 31.19
CA ARG E 1298 91.91 -1.44 32.01
C ARG E 1298 91.23 -1.80 33.32
N PHE E 1299 91.79 -1.37 34.43
CA PHE E 1299 91.22 -1.68 35.74
C PHE E 1299 90.29 -0.55 36.17
N LEU E 1300 88.99 -0.83 36.18
CA LEU E 1300 87.98 0.16 36.53
C LEU E 1300 87.81 0.30 38.04
N GLY E 1301 87.86 -0.82 38.76
CA GLY E 1301 87.63 -0.81 40.18
C GLY E 1301 88.39 -1.88 40.95
N MET E 1302 88.46 -1.71 42.27
CA MET E 1302 89.22 -2.61 43.14
C MET E 1302 88.48 -3.93 43.39
N VAL E 1303 89.24 -4.99 43.66
CA VAL E 1303 88.67 -6.33 43.89
C VAL E 1303 89.18 -7.02 45.16
N LYS E 1304 88.26 -7.48 45.99
CA LYS E 1304 88.60 -8.24 47.20
C LYS E 1304 88.63 -9.74 46.92
N PRO E 1305 89.52 -10.48 47.60
CA PRO E 1305 89.60 -11.94 47.48
C PRO E 1305 88.27 -12.62 47.84
N GLY E 1306 88.02 -13.80 47.28
CA GLY E 1306 86.74 -14.47 47.46
C GLY E 1306 85.64 -13.72 46.72
N ASP E 1307 85.92 -13.40 45.46
CA ASP E 1307 85.03 -12.57 44.66
C ASP E 1307 84.49 -13.33 43.46
N GLN E 1308 83.17 -13.36 43.31
CA GLN E 1308 82.55 -13.95 42.14
C GLN E 1308 82.30 -12.88 41.09
N VAL E 1309 83.04 -12.95 40.00
CA VAL E 1309 83.01 -11.91 38.98
C VAL E 1309 82.50 -12.44 37.65
N ASP E 1310 81.62 -11.68 37.00
CA ASP E 1310 81.07 -12.11 35.72
C ASP E 1310 81.63 -11.34 34.53
N PHE E 1311 82.29 -12.06 33.62
CA PHE E 1311 82.89 -11.46 32.44
C PHE E 1311 82.06 -11.80 31.20
N ARG E 1312 82.05 -10.89 30.23
CA ARG E 1312 81.39 -11.12 28.95
C ARG E 1312 82.23 -10.65 27.77
N VAL E 1313 82.63 -11.56 26.89
CA VAL E 1313 83.39 -11.19 25.69
C VAL E 1313 82.48 -11.19 24.47
N ASP E 1314 82.60 -10.17 23.63
CA ASP E 1314 81.83 -10.09 22.41
C ASP E 1314 82.77 -9.92 21.22
N ARG E 1315 82.29 -10.25 20.03
CA ARG E 1315 83.05 -10.03 18.80
C ARG E 1315 82.57 -8.73 18.15
N VAL E 1316 83.49 -7.79 17.95
CA VAL E 1316 83.16 -6.43 17.50
C VAL E 1316 83.54 -6.18 16.05
N GLY E 1317 84.83 -6.26 15.76
CA GLY E 1317 85.35 -5.93 14.46
C GLY E 1317 86.62 -6.69 14.15
N ILE E 1318 87.22 -6.39 13.00
CA ILE E 1318 88.41 -7.12 12.53
C ILE E 1318 89.57 -6.19 12.21
N ASP E 1319 90.76 -6.55 12.69
CA ASP E 1319 91.99 -5.84 12.39
C ASP E 1319 93.06 -6.81 11.90
N VAL E 1320 93.64 -6.47 10.75
CA VAL E 1320 94.69 -7.25 10.09
C VAL E 1320 94.37 -8.75 9.96
N GLY E 1321 93.10 -9.05 9.77
CA GLY E 1321 92.65 -10.43 9.66
C GLY E 1321 92.47 -11.07 11.03
N ALA E 1322 92.72 -10.30 12.08
CA ALA E 1322 92.55 -10.77 13.45
C ALA E 1322 91.31 -10.16 14.06
N GLU E 1323 90.43 -11.01 14.60
CA GLU E 1323 89.20 -10.56 15.23
C GLU E 1323 89.50 -9.75 16.49
N VAL E 1324 88.75 -8.66 16.69
CA VAL E 1324 88.87 -7.92 17.94
C VAL E 1324 87.77 -8.38 18.90
N LEU E 1325 88.10 -8.49 20.17
CA LEU E 1325 87.19 -9.04 21.16
C LEU E 1325 87.12 -8.15 22.39
N GLU E 1326 85.94 -7.60 22.68
CA GLU E 1326 85.79 -6.68 23.81
C GLU E 1326 85.23 -7.39 25.03
N VAL E 1327 85.79 -7.07 26.20
CA VAL E 1327 85.43 -7.73 27.44
C VAL E 1327 85.03 -6.73 28.52
N SER E 1328 83.89 -6.97 29.16
CA SER E 1328 83.43 -6.15 30.27
C SER E 1328 83.31 -7.02 31.52
N ALA E 1329 83.55 -6.43 32.69
CA ALA E 1329 83.53 -7.19 33.93
C ALA E 1329 82.60 -6.59 34.97
N ARG E 1330 81.83 -7.45 35.63
CA ARG E 1330 80.91 -6.98 36.67
C ARG E 1330 80.90 -7.89 37.90
N ILE E 1331 81.10 -7.30 39.07
CA ILE E 1331 80.78 -7.96 40.32
C ILE E 1331 79.51 -7.29 40.81
N GLY E 1332 78.39 -8.01 40.73
CA GLY E 1332 77.10 -7.39 40.95
C GLY E 1332 76.93 -6.26 39.95
N SER E 1333 76.65 -5.07 40.46
CA SER E 1333 76.45 -3.89 39.60
C SER E 1333 77.76 -3.21 39.17
N GLU E 1334 78.83 -3.44 39.91
CA GLU E 1334 80.07 -2.68 39.71
C GLU E 1334 80.90 -3.15 38.51
N LEU E 1335 81.29 -2.20 37.66
CA LEU E 1335 82.24 -2.48 36.59
C LEU E 1335 83.64 -2.62 37.16
N VAL E 1336 84.38 -3.61 36.67
CA VAL E 1336 85.67 -3.96 37.24
C VAL E 1336 86.80 -3.85 36.22
N MET E 1337 86.72 -4.66 35.17
CA MET E 1337 87.73 -4.60 34.12
C MET E 1337 87.14 -4.34 32.75
N ALA E 1338 87.81 -3.47 32.00
CA ALA E 1338 87.52 -3.28 30.59
C ALA E 1338 88.69 -3.87 29.80
N ALA E 1339 88.43 -4.91 29.02
CA ALA E 1339 89.49 -5.58 28.27
C ALA E 1339 89.17 -5.72 26.78
N THR E 1340 90.21 -5.72 25.97
CA THR E 1340 90.07 -5.84 24.51
C THR E 1340 91.24 -6.63 23.92
N ALA E 1341 90.96 -7.54 22.99
CA ALA E 1341 92.01 -8.40 22.45
C ALA E 1341 91.95 -8.60 20.94
N ARG E 1342 93.13 -8.77 20.34
CA ARG E 1342 93.24 -9.10 18.92
C ARG E 1342 93.47 -10.59 18.76
N LEU E 1343 92.54 -11.27 18.10
CA LEU E 1343 92.60 -12.72 17.98
C LEU E 1343 92.49 -13.18 16.53
N ALA E 1344 93.40 -14.05 16.12
CA ALA E 1344 93.32 -14.67 14.80
C ALA E 1344 92.12 -15.61 14.78
N ALA E 1345 91.53 -15.79 13.61
CA ALA E 1345 90.38 -16.67 13.45
C ALA E 1345 90.82 -18.12 13.56
N PRO E 1346 89.88 -19.04 13.83
CA PRO E 1346 90.21 -20.46 13.75
C PRO E 1346 90.76 -20.79 12.37
N LYS E 1347 91.91 -21.46 12.33
CA LYS E 1347 92.68 -21.60 11.09
C LYS E 1347 91.91 -22.25 9.95
N THR E 1348 91.99 -21.63 8.78
CA THR E 1348 91.18 -22.01 7.64
C THR E 1348 91.96 -22.75 6.56
N VAL E 1349 91.36 -23.81 6.03
CA VAL E 1349 91.93 -24.56 4.92
C VAL E 1349 90.99 -24.45 3.71
N TYR E 1350 91.52 -23.97 2.59
CA TYR E 1350 90.69 -23.69 1.42
C TYR E 1350 90.78 -24.76 0.34
N ALA E 1351 89.65 -25.01 -0.34
CA ALA E 1351 89.61 -25.94 -1.45
C ALA E 1351 88.75 -25.39 -2.58
N PHE E 1352 89.21 -25.54 -3.81
CA PHE E 1352 88.49 -25.02 -4.97
C PHE E 1352 87.96 -26.12 -5.86
N PRO E 1353 86.62 -26.24 -5.94
CA PRO E 1353 85.87 -27.29 -6.61
C PRO E 1353 86.10 -27.35 -8.12
N GLY E 1354 85.72 -28.47 -8.72
CA GLY E 1354 85.85 -28.65 -10.15
C GLY E 1354 84.58 -28.30 -10.91
N GLN E 1355 84.56 -28.68 -12.18
CA GLN E 1355 83.45 -28.38 -13.09
C GLN E 1355 82.20 -29.23 -12.85
N GLY E 1356 81.07 -28.77 -13.37
CA GLY E 1356 79.84 -29.53 -13.38
C GLY E 1356 78.69 -29.08 -12.48
N ILE E 1357 79.00 -28.27 -11.47
CA ILE E 1357 77.95 -27.72 -10.60
C ILE E 1357 77.60 -26.28 -10.99
N GLN E 1358 78.28 -25.77 -12.01
CA GLN E 1358 78.09 -24.39 -12.45
C GLN E 1358 76.63 -24.09 -12.82
N HIS E 1359 76.16 -22.91 -12.40
CA HIS E 1359 74.77 -22.51 -12.61
C HIS E 1359 74.69 -21.14 -13.29
N LYS E 1360 73.57 -20.85 -13.93
CA LYS E 1360 73.38 -19.56 -14.57
C LYS E 1360 73.27 -18.43 -13.55
N GLY E 1361 74.08 -17.39 -13.75
CA GLY E 1361 74.09 -16.25 -12.84
C GLY E 1361 74.81 -16.56 -11.54
N MET E 1362 75.81 -17.43 -11.62
CA MET E 1362 76.56 -17.82 -10.43
C MET E 1362 77.51 -16.72 -9.97
N GLY E 1363 77.39 -16.34 -8.70
CA GLY E 1363 78.21 -15.30 -8.13
C GLY E 1363 77.95 -13.93 -8.73
N MET E 1364 76.82 -13.79 -9.40
CA MET E 1364 76.46 -12.54 -10.06
C MET E 1364 75.91 -11.55 -9.05
N GLU E 1365 75.43 -12.05 -7.92
CA GLU E 1365 74.95 -11.21 -6.84
C GLU E 1365 76.12 -10.50 -6.17
N VAL E 1366 77.23 -11.22 -6.05
CA VAL E 1366 78.45 -10.69 -5.45
C VAL E 1366 79.03 -9.57 -6.31
N ARG E 1367 78.94 -9.74 -7.62
CA ARG E 1367 79.45 -8.75 -8.57
C ARG E 1367 78.75 -7.41 -8.41
N ALA E 1368 77.47 -7.45 -8.05
CA ALA E 1368 76.67 -6.23 -7.92
C ALA E 1368 76.98 -5.49 -6.61
N ARG E 1369 77.59 -6.19 -5.66
CA ARG E 1369 77.87 -5.61 -4.35
C ARG E 1369 79.36 -5.34 -4.14
N SER E 1370 80.16 -6.39 -4.12
CA SER E 1370 81.60 -6.27 -3.87
C SER E 1370 82.34 -5.54 -4.99
N LYS E 1371 83.27 -4.68 -4.60
CA LYS E 1371 84.11 -3.96 -5.55
C LYS E 1371 85.20 -4.88 -6.09
N ALA E 1372 85.74 -5.72 -5.21
CA ALA E 1372 86.80 -6.65 -5.59
C ALA E 1372 86.31 -7.66 -6.62
N ALA E 1373 85.03 -8.02 -6.53
CA ALA E 1373 84.42 -8.96 -7.46
C ALA E 1373 84.30 -8.34 -8.85
N ARG E 1374 83.97 -7.05 -8.89
CA ARG E 1374 83.81 -6.35 -10.16
C ARG E 1374 85.13 -6.24 -10.91
N LYS E 1375 86.19 -5.90 -10.19
CA LYS E 1375 87.52 -5.76 -10.79
C LYS E 1375 87.99 -7.07 -11.39
N VAL E 1376 87.69 -8.17 -10.71
CA VAL E 1376 88.05 -9.49 -11.19
C VAL E 1376 87.27 -9.84 -12.46
N TRP E 1377 85.96 -9.59 -12.43
CA TRP E 1377 85.10 -9.89 -13.57
C TRP E 1377 85.37 -8.99 -14.77
N ASP E 1378 85.38 -7.68 -14.54
CA ASP E 1378 85.52 -6.72 -15.63
C ASP E 1378 86.86 -6.77 -16.35
N SER E 1379 87.94 -6.94 -15.59
CA SER E 1379 89.27 -7.09 -16.19
C SER E 1379 89.31 -8.36 -17.01
N ALA E 1380 88.58 -9.36 -16.56
CA ALA E 1380 88.50 -10.64 -17.23
C ALA E 1380 87.58 -10.56 -18.45
N ASP E 1381 86.46 -9.85 -18.29
CA ASP E 1381 85.47 -9.74 -19.34
C ASP E 1381 85.95 -8.85 -20.49
N LYS E 1382 86.76 -7.84 -20.14
CA LYS E 1382 87.31 -6.93 -21.13
C LYS E 1382 88.31 -7.64 -22.04
N PHE E 1383 89.21 -8.40 -21.44
CA PHE E 1383 90.22 -9.15 -22.17
C PHE E 1383 89.58 -10.13 -23.14
N THR E 1384 88.59 -10.86 -22.66
CA THR E 1384 87.92 -11.88 -23.46
C THR E 1384 87.17 -11.25 -24.63
N ARG E 1385 86.64 -10.05 -24.41
CA ARG E 1385 85.88 -9.33 -25.43
C ARG E 1385 86.79 -8.82 -26.53
N GLU E 1386 87.96 -8.33 -26.15
CA GLU E 1386 88.90 -7.78 -27.12
C GLU E 1386 89.64 -8.86 -27.91
N THR E 1387 90.22 -9.83 -27.20
CA THR E 1387 90.98 -10.89 -27.86
C THR E 1387 90.11 -11.95 -28.57
N LEU E 1388 89.19 -12.55 -27.83
CA LEU E 1388 88.38 -13.65 -28.38
C LEU E 1388 87.01 -13.22 -28.88
N GLY E 1389 86.69 -11.94 -28.68
CA GLY E 1389 85.44 -11.39 -29.19
C GLY E 1389 84.18 -11.84 -28.47
N PHE E 1390 84.30 -12.28 -27.22
CA PHE E 1390 83.12 -12.65 -26.45
C PHE E 1390 83.21 -12.30 -24.96
N SER E 1391 82.06 -12.25 -24.29
CA SER E 1391 82.00 -11.88 -22.88
C SER E 1391 81.54 -13.02 -22.00
N VAL E 1392 82.28 -13.28 -20.93
CA VAL E 1392 81.95 -14.33 -19.98
C VAL E 1392 80.77 -13.90 -19.12
N LEU E 1393 80.64 -12.60 -18.90
CA LEU E 1393 79.55 -12.04 -18.13
C LEU E 1393 78.19 -12.41 -18.72
N HIS E 1394 78.05 -12.23 -20.03
CA HIS E 1394 76.82 -12.55 -20.73
C HIS E 1394 76.49 -14.03 -20.65
N VAL E 1395 77.50 -14.86 -20.86
CA VAL E 1395 77.37 -16.31 -20.81
C VAL E 1395 76.87 -16.77 -19.44
N VAL E 1396 77.45 -16.20 -18.39
CA VAL E 1396 77.05 -16.53 -17.03
C VAL E 1396 75.68 -15.95 -16.69
N ARG E 1397 75.45 -14.70 -17.07
CA ARG E 1397 74.21 -14.01 -16.74
C ARG E 1397 72.99 -14.67 -17.39
N ASP E 1398 73.04 -14.86 -18.70
CA ASP E 1398 71.99 -15.57 -19.42
C ASP E 1398 72.62 -16.63 -20.32
N ASN E 1399 72.18 -17.88 -20.17
CA ASN E 1399 72.78 -19.01 -20.88
C ASN E 1399 72.32 -19.13 -22.33
N PRO E 1400 73.23 -18.89 -23.28
CA PRO E 1400 72.95 -19.02 -24.71
C PRO E 1400 73.02 -20.48 -25.16
N THR E 1401 72.95 -20.72 -26.46
CA THR E 1401 72.90 -22.06 -27.05
C THR E 1401 74.14 -22.29 -27.93
N SER E 1402 74.27 -21.48 -28.97
CA SER E 1402 75.44 -21.52 -29.84
C SER E 1402 76.27 -20.27 -29.67
N LEU E 1403 77.57 -20.39 -29.92
CA LEU E 1403 78.44 -19.22 -29.93
C LEU E 1403 79.53 -19.42 -30.96
N ILE E 1404 79.82 -18.37 -31.71
CA ILE E 1404 80.97 -18.42 -32.61
C ILE E 1404 82.04 -17.51 -32.03
N ALA E 1405 83.25 -18.04 -31.97
CA ALA E 1405 84.38 -17.32 -31.40
C ALA E 1405 85.35 -17.04 -32.53
N SER E 1406 86.53 -16.55 -32.16
CA SER E 1406 87.58 -16.18 -33.12
C SER E 1406 87.80 -17.23 -34.20
N GLY E 1407 88.35 -18.37 -33.82
CA GLY E 1407 88.59 -19.43 -34.78
C GLY E 1407 87.68 -20.62 -34.66
N VAL E 1408 86.80 -20.59 -33.65
CA VAL E 1408 86.05 -21.78 -33.28
C VAL E 1408 84.55 -21.53 -33.19
N HIS E 1409 83.78 -22.58 -33.41
CA HIS E 1409 82.33 -22.54 -33.36
C HIS E 1409 81.79 -23.54 -32.34
N TYR E 1410 81.17 -23.04 -31.28
CA TYR E 1410 80.65 -23.90 -30.23
C TYR E 1410 79.13 -23.90 -30.23
N HIS E 1411 78.54 -25.08 -30.39
CA HIS E 1411 77.10 -25.22 -30.32
C HIS E 1411 76.67 -26.26 -29.29
N HIS E 1412 75.72 -25.90 -28.44
CA HIS E 1412 75.13 -26.83 -27.48
C HIS E 1412 73.62 -26.63 -27.54
N PRO E 1413 72.85 -27.73 -27.48
CA PRO E 1413 71.38 -27.61 -27.42
C PRO E 1413 70.86 -27.02 -26.12
N ASP E 1414 71.59 -27.18 -25.03
CA ASP E 1414 71.16 -26.66 -23.74
C ASP E 1414 71.78 -25.30 -23.45
N GLY E 1415 73.08 -25.29 -23.16
CA GLY E 1415 73.77 -24.04 -22.84
C GLY E 1415 75.27 -24.04 -23.06
N VAL E 1416 75.80 -22.86 -23.33
CA VAL E 1416 77.22 -22.69 -23.58
C VAL E 1416 77.96 -22.58 -22.25
N LEU E 1417 77.22 -22.21 -21.20
CA LEU E 1417 77.81 -22.05 -19.88
C LEU E 1417 78.21 -23.42 -19.35
N PHE E 1418 77.57 -24.44 -19.91
CA PHE E 1418 77.85 -25.82 -19.55
C PHE E 1418 78.87 -26.43 -20.52
N LEU E 1419 79.34 -25.63 -21.47
CA LEU E 1419 80.45 -26.03 -22.34
C LEU E 1419 81.77 -25.68 -21.66
N THR E 1420 82.72 -26.62 -21.70
CA THR E 1420 83.94 -26.54 -20.90
C THR E 1420 84.84 -25.33 -21.17
N GLN E 1421 84.92 -24.91 -22.43
CA GLN E 1421 85.74 -23.76 -22.79
C GLN E 1421 85.25 -22.51 -22.08
N PHE E 1422 83.96 -22.52 -21.76
CA PHE E 1422 83.29 -21.45 -21.04
C PHE E 1422 83.20 -21.77 -19.55
N THR E 1423 82.59 -22.92 -19.25
CA THR E 1423 82.38 -23.40 -17.88
C THR E 1423 83.60 -23.26 -16.98
N GLN E 1424 84.77 -23.65 -17.50
CA GLN E 1424 86.00 -23.54 -16.73
C GLN E 1424 86.33 -22.07 -16.46
N VAL E 1425 86.11 -21.25 -17.48
CA VAL E 1425 86.35 -19.81 -17.37
C VAL E 1425 85.40 -19.18 -16.35
N ALA E 1426 84.13 -19.55 -16.43
CA ALA E 1426 83.12 -19.05 -15.50
C ALA E 1426 83.46 -19.46 -14.07
N MET E 1427 83.73 -20.74 -13.87
CA MET E 1427 84.05 -21.28 -12.56
C MET E 1427 85.28 -20.62 -11.95
N ALA E 1428 86.30 -20.40 -12.76
CA ALA E 1428 87.55 -19.81 -12.31
C ALA E 1428 87.37 -18.36 -11.88
N THR E 1429 86.57 -17.61 -12.63
CA THR E 1429 86.35 -16.20 -12.35
C THR E 1429 85.45 -16.01 -11.13
N VAL E 1430 84.44 -16.87 -11.02
CA VAL E 1430 83.51 -16.84 -9.90
C VAL E 1430 84.25 -16.99 -8.56
N ALA E 1431 85.15 -17.95 -8.51
CA ALA E 1431 85.92 -18.22 -7.29
C ALA E 1431 86.98 -17.16 -7.03
N ALA E 1432 87.67 -16.74 -8.09
CA ALA E 1432 88.73 -15.74 -7.97
C ALA E 1432 88.18 -14.40 -7.46
N ALA E 1433 86.94 -14.10 -7.83
CA ALA E 1433 86.30 -12.87 -7.39
C ALA E 1433 85.83 -12.97 -5.95
N GLN E 1434 85.40 -14.17 -5.55
CA GLN E 1434 84.90 -14.39 -4.20
C GLN E 1434 86.02 -14.34 -3.17
N VAL E 1435 87.18 -14.89 -3.52
CA VAL E 1435 88.33 -14.89 -2.63
C VAL E 1435 88.87 -13.48 -2.47
N ALA E 1436 88.88 -12.72 -3.57
CA ALA E 1436 89.35 -11.34 -3.55
C ALA E 1436 88.55 -10.51 -2.56
N GLU E 1437 87.25 -10.78 -2.47
CA GLU E 1437 86.39 -10.10 -1.51
C GLU E 1437 86.71 -10.55 -0.09
N MET E 1438 86.96 -11.85 0.06
CA MET E 1438 87.35 -12.41 1.35
C MET E 1438 88.70 -11.84 1.79
N ARG E 1439 89.55 -11.57 0.82
CA ARG E 1439 90.86 -10.98 1.09
C ARG E 1439 90.72 -9.50 1.46
N GLU E 1440 89.74 -8.83 0.85
CA GLU E 1440 89.48 -7.43 1.14
C GLU E 1440 88.97 -7.23 2.57
N GLN E 1441 88.24 -8.22 3.07
CA GLN E 1441 87.75 -8.19 4.44
C GLN E 1441 88.81 -8.74 5.39
N GLY E 1442 89.92 -9.20 4.83
CA GLY E 1442 91.03 -9.70 5.61
C GLY E 1442 90.79 -11.07 6.22
N ALA E 1443 89.65 -11.66 5.88
CA ALA E 1443 89.26 -12.96 6.45
C ALA E 1443 90.21 -14.09 6.05
N PHE E 1444 91.07 -13.81 5.08
CA PHE E 1444 92.05 -14.80 4.64
C PHE E 1444 93.20 -14.88 5.64
N VAL E 1445 93.43 -16.08 6.18
CA VAL E 1445 94.49 -16.28 7.15
C VAL E 1445 95.85 -16.49 6.49
N GLU E 1446 96.90 -16.03 7.15
CA GLU E 1446 98.24 -16.02 6.58
C GLU E 1446 98.83 -17.42 6.38
N GLY E 1447 98.32 -18.40 7.14
CA GLY E 1447 98.85 -19.75 7.10
C GLY E 1447 97.97 -20.77 6.40
N ALA E 1448 97.01 -20.30 5.63
CA ALA E 1448 96.02 -21.18 4.99
C ALA E 1448 96.63 -22.13 3.95
N ILE E 1449 96.34 -23.41 4.10
CA ILE E 1449 96.76 -24.44 3.15
C ILE E 1449 95.68 -24.66 2.10
N ALA E 1450 96.05 -24.54 0.82
CA ALA E 1450 95.06 -24.54 -0.26
C ALA E 1450 95.24 -25.67 -1.28
N CYS E 1451 94.13 -26.10 -1.87
CA CYS E 1451 94.14 -27.16 -2.86
C CYS E 1451 92.94 -27.04 -3.78
N GLY E 1452 92.95 -27.75 -4.89
CA GLY E 1452 91.85 -27.71 -5.82
C GLY E 1452 91.61 -29.01 -6.57
N HIS E 1453 90.39 -29.17 -7.06
CA HIS E 1453 90.00 -30.39 -7.77
C HIS E 1453 89.89 -30.11 -9.26
N SER E 1454 90.80 -30.72 -10.03
CA SER E 1454 90.88 -30.50 -11.48
C SER E 1454 91.08 -29.03 -11.83
N VAL E 1455 90.13 -28.47 -12.57
CA VAL E 1455 90.18 -27.09 -13.04
C VAL E 1455 90.23 -26.09 -11.87
N GLY E 1456 89.76 -26.53 -10.71
CA GLY E 1456 89.74 -25.68 -9.53
C GLY E 1456 91.13 -25.40 -8.99
N GLU E 1457 92.08 -26.27 -9.32
CA GLU E 1457 93.46 -26.12 -8.85
C GLU E 1457 94.12 -24.87 -9.42
N TYR E 1458 93.76 -24.53 -10.66
CA TYR E 1458 94.29 -23.32 -11.29
C TYR E 1458 93.79 -22.08 -10.57
N THR E 1459 92.54 -22.13 -10.13
CA THR E 1459 91.95 -21.03 -9.37
C THR E 1459 92.58 -20.97 -7.98
N ALA E 1460 92.87 -22.14 -7.42
CA ALA E 1460 93.50 -22.25 -6.11
C ALA E 1460 94.82 -21.48 -6.07
N LEU E 1461 95.68 -21.77 -7.04
CA LEU E 1461 96.97 -21.09 -7.15
C LEU E 1461 96.80 -19.60 -7.43
N ALA E 1462 95.78 -19.28 -8.22
CA ALA E 1462 95.50 -17.90 -8.60
C ALA E 1462 95.14 -17.06 -7.38
N CYS E 1463 94.20 -17.56 -6.58
CA CYS E 1463 93.70 -16.82 -5.43
C CYS E 1463 94.74 -16.65 -4.33
N VAL E 1464 95.31 -17.76 -3.86
CA VAL E 1464 96.20 -17.70 -2.70
C VAL E 1464 97.61 -17.21 -3.03
N SER E 1465 98.23 -17.75 -4.08
CA SER E 1465 99.61 -17.41 -4.40
C SER E 1465 99.79 -16.36 -5.49
N GLY E 1466 98.69 -15.96 -6.13
CA GLY E 1466 98.73 -15.01 -7.23
C GLY E 1466 99.72 -15.39 -8.31
N VAL E 1467 99.64 -16.63 -8.79
CA VAL E 1467 100.61 -17.16 -9.74
C VAL E 1467 100.37 -16.66 -11.17
N TYR E 1468 99.25 -15.98 -11.40
CA TYR E 1468 98.99 -15.38 -12.69
C TYR E 1468 98.00 -14.22 -12.62
N GLU E 1469 97.99 -13.41 -13.67
CA GLU E 1469 97.05 -12.30 -13.79
C GLU E 1469 95.64 -12.84 -13.96
N LEU E 1470 94.64 -12.00 -13.69
CA LEU E 1470 93.25 -12.38 -13.87
C LEU E 1470 92.96 -12.75 -15.32
N GLU E 1471 93.56 -12.01 -16.25
CA GLU E 1471 93.44 -12.30 -17.67
C GLU E 1471 94.29 -13.51 -18.04
N ALA E 1472 95.40 -13.69 -17.32
CA ALA E 1472 96.30 -14.80 -17.55
C ALA E 1472 95.66 -16.12 -17.12
N LEU E 1473 94.88 -16.07 -16.04
CA LEU E 1473 94.19 -17.24 -15.54
C LEU E 1473 93.12 -17.72 -16.52
N LEU E 1474 92.39 -16.77 -17.09
CA LEU E 1474 91.30 -17.11 -18.01
C LEU E 1474 91.80 -17.49 -19.39
N GLU E 1475 93.09 -17.25 -19.65
CA GLU E 1475 93.69 -17.69 -20.90
C GLU E 1475 93.96 -19.19 -20.86
N VAL E 1476 94.81 -19.60 -19.92
CA VAL E 1476 95.13 -21.01 -19.70
C VAL E 1476 93.89 -21.85 -19.57
N VAL E 1477 92.97 -21.41 -18.71
CA VAL E 1477 91.73 -22.13 -18.43
C VAL E 1477 90.83 -22.28 -19.67
N PHE E 1478 90.74 -21.22 -20.47
CA PHE E 1478 89.96 -21.27 -21.70
C PHE E 1478 90.58 -22.24 -22.70
N HIS E 1479 91.89 -22.12 -22.89
CA HIS E 1479 92.61 -22.98 -23.82
C HIS E 1479 92.61 -24.42 -23.36
N ARG E 1480 92.66 -24.62 -22.04
CA ARG E 1480 92.61 -25.95 -21.45
C ARG E 1480 91.25 -26.59 -21.73
N GLY E 1481 90.22 -25.76 -21.79
CA GLY E 1481 88.89 -26.22 -22.16
C GLY E 1481 88.86 -26.64 -23.62
N SER E 1482 89.35 -25.76 -24.48
CA SER E 1482 89.39 -26.03 -25.92
C SER E 1482 90.30 -27.22 -26.22
N LYS E 1483 91.28 -27.45 -25.34
CA LYS E 1483 92.20 -28.57 -25.49
C LYS E 1483 91.51 -29.88 -25.12
N MET E 1484 90.55 -29.81 -24.22
CA MET E 1484 89.86 -31.02 -23.75
C MET E 1484 88.85 -31.56 -24.76
N HIS E 1485 88.44 -30.72 -25.71
CA HIS E 1485 87.44 -31.12 -26.70
C HIS E 1485 88.00 -31.94 -27.87
N ASP E 1486 89.22 -31.62 -28.30
CA ASP E 1486 89.79 -32.23 -29.50
C ASP E 1486 90.69 -33.44 -29.24
N ILE E 1487 90.80 -33.87 -27.99
CA ILE E 1487 91.75 -34.91 -27.61
C ILE E 1487 91.39 -36.34 -28.00
N VAL E 1488 90.09 -36.66 -28.02
CA VAL E 1488 89.68 -38.06 -28.18
C VAL E 1488 88.86 -38.31 -29.44
N PRO E 1489 89.06 -39.49 -30.07
CA PRO E 1489 88.37 -39.88 -31.30
C PRO E 1489 86.85 -39.92 -31.15
N ARG E 1490 86.14 -39.55 -32.22
CA ARG E 1490 84.68 -39.53 -32.21
C ARG E 1490 84.11 -40.20 -33.45
N ASP E 1491 82.80 -40.45 -33.42
CA ASP E 1491 82.08 -40.96 -34.58
C ASP E 1491 81.53 -39.82 -35.42
N GLU E 1492 80.69 -40.15 -36.39
CA GLU E 1492 79.99 -39.14 -37.18
C GLU E 1492 78.99 -38.39 -36.31
N LEU E 1493 78.43 -39.10 -35.32
CA LEU E 1493 77.45 -38.52 -34.42
C LEU E 1493 78.13 -37.91 -33.21
N GLY E 1494 79.45 -38.01 -33.15
CA GLY E 1494 80.22 -37.53 -32.02
C GLY E 1494 80.21 -38.54 -30.89
N ARG E 1495 79.95 -39.79 -31.24
CA ARG E 1495 79.92 -40.87 -30.26
C ARG E 1495 81.30 -41.20 -29.73
N SER E 1496 81.36 -41.83 -28.58
CA SER E 1496 82.61 -42.28 -28.01
C SER E 1496 82.55 -43.75 -27.66
N ASN E 1497 83.67 -44.44 -27.81
CA ASN E 1497 83.77 -45.83 -27.43
C ASN E 1497 84.04 -45.94 -25.93
N TYR E 1498 84.24 -44.78 -25.29
CA TYR E 1498 84.55 -44.75 -23.87
C TYR E 1498 83.56 -43.89 -23.09
N ARG E 1499 83.71 -43.88 -21.78
CA ARG E 1499 82.89 -43.08 -20.86
C ARG E 1499 83.47 -43.09 -19.45
N LEU E 1500 82.79 -42.42 -18.53
CA LEU E 1500 83.21 -42.34 -17.14
C LEU E 1500 82.11 -42.86 -16.21
N ALA E 1501 82.50 -43.39 -15.06
CA ALA E 1501 81.52 -43.90 -14.11
C ALA E 1501 81.91 -43.71 -12.64
N ALA E 1502 80.93 -43.34 -11.83
CA ALA E 1502 81.18 -43.02 -10.43
C ALA E 1502 80.87 -44.21 -9.51
N ILE E 1503 81.87 -44.66 -8.75
CA ILE E 1503 81.75 -45.84 -7.89
C ILE E 1503 81.56 -45.46 -6.43
N ARG E 1504 80.66 -46.15 -5.73
CA ARG E 1504 80.62 -46.12 -4.27
C ARG E 1504 80.87 -47.52 -3.72
N PRO E 1505 82.09 -47.75 -3.19
CA PRO E 1505 82.48 -49.07 -2.68
C PRO E 1505 81.69 -49.51 -1.45
N SER E 1506 80.98 -48.57 -0.85
CA SER E 1506 80.22 -48.80 0.38
C SER E 1506 78.93 -49.60 0.13
N GLN E 1507 78.13 -49.70 1.19
CA GLN E 1507 76.86 -50.45 1.22
C GLN E 1507 77.08 -51.97 1.29
N ILE E 1508 78.29 -52.40 0.99
CA ILE E 1508 78.67 -53.81 1.06
C ILE E 1508 80.06 -53.86 1.66
N ASP E 1509 80.56 -55.05 1.99
CA ASP E 1509 81.91 -55.10 2.51
C ASP E 1509 82.83 -55.22 1.31
N LEU E 1510 83.50 -54.11 1.04
CA LEU E 1510 84.39 -53.96 -0.10
C LEU E 1510 85.36 -52.88 0.31
N ASP E 1511 86.60 -52.95 -0.16
CA ASP E 1511 87.57 -51.93 0.21
C ASP E 1511 88.15 -51.26 -1.02
N ASP E 1512 89.02 -50.28 -0.80
CA ASP E 1512 89.67 -49.59 -1.91
C ASP E 1512 90.58 -50.58 -2.64
N ALA E 1513 91.21 -51.46 -1.87
CA ALA E 1513 92.07 -52.50 -2.43
C ALA E 1513 91.23 -53.53 -3.17
N ASP E 1514 90.00 -53.72 -2.71
CA ASP E 1514 89.07 -54.66 -3.33
C ASP E 1514 88.55 -54.11 -4.65
N VAL E 1515 88.27 -52.80 -4.68
CA VAL E 1515 87.84 -52.14 -5.89
C VAL E 1515 88.98 -52.15 -6.92
N LYS E 1516 90.15 -51.75 -6.48
CA LYS E 1516 91.34 -51.74 -7.33
C LYS E 1516 91.61 -53.11 -7.91
N ASP E 1517 91.51 -54.14 -7.08
CA ASP E 1517 91.66 -55.53 -7.51
C ASP E 1517 90.69 -55.90 -8.61
N PHE E 1518 89.40 -55.85 -8.30
CA PHE E 1518 88.34 -56.20 -9.25
C PHE E 1518 88.44 -55.45 -10.58
N VAL E 1519 88.81 -54.17 -10.52
CA VAL E 1519 88.98 -53.39 -11.73
C VAL E 1519 90.20 -53.85 -12.53
N ALA E 1520 91.29 -54.13 -11.81
CA ALA E 1520 92.53 -54.56 -12.46
C ALA E 1520 92.35 -55.92 -13.13
N GLU E 1521 91.54 -56.79 -12.53
CA GLU E 1521 91.29 -58.11 -13.08
C GLU E 1521 90.48 -58.05 -14.37
N ILE E 1522 89.35 -57.36 -14.32
CA ILE E 1522 88.47 -57.24 -15.47
C ILE E 1522 89.13 -56.41 -16.58
N SER E 1523 90.13 -55.62 -16.21
CA SER E 1523 90.92 -54.88 -17.18
C SER E 1523 91.82 -55.83 -17.97
N GLU E 1524 92.46 -56.74 -17.25
CA GLU E 1524 93.35 -57.72 -17.88
C GLU E 1524 92.55 -58.84 -18.55
N ARG E 1525 91.48 -59.26 -17.89
CA ARG E 1525 90.66 -60.37 -18.38
C ARG E 1525 90.08 -60.12 -19.77
N THR E 1526 89.17 -59.15 -19.85
CA THR E 1526 88.49 -58.85 -21.11
C THR E 1526 89.44 -58.29 -22.17
N GLY E 1527 90.59 -57.79 -21.71
CA GLY E 1527 91.55 -57.19 -22.61
C GLY E 1527 91.14 -55.78 -22.99
N GLU E 1528 90.05 -55.31 -22.39
CA GLU E 1528 89.55 -53.97 -22.63
C GLU E 1528 90.29 -52.98 -21.75
N PHE E 1529 89.86 -51.73 -21.81
CA PHE E 1529 90.49 -50.67 -21.03
C PHE E 1529 89.61 -50.20 -19.88
N LEU E 1530 90.08 -50.42 -18.66
CA LEU E 1530 89.39 -49.94 -17.47
C LEU E 1530 90.40 -49.32 -16.50
N GLU E 1531 90.17 -48.05 -16.18
CA GLU E 1531 91.10 -47.28 -15.35
C GLU E 1531 90.35 -46.61 -14.22
N ILE E 1532 90.93 -46.60 -13.02
CA ILE E 1532 90.33 -45.77 -11.98
C ILE E 1532 90.82 -44.36 -12.23
N VAL E 1533 89.91 -43.46 -12.58
CA VAL E 1533 90.28 -42.10 -12.94
C VAL E 1533 90.45 -41.17 -11.76
N ASN E 1534 89.51 -41.22 -10.83
CA ASN E 1534 89.54 -40.33 -9.69
C ASN E 1534 89.44 -41.08 -8.36
N PHE E 1535 90.38 -40.78 -7.47
CA PHE E 1535 90.29 -41.22 -6.09
C PHE E 1535 89.80 -40.00 -5.35
N ASN E 1536 88.55 -40.04 -4.91
CA ASN E 1536 87.92 -38.87 -4.33
C ASN E 1536 87.70 -39.04 -2.83
N LEU E 1537 86.86 -40.00 -2.47
CA LEU E 1537 86.62 -40.28 -1.06
C LEU E 1537 87.07 -41.69 -0.74
N ARG E 1538 87.53 -41.87 0.51
CA ARG E 1538 88.12 -43.12 0.95
C ARG E 1538 87.26 -44.34 0.60
N GLY E 1539 86.11 -44.46 1.25
CA GLY E 1539 85.19 -45.55 1.01
C GLY E 1539 83.92 -45.10 0.32
N SER E 1540 83.95 -43.91 -0.29
CA SER E 1540 82.74 -43.34 -0.84
C SER E 1540 82.78 -43.07 -2.34
N GLN E 1541 83.68 -42.19 -2.79
CA GLN E 1541 83.67 -41.82 -4.20
C GLN E 1541 84.90 -42.20 -5.01
N TYR E 1542 84.64 -42.82 -6.16
CA TYR E 1542 85.67 -43.20 -7.11
C TYR E 1542 85.14 -43.03 -8.52
N ALA E 1543 85.98 -42.56 -9.44
CA ALA E 1543 85.57 -42.39 -10.82
C ALA E 1543 86.41 -43.28 -11.75
N ILE E 1544 85.78 -43.88 -12.75
CA ILE E 1544 86.42 -44.86 -13.64
C ILE E 1544 86.09 -44.64 -15.11
N ALA E 1545 87.13 -44.47 -15.94
CA ALA E 1545 86.95 -44.33 -17.38
C ALA E 1545 87.67 -45.42 -18.16
N GLY E 1546 87.17 -45.66 -19.36
CA GLY E 1546 87.72 -46.65 -20.27
C GLY E 1546 86.63 -47.09 -21.24
N THR E 1547 86.81 -48.25 -21.85
CA THR E 1547 85.84 -48.76 -22.80
C THR E 1547 84.48 -48.91 -22.13
N VAL E 1548 83.43 -48.50 -22.84
CA VAL E 1548 82.05 -48.61 -22.36
C VAL E 1548 81.69 -50.03 -21.90
N ALA E 1549 82.19 -51.03 -22.62
CA ALA E 1549 81.95 -52.43 -22.25
C ALA E 1549 82.65 -52.75 -20.94
N GLY E 1550 83.82 -52.14 -20.75
CA GLY E 1550 84.54 -52.27 -19.51
C GLY E 1550 83.80 -51.62 -18.36
N LEU E 1551 83.19 -50.46 -18.63
CA LEU E 1551 82.36 -49.79 -17.64
C LEU E 1551 81.12 -50.60 -17.31
N GLU E 1552 80.59 -51.28 -18.33
CA GLU E 1552 79.44 -52.14 -18.16
C GLU E 1552 79.82 -53.41 -17.40
N ALA E 1553 80.97 -54.00 -17.76
CA ALA E 1553 81.41 -55.23 -17.13
C ALA E 1553 81.75 -54.99 -15.67
N LEU E 1554 82.23 -53.78 -15.38
CA LEU E 1554 82.58 -53.43 -14.02
C LEU E 1554 81.30 -53.19 -13.23
N GLU E 1555 80.32 -52.53 -13.86
CA GLU E 1555 79.00 -52.36 -13.25
C GLU E 1555 78.43 -53.71 -12.87
N GLU E 1556 78.54 -54.66 -13.81
CA GLU E 1556 78.03 -56.01 -13.64
C GLU E 1556 78.66 -56.75 -12.47
N GLU E 1557 79.96 -56.58 -12.28
CA GLU E 1557 80.70 -57.29 -11.25
C GLU E 1557 80.19 -56.99 -9.83
N ILE E 1558 80.07 -55.71 -9.50
CA ILE E 1558 79.64 -55.34 -8.16
C ILE E 1558 78.18 -55.72 -7.91
N GLU E 1559 77.39 -55.79 -8.98
CA GLU E 1559 76.00 -56.20 -8.88
C GLU E 1559 75.94 -57.67 -8.51
N ARG E 1560 76.93 -58.43 -8.99
CA ARG E 1560 77.06 -59.83 -8.63
C ARG E 1560 77.72 -59.99 -7.27
N ARG E 1561 78.76 -59.19 -7.01
CA ARG E 1561 79.48 -59.26 -5.76
C ARG E 1561 78.61 -58.84 -4.57
N ARG E 1562 77.94 -57.70 -4.70
CA ARG E 1562 76.99 -57.26 -3.69
C ARG E 1562 75.77 -58.18 -3.71
N GLN E 1563 75.46 -58.76 -2.55
CA GLN E 1563 74.41 -59.76 -2.44
C GLN E 1563 73.01 -59.14 -2.49
N ILE E 1564 72.91 -57.87 -2.14
CA ILE E 1564 71.62 -57.20 -1.99
C ILE E 1564 71.17 -56.38 -3.21
N THR E 1565 71.96 -56.38 -4.29
CA THR E 1565 71.65 -55.48 -5.39
C THR E 1565 70.53 -56.03 -6.24
N GLY E 1566 69.40 -55.33 -6.26
CA GLY E 1566 68.42 -55.49 -7.32
C GLY E 1566 68.36 -54.30 -8.27
N GLY E 1567 68.93 -53.18 -7.83
CA GLY E 1567 68.81 -51.92 -8.55
C GLY E 1567 70.06 -51.36 -9.20
N LYS E 1568 71.09 -52.19 -9.35
CA LYS E 1568 72.41 -51.75 -9.78
C LYS E 1568 72.92 -50.63 -8.88
N ARG E 1569 73.11 -50.96 -7.61
CA ARG E 1569 73.55 -49.98 -6.62
C ARG E 1569 75.01 -49.61 -6.79
N SER E 1570 75.40 -48.49 -6.19
CA SER E 1570 76.80 -48.11 -6.03
C SER E 1570 77.50 -47.67 -7.31
N PHE E 1571 76.83 -47.79 -8.45
CA PHE E 1571 77.40 -47.37 -9.73
C PHE E 1571 76.59 -46.32 -10.46
N ILE E 1572 77.21 -45.15 -10.65
CA ILE E 1572 76.61 -44.05 -11.39
C ILE E 1572 77.44 -43.75 -12.63
N LEU E 1573 76.82 -43.85 -13.79
CA LEU E 1573 77.47 -43.50 -15.04
C LEU E 1573 77.41 -42.00 -15.25
N VAL E 1574 78.51 -41.44 -15.72
CA VAL E 1574 78.62 -40.00 -15.95
C VAL E 1574 78.08 -39.56 -17.31
N PRO E 1575 77.06 -38.69 -17.32
CA PRO E 1575 76.61 -38.08 -18.57
C PRO E 1575 77.61 -37.04 -19.08
N GLY E 1576 77.80 -36.99 -20.38
CA GLY E 1576 78.51 -35.90 -21.02
C GLY E 1576 80.01 -36.10 -21.22
N ILE E 1577 80.63 -36.97 -20.44
CA ILE E 1577 82.06 -37.19 -20.59
C ILE E 1577 82.35 -38.36 -21.51
N ASP E 1578 82.87 -38.02 -22.69
CA ASP E 1578 83.19 -39.00 -23.72
C ASP E 1578 84.68 -39.36 -23.75
N VAL E 1579 85.46 -38.69 -22.93
CA VAL E 1579 86.91 -38.86 -22.94
C VAL E 1579 87.41 -39.65 -21.74
N PRO E 1580 88.17 -40.72 -21.99
CA PRO E 1580 88.83 -41.45 -20.91
C PRO E 1580 90.08 -40.71 -20.43
N PHE E 1581 89.92 -39.44 -20.09
CA PHE E 1581 91.03 -38.63 -19.58
C PHE E 1581 91.37 -39.00 -18.15
N HIS E 1582 92.56 -38.61 -17.70
CA HIS E 1582 93.12 -39.04 -16.43
C HIS E 1582 93.37 -40.54 -16.43
N SER E 1583 93.67 -41.06 -17.61
CA SER E 1583 94.04 -42.45 -17.82
C SER E 1583 95.37 -42.45 -18.58
N SER E 1584 95.78 -43.63 -19.04
CA SER E 1584 97.06 -43.75 -19.72
C SER E 1584 96.98 -43.33 -21.20
N VAL E 1585 95.79 -42.95 -21.64
CA VAL E 1585 95.56 -42.62 -23.05
C VAL E 1585 95.85 -41.15 -23.41
N LEU E 1586 95.94 -40.28 -22.41
CA LEU E 1586 95.99 -38.84 -22.65
C LEU E 1586 97.38 -38.19 -22.68
N ARG E 1587 98.43 -38.98 -22.42
CA ARG E 1587 99.76 -38.42 -22.20
C ARG E 1587 100.43 -37.71 -23.39
N VAL E 1588 99.81 -37.78 -24.56
CA VAL E 1588 100.40 -37.22 -25.78
C VAL E 1588 100.40 -35.68 -25.82
N GLY E 1589 99.25 -35.08 -25.51
CA GLY E 1589 99.04 -33.65 -25.69
C GLY E 1589 99.55 -32.74 -24.58
N VAL E 1590 100.46 -33.25 -23.75
CA VAL E 1590 100.98 -32.46 -22.64
C VAL E 1590 102.01 -31.42 -23.07
N ALA E 1591 102.94 -31.83 -23.92
CA ALA E 1591 104.08 -30.99 -24.33
C ALA E 1591 103.64 -29.63 -24.91
N ASP E 1592 102.52 -29.63 -25.62
CA ASP E 1592 101.99 -28.40 -26.19
C ASP E 1592 101.37 -27.52 -25.10
N PHE E 1593 100.74 -28.16 -24.13
CA PHE E 1593 100.13 -27.45 -23.01
C PHE E 1593 101.19 -27.05 -21.99
N ARG E 1594 102.27 -27.83 -21.92
CA ARG E 1594 103.37 -27.55 -21.01
C ARG E 1594 104.10 -26.28 -21.44
N ARG E 1595 104.16 -26.04 -22.74
CA ARG E 1595 104.75 -24.82 -23.28
C ARG E 1595 103.80 -23.64 -23.11
N SER E 1596 102.51 -23.91 -23.31
CA SER E 1596 101.48 -22.89 -23.17
C SER E 1596 101.46 -22.32 -21.75
N LEU E 1597 101.68 -23.19 -20.78
CA LEU E 1597 101.72 -22.77 -19.38
C LEU E 1597 102.91 -21.86 -19.10
N GLU E 1598 104.08 -22.25 -19.58
CA GLU E 1598 105.30 -21.46 -19.36
C GLU E 1598 105.21 -20.06 -19.99
N ARG E 1599 104.35 -19.93 -20.99
CA ARG E 1599 104.14 -18.64 -21.64
C ARG E 1599 103.25 -17.73 -20.78
N VAL E 1600 102.19 -18.31 -20.22
CA VAL E 1600 101.24 -17.53 -19.42
C VAL E 1600 101.62 -17.50 -17.95
N MET E 1601 102.59 -18.35 -17.57
CA MET E 1601 103.05 -18.41 -16.18
C MET E 1601 104.53 -18.11 -16.10
N PRO E 1602 104.89 -16.83 -15.95
CA PRO E 1602 106.28 -16.35 -15.89
C PRO E 1602 107.02 -16.76 -14.62
N ARG E 1603 108.25 -16.28 -14.48
CA ARG E 1603 109.13 -16.73 -13.41
C ARG E 1603 109.15 -15.84 -12.17
N ASP E 1604 108.36 -14.76 -12.17
CA ASP E 1604 108.31 -13.91 -10.99
C ASP E 1604 107.04 -14.24 -10.23
N LYS E 1605 107.20 -14.98 -9.13
CA LYS E 1605 106.07 -15.55 -8.39
C LYS E 1605 106.51 -15.77 -6.95
N ASP E 1606 105.55 -16.00 -6.05
CA ASP E 1606 105.87 -16.24 -4.65
C ASP E 1606 106.02 -17.73 -4.33
N PRO E 1607 107.26 -18.15 -4.01
CA PRO E 1607 107.55 -19.55 -3.67
C PRO E 1607 106.85 -20.00 -2.39
N GLU E 1608 106.86 -19.17 -1.35
CA GLU E 1608 106.37 -19.54 -0.03
C GLU E 1608 104.85 -19.76 0.00
N LEU E 1609 104.11 -18.87 -0.66
CA LEU E 1609 102.65 -18.96 -0.69
C LEU E 1609 102.20 -20.32 -1.23
N ILE E 1610 102.97 -20.87 -2.17
CA ILE E 1610 102.69 -22.20 -2.69
C ILE E 1610 103.21 -23.33 -1.80
N ILE E 1611 104.43 -23.18 -1.27
CA ILE E 1611 105.09 -24.28 -0.59
C ILE E 1611 104.43 -24.65 0.73
N GLY E 1612 103.98 -25.89 0.82
CA GLY E 1612 103.38 -26.45 2.01
C GLY E 1612 101.90 -26.14 2.08
N ARG E 1613 101.51 -25.07 1.41
CA ARG E 1613 100.11 -24.68 1.29
C ARG E 1613 99.38 -25.40 0.16
N TYR E 1614 100.10 -25.71 -0.91
CA TYR E 1614 99.50 -26.21 -2.13
C TYR E 1614 99.67 -27.73 -2.32
N ILE E 1615 98.55 -28.41 -2.58
CA ILE E 1615 98.54 -29.84 -2.81
C ILE E 1615 98.16 -30.13 -4.25
N PRO E 1616 99.14 -30.52 -5.09
CA PRO E 1616 98.80 -30.85 -6.47
C PRO E 1616 97.88 -32.07 -6.60
N ASN E 1617 97.48 -32.38 -7.82
CA ASN E 1617 96.64 -33.52 -8.11
C ASN E 1617 97.51 -34.74 -8.41
N LEU E 1618 98.31 -34.61 -9.46
CA LEU E 1618 99.32 -35.59 -9.82
C LEU E 1618 100.19 -35.96 -8.63
N VAL E 1619 100.40 -34.99 -7.73
CA VAL E 1619 101.19 -35.23 -6.52
C VAL E 1619 100.39 -34.90 -5.26
N PRO E 1620 99.81 -35.95 -4.65
CA PRO E 1620 98.89 -35.93 -3.49
C PRO E 1620 99.50 -35.28 -2.26
N ARG E 1621 100.81 -35.03 -2.26
CA ARG E 1621 101.51 -34.57 -1.08
C ARG E 1621 101.92 -33.10 -1.25
N PRO E 1622 102.06 -32.36 -0.14
CA PRO E 1622 102.11 -30.89 -0.23
C PRO E 1622 103.32 -30.40 -0.99
N PHE E 1623 103.17 -29.27 -1.66
CA PHE E 1623 104.27 -28.70 -2.45
C PHE E 1623 105.41 -28.28 -1.56
N THR E 1624 106.60 -28.79 -1.85
CA THR E 1624 107.84 -28.30 -1.27
C THR E 1624 108.92 -28.54 -2.29
N LEU E 1625 109.88 -27.62 -2.40
CA LEU E 1625 110.95 -27.82 -3.37
C LEU E 1625 112.10 -28.52 -2.69
N ASP E 1626 112.30 -29.78 -3.05
CA ASP E 1626 113.32 -30.63 -2.44
C ASP E 1626 113.70 -31.72 -3.43
N ARG E 1627 114.87 -32.30 -3.23
CA ARG E 1627 115.32 -33.39 -4.09
C ARG E 1627 114.39 -34.59 -3.95
N ASP E 1628 113.79 -34.74 -2.78
CA ASP E 1628 112.84 -35.81 -2.51
C ASP E 1628 111.55 -35.62 -3.30
N PHE E 1629 111.03 -34.40 -3.27
CA PHE E 1629 109.75 -34.09 -3.91
C PHE E 1629 109.83 -34.18 -5.43
N ILE E 1630 110.85 -33.56 -6.01
CA ILE E 1630 111.05 -33.55 -7.46
C ILE E 1630 111.17 -34.98 -8.00
N GLN E 1631 111.72 -35.87 -7.20
CA GLN E 1631 111.86 -37.27 -7.60
C GLN E 1631 110.50 -37.97 -7.64
N GLU E 1632 109.65 -37.67 -6.66
CA GLU E 1632 108.31 -38.24 -6.62
C GLU E 1632 107.52 -37.87 -7.86
N ILE E 1633 107.73 -36.65 -8.34
CA ILE E 1633 107.08 -36.19 -9.56
C ILE E 1633 107.55 -37.04 -10.75
N ARG E 1634 108.87 -37.09 -10.94
CA ARG E 1634 109.48 -37.86 -12.03
C ARG E 1634 109.00 -39.30 -12.07
N ASP E 1635 108.87 -39.91 -10.90
CA ASP E 1635 108.41 -41.30 -10.79
C ASP E 1635 106.99 -41.44 -11.32
N LEU E 1636 106.11 -40.53 -10.91
CA LEU E 1636 104.73 -40.54 -11.36
C LEU E 1636 104.67 -40.05 -12.81
N VAL E 1637 105.42 -39.01 -13.11
CA VAL E 1637 105.47 -38.46 -14.45
C VAL E 1637 106.90 -38.26 -14.99
N PRO E 1638 107.40 -39.25 -15.76
CA PRO E 1638 108.72 -39.11 -16.38
C PRO E 1638 108.78 -37.86 -17.26
N ALA E 1639 109.79 -37.02 -17.04
CA ALA E 1639 109.89 -35.76 -17.76
C ALA E 1639 111.33 -35.28 -17.93
N GLU E 1640 111.59 -34.60 -19.05
CA GLU E 1640 112.92 -34.08 -19.37
C GLU E 1640 113.42 -32.91 -18.49
N PRO E 1641 112.57 -31.90 -18.23
CA PRO E 1641 113.08 -30.83 -17.38
C PRO E 1641 113.32 -31.30 -15.93
N LEU E 1642 112.57 -32.31 -15.51
CA LEU E 1642 112.67 -32.82 -14.14
C LEU E 1642 113.85 -33.77 -13.92
N ASP E 1643 114.07 -34.68 -14.86
CA ASP E 1643 115.07 -35.74 -14.66
C ASP E 1643 116.49 -35.20 -14.58
N GLU E 1644 116.74 -34.07 -15.24
CA GLU E 1644 118.05 -33.44 -15.19
C GLU E 1644 118.29 -32.79 -13.83
N VAL E 1645 117.31 -32.04 -13.34
CA VAL E 1645 117.39 -31.39 -12.04
C VAL E 1645 117.68 -32.41 -10.94
N LEU E 1646 117.07 -33.59 -11.07
CA LEU E 1646 117.32 -34.68 -10.14
C LEU E 1646 118.72 -35.23 -10.30
N ALA E 1647 119.21 -35.26 -11.53
CA ALA E 1647 120.55 -35.77 -11.82
C ALA E 1647 121.61 -34.95 -11.11
N ASP E 1648 121.59 -33.63 -11.31
CA ASP E 1648 122.47 -32.74 -10.56
C ASP E 1648 121.69 -31.81 -9.63
N TYR E 1649 121.76 -32.09 -8.33
CA TYR E 1649 121.16 -31.23 -7.31
C TYR E 1649 122.22 -30.30 -6.74
N ASP E 1650 123.40 -30.35 -7.34
CA ASP E 1650 124.58 -29.62 -6.89
C ASP E 1650 124.63 -28.20 -7.48
N THR E 1651 123.51 -27.82 -8.09
CA THR E 1651 123.29 -26.51 -8.69
C THR E 1651 122.94 -25.49 -7.60
N TRP E 1652 123.23 -25.88 -6.36
CA TRP E 1652 122.78 -25.24 -5.12
C TRP E 1652 122.84 -23.72 -5.06
N ARG E 1653 123.65 -23.10 -5.91
CA ARG E 1653 123.78 -21.63 -5.94
C ARG E 1653 122.43 -20.93 -5.94
N ASN E 1654 122.34 -19.83 -5.18
CA ASN E 1654 121.08 -19.21 -4.80
C ASN E 1654 120.20 -18.62 -5.91
N GLU E 1655 120.70 -18.59 -7.13
CA GLU E 1655 119.91 -18.10 -8.25
C GLU E 1655 118.80 -19.10 -8.61
N LYS E 1656 119.04 -20.37 -8.29
CA LYS E 1656 118.15 -21.47 -8.67
C LYS E 1656 116.74 -21.60 -8.03
N PRO E 1657 116.63 -21.49 -6.69
CA PRO E 1657 115.40 -21.96 -6.00
C PRO E 1657 114.07 -21.46 -6.56
N LYS E 1658 113.96 -20.18 -6.86
CA LYS E 1658 112.73 -19.64 -7.43
C LYS E 1658 112.51 -20.22 -8.83
N GLU E 1659 113.60 -20.29 -9.59
CA GLU E 1659 113.57 -20.83 -10.94
C GLU E 1659 113.20 -22.32 -10.91
N LEU E 1660 113.59 -23.00 -9.84
CA LEU E 1660 113.23 -24.40 -9.67
C LEU E 1660 111.75 -24.56 -9.36
N CYS E 1661 111.26 -23.78 -8.41
CA CYS E 1661 109.85 -23.82 -8.03
C CYS E 1661 108.96 -23.47 -9.21
N ARG E 1662 109.42 -22.55 -10.04
CA ARG E 1662 108.62 -22.07 -11.17
C ARG E 1662 108.37 -23.16 -12.21
N LYS E 1663 109.36 -24.02 -12.43
CA LYS E 1663 109.21 -25.12 -13.38
C LYS E 1663 108.47 -26.31 -12.76
N VAL E 1664 108.73 -26.57 -11.48
CA VAL E 1664 108.07 -27.66 -10.77
C VAL E 1664 106.57 -27.40 -10.70
N VAL E 1665 106.19 -26.15 -10.44
CA VAL E 1665 104.79 -25.75 -10.41
C VAL E 1665 104.11 -26.00 -11.75
N ILE E 1666 104.80 -25.63 -12.83
CA ILE E 1666 104.26 -25.80 -14.18
C ILE E 1666 104.19 -27.27 -14.58
N GLU E 1667 105.19 -28.05 -14.17
CA GLU E 1667 105.21 -29.48 -14.44
C GLU E 1667 104.01 -30.18 -13.83
N LEU E 1668 103.65 -29.76 -12.62
CA LEU E 1668 102.51 -30.34 -11.91
C LEU E 1668 101.19 -30.01 -12.59
N LEU E 1669 101.07 -28.78 -13.11
CA LEU E 1669 99.86 -28.33 -13.76
C LEU E 1669 99.70 -28.89 -15.16
N ALA E 1670 100.82 -29.02 -15.87
CA ALA E 1670 100.80 -29.52 -17.24
C ALA E 1670 100.46 -31.01 -17.30
N TRP E 1671 101.01 -31.78 -16.37
CA TRP E 1671 100.78 -33.21 -16.34
C TRP E 1671 99.62 -33.59 -15.43
N GLN E 1672 98.97 -32.57 -14.86
CA GLN E 1672 97.74 -32.78 -14.12
C GLN E 1672 96.68 -33.28 -15.09
N PHE E 1673 96.86 -32.90 -16.36
CA PHE E 1673 96.03 -33.37 -17.46
C PHE E 1673 96.01 -34.90 -17.51
N ALA E 1674 97.19 -35.48 -17.35
CA ALA E 1674 97.37 -36.93 -17.48
C ALA E 1674 97.05 -37.70 -16.20
N SER E 1675 97.83 -37.43 -15.15
CA SER E 1675 97.70 -38.18 -13.90
C SER E 1675 96.33 -38.01 -13.24
N PRO E 1676 95.80 -39.10 -12.67
CA PRO E 1676 94.56 -39.10 -11.89
C PRO E 1676 94.60 -38.10 -10.75
N VAL E 1677 93.48 -37.41 -10.52
CA VAL E 1677 93.36 -36.53 -9.37
C VAL E 1677 93.15 -37.37 -8.12
N ARG E 1678 94.02 -37.21 -7.12
CA ARG E 1678 93.78 -37.92 -5.86
C ARG E 1678 93.21 -36.94 -4.85
N TRP E 1679 91.91 -37.03 -4.62
CA TRP E 1679 91.24 -36.27 -3.57
C TRP E 1679 91.27 -36.98 -2.21
N ILE E 1680 91.21 -38.31 -2.23
CA ILE E 1680 91.33 -39.10 -1.00
C ILE E 1680 92.59 -38.70 -0.26
N GLU E 1681 93.71 -38.84 -0.96
CA GLU E 1681 95.03 -38.61 -0.39
C GLU E 1681 95.16 -37.15 0.01
N THR E 1682 94.58 -36.27 -0.80
CA THR E 1682 94.56 -34.83 -0.49
C THR E 1682 93.90 -34.58 0.85
N GLN E 1683 92.76 -35.20 1.07
CA GLN E 1683 92.08 -35.08 2.35
C GLN E 1683 92.90 -35.75 3.45
N ASP E 1684 93.28 -36.99 3.22
CA ASP E 1684 94.04 -37.75 4.22
C ASP E 1684 95.37 -37.09 4.56
N LEU E 1685 96.00 -36.48 3.56
CA LEU E 1685 97.26 -35.76 3.76
C LEU E 1685 97.11 -34.64 4.79
N LEU E 1686 96.02 -33.89 4.66
CA LEU E 1686 95.71 -32.83 5.61
C LEU E 1686 95.69 -33.39 7.03
N PHE E 1687 95.10 -34.56 7.20
CA PHE E 1687 95.11 -35.23 8.50
C PHE E 1687 96.52 -35.60 8.93
N ILE E 1688 97.31 -36.12 7.99
CA ILE E 1688 98.69 -36.53 8.27
C ILE E 1688 99.54 -35.36 8.75
N GLU E 1689 99.41 -34.23 8.06
CA GLU E 1689 100.19 -33.03 8.38
C GLU E 1689 99.77 -32.41 9.70
N GLU E 1690 98.46 -32.35 9.94
CA GLU E 1690 97.93 -31.84 11.19
C GLU E 1690 98.42 -32.70 12.36
N ALA E 1691 98.12 -34.00 12.29
CA ALA E 1691 98.48 -34.94 13.35
C ALA E 1691 99.94 -34.82 13.78
N ALA E 1692 100.83 -34.63 12.81
CA ALA E 1692 102.23 -34.42 13.11
C ALA E 1692 102.51 -32.98 13.58
N GLY E 1693 101.65 -32.06 13.19
CA GLY E 1693 101.81 -30.66 13.54
C GLY E 1693 100.82 -30.17 14.58
N GLY E 1694 100.06 -31.10 15.16
CA GLY E 1694 99.06 -30.79 16.15
C GLY E 1694 97.65 -30.80 15.57
N LEU E 1695 96.71 -31.27 16.37
CA LEU E 1695 95.38 -31.54 15.85
C LEU E 1695 94.34 -30.45 16.11
N GLY E 1696 94.76 -29.34 16.72
CA GLY E 1696 93.84 -28.31 17.16
C GLY E 1696 93.00 -27.70 16.05
N VAL E 1697 91.99 -26.92 16.45
CA VAL E 1697 90.82 -26.60 15.63
C VAL E 1697 91.16 -26.17 14.20
N GLU E 1698 90.43 -26.75 13.25
CA GLU E 1698 90.64 -26.45 11.84
C GLU E 1698 89.32 -25.98 11.21
N ARG E 1699 89.41 -25.12 10.21
CA ARG E 1699 88.21 -24.68 9.50
C ARG E 1699 88.40 -24.98 8.02
N PHE E 1700 87.44 -25.68 7.42
CA PHE E 1700 87.54 -26.03 6.01
C PHE E 1700 86.53 -25.23 5.19
N VAL E 1701 87.04 -24.33 4.37
CA VAL E 1701 86.19 -23.43 3.59
C VAL E 1701 86.31 -23.69 2.09
N GLU E 1702 85.16 -23.80 1.44
CA GLU E 1702 85.12 -24.01 -0.01
C GLU E 1702 84.61 -22.75 -0.70
N ILE E 1703 85.25 -22.39 -1.80
CA ILE E 1703 84.96 -21.12 -2.47
C ILE E 1703 84.58 -21.37 -3.92
N GLY E 1704 84.03 -20.36 -4.60
CA GLY E 1704 83.46 -20.54 -5.92
C GLY E 1704 81.94 -20.53 -5.92
N VAL E 1705 81.37 -20.04 -4.83
CA VAL E 1705 79.92 -19.95 -4.65
C VAL E 1705 79.25 -21.32 -4.78
N LYS E 1706 78.38 -21.50 -5.77
CA LYS E 1706 77.53 -22.69 -5.82
C LYS E 1706 78.28 -24.00 -5.98
N SER E 1707 79.58 -23.93 -6.23
CA SER E 1707 80.40 -25.13 -6.33
C SER E 1707 80.86 -25.58 -4.93
N ALA E 1708 80.69 -24.70 -3.96
CA ALA E 1708 81.10 -24.96 -2.57
C ALA E 1708 80.47 -26.14 -1.82
N PRO E 1709 79.18 -26.46 -2.07
CA PRO E 1709 78.68 -27.60 -1.30
C PRO E 1709 79.35 -28.94 -1.63
N THR E 1710 79.81 -29.11 -2.86
CA THR E 1710 80.31 -30.41 -3.33
C THR E 1710 81.48 -31.02 -2.56
N VAL E 1711 82.67 -30.44 -2.68
CA VAL E 1711 83.87 -31.03 -2.07
C VAL E 1711 83.84 -30.92 -0.54
N ALA E 1712 82.93 -30.10 -0.04
CA ALA E 1712 82.64 -30.01 1.38
C ALA E 1712 81.83 -31.23 1.82
N GLY E 1713 80.81 -31.56 1.04
CA GLY E 1713 80.05 -32.78 1.25
C GLY E 1713 80.94 -33.99 1.05
N LEU E 1714 81.92 -33.85 0.17
CA LEU E 1714 82.96 -34.85 0.01
C LEU E 1714 83.80 -34.93 1.28
N ALA E 1715 84.10 -33.78 1.86
CA ALA E 1715 84.89 -33.73 3.08
C ALA E 1715 84.05 -34.21 4.27
N THR E 1716 82.81 -33.75 4.33
CA THR E 1716 81.89 -34.09 5.41
C THR E 1716 81.77 -35.61 5.63
N ASN E 1717 81.50 -36.34 4.56
CA ASN E 1717 81.38 -37.80 4.62
C ASN E 1717 82.71 -38.47 4.92
N THR E 1718 83.78 -37.77 4.55
CA THR E 1718 85.13 -38.21 4.83
C THR E 1718 85.48 -37.91 6.28
N LEU E 1719 84.88 -36.84 6.82
CA LEU E 1719 85.16 -36.46 8.20
C LEU E 1719 84.48 -37.45 9.11
N LYS E 1720 83.54 -38.19 8.54
CA LYS E 1720 82.75 -39.12 9.32
C LYS E 1720 83.53 -40.42 9.40
N LEU E 1721 83.69 -41.08 8.26
CA LEU E 1721 84.19 -42.45 8.25
C LEU E 1721 85.63 -42.70 8.77
N PRO E 1722 86.68 -42.14 8.13
CA PRO E 1722 87.95 -42.33 8.82
C PRO E 1722 88.13 -41.49 10.09
N GLU E 1723 87.53 -40.30 10.12
CA GLU E 1723 87.85 -39.26 11.12
C GLU E 1723 87.06 -39.31 12.43
N TYR E 1724 86.43 -40.45 12.67
CA TYR E 1724 85.51 -40.69 13.77
C TYR E 1724 86.07 -40.30 15.14
N SER E 1725 87.34 -39.86 15.17
CA SER E 1725 88.12 -39.61 16.38
C SER E 1725 87.52 -38.56 17.30
N HIS E 1726 86.37 -38.01 16.90
CA HIS E 1726 85.73 -36.89 17.59
C HIS E 1726 86.61 -35.63 17.61
N SER E 1727 86.75 -34.99 16.45
CA SER E 1727 87.49 -33.73 16.37
C SER E 1727 86.55 -32.56 16.12
N THR E 1728 86.96 -31.37 16.56
CA THR E 1728 86.20 -30.15 16.34
C THR E 1728 86.63 -29.66 14.99
N VAL E 1729 85.72 -29.71 14.03
CA VAL E 1729 86.02 -29.32 12.66
C VAL E 1729 84.85 -28.52 12.10
N GLU E 1730 85.14 -27.51 11.30
CA GLU E 1730 84.09 -26.71 10.70
C GLU E 1730 84.13 -26.74 9.18
N VAL E 1731 83.06 -27.25 8.59
CA VAL E 1731 82.90 -27.31 7.15
C VAL E 1731 82.07 -26.11 6.69
N LEU E 1732 82.69 -25.21 5.94
CA LEU E 1732 82.01 -23.99 5.52
C LEU E 1732 81.99 -23.83 4.00
N ASN E 1733 80.87 -23.35 3.48
CA ASN E 1733 80.69 -23.17 2.05
C ASN E 1733 80.40 -21.73 1.68
N SER E 1734 81.01 -21.26 0.60
CA SER E 1734 80.81 -19.89 0.14
C SER E 1734 79.36 -19.63 -0.23
N GLU E 1735 78.78 -20.54 -0.99
CA GLU E 1735 77.37 -20.49 -1.33
C GLU E 1735 76.48 -20.48 -0.10
N ARG E 1736 76.49 -21.59 0.62
CA ARG E 1736 75.58 -21.82 1.74
C ARG E 1736 75.89 -21.01 3.01
N ASP E 1737 77.14 -21.08 3.45
CA ASP E 1737 77.53 -20.66 4.80
C ASP E 1737 78.01 -19.21 4.95
N ALA E 1738 77.84 -18.41 3.90
CA ALA E 1738 78.45 -17.07 3.80
C ALA E 1738 78.39 -16.22 5.08
N ALA E 1739 77.28 -16.31 5.82
CA ALA E 1739 77.16 -15.62 7.10
C ALA E 1739 78.26 -16.02 8.07
N VAL E 1740 78.72 -17.26 7.99
CA VAL E 1740 79.78 -17.77 8.85
C VAL E 1740 81.16 -17.33 8.35
N LEU E 1741 81.32 -17.27 7.04
CA LEU E 1741 82.59 -16.86 6.43
C LEU E 1741 82.98 -15.45 6.83
N PHE E 1742 82.06 -14.51 6.63
CA PHE E 1742 82.31 -13.12 6.94
C PHE E 1742 82.05 -12.85 8.42
N ALA E 1743 81.67 -13.90 9.14
CA ALA E 1743 81.48 -13.86 10.60
C ALA E 1743 80.28 -13.03 11.04
N THR E 1744 79.59 -12.42 10.08
CA THR E 1744 78.42 -11.60 10.39
C THR E 1744 77.26 -12.46 10.90
N ASP E 1745 76.80 -12.16 12.10
CA ASP E 1745 75.69 -12.87 12.73
C ASP E 1745 75.30 -12.23 14.05
N SER E 1983 21.37 -14.61 14.85
CA SER E 1983 22.12 -13.51 15.44
C SER E 1983 21.33 -12.21 15.42
N ALA E 1984 20.89 -11.81 14.24
CA ALA E 1984 20.13 -10.58 14.08
C ALA E 1984 18.65 -10.84 13.87
N ALA E 1985 17.81 -10.16 14.65
CA ALA E 1985 16.37 -10.32 14.58
C ALA E 1985 15.78 -9.71 13.31
N LEU E 1986 16.64 -9.06 12.53
CA LEU E 1986 16.23 -8.30 11.35
C LEU E 1986 15.64 -9.13 10.21
N GLY E 1987 15.62 -10.45 10.35
CA GLY E 1987 15.20 -11.35 9.29
C GLY E 1987 13.91 -11.02 8.55
N GLU E 1988 12.91 -10.53 9.26
CA GLU E 1988 11.65 -10.16 8.63
C GLU E 1988 11.73 -8.78 7.98
N PHE E 1989 12.74 -8.01 8.34
CA PHE E 1989 12.96 -6.70 7.73
C PHE E 1989 13.66 -6.86 6.39
N ALA E 1990 14.17 -8.05 6.14
CA ALA E 1990 14.73 -8.40 4.83
C ALA E 1990 13.59 -8.73 3.88
N GLU E 1991 12.57 -9.38 4.41
CA GLU E 1991 11.38 -9.73 3.63
C GLU E 1991 10.59 -8.47 3.30
N LYS E 1992 10.61 -7.50 4.21
CA LYS E 1992 9.86 -6.26 4.03
C LYS E 1992 10.52 -5.35 3.01
N VAL E 1993 11.76 -5.66 2.65
CA VAL E 1993 12.46 -4.96 1.56
C VAL E 1993 12.02 -5.51 0.21
N THR E 1994 11.87 -6.83 0.16
CA THR E 1994 11.53 -7.54 -1.08
C THR E 1994 10.18 -7.11 -1.66
N GLY E 1995 9.21 -6.89 -0.78
CA GLY E 1995 7.86 -6.54 -1.19
C GLY E 1995 7.73 -5.28 -2.03
N PRO E 1996 8.20 -4.13 -1.50
CA PRO E 1996 8.20 -2.88 -2.25
C PRO E 1996 9.04 -2.96 -3.52
N ASP E 1997 10.08 -3.80 -3.52
CA ASP E 1997 10.87 -4.03 -4.72
C ASP E 1997 9.97 -4.57 -5.83
N GLY E 1998 9.08 -5.48 -5.47
CA GLY E 1998 8.09 -6.00 -6.39
C GLY E 1998 7.08 -4.92 -6.75
N VAL E 1999 6.72 -4.11 -5.77
CA VAL E 1999 5.85 -2.96 -6.00
C VAL E 1999 6.56 -1.94 -6.88
N LEU E 2000 7.85 -1.78 -6.67
CA LEU E 2000 8.66 -0.87 -7.46
C LEU E 2000 8.80 -1.38 -8.90
N ALA E 2001 9.19 -2.64 -9.04
CA ALA E 2001 9.40 -3.25 -10.35
C ALA E 2001 8.13 -3.26 -11.19
N SER E 2002 7.02 -3.64 -10.59
CA SER E 2002 5.74 -3.71 -11.30
C SER E 2002 5.28 -2.32 -11.74
N ALA E 2003 5.44 -1.33 -10.86
CA ALA E 2003 5.05 0.03 -11.17
C ALA E 2003 5.96 0.64 -12.24
N ALA E 2004 7.23 0.26 -12.22
CA ALA E 2004 8.21 0.79 -13.17
C ALA E 2004 7.90 0.35 -14.60
N ARG E 2005 7.36 -0.85 -14.74
CA ARG E 2005 7.02 -1.39 -16.05
C ARG E 2005 5.80 -0.69 -16.64
N LEU E 2006 4.96 -0.13 -15.78
CA LEU E 2006 3.76 0.58 -16.21
C LEU E 2006 4.12 1.93 -16.83
N VAL E 2007 5.13 2.58 -16.26
CA VAL E 2007 5.57 3.89 -16.73
C VAL E 2007 6.57 3.73 -17.87
N LEU E 2008 6.84 2.48 -18.24
CA LEU E 2008 7.76 2.15 -19.32
C LEU E 2008 9.17 2.67 -19.05
N ASN E 2009 9.55 2.72 -17.79
CA ASN E 2009 10.91 3.07 -17.44
C ASN E 2009 11.80 1.85 -17.63
N GLN E 2010 12.78 1.99 -18.51
CA GLN E 2010 13.53 0.84 -18.98
C GLN E 2010 14.78 0.56 -18.14
N LEU E 2011 14.82 -0.63 -17.56
CA LEU E 2011 15.96 -1.06 -16.76
C LEU E 2011 16.74 -2.13 -17.52
N GLY E 2012 18.05 -2.16 -17.31
CA GLY E 2012 18.91 -3.00 -18.09
C GLY E 2012 18.94 -2.52 -19.53
N LEU E 2013 19.30 -1.24 -19.70
CA LEU E 2013 19.47 -0.66 -21.03
C LEU E 2013 20.92 -0.57 -21.54
N SER E 2014 21.88 -0.99 -20.74
CA SER E 2014 23.29 -0.79 -21.09
C SER E 2014 23.76 -1.73 -22.20
N ASP E 2015 24.21 -1.16 -23.32
CA ASP E 2015 24.66 -1.95 -24.45
C ASP E 2015 26.08 -1.54 -24.83
N VAL E 2016 26.57 -2.05 -25.96
CA VAL E 2016 27.90 -1.67 -26.40
C VAL E 2016 27.72 -0.45 -27.31
N VAL E 2017 28.06 0.71 -26.76
CA VAL E 2017 27.93 1.98 -27.47
C VAL E 2017 29.15 2.88 -27.30
N THR E 2018 29.37 3.33 -26.07
CA THR E 2018 30.31 4.39 -25.75
C THR E 2018 31.72 3.91 -25.40
N THR E 2019 31.82 3.20 -24.27
CA THR E 2019 33.10 2.73 -23.74
C THR E 2019 34.05 2.05 -24.74
N PRO E 2020 33.57 1.04 -25.49
CA PRO E 2020 34.49 0.36 -26.41
C PRO E 2020 34.98 1.26 -27.54
N GLU E 2021 34.12 2.18 -27.99
CA GLU E 2021 34.52 3.15 -28.99
C GLU E 2021 35.61 4.04 -28.41
N ALA E 2022 35.42 4.45 -27.16
CA ALA E 2022 36.42 5.23 -26.44
C ALA E 2022 37.66 4.37 -26.21
N ALA E 2023 37.43 3.09 -25.91
CA ALA E 2023 38.54 2.15 -25.73
C ALA E 2023 39.31 1.96 -27.03
N THR E 2024 38.58 1.98 -28.15
CA THR E 2024 39.19 1.91 -29.46
C THR E 2024 39.99 3.18 -29.73
N ASP E 2025 39.42 4.32 -29.35
CA ASP E 2025 40.08 5.61 -29.49
C ASP E 2025 41.29 5.69 -28.56
N ALA E 2026 41.12 5.20 -27.34
CA ALA E 2026 42.21 5.20 -26.35
C ALA E 2026 43.30 4.21 -26.75
N GLU E 2027 42.94 3.22 -27.56
CA GLU E 2027 43.90 2.24 -28.03
C GLU E 2027 44.79 2.84 -29.12
N LEU E 2028 44.18 3.63 -30.00
CA LEU E 2028 44.90 4.27 -31.09
C LEU E 2028 45.88 5.32 -30.58
N ILE E 2029 45.45 6.11 -29.60
CA ILE E 2029 46.30 7.16 -29.05
C ILE E 2029 47.48 6.57 -28.27
N ASP E 2030 47.31 5.35 -27.77
CA ASP E 2030 48.39 4.65 -27.08
C ASP E 2030 49.42 4.13 -28.09
N LEU E 2031 48.93 3.68 -29.23
CA LEU E 2031 49.80 3.17 -30.29
C LEU E 2031 50.61 4.30 -30.92
N VAL E 2032 49.95 5.43 -31.14
CA VAL E 2032 50.60 6.60 -31.70
C VAL E 2032 51.69 7.12 -30.77
N THR E 2033 51.41 7.10 -29.47
CA THR E 2033 52.38 7.50 -28.46
C THR E 2033 53.55 6.52 -28.41
N ALA E 2034 53.24 5.24 -28.56
CA ALA E 2034 54.25 4.19 -28.52
C ALA E 2034 55.32 4.38 -29.60
N GLU E 2035 54.89 4.80 -30.79
CA GLU E 2035 55.79 5.03 -31.91
C GLU E 2035 56.63 6.30 -31.73
N LEU E 2036 55.96 7.41 -31.45
CA LEU E 2036 56.60 8.72 -31.44
C LEU E 2036 57.34 9.06 -30.14
N GLY E 2037 56.86 8.55 -29.02
CA GLY E 2037 57.46 8.83 -27.73
C GLY E 2037 56.66 9.81 -26.88
N SER E 2038 57.18 10.11 -25.69
CA SER E 2038 56.48 10.97 -24.73
C SER E 2038 56.62 12.47 -25.00
N ASP E 2039 57.84 12.89 -25.35
CA ASP E 2039 58.14 14.32 -25.48
C ASP E 2039 57.57 14.97 -26.73
N TRP E 2040 57.54 14.20 -27.83
CA TRP E 2040 57.06 14.72 -29.11
C TRP E 2040 55.62 15.26 -29.10
N PRO E 2041 54.65 14.53 -28.52
CA PRO E 2041 53.30 15.09 -28.47
C PRO E 2041 53.18 16.30 -27.56
N ARG E 2042 53.92 16.31 -26.45
CA ARG E 2042 53.83 17.39 -25.47
C ARG E 2042 54.47 18.69 -25.96
N LEU E 2043 55.57 18.58 -26.70
CA LEU E 2043 56.28 19.74 -27.20
C LEU E 2043 55.64 20.31 -28.47
N VAL E 2044 54.81 19.51 -29.13
CA VAL E 2044 54.20 19.93 -30.39
C VAL E 2044 52.90 20.71 -30.14
N ALA E 2045 52.54 20.88 -28.87
CA ALA E 2045 51.36 21.64 -28.49
C ALA E 2045 51.43 23.08 -29.01
N PRO E 2046 50.28 23.63 -29.43
CA PRO E 2046 50.23 24.98 -29.99
C PRO E 2046 50.62 26.06 -28.99
N THR E 2047 51.20 27.13 -29.49
CA THR E 2047 51.64 28.25 -28.67
C THR E 2047 51.09 29.58 -29.18
N PHE E 2048 51.47 29.92 -30.41
CA PHE E 2048 51.09 31.19 -31.02
C PHE E 2048 49.58 31.44 -31.05
N ASP E 2049 49.20 32.67 -30.71
CA ASP E 2049 47.85 33.16 -30.91
C ASP E 2049 47.93 34.63 -31.35
N ALA E 2050 46.99 35.06 -32.19
CA ALA E 2050 47.09 36.37 -32.84
C ALA E 2050 46.91 37.57 -31.91
N ARG E 2051 46.46 37.31 -30.68
CA ARG E 2051 46.12 38.38 -29.72
C ARG E 2051 47.23 38.80 -28.74
N LYS E 2052 48.32 38.04 -28.71
CA LYS E 2052 49.40 38.33 -27.77
C LYS E 2052 50.52 39.19 -28.36
N ALA E 2053 50.38 39.60 -29.62
CA ALA E 2053 51.42 40.38 -30.30
C ALA E 2053 51.65 41.77 -29.69
N VAL E 2054 52.91 42.21 -29.70
CA VAL E 2054 53.27 43.55 -29.24
C VAL E 2054 54.16 44.32 -30.21
N VAL E 2055 53.72 45.53 -30.54
CA VAL E 2055 54.35 46.35 -31.57
C VAL E 2055 54.96 47.59 -30.93
N PHE E 2056 56.25 47.81 -31.19
CA PHE E 2056 56.86 49.06 -30.79
C PHE E 2056 57.29 49.81 -32.04
N ASP E 2057 56.47 50.79 -32.43
CA ASP E 2057 56.81 51.73 -33.48
C ASP E 2057 57.26 53.09 -32.95
N ASP E 2058 57.32 53.28 -31.64
CA ASP E 2058 57.73 54.61 -31.18
C ASP E 2058 59.23 54.71 -30.91
N ARG E 2059 59.90 55.46 -31.77
CA ARG E 2059 61.20 56.08 -31.50
C ARG E 2059 61.04 57.44 -30.79
N TRP E 2060 60.06 58.23 -31.24
CA TRP E 2060 59.87 59.61 -30.79
C TRP E 2060 59.77 59.71 -29.27
N ALA E 2061 59.12 58.73 -28.66
CA ALA E 2061 58.95 58.70 -27.22
C ALA E 2061 60.23 58.22 -26.53
N SER E 2062 60.85 57.19 -27.09
CA SER E 2062 62.02 56.58 -26.47
C SER E 2062 63.30 57.39 -26.66
N ALA E 2063 63.34 58.21 -27.70
CA ALA E 2063 64.50 59.05 -27.97
C ALA E 2063 64.57 60.24 -27.01
N ARG E 2064 63.41 60.76 -26.63
CA ARG E 2064 63.34 61.89 -25.72
C ARG E 2064 63.81 61.51 -24.31
N GLU E 2065 63.37 60.36 -23.84
CA GLU E 2065 63.76 59.85 -22.52
C GLU E 2065 65.23 59.45 -22.54
N ASP E 2066 65.72 59.07 -23.71
CA ASP E 2066 67.10 58.63 -23.87
C ASP E 2066 68.08 59.80 -23.75
N LEU E 2067 67.68 60.96 -24.27
CA LEU E 2067 68.53 62.14 -24.27
C LEU E 2067 68.66 62.76 -22.88
N VAL E 2068 67.53 62.93 -22.21
CA VAL E 2068 67.50 63.54 -20.88
C VAL E 2068 68.28 62.70 -19.86
N LYS E 2069 68.35 61.40 -20.10
CA LYS E 2069 69.12 60.50 -19.23
C LYS E 2069 70.62 60.71 -19.46
N LEU E 2070 70.99 61.03 -20.70
CA LEU E 2070 72.37 61.33 -21.02
C LEU E 2070 72.74 62.67 -20.41
N TRP E 2071 71.90 63.68 -20.67
CA TRP E 2071 72.13 65.05 -20.24
C TRP E 2071 72.35 65.18 -18.73
N LEU E 2072 71.56 64.45 -17.95
CA LEU E 2072 71.66 64.49 -16.50
C LEU E 2072 72.86 63.72 -15.97
N ALA E 2073 73.14 62.57 -16.58
CA ALA E 2073 74.17 61.66 -16.10
C ALA E 2073 75.55 61.91 -16.71
N GLU E 2074 75.68 62.96 -17.51
CA GLU E 2074 76.95 63.25 -18.20
C GLU E 2074 78.12 63.38 -17.24
N GLU E 2075 79.15 62.59 -17.48
CA GLU E 2075 80.36 62.60 -16.68
C GLU E 2075 81.58 62.69 -17.58
N GLY E 2076 81.78 61.66 -18.40
CA GLY E 2076 82.90 61.60 -19.33
C GLY E 2076 82.93 62.81 -20.27
N ASP E 2077 84.14 63.23 -20.63
CA ASP E 2077 84.32 64.43 -21.43
C ASP E 2077 84.09 64.19 -22.92
N ILE E 2078 84.42 65.19 -23.72
CA ILE E 2078 84.16 65.16 -25.17
C ILE E 2078 84.99 64.12 -25.92
N ASP E 2079 86.02 63.59 -25.26
CA ASP E 2079 86.90 62.62 -25.90
C ASP E 2079 86.24 61.25 -26.05
N ALA E 2080 85.08 61.08 -25.43
CA ALA E 2080 84.38 59.81 -25.46
C ALA E 2080 83.86 59.47 -26.85
N GLN E 2081 84.02 58.21 -27.25
CA GLN E 2081 83.48 57.73 -28.52
C GLN E 2081 82.01 57.37 -28.35
N TRP E 2082 81.58 57.25 -27.10
CA TRP E 2082 80.19 56.93 -26.78
C TRP E 2082 79.27 58.09 -27.16
N GLU E 2083 79.77 59.30 -27.04
CA GLU E 2083 79.01 60.50 -27.39
C GLU E 2083 78.75 60.52 -28.89
N GLN E 2084 79.70 60.01 -29.67
CA GLN E 2084 79.54 59.92 -31.11
C GLN E 2084 78.61 58.76 -31.47
N LEU E 2085 78.67 57.69 -30.69
CA LEU E 2085 77.82 56.54 -30.90
C LEU E 2085 76.38 56.86 -30.52
N SER E 2086 76.21 57.57 -29.42
CA SER E 2086 74.88 57.95 -28.95
C SER E 2086 74.26 59.00 -29.86
N GLN E 2087 75.10 59.83 -30.48
CA GLN E 2087 74.63 60.84 -31.41
C GLN E 2087 74.07 60.18 -32.67
N ARG E 2088 74.65 59.05 -33.04
CA ARG E 2088 74.17 58.29 -34.18
C ARG E 2088 72.89 57.55 -33.82
N PHE E 2089 72.71 57.25 -32.53
CA PHE E 2089 71.49 56.63 -32.06
C PHE E 2089 70.39 57.69 -31.89
N GLU E 2090 70.83 58.92 -31.64
CA GLU E 2090 69.92 60.05 -31.51
C GLU E 2090 69.64 60.65 -32.88
N GLY E 2091 70.19 60.03 -33.92
CA GLY E 2091 69.99 60.47 -35.30
C GLY E 2091 68.54 60.33 -35.74
N THR E 2092 67.73 59.66 -34.92
CA THR E 2092 66.31 59.60 -35.17
C THR E 2092 65.78 61.00 -34.96
N GLY E 2093 65.18 61.59 -35.98
CA GLY E 2093 64.78 62.98 -35.89
C GLY E 2093 63.56 63.34 -36.72
N HIS E 2094 62.76 64.23 -36.16
CA HIS E 2094 61.59 64.79 -36.82
C HIS E 2094 61.21 66.05 -36.05
N VAL E 2095 60.07 66.63 -36.37
CA VAL E 2095 59.59 67.81 -35.66
C VAL E 2095 59.41 67.52 -34.17
N VAL E 2096 59.03 66.28 -33.86
CA VAL E 2096 58.80 65.86 -32.48
C VAL E 2096 60.07 65.82 -31.64
N ALA E 2097 61.06 65.07 -32.11
CA ALA E 2097 62.29 64.87 -31.35
C ALA E 2097 63.16 66.12 -31.33
N THR E 2098 63.02 66.95 -32.35
CA THR E 2098 63.76 68.21 -32.41
C THR E 2098 63.24 69.17 -31.34
N GLN E 2099 61.93 69.20 -31.16
CA GLN E 2099 61.30 70.05 -30.15
C GLN E 2099 61.77 69.70 -28.75
N ALA E 2100 62.20 68.45 -28.57
CA ALA E 2100 62.76 68.01 -27.31
C ALA E 2100 64.20 68.51 -27.15
N ASN E 2101 65.06 68.09 -28.06
CA ASN E 2101 66.49 68.43 -28.02
C ASN E 2101 66.76 69.94 -28.08
N TRP E 2102 66.11 70.63 -29.02
CA TRP E 2102 66.32 72.08 -29.20
C TRP E 2102 65.96 72.88 -27.96
N TRP E 2103 65.20 72.25 -27.08
CA TRP E 2103 64.68 72.90 -25.89
C TRP E 2103 65.63 72.77 -24.71
N GLN E 2104 65.86 71.53 -24.29
CA GLN E 2104 66.78 71.23 -23.19
C GLN E 2104 68.16 71.82 -23.47
N GLY E 2105 68.47 72.01 -24.75
CA GLY E 2105 69.72 72.64 -25.15
C GLY E 2105 69.66 74.16 -24.96
N LYS E 2106 68.55 74.75 -25.37
CA LYS E 2106 68.39 76.21 -25.26
C LYS E 2106 68.17 76.61 -23.81
N ALA E 2107 67.68 75.67 -23.01
CA ALA E 2107 67.45 75.92 -21.59
C ALA E 2107 68.76 75.81 -20.81
N LEU E 2108 69.74 75.14 -21.41
CA LEU E 2108 71.04 74.97 -20.78
C LEU E 2108 71.79 76.30 -20.70
N ALA E 2109 72.49 76.50 -19.59
CA ALA E 2109 73.19 77.77 -19.34
C ALA E 2109 74.70 77.59 -19.29
N ALA E 2110 75.40 78.66 -18.93
CA ALA E 2110 76.86 78.68 -18.89
C ALA E 2110 77.41 78.26 -17.53
N GLY E 2111 76.52 77.75 -16.67
CA GLY E 2111 76.82 77.45 -15.28
C GLY E 2111 78.13 76.70 -15.00
N ARG E 2112 78.45 75.71 -15.84
CA ARG E 2112 79.66 74.92 -15.62
C ARG E 2112 80.28 74.39 -16.91
N ASN E 2113 81.37 73.64 -16.76
CA ASN E 2113 82.08 73.07 -17.90
C ASN E 2113 81.23 72.03 -18.63
N VAL E 2114 80.52 71.22 -17.86
CA VAL E 2114 79.63 70.21 -18.43
C VAL E 2114 78.49 70.89 -19.19
N HIS E 2115 78.03 72.02 -18.66
CA HIS E 2115 76.96 72.78 -19.29
C HIS E 2115 77.44 73.44 -20.58
N ALA E 2116 78.74 73.72 -20.64
CA ALA E 2116 79.34 74.31 -21.83
C ALA E 2116 79.52 73.26 -22.93
N SER E 2117 79.83 72.04 -22.51
CA SER E 2117 80.02 70.93 -23.45
C SER E 2117 78.68 70.37 -23.92
N LEU E 2118 77.71 70.31 -23.01
CA LEU E 2118 76.40 69.79 -23.33
C LEU E 2118 75.66 70.71 -24.30
N PHE E 2119 75.70 72.01 -24.02
CA PHE E 2119 75.01 73.00 -24.85
C PHE E 2119 75.53 73.01 -26.28
N GLY E 2120 76.85 72.96 -26.43
CA GLY E 2120 77.48 72.99 -27.74
C GLY E 2120 77.20 71.70 -28.52
N ARG E 2121 77.34 70.56 -27.84
CA ARG E 2121 77.12 69.27 -28.48
C ARG E 2121 75.66 69.07 -28.84
N ILE E 2122 74.76 69.59 -28.01
CA ILE E 2122 73.33 69.46 -28.24
C ILE E 2122 72.88 70.33 -29.42
N ALA E 2123 73.45 71.53 -29.51
CA ALA E 2123 73.14 72.43 -30.60
C ALA E 2123 73.60 71.84 -31.93
N ALA E 2124 74.74 71.15 -31.89
CA ALA E 2124 75.27 70.48 -33.07
C ALA E 2124 74.40 69.27 -33.41
N GLY E 2125 73.92 68.59 -32.38
CA GLY E 2125 73.06 67.42 -32.57
C GLY E 2125 71.68 67.85 -33.04
N ALA E 2126 71.26 69.04 -32.63
CA ALA E 2126 69.98 69.59 -33.05
C ALA E 2126 70.04 70.00 -34.52
N GLU E 2127 71.22 70.43 -34.96
CA GLU E 2127 71.42 70.82 -36.34
C GLU E 2127 71.53 69.59 -37.24
N ASN E 2128 72.20 68.55 -36.74
CA ASN E 2128 72.37 67.32 -37.49
C ASN E 2128 71.05 66.55 -37.55
N PRO E 2129 70.17 66.82 -36.59
CA PRO E 2129 68.86 66.18 -36.54
C PRO E 2129 67.95 66.71 -37.64
N GLY E 2130 68.05 68.01 -37.90
CA GLY E 2130 67.19 68.66 -38.88
C GLY E 2130 67.38 68.09 -40.29
N LYS E 2131 68.61 67.74 -40.63
CA LYS E 2131 68.93 67.25 -41.97
C LYS E 2131 68.96 65.72 -42.05
N GLY E 2132 68.65 65.06 -40.93
CA GLY E 2132 68.73 63.60 -40.85
C GLY E 2132 67.88 62.88 -41.91
N ARG E 2133 68.45 61.80 -42.45
CA ARG E 2133 67.76 61.00 -43.45
C ARG E 2133 67.48 59.62 -42.87
N TYR E 2134 66.91 58.74 -43.69
CA TYR E 2134 66.62 57.38 -43.26
C TYR E 2134 66.71 56.38 -44.41
N SER E 2135 66.83 55.11 -44.04
CA SER E 2135 66.73 54.00 -44.98
C SER E 2135 65.54 53.15 -44.57
N ASP E 2136 65.26 52.09 -45.33
CA ASP E 2136 64.21 51.15 -44.97
C ASP E 2136 64.57 49.70 -45.31
N GLU E 2137 64.40 48.82 -44.34
CA GLU E 2137 64.57 47.38 -44.53
C GLU E 2137 63.51 46.60 -43.75
N VAL E 2138 62.88 45.63 -44.39
CA VAL E 2138 61.89 44.80 -43.70
C VAL E 2138 62.42 43.39 -43.45
N ALA E 2139 62.67 43.05 -42.20
CA ALA E 2139 63.29 41.76 -41.88
C ALA E 2139 62.53 40.94 -40.84
N VAL E 2140 62.64 39.62 -40.95
CA VAL E 2140 62.09 38.70 -39.96
C VAL E 2140 63.22 37.86 -39.38
N VAL E 2141 63.47 38.02 -38.08
CA VAL E 2141 64.58 37.33 -37.44
C VAL E 2141 64.12 36.41 -36.30
N THR E 2142 64.52 35.16 -36.37
CA THR E 2142 64.24 34.19 -35.31
C THR E 2142 65.53 33.81 -34.61
N GLY E 2143 65.43 33.45 -33.33
CA GLY E 2143 66.61 33.12 -32.54
C GLY E 2143 67.37 34.40 -32.18
N ALA E 2144 66.62 35.43 -31.85
CA ALA E 2144 67.14 36.77 -31.62
C ALA E 2144 67.52 37.04 -30.16
N SER E 2145 67.51 36.00 -29.33
CA SER E 2145 67.53 36.18 -27.89
C SER E 2145 68.85 36.75 -27.34
N LYS E 2146 68.89 36.93 -26.02
CA LYS E 2146 69.96 37.67 -25.37
C LYS E 2146 71.30 36.93 -25.38
N GLY E 2147 72.38 37.67 -25.59
CA GLY E 2147 73.72 37.12 -25.60
C GLY E 2147 73.94 36.18 -26.77
N SER E 2148 73.48 36.61 -27.95
CA SER E 2148 73.58 35.78 -29.14
C SER E 2148 74.04 36.60 -30.35
N ILE E 2149 74.40 35.91 -31.42
CA ILE E 2149 74.83 36.56 -32.65
C ILE E 2149 73.71 37.40 -33.26
N ALA E 2150 72.50 36.84 -33.27
CA ALA E 2150 71.36 37.50 -33.89
C ALA E 2150 70.94 38.76 -33.15
N ALA E 2151 71.11 38.76 -31.83
CA ALA E 2151 70.78 39.93 -31.02
C ALA E 2151 71.67 41.10 -31.40
N SER E 2152 72.92 40.78 -31.74
CA SER E 2152 73.85 41.79 -32.21
C SER E 2152 73.48 42.21 -33.64
N VAL E 2153 72.86 41.30 -34.37
CA VAL E 2153 72.38 41.59 -35.72
C VAL E 2153 71.13 42.46 -35.66
N VAL E 2154 70.24 42.14 -34.72
CA VAL E 2154 68.98 42.87 -34.57
C VAL E 2154 69.19 44.35 -34.27
N GLY E 2155 69.97 44.64 -33.23
CA GLY E 2155 70.27 46.01 -32.85
C GLY E 2155 70.97 46.76 -33.96
N GLN E 2156 71.77 46.03 -34.76
CA GLN E 2156 72.47 46.61 -35.89
C GLN E 2156 71.52 46.90 -37.05
N LEU E 2157 70.55 46.00 -37.25
CA LEU E 2157 69.51 46.24 -38.24
C LEU E 2157 68.71 47.48 -37.86
N LEU E 2158 68.38 47.57 -36.58
CA LEU E 2158 67.70 48.74 -36.05
C LEU E 2158 68.59 49.97 -36.20
N ASP E 2159 69.90 49.77 -36.14
CA ASP E 2159 70.85 50.87 -36.34
C ASP E 2159 70.88 51.31 -37.80
N GLY E 2160 70.40 50.45 -38.69
CA GLY E 2160 70.42 50.73 -40.12
C GLY E 2160 69.08 51.24 -40.65
N GLY E 2161 68.21 51.66 -39.74
CA GLY E 2161 66.92 52.20 -40.12
C GLY E 2161 66.00 51.18 -40.78
N ALA E 2162 65.84 50.04 -40.13
CA ALA E 2162 65.11 48.92 -40.73
C ALA E 2162 63.78 48.73 -40.00
N THR E 2163 63.01 47.76 -40.47
CA THR E 2163 61.80 47.31 -39.77
C THR E 2163 62.00 45.83 -39.49
N VAL E 2164 61.97 45.47 -38.21
CA VAL E 2164 62.39 44.13 -37.81
C VAL E 2164 61.34 43.35 -37.03
N ILE E 2165 61.05 42.13 -37.50
CA ILE E 2165 60.20 41.21 -36.78
C ILE E 2165 61.06 40.29 -35.92
N ALA E 2166 60.95 40.43 -34.61
CA ALA E 2166 61.77 39.65 -33.68
C ALA E 2166 60.91 38.64 -32.93
N THR E 2167 61.31 37.37 -32.99
CA THR E 2167 60.58 36.31 -32.31
C THR E 2167 61.32 35.87 -31.05
N THR E 2168 60.56 35.57 -30.00
CA THR E 2168 61.13 35.05 -28.76
C THR E 2168 60.40 33.80 -28.29
N SER E 2169 61.15 32.77 -27.95
CA SER E 2169 60.57 31.52 -27.47
C SER E 2169 59.94 31.72 -26.10
N ARG E 2170 60.68 32.37 -25.21
CA ARG E 2170 60.16 32.68 -23.87
C ARG E 2170 59.45 34.03 -23.88
N LEU E 2171 58.17 34.02 -23.54
CA LEU E 2171 57.33 35.22 -23.62
C LEU E 2171 57.37 36.01 -22.32
N ASP E 2172 58.08 35.49 -21.32
CA ASP E 2172 58.14 36.11 -20.00
C ASP E 2172 58.66 37.54 -20.06
N ASP E 2173 58.20 38.38 -19.14
CA ASP E 2173 58.51 39.80 -19.15
C ASP E 2173 60.00 40.12 -19.04
N ASP E 2174 60.79 39.15 -18.58
CA ASP E 2174 62.23 39.33 -18.48
C ASP E 2174 62.86 39.31 -19.88
N ARG E 2175 62.26 38.56 -20.79
CA ARG E 2175 62.66 38.55 -22.18
C ARG E 2175 62.07 39.75 -22.89
N LEU E 2176 60.86 40.12 -22.49
CA LEU E 2176 60.16 41.25 -23.08
C LEU E 2176 60.84 42.57 -22.75
N ALA E 2177 61.33 42.67 -21.53
CA ALA E 2177 62.01 43.88 -21.08
C ALA E 2177 63.35 44.07 -21.78
N PHE E 2178 63.98 42.95 -22.16
CA PHE E 2178 65.28 42.99 -22.82
C PHE E 2178 65.21 43.65 -24.20
N TYR E 2179 64.22 43.26 -24.99
CA TYR E 2179 64.06 43.81 -26.33
C TYR E 2179 63.68 45.29 -26.29
N LYS E 2180 63.01 45.69 -25.22
CA LYS E 2180 62.69 47.10 -25.02
C LYS E 2180 63.97 47.87 -24.72
N GLN E 2181 64.85 47.26 -23.93
CA GLN E 2181 66.15 47.84 -23.64
C GLN E 2181 67.00 47.91 -24.90
N LEU E 2182 66.96 46.85 -25.69
CA LEU E 2182 67.74 46.78 -26.92
C LEU E 2182 67.24 47.77 -27.96
N TYR E 2183 65.93 47.97 -28.02
CA TYR E 2183 65.33 48.88 -28.99
C TYR E 2183 65.60 50.35 -28.63
N ARG E 2184 65.34 50.72 -27.38
CA ARG E 2184 65.51 52.10 -26.93
C ARG E 2184 66.96 52.59 -27.02
N ASP E 2185 67.89 51.67 -27.26
CA ASP E 2185 69.29 52.02 -27.46
C ASP E 2185 69.60 52.19 -28.95
N HIS E 2186 69.42 51.12 -29.72
CA HIS E 2186 69.88 51.06 -31.11
C HIS E 2186 68.89 51.53 -32.18
N ALA E 2187 67.75 52.07 -31.77
CA ALA E 2187 66.74 52.50 -32.74
C ALA E 2187 67.02 53.86 -33.40
N ARG E 2188 66.93 53.89 -34.73
CA ARG E 2188 67.06 55.12 -35.49
C ARG E 2188 65.69 55.61 -35.95
N PHE E 2189 65.71 56.65 -36.79
CA PHE E 2189 64.51 57.12 -37.46
C PHE E 2189 64.00 56.04 -38.41
N ASP E 2190 62.70 56.07 -38.69
CA ASP E 2190 62.07 55.09 -39.59
C ASP E 2190 62.06 53.66 -39.03
N ALA E 2191 62.66 53.48 -37.85
CA ALA E 2191 62.79 52.15 -37.26
C ALA E 2191 61.59 51.71 -36.44
N THR E 2192 61.07 50.53 -36.77
CA THR E 2192 59.94 49.93 -36.08
C THR E 2192 60.30 48.48 -35.72
N LEU E 2193 60.19 48.12 -34.44
CA LEU E 2193 60.50 46.76 -34.01
C LEU E 2193 59.24 45.99 -33.57
N TRP E 2194 59.22 44.70 -33.85
CA TRP E 2194 58.08 43.86 -33.46
C TRP E 2194 58.54 42.59 -32.73
N VAL E 2195 58.03 42.42 -31.51
CA VAL E 2195 58.35 41.26 -30.68
C VAL E 2195 57.13 40.37 -30.54
N VAL E 2196 57.32 39.07 -30.70
CA VAL E 2196 56.21 38.13 -30.59
C VAL E 2196 56.59 36.80 -29.93
N PRO E 2197 55.64 36.16 -29.23
CA PRO E 2197 55.85 34.77 -28.82
C PRO E 2197 55.83 33.88 -30.06
N ALA E 2198 56.82 33.00 -30.21
CA ALA E 2198 56.88 32.15 -31.38
C ALA E 2198 57.57 30.83 -31.09
N ASN E 2199 57.09 29.77 -31.74
CA ASN E 2199 57.72 28.45 -31.65
C ASN E 2199 57.96 27.89 -33.04
N MET E 2200 59.22 27.74 -33.41
CA MET E 2200 59.58 27.27 -34.75
C MET E 2200 59.36 25.76 -34.89
N ALA E 2201 59.13 25.09 -33.78
CA ALA E 2201 58.88 23.65 -33.78
C ALA E 2201 57.45 23.34 -34.20
N SER E 2202 56.58 24.34 -34.09
CA SER E 2202 55.17 24.17 -34.42
C SER E 2202 54.87 24.64 -35.84
N TYR E 2203 54.33 23.74 -36.66
CA TYR E 2203 53.92 24.10 -38.02
C TYR E 2203 52.75 25.06 -37.97
N SER E 2204 51.89 24.88 -36.97
CA SER E 2204 50.74 25.77 -36.78
C SER E 2204 51.22 27.20 -36.54
N ASP E 2205 52.23 27.34 -35.67
CA ASP E 2205 52.82 28.64 -35.40
C ASP E 2205 53.33 29.31 -36.67
N ILE E 2206 54.12 28.56 -37.44
CA ILE E 2206 54.68 29.06 -38.70
C ILE E 2206 53.59 29.57 -39.63
N ASP E 2207 52.56 28.76 -39.83
CA ASP E 2207 51.45 29.14 -40.69
C ASP E 2207 50.68 30.33 -40.12
N LYS E 2208 50.40 30.28 -38.83
CA LYS E 2208 49.66 31.36 -38.16
C LYS E 2208 50.47 32.65 -38.10
N LEU E 2209 51.79 32.54 -37.92
CA LEU E 2209 52.65 33.71 -37.80
C LEU E 2209 52.70 34.48 -39.11
N VAL E 2210 53.00 33.79 -40.20
CA VAL E 2210 53.14 34.46 -41.49
C VAL E 2210 51.78 34.88 -42.04
N GLU E 2211 50.71 34.22 -41.59
CA GLU E 2211 49.36 34.63 -41.93
C GLU E 2211 49.09 35.96 -41.24
N TRP E 2212 49.77 36.18 -40.11
CA TRP E 2212 49.71 37.44 -39.40
C TRP E 2212 50.65 38.46 -40.05
N VAL E 2213 51.82 37.99 -40.48
CA VAL E 2213 52.82 38.85 -41.10
C VAL E 2213 52.38 39.37 -42.49
N GLY E 2214 51.49 38.64 -43.15
CA GLY E 2214 51.15 38.93 -44.53
C GLY E 2214 49.80 39.53 -44.90
N THR E 2215 48.98 39.89 -43.92
CA THR E 2215 47.59 40.19 -44.23
C THR E 2215 47.24 41.63 -44.65
N GLU E 2216 47.23 42.56 -43.71
CA GLU E 2216 46.63 43.87 -43.96
C GLU E 2216 47.50 45.10 -43.65
N GLN E 2217 47.93 45.21 -42.40
CA GLN E 2217 48.37 46.47 -41.79
C GLN E 2217 47.21 47.46 -41.74
N THR E 2218 46.25 47.11 -40.89
CA THR E 2218 45.06 47.91 -40.74
C THR E 2218 44.55 47.74 -39.30
N GLU E 2219 43.97 48.79 -38.73
CA GLU E 2219 43.40 48.68 -37.39
C GLU E 2219 41.97 49.20 -37.40
N SER E 2220 41.03 48.30 -37.20
CA SER E 2220 39.61 48.64 -37.26
C SER E 2220 39.07 49.02 -35.88
N LEU E 2221 38.59 50.24 -35.73
CA LEU E 2221 37.88 50.59 -34.50
C LEU E 2221 36.38 50.59 -34.72
N GLY E 2222 35.73 49.54 -34.22
CA GLY E 2222 34.29 49.46 -34.16
C GLY E 2222 33.86 49.71 -32.73
N PRO E 2223 32.76 49.04 -32.31
CA PRO E 2223 32.43 49.04 -30.88
C PRO E 2223 33.60 48.47 -30.07
N GLN E 2224 34.39 47.60 -30.70
CA GLN E 2224 35.56 46.99 -30.05
C GLN E 2224 36.86 47.24 -30.81
N SER E 2225 37.96 46.69 -30.28
CA SER E 2225 39.29 46.87 -30.86
C SER E 2225 39.77 45.63 -31.61
N ILE E 2226 39.86 45.75 -32.93
CA ILE E 2226 40.35 44.67 -33.77
C ILE E 2226 41.56 45.13 -34.57
N HIS E 2227 42.70 44.49 -34.37
CA HIS E 2227 43.89 44.82 -35.15
C HIS E 2227 44.07 43.81 -36.27
N LEU E 2228 43.83 44.25 -37.51
CA LEU E 2228 44.02 43.39 -38.66
C LEU E 2228 45.50 43.17 -38.90
N LYS E 2229 45.84 41.92 -39.27
CA LYS E 2229 47.22 41.46 -39.28
C LYS E 2229 48.14 42.30 -40.16
N ASP E 2230 49.27 42.72 -39.60
CA ASP E 2230 50.14 43.69 -40.26
C ASP E 2230 50.91 43.07 -41.42
N ALA E 2231 50.80 43.69 -42.60
CA ALA E 2231 51.41 43.13 -43.80
C ALA E 2231 52.68 43.86 -44.20
N GLN E 2232 53.82 43.20 -44.01
CA GLN E 2232 55.11 43.72 -44.46
C GLN E 2232 55.89 42.64 -45.21
N THR E 2233 56.17 42.89 -46.49
CA THR E 2233 56.84 41.90 -47.30
C THR E 2233 58.31 41.80 -46.91
N PRO E 2234 58.74 40.65 -46.38
CA PRO E 2234 60.08 40.49 -45.79
C PRO E 2234 61.19 40.64 -46.82
N THR E 2235 62.17 41.49 -46.53
CA THR E 2235 63.35 41.63 -47.35
C THR E 2235 64.33 40.53 -46.95
N LEU E 2236 64.76 40.58 -45.69
CA LEU E 2236 65.70 39.61 -45.15
C LEU E 2236 65.02 38.64 -44.19
N LEU E 2237 65.41 37.38 -44.26
CA LEU E 2237 64.90 36.37 -43.33
C LEU E 2237 66.08 35.70 -42.63
N PHE E 2238 66.03 35.64 -41.31
CA PHE E 2238 67.15 35.12 -40.53
C PHE E 2238 66.76 33.97 -39.61
N PRO E 2239 66.79 32.74 -40.12
CA PRO E 2239 66.41 31.60 -39.29
C PRO E 2239 67.53 31.19 -38.33
N PHE E 2240 67.81 32.03 -37.34
CA PHE E 2240 68.84 31.77 -36.34
C PHE E 2240 68.30 31.02 -35.13
N ALA E 2241 67.04 30.60 -35.19
CA ALA E 2241 66.44 29.83 -34.10
C ALA E 2241 67.30 28.60 -33.81
N ALA E 2242 67.73 28.48 -32.56
CA ALA E 2242 68.71 27.48 -32.18
C ALA E 2242 68.31 26.73 -30.92
N PRO E 2243 67.58 25.61 -31.10
CA PRO E 2243 67.25 24.75 -29.96
C PRO E 2243 68.52 24.28 -29.26
N ARG E 2244 68.47 24.21 -27.94
CA ARG E 2244 69.63 23.84 -27.14
C ARG E 2244 69.30 22.51 -26.48
N VAL E 2245 70.32 21.79 -26.04
CA VAL E 2245 70.07 20.48 -25.48
C VAL E 2245 69.81 20.66 -23.98
N ALA E 2246 68.53 20.52 -23.62
CA ALA E 2246 68.10 20.48 -22.24
C ALA E 2246 67.04 19.38 -22.13
N GLY E 2247 67.35 18.34 -21.37
CA GLY E 2247 66.61 17.09 -21.42
C GLY E 2247 65.70 16.71 -20.27
N ASP E 2248 65.23 17.68 -19.49
CA ASP E 2248 64.51 17.42 -18.24
C ASP E 2248 63.41 16.35 -18.34
N MET E 2249 62.68 16.34 -19.45
CA MET E 2249 61.63 15.35 -19.67
C MET E 2249 62.17 13.98 -20.10
N SER E 2250 63.50 13.86 -20.19
CA SER E 2250 64.21 12.65 -20.66
C SER E 2250 64.39 12.56 -22.18
N GLU E 2251 64.00 13.62 -22.88
CA GLU E 2251 63.97 13.68 -24.35
C GLU E 2251 65.31 13.33 -25.02
N VAL E 2252 66.36 13.17 -24.22
CA VAL E 2252 67.72 12.96 -24.71
C VAL E 2252 67.84 11.87 -25.78
N GLY E 2253 68.60 12.19 -26.83
CA GLY E 2253 68.90 11.23 -27.88
C GLY E 2253 67.97 11.29 -29.08
N SER E 2254 66.75 11.80 -28.86
CA SER E 2254 65.78 11.93 -29.94
C SER E 2254 65.75 13.35 -30.52
N ARG E 2255 66.57 14.23 -29.94
CA ARG E 2255 66.52 15.64 -30.28
C ARG E 2255 67.08 15.95 -31.66
N ALA E 2256 68.20 15.30 -32.00
CA ALA E 2256 68.82 15.48 -33.31
C ALA E 2256 67.87 15.07 -34.43
N GLU E 2257 66.94 14.18 -34.11
CA GLU E 2257 65.91 13.74 -35.05
C GLU E 2257 64.84 14.81 -35.22
N MET E 2258 64.44 15.40 -34.10
CA MET E 2258 63.36 16.39 -34.10
C MET E 2258 63.85 17.73 -34.67
N GLU E 2259 65.08 18.10 -34.34
CA GLU E 2259 65.64 19.38 -34.79
C GLU E 2259 65.81 19.41 -36.31
N MET E 2260 65.89 18.24 -36.93
CA MET E 2260 65.99 18.17 -38.38
C MET E 2260 64.71 18.69 -39.02
N LYS E 2261 63.60 18.60 -38.29
CA LYS E 2261 62.36 19.23 -38.72
C LYS E 2261 62.52 20.75 -38.59
N VAL E 2262 62.96 21.18 -37.41
CA VAL E 2262 63.12 22.59 -37.10
C VAL E 2262 64.16 23.29 -37.96
N LEU E 2263 65.36 22.73 -38.00
CA LEU E 2263 66.48 23.41 -38.65
C LEU E 2263 66.35 23.43 -40.18
N LEU E 2264 65.60 22.48 -40.74
CA LEU E 2264 65.49 22.37 -42.19
C LEU E 2264 64.06 22.30 -42.69
N TRP E 2265 63.36 21.22 -42.34
CA TRP E 2265 62.01 20.96 -42.83
C TRP E 2265 61.04 22.09 -42.50
N ALA E 2266 61.04 22.54 -41.24
CA ALA E 2266 60.17 23.65 -40.82
C ALA E 2266 60.65 24.99 -41.40
N VAL E 2267 61.94 25.10 -41.66
CA VAL E 2267 62.49 26.26 -42.36
C VAL E 2267 61.97 26.22 -43.79
N GLN E 2268 62.03 25.02 -44.39
CA GLN E 2268 61.50 24.82 -45.73
C GLN E 2268 60.05 25.26 -45.82
N ARG E 2269 59.24 24.88 -44.83
CA ARG E 2269 57.85 25.31 -44.78
C ARG E 2269 57.76 26.80 -44.47
N LEU E 2270 58.76 27.33 -43.78
CA LEU E 2270 58.82 28.76 -43.48
C LEU E 2270 59.14 29.54 -44.75
N ILE E 2271 60.07 29.01 -45.54
CA ILE E 2271 60.43 29.60 -46.82
C ILE E 2271 59.27 29.47 -47.79
N SER E 2272 58.62 28.30 -47.77
CA SER E 2272 57.46 28.06 -48.61
C SER E 2272 56.30 28.97 -48.21
N GLY E 2273 56.14 29.17 -46.91
CA GLY E 2273 55.07 30.01 -46.38
C GLY E 2273 55.16 31.45 -46.86
N LEU E 2274 56.33 32.04 -46.73
CA LEU E 2274 56.55 33.41 -47.18
C LEU E 2274 56.59 33.52 -48.70
N SER E 2275 56.78 32.38 -49.36
CA SER E 2275 56.74 32.32 -50.81
C SER E 2275 55.31 32.40 -51.30
N LYS E 2276 54.40 31.77 -50.56
CA LYS E 2276 52.98 31.81 -50.89
C LYS E 2276 52.44 33.23 -50.76
N ILE E 2277 52.70 33.86 -49.61
CA ILE E 2277 52.28 35.23 -49.36
C ILE E 2277 52.78 36.16 -50.44
N GLY E 2278 54.04 36.01 -50.81
CA GLY E 2278 54.65 36.82 -51.84
C GLY E 2278 54.02 36.60 -53.20
N ALA E 2279 53.64 35.36 -53.48
CA ALA E 2279 53.03 35.02 -54.76
C ALA E 2279 51.53 35.38 -54.79
N GLU E 2280 50.84 35.11 -53.70
CA GLU E 2280 49.40 35.41 -53.61
C GLU E 2280 49.16 36.91 -53.64
N ARG E 2281 49.91 37.66 -52.83
CA ARG E 2281 49.77 39.10 -52.78
C ARG E 2281 50.61 39.72 -53.90
N ASP E 2282 51.26 38.86 -54.67
CA ASP E 2282 51.91 39.25 -55.91
C ASP E 2282 52.99 40.30 -55.77
N ILE E 2283 54.12 39.91 -55.19
CA ILE E 2283 55.30 40.76 -55.19
C ILE E 2283 56.43 40.07 -55.94
N ALA E 2284 57.20 40.86 -56.69
CA ALA E 2284 58.38 40.34 -57.38
C ALA E 2284 59.60 40.50 -56.50
N SER E 2285 59.40 41.13 -55.35
CA SER E 2285 60.47 41.36 -54.38
C SER E 2285 61.08 40.04 -53.91
N ARG E 2286 62.41 39.96 -53.96
CA ARG E 2286 63.09 38.74 -53.53
C ARG E 2286 63.41 38.78 -52.04
N LEU E 2287 62.84 37.84 -51.31
CA LEU E 2287 63.17 37.67 -49.90
C LEU E 2287 64.55 37.04 -49.81
N HIS E 2288 65.47 37.72 -49.13
CA HIS E 2288 66.81 37.21 -48.98
C HIS E 2288 66.90 36.41 -47.70
N VAL E 2289 67.03 35.09 -47.83
CA VAL E 2289 67.13 34.22 -46.68
C VAL E 2289 68.59 33.87 -46.45
N VAL E 2290 69.13 34.36 -45.34
CA VAL E 2290 70.51 34.02 -45.00
C VAL E 2290 70.50 32.69 -44.29
N LEU E 2291 71.13 31.69 -44.90
CA LEU E 2291 71.14 30.34 -44.36
C LEU E 2291 72.33 30.16 -43.42
N PRO E 2292 72.04 30.03 -42.12
CA PRO E 2292 73.08 29.94 -41.07
C PRO E 2292 73.88 28.66 -41.14
N GLY E 2293 74.66 28.50 -42.21
CA GLY E 2293 75.47 27.32 -42.38
C GLY E 2293 76.56 27.20 -41.32
N SER E 2294 76.87 25.96 -40.94
CA SER E 2294 77.95 25.68 -40.01
C SER E 2294 79.29 25.70 -40.74
N PRO E 2295 80.34 26.18 -40.07
CA PRO E 2295 81.60 26.39 -40.78
C PRO E 2295 82.28 25.08 -41.15
N ASN E 2296 82.68 24.97 -42.41
CA ASN E 2296 83.61 23.92 -42.86
C ASN E 2296 83.35 22.50 -42.34
N ARG E 2297 82.30 21.87 -42.85
CA ARG E 2297 81.96 20.49 -42.47
C ARG E 2297 83.08 19.50 -42.80
N GLY E 2298 83.27 18.53 -41.91
CA GLY E 2298 84.21 17.43 -42.15
C GLY E 2298 85.61 17.61 -41.60
N MET E 2299 86.03 18.86 -41.38
CA MET E 2299 87.35 19.12 -40.82
C MET E 2299 87.34 19.34 -39.31
N PHE E 2300 86.16 19.19 -38.70
CA PHE E 2300 86.04 19.19 -37.24
C PHE E 2300 85.23 17.97 -36.81
N GLY E 2301 85.72 17.27 -35.80
CA GLY E 2301 84.99 16.15 -35.25
C GLY E 2301 84.43 16.42 -33.87
N GLY E 2302 84.73 17.61 -33.34
CA GLY E 2302 84.42 17.93 -31.95
C GLY E 2302 83.13 18.71 -31.70
N ASP E 2303 82.59 19.34 -32.74
CA ASP E 2303 81.36 20.10 -32.59
C ASP E 2303 80.22 19.17 -32.25
N GLY E 2304 80.06 18.12 -33.06
CA GLY E 2304 79.07 17.09 -32.80
C GLY E 2304 77.66 17.41 -33.27
N ALA E 2305 77.37 18.68 -33.53
CA ALA E 2305 76.04 19.09 -33.94
C ALA E 2305 76.07 19.90 -35.24
N TYR E 2306 76.69 21.07 -35.17
CA TYR E 2306 76.77 22.00 -36.31
C TYR E 2306 77.27 21.36 -37.61
N GLY E 2307 78.43 20.72 -37.54
CA GLY E 2307 79.14 20.22 -38.72
C GLY E 2307 78.33 19.33 -39.65
N GLU E 2308 77.58 18.40 -39.08
CA GLU E 2308 76.82 17.45 -39.88
C GLU E 2308 75.50 18.00 -40.40
N ALA E 2309 74.79 18.74 -39.56
CA ALA E 2309 73.42 19.15 -39.86
C ALA E 2309 73.33 20.13 -41.03
N LYS E 2310 74.32 21.00 -41.15
CA LYS E 2310 74.25 22.12 -42.09
C LYS E 2310 74.87 21.84 -43.46
N SER E 2311 75.30 20.60 -43.69
CA SER E 2311 75.91 20.22 -44.96
C SER E 2311 74.84 19.99 -46.03
N ALA E 2312 73.60 19.82 -45.60
CA ALA E 2312 72.49 19.61 -46.52
C ALA E 2312 71.95 20.92 -47.05
N LEU E 2313 72.51 22.03 -46.55
CA LEU E 2313 72.18 23.35 -47.07
C LEU E 2313 72.69 23.51 -48.51
N ASP E 2314 73.72 22.74 -48.86
CA ASP E 2314 74.19 22.68 -50.24
C ASP E 2314 73.15 21.96 -51.09
N ALA E 2315 72.44 21.02 -50.48
CA ALA E 2315 71.37 20.32 -51.15
C ALA E 2315 70.12 21.19 -51.22
N LEU E 2316 69.99 22.09 -50.26
CA LEU E 2316 68.85 23.01 -50.21
C LEU E 2316 69.02 24.10 -51.28
N GLU E 2317 70.26 24.46 -51.55
CA GLU E 2317 70.57 25.40 -52.63
C GLU E 2317 70.22 24.76 -53.97
N ASN E 2318 70.27 23.44 -54.01
CA ASN E 2318 69.90 22.70 -55.21
C ASN E 2318 68.39 22.73 -55.46
N ARG E 2319 67.61 22.74 -54.37
CA ARG E 2319 66.17 22.80 -54.47
C ARG E 2319 65.70 24.10 -55.10
N TRP E 2320 66.39 25.19 -54.76
CA TRP E 2320 66.09 26.49 -55.36
C TRP E 2320 66.59 26.54 -56.79
N SER E 2321 67.70 25.85 -57.06
CA SER E 2321 68.25 25.80 -58.40
C SER E 2321 67.44 24.85 -59.28
N ALA E 2322 66.62 24.03 -58.63
CA ALA E 2322 65.72 23.12 -59.33
C ALA E 2322 64.37 23.78 -59.56
N GLU E 2323 63.66 24.06 -58.48
CA GLU E 2323 62.37 24.72 -58.54
C GLU E 2323 62.48 26.09 -59.22
N LYS E 2324 61.69 26.29 -60.26
CA LYS E 2324 61.82 27.46 -61.13
C LYS E 2324 61.16 28.74 -60.59
N SER E 2325 59.97 28.60 -60.01
CA SER E 2325 59.17 29.77 -59.64
C SER E 2325 59.54 30.37 -58.28
N TRP E 2326 60.53 29.76 -57.61
CA TRP E 2326 60.95 30.23 -56.29
C TRP E 2326 61.89 31.44 -56.36
N ALA E 2327 62.45 31.68 -57.53
CA ALA E 2327 63.47 32.72 -57.71
C ALA E 2327 62.99 34.11 -57.32
N GLU E 2328 61.81 34.50 -57.82
CA GLU E 2328 61.29 35.84 -57.56
C GLU E 2328 60.90 36.06 -56.10
N ARG E 2329 60.42 34.99 -55.46
CA ARG E 2329 60.01 35.09 -54.06
C ARG E 2329 61.15 35.00 -53.05
N VAL E 2330 62.08 34.09 -53.29
CA VAL E 2330 63.15 33.82 -52.31
C VAL E 2330 64.53 33.68 -52.94
N SER E 2331 65.51 34.39 -52.36
CA SER E 2331 66.90 34.22 -52.73
C SER E 2331 67.68 33.60 -51.57
N LEU E 2332 68.52 32.62 -51.88
CA LEU E 2332 69.28 31.93 -50.84
C LEU E 2332 70.69 32.50 -50.68
N ALA E 2333 70.95 33.07 -49.51
CA ALA E 2333 72.28 33.56 -49.17
C ALA E 2333 72.89 32.64 -48.12
N HIS E 2334 73.92 31.89 -48.52
CA HIS E 2334 74.51 30.92 -47.60
C HIS E 2334 75.71 31.48 -46.84
N ALA E 2335 75.63 31.47 -45.52
CA ALA E 2335 76.69 31.98 -44.67
C ALA E 2335 77.21 30.91 -43.73
N LEU E 2336 78.51 30.66 -43.77
CA LEU E 2336 79.12 29.71 -42.86
C LEU E 2336 79.63 30.46 -41.64
N ILE E 2337 78.98 30.24 -40.51
CA ILE E 2337 79.30 31.01 -39.31
C ILE E 2337 80.43 30.33 -38.56
N GLY E 2338 81.57 31.00 -38.48
CA GLY E 2338 82.77 30.40 -37.92
C GLY E 2338 82.74 30.30 -36.41
N TRP E 2339 83.91 30.15 -35.80
CA TRP E 2339 83.99 30.03 -34.36
C TRP E 2339 83.57 31.38 -33.80
N THR E 2340 82.54 31.35 -32.96
CA THR E 2340 81.96 32.58 -32.42
C THR E 2340 81.67 32.39 -30.94
N LYS E 2341 82.21 33.28 -30.11
CA LYS E 2341 82.23 33.02 -28.67
C LYS E 2341 81.03 33.61 -27.92
N GLY E 2342 80.15 32.71 -27.46
CA GLY E 2342 79.10 33.06 -26.52
C GLY E 2342 79.51 32.63 -25.12
N THR E 2343 78.88 33.22 -24.11
CA THR E 2343 79.21 32.90 -22.72
C THR E 2343 78.58 31.60 -22.21
N GLY E 2344 77.28 31.44 -22.47
CA GLY E 2344 76.51 30.34 -21.90
C GLY E 2344 76.89 28.95 -22.36
N LEU E 2345 76.83 28.72 -23.66
CA LEU E 2345 77.09 27.40 -24.22
C LEU E 2345 78.59 27.11 -24.25
N MET E 2346 79.35 28.13 -24.60
CA MET E 2346 80.78 28.00 -24.84
C MET E 2346 81.66 28.35 -23.65
N GLY E 2347 81.04 28.55 -22.48
CA GLY E 2347 81.77 28.91 -21.28
C GLY E 2347 82.94 27.99 -20.96
N GLN E 2348 82.88 26.76 -21.45
CA GLN E 2348 84.03 25.86 -21.39
C GLN E 2348 85.02 26.19 -22.50
N ASN E 2349 84.50 26.50 -23.68
CA ASN E 2349 85.35 26.73 -24.86
C ASN E 2349 86.11 28.05 -24.80
N ASP E 2350 85.74 28.92 -23.88
CA ASP E 2350 86.30 30.28 -23.81
C ASP E 2350 87.80 30.31 -23.52
N ALA E 2351 88.28 29.39 -22.69
CA ALA E 2351 89.68 29.40 -22.27
C ALA E 2351 90.62 28.99 -23.39
N ILE E 2352 90.18 28.08 -24.24
CA ILE E 2352 91.02 27.56 -25.32
C ILE E 2352 90.83 28.34 -26.61
N VAL E 2353 90.01 29.39 -26.56
CA VAL E 2353 89.85 30.30 -27.69
C VAL E 2353 91.21 30.86 -28.08
N SER E 2354 92.01 31.19 -27.08
CA SER E 2354 93.37 31.68 -27.30
C SER E 2354 94.25 30.58 -27.89
N ALA E 2355 94.02 29.34 -27.45
CA ALA E 2355 94.81 28.20 -27.90
C ALA E 2355 94.59 27.88 -29.37
N VAL E 2356 93.34 27.86 -29.79
CA VAL E 2356 93.00 27.60 -31.19
C VAL E 2356 93.50 28.73 -32.08
N GLU E 2357 93.50 29.94 -31.53
CA GLU E 2357 93.92 31.13 -32.27
C GLU E 2357 95.43 31.15 -32.48
N GLU E 2358 96.15 30.23 -31.84
CA GLU E 2358 97.60 30.14 -31.95
C GLU E 2358 98.03 29.41 -33.23
N ALA E 2359 97.06 28.86 -33.94
CA ALA E 2359 97.34 28.11 -35.16
C ALA E 2359 97.32 29.02 -36.38
N GLY E 2360 97.16 30.32 -36.15
CA GLY E 2360 97.08 31.29 -37.23
C GLY E 2360 95.67 31.38 -37.74
N VAL E 2361 94.72 31.09 -36.87
CA VAL E 2361 93.31 31.06 -37.23
C VAL E 2361 92.53 32.09 -36.41
N THR E 2362 91.37 32.50 -36.90
CA THR E 2362 90.60 33.55 -36.25
C THR E 2362 89.29 33.06 -35.64
N THR E 2363 89.10 33.36 -34.35
CA THR E 2363 87.82 33.13 -33.70
C THR E 2363 87.13 34.49 -33.53
N TYR E 2364 85.81 34.50 -33.63
CA TYR E 2364 85.09 35.77 -33.70
C TYR E 2364 84.22 36.06 -32.47
N THR E 2365 84.15 37.35 -32.12
CA THR E 2365 83.17 37.82 -31.14
C THR E 2365 81.81 37.91 -31.83
N THR E 2366 80.75 37.93 -31.03
CA THR E 2366 79.39 38.02 -31.58
C THR E 2366 79.16 39.29 -32.40
N ASP E 2367 79.80 40.38 -32.00
CA ASP E 2367 79.67 41.64 -32.73
C ASP E 2367 80.39 41.58 -34.07
N GLU E 2368 81.50 40.86 -34.11
CA GLU E 2368 82.26 40.70 -35.35
C GLU E 2368 81.47 39.88 -36.36
N MET E 2369 80.92 38.75 -35.91
CA MET E 2369 80.15 37.87 -36.77
C MET E 2369 78.85 38.54 -37.23
N ALA E 2370 78.25 39.34 -36.35
CA ALA E 2370 77.06 40.10 -36.70
C ALA E 2370 77.37 41.05 -37.85
N ALA E 2371 78.55 41.66 -37.79
CA ALA E 2371 79.00 42.59 -38.83
C ALA E 2371 79.21 41.85 -40.15
N MET E 2372 79.67 40.61 -40.07
CA MET E 2372 79.89 39.81 -41.25
C MET E 2372 78.57 39.44 -41.90
N LEU E 2373 77.53 39.28 -41.08
CA LEU E 2373 76.22 38.91 -41.59
C LEU E 2373 75.51 40.08 -42.25
N LEU E 2374 75.76 41.29 -41.74
CA LEU E 2374 75.15 42.49 -42.31
C LEU E 2374 75.74 42.81 -43.68
N ASP E 2375 77.04 42.53 -43.83
CA ASP E 2375 77.75 42.83 -45.07
C ASP E 2375 77.18 42.01 -46.23
N LEU E 2376 76.60 40.87 -45.91
CA LEU E 2376 75.86 40.08 -46.88
C LEU E 2376 74.52 40.75 -47.19
N CYS E 2377 74.08 41.63 -46.30
CA CYS E 2377 72.79 42.30 -46.46
C CYS E 2377 72.96 43.65 -47.15
N THR E 2378 74.19 43.97 -47.52
CA THR E 2378 74.47 45.20 -48.26
C THR E 2378 73.91 45.10 -49.68
N VAL E 2379 73.63 46.25 -50.28
CA VAL E 2379 73.04 46.32 -51.61
C VAL E 2379 73.88 45.57 -52.64
N GLU E 2380 75.20 45.60 -52.47
CA GLU E 2380 76.11 44.97 -53.42
C GLU E 2380 75.92 43.46 -53.44
N THR E 2381 75.89 42.86 -52.26
CA THR E 2381 75.76 41.41 -52.15
C THR E 2381 74.31 40.94 -52.23
N LYS E 2382 73.36 41.86 -52.07
CA LYS E 2382 71.95 41.51 -52.25
C LYS E 2382 71.65 41.20 -53.71
N VAL E 2383 72.07 42.09 -54.60
CA VAL E 2383 71.88 41.90 -56.03
C VAL E 2383 72.61 40.64 -56.52
N ALA E 2384 73.73 40.34 -55.89
CA ALA E 2384 74.50 39.15 -56.24
C ALA E 2384 73.69 37.88 -55.95
N ALA E 2385 72.88 37.94 -54.91
CA ALA E 2385 72.03 36.82 -54.52
C ALA E 2385 70.84 36.67 -55.46
N ALA E 2386 70.44 37.78 -56.07
CA ALA E 2386 69.31 37.77 -57.00
C ALA E 2386 69.67 37.07 -58.30
N GLY E 2387 70.94 37.16 -58.68
CA GLY E 2387 71.41 36.54 -59.91
C GLY E 2387 71.72 35.06 -59.74
N ALA E 2388 72.10 34.68 -58.52
CA ALA E 2388 72.53 33.32 -58.22
C ALA E 2388 72.81 33.17 -56.72
N PRO E 2389 72.61 31.96 -56.17
CA PRO E 2389 72.84 31.70 -54.75
C PRO E 2389 74.26 32.06 -54.33
N VAL E 2390 74.40 32.75 -53.22
CA VAL E 2390 75.71 33.18 -52.72
C VAL E 2390 76.12 32.38 -51.49
N LYS E 2391 77.22 31.65 -51.62
CA LYS E 2391 77.79 30.91 -50.50
C LYS E 2391 78.98 31.66 -49.92
N VAL E 2392 78.84 32.13 -48.69
CA VAL E 2392 79.88 32.93 -48.06
C VAL E 2392 80.57 32.20 -46.92
N ASP E 2393 81.89 32.18 -46.95
CA ASP E 2393 82.65 31.60 -45.86
C ASP E 2393 83.03 32.72 -44.89
N LEU E 2394 82.40 32.72 -43.72
CA LEU E 2394 82.68 33.72 -42.69
C LEU E 2394 83.67 33.16 -41.67
N THR E 2395 84.14 31.95 -41.94
CA THR E 2395 85.08 31.27 -41.07
C THR E 2395 86.44 31.97 -41.07
N GLY E 2396 87.18 31.83 -39.97
CA GLY E 2396 88.45 32.50 -39.80
C GLY E 2396 89.63 31.70 -40.30
N GLY E 2397 89.37 30.78 -41.23
CA GLY E 2397 90.42 29.91 -41.75
C GLY E 2397 90.49 28.60 -40.99
N LEU E 2398 89.40 28.24 -40.34
CA LEU E 2398 89.32 26.99 -39.59
C LEU E 2398 89.26 25.78 -40.53
N GLY E 2399 89.17 26.04 -41.83
CA GLY E 2399 89.03 24.98 -42.81
C GLY E 2399 90.30 24.18 -43.10
N ASP E 2400 91.41 24.88 -43.27
CA ASP E 2400 92.68 24.21 -43.55
C ASP E 2400 93.38 23.84 -42.26
N ILE E 2401 92.69 24.05 -41.15
CA ILE E 2401 93.20 23.72 -39.82
C ILE E 2401 93.67 22.26 -39.70
N LYS E 2402 94.89 22.09 -39.22
CA LYS E 2402 95.45 20.77 -38.99
C LYS E 2402 95.34 20.35 -37.53
N ILE E 2403 94.73 21.22 -36.72
CA ILE E 2403 94.51 20.94 -35.30
C ILE E 2403 93.62 19.72 -35.10
N ASP E 2404 94.08 18.77 -34.29
CA ASP E 2404 93.34 17.56 -34.02
C ASP E 2404 92.24 17.83 -33.00
N MET E 2405 90.99 17.58 -33.39
CA MET E 2405 89.85 17.82 -32.52
C MET E 2405 89.69 16.74 -31.47
N ALA E 2406 90.22 15.56 -31.76
CA ALA E 2406 90.16 14.44 -30.82
C ALA E 2406 90.82 14.80 -29.49
N GLU E 2407 91.79 15.72 -29.55
CA GLU E 2407 92.48 16.18 -28.34
C GLU E 2407 92.07 17.60 -27.97
N LEU E 2408 92.47 18.57 -28.80
CA LEU E 2408 92.32 19.98 -28.47
C LEU E 2408 90.88 20.45 -28.26
N ALA E 2409 89.92 19.64 -28.68
CA ALA E 2409 88.51 19.91 -28.39
C ALA E 2409 88.10 19.22 -27.09
N ALA E 2410 88.20 17.89 -27.09
CA ALA E 2410 87.89 17.09 -25.90
C ALA E 2410 88.60 17.59 -24.64
N LYS E 2411 89.92 17.72 -24.73
CA LYS E 2411 90.71 18.22 -23.60
C LYS E 2411 90.21 19.58 -23.12
N ALA E 2412 89.89 20.44 -24.08
CA ALA E 2412 89.31 21.75 -23.78
C ALA E 2412 88.01 21.59 -23.01
N ARG E 2413 87.17 20.68 -23.48
CA ARG E 2413 85.91 20.40 -22.83
C ARG E 2413 86.13 19.71 -21.50
N GLU E 2414 87.14 18.84 -21.44
CA GLU E 2414 87.43 18.09 -20.22
C GLU E 2414 88.02 18.95 -19.11
N GLU E 2415 89.04 19.73 -19.45
CA GLU E 2415 89.71 20.58 -18.46
C GLU E 2415 88.76 21.62 -17.87
N MET E 2416 87.94 22.23 -18.72
CA MET E 2416 87.06 23.30 -18.29
C MET E 2416 85.81 22.80 -17.59
N SER E 2417 85.30 21.64 -18.01
CA SER E 2417 84.20 21.01 -17.29
C SER E 2417 84.71 20.61 -15.92
N GLY E 2418 85.91 20.03 -15.90
CA GLY E 2418 86.57 19.65 -14.66
C GLY E 2418 86.80 20.84 -13.76
N ALA E 2419 87.24 21.95 -14.35
CA ALA E 2419 87.43 23.20 -13.61
C ALA E 2419 86.11 23.66 -13.02
N ALA E 2420 85.03 23.42 -13.76
CA ALA E 2420 83.68 23.70 -13.28
C ALA E 2420 83.21 22.60 -12.33
N ASP E 2421 83.66 21.37 -12.60
CA ASP E 2421 83.30 20.23 -11.76
C ASP E 2421 84.12 20.19 -10.48
N GLU E 2422 85.32 20.78 -10.52
CA GLU E 2422 86.13 20.83 -9.30
C GLU E 2422 85.83 22.14 -8.58
N SER E 2423 85.12 22.02 -7.47
CA SER E 2423 84.78 23.17 -6.66
C SER E 2423 85.72 23.27 -5.47
N ASP E 2424 85.38 24.15 -4.54
CA ASP E 2424 86.12 24.34 -3.30
C ASP E 2424 85.35 25.33 -2.46
N ASP E 2425 85.64 25.35 -1.16
CA ASP E 2425 84.97 26.27 -0.27
C ASP E 2425 85.97 27.20 0.38
N GLU E 2426 85.91 28.47 -0.01
CA GLU E 2426 86.69 29.50 0.66
C GLU E 2426 85.89 29.93 1.88
N ALA E 2427 86.52 29.87 3.04
CA ALA E 2427 85.82 30.10 4.29
C ALA E 2427 85.16 31.47 4.33
N PRO E 2428 83.86 31.48 4.55
CA PRO E 2428 83.14 32.74 4.72
C PRO E 2428 82.32 32.67 5.99
N ALA E 2429 82.72 33.46 6.98
CA ALA E 2429 81.98 33.54 8.23
C ALA E 2429 81.30 34.89 8.29
N GLY E 2430 79.98 34.88 8.13
CA GLY E 2430 79.24 36.13 8.07
C GLY E 2430 77.88 36.01 8.78
N THR E 2431 77.60 36.98 9.63
CA THR E 2431 76.27 37.13 10.21
C THR E 2431 75.81 38.55 9.91
N ILE E 2432 74.79 38.67 9.07
CA ILE E 2432 74.33 39.98 8.62
C ILE E 2432 72.98 40.31 9.24
N ARG E 2433 72.79 41.59 9.56
CA ARG E 2433 71.52 42.06 10.09
C ARG E 2433 71.01 43.29 9.34
N ALA E 2434 69.73 43.59 9.50
CA ALA E 2434 69.12 44.70 8.76
C ALA E 2434 68.35 45.64 9.68
N LEU E 2435 68.75 46.90 9.68
CA LEU E 2435 68.15 47.93 10.53
C LEU E 2435 68.76 49.27 10.21
N PRO E 2436 68.11 50.34 10.67
CA PRO E 2436 68.51 51.68 10.27
C PRO E 2436 68.18 52.76 11.29
N SER E 2437 68.82 53.92 11.12
CA SER E 2437 68.53 55.10 11.92
C SER E 2437 67.18 55.67 11.53
N PRO E 2438 66.60 56.49 12.41
CA PRO E 2438 65.35 57.17 12.11
C PRO E 2438 65.50 58.03 10.86
N PRO E 2439 64.41 58.17 10.10
CA PRO E 2439 64.43 58.85 8.81
C PRO E 2439 64.96 60.28 8.89
N ARG E 2440 65.84 60.63 7.97
CA ARG E 2440 66.40 61.97 7.89
C ARG E 2440 65.94 62.66 6.61
N GLY E 2441 66.38 63.89 6.41
CA GLY E 2441 65.99 64.65 5.22
C GLY E 2441 67.22 65.22 4.52
N TYR E 2442 67.28 65.04 3.21
CA TYR E 2442 68.37 65.57 2.40
C TYR E 2442 67.94 66.86 1.71
N ASN E 2443 68.55 67.96 2.11
CA ASN E 2443 68.20 69.27 1.56
C ASN E 2443 68.63 69.39 0.11
N PRO E 2444 68.00 70.33 -0.60
CA PRO E 2444 68.33 70.59 -2.00
C PRO E 2444 68.93 71.98 -2.13
N ALA E 2445 69.72 72.20 -3.17
CA ALA E 2445 70.41 73.47 -3.34
C ALA E 2445 69.56 74.39 -4.20
N PRO E 2446 69.03 75.45 -3.57
CA PRO E 2446 68.14 76.37 -4.26
C PRO E 2446 68.50 77.82 -3.98
N ALA E 2447 68.66 78.61 -5.03
CA ALA E 2447 68.98 80.02 -4.90
C ALA E 2447 67.70 80.85 -4.94
N PRO E 2448 67.50 81.69 -3.94
CA PRO E 2448 66.29 82.48 -3.84
C PRO E 2448 66.57 83.94 -3.50
N GLU E 2449 66.13 84.84 -4.36
CA GLU E 2449 66.18 86.27 -4.08
C GLU E 2449 64.79 86.70 -3.65
N TRP E 2450 64.64 87.05 -2.38
CA TRP E 2450 63.32 87.27 -1.82
C TRP E 2450 63.25 88.42 -0.83
N ASP E 2451 62.05 88.96 -0.65
CA ASP E 2451 61.77 89.94 0.37
C ASP E 2451 61.01 89.27 1.52
N ASP E 2452 61.28 89.70 2.74
CA ASP E 2452 60.75 89.01 3.91
C ASP E 2452 59.30 89.39 4.27
N LEU E 2453 59.11 90.61 4.73
CA LEU E 2453 57.84 91.04 5.30
C LEU E 2453 56.65 91.07 4.34
N ASP E 2454 56.93 90.96 3.05
CA ASP E 2454 55.90 91.14 2.01
C ASP E 2454 54.75 90.14 2.08
N VAL E 2455 55.04 88.88 2.39
CA VAL E 2455 54.03 87.84 2.35
C VAL E 2455 53.37 87.60 3.72
N ASP E 2456 52.04 87.65 3.73
CA ASP E 2456 51.26 87.45 4.95
C ASP E 2456 51.15 85.95 5.25
N PRO E 2457 51.73 85.53 6.39
CA PRO E 2457 51.72 84.12 6.80
C PRO E 2457 50.32 83.64 7.16
N ALA E 2458 49.44 84.57 7.51
CA ALA E 2458 48.06 84.24 7.85
C ALA E 2458 47.25 83.85 6.61
N ASP E 2459 47.69 84.33 5.46
CA ASP E 2459 47.00 84.08 4.20
C ASP E 2459 47.56 82.89 3.43
N LEU E 2460 48.58 82.25 3.99
CA LEU E 2460 49.21 81.11 3.36
C LEU E 2460 48.73 79.80 3.96
N VAL E 2461 48.60 78.77 3.12
CA VAL E 2461 48.25 77.44 3.58
C VAL E 2461 49.47 76.53 3.43
N VAL E 2462 49.80 75.84 4.52
CA VAL E 2462 51.02 75.04 4.60
C VAL E 2462 50.68 73.65 5.11
N ILE E 2463 51.30 72.61 4.55
CA ILE E 2463 51.03 71.25 4.98
C ILE E 2463 51.94 70.86 6.15
N VAL E 2464 51.32 70.62 7.31
CA VAL E 2464 52.05 70.27 8.51
C VAL E 2464 52.48 68.79 8.51
N GLY E 2465 51.57 67.92 8.08
CA GLY E 2465 51.85 66.50 8.01
C GLY E 2465 50.84 65.75 7.17
N GLY E 2466 51.04 64.44 7.05
CA GLY E 2466 50.12 63.61 6.29
C GLY E 2466 50.39 62.13 6.44
N ALA E 2467 49.38 61.32 6.15
CA ALA E 2467 49.51 59.86 6.21
C ALA E 2467 48.50 59.19 5.30
N GLU E 2468 48.72 57.91 5.01
CA GLU E 2468 47.82 57.17 4.15
C GLU E 2468 47.76 55.69 4.52
N LEU E 2469 46.60 55.08 4.29
CA LEU E 2469 46.43 53.64 4.44
C LEU E 2469 45.99 53.07 3.10
N GLY E 2470 46.83 52.22 2.51
CA GLY E 2470 46.57 51.70 1.19
C GLY E 2470 47.17 50.33 0.96
N PRO E 2471 47.02 49.80 -0.26
CA PRO E 2471 47.48 48.46 -0.67
C PRO E 2471 48.96 48.21 -0.39
N TYR E 2472 49.76 49.27 -0.36
CA TYR E 2472 51.19 49.16 -0.09
C TYR E 2472 51.58 49.49 1.35
N GLY E 2473 50.59 49.75 2.19
CA GLY E 2473 50.84 50.13 3.57
C GLY E 2473 50.83 51.63 3.77
N SER E 2474 51.55 52.10 4.80
CA SER E 2474 51.57 53.51 5.13
C SER E 2474 52.35 54.33 4.11
N SER E 2475 52.41 55.64 4.33
CA SER E 2475 53.08 56.55 3.41
C SER E 2475 54.57 56.27 3.29
N ARG E 2476 55.14 55.71 4.35
CA ARG E 2476 56.57 55.39 4.38
C ARG E 2476 56.90 54.21 3.47
N THR E 2477 56.13 53.13 3.61
CA THR E 2477 56.38 51.91 2.84
C THR E 2477 55.93 52.05 1.38
N ARG E 2478 54.84 52.78 1.17
CA ARG E 2478 54.32 52.99 -0.18
C ARG E 2478 55.30 53.82 -1.01
N PHE E 2479 55.85 54.85 -0.39
CA PHE E 2479 56.82 55.72 -1.08
C PHE E 2479 58.09 54.96 -1.44
N GLU E 2480 58.48 54.02 -0.58
CA GLU E 2480 59.64 53.19 -0.84
C GLU E 2480 59.41 52.30 -2.05
N MET E 2481 58.22 51.71 -2.14
CA MET E 2481 57.90 50.83 -3.25
C MET E 2481 57.74 51.61 -4.56
N GLU E 2482 57.22 52.82 -4.46
CA GLU E 2482 57.01 53.66 -5.64
C GLU E 2482 58.32 54.19 -6.22
N VAL E 2483 59.14 54.80 -5.36
CA VAL E 2483 60.41 55.40 -5.80
C VAL E 2483 61.50 54.36 -6.06
N SER E 2484 61.70 53.46 -5.10
CA SER E 2484 62.75 52.45 -5.20
C SER E 2484 62.28 51.24 -6.00
N GLY E 2485 61.25 50.58 -5.49
CA GLY E 2485 60.77 49.34 -6.09
C GLY E 2485 61.09 48.16 -5.19
N GLU E 2486 61.86 48.42 -4.15
CA GLU E 2486 62.19 47.43 -3.15
C GLU E 2486 62.27 48.07 -1.77
N LEU E 2487 61.87 47.31 -0.75
CA LEU E 2487 61.87 47.83 0.62
C LEU E 2487 63.27 47.83 1.23
N SER E 2488 63.50 48.77 2.13
CA SER E 2488 64.73 48.79 2.91
C SER E 2488 64.56 47.89 4.12
N ALA E 2489 65.50 47.96 5.05
CA ALA E 2489 65.39 47.23 6.30
C ALA E 2489 64.14 47.67 7.05
N ALA E 2490 63.96 48.98 7.17
CA ALA E 2490 62.79 49.54 7.84
C ALA E 2490 61.51 49.29 7.04
N GLY E 2491 61.67 49.08 5.74
CA GLY E 2491 60.54 48.82 4.86
C GLY E 2491 59.88 47.49 5.15
N VAL E 2492 60.69 46.44 5.22
CA VAL E 2492 60.17 45.10 5.47
C VAL E 2492 59.77 44.94 6.93
N LEU E 2493 60.54 45.57 7.83
CA LEU E 2493 60.24 45.54 9.26
C LEU E 2493 58.88 46.14 9.57
N GLU E 2494 58.56 47.25 8.90
CA GLU E 2494 57.29 47.93 9.11
C GLU E 2494 56.13 47.16 8.49
N LEU E 2495 56.33 46.65 7.28
CA LEU E 2495 55.30 45.89 6.59
C LEU E 2495 54.99 44.58 7.30
N ALA E 2496 56.03 43.88 7.75
CA ALA E 2496 55.85 42.63 8.50
C ALA E 2496 55.09 42.89 9.80
N TRP E 2497 55.26 44.08 10.35
CA TRP E 2497 54.56 44.49 11.55
C TRP E 2497 53.10 44.81 11.25
N THR E 2498 52.87 45.54 10.17
CA THR E 2498 51.53 45.92 9.76
C THR E 2498 50.73 44.72 9.28
N THR E 2499 51.38 43.85 8.50
CA THR E 2499 50.76 42.62 8.03
C THR E 2499 50.57 41.63 9.16
N GLY E 2500 51.17 41.92 10.31
CA GLY E 2500 51.01 41.10 11.49
C GLY E 2500 51.80 39.81 11.44
N MET E 2501 52.95 39.84 10.78
CA MET E 2501 53.84 38.68 10.76
C MET E 2501 54.64 38.59 12.05
N VAL E 2502 55.04 39.75 12.58
CA VAL E 2502 55.88 39.80 13.78
C VAL E 2502 55.14 40.32 15.01
N LYS E 2503 55.29 39.63 16.14
CA LYS E 2503 54.61 40.02 17.38
C LYS E 2503 55.62 40.30 18.50
N TRP E 2504 55.15 40.98 19.54
CA TRP E 2504 56.01 41.39 20.65
C TRP E 2504 55.54 40.79 21.98
N GLU E 2505 56.34 39.91 22.55
CA GLU E 2505 55.99 39.25 23.82
C GLU E 2505 56.90 39.69 24.96
N ASP E 2506 56.32 39.88 26.14
CA ASP E 2506 57.10 40.20 27.33
C ASP E 2506 57.46 38.92 28.09
N ASP E 2507 57.00 37.80 27.56
CA ASP E 2507 57.39 36.49 28.07
C ASP E 2507 58.89 36.35 27.88
N PRO E 2508 59.54 35.43 28.63
CA PRO E 2508 61.00 35.29 28.55
C PRO E 2508 61.52 35.12 27.12
N LYS E 2509 62.77 35.52 26.93
CA LYS E 2509 63.43 35.76 25.63
C LYS E 2509 63.11 37.15 25.05
N ALA E 2510 62.05 37.79 25.56
CA ALA E 2510 61.85 39.24 25.45
C ALA E 2510 62.22 39.89 24.11
N GLY E 2511 61.45 39.64 23.05
CA GLY E 2511 61.82 40.14 21.74
C GLY E 2511 60.73 40.15 20.68
N TRP E 2512 61.15 40.29 19.43
CA TRP E 2512 60.23 40.17 18.30
C TRP E 2512 59.99 38.71 17.94
N TYR E 2513 58.72 38.33 17.82
CA TYR E 2513 58.37 36.94 17.52
C TYR E 2513 57.49 36.86 16.29
N ASP E 2514 57.61 35.76 15.55
CA ASP E 2514 56.70 35.49 14.43
C ASP E 2514 55.34 35.20 15.00
N THR E 2515 54.31 35.84 14.44
CA THR E 2515 52.96 35.74 14.96
C THR E 2515 52.25 34.45 14.55
N GLU E 2516 52.58 33.95 13.37
CA GLU E 2516 51.93 32.76 12.83
C GLU E 2516 52.39 31.50 13.55
N THR E 2517 53.69 31.21 13.45
CA THR E 2517 54.26 29.99 13.99
C THR E 2517 54.75 30.11 15.45
N GLY E 2518 54.75 31.32 16.00
CA GLY E 2518 55.19 31.55 17.37
C GLY E 2518 56.69 31.39 17.55
N GLU E 2519 57.46 31.91 16.59
CA GLU E 2519 58.91 31.78 16.62
C GLU E 2519 59.62 33.12 16.76
N LEU E 2520 60.65 33.14 17.61
CA LEU E 2520 61.45 34.34 17.80
C LEU E 2520 62.16 34.73 16.51
N VAL E 2521 62.17 36.03 16.19
CA VAL E 2521 62.81 36.52 14.97
C VAL E 2521 63.70 37.72 15.27
N PRO E 2522 64.86 37.81 14.58
CA PRO E 2522 65.64 39.04 14.57
C PRO E 2522 65.23 39.97 13.42
N GLU E 2523 65.95 41.07 13.26
CA GLU E 2523 65.63 42.05 12.21
C GLU E 2523 66.18 41.70 10.83
N CYS E 2524 67.19 40.83 10.79
CA CYS E 2524 67.81 40.45 9.53
C CYS E 2524 66.93 39.55 8.70
N GLU E 2525 66.50 38.46 9.33
CA GLU E 2525 65.79 37.40 8.64
C GLU E 2525 64.40 37.82 8.18
N ILE E 2526 63.98 39.00 8.61
CA ILE E 2526 62.69 39.56 8.23
C ILE E 2526 62.50 39.57 6.71
N VAL E 2527 63.55 39.98 5.99
CA VAL E 2527 63.50 40.00 4.53
C VAL E 2527 63.43 38.59 3.97
N GLU E 2528 64.27 37.70 4.49
CA GLU E 2528 64.37 36.33 3.99
C GLU E 2528 63.13 35.49 4.30
N ARG E 2529 62.63 35.59 5.53
CA ARG E 2529 61.52 34.76 5.99
C ARG E 2529 60.15 35.28 5.58
N TYR E 2530 60.06 36.55 5.21
CA TYR E 2530 58.76 37.21 5.04
C TYR E 2530 58.54 37.84 3.66
N HIS E 2531 59.42 38.77 3.29
CA HIS E 2531 59.25 39.65 2.12
C HIS E 2531 58.73 38.94 0.87
N ASP E 2532 59.20 37.72 0.63
CA ASP E 2532 58.67 36.90 -0.45
C ASP E 2532 57.15 36.74 -0.34
N ALA E 2533 56.69 36.45 0.87
CA ALA E 2533 55.25 36.30 1.13
C ALA E 2533 54.57 37.65 1.26
N VAL E 2534 55.33 38.65 1.71
CA VAL E 2534 54.79 40.00 1.87
C VAL E 2534 54.38 40.59 0.52
N VAL E 2535 55.31 40.53 -0.43
CA VAL E 2535 55.05 41.04 -1.78
C VAL E 2535 53.81 40.42 -2.40
N GLU E 2536 53.65 39.11 -2.23
CA GLU E 2536 52.49 38.40 -2.74
C GLU E 2536 51.20 38.89 -2.10
N ARG E 2537 51.22 39.01 -0.77
CA ARG E 2537 50.01 39.33 -0.02
C ARG E 2537 49.82 40.82 0.27
N CYS E 2538 50.71 41.65 -0.27
CA CYS E 2538 50.51 43.09 -0.25
C CYS E 2538 50.38 43.60 -1.68
N GLY E 2539 50.19 44.91 -1.83
CA GLY E 2539 50.03 45.49 -3.15
C GLY E 2539 48.81 44.97 -3.87
N ILE E 2540 48.95 44.73 -5.17
CA ILE E 2540 47.85 44.23 -5.98
C ILE E 2540 47.93 42.72 -6.14
N ARG E 2541 46.83 42.03 -5.84
CA ARG E 2541 46.78 40.58 -5.94
C ARG E 2541 45.35 40.12 -6.13
N GLU E 2542 45.16 38.81 -6.30
CA GLU E 2542 43.83 38.22 -6.39
C GLU E 2542 43.08 38.55 -5.11
N PHE E 2543 41.78 38.78 -5.23
CA PHE E 2543 41.01 39.22 -4.07
C PHE E 2543 40.91 38.12 -3.02
N VAL E 2544 41.38 38.44 -1.83
CA VAL E 2544 41.29 37.52 -0.70
C VAL E 2544 39.95 37.76 -0.04
N ASP E 2545 39.23 36.70 0.26
CA ASP E 2545 37.84 36.84 0.66
C ASP E 2545 37.73 36.95 2.17
N ASP E 2546 37.44 38.15 2.65
CA ASP E 2546 37.19 38.39 4.05
C ASP E 2546 35.70 38.46 4.31
N GLY E 2547 34.91 38.42 3.23
CA GLY E 2547 33.47 38.53 3.31
C GLY E 2547 32.73 37.25 3.00
N ALA E 2548 33.49 36.17 2.86
CA ALA E 2548 32.94 34.86 2.48
C ALA E 2548 32.19 34.92 1.14
N ILE E 2549 32.57 35.89 0.30
CA ILE E 2549 32.00 36.04 -1.03
C ILE E 2549 33.06 36.41 -2.06
N ASP E 2550 33.04 35.75 -3.21
CA ASP E 2550 33.95 36.09 -4.29
C ASP E 2550 33.15 36.64 -5.45
N PRO E 2551 33.37 37.91 -5.81
CA PRO E 2551 32.65 38.46 -6.96
C PRO E 2551 32.97 37.68 -8.24
N ASP E 2552 34.26 37.44 -8.48
CA ASP E 2552 34.71 36.79 -9.69
C ASP E 2552 34.31 35.32 -9.77
N HIS E 2553 34.33 34.63 -8.62
CA HIS E 2553 34.00 33.21 -8.62
C HIS E 2553 32.50 33.04 -8.41
N ALA E 2554 32.03 33.26 -7.19
CA ALA E 2554 30.62 33.06 -6.88
C ALA E 2554 29.99 34.19 -6.06
N SER E 2555 29.05 34.89 -6.68
CA SER E 2555 28.33 35.98 -6.02
C SER E 2555 26.85 35.61 -5.89
N PRO E 2556 26.36 35.54 -4.64
CA PRO E 2556 25.00 35.09 -4.29
C PRO E 2556 23.90 35.84 -5.05
N LEU E 2557 23.00 35.08 -5.66
CA LEU E 2557 21.90 35.64 -6.45
C LEU E 2557 20.59 35.06 -5.90
N LEU E 2558 19.53 35.87 -5.88
CA LEU E 2558 18.19 35.35 -5.55
C LEU E 2558 17.09 35.83 -6.50
N VAL E 2559 16.49 34.90 -7.25
CA VAL E 2559 15.46 35.25 -8.22
C VAL E 2559 14.06 35.19 -7.62
N SER E 2560 13.23 36.15 -8.03
CA SER E 2560 11.83 36.17 -7.63
C SER E 2560 11.06 35.17 -8.47
N VAL E 2561 10.43 34.20 -7.81
CA VAL E 2561 9.66 33.16 -8.49
C VAL E 2561 8.30 32.95 -7.86
N PHE E 2562 7.31 32.63 -8.69
CA PHE E 2562 5.96 32.36 -8.21
C PHE E 2562 5.74 30.87 -7.99
N LEU E 2563 5.32 30.52 -6.78
CA LEU E 2563 5.11 29.11 -6.42
C LEU E 2563 3.90 28.56 -7.16
N ASP E 2564 4.12 27.48 -7.90
CA ASP E 2564 3.09 26.89 -8.75
C ASP E 2564 2.10 26.03 -7.96
N LYS E 2565 2.56 25.41 -6.88
CA LYS E 2565 1.68 24.60 -6.04
C LYS E 2565 2.07 24.74 -4.57
N ASP E 2566 1.10 24.57 -3.68
CA ASP E 2566 1.26 24.85 -2.25
C ASP E 2566 2.47 24.18 -1.61
N PHE E 2567 3.25 24.99 -0.89
CA PHE E 2567 4.46 24.51 -0.21
C PHE E 2567 4.10 23.81 1.10
N THR E 2568 4.96 22.89 1.53
CA THR E 2568 4.73 22.16 2.77
C THR E 2568 4.87 23.08 3.98
N PHE E 2569 3.96 22.90 4.94
CA PHE E 2569 3.91 23.73 6.14
C PHE E 2569 5.23 23.74 6.93
N VAL E 2570 5.56 24.89 7.50
CA VAL E 2570 6.74 25.02 8.36
C VAL E 2570 6.38 25.72 9.67
N VAL E 2571 7.05 25.34 10.74
CA VAL E 2571 6.77 25.89 12.07
C VAL E 2571 7.40 27.26 12.25
N SER E 2572 6.62 28.20 12.79
CA SER E 2572 7.11 29.55 13.03
C SER E 2572 6.45 30.16 14.27
N SER E 2573 7.07 31.21 14.81
CA SER E 2573 6.52 31.90 15.97
C SER E 2573 5.31 32.73 15.57
N GLU E 2574 4.48 33.06 16.55
CA GLU E 2574 3.25 33.83 16.31
C GLU E 2574 3.55 35.21 15.72
N ALA E 2575 4.61 35.84 16.22
CA ALA E 2575 4.99 37.17 15.75
C ALA E 2575 5.48 37.14 14.31
N ASP E 2576 6.26 36.12 13.97
CA ASP E 2576 6.80 35.98 12.62
C ASP E 2576 5.74 35.50 11.63
N ALA E 2577 4.81 34.67 12.11
CA ALA E 2577 3.78 34.10 11.25
C ALA E 2577 2.69 35.12 10.91
N ARG E 2578 2.36 35.98 11.86
CA ARG E 2578 1.40 37.05 11.59
C ARG E 2578 1.98 37.99 10.54
N ALA E 2579 3.29 38.16 10.59
CA ALA E 2579 3.99 38.97 9.60
C ALA E 2579 3.85 38.36 8.21
N PHE E 2580 4.02 37.04 8.14
CA PHE E 2580 3.82 36.30 6.89
C PHE E 2580 2.49 36.65 6.24
N VAL E 2581 1.45 36.73 7.06
CA VAL E 2581 0.11 37.02 6.57
C VAL E 2581 0.01 38.43 6.00
N GLN E 2582 0.88 39.33 6.44
CA GLN E 2582 0.77 40.73 6.03
C GLN E 2582 1.22 41.00 4.59
N PHE E 2583 1.82 40.00 3.95
CA PHE E 2583 2.36 40.15 2.60
C PHE E 2583 1.46 39.48 1.58
N ASP E 2584 1.39 38.16 1.73
CA ASP E 2584 0.56 37.24 0.94
C ASP E 2584 -0.98 37.32 0.98
N PRO E 2585 -1.57 37.85 2.07
CA PRO E 2585 -2.60 37.20 2.90
C PRO E 2585 -3.61 36.32 2.17
N GLU E 2586 -3.98 36.63 0.94
CA GLU E 2586 -4.80 35.69 0.19
C GLU E 2586 -3.99 34.44 -0.15
N HIS E 2587 -2.69 34.62 -0.32
CA HIS E 2587 -1.81 33.54 -0.75
C HIS E 2587 -1.09 32.74 0.35
N THR E 2588 -1.13 33.22 1.59
CA THR E 2588 -0.52 32.45 2.69
C THR E 2588 -1.53 32.10 3.78
N VAL E 2589 -1.20 31.07 4.54
CA VAL E 2589 -2.11 30.53 5.54
C VAL E 2589 -1.37 30.23 6.84
N ALA E 2590 -1.88 30.75 7.96
CA ALA E 2590 -1.21 30.58 9.25
C ALA E 2590 -2.17 30.19 10.38
N ARG E 2591 -1.75 29.25 11.22
CA ARG E 2591 -2.60 28.73 12.29
C ARG E 2591 -1.88 28.57 13.62
N PRO E 2592 -2.59 28.84 14.72
CA PRO E 2592 -2.01 28.52 16.03
C PRO E 2592 -1.99 27.01 16.25
N LEU E 2593 -0.87 26.50 16.75
CA LEU E 2593 -0.80 25.11 17.17
C LEU E 2593 -1.11 25.08 18.66
N PRO E 2594 -2.31 24.56 19.01
CA PRO E 2594 -2.89 24.63 20.35
C PRO E 2594 -1.94 24.22 21.47
N ASP E 2595 -1.14 23.18 21.23
CA ASP E 2595 -0.23 22.67 22.26
C ASP E 2595 1.00 23.54 22.46
N SER E 2596 1.66 23.90 21.37
CA SER E 2596 2.93 24.63 21.45
C SER E 2596 2.77 26.14 21.32
N SER E 2597 1.54 26.59 21.09
CA SER E 2597 1.21 28.02 20.97
C SER E 2597 1.84 28.71 19.75
N ASP E 2598 2.71 28.00 19.04
CA ASP E 2598 3.37 28.56 17.86
C ASP E 2598 2.48 28.41 16.63
N TRP E 2599 2.95 28.91 15.49
CA TRP E 2599 2.13 28.91 14.28
C TRP E 2599 2.75 28.14 13.11
N GLU E 2600 1.88 27.52 12.30
CA GLU E 2600 2.31 26.87 11.07
C GLU E 2600 2.15 27.84 9.90
N VAL E 2601 3.15 27.91 9.03
CA VAL E 2601 3.09 28.80 7.87
C VAL E 2601 3.04 28.00 6.57
N THR E 2602 1.92 28.09 5.87
CA THR E 2602 1.75 27.37 4.61
C THR E 2602 1.52 28.33 3.45
N ARG E 2603 2.45 28.32 2.50
CA ARG E 2603 2.34 29.16 1.31
C ARG E 2603 1.56 28.45 0.21
N LYS E 2604 0.49 29.07 -0.25
CA LYS E 2604 -0.34 28.49 -1.30
C LYS E 2604 0.26 28.76 -2.67
N ALA E 2605 -0.49 28.43 -3.71
CA ALA E 2605 -0.07 28.72 -5.07
C ALA E 2605 -0.30 30.19 -5.37
N GLY E 2606 0.68 30.83 -6.02
CA GLY E 2606 0.58 32.23 -6.35
C GLY E 2606 1.47 33.11 -5.48
N THR E 2607 2.07 32.52 -4.46
CA THR E 2607 2.98 33.26 -3.58
C THR E 2607 4.25 33.67 -4.31
N GLU E 2608 4.92 34.69 -3.78
CA GLU E 2608 6.19 35.13 -4.34
C GLU E 2608 7.35 34.61 -3.50
N ILE E 2609 8.25 33.86 -4.12
CA ILE E 2609 9.40 33.28 -3.44
C ILE E 2609 10.70 33.80 -4.02
N ARG E 2610 11.69 34.03 -3.16
CA ARG E 2610 13.01 34.43 -3.61
C ARG E 2610 14.00 33.28 -3.41
N VAL E 2611 14.47 32.71 -4.52
CA VAL E 2611 15.29 31.50 -4.49
C VAL E 2611 16.76 31.75 -4.81
N PRO E 2612 17.66 31.32 -3.90
CA PRO E 2612 19.11 31.52 -4.01
C PRO E 2612 19.74 30.98 -5.29
N ARG E 2613 20.61 31.80 -5.89
CA ARG E 2613 21.34 31.43 -7.10
C ARG E 2613 22.74 32.04 -7.02
N LYS E 2614 23.49 32.01 -8.12
CA LYS E 2614 24.86 32.53 -8.14
C LYS E 2614 25.22 33.22 -9.45
N THR E 2615 26.33 33.94 -9.45
CA THR E 2615 26.83 34.60 -10.66
C THR E 2615 28.35 34.59 -10.71
N LYS E 2616 28.91 34.49 -11.91
CA LYS E 2616 30.35 34.64 -12.11
C LYS E 2616 30.64 36.02 -12.66
N LEU E 2617 31.66 36.68 -12.12
CA LEU E 2617 31.95 38.06 -12.52
C LEU E 2617 33.36 38.24 -13.08
N SER E 2618 33.55 39.39 -13.73
CA SER E 2618 34.76 39.65 -14.50
C SER E 2618 35.98 40.06 -13.69
N ARG E 2619 35.78 40.76 -12.57
CA ARG E 2619 36.92 41.31 -11.85
C ARG E 2619 37.39 40.35 -10.75
N THR E 2620 38.54 39.73 -10.96
CA THR E 2620 39.12 38.82 -9.99
C THR E 2620 40.22 39.45 -9.14
N VAL E 2621 40.58 40.69 -9.46
CA VAL E 2621 41.73 41.33 -8.83
C VAL E 2621 41.42 42.78 -8.44
N GLY E 2622 41.97 43.21 -7.30
CA GLY E 2622 41.87 44.58 -6.88
C GLY E 2622 43.11 44.98 -6.09
N ALA E 2623 43.29 46.27 -5.87
CA ALA E 2623 44.42 46.73 -5.07
C ALA E 2623 43.94 46.81 -3.63
N GLN E 2624 44.47 45.92 -2.80
CA GLN E 2624 43.96 45.74 -1.45
C GLN E 2624 45.04 45.96 -0.41
N ILE E 2625 44.63 46.56 0.71
CA ILE E 2625 45.51 46.75 1.86
C ILE E 2625 46.13 45.41 2.24
N PRO E 2626 47.45 45.39 2.53
CA PRO E 2626 48.22 44.17 2.75
C PRO E 2626 47.54 43.22 3.72
N THR E 2627 47.49 41.94 3.36
CA THR E 2627 46.78 40.94 4.15
C THR E 2627 47.35 40.82 5.56
N GLY E 2628 46.46 40.86 6.54
CA GLY E 2628 46.87 40.77 7.94
C GLY E 2628 46.79 42.10 8.66
N PHE E 2629 46.35 43.13 7.95
CA PHE E 2629 46.15 44.44 8.55
C PHE E 2629 45.07 44.37 9.61
N ASP E 2630 45.33 44.99 10.75
CA ASP E 2630 44.34 45.06 11.82
C ASP E 2630 44.37 46.47 12.39
N PRO E 2631 43.18 47.04 12.66
CA PRO E 2631 43.13 48.29 13.43
C PRO E 2631 43.50 48.03 14.88
N THR E 2632 43.40 46.77 15.29
CA THR E 2632 43.72 46.37 16.65
C THR E 2632 45.23 46.47 16.91
N VAL E 2633 46.02 46.06 15.93
CA VAL E 2633 47.47 46.14 16.03
C VAL E 2633 47.91 47.59 16.18
N TRP E 2634 47.23 48.48 15.47
CA TRP E 2634 47.48 49.91 15.61
C TRP E 2634 47.00 50.43 16.95
N GLY E 2635 46.17 49.64 17.64
CA GLY E 2635 45.66 50.01 18.95
C GLY E 2635 44.23 50.48 19.05
N ILE E 2636 43.44 50.27 18.00
CA ILE E 2636 42.00 50.56 18.06
C ILE E 2636 41.27 49.53 18.92
N SER E 2637 40.45 50.02 19.85
CA SER E 2637 39.68 49.16 20.75
C SER E 2637 38.66 48.32 19.98
N PRO E 2638 38.39 47.09 20.45
CA PRO E 2638 37.44 46.17 19.82
C PRO E 2638 36.02 46.74 19.74
N ASP E 2639 35.63 47.56 20.69
CA ASP E 2639 34.31 48.17 20.70
C ASP E 2639 34.12 49.08 19.48
N MET E 2640 35.18 49.80 19.13
CA MET E 2640 35.15 50.68 17.97
C MET E 2640 35.08 49.88 16.68
N ALA E 2641 35.92 48.84 16.58
CA ALA E 2641 35.98 48.00 15.39
C ALA E 2641 34.60 47.43 15.04
N SER E 2642 33.92 46.91 16.04
CA SER E 2642 32.55 46.42 15.89
C SER E 2642 31.60 47.51 15.38
N SER E 2643 31.43 48.54 16.21
CA SER E 2643 30.42 49.58 15.99
C SER E 2643 30.55 50.38 14.69
N ILE E 2644 31.76 50.43 14.13
CA ILE E 2644 32.01 51.30 12.98
C ILE E 2644 32.31 50.53 11.69
N ASP E 2645 32.07 51.19 10.57
CA ASP E 2645 32.32 50.62 9.26
C ASP E 2645 33.81 50.43 9.03
N ARG E 2646 34.17 49.57 8.08
CA ARG E 2646 35.56 49.32 7.75
C ARG E 2646 36.25 50.59 7.28
N VAL E 2647 35.52 51.41 6.52
CA VAL E 2647 36.05 52.68 6.01
C VAL E 2647 36.47 53.60 7.15
N ALA E 2648 35.81 53.47 8.29
CA ALA E 2648 36.11 54.29 9.45
C ALA E 2648 37.48 53.95 10.02
N LEU E 2649 37.83 52.67 10.02
CA LEU E 2649 39.12 52.22 10.53
C LEU E 2649 40.26 52.79 9.69
N TRP E 2650 39.99 53.07 8.42
CA TRP E 2650 40.99 53.62 7.53
C TRP E 2650 41.29 55.08 7.83
N ASN E 2651 40.24 55.89 7.98
CA ASN E 2651 40.40 57.31 8.24
C ASN E 2651 40.86 57.59 9.68
N ILE E 2652 40.49 56.70 10.59
CA ILE E 2652 40.85 56.86 12.00
C ILE E 2652 42.35 56.67 12.23
N VAL E 2653 42.90 55.59 11.71
CA VAL E 2653 44.33 55.30 11.86
C VAL E 2653 45.17 56.29 11.06
N ALA E 2654 44.69 56.65 9.88
CA ALA E 2654 45.38 57.59 9.01
C ALA E 2654 45.52 58.96 9.69
N THR E 2655 44.46 59.39 10.37
CA THR E 2655 44.47 60.66 11.07
C THR E 2655 45.51 60.66 12.18
N VAL E 2656 45.60 59.56 12.92
CA VAL E 2656 46.58 59.41 13.98
C VAL E 2656 48.00 59.50 13.42
N ASP E 2657 48.27 58.74 12.37
CA ASP E 2657 49.59 58.75 11.74
C ASP E 2657 49.86 60.07 11.02
N ALA E 2658 48.81 60.78 10.65
CA ALA E 2658 48.95 62.09 10.02
C ALA E 2658 49.43 63.11 11.04
N PHE E 2659 48.88 63.05 12.25
CA PHE E 2659 49.32 63.90 13.33
C PHE E 2659 50.76 63.59 13.72
N LEU E 2660 51.07 62.29 13.77
CA LEU E 2660 52.39 61.82 14.20
C LEU E 2660 53.53 62.44 13.41
N SER E 2661 53.22 62.98 12.23
CA SER E 2661 54.20 63.71 11.45
C SER E 2661 54.74 64.92 12.21
N SER E 2662 53.89 65.55 13.02
CA SER E 2662 54.32 66.69 13.81
C SER E 2662 54.10 66.51 15.31
N GLY E 2663 52.87 66.70 15.75
CA GLY E 2663 52.52 66.57 17.15
C GLY E 2663 51.76 65.30 17.42
N PHE E 2664 51.55 64.97 18.69
CA PHE E 2664 50.77 63.79 19.00
C PHE E 2664 49.43 64.14 19.64
N THR E 2665 49.48 64.65 20.86
CA THR E 2665 48.28 64.98 21.60
C THR E 2665 47.50 66.08 20.88
N PRO E 2666 46.29 65.75 20.42
CA PRO E 2666 45.46 66.64 19.61
C PRO E 2666 45.04 67.88 20.38
N THR E 2667 45.11 67.81 21.70
CA THR E 2667 44.72 68.93 22.53
C THR E 2667 45.85 69.95 22.67
N GLU E 2668 47.04 69.59 22.21
CA GLU E 2668 48.15 70.55 22.15
C GLU E 2668 47.79 71.68 21.20
N LEU E 2669 46.91 71.39 20.25
CA LEU E 2669 46.40 72.39 19.33
C LEU E 2669 45.60 73.45 20.08
N MET E 2670 45.00 73.04 21.20
CA MET E 2670 44.17 73.94 21.99
C MET E 2670 45.00 74.84 22.89
N ARG E 2671 46.31 74.62 22.90
CA ARG E 2671 47.23 75.51 23.61
C ARG E 2671 47.44 76.79 22.79
N TRP E 2672 47.70 76.64 21.50
CA TRP E 2672 47.95 77.76 20.61
C TRP E 2672 46.67 78.35 20.02
N VAL E 2673 45.59 77.58 20.05
CA VAL E 2673 44.40 77.89 19.26
C VAL E 2673 43.13 77.63 20.07
N HIS E 2674 42.13 78.50 19.93
CA HIS E 2674 40.81 78.21 20.46
C HIS E 2674 40.17 77.08 19.65
N PRO E 2675 39.70 76.03 20.35
CA PRO E 2675 39.16 74.79 19.77
C PRO E 2675 38.18 74.97 18.60
N SER E 2676 37.45 76.09 18.55
CA SER E 2676 36.52 76.30 17.45
C SER E 2676 37.26 76.67 16.15
N GLN E 2677 38.55 76.89 16.25
CA GLN E 2677 39.37 77.18 15.08
C GLN E 2677 40.04 75.94 14.50
N VAL E 2678 39.66 74.77 15.01
CA VAL E 2678 40.11 73.50 14.43
C VAL E 2678 39.05 72.99 13.44
N ALA E 2679 39.46 72.72 12.20
CA ALA E 2679 38.51 72.29 11.18
C ALA E 2679 38.77 70.87 10.69
N SER E 2680 37.71 70.24 10.19
CA SER E 2680 37.86 68.93 9.58
C SER E 2680 37.16 68.95 8.22
N THR E 2681 37.96 68.88 7.16
CA THR E 2681 37.45 68.76 5.81
C THR E 2681 37.85 67.39 5.28
N GLN E 2682 36.89 66.48 5.13
CA GLN E 2682 37.19 65.09 4.76
C GLN E 2682 36.28 64.57 3.65
N GLY E 2683 36.86 64.29 2.50
CA GLY E 2683 36.06 63.89 1.35
C GLY E 2683 35.77 62.40 1.25
N THR E 2684 34.73 62.06 0.50
CA THR E 2684 34.37 60.68 0.20
C THR E 2684 33.77 60.66 -1.19
N GLY E 2685 34.01 59.58 -1.94
CA GLY E 2685 33.23 59.29 -3.13
C GLY E 2685 31.89 58.67 -2.76
N MET E 2686 31.95 57.73 -1.82
CA MET E 2686 30.76 57.13 -1.25
C MET E 2686 30.93 57.12 0.27
N GLY E 2687 31.82 56.26 0.73
CA GLY E 2687 32.11 56.15 2.15
C GLY E 2687 31.03 55.35 2.84
N GLY E 2688 31.39 54.72 3.96
CA GLY E 2688 30.47 53.90 4.72
C GLY E 2688 29.84 52.76 3.94
N MET E 2689 30.46 52.38 2.83
CA MET E 2689 29.90 51.38 1.89
C MET E 2689 29.45 50.10 2.57
N THR E 2690 30.33 49.53 3.38
CA THR E 2690 30.00 48.33 4.15
C THR E 2690 28.73 48.51 4.99
N SER E 2691 28.66 49.62 5.72
CA SER E 2691 27.55 49.90 6.62
C SER E 2691 26.26 50.11 5.83
N MET E 2692 26.41 50.62 4.61
CA MET E 2692 25.26 50.76 3.73
C MET E 2692 24.80 49.38 3.27
N GLN E 2693 25.70 48.62 2.65
CA GLN E 2693 25.33 47.28 2.17
C GLN E 2693 24.92 46.37 3.32
N THR E 2694 25.27 46.75 4.54
CA THR E 2694 24.94 45.94 5.70
C THR E 2694 23.46 46.14 6.02
N MET E 2695 22.97 47.36 5.88
CA MET E 2695 21.56 47.62 6.16
C MET E 2695 20.64 47.00 5.11
N TYR E 2696 20.94 47.23 3.83
CA TYR E 2696 20.00 46.87 2.77
C TYR E 2696 19.90 45.35 2.59
N HIS E 2697 21.01 44.64 2.76
CA HIS E 2697 20.95 43.18 2.96
C HIS E 2697 20.16 42.85 4.22
N GLY E 2698 20.75 43.21 5.36
CA GLY E 2698 20.24 42.85 6.67
C GLY E 2698 18.77 43.08 6.95
N ASN E 2699 18.27 44.26 6.58
CA ASN E 2699 16.87 44.59 6.78
C ASN E 2699 15.97 43.70 5.94
N LEU E 2700 16.25 43.63 4.63
CA LEU E 2700 15.48 42.78 3.73
C LEU E 2700 15.63 41.31 4.12
N LEU E 2701 16.73 40.99 4.79
CA LEU E 2701 17.02 39.63 5.24
C LEU E 2701 16.66 39.38 6.71
N GLY E 2702 16.21 40.43 7.40
CA GLY E 2702 15.80 40.33 8.80
C GLY E 2702 16.86 39.79 9.74
N ARG E 2703 18.09 39.69 9.24
CA ARG E 2703 19.24 39.25 10.00
C ARG E 2703 19.45 40.28 11.09
N ALA E 2704 20.07 39.89 12.21
CA ALA E 2704 20.40 40.88 13.22
C ALA E 2704 21.54 41.74 12.69
N LYS E 2705 21.30 43.05 12.67
CA LYS E 2705 22.23 44.05 12.16
C LYS E 2705 22.26 45.22 13.17
N PRO E 2706 23.29 46.09 13.11
CA PRO E 2706 23.38 47.10 14.17
C PRO E 2706 22.32 48.21 14.02
N ASN E 2707 21.92 48.77 15.15
CA ASN E 2707 20.95 49.87 15.19
C ASN E 2707 21.51 51.21 14.75
N ASP E 2708 22.83 51.31 14.68
CA ASP E 2708 23.46 52.58 14.39
C ASP E 2708 23.75 52.76 12.90
N ILE E 2709 23.22 51.84 12.11
CA ILE E 2709 23.52 51.74 10.69
C ILE E 2709 23.44 53.06 9.93
N LEU E 2710 22.30 53.74 10.00
CA LEU E 2710 22.14 54.93 9.18
C LEU E 2710 23.07 56.03 9.66
N GLN E 2711 23.38 56.07 10.95
CA GLN E 2711 24.34 57.02 11.45
C GLN E 2711 25.72 56.71 10.88
N GLU E 2712 26.03 55.41 10.80
CA GLU E 2712 27.35 54.99 10.36
C GLU E 2712 27.49 54.98 8.83
N VAL E 2713 26.39 55.14 8.10
CA VAL E 2713 26.46 55.24 6.64
C VAL E 2713 26.61 56.67 6.13
N LEU E 2714 26.49 57.66 7.01
CA LEU E 2714 26.67 59.05 6.63
C LEU E 2714 28.15 59.26 6.33
N PRO E 2715 28.50 59.66 5.11
CA PRO E 2715 29.90 59.79 4.72
C PRO E 2715 30.68 60.75 5.62
N ASN E 2716 29.96 61.54 6.41
CA ASN E 2716 30.60 62.48 7.33
C ASN E 2716 30.85 61.88 8.70
N VAL E 2717 30.30 60.71 8.95
CA VAL E 2717 30.27 60.18 10.30
C VAL E 2717 31.61 59.59 10.66
N VAL E 2718 32.37 59.23 9.63
CA VAL E 2718 33.68 58.61 9.81
C VAL E 2718 34.67 59.54 10.49
N ALA E 2719 34.82 60.77 10.00
CA ALA E 2719 35.67 61.75 10.67
C ALA E 2719 34.98 62.33 11.91
N ALA E 2720 33.65 62.25 11.93
CA ALA E 2720 32.89 62.57 13.14
C ALA E 2720 33.32 61.62 14.26
N HIS E 2721 33.52 60.35 13.92
CA HIS E 2721 34.03 59.36 14.86
C HIS E 2721 35.45 59.70 15.34
N VAL E 2722 36.26 60.24 14.43
CA VAL E 2722 37.62 60.66 14.74
C VAL E 2722 37.65 61.88 15.65
N MET E 2723 36.71 62.81 15.44
CA MET E 2723 36.64 64.01 16.25
C MET E 2723 36.14 63.68 17.65
N GLN E 2724 35.26 62.69 17.73
CA GLN E 2724 34.78 62.21 19.02
C GLN E 2724 35.86 61.46 19.79
N SER E 2725 36.59 60.62 19.06
CA SER E 2725 37.62 59.79 19.68
C SER E 2725 38.97 60.47 19.94
N TYR E 2726 39.34 61.44 19.12
CA TYR E 2726 40.72 61.95 19.15
C TYR E 2726 40.92 63.45 19.37
N VAL E 2727 40.68 64.23 18.32
CA VAL E 2727 40.96 65.66 18.35
C VAL E 2727 40.08 66.42 19.35
N GLY E 2728 38.78 66.21 19.24
CA GLY E 2728 37.84 66.84 20.16
C GLY E 2728 37.67 68.31 19.87
N GLY E 2729 37.96 68.72 18.64
CA GLY E 2729 37.86 70.11 18.25
C GLY E 2729 36.43 70.62 18.33
N TYR E 2730 36.29 71.92 18.54
CA TYR E 2730 34.97 72.54 18.65
C TYR E 2730 34.56 73.22 17.34
N GLY E 2731 35.43 73.09 16.34
CA GLY E 2731 35.30 73.82 15.09
C GLY E 2731 34.83 73.08 13.85
N ALA E 2732 35.04 73.72 12.70
CA ALA E 2732 34.38 73.34 11.46
C ALA E 2732 34.49 71.90 11.03
N MET E 2733 33.40 71.37 10.49
CA MET E 2733 33.41 70.06 9.86
C MET E 2733 32.72 70.12 8.50
N VAL E 2734 33.49 69.79 7.46
CA VAL E 2734 33.01 69.73 6.09
C VAL E 2734 33.41 68.37 5.50
N HIS E 2735 32.59 67.85 4.59
CA HIS E 2735 32.80 66.51 4.04
C HIS E 2735 32.44 66.40 2.56
N PRO E 2736 33.35 66.87 1.68
CA PRO E 2736 33.14 66.91 0.23
C PRO E 2736 32.76 65.57 -0.40
N VAL E 2737 31.96 65.61 -1.45
CA VAL E 2737 31.86 64.48 -2.35
C VAL E 2737 32.38 64.87 -3.73
N GLY E 2738 33.54 64.35 -4.09
CA GLY E 2738 34.18 64.63 -5.37
C GLY E 2738 34.21 63.45 -6.30
N ALA E 2739 33.42 62.43 -6.01
CA ALA E 2739 33.50 61.16 -6.73
C ALA E 2739 34.94 60.64 -6.62
N CYS E 2740 35.65 60.64 -7.74
CA CYS E 2740 37.07 60.33 -7.73
C CYS E 2740 37.95 61.49 -7.25
N ALA E 2741 37.42 62.72 -7.32
CA ALA E 2741 38.19 63.93 -7.02
C ALA E 2741 38.07 64.52 -5.60
N THR E 2742 37.34 63.84 -4.72
CA THR E 2742 37.08 64.35 -3.36
C THR E 2742 38.32 64.83 -2.62
N ALA E 2743 39.40 64.07 -2.75
CA ALA E 2743 40.65 64.36 -2.06
C ALA E 2743 41.17 65.77 -2.36
N ALA E 2744 41.34 66.07 -3.64
CA ALA E 2744 41.79 67.40 -4.04
C ALA E 2744 40.70 68.44 -3.80
N VAL E 2745 39.44 68.03 -3.93
CA VAL E 2745 38.31 68.90 -3.65
C VAL E 2745 38.27 69.24 -2.16
N SER E 2746 38.66 68.28 -1.33
CA SER E 2746 38.72 68.48 0.11
C SER E 2746 39.81 69.49 0.49
N VAL E 2747 40.98 69.35 -0.14
CA VAL E 2747 42.09 70.27 0.10
C VAL E 2747 41.67 71.70 -0.20
N GLU E 2748 40.92 71.87 -1.28
CA GLU E 2748 40.44 73.18 -1.71
C GLU E 2748 39.65 73.86 -0.60
N GLU E 2749 38.74 73.12 0.03
CA GLU E 2749 37.91 73.68 1.08
C GLU E 2749 38.65 73.80 2.40
N GLY E 2750 39.62 72.91 2.63
CA GLY E 2750 40.49 73.01 3.79
C GLY E 2750 41.30 74.29 3.71
N VAL E 2751 41.75 74.61 2.50
CA VAL E 2751 42.44 75.87 2.23
C VAL E 2751 41.50 77.05 2.44
N ASP E 2752 40.26 76.90 1.97
CA ASP E 2752 39.27 77.95 2.07
C ASP E 2752 38.90 78.31 3.51
N LYS E 2753 38.83 77.29 4.37
CA LYS E 2753 38.45 77.50 5.77
C LYS E 2753 39.47 78.32 6.55
N ILE E 2754 40.74 78.20 6.18
CA ILE E 2754 41.81 78.88 6.91
C ILE E 2754 41.89 80.37 6.59
N LYS E 2755 41.90 80.68 5.30
CA LYS E 2755 42.15 82.05 4.83
C LYS E 2755 41.07 83.04 5.29
N LEU E 2756 39.90 82.53 5.64
CA LEU E 2756 38.80 83.39 6.07
C LEU E 2756 38.70 83.49 7.59
N GLY E 2757 39.64 82.86 8.30
CA GLY E 2757 39.70 82.96 9.73
C GLY E 2757 38.68 82.12 10.48
N LYS E 2758 37.91 81.32 9.74
CA LYS E 2758 36.93 80.44 10.33
C LYS E 2758 37.62 79.37 11.18
N ALA E 2759 38.72 78.83 10.66
CA ALA E 2759 39.54 77.89 11.41
C ALA E 2759 41.01 78.04 11.03
N ASP E 2760 41.90 77.95 12.02
CA ASP E 2760 43.33 78.06 11.76
C ASP E 2760 44.03 76.73 11.53
N LEU E 2761 43.36 75.63 11.84
CA LEU E 2761 43.93 74.29 11.65
C LEU E 2761 42.91 73.36 11.02
N VAL E 2762 43.24 72.80 9.86
CA VAL E 2762 42.31 71.89 9.21
C VAL E 2762 42.94 70.54 8.88
N ILE E 2763 42.10 69.53 8.81
CA ILE E 2763 42.51 68.21 8.37
C ILE E 2763 41.84 67.97 7.03
N ALA E 2764 42.63 67.81 5.98
CA ALA E 2764 42.07 67.54 4.66
C ALA E 2764 42.41 66.12 4.20
N GLY E 2765 41.51 65.52 3.45
CA GLY E 2765 41.72 64.16 2.98
C GLY E 2765 40.53 63.54 2.26
N GLY E 2766 40.67 62.26 1.95
CA GLY E 2766 39.60 61.48 1.34
C GLY E 2766 39.81 60.00 1.58
N PHE E 2767 38.72 59.24 1.53
CA PHE E 2767 38.80 57.80 1.75
C PHE E 2767 37.60 57.07 1.13
N ASP E 2768 37.82 55.82 0.73
CA ASP E 2768 36.77 54.99 0.14
C ASP E 2768 37.11 53.53 0.37
N ASP E 2769 36.13 52.64 0.19
CA ASP E 2769 36.36 51.22 0.42
C ASP E 2769 36.07 50.41 -0.84
N LEU E 2770 36.65 49.22 -0.90
CA LEU E 2770 36.39 48.29 -1.99
C LEU E 2770 35.60 47.09 -1.48
N THR E 2771 34.35 46.99 -1.92
CA THR E 2771 33.47 45.89 -1.53
C THR E 2771 32.92 45.20 -2.78
N LEU E 2772 32.02 44.26 -2.55
CA LEU E 2772 31.37 43.49 -3.61
C LEU E 2772 30.69 44.38 -4.65
N GLU E 2773 29.68 45.12 -4.19
CA GLU E 2773 28.80 45.87 -5.07
C GLU E 2773 29.42 47.19 -5.54
N ALA E 2774 30.61 47.48 -5.06
CA ALA E 2774 31.37 48.58 -5.61
C ALA E 2774 31.94 48.13 -6.94
N ILE E 2775 32.41 46.89 -6.95
CA ILE E 2775 32.98 46.28 -8.14
C ILE E 2775 31.93 46.12 -9.25
N ILE E 2776 30.76 45.61 -8.89
CA ILE E 2776 29.77 45.28 -9.91
C ILE E 2776 29.17 46.53 -10.55
N GLY E 2777 29.27 47.66 -9.85
CA GLY E 2777 28.82 48.94 -10.40
C GLY E 2777 29.75 49.46 -11.47
N PHE E 2778 31.04 49.37 -11.22
CA PHE E 2778 32.04 49.78 -12.19
C PHE E 2778 32.06 48.84 -13.40
N GLY E 2779 32.11 47.53 -13.16
CA GLY E 2779 32.18 46.54 -14.23
C GLY E 2779 30.98 46.56 -15.16
N ASP E 2780 29.84 46.89 -14.58
CA ASP E 2780 28.62 47.10 -15.34
C ASP E 2780 28.74 48.39 -16.15
N MET E 2781 29.34 49.42 -15.55
CA MET E 2781 29.50 50.72 -16.20
C MET E 2781 30.55 50.68 -17.30
N ALA E 2782 31.24 49.55 -17.41
CA ALA E 2782 32.28 49.29 -18.42
C ALA E 2782 33.60 50.00 -18.12
N ALA E 2783 33.63 50.81 -17.07
CA ALA E 2783 34.79 51.65 -16.78
C ALA E 2783 35.99 50.91 -16.19
N THR E 2784 35.75 49.72 -15.65
CA THR E 2784 36.81 48.94 -15.04
C THR E 2784 37.40 47.92 -16.01
N ALA E 2785 38.69 47.69 -15.87
CA ALA E 2785 39.40 46.76 -16.72
C ALA E 2785 38.94 45.33 -16.48
N ASP E 2786 38.69 44.59 -17.56
CA ASP E 2786 38.14 43.24 -17.45
C ASP E 2786 39.25 42.21 -17.34
N THR E 2787 39.33 41.57 -16.18
CA THR E 2787 40.44 40.68 -15.83
C THR E 2787 40.60 39.50 -16.78
N GLU E 2788 39.48 38.95 -17.25
CA GLU E 2788 39.51 37.82 -18.18
C GLU E 2788 40.21 38.21 -19.48
N MET E 2789 40.10 39.49 -19.85
CA MET E 2789 40.76 40.00 -21.04
C MET E 2789 42.25 40.28 -20.79
N MET E 2790 42.57 40.66 -19.56
CA MET E 2790 43.95 40.97 -19.20
C MET E 2790 44.81 39.71 -19.19
N ARG E 2791 44.26 38.63 -18.65
CA ARG E 2791 44.96 37.35 -18.62
C ARG E 2791 45.13 36.79 -20.02
N ALA E 2792 44.20 37.13 -20.92
CA ALA E 2792 44.27 36.68 -22.30
C ALA E 2792 45.39 37.40 -23.05
N LYS E 2793 45.75 38.59 -22.58
CA LYS E 2793 46.82 39.36 -23.19
C LYS E 2793 48.15 39.11 -22.49
N GLY E 2794 48.13 38.20 -21.51
CA GLY E 2794 49.33 37.84 -20.78
C GLY E 2794 49.75 38.89 -19.77
N ILE E 2795 48.77 39.49 -19.10
CA ILE E 2795 49.05 40.54 -18.13
C ILE E 2795 48.92 40.05 -16.70
N SER E 2796 50.00 40.15 -15.93
CA SER E 2796 49.98 39.83 -14.51
C SER E 2796 49.23 40.91 -13.73
N ASP E 2797 48.79 40.56 -12.53
CA ASP E 2797 47.98 41.46 -11.70
C ASP E 2797 48.68 42.78 -11.38
N SER E 2798 50.01 42.75 -11.27
CA SER E 2798 50.75 43.97 -10.93
C SER E 2798 50.91 44.90 -12.13
N LYS E 2799 50.81 44.32 -13.33
CA LYS E 2799 51.08 45.06 -14.56
C LYS E 2799 49.85 45.61 -15.27
N PHE E 2800 48.66 45.38 -14.71
CA PHE E 2800 47.44 45.69 -15.45
C PHE E 2800 46.92 47.12 -15.32
N SER E 2801 47.52 47.90 -14.42
CA SER E 2801 47.19 49.31 -14.32
C SER E 2801 48.32 50.08 -14.98
N ARG E 2802 48.04 50.61 -16.17
CA ARG E 2802 49.05 51.28 -16.97
C ARG E 2802 48.51 52.60 -17.47
N ALA E 2803 49.11 53.70 -17.03
CA ALA E 2803 48.64 55.02 -17.42
C ALA E 2803 49.35 55.50 -18.68
N ASN E 2804 48.60 56.12 -19.57
CA ASN E 2804 49.13 56.69 -20.81
C ASN E 2804 49.69 55.65 -21.80
N ASP E 2805 49.67 54.38 -21.39
CA ASP E 2805 50.10 53.29 -22.24
C ASP E 2805 49.14 53.13 -23.42
N ARG E 2806 49.67 52.67 -24.55
CA ARG E 2806 48.85 52.43 -25.73
C ARG E 2806 47.75 51.42 -25.45
N ARG E 2807 48.05 50.46 -24.57
CA ARG E 2807 47.16 49.34 -24.29
C ARG E 2807 46.23 49.55 -23.11
N ARG E 2808 46.21 50.76 -22.53
CA ARG E 2808 45.45 50.99 -21.31
C ARG E 2808 43.98 50.60 -21.46
N LEU E 2809 43.55 49.68 -20.62
CA LEU E 2809 42.23 49.03 -20.74
C LEU E 2809 41.12 49.52 -19.80
N GLY E 2810 41.40 50.54 -19.00
CA GLY E 2810 40.49 50.98 -17.96
C GLY E 2810 41.04 50.72 -16.56
N PHE E 2811 40.44 51.39 -15.56
CA PHE E 2811 41.08 51.47 -14.24
C PHE E 2811 40.95 50.26 -13.33
N LEU E 2812 41.96 50.08 -12.49
CA LEU E 2812 41.91 49.10 -11.41
C LEU E 2812 41.29 49.77 -10.18
N GLU E 2813 40.28 49.13 -9.60
CA GLU E 2813 39.62 49.67 -8.42
C GLU E 2813 40.41 49.31 -7.16
N ALA E 2814 40.46 50.24 -6.21
CA ALA E 2814 41.22 50.03 -4.98
C ALA E 2814 40.45 50.44 -3.74
N GLN E 2815 41.08 50.25 -2.58
CA GLN E 2815 40.50 50.64 -1.30
C GLN E 2815 41.54 51.34 -0.44
N GLY E 2816 41.07 52.18 0.49
CA GLY E 2816 41.96 52.81 1.45
C GLY E 2816 41.51 54.19 1.85
N GLY E 2817 42.42 54.92 2.49
CA GLY E 2817 42.15 56.29 2.87
C GLY E 2817 43.42 57.01 3.26
N GLY E 2818 43.40 58.33 3.14
CA GLY E 2818 44.54 59.13 3.53
C GLY E 2818 44.11 60.54 3.88
N THR E 2819 44.90 61.21 4.71
CA THR E 2819 44.59 62.56 5.15
C THR E 2819 45.85 63.40 5.29
N ILE E 2820 45.69 64.71 5.22
CA ILE E 2820 46.79 65.64 5.44
C ILE E 2820 46.36 66.73 6.41
N LEU E 2821 47.31 67.28 7.16
CA LEU E 2821 47.03 68.37 8.07
C LEU E 2821 47.46 69.70 7.45
N LEU E 2822 46.49 70.51 7.08
CA LEU E 2822 46.76 71.83 6.52
C LEU E 2822 46.62 72.90 7.61
N ALA E 2823 47.58 73.80 7.68
CA ALA E 2823 47.58 74.83 8.71
C ALA E 2823 47.97 76.20 8.18
N ARG E 2824 47.68 77.23 8.97
CA ARG E 2824 48.15 78.59 8.69
C ARG E 2824 49.67 78.62 8.83
N GLY E 2825 50.32 79.26 7.86
CA GLY E 2825 51.77 79.34 7.86
C GLY E 2825 52.35 79.98 9.11
N ASP E 2826 51.64 80.97 9.65
CA ASP E 2826 52.08 81.65 10.86
C ASP E 2826 52.01 80.73 12.07
N LEU E 2827 50.99 79.89 12.10
CA LEU E 2827 50.78 78.95 13.20
C LEU E 2827 51.83 77.85 13.21
N ALA E 2828 52.16 77.36 12.02
CA ALA E 2828 53.14 76.27 11.88
C ALA E 2828 54.50 76.67 12.44
N LEU E 2829 54.88 77.93 12.22
CA LEU E 2829 56.12 78.46 12.75
C LEU E 2829 56.02 78.59 14.26
N LYS E 2830 54.88 79.09 14.72
CA LYS E 2830 54.65 79.37 16.13
C LYS E 2830 54.58 78.08 16.95
N MET E 2831 53.88 77.07 16.41
CA MET E 2831 53.84 75.77 17.05
C MET E 2831 55.17 75.05 16.89
N GLY E 2832 55.89 75.41 15.83
CA GLY E 2832 57.18 74.80 15.54
C GLY E 2832 57.05 73.38 15.04
N LEU E 2833 56.15 73.17 14.09
CA LEU E 2833 55.96 71.84 13.52
C LEU E 2833 56.73 71.74 12.20
N PRO E 2834 56.78 70.54 11.59
CA PRO E 2834 57.42 70.43 10.28
C PRO E 2834 56.59 71.05 9.15
N VAL E 2835 57.26 71.71 8.21
CA VAL E 2835 56.59 72.19 7.01
C VAL E 2835 56.90 71.26 5.84
N LEU E 2836 55.89 70.51 5.41
CA LEU E 2836 56.08 69.51 4.35
C LEU E 2836 56.05 70.14 2.96
N ALA E 2837 55.23 71.18 2.81
CA ALA E 2837 55.09 71.89 1.54
C ALA E 2837 54.13 73.06 1.67
N VAL E 2838 54.19 73.96 0.70
CA VAL E 2838 53.23 75.07 0.64
C VAL E 2838 52.20 74.77 -0.42
N VAL E 2839 50.93 74.94 -0.08
CA VAL E 2839 49.87 74.78 -1.07
C VAL E 2839 49.67 76.16 -1.68
N GLY E 2840 50.07 76.28 -2.94
CA GLY E 2840 50.05 77.55 -3.61
C GLY E 2840 48.68 77.88 -4.16
N TYR E 2841 47.84 76.85 -4.26
CA TYR E 2841 46.51 76.98 -4.83
C TYR E 2841 45.80 75.64 -4.77
N ALA E 2842 44.48 75.69 -4.80
CA ALA E 2842 43.66 74.51 -4.94
C ALA E 2842 42.36 74.90 -5.62
N GLN E 2843 41.87 74.07 -6.52
CA GLN E 2843 40.62 74.36 -7.21
C GLN E 2843 39.93 73.10 -7.66
N SER E 2844 38.60 73.15 -7.68
CA SER E 2844 37.79 72.14 -8.33
C SER E 2844 37.20 72.83 -9.55
N PHE E 2845 36.88 72.06 -10.58
CA PHE E 2845 36.36 72.63 -11.82
C PHE E 2845 35.36 71.70 -12.51
N ALA E 2846 34.25 72.26 -12.98
CA ALA E 2846 33.26 71.47 -13.71
C ALA E 2846 33.56 71.52 -15.21
N ASP E 2847 32.68 70.95 -16.04
CA ASP E 2847 32.96 70.93 -17.48
C ASP E 2847 31.87 71.61 -18.30
N GLY E 2848 30.73 70.94 -18.47
CA GLY E 2848 29.64 71.58 -19.19
C GLY E 2848 28.54 70.69 -19.75
N VAL E 2849 27.65 71.29 -20.52
CA VAL E 2849 26.56 70.55 -21.14
C VAL E 2849 27.03 69.75 -22.34
N HIS E 2850 26.82 68.43 -22.28
CA HIS E 2850 26.92 67.56 -23.45
C HIS E 2850 26.15 66.25 -23.25
N THR E 2851 25.77 65.61 -24.35
CA THR E 2851 25.09 64.32 -24.30
C THR E 2851 26.04 63.12 -24.15
N SER E 2852 27.20 63.21 -24.80
CA SER E 2852 28.09 62.06 -25.03
C SER E 2852 28.75 61.50 -23.78
N ILE E 2853 28.59 60.18 -23.57
CA ILE E 2853 29.20 59.54 -22.41
C ILE E 2853 30.75 59.38 -22.39
N PRO E 2854 31.39 59.07 -23.53
CA PRO E 2854 32.85 59.08 -23.38
C PRO E 2854 33.44 60.48 -23.21
N ALA E 2855 32.73 61.54 -23.61
CA ALA E 2855 33.35 62.86 -23.63
C ALA E 2855 33.72 63.36 -22.24
N PRO E 2856 35.03 63.45 -21.98
CA PRO E 2856 35.63 63.78 -20.69
C PRO E 2856 35.63 65.28 -20.39
N GLY E 2857 35.56 65.65 -19.11
CA GLY E 2857 35.62 67.05 -18.71
C GLY E 2857 36.98 67.71 -18.87
N LEU E 2858 37.01 68.82 -19.60
CA LEU E 2858 38.22 69.61 -19.79
C LEU E 2858 38.31 70.88 -18.93
N GLY E 2859 37.31 71.12 -18.08
CA GLY E 2859 37.17 72.39 -17.38
C GLY E 2859 38.28 72.80 -16.42
N ALA E 2860 39.23 71.89 -16.15
CA ALA E 2860 40.33 72.19 -15.24
C ALA E 2860 41.31 73.21 -15.82
N LEU E 2861 41.08 73.56 -17.09
CA LEU E 2861 41.90 74.54 -17.79
C LEU E 2861 41.64 75.96 -17.27
N GLY E 2862 40.52 76.15 -16.58
CA GLY E 2862 40.14 77.47 -16.08
C GLY E 2862 41.13 78.12 -15.14
N ALA E 2863 42.04 77.31 -14.58
CA ALA E 2863 43.05 77.83 -13.67
C ALA E 2863 44.19 78.53 -14.40
N ALA E 2864 44.39 78.15 -15.66
CA ALA E 2864 45.49 78.70 -16.45
C ALA E 2864 45.05 79.91 -17.27
N ARG E 2865 43.80 80.32 -17.09
CA ARG E 2865 43.25 81.43 -17.85
C ARG E 2865 43.81 82.78 -17.43
N GLY E 2866 44.32 83.54 -18.39
CA GLY E 2866 44.82 84.88 -18.12
C GLY E 2866 46.32 85.05 -18.22
N GLY E 2867 47.05 83.95 -18.38
CA GLY E 2867 48.49 84.02 -18.55
C GLY E 2867 49.21 84.50 -17.31
N ARG E 2868 49.91 85.63 -17.42
CA ARG E 2868 50.53 86.25 -16.26
C ARG E 2868 49.48 86.63 -15.21
N GLU E 2869 48.24 86.82 -15.66
CA GLU E 2869 47.14 87.15 -14.76
C GLU E 2869 46.40 85.89 -14.29
N SER E 2870 46.88 84.72 -14.73
CA SER E 2870 46.23 83.46 -14.38
C SER E 2870 46.46 83.09 -12.92
N THR E 2871 45.55 82.30 -12.39
CA THR E 2871 45.64 81.87 -10.99
C THR E 2871 46.85 80.97 -10.79
N LEU E 2872 47.16 80.18 -11.80
CA LEU E 2872 48.28 79.25 -11.72
C LEU E 2872 49.60 79.98 -11.68
N ALA E 2873 49.75 80.99 -12.53
CA ALA E 2873 51.01 81.70 -12.64
C ALA E 2873 51.21 82.71 -11.50
N ARG E 2874 50.12 83.35 -11.08
CA ARG E 2874 50.19 84.31 -9.99
C ARG E 2874 50.52 83.61 -8.68
N SER E 2875 49.95 82.42 -8.49
CA SER E 2875 50.26 81.61 -7.31
C SER E 2875 51.75 81.34 -7.26
N LEU E 2876 52.31 80.95 -8.41
CA LEU E 2876 53.75 80.76 -8.53
C LEU E 2876 54.52 82.07 -8.32
N ALA E 2877 54.10 83.13 -9.01
CA ALA E 2877 54.79 84.41 -9.01
C ALA E 2877 54.91 85.04 -7.63
N GLN E 2878 53.92 84.83 -6.78
CA GLN E 2878 53.97 85.33 -5.40
C GLN E 2878 55.12 84.72 -4.60
N LEU E 2879 55.59 83.55 -5.00
CA LEU E 2879 56.78 82.94 -4.40
C LEU E 2879 58.02 83.30 -5.21
N GLY E 2880 57.83 84.07 -6.27
CA GLY E 2880 58.92 84.41 -7.15
C GLY E 2880 59.26 83.23 -8.04
N VAL E 2881 58.24 82.40 -8.29
CA VAL E 2881 58.39 81.20 -9.10
C VAL E 2881 57.72 81.40 -10.45
N GLY E 2882 58.36 80.92 -11.52
CA GLY E 2882 57.83 81.03 -12.85
C GLY E 2882 57.05 79.81 -13.31
N ALA E 2883 56.47 79.89 -14.50
CA ALA E 2883 55.70 78.79 -15.09
C ALA E 2883 56.59 77.60 -15.43
N ASP E 2884 57.85 77.90 -15.76
CA ASP E 2884 58.81 76.86 -16.11
C ASP E 2884 59.22 76.06 -14.87
N ASP E 2885 58.93 76.62 -13.71
CA ASP E 2885 59.39 76.06 -12.44
C ASP E 2885 58.48 74.98 -11.88
N ILE E 2886 57.43 74.63 -12.62
CA ILE E 2886 56.67 73.44 -12.29
C ILE E 2886 57.28 72.31 -13.10
N ALA E 2887 58.01 71.43 -12.42
CA ALA E 2887 58.64 70.30 -13.06
C ALA E 2887 57.68 69.11 -13.19
N VAL E 2888 56.92 68.88 -12.13
CA VAL E 2888 56.11 67.67 -12.02
C VAL E 2888 54.63 67.95 -11.91
N ILE E 2889 53.84 67.23 -12.70
CA ILE E 2889 52.39 67.19 -12.50
C ILE E 2889 52.03 65.78 -12.10
N SER E 2890 51.23 65.64 -11.06
CA SER E 2890 50.71 64.33 -10.71
C SER E 2890 49.35 64.20 -11.38
N LYS E 2891 49.29 63.36 -12.42
CA LYS E 2891 48.06 63.15 -13.15
C LYS E 2891 47.13 62.24 -12.37
N HIS E 2892 45.84 62.36 -12.65
CA HIS E 2892 44.88 61.42 -12.11
C HIS E 2892 45.24 60.05 -12.67
N ASP E 2893 45.53 60.02 -13.96
CA ASP E 2893 46.04 58.83 -14.64
C ASP E 2893 45.27 57.57 -14.30
N THR E 2894 44.01 57.54 -14.71
CA THR E 2894 43.12 56.45 -14.34
C THR E 2894 43.41 55.18 -15.13
N SER E 2895 44.26 55.29 -16.15
CA SER E 2895 44.57 54.17 -17.05
C SER E 2895 43.39 53.80 -17.97
N THR E 2896 42.28 54.53 -17.82
CA THR E 2896 41.18 54.39 -18.77
C THR E 2896 41.55 55.08 -20.08
N LEU E 2897 40.93 54.66 -21.17
CA LEU E 2897 41.20 55.25 -22.48
C LEU E 2897 40.63 56.65 -22.61
N ALA E 2898 39.61 56.95 -21.81
CA ALA E 2898 38.97 58.26 -21.86
C ALA E 2898 39.77 59.35 -21.13
N ASN E 2899 40.21 59.02 -19.92
CA ASN E 2899 40.85 60.00 -19.04
C ASN E 2899 42.28 60.40 -19.43
N ASP E 2900 43.12 59.40 -19.67
CA ASP E 2900 44.55 59.65 -19.92
C ASP E 2900 44.89 60.65 -21.03
N PRO E 2901 44.37 60.46 -22.26
CA PRO E 2901 44.73 61.43 -23.30
C PRO E 2901 44.11 62.80 -23.06
N ASN E 2902 42.93 62.83 -22.46
CA ASN E 2902 42.24 64.09 -22.17
C ASN E 2902 42.97 64.91 -21.11
N GLU E 2903 43.35 64.26 -20.03
CA GLU E 2903 44.09 64.90 -18.95
C GLU E 2903 45.45 65.37 -19.47
N THR E 2904 45.98 64.65 -20.46
CA THR E 2904 47.25 65.00 -21.07
C THR E 2904 47.09 66.25 -21.94
N GLU E 2905 46.07 66.24 -22.79
CA GLU E 2905 45.73 67.40 -23.61
C GLU E 2905 45.46 68.61 -22.72
N LEU E 2906 44.85 68.35 -21.57
CA LEU E 2906 44.52 69.40 -20.62
C LEU E 2906 45.79 70.03 -20.04
N HIS E 2907 46.70 69.18 -19.54
CA HIS E 2907 47.93 69.66 -18.96
C HIS E 2907 48.86 70.26 -20.02
N GLU E 2908 48.72 69.78 -21.24
CA GLU E 2908 49.50 70.30 -22.36
C GLU E 2908 49.08 71.73 -22.67
N ARG E 2909 47.78 71.98 -22.61
CA ARG E 2909 47.23 73.28 -22.95
C ARG E 2909 47.42 74.33 -21.87
N ILE E 2910 47.26 73.93 -20.60
CA ILE E 2910 47.46 74.84 -19.49
C ILE E 2910 48.89 75.36 -19.45
N ALA E 2911 49.82 74.55 -19.96
CA ALA E 2911 51.21 74.96 -20.08
C ALA E 2911 51.43 75.83 -21.31
N ASP E 2912 50.76 75.47 -22.40
CA ASP E 2912 50.95 76.14 -23.69
C ASP E 2912 50.60 77.63 -23.64
N SER E 2913 49.47 77.96 -23.03
CA SER E 2913 49.02 79.36 -22.99
C SER E 2913 49.72 80.22 -21.95
N MET E 2914 50.26 79.58 -20.92
CA MET E 2914 50.92 80.31 -19.84
C MET E 2914 52.36 80.64 -20.20
N GLY E 2915 52.77 80.24 -21.40
CA GLY E 2915 54.10 80.55 -21.89
C GLY E 2915 55.17 79.62 -21.34
N ARG E 2916 54.81 78.35 -21.16
CA ARG E 2916 55.80 77.33 -20.83
C ARG E 2916 56.82 77.32 -21.95
N ALA E 2917 58.10 77.43 -21.61
CA ALA E 2917 59.16 77.41 -22.61
C ALA E 2917 59.05 76.14 -23.44
N PRO E 2918 59.14 76.28 -24.77
CA PRO E 2918 58.97 75.15 -25.69
C PRO E 2918 59.89 74.00 -25.30
N GLY E 2919 59.32 72.81 -25.18
CA GLY E 2919 60.09 71.63 -24.82
C GLY E 2919 60.69 71.65 -23.43
N ASN E 2920 59.98 72.26 -22.49
CA ASN E 2920 60.36 72.15 -21.08
C ASN E 2920 59.22 71.41 -20.41
N PRO E 2921 59.15 70.10 -20.66
CA PRO E 2921 57.94 69.31 -20.41
C PRO E 2921 57.72 69.02 -18.94
N LEU E 2922 56.46 68.86 -18.57
CA LEU E 2922 56.11 68.51 -17.20
C LEU E 2922 56.32 67.02 -17.02
N PHE E 2923 57.21 66.65 -16.12
CA PHE E 2923 57.51 65.25 -15.86
C PHE E 2923 56.41 64.69 -14.96
N ILE E 2924 55.71 63.67 -15.46
CA ILE E 2924 54.50 63.23 -14.79
C ILE E 2924 54.57 61.81 -14.23
N VAL E 2925 54.09 61.65 -13.00
CA VAL E 2925 54.05 60.36 -12.33
C VAL E 2925 52.63 59.81 -12.31
N SER E 2926 52.51 58.49 -12.44
CA SER E 2926 51.22 57.84 -12.24
C SER E 2926 51.28 56.89 -11.05
N GLN E 2927 50.60 57.26 -9.97
CA GLN E 2927 50.60 56.47 -8.76
C GLN E 2927 49.51 55.40 -8.79
N LYS E 2928 48.59 55.54 -9.73
CA LYS E 2928 47.49 54.61 -9.87
C LYS E 2928 47.96 53.29 -10.47
N THR E 2929 49.13 53.33 -11.12
CA THR E 2929 49.72 52.14 -11.68
C THR E 2929 50.25 51.25 -10.56
N LEU E 2930 50.61 51.89 -9.45
CA LEU E 2930 51.05 51.17 -8.27
C LEU E 2930 49.86 50.90 -7.35
N THR E 2931 49.37 51.95 -6.72
CA THR E 2931 48.37 51.83 -5.65
C THR E 2931 46.97 51.47 -6.15
N GLY E 2932 46.77 51.53 -7.46
CA GLY E 2932 45.43 51.34 -8.01
C GLY E 2932 44.61 52.59 -7.81
N HIS E 2933 43.35 52.56 -8.23
CA HIS E 2933 42.50 53.73 -8.05
C HIS E 2933 41.49 53.56 -6.91
N ALA E 2934 41.73 54.30 -5.83
CA ALA E 2934 40.75 54.41 -4.76
C ALA E 2934 40.00 55.71 -4.97
N LYS E 2935 38.70 55.60 -5.25
CA LYS E 2935 37.87 56.74 -5.62
C LYS E 2935 38.02 57.96 -4.71
N GLY E 2936 37.62 57.83 -3.45
CA GLY E 2936 37.66 58.93 -2.51
C GLY E 2936 39.04 59.42 -2.14
N GLY E 2937 39.95 58.49 -1.90
CA GLY E 2937 41.29 58.83 -1.46
C GLY E 2937 42.32 58.89 -2.57
N ALA E 2938 41.85 59.10 -3.80
CA ALA E 2938 42.73 59.18 -4.97
C ALA E 2938 43.78 60.29 -4.87
N ALA E 2939 43.33 61.53 -4.90
CA ALA E 2939 44.23 62.67 -5.02
C ALA E 2939 45.03 62.98 -3.75
N VAL E 2940 44.69 62.33 -2.64
CA VAL E 2940 45.45 62.49 -1.40
C VAL E 2940 46.70 61.63 -1.44
N PHE E 2941 46.57 60.42 -1.96
CA PHE E 2941 47.72 59.56 -2.15
C PHE E 2941 48.69 60.23 -3.12
N GLN E 2942 48.14 60.96 -4.08
CA GLN E 2942 48.93 61.77 -5.00
C GLN E 2942 49.44 63.01 -4.28
N MET E 2943 48.62 63.53 -3.37
CA MET E 2943 49.00 64.67 -2.55
C MET E 2943 50.17 64.28 -1.65
N MET E 2944 50.07 63.10 -1.06
CA MET E 2944 51.15 62.57 -0.22
C MET E 2944 52.42 62.37 -1.01
N GLY E 2945 52.30 61.73 -2.18
CA GLY E 2945 53.44 61.47 -3.03
C GLY E 2945 54.12 62.75 -3.50
N LEU E 2946 53.32 63.79 -3.71
CA LEU E 2946 53.86 65.06 -4.21
C LEU E 2946 54.70 65.78 -3.16
N CYS E 2947 54.29 65.69 -1.90
CA CYS E 2947 55.07 66.25 -0.81
C CYS E 2947 56.41 65.52 -0.72
N GLN E 2948 56.33 64.20 -0.81
CA GLN E 2948 57.51 63.35 -0.76
C GLN E 2948 58.41 63.58 -1.98
N ILE E 2949 57.81 64.00 -3.09
CA ILE E 2949 58.56 64.37 -4.28
C ILE E 2949 59.36 65.65 -4.03
N LEU E 2950 58.70 66.64 -3.46
CA LEU E 2950 59.32 67.94 -3.23
C LEU E 2950 60.52 67.88 -2.28
N ARG E 2951 60.34 67.22 -1.14
CA ARG E 2951 61.39 67.16 -0.14
C ARG E 2951 62.59 66.30 -0.55
N ASP E 2952 62.31 65.12 -1.11
CA ASP E 2952 63.37 64.22 -1.53
C ASP E 2952 63.94 64.58 -2.91
N GLY E 2953 63.14 65.29 -3.69
CA GLY E 2953 63.54 65.66 -5.04
C GLY E 2953 63.26 64.57 -6.06
N VAL E 2954 63.08 63.36 -5.58
CA VAL E 2954 62.95 62.20 -6.45
C VAL E 2954 61.62 62.17 -7.20
N ILE E 2955 61.69 61.97 -8.51
CA ILE E 2955 60.49 61.83 -9.34
C ILE E 2955 60.25 60.36 -9.65
N PRO E 2956 59.21 59.77 -9.05
CA PRO E 2956 58.86 58.35 -9.23
C PRO E 2956 58.51 58.00 -10.67
N PRO E 2957 58.94 56.82 -11.11
CA PRO E 2957 58.67 56.29 -12.46
C PRO E 2957 57.26 55.74 -12.58
N ASN E 2958 56.82 55.55 -13.82
CA ASN E 2958 55.74 54.62 -14.08
C ASN E 2958 56.38 53.35 -14.62
N ARG E 2959 56.41 52.31 -13.79
CA ARG E 2959 57.09 51.08 -14.15
C ARG E 2959 56.15 50.14 -14.89
N SER E 2960 54.90 50.56 -15.03
CA SER E 2960 53.90 49.78 -15.73
C SER E 2960 53.84 50.20 -17.20
N LEU E 2961 54.71 51.10 -17.61
CA LEU E 2961 54.68 51.59 -18.99
C LEU E 2961 55.59 50.75 -19.88
N ASP E 2962 54.97 49.97 -20.74
CA ASP E 2962 55.67 49.26 -21.80
C ASP E 2962 55.92 50.18 -22.99
N CYS E 2963 54.86 50.87 -23.42
CA CYS E 2963 54.93 51.76 -24.56
C CYS E 2963 54.01 52.98 -24.38
N VAL E 2964 54.51 54.16 -24.74
CA VAL E 2964 53.71 55.37 -24.68
C VAL E 2964 52.73 55.40 -25.84
N ASP E 2965 51.49 55.80 -25.55
CA ASP E 2965 50.45 55.88 -26.58
C ASP E 2965 50.89 56.86 -27.67
N ASP E 2966 50.81 56.41 -28.92
CA ASP E 2966 51.28 57.20 -30.05
C ASP E 2966 50.46 58.48 -30.25
N GLU E 2967 49.28 58.53 -29.65
CA GLU E 2967 48.42 59.70 -29.72
C GLU E 2967 49.00 60.85 -28.90
N LEU E 2968 49.68 60.51 -27.83
CA LEU E 2968 50.22 61.49 -26.88
C LEU E 2968 51.42 62.26 -27.43
N ALA E 2969 51.88 61.86 -28.62
CA ALA E 2969 53.01 62.52 -29.27
C ALA E 2969 52.72 64.00 -29.54
N THR E 2970 51.45 64.32 -29.78
CA THR E 2970 51.04 65.69 -30.08
C THR E 2970 51.27 66.63 -28.90
N SER E 2971 51.46 66.07 -27.72
CA SER E 2971 51.75 66.87 -26.54
C SER E 2971 53.26 66.94 -26.30
N GLY E 2972 53.83 68.13 -26.48
CA GLY E 2972 55.26 68.30 -26.37
C GLY E 2972 55.69 68.88 -25.03
N HIS E 2973 54.73 69.39 -24.27
CA HIS E 2973 54.98 69.92 -22.94
C HIS E 2973 54.83 68.84 -21.88
N PHE E 2974 54.63 67.60 -22.35
CA PHE E 2974 54.45 66.47 -21.45
C PHE E 2974 55.46 65.35 -21.69
N VAL E 2975 56.09 64.88 -20.61
CA VAL E 2975 57.02 63.76 -20.68
C VAL E 2975 56.63 62.63 -19.73
N TRP E 2976 56.61 61.41 -20.26
CA TRP E 2976 56.21 60.23 -19.51
C TRP E 2976 57.43 59.37 -19.21
N VAL E 2977 57.79 59.29 -17.92
CA VAL E 2977 59.03 58.63 -17.52
C VAL E 2977 58.79 57.20 -17.00
N ARG E 2978 59.45 56.23 -17.64
CA ARG E 2978 59.31 54.83 -17.26
C ARG E 2978 60.26 54.39 -16.15
N GLU E 2979 61.30 55.18 -15.90
CA GLU E 2979 62.30 54.84 -14.90
C GLU E 2979 62.55 56.00 -13.94
N PRO E 2980 62.84 55.69 -12.66
CA PRO E 2980 62.93 56.76 -11.66
C PRO E 2980 64.06 57.73 -11.95
N LEU E 2981 63.75 59.01 -11.94
CA LEU E 2981 64.78 60.04 -12.03
C LEU E 2981 64.97 60.57 -10.62
N ASP E 2982 66.10 60.21 -10.02
CA ASP E 2982 66.35 60.54 -8.63
C ASP E 2982 67.20 61.80 -8.50
N LEU E 2983 66.61 62.82 -7.89
CA LEU E 2983 67.27 64.10 -7.77
C LEU E 2983 68.03 64.23 -6.45
N ARG E 2984 69.35 64.33 -6.56
CA ARG E 2984 70.22 64.40 -5.40
C ARG E 2984 70.35 65.84 -4.89
N GLY E 2985 71.30 66.06 -3.99
CA GLY E 2985 71.50 67.37 -3.38
C GLY E 2985 71.91 68.46 -4.36
N LYS E 2986 72.54 68.08 -5.46
CA LYS E 2986 72.98 69.05 -6.45
C LYS E 2986 71.92 69.29 -7.51
N PHE E 2987 70.84 68.51 -7.45
CA PHE E 2987 69.79 68.59 -8.44
C PHE E 2987 68.45 68.75 -7.72
N PRO E 2988 68.06 70.01 -7.44
CA PRO E 2988 66.84 70.32 -6.69
C PRO E 2988 65.60 70.25 -7.57
N LEU E 2989 64.44 70.52 -6.95
CA LEU E 2989 63.20 70.69 -7.69
C LEU E 2989 62.37 71.76 -6.98
N LYS E 2990 61.23 72.11 -7.54
CA LYS E 2990 60.49 73.26 -7.04
C LYS E 2990 59.00 73.02 -6.71
N ALA E 2991 58.18 72.84 -7.74
CA ALA E 2991 56.74 72.80 -7.54
C ALA E 2991 56.01 71.70 -8.31
N GLY E 2992 55.12 70.99 -7.61
CA GLY E 2992 54.28 69.98 -8.24
C GLY E 2992 52.84 70.41 -8.42
N LEU E 2993 52.09 69.63 -9.19
CA LEU E 2993 50.67 69.89 -9.39
C LEU E 2993 49.85 68.59 -9.35
N VAL E 2994 48.88 68.52 -8.44
CA VAL E 2994 47.99 67.38 -8.35
C VAL E 2994 46.67 67.65 -9.08
N THR E 2995 46.36 66.80 -10.06
CA THR E 2995 45.13 66.95 -10.82
C THR E 2995 44.31 65.66 -10.77
N SER E 2996 43.01 65.81 -10.51
CA SER E 2996 42.12 64.66 -10.42
C SER E 2996 40.77 64.93 -11.08
N LEU E 2997 40.30 63.97 -11.87
CA LEU E 2997 39.00 64.11 -12.54
C LEU E 2997 37.99 63.13 -11.96
N GLY E 2998 36.99 63.66 -11.26
CA GLY E 2998 35.93 62.84 -10.70
C GLY E 2998 34.82 62.61 -11.70
N PHE E 2999 33.83 61.82 -11.30
CA PHE E 2999 32.68 61.53 -12.15
C PHE E 2999 31.66 62.65 -12.13
N GLY E 3000 31.09 62.96 -13.29
CA GLY E 3000 30.13 64.03 -13.41
C GLY E 3000 30.76 65.41 -13.36
N HIS E 3001 31.80 65.60 -14.18
CA HIS E 3001 32.44 66.90 -14.34
C HIS E 3001 33.11 67.38 -13.07
N VAL E 3002 33.54 66.46 -12.21
CA VAL E 3002 34.33 66.89 -11.07
C VAL E 3002 35.80 66.82 -11.47
N SER E 3003 36.41 67.99 -11.59
CA SER E 3003 37.83 68.07 -11.93
C SER E 3003 38.49 68.94 -10.89
N GLY E 3004 39.76 68.71 -10.63
CA GLY E 3004 40.44 69.51 -9.62
C GLY E 3004 41.93 69.69 -9.85
N LEU E 3005 42.46 70.76 -9.29
CA LEU E 3005 43.88 71.09 -9.43
C LEU E 3005 44.43 71.63 -8.11
N VAL E 3006 45.55 71.07 -7.68
CA VAL E 3006 46.22 71.57 -6.48
C VAL E 3006 47.69 71.87 -6.77
N ALA E 3007 48.05 73.14 -6.72
CA ALA E 3007 49.43 73.54 -6.95
C ALA E 3007 50.23 73.43 -5.66
N LEU E 3008 51.26 72.60 -5.67
CA LEU E 3008 52.10 72.42 -4.50
C LEU E 3008 53.52 72.98 -4.73
N VAL E 3009 54.06 73.64 -3.71
CA VAL E 3009 55.36 74.32 -3.79
C VAL E 3009 56.27 73.94 -2.61
N HIS E 3010 57.57 73.85 -2.88
CA HIS E 3010 58.58 73.46 -1.89
C HIS E 3010 58.56 74.32 -0.64
N PRO E 3011 58.74 73.69 0.55
CA PRO E 3011 58.74 74.41 1.84
C PRO E 3011 59.75 75.56 1.93
N GLU E 3012 60.92 75.41 1.35
CA GLU E 3012 61.99 76.39 1.48
C GLU E 3012 61.68 77.73 0.80
N ALA E 3013 60.57 77.78 0.06
CA ALA E 3013 60.11 79.03 -0.52
C ALA E 3013 59.47 79.92 0.55
N PHE E 3014 58.91 79.28 1.57
CA PHE E 3014 58.27 79.99 2.66
C PHE E 3014 59.27 80.55 3.66
N ILE E 3015 60.38 79.85 3.84
CA ILE E 3015 61.40 80.23 4.82
C ILE E 3015 62.13 81.49 4.38
N ALA E 3016 61.93 81.88 3.12
CA ALA E 3016 62.60 83.05 2.56
C ALA E 3016 61.91 84.35 2.93
N ALA E 3017 60.73 84.25 3.53
CA ALA E 3017 59.95 85.42 3.92
C ALA E 3017 60.15 85.83 5.37
N LEU E 3018 61.04 85.14 6.08
CA LEU E 3018 61.23 85.40 7.51
C LEU E 3018 62.32 86.41 7.84
N ASP E 3019 63.10 86.84 6.83
CA ASP E 3019 64.32 87.63 7.04
C ASP E 3019 65.40 86.74 7.68
N PRO E 3020 66.69 87.04 7.42
CA PRO E 3020 67.77 86.14 7.84
C PRO E 3020 67.81 85.80 9.32
N SER E 3021 67.44 86.74 10.18
CA SER E 3021 67.44 86.50 11.62
C SER E 3021 66.36 85.50 12.02
N GLU E 3022 65.12 85.75 11.58
CA GLU E 3022 64.00 84.88 11.93
C GLU E 3022 64.03 83.58 11.13
N ARG E 3023 64.61 83.62 9.93
CA ARG E 3023 64.76 82.41 9.13
C ARG E 3023 65.68 81.43 9.85
N GLU E 3024 66.75 81.97 10.41
CA GLU E 3024 67.71 81.17 11.17
C GLU E 3024 67.07 80.67 12.46
N ASP E 3025 66.16 81.48 13.03
CA ASP E 3025 65.49 81.12 14.26
C ASP E 3025 64.48 80.00 14.05
N TYR E 3026 63.87 79.96 12.87
CA TYR E 3026 62.89 78.92 12.55
C TYR E 3026 63.55 77.57 12.31
N ARG E 3027 64.66 77.57 11.59
CA ARG E 3027 65.40 76.35 11.31
C ARG E 3027 65.84 75.69 12.61
N THR E 3028 66.12 76.52 13.61
CA THR E 3028 66.47 76.02 14.94
C THR E 3028 65.31 75.24 15.56
N ARG E 3029 64.12 75.82 15.48
CA ARG E 3029 62.93 75.18 16.04
C ARG E 3029 62.52 73.93 15.27
N ALA E 3030 62.58 74.02 13.94
CA ALA E 3030 62.21 72.90 13.07
C ALA E 3030 63.16 71.72 13.25
N GLU E 3031 64.44 72.03 13.51
CA GLU E 3031 65.44 70.99 13.72
C GLU E 3031 65.19 70.23 15.03
N GLN E 3032 64.82 70.99 16.06
CA GLN E 3032 64.52 70.40 17.36
C GLN E 3032 63.26 69.54 17.31
N ARG E 3033 62.33 69.92 16.44
CA ARG E 3033 61.07 69.20 16.30
C ARG E 3033 61.27 67.87 15.60
N MET E 3034 62.13 67.87 14.57
CA MET E 3034 62.43 66.66 13.81
C MET E 3034 63.03 65.59 14.72
N LEU E 3035 63.94 66.00 15.60
CA LEU E 3035 64.57 65.08 16.54
C LEU E 3035 63.54 64.53 17.51
N ALA E 3036 62.67 65.40 18.00
CA ALA E 3036 61.60 64.99 18.92
C ALA E 3036 60.53 64.22 18.16
N GLY E 3037 60.39 64.51 16.87
CA GLY E 3037 59.43 63.82 16.03
C GLY E 3037 59.87 62.41 15.71
N GLN E 3038 61.16 62.23 15.45
CA GLN E 3038 61.74 60.92 15.21
C GLN E 3038 61.61 60.05 16.45
N ARG E 3039 61.79 60.68 17.61
CA ARG E 3039 61.60 60.02 18.91
C ARG E 3039 60.19 59.45 19.02
N ARG E 3040 59.20 60.32 18.97
CA ARG E 3040 57.78 59.94 19.09
C ARG E 3040 57.37 58.85 18.12
N LEU E 3041 57.84 58.94 16.88
CA LEU E 3041 57.44 58.00 15.84
C LEU E 3041 57.92 56.58 16.10
N VAL E 3042 59.23 56.42 16.32
CA VAL E 3042 59.80 55.09 16.54
C VAL E 3042 59.31 54.46 17.84
N SER E 3043 58.87 55.29 18.77
CA SER E 3043 58.30 54.81 20.02
C SER E 3043 56.89 54.31 19.79
N ALA E 3044 56.19 54.96 18.85
CA ALA E 3044 54.83 54.60 18.51
C ALA E 3044 54.76 53.32 17.70
N ILE E 3045 55.61 53.23 16.67
CA ILE E 3045 55.64 52.09 15.77
C ILE E 3045 55.87 50.76 16.50
N ALA E 3046 56.79 50.77 17.46
CA ALA E 3046 57.21 49.55 18.14
C ALA E 3046 56.23 49.07 19.22
N GLY E 3047 55.67 50.00 19.98
CA GLY E 3047 54.88 49.63 21.16
C GLY E 3047 53.39 49.48 20.97
N GLY E 3048 52.87 49.98 19.84
CA GLY E 3048 51.44 49.98 19.62
C GLY E 3048 50.79 51.14 20.35
N ARG E 3049 51.63 52.06 20.80
CA ARG E 3049 51.21 53.27 21.50
C ARG E 3049 50.34 54.32 20.76
N PRO E 3050 50.61 54.59 19.46
CA PRO E 3050 50.08 55.83 18.87
C PRO E 3050 48.57 56.01 18.92
N MET E 3051 47.83 54.94 19.18
CA MET E 3051 46.39 55.08 19.29
C MET E 3051 45.90 54.87 20.72
N TYR E 3052 45.49 55.97 21.34
CA TYR E 3052 44.94 55.97 22.69
C TYR E 3052 43.59 56.64 22.64
N GLU E 3053 42.54 55.90 22.98
CA GLU E 3053 41.20 56.45 22.94
C GLU E 3053 40.90 57.16 24.26
N LYS E 3054 40.70 58.47 24.16
CA LYS E 3054 40.66 59.33 25.35
C LYS E 3054 39.39 59.23 26.17
N PRO E 3055 39.55 59.11 27.50
CA PRO E 3055 38.49 59.14 28.50
C PRO E 3055 37.83 60.52 28.61
N ALA E 3056 38.47 61.51 28.00
CA ALA E 3056 38.02 62.91 28.05
C ALA E 3056 38.05 63.49 29.46
N ASP E 3057 39.18 63.32 30.13
CA ASP E 3057 39.40 63.81 31.49
C ASP E 3057 39.10 65.30 31.65
N ARG E 3058 39.53 66.10 30.69
CA ARG E 3058 39.41 67.55 30.79
C ARG E 3058 37.95 68.01 30.81
N ARG E 3059 37.07 67.22 30.18
CA ARG E 3059 35.65 67.53 30.15
C ARG E 3059 35.01 67.48 31.54
N PHE E 3060 35.08 66.31 32.17
CA PHE E 3060 34.38 66.03 33.42
C PHE E 3060 35.18 66.16 34.72
N ASP E 3061 36.40 66.70 34.64
CA ASP E 3061 37.44 66.49 35.66
C ASP E 3061 36.97 66.58 37.12
N HIS E 3062 36.14 67.56 37.43
CA HIS E 3062 35.42 67.58 38.70
C HIS E 3062 33.92 67.63 38.38
N ASP E 3063 33.19 66.59 38.79
CA ASP E 3063 31.81 66.41 38.36
C ASP E 3063 30.91 67.63 38.53
N VAL E 3064 30.89 68.20 39.73
CA VAL E 3064 30.03 69.34 40.01
C VAL E 3064 30.38 70.63 39.23
N PRO E 3065 31.59 71.18 39.41
CA PRO E 3065 31.86 72.47 38.75
C PRO E 3065 31.99 72.41 37.23
N GLU E 3066 32.61 71.35 36.69
CA GLU E 3066 32.91 71.30 35.27
C GLU E 3066 31.65 71.29 34.42
N LYS E 3067 30.58 70.68 34.94
CA LYS E 3067 29.29 70.72 34.26
C LYS E 3067 28.74 72.15 34.29
N ARG E 3068 29.03 72.86 35.37
CA ARG E 3068 28.67 74.27 35.48
C ARG E 3068 29.64 75.13 34.68
N GLN E 3069 30.92 74.74 34.69
CA GLN E 3069 31.95 75.47 33.96
C GLN E 3069 31.86 75.21 32.46
N GLU E 3070 31.01 74.27 32.07
CA GLU E 3070 30.82 73.91 30.66
C GLU E 3070 30.41 75.12 29.84
N ALA E 3071 29.47 75.90 30.38
CA ALA E 3071 29.01 77.11 29.73
C ALA E 3071 30.13 78.15 29.67
N ALA E 3072 30.73 78.42 30.83
CA ALA E 3072 31.75 79.46 30.96
C ALA E 3072 32.95 79.27 30.03
N MET E 3073 33.29 78.01 29.75
CA MET E 3073 34.41 77.71 28.86
C MET E 3073 34.15 78.18 27.43
N LEU E 3074 33.02 77.74 26.88
CA LEU E 3074 32.65 78.06 25.51
C LEU E 3074 32.41 79.55 25.30
N LEU E 3075 32.06 80.25 26.38
CA LEU E 3075 31.70 81.66 26.31
C LEU E 3075 32.90 82.60 26.19
N SER E 3076 33.91 82.40 27.03
CA SER E 3076 35.06 83.30 27.08
C SER E 3076 36.19 82.81 26.19
N THR E 3077 36.81 83.75 25.46
CA THR E 3077 37.78 83.40 24.41
C THR E 3077 39.06 82.69 24.86
N ASP E 3078 39.74 83.27 25.84
CA ASP E 3078 41.13 82.88 26.14
C ASP E 3078 41.32 81.70 27.08
N ALA E 3079 40.23 81.08 27.52
CA ALA E 3079 40.33 79.94 28.42
C ALA E 3079 40.90 78.72 27.70
N ARG E 3080 41.98 78.16 28.26
CA ARG E 3080 42.70 77.06 27.60
C ARG E 3080 43.28 76.02 28.56
N LEU E 3081 44.10 75.12 28.02
CA LEU E 3081 44.73 74.05 28.78
C LEU E 3081 46.09 74.46 29.34
N GLY E 3082 46.31 74.19 30.63
CA GLY E 3082 47.64 74.29 31.21
C GLY E 3082 48.37 72.98 30.90
N GLU E 3083 49.66 73.05 30.62
CA GLU E 3083 50.41 71.84 30.31
C GLU E 3083 50.90 71.09 31.54
N ASN E 3084 51.21 71.85 32.60
CA ASN E 3084 51.88 71.32 33.79
C ASN E 3084 51.10 70.23 34.56
N ASP E 3085 49.78 70.27 34.49
CA ASP E 3085 48.94 69.28 35.14
C ASP E 3085 48.70 68.11 34.21
N GLN E 3086 49.41 68.14 33.07
CA GLN E 3086 49.13 67.28 31.93
C GLN E 3086 47.76 67.55 31.33
N TYR E 3087 47.65 68.70 30.66
CA TYR E 3087 46.46 69.07 29.88
C TYR E 3087 45.16 69.09 30.65
N VAL E 3088 45.04 70.05 31.56
CA VAL E 3088 43.82 70.26 32.34
C VAL E 3088 42.97 71.38 31.72
N LEU E 3089 41.65 71.25 31.81
CA LEU E 3089 40.73 72.29 31.33
C LEU E 3089 40.29 73.25 32.45
N ALA F 31 84.30 -54.08 75.23
CA ALA F 31 84.28 -55.50 74.87
C ALA F 31 84.05 -55.64 73.38
N HIS F 32 85.10 -55.78 72.61
CA HIS F 32 84.94 -55.97 71.17
C HIS F 32 85.20 -57.42 70.83
N ALA F 33 84.17 -58.11 70.34
CA ALA F 33 84.29 -59.54 70.06
C ALA F 33 85.36 -59.84 69.01
N LEU F 34 85.37 -59.11 67.89
CA LEU F 34 86.33 -59.35 66.82
C LEU F 34 87.75 -59.33 67.32
N VAL F 35 88.10 -58.26 68.03
CA VAL F 35 89.40 -58.10 68.65
C VAL F 35 89.67 -59.25 69.60
N ASP F 36 88.62 -59.64 70.32
CA ASP F 36 88.65 -60.80 71.21
C ASP F 36 88.75 -62.08 70.37
N ARG F 37 88.11 -62.07 69.21
CA ARG F 37 88.28 -63.15 68.25
C ARG F 37 89.70 -63.04 67.72
N LEU F 38 90.09 -61.85 67.27
CA LEU F 38 91.43 -61.60 66.71
C LEU F 38 92.55 -62.14 67.59
N SER F 39 92.39 -61.97 68.90
CA SER F 39 93.41 -62.42 69.85
C SER F 39 93.50 -63.95 69.89
N ALA F 40 92.42 -64.62 70.26
CA ALA F 40 92.40 -66.09 70.28
C ALA F 40 92.15 -66.72 68.92
N GLY F 41 91.11 -66.26 68.24
CA GLY F 41 90.67 -66.83 66.98
C GLY F 41 91.18 -66.07 65.78
N GLU F 42 90.33 -65.97 64.76
CA GLU F 42 90.68 -65.54 63.39
C GLU F 42 91.49 -64.23 63.29
N PRO F 43 92.50 -64.21 62.38
CA PRO F 43 93.45 -63.11 62.10
C PRO F 43 92.92 -61.93 61.27
N TYR F 44 93.68 -60.83 61.26
CA TYR F 44 93.22 -59.57 60.66
C TYR F 44 94.29 -58.78 59.90
N ALA F 45 93.85 -57.98 58.92
CA ALA F 45 94.72 -57.16 58.08
C ALA F 45 94.16 -55.76 57.80
N VAL F 46 95.03 -54.75 57.92
CA VAL F 46 94.66 -53.35 57.76
C VAL F 46 94.84 -52.88 56.31
N ALA F 47 93.82 -52.19 55.77
CA ALA F 47 93.93 -51.65 54.42
C ALA F 47 93.74 -50.13 54.36
N PHE F 48 94.55 -49.46 53.56
CA PHE F 48 94.43 -48.01 53.38
C PHE F 48 94.13 -47.63 51.93
N GLY F 49 93.13 -46.78 51.74
CA GLY F 49 92.71 -46.34 50.42
C GLY F 49 93.62 -45.29 49.82
N GLY F 50 93.51 -45.11 48.50
CA GLY F 50 94.33 -44.15 47.78
C GLY F 50 93.57 -42.91 47.31
N GLN F 51 94.12 -42.24 46.30
CA GLN F 51 93.53 -41.02 45.75
C GLN F 51 92.24 -41.33 45.01
N GLY F 52 91.39 -40.32 44.87
CA GLY F 52 90.11 -40.48 44.20
C GLY F 52 89.04 -40.96 45.17
N SER F 53 89.23 -40.64 46.44
CA SER F 53 88.36 -41.13 47.50
C SER F 53 87.26 -40.14 47.90
N ALA F 54 87.23 -38.98 47.23
CA ALA F 54 86.31 -37.89 47.62
C ALA F 54 86.49 -37.54 49.09
N TRP F 55 87.72 -37.24 49.46
CA TRP F 55 88.15 -37.19 50.86
C TRP F 55 87.53 -36.10 51.74
N LEU F 56 87.35 -34.91 51.18
CA LEU F 56 86.97 -33.75 52.00
C LEU F 56 85.68 -33.92 52.79
N GLU F 57 84.63 -34.41 52.13
CA GLU F 57 83.34 -34.59 52.78
C GLU F 57 83.43 -35.63 53.90
N THR F 58 84.36 -36.56 53.77
CA THR F 58 84.62 -37.55 54.82
C THR F 58 85.36 -36.87 55.97
N LEU F 59 86.31 -36.01 55.62
CA LEU F 59 87.09 -35.28 56.63
C LEU F 59 86.19 -34.31 57.39
N GLU F 60 85.26 -33.68 56.68
CA GLU F 60 84.32 -32.75 57.30
C GLU F 60 83.42 -33.48 58.30
N GLU F 61 82.92 -34.64 57.89
CA GLU F 61 82.07 -35.45 58.75
C GLU F 61 82.86 -36.02 59.92
N LEU F 62 84.09 -36.45 59.64
CA LEU F 62 84.95 -37.04 60.67
C LEU F 62 85.23 -36.04 61.78
N VAL F 63 85.41 -34.78 61.42
CA VAL F 63 85.61 -33.73 62.41
C VAL F 63 84.33 -33.51 63.22
N SER F 64 83.20 -33.45 62.53
CA SER F 64 81.91 -33.25 63.18
C SER F 64 81.53 -34.44 64.05
N SER F 65 81.88 -35.65 63.58
CA SER F 65 81.57 -36.86 64.32
C SER F 65 82.58 -37.12 65.44
N ALA F 66 83.65 -36.32 65.47
CA ALA F 66 84.68 -36.46 66.49
C ALA F 66 84.35 -35.64 67.73
N GLY F 67 84.37 -36.31 68.89
CA GLY F 67 84.17 -35.64 70.15
C GLY F 67 85.51 -35.43 70.86
N ILE F 68 86.56 -36.02 70.30
CA ILE F 68 87.89 -35.90 70.87
C ILE F 68 88.85 -35.24 69.88
N GLU F 69 89.31 -34.04 70.22
CA GLU F 69 90.19 -33.27 69.36
C GLU F 69 91.67 -33.40 69.72
N SER F 70 91.97 -34.24 70.71
CA SER F 70 93.31 -34.34 71.29
C SER F 70 94.43 -34.55 70.27
N GLU F 71 94.25 -35.49 69.36
CA GLU F 71 95.26 -35.76 68.34
C GLU F 71 95.45 -34.58 67.40
N LEU F 72 94.34 -33.97 67.00
CA LEU F 72 94.35 -32.88 66.03
C LEU F 72 95.18 -31.67 66.49
N ALA F 73 95.40 -31.57 67.79
CA ALA F 73 96.19 -30.48 68.35
C ALA F 73 97.67 -30.62 67.98
N THR F 74 98.20 -31.83 68.13
CA THR F 74 99.60 -32.10 67.83
C THR F 74 99.84 -32.21 66.33
N LEU F 75 98.91 -32.87 65.65
CA LEU F 75 99.03 -33.07 64.20
C LEU F 75 99.06 -31.75 63.44
N ALA F 76 98.36 -30.75 63.97
CA ALA F 76 98.33 -29.43 63.36
C ALA F 76 99.63 -28.67 63.61
N GLY F 77 100.16 -28.81 64.81
CA GLY F 77 101.39 -28.13 65.19
C GLY F 77 102.61 -28.71 64.49
N GLU F 78 102.67 -30.03 64.38
CA GLU F 78 103.78 -30.70 63.72
C GLU F 78 103.76 -30.45 62.21
N ALA F 79 102.56 -30.21 61.67
CA ALA F 79 102.41 -29.86 60.26
C ALA F 79 103.03 -28.49 60.02
N GLU F 80 102.83 -27.59 60.98
CA GLU F 80 103.43 -26.26 60.92
C GLU F 80 104.93 -26.37 61.07
N LEU F 81 105.35 -27.10 62.10
CA LEU F 81 106.77 -27.27 62.40
C LEU F 81 107.55 -27.85 61.23
N LEU F 82 107.27 -29.09 60.87
CA LEU F 82 108.10 -29.85 59.93
C LEU F 82 108.43 -29.13 58.61
N LEU F 83 107.57 -28.20 58.20
CA LEU F 83 107.79 -27.45 56.97
C LEU F 83 108.92 -26.42 57.09
N GLU F 84 109.06 -25.82 58.26
CA GLU F 84 110.02 -24.74 58.47
C GLU F 84 111.52 -25.13 58.38
N PRO F 85 111.95 -26.17 59.13
CA PRO F 85 113.37 -26.56 59.08
C PRO F 85 113.81 -27.13 57.74
N VAL F 86 112.86 -27.42 56.85
CA VAL F 86 113.16 -28.13 55.62
C VAL F 86 114.29 -27.46 54.83
N ALA F 87 115.34 -28.24 54.56
CA ALA F 87 116.50 -27.77 53.83
C ALA F 87 116.39 -28.16 52.37
N SER F 88 115.35 -28.91 52.05
CA SER F 88 115.06 -29.28 50.68
C SER F 88 114.52 -28.05 49.97
N GLU F 89 114.52 -28.09 48.64
CA GLU F 89 114.12 -26.94 47.84
C GLU F 89 112.80 -26.35 48.34
N LEU F 90 111.69 -27.04 48.09
CA LEU F 90 110.41 -26.78 48.74
C LEU F 90 110.01 -25.31 48.82
N VAL F 91 110.41 -24.51 47.83
CA VAL F 91 110.14 -23.08 47.89
C VAL F 91 108.70 -22.78 47.47
N VAL F 92 108.24 -23.50 46.44
CA VAL F 92 106.90 -23.32 45.92
C VAL F 92 105.86 -23.99 46.79
N VAL F 93 106.25 -25.09 47.42
CA VAL F 93 105.33 -25.95 48.15
C VAL F 93 104.82 -25.35 49.45
N ARG F 94 105.73 -24.92 50.32
CA ARG F 94 105.37 -24.38 51.63
C ARG F 94 104.33 -23.23 51.64
N PRO F 95 104.45 -22.24 50.73
CA PRO F 95 103.40 -21.21 50.76
C PRO F 95 102.05 -21.74 50.26
N ILE F 96 102.07 -22.61 49.27
CA ILE F 96 100.84 -23.16 48.69
C ILE F 96 100.24 -24.22 49.61
N GLY F 97 100.98 -24.60 50.64
CA GLY F 97 100.45 -25.44 51.70
C GLY F 97 99.51 -24.60 52.55
N PHE F 98 98.52 -25.23 53.16
CA PHE F 98 97.54 -24.50 53.97
C PHE F 98 97.40 -25.07 55.38
N GLU F 99 97.15 -24.18 56.34
CA GLU F 99 96.93 -24.59 57.71
C GLU F 99 95.64 -25.40 57.82
N PRO F 100 95.77 -26.67 58.24
CA PRO F 100 94.63 -27.61 58.27
C PRO F 100 93.55 -27.22 59.27
N LEU F 101 93.94 -26.59 60.38
CA LEU F 101 93.00 -26.22 61.43
C LEU F 101 92.03 -25.14 60.97
N GLN F 102 92.51 -24.23 60.13
CA GLN F 102 91.71 -23.10 59.66
C GLN F 102 90.63 -23.52 58.68
N TRP F 103 91.00 -24.34 57.69
CA TRP F 103 90.06 -24.82 56.69
C TRP F 103 88.93 -25.64 57.30
N VAL F 104 89.26 -26.39 58.35
CA VAL F 104 88.27 -27.22 59.04
C VAL F 104 87.25 -26.37 59.77
N ARG F 105 87.73 -25.45 60.60
CA ARG F 105 86.86 -24.57 61.37
C ARG F 105 86.03 -23.68 60.46
N ALA F 106 86.61 -23.31 59.32
CA ALA F 106 85.87 -22.57 58.31
C ALA F 106 84.74 -23.43 57.78
N LEU F 107 85.08 -24.64 57.35
CA LEU F 107 84.11 -25.59 56.82
C LEU F 107 83.05 -25.95 57.87
N ALA F 108 83.35 -25.71 59.14
CA ALA F 108 82.42 -25.97 60.22
C ALA F 108 81.47 -24.79 60.46
N ALA F 109 81.80 -23.64 59.87
CA ALA F 109 80.93 -22.47 59.95
C ALA F 109 79.94 -22.50 58.79
N GLU F 110 80.13 -23.50 57.93
CA GLU F 110 79.25 -23.85 56.81
C GLU F 110 79.34 -22.93 55.60
N GLU F 111 79.82 -21.70 55.78
CA GLU F 111 80.08 -20.83 54.63
C GLU F 111 81.36 -21.11 53.82
N PRO F 112 82.54 -21.05 54.48
CA PRO F 112 83.78 -21.15 53.70
C PRO F 112 84.22 -22.55 53.29
N VAL F 113 84.78 -22.64 52.08
CA VAL F 113 85.53 -23.80 51.59
C VAL F 113 85.92 -23.50 50.14
N PRO F 114 87.16 -23.84 49.75
CA PRO F 114 87.52 -23.67 48.34
C PRO F 114 86.75 -24.62 47.44
N SER F 115 86.94 -24.50 46.13
CA SER F 115 86.25 -25.36 45.18
C SER F 115 86.80 -26.78 45.23
N ASP F 116 86.02 -27.74 44.76
CA ASP F 116 86.46 -29.13 44.70
C ASP F 116 87.69 -29.27 43.82
N LYS F 117 87.77 -28.45 42.78
CA LYS F 117 88.90 -28.46 41.86
C LYS F 117 90.20 -28.11 42.57
N GLN F 118 90.12 -27.20 43.54
CA GLN F 118 91.29 -26.79 44.31
C GLN F 118 91.66 -27.84 45.35
N LEU F 119 90.64 -28.44 45.96
CA LEU F 119 90.84 -29.40 47.04
C LEU F 119 91.29 -30.76 46.51
N THR F 120 90.97 -31.06 45.26
CA THR F 120 91.33 -32.34 44.65
C THR F 120 92.75 -32.35 44.10
N SER F 121 93.36 -31.17 43.97
CA SER F 121 94.73 -31.07 43.48
C SER F 121 95.69 -31.75 44.44
N ALA F 122 96.63 -32.50 43.89
CA ALA F 122 97.50 -33.38 44.68
C ALA F 122 98.22 -32.69 45.83
N ALA F 123 98.55 -31.42 45.64
CA ALA F 123 99.30 -30.66 46.64
C ALA F 123 98.61 -30.67 48.00
N VAL F 124 97.37 -30.18 48.04
CA VAL F 124 96.59 -30.19 49.27
C VAL F 124 95.74 -31.44 49.51
N SER F 125 95.53 -32.23 48.46
CA SER F 125 94.66 -33.41 48.59
C SER F 125 95.35 -34.59 49.25
N VAL F 126 96.56 -34.90 48.77
CA VAL F 126 97.33 -36.04 49.26
C VAL F 126 97.56 -36.03 50.78
N PRO F 127 97.96 -34.88 51.36
CA PRO F 127 98.07 -34.87 52.83
C PRO F 127 96.71 -35.05 53.50
N GLY F 128 95.70 -34.37 52.97
CA GLY F 128 94.37 -34.39 53.55
C GLY F 128 93.75 -35.77 53.59
N VAL F 129 94.06 -36.58 52.59
CA VAL F 129 93.57 -37.95 52.52
C VAL F 129 94.14 -38.78 53.67
N LEU F 130 95.43 -38.61 53.94
CA LEU F 130 96.09 -39.33 55.03
C LEU F 130 95.54 -38.94 56.38
N LEU F 131 95.32 -37.64 56.56
CA LEU F 131 94.78 -37.12 57.82
C LEU F 131 93.42 -37.74 58.11
N THR F 132 92.62 -37.91 57.07
CA THR F 132 91.31 -38.57 57.19
C THR F 132 91.51 -40.02 57.63
N GLN F 133 92.50 -40.68 57.03
CA GLN F 133 92.82 -42.06 57.38
C GLN F 133 93.40 -42.17 58.78
N ILE F 134 94.31 -41.26 59.12
CA ILE F 134 94.92 -41.23 60.45
C ILE F 134 93.86 -40.99 61.53
N ALA F 135 92.96 -40.03 61.26
CA ALA F 135 91.87 -39.75 62.19
C ALA F 135 90.92 -40.95 62.29
N ALA F 136 90.85 -41.74 61.22
CA ALA F 136 90.03 -42.93 61.21
C ALA F 136 90.66 -44.02 62.09
N VAL F 137 91.98 -44.03 62.17
CA VAL F 137 92.69 -44.96 63.04
C VAL F 137 92.38 -44.63 64.50
N ARG F 138 92.45 -43.35 64.82
CA ARG F 138 92.27 -42.88 66.19
C ARG F 138 90.88 -43.17 66.74
N ALA F 139 89.87 -43.06 65.87
CA ALA F 139 88.47 -43.25 66.27
C ALA F 139 88.23 -44.60 66.93
N LEU F 140 88.65 -45.66 66.26
CA LEU F 140 88.54 -47.01 66.82
C LEU F 140 89.47 -47.14 68.02
N ALA F 141 90.61 -46.48 67.96
CA ALA F 141 91.60 -46.52 69.02
C ALA F 141 91.13 -45.80 70.28
N ARG F 142 90.14 -44.93 70.14
CA ARG F 142 89.62 -44.19 71.29
C ARG F 142 88.92 -45.11 72.29
N GLN F 143 87.96 -45.89 71.80
CA GLN F 143 87.13 -46.72 72.65
C GLN F 143 87.85 -47.96 73.21
N GLY F 144 88.47 -48.72 72.30
CA GLY F 144 89.01 -50.03 72.65
C GLY F 144 90.51 -50.25 72.70
N MET F 145 91.30 -49.18 72.81
CA MET F 145 92.75 -49.25 72.51
C MET F 145 93.50 -50.42 73.12
N ASP F 146 93.33 -50.65 74.42
CA ASP F 146 93.98 -51.78 75.08
C ASP F 146 93.70 -53.05 74.28
N LEU F 147 92.44 -53.20 73.86
CA LEU F 147 92.05 -54.27 72.95
C LEU F 147 92.34 -53.95 71.48
N THR F 148 92.04 -52.72 71.06
CA THR F 148 92.11 -52.32 69.65
C THR F 148 93.52 -51.90 69.22
N ALA F 149 94.48 -52.28 70.06
CA ALA F 149 95.89 -52.04 69.81
C ALA F 149 96.34 -52.92 68.67
N THR F 150 97.65 -53.09 68.59
CA THR F 150 98.31 -53.49 67.36
C THR F 150 97.67 -54.55 66.43
N PRO F 151 97.37 -55.78 66.92
CA PRO F 151 97.61 -56.95 66.04
C PRO F 151 96.87 -57.18 64.70
N PRO F 152 97.45 -56.69 63.58
CA PRO F 152 97.08 -57.26 62.28
C PRO F 152 98.00 -58.45 61.99
N VAL F 153 97.82 -59.15 60.86
CA VAL F 153 98.87 -60.04 60.38
C VAL F 153 99.84 -59.17 59.60
N ALA F 154 99.24 -58.32 58.77
CA ALA F 154 99.97 -57.43 57.88
C ALA F 154 99.20 -56.12 57.70
N VAL F 155 99.90 -55.09 57.23
CA VAL F 155 99.26 -53.84 56.86
C VAL F 155 99.56 -53.51 55.40
N ALA F 156 98.51 -53.44 54.59
CA ALA F 156 98.66 -53.11 53.17
C ALA F 156 97.95 -51.83 52.76
N GLY F 157 98.36 -51.28 51.62
CA GLY F 157 97.85 -50.00 51.16
C GLY F 157 97.76 -49.89 49.66
N HIS F 158 97.01 -48.89 49.19
CA HIS F 158 96.81 -48.67 47.76
C HIS F 158 97.23 -47.28 47.36
N SER F 159 98.03 -47.19 46.30
CA SER F 159 98.55 -45.92 45.81
C SER F 159 99.27 -45.18 46.94
N GLN F 160 98.76 -44.00 47.29
CA GLN F 160 99.32 -43.22 48.38
C GLN F 160 98.95 -43.81 49.74
N GLY F 161 98.09 -44.82 49.74
CA GLY F 161 97.65 -45.48 50.96
C GLY F 161 98.76 -46.29 51.61
N VAL F 162 99.77 -46.65 50.83
CA VAL F 162 100.90 -47.42 51.35
C VAL F 162 101.71 -46.57 52.34
N LEU F 163 101.61 -45.25 52.19
CA LEU F 163 102.26 -44.33 53.10
C LEU F 163 101.77 -44.55 54.54
N ALA F 164 100.49 -44.27 54.78
CA ALA F 164 99.90 -44.37 56.12
C ALA F 164 100.04 -45.76 56.74
N VAL F 165 100.24 -46.76 55.89
CA VAL F 165 100.48 -48.13 56.31
C VAL F 165 101.77 -48.25 57.10
N GLN F 166 102.83 -47.65 56.59
CA GLN F 166 104.17 -47.81 57.14
C GLN F 166 104.33 -47.35 58.59
N ALA F 167 104.00 -46.10 58.87
CA ALA F 167 104.21 -45.55 60.21
C ALA F 167 103.12 -45.96 61.19
N LEU F 168 102.06 -46.60 60.69
CA LEU F 168 101.07 -47.19 61.58
C LEU F 168 101.67 -48.46 62.18
N ALA F 169 102.55 -49.08 61.41
CA ALA F 169 103.30 -50.25 61.87
C ALA F 169 104.54 -49.82 62.63
N ALA F 170 104.82 -48.53 62.61
CA ALA F 170 105.94 -47.96 63.37
C ALA F 170 105.41 -47.30 64.63
N LYS F 171 106.30 -46.67 65.40
CA LYS F 171 105.88 -46.02 66.65
C LYS F 171 105.05 -44.77 66.39
N GLY F 172 104.31 -44.35 67.40
CA GLY F 172 103.34 -43.26 67.28
C GLY F 172 103.92 -41.90 66.93
N ALA F 173 105.23 -41.73 67.09
CA ALA F 173 105.86 -40.45 66.79
C ALA F 173 106.06 -40.27 65.29
N LYS F 174 105.76 -41.31 64.53
CA LYS F 174 105.94 -41.29 63.08
C LYS F 174 104.66 -40.92 62.33
N ASP F 175 103.61 -40.57 63.06
CA ASP F 175 102.29 -40.31 62.48
C ASP F 175 102.28 -39.19 61.42
N VAL F 176 102.78 -38.01 61.78
CA VAL F 176 102.79 -36.87 60.87
C VAL F 176 103.73 -37.12 59.69
N GLU F 177 104.75 -37.93 59.91
CA GLU F 177 105.73 -38.27 58.87
C GLU F 177 105.04 -38.73 57.59
N LEU F 178 103.93 -39.45 57.77
CA LEU F 178 103.02 -39.78 56.68
C LEU F 178 102.52 -38.51 56.01
N LEU F 179 101.79 -37.70 56.78
CA LEU F 179 101.29 -36.42 56.32
C LEU F 179 102.44 -35.55 55.80
N ALA F 180 103.60 -35.70 56.42
CA ALA F 180 104.79 -34.97 55.99
C ALA F 180 105.25 -35.44 54.61
N LEU F 181 105.31 -36.74 54.41
CA LEU F 181 105.71 -37.30 53.12
C LEU F 181 104.61 -37.09 52.07
N ALA F 182 103.36 -37.19 52.51
CA ALA F 182 102.23 -36.97 51.63
C ALA F 182 102.23 -35.53 51.12
N GLN F 183 102.61 -34.61 52.00
CA GLN F 183 102.74 -33.20 51.63
C GLN F 183 103.80 -33.07 50.55
N LEU F 184 104.83 -33.89 50.64
CA LEU F 184 105.92 -33.89 49.67
C LEU F 184 105.57 -34.65 48.39
N ILE F 185 104.80 -35.72 48.52
CA ILE F 185 104.43 -36.54 47.37
C ILE F 185 103.55 -35.79 46.36
N GLY F 186 102.45 -35.22 46.85
CA GLY F 186 101.53 -34.50 45.99
C GLY F 186 102.11 -33.20 45.47
N ALA F 187 103.10 -32.68 46.18
CA ALA F 187 103.73 -31.41 45.82
C ALA F 187 104.61 -31.52 44.58
N ALA F 188 105.55 -32.46 44.62
CA ALA F 188 106.46 -32.67 43.50
C ALA F 188 105.72 -33.21 42.30
N GLY F 189 104.78 -34.11 42.55
CA GLY F 189 103.93 -34.67 41.51
C GLY F 189 103.19 -33.57 40.77
N THR F 190 102.73 -32.58 41.52
CA THR F 190 102.04 -31.43 40.94
C THR F 190 103.00 -30.55 40.13
N LEU F 191 104.15 -30.24 40.71
CA LEU F 191 105.14 -29.40 40.06
C LEU F 191 105.65 -30.02 38.77
N VAL F 192 105.96 -31.31 38.82
CA VAL F 192 106.43 -32.04 37.64
C VAL F 192 105.37 -32.13 36.53
N ALA F 193 104.20 -32.66 36.86
CA ALA F 193 103.11 -32.79 35.90
C ALA F 193 101.76 -32.42 36.51
N ARG F 194 101.04 -31.50 35.88
CA ARG F 194 99.71 -31.11 36.32
C ARG F 194 98.78 -30.97 35.12
N ARG F 195 97.48 -31.10 35.35
CA ARG F 195 96.50 -31.07 34.27
C ARG F 195 96.50 -29.71 33.57
N ARG F 196 96.72 -29.73 32.25
CA ARG F 196 96.68 -28.50 31.45
C ARG F 196 95.37 -28.31 30.69
N GLY F 197 94.47 -29.29 30.76
CA GLY F 197 93.19 -29.15 30.07
C GLY F 197 92.19 -30.24 30.43
N ILE F 198 90.91 -29.89 30.29
CA ILE F 198 89.83 -30.80 30.61
C ILE F 198 88.58 -30.40 29.79
N THR F 199 87.78 -31.38 29.38
CA THR F 199 86.59 -31.12 28.57
C THR F 199 85.39 -31.93 29.05
N VAL F 200 84.25 -31.25 29.20
CA VAL F 200 83.05 -31.81 29.84
C VAL F 200 82.66 -33.18 29.30
N LEU F 201 82.98 -33.44 28.03
CA LEU F 201 82.64 -34.73 27.45
C LEU F 201 83.55 -35.83 27.97
N GLY F 202 82.91 -36.82 28.58
CA GLY F 202 83.52 -38.05 29.08
C GLY F 202 83.76 -38.24 30.57
N ASP F 203 84.06 -37.23 31.38
CA ASP F 203 84.88 -36.07 31.05
C ASP F 203 86.31 -36.60 31.04
N ARG F 204 87.25 -35.92 30.39
CA ARG F 204 88.61 -36.45 30.18
C ARG F 204 89.66 -36.03 31.21
N PRO F 205 90.05 -36.97 32.11
CA PRO F 205 91.12 -36.92 33.10
C PRO F 205 92.41 -37.60 32.63
N PRO F 206 93.45 -37.59 33.48
CA PRO F 206 94.62 -38.47 33.35
C PRO F 206 94.36 -39.95 33.69
N MET F 207 93.23 -40.26 34.34
CA MET F 207 92.94 -41.64 34.75
C MET F 207 91.73 -42.24 34.03
N VAL F 208 91.94 -43.37 33.35
CA VAL F 208 90.89 -43.98 32.56
C VAL F 208 90.64 -45.44 32.95
N SER F 209 89.39 -45.89 32.87
CA SER F 209 89.04 -47.26 33.24
C SER F 209 88.17 -47.95 32.19
N VAL F 210 88.52 -49.19 31.87
CA VAL F 210 87.74 -50.00 30.94
C VAL F 210 87.25 -51.27 31.64
N THR F 211 86.04 -51.70 31.30
CA THR F 211 85.43 -52.86 31.96
C THR F 211 85.16 -53.99 30.97
N ASN F 212 85.08 -55.21 31.51
CA ASN F 212 84.71 -56.42 30.75
C ASN F 212 85.80 -56.97 29.85
N ALA F 213 86.82 -56.17 29.57
CA ALA F 213 87.88 -56.57 28.65
C ALA F 213 89.08 -57.20 29.35
N ASP F 214 89.68 -58.20 28.72
CA ASP F 214 90.84 -58.89 29.28
C ASP F 214 92.01 -57.94 29.49
N PRO F 215 92.87 -58.26 30.49
CA PRO F 215 94.09 -57.48 30.70
C PRO F 215 95.01 -57.57 29.49
N GLU F 216 94.95 -58.69 28.78
CA GLU F 216 95.73 -58.89 27.57
C GLU F 216 95.15 -58.06 26.41
N ARG F 217 93.82 -58.08 26.30
CA ARG F 217 93.14 -57.37 25.23
C ARG F 217 93.27 -55.85 25.39
N ILE F 218 93.18 -55.37 26.62
CA ILE F 218 93.32 -53.95 26.90
C ILE F 218 94.73 -53.47 26.57
N TYR F 219 95.73 -54.23 27.00
CA TYR F 219 97.11 -53.90 26.71
C TYR F 219 97.39 -53.97 25.21
N GLU F 220 96.64 -54.82 24.51
CA GLU F 220 96.76 -54.93 23.06
C GLU F 220 96.37 -53.61 22.39
N LEU F 221 95.16 -53.15 22.67
CA LEU F 221 94.67 -51.87 22.15
C LEU F 221 95.56 -50.73 22.63
N LEU F 222 96.05 -50.87 23.87
CA LEU F 222 97.00 -49.92 24.43
C LEU F 222 98.26 -49.91 23.56
N GLU F 223 98.83 -51.08 23.36
CA GLU F 223 100.02 -51.23 22.53
C GLU F 223 99.75 -50.85 21.08
N GLU F 224 98.53 -51.10 20.61
CA GLU F 224 98.14 -50.69 19.27
C GLU F 224 98.18 -49.17 19.11
N PHE F 225 97.71 -48.46 20.13
CA PHE F 225 97.68 -47.00 20.13
C PHE F 225 99.04 -46.39 20.45
N SER F 226 99.73 -46.97 21.42
CA SER F 226 101.04 -46.47 21.83
C SER F 226 102.06 -46.57 20.71
N SER F 227 101.78 -47.42 19.73
CA SER F 227 102.62 -47.53 18.54
C SER F 227 102.62 -46.22 17.76
N ASP F 228 101.53 -45.47 17.86
CA ASP F 228 101.35 -44.27 17.05
C ASP F 228 101.77 -42.98 17.75
N VAL F 229 102.22 -43.07 18.99
CA VAL F 229 102.56 -41.87 19.76
C VAL F 229 104.01 -41.86 20.26
N ARG F 230 104.50 -40.67 20.59
CA ARG F 230 105.86 -40.48 21.05
C ARG F 230 106.08 -40.96 22.49
N THR F 231 107.34 -41.17 22.85
CA THR F 231 107.73 -41.66 24.17
C THR F 231 107.27 -40.73 25.30
N VAL F 232 107.03 -39.47 24.98
CA VAL F 232 106.66 -38.48 25.99
C VAL F 232 105.26 -38.67 26.57
N LEU F 233 104.32 -39.16 25.77
CA LEU F 233 102.95 -39.33 26.27
C LEU F 233 102.31 -40.70 25.97
N PRO F 234 102.94 -41.81 26.41
CA PRO F 234 102.26 -43.09 26.27
C PRO F 234 101.24 -43.33 27.38
N PRO F 235 100.10 -43.96 27.06
CA PRO F 235 99.26 -44.49 28.13
C PRO F 235 99.79 -45.84 28.60
N VAL F 236 99.58 -46.17 29.88
CA VAL F 236 100.02 -47.44 30.43
C VAL F 236 98.97 -48.02 31.37
N LEU F 237 99.09 -49.30 31.67
CA LEU F 237 98.20 -49.94 32.64
C LEU F 237 98.67 -49.60 34.06
N SER F 238 97.79 -48.97 34.83
CA SER F 238 98.10 -48.60 36.20
C SER F 238 97.56 -49.63 37.17
N ILE F 239 96.23 -49.70 37.26
CA ILE F 239 95.59 -50.60 38.20
C ILE F 239 94.87 -51.74 37.48
N ARG F 240 95.12 -52.96 37.92
CA ARG F 240 94.29 -54.08 37.51
C ARG F 240 93.38 -54.36 38.70
N ASN F 241 92.10 -53.98 38.57
CA ASN F 241 91.16 -54.03 39.68
C ASN F 241 90.53 -55.39 39.90
N GLY F 242 90.57 -56.22 38.87
CA GLY F 242 89.95 -57.53 38.93
C GLY F 242 90.19 -58.30 37.65
N ARG F 243 89.36 -59.31 37.40
CA ARG F 243 89.51 -60.15 36.22
C ARG F 243 89.47 -59.34 34.93
N ARG F 244 88.28 -58.86 34.58
CA ARG F 244 88.08 -58.12 33.34
C ARG F 244 88.05 -56.59 33.51
N SER F 245 88.23 -56.12 34.74
CA SER F 245 88.22 -54.69 35.02
C SER F 245 89.63 -54.15 35.24
N VAL F 246 90.02 -53.18 34.41
CA VAL F 246 91.36 -52.59 34.53
C VAL F 246 91.30 -51.06 34.55
N VAL F 247 92.46 -50.44 34.74
CA VAL F 247 92.58 -48.99 34.70
C VAL F 247 93.85 -48.59 33.94
N ILE F 248 93.69 -47.85 32.85
CA ILE F 248 94.83 -47.37 32.09
C ILE F 248 94.97 -45.86 32.26
N THR F 249 96.21 -45.38 32.35
CA THR F 249 96.46 -43.98 32.66
C THR F 249 97.56 -43.35 31.81
N GLY F 250 97.53 -42.02 31.74
CA GLY F 250 98.50 -41.27 30.95
C GLY F 250 98.01 -39.85 30.75
N THR F 251 98.50 -39.20 29.70
CA THR F 251 98.06 -37.86 29.34
C THR F 251 96.60 -37.92 28.92
N PRO F 252 95.77 -36.99 29.43
CA PRO F 252 94.33 -36.94 29.13
C PRO F 252 94.02 -36.95 27.65
N GLU F 253 94.79 -36.22 26.86
CA GLU F 253 94.57 -36.14 25.42
C GLU F 253 94.86 -37.48 24.73
N GLN F 254 95.98 -38.09 25.08
CA GLN F 254 96.35 -39.38 24.51
C GLN F 254 95.40 -40.49 24.95
N LEU F 255 94.93 -40.40 26.20
CA LEU F 255 93.93 -41.33 26.70
C LEU F 255 92.63 -41.20 25.90
N SER F 256 92.34 -39.97 25.49
CA SER F 256 91.14 -39.70 24.71
C SER F 256 91.25 -40.30 23.32
N ARG F 257 92.48 -40.52 22.87
CA ARG F 257 92.73 -41.13 21.57
C ARG F 257 92.54 -42.63 21.62
N PHE F 258 92.98 -43.24 22.71
CA PHE F 258 92.76 -44.66 22.94
C PHE F 258 91.26 -44.90 22.98
N GLU F 259 90.53 -43.92 23.52
CA GLU F 259 89.08 -43.97 23.63
C GLU F 259 88.40 -44.14 22.27
N LEU F 260 89.08 -43.67 21.21
CA LEU F 260 88.52 -43.69 19.86
C LEU F 260 88.53 -45.08 19.24
N TYR F 261 89.64 -45.79 19.42
CA TYR F 261 89.80 -47.12 18.84
C TYR F 261 88.82 -48.11 19.46
N CYS F 262 88.63 -48.03 20.77
CA CYS F 262 87.71 -48.91 21.48
C CYS F 262 86.28 -48.69 21.04
N THR F 263 85.96 -47.45 20.66
CA THR F 263 84.63 -47.11 20.18
C THR F 263 84.39 -47.69 18.80
N GLN F 264 85.38 -47.59 17.93
CA GLN F 264 85.28 -48.12 16.58
C GLN F 264 85.09 -49.63 16.58
N ILE F 265 85.86 -50.31 17.41
CA ILE F 265 85.76 -51.76 17.54
C ILE F 265 84.40 -52.15 18.10
N ALA F 266 83.93 -51.38 19.07
CA ALA F 266 82.61 -51.61 19.66
C ALA F 266 81.51 -51.54 18.61
N GLU F 267 81.65 -50.60 17.67
CA GLU F 267 80.66 -50.40 16.62
C GLU F 267 80.76 -51.45 15.51
N LYS F 268 81.98 -51.80 15.13
CA LYS F 268 82.19 -52.80 14.09
C LYS F 268 81.73 -54.17 14.55
N GLU F 269 81.87 -54.42 15.85
CA GLU F 269 81.42 -55.68 16.43
C GLU F 269 79.91 -55.68 16.62
N GLU F 270 79.31 -54.50 16.63
CA GLU F 270 77.85 -54.38 16.72
C GLU F 270 77.18 -54.99 15.50
N ALA F 271 77.78 -54.77 14.33
CA ALA F 271 77.30 -55.36 13.10
C ALA F 271 77.45 -56.87 13.15
N GLU F 272 78.40 -57.32 13.96
CA GLU F 272 78.62 -58.75 14.17
C GLU F 272 77.51 -59.37 15.04
N ARG F 273 77.23 -58.75 16.19
CA ARG F 273 76.24 -59.29 17.13
C ARG F 273 74.86 -59.44 16.52
N LYS F 274 74.51 -58.51 15.65
CA LYS F 274 73.17 -58.47 15.07
C LYS F 274 73.05 -59.46 13.92
N ASN F 275 74.13 -60.17 13.64
CA ASN F 275 74.09 -61.33 12.76
C ASN F 275 73.67 -62.56 13.55
N LYS F 276 73.44 -62.38 14.85
CA LYS F 276 73.03 -63.45 15.76
C LYS F 276 74.04 -64.58 15.86
N LEU F 277 75.30 -64.22 16.07
CA LEU F 277 76.39 -65.20 16.18
C LEU F 277 77.21 -64.89 17.44
N ARG F 278 77.58 -65.92 18.21
CA ARG F 278 78.28 -65.72 19.49
C ARG F 278 79.77 -65.39 19.38
N GLY F 279 80.51 -66.17 18.60
CA GLY F 279 81.91 -65.87 18.35
C GLY F 279 81.97 -64.62 17.52
N GLY F 280 80.88 -64.41 16.79
CA GLY F 280 80.67 -63.22 15.98
C GLY F 280 79.82 -62.21 16.71
N ALA F 281 79.85 -62.21 18.04
CA ALA F 281 79.06 -61.26 18.84
C ALA F 281 79.85 -60.03 19.27
N VAL F 282 79.18 -58.88 19.33
CA VAL F 282 79.78 -57.66 19.85
C VAL F 282 80.28 -57.89 21.26
N PHE F 283 81.34 -57.19 21.62
CA PHE F 283 81.74 -57.11 23.01
C PHE F 283 80.91 -56.01 23.63
N ALA F 284 80.56 -56.17 24.91
CA ALA F 284 79.81 -55.14 25.61
C ALA F 284 80.62 -54.63 26.78
N PRO F 285 81.69 -53.86 26.48
CA PRO F 285 82.52 -53.39 27.59
C PRO F 285 81.88 -52.16 28.19
N VAL F 286 82.47 -51.64 29.26
CA VAL F 286 82.01 -50.39 29.82
C VAL F 286 83.19 -49.45 29.96
N PHE F 287 83.19 -48.40 29.17
CA PHE F 287 84.25 -47.43 29.24
C PHE F 287 83.73 -46.08 29.71
N ASP F 288 84.49 -45.47 30.60
CA ASP F 288 84.16 -44.17 31.15
C ASP F 288 85.31 -43.77 32.07
N PRO F 289 85.76 -42.52 31.93
CA PRO F 289 86.83 -41.93 32.73
C PRO F 289 86.52 -41.77 34.22
N VAL F 290 87.48 -41.20 34.95
CA VAL F 290 87.39 -41.06 36.40
C VAL F 290 87.62 -39.60 36.80
N GLN F 291 87.32 -39.27 38.06
CA GLN F 291 87.42 -37.90 38.55
C GLN F 291 88.83 -37.50 39.02
N VAL F 292 89.78 -38.42 38.88
CA VAL F 292 91.15 -38.16 39.35
C VAL F 292 91.87 -37.12 38.49
N GLU F 293 92.54 -36.17 39.16
CA GLU F 293 93.08 -34.98 38.51
C GLU F 293 94.45 -35.11 37.85
N VAL F 294 95.21 -36.14 38.22
CA VAL F 294 96.59 -36.23 37.76
C VAL F 294 97.09 -37.68 37.61
N GLY F 295 97.90 -37.92 36.60
CA GLY F 295 98.43 -39.24 36.34
C GLY F 295 99.29 -39.77 37.48
N PHE F 296 98.94 -40.96 37.97
CA PHE F 296 99.74 -41.64 38.98
C PHE F 296 100.24 -42.96 38.44
N HIS F 297 101.32 -43.46 39.04
CA HIS F 297 101.96 -44.70 38.61
C HIS F 297 102.33 -44.66 37.13
N THR F 298 102.79 -43.49 36.68
CA THR F 298 103.22 -43.31 35.29
C THR F 298 104.62 -42.70 35.24
N PRO F 299 105.35 -42.95 34.14
CA PRO F 299 106.67 -42.36 33.91
C PRO F 299 106.66 -40.83 33.86
N ARG F 300 105.48 -40.23 33.70
CA ARG F 300 105.35 -38.78 33.69
C ARG F 300 105.71 -38.19 35.05
N LEU F 301 105.67 -39.04 36.08
CA LEU F 301 106.06 -38.62 37.43
C LEU F 301 107.51 -38.94 37.75
N SER F 302 108.26 -39.44 36.77
CA SER F 302 109.63 -39.90 36.99
C SER F 302 110.59 -38.84 37.57
N ASP F 303 110.40 -37.59 37.19
CA ASP F 303 111.25 -36.51 37.68
C ASP F 303 110.89 -36.15 39.13
N GLY F 304 109.75 -36.67 39.59
CA GLY F 304 109.27 -36.39 40.93
C GLY F 304 109.92 -37.24 42.00
N ILE F 305 110.32 -38.45 41.64
CA ILE F 305 110.91 -39.38 42.61
C ILE F 305 112.14 -38.80 43.30
N GLU F 306 113.12 -38.39 42.50
CA GLU F 306 114.35 -37.78 43.00
C GLU F 306 114.07 -36.67 44.01
N ILE F 307 113.38 -35.63 43.55
CA ILE F 307 113.04 -34.48 44.38
C ILE F 307 112.37 -34.88 45.70
N VAL F 308 111.40 -35.78 45.62
CA VAL F 308 110.71 -36.27 46.81
C VAL F 308 111.67 -36.92 47.80
N GLY F 309 112.59 -37.72 47.28
CA GLY F 309 113.57 -38.42 48.09
C GLY F 309 114.41 -37.48 48.94
N ARG F 310 114.88 -36.40 48.34
CA ARG F 310 115.68 -35.41 49.04
C ARG F 310 114.83 -34.65 50.05
N TRP F 311 113.54 -34.52 49.74
CA TRP F 311 112.61 -33.80 50.60
C TRP F 311 112.44 -34.51 51.95
N ALA F 312 112.61 -35.83 51.94
CA ALA F 312 112.49 -36.63 53.17
C ALA F 312 113.74 -36.61 54.05
N GLU F 313 114.91 -36.62 53.40
CA GLU F 313 116.18 -36.72 54.12
C GLU F 313 116.58 -35.40 54.78
N THR F 314 115.98 -34.31 54.31
CA THR F 314 116.22 -32.99 54.87
C THR F 314 115.29 -32.74 56.05
N VAL F 315 114.51 -33.77 56.38
CA VAL F 315 113.56 -33.73 57.49
C VAL F 315 113.88 -34.93 58.37
N GLY F 316 113.29 -34.98 59.56
CA GLY F 316 113.52 -36.07 60.50
C GLY F 316 112.71 -37.29 60.11
N LEU F 317 112.32 -37.31 58.84
CA LEU F 317 111.48 -38.34 58.25
C LEU F 317 112.31 -39.57 57.88
N ASP F 318 113.60 -39.55 58.23
CA ASP F 318 114.49 -40.57 57.67
C ASP F 318 114.11 -41.96 58.15
N VAL F 319 113.71 -42.77 57.18
CA VAL F 319 113.40 -44.18 57.35
C VAL F 319 113.70 -44.72 55.95
N GLU F 320 114.17 -45.95 55.85
CA GLU F 320 114.70 -46.47 54.60
C GLU F 320 113.65 -46.78 53.52
N LEU F 321 112.37 -46.68 53.86
CA LEU F 321 111.31 -46.99 52.91
C LEU F 321 110.75 -45.79 52.16
N ALA F 322 111.24 -44.59 52.46
CA ALA F 322 110.77 -43.38 51.80
C ALA F 322 111.10 -43.41 50.31
N LYS F 323 112.20 -44.09 49.98
CA LYS F 323 112.64 -44.23 48.59
C LYS F 323 111.78 -45.26 47.86
N GLU F 324 111.39 -46.32 48.56
CA GLU F 324 110.61 -47.39 47.97
C GLU F 324 109.14 -47.02 47.82
N LEU F 325 108.60 -46.31 48.81
CA LEU F 325 107.21 -45.88 48.76
C LEU F 325 106.97 -44.97 47.55
N THR F 326 107.87 -44.00 47.38
CA THR F 326 107.77 -43.03 46.29
C THR F 326 107.68 -43.71 44.91
N GLU F 327 108.60 -44.64 44.66
CA GLU F 327 108.61 -45.37 43.39
C GLU F 327 107.33 -46.16 43.19
N SER F 328 106.84 -46.78 44.27
CA SER F 328 105.61 -47.55 44.21
C SER F 328 104.42 -46.66 43.91
N ILE F 329 104.40 -45.48 44.52
CA ILE F 329 103.32 -44.52 44.32
C ILE F 329 103.43 -43.73 43.01
N LEU F 330 104.62 -43.18 42.76
CA LEU F 330 104.80 -42.28 41.63
C LEU F 330 105.01 -42.95 40.26
N VAL F 331 105.83 -43.99 40.22
CA VAL F 331 106.19 -44.61 38.95
C VAL F 331 105.75 -46.07 38.80
N ARG F 332 106.26 -46.94 39.67
CA ARG F 332 105.89 -48.35 39.64
C ARG F 332 104.38 -48.52 39.73
N GLN F 333 103.84 -49.48 38.99
CA GLN F 333 102.41 -49.70 38.99
C GLN F 333 101.99 -50.31 40.30
N VAL F 334 100.69 -50.52 40.46
CA VAL F 334 100.19 -51.27 41.59
C VAL F 334 99.48 -52.51 41.08
N ASP F 335 100.06 -53.68 41.35
CA ASP F 335 99.33 -54.90 41.11
C ASP F 335 98.63 -55.11 42.43
N TRP F 336 97.32 -54.89 42.44
CA TRP F 336 96.57 -54.81 43.67
C TRP F 336 95.97 -56.13 44.09
N VAL F 337 95.15 -56.70 43.21
CA VAL F 337 94.48 -57.95 43.48
C VAL F 337 95.45 -58.97 44.06
N ASP F 338 96.62 -59.10 43.44
CA ASP F 338 97.60 -60.07 43.87
C ASP F 338 98.22 -59.81 45.25
N GLU F 339 98.34 -58.55 45.66
CA GLU F 339 98.92 -58.26 46.98
C GLU F 339 97.99 -58.53 48.15
N ILE F 340 96.84 -57.86 48.20
CA ILE F 340 95.89 -58.09 49.28
C ILE F 340 95.36 -59.53 49.30
N THR F 341 95.41 -60.20 48.15
CA THR F 341 95.06 -61.62 48.06
C THR F 341 96.15 -62.47 48.70
N GLU F 342 97.39 -62.05 48.53
CA GLU F 342 98.53 -62.78 49.09
C GLU F 342 98.47 -62.82 50.61
N LEU F 343 98.16 -61.66 51.20
CA LEU F 343 97.96 -61.59 52.64
C LEU F 343 96.66 -62.29 53.01
N HIS F 344 95.75 -62.40 52.05
CA HIS F 344 94.48 -63.10 52.25
C HIS F 344 94.68 -64.61 52.20
N GLU F 345 95.48 -65.07 51.24
CA GLU F 345 95.74 -66.50 51.09
C GLU F 345 96.60 -67.03 52.25
N ALA F 346 97.11 -66.11 53.06
CA ALA F 346 97.76 -66.47 54.32
C ALA F 346 96.70 -66.92 55.32
N GLY F 347 95.44 -66.77 54.93
CA GLY F 347 94.33 -67.21 55.76
C GLY F 347 93.98 -66.20 56.84
N ALA F 348 94.14 -64.92 56.55
CA ALA F 348 93.69 -63.88 57.47
C ALA F 348 92.25 -63.52 57.14
N ARG F 349 91.35 -63.71 58.10
CA ARG F 349 89.92 -63.63 57.79
C ARG F 349 89.39 -62.18 57.66
N TRP F 350 90.00 -61.23 58.37
CA TRP F 350 89.45 -59.88 58.44
C TRP F 350 90.29 -58.78 57.79
N ILE F 351 89.60 -57.83 57.14
CA ILE F 351 90.24 -56.68 56.53
C ILE F 351 89.45 -55.40 56.76
N LEU F 352 90.10 -54.39 57.31
CA LEU F 352 89.47 -53.09 57.54
C LEU F 352 90.10 -52.03 56.65
N ASP F 353 89.32 -51.00 56.34
CA ASP F 353 89.81 -49.91 55.51
C ASP F 353 89.50 -48.55 56.11
N LEU F 354 90.54 -47.81 56.49
CA LEU F 354 90.38 -46.49 57.09
C LEU F 354 90.42 -45.38 56.06
N GLY F 355 90.45 -45.76 54.78
CA GLY F 355 90.42 -44.79 53.69
C GLY F 355 89.16 -43.93 53.63
N PRO F 356 89.30 -42.70 53.13
CA PRO F 356 88.26 -41.66 53.01
C PRO F 356 87.03 -42.16 52.26
N GLY F 357 85.84 -41.68 52.65
CA GLY F 357 84.62 -42.37 52.28
C GLY F 357 84.86 -43.80 52.74
N ASP F 358 84.60 -44.76 51.87
CA ASP F 358 85.41 -45.98 51.90
C ASP F 358 85.75 -46.48 50.50
N ILE F 359 87.03 -46.47 50.20
CA ILE F 359 87.52 -46.91 48.90
C ILE F 359 88.53 -48.02 49.15
N LEU F 360 88.50 -49.04 48.29
CA LEU F 360 89.36 -50.22 48.35
C LEU F 360 88.84 -51.27 49.33
N THR F 361 87.85 -50.90 50.14
CA THR F 361 87.20 -51.88 51.01
C THR F 361 86.28 -52.75 50.16
N ARG F 362 85.50 -52.10 49.30
CA ARG F 362 84.59 -52.80 48.41
C ARG F 362 85.24 -53.28 47.12
N LEU F 363 86.36 -52.66 46.75
CA LEU F 363 87.09 -53.09 45.56
C LEU F 363 87.64 -54.48 45.81
N THR F 364 88.06 -54.72 47.05
CA THR F 364 88.67 -55.97 47.43
C THR F 364 87.69 -57.11 47.62
N ALA F 365 86.43 -56.79 47.93
CA ALA F 365 85.45 -57.82 48.28
C ALA F 365 85.09 -58.80 47.15
N PRO F 366 84.63 -58.32 45.99
CA PRO F 366 84.39 -59.29 44.91
C PRO F 366 85.67 -59.88 44.35
N VAL F 367 86.80 -59.25 44.62
CA VAL F 367 88.09 -59.82 44.24
C VAL F 367 88.27 -61.15 44.97
N ILE F 368 88.19 -61.13 46.29
CA ILE F 368 88.26 -62.33 47.09
C ILE F 368 86.92 -63.08 47.16
N ARG F 369 85.84 -62.35 47.45
CA ARG F 369 84.50 -62.92 47.59
C ARG F 369 84.44 -64.09 48.58
N GLY F 370 84.15 -65.27 48.07
CA GLY F 370 83.85 -66.44 48.89
C GLY F 370 85.03 -67.28 49.33
N LEU F 371 86.22 -66.67 49.39
CA LEU F 371 87.41 -67.38 49.82
C LEU F 371 87.61 -67.35 51.34
N GLY F 372 86.63 -66.81 52.06
CA GLY F 372 86.64 -66.81 53.50
C GLY F 372 86.85 -65.43 54.11
N ILE F 373 87.28 -64.50 53.27
CA ILE F 373 87.44 -63.11 53.66
C ILE F 373 86.11 -62.37 53.71
N GLY F 374 86.00 -61.44 54.63
CA GLY F 374 84.87 -60.52 54.65
C GLY F 374 85.42 -59.18 55.14
N ILE F 375 84.75 -58.10 54.75
CA ILE F 375 85.35 -56.78 54.89
C ILE F 375 84.38 -55.70 55.34
N VAL F 376 84.66 -55.10 56.51
CA VAL F 376 83.88 -53.98 57.02
C VAL F 376 84.56 -52.65 56.71
N PRO F 377 83.83 -51.73 56.07
CA PRO F 377 84.36 -50.38 55.89
C PRO F 377 84.58 -49.70 57.23
N ALA F 378 85.77 -49.17 57.51
CA ALA F 378 86.05 -48.49 58.77
C ALA F 378 85.70 -47.02 58.69
N ALA F 379 85.16 -46.49 59.79
CA ALA F 379 84.50 -45.17 59.88
C ALA F 379 83.09 -45.17 59.27
N THR F 380 82.65 -46.32 58.78
CA THR F 380 81.25 -46.52 58.40
C THR F 380 80.47 -46.98 59.64
N ARG F 381 79.38 -46.29 59.97
CA ARG F 381 78.66 -46.56 61.22
C ARG F 381 78.05 -47.95 61.27
N GLY F 382 77.54 -48.42 60.14
CA GLY F 382 76.92 -49.74 60.09
C GLY F 382 77.91 -50.85 60.37
N GLY F 383 79.06 -50.78 59.72
CA GLY F 383 80.09 -51.79 59.86
C GLY F 383 80.85 -51.70 61.16
N GLN F 384 80.80 -50.52 61.78
CA GLN F 384 81.48 -50.33 63.06
C GLN F 384 80.61 -50.87 64.18
N ARG F 385 79.29 -50.95 63.94
CA ARG F 385 78.38 -51.53 64.92
C ARG F 385 78.76 -52.98 65.19
N ASN F 386 79.23 -53.66 64.15
CA ASN F 386 79.79 -54.99 64.32
C ASN F 386 80.94 -54.93 65.31
N LEU F 387 81.91 -54.08 65.00
CA LEU F 387 83.17 -53.96 65.74
C LEU F 387 83.03 -53.84 67.26
N PHE F 388 82.02 -53.11 67.71
CA PHE F 388 81.94 -52.75 69.11
C PHE F 388 81.09 -53.69 69.97
N THR F 389 80.55 -54.75 69.39
CA THR F 389 79.67 -55.64 70.17
C THR F 389 80.19 -57.08 70.24
N VAL F 390 79.78 -57.79 71.28
CA VAL F 390 80.17 -59.18 71.47
C VAL F 390 79.45 -60.11 70.48
N GLY F 391 78.21 -59.80 70.16
CA GLY F 391 77.40 -60.67 69.32
C GLY F 391 77.25 -60.32 67.86
N ALA F 392 77.52 -59.07 67.50
CA ALA F 392 77.26 -58.59 66.14
C ALA F 392 78.50 -58.71 65.26
N VAL F 393 79.61 -59.15 65.86
CA VAL F 393 80.89 -59.22 65.18
C VAL F 393 81.10 -60.20 64.00
N PRO F 394 80.90 -61.52 64.23
CA PRO F 394 81.52 -62.48 63.32
C PRO F 394 80.90 -62.53 61.92
N GLU F 395 81.20 -61.54 61.11
CA GLU F 395 80.79 -61.62 59.72
C GLU F 395 81.91 -62.32 58.97
N VAL F 396 81.65 -63.55 58.54
CA VAL F 396 82.67 -64.32 57.84
C VAL F 396 82.04 -64.84 56.56
N ALA F 397 82.51 -64.32 55.42
CA ALA F 397 81.88 -64.66 54.15
C ALA F 397 82.09 -66.13 53.81
N ARG F 398 81.12 -66.70 53.10
CA ARG F 398 81.08 -68.13 52.88
C ARG F 398 82.21 -68.68 52.01
N PRO F 399 82.97 -69.63 52.58
CA PRO F 399 84.07 -70.39 51.98
C PRO F 399 83.56 -71.46 51.02
N TRP F 400 83.40 -71.13 49.72
CA TRP F 400 82.65 -71.94 48.75
C TRP F 400 82.89 -73.43 48.92
N SER F 401 84.11 -73.78 49.29
CA SER F 401 84.47 -75.15 49.66
C SER F 401 83.53 -75.72 50.73
N SER F 402 82.85 -74.87 51.47
CA SER F 402 81.85 -75.32 52.45
C SER F 402 80.71 -76.08 51.79
N TYR F 403 80.35 -75.70 50.57
CA TYR F 403 79.28 -76.34 49.83
C TYR F 403 79.80 -77.47 48.94
N ALA F 404 81.09 -77.76 49.03
CA ALA F 404 81.70 -78.84 48.25
C ALA F 404 81.04 -80.18 48.53
N PRO F 405 80.72 -80.94 47.47
CA PRO F 405 79.98 -82.20 47.58
C PRO F 405 80.65 -83.27 48.45
N THR F 406 79.82 -84.14 49.03
CA THR F 406 80.30 -85.21 49.90
C THR F 406 79.66 -86.56 49.55
N VAL F 407 80.16 -87.62 50.16
CA VAL F 407 79.67 -88.98 49.89
C VAL F 407 78.80 -89.52 51.03
N VAL F 408 77.76 -90.26 50.66
CA VAL F 408 76.76 -90.75 51.60
C VAL F 408 76.52 -92.24 51.41
N LYS F 409 76.27 -92.95 52.51
CA LYS F 409 75.93 -94.37 52.48
C LYS F 409 74.49 -94.55 52.98
N LEU F 410 73.86 -95.67 52.61
CA LEU F 410 72.47 -95.89 52.99
C LEU F 410 72.24 -97.31 53.56
N PRO F 411 71.03 -97.61 54.09
CA PRO F 411 70.86 -98.91 54.75
C PRO F 411 71.12 -100.12 53.85
N ASP F 412 70.59 -100.11 52.64
CA ASP F 412 70.88 -101.19 51.69
C ASP F 412 72.27 -101.04 51.10
N GLY F 413 72.95 -99.98 51.52
CA GLY F 413 74.34 -99.77 51.17
C GLY F 413 74.58 -99.21 49.80
N SER F 414 73.80 -98.20 49.43
CA SER F 414 73.98 -97.50 48.17
C SER F 414 74.88 -96.31 48.40
N VAL F 415 75.72 -96.01 47.41
CA VAL F 415 76.56 -94.82 47.46
C VAL F 415 75.75 -93.64 46.94
N LYS F 416 75.78 -92.54 47.68
CA LYS F 416 75.06 -91.34 47.27
C LYS F 416 75.99 -90.15 47.31
N LEU F 417 76.07 -89.44 46.19
CA LEU F 417 76.88 -88.23 46.10
C LEU F 417 76.06 -87.09 46.66
N GLU F 418 76.55 -86.44 47.71
CA GLU F 418 75.74 -85.45 48.43
C GLU F 418 75.88 -84.03 47.91
N THR F 419 74.75 -83.45 47.54
CA THR F 419 74.67 -82.04 47.18
C THR F 419 73.39 -81.47 47.77
N LYS F 420 73.12 -80.19 47.50
CA LYS F 420 71.90 -79.56 48.00
C LYS F 420 70.68 -80.11 47.27
N PHE F 421 70.92 -80.66 46.08
CA PHE F 421 69.89 -81.29 45.29
C PHE F 421 69.57 -82.68 45.85
N THR F 422 70.58 -83.56 45.81
CA THR F 422 70.47 -84.93 46.29
C THR F 422 69.88 -85.03 47.70
N ARG F 423 70.33 -84.15 48.59
CA ARG F 423 69.88 -84.14 49.98
C ARG F 423 68.36 -84.05 50.08
N LEU F 424 67.76 -83.23 49.24
CA LEU F 424 66.31 -83.08 49.17
C LEU F 424 65.66 -84.32 48.55
N THR F 425 66.10 -84.66 47.35
CA THR F 425 65.45 -85.69 46.54
C THR F 425 65.78 -87.12 46.96
N GLY F 426 66.97 -87.30 47.55
CA GLY F 426 67.40 -88.62 47.98
C GLY F 426 67.92 -89.47 46.84
N ARG F 427 68.26 -88.83 45.73
CA ARG F 427 68.73 -89.53 44.55
C ARG F 427 70.04 -88.95 44.04
N SER F 428 70.54 -89.51 42.95
CA SER F 428 71.77 -89.01 42.32
C SER F 428 71.54 -87.59 41.79
N PRO F 429 72.58 -86.73 41.87
CA PRO F 429 72.45 -85.34 41.42
C PRO F 429 72.45 -85.25 39.90
N ILE F 430 71.59 -86.02 39.24
CA ILE F 430 71.51 -86.02 37.79
C ILE F 430 70.08 -86.33 37.35
N LEU F 431 69.63 -85.69 36.28
CA LEU F 431 68.27 -85.86 35.81
C LEU F 431 68.16 -85.79 34.30
N LEU F 432 67.16 -86.48 33.75
CA LEU F 432 66.84 -86.37 32.34
C LEU F 432 65.77 -85.29 32.18
N ALA F 433 66.15 -84.18 31.57
CA ALA F 433 65.26 -83.04 31.44
C ALA F 433 64.09 -83.35 30.51
N GLY F 434 63.01 -82.58 30.64
CA GLY F 434 61.83 -82.76 29.80
C GLY F 434 62.16 -82.51 28.35
N MET F 435 61.86 -83.50 27.50
CA MET F 435 62.18 -83.41 26.08
C MET F 435 60.99 -83.90 25.25
N THR F 436 60.54 -83.07 24.31
CA THR F 436 59.30 -83.32 23.59
C THR F 436 59.23 -84.65 22.82
N PRO F 437 60.15 -84.89 21.86
CA PRO F 437 60.05 -86.20 21.20
C PRO F 437 60.44 -87.34 22.14
N THR F 438 61.51 -87.13 22.90
CA THR F 438 62.14 -88.19 23.68
C THR F 438 61.35 -88.66 24.90
N THR F 439 60.98 -87.72 25.77
CA THR F 439 60.41 -88.09 27.06
C THR F 439 58.88 -88.21 27.04
N VAL F 440 58.28 -87.97 25.89
CA VAL F 440 56.82 -88.04 25.77
C VAL F 440 56.32 -89.48 25.97
N ASP F 441 57.15 -90.45 25.61
CA ASP F 441 56.79 -91.85 25.78
C ASP F 441 56.82 -92.23 27.26
N ALA F 442 55.74 -92.85 27.73
CA ALA F 442 55.62 -93.24 29.13
C ALA F 442 56.59 -94.37 29.47
N LYS F 443 57.08 -95.05 28.44
CA LYS F 443 57.97 -96.19 28.63
C LYS F 443 59.38 -95.78 29.06
N ILE F 444 59.93 -94.76 28.40
CA ILE F 444 61.30 -94.32 28.69
C ILE F 444 61.41 -93.57 30.02
N VAL F 445 60.46 -92.69 30.29
CA VAL F 445 60.47 -91.92 31.53
C VAL F 445 60.30 -92.84 32.74
N ALA F 446 59.55 -93.93 32.55
CA ALA F 446 59.40 -94.94 33.58
C ALA F 446 60.71 -95.70 33.77
N ALA F 447 61.26 -96.18 32.65
CA ALA F 447 62.51 -96.95 32.67
C ALA F 447 63.66 -96.14 33.25
N ALA F 448 63.67 -94.85 32.95
CA ALA F 448 64.70 -93.95 33.49
C ALA F 448 64.52 -93.77 34.99
N ALA F 449 63.27 -93.74 35.43
CA ALA F 449 62.96 -93.60 36.85
C ALA F 449 63.18 -94.91 37.58
N ASN F 450 62.88 -96.02 36.91
CA ASN F 450 63.09 -97.35 37.48
C ASN F 450 64.58 -97.69 37.60
N ALA F 451 65.40 -96.90 36.91
CA ALA F 451 66.85 -97.01 37.02
C ALA F 451 67.31 -96.17 38.21
N GLY F 452 66.35 -95.60 38.91
CA GLY F 452 66.62 -94.76 40.07
C GLY F 452 67.12 -93.38 39.71
N HIS F 453 66.44 -92.72 38.78
CA HIS F 453 66.84 -91.39 38.37
C HIS F 453 65.67 -90.42 38.16
N TRP F 454 65.95 -89.15 38.43
CA TRP F 454 64.97 -88.07 38.31
C TRP F 454 64.73 -87.74 36.83
N ALA F 455 63.46 -87.58 36.44
CA ALA F 455 63.10 -87.33 35.05
C ALA F 455 61.85 -86.48 34.91
N GLU F 456 61.74 -85.78 33.78
CA GLU F 456 60.61 -84.88 33.56
C GLU F 456 59.78 -85.29 32.34
N LEU F 457 58.53 -85.69 32.58
CA LEU F 457 57.63 -86.09 31.50
C LEU F 457 57.27 -84.91 30.62
N ALA F 458 57.46 -85.06 29.32
CA ALA F 458 57.25 -83.97 28.36
C ALA F 458 55.77 -83.65 28.17
N GLY F 459 55.44 -82.37 28.14
CA GLY F 459 54.07 -81.95 27.95
C GLY F 459 53.77 -81.45 26.55
N GLY F 460 54.82 -81.31 25.73
CA GLY F 460 54.66 -80.82 24.38
C GLY F 460 54.03 -81.82 23.45
N GLY F 461 53.93 -83.07 23.88
CA GLY F 461 53.34 -84.12 23.08
C GLY F 461 51.95 -84.53 23.56
N GLN F 462 51.41 -83.75 24.49
CA GLN F 462 50.08 -84.02 25.05
C GLN F 462 49.18 -82.81 24.93
N VAL F 463 48.12 -82.93 24.13
CA VAL F 463 47.28 -81.79 23.80
C VAL F 463 46.05 -81.59 24.70
N THR F 464 45.75 -82.58 25.54
CA THR F 464 44.59 -82.47 26.44
C THR F 464 44.90 -83.06 27.83
N GLU F 465 44.01 -82.80 28.78
CA GLU F 465 44.11 -83.39 30.10
C GLU F 465 43.97 -84.91 30.01
N GLN F 466 42.97 -85.35 29.26
CA GLN F 466 42.63 -86.76 29.15
C GLN F 466 43.76 -87.60 28.55
N ILE F 467 44.29 -87.14 27.42
CA ILE F 467 45.37 -87.85 26.74
C ILE F 467 46.62 -87.93 27.62
N PHE F 468 46.88 -86.85 28.37
CA PHE F 468 48.03 -86.82 29.26
C PHE F 468 47.79 -87.65 30.52
N ASN F 469 46.54 -87.70 30.96
CA ASN F 469 46.18 -88.51 32.13
C ASN F 469 46.38 -89.99 31.83
N ASP F 470 46.32 -90.35 30.56
CA ASP F 470 46.61 -91.71 30.13
C ASP F 470 48.08 -92.02 30.35
N ARG F 471 48.94 -91.04 30.07
CA ARG F 471 50.38 -91.21 30.21
C ARG F 471 50.80 -91.40 31.67
N ILE F 472 50.27 -90.56 32.55
CA ILE F 472 50.53 -90.67 33.97
C ILE F 472 50.05 -92.02 34.49
N ALA F 473 48.88 -92.44 34.02
CA ALA F 473 48.34 -93.75 34.37
C ALA F 473 49.24 -94.87 33.87
N GLU F 474 49.74 -94.72 32.64
CA GLU F 474 50.69 -95.67 32.09
C GLU F 474 52.01 -95.58 32.85
N LEU F 475 52.36 -94.38 33.27
CA LEU F 475 53.55 -94.17 34.09
C LEU F 475 53.43 -94.87 35.44
N GLU F 476 52.38 -94.54 36.19
CA GLU F 476 52.18 -95.08 37.53
C GLU F 476 52.02 -96.60 37.53
N THR F 477 51.59 -97.15 36.38
CA THR F 477 51.51 -98.58 36.22
C THR F 477 52.91 -99.16 36.05
N LEU F 478 53.69 -98.52 35.19
CA LEU F 478 55.08 -98.92 34.97
C LEU F 478 55.96 -98.42 36.12
N LEU F 479 55.46 -97.45 36.88
CA LEU F 479 56.13 -97.04 38.09
C LEU F 479 55.98 -98.13 39.14
N GLU F 480 57.11 -98.61 39.63
CA GLU F 480 57.10 -99.65 40.65
C GLU F 480 56.87 -98.96 42.00
N PRO F 481 56.71 -99.75 43.09
CA PRO F 481 56.27 -99.10 44.33
C PRO F 481 57.14 -97.94 44.84
N GLY F 482 56.50 -96.82 45.12
CA GLY F 482 57.13 -95.69 45.77
C GLY F 482 57.81 -94.70 44.85
N ARG F 483 58.16 -95.13 43.65
CA ARG F 483 58.98 -94.33 42.74
C ARG F 483 58.21 -93.14 42.17
N ALA F 484 58.90 -92.01 42.04
CA ALA F 484 58.23 -90.75 41.72
C ALA F 484 58.92 -89.94 40.60
N ILE F 485 58.10 -89.24 39.81
CA ILE F 485 58.55 -88.52 38.61
C ILE F 485 57.97 -87.09 38.60
N GLN F 486 58.47 -86.24 37.71
CA GLN F 486 57.92 -84.88 37.58
C GLN F 486 57.39 -84.58 36.17
N PHE F 487 56.92 -83.35 35.96
CA PHE F 487 56.30 -82.97 34.69
C PHE F 487 56.83 -81.64 34.13
N ASN F 488 56.96 -81.58 32.80
CA ASN F 488 57.47 -80.39 32.12
C ASN F 488 56.41 -79.66 31.29
N THR F 489 56.37 -78.33 31.42
CA THR F 489 55.37 -77.51 30.72
C THR F 489 56.03 -76.32 30.02
N LEU F 490 55.42 -75.87 28.92
CA LEU F 490 55.97 -74.77 28.12
C LEU F 490 55.20 -73.46 28.28
N PHE F 491 55.92 -72.35 28.27
CA PHE F 491 55.36 -71.01 28.46
C PHE F 491 54.97 -70.36 27.14
N LEU F 492 55.37 -70.96 26.03
CA LEU F 492 55.36 -70.31 24.72
C LEU F 492 54.07 -69.65 24.25
N ASP F 493 52.97 -70.41 24.19
CA ASP F 493 51.74 -69.91 23.57
C ASP F 493 50.56 -69.86 24.55
N PRO F 494 49.60 -68.95 24.32
CA PRO F 494 48.44 -68.79 25.20
C PRO F 494 47.53 -70.01 25.27
N TYR F 495 47.33 -70.72 24.16
CA TYR F 495 46.44 -71.88 24.14
C TYR F 495 46.92 -72.98 25.09
N LEU F 496 48.23 -73.13 25.20
CA LEU F 496 48.81 -74.12 26.09
C LEU F 496 48.70 -73.65 27.54
N TRP F 497 48.79 -72.33 27.74
CA TRP F 497 48.71 -71.75 29.06
C TRP F 497 47.27 -71.79 29.57
N LYS F 498 46.32 -71.73 28.64
CA LYS F 498 44.92 -71.91 28.98
C LYS F 498 44.64 -73.39 29.16
N LEU F 499 45.36 -74.22 28.42
CA LEU F 499 45.28 -75.66 28.54
C LEU F 499 45.93 -76.08 29.86
N GLN F 500 46.88 -75.29 30.32
CA GLN F 500 47.57 -75.58 31.57
C GLN F 500 46.69 -75.25 32.76
N VAL F 501 45.76 -74.31 32.60
CA VAL F 501 44.78 -74.01 33.65
C VAL F 501 43.98 -75.27 33.91
N GLY F 502 43.66 -76.00 32.85
CA GLY F 502 43.07 -77.31 32.96
C GLY F 502 44.14 -78.33 33.27
N GLY F 503 45.37 -78.04 32.83
CA GLY F 503 46.49 -78.92 33.07
C GLY F 503 46.98 -78.88 34.51
N LYS F 504 47.06 -77.68 35.08
CA LYS F 504 47.49 -77.54 36.47
C LYS F 504 46.44 -78.10 37.41
N ARG F 505 45.16 -77.91 37.07
CA ARG F 505 44.08 -78.44 37.87
C ARG F 505 44.04 -79.96 37.70
N LEU F 506 44.50 -80.44 36.55
CA LEU F 506 44.69 -81.87 36.33
C LEU F 506 45.78 -82.36 37.25
N VAL F 507 46.90 -81.63 37.27
CA VAL F 507 47.99 -81.92 38.19
C VAL F 507 47.52 -81.77 39.63
N GLN F 508 46.66 -80.77 39.86
CA GLN F 508 46.05 -80.59 41.18
C GLN F 508 45.15 -81.77 41.51
N ARG F 509 44.26 -82.14 40.59
CA ARG F 509 43.37 -83.28 40.79
C ARG F 509 44.13 -84.57 41.00
N ALA F 510 45.15 -84.79 40.17
CA ALA F 510 45.98 -85.99 40.26
C ALA F 510 46.59 -86.11 41.65
N ARG F 511 47.22 -85.03 42.11
CA ARG F 511 47.89 -85.04 43.40
C ARG F 511 46.93 -84.89 44.57
N GLN F 512 45.75 -84.32 44.31
CA GLN F 512 44.70 -84.31 45.31
C GLN F 512 44.22 -85.75 45.48
N SER F 513 44.38 -86.53 44.42
CA SER F 513 44.10 -87.95 44.46
C SER F 513 45.33 -88.72 44.96
N GLY F 514 46.43 -88.00 45.12
CA GLY F 514 47.65 -88.60 45.65
C GLY F 514 48.60 -89.16 44.62
N ALA F 515 48.54 -88.64 43.40
CA ALA F 515 49.40 -89.11 42.31
C ALA F 515 50.89 -89.01 42.62
N PRO F 516 51.67 -90.00 42.15
CA PRO F 516 53.12 -90.13 42.35
C PRO F 516 53.96 -88.97 41.82
N ILE F 517 53.39 -88.08 41.00
CA ILE F 517 54.23 -87.09 40.34
C ILE F 517 54.61 -85.99 41.33
N ASP F 518 55.91 -85.92 41.61
CA ASP F 518 56.41 -85.06 42.69
C ASP F 518 57.01 -83.70 42.33
N GLY F 519 56.95 -83.30 41.06
CA GLY F 519 57.50 -82.02 40.65
C GLY F 519 56.89 -81.39 39.40
N LEU F 520 57.08 -80.09 39.23
CA LEU F 520 56.61 -79.39 38.05
C LEU F 520 57.72 -78.56 37.40
N VAL F 521 57.83 -78.62 36.07
CA VAL F 521 58.87 -77.91 35.34
C VAL F 521 58.30 -76.90 34.35
N VAL F 522 58.52 -75.62 34.60
CA VAL F 522 58.11 -74.59 33.66
C VAL F 522 59.25 -74.26 32.69
N SER F 523 58.94 -74.22 31.40
CA SER F 523 59.96 -74.11 30.38
C SER F 523 59.74 -72.94 29.42
N ALA F 524 60.81 -72.60 28.69
CA ALA F 524 60.79 -71.56 27.65
C ALA F 524 60.59 -70.14 28.19
N GLY F 525 60.32 -70.02 29.48
CA GLY F 525 60.13 -68.72 30.11
C GLY F 525 59.93 -68.84 31.61
N ILE F 526 60.16 -67.74 32.31
CA ILE F 526 59.96 -67.70 33.76
C ILE F 526 58.68 -66.95 34.09
N PRO F 527 57.72 -67.63 34.73
CA PRO F 527 56.44 -67.05 35.11
C PRO F 527 56.62 -65.84 36.03
N ASP F 528 55.73 -64.87 35.94
CA ASP F 528 55.76 -63.71 36.83
C ASP F 528 55.43 -64.14 38.25
N LEU F 529 55.79 -63.29 39.22
CA LEU F 529 55.66 -63.63 40.63
C LEU F 529 54.28 -64.15 41.01
N GLU F 530 53.23 -63.45 40.60
CA GLU F 530 51.86 -63.87 40.90
C GLU F 530 51.50 -65.19 40.22
N GLU F 531 52.10 -65.45 39.06
CA GLU F 531 51.88 -66.70 38.35
C GLU F 531 52.62 -67.84 39.03
N ALA F 532 53.81 -67.54 39.54
CA ALA F 532 54.64 -68.54 40.20
C ALA F 532 54.14 -68.88 41.59
N VAL F 533 53.61 -67.88 42.29
CA VAL F 533 53.02 -68.09 43.61
C VAL F 533 51.87 -69.08 43.52
N ASP F 534 51.04 -68.91 42.48
CA ASP F 534 49.91 -69.80 42.24
C ASP F 534 50.39 -71.25 42.15
N ILE F 535 51.37 -71.48 41.28
CA ILE F 535 51.95 -72.81 41.09
C ILE F 535 52.48 -73.42 42.40
N ILE F 536 53.25 -72.63 43.13
CA ILE F 536 53.84 -73.08 44.38
C ILE F 536 52.79 -73.40 45.44
N ASP F 537 51.74 -72.59 45.49
CA ASP F 537 50.72 -72.67 46.54
C ASP F 537 49.48 -73.54 46.20
N GLU F 538 49.55 -74.26 45.08
CA GLU F 538 48.42 -75.07 44.62
C GLU F 538 48.03 -76.13 45.64
N LEU F 539 46.80 -76.64 45.54
CA LEU F 539 46.33 -77.72 46.40
C LEU F 539 47.26 -78.92 46.37
N ASN F 540 48.01 -79.04 45.28
CA ASN F 540 48.95 -80.14 45.09
C ASN F 540 50.37 -79.81 45.56
N GLU F 541 50.51 -78.67 46.22
CA GLU F 541 51.82 -78.11 46.60
C GLU F 541 52.81 -79.07 47.25
N VAL F 542 52.36 -79.82 48.26
CA VAL F 542 53.24 -80.75 48.95
C VAL F 542 53.69 -81.82 47.95
N GLY F 543 52.78 -82.20 47.08
CA GLY F 543 53.09 -83.13 46.02
C GLY F 543 53.95 -82.50 44.94
N ILE F 544 54.03 -81.17 44.93
CA ILE F 544 54.98 -80.48 44.04
C ILE F 544 56.38 -80.48 44.65
N SER F 545 56.46 -80.20 45.95
CA SER F 545 57.65 -80.42 46.77
C SER F 545 58.89 -79.61 46.35
N HIS F 546 58.90 -79.18 45.09
CA HIS F 546 59.83 -78.18 44.60
C HIS F 546 59.30 -77.66 43.26
N VAL F 547 59.74 -76.48 42.85
CA VAL F 547 59.36 -75.96 41.55
C VAL F 547 60.59 -75.77 40.67
N VAL F 548 60.44 -76.04 39.37
CA VAL F 548 61.56 -76.02 38.45
C VAL F 548 61.44 -74.94 37.39
N PHE F 549 62.45 -74.08 37.31
CA PHE F 549 62.47 -72.99 36.35
C PHE F 549 63.72 -73.07 35.49
N LYS F 550 63.64 -72.57 34.25
CA LYS F 550 64.77 -72.62 33.33
C LYS F 550 65.09 -71.24 32.74
N PRO F 551 65.86 -70.43 33.47
CA PRO F 551 66.27 -69.10 33.01
C PRO F 551 67.23 -69.18 31.83
N GLY F 552 66.99 -68.38 30.79
CA GLY F 552 67.89 -68.34 29.65
C GLY F 552 68.78 -67.11 29.61
N THR F 553 68.44 -66.10 30.42
CA THR F 553 69.17 -64.83 30.41
C THR F 553 69.51 -64.38 31.82
N VAL F 554 70.37 -63.37 31.92
CA VAL F 554 70.71 -62.77 33.21
C VAL F 554 69.47 -62.27 33.92
N GLU F 555 68.60 -61.59 33.17
CA GLU F 555 67.36 -61.06 33.71
C GLU F 555 66.42 -62.19 34.15
N GLN F 556 66.40 -63.27 33.38
CA GLN F 556 65.56 -64.42 33.71
C GLN F 556 66.05 -65.09 34.99
N ILE F 557 67.36 -65.08 35.20
CA ILE F 557 67.94 -65.61 36.43
C ILE F 557 67.53 -64.76 37.61
N ARG F 558 67.66 -63.44 37.46
CA ARG F 558 67.30 -62.50 38.53
C ARG F 558 65.81 -62.54 38.83
N SER F 559 65.02 -62.97 37.85
CA SER F 559 63.57 -63.12 38.04
C SER F 559 63.27 -64.27 38.99
N VAL F 560 63.97 -65.38 38.80
CA VAL F 560 63.78 -66.56 39.63
C VAL F 560 64.24 -66.31 41.07
N ILE F 561 65.28 -65.49 41.22
CA ILE F 561 65.76 -65.10 42.53
C ILE F 561 64.64 -64.40 43.32
N ARG F 562 63.82 -63.63 42.60
CA ARG F 562 62.69 -62.95 43.20
C ARG F 562 61.53 -63.92 43.48
N ILE F 563 61.52 -65.03 42.73
CA ILE F 563 60.55 -66.10 42.99
C ILE F 563 61.01 -66.89 44.22
N ALA F 564 62.32 -66.93 44.41
CA ALA F 564 62.90 -67.64 45.55
C ALA F 564 62.64 -66.90 46.85
N ALA F 565 62.83 -65.58 46.82
CA ALA F 565 62.60 -64.75 47.99
C ALA F 565 61.12 -64.67 48.33
N GLU F 566 60.28 -65.00 47.35
CA GLU F 566 58.84 -65.02 47.55
C GLU F 566 58.45 -66.04 48.61
N VAL F 567 58.85 -67.30 48.39
CA VAL F 567 58.63 -68.35 49.36
C VAL F 567 59.97 -69.00 49.72
N PRO F 568 60.67 -68.41 50.72
CA PRO F 568 62.01 -68.85 51.13
C PRO F 568 62.08 -70.28 51.64
N THR F 569 60.93 -70.84 52.02
CA THR F 569 60.90 -72.20 52.56
C THR F 569 60.58 -73.24 51.48
N LYS F 570 60.30 -72.77 50.26
CA LYS F 570 59.98 -73.67 49.16
C LYS F 570 61.20 -73.92 48.30
N PRO F 571 61.59 -75.20 48.16
CA PRO F 571 62.72 -75.57 47.31
C PRO F 571 62.47 -75.19 45.86
N VAL F 572 63.43 -74.51 45.25
CA VAL F 572 63.33 -74.14 43.84
C VAL F 572 64.59 -74.59 43.12
N ILE F 573 64.44 -75.50 42.17
CA ILE F 573 65.57 -75.99 41.42
C ILE F 573 65.75 -75.11 40.20
N VAL F 574 66.83 -74.36 40.17
CA VAL F 574 67.09 -73.50 39.03
C VAL F 574 68.01 -74.21 38.06
N HIS F 575 67.47 -74.59 36.92
CA HIS F 575 68.27 -75.23 35.89
C HIS F 575 68.76 -74.17 34.92
N ILE F 576 70.06 -73.92 34.95
CA ILE F 576 70.66 -72.94 34.06
C ILE F 576 71.13 -73.62 32.80
N GLU F 577 70.45 -73.34 31.68
CA GLU F 577 70.81 -73.96 30.41
C GLU F 577 71.61 -72.99 29.57
N GLY F 578 72.11 -73.48 28.44
CA GLY F 578 72.79 -72.63 27.48
C GLY F 578 72.02 -72.49 26.18
N GLY F 579 72.71 -71.99 25.16
CA GLY F 579 72.22 -72.09 23.79
C GLY F 579 73.03 -73.13 23.07
N ARG F 580 74.05 -73.66 23.75
CA ARG F 580 74.84 -74.76 23.22
C ARG F 580 74.06 -76.05 23.43
N ALA F 581 72.97 -75.93 24.18
CA ALA F 581 72.07 -77.03 24.46
C ALA F 581 71.26 -77.38 23.21
N GLY F 582 70.38 -78.35 23.33
CA GLY F 582 69.55 -78.77 22.22
C GLY F 582 68.19 -78.10 22.24
N GLY F 583 67.50 -78.15 21.10
CA GLY F 583 66.13 -77.68 21.00
C GLY F 583 66.00 -76.19 21.11
N HIS F 584 65.15 -75.75 22.03
CA HIS F 584 64.96 -74.32 22.27
C HIS F 584 66.31 -73.68 22.57
N HIS F 585 66.54 -72.52 21.96
CA HIS F 585 67.87 -71.95 21.84
C HIS F 585 68.01 -70.65 22.62
N SER F 586 69.16 -70.01 22.47
CA SER F 586 69.48 -68.73 23.10
C SER F 586 70.83 -68.23 22.60
N TRP F 587 71.07 -66.94 22.77
CA TRP F 587 72.32 -66.33 22.34
C TRP F 587 73.30 -66.17 23.51
N GLU F 588 72.89 -66.65 24.68
CA GLU F 588 73.63 -66.42 25.92
C GLU F 588 74.66 -67.51 26.24
N ASP F 589 75.86 -67.07 26.59
CA ASP F 589 76.97 -67.98 26.89
C ASP F 589 76.70 -68.85 28.12
N LEU F 590 77.36 -69.99 28.18
CA LEU F 590 77.21 -70.94 29.28
C LEU F 590 77.80 -70.39 30.58
N ASP F 591 78.99 -69.82 30.46
CA ASP F 591 79.78 -69.41 31.61
C ASP F 591 79.37 -68.04 32.16
N ASP F 592 79.50 -67.01 31.31
CA ASP F 592 79.30 -65.62 31.70
C ASP F 592 78.03 -65.34 32.50
N LEU F 593 76.93 -66.00 32.14
CA LEU F 593 75.67 -65.85 32.88
C LEU F 593 75.85 -66.34 34.31
N LEU F 594 76.26 -67.60 34.45
CA LEU F 594 76.44 -68.21 35.75
C LEU F 594 77.60 -67.57 36.50
N LEU F 595 78.60 -67.12 35.76
CA LEU F 595 79.77 -66.48 36.36
C LEU F 595 79.37 -65.21 37.10
N ALA F 596 78.49 -64.43 36.51
CA ALA F 596 78.06 -63.16 37.08
C ALA F 596 76.99 -63.31 38.16
N THR F 597 76.03 -64.20 37.94
CA THR F 597 74.85 -64.29 38.79
C THR F 597 74.96 -65.28 39.95
N TYR F 598 76.07 -66.01 40.04
CA TYR F 598 76.22 -67.07 41.03
C TYR F 598 76.13 -66.57 42.47
N SER F 599 76.81 -65.46 42.76
CA SER F 599 76.88 -64.93 44.12
C SER F 599 75.51 -64.60 44.68
N GLU F 600 74.67 -63.97 43.86
CA GLU F 600 73.33 -63.60 44.28
C GLU F 600 72.42 -64.83 44.36
N LEU F 601 72.74 -65.85 43.58
CA LEU F 601 71.97 -67.09 43.57
C LEU F 601 72.18 -67.90 44.85
N ARG F 602 73.35 -67.72 45.48
CA ARG F 602 73.69 -68.47 46.69
C ARG F 602 73.25 -67.77 47.97
N SER F 603 72.70 -66.58 47.84
CA SER F 603 72.18 -65.85 48.99
C SER F 603 70.81 -66.38 49.36
N ARG F 604 70.27 -67.25 48.51
CA ARG F 604 68.98 -67.89 48.77
C ARG F 604 69.18 -69.39 48.95
N SER F 605 68.89 -69.87 50.16
CA SER F 605 69.10 -71.27 50.51
C SER F 605 68.09 -72.20 49.82
N ASN F 606 66.97 -71.63 49.39
CA ASN F 606 65.93 -72.42 48.73
C ASN F 606 66.20 -72.62 47.24
N ILE F 607 67.30 -72.04 46.76
CA ILE F 607 67.69 -72.18 45.36
C ILE F 607 68.66 -73.34 45.18
N THR F 608 68.28 -74.31 44.35
CA THR F 608 69.17 -75.42 44.01
C THR F 608 69.72 -75.20 42.61
N ILE F 609 71.01 -74.90 42.53
CA ILE F 609 71.63 -74.57 41.24
C ILE F 609 71.98 -75.83 40.45
N CYS F 610 71.53 -75.88 39.21
CA CYS F 610 71.78 -77.04 38.36
C CYS F 610 72.26 -76.60 36.99
N VAL F 611 73.48 -76.99 36.64
CA VAL F 611 74.07 -76.65 35.35
C VAL F 611 73.76 -77.71 34.31
N GLY F 612 73.46 -77.26 33.09
CA GLY F 612 73.12 -78.19 32.04
C GLY F 612 73.59 -77.73 30.68
N GLY F 613 73.50 -78.64 29.71
CA GLY F 613 73.92 -78.38 28.34
C GLY F 613 75.30 -78.92 28.05
N GLY F 614 75.51 -79.38 26.81
CA GLY F 614 76.81 -79.84 26.35
C GLY F 614 77.56 -80.79 27.28
N ILE F 615 76.84 -81.69 27.92
CA ILE F 615 77.46 -82.63 28.85
C ILE F 615 77.01 -84.05 28.54
N GLY F 616 77.95 -84.87 28.08
CA GLY F 616 77.68 -86.28 27.85
C GLY F 616 78.28 -87.25 28.86
N THR F 617 79.22 -86.75 29.66
CA THR F 617 80.07 -87.62 30.47
C THR F 617 80.29 -87.14 31.90
N PRO F 618 80.63 -88.06 32.82
CA PRO F 618 80.97 -87.68 34.20
C PRO F 618 82.28 -86.92 34.31
N GLU F 619 83.20 -87.14 33.37
CA GLU F 619 84.53 -86.54 33.45
C GLU F 619 84.52 -85.05 33.12
N ARG F 620 83.82 -84.69 32.05
CA ARG F 620 83.73 -83.30 31.63
C ARG F 620 82.85 -82.49 32.58
N SER F 621 81.93 -83.15 33.25
CA SER F 621 80.97 -82.47 34.12
C SER F 621 81.43 -82.49 35.58
N ALA F 622 82.60 -83.07 35.84
CA ALA F 622 83.09 -83.22 37.21
C ALA F 622 83.60 -81.91 37.79
N GLU F 623 84.11 -81.04 36.92
CA GLU F 623 84.74 -79.80 37.36
C GLU F 623 83.73 -78.76 37.79
N TYR F 624 82.53 -78.83 37.22
CA TYR F 624 81.45 -77.93 37.61
C TYR F 624 80.92 -78.34 38.99
N LEU F 625 81.08 -79.60 39.32
CA LEU F 625 80.66 -80.13 40.61
C LEU F 625 81.65 -79.77 41.70
N SER F 626 82.93 -79.89 41.39
CA SER F 626 83.99 -79.54 42.34
C SER F 626 84.09 -78.03 42.47
N GLY F 627 83.66 -77.32 41.43
CA GLY F 627 83.75 -75.88 41.40
C GLY F 627 85.03 -75.42 40.73
N ARG F 628 85.78 -76.38 40.18
CA ARG F 628 87.08 -76.10 39.59
C ARG F 628 86.93 -75.41 38.24
N TRP F 629 85.70 -75.38 37.73
CA TRP F 629 85.42 -74.85 36.41
C TRP F 629 85.57 -73.34 36.32
N ALA F 630 85.40 -72.67 37.45
CA ALA F 630 85.43 -71.20 37.49
C ALA F 630 86.86 -70.69 37.60
N GLU F 631 87.78 -71.61 37.85
CA GLU F 631 89.18 -71.26 38.02
C GLU F 631 89.85 -70.81 36.72
N VAL F 632 89.34 -71.31 35.60
CA VAL F 632 89.86 -70.93 34.29
C VAL F 632 89.55 -69.45 34.03
N HIS F 633 88.45 -68.98 34.58
CA HIS F 633 88.04 -67.59 34.42
C HIS F 633 88.56 -66.73 35.57
N GLY F 634 89.34 -67.35 36.46
CA GLY F 634 89.97 -66.64 37.55
C GLY F 634 89.09 -66.52 38.79
N TYR F 635 87.80 -66.70 38.61
CA TYR F 635 86.87 -66.66 39.74
C TYR F 635 87.14 -67.84 40.67
N PRO F 636 87.05 -67.60 41.98
CA PRO F 636 87.22 -68.67 42.97
C PRO F 636 86.17 -69.75 42.79
N LEU F 637 86.39 -70.91 43.40
CA LEU F 637 85.60 -72.12 43.13
C LEU F 637 84.09 -71.89 43.18
N MET F 638 83.38 -72.45 42.20
CA MET F 638 81.94 -72.26 42.09
C MET F 638 81.22 -73.59 41.86
N PRO F 639 80.98 -74.35 42.94
CA PRO F 639 80.37 -75.68 42.89
C PRO F 639 78.89 -75.63 42.47
N ILE F 640 78.37 -76.77 42.01
CA ILE F 640 76.97 -76.87 41.61
C ILE F 640 76.26 -78.04 42.30
N ASP F 641 74.94 -77.92 42.48
CA ASP F 641 74.17 -78.92 43.21
C ASP F 641 73.66 -80.08 42.34
N GLY F 642 73.65 -79.90 41.03
CA GLY F 642 73.11 -80.92 40.15
C GLY F 642 73.39 -80.69 38.68
N ILE F 643 73.19 -81.73 37.87
CA ILE F 643 73.50 -81.66 36.45
C ILE F 643 72.43 -82.38 35.62
N LEU F 644 71.96 -81.74 34.55
CA LEU F 644 70.97 -82.36 33.68
C LEU F 644 71.58 -82.75 32.33
N VAL F 645 71.21 -83.93 31.83
CA VAL F 645 71.66 -84.37 30.52
C VAL F 645 70.49 -84.53 29.57
N GLY F 646 70.33 -83.60 28.64
CA GLY F 646 69.31 -83.72 27.62
C GLY F 646 69.66 -84.58 26.41
N THR F 647 70.81 -84.30 25.80
CA THR F 647 71.13 -84.87 24.49
C THR F 647 71.70 -86.29 24.50
N ALA F 648 72.60 -86.57 25.44
CA ALA F 648 73.31 -87.85 25.47
C ALA F 648 72.40 -89.04 25.74
N ALA F 649 71.18 -88.77 26.19
CA ALA F 649 70.23 -89.83 26.52
C ALA F 649 69.29 -90.18 25.37
N MET F 650 69.49 -89.54 24.22
CA MET F 650 68.62 -89.75 23.07
C MET F 650 68.93 -91.03 22.30
N ALA F 651 70.18 -91.48 22.40
CA ALA F 651 70.62 -92.69 21.70
C ALA F 651 70.40 -93.91 22.56
N THR F 652 69.76 -93.72 23.71
CA THR F 652 69.55 -94.79 24.68
C THR F 652 68.60 -95.88 24.20
N LEU F 653 68.73 -97.07 24.80
CA LEU F 653 67.99 -98.25 24.37
C LEU F 653 66.48 -98.12 24.58
N GLU F 654 66.07 -97.62 25.74
CA GLU F 654 64.65 -97.52 26.05
C GLU F 654 64.01 -96.28 25.44
N ALA F 655 64.81 -95.47 24.76
CA ALA F 655 64.29 -94.33 24.02
C ALA F 655 63.55 -94.80 22.78
N THR F 656 62.52 -94.07 22.38
CA THR F 656 61.70 -94.46 21.24
C THR F 656 62.29 -93.99 19.92
N THR F 657 63.46 -93.36 19.98
CA THR F 657 64.16 -92.92 18.79
C THR F 657 64.39 -94.07 17.82
N SER F 658 64.05 -93.84 16.55
CA SER F 658 64.16 -94.86 15.52
C SER F 658 65.60 -95.33 15.33
N PRO F 659 65.78 -96.61 14.96
CA PRO F 659 67.09 -97.22 14.75
C PRO F 659 67.99 -96.42 13.80
N GLN F 660 67.41 -95.91 12.72
CA GLN F 660 68.17 -95.12 11.76
C GLN F 660 68.52 -93.74 12.32
N VAL F 661 67.61 -93.18 13.11
CA VAL F 661 67.82 -91.86 13.71
C VAL F 661 68.91 -91.92 14.79
N LYS F 662 68.95 -93.02 15.54
CA LYS F 662 69.98 -93.21 16.55
C LYS F 662 71.37 -93.29 15.93
N GLN F 663 71.48 -94.06 14.84
CA GLN F 663 72.74 -94.17 14.11
C GLN F 663 73.17 -92.81 13.58
N LEU F 664 72.19 -91.97 13.26
CA LEU F 664 72.45 -90.64 12.75
C LEU F 664 73.00 -89.70 13.82
N LEU F 665 72.38 -89.74 15.00
CA LEU F 665 72.85 -88.94 16.14
C LEU F 665 74.26 -89.35 16.53
N VAL F 666 74.52 -90.66 16.48
CA VAL F 666 75.82 -91.23 16.79
C VAL F 666 76.95 -90.68 15.93
N GLU F 667 76.86 -90.91 14.62
CA GLU F 667 77.94 -90.58 13.69
C GLU F 667 78.24 -89.08 13.62
N THR F 668 77.35 -88.27 14.19
CA THR F 668 77.58 -86.85 14.28
C THR F 668 78.77 -86.58 15.20
N LYS F 669 79.74 -85.83 14.69
CA LYS F 669 80.91 -85.46 15.49
C LYS F 669 80.56 -84.22 16.30
N GLY F 670 81.05 -84.13 17.53
CA GLY F 670 80.75 -82.99 18.38
C GLY F 670 81.79 -81.90 18.32
N THR F 671 81.59 -80.87 19.14
CA THR F 671 82.48 -79.71 19.12
C THR F 671 82.79 -79.16 20.50
N GLU F 672 83.80 -78.29 20.54
CA GLU F 672 84.11 -77.46 21.69
C GLU F 672 83.18 -76.25 21.64
N ALA F 673 83.50 -75.22 22.41
CA ALA F 673 82.60 -74.08 22.60
C ALA F 673 82.06 -73.52 21.29
N TRP F 674 80.74 -73.31 21.27
CA TRP F 674 79.99 -73.00 20.05
C TRP F 674 80.54 -71.80 19.28
N VAL F 675 80.52 -71.90 17.96
CA VAL F 675 81.06 -70.86 17.09
C VAL F 675 79.95 -70.12 16.36
N GLY F 676 80.21 -68.86 16.05
CA GLY F 676 79.20 -68.01 15.45
C GLY F 676 78.98 -68.22 13.95
N ALA F 677 80.05 -68.54 13.24
CA ALA F 677 80.00 -68.63 11.77
C ALA F 677 78.92 -69.57 11.27
N GLY F 678 78.05 -69.07 10.39
CA GLY F 678 76.96 -69.85 9.85
C GLY F 678 77.43 -70.98 8.96
N LYS F 679 77.02 -72.19 9.33
CA LYS F 679 77.44 -73.42 8.67
C LYS F 679 76.79 -74.57 9.43
N ALA F 680 76.97 -75.79 8.93
CA ALA F 680 76.71 -76.94 9.77
C ALA F 680 77.96 -77.09 10.61
N ALA F 681 77.82 -76.94 11.92
CA ALA F 681 78.98 -76.96 12.80
C ALA F 681 79.01 -78.26 13.56
N ASN F 682 79.95 -79.12 13.20
CA ASN F 682 80.05 -80.46 13.77
C ASN F 682 78.72 -81.18 13.70
N GLY F 683 78.15 -81.25 12.51
CA GLY F 683 76.90 -81.91 12.28
C GLY F 683 75.72 -81.20 12.94
N MET F 684 75.93 -79.97 13.34
CA MET F 684 74.91 -79.20 14.04
C MET F 684 74.80 -77.78 13.51
N ALA F 685 73.62 -77.42 13.02
CA ALA F 685 73.35 -76.07 12.56
C ALA F 685 72.03 -75.56 13.11
N SER F 686 72.03 -74.32 13.57
CA SER F 686 70.83 -73.70 14.13
C SER F 686 69.82 -73.39 13.04
N GLY F 687 68.55 -73.34 13.43
CA GLY F 687 67.49 -72.95 12.52
C GLY F 687 66.34 -72.37 13.33
N ARG F 688 65.56 -71.51 12.69
CA ARG F 688 64.49 -70.82 13.40
C ARG F 688 63.14 -71.50 13.22
N SER F 689 62.36 -71.55 14.29
CA SER F 689 61.03 -72.15 14.25
C SER F 689 60.05 -71.22 13.55
N GLN F 690 58.78 -71.62 13.52
CA GLN F 690 57.75 -70.82 12.87
C GLN F 690 57.55 -69.47 13.57
N LEU F 691 57.96 -69.41 14.84
CA LEU F 691 57.83 -68.18 15.62
C LEU F 691 59.09 -67.31 15.54
N GLY F 692 60.15 -67.85 14.95
CA GLY F 692 61.37 -67.10 14.75
C GLY F 692 62.48 -67.43 15.74
N ALA F 693 62.15 -68.20 16.77
CA ALA F 693 63.13 -68.61 17.76
C ALA F 693 64.01 -69.73 17.22
N ASP F 694 65.30 -69.69 17.53
CA ASP F 694 66.22 -70.67 17.00
C ASP F 694 65.97 -72.06 17.57
N ILE F 695 66.32 -73.08 16.79
CA ILE F 695 66.21 -74.47 17.21
C ILE F 695 67.46 -75.21 16.77
N HIS F 696 68.08 -75.93 17.70
CA HIS F 696 69.25 -76.72 17.35
C HIS F 696 68.80 -78.06 16.79
N GLU F 697 69.13 -78.29 15.53
CA GLU F 697 68.75 -79.51 14.83
C GLU F 697 69.96 -80.15 14.19
N ILE F 698 69.82 -81.39 13.74
CA ILE F 698 70.95 -82.10 13.19
C ILE F 698 71.03 -81.84 11.67
N ASP F 699 72.07 -81.12 11.27
CA ASP F 699 72.21 -80.70 9.88
C ASP F 699 73.16 -81.59 9.07
N ASN F 700 73.74 -82.59 9.73
CA ASN F 700 74.55 -83.58 9.04
C ASN F 700 73.70 -84.78 8.70
N ALA F 701 73.16 -85.41 9.75
CA ALA F 701 72.23 -86.51 9.62
C ALA F 701 71.14 -86.16 8.61
N ALA F 702 70.58 -84.96 8.74
CA ALA F 702 69.70 -84.43 7.71
C ALA F 702 70.17 -83.06 7.27
N SER F 703 70.73 -82.98 6.08
CA SER F 703 71.23 -81.72 5.54
C SER F 703 70.23 -81.01 4.63
N ARG F 704 69.18 -81.72 4.24
CA ARG F 704 68.25 -81.22 3.25
C ARG F 704 67.18 -80.28 3.79
N CYS F 705 66.65 -80.58 4.96
CA CYS F 705 65.58 -79.77 5.55
C CYS F 705 66.08 -78.41 6.04
N GLY F 706 67.14 -78.43 6.85
CA GLY F 706 67.65 -77.23 7.48
C GLY F 706 68.19 -76.18 6.53
N ARG F 707 69.03 -76.61 5.59
CA ARG F 707 69.68 -75.66 4.68
C ARG F 707 68.70 -75.08 3.66
N LEU F 708 67.78 -75.90 3.18
CA LEU F 708 66.73 -75.44 2.27
C LEU F 708 65.84 -74.42 2.97
N LEU F 709 65.52 -74.70 4.23
CA LEU F 709 64.72 -73.80 5.04
C LEU F 709 65.38 -72.43 5.14
N ASP F 710 66.69 -72.43 5.33
CA ASP F 710 67.44 -71.17 5.38
C ASP F 710 67.48 -70.51 4.02
N GLU F 711 67.48 -71.33 2.97
CA GLU F 711 67.41 -70.81 1.61
C GLU F 711 66.07 -70.14 1.37
N VAL F 712 64.99 -70.89 1.63
CA VAL F 712 63.63 -70.39 1.44
C VAL F 712 63.34 -69.16 2.30
N ALA F 713 63.77 -69.20 3.56
CA ALA F 713 63.54 -68.10 4.49
C ALA F 713 64.18 -66.80 3.99
N GLY F 714 65.46 -66.86 3.64
CA GLY F 714 66.17 -65.69 3.16
C GLY F 714 65.77 -65.30 1.75
N ASP F 715 65.15 -66.24 1.04
CA ASP F 715 64.77 -65.99 -0.35
C ASP F 715 63.32 -65.55 -0.56
N ALA F 716 62.53 -65.33 0.48
CA ALA F 716 61.13 -65.13 0.17
C ALA F 716 60.81 -63.66 -0.05
N ASP F 717 60.89 -63.30 -1.32
CA ASP F 717 60.21 -62.21 -1.98
C ASP F 717 59.87 -62.82 -3.33
N ALA F 718 60.97 -63.23 -3.98
CA ALA F 718 61.03 -63.70 -5.36
C ALA F 718 60.67 -65.18 -5.55
N VAL F 719 60.13 -65.80 -4.50
CA VAL F 719 59.83 -67.24 -4.49
C VAL F 719 59.21 -67.72 -5.80
N ALA F 720 58.33 -66.92 -6.38
CA ALA F 720 57.74 -67.22 -7.68
C ALA F 720 58.78 -67.49 -8.76
N GLU F 721 59.89 -66.77 -8.72
CA GLU F 721 60.96 -66.92 -9.70
C GLU F 721 61.75 -68.22 -9.51
N ARG F 722 62.00 -68.57 -8.25
CA ARG F 722 62.75 -69.77 -7.91
C ARG F 722 61.83 -70.97 -7.68
N ARG F 723 60.54 -70.79 -7.99
CA ARG F 723 59.51 -71.79 -7.74
C ARG F 723 59.90 -73.21 -8.16
N ASP F 724 60.51 -73.34 -9.33
CA ASP F 724 60.98 -74.64 -9.79
C ASP F 724 62.04 -75.23 -8.86
N GLU F 725 62.96 -74.37 -8.41
CA GLU F 725 64.02 -74.79 -7.50
C GLU F 725 63.47 -75.09 -6.11
N ILE F 726 62.46 -74.33 -5.71
CA ILE F 726 61.88 -74.45 -4.37
C ILE F 726 60.91 -75.63 -4.25
N ILE F 727 60.06 -75.82 -5.26
CA ILE F 727 59.04 -76.87 -5.22
C ILE F 727 59.63 -78.26 -5.37
N ALA F 728 60.79 -78.36 -6.01
CA ALA F 728 61.47 -79.64 -6.18
C ALA F 728 62.20 -80.02 -4.90
N ALA F 729 62.67 -79.02 -4.18
CA ALA F 729 63.42 -79.24 -2.95
C ALA F 729 62.51 -79.64 -1.79
N MET F 730 61.23 -79.27 -1.90
CA MET F 730 60.23 -79.73 -0.94
C MET F 730 59.98 -81.20 -1.15
N ALA F 731 60.10 -81.65 -2.39
CA ALA F 731 59.92 -83.05 -2.73
C ALA F 731 61.13 -83.89 -2.34
N GLN F 732 62.28 -83.23 -2.22
CA GLN F 732 63.51 -83.91 -1.81
C GLN F 732 63.50 -84.22 -0.32
N THR F 733 62.88 -83.33 0.46
CA THR F 733 62.79 -83.49 1.90
C THR F 733 61.49 -84.21 2.27
N ALA F 734 60.77 -84.64 1.23
CA ALA F 734 59.44 -85.25 1.39
C ALA F 734 58.47 -84.31 2.09
N LYS F 735 58.22 -83.17 1.45
CA LYS F 735 57.13 -82.29 1.83
C LYS F 735 56.34 -82.07 0.55
N PRO F 736 55.75 -83.16 0.01
CA PRO F 736 55.27 -83.17 -1.36
C PRO F 736 54.09 -82.23 -1.60
N TYR F 737 54.21 -81.44 -2.67
CA TYR F 737 53.07 -80.70 -3.18
C TYR F 737 52.30 -81.74 -3.98
N PHE F 738 51.17 -81.37 -4.53
CA PHE F 738 50.37 -82.30 -5.32
C PHE F 738 50.65 -82.03 -6.79
N GLY F 739 50.54 -83.08 -7.62
CA GLY F 739 50.69 -82.91 -9.05
C GLY F 739 49.66 -81.90 -9.52
N ASP F 740 49.78 -81.40 -10.74
CA ASP F 740 49.09 -80.17 -11.13
C ASP F 740 47.62 -80.23 -10.72
N VAL F 741 47.20 -79.24 -9.94
CA VAL F 741 46.02 -79.33 -9.11
C VAL F 741 44.75 -79.58 -9.90
N ALA F 742 44.55 -78.77 -10.94
CA ALA F 742 43.45 -78.99 -11.87
C ALA F 742 43.55 -80.38 -12.48
N GLU F 743 44.57 -80.58 -13.32
CA GLU F 743 44.71 -81.80 -14.11
C GLU F 743 44.65 -83.09 -13.31
N MET F 744 45.02 -83.05 -12.04
CA MET F 744 45.02 -84.24 -11.21
C MET F 744 43.63 -84.81 -10.95
N THR F 745 43.50 -86.10 -11.23
CA THR F 745 42.26 -86.84 -11.09
C THR F 745 41.90 -87.03 -9.61
N TYR F 746 40.61 -87.04 -9.30
CA TYR F 746 40.14 -87.24 -7.92
C TYR F 746 40.73 -88.48 -7.26
N LEU F 747 40.96 -89.53 -8.05
CA LEU F 747 41.67 -90.71 -7.57
C LEU F 747 43.02 -90.29 -7.02
N GLN F 748 43.79 -89.59 -7.84
CA GLN F 748 45.12 -89.12 -7.47
C GLN F 748 45.08 -88.34 -6.16
N TRP F 749 44.06 -87.50 -6.00
CA TRP F 749 43.84 -86.82 -4.73
C TRP F 749 43.69 -87.85 -3.62
N LEU F 750 42.62 -88.63 -3.72
CA LEU F 750 42.26 -89.61 -2.69
C LEU F 750 43.30 -90.72 -2.52
N ARG F 751 44.04 -91.03 -3.58
CA ARG F 751 45.09 -92.04 -3.50
C ARG F 751 46.38 -91.49 -2.90
N ARG F 752 46.54 -90.18 -2.93
CA ARG F 752 47.73 -89.54 -2.38
C ARG F 752 47.66 -89.47 -0.86
N TYR F 753 46.47 -89.19 -0.34
CA TYR F 753 46.26 -89.13 1.11
C TYR F 753 46.48 -90.49 1.72
N VAL F 754 45.92 -91.52 1.10
CA VAL F 754 46.11 -92.90 1.54
C VAL F 754 47.59 -93.27 1.49
N GLU F 755 48.28 -92.81 0.45
CA GLU F 755 49.70 -93.08 0.29
C GLU F 755 50.52 -92.50 1.45
N LEU F 756 50.24 -91.25 1.78
CA LEU F 756 50.98 -90.56 2.84
C LEU F 756 50.52 -90.88 4.26
N ALA F 757 49.20 -90.98 4.46
CA ALA F 757 48.66 -91.22 5.80
C ALA F 757 48.75 -92.67 6.23
N ILE F 758 48.49 -93.59 5.30
CA ILE F 758 48.50 -95.01 5.63
C ILE F 758 49.84 -95.66 5.32
N GLY F 759 50.57 -96.02 6.37
CA GLY F 759 51.81 -96.77 6.20
C GLY F 759 51.53 -98.24 5.91
N ASP F 760 52.27 -98.81 4.98
CA ASP F 760 52.10 -100.22 4.64
C ASP F 760 52.80 -101.12 5.65
N GLY F 761 53.93 -100.65 6.16
CA GLY F 761 54.69 -101.40 7.15
C GLY F 761 53.97 -101.46 8.48
N ASN F 762 53.49 -100.31 8.95
CA ASN F 762 52.79 -100.24 10.22
C ASN F 762 51.35 -100.71 10.13
N SER F 763 50.79 -100.71 8.91
CA SER F 763 49.46 -101.29 8.67
C SER F 763 48.38 -100.66 9.54
N THR F 764 47.94 -99.46 9.17
CA THR F 764 47.03 -98.64 9.98
C THR F 764 45.90 -99.45 10.63
N ALA F 765 45.37 -100.42 9.89
CA ALA F 765 44.41 -101.37 10.45
C ALA F 765 45.03 -102.13 11.63
N ASP F 766 46.24 -102.63 11.45
CA ASP F 766 46.95 -103.34 12.51
C ASP F 766 47.52 -102.37 13.55
N THR F 767 47.56 -101.08 13.21
CA THR F 767 48.04 -100.06 14.13
C THR F 767 46.93 -99.64 15.09
N LYS F 768 45.68 -99.87 14.68
CA LYS F 768 44.52 -99.47 15.46
C LYS F 768 44.23 -100.46 16.59
N ARG F 769 44.60 -101.71 16.38
CA ARG F 769 44.33 -102.78 17.34
C ARG F 769 45.07 -102.66 18.69
N PRO F 770 46.39 -102.37 18.67
CA PRO F 770 47.09 -102.14 19.94
C PRO F 770 46.64 -100.87 20.66
N ASP F 771 45.92 -100.01 19.95
CA ASP F 771 45.53 -98.68 20.44
C ASP F 771 46.76 -97.81 20.68
N SER F 772 47.63 -97.77 19.68
CA SER F 772 48.85 -96.97 19.74
C SER F 772 48.52 -95.48 19.72
N PRO F 773 49.31 -94.68 20.43
CA PRO F 773 49.16 -93.22 20.44
C PRO F 773 49.55 -92.60 19.10
N TRP F 774 50.30 -93.35 18.30
CA TRP F 774 50.74 -92.89 16.99
C TRP F 774 49.58 -92.84 15.99
N LEU F 775 48.43 -93.36 16.42
CA LEU F 775 47.24 -93.40 15.57
C LEU F 775 46.88 -92.03 14.98
N ASP F 776 46.62 -92.05 13.67
CA ASP F 776 46.44 -90.85 12.88
C ASP F 776 44.99 -90.41 12.73
N ILE F 777 44.09 -91.01 13.52
CA ILE F 777 42.66 -91.09 13.21
C ILE F 777 42.04 -89.81 12.64
N THR F 778 42.54 -88.66 13.05
CA THR F 778 42.15 -87.40 12.42
C THR F 778 42.47 -87.41 10.92
N TRP F 779 43.58 -88.06 10.55
CA TRP F 779 43.96 -88.19 9.14
C TRP F 779 42.97 -89.08 8.41
N ARG F 780 42.48 -90.10 9.10
CA ARG F 780 41.48 -91.00 8.53
C ARG F 780 40.15 -90.27 8.44
N ASP F 781 39.91 -89.37 9.39
CA ASP F 781 38.72 -88.54 9.38
C ASP F 781 38.84 -87.46 8.32
N ARG F 782 40.06 -86.98 8.13
CA ARG F 782 40.36 -85.99 7.09
C ARG F 782 40.02 -86.56 5.72
N PHE F 783 40.46 -87.80 5.50
CA PHE F 783 40.24 -88.47 4.22
C PHE F 783 38.76 -88.74 3.97
N GLU F 784 38.00 -88.95 5.04
CA GLU F 784 36.57 -89.17 4.94
C GLU F 784 35.86 -87.92 4.44
N GLN F 785 36.21 -86.78 5.02
CA GLN F 785 35.60 -85.50 4.64
C GLN F 785 35.90 -85.19 3.18
N MET F 786 37.04 -85.67 2.69
CA MET F 786 37.40 -85.52 1.29
C MET F 786 36.60 -86.49 0.43
N LEU F 787 36.46 -87.73 0.92
CA LEU F 787 35.66 -88.74 0.23
C LEU F 787 34.22 -88.29 0.12
N LYS F 788 33.65 -87.88 1.25
CA LYS F 788 32.26 -87.44 1.29
C LYS F 788 32.04 -86.20 0.43
N ARG F 789 33.10 -85.42 0.24
CA ARG F 789 33.04 -84.25 -0.62
C ARG F 789 32.99 -84.66 -2.09
N ALA F 790 33.65 -85.78 -2.39
CA ALA F 790 33.68 -86.31 -3.76
C ALA F 790 32.28 -86.77 -4.17
N GLU F 791 31.57 -87.42 -3.27
CA GLU F 791 30.18 -87.80 -3.52
C GLU F 791 29.34 -86.53 -3.59
N ALA F 792 29.69 -85.56 -2.76
CA ALA F 792 28.98 -84.29 -2.70
C ALA F 792 29.14 -83.51 -4.01
N ARG F 793 30.27 -83.70 -4.68
CA ARG F 793 30.57 -82.95 -5.89
C ARG F 793 29.89 -83.51 -7.15
N LEU F 794 29.91 -84.82 -7.31
CA LEU F 794 29.48 -85.43 -8.58
C LEU F 794 28.06 -85.97 -8.68
N HIS F 795 27.28 -85.90 -7.60
CA HIS F 795 25.96 -86.52 -7.62
C HIS F 795 24.87 -85.56 -8.06
N PRO F 796 24.24 -85.86 -9.21
CA PRO F 796 23.13 -85.07 -9.77
C PRO F 796 21.82 -85.24 -9.00
N GLN F 797 21.65 -86.38 -8.35
CA GLN F 797 20.39 -86.72 -7.68
C GLN F 797 20.35 -86.29 -6.22
N ASP F 798 19.36 -86.79 -5.48
CA ASP F 798 19.05 -86.30 -4.13
C ASP F 798 20.02 -86.66 -3.00
N PHE F 799 21.04 -87.46 -3.31
CA PHE F 799 22.04 -87.91 -2.33
C PHE F 799 21.46 -88.81 -1.24
N GLY F 800 20.35 -89.47 -1.54
CA GLY F 800 19.77 -90.42 -0.62
C GLY F 800 20.59 -91.69 -0.40
N PRO F 801 20.88 -92.44 -1.48
CA PRO F 801 21.57 -93.73 -1.34
C PRO F 801 22.98 -93.67 -0.77
N ILE F 802 23.81 -92.73 -1.23
CA ILE F 802 25.23 -92.74 -0.91
C ILE F 802 25.55 -92.25 0.51
N GLU F 803 24.98 -91.12 0.90
CA GLU F 803 25.30 -90.51 2.18
C GLU F 803 24.85 -91.31 3.39
N THR F 804 23.72 -91.99 3.26
CA THR F 804 23.13 -92.73 4.37
C THR F 804 23.86 -94.06 4.63
N LEU F 805 24.73 -94.43 3.70
CA LEU F 805 25.49 -95.68 3.83
C LEU F 805 26.81 -95.47 4.56
N PHE F 806 27.68 -94.66 3.97
CA PHE F 806 29.03 -94.45 4.49
C PHE F 806 29.07 -93.79 5.87
N ASP F 807 27.95 -93.24 6.31
CA ASP F 807 27.91 -92.52 7.59
C ASP F 807 27.65 -93.44 8.80
N ALA F 808 27.24 -94.68 8.53
CA ALA F 808 26.97 -95.62 9.60
C ALA F 808 28.27 -96.05 10.29
N ASP F 809 28.24 -96.16 11.61
CA ASP F 809 29.40 -96.57 12.39
C ASP F 809 29.95 -97.93 11.95
N ALA F 810 29.15 -98.98 12.17
CA ALA F 810 29.54 -100.33 11.81
C ALA F 810 29.94 -100.45 10.34
N ASP F 811 29.15 -99.84 9.47
CA ASP F 811 29.41 -99.91 8.03
C ASP F 811 30.64 -99.08 7.66
N GLY F 812 30.65 -97.81 8.06
CA GLY F 812 31.69 -96.89 7.68
C GLY F 812 33.08 -97.24 8.19
N GLU F 813 33.16 -97.68 9.44
CA GLU F 813 34.43 -98.04 10.05
C GLU F 813 35.07 -99.24 9.33
N ARG F 814 34.24 -100.18 8.89
CA ARG F 814 34.73 -101.31 8.11
C ARG F 814 35.26 -100.85 6.76
N LEU F 815 34.61 -99.85 6.19
CA LEU F 815 35.02 -99.28 4.91
C LEU F 815 36.34 -98.53 5.07
N LEU F 816 36.58 -98.01 6.27
CA LEU F 816 37.75 -97.18 6.52
C LEU F 816 39.05 -97.96 6.67
N GLU F 817 38.98 -99.10 7.34
CA GLU F 817 40.16 -99.91 7.60
C GLU F 817 40.71 -100.53 6.32
N ASP F 818 39.92 -100.47 5.25
CA ASP F 818 40.34 -100.96 3.94
C ASP F 818 40.32 -99.81 2.94
N PRO F 819 41.39 -99.01 2.92
CA PRO F 819 41.47 -97.77 2.12
C PRO F 819 41.33 -98.00 0.62
N GLU F 820 41.96 -99.04 0.09
CA GLU F 820 41.92 -99.30 -1.34
C GLU F 820 40.52 -99.70 -1.79
N ALA F 821 39.85 -100.54 -1.00
CA ALA F 821 38.50 -101.00 -1.32
C ALA F 821 37.49 -99.86 -1.19
N ALA F 822 37.75 -98.94 -0.27
CA ALA F 822 36.86 -97.81 -0.05
C ALA F 822 36.94 -96.81 -1.19
N ILE F 823 38.16 -96.50 -1.62
CA ILE F 823 38.39 -95.58 -2.74
C ILE F 823 37.69 -96.07 -4.00
N THR F 824 37.86 -97.36 -4.29
CA THR F 824 37.25 -97.97 -5.46
C THR F 824 35.73 -97.92 -5.37
N ALA F 825 35.19 -98.17 -4.18
CA ALA F 825 33.74 -98.19 -3.97
C ALA F 825 33.08 -96.85 -4.29
N LEU F 826 33.71 -95.76 -3.83
CA LEU F 826 33.17 -94.43 -4.06
C LEU F 826 33.27 -94.01 -5.52
N LEU F 827 34.45 -94.15 -6.09
CA LEU F 827 34.74 -93.60 -7.41
C LEU F 827 34.25 -94.52 -8.54
N GLN F 828 33.70 -95.67 -8.16
CA GLN F 828 32.98 -96.52 -9.10
C GLN F 828 31.60 -95.92 -9.30
N ARG F 829 31.02 -95.45 -8.20
CA ARG F 829 29.71 -94.80 -8.23
C ARG F 829 29.79 -93.48 -8.99
N TYR F 830 30.94 -92.82 -8.87
CA TYR F 830 31.18 -91.56 -9.58
C TYR F 830 32.42 -91.68 -10.46
N PRO F 831 32.27 -92.32 -11.63
CA PRO F 831 33.39 -92.58 -12.55
C PRO F 831 33.96 -91.30 -13.13
N ASP F 832 33.16 -90.23 -13.14
CA ASP F 832 33.59 -88.95 -13.68
C ASP F 832 34.71 -88.34 -12.84
N ALA F 833 34.85 -88.79 -11.60
CA ALA F 833 35.90 -88.29 -10.71
C ALA F 833 37.26 -88.63 -11.25
N GLU F 834 37.31 -89.62 -12.14
CA GLU F 834 38.58 -90.08 -12.70
C GLU F 834 39.08 -89.18 -13.83
N THR F 835 38.17 -88.54 -14.55
CA THR F 835 38.55 -87.72 -15.70
C THR F 835 38.62 -86.20 -15.50
N VAL F 836 38.25 -85.70 -14.33
CA VAL F 836 38.05 -84.25 -14.19
C VAL F 836 38.96 -83.60 -13.14
N VAL F 837 38.92 -82.27 -13.09
CA VAL F 837 39.69 -81.45 -12.16
C VAL F 837 39.03 -81.33 -10.80
N LEU F 838 39.83 -81.16 -9.76
CA LEU F 838 39.30 -80.79 -8.46
C LEU F 838 38.71 -79.40 -8.62
N HIS F 839 37.44 -79.24 -8.24
CA HIS F 839 36.72 -77.99 -8.42
C HIS F 839 37.46 -76.82 -7.75
N PRO F 840 37.52 -75.67 -8.42
CA PRO F 840 38.21 -74.47 -7.92
C PRO F 840 37.74 -74.06 -6.53
N ALA F 841 36.51 -74.43 -6.16
CA ALA F 841 36.01 -74.15 -4.82
C ALA F 841 36.33 -75.28 -3.85
N ASP F 842 36.76 -76.42 -4.38
CA ASP F 842 37.14 -77.54 -3.53
C ASP F 842 38.60 -77.45 -3.10
N VAL F 843 39.38 -76.63 -3.79
CA VAL F 843 40.77 -76.38 -3.41
C VAL F 843 40.91 -75.61 -2.09
N PRO F 844 40.15 -74.51 -1.91
CA PRO F 844 40.25 -73.82 -0.61
C PRO F 844 39.75 -74.69 0.53
N PHE F 845 38.77 -75.56 0.26
CA PHE F 845 38.22 -76.44 1.27
C PHE F 845 39.27 -77.40 1.83
N PHE F 846 40.04 -78.00 0.93
CA PHE F 846 41.09 -78.93 1.35
C PHE F 846 42.19 -78.23 2.14
N VAL F 847 42.62 -77.06 1.66
CA VAL F 847 43.63 -76.27 2.34
C VAL F 847 43.09 -75.80 3.70
N GLU F 848 41.78 -75.56 3.76
CA GLU F 848 41.13 -75.18 5.01
C GLU F 848 41.14 -76.34 6.00
N LEU F 849 40.93 -77.55 5.50
CA LEU F 849 40.91 -78.74 6.33
C LEU F 849 42.28 -79.06 6.90
N CYS F 850 43.33 -78.71 6.14
CA CYS F 850 44.70 -78.92 6.59
C CYS F 850 45.01 -78.05 7.81
N LYS F 851 44.35 -76.91 7.90
CA LYS F 851 44.57 -75.98 9.00
C LYS F 851 43.83 -76.37 10.28
N THR F 852 42.70 -77.04 10.12
CA THR F 852 41.89 -77.47 11.26
C THR F 852 42.15 -78.92 11.67
N LEU F 853 43.04 -79.59 10.95
CA LEU F 853 43.32 -81.00 11.20
C LEU F 853 43.89 -81.22 12.60
N GLY F 854 43.46 -82.31 13.24
CA GLY F 854 43.89 -82.62 14.60
C GLY F 854 45.39 -82.77 14.72
N LYS F 855 45.97 -83.68 13.94
CA LYS F 855 47.42 -83.79 13.86
C LYS F 855 47.87 -83.14 12.56
N PRO F 856 48.82 -82.19 12.65
CA PRO F 856 49.29 -81.39 11.52
C PRO F 856 49.66 -82.22 10.29
N VAL F 857 49.29 -81.71 9.12
CA VAL F 857 49.45 -82.43 7.85
C VAL F 857 50.91 -82.80 7.56
N ASN F 858 51.10 -84.00 7.01
CA ASN F 858 52.43 -84.56 6.80
C ASN F 858 53.17 -83.97 5.59
N PHE F 859 52.48 -83.14 4.83
CA PHE F 859 53.02 -82.58 3.59
C PHE F 859 52.87 -81.06 3.52
N VAL F 860 53.22 -80.49 2.38
CA VAL F 860 52.96 -79.07 2.12
C VAL F 860 51.94 -78.93 1.00
N PRO F 861 50.70 -78.54 1.36
CA PRO F 861 49.59 -78.41 0.40
C PRO F 861 49.72 -77.22 -0.55
N VAL F 862 50.35 -76.14 -0.10
CA VAL F 862 50.41 -74.90 -0.88
C VAL F 862 51.71 -74.12 -0.64
N ILE F 863 52.25 -73.53 -1.70
CA ILE F 863 53.36 -72.59 -1.57
C ILE F 863 52.82 -71.17 -1.48
N ASP F 864 52.96 -70.56 -0.30
CA ASP F 864 52.44 -69.22 -0.05
C ASP F 864 53.17 -68.55 1.10
N LYS F 865 52.62 -67.43 1.58
CA LYS F 865 53.22 -66.66 2.66
C LYS F 865 53.43 -67.48 3.94
N ASP F 866 52.58 -68.48 4.15
CA ASP F 866 52.62 -69.29 5.36
C ASP F 866 53.51 -70.53 5.25
N VAL F 867 54.22 -70.64 4.13
CA VAL F 867 55.04 -71.83 3.84
C VAL F 867 56.01 -72.20 4.97
N ARG F 868 56.47 -71.20 5.72
CA ARG F 868 57.35 -71.45 6.86
C ARG F 868 56.58 -72.18 7.96
N ARG F 869 55.33 -71.80 8.16
CA ARG F 869 54.48 -72.44 9.15
C ARG F 869 54.07 -73.85 8.72
N TRP F 870 54.01 -74.07 7.41
CA TRP F 870 53.70 -75.39 6.88
C TRP F 870 54.89 -76.31 6.99
N TRP F 871 56.08 -75.75 6.86
CA TRP F 871 57.32 -76.52 6.88
C TRP F 871 57.73 -76.97 8.28
N ARG F 872 57.72 -76.03 9.23
CA ARG F 872 58.31 -76.26 10.55
C ARG F 872 57.34 -76.86 11.57
N SER F 873 56.06 -76.90 11.24
CA SER F 873 55.05 -77.34 12.20
C SER F 873 55.10 -78.84 12.48
N ASP F 874 55.14 -79.18 13.76
CA ASP F 874 55.08 -80.57 14.22
C ASP F 874 56.14 -81.45 13.56
N SER F 875 57.38 -81.00 13.63
CA SER F 875 58.49 -81.70 12.99
C SER F 875 59.29 -82.61 13.93
N LEU F 876 58.86 -82.71 15.18
CA LEU F 876 59.64 -83.44 16.19
C LEU F 876 59.32 -84.92 16.34
N TRP F 877 58.22 -85.38 15.75
CA TRP F 877 57.73 -86.74 16.00
C TRP F 877 58.25 -87.82 15.05
N GLN F 878 58.89 -87.41 13.96
CA GLN F 878 59.31 -88.38 12.94
C GLN F 878 60.57 -89.15 13.34
N ALA F 879 61.24 -88.68 14.38
CA ALA F 879 62.46 -89.33 14.85
C ALA F 879 62.15 -90.64 15.59
N HIS F 880 60.89 -90.80 15.97
CA HIS F 880 60.48 -91.96 16.77
C HIS F 880 59.47 -92.83 16.03
N ASP F 881 59.82 -94.11 15.88
CA ASP F 881 58.95 -95.11 15.24
C ASP F 881 58.50 -94.73 13.83
N ALA F 882 59.46 -94.43 12.96
CA ALA F 882 59.17 -94.11 11.57
C ALA F 882 60.10 -94.85 10.62
N ARG F 883 59.52 -95.46 9.59
CA ARG F 883 60.29 -96.24 8.61
C ARG F 883 60.94 -95.36 7.54
N TYR F 884 60.53 -94.10 7.49
CA TYR F 884 60.99 -93.19 6.45
C TYR F 884 62.47 -92.87 6.54
N GLU F 885 63.03 -92.39 5.43
CA GLU F 885 64.41 -91.92 5.39
C GLU F 885 64.60 -90.87 6.47
N ALA F 886 65.59 -91.09 7.33
CA ALA F 886 65.79 -90.25 8.50
C ALA F 886 66.63 -89.02 8.19
N ASP F 887 67.00 -88.86 6.91
CA ASP F 887 67.76 -87.69 6.47
C ASP F 887 66.84 -86.57 6.01
N GLN F 888 65.54 -86.80 6.06
CA GLN F 888 64.56 -85.77 5.73
C GLN F 888 63.98 -85.10 6.98
N VAL F 889 64.38 -85.59 8.14
CA VAL F 889 63.70 -85.26 9.39
C VAL F 889 64.45 -84.24 10.23
N CYS F 890 63.71 -83.35 10.90
CA CYS F 890 64.32 -82.50 11.90
C CYS F 890 64.50 -83.33 13.15
N VAL F 891 65.74 -83.51 13.55
CA VAL F 891 66.06 -84.25 14.77
C VAL F 891 66.93 -83.31 15.61
N ILE F 892 66.70 -83.31 16.92
CA ILE F 892 67.29 -82.29 17.76
C ILE F 892 68.34 -82.81 18.74
N PRO F 893 69.63 -82.58 18.42
CA PRO F 893 70.75 -82.59 19.37
C PRO F 893 71.15 -81.19 19.84
N GLY F 894 72.19 -81.13 20.68
CA GLY F 894 72.90 -79.89 20.95
C GLY F 894 74.24 -79.95 20.22
N THR F 895 74.96 -78.84 20.16
CA THR F 895 76.23 -78.83 19.45
C THR F 895 77.37 -79.57 20.16
N ALA F 896 77.65 -79.19 21.39
CA ALA F 896 78.80 -79.73 22.12
C ALA F 896 78.52 -81.08 22.77
N ALA F 897 77.26 -81.34 23.10
CA ALA F 897 76.88 -82.59 23.75
C ALA F 897 77.01 -83.77 22.80
N VAL F 898 76.99 -83.49 21.50
CA VAL F 898 77.08 -84.52 20.48
C VAL F 898 78.38 -85.32 20.56
N ALA F 899 79.48 -84.64 20.93
CA ALA F 899 80.77 -85.29 21.09
C ALA F 899 80.71 -86.41 22.10
N GLY F 900 79.92 -86.20 23.15
CA GLY F 900 79.74 -87.19 24.20
C GLY F 900 78.79 -88.30 23.79
N ILE F 901 78.23 -88.19 22.59
CA ILE F 901 77.30 -89.21 22.09
C ILE F 901 78.00 -90.09 21.06
N THR F 902 78.28 -91.32 21.46
CA THR F 902 78.92 -92.30 20.57
C THR F 902 78.17 -93.62 20.60
N ARG F 903 78.14 -94.25 21.77
CA ARG F 903 77.49 -95.54 21.94
C ARG F 903 75.99 -95.50 21.58
N VAL F 904 75.57 -96.43 20.74
CA VAL F 904 74.19 -96.48 20.25
C VAL F 904 73.37 -97.56 20.97
N ASP F 905 72.12 -97.25 21.26
CA ASP F 905 71.21 -98.18 21.95
C ASP F 905 71.75 -98.63 23.30
N GLU F 906 72.47 -97.73 23.96
CA GLU F 906 72.97 -97.97 25.30
C GLU F 906 71.90 -97.60 26.32
N PRO F 907 71.47 -98.57 27.13
CA PRO F 907 70.36 -98.39 28.09
C PRO F 907 70.51 -97.15 28.97
N VAL F 908 69.39 -96.49 29.26
CA VAL F 908 69.37 -95.29 30.10
C VAL F 908 70.05 -95.54 31.43
N GLY F 909 69.77 -96.69 32.04
CA GLY F 909 70.35 -97.05 33.32
C GLY F 909 71.87 -97.11 33.29
N GLU F 910 72.42 -97.47 32.13
CA GLU F 910 73.87 -97.55 31.98
C GLU F 910 74.50 -96.17 31.89
N LEU F 911 73.92 -95.31 31.06
CA LEU F 911 74.44 -93.95 30.85
C LEU F 911 74.42 -93.12 32.14
N LEU F 912 73.28 -93.14 32.83
CA LEU F 912 73.12 -92.35 34.05
C LEU F 912 74.00 -92.87 35.18
N ASP F 913 74.16 -94.19 35.26
CA ASP F 913 75.05 -94.79 36.25
C ASP F 913 76.51 -94.51 35.89
N ARG F 914 76.82 -94.57 34.61
CA ARG F 914 78.17 -94.26 34.12
C ARG F 914 78.61 -92.89 34.60
N PHE F 915 77.67 -91.96 34.64
CA PHE F 915 77.93 -90.63 35.17
C PHE F 915 78.22 -90.70 36.66
N GLU F 916 77.32 -91.35 37.40
CA GLU F 916 77.44 -91.41 38.85
C GLU F 916 78.63 -92.25 39.31
N GLN F 917 78.84 -93.40 38.67
CA GLN F 917 79.90 -94.32 39.09
C GLN F 917 81.30 -93.75 38.91
N ALA F 918 81.54 -93.05 37.81
CA ALA F 918 82.84 -92.47 37.53
C ALA F 918 83.04 -91.16 38.29
N ALA F 919 81.94 -90.54 38.67
CA ALA F 919 82.01 -89.34 39.51
C ALA F 919 82.37 -89.74 40.93
N VAL F 920 81.87 -90.91 41.35
CA VAL F 920 82.19 -91.45 42.66
C VAL F 920 83.67 -91.80 42.76
N ASP F 921 84.18 -92.51 41.75
CA ASP F 921 85.57 -92.94 41.71
C ASP F 921 86.55 -91.77 41.78
N GLU F 922 86.26 -90.72 41.01
CA GLU F 922 87.12 -89.53 40.99
C GLU F 922 87.11 -88.84 42.35
N VAL F 923 85.93 -88.78 42.97
CA VAL F 923 85.79 -88.19 44.29
C VAL F 923 86.41 -89.10 45.35
N LEU F 924 86.23 -90.40 45.20
CA LEU F 924 86.80 -91.38 46.12
C LEU F 924 88.33 -91.32 46.16
N GLY F 925 88.95 -91.49 44.99
CA GLY F 925 90.39 -91.61 44.88
C GLY F 925 91.22 -90.53 45.54
N ALA F 926 90.89 -89.27 45.27
CA ALA F 926 91.69 -88.15 45.75
C ALA F 926 91.37 -87.76 47.20
N GLY F 927 90.21 -87.15 47.41
CA GLY F 927 89.82 -86.66 48.71
C GLY F 927 89.47 -87.74 49.72
N ALA F 928 88.60 -88.65 49.30
CA ALA F 928 88.09 -89.69 50.18
C ALA F 928 89.11 -90.80 50.44
N GLU F 929 89.72 -91.29 49.37
CA GLU F 929 90.71 -92.37 49.42
C GLU F 929 90.16 -93.62 50.12
N PRO F 930 89.23 -94.29 49.44
CA PRO F 930 88.50 -95.42 50.01
C PRO F 930 87.79 -94.99 51.29
N VAL F 931 86.80 -94.13 51.14
CA VAL F 931 86.12 -93.51 52.27
C VAL F 931 85.33 -94.51 53.09
N GLU F 932 85.02 -94.13 54.33
CA GLU F 932 84.15 -94.91 55.18
C GLU F 932 82.77 -95.00 54.56
N VAL F 933 82.38 -93.96 53.82
CA VAL F 933 81.08 -93.92 53.17
C VAL F 933 80.97 -94.93 52.03
N LEU F 934 82.06 -95.12 51.30
CA LEU F 934 82.08 -96.08 50.19
C LEU F 934 82.17 -97.50 50.71
N SER F 935 82.94 -97.69 51.77
CA SER F 935 83.11 -99.02 52.37
C SER F 935 81.84 -99.45 53.08
N ARG F 936 81.17 -98.49 53.72
CA ARG F 936 79.93 -98.76 54.45
C ARG F 936 78.83 -99.24 53.50
N ARG F 937 78.91 -98.80 52.25
CA ARG F 937 77.91 -99.12 51.24
C ARG F 937 77.95 -100.59 50.80
N GLN F 938 79.14 -101.05 50.41
CA GLN F 938 79.31 -102.44 50.01
C GLN F 938 79.07 -103.39 51.19
N ALA F 939 79.26 -102.86 52.38
CA ALA F 939 79.00 -103.61 53.62
C ALA F 939 77.62 -103.31 54.22
N ARG F 940 76.85 -102.47 53.54
CA ARG F 940 75.51 -102.07 53.99
C ARG F 940 75.48 -101.35 55.34
N ARG F 941 76.01 -100.13 55.39
CA ARG F 941 75.84 -99.25 56.53
C ARG F 941 75.28 -97.91 56.03
N ASP F 942 74.68 -97.13 56.91
CA ASP F 942 73.78 -96.06 56.47
C ASP F 942 74.01 -94.66 57.06
N ALA F 943 73.36 -93.69 56.42
CA ALA F 943 73.15 -92.37 57.01
C ALA F 943 71.64 -92.20 57.15
N SER F 944 71.21 -91.38 58.10
CA SER F 944 69.79 -91.17 58.36
C SER F 944 69.05 -92.46 58.71
N GLY F 945 69.26 -92.97 59.92
CA GLY F 945 68.59 -94.18 60.36
C GLY F 945 67.11 -93.95 60.61
N PRO F 946 66.45 -94.91 61.28
CA PRO F 946 64.99 -94.88 61.47
C PRO F 946 64.48 -93.58 62.09
N LEU F 947 65.17 -93.08 63.10
CA LEU F 947 64.76 -91.86 63.78
C LEU F 947 64.82 -90.64 62.85
N ALA F 948 65.86 -90.59 62.03
CA ALA F 948 66.06 -89.48 61.10
C ALA F 948 65.08 -89.52 59.94
N VAL F 949 64.91 -90.71 59.37
CA VAL F 949 64.00 -90.92 58.23
C VAL F 949 62.60 -90.39 58.51
N VAL F 950 62.12 -90.60 59.73
CA VAL F 950 60.82 -90.10 60.15
C VAL F 950 60.77 -88.57 60.08
N LEU F 951 61.88 -87.93 60.44
CA LEU F 951 61.95 -86.47 60.47
C LEU F 951 62.46 -85.87 59.17
N ASP F 952 62.87 -86.73 58.23
CA ASP F 952 63.46 -86.27 56.98
C ASP F 952 62.45 -86.23 55.83
N ALA F 953 62.05 -87.40 55.36
CA ALA F 953 61.17 -87.49 54.19
C ALA F 953 59.80 -86.86 54.44
N PRO F 954 59.47 -85.84 53.63
CA PRO F 954 58.19 -85.12 53.71
C PRO F 954 57.00 -85.98 53.24
N ASP F 955 57.26 -87.01 52.44
CA ASP F 955 56.21 -87.86 51.88
C ASP F 955 55.98 -89.15 52.68
N VAL F 956 54.73 -89.41 53.06
CA VAL F 956 54.35 -90.64 53.77
C VAL F 956 53.42 -91.45 52.87
N LEU F 957 53.88 -92.64 52.48
CA LEU F 957 53.11 -93.45 51.54
C LEU F 957 52.10 -94.35 52.25
N TRP F 958 50.87 -94.36 51.74
CA TRP F 958 49.88 -95.34 52.16
C TRP F 958 49.33 -96.04 50.93
N ALA F 959 49.60 -97.34 50.84
CA ALA F 959 49.40 -98.12 49.62
C ALA F 959 50.17 -97.50 48.46
N GLY F 960 49.46 -97.05 47.44
CA GLY F 960 50.09 -96.40 46.31
C GLY F 960 49.92 -94.90 46.31
N ARG F 961 49.34 -94.38 47.39
CA ARG F 961 49.08 -92.94 47.52
C ARG F 961 50.18 -92.24 48.31
N MET F 962 50.48 -91.01 47.94
CA MET F 962 51.49 -90.21 48.64
C MET F 962 50.86 -89.15 49.56
N SER F 963 51.31 -89.12 50.80
CA SER F 963 50.82 -88.13 51.77
C SER F 963 51.96 -87.35 52.40
N VAL F 964 51.64 -86.16 52.88
CA VAL F 964 52.60 -85.33 53.61
C VAL F 964 52.91 -85.95 54.96
N ASN F 965 54.14 -85.74 55.44
CA ASN F 965 54.57 -86.22 56.75
C ASN F 965 53.81 -85.52 57.88
N PRO F 966 53.07 -86.30 58.70
CA PRO F 966 52.29 -85.73 59.80
C PRO F 966 53.19 -85.17 60.90
N VAL F 967 54.41 -85.71 60.99
CA VAL F 967 55.38 -85.26 61.97
C VAL F 967 55.73 -83.79 61.77
N HIS F 968 55.72 -83.34 60.52
CA HIS F 968 55.92 -81.93 60.22
C HIS F 968 54.90 -81.10 60.98
N ARG F 969 53.66 -81.58 61.00
CA ARG F 969 52.60 -80.93 61.77
C ARG F 969 52.50 -81.49 63.19
N ILE F 970 53.17 -82.61 63.43
CA ILE F 970 53.27 -83.16 64.78
C ILE F 970 54.40 -82.54 65.60
N ALA F 971 55.56 -82.33 64.99
CA ALA F 971 56.75 -81.84 65.71
C ALA F 971 56.53 -80.50 66.41
N ALA F 972 56.47 -79.43 65.63
CA ALA F 972 56.31 -78.09 66.17
C ALA F 972 54.96 -77.75 66.81
N PRO F 973 53.84 -78.00 66.10
CA PRO F 973 52.54 -77.60 66.66
C PRO F 973 52.14 -78.33 67.94
N THR F 974 52.82 -79.44 68.26
CA THR F 974 52.55 -80.16 69.50
C THR F 974 52.83 -79.29 70.72
N GLU F 975 51.91 -79.29 71.67
CA GLU F 975 52.09 -78.52 72.90
C GLU F 975 53.17 -79.19 73.75
N TRP F 976 53.03 -80.50 73.97
CA TRP F 976 54.08 -81.26 74.63
C TRP F 976 54.66 -82.32 73.69
N GLN F 977 55.90 -82.11 73.27
CA GLN F 977 56.59 -83.07 72.40
C GLN F 977 57.72 -83.74 73.15
N VAL F 978 57.86 -85.04 72.97
CA VAL F 978 58.87 -85.81 73.71
C VAL F 978 59.68 -86.73 72.82
N ARG F 979 61.00 -86.62 72.92
CA ARG F 979 61.90 -87.55 72.26
C ARG F 979 62.56 -88.43 73.32
N GLU F 980 62.18 -89.71 73.34
CA GLU F 980 62.64 -90.63 74.37
C GLU F 980 63.90 -91.36 73.95
N GLY F 981 64.91 -91.35 74.83
CA GLY F 981 66.17 -92.03 74.61
C GLY F 981 66.82 -91.63 73.28
N SER F 982 67.28 -90.38 73.21
CA SER F 982 67.85 -89.81 71.99
C SER F 982 69.03 -90.59 71.43
N ASP F 983 70.14 -90.60 72.16
CA ASP F 983 71.38 -91.18 71.68
C ASP F 983 71.31 -92.69 71.40
N ASN F 984 70.36 -93.36 72.02
CA ASN F 984 70.14 -94.78 71.78
C ASN F 984 69.10 -95.00 70.69
N ARG F 985 69.53 -95.58 69.58
CA ARG F 985 68.69 -95.70 68.38
C ARG F 985 67.54 -96.69 68.52
N SER F 986 67.84 -97.88 69.04
CA SER F 986 66.85 -98.94 69.11
C SER F 986 65.65 -98.57 69.98
N ALA F 987 65.90 -97.86 71.07
CA ALA F 987 64.86 -97.49 72.01
C ALA F 987 64.28 -96.10 71.73
N SER F 988 64.72 -95.47 70.65
CA SER F 988 64.30 -94.10 70.33
C SER F 988 62.79 -93.98 70.14
N HIS F 989 62.19 -92.99 70.79
CA HIS F 989 60.75 -92.76 70.69
C HIS F 989 60.42 -91.27 70.63
N PRO F 990 59.57 -90.89 69.66
CA PRO F 990 59.15 -89.50 69.52
C PRO F 990 57.63 -89.35 69.68
N SER F 991 57.20 -88.73 70.77
CA SER F 991 55.78 -88.63 71.08
C SER F 991 55.30 -87.17 71.19
N THR F 992 53.98 -86.98 71.11
CA THR F 992 53.41 -85.64 71.10
C THR F 992 52.10 -85.52 71.88
N GLY F 993 51.69 -84.28 72.18
CA GLY F 993 50.45 -84.03 72.90
C GLY F 993 49.23 -84.18 71.99
N ALA F 994 49.49 -84.31 70.69
CA ALA F 994 48.44 -84.59 69.72
C ALA F 994 48.06 -86.06 69.83
N ARG F 995 48.80 -86.75 70.70
CA ARG F 995 48.77 -88.20 70.84
C ARG F 995 49.22 -88.87 69.54
N LEU F 996 50.49 -88.69 69.20
CA LEU F 996 51.13 -89.43 68.12
C LEU F 996 52.54 -89.82 68.54
N GLU F 997 52.84 -91.10 68.51
CA GLU F 997 54.15 -91.57 68.96
C GLU F 997 54.83 -92.48 67.93
N VAL F 998 56.14 -92.36 67.81
CA VAL F 998 56.89 -93.14 66.81
C VAL F 998 58.02 -93.96 67.43
N ALA F 999 58.12 -95.22 67.03
CA ALA F 999 59.14 -96.12 67.52
C ALA F 999 59.47 -97.17 66.47
N ASP F 1000 60.59 -97.85 66.63
CA ASP F 1000 60.98 -98.89 65.67
C ASP F 1000 60.68 -100.29 66.18
N ASP F 1001 60.19 -101.15 65.28
CA ASP F 1001 59.89 -102.53 65.64
C ASP F 1001 60.29 -103.46 64.50
N GLN F 1002 60.78 -104.65 64.84
CA GLN F 1002 61.20 -105.63 63.85
C GLN F 1002 62.20 -105.05 62.84
N HIS F 1003 63.28 -104.47 63.36
CA HIS F 1003 64.30 -103.81 62.54
C HIS F 1003 63.74 -102.67 61.69
N VAL F 1004 63.82 -102.84 60.37
CA VAL F 1004 63.53 -101.78 59.41
C VAL F 1004 62.14 -101.15 59.52
N VAL F 1005 61.21 -101.86 60.16
CA VAL F 1005 59.85 -101.36 60.28
C VAL F 1005 59.74 -100.25 61.33
N LEU F 1006 59.25 -99.08 60.91
CA LEU F 1006 59.05 -97.96 61.82
C LEU F 1006 57.59 -97.80 62.23
N SER F 1007 57.33 -97.79 63.53
CA SER F 1007 55.95 -97.79 64.02
C SER F 1007 55.49 -96.45 64.59
N VAL F 1008 54.56 -95.82 63.87
CA VAL F 1008 53.98 -94.55 64.31
C VAL F 1008 52.61 -94.80 64.95
N PRO F 1009 52.47 -94.43 66.21
CA PRO F 1009 51.25 -94.71 66.95
C PRO F 1009 50.53 -93.45 67.39
N LEU F 1010 49.37 -93.21 66.79
CA LEU F 1010 48.57 -92.04 67.11
C LEU F 1010 47.31 -92.49 67.84
N SER F 1011 46.77 -91.65 68.71
CA SER F 1011 45.62 -92.07 69.52
C SER F 1011 44.59 -90.96 69.73
N GLY F 1012 43.33 -91.34 69.77
CA GLY F 1012 42.24 -90.41 70.09
C GLY F 1012 41.56 -90.87 71.36
N THR F 1013 41.58 -90.01 72.38
CA THR F 1013 41.14 -90.39 73.73
C THR F 1013 41.91 -91.61 74.23
N TRP F 1014 41.20 -92.69 74.49
CA TRP F 1014 41.82 -93.89 75.06
C TRP F 1014 42.20 -94.97 74.02
N ILE F 1015 41.91 -94.71 72.75
CA ILE F 1015 42.15 -95.71 71.70
C ILE F 1015 43.31 -95.32 70.77
N GLU F 1016 44.18 -96.29 70.44
CA GLU F 1016 45.39 -96.02 69.66
C GLU F 1016 45.35 -96.46 68.19
N ILE F 1017 46.05 -95.73 67.33
CA ILE F 1017 46.16 -96.07 65.90
C ILE F 1017 47.63 -96.27 65.52
N ARG F 1018 47.96 -97.43 64.99
CA ARG F 1018 49.36 -97.72 64.65
C ARG F 1018 49.59 -97.83 63.14
N PHE F 1019 50.81 -97.49 62.72
CA PHE F 1019 51.21 -97.59 61.31
C PHE F 1019 52.63 -98.13 61.17
N THR F 1020 52.98 -98.59 59.97
CA THR F 1020 54.27 -99.25 59.75
C THR F 1020 54.91 -98.86 58.41
N LEU F 1021 56.23 -98.70 58.40
CA LEU F 1021 56.96 -98.31 57.20
C LEU F 1021 58.04 -99.34 56.84
N THR F 1022 58.51 -99.29 55.59
CA THR F 1022 59.58 -100.18 55.14
C THR F 1022 60.52 -99.47 54.15
N ASP F 1023 61.84 -99.59 54.37
CA ASP F 1023 62.77 -98.82 53.57
C ASP F 1023 63.74 -99.64 52.70
N VAL F 1024 63.59 -99.47 51.38
CA VAL F 1024 64.54 -100.04 50.42
C VAL F 1024 65.22 -98.91 49.66
N VAL F 1025 66.51 -98.72 49.91
CA VAL F 1025 67.21 -97.55 49.37
C VAL F 1025 67.93 -97.82 48.05
N ARG F 1026 67.74 -99.01 47.49
CA ARG F 1026 68.23 -99.30 46.14
C ARG F 1026 67.60 -98.29 45.17
N SER F 1027 66.34 -97.99 45.40
CA SER F 1027 65.67 -96.91 44.67
C SER F 1027 65.74 -95.63 45.50
N GLY F 1028 66.50 -94.67 45.02
CA GLY F 1028 66.72 -93.43 45.75
C GLY F 1028 65.51 -92.53 45.75
N GLY F 1029 64.75 -92.55 44.65
CA GLY F 1029 63.54 -91.76 44.54
C GLY F 1029 62.42 -92.36 45.35
N ALA F 1030 62.60 -93.62 45.73
CA ALA F 1030 61.63 -94.30 46.58
C ALA F 1030 62.30 -94.88 47.81
N PRO F 1031 62.86 -94.02 48.68
CA PRO F 1031 63.53 -94.54 49.87
C PRO F 1031 62.54 -95.17 50.82
N ILE F 1032 61.31 -94.66 50.79
CA ILE F 1032 60.26 -95.14 51.68
C ILE F 1032 59.10 -95.75 50.89
N VAL F 1033 58.79 -97.00 51.21
CA VAL F 1033 57.59 -97.66 50.71
C VAL F 1033 56.89 -98.31 51.90
N GLU F 1034 55.62 -97.99 52.09
CA GLU F 1034 54.96 -98.37 53.34
C GLU F 1034 53.88 -99.44 53.18
N VAL F 1035 53.66 -100.17 54.27
CA VAL F 1035 52.97 -101.46 54.27
C VAL F 1035 51.61 -101.50 53.58
N ASP F 1036 51.42 -102.53 52.77
CA ASP F 1036 50.20 -102.70 51.99
C ASP F 1036 49.00 -103.10 52.86
N ASP F 1037 49.27 -103.38 54.13
CA ASP F 1037 48.22 -103.81 55.06
C ASP F 1037 47.49 -102.61 55.64
N ALA F 1038 47.89 -101.41 55.22
CA ALA F 1038 47.34 -100.16 55.74
C ALA F 1038 45.82 -100.11 55.74
N ALA F 1039 45.22 -100.41 54.59
CA ALA F 1039 43.76 -100.38 54.43
C ALA F 1039 43.06 -101.27 55.46
N THR F 1040 43.54 -102.50 55.60
CA THR F 1040 42.98 -103.43 56.56
C THR F 1040 43.33 -103.00 57.98
N ALA F 1041 44.50 -102.40 58.14
CA ALA F 1041 44.95 -101.92 59.45
C ALA F 1041 44.13 -100.72 59.91
N MET F 1042 43.78 -99.85 58.97
CA MET F 1042 42.95 -98.69 59.29
C MET F 1042 41.56 -99.12 59.73
N ARG F 1043 41.04 -100.18 59.10
CA ARG F 1043 39.70 -100.68 59.40
C ARG F 1043 39.57 -101.17 60.83
N ALA F 1044 40.53 -101.97 61.27
CA ALA F 1044 40.52 -102.51 62.62
C ALA F 1044 40.53 -101.40 63.67
N VAL F 1045 41.17 -100.28 63.35
CA VAL F 1045 41.22 -99.14 64.25
C VAL F 1045 39.84 -98.48 64.35
N LEU F 1046 39.22 -98.25 63.20
CA LEU F 1046 37.92 -97.60 63.16
C LEU F 1046 36.85 -98.50 63.78
N ALA F 1047 36.99 -99.80 63.59
CA ALA F 1047 36.02 -100.77 64.09
C ALA F 1047 35.95 -100.76 65.61
N ILE F 1048 37.09 -100.62 66.26
CA ILE F 1048 37.16 -100.57 67.71
C ILE F 1048 36.47 -99.31 68.24
N ALA F 1049 36.78 -98.17 67.64
CA ALA F 1049 36.22 -96.89 68.07
C ALA F 1049 34.74 -96.75 67.74
N ALA F 1050 34.39 -96.97 66.47
CA ALA F 1050 33.02 -96.77 65.99
C ALA F 1050 31.98 -97.61 66.73
N GLY F 1051 31.99 -98.91 66.47
CA GLY F 1051 30.97 -99.79 67.03
C GLY F 1051 31.28 -100.32 68.42
N VAL F 1052 32.58 -100.47 68.72
CA VAL F 1052 33.04 -101.06 69.98
C VAL F 1052 32.39 -102.43 70.19
N GLU F 1053 32.03 -103.07 69.07
CA GLU F 1053 31.29 -104.32 69.05
C GLU F 1053 29.95 -104.18 69.79
N GLY F 1054 29.49 -102.94 69.97
CA GLY F 1054 28.25 -102.71 70.70
C GLY F 1054 27.02 -103.16 69.95
N PRO F 1055 26.73 -102.50 68.81
CA PRO F 1055 25.77 -103.05 67.85
C PRO F 1055 26.39 -104.21 67.10
N GLU F 1056 25.71 -105.34 66.97
CA GLU F 1056 26.24 -106.39 66.11
C GLU F 1056 25.23 -107.10 65.23
N ASN F 1057 25.42 -106.96 63.93
CA ASN F 1057 24.81 -107.79 62.92
C ASN F 1057 25.94 -108.00 61.93
N LEU F 1058 25.95 -109.11 61.20
CA LEU F 1058 27.10 -109.38 60.34
C LEU F 1058 26.75 -109.55 58.86
N PRO F 1059 26.21 -108.49 58.24
CA PRO F 1059 25.94 -108.55 56.80
C PRO F 1059 27.17 -108.27 55.95
N LYS F 1060 27.20 -108.83 54.75
CA LYS F 1060 28.05 -108.31 53.69
C LYS F 1060 27.32 -107.08 53.15
N VAL F 1061 28.02 -106.20 52.44
CA VAL F 1061 27.45 -104.93 52.00
C VAL F 1061 26.07 -105.05 51.34
N VAL F 1062 25.89 -106.10 50.56
CA VAL F 1062 24.61 -106.35 49.88
C VAL F 1062 23.57 -106.79 50.90
N ASP F 1063 23.99 -107.59 51.87
CA ASP F 1063 23.11 -108.08 52.91
C ASP F 1063 22.61 -106.93 53.78
N ASN F 1064 21.35 -107.02 54.21
CA ASN F 1064 20.72 -105.96 54.99
C ASN F 1064 21.38 -105.69 56.32
N THR F 1065 21.49 -104.41 56.66
CA THR F 1065 22.01 -103.98 57.95
C THR F 1065 20.84 -103.60 58.87
N ALA F 1066 20.69 -104.31 59.97
CA ALA F 1066 19.52 -104.12 60.83
C ALA F 1066 19.81 -103.32 62.08
N THR F 1067 18.92 -102.37 62.38
CA THR F 1067 18.98 -101.61 63.62
C THR F 1067 17.93 -102.18 64.57
N VAL F 1068 18.40 -102.77 65.67
CA VAL F 1068 17.55 -103.61 66.53
C VAL F 1068 16.28 -102.91 67.03
N THR F 1069 16.42 -101.99 67.98
CA THR F 1069 15.25 -101.33 68.56
C THR F 1069 15.56 -99.90 69.02
N VAL F 1070 14.62 -98.98 68.77
CA VAL F 1070 14.85 -97.55 69.05
C VAL F 1070 13.65 -96.84 69.68
N ASP F 1071 13.91 -96.17 70.81
CA ASP F 1071 12.87 -95.49 71.56
C ASP F 1071 13.16 -93.99 71.73
N TRP F 1072 12.14 -93.17 71.50
CA TRP F 1072 12.26 -91.73 71.47
C TRP F 1072 11.73 -91.10 72.75
N ASP F 1073 12.63 -90.58 73.58
CA ASP F 1073 12.26 -89.93 74.83
C ASP F 1073 11.91 -88.47 74.58
N PRO F 1074 11.05 -87.88 75.42
CA PRO F 1074 10.69 -86.47 75.26
C PRO F 1074 11.89 -85.53 75.38
N GLU F 1075 12.93 -85.98 76.08
CA GLU F 1075 14.14 -85.17 76.27
C GLU F 1075 15.04 -85.23 75.05
N ARG F 1076 14.89 -86.27 74.24
CA ARG F 1076 15.60 -86.35 72.98
C ARG F 1076 14.93 -85.45 71.95
N VAL F 1077 13.65 -85.16 72.18
CA VAL F 1077 12.92 -84.21 71.36
C VAL F 1077 13.44 -82.82 71.63
N ALA F 1078 13.56 -82.50 72.92
CA ALA F 1078 13.98 -81.18 73.36
C ALA F 1078 15.41 -80.85 72.92
N ASP F 1079 16.34 -81.76 73.20
CA ASP F 1079 17.75 -81.55 72.88
C ASP F 1079 17.98 -81.19 71.41
N HIS F 1080 17.31 -81.92 70.52
CA HIS F 1080 17.46 -81.66 69.09
C HIS F 1080 16.81 -80.33 68.69
N THR F 1081 15.61 -80.09 69.18
CA THR F 1081 14.89 -78.85 68.89
C THR F 1081 15.58 -77.66 69.54
N GLY F 1082 16.34 -77.93 70.59
CA GLY F 1082 17.11 -76.88 71.27
C GLY F 1082 18.48 -76.68 70.64
N VAL F 1083 19.01 -77.73 70.04
CA VAL F 1083 20.31 -77.67 69.37
C VAL F 1083 20.21 -76.75 68.17
N THR F 1084 19.10 -76.84 67.44
CA THR F 1084 18.81 -75.93 66.34
C THR F 1084 17.54 -75.15 66.62
N ALA F 1085 17.68 -73.83 66.78
CA ALA F 1085 16.55 -72.98 67.16
C ALA F 1085 16.42 -71.76 66.27
N THR F 1086 15.20 -71.30 66.08
CA THR F 1086 14.95 -70.06 65.34
C THR F 1086 13.84 -69.23 65.98
N PHE F 1087 14.13 -67.96 66.23
CA PHE F 1087 13.18 -67.06 66.89
C PHE F 1087 12.92 -65.74 66.16
N GLY F 1088 13.98 -64.97 65.92
CA GLY F 1088 13.87 -63.64 65.35
C GLY F 1088 12.94 -63.55 64.15
N ALA F 1089 12.98 -64.56 63.29
CA ALA F 1089 11.91 -64.77 62.32
C ALA F 1089 10.84 -65.56 63.06
N PRO F 1090 9.57 -65.13 62.97
CA PRO F 1090 8.54 -65.62 63.88
C PRO F 1090 8.28 -67.12 63.72
N LEU F 1091 9.22 -67.90 64.25
CA LEU F 1091 9.24 -69.35 64.03
C LEU F 1091 8.87 -70.15 65.27
N ALA F 1092 7.91 -71.06 65.13
CA ALA F 1092 7.42 -71.88 66.24
C ALA F 1092 7.40 -73.37 65.90
N PRO F 1093 8.49 -74.08 66.22
CA PRO F 1093 8.57 -75.52 65.93
C PRO F 1093 7.53 -76.34 66.69
N THR F 1094 6.78 -77.14 65.96
CA THR F 1094 5.80 -78.05 66.58
C THR F 1094 5.75 -79.39 65.85
N LEU F 1095 5.94 -80.47 66.61
CA LEU F 1095 5.76 -81.84 66.15
C LEU F 1095 6.17 -82.76 67.30
N THR F 1096 5.71 -84.01 67.27
CA THR F 1096 6.18 -84.99 68.23
C THR F 1096 7.62 -85.37 67.91
N VAL F 1097 7.86 -85.77 66.66
CA VAL F 1097 9.20 -86.05 66.19
C VAL F 1097 9.45 -85.39 64.83
N VAL F 1098 10.37 -84.44 64.79
CA VAL F 1098 10.78 -83.81 63.54
C VAL F 1098 11.40 -84.88 62.65
N PRO F 1099 11.05 -84.88 61.35
CA PRO F 1099 11.59 -85.87 60.41
C PRO F 1099 13.12 -85.85 60.33
N ASP F 1100 13.74 -84.76 60.79
CA ASP F 1100 15.18 -84.67 60.89
C ASP F 1100 15.72 -85.66 61.90
N ALA F 1101 14.92 -85.97 62.92
CA ALA F 1101 15.35 -86.87 63.98
C ALA F 1101 15.57 -88.30 63.50
N LEU F 1102 15.13 -88.59 62.27
CA LEU F 1102 15.33 -89.91 61.69
C LEU F 1102 16.80 -90.26 61.54
N VAL F 1103 17.62 -89.27 61.20
CA VAL F 1103 19.03 -89.49 60.90
C VAL F 1103 19.83 -89.97 62.11
N GLY F 1104 19.38 -89.61 63.31
CA GLY F 1104 20.07 -90.02 64.53
C GLY F 1104 19.91 -91.50 64.80
N ARG F 1105 18.80 -92.06 64.35
CA ARG F 1105 18.47 -93.47 64.58
C ARG F 1105 19.19 -94.38 63.60
N CYS F 1106 19.32 -93.92 62.35
CA CYS F 1106 19.85 -94.75 61.27
C CYS F 1106 21.35 -94.60 61.06
N TRP F 1107 21.97 -93.63 61.73
CA TRP F 1107 23.40 -93.37 61.55
C TRP F 1107 24.35 -94.55 61.78
N PRO F 1108 24.28 -95.19 62.97
CA PRO F 1108 25.30 -96.20 63.26
C PRO F 1108 25.24 -97.41 62.33
N ALA F 1109 24.07 -97.68 61.76
CA ALA F 1109 23.91 -98.80 60.84
C ALA F 1109 24.47 -98.52 59.45
N VAL F 1110 24.20 -97.33 58.93
CA VAL F 1110 24.63 -96.96 57.57
C VAL F 1110 26.14 -97.11 57.35
N PHE F 1111 26.91 -96.66 58.34
CA PHE F 1111 28.37 -96.66 58.24
C PHE F 1111 28.99 -98.03 58.00
N ALA F 1112 28.32 -99.08 58.48
CA ALA F 1112 28.83 -100.44 58.38
C ALA F 1112 28.96 -100.94 56.94
N ALA F 1113 28.23 -100.30 56.03
CA ALA F 1113 28.20 -100.74 54.64
C ALA F 1113 29.35 -100.18 53.80
N ILE F 1114 30.14 -99.29 54.40
CA ILE F 1114 31.19 -98.57 53.68
C ILE F 1114 32.33 -99.47 53.17
N GLY F 1115 32.44 -100.69 53.71
CA GLY F 1115 33.45 -101.60 53.24
C GLY F 1115 33.01 -103.06 53.33
N SER F 1116 33.62 -103.91 52.52
CA SER F 1116 33.09 -105.26 52.28
C SER F 1116 33.91 -106.07 51.29
N ALA F 1117 33.49 -107.31 51.08
CA ALA F 1117 34.10 -108.20 50.09
C ALA F 1117 33.80 -107.75 48.67
N ALA F 1118 32.61 -107.18 48.47
CA ALA F 1118 32.25 -106.60 47.18
C ALA F 1118 33.15 -105.40 46.92
N THR F 1119 33.57 -104.74 48.00
CA THR F 1119 34.57 -103.71 47.92
C THR F 1119 35.93 -104.36 47.73
N GLU F 1120 36.09 -105.58 48.21
CA GLU F 1120 37.35 -106.28 48.05
C GLU F 1120 37.54 -106.80 46.62
N ALA F 1121 36.47 -107.31 46.03
CA ALA F 1121 36.49 -107.77 44.64
C ALA F 1121 36.86 -106.68 43.64
N GLY F 1122 35.96 -105.71 43.48
CA GLY F 1122 36.08 -104.69 42.43
C GLY F 1122 36.84 -103.44 42.80
N PHE F 1123 37.05 -103.20 44.09
CA PHE F 1123 37.77 -102.01 44.55
C PHE F 1123 39.08 -102.47 45.17
N PRO F 1124 40.09 -101.58 45.19
CA PRO F 1124 41.34 -101.77 45.94
C PRO F 1124 41.09 -101.82 47.44
N VAL F 1125 39.89 -101.45 47.87
CA VAL F 1125 39.53 -101.27 49.28
C VAL F 1125 40.40 -100.18 49.90
N ILE F 1126 40.71 -99.15 49.12
CA ILE F 1126 41.45 -98.02 49.66
C ILE F 1126 40.48 -96.89 49.97
N GLU F 1127 40.24 -96.70 51.26
CA GLU F 1127 39.37 -95.63 51.70
C GLU F 1127 39.98 -94.93 52.90
N GLY F 1128 40.33 -93.66 52.74
CA GLY F 1128 40.59 -92.81 53.88
C GLY F 1128 39.25 -92.41 54.47
N LEU F 1129 39.10 -92.54 55.79
CA LEU F 1129 37.85 -92.15 56.42
C LEU F 1129 37.81 -90.64 56.57
N LEU F 1130 38.97 -90.03 56.63
CA LEU F 1130 39.10 -88.58 56.70
C LEU F 1130 38.73 -87.97 55.35
N SER F 1131 38.85 -88.76 54.29
CA SER F 1131 38.52 -88.32 52.95
C SER F 1131 37.04 -88.52 52.62
N LEU F 1132 36.29 -89.04 53.59
CA LEU F 1132 34.86 -89.28 53.39
C LEU F 1132 34.10 -87.97 53.19
N VAL F 1133 33.26 -87.92 52.16
CA VAL F 1133 32.49 -86.74 51.84
C VAL F 1133 31.01 -87.05 51.70
N HIS F 1134 30.17 -86.31 52.41
CA HIS F 1134 28.72 -86.51 52.34
C HIS F 1134 28.15 -85.71 51.17
N LEU F 1135 27.52 -86.41 50.24
CA LEU F 1135 26.97 -85.77 49.05
C LEU F 1135 25.55 -85.28 49.27
N ASP F 1136 24.61 -86.21 49.43
CA ASP F 1136 23.21 -85.87 49.57
C ASP F 1136 22.53 -86.62 50.71
N HIS F 1137 21.49 -86.02 51.27
CA HIS F 1137 20.69 -86.67 52.29
C HIS F 1137 19.22 -86.30 52.10
N ALA F 1138 18.34 -87.30 52.18
CA ALA F 1138 16.92 -87.08 51.95
C ALA F 1138 16.06 -88.05 52.76
N ALA F 1139 14.88 -87.58 53.17
CA ALA F 1139 13.94 -88.42 53.90
C ALA F 1139 12.61 -88.47 53.18
N ARG F 1140 12.26 -89.65 52.67
CA ARG F 1140 10.98 -89.84 51.99
C ARG F 1140 10.00 -90.56 52.88
N LEU F 1141 8.78 -90.04 52.96
CA LEU F 1141 7.76 -90.62 53.81
C LEU F 1141 6.88 -91.61 53.06
N LEU F 1142 6.48 -92.66 53.78
CA LEU F 1142 5.59 -93.68 53.26
C LEU F 1142 4.13 -93.29 53.52
N ALA F 1143 3.95 -92.01 53.88
CA ALA F 1143 2.70 -91.38 54.31
C ALA F 1143 2.48 -91.46 55.83
N GLU F 1144 3.42 -92.11 56.52
CA GLU F 1144 3.41 -92.11 57.98
C GLU F 1144 4.42 -91.12 58.53
N LEU F 1145 4.06 -90.49 59.65
CA LEU F 1145 4.94 -89.53 60.32
C LEU F 1145 5.34 -90.09 61.68
N PRO F 1146 6.55 -89.73 62.14
CA PRO F 1146 7.01 -90.22 63.45
C PRO F 1146 6.23 -89.59 64.60
N LYS F 1147 6.03 -90.35 65.67
CA LYS F 1147 5.23 -89.89 66.80
C LYS F 1147 5.91 -90.14 68.15
N GLU F 1148 5.17 -89.84 69.20
CA GLU F 1148 5.59 -90.11 70.58
C GLU F 1148 5.64 -91.64 70.86
N PRO F 1149 5.61 -92.08 72.13
CA PRO F 1149 6.52 -93.10 72.69
C PRO F 1149 6.73 -94.37 71.87
N ALA F 1150 5.90 -94.63 70.86
CA ALA F 1150 6.04 -95.84 70.04
C ALA F 1150 7.46 -96.07 69.54
N GLU F 1151 7.92 -97.31 69.67
CA GLU F 1151 9.30 -97.67 69.40
C GLU F 1151 9.60 -97.85 67.91
N PHE F 1152 10.83 -97.53 67.51
CA PHE F 1152 11.24 -97.67 66.12
C PHE F 1152 12.25 -98.80 65.93
N THR F 1153 12.24 -99.42 64.75
CA THR F 1153 13.31 -100.33 64.33
C THR F 1153 13.70 -100.05 62.88
N VAL F 1154 15.00 -99.87 62.62
CA VAL F 1154 15.48 -99.37 61.33
C VAL F 1154 16.23 -100.45 60.52
N THR F 1155 16.08 -100.40 59.19
CA THR F 1155 16.83 -101.27 58.31
C THR F 1155 17.63 -100.46 57.28
N ALA F 1156 18.91 -100.76 57.17
CA ALA F 1156 19.77 -100.05 56.21
C ALA F 1156 20.28 -101.00 55.12
N LYS F 1157 20.15 -100.57 53.87
CA LYS F 1157 20.67 -101.35 52.75
C LYS F 1157 21.45 -100.46 51.78
N ALA F 1158 22.51 -101.02 51.19
CA ALA F 1158 23.26 -100.29 50.18
C ALA F 1158 22.69 -100.62 48.81
N SER F 1159 22.07 -99.63 48.18
CA SER F 1159 21.45 -99.82 46.87
C SER F 1159 22.49 -100.06 45.80
N ALA F 1160 23.58 -99.29 45.87
CA ALA F 1160 24.68 -99.45 44.92
C ALA F 1160 26.00 -99.03 45.54
N ALA F 1161 27.10 -99.54 44.99
CA ALA F 1161 28.43 -99.10 45.37
C ALA F 1161 29.11 -98.57 44.12
N THR F 1162 29.33 -97.25 44.08
CA THR F 1162 29.82 -96.62 42.85
C THR F 1162 31.18 -95.94 43.03
N ASP F 1163 31.89 -95.79 41.92
CA ASP F 1163 33.12 -95.02 41.89
C ASP F 1163 32.98 -93.87 40.91
N THR F 1164 33.66 -92.77 41.19
CA THR F 1164 33.58 -91.57 40.37
C THR F 1164 34.97 -91.04 40.04
N GLU F 1165 35.02 -90.10 39.10
CA GLU F 1165 36.26 -89.44 38.76
C GLU F 1165 36.89 -88.80 40.00
N VAL F 1166 36.03 -88.33 40.92
CA VAL F 1166 36.50 -87.75 42.16
C VAL F 1166 36.60 -88.77 43.29
N GLY F 1167 36.05 -89.98 43.08
CA GLY F 1167 36.17 -91.03 44.07
C GLY F 1167 35.05 -92.05 44.19
N ARG F 1168 35.05 -92.78 45.30
CA ARG F 1168 34.09 -93.86 45.53
C ARG F 1168 32.82 -93.37 46.21
N VAL F 1169 31.66 -93.77 45.68
CA VAL F 1169 30.36 -93.32 46.19
C VAL F 1169 29.46 -94.49 46.57
N VAL F 1170 28.88 -94.43 47.77
CA VAL F 1170 28.01 -95.49 48.26
C VAL F 1170 26.64 -94.97 48.71
N PRO F 1171 25.66 -94.97 47.79
CA PRO F 1171 24.27 -94.65 48.16
C PRO F 1171 23.69 -95.67 49.12
N VAL F 1172 23.06 -95.20 50.19
CA VAL F 1172 22.51 -96.08 51.21
C VAL F 1172 21.02 -95.82 51.45
N SER F 1173 20.22 -96.86 51.31
CA SER F 1173 18.78 -96.76 51.55
C SER F 1173 18.44 -97.21 52.96
N VAL F 1174 17.53 -96.50 53.61
CA VAL F 1174 17.19 -96.78 55.00
C VAL F 1174 15.68 -96.80 55.23
N GLU F 1175 15.19 -97.84 55.91
CA GLU F 1175 13.77 -97.98 56.18
C GLU F 1175 13.47 -97.97 57.68
N VAL F 1176 12.72 -96.96 58.13
CA VAL F 1176 12.37 -96.83 59.54
C VAL F 1176 10.98 -97.36 59.83
N ARG F 1177 10.89 -98.27 60.80
CA ARG F 1177 9.64 -98.94 61.12
C ARG F 1177 9.21 -98.77 62.57
N ASN F 1178 7.92 -98.58 62.79
CA ASN F 1178 7.37 -98.53 64.13
C ASN F 1178 7.27 -99.95 64.72
N ALA F 1179 7.95 -100.16 65.85
CA ALA F 1179 7.98 -101.46 66.51
C ALA F 1179 6.61 -102.03 66.87
N ALA F 1180 5.90 -101.34 67.76
CA ALA F 1180 4.60 -101.80 68.26
C ALA F 1180 3.60 -102.07 67.14
N ASP F 1181 3.53 -101.17 66.17
CA ASP F 1181 2.61 -101.32 65.05
C ASP F 1181 3.11 -102.31 64.01
N GLY F 1182 4.41 -102.30 63.76
CA GLY F 1182 5.02 -103.22 62.81
C GLY F 1182 4.79 -102.83 61.35
N ALA F 1183 4.99 -101.57 61.03
CA ALA F 1183 4.86 -101.09 59.66
C ALA F 1183 5.99 -100.12 59.33
N LEU F 1184 6.25 -99.91 58.04
CA LEU F 1184 7.36 -99.05 57.62
C LEU F 1184 6.89 -97.61 57.49
N LEU F 1185 7.40 -96.75 58.38
CA LEU F 1185 6.99 -95.35 58.42
C LEU F 1185 7.67 -94.46 57.38
N ALA F 1186 8.99 -94.59 57.25
CA ALA F 1186 9.75 -93.66 56.42
C ALA F 1186 10.95 -94.29 55.73
N THR F 1187 11.40 -93.63 54.66
CA THR F 1187 12.61 -94.05 53.94
C THR F 1187 13.66 -92.95 53.97
N LEU F 1188 14.87 -93.30 54.40
CA LEU F 1188 15.96 -92.35 54.49
C LEU F 1188 17.05 -92.68 53.47
N GLU F 1189 17.54 -91.65 52.77
CA GLU F 1189 18.53 -91.85 51.71
C GLU F 1189 19.82 -91.10 51.98
N GLU F 1190 20.94 -91.81 51.93
CA GLU F 1190 22.25 -91.20 52.12
C GLU F 1190 23.24 -91.65 51.05
N ARG F 1191 24.06 -90.71 50.57
CA ARG F 1191 25.09 -91.03 49.60
C ARG F 1191 26.43 -90.42 50.02
N PHE F 1192 27.43 -91.27 50.21
CA PHE F 1192 28.72 -90.85 50.75
C PHE F 1192 29.80 -90.94 49.70
N ALA F 1193 30.82 -90.09 49.83
CA ALA F 1193 31.90 -90.08 48.85
C ALA F 1193 33.29 -90.25 49.48
N ILE F 1194 33.93 -91.39 49.16
CA ILE F 1194 35.33 -91.59 49.46
C ILE F 1194 36.07 -91.24 48.17
N ARG F 1195 37.18 -90.51 48.26
CA ARG F 1195 37.74 -89.90 47.05
C ARG F 1195 38.88 -90.62 46.33
N GLY F 1196 39.36 -91.74 46.86
CA GLY F 1196 40.53 -92.42 46.29
C GLY F 1196 40.32 -93.63 45.38
N ARG F 1197 39.07 -94.05 45.17
CA ARG F 1197 38.83 -95.39 44.62
C ARG F 1197 38.16 -95.49 43.24
N THR F 1198 38.38 -96.62 42.58
CA THR F 1198 37.75 -96.94 41.30
C THR F 1198 37.18 -98.37 41.34
N GLY F 1199 36.22 -98.67 40.48
CA GLY F 1199 35.57 -99.98 40.53
C GLY F 1199 34.87 -100.45 39.25
N ALA F 1200 34.65 -101.76 39.18
CA ALA F 1200 33.82 -102.36 38.14
C ALA F 1200 32.39 -102.61 38.64
N ALA F 1201 32.11 -102.19 39.87
CA ALA F 1201 30.80 -102.41 40.47
C ALA F 1201 29.74 -101.50 39.87
N GLU F 1202 29.85 -100.21 40.17
CA GLU F 1202 29.00 -99.20 39.55
C GLU F 1202 29.87 -98.01 39.14
N LEU F 1203 29.79 -97.64 37.87
CA LEU F 1203 30.65 -96.57 37.35
C LEU F 1203 29.87 -95.28 37.09
N THR F 1204 30.38 -94.18 37.63
CA THR F 1204 29.81 -92.87 37.40
C THR F 1204 30.95 -91.91 37.13
N ASP F 1205 30.79 -91.00 36.18
CA ASP F 1205 31.80 -89.99 35.98
C ASP F 1205 31.42 -88.72 36.73
N PRO F 1206 30.48 -87.95 36.17
CA PRO F 1206 29.82 -86.88 36.91
C PRO F 1206 28.41 -87.27 37.36
N VAL F 1207 27.98 -88.47 37.00
CA VAL F 1207 26.55 -88.78 36.96
C VAL F 1207 25.94 -89.33 38.25
N ARG F 1208 25.07 -88.52 38.86
CA ARG F 1208 24.14 -88.97 39.89
C ARG F 1208 22.93 -88.04 39.87
N ALA F 1209 21.75 -88.59 40.14
CA ALA F 1209 20.54 -87.78 40.13
C ALA F 1209 19.48 -88.28 41.11
N GLY F 1210 18.76 -87.34 41.72
CA GLY F 1210 17.69 -87.67 42.65
C GLY F 1210 16.57 -86.64 42.53
N GLY F 1211 15.34 -87.05 42.78
CA GLY F 1211 14.20 -86.16 42.68
C GLY F 1211 13.07 -86.53 43.64
N ALA F 1212 12.37 -85.52 44.14
CA ALA F 1212 11.15 -85.74 44.88
C ALA F 1212 9.98 -85.52 43.94
N ILE F 1213 9.28 -86.61 43.60
CA ILE F 1213 8.24 -86.54 42.58
C ILE F 1213 6.89 -87.00 43.10
N SER F 1214 5.83 -86.48 42.49
CA SER F 1214 4.47 -86.81 42.90
C SER F 1214 3.54 -86.89 41.68
N ASP F 1215 2.46 -87.64 41.83
CA ASP F 1215 1.54 -87.91 40.72
C ASP F 1215 0.88 -86.64 40.16
N ASN F 1216 0.16 -85.92 41.03
CA ASN F 1216 -0.53 -84.71 40.61
C ASN F 1216 0.27 -83.46 40.97
N ALA F 1217 0.47 -82.58 39.99
CA ALA F 1217 1.31 -81.40 40.20
C ALA F 1217 0.72 -80.13 39.63
N THR F 1218 1.00 -79.01 40.31
CA THR F 1218 0.65 -77.69 39.81
C THR F 1218 1.89 -76.82 39.80
N ASP F 1219 1.93 -75.85 38.88
CA ASP F 1219 3.10 -75.00 38.71
C ASP F 1219 2.83 -73.60 39.25
N THR F 1220 3.82 -73.01 39.90
CA THR F 1220 3.67 -71.65 40.42
C THR F 1220 4.82 -70.73 39.99
N PRO F 1221 4.82 -69.52 40.54
CA PRO F 1221 5.85 -68.53 40.21
C PRO F 1221 6.69 -68.29 41.45
N ARG F 1222 7.94 -67.86 41.26
CA ARG F 1222 8.85 -67.67 42.37
C ARG F 1222 8.32 -66.65 43.39
N ARG F 1223 8.25 -67.08 44.65
CA ARG F 1223 7.77 -66.23 45.73
C ARG F 1223 8.73 -66.17 46.90
N ARG F 1224 9.28 -64.99 47.16
CA ARG F 1224 10.19 -64.82 48.27
C ARG F 1224 9.45 -64.93 49.59
N ARG F 1225 9.92 -65.82 50.46
CA ARG F 1225 9.27 -66.07 51.73
C ARG F 1225 10.03 -65.44 52.90
N ARG F 1226 11.21 -65.97 53.21
CA ARG F 1226 11.97 -65.49 54.36
C ARG F 1226 13.44 -65.26 54.09
N ASP F 1227 14.01 -64.28 54.78
CA ASP F 1227 15.44 -64.04 54.80
C ASP F 1227 15.96 -64.52 56.16
N VAL F 1228 16.78 -65.56 56.16
CA VAL F 1228 17.14 -66.22 57.41
C VAL F 1228 18.56 -65.94 57.86
N THR F 1229 18.74 -65.82 59.17
CA THR F 1229 20.06 -65.67 59.75
C THR F 1229 20.31 -66.78 60.75
N VAL F 1230 21.31 -67.62 60.45
CA VAL F 1230 21.59 -68.79 61.26
C VAL F 1230 23.05 -68.84 61.69
N GLY F 1231 23.26 -68.96 63.00
CA GLY F 1231 24.59 -69.13 63.54
C GLY F 1231 24.97 -70.60 63.62
N ALA F 1232 26.25 -70.88 63.43
CA ALA F 1232 26.77 -72.22 63.61
C ALA F 1232 27.19 -72.36 65.07
N PRO F 1233 27.14 -73.59 65.61
CA PRO F 1233 27.49 -73.80 67.01
C PRO F 1233 28.97 -73.47 67.29
N VAL F 1234 29.29 -73.21 68.55
CA VAL F 1234 30.65 -72.91 68.95
C VAL F 1234 31.53 -74.15 68.81
N ASP F 1235 31.03 -75.28 69.30
CA ASP F 1235 31.74 -76.55 69.18
C ASP F 1235 30.83 -77.60 68.54
N MET F 1236 31.44 -78.56 67.85
CA MET F 1236 30.69 -79.59 67.13
C MET F 1236 30.40 -80.83 67.97
N ARG F 1237 31.04 -80.90 69.14
CA ARG F 1237 30.83 -82.02 70.06
C ARG F 1237 29.38 -82.23 70.54
N PRO F 1238 28.64 -81.13 70.83
CA PRO F 1238 27.23 -81.31 71.23
C PRO F 1238 26.40 -82.11 70.23
N PHE F 1239 26.53 -81.81 68.94
CA PHE F 1239 25.81 -82.55 67.92
C PHE F 1239 26.38 -83.96 67.75
N ALA F 1240 27.68 -84.08 67.97
CA ALA F 1240 28.37 -85.37 67.83
C ALA F 1240 27.85 -86.39 68.84
N VAL F 1241 27.47 -85.91 70.02
CA VAL F 1241 26.96 -86.78 71.07
C VAL F 1241 25.57 -87.31 70.72
N VAL F 1242 24.69 -86.43 70.27
CA VAL F 1242 23.31 -86.80 69.98
C VAL F 1242 23.19 -87.64 68.71
N SER F 1243 23.83 -87.18 67.63
CA SER F 1243 23.75 -87.86 66.34
C SER F 1243 24.45 -89.21 66.36
N GLY F 1244 25.54 -89.30 67.12
CA GLY F 1244 26.32 -90.52 67.17
C GLY F 1244 27.44 -90.51 66.14
N ASP F 1245 27.81 -89.32 65.68
CA ASP F 1245 28.91 -89.19 64.74
C ASP F 1245 30.14 -88.73 65.50
N HIS F 1246 31.08 -89.65 65.67
CA HIS F 1246 32.28 -89.40 66.46
C HIS F 1246 33.50 -88.98 65.63
N ASN F 1247 33.28 -88.76 64.33
CA ASN F 1247 34.36 -88.44 63.40
C ASN F 1247 35.23 -87.30 63.91
N PRO F 1248 36.53 -87.56 64.10
CA PRO F 1248 37.50 -86.62 64.68
C PRO F 1248 37.68 -85.36 63.85
N ILE F 1249 37.24 -85.40 62.59
CA ILE F 1249 37.32 -84.25 61.70
C ILE F 1249 36.61 -83.03 62.30
N HIS F 1250 35.43 -83.26 62.87
CA HIS F 1250 34.62 -82.17 63.39
C HIS F 1250 35.01 -81.79 64.82
N THR F 1251 35.81 -82.63 65.47
CA THR F 1251 36.19 -82.41 66.85
C THR F 1251 37.68 -82.12 67.03
N ASP F 1252 38.50 -83.16 66.87
CA ASP F 1252 39.94 -83.03 67.04
C ASP F 1252 40.54 -82.16 65.94
N ARG F 1253 41.39 -81.21 66.33
CA ARG F 1253 42.00 -80.31 65.37
C ARG F 1253 43.16 -80.97 64.63
N ALA F 1254 43.76 -81.99 65.25
CA ALA F 1254 44.88 -82.70 64.64
C ALA F 1254 44.42 -83.56 63.47
N ALA F 1255 43.22 -84.11 63.57
CA ALA F 1255 42.66 -84.93 62.51
C ALA F 1255 42.12 -84.07 61.37
N ALA F 1256 41.59 -82.90 61.73
CA ALA F 1256 41.06 -81.98 60.74
C ALA F 1256 42.18 -81.37 59.90
N LEU F 1257 43.31 -81.09 60.54
CA LEU F 1257 44.47 -80.54 59.85
C LEU F 1257 45.17 -81.60 58.99
N LEU F 1258 45.15 -82.85 59.47
CA LEU F 1258 45.77 -83.94 58.75
C LEU F 1258 45.01 -84.25 57.46
N ALA F 1259 43.71 -83.98 57.48
CA ALA F 1259 42.86 -84.23 56.33
C ALA F 1259 42.88 -83.05 55.35
N GLY F 1260 43.66 -82.03 55.70
CA GLY F 1260 43.76 -80.84 54.86
C GLY F 1260 42.47 -80.06 54.80
N LEU F 1261 41.96 -79.68 55.97
CA LEU F 1261 40.68 -78.99 56.05
C LEU F 1261 40.85 -77.60 56.66
N GLU F 1262 39.88 -76.73 56.40
CA GLU F 1262 39.91 -75.36 56.89
C GLU F 1262 39.90 -75.29 58.42
N GLY F 1263 39.44 -76.37 59.05
CA GLY F 1263 39.39 -76.46 60.50
C GLY F 1263 38.44 -77.55 60.95
N PRO F 1264 37.96 -77.45 62.20
CA PRO F 1264 36.98 -78.42 62.73
C PRO F 1264 35.61 -78.17 62.10
N ILE F 1265 35.45 -78.64 60.86
CA ILE F 1265 34.26 -78.39 60.06
C ILE F 1265 32.96 -78.75 60.78
N VAL F 1266 31.98 -77.86 60.70
CA VAL F 1266 30.65 -78.12 61.23
C VAL F 1266 30.06 -79.34 60.54
N HIS F 1267 29.39 -80.20 61.32
CA HIS F 1267 28.68 -81.34 60.75
C HIS F 1267 27.71 -80.86 59.69
N GLY F 1268 27.80 -81.45 58.50
CA GLY F 1268 26.85 -81.16 57.44
C GLY F 1268 25.46 -81.58 57.87
N MET F 1269 25.42 -82.58 58.74
CA MET F 1269 24.16 -83.07 59.28
C MET F 1269 23.49 -82.09 60.23
N TRP F 1270 24.30 -81.32 60.96
CA TRP F 1270 23.73 -80.30 61.83
C TRP F 1270 23.09 -79.21 60.97
N LEU F 1271 23.81 -78.77 59.94
CA LEU F 1271 23.30 -77.78 58.99
C LEU F 1271 22.00 -78.27 58.37
N SER F 1272 21.98 -79.55 58.01
CA SER F 1272 20.81 -80.17 57.40
C SER F 1272 19.57 -79.98 58.27
N ALA F 1273 19.72 -80.16 59.58
CA ALA F 1273 18.63 -79.93 60.52
C ALA F 1273 18.51 -78.45 60.83
N ALA F 1274 19.57 -77.70 60.56
CA ALA F 1274 19.58 -76.25 60.81
C ALA F 1274 18.70 -75.48 59.82
N ALA F 1275 18.94 -75.70 58.54
CA ALA F 1275 18.16 -75.03 57.50
C ALA F 1275 16.75 -75.61 57.45
N GLN F 1276 16.62 -76.87 57.83
CA GLN F 1276 15.33 -77.56 57.82
C GLN F 1276 14.38 -76.98 58.86
N HIS F 1277 14.90 -76.81 60.07
CA HIS F 1277 14.13 -76.28 61.20
C HIS F 1277 13.50 -74.93 60.87
N VAL F 1278 14.16 -74.17 59.99
CA VAL F 1278 13.63 -72.90 59.51
C VAL F 1278 12.49 -73.13 58.53
N VAL F 1279 12.73 -73.97 57.53
CA VAL F 1279 11.71 -74.35 56.55
C VAL F 1279 10.56 -75.03 57.28
N THR F 1280 10.92 -75.76 58.33
CA THR F 1280 9.95 -76.36 59.22
C THR F 1280 9.00 -75.30 59.77
N ALA F 1281 9.59 -74.28 60.40
CA ALA F 1281 8.79 -73.24 61.05
C ALA F 1281 8.30 -72.05 60.19
N THR F 1282 9.00 -71.73 59.11
CA THR F 1282 8.67 -70.51 58.37
C THR F 1282 7.52 -70.68 57.37
N ASP F 1283 7.81 -71.34 56.25
CA ASP F 1283 6.81 -71.60 55.24
C ASP F 1283 5.85 -72.62 55.82
N GLY F 1284 6.38 -73.43 56.71
CA GLY F 1284 5.60 -74.39 57.46
C GLY F 1284 4.69 -73.69 58.44
N LYS F 1285 5.11 -72.53 58.94
CA LYS F 1285 4.25 -71.73 59.81
C LYS F 1285 4.15 -72.43 61.18
N PRO F 1286 3.46 -71.83 62.18
CA PRO F 1286 3.32 -72.51 63.47
C PRO F 1286 2.88 -73.99 63.40
N VAL F 1287 2.43 -74.46 62.24
CA VAL F 1287 2.13 -75.88 62.05
C VAL F 1287 3.06 -76.56 61.01
N PRO F 1288 4.27 -76.95 61.45
CA PRO F 1288 5.11 -77.91 60.71
C PRO F 1288 4.75 -79.43 60.72
N PRO F 1289 4.07 -79.95 61.78
CA PRO F 1289 4.14 -81.41 61.98
C PRO F 1289 3.61 -82.30 60.83
N ALA F 1290 2.42 -82.01 60.33
CA ALA F 1290 1.82 -82.83 59.28
C ALA F 1290 2.08 -82.23 57.90
N LYS F 1291 2.81 -81.12 57.88
CA LYS F 1291 3.01 -80.36 56.66
C LYS F 1291 4.19 -80.81 55.81
N LEU F 1292 5.40 -80.80 56.35
CA LEU F 1292 6.54 -81.27 55.57
C LEU F 1292 6.48 -82.78 55.52
N ILE F 1293 6.28 -83.31 54.32
CA ILE F 1293 6.28 -84.75 54.11
C ILE F 1293 7.61 -85.26 53.55
N GLY F 1294 8.53 -84.35 53.29
CA GLY F 1294 9.85 -84.72 52.80
C GLY F 1294 10.80 -83.56 52.69
N TRP F 1295 12.09 -83.85 52.71
CA TRP F 1295 13.12 -82.84 52.56
C TRP F 1295 14.38 -83.41 51.93
N THR F 1296 15.04 -82.64 51.09
CA THR F 1296 16.33 -83.06 50.54
C THR F 1296 17.37 -81.98 50.78
N ALA F 1297 18.62 -82.38 50.93
CA ALA F 1297 19.69 -81.45 51.26
C ALA F 1297 20.98 -81.76 50.51
N ARG F 1298 21.54 -80.74 49.86
CA ARG F 1298 22.82 -80.88 49.18
C ARG F 1298 23.86 -79.97 49.79
N PHE F 1299 25.02 -80.52 50.15
CA PHE F 1299 26.07 -79.73 50.76
C PHE F 1299 27.04 -79.25 49.68
N LEU F 1300 27.01 -77.94 49.41
CA LEU F 1300 27.84 -77.34 48.38
C LEU F 1300 29.26 -77.07 48.86
N GLY F 1301 29.38 -76.62 50.11
CA GLY F 1301 30.68 -76.24 50.65
C GLY F 1301 30.82 -76.46 52.15
N MET F 1302 32.07 -76.44 52.63
CA MET F 1302 32.38 -76.70 54.03
C MET F 1302 32.06 -75.51 54.93
N VAL F 1303 31.77 -75.78 56.20
CA VAL F 1303 31.41 -74.73 57.16
C VAL F 1303 32.19 -74.81 58.48
N LYS F 1304 32.80 -73.69 58.86
CA LYS F 1304 33.49 -73.58 60.14
C LYS F 1304 32.56 -73.08 61.25
N PRO F 1305 32.77 -73.55 62.49
CA PRO F 1305 32.01 -73.10 63.65
C PRO F 1305 32.12 -71.59 63.87
N GLY F 1306 31.10 -70.98 64.47
CA GLY F 1306 31.06 -69.53 64.61
C GLY F 1306 30.81 -68.88 63.27
N ASP F 1307 29.82 -69.39 62.55
CA ASP F 1307 29.54 -68.97 61.18
C ASP F 1307 28.17 -68.33 61.06
N GLN F 1308 28.12 -67.12 60.52
CA GLN F 1308 26.86 -66.47 60.25
C GLN F 1308 26.42 -66.74 58.82
N VAL F 1309 25.37 -67.53 58.68
CA VAL F 1309 24.94 -68.01 57.37
C VAL F 1309 23.54 -67.48 57.02
N ASP F 1310 23.37 -67.03 55.78
CA ASP F 1310 22.08 -66.51 55.35
C ASP F 1310 21.33 -67.45 54.41
N PHE F 1311 20.15 -67.90 54.85
CA PHE F 1311 19.33 -68.80 54.06
C PHE F 1311 18.13 -68.06 53.46
N ARG F 1312 17.67 -68.50 52.30
CA ARG F 1312 16.47 -67.95 51.68
C ARG F 1312 15.58 -69.04 51.08
N VAL F 1313 14.36 -69.16 51.60
CA VAL F 1313 13.41 -70.13 51.05
C VAL F 1313 12.39 -69.43 50.16
N ASP F 1314 12.09 -70.02 49.02
CA ASP F 1314 11.09 -69.49 48.11
C ASP F 1314 10.04 -70.54 47.81
N ARG F 1315 8.86 -70.12 47.37
CA ARG F 1315 7.82 -71.04 46.93
C ARG F 1315 7.86 -71.15 45.41
N VAL F 1316 8.04 -72.38 44.91
CA VAL F 1316 8.28 -72.63 43.48
C VAL F 1316 7.08 -73.23 42.77
N GLY F 1317 6.69 -74.42 43.21
CA GLY F 1317 5.64 -75.18 42.56
C GLY F 1317 4.93 -76.10 43.52
N ILE F 1318 3.99 -76.89 43.01
CA ILE F 1318 3.17 -77.77 43.83
C ILE F 1318 3.22 -79.22 43.38
N ASP F 1319 3.41 -80.12 44.35
CA ASP F 1319 3.37 -81.56 44.11
C ASP F 1319 2.42 -82.25 45.08
N VAL F 1320 1.51 -83.04 44.53
CA VAL F 1320 0.49 -83.79 45.27
C VAL F 1320 -0.27 -82.95 46.31
N GLY F 1321 -0.49 -81.69 45.98
CA GLY F 1321 -1.17 -80.78 46.88
C GLY F 1321 -0.23 -80.21 47.93
N ALA F 1322 1.03 -80.62 47.86
CA ALA F 1322 2.04 -80.13 48.79
C ALA F 1322 2.96 -79.13 48.09
N GLU F 1323 3.12 -77.96 48.69
CA GLU F 1323 3.98 -76.91 48.13
C GLU F 1323 5.43 -77.35 48.13
N VAL F 1324 6.15 -77.05 47.06
CA VAL F 1324 7.59 -77.29 47.06
C VAL F 1324 8.31 -75.98 47.43
N LEU F 1325 9.38 -76.11 48.22
CA LEU F 1325 10.08 -74.95 48.75
C LEU F 1325 11.58 -75.08 48.54
N GLU F 1326 12.17 -74.17 47.78
CA GLU F 1326 13.59 -74.23 47.48
C GLU F 1326 14.40 -73.31 48.38
N VAL F 1327 15.54 -73.82 48.84
CA VAL F 1327 16.38 -73.10 49.80
C VAL F 1327 17.82 -72.98 49.30
N SER F 1328 18.36 -71.77 49.35
CA SER F 1328 19.75 -71.51 48.99
C SER F 1328 20.48 -70.94 50.21
N ALA F 1329 21.77 -71.25 50.34
CA ALA F 1329 22.54 -70.82 51.51
C ALA F 1329 23.80 -70.06 51.12
N ARG F 1330 24.05 -68.95 51.82
CA ARG F 1330 25.24 -68.16 51.54
C ARG F 1330 25.93 -67.67 52.82
N ILE F 1331 27.23 -67.94 52.93
CA ILE F 1331 28.07 -67.27 53.90
C ILE F 1331 28.89 -66.29 53.09
N GLY F 1332 28.58 -65.00 53.22
CA GLY F 1332 29.14 -64.02 52.31
C GLY F 1332 28.78 -64.38 50.89
N SER F 1333 29.78 -64.52 50.04
CA SER F 1333 29.56 -64.87 48.63
C SER F 1333 29.40 -66.37 48.38
N GLU F 1334 29.88 -67.20 49.31
CA GLU F 1334 29.95 -68.64 49.08
C GLU F 1334 28.62 -69.37 49.25
N LEU F 1335 28.26 -70.18 48.25
CA LEU F 1335 27.10 -71.06 48.36
C LEU F 1335 27.45 -72.24 49.25
N VAL F 1336 26.52 -72.61 50.12
CA VAL F 1336 26.77 -73.60 51.16
C VAL F 1336 25.84 -74.80 51.05
N MET F 1337 24.54 -74.55 51.20
CA MET F 1337 23.56 -75.62 51.09
C MET F 1337 22.51 -75.33 50.03
N ALA F 1338 22.18 -76.35 49.25
CA ALA F 1338 21.03 -76.32 48.37
C ALA F 1338 19.99 -77.27 48.94
N ALA F 1339 18.84 -76.73 49.34
CA ALA F 1339 17.80 -77.55 49.97
C ALA F 1339 16.43 -77.37 49.29
N THR F 1340 15.62 -78.43 49.33
CA THR F 1340 14.29 -78.41 48.73
C THR F 1340 13.33 -79.26 49.56
N ALA F 1341 12.10 -78.77 49.78
CA ALA F 1341 11.17 -79.48 50.65
C ALA F 1341 9.73 -79.53 50.11
N ARG F 1342 9.04 -80.61 50.43
CA ARG F 1342 7.62 -80.77 50.11
C ARG F 1342 6.79 -80.44 51.34
N LEU F 1343 5.97 -79.40 51.24
CA LEU F 1343 5.20 -78.94 52.39
C LEU F 1343 3.71 -78.83 52.09
N ALA F 1344 2.88 -79.40 52.96
CA ALA F 1344 1.44 -79.24 52.85
C ALA F 1344 1.09 -77.79 53.15
N ALA F 1345 0.00 -77.31 52.55
CA ALA F 1345 -0.45 -75.93 52.75
C ALA F 1345 -1.05 -75.80 54.16
N PRO F 1346 -1.14 -74.56 54.67
CA PRO F 1346 -1.88 -74.34 55.91
C PRO F 1346 -3.30 -74.89 55.77
N LYS F 1347 -3.72 -75.71 56.73
CA LYS F 1347 -4.94 -76.50 56.58
C LYS F 1347 -6.20 -75.68 56.32
N THR F 1348 -6.96 -76.13 55.33
CA THR F 1348 -8.09 -75.35 54.83
C THR F 1348 -9.44 -75.92 55.25
N VAL F 1349 -10.35 -75.04 55.65
CA VAL F 1349 -11.72 -75.41 55.97
C VAL F 1349 -12.67 -74.73 55.00
N TYR F 1350 -13.50 -75.52 54.32
CA TYR F 1350 -14.35 -75.00 53.26
C TYR F 1350 -15.81 -74.80 53.68
N ALA F 1351 -16.43 -73.75 53.15
CA ALA F 1351 -17.84 -73.49 53.41
C ALA F 1351 -18.53 -73.03 52.12
N PHE F 1352 -19.73 -73.54 51.89
CA PHE F 1352 -20.46 -73.21 50.66
C PHE F 1352 -21.73 -72.40 50.98
N PRO F 1353 -21.75 -71.14 50.52
CA PRO F 1353 -22.77 -70.12 50.79
C PRO F 1353 -24.15 -70.49 50.27
N GLY F 1354 -25.17 -69.80 50.75
CA GLY F 1354 -26.53 -70.00 50.31
C GLY F 1354 -26.96 -69.06 49.22
N GLN F 1355 -28.25 -69.05 48.95
CA GLN F 1355 -28.85 -68.24 47.89
C GLN F 1355 -28.92 -66.74 48.22
N GLY F 1356 -29.11 -65.93 47.17
CA GLY F 1356 -29.38 -64.51 47.31
C GLY F 1356 -28.29 -63.53 46.91
N ILE F 1357 -27.04 -63.99 46.82
CA ILE F 1357 -25.95 -63.13 46.36
C ILE F 1357 -25.62 -63.38 44.88
N GLN F 1358 -26.35 -64.31 44.28
CA GLN F 1358 -26.10 -64.70 42.89
C GLN F 1358 -26.19 -63.51 41.91
N HIS F 1359 -25.26 -63.46 40.97
CA HIS F 1359 -25.16 -62.36 40.02
C HIS F 1359 -25.14 -62.87 38.59
N LYS F 1360 -25.49 -62.01 37.64
CA LYS F 1360 -25.48 -62.39 36.23
C LYS F 1360 -24.06 -62.60 35.73
N GLY F 1361 -23.81 -63.74 35.10
CA GLY F 1361 -22.50 -64.07 34.58
C GLY F 1361 -21.53 -64.48 35.68
N MET F 1362 -22.06 -65.07 36.74
CA MET F 1362 -21.24 -65.50 37.86
C MET F 1362 -20.38 -66.72 37.53
N GLY F 1363 -19.08 -66.61 37.74
CA GLY F 1363 -18.17 -67.69 37.46
C GLY F 1363 -18.08 -68.03 35.98
N MET F 1364 -18.52 -67.10 35.14
CA MET F 1364 -18.52 -67.31 33.70
C MET F 1364 -17.13 -67.07 33.13
N GLU F 1365 -16.32 -66.32 33.86
CA GLU F 1365 -14.94 -66.06 33.46
C GLU F 1365 -14.12 -67.32 33.64
N VAL F 1366 -14.40 -68.06 34.71
CA VAL F 1366 -13.71 -69.31 35.00
C VAL F 1366 -14.03 -70.37 33.93
N ARG F 1367 -15.26 -70.37 33.45
CA ARG F 1367 -15.69 -71.31 32.42
C ARG F 1367 -14.89 -71.14 31.13
N ALA F 1368 -14.51 -69.91 30.84
CA ALA F 1368 -13.78 -69.61 29.61
C ALA F 1368 -12.31 -70.01 29.70
N ARG F 1369 -11.82 -70.20 30.92
CA ARG F 1369 -10.41 -70.53 31.14
C ARG F 1369 -10.21 -71.98 31.57
N SER F 1370 -10.72 -72.33 32.74
CA SER F 1370 -10.54 -73.67 33.31
C SER F 1370 -11.27 -74.75 32.50
N LYS F 1371 -10.60 -75.89 32.33
CA LYS F 1371 -11.19 -77.03 31.64
C LYS F 1371 -12.16 -77.76 32.57
N ALA F 1372 -11.79 -77.85 33.84
CA ALA F 1372 -12.62 -78.52 34.84
C ALA F 1372 -13.96 -77.81 35.00
N ALA F 1373 -13.95 -76.49 34.86
CA ALA F 1373 -15.16 -75.70 34.98
C ALA F 1373 -16.11 -75.96 33.81
N ARG F 1374 -15.54 -76.13 32.63
CA ARG F 1374 -16.34 -76.39 31.43
C ARG F 1374 -17.05 -77.74 31.52
N LYS F 1375 -16.33 -78.76 31.96
CA LYS F 1375 -16.90 -80.10 32.09
C LYS F 1375 -18.05 -80.12 33.07
N VAL F 1376 -17.92 -79.37 34.16
CA VAL F 1376 -18.98 -79.26 35.14
C VAL F 1376 -20.20 -78.56 34.56
N TRP F 1377 -19.97 -77.43 33.89
CA TRP F 1377 -21.06 -76.67 33.29
C TRP F 1377 -21.74 -77.38 32.13
N ASP F 1378 -20.95 -77.85 31.18
CA ASP F 1378 -21.50 -78.46 29.96
C ASP F 1378 -22.25 -79.76 30.21
N SER F 1379 -21.73 -80.61 31.07
CA SER F 1379 -22.43 -81.85 31.44
C SER F 1379 -23.73 -81.50 32.13
N ALA F 1380 -23.72 -80.40 32.87
CA ALA F 1380 -24.90 -79.93 33.58
C ALA F 1380 -25.88 -79.26 32.61
N ASP F 1381 -25.34 -78.48 31.70
CA ASP F 1381 -26.16 -77.71 30.76
C ASP F 1381 -26.81 -78.63 29.71
N LYS F 1382 -26.11 -79.70 29.36
CA LYS F 1382 -26.62 -80.65 28.39
C LYS F 1382 -27.81 -81.42 28.95
N PHE F 1383 -27.67 -81.89 30.18
CA PHE F 1383 -28.74 -82.64 30.84
C PHE F 1383 -30.01 -81.80 30.96
N THR F 1384 -29.84 -80.55 31.40
CA THR F 1384 -30.96 -79.65 31.60
C THR F 1384 -31.67 -79.33 30.29
N ARG F 1385 -30.89 -79.25 29.22
CA ARG F 1385 -31.42 -78.95 27.90
C ARG F 1385 -32.23 -80.10 27.34
N GLU F 1386 -31.75 -81.32 27.56
CA GLU F 1386 -32.43 -82.50 27.03
C GLU F 1386 -33.68 -82.87 27.85
N THR F 1387 -33.53 -82.96 29.17
CA THR F 1387 -34.65 -83.33 30.04
C THR F 1387 -35.69 -82.23 30.25
N LEU F 1388 -35.24 -81.07 30.70
CA LEU F 1388 -36.16 -79.99 31.06
C LEU F 1388 -36.32 -78.94 29.95
N GLY F 1389 -35.56 -79.08 28.88
CA GLY F 1389 -35.66 -78.20 27.74
C GLY F 1389 -35.13 -76.79 27.93
N PHE F 1390 -34.23 -76.60 28.89
CA PHE F 1390 -33.62 -75.28 29.08
C PHE F 1390 -32.15 -75.33 29.49
N SER F 1391 -31.44 -74.22 29.31
CA SER F 1391 -30.01 -74.13 29.61
C SER F 1391 -29.72 -73.17 30.76
N VAL F 1392 -28.93 -73.64 31.71
CA VAL F 1392 -28.55 -72.84 32.87
C VAL F 1392 -27.50 -71.81 32.45
N LEU F 1393 -26.71 -72.16 31.43
CA LEU F 1393 -25.69 -71.27 30.90
C LEU F 1393 -26.29 -69.95 30.44
N HIS F 1394 -27.36 -70.04 29.65
CA HIS F 1394 -28.04 -68.85 29.12
C HIS F 1394 -28.61 -68.00 30.25
N VAL F 1395 -29.24 -68.66 31.22
CA VAL F 1395 -29.85 -67.99 32.36
C VAL F 1395 -28.80 -67.20 33.15
N VAL F 1396 -27.66 -67.82 33.38
CA VAL F 1396 -26.56 -67.19 34.09
C VAL F 1396 -25.90 -66.09 33.25
N ARG F 1397 -25.65 -66.39 31.98
CA ARG F 1397 -24.96 -65.45 31.08
C ARG F 1397 -25.75 -64.16 30.86
N ASP F 1398 -27.01 -64.29 30.46
CA ASP F 1398 -27.89 -63.14 30.32
C ASP F 1398 -29.21 -63.43 31.03
N ASN F 1399 -29.62 -62.53 31.94
CA ASN F 1399 -30.79 -62.76 32.76
C ASN F 1399 -32.11 -62.45 32.05
N PRO F 1400 -32.91 -63.50 31.79
CA PRO F 1400 -34.22 -63.35 31.15
C PRO F 1400 -35.28 -62.91 32.16
N THR F 1401 -36.55 -62.92 31.75
CA THR F 1401 -37.68 -62.45 32.57
C THR F 1401 -38.65 -63.60 32.84
N SER F 1402 -39.23 -64.13 31.77
CA SER F 1402 -40.11 -65.29 31.86
C SER F 1402 -39.44 -66.52 31.24
N LEU F 1403 -39.81 -67.70 31.72
CA LEU F 1403 -39.35 -68.92 31.10
C LEU F 1403 -40.44 -69.97 31.22
N ILE F 1404 -40.65 -70.72 30.15
CA ILE F 1404 -41.54 -71.86 30.23
C ILE F 1404 -40.71 -73.12 30.16
N ALA F 1405 -40.98 -74.03 31.07
CA ALA F 1405 -40.23 -75.27 31.17
C ALA F 1405 -41.17 -76.41 30.81
N SER F 1406 -40.71 -77.64 31.03
CA SER F 1406 -41.47 -78.84 30.70
C SER F 1406 -42.92 -78.78 31.16
N GLY F 1407 -43.13 -78.83 32.47
CA GLY F 1407 -44.48 -78.77 32.99
C GLY F 1407 -44.84 -77.46 33.67
N VAL F 1408 -43.87 -76.55 33.75
CA VAL F 1408 -44.02 -75.38 34.60
C VAL F 1408 -43.73 -74.08 33.86
N HIS F 1409 -44.34 -73.00 34.33
CA HIS F 1409 -44.16 -71.67 33.75
C HIS F 1409 -43.69 -70.69 34.82
N TYR F 1410 -42.47 -70.18 34.65
CA TYR F 1410 -41.89 -69.26 35.60
C TYR F 1410 -41.77 -67.86 35.03
N HIS F 1411 -42.41 -66.90 35.69
CA HIS F 1411 -42.30 -65.51 35.28
C HIS F 1411 -41.83 -64.61 36.43
N HIS F 1412 -40.84 -63.77 36.14
CA HIS F 1412 -40.36 -62.78 37.10
C HIS F 1412 -40.22 -61.47 36.34
N PRO F 1413 -40.61 -60.34 36.96
CA PRO F 1413 -40.40 -59.02 36.33
C PRO F 1413 -38.93 -58.62 36.22
N ASP F 1414 -38.09 -59.11 37.12
CA ASP F 1414 -36.67 -58.76 37.10
C ASP F 1414 -35.85 -59.80 36.36
N GLY F 1415 -35.68 -60.97 36.97
CA GLY F 1415 -34.88 -62.03 36.37
C GLY F 1415 -35.19 -63.44 36.84
N VAL F 1416 -34.93 -64.40 35.96
CA VAL F 1416 -35.18 -65.80 36.25
C VAL F 1416 -33.99 -66.37 37.03
N LEU F 1417 -32.85 -65.70 36.92
CA LEU F 1417 -31.64 -66.15 37.60
C LEU F 1417 -31.82 -65.96 39.08
N PHE F 1418 -32.72 -65.05 39.43
CA PHE F 1418 -33.05 -64.76 40.82
C PHE F 1418 -34.26 -65.58 41.27
N LEU F 1419 -34.78 -66.43 40.38
CA LEU F 1419 -35.81 -67.39 40.75
C LEU F 1419 -35.14 -68.66 41.27
N THR F 1420 -35.67 -69.20 42.37
CA THR F 1420 -35.02 -70.25 43.13
C THR F 1420 -34.77 -71.56 42.37
N GLN F 1421 -35.71 -71.94 41.50
CA GLN F 1421 -35.57 -73.16 40.72
C GLN F 1421 -34.33 -73.09 39.84
N PHE F 1422 -33.96 -71.85 39.49
CA PHE F 1422 -32.78 -71.56 38.69
C PHE F 1422 -31.61 -71.18 39.58
N THR F 1423 -31.81 -70.16 40.40
CA THR F 1423 -30.80 -69.64 41.32
C THR F 1423 -30.02 -70.72 42.06
N GLN F 1424 -30.73 -71.70 42.60
CA GLN F 1424 -30.10 -72.79 43.33
C GLN F 1424 -29.22 -73.61 42.37
N VAL F 1425 -29.73 -73.84 41.16
CA VAL F 1425 -29.00 -74.58 40.14
C VAL F 1425 -27.75 -73.82 39.73
N ALA F 1426 -27.89 -72.52 39.51
CA ALA F 1426 -26.76 -71.67 39.13
C ALA F 1426 -25.70 -71.66 40.21
N MET F 1427 -26.13 -71.41 41.45
CA MET F 1427 -25.22 -71.35 42.59
C MET F 1427 -24.47 -72.67 42.79
N ALA F 1428 -25.17 -73.78 42.64
CA ALA F 1428 -24.58 -75.10 42.84
C ALA F 1428 -23.53 -75.42 41.78
N THR F 1429 -23.82 -75.05 40.54
CA THR F 1429 -22.91 -75.34 39.43
C THR F 1429 -21.68 -74.45 39.47
N VAL F 1430 -21.89 -73.18 39.83
CA VAL F 1430 -20.81 -72.21 39.95
C VAL F 1430 -19.75 -72.68 40.95
N ALA F 1431 -20.20 -73.15 42.11
CA ALA F 1431 -19.29 -73.62 43.15
C ALA F 1431 -18.66 -74.96 42.80
N ALA F 1432 -19.45 -75.87 42.25
CA ALA F 1432 -18.97 -77.20 41.90
C ALA F 1432 -17.88 -77.13 40.84
N ALA F 1433 -17.98 -76.15 39.95
CA ALA F 1433 -17.00 -75.96 38.90
C ALA F 1433 -15.72 -75.33 39.44
N GLN F 1434 -15.88 -74.45 40.43
CA GLN F 1434 -14.74 -73.74 41.01
C GLN F 1434 -13.89 -74.68 41.86
N VAL F 1435 -14.53 -75.58 42.59
CA VAL F 1435 -13.82 -76.55 43.42
C VAL F 1435 -13.08 -77.55 42.55
N ALA F 1436 -13.71 -77.96 41.45
CA ALA F 1436 -13.12 -78.90 40.51
C ALA F 1436 -11.79 -78.36 39.98
N GLU F 1437 -11.74 -77.05 39.74
CA GLU F 1437 -10.53 -76.40 39.29
C GLU F 1437 -9.49 -76.38 40.41
N MET F 1438 -9.95 -76.10 41.62
CA MET F 1438 -9.09 -76.10 42.80
C MET F 1438 -8.54 -77.50 43.04
N ARG F 1439 -9.33 -78.51 42.70
CA ARG F 1439 -8.92 -79.91 42.85
C ARG F 1439 -7.92 -80.28 41.76
N GLU F 1440 -8.08 -79.69 40.57
CA GLU F 1440 -7.17 -79.94 39.47
C GLU F 1440 -5.79 -79.38 39.75
N GLN F 1441 -5.73 -78.28 40.49
CA GLN F 1441 -4.46 -77.68 40.89
C GLN F 1441 -3.94 -78.35 42.16
N GLY F 1442 -4.72 -79.27 42.70
CA GLY F 1442 -4.32 -80.02 43.88
C GLY F 1442 -4.39 -79.21 45.16
N ALA F 1443 -4.89 -77.99 45.06
CA ALA F 1443 -4.93 -77.07 46.21
C ALA F 1443 -5.85 -77.59 47.31
N PHE F 1444 -6.66 -78.59 47.00
CA PHE F 1444 -7.58 -79.17 47.97
C PHE F 1444 -6.81 -80.10 48.92
N VAL F 1445 -6.88 -79.80 50.22
CA VAL F 1445 -6.18 -80.59 51.23
C VAL F 1445 -6.96 -81.84 51.60
N GLU F 1446 -6.23 -82.90 51.93
CA GLU F 1446 -6.84 -84.21 52.18
C GLU F 1446 -7.69 -84.25 53.46
N GLY F 1447 -7.41 -83.35 54.39
CA GLY F 1447 -8.10 -83.34 55.67
C GLY F 1447 -9.12 -82.22 55.86
N ALA F 1448 -9.52 -81.60 54.77
CA ALA F 1448 -10.43 -80.44 54.83
C ALA F 1448 -11.81 -80.76 55.37
N ILE F 1449 -12.24 -80.00 56.37
CA ILE F 1449 -13.58 -80.12 56.94
C ILE F 1449 -14.54 -79.16 56.24
N ALA F 1450 -15.64 -79.69 55.73
CA ALA F 1450 -16.54 -78.90 54.87
C ALA F 1450 -17.97 -78.76 55.40
N CYS F 1451 -18.60 -77.65 55.07
CA CYS F 1451 -19.96 -77.38 55.49
C CYS F 1451 -20.64 -76.41 54.53
N GLY F 1452 -21.96 -76.29 54.63
CA GLY F 1452 -22.68 -75.39 53.76
C GLY F 1452 -23.92 -74.79 54.39
N HIS F 1453 -24.35 -73.65 53.84
CA HIS F 1453 -25.49 -72.93 54.38
C HIS F 1453 -26.68 -73.10 53.45
N SER F 1454 -27.70 -73.79 53.93
CA SER F 1454 -28.90 -74.11 53.15
C SER F 1454 -28.56 -74.88 51.88
N VAL F 1455 -28.91 -74.30 50.74
CA VAL F 1455 -28.71 -74.92 49.43
C VAL F 1455 -27.22 -75.19 49.15
N GLY F 1456 -26.35 -74.46 49.84
CA GLY F 1456 -24.92 -74.64 49.67
C GLY F 1456 -24.41 -75.96 50.21
N GLU F 1457 -25.16 -76.55 51.14
CA GLU F 1457 -24.78 -77.81 51.74
C GLU F 1457 -24.77 -78.95 50.72
N TYR F 1458 -25.69 -78.90 49.76
CA TYR F 1458 -25.75 -79.89 48.70
C TYR F 1458 -24.51 -79.81 47.82
N THR F 1459 -24.05 -78.59 47.58
CA THR F 1459 -22.83 -78.38 46.81
C THR F 1459 -21.61 -78.83 47.61
N ALA F 1460 -21.67 -78.59 48.91
CA ALA F 1460 -20.59 -78.98 49.82
C ALA F 1460 -20.31 -80.47 49.72
N LEU F 1461 -21.36 -81.27 49.85
CA LEU F 1461 -21.24 -82.73 49.75
C LEU F 1461 -20.82 -83.15 48.36
N ALA F 1462 -21.30 -82.42 47.34
CA ALA F 1462 -20.98 -82.72 45.96
C ALA F 1462 -19.50 -82.55 45.67
N CYS F 1463 -18.95 -81.42 46.08
CA CYS F 1463 -17.56 -81.09 45.80
C CYS F 1463 -16.58 -81.99 46.55
N VAL F 1464 -16.69 -82.05 47.87
CA VAL F 1464 -15.71 -82.76 48.68
C VAL F 1464 -15.87 -84.28 48.67
N SER F 1465 -17.09 -84.77 48.88
CA SER F 1465 -17.33 -86.21 48.98
C SER F 1465 -17.85 -86.88 47.71
N GLY F 1466 -18.15 -86.09 46.68
CA GLY F 1466 -18.70 -86.61 45.45
C GLY F 1466 -19.91 -87.52 45.66
N VAL F 1467 -20.88 -87.02 46.42
CA VAL F 1467 -22.04 -87.83 46.80
C VAL F 1467 -23.06 -87.96 45.67
N TYR F 1468 -22.88 -87.20 44.60
CA TYR F 1468 -23.75 -87.33 43.43
C TYR F 1468 -23.09 -86.84 42.14
N GLU F 1469 -23.65 -87.26 41.01
CA GLU F 1469 -23.19 -86.81 39.71
C GLU F 1469 -23.51 -85.33 39.53
N LEU F 1470 -22.80 -84.69 38.60
CA LEU F 1470 -23.03 -83.29 38.29
C LEU F 1470 -24.47 -83.05 37.84
N GLU F 1471 -25.00 -83.99 37.05
CA GLU F 1471 -26.39 -83.93 36.61
C GLU F 1471 -27.33 -84.31 37.76
N ALA F 1472 -26.84 -85.18 38.64
CA ALA F 1472 -27.62 -85.61 39.79
C ALA F 1472 -27.78 -84.49 40.80
N LEU F 1473 -26.74 -83.67 40.94
CA LEU F 1473 -26.77 -82.53 41.86
C LEU F 1473 -27.79 -81.50 41.40
N LEU F 1474 -27.82 -81.23 40.09
CA LEU F 1474 -28.70 -80.21 39.55
C LEU F 1474 -30.15 -80.69 39.44
N GLU F 1475 -30.37 -81.98 39.63
CA GLU F 1475 -31.72 -82.53 39.66
C GLU F 1475 -32.37 -82.21 41.00
N VAL F 1476 -31.80 -82.74 42.07
CA VAL F 1476 -32.24 -82.50 43.43
C VAL F 1476 -32.42 -81.01 43.70
N VAL F 1477 -31.39 -80.24 43.37
CA VAL F 1477 -31.38 -78.80 43.62
C VAL F 1477 -32.49 -78.05 42.85
N PHE F 1478 -32.71 -78.45 41.60
CA PHE F 1478 -33.77 -77.85 40.80
C PHE F 1478 -35.14 -78.17 41.38
N HIS F 1479 -35.35 -79.45 41.69
CA HIS F 1479 -36.62 -79.90 42.24
C HIS F 1479 -36.85 -79.31 43.63
N ARG F 1480 -35.78 -79.14 44.39
CA ARG F 1480 -35.85 -78.52 45.70
C ARG F 1480 -36.29 -77.07 45.59
N GLY F 1481 -35.90 -76.43 44.49
CA GLY F 1481 -36.34 -75.08 44.20
C GLY F 1481 -37.82 -75.06 43.88
N SER F 1482 -38.23 -75.94 42.97
CA SER F 1482 -39.64 -76.04 42.58
C SER F 1482 -40.50 -76.49 43.75
N LYS F 1483 -39.89 -77.19 44.70
CA LYS F 1483 -40.60 -77.64 45.89
C LYS F 1483 -40.81 -76.48 46.87
N MET F 1484 -39.91 -75.51 46.84
CA MET F 1484 -39.98 -74.38 47.77
C MET F 1484 -41.06 -73.36 47.37
N HIS F 1485 -41.49 -73.40 46.12
CA HIS F 1485 -42.48 -72.44 45.63
C HIS F 1485 -43.93 -72.79 45.97
N ASP F 1486 -44.26 -74.08 46.00
CA ASP F 1486 -45.65 -74.52 46.17
C ASP F 1486 -46.03 -74.87 47.61
N ILE F 1487 -45.11 -74.67 48.55
CA ILE F 1487 -45.32 -75.12 49.93
C ILE F 1487 -46.28 -74.30 50.79
N VAL F 1488 -46.35 -72.99 50.54
CA VAL F 1488 -47.08 -72.11 51.45
C VAL F 1488 -48.27 -71.40 50.78
N PRO F 1489 -49.37 -71.22 51.54
CA PRO F 1489 -50.59 -70.58 51.05
C PRO F 1489 -50.36 -69.15 50.57
N ARG F 1490 -51.11 -68.75 49.54
CA ARG F 1490 -50.98 -67.41 48.96
C ARG F 1490 -52.34 -66.78 48.73
N ASP F 1491 -52.34 -65.48 48.45
CA ASP F 1491 -53.55 -64.75 48.09
C ASP F 1491 -53.74 -64.76 46.57
N GLU F 1492 -54.69 -63.97 46.09
CA GLU F 1492 -54.89 -63.80 44.65
C GLU F 1492 -53.70 -63.05 44.05
N LEU F 1493 -53.11 -62.17 44.85
CA LEU F 1493 -51.97 -61.37 44.41
C LEU F 1493 -50.66 -62.08 44.70
N GLY F 1494 -50.76 -63.26 45.31
CA GLY F 1494 -49.59 -64.02 45.72
C GLY F 1494 -49.04 -63.51 47.04
N ARG F 1495 -49.90 -62.84 47.79
CA ARG F 1495 -49.50 -62.30 49.09
C ARG F 1495 -49.28 -63.40 50.11
N SER F 1496 -48.54 -63.08 51.17
CA SER F 1496 -48.33 -64.01 52.26
C SER F 1496 -48.68 -63.36 53.59
N ASN F 1497 -49.21 -64.16 54.50
CA ASN F 1497 -49.50 -63.69 55.85
C ASN F 1497 -48.23 -63.74 56.69
N TYR F 1498 -47.16 -64.27 56.11
CA TYR F 1498 -45.90 -64.41 56.83
C TYR F 1498 -44.76 -63.72 56.10
N ARG F 1499 -43.58 -63.71 56.74
CA ARG F 1499 -42.37 -63.15 56.17
C ARG F 1499 -41.15 -63.53 57.02
N LEU F 1500 -39.98 -63.04 56.62
CA LEU F 1500 -38.73 -63.30 57.35
C LEU F 1500 -38.06 -62.00 57.75
N ALA F 1501 -37.30 -62.02 58.84
CA ALA F 1501 -36.62 -60.82 59.30
C ALA F 1501 -35.25 -61.08 59.95
N ALA F 1502 -34.29 -60.22 59.63
CA ALA F 1502 -32.93 -60.42 60.10
C ALA F 1502 -32.63 -59.58 61.34
N ILE F 1503 -32.23 -60.25 62.42
CA ILE F 1503 -31.98 -59.61 63.71
C ILE F 1503 -30.49 -59.41 63.97
N ARG F 1504 -30.12 -58.24 64.50
CA ARG F 1504 -28.80 -58.05 65.11
C ARG F 1504 -28.97 -57.70 66.60
N PRO F 1505 -28.69 -58.67 67.47
CA PRO F 1505 -28.85 -58.50 68.93
C PRO F 1505 -27.90 -57.47 69.52
N SER F 1506 -26.88 -57.08 68.75
CA SER F 1506 -25.86 -56.15 69.22
C SER F 1506 -26.34 -54.70 69.26
N GLN F 1507 -25.38 -53.79 69.48
CA GLN F 1507 -25.60 -52.35 69.63
C GLN F 1507 -26.23 -51.98 70.97
N ILE F 1508 -26.78 -52.96 71.66
CA ILE F 1508 -27.38 -52.78 72.97
C ILE F 1508 -26.97 -53.99 73.81
N ASP F 1509 -27.26 -53.98 75.10
CA ASP F 1509 -26.91 -55.13 75.90
C ASP F 1509 -28.09 -56.08 75.81
N LEU F 1510 -27.89 -57.14 75.05
CA LEU F 1510 -28.90 -58.14 74.77
C LEU F 1510 -28.12 -59.39 74.43
N ASP F 1511 -28.65 -60.57 74.76
CA ASP F 1511 -27.92 -61.79 74.47
C ASP F 1511 -28.76 -62.71 73.60
N ASP F 1512 -28.20 -63.85 73.22
CA ASP F 1512 -28.92 -64.84 72.43
C ASP F 1512 -30.07 -65.40 73.25
N ALA F 1513 -29.84 -65.55 74.55
CA ALA F 1513 -30.86 -66.03 75.46
C ALA F 1513 -31.92 -64.95 75.67
N ASP F 1514 -31.51 -63.69 75.55
CA ASP F 1514 -32.42 -62.56 75.69
C ASP F 1514 -33.32 -62.43 74.45
N VAL F 1515 -32.73 -62.67 73.28
CA VAL F 1515 -33.48 -62.66 72.04
C VAL F 1515 -34.48 -63.81 72.02
N LYS F 1516 -33.99 -65.00 72.34
CA LYS F 1516 -34.82 -66.20 72.41
C LYS F 1516 -35.98 -66.00 73.38
N ASP F 1517 -35.69 -65.42 74.53
CA ASP F 1517 -36.71 -65.11 75.53
C ASP F 1517 -37.79 -64.20 74.96
N PHE F 1518 -37.40 -62.99 74.58
CA PHE F 1518 -38.33 -61.99 74.04
C PHE F 1518 -39.18 -62.52 72.88
N VAL F 1519 -38.58 -63.32 72.01
CA VAL F 1519 -39.32 -63.92 70.90
C VAL F 1519 -40.32 -64.96 71.39
N ALA F 1520 -39.90 -65.78 72.35
CA ALA F 1520 -40.75 -66.82 72.89
C ALA F 1520 -41.95 -66.24 73.63
N GLU F 1521 -41.74 -65.10 74.28
CA GLU F 1521 -42.80 -64.44 75.03
C GLU F 1521 -43.88 -63.87 74.09
N ILE F 1522 -43.43 -63.07 73.12
CA ILE F 1522 -44.34 -62.43 72.17
C ILE F 1522 -45.00 -63.48 71.27
N SER F 1523 -44.39 -64.66 71.17
CA SER F 1523 -44.98 -65.76 70.44
C SER F 1523 -46.17 -66.33 71.21
N GLU F 1524 -45.99 -66.50 72.51
CA GLU F 1524 -47.05 -67.02 73.37
C GLU F 1524 -48.09 -65.96 73.67
N ARG F 1525 -47.63 -64.74 73.91
CA ARG F 1525 -48.50 -63.62 74.28
C ARG F 1525 -49.58 -63.34 73.24
N THR F 1526 -49.15 -62.87 72.06
CA THR F 1526 -50.09 -62.50 71.00
C THR F 1526 -50.84 -63.71 70.45
N GLY F 1527 -50.30 -64.90 70.68
CA GLY F 1527 -50.89 -66.12 70.15
C GLY F 1527 -50.57 -66.29 68.69
N GLU F 1528 -49.74 -65.39 68.17
CA GLU F 1528 -49.31 -65.45 66.77
C GLU F 1528 -48.14 -66.40 66.63
N PHE F 1529 -47.59 -66.48 65.43
CA PHE F 1529 -46.47 -67.37 65.16
C PHE F 1529 -45.17 -66.59 64.95
N LEU F 1530 -44.22 -66.81 65.85
CA LEU F 1530 -42.90 -66.22 65.71
C LEU F 1530 -41.83 -67.26 66.02
N GLU F 1531 -40.95 -67.49 65.06
CA GLU F 1531 -39.93 -68.54 65.16
C GLU F 1531 -38.57 -67.97 64.83
N ILE F 1532 -37.54 -68.37 65.57
CA ILE F 1532 -36.20 -68.01 65.12
C ILE F 1532 -35.81 -69.01 64.05
N VAL F 1533 -35.66 -68.53 62.82
CA VAL F 1533 -35.40 -69.43 61.70
C VAL F 1533 -33.94 -69.80 61.53
N ASN F 1534 -33.07 -68.80 61.63
CA ASN F 1534 -31.65 -69.03 61.42
C ASN F 1534 -30.80 -68.51 62.58
N PHE F 1535 -29.94 -69.39 63.08
CA PHE F 1535 -28.91 -68.98 64.01
C PHE F 1535 -27.66 -68.90 63.16
N ASN F 1536 -27.20 -67.69 62.91
CA ASN F 1536 -26.11 -67.47 61.98
C ASN F 1536 -24.84 -67.03 62.70
N LEU F 1537 -24.88 -65.86 63.31
CA LEU F 1537 -23.75 -65.37 64.07
C LEU F 1537 -24.12 -65.23 65.54
N ARG F 1538 -23.14 -65.44 66.41
CA ARG F 1538 -23.35 -65.48 67.85
C ARG F 1538 -24.14 -64.28 68.36
N GLY F 1539 -23.53 -63.10 68.29
CA GLY F 1539 -24.17 -61.86 68.73
C GLY F 1539 -24.50 -60.94 67.57
N SER F 1540 -24.50 -61.48 66.36
CA SER F 1540 -24.64 -60.63 65.17
C SER F 1540 -25.87 -60.95 64.31
N GLN F 1541 -25.94 -62.14 63.75
CA GLN F 1541 -27.01 -62.45 62.81
C GLN F 1541 -27.99 -63.54 63.23
N TYR F 1542 -29.28 -63.20 63.13
CA TYR F 1542 -30.38 -64.11 63.42
C TYR F 1542 -31.51 -63.84 62.45
N ALA F 1543 -32.18 -64.89 61.99
CA ALA F 1543 -33.30 -64.73 61.08
C ALA F 1543 -34.59 -65.30 61.71
N ILE F 1544 -35.71 -64.59 61.52
CA ILE F 1544 -36.98 -64.93 62.17
C ILE F 1544 -38.18 -64.88 61.20
N ALA F 1545 -38.90 -65.98 61.11
CA ALA F 1545 -40.11 -66.03 60.28
C ALA F 1545 -41.35 -66.39 61.08
N GLY F 1546 -42.49 -65.97 60.56
CA GLY F 1546 -43.78 -66.21 61.17
C GLY F 1546 -44.77 -65.16 60.70
N THR F 1547 -45.85 -64.98 61.43
CA THR F 1547 -46.86 -63.99 61.07
C THR F 1547 -46.23 -62.60 60.95
N VAL F 1548 -46.60 -61.87 59.91
CA VAL F 1548 -46.12 -60.50 59.69
C VAL F 1548 -46.33 -59.60 60.91
N ALA F 1549 -47.47 -59.75 61.59
CA ALA F 1549 -47.75 -58.98 62.80
C ALA F 1549 -46.77 -59.35 63.89
N GLY F 1550 -46.41 -60.63 63.93
CA GLY F 1550 -45.41 -61.12 64.87
C GLY F 1550 -44.04 -60.53 64.56
N LEU F 1551 -43.72 -60.44 63.27
CA LEU F 1551 -42.47 -59.81 62.85
C LEU F 1551 -42.47 -58.32 63.18
N GLU F 1552 -43.64 -57.71 63.08
CA GLU F 1552 -43.79 -56.30 63.42
C GLU F 1552 -43.72 -56.10 64.93
N ALA F 1553 -44.38 -56.99 65.68
CA ALA F 1553 -44.40 -56.86 67.13
C ALA F 1553 -43.03 -57.10 67.71
N LEU F 1554 -42.26 -57.95 67.03
CA LEU F 1554 -40.91 -58.24 67.48
C LEU F 1554 -40.01 -57.07 67.15
N GLU F 1555 -40.20 -56.50 65.97
CA GLU F 1555 -39.49 -55.27 65.60
C GLU F 1555 -39.72 -54.20 66.65
N GLU F 1556 -40.98 -54.05 67.03
CA GLU F 1556 -41.42 -53.07 68.01
C GLU F 1556 -40.75 -53.23 69.37
N GLU F 1557 -40.59 -54.48 69.81
CA GLU F 1557 -40.05 -54.77 71.13
C GLU F 1557 -38.62 -54.26 71.33
N ILE F 1558 -37.74 -54.58 70.39
CA ILE F 1558 -36.34 -54.17 70.50
C ILE F 1558 -36.20 -52.65 70.36
N GLU F 1559 -37.12 -52.03 69.65
CA GLU F 1559 -37.12 -50.58 69.50
C GLU F 1559 -37.44 -49.94 70.84
N ARG F 1560 -38.28 -50.62 71.61
CA ARG F 1560 -38.62 -50.18 72.96
C ARG F 1560 -37.52 -50.57 73.94
N ARG F 1561 -37.01 -51.80 73.80
CA ARG F 1561 -35.97 -52.29 74.70
C ARG F 1561 -34.66 -51.51 74.54
N ARG F 1562 -34.21 -51.33 73.30
CA ARG F 1562 -33.05 -50.50 73.04
C ARG F 1562 -33.39 -49.04 73.31
N GLN F 1563 -32.61 -48.41 74.16
CA GLN F 1563 -32.89 -47.05 74.62
C GLN F 1563 -32.55 -46.01 73.57
N ILE F 1564 -31.66 -46.35 72.66
CA ILE F 1564 -31.14 -45.38 71.69
C ILE F 1564 -31.81 -45.41 70.32
N THR F 1565 -32.82 -46.25 70.14
CA THR F 1565 -33.37 -46.44 68.80
C THR F 1565 -34.31 -45.30 68.45
N GLY F 1566 -33.92 -44.52 67.44
CA GLY F 1566 -34.87 -43.67 66.73
C GLY F 1566 -35.17 -44.17 65.32
N GLY F 1567 -34.33 -45.06 64.82
CA GLY F 1567 -34.38 -45.50 63.43
C GLY F 1567 -34.80 -46.93 63.17
N LYS F 1568 -35.38 -47.59 64.17
CA LYS F 1568 -35.66 -49.02 64.12
C LYS F 1568 -34.39 -49.80 63.80
N ARG F 1569 -33.42 -49.71 64.70
CA ARG F 1569 -32.13 -50.37 64.51
C ARG F 1569 -32.21 -51.87 64.70
N SER F 1570 -31.20 -52.57 64.20
CA SER F 1570 -30.99 -53.99 64.50
C SER F 1570 -31.99 -54.95 63.84
N PHE F 1571 -33.00 -54.40 63.19
CA PHE F 1571 -34.00 -55.22 62.51
C PHE F 1571 -34.11 -54.96 61.00
N ILE F 1572 -33.79 -55.98 60.22
CA ILE F 1572 -33.91 -55.93 58.76
C ILE F 1572 -34.94 -56.95 58.29
N LEU F 1573 -35.99 -56.47 57.64
CA LEU F 1573 -36.97 -57.35 57.04
C LEU F 1573 -36.47 -57.85 55.70
N VAL F 1574 -36.75 -59.13 55.44
CA VAL F 1574 -36.28 -59.77 54.21
C VAL F 1574 -37.28 -59.63 53.06
N PRO F 1575 -36.85 -58.98 51.97
CA PRO F 1575 -37.70 -58.92 50.78
C PRO F 1575 -37.73 -60.26 50.06
N GLY F 1576 -38.88 -60.63 49.51
CA GLY F 1576 -38.98 -61.78 48.63
C GLY F 1576 -39.29 -63.12 49.25
N ILE F 1577 -39.06 -63.28 50.55
CA ILE F 1577 -39.38 -64.54 51.21
C ILE F 1577 -40.78 -64.48 51.85
N ASP F 1578 -41.70 -65.22 51.25
CA ASP F 1578 -43.08 -65.26 51.72
C ASP F 1578 -43.38 -66.50 52.55
N VAL F 1579 -42.40 -67.38 52.68
CA VAL F 1579 -42.59 -68.67 53.35
C VAL F 1579 -41.91 -68.69 54.72
N PRO F 1580 -42.68 -69.03 55.76
CA PRO F 1580 -42.09 -69.24 57.10
C PRO F 1580 -41.42 -70.61 57.18
N PHE F 1581 -40.53 -70.90 56.23
CA PHE F 1581 -39.80 -72.16 56.22
C PHE F 1581 -38.71 -72.17 57.30
N HIS F 1582 -38.22 -73.37 57.63
CA HIS F 1582 -37.32 -73.58 58.76
C HIS F 1582 -38.02 -73.25 60.07
N SER F 1583 -39.32 -73.47 60.07
CA SER F 1583 -40.16 -73.33 61.26
C SER F 1583 -40.93 -74.62 61.43
N SER F 1584 -41.90 -74.63 62.35
CA SER F 1584 -42.66 -75.84 62.62
C SER F 1584 -43.78 -76.09 61.60
N VAL F 1585 -43.91 -75.17 60.64
CA VAL F 1585 -45.00 -75.25 59.65
C VAL F 1585 -44.68 -76.10 58.42
N LEU F 1586 -43.40 -76.41 58.19
CA LEU F 1586 -42.97 -77.01 56.93
C LEU F 1586 -42.80 -78.53 56.93
N ARG F 1587 -43.01 -79.18 58.07
CA ARG F 1587 -42.65 -80.59 58.23
C ARG F 1587 -43.43 -81.60 57.38
N VAL F 1588 -44.47 -81.14 56.69
CA VAL F 1588 -45.33 -82.03 55.91
C VAL F 1588 -44.68 -82.60 54.65
N GLY F 1589 -44.05 -81.73 53.87
CA GLY F 1589 -43.55 -82.10 52.55
C GLY F 1589 -42.19 -82.76 52.48
N VAL F 1590 -41.75 -83.32 53.61
CA VAL F 1590 -40.44 -83.97 53.66
C VAL F 1590 -40.43 -85.36 53.03
N ALA F 1591 -41.44 -86.16 53.33
CA ALA F 1591 -41.50 -87.55 52.89
C ALA F 1591 -41.38 -87.72 51.38
N ASP F 1592 -41.92 -86.77 50.63
CA ASP F 1592 -41.84 -86.81 49.18
C ASP F 1592 -40.43 -86.44 48.72
N PHE F 1593 -39.81 -85.51 49.42
CA PHE F 1593 -38.45 -85.09 49.10
C PHE F 1593 -37.44 -86.09 49.63
N ARG F 1594 -37.81 -86.79 50.70
CA ARG F 1594 -36.94 -87.81 51.30
C ARG F 1594 -36.81 -89.00 50.36
N ARG F 1595 -37.86 -89.29 49.62
CA ARG F 1595 -37.83 -90.35 48.62
C ARG F 1595 -37.09 -89.89 47.37
N SER F 1596 -37.30 -88.62 47.01
CA SER F 1596 -36.64 -88.04 45.85
C SER F 1596 -35.12 -88.06 46.00
N LEU F 1597 -34.66 -87.84 47.23
CA LEU F 1597 -33.23 -87.87 47.52
C LEU F 1597 -32.65 -89.26 47.34
N GLU F 1598 -33.33 -90.27 47.90
CA GLU F 1598 -32.87 -91.65 47.82
C GLU F 1598 -32.80 -92.16 46.38
N ARG F 1599 -33.57 -91.53 45.49
CA ARG F 1599 -33.55 -91.88 44.08
C ARG F 1599 -32.32 -91.31 43.39
N VAL F 1600 -31.99 -90.06 43.69
CA VAL F 1600 -30.87 -89.37 43.06
C VAL F 1600 -29.57 -89.57 43.84
N MET F 1601 -29.68 -90.09 45.06
CA MET F 1601 -28.51 -90.35 45.90
C MET F 1601 -28.41 -91.82 46.26
N PRO F 1602 -27.72 -92.61 45.42
CA PRO F 1602 -27.57 -94.06 45.58
C PRO F 1602 -26.66 -94.45 46.76
N ARG F 1603 -26.41 -95.73 46.90
CA ARG F 1603 -25.72 -96.26 48.08
C ARG F 1603 -24.22 -96.46 47.91
N ASP F 1604 -23.68 -96.15 46.73
CA ASP F 1604 -22.23 -96.28 46.55
C ASP F 1604 -21.61 -94.90 46.66
N LYS F 1605 -20.99 -94.64 47.81
CA LYS F 1605 -20.50 -93.31 48.18
C LYS F 1605 -19.35 -93.46 49.15
N ASP F 1606 -18.59 -92.40 49.37
CA ASP F 1606 -17.47 -92.45 50.31
C ASP F 1606 -17.87 -91.99 51.72
N PRO F 1607 -17.87 -92.93 52.67
CA PRO F 1607 -18.20 -92.65 54.07
C PRO F 1607 -17.22 -91.69 54.74
N GLU F 1608 -15.93 -91.90 54.51
CA GLU F 1608 -14.90 -91.14 55.22
C GLU F 1608 -14.85 -89.67 54.83
N LEU F 1609 -14.98 -89.39 53.54
CA LEU F 1609 -14.95 -88.01 53.05
C LEU F 1609 -16.01 -87.16 53.73
N ILE F 1610 -17.14 -87.77 54.06
CA ILE F 1610 -18.19 -87.08 54.80
C ILE F 1610 -17.94 -87.03 56.31
N ILE F 1611 -17.50 -88.16 56.88
CA ILE F 1611 -17.43 -88.28 58.33
C ILE F 1611 -16.38 -87.38 58.96
N GLY F 1612 -16.83 -86.50 59.84
CA GLY F 1612 -15.97 -85.60 60.59
C GLY F 1612 -15.68 -84.34 59.81
N ARG F 1613 -15.75 -84.45 58.49
CA ARG F 1613 -15.57 -83.32 57.60
C ARG F 1613 -16.86 -82.51 57.40
N TYR F 1614 -18.01 -83.19 57.45
CA TYR F 1614 -19.28 -82.58 57.08
C TYR F 1614 -20.13 -82.19 58.30
N ILE F 1615 -20.58 -80.95 58.31
CA ILE F 1615 -21.45 -80.44 59.37
C ILE F 1615 -22.83 -80.14 58.82
N PRO F 1616 -23.82 -80.99 59.13
CA PRO F 1616 -25.18 -80.71 58.67
C PRO F 1616 -25.76 -79.43 59.25
N ASN F 1617 -26.96 -79.09 58.82
CA ASN F 1617 -27.68 -77.92 59.30
C ASN F 1617 -28.56 -78.30 60.47
N LEU F 1618 -29.49 -79.20 60.21
CA LEU F 1618 -30.32 -79.82 61.24
C LEU F 1618 -29.50 -80.35 62.40
N VAL F 1619 -28.28 -80.79 62.09
CA VAL F 1619 -27.36 -81.30 63.11
C VAL F 1619 -26.03 -80.54 63.11
N PRO F 1620 -25.92 -79.55 64.00
CA PRO F 1620 -24.83 -78.59 64.15
C PRO F 1620 -23.47 -79.24 64.39
N ARG F 1621 -23.46 -80.54 64.69
CA ARG F 1621 -22.24 -81.23 65.10
C ARG F 1621 -21.77 -82.17 64.00
N PRO F 1622 -20.45 -82.45 63.94
CA PRO F 1622 -19.89 -83.04 62.72
C PRO F 1622 -20.41 -84.43 62.45
N PHE F 1623 -20.50 -84.79 61.18
CA PHE F 1623 -21.02 -86.09 60.79
C PHE F 1623 -20.11 -87.21 61.28
N THR F 1624 -20.69 -88.15 62.01
CA THR F 1624 -20.04 -89.39 62.34
C THR F 1624 -21.13 -90.43 62.50
N LEU F 1625 -20.89 -91.66 62.07
CA LEU F 1625 -21.92 -92.68 62.20
C LEU F 1625 -21.70 -93.41 63.52
N ASP F 1626 -22.61 -93.17 64.46
CA ASP F 1626 -22.52 -93.72 65.80
C ASP F 1626 -23.92 -93.78 66.40
N ARG F 1627 -24.10 -94.62 67.41
CA ARG F 1627 -25.38 -94.73 68.08
C ARG F 1627 -25.73 -93.41 68.77
N ASP F 1628 -24.70 -92.67 69.17
CA ASP F 1628 -24.89 -91.37 69.80
C ASP F 1628 -25.43 -90.34 68.81
N PHE F 1629 -24.81 -90.30 67.63
CA PHE F 1629 -25.15 -89.32 66.61
C PHE F 1629 -26.54 -89.53 66.04
N ILE F 1630 -26.85 -90.77 65.67
CA ILE F 1630 -28.14 -91.11 65.10
C ILE F 1630 -29.29 -90.76 66.06
N GLN F 1631 -29.00 -90.85 67.36
CA GLN F 1631 -30.00 -90.50 68.36
C GLN F 1631 -30.26 -89.00 68.40
N GLU F 1632 -29.20 -88.21 68.26
CA GLU F 1632 -29.32 -86.76 68.23
C GLU F 1632 -30.20 -86.31 67.08
N ILE F 1633 -30.09 -87.00 65.95
CA ILE F 1633 -30.93 -86.72 64.79
C ILE F 1633 -32.40 -86.97 65.14
N ARG F 1634 -32.69 -88.19 65.59
CA ARG F 1634 -34.05 -88.59 65.97
C ARG F 1634 -34.69 -87.62 66.96
N ASP F 1635 -33.91 -87.14 67.92
CA ASP F 1635 -34.42 -86.19 68.90
C ASP F 1635 -34.85 -84.89 68.24
N LEU F 1636 -34.01 -84.37 67.36
CA LEU F 1636 -34.32 -83.15 66.63
C LEU F 1636 -35.38 -83.42 65.58
N VAL F 1637 -35.23 -84.54 64.88
CA VAL F 1637 -36.19 -84.95 63.86
C VAL F 1637 -36.67 -86.41 64.01
N PRO F 1638 -37.84 -86.58 64.66
CA PRO F 1638 -38.42 -87.92 64.77
C PRO F 1638 -38.65 -88.54 63.40
N ALA F 1639 -38.15 -89.76 63.19
CA ALA F 1639 -38.22 -90.41 61.88
C ALA F 1639 -38.26 -91.93 61.98
N GLU F 1640 -38.97 -92.54 61.03
CA GLU F 1640 -39.12 -94.00 60.97
C GLU F 1640 -37.85 -94.79 60.60
N PRO F 1641 -37.10 -94.35 59.56
CA PRO F 1641 -35.88 -95.12 59.27
C PRO F 1641 -34.84 -95.01 60.39
N LEU F 1642 -34.86 -93.90 61.11
CA LEU F 1642 -33.88 -93.65 62.17
C LEU F 1642 -34.19 -94.35 63.49
N ASP F 1643 -35.46 -94.33 63.89
CA ASP F 1643 -35.83 -94.83 65.21
C ASP F 1643 -35.62 -96.33 65.36
N GLU F 1644 -35.71 -97.05 64.25
CA GLU F 1644 -35.48 -98.49 64.25
C GLU F 1644 -33.99 -98.80 64.42
N VAL F 1645 -33.15 -98.11 63.66
CA VAL F 1645 -31.70 -98.28 63.73
C VAL F 1645 -31.20 -98.05 65.15
N LEU F 1646 -31.80 -97.06 65.83
CA LEU F 1646 -31.49 -96.78 67.21
C LEU F 1646 -31.97 -97.89 68.13
N ALA F 1647 -33.12 -98.47 67.79
CA ALA F 1647 -33.70 -99.55 68.59
C ALA F 1647 -32.78 -100.75 68.64
N ASP F 1648 -32.36 -101.24 67.47
CA ASP F 1648 -31.35 -102.30 67.42
C ASP F 1648 -30.05 -101.83 66.78
N TYR F 1649 -29.03 -101.63 67.61
CA TYR F 1649 -27.69 -101.27 67.13
C TYR F 1649 -26.84 -102.54 67.03
N ASP F 1650 -27.48 -103.68 67.25
CA ASP F 1650 -26.83 -104.99 67.30
C ASP F 1650 -26.72 -105.62 65.91
N THR F 1651 -27.01 -104.80 64.91
CA THR F 1651 -26.93 -105.15 63.50
C THR F 1651 -25.49 -105.07 63.01
N TRP F 1652 -24.58 -105.07 63.99
CA TRP F 1652 -23.15 -104.75 63.86
C TRP F 1652 -22.42 -105.36 62.66
N ARG F 1653 -22.96 -106.43 62.08
CA ARG F 1653 -22.33 -107.10 60.95
C ARG F 1653 -21.91 -106.12 59.85
N ASN F 1654 -20.74 -106.36 59.26
CA ASN F 1654 -20.03 -105.37 58.45
C ASN F 1654 -20.69 -104.92 57.14
N GLU F 1655 -21.80 -105.53 56.77
CA GLU F 1655 -22.52 -105.10 55.57
C GLU F 1655 -23.22 -103.75 55.80
N LYS F 1656 -23.51 -103.46 57.06
CA LYS F 1656 -24.28 -102.27 57.45
C LYS F 1656 -23.67 -100.86 57.30
N PRO F 1657 -22.42 -100.63 57.77
CA PRO F 1657 -21.92 -99.26 57.99
C PRO F 1657 -22.11 -98.28 56.83
N LYS F 1658 -21.79 -98.69 55.61
CA LYS F 1658 -21.97 -97.81 54.45
C LYS F 1658 -23.45 -97.56 54.22
N GLU F 1659 -24.24 -98.63 54.35
CA GLU F 1659 -25.69 -98.55 54.19
C GLU F 1659 -26.30 -97.66 55.26
N LEU F 1660 -25.69 -97.64 56.44
CA LEU F 1660 -26.14 -96.77 57.52
C LEU F 1660 -25.83 -95.31 57.23
N CYS F 1661 -24.60 -95.05 56.83
CA CYS F 1661 -24.18 -93.69 56.48
C CYS F 1661 -25.01 -93.13 55.34
N ARG F 1662 -25.37 -93.99 54.40
CA ARG F 1662 -26.10 -93.56 53.21
C ARG F 1662 -27.50 -93.05 53.53
N LYS F 1663 -28.15 -93.66 54.51
CA LYS F 1663 -29.48 -93.22 54.93
C LYS F 1663 -29.42 -92.04 55.89
N VAL F 1664 -28.41 -92.03 56.77
CA VAL F 1664 -28.23 -90.93 57.71
C VAL F 1664 -27.93 -89.63 56.96
N VAL F 1665 -27.11 -89.72 55.92
CA VAL F 1665 -26.80 -88.57 55.07
C VAL F 1665 -28.06 -88.01 54.42
N ILE F 1666 -28.90 -88.90 53.91
CA ILE F 1666 -30.14 -88.49 53.25
C ILE F 1666 -31.16 -87.93 54.24
N GLU F 1667 -31.22 -88.53 55.43
CA GLU F 1667 -32.11 -88.05 56.49
C GLU F 1667 -31.79 -86.60 56.86
N LEU F 1668 -30.50 -86.28 56.91
CA LEU F 1668 -30.05 -84.94 57.27
C LEU F 1668 -30.41 -83.93 56.19
N LEU F 1669 -30.31 -84.34 54.92
CA LEU F 1669 -30.60 -83.45 53.80
C LEU F 1669 -32.10 -83.26 53.59
N ALA F 1670 -32.86 -84.32 53.81
CA ALA F 1670 -34.30 -84.28 53.59
C ALA F 1670 -35.00 -83.41 54.64
N TRP F 1671 -34.56 -83.54 55.89
CA TRP F 1671 -35.16 -82.79 56.99
C TRP F 1671 -34.44 -81.47 57.24
N GLN F 1672 -33.43 -81.19 56.42
CA GLN F 1672 -32.77 -79.89 56.45
C GLN F 1672 -33.79 -78.84 56.02
N PHE F 1673 -34.76 -79.29 55.22
CA PHE F 1673 -35.88 -78.47 54.81
C PHE F 1673 -36.62 -77.91 56.01
N ALA F 1674 -36.84 -78.75 57.01
CA ALA F 1674 -37.61 -78.39 58.19
C ALA F 1674 -36.80 -77.68 59.27
N SER F 1675 -35.80 -78.37 59.81
CA SER F 1675 -35.01 -77.82 60.91
C SER F 1675 -34.25 -76.55 60.55
N PRO F 1676 -34.19 -75.60 61.49
CA PRO F 1676 -33.41 -74.37 61.36
C PRO F 1676 -31.95 -74.64 61.06
N VAL F 1677 -31.35 -73.85 60.19
CA VAL F 1677 -29.92 -73.93 59.92
C VAL F 1677 -29.17 -73.28 61.08
N ARG F 1678 -28.29 -74.02 61.73
CA ARG F 1678 -27.47 -73.40 62.76
C ARG F 1678 -26.08 -73.13 62.20
N TRP F 1679 -25.83 -71.85 61.88
CA TRP F 1679 -24.50 -71.40 61.47
C TRP F 1679 -23.61 -71.02 62.65
N ILE F 1680 -24.22 -70.47 63.71
CA ILE F 1680 -23.48 -70.15 64.94
C ILE F 1680 -22.75 -71.37 65.43
N GLU F 1681 -23.51 -72.44 65.66
CA GLU F 1681 -22.99 -73.67 66.22
C GLU F 1681 -22.00 -74.29 65.26
N THR F 1682 -22.27 -74.17 63.96
CA THR F 1682 -21.35 -74.64 62.93
C THR F 1682 -19.98 -73.99 63.06
N GLN F 1683 -19.99 -72.68 63.23
CA GLN F 1683 -18.75 -71.94 63.44
C GLN F 1683 -18.13 -72.32 64.78
N ASP F 1684 -18.93 -72.25 65.84
CA ASP F 1684 -18.44 -72.55 67.18
C ASP F 1684 -17.93 -73.98 67.32
N LEU F 1685 -18.59 -74.91 66.62
CA LEU F 1685 -18.17 -76.31 66.60
C LEU F 1685 -16.76 -76.47 66.08
N LEU F 1686 -16.44 -75.76 64.99
CA LEU F 1686 -15.09 -75.76 64.44
C LEU F 1686 -14.08 -75.37 65.52
N PHE F 1687 -14.42 -74.37 66.32
CA PHE F 1687 -13.57 -73.98 67.44
C PHE F 1687 -13.46 -75.10 68.48
N ILE F 1688 -14.58 -75.74 68.78
CA ILE F 1688 -14.60 -76.83 69.76
C ILE F 1688 -13.71 -77.99 69.34
N GLU F 1689 -13.80 -78.38 68.07
CA GLU F 1689 -13.04 -79.50 67.54
C GLU F 1689 -11.55 -79.19 67.45
N GLU F 1690 -11.23 -77.98 67.01
CA GLU F 1690 -9.84 -77.53 66.95
C GLU F 1690 -9.23 -77.53 68.34
N ALA F 1691 -9.85 -76.79 69.27
CA ALA F 1691 -9.35 -76.64 70.64
C ALA F 1691 -9.03 -77.99 71.28
N ALA F 1692 -9.86 -78.98 71.04
CA ALA F 1692 -9.60 -80.32 71.53
C ALA F 1692 -8.56 -81.06 70.68
N GLY F 1693 -8.44 -80.65 69.42
CA GLY F 1693 -7.50 -81.29 68.51
C GLY F 1693 -6.29 -80.43 68.19
N GLY F 1694 -6.15 -79.32 68.92
CA GLY F 1694 -5.04 -78.40 68.72
C GLY F 1694 -5.47 -77.17 67.94
N LEU F 1695 -4.89 -76.03 68.31
CA LEU F 1695 -5.38 -74.76 67.79
C LEU F 1695 -4.58 -74.19 66.63
N GLY F 1696 -3.57 -74.91 66.16
CA GLY F 1696 -2.65 -74.39 65.16
C GLY F 1696 -3.30 -73.97 63.86
N VAL F 1697 -2.53 -73.27 63.02
CA VAL F 1697 -3.03 -72.41 61.94
C VAL F 1697 -4.12 -73.05 61.11
N GLU F 1698 -5.19 -72.28 60.87
CA GLU F 1698 -6.31 -72.75 60.08
C GLU F 1698 -6.57 -71.77 58.93
N ARG F 1699 -7.09 -72.29 57.82
CA ARG F 1699 -7.43 -71.42 56.69
C ARG F 1699 -8.90 -71.65 56.34
N PHE F 1700 -9.67 -70.59 56.29
CA PHE F 1700 -11.10 -70.71 55.98
C PHE F 1700 -11.39 -70.16 54.59
N VAL F 1701 -11.75 -71.06 53.68
CA VAL F 1701 -11.97 -70.70 52.29
C VAL F 1701 -13.43 -70.88 51.87
N GLU F 1702 -13.99 -69.86 51.24
CA GLU F 1702 -15.36 -69.90 50.76
C GLU F 1702 -15.38 -69.97 49.24
N ILE F 1703 -16.24 -70.83 48.70
CA ILE F 1703 -16.24 -71.12 47.27
C ILE F 1703 -17.63 -70.83 46.68
N GLY F 1704 -17.72 -70.79 45.35
CA GLY F 1704 -18.95 -70.33 44.70
C GLY F 1704 -18.83 -68.95 44.11
N VAL F 1705 -17.58 -68.47 43.98
CA VAL F 1705 -17.29 -67.14 43.43
C VAL F 1705 -17.97 -66.03 44.24
N LYS F 1706 -18.89 -65.28 43.61
CA LYS F 1706 -19.40 -64.06 44.21
C LYS F 1706 -20.19 -64.28 45.51
N SER F 1707 -20.47 -65.53 45.83
CA SER F 1707 -21.15 -65.86 47.08
C SER F 1707 -20.16 -65.95 48.23
N ALA F 1708 -18.87 -66.01 47.88
CA ALA F 1708 -17.78 -66.14 48.86
C ALA F 1708 -17.60 -65.03 49.91
N PRO F 1709 -17.88 -63.76 49.58
CA PRO F 1709 -17.67 -62.78 50.65
C PRO F 1709 -18.62 -62.94 51.85
N THR F 1710 -19.82 -63.45 51.62
CA THR F 1710 -20.86 -63.48 52.66
C THR F 1710 -20.53 -64.24 53.95
N VAL F 1711 -20.46 -65.57 53.87
CA VAL F 1711 -20.27 -66.39 55.07
C VAL F 1711 -18.86 -66.24 55.65
N ALA F 1712 -17.98 -65.62 54.85
CA ALA F 1712 -16.65 -65.23 55.30
C ALA F 1712 -16.75 -64.00 56.18
N GLY F 1713 -17.53 -63.02 55.71
CA GLY F 1713 -17.83 -61.84 56.50
C GLY F 1713 -18.62 -62.23 57.74
N LEU F 1714 -19.41 -63.30 57.60
CA LEU F 1714 -20.08 -63.90 58.75
C LEU F 1714 -19.05 -64.48 59.70
N ALA F 1715 -18.04 -65.14 59.13
CA ALA F 1715 -16.98 -65.74 59.94
C ALA F 1715 -16.08 -64.65 60.53
N THR F 1716 -15.73 -63.67 59.70
CA THR F 1716 -14.86 -62.57 60.11
C THR F 1716 -15.34 -61.88 61.39
N ASN F 1717 -16.60 -61.48 61.41
CA ASN F 1717 -17.19 -60.82 62.58
C ASN F 1717 -17.33 -61.77 63.76
N THR F 1718 -17.42 -63.05 63.44
CA THR F 1718 -17.46 -64.09 64.43
C THR F 1718 -16.06 -64.37 64.96
N LEU F 1719 -15.06 -64.15 64.12
CA LEU F 1719 -13.67 -64.39 64.51
C LEU F 1719 -13.27 -63.29 65.46
N LYS F 1720 -14.03 -62.22 65.45
CA LYS F 1720 -13.71 -61.06 66.25
C LYS F 1720 -14.27 -61.29 67.64
N LEU F 1721 -15.60 -61.31 67.74
CA LEU F 1721 -16.27 -61.27 69.03
C LEU F 1721 -16.02 -62.44 70.01
N PRO F 1722 -16.41 -63.69 69.67
CA PRO F 1722 -15.97 -64.73 70.62
C PRO F 1722 -14.48 -65.06 70.56
N GLU F 1723 -13.86 -64.93 69.38
CA GLU F 1723 -12.53 -65.50 69.10
C GLU F 1723 -11.34 -64.60 69.42
N TYR F 1724 -11.59 -63.57 70.21
CA TYR F 1724 -10.65 -62.51 70.54
C TYR F 1724 -9.29 -63.02 71.05
N SER F 1725 -9.16 -64.34 71.18
CA SER F 1725 -8.04 -65.03 71.81
C SER F 1725 -6.69 -64.76 71.14
N HIS F 1726 -6.72 -63.96 70.08
CA HIS F 1726 -5.56 -63.69 69.23
C HIS F 1726 -5.04 -64.96 68.55
N SER F 1727 -5.78 -65.46 67.57
CA SER F 1727 -5.35 -66.62 66.79
C SER F 1727 -4.97 -66.22 65.37
N THR F 1728 -4.07 -66.99 64.76
CA THR F 1728 -3.66 -66.75 63.38
C THR F 1728 -4.68 -67.50 62.55
N VAL F 1729 -5.48 -66.75 61.81
CA VAL F 1729 -6.55 -67.33 61.01
C VAL F 1729 -6.60 -66.61 59.67
N GLU F 1730 -6.88 -67.35 58.60
CA GLU F 1730 -6.98 -66.74 57.29
C GLU F 1730 -8.35 -66.93 56.66
N VAL F 1731 -9.02 -65.82 56.40
CA VAL F 1731 -10.32 -65.82 55.75
C VAL F 1731 -10.13 -65.55 54.27
N LEU F 1732 -10.44 -66.54 53.44
CA LEU F 1732 -10.22 -66.43 52.00
C LEU F 1732 -11.49 -66.63 51.19
N ASN F 1733 -11.66 -65.83 50.16
CA ASN F 1733 -12.85 -65.90 49.31
C ASN F 1733 -12.49 -66.21 47.86
N SER F 1734 -13.29 -67.07 47.22
CA SER F 1734 -13.07 -67.45 45.83
C SER F 1734 -13.17 -66.25 44.90
N GLU F 1735 -14.22 -65.45 45.10
CA GLU F 1735 -14.40 -64.22 44.35
C GLU F 1735 -13.24 -63.25 44.55
N ARG F 1736 -13.09 -62.77 45.79
CA ARG F 1736 -12.13 -61.72 46.12
C ARG F 1736 -10.67 -62.16 46.14
N ASP F 1737 -10.40 -63.24 46.87
CA ASP F 1737 -9.04 -63.60 47.28
C ASP F 1737 -8.28 -64.57 46.34
N ALA F 1738 -8.83 -64.83 45.17
CA ALA F 1738 -8.36 -65.90 44.27
C ALA F 1738 -6.84 -66.01 44.12
N ALA F 1739 -6.15 -64.87 44.10
CA ALA F 1739 -4.69 -64.86 44.05
C ALA F 1739 -4.08 -65.63 45.23
N VAL F 1740 -4.75 -65.59 46.38
CA VAL F 1740 -4.29 -66.29 47.57
C VAL F 1740 -4.63 -67.78 47.53
N LEU F 1741 -5.78 -68.10 46.95
CA LEU F 1741 -6.24 -69.48 46.83
C LEU F 1741 -5.26 -70.33 46.02
N PHE F 1742 -4.96 -69.86 44.82
CA PHE F 1742 -4.07 -70.56 43.91
C PHE F 1742 -2.61 -70.25 44.25
N ALA F 1743 -2.42 -69.43 45.28
CA ALA F 1743 -1.09 -69.10 45.82
C ALA F 1743 -0.23 -68.26 44.88
N THR F 1744 -0.77 -67.94 43.70
CA THR F 1744 -0.03 -67.15 42.73
C THR F 1744 0.11 -65.70 43.20
N ASP F 1745 1.35 -65.24 43.31
CA ASP F 1745 1.66 -63.88 43.75
C ASP F 1745 3.16 -63.62 43.67
N SER F 1983 6.65 -12.93 25.39
CA SER F 1983 7.62 -13.97 25.06
C SER F 1983 8.24 -13.72 23.69
N ALA F 1984 7.40 -13.61 22.67
CA ALA F 1984 7.87 -13.38 21.31
C ALA F 1984 7.67 -11.93 20.87
N ALA F 1985 8.73 -11.32 20.36
CA ALA F 1985 8.70 -9.94 19.89
C ALA F 1985 7.89 -9.78 18.61
N LEU F 1986 7.42 -10.90 18.07
CA LEU F 1986 6.74 -10.94 16.78
C LEU F 1986 5.40 -10.21 16.71
N GLY F 1987 4.93 -9.69 17.84
CA GLY F 1987 3.61 -9.09 17.95
C GLY F 1987 3.19 -8.12 16.85
N GLU F 1988 4.12 -7.28 16.39
CA GLU F 1988 3.81 -6.33 15.32
C GLU F 1988 3.85 -6.98 13.95
N PHE F 1989 4.44 -8.17 13.87
CA PHE F 1989 4.48 -8.93 12.63
C PHE F 1989 3.17 -9.67 12.43
N ALA F 1990 2.36 -9.72 13.49
CA ALA F 1990 1.01 -10.26 13.40
C ALA F 1990 0.09 -9.19 12.81
N GLU F 1991 0.35 -7.95 13.18
CA GLU F 1991 -0.42 -6.81 12.66
C GLU F 1991 -0.09 -6.58 11.20
N LYS F 1992 1.16 -6.86 10.82
CA LYS F 1992 1.61 -6.65 9.46
C LYS F 1992 1.06 -7.72 8.52
N VAL F 1993 0.51 -8.79 9.08
CA VAL F 1993 -0.19 -9.80 8.29
C VAL F 1993 -1.61 -9.35 7.98
N THR F 1994 -2.24 -8.73 8.98
CA THR F 1994 -3.63 -8.29 8.87
C THR F 1994 -3.86 -7.28 7.75
N GLY F 1995 -2.90 -6.37 7.59
CA GLY F 1995 -3.02 -5.30 6.61
C GLY F 1995 -3.19 -5.74 5.17
N PRO F 1996 -2.24 -6.54 4.65
CA PRO F 1996 -2.33 -7.09 3.30
C PRO F 1996 -3.56 -7.98 3.12
N ASP F 1997 -4.01 -8.63 4.19
CA ASP F 1997 -5.24 -9.40 4.15
C ASP F 1997 -6.40 -8.51 3.76
N GLY F 1998 -6.43 -7.30 4.32
CA GLY F 1998 -7.42 -6.30 3.95
C GLY F 1998 -7.19 -5.82 2.53
N VAL F 1999 -5.91 -5.68 2.17
CA VAL F 1999 -5.54 -5.31 0.81
C VAL F 1999 -5.92 -6.45 -0.14
N LEU F 2000 -5.75 -7.69 0.32
CA LEU F 2000 -6.11 -8.86 -0.46
C LEU F 2000 -7.62 -8.96 -0.63
N ALA F 2001 -8.34 -8.85 0.48
CA ALA F 2001 -9.80 -8.99 0.47
C ALA F 2001 -10.46 -7.91 -0.37
N SER F 2002 -10.02 -6.67 -0.22
CA SER F 2002 -10.59 -5.55 -0.97
C SER F 2002 -10.32 -5.69 -2.46
N ALA F 2003 -9.11 -6.11 -2.81
CA ALA F 2003 -8.74 -6.29 -4.22
C ALA F 2003 -9.47 -7.47 -4.84
N ALA F 2004 -9.72 -8.50 -4.04
CA ALA F 2004 -10.40 -9.69 -4.51
C ALA F 2004 -11.84 -9.42 -4.90
N ARG F 2005 -12.47 -8.47 -4.19
CA ARG F 2005 -13.86 -8.12 -4.47
C ARG F 2005 -13.98 -7.33 -5.77
N LEU F 2006 -12.90 -6.66 -6.15
CA LEU F 2006 -12.88 -5.87 -7.38
C LEU F 2006 -12.84 -6.77 -8.61
N VAL F 2007 -12.12 -7.87 -8.50
CA VAL F 2007 -11.98 -8.82 -9.61
C VAL F 2007 -13.14 -9.81 -9.60
N LEU F 2008 -14.04 -9.63 -8.64
CA LEU F 2008 -15.23 -10.49 -8.50
C LEU F 2008 -14.86 -11.95 -8.27
N ASN F 2009 -13.73 -12.18 -7.61
CA ASN F 2009 -13.35 -13.53 -7.21
C ASN F 2009 -14.14 -13.92 -5.97
N GLN F 2010 -14.94 -14.97 -6.09
CA GLN F 2010 -15.93 -15.29 -5.08
C GLN F 2010 -15.41 -16.24 -4.01
N LEU F 2011 -15.41 -15.77 -2.77
CA LEU F 2011 -14.98 -16.57 -1.63
C LEU F 2011 -16.19 -16.98 -0.81
N GLY F 2012 -16.11 -18.15 -0.20
CA GLY F 2012 -17.26 -18.71 0.48
C GLY F 2012 -18.31 -19.10 -0.54
N LEU F 2013 -17.92 -19.91 -1.51
CA LEU F 2013 -18.85 -20.44 -2.51
C LEU F 2013 -19.36 -21.87 -2.27
N SER F 2014 -18.91 -22.51 -1.19
CA SER F 2014 -19.24 -23.92 -0.98
C SER F 2014 -20.68 -24.13 -0.53
N ASP F 2015 -21.44 -24.87 -1.31
CA ASP F 2015 -22.85 -25.14 -1.00
C ASP F 2015 -23.10 -26.64 -0.96
N VAL F 2016 -24.36 -27.03 -0.86
CA VAL F 2016 -24.68 -28.45 -0.86
C VAL F 2016 -24.93 -28.83 -2.31
N VAL F 2017 -23.95 -29.52 -2.89
CA VAL F 2017 -24.00 -29.95 -4.29
C VAL F 2017 -23.52 -31.39 -4.47
N THR F 2018 -22.24 -31.61 -4.20
CA THR F 2018 -21.55 -32.85 -4.58
C THR F 2018 -21.55 -33.91 -3.49
N THR F 2019 -20.88 -33.62 -2.37
CA THR F 2019 -20.71 -34.57 -1.27
C THR F 2019 -21.97 -35.30 -0.79
N PRO F 2020 -23.06 -34.57 -0.49
CA PRO F 2020 -24.25 -35.28 0.01
C PRO F 2020 -24.88 -36.19 -1.05
N GLU F 2021 -24.81 -35.79 -2.31
CA GLU F 2021 -25.28 -36.64 -3.39
C GLU F 2021 -24.45 -37.90 -3.44
N ALA F 2022 -23.14 -37.73 -3.30
CA ALA F 2022 -22.22 -38.86 -3.22
C ALA F 2022 -22.49 -39.67 -1.95
N ALA F 2023 -22.78 -38.94 -0.87
CA ALA F 2023 -23.12 -39.58 0.39
C ALA F 2023 -24.42 -40.37 0.27
N THR F 2024 -25.35 -39.84 -0.52
CA THR F 2024 -26.60 -40.53 -0.80
C THR F 2024 -26.32 -41.77 -1.65
N ASP F 2025 -25.43 -41.61 -2.63
CA ASP F 2025 -25.03 -42.72 -3.48
C ASP F 2025 -24.24 -43.76 -2.68
N ALA F 2026 -23.37 -43.28 -1.80
CA ALA F 2026 -22.58 -44.17 -0.95
C ALA F 2026 -23.45 -44.86 0.08
N GLU F 2027 -24.58 -44.25 0.40
CA GLU F 2027 -25.52 -44.84 1.36
C GLU F 2027 -26.27 -45.99 0.72
N LEU F 2028 -26.66 -45.82 -0.54
CA LEU F 2028 -27.40 -46.85 -1.27
C LEU F 2028 -26.54 -48.08 -1.52
N ILE F 2029 -25.28 -47.87 -1.89
CA ILE F 2029 -24.38 -48.98 -2.18
C ILE F 2029 -24.03 -49.76 -0.91
N ASP F 2030 -24.13 -49.09 0.24
CA ASP F 2030 -23.91 -49.75 1.52
C ASP F 2030 -25.10 -50.62 1.88
N LEU F 2031 -26.30 -50.13 1.57
CA LEU F 2031 -27.53 -50.87 1.84
C LEU F 2031 -27.63 -52.10 0.96
N VAL F 2032 -27.28 -51.94 -0.32
CA VAL F 2032 -27.29 -53.04 -1.28
C VAL F 2032 -26.31 -54.13 -0.85
N THR F 2033 -25.15 -53.71 -0.37
CA THR F 2033 -24.13 -54.65 0.12
C THR F 2033 -24.61 -55.35 1.39
N ALA F 2034 -25.31 -54.61 2.24
CA ALA F 2034 -25.82 -55.16 3.50
C ALA F 2034 -26.77 -56.33 3.26
N GLU F 2035 -27.60 -56.22 2.24
CA GLU F 2035 -28.55 -57.27 1.90
C GLU F 2035 -27.89 -58.48 1.27
N LEU F 2036 -27.09 -58.25 0.23
CA LEU F 2036 -26.53 -59.33 -0.58
C LEU F 2036 -25.28 -59.99 0.00
N GLY F 2037 -24.48 -59.22 0.73
CA GLY F 2037 -23.24 -59.74 1.30
C GLY F 2037 -21.99 -59.27 0.57
N SER F 2038 -20.83 -59.73 1.05
CA SER F 2038 -19.54 -59.29 0.51
C SER F 2038 -19.11 -60.01 -0.76
N ASP F 2039 -19.32 -61.32 -0.80
CA ASP F 2039 -18.82 -62.15 -1.89
C ASP F 2039 -19.60 -61.99 -3.20
N TRP F 2040 -20.91 -61.82 -3.08
CA TRP F 2040 -21.79 -61.70 -4.24
C TRP F 2040 -21.44 -60.58 -5.23
N PRO F 2041 -21.17 -59.35 -4.74
CA PRO F 2041 -20.79 -58.30 -5.70
C PRO F 2041 -19.41 -58.54 -6.32
N ARG F 2042 -18.48 -59.10 -5.56
CA ARG F 2042 -17.11 -59.31 -6.04
C ARG F 2042 -17.01 -60.44 -7.07
N LEU F 2043 -17.80 -61.48 -6.88
CA LEU F 2043 -17.78 -62.63 -7.78
C LEU F 2043 -18.59 -62.40 -9.04
N VAL F 2044 -19.48 -61.41 -9.00
CA VAL F 2044 -20.37 -61.14 -10.13
C VAL F 2044 -19.71 -60.21 -11.15
N ALA F 2045 -18.48 -59.80 -10.87
CA ALA F 2045 -17.71 -58.94 -11.76
C ALA F 2045 -17.53 -59.60 -13.13
N PRO F 2046 -17.57 -58.80 -14.20
CA PRO F 2046 -17.47 -59.32 -15.57
C PRO F 2046 -16.11 -59.95 -15.86
N THR F 2047 -16.12 -60.95 -16.73
CA THR F 2047 -14.90 -61.67 -17.10
C THR F 2047 -14.72 -61.71 -18.61
N PHE F 2048 -15.69 -62.33 -19.29
CA PHE F 2048 -15.63 -62.52 -20.74
C PHE F 2048 -15.45 -61.23 -21.54
N ASP F 2049 -14.56 -61.30 -22.52
CA ASP F 2049 -14.42 -60.26 -23.53
C ASP F 2049 -14.16 -60.93 -24.88
N ALA F 2050 -14.64 -60.32 -25.96
CA ALA F 2050 -14.64 -60.96 -27.27
C ALA F 2050 -13.25 -61.13 -27.90
N ARG F 2051 -12.24 -60.49 -27.33
CA ARG F 2051 -10.89 -60.46 -27.90
C ARG F 2051 -9.90 -61.52 -27.38
N LYS F 2052 -10.29 -62.25 -26.34
CA LYS F 2052 -9.41 -63.25 -25.75
C LYS F 2052 -9.62 -64.67 -26.27
N ALA F 2053 -10.54 -64.83 -27.22
CA ALA F 2053 -10.87 -66.17 -27.75
C ALA F 2053 -9.72 -66.83 -28.53
N VAL F 2054 -9.63 -68.15 -28.41
CA VAL F 2054 -8.63 -68.91 -29.16
C VAL F 2054 -9.22 -70.13 -29.88
N VAL F 2055 -8.93 -70.22 -31.17
CA VAL F 2055 -9.52 -71.21 -32.05
C VAL F 2055 -8.44 -72.16 -32.54
N PHE F 2056 -8.65 -73.46 -32.35
CA PHE F 2056 -7.79 -74.44 -32.95
C PHE F 2056 -8.60 -75.26 -33.95
N ASP F 2057 -8.44 -74.91 -35.23
CA ASP F 2057 -8.98 -75.70 -36.33
C ASP F 2057 -7.92 -76.56 -37.02
N ASP F 2058 -6.67 -76.53 -36.57
CA ASP F 2058 -5.69 -77.34 -37.29
C ASP F 2058 -5.50 -78.73 -36.69
N ARG F 2059 -6.00 -79.73 -37.42
CA ARG F 2059 -5.56 -81.12 -37.31
C ARG F 2059 -4.31 -81.41 -38.16
N TRP F 2060 -4.28 -80.84 -39.37
CA TRP F 2060 -3.24 -81.12 -40.37
C TRP F 2060 -1.84 -80.91 -39.81
N ALA F 2061 -1.70 -79.87 -39.00
CA ALA F 2061 -0.41 -79.54 -38.40
C ALA F 2061 -0.10 -80.46 -37.22
N SER F 2062 -1.11 -80.71 -36.40
CA SER F 2062 -0.93 -81.50 -35.18
C SER F 2062 -0.81 -83.00 -35.43
N ALA F 2063 -1.37 -83.46 -36.55
CA ALA F 2063 -1.32 -84.87 -36.91
C ALA F 2063 0.06 -85.27 -37.41
N ARG F 2064 0.72 -84.35 -38.12
CA ARG F 2064 2.05 -84.60 -38.65
C ARG F 2064 3.09 -84.74 -37.55
N GLU F 2065 3.03 -83.83 -36.57
CA GLU F 2065 3.94 -83.87 -35.44
C GLU F 2065 3.64 -85.07 -34.55
N ASP F 2066 2.39 -85.52 -34.58
CA ASP F 2066 1.96 -86.64 -33.76
C ASP F 2066 2.52 -87.96 -34.29
N LEU F 2067 2.60 -88.09 -35.61
CA LEU F 2067 3.08 -89.30 -36.24
C LEU F 2067 4.59 -89.49 -36.08
N VAL F 2068 5.35 -88.44 -36.34
CA VAL F 2068 6.80 -88.50 -36.27
C VAL F 2068 7.27 -88.79 -34.85
N LYS F 2069 6.47 -88.40 -33.86
CA LYS F 2069 6.78 -88.67 -32.46
C LYS F 2069 6.57 -90.14 -32.15
N LEU F 2070 5.58 -90.75 -32.82
CA LEU F 2070 5.33 -92.18 -32.69
C LEU F 2070 6.46 -92.94 -33.37
N TRP F 2071 6.73 -92.57 -34.62
CA TRP F 2071 7.72 -93.24 -35.45
C TRP F 2071 9.11 -93.32 -34.80
N LEU F 2072 9.52 -92.23 -34.17
CA LEU F 2072 10.84 -92.18 -33.53
C LEU F 2072 10.87 -92.95 -32.20
N ALA F 2073 9.78 -92.84 -31.44
CA ALA F 2073 9.73 -93.40 -30.09
C ALA F 2073 9.20 -94.83 -30.03
N GLU F 2074 8.95 -95.43 -31.20
CA GLU F 2074 8.38 -96.78 -31.25
C GLU F 2074 9.21 -97.80 -30.48
N GLU F 2075 8.56 -98.48 -29.55
CA GLU F 2075 9.20 -99.52 -28.75
C GLU F 2075 8.35 -100.79 -28.76
N GLY F 2076 7.14 -100.67 -28.21
CA GLY F 2076 6.20 -101.79 -28.14
C GLY F 2076 5.91 -102.38 -29.52
N ASP F 2077 5.69 -103.69 -29.57
CA ASP F 2077 5.51 -104.39 -30.83
C ASP F 2077 4.09 -104.25 -31.38
N ILE F 2078 3.80 -105.02 -32.43
CA ILE F 2078 2.53 -104.94 -33.13
C ILE F 2078 1.33 -105.40 -32.30
N ASP F 2079 1.61 -106.07 -31.19
CA ASP F 2079 0.54 -106.60 -30.35
C ASP F 2079 -0.17 -105.51 -29.56
N ALA F 2080 0.39 -104.30 -29.59
CA ALA F 2080 -0.17 -103.18 -28.84
C ALA F 2080 -1.52 -102.74 -29.38
N GLN F 2081 -2.45 -102.46 -28.46
CA GLN F 2081 -3.75 -101.94 -28.84
C GLN F 2081 -3.67 -100.43 -29.03
N TRP F 2082 -2.57 -99.84 -28.55
CA TRP F 2082 -2.33 -98.41 -28.68
C TRP F 2082 -2.09 -98.04 -30.13
N GLU F 2083 -1.46 -98.94 -30.88
CA GLU F 2083 -1.20 -98.72 -32.29
C GLU F 2083 -2.50 -98.65 -33.08
N GLN F 2084 -3.48 -99.43 -32.64
CA GLN F 2084 -4.80 -99.41 -33.26
C GLN F 2084 -5.57 -98.16 -32.85
N LEU F 2085 -5.36 -97.74 -31.60
CA LEU F 2085 -6.01 -96.55 -31.08
C LEU F 2085 -5.43 -95.29 -31.73
N SER F 2086 -4.12 -95.28 -31.88
CA SER F 2086 -3.43 -94.15 -32.49
C SER F 2086 -3.71 -94.06 -33.98
N GLN F 2087 -3.95 -95.21 -34.60
CA GLN F 2087 -4.29 -95.26 -36.02
C GLN F 2087 -5.66 -94.65 -36.25
N ARG F 2088 -6.55 -94.80 -35.27
CA ARG F 2088 -7.88 -94.21 -35.34
C ARG F 2088 -7.80 -92.71 -35.08
N PHE F 2089 -6.78 -92.29 -34.33
CA PHE F 2089 -6.54 -90.87 -34.09
C PHE F 2089 -5.84 -90.25 -35.28
N GLU F 2090 -5.09 -91.07 -36.00
CA GLU F 2090 -4.40 -90.64 -37.21
C GLU F 2090 -5.33 -90.75 -38.41
N GLY F 2091 -6.58 -91.15 -38.16
CA GLY F 2091 -7.59 -91.29 -39.20
C GLY F 2091 -7.94 -89.95 -39.83
N THR F 2092 -7.45 -88.86 -39.24
CA THR F 2092 -7.60 -87.55 -39.85
C THR F 2092 -6.74 -87.57 -41.09
N GLY F 2093 -7.35 -87.35 -42.24
CA GLY F 2093 -6.61 -87.48 -43.49
C GLY F 2093 -7.11 -86.59 -44.62
N HIS F 2094 -6.14 -86.11 -45.39
CA HIS F 2094 -6.40 -85.32 -46.59
C HIS F 2094 -5.11 -85.35 -47.41
N VAL F 2095 -5.06 -84.54 -48.46
CA VAL F 2095 -3.86 -84.46 -49.29
C VAL F 2095 -2.65 -84.01 -48.46
N VAL F 2096 -2.91 -83.17 -47.46
CA VAL F 2096 -1.85 -82.64 -46.60
C VAL F 2096 -1.22 -83.71 -45.71
N ALA F 2097 -2.04 -84.40 -44.93
CA ALA F 2097 -1.54 -85.36 -43.96
C ALA F 2097 -1.02 -86.63 -44.64
N THR F 2098 -1.54 -86.93 -45.83
CA THR F 2098 -1.08 -88.08 -46.59
C THR F 2098 0.34 -87.85 -47.09
N GLN F 2099 0.60 -86.62 -47.53
CA GLN F 2099 1.93 -86.25 -48.02
C GLN F 2099 2.99 -86.39 -46.93
N ALA F 2100 2.55 -86.30 -45.68
CA ALA F 2100 3.44 -86.52 -44.54
C ALA F 2100 3.70 -88.00 -44.34
N ASN F 2101 2.63 -88.75 -44.07
CA ASN F 2101 2.72 -90.19 -43.79
C ASN F 2101 3.32 -91.00 -44.93
N TRP F 2102 2.86 -90.76 -46.16
CA TRP F 2102 3.33 -91.52 -47.33
C TRP F 2102 4.82 -91.34 -47.57
N TRP F 2103 5.38 -90.30 -46.96
CA TRP F 2103 6.77 -89.93 -47.16
C TRP F 2103 7.69 -90.63 -46.17
N GLN F 2104 7.49 -90.33 -44.89
CA GLN F 2104 8.27 -90.94 -43.82
C GLN F 2104 8.18 -92.47 -43.88
N GLY F 2105 7.11 -92.97 -44.49
CA GLY F 2105 6.94 -94.39 -44.70
C GLY F 2105 7.80 -94.88 -45.87
N LYS F 2106 7.79 -94.13 -46.97
CA LYS F 2106 8.55 -94.50 -48.15
C LYS F 2106 10.04 -94.28 -47.93
N ALA F 2107 10.37 -93.39 -47.00
CA ALA F 2107 11.76 -93.12 -46.66
C ALA F 2107 12.31 -94.19 -45.73
N LEU F 2108 11.40 -94.92 -45.07
CA LEU F 2108 11.79 -95.98 -44.16
C LEU F 2108 12.40 -97.16 -44.92
N ALA F 2109 13.44 -97.75 -44.33
CA ALA F 2109 14.18 -98.83 -44.98
C ALA F 2109 14.04 -100.15 -44.22
N ALA F 2110 14.78 -101.16 -44.68
CA ALA F 2110 14.73 -102.50 -44.12
C ALA F 2110 15.71 -102.69 -42.96
N GLY F 2111 16.31 -101.60 -42.52
CA GLY F 2111 17.40 -101.61 -41.54
C GLY F 2111 17.20 -102.49 -40.30
N ARG F 2112 15.99 -102.52 -39.74
CA ARG F 2112 15.74 -103.33 -38.55
C ARG F 2112 14.31 -103.84 -38.45
N ASN F 2113 14.02 -104.54 -37.36
CA ASN F 2113 12.70 -105.12 -37.13
C ASN F 2113 11.65 -104.04 -36.94
N VAL F 2114 12.02 -102.99 -36.21
CA VAL F 2114 11.12 -101.86 -35.99
C VAL F 2114 10.83 -101.15 -37.30
N HIS F 2115 11.85 -101.09 -38.17
CA HIS F 2115 11.70 -100.46 -39.46
C HIS F 2115 10.82 -101.29 -40.39
N ALA F 2116 10.80 -102.60 -40.15
CA ALA F 2116 9.96 -103.51 -40.93
C ALA F 2116 8.51 -103.39 -40.49
N SER F 2117 8.30 -103.19 -39.19
CA SER F 2117 6.95 -103.06 -38.64
C SER F 2117 6.38 -101.67 -38.91
N LEU F 2118 7.23 -100.66 -38.81
CA LEU F 2118 6.80 -99.28 -39.04
C LEU F 2118 6.40 -99.05 -40.50
N PHE F 2119 7.23 -99.54 -41.42
CA PHE F 2119 6.99 -99.37 -42.84
C PHE F 2119 5.69 -100.02 -43.30
N GLY F 2120 5.44 -101.23 -42.81
CA GLY F 2120 4.24 -101.98 -43.16
C GLY F 2120 2.99 -101.33 -42.58
N ARG F 2121 3.07 -100.96 -41.30
CA ARG F 2121 1.94 -100.35 -40.61
C ARG F 2121 1.63 -98.96 -41.17
N ILE F 2122 2.67 -98.23 -41.56
CA ILE F 2122 2.50 -96.90 -42.11
C ILE F 2122 1.89 -96.93 -43.50
N ALA F 2123 2.30 -97.91 -44.30
CA ALA F 2123 1.76 -98.09 -45.64
C ALA F 2123 0.28 -98.45 -45.57
N ALA F 2124 -0.08 -99.23 -44.56
CA ALA F 2124 -1.47 -99.61 -44.33
C ALA F 2124 -2.26 -98.40 -43.83
N GLY F 2125 -1.61 -97.59 -43.01
CA GLY F 2125 -2.25 -96.39 -42.47
C GLY F 2125 -2.38 -95.32 -43.55
N ALA F 2126 -1.44 -95.33 -44.50
CA ALA F 2126 -1.48 -94.40 -45.62
C ALA F 2126 -2.61 -94.78 -46.58
N GLU F 2127 -2.88 -96.07 -46.66
CA GLU F 2127 -3.95 -96.57 -47.53
C GLU F 2127 -5.32 -96.31 -46.88
N ASN F 2128 -5.38 -96.49 -45.56
CA ASN F 2128 -6.62 -96.26 -44.82
C ASN F 2128 -6.92 -94.77 -44.73
N PRO F 2129 -5.88 -93.95 -44.87
CA PRO F 2129 -6.04 -92.50 -44.82
C PRO F 2129 -6.72 -91.98 -46.08
N GLY F 2130 -6.37 -92.58 -47.22
CA GLY F 2130 -6.89 -92.15 -48.51
C GLY F 2130 -8.42 -92.27 -48.59
N LYS F 2131 -8.96 -93.32 -48.00
CA LYS F 2131 -10.40 -93.58 -48.06
C LYS F 2131 -11.15 -93.04 -46.84
N GLY F 2132 -10.44 -92.39 -45.93
CA GLY F 2132 -11.04 -91.92 -44.68
C GLY F 2132 -12.23 -91.00 -44.88
N ARG F 2133 -13.25 -91.18 -44.04
CA ARG F 2133 -14.45 -90.37 -44.09
C ARG F 2133 -14.54 -89.52 -42.82
N TYR F 2134 -15.62 -88.77 -42.68
CA TYR F 2134 -15.82 -87.94 -41.51
C TYR F 2134 -17.30 -87.79 -41.16
N SER F 2135 -17.56 -87.39 -39.92
CA SER F 2135 -18.89 -86.98 -39.48
C SER F 2135 -18.83 -85.53 -39.06
N ASP F 2136 -19.95 -84.97 -38.64
CA ASP F 2136 -19.98 -83.60 -38.12
C ASP F 2136 -20.97 -83.44 -36.95
N GLU F 2137 -20.49 -82.85 -35.86
CA GLU F 2137 -21.32 -82.50 -34.72
C GLU F 2137 -20.90 -81.14 -34.14
N VAL F 2138 -21.86 -80.27 -33.87
CA VAL F 2138 -21.55 -78.97 -33.28
C VAL F 2138 -22.01 -78.91 -31.83
N ALA F 2139 -21.06 -78.88 -30.89
CA ALA F 2139 -21.41 -78.93 -29.48
C ALA F 2139 -20.79 -77.80 -28.64
N VAL F 2140 -21.50 -77.42 -27.58
CA VAL F 2140 -20.99 -76.46 -26.60
C VAL F 2140 -20.93 -77.13 -25.22
N VAL F 2141 -19.72 -77.28 -24.70
CA VAL F 2141 -19.54 -77.97 -23.42
C VAL F 2141 -18.91 -77.08 -22.35
N THR F 2142 -19.57 -76.99 -21.20
CA THR F 2142 -19.05 -76.24 -20.06
C THR F 2142 -18.69 -77.21 -18.95
N GLY F 2143 -17.70 -76.85 -18.14
CA GLY F 2143 -17.22 -77.73 -17.07
C GLY F 2143 -16.38 -78.85 -17.65
N ALA F 2144 -15.57 -78.50 -18.64
CA ALA F 2144 -14.80 -79.46 -19.42
C ALA F 2144 -13.41 -79.75 -18.84
N SER F 2145 -13.14 -79.25 -17.64
CA SER F 2145 -11.77 -79.18 -17.13
C SER F 2145 -11.13 -80.54 -16.86
N LYS F 2146 -9.87 -80.49 -16.42
CA LYS F 2146 -9.03 -81.69 -16.31
C LYS F 2146 -9.48 -82.64 -15.20
N GLY F 2147 -9.41 -83.94 -15.50
CA GLY F 2147 -9.76 -84.97 -14.52
C GLY F 2147 -11.24 -84.95 -14.21
N SER F 2148 -12.06 -84.82 -15.24
CA SER F 2148 -13.51 -84.75 -15.06
C SER F 2148 -14.24 -85.61 -16.09
N ILE F 2149 -15.53 -85.81 -15.86
CA ILE F 2149 -16.37 -86.59 -16.77
C ILE F 2149 -16.45 -85.93 -18.15
N ALA F 2150 -16.63 -84.62 -18.17
CA ALA F 2150 -16.79 -83.88 -19.41
C ALA F 2150 -15.53 -83.87 -20.27
N ALA F 2151 -14.37 -83.87 -19.61
CA ALA F 2151 -13.10 -83.91 -20.34
C ALA F 2151 -12.98 -85.21 -21.11
N SER F 2152 -13.51 -86.28 -20.53
CA SER F 2152 -13.54 -87.57 -21.20
C SER F 2152 -14.60 -87.55 -22.30
N VAL F 2153 -15.61 -86.72 -22.13
CA VAL F 2153 -16.65 -86.54 -23.15
C VAL F 2153 -16.11 -85.70 -24.30
N VAL F 2154 -15.36 -84.66 -23.97
CA VAL F 2154 -14.80 -83.74 -24.97
C VAL F 2154 -13.88 -84.45 -25.96
N GLY F 2155 -12.88 -85.17 -25.43
CA GLY F 2155 -11.96 -85.91 -26.27
C GLY F 2155 -12.66 -86.96 -27.11
N GLN F 2156 -13.74 -87.51 -26.57
CA GLN F 2156 -14.54 -88.51 -27.28
C GLN F 2156 -15.38 -87.87 -28.36
N LEU F 2157 -15.89 -86.66 -28.11
CA LEU F 2157 -16.60 -85.91 -29.13
C LEU F 2157 -15.64 -85.58 -30.28
N LEU F 2158 -14.43 -85.16 -29.91
CA LEU F 2158 -13.39 -84.92 -30.90
C LEU F 2158 -13.03 -86.21 -31.62
N ASP F 2159 -13.15 -87.34 -30.92
CA ASP F 2159 -12.91 -88.63 -31.54
C ASP F 2159 -14.01 -88.99 -32.53
N GLY F 2160 -15.16 -88.34 -32.41
CA GLY F 2160 -16.30 -88.62 -33.27
C GLY F 2160 -16.45 -87.64 -34.42
N GLY F 2161 -15.38 -86.88 -34.69
CA GLY F 2161 -15.39 -85.93 -35.80
C GLY F 2161 -16.36 -84.80 -35.61
N ALA F 2162 -16.30 -84.15 -34.45
CA ALA F 2162 -17.28 -83.12 -34.09
C ALA F 2162 -16.63 -81.74 -34.12
N THR F 2163 -17.42 -80.72 -33.84
CA THR F 2163 -16.92 -79.37 -33.63
C THR F 2163 -17.34 -78.97 -32.22
N VAL F 2164 -16.37 -78.66 -31.36
CA VAL F 2164 -16.65 -78.52 -29.94
C VAL F 2164 -16.24 -77.16 -29.36
N ILE F 2165 -17.18 -76.51 -28.70
CA ILE F 2165 -16.90 -75.29 -27.95
C ILE F 2165 -16.61 -75.65 -26.49
N ALA F 2166 -15.36 -75.45 -26.07
CA ALA F 2166 -14.95 -75.81 -24.72
C ALA F 2166 -14.68 -74.56 -23.89
N THR F 2167 -15.33 -74.47 -22.73
CA THR F 2167 -15.16 -73.32 -21.85
C THR F 2167 -14.28 -73.69 -20.66
N THR F 2168 -13.44 -72.76 -20.23
CA THR F 2168 -12.60 -72.96 -19.05
C THR F 2168 -12.70 -71.77 -18.11
N SER F 2169 -12.91 -72.04 -16.82
CA SER F 2169 -13.01 -70.98 -15.83
C SER F 2169 -11.65 -70.32 -15.62
N ARG F 2170 -10.62 -71.14 -15.47
CA ARG F 2170 -9.26 -70.63 -15.34
C ARG F 2170 -8.61 -70.47 -16.71
N LEU F 2171 -8.22 -69.25 -17.04
CA LEU F 2171 -7.68 -68.93 -18.36
C LEU F 2171 -6.17 -69.11 -18.41
N ASP F 2172 -5.57 -69.47 -17.28
CA ASP F 2172 -4.12 -69.59 -17.17
C ASP F 2172 -3.57 -70.61 -18.17
N ASP F 2173 -2.33 -70.39 -18.62
CA ASP F 2173 -1.73 -71.20 -19.67
C ASP F 2173 -1.59 -72.68 -19.30
N ASP F 2174 -1.68 -73.00 -18.00
CA ASP F 2174 -1.61 -74.38 -17.57
C ASP F 2174 -2.90 -75.12 -17.92
N ARG F 2175 -4.00 -74.39 -17.93
CA ARG F 2175 -5.28 -74.92 -18.39
C ARG F 2175 -5.34 -74.89 -19.91
N LEU F 2176 -4.71 -73.87 -20.50
CA LEU F 2176 -4.68 -73.71 -21.94
C LEU F 2176 -3.84 -74.79 -22.60
N ALA F 2177 -2.74 -75.15 -21.96
CA ALA F 2177 -1.84 -76.17 -22.49
C ALA F 2177 -2.49 -77.55 -22.44
N PHE F 2178 -3.37 -77.76 -21.46
CA PHE F 2178 -4.03 -79.05 -21.29
C PHE F 2178 -4.96 -79.38 -22.46
N TYR F 2179 -5.77 -78.42 -22.87
CA TYR F 2179 -6.70 -78.63 -23.97
C TYR F 2179 -5.97 -78.81 -25.30
N LYS F 2180 -4.79 -78.23 -25.42
CA LYS F 2180 -3.95 -78.43 -26.58
C LYS F 2180 -3.43 -79.87 -26.60
N GLN F 2181 -3.08 -80.36 -25.42
CA GLN F 2181 -2.63 -81.74 -25.26
C GLN F 2181 -3.78 -82.70 -25.55
N LEU F 2182 -4.97 -82.35 -25.06
CA LEU F 2182 -6.16 -83.18 -25.24
C LEU F 2182 -6.59 -83.21 -26.70
N TYR F 2183 -6.45 -82.08 -27.39
CA TYR F 2183 -6.87 -81.98 -28.78
C TYR F 2183 -5.91 -82.73 -29.71
N ARG F 2184 -4.61 -82.49 -29.55
CA ARG F 2184 -3.60 -83.10 -30.41
C ARG F 2184 -3.55 -84.63 -30.30
N ASP F 2185 -4.25 -85.18 -29.31
CA ASP F 2185 -4.39 -86.61 -29.14
C ASP F 2185 -5.64 -87.14 -29.82
N HIS F 2186 -6.80 -86.66 -29.36
CA HIS F 2186 -8.09 -87.23 -29.75
C HIS F 2186 -8.77 -86.61 -30.98
N ALA F 2187 -8.08 -85.70 -31.68
CA ALA F 2187 -8.68 -85.04 -32.85
C ALA F 2187 -8.67 -85.88 -34.12
N ARG F 2188 -9.82 -85.96 -34.77
CA ARG F 2188 -9.96 -86.63 -36.06
C ARG F 2188 -10.06 -85.61 -37.18
N PHE F 2189 -10.33 -86.09 -38.38
CA PHE F 2189 -10.63 -85.24 -39.53
C PHE F 2189 -11.93 -84.48 -39.26
N ASP F 2190 -12.08 -83.32 -39.91
CA ASP F 2190 -13.26 -82.48 -39.76
C ASP F 2190 -13.41 -81.88 -38.34
N ALA F 2191 -12.49 -82.23 -37.45
CA ALA F 2191 -12.57 -81.79 -36.05
C ALA F 2191 -11.95 -80.43 -35.80
N THR F 2192 -12.74 -79.55 -35.19
CA THR F 2192 -12.32 -78.20 -34.81
C THR F 2192 -12.68 -77.96 -33.35
N LEU F 2193 -11.71 -77.58 -32.54
CA LEU F 2193 -11.95 -77.31 -31.12
C LEU F 2193 -11.81 -75.83 -30.79
N TRP F 2194 -12.64 -75.34 -29.86
CA TRP F 2194 -12.60 -73.94 -29.44
C TRP F 2194 -12.56 -73.81 -27.92
N VAL F 2195 -11.51 -73.14 -27.43
CA VAL F 2195 -11.31 -72.91 -26.01
C VAL F 2195 -11.49 -71.43 -25.68
N VAL F 2196 -12.24 -71.14 -24.62
CA VAL F 2196 -12.49 -69.77 -24.23
C VAL F 2196 -12.53 -69.56 -22.72
N PRO F 2197 -12.14 -68.36 -22.25
CA PRO F 2197 -12.42 -67.99 -20.86
C PRO F 2197 -13.90 -67.78 -20.69
N ALA F 2198 -14.50 -68.39 -19.68
CA ALA F 2198 -15.94 -68.27 -19.48
C ALA F 2198 -16.33 -68.37 -18.01
N ASN F 2199 -17.34 -67.61 -17.62
CA ASN F 2199 -17.90 -67.69 -16.27
C ASN F 2199 -19.41 -67.85 -16.34
N MET F 2200 -19.90 -69.02 -15.89
CA MET F 2200 -21.33 -69.32 -15.97
C MET F 2200 -22.13 -68.59 -14.90
N ALA F 2201 -21.41 -67.99 -13.95
CA ALA F 2201 -22.05 -67.24 -12.88
C ALA F 2201 -22.45 -65.84 -13.35
N SER F 2202 -21.85 -65.40 -14.44
CA SER F 2202 -22.13 -64.07 -14.98
C SER F 2202 -23.15 -64.13 -16.11
N TYR F 2203 -24.25 -63.40 -15.96
CA TYR F 2203 -25.26 -63.30 -17.00
C TYR F 2203 -24.70 -62.57 -18.21
N SER F 2204 -23.83 -61.59 -17.95
CA SER F 2204 -23.17 -60.85 -19.01
C SER F 2204 -22.36 -61.80 -19.89
N ASP F 2205 -21.60 -62.68 -19.24
CA ASP F 2205 -20.81 -63.68 -19.95
C ASP F 2205 -21.68 -64.54 -20.86
N ILE F 2206 -22.75 -65.08 -20.30
CA ILE F 2206 -23.68 -65.92 -21.05
C ILE F 2206 -24.21 -65.21 -22.28
N ASP F 2207 -24.68 -63.98 -22.11
CA ASP F 2207 -25.19 -63.20 -23.22
C ASP F 2207 -24.10 -62.87 -24.22
N LYS F 2208 -22.94 -62.44 -23.72
CA LYS F 2208 -21.81 -62.09 -24.58
C LYS F 2208 -21.23 -63.30 -25.29
N LEU F 2209 -21.22 -64.45 -24.62
CA LEU F 2209 -20.64 -65.67 -25.19
C LEU F 2209 -21.46 -66.16 -26.38
N VAL F 2210 -22.77 -66.31 -26.18
CA VAL F 2210 -23.63 -66.81 -27.24
C VAL F 2210 -23.82 -65.79 -28.35
N GLU F 2211 -23.65 -64.51 -28.02
CA GLU F 2211 -23.67 -63.46 -29.02
C GLU F 2211 -22.43 -63.61 -29.89
N TRP F 2212 -21.39 -64.18 -29.31
CA TRP F 2212 -20.17 -64.53 -30.05
C TRP F 2212 -20.37 -65.84 -30.81
N VAL F 2213 -21.03 -66.80 -30.17
CA VAL F 2213 -21.28 -68.11 -30.76
C VAL F 2213 -22.24 -68.05 -31.95
N GLY F 2214 -23.09 -67.03 -32.00
CA GLY F 2214 -24.17 -66.99 -32.97
C GLY F 2214 -24.13 -66.01 -34.14
N THR F 2215 -23.04 -65.27 -34.31
CA THR F 2215 -23.08 -64.13 -35.23
C THR F 2215 -22.79 -64.39 -36.71
N GLU F 2216 -21.53 -64.63 -37.05
CA GLU F 2216 -21.12 -64.60 -38.46
C GLU F 2216 -20.34 -65.81 -38.99
N GLN F 2217 -19.22 -66.11 -38.35
CA GLN F 2217 -18.14 -66.92 -38.94
C GLN F 2217 -17.56 -66.20 -40.15
N THR F 2218 -16.89 -65.09 -39.87
CA THR F 2218 -16.30 -64.27 -40.91
C THR F 2218 -15.08 -63.58 -40.33
N GLU F 2219 -14.05 -63.37 -41.15
CA GLU F 2219 -12.87 -62.65 -40.69
C GLU F 2219 -12.54 -61.53 -41.66
N SER F 2220 -12.71 -60.29 -41.19
CA SER F 2220 -12.49 -59.13 -42.05
C SER F 2220 -11.07 -58.61 -41.94
N LEU F 2221 -10.34 -58.60 -43.06
CA LEU F 2221 -9.05 -57.94 -43.06
C LEU F 2221 -9.14 -56.58 -43.74
N GLY F 2222 -9.12 -55.54 -42.91
CA GLY F 2222 -9.00 -54.17 -43.37
C GLY F 2222 -7.58 -53.70 -43.10
N PRO F 2223 -7.42 -52.41 -42.79
CA PRO F 2223 -6.13 -51.93 -42.28
C PRO F 2223 -5.74 -52.70 -41.01
N GLN F 2224 -6.76 -53.18 -40.28
CA GLN F 2224 -6.53 -53.96 -39.06
C GLN F 2224 -7.20 -55.34 -39.11
N SER F 2225 -7.05 -56.08 -38.01
CA SER F 2225 -7.58 -57.45 -37.90
C SER F 2225 -8.84 -57.51 -37.03
N ILE F 2226 -9.97 -57.79 -37.69
CA ILE F 2226 -11.25 -57.94 -37.00
C ILE F 2226 -11.83 -59.31 -37.26
N HIS F 2227 -12.02 -60.11 -36.21
CA HIS F 2227 -12.65 -61.41 -36.38
C HIS F 2227 -14.12 -61.32 -35.99
N LEU F 2228 -14.99 -61.42 -36.98
CA LEU F 2228 -16.42 -61.40 -36.73
C LEU F 2228 -16.85 -62.71 -36.07
N LYS F 2229 -17.75 -62.60 -35.11
CA LYS F 2229 -18.09 -63.71 -34.20
C LYS F 2229 -18.56 -64.97 -34.93
N ASP F 2230 -17.95 -66.10 -34.59
CA ASP F 2230 -18.15 -67.34 -35.33
C ASP F 2230 -19.52 -67.95 -35.06
N ALA F 2231 -20.29 -68.20 -36.11
CA ALA F 2231 -21.65 -68.70 -35.96
C ALA F 2231 -21.77 -70.20 -36.26
N GLN F 2232 -21.98 -70.98 -35.20
CA GLN F 2232 -22.23 -72.41 -35.33
C GLN F 2232 -23.44 -72.81 -34.48
N THR F 2233 -24.48 -73.30 -35.14
CA THR F 2233 -25.71 -73.65 -34.44
C THR F 2233 -25.50 -74.93 -33.63
N PRO F 2234 -25.58 -74.83 -32.29
CA PRO F 2234 -25.22 -75.94 -31.40
C PRO F 2234 -26.16 -77.14 -31.55
N THR F 2235 -25.57 -78.32 -31.74
CA THR F 2235 -26.34 -79.56 -31.76
C THR F 2235 -26.54 -80.00 -30.32
N LEU F 2236 -25.44 -80.28 -29.64
CA LEU F 2236 -25.45 -80.73 -28.26
C LEU F 2236 -24.98 -79.63 -27.31
N LEU F 2237 -25.65 -79.52 -26.16
CA LEU F 2237 -25.24 -78.58 -25.12
C LEU F 2237 -25.00 -79.34 -23.82
N PHE F 2238 -23.84 -79.12 -23.21
CA PHE F 2238 -23.47 -79.87 -22.01
C PHE F 2238 -23.14 -78.98 -20.83
N PRO F 2239 -24.16 -78.61 -20.05
CA PRO F 2239 -23.90 -77.74 -18.89
C PRO F 2239 -23.31 -78.52 -17.71
N PHE F 2240 -22.08 -78.97 -17.86
CA PHE F 2240 -21.38 -79.71 -16.80
C PHE F 2240 -20.60 -78.80 -15.86
N ALA F 2241 -20.76 -77.49 -16.02
CA ALA F 2241 -20.09 -76.53 -15.15
C ALA F 2241 -20.43 -76.83 -13.70
N ALA F 2242 -19.41 -77.04 -12.88
CA ALA F 2242 -19.60 -77.53 -11.52
C ALA F 2242 -18.79 -76.73 -10.51
N PRO F 2243 -19.40 -75.67 -9.96
CA PRO F 2243 -18.75 -74.92 -8.89
C PRO F 2243 -18.44 -75.83 -7.71
N ARG F 2244 -17.29 -75.61 -7.08
CA ARG F 2244 -16.82 -76.44 -5.99
C ARG F 2244 -16.81 -75.58 -4.75
N VAL F 2245 -16.80 -76.20 -3.58
CA VAL F 2245 -16.89 -75.43 -2.36
C VAL F 2245 -15.46 -75.07 -1.95
N ALA F 2246 -15.11 -73.81 -2.16
CA ALA F 2246 -13.86 -73.23 -1.67
C ALA F 2246 -14.19 -71.84 -1.15
N GLY F 2247 -14.00 -71.65 0.15
CA GLY F 2247 -14.56 -70.51 0.87
C GLY F 2247 -13.64 -69.40 1.34
N ASP F 2248 -12.48 -69.24 0.71
CA ASP F 2248 -11.44 -68.34 1.20
C ASP F 2248 -11.92 -66.94 1.61
N MET F 2249 -12.86 -66.39 0.86
CA MET F 2249 -13.43 -65.08 1.15
C MET F 2249 -14.47 -65.12 2.30
N SER F 2250 -14.71 -66.31 2.85
CA SER F 2250 -15.71 -66.56 3.90
C SER F 2250 -17.13 -66.87 3.36
N GLU F 2251 -17.23 -66.98 2.05
CA GLU F 2251 -18.52 -67.15 1.34
C GLU F 2251 -19.36 -68.33 1.84
N VAL F 2252 -18.80 -69.15 2.71
CA VAL F 2252 -19.43 -70.38 3.20
C VAL F 2252 -20.88 -70.21 3.65
N GLY F 2253 -21.73 -71.15 3.21
CA GLY F 2253 -23.12 -71.19 3.64
C GLY F 2253 -24.09 -70.49 2.70
N SER F 2254 -23.58 -69.53 1.93
CA SER F 2254 -24.41 -68.80 0.97
C SER F 2254 -24.29 -69.37 -0.44
N ARG F 2255 -23.44 -70.39 -0.59
CA ARG F 2255 -23.09 -70.90 -1.91
C ARG F 2255 -24.22 -71.69 -2.55
N ALA F 2256 -24.89 -72.52 -1.76
CA ALA F 2256 -26.02 -73.31 -2.25
C ALA F 2256 -27.14 -72.40 -2.76
N GLU F 2257 -27.18 -71.17 -2.25
CA GLU F 2257 -28.14 -70.19 -2.71
C GLU F 2257 -27.74 -69.61 -4.05
N MET F 2258 -26.45 -69.32 -4.19
CA MET F 2258 -25.93 -68.71 -5.41
C MET F 2258 -25.86 -69.71 -6.56
N GLU F 2259 -25.49 -70.95 -6.25
CA GLU F 2259 -25.36 -71.99 -7.26
C GLU F 2259 -26.70 -72.34 -7.90
N MET F 2260 -27.79 -72.05 -7.20
CA MET F 2260 -29.12 -72.27 -7.74
C MET F 2260 -29.36 -71.36 -8.95
N LYS F 2261 -28.68 -70.22 -8.97
CA LYS F 2261 -28.68 -69.36 -10.14
C LYS F 2261 -27.89 -70.05 -11.25
N VAL F 2262 -26.69 -70.48 -10.91
CA VAL F 2262 -25.77 -71.11 -11.87
C VAL F 2262 -26.29 -72.44 -12.42
N LEU F 2263 -26.68 -73.34 -11.51
CA LEU F 2263 -27.04 -74.69 -11.93
C LEU F 2263 -28.38 -74.75 -12.67
N LEU F 2264 -29.24 -73.78 -12.43
CA LEU F 2264 -30.58 -73.81 -13.03
C LEU F 2264 -30.96 -72.51 -13.74
N TRP F 2265 -31.08 -71.43 -12.98
CA TRP F 2265 -31.53 -70.14 -13.49
C TRP F 2265 -30.66 -69.63 -14.64
N ALA F 2266 -29.35 -69.66 -14.45
CA ALA F 2266 -28.40 -69.22 -15.49
C ALA F 2266 -28.35 -70.21 -16.65
N VAL F 2267 -28.63 -71.49 -16.36
CA VAL F 2267 -28.77 -72.50 -17.40
C VAL F 2267 -30.01 -72.17 -18.20
N GLN F 2268 -31.10 -71.85 -17.47
CA GLN F 2268 -32.35 -71.44 -18.10
C GLN F 2268 -32.12 -70.26 -19.05
N ARG F 2269 -31.36 -69.27 -18.61
CA ARG F 2269 -31.02 -68.14 -19.47
C ARG F 2269 -30.06 -68.57 -20.59
N LEU F 2270 -29.28 -69.62 -20.32
CA LEU F 2270 -28.37 -70.17 -21.34
C LEU F 2270 -29.17 -70.90 -22.40
N ILE F 2271 -30.17 -71.65 -21.96
CA ILE F 2271 -31.08 -72.35 -22.87
C ILE F 2271 -31.92 -71.33 -23.63
N SER F 2272 -32.38 -70.31 -22.93
CA SER F 2272 -33.15 -69.24 -23.54
C SER F 2272 -32.30 -68.47 -24.55
N GLY F 2273 -31.03 -68.23 -24.20
CA GLY F 2273 -30.12 -67.51 -25.06
C GLY F 2273 -29.90 -68.17 -26.40
N LEU F 2274 -29.61 -69.47 -26.38
CA LEU F 2274 -29.40 -70.22 -27.61
C LEU F 2274 -30.71 -70.48 -28.34
N SER F 2275 -31.83 -70.30 -27.64
CA SER F 2275 -33.15 -70.41 -28.25
C SER F 2275 -33.44 -69.18 -29.08
N LYS F 2276 -32.99 -68.02 -28.60
CA LYS F 2276 -33.17 -66.77 -29.31
C LYS F 2276 -32.38 -66.78 -30.61
N ILE F 2277 -31.09 -67.12 -30.51
CA ILE F 2277 -30.21 -67.21 -31.67
C ILE F 2277 -30.80 -68.14 -32.72
N GLY F 2278 -31.28 -69.29 -32.27
CA GLY F 2278 -31.87 -70.27 -33.17
C GLY F 2278 -33.14 -69.76 -33.83
N ALA F 2279 -33.92 -68.99 -33.09
CA ALA F 2279 -35.17 -68.43 -33.61
C ALA F 2279 -34.92 -67.20 -34.48
N GLU F 2280 -34.03 -66.32 -34.05
CA GLU F 2280 -33.71 -65.11 -34.80
C GLU F 2280 -33.05 -65.44 -36.13
N ARG F 2281 -32.04 -66.31 -36.08
CA ARG F 2281 -31.33 -66.72 -37.29
C ARG F 2281 -32.11 -67.85 -37.96
N ASP F 2282 -33.23 -68.21 -37.35
CA ASP F 2282 -34.21 -69.10 -37.98
C ASP F 2282 -33.68 -70.47 -38.36
N ILE F 2283 -33.42 -71.30 -37.35
CA ILE F 2283 -33.12 -72.71 -37.59
C ILE F 2283 -34.19 -73.58 -36.93
N ALA F 2284 -34.55 -74.67 -37.61
CA ALA F 2284 -35.48 -75.63 -37.05
C ALA F 2284 -34.71 -76.72 -36.31
N SER F 2285 -33.39 -76.64 -36.39
CA SER F 2285 -32.51 -77.60 -35.75
C SER F 2285 -32.74 -77.63 -34.24
N ARG F 2286 -32.90 -78.82 -33.68
CA ARG F 2286 -33.11 -78.96 -32.25
C ARG F 2286 -31.80 -79.09 -31.50
N LEU F 2287 -31.54 -78.13 -30.62
CA LEU F 2287 -30.37 -78.22 -29.75
C LEU F 2287 -30.67 -79.25 -28.67
N HIS F 2288 -29.83 -80.27 -28.57
CA HIS F 2288 -30.02 -81.30 -27.57
C HIS F 2288 -29.25 -80.93 -26.32
N VAL F 2289 -29.97 -80.59 -25.27
CA VAL F 2289 -29.36 -80.22 -24.01
C VAL F 2289 -29.40 -81.41 -23.07
N VAL F 2290 -28.24 -81.97 -22.76
CA VAL F 2290 -28.18 -83.07 -21.82
C VAL F 2290 -28.16 -82.48 -20.42
N LEU F 2291 -29.20 -82.76 -19.64
CA LEU F 2291 -29.32 -82.21 -18.30
C LEU F 2291 -28.65 -83.13 -17.29
N PRO F 2292 -27.52 -82.68 -16.71
CA PRO F 2292 -26.71 -83.47 -15.80
C PRO F 2292 -27.42 -83.75 -14.47
N GLY F 2293 -28.49 -84.53 -14.52
CA GLY F 2293 -29.23 -84.86 -13.32
C GLY F 2293 -28.42 -85.70 -12.35
N SER F 2294 -28.65 -85.47 -11.06
CA SER F 2294 -28.03 -86.26 -10.01
C SER F 2294 -28.77 -87.58 -9.83
N PRO F 2295 -28.03 -88.66 -9.53
CA PRO F 2295 -28.67 -89.99 -9.53
C PRO F 2295 -29.62 -90.17 -8.37
N ASN F 2296 -30.84 -90.64 -8.67
CA ASN F 2296 -31.77 -91.15 -7.68
C ASN F 2296 -31.93 -90.32 -6.40
N ARG F 2297 -32.60 -89.19 -6.50
CA ARG F 2297 -32.86 -88.32 -5.35
C ARG F 2297 -33.66 -89.03 -4.27
N GLY F 2298 -33.34 -88.75 -3.01
CA GLY F 2298 -34.11 -89.23 -1.88
C GLY F 2298 -33.64 -90.52 -1.24
N MET F 2299 -32.91 -91.34 -1.99
CA MET F 2299 -32.38 -92.59 -1.46
C MET F 2299 -30.94 -92.49 -0.98
N PHE F 2300 -30.38 -91.28 -1.03
CA PHE F 2300 -29.08 -90.99 -0.43
C PHE F 2300 -29.19 -89.76 0.45
N GLY F 2301 -28.64 -89.84 1.66
CA GLY F 2301 -28.60 -88.69 2.53
C GLY F 2301 -27.21 -88.10 2.69
N GLY F 2302 -26.22 -88.76 2.09
CA GLY F 2302 -24.83 -88.44 2.31
C GLY F 2302 -24.16 -87.52 1.31
N ASP F 2303 -24.76 -87.37 0.13
CA ASP F 2303 -24.20 -86.50 -0.90
C ASP F 2303 -24.22 -85.06 -0.42
N GLY F 2304 -25.40 -84.62 0.00
CA GLY F 2304 -25.58 -83.29 0.58
C GLY F 2304 -25.74 -82.16 -0.42
N ALA F 2305 -25.38 -82.40 -1.67
CA ALA F 2305 -25.47 -81.37 -2.70
C ALA F 2305 -26.26 -81.85 -3.92
N TYR F 2306 -25.72 -82.85 -4.61
CA TYR F 2306 -26.32 -83.40 -5.83
C TYR F 2306 -27.80 -83.76 -5.70
N GLY F 2307 -28.11 -84.60 -4.70
CA GLY F 2307 -29.43 -85.19 -4.55
C GLY F 2307 -30.61 -84.23 -4.54
N GLU F 2308 -30.46 -83.12 -3.83
CA GLU F 2308 -31.56 -82.17 -3.69
C GLU F 2308 -31.67 -81.21 -4.88
N ALA F 2309 -30.54 -80.73 -5.37
CA ALA F 2309 -30.53 -79.66 -6.37
C ALA F 2309 -31.11 -80.07 -7.71
N LYS F 2310 -30.90 -81.32 -8.10
CA LYS F 2310 -31.23 -81.78 -9.44
C LYS F 2310 -32.62 -82.39 -9.59
N SER F 2311 -33.41 -82.36 -8.51
CA SER F 2311 -34.75 -82.93 -8.54
C SER F 2311 -35.74 -81.98 -9.23
N ALA F 2312 -35.35 -80.72 -9.37
CA ALA F 2312 -36.19 -79.73 -10.03
C ALA F 2312 -36.01 -79.77 -11.54
N LEU F 2313 -35.12 -80.65 -12.01
CA LEU F 2313 -34.95 -80.89 -13.43
C LEU F 2313 -36.20 -81.58 -14.01
N ASP F 2314 -36.93 -82.28 -13.15
CA ASP F 2314 -38.23 -82.86 -13.52
C ASP F 2314 -39.23 -81.73 -13.71
N ALA F 2315 -39.05 -80.66 -12.95
CA ALA F 2315 -39.90 -79.48 -13.08
C ALA F 2315 -39.47 -78.65 -14.29
N LEU F 2316 -38.20 -78.77 -14.66
CA LEU F 2316 -37.66 -78.06 -15.82
C LEU F 2316 -38.14 -78.73 -17.10
N GLU F 2317 -38.30 -80.05 -17.04
CA GLU F 2317 -38.86 -80.79 -18.16
C GLU F 2317 -40.32 -80.40 -18.38
N ASN F 2318 -40.96 -79.95 -17.30
CA ASN F 2318 -42.33 -79.46 -17.37
C ASN F 2318 -42.43 -78.12 -18.08
N ARG F 2319 -41.41 -77.29 -17.91
CA ARG F 2319 -41.37 -75.98 -18.54
C ARG F 2319 -41.31 -76.11 -20.07
N TRP F 2320 -40.56 -77.11 -20.53
CA TRP F 2320 -40.47 -77.38 -21.96
C TRP F 2320 -41.77 -78.03 -22.45
N SER F 2321 -42.39 -78.82 -21.58
CA SER F 2321 -43.65 -79.47 -21.92
C SER F 2321 -44.80 -78.46 -21.85
N ALA F 2322 -44.54 -77.33 -21.21
CA ALA F 2322 -45.51 -76.24 -21.13
C ALA F 2322 -45.32 -75.27 -22.28
N GLU F 2323 -44.17 -74.60 -22.31
CA GLU F 2323 -43.85 -73.65 -23.36
C GLU F 2323 -43.84 -74.34 -24.72
N LYS F 2324 -44.62 -73.80 -25.66
CA LYS F 2324 -44.87 -74.46 -26.94
C LYS F 2324 -43.77 -74.26 -27.99
N SER F 2325 -43.23 -73.05 -28.07
CA SER F 2325 -42.31 -72.71 -29.16
C SER F 2325 -40.86 -73.12 -28.89
N TRP F 2326 -40.61 -73.72 -27.74
CA TRP F 2326 -39.26 -74.14 -27.38
C TRP F 2326 -38.84 -75.46 -28.03
N ALA F 2327 -39.82 -76.21 -28.53
CA ALA F 2327 -39.57 -77.54 -29.06
C ALA F 2327 -38.56 -77.56 -30.20
N GLU F 2328 -38.75 -76.69 -31.19
CA GLU F 2328 -37.88 -76.66 -32.36
C GLU F 2328 -36.46 -76.22 -32.04
N ARG F 2329 -36.33 -75.32 -31.08
CA ARG F 2329 -35.01 -74.81 -30.69
C ARG F 2329 -34.24 -75.73 -29.74
N VAL F 2330 -34.93 -76.27 -28.74
CA VAL F 2330 -34.26 -77.03 -27.69
C VAL F 2330 -34.98 -78.34 -27.33
N SER F 2331 -34.22 -79.42 -27.28
CA SER F 2331 -34.72 -80.69 -26.77
C SER F 2331 -34.02 -81.05 -25.47
N LEU F 2332 -34.79 -81.50 -24.49
CA LEU F 2332 -34.24 -81.83 -23.17
C LEU F 2332 -33.93 -83.31 -23.02
N ALA F 2333 -32.66 -83.64 -22.88
CA ALA F 2333 -32.23 -85.00 -22.61
C ALA F 2333 -31.76 -85.11 -21.17
N HIS F 2334 -32.51 -85.82 -20.34
CA HIS F 2334 -32.18 -85.90 -18.92
C HIS F 2334 -31.34 -87.13 -18.60
N ALA F 2335 -30.17 -86.90 -18.02
CA ALA F 2335 -29.26 -87.98 -17.66
C ALA F 2335 -28.94 -87.94 -16.17
N LEU F 2336 -29.18 -89.06 -15.50
CA LEU F 2336 -28.85 -89.17 -14.09
C LEU F 2336 -27.46 -89.77 -13.97
N ILE F 2337 -26.50 -88.97 -13.53
CA ILE F 2337 -25.11 -89.41 -13.51
C ILE F 2337 -24.82 -90.11 -12.19
N GLY F 2338 -24.54 -91.41 -12.26
CA GLY F 2338 -24.39 -92.22 -11.08
C GLY F 2338 -23.09 -91.98 -10.34
N TRP F 2339 -22.71 -92.93 -9.50
CA TRP F 2339 -21.48 -92.81 -8.74
C TRP F 2339 -20.34 -92.84 -9.74
N THR F 2340 -19.53 -91.80 -9.75
CA THR F 2340 -18.46 -91.66 -10.73
C THR F 2340 -17.21 -91.16 -10.03
N LYS F 2341 -16.10 -91.88 -10.17
CA LYS F 2341 -14.94 -91.64 -9.32
C LYS F 2341 -13.92 -90.67 -9.92
N GLY F 2342 -13.86 -89.47 -9.33
CA GLY F 2342 -12.79 -88.53 -9.59
C GLY F 2342 -11.76 -88.58 -8.47
N THR F 2343 -10.55 -88.10 -8.74
CA THR F 2343 -9.49 -88.14 -7.74
C THR F 2343 -9.57 -87.00 -6.71
N GLY F 2344 -9.79 -85.79 -7.19
CA GLY F 2344 -9.72 -84.61 -6.33
C GLY F 2344 -10.79 -84.49 -5.26
N LEU F 2345 -12.05 -84.50 -5.67
CA LEU F 2345 -13.15 -84.32 -4.75
C LEU F 2345 -13.41 -85.58 -3.95
N MET F 2346 -13.33 -86.71 -4.65
CA MET F 2346 -13.70 -88.02 -4.11
C MET F 2346 -12.54 -88.82 -3.52
N GLY F 2347 -11.37 -88.19 -3.40
CA GLY F 2347 -10.19 -88.85 -2.89
C GLY F 2347 -10.39 -89.55 -1.55
N GLN F 2348 -11.38 -89.10 -0.80
CA GLN F 2348 -11.81 -89.81 0.40
C GLN F 2348 -12.73 -90.97 0.02
N ASN F 2349 -13.62 -90.75 -0.95
CA ASN F 2349 -14.61 -91.75 -1.34
C ASN F 2349 -14.03 -92.94 -2.10
N ASP F 2350 -12.78 -92.81 -2.54
CA ASP F 2350 -12.16 -93.83 -3.40
C ASP F 2350 -11.98 -95.19 -2.72
N ALA F 2351 -11.70 -95.20 -1.43
CA ALA F 2351 -11.42 -96.43 -0.71
C ALA F 2351 -12.66 -97.29 -0.51
N ILE F 2352 -13.81 -96.63 -0.32
CA ILE F 2352 -15.05 -97.34 -0.05
C ILE F 2352 -15.85 -97.60 -1.33
N VAL F 2353 -15.26 -97.24 -2.48
CA VAL F 2353 -15.84 -97.55 -3.77
C VAL F 2353 -16.04 -99.06 -3.89
N SER F 2354 -15.05 -99.81 -3.41
CA SER F 2354 -15.13 -101.26 -3.37
C SER F 2354 -16.20 -101.72 -2.40
N ALA F 2355 -16.36 -101.01 -1.31
CA ALA F 2355 -17.33 -101.36 -0.27
C ALA F 2355 -18.77 -101.22 -0.74
N VAL F 2356 -19.07 -100.10 -1.40
CA VAL F 2356 -20.40 -99.85 -1.92
C VAL F 2356 -20.72 -100.83 -3.05
N GLU F 2357 -19.68 -101.22 -3.79
CA GLU F 2357 -19.83 -102.13 -4.91
C GLU F 2357 -20.11 -103.56 -4.45
N GLU F 2358 -20.01 -103.79 -3.15
CA GLU F 2358 -20.26 -105.11 -2.58
C GLU F 2358 -21.74 -105.39 -2.39
N ALA F 2359 -22.57 -104.37 -2.62
CA ALA F 2359 -24.01 -104.49 -2.44
C ALA F 2359 -24.69 -104.95 -3.73
N GLY F 2360 -23.89 -105.25 -4.75
CA GLY F 2360 -24.41 -105.66 -6.03
C GLY F 2360 -24.72 -104.45 -6.89
N VAL F 2361 -24.00 -103.36 -6.61
CA VAL F 2361 -24.24 -102.10 -7.30
C VAL F 2361 -22.98 -101.67 -8.05
N THR F 2362 -23.15 -100.82 -9.06
CA THR F 2362 -22.05 -100.42 -9.92
C THR F 2362 -21.64 -98.95 -9.74
N THR F 2363 -20.35 -98.75 -9.49
CA THR F 2363 -19.77 -97.41 -9.50
C THR F 2363 -18.96 -97.26 -10.79
N TYR F 2364 -18.94 -96.06 -11.36
CA TYR F 2364 -18.38 -95.86 -12.69
C TYR F 2364 -17.10 -95.04 -12.72
N THR F 2365 -16.19 -95.40 -13.62
CA THR F 2365 -15.05 -94.57 -13.95
C THR F 2365 -15.52 -93.43 -14.85
N THR F 2366 -14.73 -92.36 -14.93
CA THR F 2366 -15.07 -91.21 -15.74
C THR F 2366 -15.23 -91.55 -17.22
N ASP F 2367 -14.42 -92.50 -17.70
CA ASP F 2367 -14.49 -92.93 -19.08
C ASP F 2367 -15.76 -93.73 -19.37
N GLU F 2368 -16.19 -94.50 -18.37
CA GLU F 2368 -17.43 -95.27 -18.49
C GLU F 2368 -18.64 -94.35 -18.57
N MET F 2369 -18.71 -93.39 -17.67
CA MET F 2369 -19.82 -92.44 -17.64
C MET F 2369 -19.84 -91.55 -18.88
N ALA F 2370 -18.65 -91.20 -19.36
CA ALA F 2370 -18.53 -90.42 -20.59
C ALA F 2370 -19.15 -91.18 -21.75
N ALA F 2371 -18.89 -92.49 -21.77
CA ALA F 2371 -19.45 -93.36 -22.81
C ALA F 2371 -20.96 -93.43 -22.72
N MET F 2372 -21.48 -93.40 -21.50
CA MET F 2372 -22.92 -93.43 -21.28
C MET F 2372 -23.56 -92.15 -21.77
N LEU F 2373 -22.82 -91.06 -21.68
CA LEU F 2373 -23.35 -89.76 -22.11
C LEU F 2373 -23.36 -89.61 -23.62
N LEU F 2374 -22.38 -90.22 -24.29
CA LEU F 2374 -22.30 -90.18 -25.74
C LEU F 2374 -23.42 -91.00 -26.37
N ASP F 2375 -23.77 -92.11 -25.72
CA ASP F 2375 -24.79 -93.01 -26.24
C ASP F 2375 -26.15 -92.32 -26.31
N LEU F 2376 -26.34 -91.32 -25.45
CA LEU F 2376 -27.51 -90.46 -25.53
C LEU F 2376 -27.39 -89.50 -26.72
N CYS F 2377 -26.17 -89.32 -27.20
CA CYS F 2377 -25.91 -88.40 -28.32
C CYS F 2377 -25.93 -89.14 -29.66
N THR F 2378 -26.20 -90.44 -29.61
CA THR F 2378 -26.34 -91.24 -30.83
C THR F 2378 -27.60 -90.84 -31.58
N VAL F 2379 -27.59 -91.07 -32.89
CA VAL F 2379 -28.70 -90.72 -33.76
C VAL F 2379 -30.02 -91.33 -33.29
N GLU F 2380 -29.94 -92.53 -32.74
CA GLU F 2380 -31.14 -93.25 -32.30
C GLU F 2380 -31.83 -92.51 -31.15
N THR F 2381 -31.05 -92.13 -30.15
CA THR F 2381 -31.58 -91.45 -28.97
C THR F 2381 -31.78 -89.96 -29.18
N LYS F 2382 -31.15 -89.41 -30.22
CA LYS F 2382 -31.36 -88.00 -30.56
C LYS F 2382 -32.78 -87.77 -31.06
N VAL F 2383 -33.20 -88.59 -32.01
CA VAL F 2383 -34.54 -88.50 -32.57
C VAL F 2383 -35.60 -88.76 -31.49
N ALA F 2384 -35.26 -89.62 -30.53
CA ALA F 2384 -36.16 -89.92 -29.43
C ALA F 2384 -36.42 -88.68 -28.59
N ALA F 2385 -35.40 -87.83 -28.48
CA ALA F 2385 -35.50 -86.59 -27.71
C ALA F 2385 -36.32 -85.55 -28.46
N ALA F 2386 -36.33 -85.65 -29.79
CA ALA F 2386 -37.08 -84.71 -30.62
C ALA F 2386 -38.58 -84.94 -30.50
N GLY F 2387 -38.98 -86.18 -30.25
CA GLY F 2387 -40.38 -86.53 -30.11
C GLY F 2387 -40.91 -86.26 -28.72
N ALA F 2388 -40.03 -86.31 -27.73
CA ALA F 2388 -40.41 -86.17 -26.31
C ALA F 2388 -39.16 -86.20 -25.44
N PRO F 2389 -39.20 -85.51 -24.29
CA PRO F 2389 -38.07 -85.47 -23.35
C PRO F 2389 -37.65 -86.86 -22.91
N VAL F 2390 -36.34 -87.11 -22.94
CA VAL F 2390 -35.81 -88.42 -22.57
C VAL F 2390 -35.10 -88.38 -21.22
N LYS F 2391 -35.62 -89.13 -20.26
CA LYS F 2391 -35.00 -89.25 -18.95
C LYS F 2391 -34.23 -90.57 -18.85
N VAL F 2392 -32.92 -90.47 -18.74
CA VAL F 2392 -32.06 -91.66 -18.72
C VAL F 2392 -31.44 -91.88 -17.36
N ASP F 2393 -31.56 -93.11 -16.85
CA ASP F 2393 -30.90 -93.46 -15.61
C ASP F 2393 -29.57 -94.11 -15.94
N LEU F 2394 -28.49 -93.40 -15.66
CA LEU F 2394 -27.14 -93.91 -15.91
C LEU F 2394 -26.56 -94.50 -14.63
N THR F 2395 -27.38 -94.52 -13.58
CA THR F 2395 -26.96 -95.03 -12.29
C THR F 2395 -26.75 -96.54 -12.34
N GLY F 2396 -25.89 -97.04 -11.46
CA GLY F 2396 -25.53 -98.45 -11.44
C GLY F 2396 -26.42 -99.30 -10.57
N GLY F 2397 -27.64 -98.83 -10.32
CA GLY F 2397 -28.56 -99.52 -9.46
C GLY F 2397 -28.49 -99.02 -8.03
N LEU F 2398 -27.99 -97.80 -7.87
CA LEU F 2398 -27.88 -97.18 -6.55
C LEU F 2398 -29.25 -96.79 -6.01
N GLY F 2399 -30.30 -96.95 -6.82
CA GLY F 2399 -31.64 -96.54 -6.46
C GLY F 2399 -32.34 -97.44 -5.45
N ASP F 2400 -32.26 -98.75 -5.66
CA ASP F 2400 -32.91 -99.71 -4.77
C ASP F 2400 -31.98 -100.08 -3.61
N ILE F 2401 -30.84 -99.38 -3.56
CA ILE F 2401 -29.85 -99.58 -2.51
C ILE F 2401 -30.43 -99.45 -1.10
N LYS F 2402 -30.16 -100.46 -0.28
CA LYS F 2402 -30.59 -100.46 1.10
C LYS F 2402 -29.47 -100.03 2.05
N ILE F 2403 -28.31 -99.71 1.47
CA ILE F 2403 -27.16 -99.24 2.23
C ILE F 2403 -27.47 -97.94 2.98
N ASP F 2404 -27.21 -97.93 4.28
CA ASP F 2404 -27.47 -96.75 5.09
C ASP F 2404 -26.36 -95.72 4.92
N MET F 2405 -26.73 -94.53 4.47
CA MET F 2405 -25.77 -93.48 4.21
C MET F 2405 -25.32 -92.80 5.51
N ALA F 2406 -26.14 -92.90 6.54
CA ALA F 2406 -25.80 -92.31 7.84
C ALA F 2406 -24.50 -92.91 8.39
N GLU F 2407 -24.21 -94.15 8.00
CA GLU F 2407 -22.98 -94.81 8.41
C GLU F 2407 -21.98 -94.92 7.26
N LEU F 2408 -22.31 -95.74 6.26
CA LEU F 2408 -21.37 -96.09 5.20
C LEU F 2408 -20.86 -94.91 4.36
N ALA F 2409 -21.53 -93.77 4.48
CA ALA F 2409 -21.05 -92.54 3.84
C ALA F 2409 -20.19 -91.75 4.81
N ALA F 2410 -20.78 -91.36 5.94
CA ALA F 2410 -20.07 -90.64 7.00
C ALA F 2410 -18.78 -91.34 7.41
N LYS F 2411 -18.88 -92.62 7.77
CA LYS F 2411 -17.72 -93.41 8.17
C LYS F 2411 -16.64 -93.39 7.09
N ALA F 2412 -17.08 -93.51 5.83
CA ALA F 2412 -16.19 -93.43 4.69
C ALA F 2412 -15.47 -92.10 4.67
N ARG F 2413 -16.24 -91.04 4.88
CA ARG F 2413 -15.71 -89.69 4.91
C ARG F 2413 -14.85 -89.48 6.15
N GLU F 2414 -15.24 -90.08 7.26
CA GLU F 2414 -14.53 -89.94 8.52
C GLU F 2414 -13.19 -90.68 8.54
N GLU F 2415 -13.22 -91.95 8.15
CA GLU F 2415 -12.01 -92.77 8.14
C GLU F 2415 -10.94 -92.21 7.21
N MET F 2416 -11.37 -91.79 6.02
CA MET F 2416 -10.44 -91.31 5.00
C MET F 2416 -9.94 -89.89 5.25
N SER F 2417 -10.81 -89.04 5.80
CA SER F 2417 -10.37 -87.71 6.22
C SER F 2417 -9.37 -87.88 7.34
N GLY F 2418 -9.70 -88.76 8.29
CA GLY F 2418 -8.82 -89.09 9.39
C GLY F 2418 -7.50 -89.64 8.90
N ALA F 2419 -7.56 -90.53 7.90
CA ALA F 2419 -6.35 -91.08 7.30
C ALA F 2419 -5.53 -89.96 6.68
N ALA F 2420 -6.21 -88.96 6.13
CA ALA F 2420 -5.56 -87.77 5.61
C ALA F 2420 -5.19 -86.83 6.74
N ASP F 2421 -6.00 -86.81 7.78
CA ASP F 2421 -5.75 -85.96 8.95
C ASP F 2421 -4.68 -86.57 9.87
N GLU F 2422 -4.53 -87.88 9.82
CA GLU F 2422 -3.49 -88.51 10.62
C GLU F 2422 -2.24 -88.65 9.77
N SER F 2423 -1.25 -87.82 10.09
CA SER F 2423 0.02 -87.83 9.39
C SER F 2423 1.06 -88.60 10.19
N ASP F 2424 2.31 -88.50 9.75
CA ASP F 2424 3.43 -89.11 10.43
C ASP F 2424 4.68 -88.68 9.70
N ASP F 2425 5.82 -88.82 10.37
CA ASP F 2425 7.09 -88.43 9.76
C ASP F 2425 8.02 -89.63 9.67
N GLU F 2426 8.24 -90.09 8.45
CA GLU F 2426 9.24 -91.11 8.19
C GLU F 2426 10.57 -90.39 8.08
N ALA F 2427 11.54 -90.81 8.89
CA ALA F 2427 12.81 -90.11 9.00
C ALA F 2427 13.50 -90.02 7.64
N PRO F 2428 13.80 -88.79 7.22
CA PRO F 2428 14.57 -88.58 6.01
C PRO F 2428 15.73 -87.65 6.32
N ALA F 2429 16.94 -88.20 6.26
CA ALA F 2429 18.13 -87.41 6.48
C ALA F 2429 18.84 -87.27 5.15
N GLY F 2430 18.79 -86.07 4.58
CA GLY F 2430 19.36 -85.84 3.26
C GLY F 2430 20.02 -84.49 3.15
N THR F 2431 21.25 -84.48 2.64
CA THR F 2431 21.92 -83.25 2.25
C THR F 2431 22.33 -83.38 0.80
N ILE F 2432 21.70 -82.59 -0.06
CA ILE F 2432 21.94 -82.69 -1.49
C ILE F 2432 22.73 -81.52 -2.01
N ARG F 2433 23.60 -81.76 -2.98
CA ARG F 2433 24.38 -80.71 -3.61
C ARG F 2433 24.31 -80.78 -5.13
N ALA F 2434 24.67 -79.70 -5.80
CA ALA F 2434 24.56 -79.63 -7.25
C ALA F 2434 25.86 -79.15 -7.90
N LEU F 2435 26.40 -79.99 -8.78
CA LEU F 2435 27.65 -79.72 -9.46
C LEU F 2435 27.94 -80.83 -10.47
N PRO F 2436 28.87 -80.57 -11.38
CA PRO F 2436 29.09 -81.48 -12.49
C PRO F 2436 30.52 -81.47 -13.03
N SER F 2437 30.84 -82.49 -13.81
CA SER F 2437 32.11 -82.57 -14.51
C SER F 2437 32.11 -81.58 -15.68
N PRO F 2438 33.30 -81.26 -16.18
CA PRO F 2438 33.43 -80.39 -17.34
C PRO F 2438 32.70 -80.99 -18.53
N PRO F 2439 32.16 -80.12 -19.38
CA PRO F 2439 31.32 -80.54 -20.50
C PRO F 2439 32.00 -81.55 -21.43
N ARG F 2440 31.27 -82.60 -21.78
CA ARG F 2440 31.77 -83.62 -22.70
C ARG F 2440 30.98 -83.59 -24.00
N GLY F 2441 31.32 -84.48 -24.92
CA GLY F 2441 30.64 -84.55 -26.20
C GLY F 2441 30.18 -85.97 -26.52
N TYR F 2442 28.92 -86.10 -26.93
CA TYR F 2442 28.37 -87.40 -27.30
C TYR F 2442 28.36 -87.55 -28.80
N ASN F 2443 29.18 -88.48 -29.30
CA ASN F 2443 29.30 -88.71 -30.73
C ASN F 2443 28.03 -89.31 -31.32
N PRO F 2444 27.87 -89.16 -32.64
CA PRO F 2444 26.72 -89.71 -33.34
C PRO F 2444 27.19 -90.80 -34.30
N ALA F 2445 26.30 -91.73 -34.62
CA ALA F 2445 26.67 -92.85 -35.47
C ALA F 2445 26.39 -92.51 -36.93
N PRO F 2446 27.45 -92.35 -37.71
CA PRO F 2446 27.32 -91.94 -39.11
C PRO F 2446 28.21 -92.78 -40.02
N ALA F 2447 27.61 -93.34 -41.06
CA ALA F 2447 28.34 -94.14 -42.03
C ALA F 2447 28.76 -93.27 -43.21
N PRO F 2448 30.05 -93.29 -43.52
CA PRO F 2448 30.58 -92.46 -44.59
C PRO F 2448 31.53 -93.22 -45.50
N GLU F 2449 31.20 -93.24 -46.79
CA GLU F 2449 32.09 -93.78 -47.81
C GLU F 2449 32.77 -92.61 -48.49
N TRP F 2450 34.07 -92.47 -48.27
CA TRP F 2450 34.76 -91.26 -48.70
C TRP F 2450 36.17 -91.51 -49.23
N ASP F 2451 36.65 -90.57 -50.04
CA ASP F 2451 38.03 -90.58 -50.50
C ASP F 2451 38.79 -89.50 -49.74
N ASP F 2452 40.05 -89.76 -49.44
CA ASP F 2452 40.83 -88.89 -48.56
C ASP F 2452 41.41 -87.65 -49.27
N LEU F 2453 42.39 -87.88 -50.13
CA LEU F 2453 43.19 -86.80 -50.71
C LEU F 2453 42.42 -85.82 -51.60
N ASP F 2454 41.21 -86.19 -51.99
CA ASP F 2454 40.45 -85.42 -52.98
C ASP F 2454 40.13 -83.98 -52.59
N VAL F 2455 39.82 -83.76 -51.31
CA VAL F 2455 39.40 -82.43 -50.87
C VAL F 2455 40.54 -81.59 -50.32
N ASP F 2456 40.67 -80.37 -50.86
CA ASP F 2456 41.72 -79.44 -50.45
C ASP F 2456 41.33 -78.76 -49.15
N PRO F 2457 42.11 -79.00 -48.08
CA PRO F 2457 41.84 -78.42 -46.76
C PRO F 2457 42.04 -76.91 -46.75
N ALA F 2458 42.83 -76.41 -47.69
CA ALA F 2458 43.08 -74.97 -47.79
C ALA F 2458 41.87 -74.23 -48.33
N ASP F 2459 41.02 -74.94 -49.05
CA ASP F 2459 39.84 -74.35 -49.68
C ASP F 2459 38.58 -74.51 -48.83
N LEU F 2460 38.72 -75.15 -47.67
CA LEU F 2460 37.59 -75.38 -46.79
C LEU F 2460 37.58 -74.38 -45.64
N VAL F 2461 36.38 -73.99 -45.24
CA VAL F 2461 36.20 -73.11 -44.08
C VAL F 2461 35.57 -73.91 -42.94
N VAL F 2462 36.21 -73.85 -41.77
CA VAL F 2462 35.84 -74.66 -40.62
C VAL F 2462 35.68 -73.76 -39.40
N ILE F 2463 34.67 -74.03 -38.57
CA ILE F 2463 34.47 -73.22 -37.37
C ILE F 2463 35.27 -73.78 -36.20
N VAL F 2464 36.23 -72.98 -35.72
CA VAL F 2464 37.09 -73.40 -34.62
C VAL F 2464 36.38 -73.25 -33.28
N GLY F 2465 35.68 -72.14 -33.10
CA GLY F 2465 34.96 -71.88 -31.87
C GLY F 2465 33.96 -70.76 -32.02
N GLY F 2466 33.23 -70.47 -30.93
CA GLY F 2466 32.25 -69.40 -30.94
C GLY F 2466 31.70 -69.09 -29.56
N ALA F 2467 31.13 -67.89 -29.42
CA ALA F 2467 30.53 -67.47 -28.16
C ALA F 2467 29.49 -66.38 -28.40
N GLU F 2468 28.64 -66.15 -27.41
CA GLU F 2468 27.59 -65.14 -27.52
C GLU F 2468 27.28 -64.49 -26.19
N LEU F 2469 26.88 -63.22 -26.24
CA LEU F 2469 26.37 -62.52 -25.07
C LEU F 2469 24.95 -62.05 -25.37
N GLY F 2470 23.99 -62.58 -24.62
CA GLY F 2470 22.58 -62.29 -24.87
C GLY F 2470 21.72 -62.37 -23.64
N PRO F 2471 20.41 -62.18 -23.81
CA PRO F 2471 19.42 -62.15 -22.72
C PRO F 2471 19.44 -63.39 -21.83
N TYR F 2472 19.89 -64.51 -22.38
CA TYR F 2472 19.98 -65.76 -21.61
C TYR F 2472 21.38 -66.07 -21.10
N GLY F 2473 22.32 -65.16 -21.32
CA GLY F 2473 23.69 -65.39 -20.92
C GLY F 2473 24.55 -65.91 -22.05
N SER F 2474 25.63 -66.61 -21.70
CA SER F 2474 26.55 -67.12 -22.71
C SER F 2474 25.96 -68.28 -23.52
N SER F 2475 26.75 -68.78 -24.46
CA SER F 2475 26.29 -69.84 -25.36
C SER F 2475 25.96 -71.13 -24.61
N ARG F 2476 26.60 -71.33 -23.47
CA ARG F 2476 26.37 -72.52 -22.66
C ARG F 2476 25.01 -72.48 -21.97
N THR F 2477 24.70 -71.36 -21.33
CA THR F 2477 23.45 -71.22 -20.59
C THR F 2477 22.25 -71.02 -21.51
N ARG F 2478 22.46 -70.32 -22.62
CA ARG F 2478 21.40 -70.07 -23.58
C ARG F 2478 20.97 -71.38 -24.24
N PHE F 2479 21.94 -72.21 -24.59
CA PHE F 2479 21.66 -73.49 -25.24
C PHE F 2479 20.91 -74.43 -24.29
N GLU F 2480 21.22 -74.33 -23.01
CA GLU F 2480 20.53 -75.13 -22.00
C GLU F 2480 19.06 -74.73 -21.90
N MET F 2481 18.80 -73.42 -21.93
CA MET F 2481 17.44 -72.92 -21.82
C MET F 2481 16.64 -73.21 -23.08
N GLU F 2482 17.31 -73.17 -24.23
CA GLU F 2482 16.66 -73.42 -25.52
C GLU F 2482 16.29 -74.90 -25.70
N VAL F 2483 17.27 -75.78 -25.51
CA VAL F 2483 17.06 -77.21 -25.70
C VAL F 2483 16.28 -77.87 -24.56
N SER F 2484 16.71 -77.61 -23.32
CA SER F 2484 16.08 -78.22 -22.15
C SER F 2484 14.87 -77.43 -21.69
N GLY F 2485 15.09 -76.16 -21.33
CA GLY F 2485 14.03 -75.34 -20.78
C GLY F 2485 14.27 -75.09 -19.30
N GLU F 2486 15.27 -75.79 -18.75
CA GLU F 2486 15.69 -75.60 -17.37
C GLU F 2486 17.20 -75.76 -17.26
N LEU F 2487 17.79 -75.00 -16.34
CA LEU F 2487 19.24 -75.03 -16.16
C LEU F 2487 19.68 -76.25 -15.36
N SER F 2488 20.90 -76.71 -15.62
CA SER F 2488 21.52 -77.76 -14.83
C SER F 2488 22.20 -77.13 -13.63
N ALA F 2489 22.99 -77.92 -12.91
CA ALA F 2489 23.79 -77.41 -11.81
C ALA F 2489 24.74 -76.33 -12.31
N ALA F 2490 25.44 -76.63 -13.40
CA ALA F 2490 26.38 -75.69 -14.00
C ALA F 2490 25.64 -74.52 -14.64
N GLY F 2491 24.38 -74.73 -14.98
CA GLY F 2491 23.56 -73.69 -15.60
C GLY F 2491 23.26 -72.56 -14.63
N VAL F 2492 22.80 -72.91 -13.44
CA VAL F 2492 22.46 -71.90 -12.44
C VAL F 2492 23.71 -71.31 -11.81
N LEU F 2493 24.74 -72.14 -11.64
CA LEU F 2493 26.02 -71.70 -11.10
C LEU F 2493 26.65 -70.63 -11.98
N GLU F 2494 26.59 -70.82 -13.29
CA GLU F 2494 27.18 -69.88 -14.23
C GLU F 2494 26.36 -68.59 -14.32
N LEU F 2495 25.03 -68.74 -14.37
CA LEU F 2495 24.15 -67.57 -14.44
C LEU F 2495 24.22 -66.72 -13.18
N ALA F 2496 24.23 -67.37 -12.02
CA ALA F 2496 24.34 -66.66 -10.75
C ALA F 2496 25.67 -65.90 -10.68
N TRP F 2497 26.69 -66.45 -11.34
CA TRP F 2497 28.00 -65.81 -11.40
C TRP F 2497 27.97 -64.61 -12.35
N THR F 2498 27.36 -64.80 -13.51
CA THR F 2498 27.26 -63.75 -14.51
C THR F 2498 26.33 -62.63 -14.05
N THR F 2499 25.22 -62.99 -13.43
CA THR F 2499 24.29 -62.01 -12.87
C THR F 2499 24.87 -61.34 -11.64
N GLY F 2500 25.98 -61.87 -11.16
CA GLY F 2500 26.67 -61.29 -10.02
C GLY F 2500 25.98 -61.55 -8.70
N MET F 2501 25.32 -62.69 -8.58
CA MET F 2501 24.72 -63.09 -7.31
C MET F 2501 25.77 -63.65 -6.35
N VAL F 2502 26.74 -64.37 -6.90
CA VAL F 2502 27.76 -65.03 -6.11
C VAL F 2502 29.14 -64.39 -6.26
N LYS F 2503 29.83 -64.16 -5.14
CA LYS F 2503 31.15 -63.54 -5.17
C LYS F 2503 32.20 -64.43 -4.51
N TRP F 2504 33.47 -64.15 -4.79
CA TRP F 2504 34.59 -64.96 -4.31
C TRP F 2504 35.53 -64.15 -3.41
N GLU F 2505 35.59 -64.50 -2.14
CA GLU F 2505 36.43 -63.78 -1.18
C GLU F 2505 37.59 -64.66 -0.68
N ASP F 2506 38.76 -64.06 -0.53
CA ASP F 2506 39.91 -64.77 0.03
C ASP F 2506 39.98 -64.54 1.53
N ASP F 2507 39.04 -63.75 2.05
CA ASP F 2507 38.87 -63.58 3.48
C ASP F 2507 38.53 -64.93 4.08
N PRO F 2508 38.74 -65.10 5.40
CA PRO F 2508 38.51 -66.41 6.04
C PRO F 2508 37.12 -66.98 5.75
N LYS F 2509 37.04 -68.31 5.82
CA LYS F 2509 35.95 -69.15 5.29
C LYS F 2509 36.08 -69.43 3.79
N ALA F 2510 36.90 -68.64 3.09
CA ALA F 2510 37.47 -69.01 1.79
C ALA F 2510 36.53 -69.73 0.80
N GLY F 2511 35.55 -69.05 0.24
CA GLY F 2511 34.57 -69.73 -0.60
C GLY F 2511 33.72 -68.85 -1.49
N TRP F 2512 32.64 -69.43 -2.00
CA TRP F 2512 31.64 -68.67 -2.75
C TRP F 2512 30.69 -67.94 -1.81
N TYR F 2513 30.49 -66.65 -2.03
CA TYR F 2513 29.63 -65.85 -1.17
C TYR F 2513 28.55 -65.14 -1.99
N ASP F 2514 27.40 -64.93 -1.38
CA ASP F 2514 26.34 -64.13 -2.00
C ASP F 2514 26.81 -62.69 -2.04
N THR F 2515 26.67 -62.05 -3.19
CA THR F 2515 27.19 -60.70 -3.40
C THR F 2515 26.30 -59.62 -2.81
N GLU F 2516 24.99 -59.87 -2.79
CA GLU F 2516 24.03 -58.89 -2.31
C GLU F 2516 24.06 -58.77 -0.79
N THR F 2517 23.76 -59.87 -0.11
CA THR F 2517 23.64 -59.88 1.34
C THR F 2517 24.96 -60.22 2.08
N GLY F 2518 25.99 -60.59 1.33
CA GLY F 2518 27.28 -60.93 1.93
C GLY F 2518 27.27 -62.24 2.70
N GLU F 2519 26.59 -63.24 2.14
CA GLU F 2519 26.45 -64.53 2.82
C GLU F 2519 27.13 -65.67 2.07
N LEU F 2520 27.83 -66.52 2.82
CA LEU F 2520 28.48 -67.68 2.23
C LEU F 2520 27.45 -68.64 1.61
N VAL F 2521 27.75 -69.15 0.42
CA VAL F 2521 26.85 -70.07 -0.26
C VAL F 2521 27.59 -71.31 -0.77
N PRO F 2522 26.93 -72.48 -0.71
CA PRO F 2522 27.43 -73.67 -1.41
C PRO F 2522 26.86 -73.76 -2.83
N GLU F 2523 27.15 -74.85 -3.53
CA GLU F 2523 26.69 -75.03 -4.91
C GLU F 2523 25.26 -75.56 -5.02
N CYS F 2524 24.76 -76.18 -3.94
CA CYS F 2524 23.43 -76.76 -3.96
C CYS F 2524 22.34 -75.71 -3.94
N GLU F 2525 22.44 -74.84 -2.93
CA GLU F 2525 21.40 -73.87 -2.64
C GLU F 2525 21.28 -72.79 -3.71
N ILE F 2526 22.23 -72.79 -4.65
CA ILE F 2526 22.23 -71.85 -5.76
C ILE F 2526 20.90 -71.86 -6.52
N VAL F 2527 20.37 -73.06 -6.76
CA VAL F 2527 19.08 -73.19 -7.45
C VAL F 2527 17.94 -72.66 -6.57
N GLU F 2528 17.95 -73.04 -5.30
CA GLU F 2528 16.88 -72.69 -4.38
C GLU F 2528 16.87 -71.20 -4.03
N ARG F 2529 18.04 -70.64 -3.76
CA ARG F 2529 18.16 -69.26 -3.30
C ARG F 2529 18.12 -68.22 -4.43
N TYR F 2530 18.38 -68.65 -5.66
CA TYR F 2530 18.61 -67.73 -6.77
C TYR F 2530 17.69 -67.91 -7.97
N HIS F 2531 17.72 -69.11 -8.55
CA HIS F 2531 17.09 -69.40 -9.84
C HIS F 2531 15.69 -68.81 -10.03
N ASP F 2532 14.90 -68.81 -8.97
CA ASP F 2532 13.60 -68.16 -8.98
C ASP F 2532 13.73 -66.69 -9.38
N ALA F 2533 14.71 -66.01 -8.78
CA ALA F 2533 14.97 -64.61 -9.09
C ALA F 2533 15.75 -64.45 -10.39
N VAL F 2534 16.55 -65.46 -10.72
CA VAL F 2534 17.33 -65.46 -11.94
C VAL F 2534 16.43 -65.47 -13.17
N VAL F 2535 15.49 -66.39 -13.20
CA VAL F 2535 14.54 -66.50 -14.30
C VAL F 2535 13.79 -65.20 -14.54
N GLU F 2536 13.37 -64.55 -13.47
CA GLU F 2536 12.67 -63.27 -13.56
C GLU F 2536 13.56 -62.19 -14.16
N ARG F 2537 14.79 -62.10 -13.67
CA ARG F 2537 15.69 -61.02 -14.05
C ARG F 2537 16.63 -61.36 -15.22
N CYS F 2538 16.46 -62.55 -15.79
CA CYS F 2538 17.15 -62.91 -17.02
C CYS F 2538 16.11 -63.14 -18.11
N GLY F 2539 16.57 -63.46 -19.32
CA GLY F 2539 15.69 -63.68 -20.44
C GLY F 2539 14.90 -62.44 -20.80
N ILE F 2540 13.62 -62.63 -21.12
CA ILE F 2540 12.75 -61.52 -21.50
C ILE F 2540 11.92 -61.06 -20.31
N ARG F 2541 11.95 -59.75 -20.04
CA ARG F 2541 11.22 -59.18 -18.92
C ARG F 2541 10.94 -57.71 -19.17
N GLU F 2542 10.21 -57.08 -18.25
CA GLU F 2542 9.96 -55.64 -18.32
C GLU F 2542 11.31 -54.93 -18.32
N PHE F 2543 11.40 -53.82 -19.05
CA PHE F 2543 12.69 -53.15 -19.19
C PHE F 2543 13.13 -52.52 -17.87
N VAL F 2544 14.31 -52.95 -17.41
CA VAL F 2544 14.90 -52.39 -16.21
C VAL F 2544 15.69 -51.17 -16.63
N ASP F 2545 15.52 -50.07 -15.90
CA ASP F 2545 16.04 -48.80 -16.37
C ASP F 2545 17.44 -48.56 -15.84
N ASP F 2546 18.43 -48.69 -16.71
CA ASP F 2546 19.81 -48.39 -16.38
C ASP F 2546 20.18 -47.01 -16.90
N GLY F 2547 19.25 -46.40 -17.64
CA GLY F 2547 19.48 -45.10 -18.24
C GLY F 2547 18.68 -43.98 -17.63
N ALA F 2548 18.00 -44.28 -16.51
CA ALA F 2548 17.12 -43.34 -15.83
C ALA F 2548 16.00 -42.84 -16.75
N ILE F 2549 15.68 -43.64 -17.76
CA ILE F 2549 14.60 -43.32 -18.69
C ILE F 2549 13.78 -44.55 -19.05
N ASP F 2550 12.46 -44.41 -19.03
CA ASP F 2550 11.58 -45.50 -19.43
C ASP F 2550 10.84 -45.10 -20.70
N PRO F 2551 11.09 -45.82 -21.81
CA PRO F 2551 10.36 -45.49 -23.04
C PRO F 2551 8.86 -45.64 -22.85
N ASP F 2552 8.44 -46.76 -22.27
CA ASP F 2552 7.03 -47.07 -22.09
C ASP F 2552 6.34 -46.17 -21.09
N HIS F 2553 7.04 -45.81 -20.02
CA HIS F 2553 6.43 -44.97 -18.99
C HIS F 2553 6.64 -43.50 -19.33
N ALA F 2554 7.86 -43.01 -19.15
CA ALA F 2554 8.15 -41.60 -19.38
C ALA F 2554 9.43 -41.35 -20.18
N SER F 2555 9.27 -40.81 -21.39
CA SER F 2555 10.40 -40.47 -22.25
C SER F 2555 10.46 -38.96 -22.45
N PRO F 2556 11.57 -38.35 -22.03
CA PRO F 2556 11.77 -36.88 -22.04
C PRO F 2556 11.51 -36.23 -23.40
N LEU F 2557 10.68 -35.19 -23.40
CA LEU F 2557 10.32 -34.47 -24.62
C LEU F 2557 10.64 -33.00 -24.41
N LEU F 2558 11.10 -32.31 -25.45
CA LEU F 2558 11.25 -30.84 -25.39
C LEU F 2558 10.70 -30.11 -26.62
N VAL F 2559 9.66 -29.31 -26.43
CA VAL F 2559 9.02 -28.59 -27.54
C VAL F 2559 9.64 -27.21 -27.76
N SER F 2560 9.76 -26.85 -29.03
CA SER F 2560 10.22 -25.53 -29.41
C SER F 2560 9.08 -24.54 -29.26
N VAL F 2561 9.28 -23.53 -28.42
CA VAL F 2561 8.25 -22.51 -28.17
C VAL F 2561 8.82 -21.09 -28.23
N PHE F 2562 8.01 -20.16 -28.72
CA PHE F 2562 8.42 -18.76 -28.80
C PHE F 2562 7.95 -17.98 -27.58
N LEU F 2563 8.89 -17.32 -26.92
CA LEU F 2563 8.60 -16.57 -25.70
C LEU F 2563 7.78 -15.34 -26.04
N ASP F 2564 6.62 -15.22 -25.40
CA ASP F 2564 5.67 -14.15 -25.70
C ASP F 2564 6.05 -12.83 -25.03
N LYS F 2565 6.70 -12.90 -23.87
CA LYS F 2565 7.15 -11.71 -23.17
C LYS F 2565 8.49 -11.94 -22.49
N ASP F 2566 9.27 -10.88 -22.33
CA ASP F 2566 10.66 -10.97 -21.87
C ASP F 2566 10.85 -11.77 -20.58
N PHE F 2567 11.79 -12.70 -20.61
CA PHE F 2567 12.10 -13.56 -19.47
C PHE F 2567 12.97 -12.82 -18.46
N THR F 2568 12.88 -13.22 -17.20
CA THR F 2568 13.66 -12.60 -16.13
C THR F 2568 15.15 -12.93 -16.29
N PHE F 2569 15.99 -11.92 -16.08
CA PHE F 2569 17.44 -12.05 -16.24
C PHE F 2569 18.05 -13.16 -15.39
N VAL F 2570 19.05 -13.83 -15.94
CA VAL F 2570 19.78 -14.87 -15.22
C VAL F 2570 21.29 -14.65 -15.34
N VAL F 2571 22.03 -15.02 -14.30
CA VAL F 2571 23.47 -14.81 -14.28
C VAL F 2571 24.22 -15.88 -15.07
N SER F 2572 25.16 -15.45 -15.90
CA SER F 2572 25.96 -16.37 -16.70
C SER F 2572 27.38 -15.85 -16.89
N SER F 2573 28.29 -16.74 -17.27
CA SER F 2573 29.68 -16.36 -17.53
C SER F 2573 29.78 -15.59 -18.85
N GLU F 2574 30.87 -14.83 -18.99
CA GLU F 2574 31.08 -14.03 -20.19
C GLU F 2574 31.16 -14.87 -21.46
N ALA F 2575 31.81 -16.03 -21.35
CA ALA F 2575 31.96 -16.93 -22.49
C ALA F 2575 30.63 -17.53 -22.92
N ASP F 2576 29.82 -17.90 -21.94
CA ASP F 2576 28.52 -18.51 -22.22
C ASP F 2576 27.50 -17.46 -22.67
N ALA F 2577 27.62 -16.25 -22.13
CA ALA F 2577 26.67 -15.19 -22.44
C ALA F 2577 26.90 -14.60 -23.83
N ARG F 2578 28.16 -14.50 -24.25
CA ARG F 2578 28.47 -14.05 -25.59
C ARG F 2578 27.91 -15.05 -26.60
N ALA F 2579 27.95 -16.31 -26.22
CA ALA F 2579 27.38 -17.38 -27.05
C ALA F 2579 25.87 -17.18 -27.22
N PHE F 2580 25.21 -16.84 -26.12
CA PHE F 2580 23.77 -16.53 -26.14
C PHE F 2580 23.45 -15.51 -27.23
N VAL F 2581 24.29 -14.49 -27.32
CA VAL F 2581 24.08 -13.42 -28.28
C VAL F 2581 24.21 -13.92 -29.73
N GLN F 2582 24.95 -15.00 -29.92
CA GLN F 2582 25.23 -15.47 -31.28
C GLN F 2582 24.04 -16.14 -31.97
N PHE F 2583 22.97 -16.40 -31.21
CA PHE F 2583 21.80 -17.11 -31.72
C PHE F 2583 20.65 -16.14 -31.97
N ASP F 2584 20.19 -15.57 -30.87
CA ASP F 2584 19.14 -14.56 -30.78
C ASP F 2584 19.32 -13.16 -31.42
N PRO F 2585 20.57 -12.68 -31.59
CA PRO F 2585 21.08 -11.40 -31.09
C PRO F 2585 20.11 -10.23 -31.08
N GLU F 2586 19.18 -10.15 -32.01
CA GLU F 2586 18.15 -9.12 -31.90
C GLU F 2586 17.23 -9.44 -30.73
N HIS F 2587 17.07 -10.73 -30.45
CA HIS F 2587 16.13 -11.19 -29.43
C HIS F 2587 16.70 -11.44 -28.02
N THR F 2588 18.02 -11.42 -27.87
CA THR F 2588 18.61 -11.58 -26.54
C THR F 2588 19.49 -10.41 -26.15
N VAL F 2589 19.68 -10.22 -24.85
CA VAL F 2589 20.39 -9.08 -24.32
C VAL F 2589 21.37 -9.51 -23.22
N ALA F 2590 22.63 -9.10 -23.33
CA ALA F 2590 23.66 -9.52 -22.37
C ALA F 2590 24.55 -8.35 -21.92
N ARG F 2591 24.84 -8.29 -20.62
CA ARG F 2591 25.63 -7.19 -20.05
C ARG F 2591 26.68 -7.66 -19.06
N PRO F 2592 27.84 -6.98 -19.07
CA PRO F 2592 28.81 -7.22 -18.01
C PRO F 2592 28.33 -6.67 -16.68
N LEU F 2593 28.46 -7.46 -15.61
CA LEU F 2593 28.21 -6.96 -14.27
C LEU F 2593 29.54 -6.48 -13.72
N PRO F 2594 29.70 -5.16 -13.59
CA PRO F 2594 30.97 -4.49 -13.28
C PRO F 2594 31.71 -5.09 -12.08
N ASP F 2595 30.98 -5.47 -11.04
CA ASP F 2595 31.59 -5.99 -9.83
C ASP F 2595 32.07 -7.44 -9.97
N SER F 2596 31.22 -8.30 -10.50
CA SER F 2596 31.53 -9.73 -10.58
C SER F 2596 32.11 -10.16 -11.92
N SER F 2597 32.20 -9.21 -12.85
CA SER F 2597 32.75 -9.46 -14.19
C SER F 2597 31.93 -10.44 -15.04
N ASP F 2598 30.92 -11.06 -14.46
CA ASP F 2598 30.07 -12.00 -15.18
C ASP F 2598 28.98 -11.26 -15.94
N TRP F 2599 28.15 -12.01 -16.67
CA TRP F 2599 27.13 -11.39 -17.51
C TRP F 2599 25.70 -11.81 -17.17
N GLU F 2600 24.77 -10.89 -17.36
CA GLU F 2600 23.35 -11.18 -17.22
C GLU F 2600 22.76 -11.52 -18.59
N VAL F 2601 21.94 -12.56 -18.64
CA VAL F 2601 21.32 -12.97 -19.89
C VAL F 2601 19.81 -12.78 -19.84
N THR F 2602 19.30 -11.85 -20.65
CA THR F 2602 17.87 -11.57 -20.69
C THR F 2602 17.28 -11.85 -22.07
N ARG F 2603 16.36 -12.81 -22.12
CA ARG F 2603 15.69 -13.16 -23.37
C ARG F 2603 14.45 -12.30 -23.57
N LYS F 2604 14.41 -11.60 -24.70
CA LYS F 2604 13.28 -10.73 -25.01
C LYS F 2604 12.13 -11.55 -25.60
N ALA F 2605 11.10 -10.85 -26.08
CA ALA F 2605 10.00 -11.50 -26.75
C ALA F 2605 10.40 -11.87 -28.18
N GLY F 2606 10.05 -13.07 -28.60
CA GLY F 2606 10.39 -13.54 -29.93
C GLY F 2606 11.50 -14.59 -29.92
N THR F 2607 12.10 -14.82 -28.77
CA THR F 2607 13.15 -15.82 -28.62
C THR F 2607 12.60 -17.22 -28.80
N GLU F 2608 13.47 -18.16 -29.14
CA GLU F 2608 13.09 -19.56 -29.25
C GLU F 2608 13.52 -20.35 -28.01
N ILE F 2609 12.55 -20.97 -27.35
CA ILE F 2609 12.83 -21.73 -26.14
C ILE F 2609 12.44 -23.18 -26.31
N ARG F 2610 13.25 -24.09 -25.75
CA ARG F 2610 12.93 -25.51 -25.77
C ARG F 2610 12.52 -25.97 -24.37
N VAL F 2611 11.25 -26.31 -24.21
CA VAL F 2611 10.66 -26.62 -22.91
C VAL F 2611 10.38 -28.10 -22.69
N PRO F 2612 10.93 -28.67 -21.60
CA PRO F 2612 10.83 -30.09 -21.25
C PRO F 2612 9.40 -30.62 -21.15
N ARG F 2613 9.17 -31.79 -21.74
CA ARG F 2613 7.87 -32.47 -21.70
C ARG F 2613 8.13 -33.98 -21.63
N LYS F 2614 7.08 -34.78 -21.80
CA LYS F 2614 7.20 -36.24 -21.71
C LYS F 2614 6.31 -36.98 -22.72
N THR F 2615 6.57 -38.27 -22.87
CA THR F 2615 5.76 -39.11 -23.76
C THR F 2615 5.59 -40.52 -23.18
N LYS F 2616 4.44 -41.13 -23.42
CA LYS F 2616 4.23 -42.53 -23.08
C LYS F 2616 4.33 -43.38 -24.33
N LEU F 2617 5.04 -44.50 -24.25
CA LEU F 2617 5.29 -45.32 -25.43
C LEU F 2617 4.77 -46.75 -25.30
N SER F 2618 4.69 -47.43 -26.44
CA SER F 2618 4.04 -48.72 -26.54
C SER F 2618 4.86 -49.91 -26.04
N ARG F 2619 6.18 -49.86 -26.19
CA ARG F 2619 6.99 -51.03 -25.87
C ARG F 2619 7.51 -50.99 -24.44
N THR F 2620 6.95 -51.85 -23.59
CA THR F 2620 7.37 -51.92 -22.20
C THR F 2620 8.33 -53.08 -21.92
N VAL F 2621 8.59 -53.90 -22.93
CA VAL F 2621 9.35 -55.13 -22.73
C VAL F 2621 10.37 -55.35 -23.85
N GLY F 2622 11.53 -55.87 -23.49
CA GLY F 2622 12.55 -56.24 -24.46
C GLY F 2622 13.33 -57.43 -23.95
N ALA F 2623 14.10 -58.06 -24.83
CA ALA F 2623 14.94 -59.18 -24.43
C ALA F 2623 16.29 -58.61 -24.04
N GLN F 2624 16.59 -58.67 -22.74
CA GLN F 2624 17.75 -57.98 -22.21
C GLN F 2624 18.70 -58.93 -21.51
N ILE F 2625 19.99 -58.66 -21.65
CA ILE F 2625 21.03 -59.41 -20.96
C ILE F 2625 20.72 -59.44 -19.47
N PRO F 2626 20.88 -60.61 -18.83
CA PRO F 2626 20.46 -60.85 -17.45
C PRO F 2626 20.95 -59.76 -16.50
N THR F 2627 20.06 -59.28 -15.65
CA THR F 2627 20.35 -58.16 -14.75
C THR F 2627 21.51 -58.49 -13.82
N GLY F 2628 22.47 -57.58 -13.74
CA GLY F 2628 23.64 -57.77 -12.90
C GLY F 2628 24.89 -58.10 -13.69
N PHE F 2629 24.75 -58.14 -15.02
CA PHE F 2629 25.90 -58.38 -15.89
C PHE F 2629 26.89 -57.23 -15.76
N ASP F 2630 28.18 -57.58 -15.67
CA ASP F 2630 29.21 -56.57 -15.64
C ASP F 2630 30.36 -57.05 -16.51
N PRO F 2631 30.94 -56.15 -17.31
CA PRO F 2631 32.18 -56.47 -18.01
C PRO F 2631 33.33 -56.56 -17.02
N THR F 2632 33.15 -55.94 -15.86
CA THR F 2632 34.15 -55.93 -14.79
C THR F 2632 34.32 -57.33 -14.19
N VAL F 2633 33.20 -58.02 -13.99
CA VAL F 2633 33.23 -59.38 -13.46
C VAL F 2633 33.98 -60.30 -14.40
N TRP F 2634 33.79 -60.09 -15.70
CA TRP F 2634 34.54 -60.84 -16.70
C TRP F 2634 36.01 -60.42 -16.71
N GLY F 2635 36.32 -59.28 -16.09
CA GLY F 2635 37.70 -58.81 -16.00
C GLY F 2635 38.10 -57.65 -16.89
N ILE F 2636 37.12 -56.96 -17.47
CA ILE F 2636 37.41 -55.74 -18.24
C ILE F 2636 37.77 -54.59 -17.30
N SER F 2637 38.88 -53.91 -17.59
CA SER F 2637 39.34 -52.78 -16.80
C SER F 2637 38.35 -51.61 -16.84
N PRO F 2638 38.24 -50.86 -15.74
CA PRO F 2638 37.34 -49.71 -15.63
C PRO F 2638 37.61 -48.63 -16.67
N ASP F 2639 38.86 -48.46 -17.06
CA ASP F 2639 39.23 -47.45 -18.07
C ASP F 2639 38.57 -47.77 -19.40
N MET F 2640 38.51 -49.05 -19.74
CA MET F 2640 37.88 -49.48 -20.99
C MET F 2640 36.36 -49.28 -20.93
N ALA F 2641 35.76 -49.67 -19.82
CA ALA F 2641 34.31 -49.54 -19.63
C ALA F 2641 33.85 -48.11 -19.85
N SER F 2642 34.54 -47.16 -19.24
CA SER F 2642 34.29 -45.75 -19.44
C SER F 2642 34.40 -45.33 -20.91
N SER F 2643 35.61 -45.47 -21.45
CA SER F 2643 35.95 -44.93 -22.76
C SER F 2643 35.15 -45.50 -23.94
N ILE F 2644 34.59 -46.70 -23.77
CA ILE F 2644 33.94 -47.39 -24.89
C ILE F 2644 32.43 -47.53 -24.72
N ASP F 2645 31.74 -47.68 -25.85
CA ASP F 2645 30.30 -47.84 -25.86
C ASP F 2645 29.91 -49.18 -25.24
N ARG F 2646 28.66 -49.29 -24.82
CA ARG F 2646 28.15 -50.53 -24.24
C ARG F 2646 28.25 -51.69 -25.22
N VAL F 2647 28.00 -51.40 -26.50
CA VAL F 2647 28.08 -52.41 -27.55
C VAL F 2647 29.47 -53.01 -27.64
N ALA F 2648 30.47 -52.22 -27.27
CA ALA F 2648 31.85 -52.67 -27.32
C ALA F 2648 32.12 -53.75 -26.26
N LEU F 2649 31.52 -53.59 -25.10
CA LEU F 2649 31.67 -54.56 -24.02
C LEU F 2649 31.10 -55.92 -24.40
N TRP F 2650 30.11 -55.92 -25.30
CA TRP F 2650 29.49 -57.14 -25.76
C TRP F 2650 30.41 -57.93 -26.70
N ASN F 2651 30.97 -57.25 -27.69
CA ASN F 2651 31.83 -57.89 -28.67
C ASN F 2651 33.20 -58.25 -28.09
N ILE F 2652 33.64 -57.48 -27.10
CA ILE F 2652 34.94 -57.71 -26.47
C ILE F 2652 34.96 -59.00 -25.64
N VAL F 2653 33.96 -59.16 -24.78
CA VAL F 2653 33.87 -60.34 -23.93
C VAL F 2653 33.55 -61.58 -24.77
N ALA F 2654 32.69 -61.40 -25.77
CA ALA F 2654 32.30 -62.50 -26.66
C ALA F 2654 33.50 -63.05 -27.41
N THR F 2655 34.37 -62.16 -27.86
CA THR F 2655 35.57 -62.55 -28.59
C THR F 2655 36.49 -63.40 -27.70
N VAL F 2656 36.64 -62.97 -26.45
CA VAL F 2656 37.44 -63.71 -25.48
C VAL F 2656 36.89 -65.11 -25.26
N ASP F 2657 35.59 -65.20 -25.01
CA ASP F 2657 34.94 -66.48 -24.79
C ASP F 2657 34.88 -67.31 -26.07
N ALA F 2658 34.95 -66.64 -27.21
CA ALA F 2658 34.96 -67.33 -28.51
C ALA F 2658 36.30 -68.04 -28.69
N PHE F 2659 37.38 -67.36 -28.32
CA PHE F 2659 38.70 -67.97 -28.38
C PHE F 2659 38.79 -69.13 -27.40
N LEU F 2660 38.23 -68.94 -26.21
CA LEU F 2660 38.31 -69.93 -25.12
C LEU F 2660 37.81 -71.31 -25.54
N SER F 2661 37.03 -71.36 -26.62
CA SER F 2661 36.58 -72.62 -27.19
C SER F 2661 37.77 -73.47 -27.63
N SER F 2662 38.83 -72.83 -28.10
CA SER F 2662 40.03 -73.56 -28.52
C SER F 2662 41.29 -73.13 -27.79
N GLY F 2663 41.85 -72.00 -28.22
CA GLY F 2663 43.08 -71.48 -27.63
C GLY F 2663 42.80 -70.27 -26.76
N PHE F 2664 43.79 -69.82 -26.02
CA PHE F 2664 43.59 -68.61 -25.23
C PHE F 2664 44.41 -67.44 -25.74
N THR F 2665 45.73 -67.54 -25.59
CA THR F 2665 46.62 -66.46 -25.98
C THR F 2665 46.53 -66.24 -27.49
N PRO F 2666 46.05 -65.05 -27.89
CA PRO F 2666 45.80 -64.71 -29.28
C PRO F 2666 47.06 -64.70 -30.11
N THR F 2667 48.21 -64.58 -29.44
CA THR F 2667 49.48 -64.54 -30.14
C THR F 2667 49.99 -65.95 -30.47
N GLU F 2668 49.33 -66.97 -29.93
CA GLU F 2668 49.63 -68.35 -30.31
C GLU F 2668 49.31 -68.55 -31.80
N LEU F 2669 48.39 -67.74 -32.31
CA LEU F 2669 48.07 -67.74 -33.73
C LEU F 2669 49.28 -67.31 -34.55
N MET F 2670 50.13 -66.48 -33.96
CA MET F 2670 51.30 -65.96 -34.66
C MET F 2670 52.45 -66.95 -34.66
N ARG F 2671 52.25 -68.09 -34.00
CA ARG F 2671 53.22 -69.18 -34.05
C ARG F 2671 53.07 -69.93 -35.37
N TRP F 2672 51.82 -70.27 -35.71
CA TRP F 2672 51.53 -71.01 -36.93
C TRP F 2672 51.35 -70.12 -38.15
N VAL F 2673 51.11 -68.84 -37.92
CA VAL F 2673 50.64 -67.94 -38.98
C VAL F 2673 51.32 -66.58 -38.89
N HIS F 2674 51.67 -66.01 -40.05
CA HIS F 2674 52.10 -64.62 -40.08
C HIS F 2674 50.92 -63.71 -39.76
N PRO F 2675 51.09 -62.80 -38.78
CA PRO F 2675 50.06 -61.91 -38.24
C PRO F 2675 49.18 -61.20 -39.27
N SER F 2676 49.69 -60.95 -40.47
CA SER F 2676 48.86 -60.30 -41.49
C SER F 2676 47.82 -61.26 -42.08
N GLN F 2677 47.92 -62.53 -41.73
CA GLN F 2677 46.95 -63.53 -42.18
C GLN F 2677 45.82 -63.75 -41.16
N VAL F 2678 45.77 -62.91 -40.13
CA VAL F 2678 44.66 -62.92 -39.19
C VAL F 2678 43.63 -61.87 -39.61
N ALA F 2679 42.38 -62.28 -39.79
CA ALA F 2679 41.33 -61.37 -40.25
C ALA F 2679 40.25 -61.13 -39.22
N SER F 2680 39.58 -59.98 -39.33
CA SER F 2680 38.44 -59.69 -38.48
C SER F 2680 37.30 -59.22 -39.36
N THR F 2681 36.26 -60.05 -39.46
CA THR F 2681 35.04 -59.68 -40.16
C THR F 2681 33.92 -59.60 -39.13
N GLN F 2682 33.46 -58.40 -38.83
CA GLN F 2682 32.49 -58.21 -37.75
C GLN F 2682 31.32 -57.30 -38.16
N GLY F 2683 30.12 -57.86 -38.22
CA GLY F 2683 28.98 -57.11 -38.71
C GLY F 2683 28.24 -56.30 -37.65
N THR F 2684 27.49 -55.30 -38.11
CA THR F 2684 26.63 -54.50 -37.26
C THR F 2684 25.43 -54.10 -38.08
N GLY F 2685 24.25 -54.00 -37.45
CA GLY F 2685 23.13 -53.30 -38.04
C GLY F 2685 23.28 -51.80 -37.89
N MET F 2686 23.68 -51.39 -36.68
CA MET F 2686 24.00 -50.01 -36.39
C MET F 2686 25.33 -49.99 -35.64
N GLY F 2687 25.29 -50.44 -34.39
CA GLY F 2687 26.49 -50.51 -33.57
C GLY F 2687 26.83 -49.14 -33.03
N GLY F 2688 27.50 -49.11 -31.89
CA GLY F 2688 27.87 -47.87 -31.23
C GLY F 2688 26.71 -46.95 -30.90
N MET F 2689 25.50 -47.52 -30.84
CA MET F 2689 24.27 -46.73 -30.66
C MET F 2689 24.32 -45.76 -29.49
N THR F 2690 24.72 -46.27 -28.34
CA THR F 2690 24.88 -45.43 -27.15
C THR F 2690 25.81 -44.24 -27.41
N SER F 2691 26.96 -44.50 -28.00
CA SER F 2691 27.97 -43.48 -28.27
C SER F 2691 27.45 -42.46 -29.27
N MET F 2692 26.59 -42.92 -30.17
CA MET F 2692 25.95 -42.01 -31.11
C MET F 2692 24.95 -41.14 -30.37
N GLN F 2693 24.00 -41.75 -29.68
CA GLN F 2693 23.00 -40.97 -28.95
C GLN F 2693 23.64 -40.12 -27.86
N THR F 2694 24.86 -40.45 -27.50
CA THR F 2694 25.54 -39.71 -26.46
C THR F 2694 26.03 -38.38 -27.03
N MET F 2695 26.50 -38.40 -28.28
CA MET F 2695 26.96 -37.16 -28.88
C MET F 2695 25.81 -36.20 -29.22
N TYR F 2696 24.75 -36.71 -29.84
CA TYR F 2696 23.72 -35.84 -30.37
C TYR F 2696 22.88 -35.20 -29.26
N HIS F 2697 22.63 -35.94 -28.18
CA HIS F 2697 22.16 -35.32 -26.94
C HIS F 2697 23.18 -34.33 -26.41
N GLY F 2698 24.32 -34.87 -25.98
CA GLY F 2698 25.37 -34.13 -25.31
C GLY F 2698 25.81 -32.82 -25.92
N ASN F 2699 26.06 -32.84 -27.23
CA ASN F 2699 26.48 -31.65 -27.95
C ASN F 2699 25.39 -30.59 -27.95
N LEU F 2700 24.18 -30.97 -28.36
CA LEU F 2700 23.05 -30.04 -28.37
C LEU F 2700 22.72 -29.60 -26.94
N LEU F 2701 23.10 -30.42 -25.96
CA LEU F 2701 22.87 -30.12 -24.55
C LEU F 2701 24.09 -29.53 -23.84
N GLY F 2702 25.21 -29.44 -24.54
CA GLY F 2702 26.42 -28.84 -23.99
C GLY F 2702 26.96 -29.53 -22.76
N ARG F 2703 26.36 -30.66 -22.41
CA ARG F 2703 26.78 -31.49 -21.29
C ARG F 2703 28.20 -31.94 -21.57
N ALA F 2704 28.96 -32.24 -20.52
CA ALA F 2704 30.29 -32.80 -20.75
C ALA F 2704 30.11 -34.23 -21.24
N LYS F 2705 30.70 -34.49 -22.41
CA LYS F 2705 30.64 -35.78 -23.09
C LYS F 2705 32.06 -36.12 -23.59
N PRO F 2706 32.33 -37.40 -23.93
CA PRO F 2706 33.72 -37.74 -24.24
C PRO F 2706 34.16 -37.19 -25.61
N ASN F 2707 35.46 -36.90 -25.72
CA ASN F 2707 36.06 -36.41 -26.96
C ASN F 2707 36.23 -37.47 -28.03
N ASP F 2708 36.11 -38.73 -27.63
CA ASP F 2708 36.39 -39.82 -28.56
C ASP F 2708 35.13 -40.32 -29.26
N ILE F 2709 34.04 -39.58 -29.07
CA ILE F 2709 32.71 -39.99 -29.50
C ILE F 2709 32.63 -40.48 -30.93
N LEU F 2710 33.09 -39.67 -31.89
CA LEU F 2710 32.90 -40.07 -33.28
C LEU F 2710 33.75 -41.28 -33.61
N GLN F 2711 34.90 -41.42 -32.94
CA GLN F 2711 35.72 -42.62 -33.13
C GLN F 2711 34.96 -43.83 -32.60
N GLU F 2712 34.28 -43.65 -31.47
CA GLU F 2712 33.60 -44.75 -30.82
C GLU F 2712 32.23 -45.05 -31.43
N VAL F 2713 31.74 -44.18 -32.31
CA VAL F 2713 30.48 -44.45 -33.00
C VAL F 2713 30.65 -45.18 -34.34
N LEU F 2714 31.90 -45.33 -34.80
CA LEU F 2714 32.16 -46.05 -36.03
C LEU F 2714 31.90 -47.53 -35.77
N PRO F 2715 30.95 -48.14 -36.49
CA PRO F 2715 30.58 -49.53 -36.23
C PRO F 2715 31.75 -50.49 -36.33
N ASN F 2716 32.87 -50.04 -36.89
CA ASN F 2716 34.05 -50.87 -37.00
C ASN F 2716 34.99 -50.73 -35.82
N VAL F 2717 34.73 -49.75 -34.97
CA VAL F 2717 35.69 -49.37 -33.95
C VAL F 2717 35.64 -50.36 -32.79
N VAL F 2718 34.51 -51.04 -32.68
CA VAL F 2718 34.30 -51.99 -31.60
C VAL F 2718 35.26 -53.17 -31.67
N ALA F 2719 35.35 -53.82 -32.83
CA ALA F 2719 36.34 -54.89 -32.99
C ALA F 2719 37.75 -54.33 -33.18
N ALA F 2720 37.82 -53.08 -33.63
CA ALA F 2720 39.10 -52.35 -33.64
C ALA F 2720 39.64 -52.27 -32.21
N HIS F 2721 38.76 -52.02 -31.25
CA HIS F 2721 39.10 -52.02 -29.82
C HIS F 2721 39.58 -53.40 -29.36
N VAL F 2722 38.96 -54.44 -29.89
CA VAL F 2722 39.33 -55.83 -29.57
C VAL F 2722 40.69 -56.21 -30.16
N MET F 2723 40.98 -55.71 -31.35
CA MET F 2723 42.25 -55.99 -32.01
C MET F 2723 43.38 -55.25 -31.30
N GLN F 2724 43.08 -54.07 -30.80
CA GLN F 2724 44.04 -53.28 -30.02
C GLN F 2724 44.30 -53.92 -28.66
N SER F 2725 43.24 -54.38 -28.02
CA SER F 2725 43.32 -54.94 -26.68
C SER F 2725 43.77 -56.41 -26.60
N TYR F 2726 43.44 -57.21 -27.62
CA TYR F 2726 43.61 -58.66 -27.49
C TYR F 2726 44.47 -59.37 -28.53
N VAL F 2727 43.91 -59.56 -29.73
CA VAL F 2727 44.56 -60.35 -30.77
C VAL F 2727 45.84 -59.70 -31.28
N GLY F 2728 45.75 -58.43 -31.65
CA GLY F 2728 46.92 -57.71 -32.11
C GLY F 2728 47.34 -58.12 -33.50
N GLY F 2729 46.41 -58.68 -34.26
CA GLY F 2729 46.69 -59.14 -35.60
C GLY F 2729 47.09 -58.01 -36.53
N TYR F 2730 47.89 -58.34 -37.54
CA TYR F 2730 48.34 -57.34 -38.50
C TYR F 2730 47.52 -57.36 -39.78
N GLY F 2731 46.51 -58.23 -39.79
CA GLY F 2731 45.74 -58.52 -40.98
C GLY F 2731 44.34 -57.96 -41.12
N ALA F 2732 43.58 -58.52 -42.06
CA ALA F 2732 42.36 -57.91 -42.57
C ALA F 2732 41.31 -57.53 -41.52
N MET F 2733 40.68 -56.39 -41.76
CA MET F 2733 39.51 -55.99 -40.97
C MET F 2733 38.39 -55.53 -41.87
N VAL F 2734 37.27 -56.23 -41.79
CA VAL F 2734 36.05 -55.92 -42.52
C VAL F 2734 34.89 -55.85 -41.52
N HIS F 2735 33.90 -55.01 -41.81
CA HIS F 2735 32.79 -54.76 -40.89
C HIS F 2735 31.45 -54.57 -41.60
N PRO F 2736 30.81 -55.67 -42.02
CA PRO F 2736 29.55 -55.66 -42.77
C PRO F 2736 28.41 -54.89 -42.10
N VAL F 2737 27.56 -54.28 -42.91
CA VAL F 2737 26.26 -53.87 -42.42
C VAL F 2737 25.16 -54.66 -43.16
N GLY F 2738 24.52 -55.58 -42.45
CA GLY F 2738 23.48 -56.41 -43.00
C GLY F 2738 22.11 -56.12 -42.44
N ALA F 2739 21.96 -54.97 -41.77
CA ALA F 2739 20.74 -54.66 -41.03
C ALA F 2739 20.50 -55.78 -40.03
N CYS F 2740 19.46 -56.56 -40.25
CA CYS F 2740 19.22 -57.76 -39.44
C CYS F 2740 20.11 -58.94 -39.85
N ALA F 2741 20.65 -58.91 -41.08
CA ALA F 2741 21.40 -60.03 -41.63
C ALA F 2741 22.94 -59.98 -41.53
N THR F 2742 23.47 -58.96 -40.86
CA THR F 2742 24.94 -58.75 -40.77
C THR F 2742 25.71 -60.00 -40.36
N ALA F 2743 25.18 -60.72 -39.39
CA ALA F 2743 25.83 -61.90 -38.85
C ALA F 2743 26.16 -62.94 -39.92
N ALA F 2744 25.15 -63.36 -40.67
CA ALA F 2744 25.35 -64.30 -41.77
C ALA F 2744 26.12 -63.66 -42.92
N VAL F 2745 25.91 -62.36 -43.11
CA VAL F 2745 26.63 -61.61 -44.13
C VAL F 2745 28.12 -61.53 -43.77
N SER F 2746 28.39 -61.43 -42.47
CA SER F 2746 29.76 -61.41 -41.96
C SER F 2746 30.47 -62.73 -42.22
N VAL F 2747 29.77 -63.83 -41.94
CA VAL F 2747 30.32 -65.17 -42.14
C VAL F 2747 30.72 -65.35 -43.60
N GLU F 2748 29.89 -64.84 -44.50
CA GLU F 2748 30.14 -64.93 -45.93
C GLU F 2748 31.49 -64.34 -46.30
N GLU F 2749 31.77 -63.16 -45.77
CA GLU F 2749 33.03 -62.47 -46.07
C GLU F 2749 34.21 -63.05 -45.30
N GLY F 2750 33.93 -63.59 -44.11
CA GLY F 2750 34.95 -64.29 -43.35
C GLY F 2750 35.39 -65.53 -44.12
N VAL F 2751 34.43 -66.20 -44.74
CA VAL F 2751 34.70 -67.33 -45.61
C VAL F 2751 35.50 -66.88 -46.84
N ASP F 2752 35.10 -65.73 -47.39
CA ASP F 2752 35.73 -65.19 -48.59
C ASP F 2752 37.20 -64.83 -48.37
N LYS F 2753 37.51 -64.29 -47.20
CA LYS F 2753 38.88 -63.85 -46.89
C LYS F 2753 39.87 -65.01 -46.83
N ILE F 2754 39.39 -66.18 -46.41
CA ILE F 2754 40.28 -67.33 -46.23
C ILE F 2754 40.66 -68.00 -47.55
N LYS F 2755 39.65 -68.27 -48.38
CA LYS F 2755 39.83 -69.05 -49.60
C LYS F 2755 40.76 -68.38 -50.60
N LEU F 2756 40.93 -67.07 -50.49
CA LEU F 2756 41.78 -66.32 -51.40
C LEU F 2756 43.19 -66.10 -50.86
N GLY F 2757 43.46 -66.64 -49.69
CA GLY F 2757 44.78 -66.58 -49.10
C GLY F 2757 45.13 -65.24 -48.48
N LYS F 2758 44.17 -64.33 -48.44
CA LYS F 2758 44.37 -63.01 -47.84
C LYS F 2758 44.60 -63.17 -46.34
N ALA F 2759 43.81 -64.04 -45.72
CA ALA F 2759 44.01 -64.36 -44.30
C ALA F 2759 43.62 -65.82 -44.03
N ASP F 2760 44.40 -66.49 -43.18
CA ASP F 2760 44.11 -67.88 -42.85
C ASP F 2760 43.25 -68.06 -41.59
N LEU F 2761 43.08 -66.99 -40.81
CA LEU F 2761 42.27 -67.05 -39.61
C LEU F 2761 41.37 -65.84 -39.52
N VAL F 2762 40.06 -66.06 -39.46
CA VAL F 2762 39.13 -64.95 -39.35
C VAL F 2762 38.19 -65.06 -38.17
N ILE F 2763 37.74 -63.91 -37.69
CA ILE F 2763 36.71 -63.85 -36.66
C ILE F 2763 35.46 -63.29 -37.31
N ALA F 2764 34.40 -64.09 -37.35
CA ALA F 2764 33.14 -63.62 -37.92
C ALA F 2764 32.08 -63.46 -36.83
N GLY F 2765 31.19 -62.49 -37.02
CA GLY F 2765 30.14 -62.24 -36.05
C GLY F 2765 29.31 -61.00 -36.31
N GLY F 2766 28.45 -60.68 -35.36
CA GLY F 2766 27.64 -59.48 -35.41
C GLY F 2766 27.17 -59.09 -34.03
N PHE F 2767 26.86 -57.81 -33.84
CA PHE F 2767 26.40 -57.33 -32.55
C PHE F 2767 25.60 -56.03 -32.68
N ASP F 2768 24.66 -55.81 -31.76
CA ASP F 2768 23.84 -54.60 -31.75
C ASP F 2768 23.36 -54.34 -30.32
N ASP F 2769 22.88 -53.13 -30.06
CA ASP F 2769 22.42 -52.79 -28.72
C ASP F 2769 20.96 -52.37 -28.73
N LEU F 2770 20.32 -52.47 -27.57
CA LEU F 2770 18.95 -52.01 -27.39
C LEU F 2770 18.92 -50.78 -26.49
N THR F 2771 18.58 -49.64 -27.09
CA THR F 2771 18.48 -48.38 -26.36
C THR F 2771 17.11 -47.76 -26.56
N LEU F 2772 16.95 -46.55 -26.04
CA LEU F 2772 15.70 -45.79 -26.13
C LEU F 2772 15.23 -45.60 -27.56
N GLU F 2773 16.05 -44.91 -28.35
CA GLU F 2773 15.66 -44.47 -29.68
C GLU F 2773 15.79 -45.58 -30.73
N ALA F 2774 16.27 -46.74 -30.30
CA ALA F 2774 16.22 -47.91 -31.15
C ALA F 2774 14.80 -48.41 -31.14
N ILE F 2775 14.19 -48.39 -29.96
CA ILE F 2775 12.81 -48.81 -29.78
C ILE F 2775 11.83 -47.93 -30.54
N ILE F 2776 12.00 -46.61 -30.41
CA ILE F 2776 11.02 -45.69 -30.97
C ILE F 2776 11.06 -45.68 -32.51
N GLY F 2777 12.18 -46.11 -33.08
CA GLY F 2777 12.31 -46.22 -34.52
C GLY F 2777 11.52 -47.40 -35.08
N PHE F 2778 11.61 -48.53 -34.39
CA PHE F 2778 10.86 -49.72 -34.77
C PHE F 2778 9.36 -49.52 -34.54
N GLY F 2779 8.97 -49.07 -33.34
CA GLY F 2779 7.57 -48.88 -32.98
C GLY F 2779 6.84 -47.89 -33.87
N ASP F 2780 7.59 -46.89 -34.32
CA ASP F 2780 7.09 -45.93 -35.28
C ASP F 2780 6.95 -46.60 -36.64
N MET F 2781 7.90 -47.47 -36.99
CA MET F 2781 7.90 -48.16 -38.28
C MET F 2781 6.83 -49.26 -38.33
N ALA F 2782 6.17 -49.48 -37.19
CA ALA F 2782 5.08 -50.46 -37.04
C ALA F 2782 5.57 -51.91 -36.99
N ALA F 2783 6.86 -52.11 -37.16
CA ALA F 2783 7.43 -53.47 -37.27
C ALA F 2783 7.52 -54.22 -35.95
N THR F 2784 7.49 -53.51 -34.84
CA THR F 2784 7.60 -54.12 -33.52
C THR F 2784 6.24 -54.40 -32.92
N ALA F 2785 6.17 -55.49 -32.17
CA ALA F 2785 4.94 -55.89 -31.51
C ALA F 2785 4.55 -54.91 -30.42
N ASP F 2786 3.27 -54.53 -30.40
CA ASP F 2786 2.79 -53.52 -29.47
C ASP F 2786 2.35 -54.14 -28.16
N THR F 2787 3.09 -53.85 -27.10
CA THR F 2787 2.92 -54.50 -25.80
C THR F 2787 1.53 -54.32 -25.19
N GLU F 2788 0.95 -53.14 -25.37
CA GLU F 2788 -0.39 -52.85 -24.87
C GLU F 2788 -1.42 -53.80 -25.49
N MET F 2789 -1.17 -54.20 -26.73
CA MET F 2789 -2.06 -55.14 -27.42
C MET F 2789 -1.81 -56.57 -26.97
N MET F 2790 -0.56 -56.88 -26.60
CA MET F 2790 -0.20 -58.23 -26.18
C MET F 2790 -0.82 -58.55 -24.82
N ARG F 2791 -0.79 -57.57 -23.92
CA ARG F 2791 -1.39 -57.75 -22.60
C ARG F 2791 -2.90 -57.86 -22.70
N ALA F 2792 -3.47 -57.23 -23.72
CA ALA F 2792 -4.91 -57.29 -23.94
C ALA F 2792 -5.34 -58.67 -24.43
N LYS F 2793 -4.41 -59.38 -25.05
CA LYS F 2793 -4.68 -60.73 -25.55
C LYS F 2793 -4.27 -61.78 -24.52
N GLY F 2794 -3.81 -61.32 -23.36
CA GLY F 2794 -3.40 -62.21 -22.29
C GLY F 2794 -2.06 -62.87 -22.54
N ILE F 2795 -1.13 -62.11 -23.09
CA ILE F 2795 0.19 -62.64 -23.41
C ILE F 2795 1.26 -62.17 -22.43
N SER F 2796 1.91 -63.13 -21.77
CA SER F 2796 3.03 -62.83 -20.88
C SER F 2796 4.25 -62.44 -21.70
N ASP F 2797 5.20 -61.78 -21.05
CA ASP F 2797 6.40 -61.27 -21.74
C ASP F 2797 7.24 -62.37 -22.38
N SER F 2798 7.23 -63.57 -21.81
CA SER F 2798 8.03 -64.66 -22.37
C SER F 2798 7.37 -65.29 -23.59
N LYS F 2799 6.06 -65.12 -23.70
CA LYS F 2799 5.26 -65.79 -24.73
C LYS F 2799 4.97 -64.93 -25.96
N PHE F 2800 5.44 -63.69 -25.98
CA PHE F 2800 5.02 -62.76 -27.02
C PHE F 2800 5.82 -62.80 -28.33
N SER F 2801 6.93 -63.54 -28.33
CA SER F 2801 7.68 -63.76 -29.55
C SER F 2801 7.34 -65.15 -30.04
N ARG F 2802 6.55 -65.23 -31.11
CA ARG F 2802 6.07 -66.50 -31.62
C ARG F 2802 6.25 -66.55 -33.13
N ALA F 2803 7.11 -67.45 -33.59
CA ALA F 2803 7.39 -67.55 -35.01
C ALA F 2803 6.43 -68.53 -35.68
N ASN F 2804 5.96 -68.16 -36.88
CA ASN F 2804 5.08 -69.01 -37.67
C ASN F 2804 3.70 -69.25 -37.06
N ASP F 2805 3.50 -68.73 -35.85
CA ASP F 2805 2.21 -68.81 -35.18
C ASP F 2805 1.16 -68.00 -35.94
N ARG F 2806 -0.10 -68.44 -35.86
CA ARG F 2806 -1.21 -67.74 -36.50
C ARG F 2806 -1.32 -66.30 -35.97
N ARG F 2807 -0.99 -66.14 -34.70
CA ARG F 2807 -1.18 -64.87 -34.01
C ARG F 2807 0.03 -63.95 -33.99
N ARG F 2808 1.08 -64.32 -34.73
CA ARG F 2808 2.33 -63.57 -34.68
C ARG F 2808 2.12 -62.08 -34.98
N LEU F 2809 2.49 -61.24 -34.03
CA LEU F 2809 2.19 -59.81 -34.06
C LEU F 2809 3.33 -58.86 -34.46
N GLY F 2810 4.47 -59.41 -34.83
CA GLY F 2810 5.66 -58.60 -35.07
C GLY F 2810 6.75 -58.85 -34.04
N PHE F 2811 7.98 -58.43 -34.36
CA PHE F 2811 9.15 -58.90 -33.61
C PHE F 2811 9.42 -58.24 -32.26
N LEU F 2812 10.02 -59.00 -31.37
CA LEU F 2812 10.55 -58.47 -30.12
C LEU F 2812 11.98 -58.01 -30.35
N GLU F 2813 12.28 -56.78 -29.95
CA GLU F 2813 13.63 -56.23 -30.12
C GLU F 2813 14.53 -56.69 -28.97
N ALA F 2814 15.79 -56.97 -29.29
CA ALA F 2814 16.73 -57.45 -28.29
C ALA F 2814 18.08 -56.76 -28.37
N GLN F 2815 18.98 -57.14 -27.46
CA GLN F 2815 20.33 -56.59 -27.43
C GLN F 2815 21.34 -57.71 -27.22
N GLY F 2816 22.57 -57.48 -27.67
CA GLY F 2816 23.65 -58.43 -27.42
C GLY F 2816 24.66 -58.48 -28.54
N GLY F 2817 25.50 -59.51 -28.50
CA GLY F 2817 26.47 -59.73 -29.55
C GLY F 2817 27.06 -61.13 -29.47
N GLY F 2818 27.55 -61.62 -30.60
CA GLY F 2818 28.18 -62.92 -30.65
C GLY F 2818 29.15 -63.00 -31.80
N THR F 2819 30.13 -63.89 -31.67
CA THR F 2819 31.14 -64.05 -32.71
C THR F 2819 31.57 -65.50 -32.83
N ILE F 2820 32.11 -65.85 -34.00
CA ILE F 2820 32.65 -67.18 -34.23
C ILE F 2820 34.02 -67.08 -34.86
N LEU F 2821 34.86 -68.08 -34.61
CA LEU F 2821 36.20 -68.11 -35.20
C LEU F 2821 36.21 -69.08 -36.39
N LEU F 2822 36.32 -68.52 -37.59
CA LEU F 2822 36.40 -69.33 -38.79
C LEU F 2822 37.86 -69.46 -39.23
N ALA F 2823 38.26 -70.68 -39.56
CA ALA F 2823 39.64 -70.94 -39.96
C ALA F 2823 39.76 -71.88 -41.15
N ARG F 2824 40.95 -71.90 -41.74
CA ARG F 2824 41.27 -72.86 -42.79
C ARG F 2824 41.30 -74.26 -42.18
N GLY F 2825 40.69 -75.21 -42.87
CA GLY F 2825 40.62 -76.58 -42.40
C GLY F 2825 41.98 -77.20 -42.14
N ASP F 2826 42.95 -76.85 -42.97
CA ASP F 2826 44.31 -77.37 -42.83
C ASP F 2826 44.97 -76.84 -41.56
N LEU F 2827 44.69 -75.57 -41.26
CA LEU F 2827 45.26 -74.90 -40.09
C LEU F 2827 44.69 -75.47 -38.79
N ALA F 2828 43.40 -75.73 -38.79
CA ALA F 2828 42.71 -76.24 -37.60
C ALA F 2828 43.29 -77.58 -37.16
N LEU F 2829 43.63 -78.42 -38.12
CA LEU F 2829 44.26 -79.71 -37.85
C LEU F 2829 45.68 -79.49 -37.33
N LYS F 2830 46.39 -78.56 -37.98
CA LYS F 2830 47.78 -78.30 -37.66
C LYS F 2830 47.93 -77.66 -36.27
N MET F 2831 47.07 -76.71 -35.97
CA MET F 2831 47.04 -76.10 -34.64
C MET F 2831 46.48 -77.09 -33.63
N GLY F 2832 45.64 -78.01 -34.11
CA GLY F 2832 45.03 -79.01 -33.26
C GLY F 2832 43.95 -78.42 -32.37
N LEU F 2833 43.07 -77.62 -32.95
CA LEU F 2833 41.97 -77.02 -32.20
C LEU F 2833 40.70 -77.84 -32.41
N PRO F 2834 39.63 -77.50 -31.69
CA PRO F 2834 38.35 -78.20 -31.94
C PRO F 2834 37.70 -77.81 -33.25
N VAL F 2835 37.10 -78.77 -33.94
CA VAL F 2835 36.29 -78.47 -35.12
C VAL F 2835 34.81 -78.54 -34.77
N LEU F 2836 34.16 -77.38 -34.72
CA LEU F 2836 32.76 -77.31 -34.32
C LEU F 2836 31.81 -77.66 -35.46
N ALA F 2837 32.20 -77.32 -36.68
CA ALA F 2837 31.40 -77.61 -37.87
C ALA F 2837 32.11 -77.13 -39.13
N VAL F 2838 31.65 -77.62 -40.27
CA VAL F 2838 32.15 -77.16 -41.55
C VAL F 2838 31.15 -76.22 -42.18
N VAL F 2839 31.62 -75.06 -42.65
CA VAL F 2839 30.75 -74.15 -43.36
C VAL F 2839 30.85 -74.54 -44.82
N GLY F 2840 29.76 -75.10 -45.33
CA GLY F 2840 29.73 -75.64 -46.67
C GLY F 2840 29.49 -74.55 -47.70
N TYR F 2841 28.99 -73.41 -47.22
CA TYR F 2841 28.64 -72.30 -48.09
C TYR F 2841 28.14 -71.14 -47.24
N ALA F 2842 28.23 -69.94 -47.81
CA ALA F 2842 27.62 -68.75 -47.22
C ALA F 2842 27.29 -67.79 -48.33
N GLN F 2843 26.15 -67.13 -48.24
CA GLN F 2843 25.76 -66.17 -49.26
C GLN F 2843 24.83 -65.11 -48.70
N SER F 2844 24.94 -63.91 -49.26
CA SER F 2844 23.96 -62.86 -49.04
C SER F 2844 23.23 -62.71 -50.36
N PHE F 2845 21.99 -62.25 -50.30
CA PHE F 2845 21.18 -62.12 -51.51
C PHE F 2845 20.22 -60.94 -51.45
N ALA F 2846 20.13 -60.17 -52.54
CA ALA F 2846 19.20 -59.05 -52.60
C ALA F 2846 17.86 -59.52 -53.18
N ASP F 2847 16.94 -58.60 -53.42
CA ASP F 2847 15.63 -59.00 -53.93
C ASP F 2847 15.28 -58.35 -55.26
N GLY F 2848 14.91 -57.06 -55.23
CA GLY F 2848 14.63 -56.37 -56.48
C GLY F 2848 13.81 -55.10 -56.42
N VAL F 2849 13.46 -54.59 -57.60
CA VAL F 2849 12.65 -53.38 -57.68
C VAL F 2849 11.19 -53.66 -57.37
N HIS F 2850 10.67 -52.96 -56.36
CA HIS F 2850 9.23 -52.87 -56.15
C HIS F 2850 8.86 -51.65 -55.28
N THR F 2851 7.63 -51.18 -55.39
CA THR F 2851 7.14 -50.07 -54.58
C THR F 2851 6.66 -50.50 -53.17
N SER F 2852 6.03 -51.67 -53.10
CA SER F 2852 5.26 -52.09 -51.93
C SER F 2852 6.06 -52.34 -50.66
N ILE F 2853 5.68 -51.68 -49.56
CA ILE F 2853 6.37 -51.88 -48.30
C ILE F 2853 6.22 -53.24 -47.57
N PRO F 2854 5.01 -53.85 -47.57
CA PRO F 2854 5.05 -55.18 -46.96
C PRO F 2854 5.78 -56.22 -47.80
N ALA F 2855 5.95 -56.01 -49.10
CA ALA F 2855 6.48 -57.08 -49.95
C ALA F 2855 7.92 -57.44 -49.60
N PRO F 2856 8.11 -58.65 -49.05
CA PRO F 2856 9.36 -59.18 -48.52
C PRO F 2856 10.30 -59.71 -49.61
N GLY F 2857 11.61 -59.62 -49.37
CA GLY F 2857 12.59 -60.15 -50.31
C GLY F 2857 12.66 -61.67 -50.41
N LEU F 2858 12.49 -62.20 -51.62
CA LEU F 2858 12.61 -63.63 -51.88
C LEU F 2858 13.93 -64.08 -52.50
N GLY F 2859 14.86 -63.15 -52.70
CA GLY F 2859 16.06 -63.42 -53.46
C GLY F 2859 17.03 -64.48 -52.95
N ALA F 2860 16.80 -64.99 -51.74
CA ALA F 2860 17.66 -66.01 -51.15
C ALA F 2860 17.53 -67.35 -51.87
N LEU F 2861 16.57 -67.42 -52.80
CA LEU F 2861 16.34 -68.62 -53.60
C LEU F 2861 17.46 -68.84 -54.61
N GLY F 2862 18.24 -67.80 -54.89
CA GLY F 2862 19.29 -67.88 -55.89
C GLY F 2862 20.36 -68.93 -55.62
N ALA F 2863 20.43 -69.41 -54.38
CA ALA F 2863 21.41 -70.42 -54.00
C ALA F 2863 20.99 -71.81 -54.46
N ALA F 2864 19.69 -72.01 -54.63
CA ALA F 2864 19.15 -73.32 -55.01
C ALA F 2864 18.99 -73.45 -56.52
N ARG F 2865 19.43 -72.43 -57.25
CA ARG F 2865 19.29 -72.42 -58.70
C ARG F 2865 20.24 -73.39 -59.40
N GLY F 2866 19.69 -74.25 -60.25
CA GLY F 2866 20.50 -75.17 -61.02
C GLY F 2866 20.37 -76.64 -60.63
N GLY F 2867 19.68 -76.92 -59.52
CA GLY F 2867 19.46 -78.30 -59.12
C GLY F 2867 20.74 -78.99 -58.68
N ARG F 2868 21.09 -80.07 -59.38
CA ARG F 2868 22.36 -80.74 -59.14
C ARG F 2868 23.53 -79.79 -59.38
N GLU F 2869 23.31 -78.77 -60.22
CA GLU F 2869 24.34 -77.78 -60.50
C GLU F 2869 24.25 -76.58 -59.55
N SER F 2870 23.30 -76.64 -58.62
CA SER F 2870 23.08 -75.53 -57.68
C SER F 2870 24.19 -75.44 -56.65
N THR F 2871 24.39 -74.23 -56.11
CA THR F 2871 25.42 -74.01 -55.12
C THR F 2871 25.11 -74.77 -53.83
N LEU F 2872 23.83 -74.87 -53.52
CA LEU F 2872 23.40 -75.54 -52.30
C LEU F 2872 23.67 -77.04 -52.37
N ALA F 2873 23.36 -77.64 -53.51
CA ALA F 2873 23.50 -79.08 -53.66
C ALA F 2873 24.95 -79.51 -53.90
N ARG F 2874 25.69 -78.69 -54.64
CA ARG F 2874 27.09 -79.00 -54.92
C ARG F 2874 27.92 -78.89 -53.64
N SER F 2875 27.60 -77.90 -52.81
CA SER F 2875 28.24 -77.74 -51.52
C SER F 2875 28.07 -79.02 -50.71
N LEU F 2876 26.84 -79.53 -50.69
CA LEU F 2876 26.53 -80.80 -50.03
C LEU F 2876 27.25 -81.96 -50.72
N ALA F 2877 27.15 -82.04 -52.04
CA ALA F 2877 27.68 -83.16 -52.82
C ALA F 2877 29.18 -83.35 -52.67
N GLN F 2878 29.91 -82.26 -52.50
CA GLN F 2878 31.36 -82.33 -52.28
C GLN F 2878 31.71 -83.08 -50.99
N LEU F 2879 30.79 -83.12 -50.04
CA LEU F 2879 30.98 -83.92 -48.83
C LEU F 2879 30.33 -85.29 -49.00
N GLY F 2880 29.74 -85.51 -50.18
CA GLY F 2880 29.03 -86.76 -50.42
C GLY F 2880 27.69 -86.73 -49.72
N VAL F 2881 27.16 -85.51 -49.56
CA VAL F 2881 25.90 -85.29 -48.88
C VAL F 2881 24.83 -84.91 -49.89
N GLY F 2882 23.63 -85.44 -49.72
CA GLY F 2882 22.52 -85.15 -50.61
C GLY F 2882 21.62 -84.02 -50.12
N ALA F 2883 20.64 -83.66 -50.93
CA ALA F 2883 19.68 -82.61 -50.59
C ALA F 2883 18.76 -83.03 -49.44
N ASP F 2884 18.52 -84.33 -49.34
CA ASP F 2884 17.67 -84.87 -48.28
C ASP F 2884 18.39 -84.81 -46.94
N ASP F 2885 19.69 -84.62 -46.98
CA ASP F 2885 20.52 -84.70 -45.79
C ASP F 2885 20.60 -83.39 -45.02
N ILE F 2886 19.87 -82.38 -45.46
CA ILE F 2886 19.68 -81.20 -44.64
C ILE F 2886 18.40 -81.43 -43.85
N ALA F 2887 18.57 -81.70 -42.56
CA ALA F 2887 17.43 -81.94 -41.68
C ALA F 2887 16.86 -80.64 -41.14
N VAL F 2888 17.74 -79.72 -40.78
CA VAL F 2888 17.36 -78.52 -40.05
C VAL F 2888 17.69 -77.23 -40.79
N ILE F 2889 16.72 -76.33 -40.86
CA ILE F 2889 16.98 -74.97 -41.29
C ILE F 2889 16.72 -74.06 -40.10
N SER F 2890 17.65 -73.15 -39.84
CA SER F 2890 17.40 -72.14 -38.82
C SER F 2890 16.84 -70.92 -39.53
N LYS F 2891 15.55 -70.68 -39.32
CA LYS F 2891 14.88 -69.55 -39.95
C LYS F 2891 15.25 -68.26 -39.22
N HIS F 2892 15.15 -67.14 -39.93
CA HIS F 2892 15.26 -65.85 -39.29
C HIS F 2892 14.13 -65.75 -38.29
N ASP F 2893 12.94 -66.15 -38.72
CA ASP F 2893 11.76 -66.25 -37.87
C ASP F 2893 11.56 -65.04 -36.99
N THR F 2894 11.26 -63.91 -37.62
CA THR F 2894 11.17 -62.64 -36.92
C THR F 2894 9.86 -62.53 -36.13
N SER F 2895 8.94 -63.47 -36.34
CA SER F 2895 7.62 -63.44 -35.71
C SER F 2895 6.72 -62.33 -36.26
N THR F 2896 7.25 -61.56 -37.21
CA THR F 2896 6.43 -60.60 -37.94
C THR F 2896 5.56 -61.34 -38.94
N LEU F 2897 4.43 -60.74 -39.31
CA LEU F 2897 3.51 -61.36 -40.27
C LEU F 2897 4.07 -61.36 -41.68
N ALA F 2898 5.00 -60.45 -41.96
CA ALA F 2898 5.58 -60.35 -43.30
C ALA F 2898 6.66 -61.40 -43.54
N ASN F 2899 7.56 -61.55 -42.58
CA ASN F 2899 8.74 -62.40 -42.74
C ASN F 2899 8.47 -63.91 -42.70
N ASP F 2900 7.76 -64.36 -41.67
CA ASP F 2900 7.54 -65.79 -41.43
C ASP F 2900 6.98 -66.60 -42.62
N PRO F 2901 5.84 -66.18 -43.20
CA PRO F 2901 5.31 -67.00 -44.30
C PRO F 2901 6.20 -66.91 -45.55
N ASN F 2902 6.84 -65.76 -45.75
CA ASN F 2902 7.70 -65.56 -46.91
C ASN F 2902 8.96 -66.41 -46.84
N GLU F 2903 9.61 -66.40 -45.67
CA GLU F 2903 10.80 -67.20 -45.44
C GLU F 2903 10.45 -68.68 -45.54
N THR F 2904 9.21 -69.02 -45.18
CA THR F 2904 8.73 -70.39 -45.27
C THR F 2904 8.54 -70.81 -46.71
N GLU F 2905 7.85 -69.96 -47.47
CA GLU F 2905 7.67 -70.17 -48.92
C GLU F 2905 9.03 -70.26 -49.60
N LEU F 2906 9.97 -69.47 -49.12
CA LEU F 2906 11.32 -69.45 -49.67
C LEU F 2906 12.02 -70.79 -49.44
N HIS F 2907 12.03 -71.25 -48.19
CA HIS F 2907 12.67 -72.51 -47.85
C HIS F 2907 11.93 -73.70 -48.45
N GLU F 2908 10.63 -73.53 -48.66
CA GLU F 2908 9.82 -74.57 -49.28
C GLU F 2908 10.22 -74.75 -50.73
N ARG F 2909 10.47 -73.63 -51.41
CA ARG F 2909 10.79 -73.65 -52.83
C ARG F 2909 12.23 -74.09 -53.12
N ILE F 2910 13.18 -73.65 -52.30
CA ILE F 2910 14.57 -74.05 -52.48
C ILE F 2910 14.73 -75.56 -52.33
N ALA F 2911 13.85 -76.17 -51.55
CA ALA F 2911 13.82 -77.62 -51.39
C ALA F 2911 13.10 -78.28 -52.56
N ASP F 2912 12.02 -77.65 -53.02
CA ASP F 2912 11.17 -78.22 -54.06
C ASP F 2912 11.90 -78.45 -55.38
N SER F 2913 12.67 -77.46 -55.81
CA SER F 2913 13.37 -77.55 -57.09
C SER F 2913 14.63 -78.40 -57.06
N MET F 2914 15.23 -78.54 -55.88
CA MET F 2914 16.47 -79.30 -55.75
C MET F 2914 16.19 -80.79 -55.63
N GLY F 2915 14.92 -81.16 -55.67
CA GLY F 2915 14.53 -82.56 -55.63
C GLY F 2915 14.52 -83.14 -54.24
N ARG F 2916 14.13 -82.32 -53.26
CA ARG F 2916 13.90 -82.81 -51.91
C ARG F 2916 12.82 -83.87 -52.00
N ALA F 2917 13.09 -85.05 -51.45
CA ALA F 2917 12.11 -86.14 -51.47
C ALA F 2917 10.81 -85.66 -50.86
N PRO F 2918 9.68 -85.95 -51.53
CA PRO F 2918 8.37 -85.47 -51.07
C PRO F 2918 8.13 -85.85 -49.62
N GLY F 2919 7.73 -84.88 -48.81
CA GLY F 2919 7.46 -85.11 -47.40
C GLY F 2919 8.67 -85.51 -46.57
N ASN F 2920 9.84 -84.98 -46.93
CA ASN F 2920 11.01 -85.12 -46.08
C ASN F 2920 11.35 -83.72 -45.62
N PRO F 2921 10.55 -83.19 -44.68
CA PRO F 2921 10.51 -81.76 -44.39
C PRO F 2921 11.70 -81.29 -43.59
N LEU F 2922 12.04 -80.02 -43.78
CA LEU F 2922 13.12 -79.41 -43.02
C LEU F 2922 12.60 -79.03 -41.65
N PHE F 2923 13.18 -79.61 -40.61
CA PHE F 2923 12.75 -79.34 -39.24
C PHE F 2923 13.36 -78.02 -38.82
N ILE F 2924 12.52 -77.06 -38.47
CA ILE F 2924 13.01 -75.69 -38.29
C ILE F 2924 12.85 -75.17 -36.85
N VAL F 2925 13.92 -74.54 -36.37
CA VAL F 2925 13.93 -73.95 -35.04
C VAL F 2925 13.80 -72.43 -35.12
N SER F 2926 13.11 -71.84 -34.16
CA SER F 2926 13.07 -70.38 -34.02
C SER F 2926 13.70 -69.95 -32.71
N GLN F 2927 14.88 -69.34 -32.81
CA GLN F 2927 15.60 -68.92 -31.60
C GLN F 2927 15.17 -67.52 -31.17
N LYS F 2928 14.47 -66.82 -32.07
CA LYS F 2928 14.00 -65.47 -31.78
C LYS F 2928 12.83 -65.50 -30.79
N THR F 2929 12.20 -66.65 -30.67
CA THR F 2929 11.11 -66.82 -29.72
C THR F 2929 11.68 -66.85 -28.31
N LEU F 2930 12.92 -67.30 -28.20
CA LEU F 2930 13.62 -67.30 -26.92
C LEU F 2930 14.39 -66.01 -26.75
N THR F 2931 15.48 -65.87 -27.51
CA THR F 2931 16.44 -64.78 -27.33
C THR F 2931 15.93 -63.42 -27.79
N GLY F 2932 14.81 -63.39 -28.49
CA GLY F 2932 14.32 -62.16 -29.08
C GLY F 2932 15.12 -61.85 -30.32
N HIS F 2933 14.84 -60.72 -30.96
CA HIS F 2933 15.58 -60.34 -32.17
C HIS F 2933 16.59 -59.24 -31.90
N ALA F 2934 17.86 -59.59 -31.93
CA ALA F 2934 18.94 -58.61 -31.93
C ALA F 2934 19.38 -58.43 -33.36
N LYS F 2935 19.18 -57.23 -33.89
CA LYS F 2935 19.43 -56.92 -35.30
C LYS F 2935 20.77 -57.41 -35.82
N GLY F 2936 21.86 -56.85 -35.31
CA GLY F 2936 23.20 -57.18 -35.78
C GLY F 2936 23.65 -58.59 -35.49
N GLY F 2937 23.38 -59.07 -34.28
CA GLY F 2937 23.82 -60.38 -33.84
C GLY F 2937 22.79 -61.48 -34.00
N ALA F 2938 21.82 -61.25 -34.89
CA ALA F 2938 20.76 -62.22 -35.13
C ALA F 2938 21.28 -63.60 -35.60
N ALA F 2939 21.83 -63.64 -36.80
CA ALA F 2939 22.19 -64.91 -37.42
C ALA F 2939 23.39 -65.62 -36.80
N VAL F 2940 24.11 -64.93 -35.93
CA VAL F 2940 25.23 -65.55 -35.22
C VAL F 2940 24.72 -66.40 -34.06
N PHE F 2941 23.72 -65.88 -33.35
CA PHE F 2941 23.07 -66.65 -32.29
C PHE F 2941 22.46 -67.91 -32.90
N GLN F 2942 21.97 -67.77 -34.13
CA GLN F 2942 21.45 -68.91 -34.89
C GLN F 2942 22.62 -69.76 -35.38
N MET F 2943 23.72 -69.09 -35.72
CA MET F 2943 24.94 -69.77 -36.14
C MET F 2943 25.48 -70.60 -34.98
N MET F 2944 25.48 -70.01 -33.79
CA MET F 2944 25.91 -70.70 -32.58
C MET F 2944 25.02 -71.90 -32.29
N GLY F 2945 23.71 -71.68 -32.32
CA GLY F 2945 22.75 -72.73 -32.06
C GLY F 2945 22.86 -73.88 -33.04
N LEU F 2946 23.21 -73.56 -34.28
CA LEU F 2946 23.29 -74.57 -35.33
C LEU F 2946 24.48 -75.51 -35.14
N CYS F 2947 25.60 -74.95 -34.66
CA CYS F 2947 26.77 -75.76 -34.34
C CYS F 2947 26.43 -76.70 -33.20
N GLN F 2948 25.76 -76.15 -32.19
CA GLN F 2948 25.33 -76.92 -31.03
C GLN F 2948 24.28 -77.98 -31.42
N ILE F 2949 23.53 -77.70 -32.47
CA ILE F 2949 22.58 -78.66 -33.01
C ILE F 2949 23.31 -79.85 -33.64
N LEU F 2950 24.33 -79.54 -34.45
CA LEU F 2950 25.07 -80.58 -35.16
C LEU F 2950 25.80 -81.54 -34.23
N ARG F 2951 26.53 -81.01 -33.26
CA ARG F 2951 27.32 -81.84 -32.37
C ARG F 2951 26.48 -82.67 -31.39
N ASP F 2952 25.47 -82.04 -30.80
CA ASP F 2952 24.61 -82.73 -29.83
C ASP F 2952 23.52 -83.54 -30.52
N GLY F 2953 23.19 -83.17 -31.76
CA GLY F 2953 22.13 -83.82 -32.51
C GLY F 2953 20.76 -83.28 -32.18
N VAL F 2954 20.65 -82.61 -31.04
CA VAL F 2954 19.36 -82.15 -30.53
C VAL F 2954 18.77 -81.00 -31.35
N ILE F 2955 17.51 -81.14 -31.74
CA ILE F 2955 16.79 -80.08 -32.45
C ILE F 2955 15.87 -79.35 -31.48
N PRO F 2956 16.23 -78.10 -31.14
CA PRO F 2956 15.45 -77.28 -30.20
C PRO F 2956 14.03 -76.98 -30.69
N PRO F 2957 13.07 -77.00 -29.76
CA PRO F 2957 11.66 -76.71 -30.03
C PRO F 2957 11.39 -75.22 -30.17
N ASN F 2958 10.24 -74.88 -30.73
CA ASN F 2958 9.67 -73.57 -30.50
C ASN F 2958 8.58 -73.75 -29.47
N ARG F 2959 8.83 -73.30 -28.25
CA ARG F 2959 7.91 -73.51 -27.14
C ARG F 2959 6.89 -72.38 -27.07
N SER F 2960 7.05 -71.40 -27.94
CA SER F 2960 6.15 -70.27 -28.02
C SER F 2960 5.03 -70.53 -29.02
N LEU F 2961 5.01 -71.72 -29.60
CA LEU F 2961 4.02 -72.03 -30.61
C LEU F 2961 2.77 -72.66 -29.98
N ASP F 2962 1.69 -71.88 -29.96
CA ASP F 2962 0.39 -72.40 -29.59
C ASP F 2962 -0.28 -73.10 -30.77
N CYS F 2963 -0.27 -72.43 -31.92
CA CYS F 2963 -0.89 -72.96 -33.13
C CYS F 2963 -0.12 -72.54 -34.38
N VAL F 2964 0.07 -73.48 -35.30
CA VAL F 2964 0.73 -73.19 -36.57
C VAL F 2964 -0.23 -72.42 -37.49
N ASP F 2965 0.30 -71.39 -38.15
CA ASP F 2965 -0.51 -70.59 -39.07
C ASP F 2965 -1.07 -71.47 -40.18
N ASP F 2966 -2.37 -71.38 -40.40
CA ASP F 2966 -3.05 -72.23 -41.36
C ASP F 2966 -2.60 -71.97 -42.80
N GLU F 2967 -1.96 -70.84 -43.02
CA GLU F 2967 -1.44 -70.49 -44.34
C GLU F 2967 -0.23 -71.36 -44.69
N LEU F 2968 0.53 -71.74 -43.67
CA LEU F 2968 1.76 -72.48 -43.84
C LEU F 2968 1.53 -73.93 -44.26
N ALA F 2969 0.27 -74.35 -44.28
CA ALA F 2969 -0.09 -75.72 -44.68
C ALA F 2969 0.36 -76.02 -46.11
N THR F 2970 0.38 -75.00 -46.96
CA THR F 2970 0.76 -75.16 -48.35
C THR F 2970 2.22 -75.59 -48.52
N SER F 2971 3.01 -75.42 -47.46
CA SER F 2971 4.40 -75.85 -47.48
C SER F 2971 4.53 -77.23 -46.85
N GLY F 2972 4.85 -78.22 -47.68
CA GLY F 2972 4.94 -79.60 -47.24
C GLY F 2972 6.36 -80.05 -46.94
N HIS F 2973 7.33 -79.27 -47.38
CA HIS F 2973 8.74 -79.55 -47.14
C HIS F 2973 9.19 -78.88 -45.84
N PHE F 2974 8.24 -78.30 -45.12
CA PHE F 2974 8.55 -77.61 -43.88
C PHE F 2974 7.76 -78.16 -42.69
N VAL F 2975 8.46 -78.44 -41.59
CA VAL F 2975 7.82 -78.89 -40.36
C VAL F 2975 8.18 -78.00 -39.18
N TRP F 2976 7.16 -77.59 -38.42
CA TRP F 2976 7.34 -76.70 -37.28
C TRP F 2976 7.14 -77.48 -35.99
N VAL F 2977 8.20 -77.63 -35.21
CA VAL F 2977 8.17 -78.48 -34.02
C VAL F 2977 8.01 -77.67 -32.73
N ARG F 2978 6.97 -78.00 -31.97
CA ARG F 2978 6.68 -77.30 -30.72
C ARG F 2978 7.39 -77.88 -29.50
N GLU F 2979 7.91 -79.11 -29.65
CA GLU F 2979 8.56 -79.79 -28.54
C GLU F 2979 9.92 -80.34 -28.96
N PRO F 2980 10.90 -80.34 -28.04
CA PRO F 2980 12.27 -80.71 -28.43
C PRO F 2980 12.37 -82.15 -28.91
N LEU F 2981 12.98 -82.34 -30.08
CA LEU F 2981 13.30 -83.67 -30.56
C LEU F 2981 14.77 -83.89 -30.29
N ASP F 2982 15.06 -84.73 -29.30
CA ASP F 2982 16.43 -84.93 -28.85
C ASP F 2982 17.05 -86.16 -29.50
N LEU F 2983 18.09 -85.93 -30.28
CA LEU F 2983 18.74 -86.99 -31.02
C LEU F 2983 19.91 -87.59 -30.24
N ARG F 2984 19.77 -88.85 -29.87
CA ARG F 2984 20.77 -89.56 -29.08
C ARG F 2984 21.86 -90.14 -29.98
N GLY F 2985 22.69 -91.00 -29.40
CA GLY F 2985 23.81 -91.60 -30.11
C GLY F 2985 23.41 -92.50 -31.28
N LYS F 2986 22.21 -93.07 -31.22
CA LYS F 2986 21.72 -93.94 -32.28
C LYS F 2986 20.97 -93.17 -33.35
N PHE F 2987 20.74 -91.89 -33.10
CA PHE F 2987 19.98 -91.05 -34.00
C PHE F 2987 20.80 -89.80 -34.33
N PRO F 2988 21.62 -89.88 -35.38
CA PRO F 2988 22.52 -88.79 -35.75
C PRO F 2988 21.81 -87.70 -36.56
N LEU F 2989 22.56 -86.67 -36.93
CA LEU F 2989 22.07 -85.68 -37.90
C LEU F 2989 23.24 -85.23 -38.76
N LYS F 2990 22.98 -84.37 -39.73
CA LYS F 2990 24.00 -84.05 -40.72
C LYS F 2990 24.29 -82.56 -40.94
N ALA F 2991 23.35 -81.85 -41.55
CA ALA F 2991 23.62 -80.49 -41.99
C ALA F 2991 22.49 -79.49 -41.72
N GLY F 2992 22.85 -78.33 -41.17
CA GLY F 2992 21.89 -77.26 -40.95
C GLY F 2992 22.03 -76.10 -41.92
N LEU F 2993 21.05 -75.21 -41.92
CA LEU F 2993 21.09 -74.01 -42.76
C LEU F 2993 20.59 -72.78 -42.00
N VAL F 2994 21.45 -71.76 -41.91
CA VAL F 2994 21.08 -70.50 -41.28
C VAL F 2994 20.63 -69.48 -42.32
N THR F 2995 19.41 -68.98 -42.19
CA THR F 2995 18.88 -67.99 -43.12
C THR F 2995 18.41 -66.74 -42.36
N SER F 2996 18.80 -65.58 -42.86
CA SER F 2996 18.43 -64.32 -42.23
C SER F 2996 18.05 -63.25 -43.27
N LEU F 2997 16.95 -62.55 -43.01
CA LEU F 2997 16.51 -61.49 -43.91
C LEU F 2997 16.66 -60.12 -43.23
N GLY F 2998 17.59 -59.32 -43.74
CA GLY F 2998 17.79 -57.97 -43.23
C GLY F 2998 16.88 -56.97 -43.92
N PHE F 2999 16.95 -55.72 -43.48
CA PHE F 2999 16.14 -54.66 -44.06
C PHE F 2999 16.74 -54.13 -45.34
N GLY F 3000 15.89 -53.85 -46.32
CA GLY F 3000 16.34 -53.37 -47.61
C GLY F 3000 16.95 -54.47 -48.47
N HIS F 3001 16.24 -55.58 -48.59
CA HIS F 3001 16.64 -56.67 -49.47
C HIS F 3001 17.94 -57.33 -49.05
N VAL F 3002 18.26 -57.28 -47.76
CA VAL F 3002 19.40 -58.05 -47.30
C VAL F 3002 18.93 -59.42 -46.86
N SER F 3003 19.29 -60.43 -47.62
CA SER F 3003 18.92 -61.80 -47.30
C SER F 3003 20.20 -62.61 -47.30
N GLY F 3004 20.24 -63.68 -46.52
CA GLY F 3004 21.44 -64.48 -46.45
C GLY F 3004 21.21 -65.94 -46.14
N LEU F 3005 22.15 -66.77 -46.56
CA LEU F 3005 22.07 -68.21 -46.34
C LEU F 3005 23.45 -68.76 -45.99
N VAL F 3006 23.52 -69.54 -44.91
CA VAL F 3006 24.75 -70.22 -44.54
C VAL F 3006 24.52 -71.71 -44.35
N ALA F 3007 25.11 -72.51 -45.22
CA ALA F 3007 25.00 -73.96 -45.13
C ALA F 3007 26.04 -74.50 -44.16
N LEU F 3008 25.57 -75.15 -43.09
CA LEU F 3008 26.48 -75.73 -42.11
C LEU F 3008 26.42 -77.26 -42.11
N VAL F 3009 27.60 -77.90 -42.00
CA VAL F 3009 27.73 -79.35 -42.09
C VAL F 3009 28.54 -79.91 -40.91
N HIS F 3010 28.18 -81.11 -40.47
CA HIS F 3010 28.80 -81.79 -39.33
C HIS F 3010 30.31 -81.94 -39.48
N PRO F 3011 31.07 -81.74 -38.38
CA PRO F 3011 32.54 -81.86 -38.38
C PRO F 3011 33.07 -83.20 -38.90
N GLU F 3012 32.39 -84.29 -38.59
CA GLU F 3012 32.89 -85.63 -38.93
C GLU F 3012 32.90 -85.91 -40.43
N ALA F 3013 32.35 -85.00 -41.22
CA ALA F 3013 32.43 -85.11 -42.67
C ALA F 3013 33.82 -84.73 -43.16
N PHE F 3014 34.48 -83.85 -42.40
CA PHE F 3014 35.82 -83.40 -42.75
C PHE F 3014 36.88 -84.42 -42.38
N ILE F 3015 36.65 -85.15 -41.30
CA ILE F 3015 37.62 -86.12 -40.79
C ILE F 3015 37.75 -87.32 -41.72
N ALA F 3016 36.83 -87.42 -42.68
CA ALA F 3016 36.80 -88.53 -43.61
C ALA F 3016 37.78 -88.34 -44.78
N ALA F 3017 38.34 -87.14 -44.88
CA ALA F 3017 39.27 -86.81 -45.96
C ALA F 3017 40.74 -86.98 -45.56
N LEU F 3018 40.98 -87.48 -44.36
CA LEU F 3018 42.35 -87.59 -43.86
C LEU F 3018 43.05 -88.92 -44.12
N ASP F 3019 42.28 -89.90 -44.60
CA ASP F 3019 42.72 -91.31 -44.70
C ASP F 3019 42.82 -91.90 -43.29
N PRO F 3020 42.64 -93.23 -43.14
CA PRO F 3020 42.52 -93.85 -41.82
C PRO F 3020 43.69 -93.59 -40.88
N SER F 3021 44.90 -93.50 -41.40
CA SER F 3021 46.07 -93.25 -40.57
C SER F 3021 46.05 -91.83 -39.99
N GLU F 3022 45.87 -90.84 -40.86
CA GLU F 3022 45.85 -89.44 -40.43
C GLU F 3022 44.56 -89.08 -39.72
N ARG F 3023 43.47 -89.76 -40.06
CA ARG F 3023 42.20 -89.55 -39.38
C ARG F 3023 42.34 -89.94 -37.91
N GLU F 3024 43.00 -91.07 -37.68
CA GLU F 3024 43.25 -91.56 -36.33
C GLU F 3024 44.22 -90.64 -35.61
N ASP F 3025 45.15 -90.05 -36.36
CA ASP F 3025 46.14 -89.15 -35.78
C ASP F 3025 45.51 -87.83 -35.34
N TYR F 3026 44.49 -87.39 -36.06
CA TYR F 3026 43.81 -86.14 -35.74
C TYR F 3026 42.93 -86.27 -34.50
N ARG F 3027 42.22 -87.38 -34.39
CA ARG F 3027 41.36 -87.63 -33.24
C ARG F 3027 42.20 -87.66 -31.96
N THR F 3028 43.44 -88.10 -32.09
CA THR F 3028 44.37 -88.09 -30.97
C THR F 3028 44.66 -86.67 -30.50
N ARG F 3029 44.92 -85.78 -31.45
CA ARG F 3029 45.23 -84.39 -31.14
C ARG F 3029 44.00 -83.64 -30.63
N ALA F 3030 42.85 -83.88 -31.26
CA ALA F 3030 41.62 -83.22 -30.87
C ALA F 3030 41.16 -83.64 -29.47
N GLU F 3031 41.43 -84.90 -29.13
CA GLU F 3031 41.09 -85.41 -27.81
C GLU F 3031 41.93 -84.76 -26.72
N GLN F 3032 43.22 -84.57 -27.00
CA GLN F 3032 44.14 -83.93 -26.07
C GLN F 3032 43.78 -82.46 -25.88
N ARG F 3033 43.25 -81.84 -26.93
CA ARG F 3033 42.89 -80.43 -26.88
C ARG F 3033 41.64 -80.20 -26.04
N MET F 3034 40.68 -81.11 -26.16
CA MET F 3034 39.44 -81.03 -25.40
C MET F 3034 39.72 -81.07 -23.91
N LEU F 3035 40.61 -81.97 -23.50
CA LEU F 3035 40.99 -82.10 -22.09
C LEU F 3035 41.69 -80.84 -21.61
N ALA F 3036 42.58 -80.30 -22.43
CA ALA F 3036 43.28 -79.06 -22.10
C ALA F 3036 42.33 -77.87 -22.22
N GLY F 3037 41.33 -78.00 -23.08
CA GLY F 3037 40.34 -76.96 -23.26
C GLY F 3037 39.39 -76.87 -22.09
N GLN F 3038 38.99 -78.03 -21.57
CA GLN F 3038 38.14 -78.10 -20.39
C GLN F 3038 38.86 -77.52 -19.18
N ARG F 3039 40.17 -77.79 -19.11
CA ARG F 3039 41.03 -77.22 -18.08
C ARG F 3039 40.97 -75.69 -18.09
N ARG F 3040 41.40 -75.11 -19.21
CA ARG F 3040 41.43 -73.65 -19.39
C ARG F 3040 40.10 -72.97 -19.08
N LEU F 3041 39.00 -73.58 -19.52
CA LEU F 3041 37.68 -72.98 -19.37
C LEU F 3041 37.24 -72.87 -17.92
N VAL F 3042 37.28 -73.98 -17.20
CA VAL F 3042 36.83 -74.00 -15.80
C VAL F 3042 37.74 -73.17 -14.90
N SER F 3043 38.97 -72.96 -15.34
CA SER F 3043 39.91 -72.13 -14.60
C SER F 3043 39.57 -70.65 -14.84
N ALA F 3044 39.09 -70.36 -16.05
CA ALA F 3044 38.73 -69.01 -16.43
C ALA F 3044 37.42 -68.58 -15.77
N ILE F 3045 36.41 -69.43 -15.84
CA ILE F 3045 35.09 -69.14 -15.29
C ILE F 3045 35.12 -68.78 -13.80
N ALA F 3046 35.93 -69.52 -13.04
CA ALA F 3046 35.95 -69.37 -11.59
C ALA F 3046 36.76 -68.17 -11.08
N GLY F 3047 37.89 -67.91 -11.71
CA GLY F 3047 38.83 -66.92 -11.20
C GLY F 3047 38.70 -65.51 -11.74
N GLY F 3048 37.97 -65.34 -12.83
CA GLY F 3048 37.87 -64.05 -13.47
C GLY F 3048 39.09 -63.80 -14.34
N ARG F 3049 39.84 -64.87 -14.57
CA ARG F 3049 41.05 -64.84 -15.41
C ARG F 3049 40.92 -64.52 -16.92
N PRO F 3050 39.87 -65.02 -17.60
CA PRO F 3050 39.93 -65.05 -19.08
C PRO F 3050 40.16 -63.73 -19.77
N MET F 3051 39.97 -62.60 -19.07
CA MET F 3051 40.23 -61.32 -19.69
C MET F 3051 41.44 -60.63 -19.08
N TYR F 3052 42.53 -60.59 -19.85
CA TYR F 3052 43.75 -59.93 -19.46
C TYR F 3052 44.11 -58.93 -20.54
N GLU F 3053 44.15 -57.65 -20.19
CA GLU F 3053 44.47 -56.64 -21.17
C GLU F 3053 45.98 -56.48 -21.27
N LYS F 3054 46.51 -56.78 -22.46
CA LYS F 3054 47.95 -56.93 -22.66
C LYS F 3054 48.71 -55.62 -22.68
N PRO F 3055 49.84 -55.58 -21.95
CA PRO F 3055 50.82 -54.49 -21.92
C PRO F 3055 51.59 -54.39 -23.25
N ALA F 3056 51.45 -55.42 -24.08
CA ALA F 3056 52.16 -55.52 -25.36
C ALA F 3056 53.68 -55.59 -25.19
N ASP F 3057 54.11 -56.49 -24.33
CA ASP F 3057 55.53 -56.72 -24.04
C ASP F 3057 56.37 -56.98 -25.30
N ARG F 3058 55.84 -57.78 -26.21
CA ARG F 3058 56.59 -58.19 -27.39
C ARG F 3058 56.90 -57.02 -28.31
N ARG F 3059 56.06 -56.00 -28.28
CA ARG F 3059 56.28 -54.80 -29.09
C ARG F 3059 57.54 -54.03 -28.68
N PHE F 3060 57.56 -53.59 -27.43
CA PHE F 3060 58.60 -52.70 -26.90
C PHE F 3060 59.76 -53.34 -26.13
N ASP F 3061 59.85 -54.67 -26.14
CA ASP F 3061 60.58 -55.44 -25.13
C ASP F 3061 61.96 -54.87 -24.73
N HIS F 3062 62.73 -54.43 -25.71
CA HIS F 3062 63.92 -53.63 -25.45
C HIS F 3062 63.77 -52.31 -26.19
N ASP F 3063 63.72 -51.21 -25.45
CA ASP F 3063 63.34 -49.91 -26.01
C ASP F 3063 64.12 -49.51 -27.28
N VAL F 3064 65.44 -49.57 -27.21
CA VAL F 3064 66.27 -49.17 -28.36
C VAL F 3064 66.13 -50.06 -29.60
N PRO F 3065 66.45 -51.37 -29.51
CA PRO F 3065 66.43 -52.16 -30.74
C PRO F 3065 65.03 -52.43 -31.32
N GLU F 3066 64.04 -52.66 -30.46
CA GLU F 3066 62.73 -53.09 -30.93
C GLU F 3066 62.05 -52.02 -31.79
N LYS F 3067 62.32 -50.76 -31.48
CA LYS F 3067 61.83 -49.66 -32.29
C LYS F 3067 62.53 -49.67 -33.64
N ARG F 3068 63.80 -50.08 -33.64
CA ARG F 3068 64.56 -50.25 -34.87
C ARG F 3068 64.16 -51.57 -35.55
N GLN F 3069 63.91 -52.59 -34.75
CA GLN F 3069 63.51 -53.89 -35.27
C GLN F 3069 62.06 -53.89 -35.75
N GLU F 3070 61.35 -52.80 -35.49
CA GLU F 3070 59.95 -52.67 -35.88
C GLU F 3070 59.80 -52.82 -37.39
N ALA F 3071 60.70 -52.18 -38.14
CA ALA F 3071 60.70 -52.28 -39.59
C ALA F 3071 61.04 -53.70 -40.02
N ALA F 3072 62.14 -54.22 -39.51
CA ALA F 3072 62.65 -55.54 -39.91
C ALA F 3072 61.65 -56.67 -39.70
N MET F 3073 60.82 -56.56 -38.68
CA MET F 3073 59.81 -57.57 -38.40
C MET F 3073 58.77 -57.67 -39.51
N LEU F 3074 58.16 -56.54 -39.84
CA LEU F 3074 57.10 -56.47 -40.84
C LEU F 3074 57.62 -56.82 -42.23
N LEU F 3075 58.91 -56.62 -42.45
CA LEU F 3075 59.52 -56.83 -43.76
C LEU F 3075 59.74 -58.30 -44.12
N SER F 3076 60.34 -59.06 -43.20
CA SER F 3076 60.70 -60.45 -43.48
C SER F 3076 59.60 -61.42 -43.05
N THR F 3077 59.33 -62.41 -43.89
CA THR F 3077 58.19 -63.30 -43.71
C THR F 3077 58.16 -64.17 -42.44
N ASP F 3078 59.25 -64.90 -42.21
CA ASP F 3078 59.24 -66.00 -41.25
C ASP F 3078 59.53 -65.63 -39.79
N ALA F 3079 59.72 -64.35 -39.52
CA ALA F 3079 60.00 -63.91 -38.15
C ALA F 3079 58.77 -64.06 -37.25
N ARG F 3080 58.93 -64.79 -36.14
CA ARG F 3080 57.80 -65.12 -35.27
C ARG F 3080 58.15 -65.15 -33.77
N LEU F 3081 57.20 -65.64 -32.98
CA LEU F 3081 57.35 -65.74 -31.53
C LEU F 3081 57.93 -67.09 -31.09
N GLY F 3082 58.95 -67.04 -30.22
CA GLY F 3082 59.40 -68.24 -29.54
C GLY F 3082 58.49 -68.46 -28.34
N GLU F 3083 58.18 -69.71 -28.02
CA GLU F 3083 57.31 -69.99 -26.89
C GLU F 3083 58.04 -70.02 -25.55
N ASN F 3084 59.29 -70.47 -25.59
CA ASN F 3084 60.06 -70.74 -24.37
C ASN F 3084 60.30 -69.55 -23.44
N ASP F 3085 60.36 -68.35 -24.01
CA ASP F 3085 60.56 -67.13 -23.24
C ASP F 3085 59.22 -66.59 -22.79
N GLN F 3086 58.18 -67.38 -23.06
CA GLN F 3086 56.79 -66.93 -22.97
C GLN F 3086 56.47 -65.83 -23.97
N TYR F 3087 56.41 -66.23 -25.25
CA TYR F 3087 55.95 -65.38 -26.33
C TYR F 3087 56.74 -64.08 -26.52
N VAL F 3088 58.00 -64.23 -26.92
CA VAL F 3088 58.87 -63.09 -27.23
C VAL F 3088 58.89 -62.81 -28.74
N LEU F 3089 59.00 -61.53 -29.10
CA LEU F 3089 59.11 -61.11 -30.50
C LEU F 3089 60.56 -60.94 -30.94
N1 FMN G . -8.96 -18.75 -105.94
C2 FMN G . -8.76 -17.61 -105.19
O2 FMN G . -9.73 -16.90 -104.93
N3 FMN G . -7.50 -17.29 -104.75
C4 FMN G . -6.42 -18.11 -105.05
O4 FMN G . -5.30 -17.82 -104.66
C4A FMN G . -6.62 -19.25 -105.82
N5 FMN G . -5.57 -20.10 -106.14
C5A FMN G . -5.81 -21.23 -106.90
C6 FMN G . -4.77 -22.09 -107.24
C7 FMN G . -5.01 -23.22 -108.00
C7M FMN G . -3.88 -24.15 -108.36
C8 FMN G . -6.31 -23.51 -108.42
C8M FMN G . -6.58 -24.73 -109.24
C9 FMN G . -7.34 -22.66 -108.10
C9A FMN G . -7.10 -21.52 -107.32
N10 FMN G . -8.14 -20.69 -107.00
C10 FMN G . -7.90 -19.56 -106.25
C1' FMN G . -9.54 -20.97 -107.45
C2' FMN G . -9.76 -20.33 -108.81
O2' FMN G . -9.55 -18.94 -108.71
C3' FMN G . -11.15 -20.60 -109.36
O3' FMN G . -12.10 -20.04 -108.48
C4' FMN G . -11.42 -22.09 -109.50
O4' FMN G . -10.23 -22.76 -109.85
C5' FMN G . -12.43 -22.33 -110.61
O5' FMN G . -12.91 -23.66 -110.54
P FMN G . -12.36 -24.76 -111.57
O1P FMN G . -12.49 -26.13 -110.95
O2P FMN G . -13.12 -24.68 -112.87
O3P FMN G . -10.90 -24.48 -111.82
N1 FMN H . -22.22 87.15 -57.76
C2 FMN H . -22.99 86.22 -57.12
O2 FMN H . -23.48 85.30 -57.79
N3 FMN H . -23.21 86.31 -55.76
C4 FMN H . -22.65 87.34 -55.04
O4 FMN H . -22.85 87.42 -53.83
C4A FMN H . -21.86 88.30 -55.69
N5 FMN H . -21.29 89.34 -55.00
C5A FMN H . -20.51 90.27 -55.67
C6 FMN H . -19.93 91.33 -54.98
C7 FMN H . -19.15 92.27 -55.67
C7M FMN H . -18.52 93.41 -54.93
C8 FMN H . -18.96 92.13 -57.04
C8M FMN H . -18.12 93.13 -57.79
C9 FMN H . -19.54 91.08 -57.72
C9A FMN H . -20.31 90.15 -57.03
N10 FMN H . -20.89 89.10 -57.72
C10 FMN H . -21.65 88.18 -57.05
C1' FMN H . -20.70 88.93 -59.20
C2' FMN H . -21.79 89.71 -59.92
O2' FMN H . -23.04 89.21 -59.53
C3' FMN H . -21.65 89.63 -61.43
O3' FMN H . -21.77 88.27 -61.82
C4' FMN H . -20.32 90.18 -61.90
O4' FMN H . -19.90 91.24 -61.07
C5' FMN H . -20.44 90.71 -63.33
O5' FMN H . -19.16 90.93 -63.86
P FMN H . -18.57 92.42 -63.96
O1P FMN H . -17.07 92.36 -63.95
O2P FMN H . -19.08 93.11 -65.20
O3P FMN H . -19.03 93.18 -62.74
N1 FMN I . -100.52 2.80 -36.20
C2 FMN I . -99.35 2.29 -36.71
O2 FMN I . -98.73 2.95 -37.55
N3 FMN I . -98.91 1.05 -36.29
C4 FMN I . -99.63 0.33 -35.37
O4 FMN I . -99.23 -0.77 -34.99
C4A FMN I . -100.81 0.86 -34.84
N5 FMN I . -101.55 0.16 -33.91
C5A FMN I . -102.72 0.71 -33.41
C6 FMN I . -103.48 0.03 -32.46
C7 FMN I . -104.66 0.58 -31.97
C7M FMN I . -105.47 -0.15 -30.95
C8 FMN I . -105.07 1.84 -32.42
C8M FMN I . -106.33 2.46 -31.90
C9 FMN I . -104.31 2.52 -33.36
C9A FMN I . -103.14 1.96 -33.84
N10 FMN I . -102.40 2.65 -34.77
C10 FMN I . -101.24 2.11 -35.27
C1' FMN I . -102.82 3.99 -35.28
C2' FMN I . -103.73 3.80 -36.48
O2' FMN I . -103.03 3.11 -37.49
C3' FMN I . -104.24 5.12 -37.04
O3' FMN I . -103.14 5.88 -37.47
C4' FMN I . -105.02 5.91 -36.00
O4' FMN I . -105.72 5.02 -35.14
C5' FMN I . -106.04 6.81 -36.68
O5' FMN I . -106.54 7.74 -35.75
P FMN I . -108.00 7.52 -35.11
O1P FMN I . -108.05 8.23 -33.77
O2P FMN I . -109.08 8.06 -36.03
O3P FMN I . -108.21 6.05 -34.88
N1 FMN J . -13.94 -27.03 98.54
C2 FMN J . -13.15 -26.10 97.90
O2 FMN J . -11.98 -26.37 97.67
N3 FMN J . -13.69 -24.88 97.53
C4 FMN J . -15.02 -24.59 97.82
O4 FMN J . -15.50 -23.51 97.49
C4A FMN J . -15.81 -25.54 98.46
N5 FMN J . -17.14 -25.29 98.77
C5A FMN J . -17.89 -26.26 99.41
C6 FMN J . -19.22 -26.02 99.72
C7 FMN J . -19.98 -26.99 100.37
C7M FMN J . -21.41 -26.73 100.70
C8 FMN J . -19.40 -28.21 100.72
C8M FMN J . -20.19 -29.27 101.42
C9 FMN J . -18.07 -28.44 100.42
C9A FMN J . -17.31 -27.47 99.76
N10 FMN J . -15.99 -27.71 99.47
C10 FMN J . -15.24 -26.76 98.82
C1' FMN J . -15.34 -29.01 99.83
C2' FMN J . -14.77 -28.88 101.24
O2' FMN J . -13.82 -27.84 101.26
C3' FMN J . -14.10 -30.17 101.70
O3' FMN J . -13.03 -30.48 100.83
C4' FMN J . -15.09 -31.33 101.70
O4' FMN J . -16.38 -30.88 102.04
C5' FMN J . -14.68 -32.37 102.75
O5' FMN J . -15.40 -33.56 102.55
P FMN J . -16.63 -33.92 103.50
O1P FMN J . -17.57 -34.84 102.76
O2P FMN J . -16.15 -34.58 104.77
O3P FMN J . -17.35 -32.65 103.83
N1 FMN K . 78.03 33.73 59.04
C2 FMN K . 77.83 32.60 58.29
O2 FMN K . 77.41 31.59 58.85
N3 FMN K . 78.09 32.60 56.93
C4 FMN K . 78.56 33.75 56.32
O4 FMN K . 78.80 33.76 55.11
C4A FMN K . 78.77 34.91 57.07
N5 FMN K . 79.24 36.06 56.49
C5A FMN K . 79.43 37.20 57.28
C6 FMN K . 79.91 38.37 56.70
C7 FMN K . 80.11 39.50 57.50
C7M FMN K . 80.62 40.77 56.88
C8 FMN K . 79.82 39.46 58.86
C8M FMN K . 80.03 40.66 59.73
C9 FMN K . 79.36 38.29 59.42
C9A FMN K . 79.16 37.15 58.64
N10 FMN K . 78.69 36.00 59.21
C10 FMN K . 78.50 34.88 58.43
C1' FMN K . 78.38 35.92 60.67
C2' FMN K . 79.65 35.50 61.41
O2' FMN K . 80.07 34.24 60.93
C3' FMN K . 79.43 35.42 62.91
O3' FMN K . 78.45 34.45 63.18
C4' FMN K . 78.99 36.77 63.49
O4' FMN K . 79.57 37.82 62.77
C5' FMN K . 79.42 36.88 64.94
O5' FMN K . 78.75 37.96 65.55
P FMN K . 79.53 39.34 65.79
O1P FMN K . 78.52 40.46 65.85
O2P FMN K . 80.33 39.29 67.08
O3P FMN K . 80.46 39.58 64.62
N1 FMN L . 63.71 -78.05 27.27
C2 FMN L . 62.55 -77.53 27.78
O2 FMN L . 62.63 -76.71 28.69
N3 FMN L . 61.33 -77.93 27.28
C4 FMN L . 61.26 -78.86 26.26
O4 FMN L . 60.17 -79.22 25.81
C4A FMN L . 62.44 -79.39 25.73
N5 FMN L . 62.41 -80.32 24.72
C5A FMN L . 63.60 -80.83 24.22
C6 FMN L . 63.60 -81.77 23.20
C7 FMN L . 64.80 -82.28 22.70
C7M FMN L . 64.79 -83.29 21.59
C8 FMN L . 66.01 -81.85 23.24
C8M FMN L . 67.30 -82.39 22.72
C9 FMN L . 66.01 -80.91 24.26
C9A FMN L . 64.82 -80.41 24.75
N10 FMN L . 64.83 -79.48 25.77
C10 FMN L . 63.66 -78.98 26.25
C1' FMN L . 66.13 -79.00 26.36
C2' FMN L . 66.51 -79.93 27.51
O2' FMN L . 65.48 -79.90 28.48
C3' FMN L . 67.82 -79.52 28.16
O3' FMN L . 67.70 -78.23 28.69
C4' FMN L . 68.98 -79.55 27.15
O4' FMN L . 68.76 -80.57 26.20
C5' FMN L . 70.29 -79.82 27.86
O5' FMN L . 71.35 -79.54 27.00
P FMN L . 72.15 -80.74 26.27
O1P FMN L . 72.77 -80.23 25.01
O2P FMN L . 73.20 -81.32 27.20
O3P FMN L . 71.15 -81.82 25.92
#